data_7TZC
#
_entry.id   7TZC
#
_cell.length_a   1.00
_cell.length_b   1.00
_cell.length_c   1.00
_cell.angle_alpha   90.00
_cell.angle_beta   90.00
_cell.angle_gamma   90.00
#
_symmetry.space_group_name_H-M   'P 1'
#
loop_
_entity.id
_entity.type
_entity.pdbx_description
1 polymer Calmodulin-1
2 polymer 'Peptidyl-prolyl cis-trans isomerase FKBP1A'
3 polymer 'Ryanodine receptor 1'
4 non-polymer 'CALCIUM ION'
5 non-polymer "ADENOSINE-5'-TRIPHOSPHATE"
6 non-polymer 'ZINC ION'
7 non-polymer CAFFEINE
8 non-polymer '4-[(7-methoxy-2,3-dihydro-1,4-benzothiazepin-4(5H)-yl)methyl]benzoic acid'
9 non-polymer '(2S)-3-(octadecanoyloxy)-2-[(9Z)-octadec-9-enoyloxy]propyl 2-(trimethylammonio)ethyl phosphate'
#
loop_
_entity_poly.entity_id
_entity_poly.type
_entity_poly.pdbx_seq_one_letter_code
_entity_poly.pdbx_strand_id
1 'polypeptide(L)'
;HMADQLTEEQIAEFKEAFSLFDKDGDGTITTKELGTVMRSLGQNPTEAELQDMINEVDADGNGTIDFPEFLTMMARKMKD
TDSEEEIREAFRVFDKDGNGYISAAELRHVMTNLGEKLTDEEVDEMIREADIDGDGQVNYEEFVQMMTAK
;
K,D,E,C
2 'polypeptide(L)'
;GVQVETISPGDGRTFPKRGQTCVVHYTGMLEDGKKFDSSRDRNKPFKFMLGKQEVIRGWEEGVAQMSVGQRAKLTISPDY
AYGATGHPGIIPPHATLVFDVELLKLE
;
F,H,J,O
3 'polypeptide(L)'
;MGDGGEGEDEVQFLRTDDEVVLQCSATVLKEQLKLCLAAEGFGNRLCFLEPTSNAQNVPPDLAICCFTLEQSLSVRALQE
MLANTVEAGVESSQGGGHRTLLYGHAILLRHAHSRMYLSCLTTSRSMTDKLAFDVGLQEDATGEACWWTMHPASKQRSEG
EKVRVGDDLILVSVSSERYLHLSTASGELQVDASFMQTLWNMNPICSCCEEGYVTGGHVLRLFHGHMDECLTISAADSDD
QRRLVYYEGGAVCTHARSLWRLEPLRISWSGSHLRWGQPLRIRHVTTGRYLALTEDQGLVVVDACKAHTKATSFCFRVSK
EKLDTAPKRDVEGMGPPEIKYGESLCFVQHVASGLWLTYAAPDPKALRLGVLKKKAILHQEGHMDDALFLTRCQQEESQA
ARMIHSTAGLYNQFIKGLDSFSGKPRGSGPPAGPALPIEAVILSLQDLIGYFEPPSEELQHEEKQSKLRSLRNRQSLFQE
EGMLSLVLNCIDRLNVYTTAAHFAEYAGEEAAESWKEIVNLLYELLASLIRGNRANCALFSTNLDWVVSKLDRLEASSGI
LEVLYCVLIESPEVLNIIQENHIKSIISLLDKHGRNHKVLDVLCSLCVCNGVAVRSNQDLITENLLPGRELLLQTNLINY
VTSIRPNIFVGRAEGSTQYGKWYFEVMVDEVVPFLTAQATHLRVGWALTEGYSPYPGGGEGWGGNGVGDDLYSYGFDGLH
LWTGHVARPVTSPGQHLLAPEDVVSCCLDLSVPSISFRINGCPVQGVFEAFNLDGLFFPVVSFSAGVKVRFLLGGRHGEF
KFLPPPGYAPCHEAVLPRERLRLEPIKEYRREGPRGPHLVGPSRCLSHTDFVPCPVDTVQIVLPPHLERIREKLAENIHE
LWALTRIEQGWTYGPVRDDNKRLHPCLVNFHSLPEPERNYNLQMSGETLKTLLALGCHVGMADEKAEDNLKKTKLPKTYM
MSNGYKPAPLDLSHVRLTPAQTTLVDRLAENGHNVWARDRVAQGWSYSAVQDIPARRNPRLVPYRLLDEATKRSNRDSLC
QAVRTLLGYGYNIEPPDQEPSQVENQSRWDRVRIFRAEKSYTVQSGRWYFEFEAVTTGEMRVGWARPELRPDVELGADEL
AYVFNGHRGQRWHLGSEPFGRPWQSGDVVGCMIDLTENTIIFTLNGEVLMSDSGSETAFREIEIGDGFLPVCSLGPGQVG
HLNLGQDVSSLRFFAICGLQEGFEPFAINMQRPVTTWFSKSLPQFEPVPPEHPHYEVARMDGTVDTPPCLRLAHRTWGSQ
NSLVEMLFLRLSLPVQFHQHFRCTAGATPLAPPGLQPPAEDEARAAEPDPDYENLRRSAGGWGEAEGGKEGTAKEGTPGG
TPQPGVEAQPVRAENEKDATTEKNKKRGFLFKAKKAAMMTQPPATPALPRLPHDVVPADNRDDPEIILNTTTYYYSVRVF
AGQEPSCVWVGWVTPDYHQHDMNFDLSKVRAVTVTMGDEQGNVHSSLKCSNCYMVWGGDFVSPGQQGRISHTDLVIGCLV
DLATGLMTFTANGKESNTFFQVEPNTKLFPAVFVLPTHQNVIQFELGKQKNIMPLSAAMFLSERKNPAPQCPPRLEVQML
MPVSWSRMPNHFLQVETRRAGERLGWAVQCQDPLTMMALHIPEENRCMDILELSERLDLQRFHSHTLRLYRAVCALGNNR
VAHALCSHVDQAQLLHALEDAHLPGPLRAGYYDLLISIHLESACRSRRSMLSEYIVPLTPETRAITLFPPGRKGGNARRH
GLPGVGVTTSLRPPHHFSPPCFVAALPAAGVAEAPARLSPAIPLEALRDKALRMLGEAVRDGGQHARDPVGGSVEFQFVP
VLKLVSTLLVMGIFGDEDVKQILKMIEPEVFTEEEEEEEEEEEEEEEEEEDEEEKEEDEEEEEKEDAEKEEEEAPEGEKE
DLEEGLLQMKLPESVKLQMCNLLEYFCDQELQHRVESLAAFAERYVDKLQANQRSRYALLMRAFTMSAAETARRTREFRS
PPQEQINMLLHFKDEADEEDCPLPEDIRQDLQDFHQDLLAHCGIQLEGEEEEPEEETSLSSRLRSLLETVRLVKKKEEKP
EEELPAEEKKPQSLQELVSHMVVRWAQEDYVQSPELVRAMFSLLHRQYDGLGELLRALPRAYTISPSSVEDTMSLLECLG
QIRSLLIVQMGPQEENLMIQSIGNIMNNKVFYQHPNLMRALGMHETVMEVMVNVLGGGETKEIRFPKMVTSCCRFLCYFC
RISRQNQRSMFDHLSYLLENSGIGLGMQGSTPLDVAAASVIDNNELALALQEQDLEKVVSYLAGCGLQSCPMLLAKGYPD
IGWNPCGGERYLDFLRFAVFVNGESVEENANVVVRLLIRKPECFGPALRGEGGSGLLAAIEEAIRISEDPARDGPGVRRD
RRREHFGEEPPEENRVHLGHAIMSFYAALIDLLGRCAPEMHLIQAGKGEALRIRAILRSLVPLDDLVGIISLPLQIPTLG
KDGALVQPKMSASFVPDHKASMVLFLDRVYGIENQDFLLHVLDVGFLPDMRAAASLDTATFSTTEMALALNRYLCLAVLP
LITKCAPLFAGTEHRAIMVDSMLHTVYRLSRGRSLTKAQRDVIEDCLMALCRYIRPSMLQHLLRRLVFDVPILNEFAKMP
LKLLTNHYERCWKYYCLPTGWANFGVTSEEELHLTRKLFWGIFDSLAHKKYDQELYRMAMPCLCAIAGALPPDYVDASYS
SKAEKKATVDAEGNFDPRPVETLNVIIPEKLDSFINKFAEYTHEKWAFDKIQNNWSYGENVDEELKTHPMLRPYKTFSEK
DKEIYRWPIKESLKAMIAWEWTIEKAREGEEERTEKKKTRKISQTAQTYDPREGYNPQPPDLSGVTLSRELQAMAEQLAE
NYHNTWGRKKKQELEAKGGGTHPLLVPYDTLTAKEKARDREKAQELLKFLQMNGYAVTRGLKDMELDTSSIEKRFAFGFL
QQLLRWMDISQEFIAHLEAVVSSGRVEKSPHEQEIKFFAKILLPLINQYFTNHCLYFLSTPAKVLGSGGHASNKEKEMIT
SLFCKLAALVRHRVSLFGTDAPAVVNCLHILARSLDARTVMKSGPEIVKAGLRSFFESASEDIEKMVENLRLGKVSQART
QVKGVGQNLTYTTVALLPVLTTLFQHIAQHQFGDDVILDDVQVSCYRTLCSIYSLGTTKNTYVEKLRPALGECLARLAAA
MPVAFLEPQLNEYNACSVYTTKSPRERAILGLPNSVEEMCPDIPVLDRLMADIGGLAESGARYTEMPHVIEITLPMLCSY
LPRWWERGPEAPPPALPAGAPPPCTAVTSDHLNSLLGNILRIIVNNLGIDEATWMKRLAVFAQPIVSRARPELLHSHFIP
TIGRLRKRAGKVVAEEEQLRLEAKAEAEEGELLVRDEFSVLCRDLYALYPLLIRYVDNNRAHWLTEPNANAEELFRMVGE
IFIYWSKSHNFKREEQNFVVQNEINNMSFLTADSKSKMAKAGDAQSGGSDQERTKKKRRGDRYSVQTSLIVATLKKMLPI
GLNMCAPTDQDLIMLAKTRYALKDTDEEVREFLQNNLHLQGKVEGSPSLRWQMALYRGLPGREEDADDPEKIVRRVQEVS
AVLYHLEQTEHPYKSKKAVWHKLLSKQRRRAVVACFRMTPLYNLPTHRACNMFLESYKAAWILTEDHSFEDRMIDDLSKA
GEQEEEEEEVEEKKPDPLHQLVLHFSRTALTEKSKLDEDYLYMAYADIMAKSCHLEEGGENGEAEEEEVEVSFEEKEMEK
QRLLYQQSRLHTRGAAEMVLQMISACKGETGAMVSSTLKLGISILNGGNAEVQQKMLDYLKDKKEVGFFQSIQALMQTCS
VLDLNAFERQNKAEGLGMVNEDGTVINRQNGEKVMADDEFTQDLFRFLQLLCEGHNNDFQNYLRTQTGNTTTINIIICTV
DYLLRLQESISDFYWYYSGKDVIEEQGKRNFSKAMSVAKQVFNSLTEYIQGPCTGNQQSLAHSRLWDAVVGFLHVFAHMM
MKLAQDSSQIELLKELLDLQKDMVVMLLSLLEGNVVNGMIARQMVDMLVESSSNVEMILKFFDMFLKLKDIVGSEAFQDY
VTDPRGLISKKDFQKAMDSQKQFTGPEIQFLLSCSEADENEMINFEEFANRFQEPARDIGFNVAVLLTNLSEHVPHDPRL
RNFLELAESILEYFRPYLGRIEIMGASRRIERIYFEISETNRAQWEMPQVKESKRQFIFDVVNEGGEAEKMELFVSFCED
TIFEMQIAAQISEPEGEPEADEDEGMGEAAAEGAEEGAAGAEGAAGTVAAGATARLAAAAARALRGLSYRSLRRRVRRLR
RLTAREAATALAALLWAVVARAGAAGAGAAAGALRLLWGSLFGGGLVEGAKKVTVTELLAGMPDPTSDEVHGEQPAGPGG
DADGAGEGEGEGDAAEGDGDEEVAGHEAGPGGAEGVVAVADGGPFRPEGAGGLGDMGDTTPAEPPTPEGSPILKRKLGVD
GEEEELVPEPEPEPEPEPEKADEENGEKEEVPEAPPEPPKKAPPSPPAKKEEAGGAGMEFWGELEVQRVKFLNYLSRNFY
TLRFLALFLAFAINFILLFYKVSDSPPGEDDMEGSAAGDLAGAGSGGGSGWGSGAGEEAEGDEDENMVYYFLEESTGYME
PALWCLSLLHTLVAFLCIIGYNCLKVPLVIFKREKELARKLEFDGLYITEQPGDDDVKGQWDRLVLNTPSFPSNYWDKFV
KRKVLDKHGDIFGRERIAELLGMDLASLEITAHNERKPDPPPGLLTWLMSIDVKYQIWKFGVIFTDNSFLYLGWYMVMSL
LGHYNNFFFAAHLLDIAMGVKTLRTILSSVTHNGKQLVMTVGLLAVVVYLYTVVAFNFFRKFYNKSEDEDEPDMKCDDMM
TCYLFHMYVGVRAGGGIGDEIEDPAGDEYELYRVVFDITFFFFVIVILLAIIQGLIIDAFGELRDQQEQVKEDMETKCFI
CGIGSDYFDTTPHGFETHTLEEHNLANYMFFLMYLINKDETEHTGQESYVWKMYQERCWDFFPAGDCFRKQYEDQLS
;
A,B,G,I
#
loop_
_chem_comp.id
_chem_comp.type
_chem_comp.name
_chem_comp.formula
ATP non-polymer ADENOSINE-5'-TRIPHOSPHATE 'C10 H16 N5 O13 P3'
CA non-polymer 'CALCIUM ION' 'Ca 2'
CFF non-polymer CAFFEINE 'C8 H10 N4 O2'
KVR non-polymer '4-[(7-methoxy-2,3-dihydro-1,4-benzothiazepin-4(5H)-yl)methyl]benzoic acid' 'C18 H19 N O3 S'
L9R non-polymer '(2S)-3-(octadecanoyloxy)-2-[(9Z)-octadec-9-enoyloxy]propyl 2-(trimethylammonio)ethyl phosphate' 'C44 H86 N O8 P'
ZN non-polymer 'ZINC ION' 'Zn 2'
#
# COMPACT_ATOMS: atom_id res chain seq x y z
N HIS A 1 -18.18 -82.94 -36.00
CA HIS A 1 -16.96 -83.59 -35.55
C HIS A 1 -17.08 -85.11 -35.65
N MET A 2 -15.92 -85.77 -35.74
CA MET A 2 -15.91 -87.22 -35.91
C MET A 2 -16.56 -87.93 -34.73
N ALA A 3 -16.35 -87.43 -33.51
CA ALA A 3 -16.95 -88.06 -32.34
C ALA A 3 -18.48 -87.98 -32.39
N ASP A 4 -19.01 -86.86 -32.87
CA ASP A 4 -20.47 -86.75 -33.02
C ASP A 4 -20.98 -87.71 -34.10
N GLN A 5 -20.32 -87.73 -35.26
CA GLN A 5 -20.79 -88.54 -36.36
C GLN A 5 -20.50 -90.03 -36.14
N LEU A 6 -19.32 -90.36 -35.64
CA LEU A 6 -18.87 -91.75 -35.55
C LEU A 6 -18.76 -92.18 -34.10
N THR A 7 -19.06 -93.46 -33.86
CA THR A 7 -18.86 -94.08 -32.56
C THR A 7 -17.55 -94.85 -32.54
N GLU A 8 -17.21 -95.39 -31.37
CA GLU A 8 -15.98 -96.16 -31.25
C GLU A 8 -16.03 -97.41 -32.13
N GLU A 9 -17.18 -98.06 -32.21
CA GLU A 9 -17.31 -99.25 -33.06
C GLU A 9 -17.14 -98.89 -34.52
N GLN A 10 -17.73 -97.78 -34.97
CA GLN A 10 -17.62 -97.39 -36.37
C GLN A 10 -16.18 -97.05 -36.73
N ILE A 11 -15.47 -96.37 -35.82
CA ILE A 11 -14.07 -96.05 -36.08
C ILE A 11 -13.25 -97.33 -36.22
N ALA A 12 -13.51 -98.32 -35.36
CA ALA A 12 -12.83 -99.60 -35.46
C ALA A 12 -13.14 -100.28 -36.79
N GLU A 13 -14.40 -100.25 -37.21
CA GLU A 13 -14.78 -100.87 -38.48
C GLU A 13 -14.12 -100.17 -39.65
N PHE A 14 -14.06 -98.83 -39.61
CA PHE A 14 -13.42 -98.09 -40.69
C PHE A 14 -11.92 -98.37 -40.75
N LYS A 15 -11.28 -98.51 -39.58
CA LYS A 15 -9.86 -98.84 -39.56
C LYS A 15 -9.60 -100.20 -40.19
N GLU A 16 -10.47 -101.18 -39.90
CA GLU A 16 -10.34 -102.49 -40.54
C GLU A 16 -10.54 -102.38 -42.05
N ALA A 17 -11.50 -101.56 -42.48
CA ALA A 17 -11.69 -101.32 -43.91
C ALA A 17 -10.47 -100.64 -44.51
N PHE A 18 -9.91 -99.66 -43.81
CA PHE A 18 -8.71 -98.99 -44.31
C PHE A 18 -7.54 -99.96 -44.41
N SER A 19 -7.37 -100.82 -43.41
CA SER A 19 -6.31 -101.83 -43.46
C SER A 19 -6.56 -102.84 -44.57
N LEU A 20 -7.82 -103.08 -44.94
CA LEU A 20 -8.10 -103.95 -46.07
C LEU A 20 -7.59 -103.36 -47.37
N PHE A 21 -7.74 -102.05 -47.55
CA PHE A 21 -7.18 -101.37 -48.71
C PHE A 21 -5.65 -101.33 -48.63
N ASP A 22 -5.10 -101.02 -47.46
CA ASP A 22 -3.67 -100.90 -47.27
C ASP A 22 -3.10 -102.26 -46.89
N LYS A 23 -2.80 -103.06 -47.93
CA LYS A 23 -2.18 -104.36 -47.68
C LYS A 23 -0.74 -104.20 -47.20
N ASP A 24 -0.05 -103.15 -47.66
CA ASP A 24 1.33 -102.94 -47.24
C ASP A 24 1.41 -102.62 -45.75
N GLY A 25 0.48 -101.83 -45.24
CA GLY A 25 0.53 -101.39 -43.86
C GLY A 25 1.32 -100.12 -43.63
N ASP A 26 1.76 -99.44 -44.69
CA ASP A 26 2.52 -98.22 -44.52
C ASP A 26 1.66 -97.07 -44.01
N GLY A 27 0.34 -97.19 -44.14
CA GLY A 27 -0.56 -96.14 -43.71
C GLY A 27 -1.11 -95.26 -44.81
N THR A 28 -0.82 -95.56 -46.07
CA THR A 28 -1.29 -94.77 -47.19
C THR A 28 -1.90 -95.68 -48.24
N ILE A 29 -2.87 -95.15 -48.98
CA ILE A 29 -3.53 -95.87 -50.06
C ILE A 29 -3.02 -95.34 -51.38
N THR A 30 -2.42 -96.21 -52.18
CA THR A 30 -1.93 -95.83 -53.49
C THR A 30 -2.97 -96.18 -54.55
N THR A 31 -2.70 -95.81 -55.81
CA THR A 31 -3.63 -96.14 -56.89
C THR A 31 -3.71 -97.64 -57.12
N LYS A 32 -2.57 -98.33 -57.08
CA LYS A 32 -2.57 -99.78 -57.29
C LYS A 32 -3.30 -100.49 -56.16
N GLU A 33 -3.13 -100.02 -54.91
CA GLU A 33 -3.87 -100.59 -53.80
C GLU A 33 -5.37 -100.37 -53.97
N LEU A 34 -5.77 -99.16 -54.37
CA LEU A 34 -7.17 -98.90 -54.63
C LEU A 34 -7.68 -99.69 -55.82
N GLY A 35 -6.86 -99.79 -56.87
CA GLY A 35 -7.26 -100.56 -58.03
C GLY A 35 -7.42 -102.04 -57.76
N THR A 36 -6.59 -102.58 -56.87
CA THR A 36 -6.64 -104.01 -56.58
C THR A 36 -7.97 -104.41 -55.98
N VAL A 37 -8.47 -103.64 -55.01
CA VAL A 37 -9.72 -104.01 -54.36
C VAL A 37 -10.90 -103.82 -55.31
N MET A 38 -10.81 -102.85 -56.24
CA MET A 38 -11.88 -102.68 -57.22
C MET A 38 -11.99 -103.90 -58.13
N ARG A 39 -10.84 -104.47 -58.52
CA ARG A 39 -10.86 -105.68 -59.34
C ARG A 39 -11.45 -106.85 -58.58
N SER A 40 -11.20 -106.92 -57.27
CA SER A 40 -11.81 -107.97 -56.46
C SER A 40 -13.32 -107.83 -56.39
N LEU A 41 -13.83 -106.61 -56.51
CA LEU A 41 -15.27 -106.36 -56.52
C LEU A 41 -15.88 -106.44 -57.91
N GLY A 42 -15.06 -106.63 -58.96
CA GLY A 42 -15.53 -106.82 -60.30
C GLY A 42 -15.19 -105.69 -61.25
N GLN A 43 -15.14 -104.46 -60.75
CA GLN A 43 -14.87 -103.32 -61.62
C GLN A 43 -13.43 -103.36 -62.12
N ASN A 44 -13.23 -102.85 -63.33
CA ASN A 44 -11.93 -102.76 -63.96
C ASN A 44 -11.71 -101.34 -64.47
N PRO A 45 -11.48 -100.38 -63.57
CA PRO A 45 -11.31 -99.00 -63.99
C PRO A 45 -9.90 -98.73 -64.51
N THR A 46 -9.76 -97.59 -65.17
CA THR A 46 -8.47 -97.13 -65.67
C THR A 46 -7.82 -96.17 -64.67
N GLU A 47 -6.53 -95.94 -64.85
CA GLU A 47 -5.78 -95.07 -63.95
C GLU A 47 -6.23 -93.62 -64.03
N ALA A 48 -6.87 -93.22 -65.13
CA ALA A 48 -7.34 -91.85 -65.26
C ALA A 48 -8.43 -91.56 -64.23
N GLU A 49 -9.45 -92.42 -64.18
CA GLU A 49 -10.51 -92.25 -63.18
C GLU A 49 -10.05 -92.70 -61.81
N LEU A 50 -9.10 -93.64 -61.75
CA LEU A 50 -8.58 -94.10 -60.47
C LEU A 50 -7.89 -92.97 -59.72
N GLN A 51 -7.13 -92.14 -60.43
CA GLN A 51 -6.53 -90.97 -59.79
C GLN A 51 -7.60 -89.95 -59.38
N ASP A 52 -8.63 -89.79 -60.22
CA ASP A 52 -9.67 -88.81 -59.93
C ASP A 52 -10.42 -89.17 -58.65
N MET A 53 -10.74 -90.45 -58.46
CA MET A 53 -11.44 -90.85 -57.24
C MET A 53 -10.52 -90.79 -56.02
N ILE A 54 -9.22 -90.62 -56.21
CA ILE A 54 -8.31 -90.37 -55.09
C ILE A 54 -8.22 -88.87 -54.80
N ASN A 55 -8.06 -88.07 -55.84
CA ASN A 55 -7.94 -86.62 -55.66
C ASN A 55 -9.22 -86.01 -55.10
N GLU A 56 -10.36 -86.69 -55.28
CA GLU A 56 -11.62 -86.16 -54.78
C GLU A 56 -11.69 -86.17 -53.26
N VAL A 57 -10.82 -86.91 -52.59
CA VAL A 57 -10.86 -87.00 -51.13
C VAL A 57 -9.48 -86.70 -50.56
N ASP A 58 -8.46 -86.70 -51.41
CA ASP A 58 -7.11 -86.38 -50.96
C ASP A 58 -7.03 -84.90 -50.62
N ALA A 59 -6.80 -84.58 -49.34
CA ALA A 59 -6.83 -83.20 -48.88
C ALA A 59 -5.48 -82.50 -49.09
N ASP A 60 -4.39 -83.12 -48.63
CA ASP A 60 -3.08 -82.49 -48.72
C ASP A 60 -2.49 -82.55 -50.13
N GLY A 61 -3.07 -83.34 -51.03
CA GLY A 61 -2.57 -83.41 -52.39
C GLY A 61 -1.32 -84.22 -52.58
N ASN A 62 -0.93 -85.05 -51.59
CA ASN A 62 0.26 -85.87 -51.72
C ASN A 62 0.08 -87.03 -52.70
N GLY A 63 -1.14 -87.28 -53.17
CA GLY A 63 -1.40 -88.37 -54.08
C GLY A 63 -1.75 -89.69 -53.42
N THR A 64 -1.72 -89.75 -52.09
CA THR A 64 -2.06 -90.96 -51.35
C THR A 64 -3.13 -90.65 -50.31
N ILE A 65 -3.86 -91.68 -49.93
CA ILE A 65 -4.95 -91.56 -48.97
C ILE A 65 -4.51 -92.22 -47.67
N ASP A 66 -4.45 -91.43 -46.59
CA ASP A 66 -4.15 -91.94 -45.27
C ASP A 66 -5.43 -92.06 -44.45
N PHE A 67 -5.29 -92.63 -43.26
CA PHE A 67 -6.46 -92.84 -42.41
C PHE A 67 -7.19 -91.55 -42.04
N PRO A 68 -6.53 -90.45 -41.67
CA PRO A 68 -7.30 -89.22 -41.38
C PRO A 68 -8.19 -88.78 -42.53
N GLU A 69 -7.71 -88.90 -43.78
CA GLU A 69 -8.54 -88.55 -44.92
C GLU A 69 -9.63 -89.59 -45.14
N PHE A 70 -9.33 -90.87 -44.89
CA PHE A 70 -10.32 -91.91 -45.04
C PHE A 70 -11.47 -91.73 -44.05
N LEU A 71 -11.14 -91.38 -42.80
CA LEU A 71 -12.19 -91.12 -41.80
C LEU A 71 -13.01 -89.90 -42.18
N THR A 72 -12.36 -88.86 -42.69
CA THR A 72 -13.07 -87.65 -43.09
C THR A 72 -14.07 -87.94 -44.19
N MET A 73 -13.72 -88.81 -45.14
CA MET A 73 -14.67 -89.23 -46.16
C MET A 73 -15.88 -89.90 -45.55
N MET A 74 -15.66 -90.88 -44.68
CA MET A 74 -16.76 -91.61 -44.07
C MET A 74 -17.59 -90.72 -43.15
N ALA A 75 -16.96 -89.74 -42.49
CA ALA A 75 -17.70 -88.83 -41.64
C ALA A 75 -18.71 -88.02 -42.43
N ARG A 76 -18.32 -87.55 -43.61
CA ARG A 76 -19.26 -86.83 -44.47
C ARG A 76 -20.38 -87.73 -44.95
N LYS A 77 -20.06 -88.98 -45.29
CA LYS A 77 -21.07 -89.91 -45.79
C LYS A 77 -22.14 -90.19 -44.75
N MET A 78 -21.74 -90.30 -43.48
CA MET A 78 -22.71 -90.50 -42.41
C MET A 78 -23.54 -89.23 -42.18
N LYS A 79 -22.91 -88.06 -42.31
CA LYS A 79 -23.58 -86.81 -41.98
C LYS A 79 -24.61 -86.42 -43.04
N ASP A 80 -24.27 -86.57 -44.31
CA ASP A 80 -25.11 -86.05 -45.38
C ASP A 80 -26.29 -86.96 -45.72
N THR A 81 -26.40 -88.13 -45.07
CA THR A 81 -27.56 -88.99 -45.31
C THR A 81 -28.85 -88.29 -44.88
N ASP A 82 -28.82 -87.59 -43.75
CA ASP A 82 -29.97 -86.84 -43.26
C ASP A 82 -29.79 -85.38 -43.63
N SER A 83 -30.74 -84.83 -44.38
CA SER A 83 -30.70 -83.43 -44.81
C SER A 83 -31.81 -82.61 -44.17
N GLU A 84 -33.07 -83.04 -44.33
CA GLU A 84 -34.19 -82.33 -43.73
C GLU A 84 -35.15 -83.27 -43.03
N GLU A 85 -34.82 -84.56 -42.92
CA GLU A 85 -35.71 -85.54 -42.28
C GLU A 85 -35.73 -85.42 -40.76
N GLU A 86 -35.11 -84.38 -40.19
CA GLU A 86 -35.09 -84.24 -38.74
C GLU A 86 -36.50 -84.05 -38.18
N ILE A 87 -37.44 -83.55 -38.99
CA ILE A 87 -38.81 -83.40 -38.53
C ILE A 87 -39.51 -84.74 -38.40
N ARG A 88 -39.03 -85.77 -39.11
CA ARG A 88 -39.63 -87.10 -38.99
C ARG A 88 -39.42 -87.68 -37.59
N GLU A 89 -38.20 -87.58 -37.06
CA GLU A 89 -37.96 -88.04 -35.69
C GLU A 89 -38.72 -87.20 -34.67
N ALA A 90 -38.80 -85.89 -34.91
CA ALA A 90 -39.58 -85.03 -34.01
C ALA A 90 -41.05 -85.42 -34.00
N PHE A 91 -41.59 -85.79 -35.16
CA PHE A 91 -42.96 -86.27 -35.22
C PHE A 91 -43.15 -87.57 -34.45
N ARG A 92 -42.19 -88.50 -34.56
CA ARG A 92 -42.28 -89.77 -33.86
C ARG A 92 -42.13 -89.64 -32.35
N VAL A 93 -41.46 -88.60 -31.87
CA VAL A 93 -41.39 -88.36 -30.43
C VAL A 93 -42.78 -88.08 -29.88
N PHE A 94 -43.56 -87.25 -30.58
CA PHE A 94 -44.94 -87.01 -30.17
C PHE A 94 -45.84 -88.20 -30.51
N ASP A 95 -45.46 -88.99 -31.52
CA ASP A 95 -46.27 -90.12 -31.97
C ASP A 95 -45.72 -91.41 -31.37
N LYS A 96 -46.18 -91.70 -30.15
CA LYS A 96 -45.68 -92.86 -29.42
C LYS A 96 -46.14 -94.17 -30.06
N ASP A 97 -47.42 -94.26 -30.42
CA ASP A 97 -47.98 -95.53 -30.87
C ASP A 97 -47.35 -96.01 -32.16
N GLY A 98 -47.12 -95.09 -33.10
CA GLY A 98 -46.51 -95.44 -34.37
C GLY A 98 -47.36 -95.22 -35.60
N ASN A 99 -48.56 -94.67 -35.46
CA ASN A 99 -49.42 -94.41 -36.60
C ASN A 99 -49.11 -93.02 -37.16
N GLY A 100 -49.94 -92.52 -38.07
CA GLY A 100 -49.71 -91.25 -38.72
C GLY A 100 -50.43 -90.06 -38.10
N TYR A 101 -50.90 -90.17 -36.87
CA TYR A 101 -51.62 -89.08 -36.21
C TYR A 101 -51.09 -88.88 -34.81
N ILE A 102 -51.16 -87.64 -34.33
CA ILE A 102 -50.76 -87.30 -32.96
C ILE A 102 -52.03 -87.12 -32.14
N SER A 103 -52.21 -87.97 -31.14
CA SER A 103 -53.39 -87.89 -30.29
C SER A 103 -53.13 -86.96 -29.11
N ALA A 104 -54.23 -86.52 -28.47
CA ALA A 104 -54.12 -85.68 -27.30
C ALA A 104 -53.44 -86.41 -26.15
N ALA A 105 -53.77 -87.70 -25.97
CA ALA A 105 -53.09 -88.50 -24.95
C ALA A 105 -51.61 -88.64 -25.25
N GLU A 106 -51.27 -88.84 -26.53
CA GLU A 106 -49.86 -88.89 -26.91
C GLU A 106 -49.18 -87.55 -26.66
N LEU A 107 -49.88 -86.46 -26.97
CA LEU A 107 -49.35 -85.14 -26.64
C LEU A 107 -49.22 -84.96 -25.13
N ARG A 108 -50.12 -85.56 -24.36
CA ARG A 108 -49.97 -85.56 -22.91
C ARG A 108 -48.74 -86.34 -22.48
N HIS A 109 -48.47 -87.47 -23.14
CA HIS A 109 -47.34 -88.31 -22.75
C HIS A 109 -46.01 -87.59 -22.91
N VAL A 110 -45.82 -86.89 -24.03
CA VAL A 110 -44.57 -86.16 -24.22
C VAL A 110 -44.51 -84.94 -23.30
N MET A 111 -45.63 -84.24 -23.13
CA MET A 111 -45.66 -83.11 -22.21
C MET A 111 -45.42 -83.55 -20.78
N THR A 112 -45.89 -84.74 -20.41
CA THR A 112 -45.59 -85.27 -19.08
C THR A 112 -44.10 -85.50 -18.91
N ASN A 113 -43.43 -86.03 -19.93
CA ASN A 113 -42.00 -86.26 -19.84
C ASN A 113 -41.21 -84.97 -19.80
N LEU A 114 -41.71 -83.91 -20.44
CA LEU A 114 -41.03 -82.62 -20.43
C LEU A 114 -41.31 -81.88 -19.13
N GLY A 115 -40.55 -80.81 -18.91
CA GLY A 115 -40.65 -80.06 -17.67
C GLY A 115 -41.99 -79.37 -17.46
N GLU A 116 -42.51 -78.72 -18.49
CA GLU A 116 -43.77 -78.01 -18.37
C GLU A 116 -44.92 -79.00 -18.19
N LYS A 117 -45.92 -78.59 -17.44
CA LYS A 117 -47.08 -79.43 -17.14
C LYS A 117 -48.36 -78.73 -17.61
N LEU A 118 -49.33 -79.52 -18.04
CA LEU A 118 -50.61 -79.02 -18.51
C LEU A 118 -51.72 -79.47 -17.57
N THR A 119 -52.78 -78.65 -17.47
CA THR A 119 -53.90 -78.89 -16.58
C THR A 119 -55.01 -79.71 -17.23
N ASP A 120 -54.69 -80.52 -18.22
CA ASP A 120 -55.59 -81.41 -18.94
C ASP A 120 -56.66 -80.67 -19.73
N GLU A 121 -56.57 -79.35 -19.85
CA GLU A 121 -57.51 -78.58 -20.65
C GLU A 121 -56.85 -77.75 -21.74
N GLU A 122 -55.69 -77.15 -21.46
CA GLU A 122 -54.99 -76.39 -22.49
C GLU A 122 -54.34 -77.32 -23.52
N VAL A 123 -54.29 -78.63 -23.22
CA VAL A 123 -53.81 -79.59 -24.20
C VAL A 123 -54.71 -79.58 -25.43
N ASP A 124 -56.00 -79.30 -25.24
CA ASP A 124 -56.92 -79.20 -26.37
C ASP A 124 -56.72 -77.91 -27.15
N GLU A 125 -56.13 -76.89 -26.50
CA GLU A 125 -56.01 -75.58 -27.15
C GLU A 125 -55.03 -75.64 -28.33
N MET A 126 -53.84 -76.19 -28.12
CA MET A 126 -52.84 -76.22 -29.18
C MET A 126 -53.05 -77.36 -30.17
N ILE A 127 -53.71 -78.45 -29.76
CA ILE A 127 -53.95 -79.55 -30.69
C ILE A 127 -54.98 -79.14 -31.74
N ARG A 128 -55.98 -78.34 -31.36
CA ARG A 128 -56.96 -77.88 -32.34
C ARG A 128 -56.36 -76.82 -33.26
N GLU A 129 -55.36 -76.09 -32.76
CA GLU A 129 -54.64 -75.15 -33.62
C GLU A 129 -53.84 -75.87 -34.69
N ALA A 130 -53.12 -76.93 -34.30
CA ALA A 130 -52.33 -77.69 -35.26
C ALA A 130 -53.21 -78.53 -36.17
N ASP A 131 -54.26 -79.15 -35.61
CA ASP A 131 -55.17 -79.97 -36.38
C ASP A 131 -56.16 -79.07 -37.10
N ILE A 132 -55.98 -78.91 -38.41
CA ILE A 132 -56.90 -78.09 -39.19
C ILE A 132 -58.16 -78.87 -39.56
N ASP A 133 -58.03 -80.17 -39.80
CA ASP A 133 -59.18 -80.98 -40.19
C ASP A 133 -60.25 -81.04 -39.11
N GLY A 134 -59.87 -80.87 -37.85
CA GLY A 134 -60.83 -80.92 -36.77
C GLY A 134 -61.18 -82.31 -36.28
N ASP A 135 -60.40 -83.32 -36.66
CA ASP A 135 -60.67 -84.70 -36.23
C ASP A 135 -60.08 -85.01 -34.86
N GLY A 136 -59.43 -84.05 -34.21
CA GLY A 136 -58.85 -84.27 -32.91
C GLY A 136 -57.46 -84.86 -32.91
N GLN A 137 -56.89 -85.14 -34.09
CA GLN A 137 -55.55 -85.70 -34.19
C GLN A 137 -54.75 -84.89 -35.21
N VAL A 138 -53.48 -84.68 -34.92
CA VAL A 138 -52.58 -83.94 -35.81
C VAL A 138 -51.76 -84.97 -36.59
N ASN A 139 -51.95 -84.99 -37.91
CA ASN A 139 -51.20 -85.92 -38.74
C ASN A 139 -49.83 -85.34 -39.09
N TYR A 140 -49.05 -86.12 -39.84
CA TYR A 140 -47.73 -85.68 -40.27
C TYR A 140 -47.80 -84.48 -41.20
N GLU A 141 -48.78 -84.45 -42.10
CA GLU A 141 -48.91 -83.33 -43.02
C GLU A 141 -49.23 -82.04 -42.28
N GLU A 142 -50.11 -82.11 -41.28
CA GLU A 142 -50.44 -80.92 -40.49
C GLU A 142 -49.28 -80.48 -39.63
N PHE A 143 -48.42 -81.40 -39.20
CA PHE A 143 -47.33 -81.06 -38.31
C PHE A 143 -46.25 -80.25 -39.02
N VAL A 144 -45.89 -80.66 -40.25
CA VAL A 144 -44.79 -80.02 -40.95
C VAL A 144 -45.17 -78.61 -41.39
N GLN A 145 -46.42 -78.41 -41.82
CA GLN A 145 -46.82 -77.10 -42.31
C GLN A 145 -46.87 -76.06 -41.20
N MET A 146 -47.20 -76.48 -39.98
CA MET A 146 -47.21 -75.58 -38.83
C MET A 146 -47.15 -76.41 -37.57
N MET A 147 -46.17 -76.12 -36.71
CA MET A 147 -45.89 -76.92 -35.52
C MET A 147 -46.27 -76.14 -34.27
N THR A 148 -47.28 -76.61 -33.57
CA THR A 148 -47.65 -76.09 -32.26
C THR A 148 -47.84 -77.18 -31.22
N ALA A 149 -48.34 -78.34 -31.63
CA ALA A 149 -48.54 -79.46 -30.71
C ALA A 149 -47.50 -80.54 -30.94
N GLY B 1 40.24 -109.13 -49.03
CA GLY B 1 41.21 -108.40 -48.18
C GLY B 1 41.20 -108.92 -46.77
N VAL B 2 41.01 -110.23 -46.59
CA VAL B 2 41.12 -110.82 -45.22
C VAL B 2 42.28 -111.79 -45.19
N GLN B 3 43.19 -111.64 -44.24
CA GLN B 3 44.30 -112.59 -44.07
C GLN B 3 44.07 -113.29 -42.73
N VAL B 4 44.02 -114.62 -42.72
CA VAL B 4 43.72 -115.36 -41.46
C VAL B 4 45.01 -116.02 -40.96
N GLU B 5 45.53 -115.55 -39.84
CA GLU B 5 46.75 -116.13 -39.22
C GLU B 5 46.32 -116.86 -37.97
N THR B 6 46.62 -118.15 -37.87
CA THR B 6 46.19 -119.00 -36.77
C THR B 6 46.97 -118.68 -35.50
N ILE B 7 46.27 -118.71 -34.37
CA ILE B 7 46.86 -118.53 -33.06
C ILE B 7 46.85 -119.83 -32.26
N SER B 8 45.70 -120.51 -32.21
CA SER B 8 45.60 -121.82 -31.61
C SER B 8 44.75 -122.72 -32.51
N PRO B 9 45.21 -123.94 -32.78
CA PRO B 9 44.49 -124.80 -33.72
C PRO B 9 43.16 -125.26 -33.17
N GLY B 10 42.21 -125.46 -34.08
CA GLY B 10 40.92 -126.03 -33.75
C GLY B 10 40.85 -127.50 -34.08
N ASP B 11 39.63 -127.99 -34.28
CA ASP B 11 39.46 -129.38 -34.68
C ASP B 11 39.96 -129.64 -36.09
N GLY B 12 39.84 -128.65 -36.99
CA GLY B 12 40.31 -128.80 -38.34
C GLY B 12 39.41 -129.59 -39.27
N ARG B 13 38.22 -129.97 -38.82
CA ARG B 13 37.30 -130.75 -39.63
C ARG B 13 35.99 -130.02 -39.90
N THR B 14 35.39 -129.43 -38.88
CA THR B 14 34.09 -128.75 -39.01
C THR B 14 34.33 -127.27 -39.30
N PHE B 15 33.71 -126.77 -40.35
CA PHE B 15 33.78 -125.39 -40.76
C PHE B 15 32.38 -124.81 -40.91
N PRO B 16 32.20 -123.52 -40.66
CA PRO B 16 30.87 -122.92 -40.79
C PRO B 16 30.47 -122.78 -42.25
N LYS B 17 29.23 -123.15 -42.55
CA LYS B 17 28.68 -122.98 -43.88
C LYS B 17 27.57 -121.94 -43.85
N ARG B 18 27.02 -121.65 -45.03
CA ARG B 18 25.99 -120.63 -45.15
C ARG B 18 24.73 -121.04 -44.39
N GLY B 19 24.12 -120.08 -43.71
CA GLY B 19 22.91 -120.33 -42.95
C GLY B 19 23.11 -120.92 -41.57
N GLN B 20 24.34 -120.98 -41.08
CA GLN B 20 24.64 -121.54 -39.77
C GLN B 20 25.14 -120.46 -38.83
N THR B 21 24.57 -120.41 -37.64
CA THR B 21 24.92 -119.39 -36.66
C THR B 21 26.31 -119.65 -36.09
N CYS B 22 27.14 -118.63 -36.06
CA CYS B 22 28.49 -118.73 -35.53
C CYS B 22 28.58 -117.96 -34.21
N VAL B 23 29.10 -118.63 -33.18
CA VAL B 23 29.29 -118.05 -31.86
C VAL B 23 30.79 -117.81 -31.69
N VAL B 24 31.18 -116.54 -31.57
CA VAL B 24 32.59 -116.18 -31.53
C VAL B 24 32.84 -115.23 -30.37
N HIS B 25 34.08 -115.25 -29.88
CA HIS B 25 34.60 -114.23 -28.96
C HIS B 25 35.72 -113.50 -29.68
N TYR B 26 35.62 -112.18 -29.75
CA TYR B 26 36.54 -111.38 -30.55
C TYR B 26 37.05 -110.20 -29.77
N THR B 27 38.22 -109.71 -30.17
CA THR B 27 38.80 -108.47 -29.69
C THR B 27 39.39 -107.74 -30.89
N GLY B 28 38.82 -106.59 -31.21
CA GLY B 28 39.19 -105.85 -32.41
C GLY B 28 40.04 -104.64 -32.06
N MET B 29 41.16 -104.51 -32.78
CA MET B 29 42.06 -103.38 -32.64
C MET B 29 42.38 -102.80 -34.01
N LEU B 30 42.65 -101.50 -34.04
CA LEU B 30 43.19 -100.89 -35.25
C LEU B 30 44.61 -101.42 -35.47
N GLU B 31 45.03 -101.41 -36.74
CA GLU B 31 46.30 -102.04 -37.09
C GLU B 31 47.50 -101.36 -36.46
N ASP B 32 47.34 -100.14 -35.95
CA ASP B 32 48.43 -99.49 -35.21
C ASP B 32 48.56 -99.99 -33.78
N GLY B 33 47.57 -100.72 -33.28
CA GLY B 33 47.61 -101.27 -31.94
C GLY B 33 46.58 -100.73 -30.97
N LYS B 34 45.60 -99.96 -31.42
CA LYS B 34 44.60 -99.36 -30.55
C LYS B 34 43.33 -100.21 -30.57
N LYS B 35 42.95 -100.73 -29.42
CA LYS B 35 41.73 -101.54 -29.33
C LYS B 35 40.49 -100.64 -29.37
N PHE B 36 39.45 -101.12 -30.05
CA PHE B 36 38.19 -100.39 -30.13
C PHE B 36 36.97 -101.22 -29.77
N ASP B 37 37.05 -102.54 -29.84
CA ASP B 37 35.91 -103.38 -29.51
C ASP B 37 36.40 -104.73 -29.02
N SER B 38 35.61 -105.35 -28.14
CA SER B 38 35.94 -106.66 -27.60
C SER B 38 34.70 -107.25 -26.96
N SER B 39 34.34 -108.46 -27.37
CA SER B 39 33.23 -109.17 -26.73
C SER B 39 33.61 -109.71 -25.36
N ARG B 40 34.91 -109.81 -25.06
CA ARG B 40 35.35 -110.27 -23.75
C ARG B 40 34.92 -109.29 -22.65
N ASP B 41 35.01 -107.98 -22.92
CA ASP B 41 34.65 -107.00 -21.90
C ASP B 41 33.18 -107.10 -21.51
N ARG B 42 32.30 -107.29 -22.51
CA ARG B 42 30.89 -107.48 -22.22
C ARG B 42 30.58 -108.86 -21.67
N ASN B 43 31.55 -109.79 -21.70
CA ASN B 43 31.40 -111.12 -21.14
C ASN B 43 30.23 -111.88 -21.76
N LYS B 44 29.96 -111.61 -23.04
CA LYS B 44 28.87 -112.27 -23.76
C LYS B 44 29.37 -112.59 -25.17
N PRO B 45 29.33 -113.85 -25.58
CA PRO B 45 29.79 -114.19 -26.93
C PRO B 45 28.91 -113.55 -28.00
N PHE B 46 29.52 -113.24 -29.14
CA PHE B 46 28.82 -112.61 -30.25
C PHE B 46 28.34 -113.69 -31.21
N LYS B 47 27.06 -113.62 -31.59
CA LYS B 47 26.43 -114.60 -32.47
C LYS B 47 26.02 -113.93 -33.77
N PHE B 48 26.31 -114.59 -34.89
CA PHE B 48 25.89 -114.10 -36.19
C PHE B 48 25.77 -115.29 -37.13
N MET B 49 24.99 -115.10 -38.21
CA MET B 49 24.76 -116.13 -39.21
C MET B 49 25.44 -115.75 -40.51
N LEU B 50 26.21 -116.69 -41.06
CA LEU B 50 26.92 -116.42 -42.31
C LEU B 50 25.93 -116.30 -43.47
N GLY B 51 26.24 -115.39 -44.40
CA GLY B 51 25.47 -115.21 -45.61
C GLY B 51 24.38 -114.17 -45.50
N LYS B 52 24.09 -113.69 -44.31
CA LYS B 52 23.03 -112.71 -44.09
C LYS B 52 23.56 -111.27 -44.07
N GLN B 53 24.87 -111.11 -44.28
CA GLN B 53 25.52 -109.79 -44.26
C GLN B 53 25.25 -109.04 -42.96
N GLU B 54 25.15 -109.78 -41.86
CA GLU B 54 24.97 -109.14 -40.56
C GLU B 54 26.22 -108.39 -40.12
N VAL B 55 27.40 -108.92 -40.48
CA VAL B 55 28.67 -108.32 -40.10
C VAL B 55 29.37 -107.83 -41.36
N ILE B 56 30.53 -107.19 -41.17
CA ILE B 56 31.31 -106.72 -42.30
C ILE B 56 31.77 -107.91 -43.14
N ARG B 57 31.97 -107.66 -44.43
CA ARG B 57 32.30 -108.75 -45.34
C ARG B 57 33.64 -109.38 -45.01
N GLY B 58 34.53 -108.65 -44.33
CA GLY B 58 35.79 -109.23 -43.91
C GLY B 58 35.60 -110.41 -42.96
N TRP B 59 34.60 -110.31 -42.08
CA TRP B 59 34.28 -111.41 -41.19
C TRP B 59 33.63 -112.59 -41.91
N GLU B 60 33.00 -112.34 -43.06
CA GLU B 60 32.34 -113.42 -43.78
C GLU B 60 33.34 -114.47 -44.24
N GLU B 61 34.41 -114.05 -44.90
CA GLU B 61 35.42 -115.00 -45.36
C GLU B 61 36.32 -115.45 -44.22
N GLY B 62 36.63 -114.54 -43.29
CA GLY B 62 37.59 -114.88 -42.23
C GLY B 62 37.10 -115.99 -41.32
N VAL B 63 35.84 -115.87 -40.87
CA VAL B 63 35.28 -116.91 -40.01
C VAL B 63 35.03 -118.20 -40.77
N ALA B 64 34.67 -118.10 -42.06
CA ALA B 64 34.41 -119.30 -42.84
C ALA B 64 35.64 -120.17 -42.98
N GLN B 65 36.84 -119.58 -42.98
CA GLN B 65 38.07 -120.33 -43.07
C GLN B 65 38.48 -120.96 -41.75
N MET B 66 37.87 -120.55 -40.64
CA MET B 66 38.23 -121.07 -39.33
C MET B 66 37.41 -122.31 -39.00
N SER B 67 37.92 -123.09 -38.07
CA SER B 67 37.25 -124.28 -37.56
C SER B 67 36.76 -124.04 -36.14
N VAL B 68 35.90 -124.94 -35.67
CA VAL B 68 35.34 -124.81 -34.33
C VAL B 68 36.44 -125.00 -33.29
N GLY B 69 36.53 -124.07 -32.35
CA GLY B 69 37.56 -124.08 -31.34
C GLY B 69 38.85 -123.40 -31.75
N GLN B 70 38.98 -123.00 -33.02
CA GLN B 70 40.19 -122.34 -33.47
C GLN B 70 40.18 -120.87 -33.10
N ARG B 71 41.34 -120.37 -32.66
CA ARG B 71 41.54 -118.96 -32.40
C ARG B 71 42.51 -118.44 -33.45
N ALA B 72 42.09 -117.40 -34.18
CA ALA B 72 42.86 -116.89 -35.31
C ALA B 72 42.88 -115.38 -35.28
N LYS B 73 43.83 -114.81 -36.01
CA LYS B 73 43.98 -113.36 -36.12
C LYS B 73 43.60 -112.95 -37.54
N LEU B 74 42.53 -112.16 -37.67
CA LEU B 74 42.04 -111.75 -39.00
C LEU B 74 42.46 -110.31 -39.26
N THR B 75 43.19 -110.07 -40.34
CA THR B 75 43.55 -108.68 -40.72
C THR B 75 42.66 -108.29 -41.89
N ILE B 76 41.82 -107.29 -41.71
CA ILE B 76 40.83 -106.93 -42.76
C ILE B 76 41.22 -105.59 -43.37
N SER B 77 41.34 -105.55 -44.70
CA SER B 77 41.68 -104.31 -45.44
C SER B 77 40.50 -103.36 -45.36
N PRO B 78 40.69 -102.04 -45.54
CA PRO B 78 39.60 -101.11 -45.36
C PRO B 78 38.41 -101.42 -46.28
N ASP B 79 38.67 -101.90 -47.50
CA ASP B 79 37.62 -102.25 -48.47
C ASP B 79 36.70 -103.34 -47.93
N TYR B 80 37.24 -104.29 -47.17
CA TYR B 80 36.44 -105.44 -46.67
C TYR B 80 35.82 -105.09 -45.32
N ALA B 81 35.99 -103.85 -44.87
CA ALA B 81 35.34 -103.41 -43.62
C ALA B 81 34.44 -102.20 -43.90
N TYR B 82 34.58 -101.12 -43.14
CA TYR B 82 33.82 -99.89 -43.29
C TYR B 82 34.41 -98.96 -44.35
N GLY B 83 35.73 -98.96 -44.53
CA GLY B 83 36.31 -98.30 -45.69
C GLY B 83 36.34 -96.80 -45.57
N ALA B 84 36.00 -96.14 -46.69
CA ALA B 84 36.13 -94.69 -46.77
C ALA B 84 35.21 -93.98 -45.79
N THR B 85 33.96 -94.44 -45.67
CA THR B 85 33.04 -93.80 -44.73
C THR B 85 33.48 -94.05 -43.29
N GLY B 86 33.93 -95.26 -42.99
CA GLY B 86 34.35 -95.59 -41.64
C GLY B 86 33.18 -95.67 -40.68
N HIS B 87 33.51 -95.85 -39.40
CA HIS B 87 32.51 -95.84 -38.35
C HIS B 87 32.66 -94.54 -37.55
N PRO B 88 31.70 -93.62 -37.64
CA PRO B 88 31.89 -92.30 -37.02
C PRO B 88 32.05 -92.40 -35.51
N GLY B 89 33.17 -91.87 -35.03
CA GLY B 89 33.48 -91.86 -33.62
C GLY B 89 34.19 -93.09 -33.10
N ILE B 90 34.34 -94.13 -33.92
CA ILE B 90 34.99 -95.36 -33.48
C ILE B 90 36.19 -95.66 -34.38
N ILE B 91 35.94 -95.82 -35.68
CA ILE B 91 36.95 -96.26 -36.62
C ILE B 91 37.22 -95.12 -37.60
N PRO B 92 38.47 -94.66 -37.73
CA PRO B 92 38.78 -93.60 -38.71
C PRO B 92 38.63 -94.12 -40.12
N PRO B 93 38.44 -93.23 -41.09
CA PRO B 93 38.34 -93.66 -42.48
C PRO B 93 39.63 -94.32 -42.97
N HIS B 94 39.47 -95.27 -43.88
CA HIS B 94 40.58 -95.99 -44.50
C HIS B 94 41.47 -96.65 -43.44
N ALA B 95 40.84 -97.37 -42.53
CA ALA B 95 41.54 -98.02 -41.42
C ALA B 95 41.53 -99.52 -41.62
N THR B 96 42.70 -100.14 -41.49
CA THR B 96 42.81 -101.59 -41.52
C THR B 96 42.51 -102.15 -40.14
N LEU B 97 41.61 -103.13 -40.08
CA LEU B 97 41.13 -103.68 -38.82
C LEU B 97 41.78 -105.03 -38.56
N VAL B 98 42.22 -105.23 -37.32
CA VAL B 98 42.83 -106.49 -36.88
C VAL B 98 41.95 -107.07 -35.79
N PHE B 99 41.55 -108.33 -35.97
CA PHE B 99 40.64 -109.01 -35.04
C PHE B 99 41.28 -110.29 -34.52
N ASP B 100 41.13 -110.51 -33.22
CA ASP B 100 41.50 -111.77 -32.59
C ASP B 100 40.21 -112.52 -32.29
N VAL B 101 39.88 -113.50 -33.14
CA VAL B 101 38.58 -114.15 -33.12
C VAL B 101 38.78 -115.62 -32.75
N GLU B 102 37.96 -116.08 -31.80
CA GLU B 102 37.92 -117.49 -31.42
C GLU B 102 36.52 -118.01 -31.74
N LEU B 103 36.46 -119.08 -32.52
CA LEU B 103 35.18 -119.68 -32.91
C LEU B 103 34.77 -120.68 -31.83
N LEU B 104 33.89 -120.26 -30.94
CA LEU B 104 33.51 -121.10 -29.81
C LEU B 104 32.74 -122.34 -30.25
N LYS B 105 31.71 -122.15 -31.05
CA LYS B 105 30.85 -123.26 -31.48
C LYS B 105 29.97 -122.77 -32.63
N LEU B 106 29.24 -123.72 -33.21
CA LEU B 106 28.30 -123.45 -34.29
C LEU B 106 26.90 -123.91 -33.88
N GLU B 107 25.90 -123.10 -34.19
CA GLU B 107 24.52 -123.45 -33.87
C GLU B 107 23.56 -122.85 -34.89
N HIS C 1 21.84 84.42 29.71
CA HIS C 1 20.65 85.06 29.17
C HIS C 1 20.44 86.43 29.79
N MET C 2 19.73 87.30 29.08
CA MET C 2 19.52 88.66 29.55
C MET C 2 18.75 88.69 30.87
N ALA C 3 17.78 87.79 31.03
CA ALA C 3 17.00 87.76 32.27
C ALA C 3 17.89 87.39 33.46
N ASP C 4 18.83 86.48 33.27
CA ASP C 4 19.77 86.13 34.33
C ASP C 4 20.68 87.31 34.65
N GLN C 5 21.25 87.93 33.61
CA GLN C 5 22.21 89.02 33.84
C GLN C 5 21.52 90.31 34.28
N LEU C 6 20.40 90.65 33.65
CA LEU C 6 19.75 91.93 33.86
C LEU C 6 18.41 91.77 34.56
N THR C 7 18.08 92.74 35.40
CA THR C 7 16.78 92.81 36.06
C THR C 7 15.87 93.76 35.29
N GLU C 8 14.61 93.84 35.73
CA GLU C 8 13.66 94.74 35.08
C GLU C 8 14.10 96.19 35.21
N GLU C 9 14.63 96.57 36.38
CA GLU C 9 15.10 97.93 36.57
C GLU C 9 16.28 98.25 35.65
N GLN C 10 17.22 97.32 35.51
CA GLN C 10 18.38 97.56 34.67
C GLN C 10 17.98 97.69 33.20
N ILE C 11 17.02 96.88 32.75
CA ILE C 11 16.54 96.99 31.38
C ILE C 11 15.90 98.35 31.14
N ALA C 12 15.13 98.82 32.11
CA ALA C 12 14.53 100.16 32.00
C ALA C 12 15.60 101.23 31.94
N GLU C 13 16.63 101.11 32.78
CA GLU C 13 17.71 102.10 32.78
C GLU C 13 18.47 102.08 31.46
N PHE C 14 18.73 100.89 30.91
CA PHE C 14 19.43 100.80 29.64
C PHE C 14 18.60 101.38 28.50
N LYS C 15 17.28 101.17 28.54
CA LYS C 15 16.42 101.74 27.51
C LYS C 15 16.46 103.27 27.56
N GLU C 16 16.45 103.84 28.76
CA GLU C 16 16.59 105.29 28.89
C GLU C 16 17.94 105.76 28.35
N ALA C 17 19.01 105.01 28.64
CA ALA C 17 20.31 105.33 28.08
C ALA C 17 20.30 105.22 26.56
N PHE C 18 19.67 104.18 26.03
CA PHE C 18 19.57 104.03 24.58
C PHE C 18 18.80 105.18 23.96
N SER C 19 17.68 105.58 24.59
CA SER C 19 16.92 106.71 24.09
C SER C 19 17.70 108.02 24.20
N LEU C 20 18.63 108.11 25.16
CA LEU C 20 19.48 109.29 25.25
C LEU C 20 20.39 109.40 24.03
N PHE C 21 20.93 108.27 23.57
CA PHE C 21 21.72 108.25 22.35
C PHE C 21 20.85 108.49 21.12
N ASP C 22 19.68 107.86 21.07
CA ASP C 22 18.78 107.97 19.93
C ASP C 22 17.84 109.15 20.16
N LYS C 23 18.32 110.34 19.77
CA LYS C 23 17.49 111.53 19.87
C LYS C 23 16.34 111.50 18.85
N ASP C 24 16.60 110.90 17.69
CA ASP C 24 15.56 110.82 16.66
C ASP C 24 14.39 109.95 17.11
N GLY C 25 14.67 108.84 17.79
CA GLY C 25 13.64 107.91 18.18
C GLY C 25 13.32 106.85 17.15
N ASP C 26 14.10 106.76 16.07
CA ASP C 26 13.85 105.75 15.04
C ASP C 26 14.18 104.35 15.52
N GLY C 27 14.97 104.24 16.59
CA GLY C 27 15.36 102.94 17.11
C GLY C 27 16.75 102.49 16.74
N THR C 28 17.55 103.32 16.07
CA THR C 28 18.89 102.97 15.66
C THR C 28 19.85 104.08 16.06
N ILE C 29 21.10 103.70 16.33
CA ILE C 29 22.15 104.64 16.68
C ILE C 29 23.06 104.81 15.47
N THR C 30 23.18 106.03 14.97
CA THR C 30 24.06 106.33 13.87
C THR C 30 25.40 106.85 14.39
N THR C 31 26.35 107.08 13.49
CA THR C 31 27.64 107.62 13.89
C THR C 31 27.51 109.03 14.45
N LYS C 32 26.70 109.88 13.79
CA LYS C 32 26.52 111.24 14.27
C LYS C 32 25.83 111.27 15.63
N GLU C 33 24.86 110.38 15.83
CA GLU C 33 24.23 110.30 17.14
C GLU C 33 25.22 109.85 18.21
N LEU C 34 26.06 108.85 17.89
CA LEU C 34 27.08 108.42 18.83
C LEU C 34 28.13 109.51 19.02
N GLY C 35 28.50 110.19 17.94
CA GLY C 35 29.48 111.26 18.06
C GLY C 35 28.99 112.44 18.88
N THR C 36 27.69 112.74 18.80
CA THR C 36 27.15 113.89 19.52
C THR C 36 27.29 113.73 21.02
N VAL C 37 26.96 112.55 21.54
CA VAL C 37 27.04 112.34 22.99
C VAL C 37 28.49 112.31 23.47
N MET C 38 29.41 111.85 22.62
CA MET C 38 30.82 111.87 22.99
C MET C 38 31.32 113.30 23.15
N ARG C 39 30.88 114.20 22.27
CA ARG C 39 31.27 115.60 22.40
C ARG C 39 30.68 116.22 23.67
N SER C 40 29.48 115.81 24.05
CA SER C 40 28.90 116.28 25.30
C SER C 40 29.70 115.82 26.52
N LEU C 41 30.36 114.68 26.40
CA LEU C 41 31.21 114.17 27.47
C LEU C 41 32.64 114.68 27.40
N GLY C 42 33.00 115.43 26.36
CA GLY C 42 34.30 116.05 26.23
C GLY C 42 35.14 115.50 25.10
N GLN C 43 35.01 114.20 24.81
CA GLN C 43 35.83 113.59 23.77
C GLN C 43 35.45 114.12 22.40
N ASN C 44 36.45 114.20 21.52
CA ASN C 44 36.26 114.64 20.13
C ASN C 44 36.89 113.63 19.19
N PRO C 45 36.27 112.47 19.03
CA PRO C 45 36.85 111.43 18.17
C PRO C 45 36.57 111.70 16.69
N THR C 46 37.29 110.97 15.85
CA THR C 46 37.11 111.04 14.41
C THR C 46 36.19 109.91 13.95
N GLU C 47 35.69 110.05 12.72
CA GLU C 47 34.75 109.06 12.18
C GLU C 47 35.41 107.72 11.94
N ALA C 48 36.74 107.67 11.83
CA ALA C 48 37.41 106.39 11.64
C ALA C 48 37.26 105.50 12.86
N GLU C 49 37.57 106.04 14.04
CA GLU C 49 37.37 105.26 15.27
C GLU C 49 35.90 105.21 15.66
N LEU C 50 35.12 106.22 15.27
CA LEU C 50 33.70 106.22 15.59
C LEU C 50 32.98 105.06 14.93
N GLN C 51 33.34 104.75 13.67
CA GLN C 51 32.78 103.58 13.01
C GLN C 51 33.27 102.29 13.67
N ASP C 52 34.54 102.26 14.08
CA ASP C 52 35.11 101.06 14.67
C ASP C 52 34.41 100.70 15.97
N MET C 53 34.13 101.70 16.81
CA MET C 53 33.41 101.43 18.06
C MET C 53 31.95 101.07 17.82
N ILE C 54 31.45 101.26 16.61
CA ILE C 54 30.11 100.77 16.27
C ILE C 54 30.18 99.35 15.74
N ASN C 55 31.14 99.09 14.84
CA ASN C 55 31.26 97.74 14.27
C ASN C 55 31.65 96.71 15.32
N GLU C 56 32.25 97.15 16.43
CA GLU C 56 32.65 96.22 17.46
C GLU C 56 31.47 95.59 18.19
N VAL C 57 30.27 96.17 18.06
CA VAL C 57 29.10 95.65 18.76
C VAL C 57 27.96 95.44 17.77
N ASP C 58 28.09 95.99 16.56
CA ASP C 58 27.08 95.80 15.53
C ASP C 58 27.12 94.36 15.05
N ALA C 59 26.04 93.62 15.30
CA ALA C 59 26.01 92.20 14.98
C ALA C 59 25.61 91.94 13.53
N ASP C 60 24.51 92.53 13.08
CA ASP C 60 24.02 92.27 11.72
C ASP C 60 24.81 93.01 10.66
N GLY C 61 25.67 93.96 11.04
CA GLY C 61 26.48 94.68 10.08
C GLY C 61 25.75 95.73 9.28
N ASN C 62 24.57 96.15 9.72
CA ASN C 62 23.83 97.18 9.00
C ASN C 62 24.44 98.57 9.18
N GLY C 63 25.41 98.74 10.06
CA GLY C 63 26.02 100.02 10.30
C GLY C 63 25.37 100.86 11.38
N THR C 64 24.26 100.39 11.96
CA THR C 64 23.57 101.10 13.02
C THR C 64 23.39 100.18 14.22
N ILE C 65 23.22 100.80 15.39
CA ILE C 65 23.06 100.07 16.64
C ILE C 65 21.63 100.22 17.09
N ASP C 66 20.91 99.10 17.20
CA ASP C 66 19.56 99.09 17.73
C ASP C 66 19.57 98.59 19.17
N PHE C 67 18.40 98.65 19.80
CA PHE C 67 18.29 98.25 21.20
C PHE C 67 18.70 96.80 21.46
N PRO C 68 18.31 95.81 20.65
CA PRO C 68 18.79 94.44 20.94
C PRO C 68 20.30 94.33 20.99
N GLU C 69 21.01 95.02 20.11
CA GLU C 69 22.47 95.01 20.16
C GLU C 69 22.99 95.80 21.35
N PHE C 70 22.32 96.90 21.70
CA PHE C 70 22.73 97.69 22.86
C PHE C 70 22.59 96.87 24.14
N LEU C 71 21.49 96.14 24.29
CA LEU C 71 21.32 95.29 25.47
C LEU C 71 22.36 94.18 25.50
N THR C 72 22.66 93.60 24.35
CA THR C 72 23.65 92.53 24.30
C THR C 72 25.03 93.02 24.73
N MET C 73 25.38 94.26 24.38
CA MET C 73 26.63 94.84 24.86
C MET C 73 26.63 94.94 26.38
N MET C 74 25.57 95.51 26.96
CA MET C 74 25.51 95.68 28.40
C MET C 74 25.43 94.35 29.13
N ALA C 75 24.79 93.35 28.52
CA ALA C 75 24.71 92.03 29.14
C ALA C 75 26.10 91.42 29.31
N ARG C 76 26.96 91.56 28.29
CA ARG C 76 28.32 91.07 28.42
C ARG C 76 29.10 91.83 29.47
N LYS C 77 28.90 93.16 29.54
CA LYS C 77 29.64 93.97 30.51
C LYS C 77 29.31 93.58 31.94
N MET C 78 28.04 93.25 32.21
CA MET C 78 27.67 92.80 33.54
C MET C 78 28.22 91.40 33.82
N LYS C 79 28.26 90.54 32.80
CA LYS C 79 28.66 89.16 33.01
C LYS C 79 30.16 89.02 33.24
N ASP C 80 30.97 89.73 32.47
CA ASP C 80 32.42 89.52 32.49
C ASP C 80 33.11 90.23 33.65
N THR C 81 32.37 90.98 34.47
CA THR C 81 32.98 91.60 35.64
C THR C 81 33.50 90.55 36.62
N ASP C 82 32.74 89.48 36.82
CA ASP C 82 33.15 88.38 37.67
C ASP C 82 33.68 87.25 36.80
N SER C 83 34.94 86.86 37.04
CA SER C 83 35.60 85.81 36.27
C SER C 83 35.89 84.59 37.14
N GLU C 84 36.59 84.77 38.25
CA GLU C 84 36.88 83.66 39.16
C GLU C 84 36.62 84.02 40.62
N GLU C 85 36.04 85.19 40.89
CA GLU C 85 35.78 85.63 42.26
C GLU C 85 34.60 84.90 42.90
N GLU C 86 34.05 83.88 42.24
CA GLU C 86 32.90 83.16 42.80
C GLU C 86 33.25 82.48 44.11
N ILE C 87 34.53 82.16 44.33
CA ILE C 87 34.94 81.56 45.59
C ILE C 87 34.89 82.55 46.74
N ARG C 88 34.96 83.86 46.44
CA ARG C 88 34.87 84.87 47.48
C ARG C 88 33.49 84.87 48.15
N GLU C 89 32.43 84.82 47.35
CA GLU C 89 31.08 84.73 47.92
C GLU C 89 30.88 83.41 48.65
N ALA C 90 31.42 82.32 48.12
CA ALA C 90 31.33 81.03 48.80
C ALA C 90 32.02 81.08 50.16
N PHE C 91 33.16 81.76 50.24
CA PHE C 91 33.84 81.93 51.51
C PHE C 91 33.01 82.73 52.50
N ARG C 92 32.35 83.80 52.04
CA ARG C 92 31.53 84.64 52.90
C ARG C 92 30.27 83.95 53.39
N VAL C 93 29.77 82.96 52.65
CA VAL C 93 28.62 82.18 53.12
C VAL C 93 29.00 81.42 54.38
N PHE C 94 30.19 80.81 54.40
CA PHE C 94 30.66 80.14 55.60
C PHE C 94 31.14 81.15 56.64
N ASP C 95 31.56 82.33 56.21
CA ASP C 95 32.10 83.36 57.10
C ASP C 95 31.00 84.38 57.41
N LYS C 96 30.19 84.05 58.43
CA LYS C 96 29.07 84.90 58.79
C LYS C 96 29.52 86.23 59.39
N ASP C 97 30.48 86.18 60.32
CA ASP C 97 30.84 87.39 61.07
C ASP C 97 31.43 88.46 60.17
N GLY C 98 32.28 88.07 59.22
CA GLY C 98 32.89 89.02 58.31
C GLY C 98 34.39 89.15 58.39
N ASN C 99 35.06 88.35 59.22
CA ASN C 99 36.51 88.40 59.32
C ASN C 99 37.12 87.45 58.28
N GLY C 100 38.42 87.20 58.38
CA GLY C 100 39.13 86.38 57.43
C GLY C 100 39.31 84.92 57.81
N TYR C 101 38.54 84.41 58.78
CA TYR C 101 38.66 83.04 59.23
C TYR C 101 37.29 82.39 59.33
N ILE C 102 37.24 81.08 59.11
CA ILE C 102 36.00 80.32 59.25
C ILE C 102 36.07 79.56 60.56
N SER C 103 35.15 79.87 61.47
CA SER C 103 35.13 79.22 62.77
C SER C 103 34.26 77.96 62.72
N ALA C 104 34.45 77.10 63.72
CA ALA C 104 33.64 75.89 63.81
C ALA C 104 32.17 76.22 64.04
N ALA C 105 31.90 77.23 64.88
CA ALA C 105 30.53 77.67 65.08
C ALA C 105 29.93 78.21 63.79
N GLU C 106 30.72 79.00 63.04
CA GLU C 106 30.25 79.48 61.75
C GLU C 106 30.01 78.33 60.78
N LEU C 107 30.89 77.33 60.80
CA LEU C 107 30.66 76.13 60.00
C LEU C 107 29.40 75.39 60.48
N ARG C 108 29.13 75.43 61.78
CA ARG C 108 27.88 74.88 62.29
C ARG C 108 26.68 75.66 61.77
N HIS C 109 26.80 76.98 61.70
CA HIS C 109 25.67 77.81 61.28
C HIS C 109 25.26 77.50 59.84
N VAL C 110 26.21 77.37 58.94
CA VAL C 110 25.88 77.06 57.55
C VAL C 110 25.39 75.62 57.43
N MET C 111 26.03 74.69 58.15
CA MET C 111 25.57 73.30 58.13
C MET C 111 24.18 73.16 58.72
N THR C 112 23.85 73.98 59.73
CA THR C 112 22.50 73.99 60.27
C THR C 112 21.49 74.42 59.21
N ASN C 113 21.83 75.45 58.42
CA ASN C 113 20.92 75.92 57.39
C ASN C 113 20.77 74.91 56.27
N LEU C 114 21.81 74.13 55.99
CA LEU C 114 21.74 73.12 54.95
C LEU C 114 21.02 71.87 55.45
N GLY C 115 20.69 70.98 54.52
CA GLY C 115 19.92 69.79 54.84
C GLY C 115 20.63 68.82 55.76
N GLU C 116 21.91 68.55 55.47
CA GLU C 116 22.66 67.61 56.30
C GLU C 116 22.91 68.18 57.68
N LYS C 117 22.94 67.30 58.68
CA LYS C 117 23.13 67.67 60.07
C LYS C 117 24.36 66.98 60.64
N LEU C 118 25.05 67.66 61.55
CA LEU C 118 26.23 67.14 62.20
C LEU C 118 25.98 66.93 63.68
N THR C 119 26.67 65.94 64.26
CA THR C 119 26.49 65.56 65.66
C THR C 119 27.43 66.32 66.59
N ASP C 120 27.86 67.51 66.21
CA ASP C 120 28.72 68.41 66.99
C ASP C 120 30.11 67.85 67.23
N GLU C 121 30.47 66.74 66.59
CA GLU C 121 31.81 66.17 66.72
C GLU C 121 32.53 66.02 65.39
N GLU C 122 31.82 65.61 64.34
CA GLU C 122 32.46 65.51 63.02
C GLU C 122 32.70 66.87 62.41
N VAL C 123 32.13 67.93 62.99
CA VAL C 123 32.44 69.28 62.56
C VAL C 123 33.91 69.59 62.76
N ASP C 124 34.53 68.98 63.78
CA ASP C 124 35.96 69.16 63.99
C ASP C 124 36.78 68.36 63.00
N GLU C 125 36.19 67.31 62.41
CA GLU C 125 36.95 66.45 61.52
C GLU C 125 37.36 67.17 60.23
N MET C 126 36.41 67.83 59.57
CA MET C 126 36.72 68.48 58.31
C MET C 126 37.36 69.85 58.49
N ILE C 127 37.12 70.52 59.63
CA ILE C 127 37.75 71.82 59.84
C ILE C 127 39.24 71.67 60.06
N ARG C 128 39.68 70.60 60.74
CA ARG C 128 41.10 70.38 60.93
C ARG C 128 41.76 69.93 59.63
N GLU C 129 41.00 69.29 58.75
CA GLU C 129 41.53 68.95 57.43
C GLU C 129 41.78 70.19 56.60
N ALA C 130 40.82 71.12 56.59
CA ALA C 130 40.99 72.35 55.82
C ALA C 130 42.00 73.28 56.47
N ASP C 131 41.97 73.38 57.80
CA ASP C 131 42.88 74.26 58.53
C ASP C 131 44.23 73.54 58.68
N ILE C 132 45.22 73.95 57.90
CA ILE C 132 46.54 73.35 57.99
C ILE C 132 47.34 73.92 59.16
N ASP C 133 47.15 75.21 59.45
CA ASP C 133 47.90 75.85 60.53
C ASP C 133 47.58 75.25 61.89
N GLY C 134 46.41 74.67 62.07
CA GLY C 134 46.04 74.07 63.34
C GLY C 134 45.51 75.05 64.37
N ASP C 135 45.15 76.26 63.97
CA ASP C 135 44.62 77.25 64.90
C ASP C 135 43.12 77.11 65.13
N GLY C 136 42.48 76.12 64.50
CA GLY C 136 41.06 75.91 64.68
C GLY C 136 40.17 76.73 63.77
N GLN C 137 40.73 77.57 62.92
CA GLN C 137 39.96 78.40 62.00
C GLN C 137 40.55 78.25 60.60
N VAL C 138 39.67 78.20 59.60
CA VAL C 138 40.09 78.09 58.20
C VAL C 138 40.02 79.48 57.60
N ASN C 139 41.17 80.00 57.18
CA ASN C 139 41.22 81.33 56.56
C ASN C 139 40.90 81.23 55.07
N TYR C 140 40.91 82.39 54.42
CA TYR C 140 40.63 82.45 52.99
C TYR C 140 41.70 81.72 52.18
N GLU C 141 42.97 81.87 52.58
CA GLU C 141 44.05 81.21 51.85
C GLU C 141 43.94 79.70 51.93
N GLU C 142 43.58 79.18 53.11
CA GLU C 142 43.43 77.73 53.26
C GLU C 142 42.19 77.23 52.52
N PHE C 143 41.17 78.06 52.36
CA PHE C 143 39.93 77.62 51.73
C PHE C 143 40.12 77.41 50.23
N VAL C 144 40.81 78.34 49.57
CA VAL C 144 40.94 78.28 48.12
C VAL C 144 41.84 77.12 47.68
N GLN C 145 42.91 76.87 48.44
CA GLN C 145 43.84 75.81 48.05
C GLN C 145 43.21 74.42 48.17
N MET C 146 42.30 74.24 49.12
CA MET C 146 41.60 72.97 49.29
C MET C 146 40.35 73.22 50.11
N MET C 147 39.20 72.82 49.57
CA MET C 147 37.90 73.11 50.17
C MET C 147 37.28 71.83 50.71
N THR C 148 37.15 71.76 52.02
CA THR C 148 36.42 70.68 52.69
C THR C 148 35.43 71.20 53.72
N ALA C 149 35.75 72.29 54.40
CA ALA C 149 34.85 72.87 55.39
C ALA C 149 34.21 74.15 54.86
N HIS D 1 80.26 -31.81 32.28
CA HIS D 1 80.72 -30.53 32.84
C HIS D 1 81.89 -30.75 33.79
N MET D 2 82.70 -29.69 33.97
CA MET D 2 83.88 -29.80 34.82
C MET D 2 83.51 -30.12 36.26
N ALA D 3 82.41 -29.55 36.75
CA ALA D 3 82.00 -29.82 38.14
C ALA D 3 81.64 -31.28 38.32
N ASP D 4 80.99 -31.90 37.32
CA ASP D 4 80.68 -33.32 37.40
C ASP D 4 81.96 -34.15 37.36
N GLN D 5 82.86 -33.85 36.43
CA GLN D 5 84.06 -34.66 36.27
C GLN D 5 85.08 -34.40 37.36
N LEU D 6 85.27 -33.14 37.73
CA LEU D 6 86.33 -32.75 38.65
C LEU D 6 85.76 -32.23 39.97
N THR D 7 86.49 -32.51 41.04
CA THR D 7 86.16 -31.99 42.36
C THR D 7 87.01 -30.75 42.65
N GLU D 8 86.74 -30.13 43.80
CA GLU D 8 87.51 -28.95 44.19
C GLU D 8 88.98 -29.29 44.40
N GLU D 9 89.26 -30.46 44.99
CA GLU D 9 90.64 -30.88 45.20
C GLU D 9 91.35 -31.11 43.88
N GLN D 10 90.68 -31.76 42.92
CA GLN D 10 91.31 -32.03 41.63
C GLN D 10 91.61 -30.74 40.87
N ILE D 11 90.69 -29.77 40.94
CA ILE D 11 90.93 -28.48 40.29
C ILE D 11 92.14 -27.80 40.90
N ALA D 12 92.27 -27.85 42.23
CA ALA D 12 93.43 -27.28 42.89
C ALA D 12 94.71 -27.99 42.46
N GLU D 13 94.68 -29.32 42.37
CA GLU D 13 95.86 -30.06 41.94
C GLU D 13 96.23 -29.73 40.50
N PHE D 14 95.23 -29.61 39.62
CA PHE D 14 95.51 -29.26 38.22
C PHE D 14 96.09 -27.86 38.11
N LYS D 15 95.60 -26.92 38.92
CA LYS D 15 96.15 -25.57 38.90
C LYS D 15 97.61 -25.56 39.32
N GLU D 16 97.95 -26.35 40.33
CA GLU D 16 99.36 -26.47 40.72
C GLU D 16 100.19 -27.08 39.61
N ALA D 17 99.64 -28.10 38.93
CA ALA D 17 100.33 -28.67 37.78
C ALA D 17 100.48 -27.64 36.66
N PHE D 18 99.43 -26.86 36.41
CA PHE D 18 99.53 -25.82 35.39
C PHE D 18 100.57 -24.77 35.75
N SER D 19 100.60 -24.36 37.02
CA SER D 19 101.62 -23.42 37.46
C SER D 19 103.02 -24.01 37.40
N LEU D 20 103.14 -25.34 37.51
CA LEU D 20 104.45 -25.97 37.35
C LEU D 20 104.95 -25.81 35.92
N PHE D 21 104.06 -25.94 34.94
CA PHE D 21 104.43 -25.71 33.55
C PHE D 21 104.68 -24.23 33.29
N ASP D 22 103.83 -23.36 33.84
CA ASP D 22 103.94 -21.92 33.63
C ASP D 22 104.85 -21.33 34.71
N LYS D 23 106.15 -21.37 34.44
CA LYS D 23 107.10 -20.77 35.38
C LYS D 23 107.00 -19.25 35.37
N ASP D 24 106.67 -18.67 34.22
CA ASP D 24 106.55 -17.22 34.11
C ASP D 24 105.39 -16.70 34.96
N GLY D 25 104.28 -17.41 34.96
CA GLY D 25 103.08 -16.95 35.65
C GLY D 25 102.17 -16.07 34.82
N ASP D 26 102.44 -15.93 33.52
CA ASP D 26 101.60 -15.09 32.68
C ASP D 26 100.23 -15.72 32.43
N GLY D 27 100.11 -17.02 32.66
CA GLY D 27 98.85 -17.72 32.43
C GLY D 27 98.78 -18.51 31.15
N THR D 28 99.87 -18.61 30.38
CA THR D 28 99.89 -19.35 29.13
C THR D 28 101.10 -20.26 29.10
N ILE D 29 100.96 -21.38 28.39
CA ILE D 29 102.03 -22.35 28.23
C ILE D 29 102.58 -22.21 26.81
N THR D 30 103.87 -21.90 26.73
CA THR D 30 104.54 -21.79 25.44
C THR D 30 105.24 -23.10 25.10
N THR D 31 105.81 -23.19 23.90
CA THR D 31 106.55 -24.39 23.51
C THR D 31 107.77 -24.60 24.38
N LYS D 32 108.53 -23.53 24.66
CA LYS D 32 109.72 -23.66 25.48
C LYS D 32 109.37 -24.07 26.90
N GLU D 33 108.27 -23.53 27.44
CA GLU D 33 107.81 -23.95 28.76
C GLU D 33 107.42 -25.42 28.77
N LEU D 34 106.70 -25.86 27.74
CA LEU D 34 106.34 -27.27 27.63
C LEU D 34 107.59 -28.12 27.40
N GLY D 35 108.51 -27.65 26.56
CA GLY D 35 109.72 -28.39 26.31
C GLY D 35 110.60 -28.55 27.54
N THR D 36 110.63 -27.51 28.40
CA THR D 36 111.50 -27.55 29.57
C THR D 36 111.11 -28.68 30.52
N VAL D 37 109.81 -28.85 30.78
CA VAL D 37 109.39 -29.88 31.71
C VAL D 37 109.59 -31.26 31.12
N MET D 38 109.49 -31.40 29.79
CA MET D 38 109.74 -32.69 29.16
C MET D 38 111.20 -33.10 29.34
N ARG D 39 112.13 -32.15 29.24
CA ARG D 39 113.53 -32.45 29.47
C ARG D 39 113.78 -32.85 30.91
N SER D 40 113.06 -32.24 31.85
CA SER D 40 113.18 -32.64 33.24
C SER D 40 112.69 -34.07 33.48
N LEU D 41 111.76 -34.53 32.66
CA LEU D 41 111.27 -35.90 32.75
C LEU D 41 112.07 -36.89 31.92
N GLY D 42 113.06 -36.40 31.15
CA GLY D 42 113.95 -37.25 30.38
C GLY D 42 113.80 -37.13 28.88
N GLN D 43 112.58 -36.91 28.41
CA GLN D 43 112.34 -36.83 26.97
C GLN D 43 113.01 -35.60 26.37
N ASN D 44 113.44 -35.73 25.12
CA ASN D 44 114.07 -34.65 24.38
C ASN D 44 113.40 -34.52 23.02
N PRO D 45 112.18 -34.00 22.98
CA PRO D 45 111.45 -33.89 21.72
C PRO D 45 111.89 -32.68 20.91
N THR D 46 111.50 -32.67 19.64
CA THR D 46 111.77 -31.56 18.75
C THR D 46 110.57 -30.62 18.70
N GLU D 47 110.80 -29.42 18.18
CA GLU D 47 109.75 -28.41 18.11
C GLU D 47 108.64 -28.79 17.16
N ALA D 48 108.90 -29.70 16.22
CA ALA D 48 107.86 -30.13 15.29
C ALA D 48 106.74 -30.87 16.02
N GLU D 49 107.12 -31.88 16.83
CA GLU D 49 106.13 -32.59 17.62
C GLU D 49 105.69 -31.78 18.83
N LEU D 50 106.56 -30.89 19.32
CA LEU D 50 106.21 -30.07 20.47
C LEU D 50 105.04 -29.14 20.13
N GLN D 51 105.04 -28.57 18.92
CA GLN D 51 103.91 -27.76 18.49
C GLN D 51 102.67 -28.62 18.29
N ASP D 52 102.85 -29.83 17.76
CA ASP D 52 101.70 -30.71 17.50
C ASP D 52 100.98 -31.08 18.79
N MET D 53 101.73 -31.39 19.85
CA MET D 53 101.11 -31.72 21.12
C MET D 53 100.50 -30.50 21.79
N ILE D 54 100.78 -29.30 21.30
CA ILE D 54 100.08 -28.11 21.77
C ILE D 54 98.82 -27.86 20.96
N ASN D 55 98.92 -27.98 19.64
CA ASN D 55 97.75 -27.74 18.78
C ASN D 55 96.66 -28.78 19.01
N GLU D 56 97.02 -29.95 19.55
CA GLU D 56 96.04 -30.99 19.77
C GLU D 56 95.07 -30.64 20.88
N VAL D 57 95.37 -29.65 21.71
CA VAL D 57 94.51 -29.27 22.82
C VAL D 57 94.24 -27.77 22.78
N ASP D 58 95.00 -27.04 21.99
CA ASP D 58 94.78 -25.61 21.85
C ASP D 58 93.48 -25.36 21.08
N ALA D 59 92.49 -24.77 21.75
CA ALA D 59 91.18 -24.59 21.15
C ALA D 59 91.10 -23.34 20.29
N ASP D 60 91.50 -22.19 20.84
CA ASP D 60 91.38 -20.93 20.11
C ASP D 60 92.45 -20.76 19.04
N GLY D 61 93.48 -21.61 19.02
CA GLY D 61 94.50 -21.53 18.01
C GLY D 61 95.50 -20.41 18.19
N ASN D 62 95.58 -19.81 19.38
CA ASN D 62 96.54 -18.74 19.62
C ASN D 62 97.96 -19.23 19.73
N GLY D 63 98.18 -20.55 19.78
CA GLY D 63 99.51 -21.11 19.91
C GLY D 63 99.99 -21.31 21.34
N THR D 64 99.20 -20.91 22.33
CA THR D 64 99.55 -21.08 23.73
C THR D 64 98.42 -21.80 24.46
N ILE D 65 98.77 -22.44 25.57
CA ILE D 65 97.83 -23.20 26.38
C ILE D 65 97.59 -22.44 27.67
N ASP D 66 96.34 -22.05 27.90
CA ASP D 66 95.94 -21.40 29.13
C ASP D 66 95.22 -22.41 30.03
N PHE D 67 94.92 -21.97 31.25
CA PHE D 67 94.27 -22.85 32.22
C PHE D 67 92.92 -23.38 31.76
N PRO D 68 92.02 -22.60 31.14
CA PRO D 68 90.76 -23.19 30.66
C PRO D 68 90.96 -24.35 29.70
N GLU D 69 91.94 -24.25 28.81
CA GLU D 69 92.23 -25.36 27.91
C GLU D 69 92.90 -26.51 28.64
N PHE D 70 93.75 -26.20 29.62
CA PHE D 70 94.39 -27.25 30.40
C PHE D 70 93.37 -28.06 31.19
N LEU D 71 92.39 -27.38 31.81
CA LEU D 71 91.34 -28.09 32.53
C LEU D 71 90.48 -28.92 31.58
N THR D 72 90.18 -28.39 30.40
CA THR D 72 89.39 -29.14 29.44
C THR D 72 90.08 -30.43 29.01
N MET D 73 91.41 -30.38 28.86
CA MET D 73 92.16 -31.61 28.58
C MET D 73 91.99 -32.63 29.68
N MET D 74 92.21 -32.21 30.93
CA MET D 74 92.11 -33.14 32.06
C MET D 74 90.69 -33.62 32.26
N ALA D 75 89.69 -32.78 31.97
CA ALA D 75 88.30 -33.21 32.11
C ALA D 75 87.99 -34.37 31.17
N ARG D 76 88.48 -34.31 29.94
CA ARG D 76 88.27 -35.41 29.01
C ARG D 76 89.00 -36.67 29.48
N LYS D 77 90.22 -36.51 30.01
CA LYS D 77 90.99 -37.67 30.45
C LYS D 77 90.29 -38.41 31.58
N MET D 78 89.66 -37.67 32.50
CA MET D 78 88.92 -38.32 33.57
C MET D 78 87.65 -38.97 33.04
N LYS D 79 87.01 -38.36 32.05
CA LYS D 79 85.71 -38.84 31.57
C LYS D 79 85.87 -40.12 30.74
N ASP D 80 86.87 -40.16 29.85
CA ASP D 80 86.97 -41.25 28.88
C ASP D 80 87.60 -42.52 29.47
N THR D 81 88.03 -42.49 30.74
CA THR D 81 88.55 -43.70 31.35
C THR D 81 87.48 -44.78 31.42
N ASP D 82 86.26 -44.41 31.77
CA ASP D 82 85.13 -45.33 31.82
C ASP D 82 84.32 -45.19 30.55
N SER D 83 84.17 -46.29 29.81
CA SER D 83 83.43 -46.31 28.56
C SER D 83 82.16 -47.16 28.66
N GLU D 84 82.30 -48.42 29.05
CA GLU D 84 81.14 -49.30 29.22
C GLU D 84 81.19 -50.07 30.53
N GLU D 85 82.14 -49.77 31.42
CA GLU D 85 82.26 -50.49 32.68
C GLU D 85 81.20 -50.08 33.70
N GLU D 86 80.21 -49.27 33.30
CA GLU D 86 79.19 -48.85 34.24
C GLU D 86 78.38 -50.02 34.78
N ILE D 87 78.31 -51.12 34.03
CA ILE D 87 77.60 -52.30 34.51
C ILE D 87 78.35 -52.99 35.63
N ARG D 88 79.67 -52.78 35.73
CA ARG D 88 80.44 -53.38 36.81
C ARG D 88 80.04 -52.81 38.17
N GLU D 89 79.88 -51.49 38.27
CA GLU D 89 79.42 -50.89 39.51
C GLU D 89 77.99 -51.30 39.82
N ALA D 90 77.14 -51.38 38.78
CA ALA D 90 75.76 -51.82 38.99
C ALA D 90 75.72 -53.25 39.53
N PHE D 91 76.60 -54.11 39.04
CA PHE D 91 76.70 -55.46 39.56
C PHE D 91 77.13 -55.49 41.02
N ARG D 92 78.09 -54.65 41.40
CA ARG D 92 78.57 -54.58 42.77
C ARG D 92 77.55 -54.01 43.75
N VAL D 93 76.62 -53.18 43.27
CA VAL D 93 75.54 -52.70 44.13
C VAL D 93 74.68 -53.86 44.59
N PHE D 94 74.34 -54.76 43.67
CA PHE D 94 73.60 -55.96 44.04
C PHE D 94 74.49 -56.97 44.76
N ASP D 95 75.79 -56.94 44.49
CA ASP D 95 76.75 -57.89 45.08
C ASP D 95 77.43 -57.24 46.28
N LYS D 96 76.77 -57.36 47.43
CA LYS D 96 77.28 -56.72 48.65
C LYS D 96 78.55 -57.41 49.15
N ASP D 97 78.56 -58.74 49.19
CA ASP D 97 79.66 -59.47 49.83
C ASP D 97 80.98 -59.25 49.09
N GLY D 98 80.94 -59.25 47.77
CA GLY D 98 82.14 -59.04 46.98
C GLY D 98 82.57 -60.20 46.11
N ASN D 99 81.81 -61.28 46.05
CA ASN D 99 82.16 -62.42 45.21
C ASN D 99 81.55 -62.21 43.82
N GLY D 100 81.56 -63.24 42.99
CA GLY D 100 81.09 -63.16 41.62
C GLY D 100 79.67 -63.61 41.39
N TYR D 101 78.85 -63.72 42.44
CA TYR D 101 77.47 -64.18 42.31
C TYR D 101 76.55 -63.26 43.08
N ILE D 102 75.31 -63.13 42.61
CA ILE D 102 74.29 -62.35 43.29
C ILE D 102 73.34 -63.31 43.99
N SER D 103 73.30 -63.25 45.32
CA SER D 103 72.43 -64.13 46.08
C SER D 103 71.04 -63.51 46.26
N ALA D 104 70.08 -64.36 46.62
CA ALA D 104 68.74 -63.88 46.88
C ALA D 104 68.70 -62.94 48.07
N ALA D 105 69.46 -63.26 49.12
CA ALA D 105 69.56 -62.37 50.27
C ALA D 105 70.18 -61.03 49.87
N GLU D 106 71.22 -61.07 49.05
CA GLU D 106 71.81 -59.84 48.55
C GLU D 106 70.82 -59.05 47.70
N LEU D 107 70.05 -59.76 46.86
CA LEU D 107 68.98 -59.11 46.13
C LEU D 107 67.92 -58.54 47.07
N ARG D 108 67.67 -59.21 48.19
CA ARG D 108 66.78 -58.65 49.20
C ARG D 108 67.36 -57.39 49.82
N HIS D 109 68.68 -57.37 50.04
CA HIS D 109 69.31 -56.22 50.70
C HIS D 109 69.17 -54.95 49.85
N VAL D 110 69.41 -55.05 48.54
CA VAL D 110 69.27 -53.89 47.68
C VAL D 110 67.80 -53.51 47.52
N MET D 111 66.92 -54.51 47.37
CA MET D 111 65.49 -54.22 47.27
C MET D 111 64.96 -53.60 48.55
N THR D 112 65.51 -54.00 49.71
CA THR D 112 65.12 -53.36 50.96
C THR D 112 65.51 -51.89 50.97
N ASN D 113 66.70 -51.57 50.47
CA ASN D 113 67.14 -50.18 50.43
C ASN D 113 66.33 -49.36 49.45
N LEU D 114 65.85 -49.96 48.37
CA LEU D 114 65.04 -49.25 47.39
C LEU D 114 63.60 -49.13 47.88
N GLY D 115 62.84 -48.29 47.19
CA GLY D 115 61.48 -47.99 47.58
C GLY D 115 60.53 -49.18 47.51
N GLU D 116 60.59 -49.94 46.43
CA GLU D 116 59.71 -51.08 46.27
C GLU D 116 60.07 -52.18 47.27
N LYS D 117 59.05 -52.91 47.72
CA LYS D 117 59.22 -53.97 48.70
C LYS D 117 58.73 -55.29 48.13
N LEU D 118 59.36 -56.38 48.53
CA LEU D 118 59.02 -57.72 48.09
C LEU D 118 58.49 -58.54 49.27
N THR D 119 57.60 -59.48 48.97
CA THR D 119 56.96 -60.31 49.98
C THR D 119 57.73 -61.60 50.27
N ASP D 120 59.04 -61.61 50.03
CA ASP D 120 59.95 -62.73 50.29
C ASP D 120 59.66 -63.94 49.41
N GLU D 121 58.78 -63.82 48.42
CA GLU D 121 58.50 -64.92 47.50
C GLU D 121 58.73 -64.56 46.04
N GLU D 122 58.37 -63.34 45.62
CA GLU D 122 58.62 -62.93 44.25
C GLU D 122 60.11 -62.64 44.02
N VAL D 123 60.90 -62.56 45.10
CA VAL D 123 62.35 -62.44 44.95
C VAL D 123 62.92 -63.64 44.24
N ASP D 124 62.29 -64.81 44.42
CA ASP D 124 62.73 -66.00 43.70
C ASP D 124 62.31 -65.97 42.23
N GLU D 125 61.28 -65.19 41.91
CA GLU D 125 60.76 -65.18 40.54
C GLU D 125 61.77 -64.59 39.56
N MET D 126 62.30 -63.42 39.86
CA MET D 126 63.22 -62.76 38.95
C MET D 126 64.64 -63.30 39.04
N ILE D 127 65.05 -63.86 40.18
CA ILE D 127 66.39 -64.41 40.29
C ILE D 127 66.53 -65.66 39.45
N ARG D 128 65.47 -66.49 39.37
CA ARG D 128 65.54 -67.68 38.53
C ARG D 128 65.47 -67.31 37.05
N GLU D 129 64.84 -66.18 36.74
CA GLU D 129 64.85 -65.70 35.36
C GLU D 129 66.24 -65.26 34.94
N ALA D 130 66.93 -64.51 35.79
CA ALA D 130 68.28 -64.06 35.46
C ALA D 130 69.28 -65.20 35.54
N ASP D 131 69.15 -66.07 36.55
CA ASP D 131 70.05 -67.20 36.71
C ASP D 131 69.63 -68.32 35.77
N ILE D 132 70.38 -68.51 34.69
CA ILE D 132 70.07 -69.57 33.74
C ILE D 132 70.58 -70.92 34.22
N ASP D 133 71.73 -70.93 34.90
CA ASP D 133 72.33 -72.17 35.38
C ASP D 133 71.44 -72.89 36.38
N GLY D 134 70.59 -72.17 37.11
CA GLY D 134 69.74 -72.78 38.09
C GLY D 134 70.38 -73.04 39.44
N ASP D 135 71.54 -72.45 39.71
CA ASP D 135 72.21 -72.65 40.98
C ASP D 135 71.72 -71.70 42.07
N GLY D 136 70.74 -70.85 41.78
CA GLY D 136 70.20 -69.93 42.75
C GLY D 136 70.95 -68.63 42.90
N GLN D 137 72.03 -68.43 42.15
CA GLN D 137 72.81 -67.20 42.19
C GLN D 137 73.03 -66.70 40.78
N VAL D 138 72.98 -65.38 40.61
CA VAL D 138 73.20 -64.74 39.31
C VAL D 138 74.63 -64.23 39.30
N ASN D 139 75.45 -64.78 38.41
CA ASN D 139 76.83 -64.34 38.29
C ASN D 139 76.93 -63.10 37.40
N TYR D 140 78.16 -62.61 37.25
CA TYR D 140 78.40 -61.44 36.40
C TYR D 140 78.08 -61.72 34.94
N GLU D 141 78.42 -62.91 34.46
CA GLU D 141 78.15 -63.25 33.06
C GLU D 141 76.65 -63.28 32.79
N GLU D 142 75.87 -63.84 33.71
CA GLU D 142 74.43 -63.89 33.54
C GLU D 142 73.80 -62.50 33.65
N PHE D 143 74.41 -61.61 34.42
CA PHE D 143 73.83 -60.29 34.64
C PHE D 143 73.93 -59.42 33.39
N VAL D 144 75.09 -59.45 32.72
CA VAL D 144 75.30 -58.56 31.58
C VAL D 144 74.45 -58.98 30.38
N GLN D 145 74.31 -60.29 30.17
CA GLN D 145 73.56 -60.76 29.01
C GLN D 145 72.07 -60.44 29.12
N MET D 146 71.53 -60.43 30.33
CA MET D 146 70.13 -60.08 30.56
C MET D 146 69.96 -59.69 32.02
N MET D 147 69.42 -58.50 32.26
CA MET D 147 69.33 -57.93 33.60
C MET D 147 67.87 -57.90 34.04
N THR D 148 67.54 -58.69 35.05
CA THR D 148 66.24 -58.65 35.70
C THR D 148 66.35 -58.60 37.21
N ALA D 149 67.35 -59.24 37.79
CA ALA D 149 67.54 -59.23 39.24
C ALA D 149 68.72 -58.34 39.62
N HIS E 1 -76.50 33.50 -38.75
CA HIS E 1 -76.92 32.26 -39.36
C HIS E 1 -78.38 32.32 -39.79
N MET E 2 -78.74 31.47 -40.76
CA MET E 2 -80.10 31.50 -41.28
C MET E 2 -81.13 31.15 -40.22
N ALA E 3 -80.81 30.22 -39.31
CA ALA E 3 -81.74 29.85 -38.26
C ALA E 3 -82.01 31.02 -37.33
N ASP E 4 -80.98 31.81 -37.02
CA ASP E 4 -81.17 33.00 -36.20
C ASP E 4 -82.02 34.04 -36.93
N GLN E 5 -81.70 34.32 -38.20
CA GLN E 5 -82.41 35.35 -38.92
C GLN E 5 -83.80 34.90 -39.35
N LEU E 6 -83.94 33.67 -39.83
CA LEU E 6 -85.18 33.20 -40.41
C LEU E 6 -85.81 32.11 -39.56
N THR E 7 -87.14 32.10 -39.54
CA THR E 7 -87.91 31.06 -38.88
C THR E 7 -88.35 30.02 -39.91
N GLU E 8 -88.99 28.96 -39.41
CA GLU E 8 -89.48 27.91 -40.31
C GLU E 8 -90.54 28.45 -41.27
N GLU E 9 -91.42 29.33 -40.78
CA GLU E 9 -92.43 29.92 -41.64
C GLU E 9 -91.81 30.78 -42.73
N GLN E 10 -90.81 31.59 -42.38
CA GLN E 10 -90.17 32.46 -43.36
C GLN E 10 -89.45 31.64 -44.42
N ILE E 11 -88.80 30.56 -44.03
CA ILE E 11 -88.13 29.70 -45.01
C ILE E 11 -89.14 29.10 -45.97
N ALA E 12 -90.30 28.67 -45.45
CA ALA E 12 -91.35 28.15 -46.31
C ALA E 12 -91.86 29.21 -47.28
N GLU E 13 -92.04 30.44 -46.78
CA GLU E 13 -92.51 31.52 -47.64
C GLU E 13 -91.48 31.86 -48.72
N PHE E 14 -90.20 31.87 -48.36
CA PHE E 14 -89.16 32.16 -49.34
C PHE E 14 -89.07 31.05 -50.39
N LYS E 15 -89.27 29.80 -49.99
CA LYS E 15 -89.26 28.71 -50.95
C LYS E 15 -90.40 28.84 -51.95
N GLU E 16 -91.58 29.23 -51.47
CA GLU E 16 -92.69 29.49 -52.37
C GLU E 16 -92.39 30.64 -53.31
N ALA E 17 -91.74 31.69 -52.80
CA ALA E 17 -91.33 32.79 -53.65
C ALA E 17 -90.29 32.33 -54.68
N PHE E 18 -89.33 31.50 -54.25
CA PHE E 18 -88.34 30.98 -55.17
C PHE E 18 -88.98 30.12 -56.25
N SER E 19 -89.94 29.27 -55.85
CA SER E 19 -90.66 28.46 -56.84
C SER E 19 -91.51 29.32 -57.77
N LEU E 20 -91.95 30.49 -57.32
CA LEU E 20 -92.67 31.40 -58.20
C LEU E 20 -91.76 31.91 -59.31
N PHE E 21 -90.51 32.22 -58.98
CA PHE E 21 -89.54 32.61 -60.00
C PHE E 21 -89.16 31.43 -60.88
N ASP E 22 -88.94 30.26 -60.28
CA ASP E 22 -88.52 29.07 -61.01
C ASP E 22 -89.77 28.32 -61.47
N LYS E 23 -90.29 28.72 -62.63
CA LYS E 23 -91.43 28.03 -63.21
C LYS E 23 -91.04 26.64 -63.70
N ASP E 24 -89.81 26.50 -64.19
CA ASP E 24 -89.35 25.20 -64.68
C ASP E 24 -89.28 24.17 -63.57
N GLY E 25 -88.82 24.57 -62.38
CA GLY E 25 -88.62 23.65 -61.30
C GLY E 25 -87.26 22.98 -61.26
N ASP E 26 -86.33 23.41 -62.13
CA ASP E 26 -85.01 22.79 -62.14
C ASP E 26 -84.19 23.17 -60.91
N GLY E 27 -84.58 24.23 -60.21
CA GLY E 27 -83.86 24.68 -59.04
C GLY E 27 -82.95 25.87 -59.26
N THR E 28 -82.97 26.47 -60.45
CA THR E 28 -82.11 27.62 -60.74
C THR E 28 -82.95 28.71 -61.39
N ILE E 29 -82.54 29.96 -61.18
CA ILE E 29 -83.21 31.12 -61.74
C ILE E 29 -82.35 31.65 -62.88
N THR E 30 -82.92 31.68 -64.08
CA THR E 30 -82.23 32.21 -65.24
C THR E 30 -82.62 33.67 -65.45
N THR E 31 -81.99 34.33 -66.43
CA THR E 31 -82.34 35.70 -66.74
C THR E 31 -83.76 35.83 -67.27
N LYS E 32 -84.17 34.92 -68.15
CA LYS E 32 -85.52 34.96 -68.69
C LYS E 32 -86.56 34.72 -67.61
N GLU E 33 -86.27 33.80 -66.69
CA GLU E 33 -87.18 33.57 -65.56
C GLU E 33 -87.28 34.81 -64.69
N LEU E 34 -86.14 35.45 -64.40
CA LEU E 34 -86.16 36.69 -63.62
C LEU E 34 -86.84 37.80 -64.40
N GLY E 35 -86.57 37.89 -65.71
CA GLY E 35 -87.20 38.91 -66.52
C GLY E 35 -88.71 38.76 -66.62
N THR E 36 -89.20 37.51 -66.64
CA THR E 36 -90.62 37.28 -66.81
C THR E 36 -91.41 37.85 -65.64
N VAL E 37 -90.94 37.62 -64.41
CA VAL E 37 -91.69 38.11 -63.24
C VAL E 37 -91.62 39.63 -63.15
N MET E 38 -90.52 40.23 -63.61
CA MET E 38 -90.43 41.69 -63.62
C MET E 38 -91.46 42.30 -64.55
N ARG E 39 -91.68 41.68 -65.71
CA ARG E 39 -92.71 42.16 -66.63
C ARG E 39 -94.10 42.01 -66.03
N SER E 40 -94.33 40.95 -65.25
CA SER E 40 -95.61 40.80 -64.57
C SER E 40 -95.83 41.89 -63.53
N LEU E 41 -94.76 42.44 -62.95
CA LEU E 41 -94.85 43.53 -62.00
C LEU E 41 -94.83 44.90 -62.66
N GLY E 42 -94.65 44.97 -63.99
CA GLY E 42 -94.71 46.21 -64.72
C GLY E 42 -93.39 46.65 -65.32
N GLN E 43 -92.28 46.37 -64.65
CA GLN E 43 -90.98 46.80 -65.12
C GLN E 43 -90.60 46.06 -66.41
N ASN E 44 -89.86 46.74 -67.27
CA ASN E 44 -89.38 46.19 -68.53
C ASN E 44 -87.88 46.45 -68.65
N PRO E 45 -87.07 45.75 -67.87
CA PRO E 45 -85.62 45.98 -67.89
C PRO E 45 -84.96 45.28 -69.09
N THR E 46 -83.72 45.68 -69.33
CA THR E 46 -82.90 45.08 -70.37
C THR E 46 -82.01 44.00 -69.79
N GLU E 47 -81.46 43.16 -70.68
CA GLU E 47 -80.61 42.06 -70.24
C GLU E 47 -79.30 42.54 -69.62
N ALA E 48 -78.88 43.77 -69.92
CA ALA E 48 -77.65 44.28 -69.33
C ALA E 48 -77.80 44.44 -67.82
N GLU E 49 -78.86 45.12 -67.38
CA GLU E 49 -79.10 45.25 -65.94
C GLU E 49 -79.67 43.97 -65.36
N LEU E 50 -80.36 43.16 -66.18
CA LEU E 50 -80.90 41.90 -65.68
C LEU E 50 -79.79 40.95 -65.25
N GLN E 51 -78.70 40.90 -66.01
CA GLN E 51 -77.54 40.11 -65.60
C GLN E 51 -76.90 40.70 -64.36
N ASP E 52 -76.83 42.03 -64.28
CA ASP E 52 -76.17 42.68 -63.14
C ASP E 52 -76.89 42.37 -61.84
N MET E 53 -78.22 42.40 -61.85
CA MET E 53 -78.98 42.08 -60.64
C MET E 53 -78.92 40.59 -60.31
N ILE E 54 -78.42 39.76 -61.23
CA ILE E 54 -78.17 38.36 -60.90
C ILE E 54 -76.76 38.18 -60.33
N ASN E 55 -75.77 38.82 -60.96
CA ASN E 55 -74.39 38.68 -60.51
C ASN E 55 -74.20 39.30 -59.13
N GLU E 56 -75.07 40.23 -58.73
CA GLU E 56 -74.93 40.87 -57.44
C GLU E 56 -75.21 39.92 -56.28
N VAL E 57 -75.84 38.78 -56.54
CA VAL E 57 -76.18 37.84 -55.48
C VAL E 57 -75.68 36.44 -55.85
N ASP E 58 -75.30 36.25 -57.11
CA ASP E 58 -74.76 34.97 -57.53
C ASP E 58 -73.37 34.77 -56.92
N ALA E 59 -73.25 33.78 -56.05
CA ALA E 59 -72.00 33.56 -55.33
C ALA E 59 -70.99 32.74 -56.13
N ASP E 60 -71.41 31.59 -56.64
CA ASP E 60 -70.49 30.71 -57.36
C ASP E 60 -70.19 31.19 -58.77
N GLY E 61 -70.92 32.18 -59.28
CA GLY E 61 -70.65 32.71 -60.60
C GLY E 61 -71.10 31.84 -61.75
N ASN E 62 -71.97 30.86 -61.50
CA ASN E 62 -72.47 30.00 -62.57
C ASN E 62 -73.45 30.71 -63.49
N GLY E 63 -73.90 31.92 -63.13
CA GLY E 63 -74.85 32.65 -63.93
C GLY E 63 -76.30 32.40 -63.60
N THR E 64 -76.59 31.49 -62.67
CA THR E 64 -77.95 31.18 -62.26
C THR E 64 -78.06 31.31 -60.74
N ILE E 65 -79.29 31.54 -60.28
CA ILE E 65 -79.58 31.71 -58.87
C ILE E 65 -80.33 30.48 -58.37
N ASP E 66 -79.74 29.77 -57.42
CA ASP E 66 -80.38 28.64 -56.78
C ASP E 66 -80.93 29.05 -55.41
N PHE E 67 -81.64 28.12 -54.79
CA PHE E 67 -82.25 28.41 -53.49
C PHE E 67 -81.25 28.79 -52.41
N PRO E 68 -80.09 28.12 -52.26
CA PRO E 68 -79.15 28.58 -51.22
C PRO E 68 -78.72 30.03 -51.38
N GLU E 69 -78.52 30.49 -52.62
CA GLU E 69 -78.19 31.89 -52.83
C GLU E 69 -79.39 32.79 -52.60
N PHE E 70 -80.59 32.32 -52.96
CA PHE E 70 -81.79 33.09 -52.73
C PHE E 70 -82.04 33.31 -51.24
N LEU E 71 -81.85 32.25 -50.43
CA LEU E 71 -82.01 32.39 -48.99
C LEU E 71 -80.96 33.33 -48.41
N THR E 72 -79.72 33.24 -48.91
CA THR E 72 -78.66 34.11 -48.41
C THR E 72 -78.98 35.58 -48.68
N MET E 73 -79.58 35.87 -49.83
CA MET E 73 -80.02 37.24 -50.09
C MET E 73 -81.04 37.70 -49.07
N MET E 74 -82.08 36.89 -48.85
CA MET E 74 -83.13 37.29 -47.91
C MET E 74 -82.62 37.34 -46.48
N ALA E 75 -81.65 36.49 -46.12
CA ALA E 75 -81.09 36.53 -44.78
C ALA E 75 -80.40 37.86 -44.51
N ARG E 76 -79.66 38.38 -45.48
CA ARG E 76 -79.04 39.70 -45.32
C ARG E 76 -80.09 40.79 -45.21
N LYS E 77 -81.16 40.70 -46.01
CA LYS E 77 -82.19 41.74 -46.00
C LYS E 77 -82.88 41.82 -44.65
N MET E 78 -83.11 40.67 -44.01
CA MET E 78 -83.70 40.69 -42.68
C MET E 78 -82.71 41.21 -41.64
N LYS E 79 -81.42 40.91 -41.80
CA LYS E 79 -80.43 41.26 -40.79
C LYS E 79 -80.11 42.76 -40.81
N ASP E 80 -79.96 43.34 -42.00
CA ASP E 80 -79.47 44.71 -42.11
C ASP E 80 -80.56 45.76 -41.87
N THR E 81 -81.81 45.34 -41.65
CA THR E 81 -82.86 46.31 -41.33
C THR E 81 -82.56 47.03 -40.02
N ASP E 82 -82.07 46.30 -39.02
CA ASP E 82 -81.70 46.88 -37.74
C ASP E 82 -80.19 47.07 -37.71
N SER E 83 -79.75 48.31 -37.51
CA SER E 83 -78.33 48.65 -37.47
C SER E 83 -77.90 49.12 -36.08
N GLU E 84 -78.57 50.12 -35.53
CA GLU E 84 -78.24 50.60 -34.19
C GLU E 84 -79.49 50.81 -33.34
N GLU E 85 -80.67 50.40 -33.82
CA GLU E 85 -81.91 50.59 -33.08
C GLU E 85 -82.06 49.61 -31.91
N GLU E 86 -81.02 48.83 -31.60
CA GLU E 86 -81.12 47.86 -30.52
C GLU E 86 -81.35 48.54 -29.17
N ILE E 87 -80.95 49.81 -29.04
CA ILE E 87 -81.19 50.54 -27.80
C ILE E 87 -82.67 50.89 -27.64
N ARG E 88 -83.42 50.95 -28.73
CA ARG E 88 -84.86 51.23 -28.64
C ARG E 88 -85.60 50.12 -27.91
N GLU E 89 -85.31 48.86 -28.26
CA GLU E 89 -85.94 47.74 -27.55
C GLU E 89 -85.47 47.68 -26.10
N ALA E 90 -84.20 47.98 -25.85
CA ALA E 90 -83.70 48.01 -24.48
C ALA E 90 -84.42 49.07 -23.65
N PHE E 91 -84.69 50.23 -24.27
CA PHE E 91 -85.46 51.27 -23.58
C PHE E 91 -86.87 50.82 -23.27
N ARG E 92 -87.53 50.12 -24.20
CA ARG E 92 -88.89 49.64 -23.98
C ARG E 92 -88.98 48.54 -22.94
N VAL E 93 -87.91 47.79 -22.72
CA VAL E 93 -87.91 46.79 -21.65
C VAL E 93 -88.05 47.48 -20.29
N PHE E 94 -87.31 48.57 -20.09
CA PHE E 94 -87.46 49.36 -18.87
C PHE E 94 -88.75 50.17 -18.89
N ASP E 95 -89.24 50.51 -20.07
CA ASP E 95 -90.44 51.35 -20.22
C ASP E 95 -91.65 50.46 -20.47
N LYS E 96 -92.24 49.98 -19.36
CA LYS E 96 -93.37 49.05 -19.47
C LYS E 96 -94.63 49.74 -20.01
N ASP E 97 -94.94 50.93 -19.49
CA ASP E 97 -96.22 51.56 -19.82
C ASP E 97 -96.30 51.92 -21.30
N GLY E 98 -95.22 52.43 -21.88
CA GLY E 98 -95.20 52.79 -23.28
C GLY E 98 -94.98 54.26 -23.58
N ASN E 99 -94.74 55.09 -22.56
CA ASN E 99 -94.50 56.51 -22.80
C ASN E 99 -93.00 56.73 -23.02
N GLY E 100 -92.56 57.98 -23.02
CA GLY E 100 -91.18 58.33 -23.27
C GLY E 100 -90.30 58.53 -22.06
N TYR E 101 -90.72 58.05 -20.89
CA TYR E 101 -89.96 58.22 -19.65
C TYR E 101 -89.88 56.90 -18.91
N ILE E 102 -88.78 56.71 -18.18
CA ILE E 102 -88.59 55.53 -17.34
C ILE E 102 -88.85 55.94 -15.90
N SER E 103 -89.87 55.35 -15.28
CA SER E 103 -90.21 55.68 -13.91
C SER E 103 -89.45 54.76 -12.95
N ALA E 104 -89.39 55.19 -11.68
CA ALA E 104 -88.75 54.37 -10.66
C ALA E 104 -89.50 53.07 -10.44
N ALA E 105 -90.83 53.11 -10.47
CA ALA E 105 -91.62 51.88 -10.36
C ALA E 105 -91.36 50.97 -11.55
N GLU E 106 -91.27 51.54 -12.76
CA GLU E 106 -90.94 50.74 -13.93
C GLU E 106 -89.54 50.15 -13.80
N LEU E 107 -88.58 50.94 -13.29
CA LEU E 107 -87.26 50.41 -13.02
C LEU E 107 -87.31 49.32 -11.95
N ARG E 108 -88.23 49.45 -10.99
CA ARG E 108 -88.44 48.37 -10.02
C ARG E 108 -88.98 47.11 -10.70
N HIS E 109 -89.89 47.29 -11.66
CA HIS E 109 -90.51 46.14 -12.31
C HIS E 109 -89.48 45.29 -13.05
N VAL E 110 -88.58 45.94 -13.80
CA VAL E 110 -87.57 45.18 -14.52
C VAL E 110 -86.54 44.59 -13.56
N MET E 111 -86.14 45.37 -12.53
CA MET E 111 -85.23 44.85 -11.53
C MET E 111 -85.83 43.68 -10.76
N THR E 112 -87.14 43.72 -10.53
CA THR E 112 -87.82 42.59 -9.89
C THR E 112 -87.72 41.34 -10.77
N ASN E 113 -87.90 41.49 -12.07
CA ASN E 113 -87.81 40.35 -12.98
C ASN E 113 -86.40 39.81 -13.08
N LEU E 114 -85.39 40.67 -12.95
CA LEU E 114 -84.01 40.24 -13.00
C LEU E 114 -83.57 39.64 -11.67
N GLY E 115 -82.42 38.98 -11.69
CA GLY E 115 -81.92 38.28 -10.52
C GLY E 115 -81.60 39.17 -9.33
N GLU E 116 -80.92 40.29 -9.59
CA GLU E 116 -80.56 41.20 -8.51
C GLU E 116 -81.79 41.87 -7.94
N LYS E 117 -81.75 42.15 -6.64
CA LYS E 117 -82.86 42.76 -5.93
C LYS E 117 -82.41 44.06 -5.27
N LEU E 118 -83.32 45.02 -5.20
CA LEU E 118 -83.06 46.32 -4.61
C LEU E 118 -83.90 46.50 -3.34
N THR E 119 -83.36 47.28 -2.40
CA THR E 119 -84.00 47.50 -1.10
C THR E 119 -84.93 48.71 -1.11
N ASP E 120 -85.47 49.08 -2.27
CA ASP E 120 -86.41 50.18 -2.46
C ASP E 120 -85.80 51.55 -2.17
N GLU E 121 -84.49 51.64 -1.95
CA GLU E 121 -83.83 52.92 -1.72
C GLU E 121 -82.71 53.20 -2.71
N GLU E 122 -81.91 52.19 -3.06
CA GLU E 122 -80.86 52.41 -4.05
C GLU E 122 -81.43 52.53 -5.45
N VAL E 123 -82.72 52.22 -5.63
CA VAL E 123 -83.37 52.46 -6.91
C VAL E 123 -83.37 53.95 -7.24
N ASP E 124 -83.41 54.79 -6.21
CA ASP E 124 -83.34 56.24 -6.44
C ASP E 124 -81.91 56.68 -6.77
N GLU E 125 -80.91 55.88 -6.38
CA GLU E 125 -79.53 56.29 -6.58
C GLU E 125 -79.16 56.34 -8.07
N MET E 126 -79.45 55.28 -8.80
CA MET E 126 -79.07 55.24 -10.21
C MET E 126 -80.05 55.98 -11.12
N ILE E 127 -81.31 56.14 -10.70
CA ILE E 127 -82.27 56.87 -11.54
C ILE E 127 -81.92 58.36 -11.55
N ARG E 128 -81.46 58.90 -10.42
CA ARG E 128 -81.08 60.31 -10.40
C ARG E 128 -79.77 60.52 -11.15
N GLU E 129 -78.92 59.49 -11.22
CA GLU E 129 -77.71 59.59 -12.03
C GLU E 129 -78.05 59.65 -13.51
N ALA E 130 -78.95 58.79 -13.97
CA ALA E 130 -79.34 58.80 -15.37
C ALA E 130 -80.20 60.01 -15.72
N ASP E 131 -81.12 60.38 -14.83
CA ASP E 131 -81.99 61.52 -15.05
C ASP E 131 -81.24 62.80 -14.70
N ILE E 132 -80.82 63.54 -15.72
CA ILE E 132 -80.11 64.79 -15.50
C ILE E 132 -81.08 65.93 -15.19
N ASP E 133 -82.26 65.92 -15.81
CA ASP E 133 -83.23 66.98 -15.60
C ASP E 133 -83.70 67.06 -14.15
N GLY E 134 -83.67 65.95 -13.42
CA GLY E 134 -84.13 65.95 -12.05
C GLY E 134 -85.62 65.81 -11.86
N ASP E 135 -86.35 65.41 -12.90
CA ASP E 135 -87.80 65.24 -12.80
C ASP E 135 -88.20 63.87 -12.26
N GLY E 136 -87.24 63.01 -11.93
CA GLY E 136 -87.53 61.70 -11.40
C GLY E 136 -87.78 60.63 -12.44
N GLN E 137 -87.73 60.97 -13.72
CA GLN E 137 -87.94 60.01 -14.80
C GLN E 137 -86.82 60.14 -15.81
N VAL E 138 -86.36 59.00 -16.34
CA VAL E 138 -85.31 58.97 -17.34
C VAL E 138 -85.97 58.82 -18.70
N ASN E 139 -85.82 59.83 -19.56
CA ASN E 139 -86.40 59.76 -20.89
C ASN E 139 -85.46 59.01 -21.84
N TYR E 140 -85.91 58.89 -23.10
CA TYR E 140 -85.12 58.21 -24.12
C TYR E 140 -83.83 58.95 -24.41
N GLU E 141 -83.87 60.28 -24.45
CA GLU E 141 -82.67 61.05 -24.74
C GLU E 141 -81.62 60.88 -23.64
N GLU E 142 -82.07 60.86 -22.37
CA GLU E 142 -81.14 60.67 -21.27
C GLU E 142 -80.59 59.25 -21.23
N PHE E 143 -81.36 58.28 -21.73
CA PHE E 143 -80.93 56.88 -21.66
C PHE E 143 -79.79 56.61 -22.63
N VAL E 144 -79.90 57.13 -23.87
CA VAL E 144 -78.90 56.81 -24.89
C VAL E 144 -77.57 57.47 -24.58
N GLN E 145 -77.59 58.70 -24.06
CA GLN E 145 -76.34 59.41 -23.80
C GLN E 145 -75.54 58.77 -22.68
N MET E 146 -76.22 58.17 -21.70
CA MET E 146 -75.55 57.48 -20.60
C MET E 146 -76.55 56.54 -19.95
N MET E 147 -76.20 55.26 -19.86
CA MET E 147 -77.11 54.22 -19.39
C MET E 147 -76.64 53.71 -18.03
N THR E 148 -77.45 53.98 -17.01
CA THR E 148 -77.24 53.41 -15.68
C THR E 148 -78.52 52.81 -15.11
N ALA E 149 -79.67 53.38 -15.40
CA ALA E 149 -80.94 52.85 -14.91
C ALA E 149 -81.71 52.16 -16.03
N GLU F 10 23.87 -10.78 4.56
CA GLU F 10 24.20 -12.16 4.88
C GLU F 10 25.51 -12.58 4.22
N VAL F 11 26.36 -13.25 4.99
CA VAL F 11 27.65 -13.74 4.52
C VAL F 11 27.58 -15.26 4.43
N GLN F 12 27.93 -15.78 3.26
CA GLN F 12 27.90 -17.23 3.02
C GLN F 12 29.13 -17.89 3.61
N PHE F 13 28.93 -19.03 4.26
CA PHE F 13 30.01 -19.82 4.84
C PHE F 13 30.00 -21.20 4.22
N LEU F 14 31.19 -21.70 3.88
CA LEU F 14 31.31 -23.04 3.31
C LEU F 14 31.11 -24.09 4.39
N ARG F 15 30.31 -25.09 4.08
CA ARG F 15 30.03 -26.18 5.00
C ARG F 15 30.29 -27.52 4.33
N THR F 16 30.31 -28.57 5.14
CA THR F 16 30.54 -29.90 4.60
C THR F 16 29.35 -30.36 3.76
N ASP F 17 29.60 -31.36 2.92
CA ASP F 17 28.65 -31.91 1.95
C ASP F 17 28.28 -30.92 0.86
N ASP F 18 28.98 -29.80 0.77
CA ASP F 18 28.75 -28.84 -0.30
C ASP F 18 29.72 -29.08 -1.45
N GLU F 19 29.22 -28.90 -2.67
CA GLU F 19 30.05 -29.04 -3.87
C GLU F 19 30.71 -27.70 -4.17
N VAL F 20 32.03 -27.73 -4.36
CA VAL F 20 32.82 -26.54 -4.62
C VAL F 20 33.74 -26.82 -5.79
N VAL F 21 34.29 -25.75 -6.36
CA VAL F 21 35.31 -25.82 -7.39
C VAL F 21 36.54 -25.05 -6.94
N LEU F 22 37.70 -25.68 -7.07
CA LEU F 22 38.96 -25.02 -6.75
C LEU F 22 39.39 -24.18 -7.93
N GLN F 23 39.39 -22.86 -7.77
CA GLN F 23 39.62 -21.93 -8.85
C GLN F 23 40.80 -21.03 -8.52
N CYS F 24 41.73 -20.89 -9.46
CA CYS F 24 42.86 -20.00 -9.34
C CYS F 24 42.88 -19.04 -10.53
N SER F 25 43.82 -18.11 -10.50
CA SER F 25 43.96 -17.09 -11.53
C SER F 25 45.39 -17.04 -12.03
N ALA F 26 45.55 -16.77 -13.32
CA ALA F 26 46.86 -16.66 -13.94
C ALA F 26 46.85 -15.49 -14.91
N THR F 27 48.05 -15.07 -15.31
CA THR F 27 48.23 -13.98 -16.27
C THR F 27 48.73 -14.56 -17.58
N VAL F 28 47.96 -14.35 -18.65
CA VAL F 28 48.30 -14.81 -19.98
C VAL F 28 48.15 -13.63 -20.93
N LEU F 29 49.28 -13.10 -21.41
CA LEU F 29 49.32 -11.97 -22.33
C LEU F 29 48.47 -10.81 -21.82
N LYS F 30 48.78 -10.40 -20.58
CA LYS F 30 48.14 -9.30 -19.86
C LYS F 30 46.66 -9.59 -19.56
N GLU F 31 46.19 -10.81 -19.76
CA GLU F 31 44.80 -11.18 -19.53
C GLU F 31 44.69 -12.06 -18.29
N GLN F 32 43.71 -11.75 -17.44
CA GLN F 32 43.46 -12.54 -16.24
C GLN F 32 42.62 -13.75 -16.63
N LEU F 33 43.20 -14.93 -16.56
CA LEU F 33 42.54 -16.17 -16.92
C LEU F 33 42.23 -16.97 -15.66
N LYS F 34 40.97 -17.34 -15.48
CA LYS F 34 40.54 -18.11 -14.33
C LYS F 34 40.45 -19.59 -14.70
N LEU F 35 41.05 -20.42 -13.86
CA LEU F 35 41.16 -21.85 -14.12
C LEU F 35 40.57 -22.64 -12.96
N CYS F 36 39.94 -23.76 -13.27
CA CYS F 36 39.38 -24.66 -12.27
C CYS F 36 40.14 -25.98 -12.29
N LEU F 37 40.46 -26.47 -11.10
CA LEU F 37 41.12 -27.76 -10.99
C LEU F 37 40.16 -28.88 -11.39
N ALA F 38 40.59 -29.73 -12.30
CA ALA F 38 39.75 -30.79 -12.85
C ALA F 38 40.54 -32.09 -12.90
N ALA F 39 39.80 -33.20 -12.91
CA ALA F 39 40.40 -34.51 -13.05
C ALA F 39 39.35 -35.47 -13.61
N GLU F 40 39.78 -36.33 -14.53
CA GLU F 40 38.87 -37.30 -15.11
C GLU F 40 38.60 -38.46 -14.16
N GLY F 41 39.61 -38.90 -13.42
CA GLY F 41 39.44 -40.02 -12.50
C GLY F 41 39.71 -41.35 -13.14
N PHE F 42 38.82 -41.80 -14.01
CA PHE F 42 38.98 -43.08 -14.68
C PHE F 42 39.89 -42.92 -15.89
N GLY F 43 40.99 -43.66 -15.90
CA GLY F 43 41.94 -43.61 -16.99
C GLY F 43 43.04 -42.58 -16.84
N ASN F 44 42.87 -41.60 -15.95
CA ASN F 44 43.89 -40.59 -15.72
C ASN F 44 43.66 -40.00 -14.33
N ARG F 45 44.53 -40.35 -13.40
CA ARG F 45 44.41 -39.84 -12.03
C ARG F 45 44.89 -38.41 -11.89
N LEU F 46 45.83 -37.97 -12.73
CA LEU F 46 46.43 -36.66 -12.57
C LEU F 46 45.41 -35.55 -12.82
N CYS F 47 45.60 -34.45 -12.11
CA CYS F 47 44.71 -33.29 -12.21
C CYS F 47 45.28 -32.27 -13.18
N PHE F 48 44.39 -31.62 -13.93
CA PHE F 48 44.77 -30.55 -14.84
C PHE F 48 43.92 -29.32 -14.56
N LEU F 49 44.04 -28.31 -15.41
CA LEU F 49 43.32 -27.05 -15.23
C LEU F 49 42.40 -26.81 -16.42
N GLU F 50 41.13 -26.57 -16.14
CA GLU F 50 40.15 -26.24 -17.15
C GLU F 50 39.91 -24.73 -17.14
N PRO F 51 40.21 -24.02 -18.22
CA PRO F 51 39.92 -22.58 -18.24
C PRO F 51 38.43 -22.31 -18.22
N THR F 52 38.04 -21.21 -17.58
CA THR F 52 36.64 -20.84 -17.46
C THR F 52 36.36 -19.39 -17.81
N SER F 53 37.39 -18.58 -18.11
CA SER F 53 37.17 -17.18 -18.42
C SER F 53 36.50 -16.99 -19.78
N ASN F 54 36.61 -17.97 -20.68
CA ASN F 54 36.01 -17.90 -22.01
C ASN F 54 34.71 -18.69 -22.10
N ALA F 55 33.97 -18.78 -20.98
CA ALA F 55 32.72 -19.53 -20.97
C ALA F 55 31.67 -18.90 -21.87
N GLN F 56 31.82 -17.63 -22.22
CA GLN F 56 30.86 -16.98 -23.10
C GLN F 56 30.92 -17.58 -24.51
N ASN F 57 32.12 -17.93 -24.97
CA ASN F 57 32.30 -18.48 -26.32
C ASN F 57 32.54 -19.97 -26.34
N VAL F 58 33.20 -20.52 -25.32
CA VAL F 58 33.43 -21.96 -25.24
C VAL F 58 33.06 -22.43 -23.84
N PRO F 59 32.00 -23.23 -23.69
CA PRO F 59 31.60 -23.68 -22.37
C PRO F 59 32.63 -24.60 -21.75
N PRO F 60 32.98 -24.41 -20.49
CA PRO F 60 33.92 -25.30 -19.83
C PRO F 60 33.30 -26.63 -19.45
N ASP F 61 34.16 -27.63 -19.28
CA ASP F 61 33.72 -28.97 -18.88
C ASP F 61 33.73 -29.03 -17.36
N LEU F 62 32.64 -28.57 -16.75
CA LEU F 62 32.54 -28.49 -15.31
C LEU F 62 32.08 -29.79 -14.65
N ALA F 63 31.74 -30.81 -15.44
CA ALA F 63 31.30 -32.07 -14.85
C ALA F 63 32.41 -32.77 -14.09
N ILE F 64 33.67 -32.44 -14.37
CA ILE F 64 34.81 -33.08 -13.72
C ILE F 64 35.57 -32.10 -12.84
N CYS F 65 34.97 -30.95 -12.54
CA CYS F 65 35.58 -29.94 -11.68
C CYS F 65 34.95 -29.85 -10.31
N CYS F 66 33.89 -30.61 -10.05
CA CYS F 66 33.14 -30.51 -8.80
C CYS F 66 33.72 -31.43 -7.74
N PHE F 67 33.93 -30.89 -6.54
CA PHE F 67 34.41 -31.65 -5.40
C PHE F 67 33.48 -31.42 -4.22
N THR F 68 33.24 -32.48 -3.45
CA THR F 68 32.38 -32.43 -2.29
C THR F 68 33.23 -32.38 -1.03
N LEU F 69 32.95 -31.41 -0.16
CA LEU F 69 33.62 -31.30 1.13
C LEU F 69 33.04 -32.35 2.06
N GLU F 70 33.69 -33.51 2.15
CA GLU F 70 33.14 -34.59 2.96
C GLU F 70 33.38 -34.37 4.45
N GLN F 71 34.61 -34.04 4.84
CA GLN F 71 34.93 -33.88 6.25
C GLN F 71 35.79 -32.64 6.45
N SER F 72 35.72 -32.08 7.64
CA SER F 72 36.53 -30.94 8.03
C SER F 72 36.89 -31.10 9.51
N LEU F 73 38.16 -31.37 9.79
CA LEU F 73 38.60 -31.66 11.14
C LEU F 73 39.84 -30.85 11.45
N SER F 74 40.04 -30.60 12.75
CA SER F 74 41.28 -29.99 13.20
C SER F 74 42.44 -30.97 13.06
N VAL F 75 43.66 -30.46 13.21
CA VAL F 75 44.84 -31.30 13.03
C VAL F 75 44.86 -32.41 14.07
N ARG F 76 44.53 -32.09 15.33
CA ARG F 76 44.50 -33.12 16.37
C ARG F 76 43.43 -34.16 16.10
N ALA F 77 42.25 -33.72 15.68
CA ALA F 77 41.18 -34.67 15.35
C ALA F 77 41.59 -35.57 14.18
N LEU F 78 42.24 -34.98 13.17
CA LEU F 78 42.73 -35.78 12.05
C LEU F 78 43.76 -36.81 12.50
N GLN F 79 44.68 -36.40 13.37
CA GLN F 79 45.68 -37.34 13.87
C GLN F 79 45.03 -38.47 14.65
N GLU F 80 44.03 -38.15 15.46
CA GLU F 80 43.34 -39.19 16.23
C GLU F 80 42.60 -40.16 15.33
N MET F 81 41.91 -39.63 14.30
CA MET F 81 41.13 -40.51 13.43
C MET F 81 42.03 -41.34 12.53
N LEU F 82 43.20 -40.81 12.18
CA LEU F 82 44.16 -41.60 11.40
C LEU F 82 44.75 -42.73 12.23
N ALA F 83 45.01 -42.49 13.51
CA ALA F 83 45.54 -43.53 14.37
C ALA F 83 44.54 -44.67 14.55
N ASN F 84 43.26 -44.34 14.71
CA ASN F 84 42.23 -45.35 14.87
C ASN F 84 41.91 -46.03 13.54
N HIS F 98 26.17 -30.63 9.26
CA HIS F 98 27.07 -30.00 8.30
C HIS F 98 28.03 -29.04 9.00
N ARG F 99 29.26 -29.50 9.21
CA ARG F 99 30.24 -28.68 9.92
C ARG F 99 30.67 -27.50 9.05
N THR F 100 30.86 -26.36 9.69
CA THR F 100 31.34 -25.16 9.01
C THR F 100 32.87 -25.21 8.91
N LEU F 101 33.40 -24.82 7.76
CA LEU F 101 34.83 -24.85 7.56
C LEU F 101 35.50 -23.73 8.34
N LEU F 102 36.58 -24.07 9.05
CA LEU F 102 37.38 -23.11 9.79
C LEU F 102 38.82 -23.13 9.29
N TYR F 103 39.44 -21.96 9.28
CA TYR F 103 40.84 -21.87 8.88
C TYR F 103 41.71 -22.67 9.83
N GLY F 104 42.66 -23.41 9.27
CA GLY F 104 43.49 -24.31 10.04
C GLY F 104 42.98 -25.74 10.12
N HIS F 105 41.75 -25.99 9.70
CA HIS F 105 41.23 -27.34 9.67
C HIS F 105 41.71 -28.08 8.43
N ALA F 106 41.60 -29.41 8.49
CA ALA F 106 41.96 -30.27 7.39
C ALA F 106 40.69 -30.78 6.73
N ILE F 107 40.63 -30.66 5.41
CA ILE F 107 39.43 -30.99 4.64
C ILE F 107 39.71 -32.22 3.79
N LEU F 108 38.63 -32.92 3.45
CA LEU F 108 38.68 -34.09 2.57
C LEU F 108 37.80 -33.81 1.37
N LEU F 109 38.42 -33.74 0.19
CA LEU F 109 37.72 -33.42 -1.05
C LEU F 109 37.52 -34.69 -1.85
N ARG F 110 36.26 -34.99 -2.17
CA ARG F 110 35.90 -36.14 -2.97
C ARG F 110 35.45 -35.68 -4.35
N HIS F 111 36.02 -36.29 -5.39
CA HIS F 111 35.63 -35.96 -6.76
C HIS F 111 34.19 -36.38 -7.00
N ALA F 112 33.38 -35.47 -7.54
CA ALA F 112 31.96 -35.73 -7.71
C ALA F 112 31.72 -36.85 -8.71
N HIS F 113 32.47 -36.87 -9.82
CA HIS F 113 32.23 -37.85 -10.87
C HIS F 113 32.82 -39.21 -10.52
N SER F 114 34.13 -39.27 -10.32
CA SER F 114 34.81 -40.54 -10.12
C SER F 114 34.72 -41.07 -8.71
N ARG F 115 34.15 -40.30 -7.78
CA ARG F 115 34.03 -40.68 -6.37
C ARG F 115 35.39 -40.90 -5.71
N MET F 116 36.46 -40.42 -6.34
CA MET F 116 37.79 -40.51 -5.76
C MET F 116 38.08 -39.27 -4.93
N TYR F 117 39.25 -39.25 -4.29
CA TYR F 117 39.62 -38.18 -3.37
C TYR F 117 40.86 -37.47 -3.88
N LEU F 118 40.81 -36.13 -3.84
CA LEU F 118 41.99 -35.35 -4.20
C LEU F 118 43.13 -35.65 -3.25
N SER F 119 44.32 -35.88 -3.81
CA SER F 119 45.45 -36.33 -3.02
C SER F 119 46.73 -35.79 -3.60
N CYS F 120 47.78 -35.79 -2.77
CA CYS F 120 49.12 -35.41 -3.19
C CYS F 120 49.88 -36.69 -3.53
N LEU F 121 50.03 -36.95 -4.82
CA LEU F 121 50.67 -38.17 -5.27
C LEU F 121 52.17 -38.12 -4.98
N THR F 122 52.76 -39.31 -4.80
CA THR F 122 54.18 -39.43 -4.53
C THR F 122 55.04 -39.32 -5.78
N THR F 123 54.44 -39.37 -6.96
CA THR F 123 55.19 -39.27 -8.21
C THR F 123 55.35 -37.81 -8.61
N SER F 124 56.11 -37.58 -9.67
CA SER F 124 56.35 -36.22 -10.16
C SER F 124 56.73 -36.31 -11.63
N ARG F 125 55.88 -35.77 -12.51
CA ARG F 125 56.13 -35.79 -13.94
C ARG F 125 56.73 -34.48 -14.44
N SER F 126 56.96 -33.51 -13.56
CA SER F 126 57.51 -32.22 -13.95
C SER F 126 59.04 -32.27 -13.90
N MET F 127 59.66 -31.59 -14.87
CA MET F 127 61.12 -31.53 -14.95
C MET F 127 61.69 -30.24 -14.40
N THR F 128 60.91 -29.15 -14.38
CA THR F 128 61.43 -27.87 -13.91
C THR F 128 61.63 -27.87 -12.40
N ASP F 129 60.65 -28.37 -11.65
CA ASP F 129 60.69 -28.36 -10.19
C ASP F 129 61.03 -29.77 -9.71
N LYS F 130 62.19 -29.92 -9.07
CA LYS F 130 62.60 -31.21 -8.56
C LYS F 130 61.98 -31.55 -7.22
N LEU F 131 61.44 -30.56 -6.52
CA LEU F 131 60.83 -30.77 -5.21
C LEU F 131 59.31 -30.80 -5.26
N ALA F 132 58.73 -30.83 -6.45
CA ALA F 132 57.28 -30.81 -6.62
C ALA F 132 56.73 -32.22 -6.71
N PHE F 133 55.45 -32.36 -6.35
CA PHE F 133 54.73 -33.61 -6.44
C PHE F 133 53.47 -33.42 -7.26
N ASP F 134 53.08 -34.48 -7.96
CA ASP F 134 51.85 -34.46 -8.74
C ASP F 134 50.64 -34.48 -7.84
N VAL F 135 49.60 -33.76 -8.25
CA VAL F 135 48.33 -33.73 -7.55
C VAL F 135 47.33 -34.51 -8.38
N GLY F 136 46.73 -35.54 -7.77
CA GLY F 136 45.81 -36.38 -8.50
C GLY F 136 44.69 -36.92 -7.63
N LEU F 137 44.04 -37.99 -8.09
CA LEU F 137 42.92 -38.59 -7.39
C LEU F 137 43.34 -39.94 -6.80
N GLN F 138 42.87 -40.21 -5.59
CA GLN F 138 43.15 -41.46 -4.90
C GLN F 138 41.85 -42.24 -4.73
N GLU F 139 41.94 -43.56 -4.93
CA GLU F 139 40.74 -44.39 -4.90
C GLU F 139 40.07 -44.39 -3.53
N ASP F 140 40.85 -44.42 -2.46
CA ASP F 140 40.32 -44.51 -1.11
C ASP F 140 40.75 -43.29 -0.30
N ALA F 141 40.03 -43.05 0.79
CA ALA F 141 40.30 -41.92 1.67
C ALA F 141 41.27 -42.28 2.79
N THR F 142 41.86 -43.47 2.75
CA THR F 142 42.79 -43.89 3.79
C THR F 142 44.10 -43.10 3.68
N GLY F 143 44.80 -43.03 4.80
CA GLY F 143 46.07 -42.31 4.85
C GLY F 143 45.88 -40.82 4.98
N GLU F 144 47.01 -40.12 5.08
CA GLU F 144 47.03 -38.68 5.22
C GLU F 144 47.33 -37.95 3.91
N ALA F 145 47.45 -38.68 2.80
CA ALA F 145 47.78 -38.05 1.53
C ALA F 145 46.60 -37.33 0.89
N CYS F 146 45.38 -37.53 1.42
CA CYS F 146 44.19 -36.94 0.84
C CYS F 146 43.58 -35.84 1.73
N TRP F 147 44.37 -35.28 2.62
CA TRP F 147 43.90 -34.24 3.53
C TRP F 147 44.68 -32.95 3.30
N TRP F 148 43.96 -31.84 3.28
CA TRP F 148 44.53 -30.53 3.00
C TRP F 148 44.10 -29.54 4.07
N THR F 149 45.05 -28.75 4.56
CA THR F 149 44.78 -27.76 5.59
C THR F 149 44.58 -26.39 4.95
N MET F 150 43.50 -25.72 5.33
CA MET F 150 43.18 -24.40 4.79
C MET F 150 43.85 -23.32 5.63
N HIS F 151 44.55 -22.41 4.97
CA HIS F 151 45.23 -21.32 5.63
C HIS F 151 44.82 -19.99 4.99
N PRO F 152 44.72 -18.92 5.78
CA PRO F 152 44.34 -17.63 5.21
C PRO F 152 45.42 -17.09 4.29
N ALA F 153 44.99 -16.52 3.16
CA ALA F 153 45.93 -15.96 2.20
C ALA F 153 46.47 -14.61 2.64
N SER F 154 45.70 -13.85 3.41
CA SER F 154 46.08 -12.50 3.81
C SER F 154 45.82 -12.30 5.29
N LYS F 155 46.24 -11.15 5.80
CA LYS F 155 46.05 -10.83 7.21
C LYS F 155 44.59 -10.57 7.55
N GLN F 156 43.73 -10.44 6.55
CA GLN F 156 42.31 -10.19 6.82
C GLN F 156 41.68 -11.33 7.62
N ARG F 157 42.03 -12.56 7.29
CA ARG F 157 41.52 -13.73 7.99
C ARG F 157 42.60 -14.31 8.88
N SER F 158 42.18 -14.91 9.99
CA SER F 158 43.09 -15.54 10.93
C SER F 158 42.64 -16.97 11.19
N GLU F 159 43.54 -17.76 11.74
CA GLU F 159 43.24 -19.17 12.00
C GLU F 159 42.09 -19.28 13.01
N GLY F 160 41.20 -20.22 12.74
CA GLY F 160 40.01 -20.41 13.56
C GLY F 160 38.77 -19.69 13.06
N GLU F 161 38.93 -18.71 12.17
CA GLU F 161 37.78 -18.00 11.62
C GLU F 161 37.08 -18.87 10.58
N LYS F 162 35.80 -18.58 10.37
CA LYS F 162 35.03 -19.29 9.36
C LYS F 162 35.51 -18.93 7.97
N VAL F 163 35.56 -19.94 7.09
CA VAL F 163 35.92 -19.72 5.70
C VAL F 163 34.69 -19.22 4.95
N ARG F 164 34.80 -18.06 4.32
CA ARG F 164 33.68 -17.43 3.64
C ARG F 164 33.81 -17.63 2.13
N VAL F 165 32.66 -17.58 1.44
CA VAL F 165 32.66 -17.69 0.00
C VAL F 165 33.37 -16.50 -0.61
N GLY F 166 34.27 -16.77 -1.56
CA GLY F 166 35.04 -15.73 -2.20
C GLY F 166 36.39 -15.45 -1.56
N ASP F 167 36.69 -16.06 -0.43
CA ASP F 167 37.99 -15.88 0.20
C ASP F 167 39.08 -16.61 -0.58
N ASP F 168 40.29 -16.05 -0.52
CA ASP F 168 41.45 -16.72 -1.09
C ASP F 168 42.05 -17.66 -0.05
N LEU F 169 42.26 -18.91 -0.44
CA LEU F 169 42.71 -19.94 0.46
C LEU F 169 44.11 -20.42 0.08
N ILE F 170 44.81 -20.97 1.07
CA ILE F 170 46.09 -21.62 0.87
C ILE F 170 45.95 -23.06 1.34
N LEU F 171 46.07 -24.01 0.41
CA LEU F 171 45.89 -25.41 0.71
C LEU F 171 47.26 -26.07 0.84
N VAL F 172 47.49 -26.73 1.98
CA VAL F 172 48.75 -27.40 2.27
C VAL F 172 48.47 -28.88 2.49
N SER F 173 49.21 -29.73 1.80
CA SER F 173 49.04 -31.17 1.96
C SER F 173 49.53 -31.59 3.34
N VAL F 174 48.70 -32.37 4.05
CA VAL F 174 49.09 -32.86 5.36
C VAL F 174 50.28 -33.80 5.25
N SER F 175 50.24 -34.71 4.26
CA SER F 175 51.27 -35.73 4.16
C SER F 175 52.61 -35.13 3.71
N SER F 176 52.59 -34.23 2.73
CA SER F 176 53.80 -33.76 2.10
C SER F 176 54.22 -32.35 2.53
N GLU F 177 53.37 -31.62 3.26
CA GLU F 177 53.67 -30.26 3.70
C GLU F 177 53.99 -29.35 2.52
N ARG F 178 53.26 -29.52 1.43
CA ARG F 178 53.45 -28.73 0.22
C ARG F 178 52.15 -28.05 -0.18
N TYR F 179 52.28 -26.89 -0.80
CA TYR F 179 51.13 -26.10 -1.23
C TYR F 179 50.56 -26.65 -2.53
N LEU F 180 49.26 -26.45 -2.71
CA LEU F 180 48.63 -26.70 -4.00
C LEU F 180 49.04 -25.58 -4.94
N HIS F 181 50.02 -25.86 -5.79
CA HIS F 181 50.73 -24.82 -6.53
C HIS F 181 50.36 -24.85 -8.00
N LEU F 182 50.23 -23.67 -8.60
CA LEU F 182 50.06 -23.52 -10.04
C LEU F 182 51.43 -23.18 -10.64
N SER F 183 51.92 -24.03 -11.52
CA SER F 183 53.24 -23.89 -12.10
C SER F 183 53.13 -23.33 -13.51
N THR F 184 53.87 -22.25 -13.77
CA THR F 184 53.93 -21.64 -15.10
C THR F 184 55.33 -21.73 -15.70
N ALA F 185 56.19 -22.58 -15.13
CA ALA F 185 57.56 -22.69 -15.62
C ALA F 185 57.59 -23.19 -17.07
N SER F 186 56.78 -24.18 -17.39
CA SER F 186 56.69 -24.67 -18.76
C SER F 186 55.77 -23.76 -19.58
N GLY F 187 55.58 -24.12 -20.85
CA GLY F 187 54.72 -23.34 -21.72
C GLY F 187 53.25 -23.43 -21.35
N GLU F 188 52.85 -24.45 -20.60
CA GLU F 188 51.47 -24.67 -20.23
C GLU F 188 51.27 -24.34 -18.75
N LEU F 189 50.00 -24.40 -18.34
CA LEU F 189 49.62 -24.17 -16.95
C LEU F 189 49.32 -25.52 -16.30
N GLN F 190 50.08 -25.86 -15.26
CA GLN F 190 49.95 -27.14 -14.60
C GLN F 190 49.89 -26.94 -13.10
N VAL F 191 49.17 -27.83 -12.42
CA VAL F 191 48.99 -27.78 -10.97
C VAL F 191 49.80 -28.91 -10.34
N ASP F 192 50.57 -28.59 -9.31
CA ASP F 192 51.38 -29.57 -8.61
C ASP F 192 51.48 -29.16 -7.15
N ALA F 193 52.14 -30.01 -6.37
CA ALA F 193 52.35 -29.76 -4.94
C ALA F 193 53.81 -29.33 -4.76
N SER F 194 54.01 -28.03 -4.57
CA SER F 194 55.34 -27.44 -4.43
C SER F 194 55.45 -26.66 -3.14
N PHE F 195 56.62 -26.10 -2.91
CA PHE F 195 56.89 -25.26 -1.74
C PHE F 195 56.55 -23.80 -1.97
N MET F 196 56.07 -23.46 -3.16
CA MET F 196 55.63 -22.10 -3.47
C MET F 196 54.11 -22.06 -3.40
N GLN F 197 53.58 -21.07 -2.67
CA GLN F 197 52.15 -21.03 -2.43
C GLN F 197 51.41 -20.48 -3.64
N THR F 198 50.10 -20.73 -3.65
CA THR F 198 49.22 -20.23 -4.70
C THR F 198 47.84 -20.01 -4.08
N LEU F 199 47.23 -18.87 -4.38
CA LEU F 199 45.92 -18.55 -3.84
C LEU F 199 44.82 -19.28 -4.61
N TRP F 200 43.89 -19.86 -3.88
CA TRP F 200 42.78 -20.59 -4.45
C TRP F 200 41.46 -20.07 -3.90
N ASN F 201 40.41 -20.17 -4.71
CA ASN F 201 39.05 -19.82 -4.31
C ASN F 201 38.18 -21.05 -4.40
N MET F 202 37.46 -21.35 -3.32
CA MET F 202 36.53 -22.48 -3.29
C MET F 202 35.14 -21.94 -3.57
N ASN F 203 34.83 -21.76 -4.85
CA ASN F 203 33.53 -21.25 -5.25
C ASN F 203 32.48 -22.35 -5.09
N PRO F 204 31.43 -22.11 -4.32
CA PRO F 204 30.42 -23.15 -4.13
C PRO F 204 29.62 -23.42 -5.40
N ILE F 205 29.16 -24.66 -5.52
CA ILE F 205 28.28 -25.07 -6.61
C ILE F 205 26.86 -25.28 -6.11
N CYS F 206 26.70 -26.08 -5.06
CA CYS F 206 25.41 -26.31 -4.44
C CYS F 206 25.61 -26.69 -2.98
N SER F 207 24.77 -26.14 -2.11
CA SER F 207 24.85 -26.44 -0.68
C SER F 207 23.80 -27.44 -0.24
N CYS F 208 22.53 -27.14 -0.48
CA CYS F 208 21.43 -28.02 -0.07
C CYS F 208 20.34 -27.97 -1.12
N CYS F 209 19.89 -29.14 -1.56
CA CYS F 209 18.86 -29.26 -2.59
C CYS F 209 17.63 -29.90 -2.01
N GLU F 210 16.47 -29.30 -2.25
CA GLU F 210 15.21 -29.87 -1.80
C GLU F 210 14.86 -31.11 -2.60
N GLU F 211 14.01 -31.95 -2.02
CA GLU F 211 13.58 -33.17 -2.69
C GLU F 211 12.89 -32.82 -4.01
N GLY F 212 13.19 -33.61 -5.04
CA GLY F 212 12.82 -33.20 -6.38
C GLY F 212 13.53 -31.91 -6.73
N TYR F 213 12.80 -30.97 -7.31
CA TYR F 213 13.24 -29.59 -7.45
C TYR F 213 14.56 -29.50 -8.21
N VAL F 214 14.45 -29.77 -9.51
CA VAL F 214 15.57 -29.81 -10.46
C VAL F 214 16.53 -28.65 -10.23
N THR F 215 17.83 -28.95 -10.20
CA THR F 215 18.87 -27.95 -10.06
C THR F 215 19.84 -28.05 -11.22
N GLY F 216 20.62 -26.99 -11.41
CA GLY F 216 21.59 -26.97 -12.49
C GLY F 216 22.70 -27.98 -12.26
N GLY F 217 23.29 -28.44 -13.37
CA GLY F 217 24.35 -29.42 -13.31
C GLY F 217 23.89 -30.86 -13.21
N HIS F 218 22.58 -31.10 -13.16
CA HIS F 218 22.07 -32.46 -13.09
C HIS F 218 22.00 -33.10 -14.47
N VAL F 219 22.12 -34.43 -14.49
CA VAL F 219 21.93 -35.21 -15.69
C VAL F 219 20.53 -35.82 -15.63
N LEU F 220 19.75 -35.61 -16.69
CA LEU F 220 18.35 -36.01 -16.68
C LEU F 220 17.91 -36.33 -18.10
N ARG F 221 16.66 -36.80 -18.21
CA ARG F 221 16.02 -37.05 -19.48
C ARG F 221 14.83 -36.13 -19.64
N LEU F 222 14.56 -35.73 -20.89
CA LEU F 222 13.45 -34.83 -21.22
C LEU F 222 12.39 -35.65 -21.93
N PHE F 223 11.35 -36.05 -21.20
CA PHE F 223 10.29 -36.87 -21.75
C PHE F 223 9.19 -36.01 -22.35
N HIS F 224 8.67 -36.44 -23.49
CA HIS F 224 7.69 -35.65 -24.23
C HIS F 224 6.30 -35.81 -23.63
N GLY F 225 5.76 -37.02 -23.63
CA GLY F 225 4.41 -37.24 -23.16
C GLY F 225 4.32 -37.94 -21.83
N HIS F 226 3.67 -39.10 -21.80
CA HIS F 226 3.47 -39.86 -20.57
C HIS F 226 4.55 -40.93 -20.41
N MET F 227 5.78 -40.47 -20.23
CA MET F 227 6.94 -41.34 -20.04
C MET F 227 7.12 -42.32 -21.20
N ASP F 228 6.81 -41.88 -22.41
CA ASP F 228 6.91 -42.71 -23.59
C ASP F 228 8.02 -42.30 -24.55
N GLU F 229 8.07 -41.03 -24.94
CA GLU F 229 9.10 -40.52 -25.82
C GLU F 229 10.01 -39.56 -25.06
N CYS F 230 11.30 -39.60 -25.37
CA CYS F 230 12.28 -38.76 -24.72
C CYS F 230 13.18 -38.11 -25.76
N LEU F 231 13.73 -36.94 -25.42
CA LEU F 231 14.62 -36.24 -26.32
C LEU F 231 15.96 -36.97 -26.39
N THR F 232 16.44 -37.22 -27.59
CA THR F 232 17.68 -37.98 -27.77
C THR F 232 18.24 -37.69 -29.15
N ILE F 233 19.44 -38.22 -29.39
CA ILE F 233 20.08 -38.17 -30.69
C ILE F 233 20.12 -39.57 -31.26
N SER F 234 20.60 -39.68 -32.51
CA SER F 234 20.66 -40.97 -33.17
C SER F 234 21.69 -41.88 -32.49
N ALA F 235 21.53 -43.18 -32.73
CA ALA F 235 22.43 -44.17 -32.15
C ALA F 235 23.82 -44.05 -32.75
N ALA F 236 24.73 -44.88 -32.25
CA ALA F 236 26.11 -44.85 -32.71
C ALA F 236 26.20 -45.28 -34.18
N ASP F 237 27.31 -44.89 -34.80
CA ASP F 237 27.60 -45.10 -36.22
C ASP F 237 26.38 -44.89 -37.10
N SER F 238 25.75 -43.71 -37.00
CA SER F 238 24.60 -43.34 -37.81
C SER F 238 25.02 -42.37 -38.91
N ASP F 239 24.20 -42.32 -39.96
CA ASP F 239 24.54 -41.52 -41.13
C ASP F 239 24.49 -40.02 -40.84
N ASP F 240 23.67 -39.59 -39.87
CA ASP F 240 23.54 -38.19 -39.56
C ASP F 240 24.64 -37.66 -38.66
N GLN F 241 25.68 -38.46 -38.41
CA GLN F 241 26.82 -38.09 -37.59
C GLN F 241 26.42 -37.77 -36.15
N ARG F 242 25.26 -38.26 -35.72
CA ARG F 242 24.76 -38.03 -34.37
C ARG F 242 24.64 -36.53 -34.07
N ARG F 243 24.25 -35.76 -35.07
CA ARG F 243 24.11 -34.31 -34.93
C ARG F 243 22.67 -33.83 -35.11
N LEU F 244 21.70 -34.72 -35.03
CA LEU F 244 20.29 -34.36 -35.13
C LEU F 244 19.56 -34.88 -33.90
N VAL F 245 18.52 -34.15 -33.51
CA VAL F 245 17.76 -34.42 -32.29
C VAL F 245 16.39 -34.96 -32.66
N TYR F 246 15.97 -36.03 -32.00
CA TYR F 246 14.72 -36.70 -32.30
C TYR F 246 13.94 -36.95 -31.02
N TYR F 247 12.62 -37.06 -31.16
CA TYR F 247 11.76 -37.57 -30.11
C TYR F 247 11.54 -39.05 -30.36
N GLU F 248 12.14 -39.89 -29.52
CA GLU F 248 12.13 -41.33 -29.73
C GLU F 248 11.68 -42.03 -28.46
N GLY F 249 10.95 -43.14 -28.63
CA GLY F 249 10.48 -43.92 -27.52
C GLY F 249 10.95 -45.36 -27.63
N GLY F 250 10.69 -46.12 -26.57
CA GLY F 250 11.06 -47.53 -26.52
C GLY F 250 12.24 -47.76 -25.59
N ALA F 251 13.23 -48.51 -26.06
CA ALA F 251 14.40 -48.82 -25.25
C ALA F 251 15.33 -47.62 -25.08
N VAL F 252 15.18 -46.58 -25.91
CA VAL F 252 16.03 -45.41 -25.80
C VAL F 252 15.83 -44.69 -24.48
N CYS F 253 14.68 -44.85 -23.84
CA CYS F 253 14.40 -44.20 -22.57
C CYS F 253 15.30 -44.71 -21.45
N THR F 254 15.96 -45.84 -21.63
CA THR F 254 16.88 -46.38 -20.63
C THR F 254 18.32 -46.41 -21.13
N HIS F 255 18.60 -45.83 -22.29
CA HIS F 255 19.94 -45.80 -22.85
C HIS F 255 20.66 -44.50 -22.47
N ALA F 256 21.95 -44.47 -22.77
CA ALA F 256 22.80 -43.33 -22.40
C ALA F 256 22.74 -42.18 -23.39
N ARG F 257 22.18 -42.40 -24.58
CA ARG F 257 22.13 -41.33 -25.57
C ARG F 257 20.94 -40.41 -25.38
N SER F 258 20.08 -40.68 -24.39
CA SER F 258 18.96 -39.81 -24.05
C SER F 258 19.23 -38.98 -22.81
N LEU F 259 20.47 -38.95 -22.34
CA LEU F 259 20.85 -38.23 -21.13
C LEU F 259 21.39 -36.86 -21.49
N TRP F 260 20.91 -35.84 -20.79
CA TRP F 260 21.33 -34.47 -21.01
C TRP F 260 21.70 -33.82 -19.69
N ARG F 261 22.68 -32.91 -19.75
CA ARG F 261 23.14 -32.18 -18.58
C ARG F 261 22.78 -30.71 -18.74
N LEU F 262 22.11 -30.15 -17.75
CA LEU F 262 21.67 -28.76 -17.79
C LEU F 262 22.75 -27.88 -17.16
N GLU F 263 23.33 -26.99 -17.95
CA GLU F 263 24.45 -26.16 -17.52
C GLU F 263 24.05 -24.69 -17.52
N PRO F 264 23.81 -24.09 -16.37
CA PRO F 264 23.53 -22.65 -16.32
C PRO F 264 24.74 -21.84 -16.75
N LEU F 265 24.47 -20.61 -17.19
CA LEU F 265 25.51 -19.74 -17.72
C LEU F 265 26.29 -19.03 -16.62
N ARG F 266 26.80 -19.81 -15.67
CA ARG F 266 27.64 -19.28 -14.60
C ARG F 266 28.39 -20.45 -13.97
N ILE F 267 29.45 -20.12 -13.24
CA ILE F 267 30.25 -21.12 -12.56
C ILE F 267 29.83 -21.18 -11.09
N SER F 268 29.86 -20.04 -10.41
CA SER F 268 29.46 -20.00 -9.01
C SER F 268 27.97 -20.22 -8.89
N TRP F 269 27.58 -21.13 -7.98
CA TRP F 269 26.19 -21.48 -7.75
C TRP F 269 25.52 -22.02 -9.01
N SER F 270 26.29 -22.71 -9.85
CA SER F 270 25.72 -23.34 -11.03
C SER F 270 24.81 -24.51 -10.68
N GLY F 271 24.93 -25.04 -9.46
CA GLY F 271 24.10 -26.11 -8.98
C GLY F 271 22.86 -25.66 -8.22
N SER F 272 22.53 -24.38 -8.28
CA SER F 272 21.36 -23.86 -7.59
C SER F 272 20.08 -24.36 -8.28
N HIS F 273 18.95 -24.13 -7.60
CA HIS F 273 17.67 -24.54 -8.15
C HIS F 273 17.39 -23.82 -9.47
N LEU F 274 16.93 -24.57 -10.45
CA LEU F 274 16.56 -23.98 -11.73
C LEU F 274 15.33 -23.11 -11.57
N ARG F 275 15.27 -22.03 -12.34
CA ARG F 275 14.16 -21.10 -12.31
C ARG F 275 13.62 -20.91 -13.71
N TRP F 276 12.33 -20.61 -13.79
CA TRP F 276 11.70 -20.37 -15.09
C TRP F 276 12.34 -19.17 -15.77
N GLY F 277 12.67 -19.33 -17.05
CA GLY F 277 13.29 -18.27 -17.81
C GLY F 277 14.78 -18.12 -17.60
N GLN F 278 15.40 -18.95 -16.78
CA GLN F 278 16.83 -18.86 -16.55
C GLN F 278 17.58 -19.45 -17.74
N PRO F 279 18.46 -18.69 -18.39
CA PRO F 279 19.20 -19.25 -19.53
C PRO F 279 20.16 -20.34 -19.09
N LEU F 280 20.32 -21.34 -19.95
CA LEU F 280 21.21 -22.45 -19.64
C LEU F 280 21.53 -23.21 -20.92
N ARG F 281 22.69 -23.87 -20.92
CA ARG F 281 23.06 -24.76 -22.01
C ARG F 281 22.59 -26.18 -21.71
N ILE F 282 22.31 -26.92 -22.77
CA ILE F 282 21.91 -28.32 -22.67
C ILE F 282 22.97 -29.14 -23.37
N ARG F 283 23.64 -30.01 -22.62
CA ARG F 283 24.78 -30.76 -23.11
C ARG F 283 24.44 -32.24 -23.18
N HIS F 284 24.78 -32.88 -24.29
CA HIS F 284 24.62 -34.32 -24.42
C HIS F 284 25.81 -35.00 -23.76
N VAL F 285 25.53 -35.89 -22.81
CA VAL F 285 26.57 -36.40 -21.92
C VAL F 285 27.56 -37.27 -22.68
N THR F 286 27.04 -38.24 -23.46
CA THR F 286 27.93 -39.21 -24.08
C THR F 286 28.75 -38.61 -25.21
N THR F 287 28.18 -37.68 -25.97
CA THR F 287 28.89 -37.07 -27.09
C THR F 287 29.58 -35.77 -26.73
N GLY F 288 29.19 -35.13 -25.64
CA GLY F 288 29.80 -33.88 -25.25
C GLY F 288 29.38 -32.68 -26.06
N ARG F 289 28.36 -32.81 -26.91
CA ARG F 289 27.90 -31.72 -27.74
C ARG F 289 26.74 -30.99 -27.08
N TYR F 290 26.52 -29.75 -27.51
CA TYR F 290 25.54 -28.87 -26.91
C TYR F 290 24.41 -28.60 -27.89
N LEU F 291 23.17 -28.64 -27.38
CA LEU F 291 22.02 -28.29 -28.19
C LEU F 291 22.15 -26.87 -28.70
N ALA F 292 21.91 -26.67 -30.00
CA ALA F 292 22.21 -25.39 -30.62
C ALA F 292 21.21 -25.11 -31.73
N LEU F 293 21.11 -23.82 -32.07
CA LEU F 293 20.34 -23.35 -33.22
C LEU F 293 21.30 -22.74 -34.22
N THR F 294 21.41 -23.39 -35.38
CA THR F 294 22.30 -22.92 -36.44
C THR F 294 21.48 -22.36 -37.60
N GLU F 295 22.04 -21.36 -38.26
CA GLU F 295 21.36 -20.75 -39.40
C GLU F 295 21.24 -21.70 -40.59
N ASP F 296 22.04 -22.77 -40.62
CA ASP F 296 22.05 -23.69 -41.75
C ASP F 296 21.11 -24.88 -41.51
N GLN F 297 21.34 -25.63 -40.44
CA GLN F 297 20.63 -26.87 -40.20
C GLN F 297 19.51 -26.74 -39.17
N GLY F 298 19.32 -25.57 -38.58
CA GLY F 298 18.27 -25.40 -37.59
C GLY F 298 18.73 -25.91 -36.24
N LEU F 299 17.97 -26.84 -35.67
CA LEU F 299 18.26 -27.38 -34.35
C LEU F 299 19.18 -28.60 -34.48
N VAL F 300 20.40 -28.47 -33.99
CA VAL F 300 21.39 -29.53 -34.02
C VAL F 300 22.16 -29.51 -32.69
N VAL F 301 23.11 -30.43 -32.55
CA VAL F 301 24.05 -30.43 -31.45
C VAL F 301 25.44 -30.16 -32.01
N VAL F 302 26.12 -29.16 -31.44
CA VAL F 302 27.40 -28.71 -31.97
C VAL F 302 28.48 -28.95 -30.92
N ASP F 303 29.73 -28.93 -31.37
CA ASP F 303 30.86 -29.10 -30.49
C ASP F 303 31.02 -27.90 -29.56
N ALA F 304 31.83 -28.10 -28.52
CA ALA F 304 32.03 -27.04 -27.53
C ALA F 304 32.68 -25.80 -28.12
N CYS F 305 33.40 -25.94 -29.23
CA CYS F 305 34.06 -24.79 -29.86
C CYS F 305 33.07 -23.88 -30.60
N LYS F 306 31.82 -24.30 -30.75
CA LYS F 306 30.82 -23.51 -31.47
C LYS F 306 29.62 -23.14 -30.61
N ALA F 307 29.72 -23.28 -29.29
CA ALA F 307 28.64 -22.96 -28.36
C ALA F 307 28.94 -21.59 -27.75
N HIS F 308 28.45 -20.53 -28.38
CA HIS F 308 28.82 -19.16 -28.03
C HIS F 308 27.67 -18.41 -27.36
N THR F 309 26.88 -19.11 -26.53
CA THR F 309 25.92 -18.50 -25.61
C THR F 309 24.77 -17.83 -26.35
N LYS F 310 24.81 -17.82 -27.68
CA LYS F 310 23.73 -17.29 -28.49
C LYS F 310 22.96 -18.39 -29.22
N ALA F 311 23.68 -19.37 -29.77
CA ALA F 311 23.01 -20.50 -30.40
C ALA F 311 22.63 -21.58 -29.39
N THR F 312 23.26 -21.59 -28.21
CA THR F 312 23.11 -22.67 -27.25
C THR F 312 22.44 -22.25 -25.95
N SER F 313 21.74 -21.11 -25.93
CA SER F 313 21.07 -20.64 -24.73
C SER F 313 19.59 -21.00 -24.81
N PHE F 314 19.12 -21.80 -23.86
CA PHE F 314 17.73 -22.21 -23.78
C PHE F 314 17.21 -21.91 -22.38
N CYS F 315 15.88 -21.90 -22.26
CA CYS F 315 15.25 -21.67 -20.97
C CYS F 315 13.95 -22.47 -20.91
N PHE F 316 13.55 -22.84 -19.70
CA PHE F 316 12.29 -23.51 -19.46
C PHE F 316 11.24 -22.49 -19.06
N ARG F 317 10.07 -22.57 -19.69
CA ARG F 317 8.97 -21.68 -19.39
C ARG F 317 7.71 -22.47 -19.08
N VAL F 318 6.95 -22.01 -18.09
CA VAL F 318 5.74 -22.71 -17.68
C VAL F 318 4.62 -22.57 -18.71
N SER F 319 4.69 -21.57 -19.59
CA SER F 319 3.67 -21.36 -20.60
C SER F 319 4.29 -20.65 -21.79
N LYS F 320 3.57 -20.68 -22.91
CA LYS F 320 4.05 -20.06 -24.14
C LYS F 320 3.65 -18.60 -24.26
N GLU F 321 3.00 -18.04 -23.24
CA GLU F 321 2.64 -16.63 -23.26
C GLU F 321 3.89 -15.76 -23.27
N LYS F 322 3.83 -14.67 -24.04
CA LYS F 322 4.96 -13.76 -24.20
C LYS F 322 5.00 -12.79 -23.02
N LEU F 323 5.52 -13.29 -21.90
CA LEU F 323 5.65 -12.47 -20.70
C LEU F 323 6.58 -11.28 -20.94
N ASP F 324 7.86 -11.57 -21.19
CA ASP F 324 8.86 -10.55 -21.48
C ASP F 324 8.86 -9.45 -20.41
N THR F 325 8.79 -9.88 -19.14
CA THR F 325 8.65 -8.92 -18.05
C THR F 325 9.97 -8.18 -17.80
N ALA F 326 11.00 -8.91 -17.41
CA ALA F 326 12.30 -8.32 -17.08
C ALA F 326 13.35 -9.41 -16.93
N PRO F 327 14.62 -9.12 -17.25
CA PRO F 327 15.68 -10.10 -17.02
C PRO F 327 15.92 -10.34 -15.53
N LYS F 328 15.60 -11.54 -15.06
CA LYS F 328 15.77 -11.86 -13.65
C LYS F 328 17.25 -11.87 -13.27
N ARG F 329 17.53 -11.31 -12.09
CA ARG F 329 18.90 -11.24 -11.60
C ARG F 329 19.20 -12.43 -10.70
N ASP F 330 20.30 -13.12 -10.98
CA ASP F 330 20.67 -14.30 -10.21
C ASP F 330 21.08 -13.92 -8.79
N VAL F 331 20.80 -14.83 -7.86
CA VAL F 331 21.12 -14.63 -6.46
C VAL F 331 22.30 -15.51 -6.10
N GLU F 332 22.99 -15.15 -5.01
CA GLU F 332 24.16 -15.89 -4.55
C GLU F 332 23.70 -16.92 -3.52
N GLY F 333 23.13 -18.01 -4.04
CA GLY F 333 22.65 -19.08 -3.19
C GLY F 333 21.88 -20.09 -4.00
N MET F 334 21.28 -21.05 -3.29
CA MET F 334 20.49 -22.07 -3.96
C MET F 334 19.23 -21.50 -4.60
N GLY F 335 18.67 -20.42 -4.04
CA GLY F 335 17.49 -19.80 -4.60
C GLY F 335 16.24 -20.56 -4.27
N PRO F 336 15.09 -20.02 -4.66
CA PRO F 336 13.81 -20.68 -4.39
C PRO F 336 13.58 -21.83 -5.36
N PRO F 337 13.11 -22.97 -4.86
CA PRO F 337 12.86 -24.12 -5.75
C PRO F 337 11.60 -23.92 -6.57
N GLU F 338 11.72 -24.04 -7.88
CA GLU F 338 10.61 -23.80 -8.80
C GLU F 338 10.21 -25.02 -9.61
N ILE F 339 11.16 -25.66 -10.29
CA ILE F 339 10.87 -26.72 -11.24
C ILE F 339 11.07 -28.07 -10.56
N LYS F 340 10.05 -28.92 -10.63
CA LYS F 340 10.08 -30.22 -9.97
C LYS F 340 10.37 -31.33 -10.98
N TYR F 341 10.82 -32.48 -10.46
CA TYR F 341 11.08 -33.64 -11.29
C TYR F 341 9.80 -34.42 -11.52
N GLY F 342 9.37 -34.52 -12.77
CA GLY F 342 8.25 -35.36 -13.14
C GLY F 342 6.88 -34.76 -12.92
N GLU F 343 6.80 -33.54 -12.38
CA GLU F 343 5.52 -32.86 -12.20
C GLU F 343 5.40 -31.58 -13.01
N SER F 344 6.44 -30.75 -13.01
CA SER F 344 6.39 -29.49 -13.75
C SER F 344 6.45 -29.76 -15.25
N LEU F 345 5.57 -29.10 -15.99
CA LEU F 345 5.58 -29.15 -17.44
C LEU F 345 6.35 -27.96 -17.97
N CYS F 346 7.42 -28.23 -18.72
CA CYS F 346 8.36 -27.19 -19.14
C CYS F 346 8.34 -27.06 -20.65
N PHE F 347 8.24 -25.82 -21.12
CA PHE F 347 8.37 -25.50 -22.54
C PHE F 347 9.79 -24.97 -22.78
N VAL F 348 10.52 -25.62 -23.66
CA VAL F 348 11.88 -25.23 -23.97
C VAL F 348 11.85 -24.16 -25.05
N GLN F 349 12.45 -23.01 -24.77
CA GLN F 349 12.48 -21.89 -25.71
C GLN F 349 13.93 -21.48 -25.94
N HIS F 350 14.27 -21.22 -27.20
CA HIS F 350 15.58 -20.66 -27.51
C HIS F 350 15.59 -19.19 -27.14
N VAL F 351 16.57 -18.80 -26.31
CA VAL F 351 16.55 -17.46 -25.73
C VAL F 351 16.77 -16.40 -26.80
N ALA F 352 17.76 -16.60 -27.67
CA ALA F 352 18.12 -15.57 -28.64
C ALA F 352 17.01 -15.36 -29.66
N SER F 353 16.39 -16.43 -30.15
CA SER F 353 15.43 -16.34 -31.23
C SER F 353 13.98 -16.37 -30.75
N GLY F 354 13.71 -16.90 -29.56
CA GLY F 354 12.36 -17.04 -29.09
C GLY F 354 11.61 -18.24 -29.63
N LEU F 355 12.26 -19.08 -30.43
CA LEU F 355 11.59 -20.24 -31.00
C LEU F 355 11.34 -21.29 -29.92
N TRP F 356 10.35 -22.14 -30.18
CA TRP F 356 9.93 -23.17 -29.25
C TRP F 356 10.37 -24.54 -29.74
N LEU F 357 10.78 -25.40 -28.80
CA LEU F 357 11.20 -26.75 -29.13
C LEU F 357 9.97 -27.62 -29.36
N THR F 358 9.89 -28.23 -30.53
CA THR F 358 8.75 -29.07 -30.89
C THR F 358 9.19 -30.11 -31.91
N TYR F 359 8.25 -30.94 -32.33
CA TYR F 359 8.51 -31.98 -33.31
C TYR F 359 8.19 -31.48 -34.71
N ALA F 360 8.61 -32.25 -35.71
CA ALA F 360 8.58 -31.82 -37.10
C ALA F 360 7.34 -32.29 -37.85
N ALA F 361 6.40 -32.95 -37.18
CA ALA F 361 5.18 -33.44 -37.83
C ALA F 361 5.54 -34.35 -39.00
N PRO F 362 6.01 -35.56 -38.72
CA PRO F 362 6.63 -36.37 -39.79
C PRO F 362 5.71 -36.61 -40.97
N ASP F 363 6.31 -36.57 -42.16
CA ASP F 363 5.56 -36.74 -43.39
C ASP F 363 5.02 -38.17 -43.49
N PRO F 364 3.82 -38.36 -44.02
CA PRO F 364 3.28 -39.72 -44.19
C PRO F 364 4.13 -40.54 -45.15
N LYS F 365 3.74 -41.80 -45.30
CA LYS F 365 4.41 -42.80 -46.13
C LYS F 365 5.73 -43.23 -45.46
N ALA F 366 6.09 -42.57 -44.37
CA ALA F 366 7.25 -42.95 -43.58
C ALA F 366 6.90 -43.82 -42.38
N LEU F 367 5.61 -43.90 -42.03
CA LEU F 367 5.20 -44.77 -40.94
C LEU F 367 5.40 -46.25 -41.28
N ARG F 368 5.29 -46.60 -42.56
CA ARG F 368 5.53 -47.98 -42.97
C ARG F 368 6.99 -48.39 -42.74
N LEU F 369 7.91 -47.43 -42.77
CA LEU F 369 9.31 -47.72 -42.50
C LEU F 369 9.57 -48.04 -41.03
N GLY F 370 8.58 -47.89 -40.16
CA GLY F 370 8.78 -48.12 -38.75
C GLY F 370 9.44 -46.99 -38.00
N VAL F 371 9.54 -45.81 -38.61
CA VAL F 371 10.21 -44.68 -37.99
C VAL F 371 9.24 -43.99 -37.04
N LEU F 372 9.26 -44.39 -35.77
CA LEU F 372 8.50 -43.68 -34.74
C LEU F 372 9.21 -42.42 -34.27
N LYS F 373 10.46 -42.21 -34.69
CA LYS F 373 11.19 -41.02 -34.32
C LYS F 373 10.58 -39.79 -34.97
N LYS F 374 10.43 -38.72 -34.19
CA LYS F 374 9.99 -37.43 -34.68
C LYS F 374 11.16 -36.45 -34.53
N LYS F 375 11.55 -35.84 -35.64
CA LYS F 375 12.68 -34.91 -35.60
C LYS F 375 12.32 -33.68 -34.80
N ALA F 376 13.20 -33.30 -33.88
CA ALA F 376 13.01 -32.12 -33.06
C ALA F 376 13.45 -30.87 -33.81
N ILE F 377 12.59 -29.86 -33.82
CA ILE F 377 12.84 -28.62 -34.53
C ILE F 377 12.52 -27.45 -33.61
N LEU F 378 13.02 -26.27 -33.98
CA LEU F 378 12.67 -25.03 -33.32
C LEU F 378 11.69 -24.28 -34.21
N HIS F 379 10.52 -23.96 -33.66
CA HIS F 379 9.45 -23.33 -34.41
C HIS F 379 8.90 -22.15 -33.64
N GLN F 380 8.37 -21.18 -34.37
CA GLN F 380 7.85 -19.96 -33.75
C GLN F 380 6.56 -20.20 -32.97
N GLU F 381 5.72 -21.14 -33.42
CA GLU F 381 4.46 -21.41 -32.75
C GLU F 381 4.48 -22.72 -31.97
N GLY F 382 4.90 -23.81 -32.59
CA GLY F 382 4.90 -25.08 -31.90
C GLY F 382 3.50 -25.67 -31.78
N HIS F 383 3.36 -26.57 -30.82
CA HIS F 383 2.10 -27.25 -30.56
C HIS F 383 1.77 -27.14 -29.07
N MET F 384 0.56 -27.60 -28.73
CA MET F 384 0.11 -27.54 -27.34
C MET F 384 0.79 -28.59 -26.47
N ASP F 385 1.24 -29.69 -27.06
CA ASP F 385 1.88 -30.77 -26.31
C ASP F 385 3.41 -30.67 -26.31
N ASP F 386 3.95 -29.46 -26.47
CA ASP F 386 5.38 -29.26 -26.47
C ASP F 386 6.00 -29.33 -25.07
N ALA F 387 5.18 -29.37 -24.02
CA ALA F 387 5.69 -29.43 -22.67
C ALA F 387 6.46 -30.72 -22.45
N LEU F 388 7.54 -30.62 -21.67
CA LEU F 388 8.42 -31.74 -21.41
C LEU F 388 8.49 -32.03 -19.92
N PHE F 389 8.61 -33.30 -19.58
CA PHE F 389 8.83 -33.75 -18.21
C PHE F 389 10.32 -33.99 -17.99
N LEU F 390 10.83 -33.49 -16.87
CA LEU F 390 12.22 -33.71 -16.49
C LEU F 390 12.26 -34.85 -15.47
N THR F 391 12.92 -35.93 -15.84
CA THR F 391 13.02 -37.11 -14.99
C THR F 391 14.45 -37.30 -14.51
N ARG F 392 14.61 -37.59 -13.22
CA ARG F 392 15.92 -37.77 -12.64
C ARG F 392 16.60 -39.00 -13.22
N CYS F 393 17.93 -38.95 -13.26
CA CYS F 393 18.75 -40.06 -13.72
C CYS F 393 19.56 -40.60 -12.55
N GLN F 394 19.65 -41.93 -12.46
CA GLN F 394 20.41 -42.56 -11.40
C GLN F 394 21.89 -42.19 -11.50
N GLN F 395 22.54 -42.10 -10.34
CA GLN F 395 23.96 -41.76 -10.32
C GLN F 395 24.80 -42.79 -11.06
N GLU F 396 24.36 -44.05 -11.04
CA GLU F 396 25.08 -45.10 -11.77
C GLU F 396 25.05 -44.83 -13.28
N GLU F 397 23.89 -44.47 -13.81
CA GLU F 397 23.79 -44.19 -15.24
C GLU F 397 24.53 -42.90 -15.61
N SER F 398 24.41 -41.87 -14.77
CA SER F 398 25.09 -40.61 -15.05
C SER F 398 26.60 -40.78 -15.08
N GLN F 399 27.14 -41.54 -14.12
CA GLN F 399 28.57 -41.80 -14.11
C GLN F 399 28.99 -42.63 -15.32
N ALA F 400 28.19 -43.62 -15.69
CA ALA F 400 28.53 -44.47 -16.83
C ALA F 400 28.54 -43.67 -18.13
N ALA F 401 27.56 -42.77 -18.30
CA ALA F 401 27.50 -41.98 -19.52
C ALA F 401 28.72 -41.09 -19.68
N ARG F 402 29.17 -40.46 -18.58
CA ARG F 402 30.39 -39.67 -18.63
C ARG F 402 31.60 -40.53 -18.93
N MET F 403 31.66 -41.73 -18.34
CA MET F 403 32.78 -42.63 -18.62
C MET F 403 32.80 -43.04 -20.07
N ILE F 404 31.63 -43.28 -20.67
CA ILE F 404 31.57 -43.60 -22.09
C ILE F 404 32.13 -42.45 -22.92
N HIS F 405 31.81 -41.22 -22.54
CA HIS F 405 32.32 -40.06 -23.27
C HIS F 405 33.84 -40.00 -23.23
N SER F 406 34.42 -40.22 -22.05
CA SER F 406 35.88 -40.16 -21.93
C SER F 406 36.54 -41.38 -22.55
N THR F 407 35.94 -42.55 -22.39
CA THR F 407 36.51 -43.77 -22.97
C THR F 407 36.50 -43.73 -24.49
N ALA F 408 35.40 -43.25 -25.08
CA ALA F 408 35.32 -43.19 -26.53
C ALA F 408 36.36 -42.25 -27.11
N GLY F 409 36.58 -41.10 -26.48
CA GLY F 409 37.56 -40.16 -26.98
C GLY F 409 38.97 -40.69 -26.91
N LEU F 410 39.30 -41.41 -25.85
CA LEU F 410 40.65 -41.94 -25.69
C LEU F 410 40.95 -43.03 -26.71
N TYR F 411 40.02 -43.98 -26.87
CA TYR F 411 40.28 -45.09 -27.77
C TYR F 411 40.25 -44.66 -29.24
N ASN F 412 39.38 -43.69 -29.58
CA ASN F 412 39.40 -43.16 -30.94
C ASN F 412 40.73 -42.47 -31.23
N GLN F 413 41.28 -41.76 -30.25
CA GLN F 413 42.62 -41.21 -30.40
C GLN F 413 43.65 -42.33 -30.55
N PHE F 414 43.50 -43.40 -29.77
CA PHE F 414 44.41 -44.53 -29.88
C PHE F 414 44.26 -45.22 -31.24
N ILE F 415 43.03 -45.34 -31.73
CA ILE F 415 42.80 -46.00 -33.01
C ILE F 415 43.41 -45.20 -34.15
N LYS F 416 43.15 -43.89 -34.18
CA LYS F 416 43.71 -43.07 -35.25
C LYS F 416 45.24 -42.98 -35.16
N GLY F 417 45.79 -43.13 -33.96
CA GLY F 417 47.24 -43.19 -33.84
C GLY F 417 47.81 -44.44 -34.47
N LEU F 418 47.12 -45.58 -34.32
CA LEU F 418 47.55 -46.80 -34.98
C LEU F 418 47.48 -46.67 -36.49
N ASP F 419 46.42 -46.04 -37.00
CA ASP F 419 46.27 -45.85 -38.43
C ASP F 419 47.29 -44.87 -39.01
N SER F 420 47.95 -44.09 -38.16
CA SER F 420 48.96 -43.16 -38.66
C SER F 420 50.13 -43.91 -39.29
N PHE F 421 50.56 -45.01 -38.68
CA PHE F 421 51.65 -45.83 -39.20
C PHE F 421 51.13 -47.21 -39.64
N SER F 422 49.95 -47.24 -40.24
CA SER F 422 49.36 -48.52 -40.64
C SER F 422 50.23 -49.23 -41.68
N GLY F 423 50.73 -48.48 -42.66
CA GLY F 423 51.59 -49.06 -43.67
C GLY F 423 52.84 -48.26 -43.91
N LYS F 424 53.33 -47.57 -42.87
CA LYS F 424 54.51 -46.71 -42.96
C LYS F 424 55.55 -47.21 -41.98
N PRO F 425 56.45 -48.10 -42.40
CA PRO F 425 57.52 -48.55 -41.50
C PRO F 425 58.41 -47.38 -41.09
N ARG F 426 58.80 -47.38 -39.82
CA ARG F 426 59.63 -46.28 -39.31
C ARG F 426 61.08 -46.40 -39.77
N GLY F 427 61.52 -47.59 -40.17
CA GLY F 427 62.91 -47.77 -40.53
C GLY F 427 63.81 -47.54 -39.33
N SER F 428 64.97 -46.96 -39.57
CA SER F 428 65.91 -46.62 -38.51
C SER F 428 65.67 -45.19 -38.00
N GLY F 429 64.44 -44.91 -37.60
CA GLY F 429 64.08 -43.59 -37.14
C GLY F 429 62.79 -43.57 -36.34
N PRO F 430 62.35 -42.38 -35.94
CA PRO F 430 61.12 -42.26 -35.15
C PRO F 430 59.91 -42.66 -35.96
N PRO F 431 58.82 -43.05 -35.30
CA PRO F 431 57.59 -43.41 -36.03
C PRO F 431 56.97 -42.25 -36.81
N ALA F 432 57.49 -41.03 -36.66
CA ALA F 432 57.04 -39.86 -37.42
C ALA F 432 55.55 -39.59 -37.19
N GLY F 433 55.22 -39.30 -35.94
CA GLY F 433 53.86 -38.97 -35.55
C GLY F 433 53.73 -38.74 -34.06
N PRO F 434 52.56 -38.28 -33.62
CA PRO F 434 52.34 -38.08 -32.19
C PRO F 434 52.38 -39.41 -31.44
N ALA F 435 52.87 -39.35 -30.21
CA ALA F 435 53.01 -40.55 -29.40
C ALA F 435 51.65 -41.14 -29.06
N LEU F 436 51.58 -42.46 -29.06
CA LEU F 436 50.35 -43.14 -28.69
C LEU F 436 50.06 -42.94 -27.21
N PRO F 437 48.79 -42.78 -26.83
CA PRO F 437 48.47 -42.68 -25.40
C PRO F 437 48.55 -44.02 -24.70
N ILE F 438 49.76 -44.59 -24.65
CA ILE F 438 49.93 -45.94 -24.13
C ILE F 438 49.57 -46.00 -22.65
N GLU F 439 50.10 -45.07 -21.86
CA GLU F 439 49.84 -45.10 -20.42
C GLU F 439 48.37 -44.82 -20.12
N ALA F 440 47.74 -43.93 -20.88
CA ALA F 440 46.32 -43.65 -20.67
C ALA F 440 45.46 -44.85 -21.02
N VAL F 441 45.78 -45.54 -22.12
CA VAL F 441 44.98 -46.69 -22.54
C VAL F 441 45.10 -47.81 -21.52
N ILE F 442 46.32 -48.07 -21.03
CA ILE F 442 46.52 -49.17 -20.08
C ILE F 442 45.73 -48.90 -18.80
N LEU F 443 45.83 -47.67 -18.28
CA LEU F 443 45.11 -47.34 -17.05
C LEU F 443 43.61 -47.36 -17.28
N SER F 444 43.15 -46.88 -18.43
CA SER F 444 41.72 -46.91 -18.74
C SER F 444 41.20 -48.33 -18.83
N LEU F 445 41.97 -49.22 -19.47
CA LEU F 445 41.55 -50.61 -19.58
C LEU F 445 41.46 -51.27 -18.21
N GLN F 446 42.44 -51.01 -17.34
CA GLN F 446 42.42 -51.61 -16.01
C GLN F 446 41.24 -51.10 -15.19
N ASP F 447 40.93 -49.81 -15.30
CA ASP F 447 39.79 -49.26 -14.58
C ASP F 447 38.49 -49.89 -15.04
N LEU F 448 38.33 -50.05 -16.37
CA LEU F 448 37.10 -50.63 -16.89
C LEU F 448 36.98 -52.11 -16.52
N ILE F 449 38.10 -52.83 -16.50
CA ILE F 449 38.07 -54.24 -16.12
C ILE F 449 37.59 -54.38 -14.67
N GLY F 450 38.11 -53.55 -13.77
CA GLY F 450 37.61 -53.51 -12.41
C GLY F 450 36.22 -52.91 -12.30
N TYR F 451 35.80 -52.12 -13.30
CA TYR F 451 34.46 -51.56 -13.30
C TYR F 451 33.41 -52.61 -13.65
N PHE F 452 33.77 -53.60 -14.48
CA PHE F 452 32.85 -54.63 -14.93
C PHE F 452 33.10 -55.97 -14.24
N GLU F 453 33.81 -55.98 -13.12
CA GLU F 453 34.11 -57.23 -12.45
C GLU F 453 32.83 -57.86 -11.89
N PRO F 454 32.62 -59.16 -12.09
CA PRO F 454 31.42 -59.79 -11.56
C PRO F 454 31.47 -59.81 -10.04
N PRO F 455 30.31 -59.77 -9.37
CA PRO F 455 30.31 -59.78 -7.91
C PRO F 455 30.84 -61.09 -7.37
N SER F 456 31.47 -61.00 -6.19
CA SER F 456 32.05 -62.17 -5.56
C SER F 456 30.96 -63.15 -5.13
N GLU F 457 31.26 -64.45 -5.25
CA GLU F 457 30.29 -65.48 -4.90
C GLU F 457 30.06 -65.59 -3.40
N GLU F 458 30.91 -64.96 -2.58
CA GLU F 458 30.76 -65.04 -1.13
C GLU F 458 29.72 -64.07 -0.60
N LEU F 459 29.20 -63.17 -1.42
CA LEU F 459 28.20 -62.23 -0.96
C LEU F 459 26.87 -62.94 -0.73
N GLN F 460 26.02 -62.30 0.08
CA GLN F 460 24.68 -62.83 0.30
C GLN F 460 23.86 -62.71 -0.98
N HIS F 461 22.77 -63.47 -1.02
CA HIS F 461 21.96 -63.54 -2.25
C HIS F 461 21.38 -62.18 -2.61
N GLU F 462 20.95 -61.41 -1.61
CA GLU F 462 20.23 -60.17 -1.89
C GLU F 462 21.13 -59.14 -2.58
N GLU F 463 22.31 -58.89 -2.02
CA GLU F 463 23.19 -57.89 -2.60
C GLU F 463 23.87 -58.39 -3.86
N LYS F 464 24.07 -59.71 -3.97
CA LYS F 464 24.66 -60.26 -5.19
C LYS F 464 23.75 -60.04 -6.39
N GLN F 465 22.44 -60.25 -6.22
CA GLN F 465 21.49 -59.99 -7.30
C GLN F 465 21.43 -58.51 -7.63
N SER F 466 21.52 -57.65 -6.62
CA SER F 466 21.54 -56.21 -6.87
C SER F 466 22.75 -55.80 -7.68
N LYS F 467 23.92 -56.36 -7.36
CA LYS F 467 25.12 -56.04 -8.12
C LYS F 467 25.05 -56.64 -9.52
N LEU F 468 24.46 -57.83 -9.66
CA LEU F 468 24.28 -58.41 -10.98
C LEU F 468 23.38 -57.54 -11.85
N ARG F 469 22.30 -57.01 -11.26
CA ARG F 469 21.40 -56.14 -12.00
C ARG F 469 22.12 -54.87 -12.46
N SER F 470 22.92 -54.28 -11.58
CA SER F 470 23.68 -53.10 -11.97
C SER F 470 24.72 -53.43 -13.03
N LEU F 471 25.37 -54.58 -12.91
CA LEU F 471 26.39 -54.98 -13.88
C LEU F 471 25.79 -55.18 -15.27
N ARG F 472 24.62 -55.84 -15.34
CA ARG F 472 23.98 -56.04 -16.63
C ARG F 472 23.57 -54.71 -17.25
N ASN F 473 23.07 -53.78 -16.42
CA ASN F 473 22.68 -52.46 -16.92
C ASN F 473 23.88 -51.72 -17.48
N ARG F 474 25.02 -51.76 -16.78
CA ARG F 474 26.21 -51.06 -17.26
C ARG F 474 26.78 -51.70 -18.52
N GLN F 475 26.71 -53.02 -18.63
CA GLN F 475 27.15 -53.68 -19.86
C GLN F 475 26.29 -53.27 -21.04
N SER F 476 24.98 -53.19 -20.83
CA SER F 476 24.09 -52.77 -21.92
C SER F 476 24.33 -51.31 -22.30
N LEU F 477 24.58 -50.45 -21.30
CA LEU F 477 24.81 -49.03 -21.59
C LEU F 477 26.05 -48.84 -22.45
N PHE F 478 27.14 -49.54 -22.13
CA PHE F 478 28.35 -49.41 -22.92
C PHE F 478 28.17 -50.00 -24.32
N GLN F 479 27.47 -51.14 -24.41
CA GLN F 479 27.28 -51.77 -25.71
C GLN F 479 26.44 -50.89 -26.64
N GLU F 480 25.38 -50.26 -26.10
CA GLU F 480 24.51 -49.45 -26.93
C GLU F 480 25.21 -48.19 -27.45
N GLU F 481 26.32 -47.79 -26.83
CA GLU F 481 27.09 -46.64 -27.27
C GLU F 481 28.24 -47.01 -28.18
N GLY F 482 28.34 -48.28 -28.58
CA GLY F 482 29.40 -48.71 -29.46
C GLY F 482 30.73 -48.99 -28.80
N MET F 483 30.77 -49.07 -27.47
CA MET F 483 32.02 -49.37 -26.79
C MET F 483 32.51 -50.78 -27.13
N LEU F 484 31.59 -51.74 -27.24
CA LEU F 484 31.98 -53.10 -27.60
C LEU F 484 32.59 -53.13 -29.00
N SER F 485 31.98 -52.42 -29.95
CA SER F 485 32.55 -52.32 -31.28
C SER F 485 33.84 -51.53 -31.28
N LEU F 486 33.96 -50.55 -30.37
CA LEU F 486 35.19 -49.78 -30.27
C LEU F 486 36.35 -50.66 -29.81
N VAL F 487 36.10 -51.56 -28.86
CA VAL F 487 37.15 -52.47 -28.39
C VAL F 487 37.58 -53.40 -29.51
N LEU F 488 36.64 -53.89 -30.32
CA LEU F 488 36.98 -54.79 -31.41
C LEU F 488 37.88 -54.08 -32.42
N ASN F 489 37.61 -52.81 -32.72
CA ASN F 489 38.45 -52.08 -33.66
C ASN F 489 39.88 -51.93 -33.13
N CYS F 490 40.02 -51.69 -31.82
CA CYS F 490 41.36 -51.62 -31.23
C CYS F 490 42.07 -52.96 -31.34
N ILE F 491 41.35 -54.05 -31.10
CA ILE F 491 41.95 -55.38 -31.20
C ILE F 491 42.38 -55.67 -32.64
N ASP F 492 41.51 -55.36 -33.60
CA ASP F 492 41.81 -55.68 -34.99
C ASP F 492 43.05 -54.96 -35.49
N ARG F 493 43.20 -53.68 -35.14
CA ARG F 493 44.36 -52.93 -35.60
C ARG F 493 45.63 -53.39 -34.91
N LEU F 494 45.53 -53.82 -33.66
CA LEU F 494 46.69 -54.39 -32.97
C LEU F 494 46.94 -55.83 -33.35
N ASN F 495 45.97 -56.50 -33.97
CA ASN F 495 46.13 -57.91 -34.32
C ASN F 495 46.84 -58.11 -35.65
N VAL F 496 47.03 -57.05 -36.44
CA VAL F 496 47.74 -57.18 -37.71
C VAL F 496 49.24 -57.33 -37.52
N TYR F 497 49.73 -57.22 -36.30
CA TYR F 497 51.15 -57.42 -35.99
C TYR F 497 51.31 -58.75 -35.28
N THR F 498 52.17 -59.61 -35.82
CA THR F 498 52.31 -60.96 -35.30
C THR F 498 52.98 -60.99 -33.93
N THR F 499 53.78 -59.99 -33.60
CA THR F 499 54.50 -59.98 -32.33
C THR F 499 54.86 -58.55 -31.97
N ALA F 500 55.42 -58.38 -30.78
CA ALA F 500 55.85 -57.05 -30.34
C ALA F 500 56.98 -56.53 -31.22
N ALA F 501 57.90 -57.39 -31.64
CA ALA F 501 58.98 -56.96 -32.50
C ALA F 501 58.46 -56.48 -33.85
N HIS F 502 57.47 -57.17 -34.40
CA HIS F 502 56.82 -56.70 -35.61
C HIS F 502 56.13 -55.36 -35.38
N PHE F 503 55.48 -55.22 -34.23
CA PHE F 503 54.86 -53.94 -33.88
C PHE F 503 55.90 -52.86 -33.66
N ALA F 504 57.11 -53.25 -33.22
CA ALA F 504 58.17 -52.28 -33.03
C ALA F 504 58.65 -51.68 -34.35
N GLU F 505 58.47 -52.41 -35.45
CA GLU F 505 58.88 -51.91 -36.76
C GLU F 505 58.06 -50.74 -37.25
N TYR F 506 56.93 -50.44 -36.60
CA TYR F 506 56.05 -49.36 -37.01
C TYR F 506 55.78 -48.34 -35.91
N ALA F 507 55.87 -48.73 -34.65
CA ALA F 507 55.57 -47.83 -33.54
C ALA F 507 56.75 -47.58 -32.62
N GLY F 508 57.91 -48.16 -32.89
CA GLY F 508 59.07 -47.97 -32.05
C GLY F 508 59.13 -48.97 -30.91
N GLU F 509 60.29 -49.00 -30.24
CA GLU F 509 60.50 -49.94 -29.16
C GLU F 509 59.75 -49.54 -27.90
N GLU F 510 59.67 -48.25 -27.60
CA GLU F 510 59.02 -47.79 -26.38
C GLU F 510 57.52 -48.07 -26.40
N ALA F 511 56.92 -48.11 -27.60
CA ALA F 511 55.50 -48.45 -27.68
C ALA F 511 55.28 -49.95 -27.78
N ALA F 512 56.26 -50.69 -28.31
CA ALA F 512 56.10 -52.13 -28.49
C ALA F 512 56.21 -52.89 -27.18
N GLU F 513 56.91 -52.35 -26.18
CA GLU F 513 57.06 -53.02 -24.90
C GLU F 513 55.76 -53.09 -24.12
N SER F 514 54.74 -52.34 -24.52
CA SER F 514 53.42 -52.45 -23.94
C SER F 514 52.40 -53.09 -24.89
N TRP F 515 52.85 -53.55 -26.05
CA TRP F 515 51.92 -54.13 -27.03
C TRP F 515 51.27 -55.39 -26.48
N LYS F 516 52.04 -56.25 -25.82
CA LYS F 516 51.48 -57.49 -25.29
C LYS F 516 50.55 -57.21 -24.12
N GLU F 517 50.88 -56.21 -23.30
CA GLU F 517 50.01 -55.88 -22.16
C GLU F 517 48.68 -55.34 -22.62
N ILE F 518 48.68 -54.48 -23.65
CA ILE F 518 47.42 -53.85 -24.09
C ILE F 518 46.48 -54.88 -24.69
N VAL F 519 47.00 -55.78 -25.54
CA VAL F 519 46.13 -56.75 -26.21
C VAL F 519 45.50 -57.69 -25.18
N ASN F 520 46.25 -58.07 -24.15
CA ASN F 520 45.68 -58.92 -23.10
C ASN F 520 44.58 -58.18 -22.34
N LEU F 521 44.78 -56.89 -22.07
CA LEU F 521 43.75 -56.11 -21.39
C LEU F 521 42.52 -55.95 -22.27
N LEU F 522 42.72 -55.78 -23.59
CA LEU F 522 41.59 -55.63 -24.50
C LEU F 522 40.70 -56.86 -24.51
N TYR F 523 41.30 -58.05 -24.54
CA TYR F 523 40.50 -59.27 -24.48
C TYR F 523 39.87 -59.44 -23.12
N GLU F 524 40.58 -59.05 -22.05
CA GLU F 524 40.01 -59.14 -20.71
C GLU F 524 38.81 -58.21 -20.56
N LEU F 525 38.90 -57.00 -21.11
CA LEU F 525 37.76 -56.09 -21.09
C LEU F 525 36.63 -56.61 -21.96
N LEU F 526 36.96 -57.19 -23.11
CA LEU F 526 35.94 -57.72 -24.00
C LEU F 526 35.14 -58.83 -23.33
N ALA F 527 35.82 -59.70 -22.58
CA ALA F 527 35.13 -60.75 -21.85
C ALA F 527 34.23 -60.16 -20.77
N SER F 528 34.69 -59.13 -20.08
CA SER F 528 33.89 -58.52 -19.02
C SER F 528 32.65 -57.83 -19.57
N LEU F 529 32.73 -57.29 -20.79
CA LEU F 529 31.58 -56.61 -21.38
C LEU F 529 30.47 -57.58 -21.75
N ILE F 530 30.81 -58.86 -21.95
CA ILE F 530 29.84 -59.85 -22.43
C ILE F 530 29.58 -60.96 -21.43
N ARG F 531 30.37 -61.08 -20.37
CA ARG F 531 30.20 -62.18 -19.43
C ARG F 531 28.85 -62.11 -18.75
N GLY F 532 28.01 -63.11 -18.98
CA GLY F 532 26.70 -63.18 -18.38
C GLY F 532 25.63 -62.36 -19.06
N ASN F 533 25.95 -61.67 -20.15
CA ASN F 533 25.01 -60.83 -20.87
C ASN F 533 24.69 -61.51 -22.19
N ARG F 534 23.47 -62.06 -22.29
CA ARG F 534 23.09 -62.78 -23.51
C ARG F 534 22.99 -61.85 -24.71
N ALA F 535 22.49 -60.64 -24.50
CA ALA F 535 22.34 -59.70 -25.60
C ALA F 535 23.69 -59.34 -26.22
N ASN F 536 24.70 -59.10 -25.38
CA ASN F 536 26.03 -58.80 -25.89
C ASN F 536 26.66 -60.01 -26.56
N CYS F 537 26.45 -61.21 -25.99
CA CYS F 537 27.03 -62.41 -26.58
C CYS F 537 26.38 -62.75 -27.91
N ALA F 538 25.10 -62.42 -28.08
CA ALA F 538 24.42 -62.71 -29.34
C ALA F 538 24.99 -61.90 -30.50
N LEU F 539 25.73 -60.83 -30.22
CA LEU F 539 26.32 -60.03 -31.29
C LEU F 539 27.37 -60.81 -32.07
N PHE F 540 27.95 -61.85 -31.49
CA PHE F 540 28.96 -62.65 -32.16
C PHE F 540 28.36 -63.73 -33.06
N SER F 541 27.04 -63.84 -33.12
CA SER F 541 26.41 -64.78 -34.04
C SER F 541 26.60 -64.38 -35.50
N THR F 542 27.05 -63.16 -35.78
CA THR F 542 27.39 -62.74 -37.12
C THR F 542 28.87 -62.78 -37.40
N ASN F 543 29.71 -62.49 -36.42
CA ASN F 543 31.17 -62.55 -36.55
C ASN F 543 31.69 -63.53 -35.52
N LEU F 544 31.72 -64.81 -35.88
CA LEU F 544 32.29 -65.84 -35.03
C LEU F 544 33.68 -66.27 -35.47
N ASP F 545 33.96 -66.19 -36.78
CA ASP F 545 35.32 -66.46 -37.25
C ASP F 545 36.31 -65.45 -36.69
N TRP F 546 35.82 -64.28 -36.27
CA TRP F 546 36.69 -63.27 -35.68
C TRP F 546 37.35 -63.81 -34.40
N VAL F 547 36.56 -64.46 -33.54
CA VAL F 547 37.10 -65.03 -32.32
C VAL F 547 37.88 -66.30 -32.60
N VAL F 548 37.34 -67.17 -33.45
CA VAL F 548 37.93 -68.48 -33.66
C VAL F 548 39.29 -68.37 -34.34
N SER F 549 39.40 -67.50 -35.35
CA SER F 549 40.65 -67.38 -36.09
C SER F 549 41.79 -66.84 -35.23
N LYS F 550 41.47 -66.23 -34.09
CA LYS F 550 42.49 -65.69 -33.20
C LYS F 550 42.88 -66.67 -32.09
N LEU F 551 42.32 -67.87 -32.07
CA LEU F 551 42.62 -68.81 -31.01
C LEU F 551 44.08 -69.24 -31.02
N ASP F 552 44.71 -69.24 -32.19
CA ASP F 552 46.10 -69.68 -32.32
C ASP F 552 47.11 -68.57 -32.00
N ARG F 553 46.64 -67.36 -31.74
CA ARG F 553 47.54 -66.28 -31.36
C ARG F 553 48.22 -66.58 -30.03
N LEU F 554 49.54 -66.39 -29.98
CA LEU F 554 50.30 -66.79 -28.81
C LEU F 554 50.35 -65.71 -27.73
N GLU F 555 50.20 -64.44 -28.12
CA GLU F 555 50.36 -63.36 -27.15
C GLU F 555 49.23 -63.33 -26.13
N ALA F 556 48.02 -63.70 -26.53
CA ALA F 556 46.85 -63.66 -25.65
C ALA F 556 46.02 -64.93 -25.81
N SER F 557 46.68 -66.08 -25.73
CA SER F 557 45.98 -67.36 -25.90
C SER F 557 44.92 -67.55 -24.83
N SER F 558 45.25 -67.24 -23.57
CA SER F 558 44.30 -67.45 -22.49
C SER F 558 43.15 -66.45 -22.55
N GLY F 559 43.43 -65.20 -22.90
CA GLY F 559 42.37 -64.20 -22.94
C GLY F 559 41.35 -64.47 -24.02
N ILE F 560 41.80 -64.87 -25.21
CA ILE F 560 40.89 -65.13 -26.31
C ILE F 560 40.03 -66.35 -26.02
N LEU F 561 40.60 -67.38 -25.39
CA LEU F 561 39.83 -68.55 -25.03
C LEU F 561 38.73 -68.20 -24.03
N GLU F 562 39.03 -67.29 -23.09
CA GLU F 562 38.01 -66.86 -22.15
C GLU F 562 36.88 -66.11 -22.85
N VAL F 563 37.20 -65.31 -23.86
CA VAL F 563 36.17 -64.61 -24.62
C VAL F 563 35.27 -65.61 -25.31
N LEU F 564 35.85 -66.64 -25.93
CA LEU F 564 35.05 -67.65 -26.60
C LEU F 564 34.17 -68.40 -25.61
N TYR F 565 34.71 -68.71 -24.42
CA TYR F 565 33.93 -69.44 -23.43
C TYR F 565 32.72 -68.63 -22.97
N CYS F 566 32.89 -67.33 -22.77
CA CYS F 566 31.78 -66.49 -22.33
C CYS F 566 30.67 -66.44 -23.37
N VAL F 567 31.04 -66.36 -24.65
CA VAL F 567 30.03 -66.27 -25.71
C VAL F 567 29.21 -67.56 -25.77
N LEU F 568 29.88 -68.72 -25.70
CA LEU F 568 29.18 -69.97 -25.93
C LEU F 568 28.23 -70.33 -24.79
N ILE F 569 28.59 -69.99 -23.55
CA ILE F 569 27.75 -70.37 -22.40
C ILE F 569 26.51 -69.49 -22.26
N GLU F 570 26.39 -68.42 -23.05
CA GLU F 570 25.29 -67.49 -22.91
C GLU F 570 24.37 -67.45 -24.12
N SER F 571 24.91 -67.53 -25.33
CA SER F 571 24.12 -67.31 -26.53
C SER F 571 23.83 -68.63 -27.22
N PRO F 572 22.59 -69.15 -27.19
CA PRO F 572 22.26 -70.31 -28.01
C PRO F 572 22.34 -70.04 -29.51
N GLU F 573 22.27 -68.77 -29.92
CA GLU F 573 22.34 -68.45 -31.34
C GLU F 573 23.71 -68.81 -31.91
N VAL F 574 24.77 -68.60 -31.14
CA VAL F 574 26.12 -68.90 -31.61
C VAL F 574 26.28 -70.40 -31.81
N LEU F 575 25.66 -71.22 -30.96
CA LEU F 575 25.78 -72.66 -31.12
C LEU F 575 25.15 -73.16 -32.41
N ASN F 576 24.13 -72.45 -32.91
CA ASN F 576 23.46 -72.86 -34.13
C ASN F 576 24.25 -72.52 -35.39
N ILE F 577 25.26 -71.65 -35.29
CA ILE F 577 26.09 -71.31 -36.43
C ILE F 577 27.45 -72.00 -36.39
N ILE F 578 27.69 -72.84 -35.39
CA ILE F 578 28.97 -73.53 -35.29
C ILE F 578 29.11 -74.50 -36.47
N GLN F 579 30.24 -74.41 -37.16
CA GLN F 579 30.54 -75.25 -38.31
C GLN F 579 31.69 -76.20 -37.96
N GLU F 580 31.99 -77.10 -38.89
CA GLU F 580 33.04 -78.09 -38.65
C GLU F 580 34.41 -77.42 -38.50
N ASN F 581 34.70 -76.42 -39.33
CA ASN F 581 35.99 -75.75 -39.26
C ASN F 581 36.18 -75.04 -37.92
N HIS F 582 35.10 -74.53 -37.33
CA HIS F 582 35.20 -73.92 -36.00
C HIS F 582 35.59 -74.96 -34.96
N ILE F 583 34.97 -76.14 -35.00
CA ILE F 583 35.24 -77.16 -34.00
C ILE F 583 36.65 -77.72 -34.18
N LYS F 584 37.07 -77.92 -35.43
CA LYS F 584 38.44 -78.40 -35.67
C LYS F 584 39.48 -77.40 -35.17
N SER F 585 39.19 -76.10 -35.30
CA SER F 585 40.10 -75.10 -34.75
C SER F 585 40.19 -75.19 -33.23
N ILE F 586 39.05 -75.39 -32.57
CA ILE F 586 39.05 -75.53 -31.11
C ILE F 586 39.76 -76.80 -30.70
N ILE F 587 39.54 -77.90 -31.43
CA ILE F 587 40.24 -79.15 -31.13
C ILE F 587 41.73 -78.98 -31.38
N SER F 588 42.10 -78.23 -32.42
CA SER F 588 43.51 -77.98 -32.69
C SER F 588 44.18 -77.22 -31.55
N LEU F 589 43.40 -76.51 -30.75
CA LEU F 589 43.96 -75.81 -29.60
C LEU F 589 44.52 -76.79 -28.57
N LEU F 590 43.84 -77.92 -28.38
CA LEU F 590 44.37 -78.97 -27.51
C LEU F 590 45.69 -79.52 -28.05
N ASP F 591 45.76 -79.73 -29.36
CA ASP F 591 46.96 -80.32 -29.96
C ASP F 591 48.15 -79.38 -29.84
N LYS F 592 47.93 -78.08 -29.97
CA LYS F 592 49.03 -77.13 -30.04
C LYS F 592 49.34 -76.47 -28.69
N HIS F 593 48.36 -76.34 -27.81
CA HIS F 593 48.58 -75.68 -26.52
C HIS F 593 48.61 -76.65 -25.34
N GLY F 594 48.44 -77.94 -25.57
CA GLY F 594 48.51 -78.92 -24.50
C GLY F 594 47.15 -79.25 -23.93
N ARG F 595 47.17 -80.09 -22.90
CA ARG F 595 45.95 -80.57 -22.25
C ARG F 595 45.46 -79.52 -21.27
N ASN F 596 44.63 -78.61 -21.75
CA ASN F 596 44.01 -77.58 -20.93
C ASN F 596 42.55 -77.95 -20.73
N HIS F 597 42.13 -78.02 -19.46
CA HIS F 597 40.76 -78.41 -19.16
C HIS F 597 39.74 -77.36 -19.58
N LYS F 598 40.17 -76.10 -19.76
CA LYS F 598 39.26 -75.06 -20.19
C LYS F 598 38.80 -75.27 -21.63
N VAL F 599 39.67 -75.81 -22.48
CA VAL F 599 39.26 -76.14 -23.84
C VAL F 599 38.19 -77.21 -23.83
N LEU F 600 38.30 -78.17 -22.90
CA LEU F 600 37.25 -79.18 -22.75
C LEU F 600 35.94 -78.55 -22.32
N ASP F 601 35.99 -77.57 -21.42
CA ASP F 601 34.78 -76.88 -21.02
C ASP F 601 34.15 -76.14 -22.19
N VAL F 602 34.98 -75.58 -23.07
CA VAL F 602 34.47 -74.92 -24.27
C VAL F 602 33.75 -75.94 -25.15
N LEU F 603 34.32 -77.13 -25.32
CA LEU F 603 33.67 -78.17 -26.11
C LEU F 603 32.38 -78.66 -25.45
N CYS F 604 32.35 -78.72 -24.11
CA CYS F 604 31.13 -79.12 -23.43
C CYS F 604 30.00 -78.13 -23.67
N SER F 605 30.31 -76.84 -23.67
CA SER F 605 29.30 -75.81 -23.88
C SER F 605 28.75 -75.80 -25.30
N LEU F 606 29.46 -76.40 -26.26
CA LEU F 606 28.97 -76.47 -27.63
C LEU F 606 27.84 -77.49 -27.80
N CYS F 607 27.71 -78.43 -26.87
CA CYS F 607 26.75 -79.52 -27.02
C CYS F 607 25.36 -79.14 -26.51
N VAL F 608 25.26 -78.67 -25.28
CA VAL F 608 23.99 -78.38 -24.64
C VAL F 608 24.01 -76.94 -24.13
N CYS F 609 22.93 -76.21 -24.40
CA CYS F 609 22.75 -74.86 -23.88
C CYS F 609 21.31 -74.72 -23.41
N ASN F 610 21.14 -74.35 -22.13
CA ASN F 610 19.82 -74.14 -21.54
C ASN F 610 18.93 -75.36 -21.67
N GLY F 611 19.53 -76.54 -21.50
CA GLY F 611 18.77 -77.78 -21.54
C GLY F 611 18.39 -78.26 -22.92
N VAL F 612 18.94 -77.67 -23.98
CA VAL F 612 18.67 -78.09 -25.35
C VAL F 612 19.99 -78.50 -25.99
N ALA F 613 20.01 -79.68 -26.59
CA ALA F 613 21.20 -80.24 -27.18
C ALA F 613 21.23 -79.97 -28.68
N VAL F 614 22.43 -79.76 -29.21
CA VAL F 614 22.64 -79.56 -30.64
C VAL F 614 23.30 -80.84 -31.17
N ARG F 615 22.57 -81.57 -32.01
CA ARG F 615 23.09 -82.82 -32.54
C ARG F 615 24.31 -82.60 -33.43
N SER F 616 24.30 -81.54 -34.25
CA SER F 616 25.41 -81.30 -35.16
C SER F 616 26.71 -81.08 -34.41
N ASN F 617 26.66 -80.28 -33.33
CA ASN F 617 27.87 -80.04 -32.56
C ASN F 617 28.35 -81.32 -31.88
N GLN F 618 27.43 -82.11 -31.33
CA GLN F 618 27.82 -83.34 -30.66
C GLN F 618 28.47 -84.32 -31.62
N ASP F 619 27.92 -84.45 -32.83
CA ASP F 619 28.49 -85.38 -33.80
C ASP F 619 29.85 -84.91 -34.30
N LEU F 620 29.99 -83.61 -34.57
CA LEU F 620 31.26 -83.09 -35.06
C LEU F 620 32.37 -83.25 -34.03
N ILE F 621 32.07 -82.97 -32.75
CA ILE F 621 33.07 -83.16 -31.70
C ILE F 621 33.46 -84.61 -31.59
N THR F 622 32.47 -85.51 -31.63
CA THR F 622 32.76 -86.94 -31.56
C THR F 622 33.58 -87.40 -32.76
N GLU F 623 33.25 -86.91 -33.95
CA GLU F 623 33.93 -87.35 -35.16
C GLU F 623 35.38 -86.88 -35.21
N ASN F 624 35.64 -85.66 -34.76
CA ASN F 624 36.95 -85.03 -34.95
C ASN F 624 37.85 -85.13 -33.73
N LEU F 625 37.42 -85.76 -32.66
CA LEU F 625 38.23 -85.82 -31.44
C LEU F 625 38.43 -87.22 -30.89
N LEU F 626 37.40 -88.06 -30.90
CA LEU F 626 37.47 -89.38 -30.28
C LEU F 626 38.26 -90.40 -31.08
N PRO F 627 37.96 -90.63 -32.37
CA PRO F 627 38.58 -91.76 -33.07
C PRO F 627 40.09 -91.65 -33.20
N GLY F 628 40.65 -90.45 -33.11
CA GLY F 628 42.10 -90.32 -33.17
C GLY F 628 42.79 -91.01 -32.01
N ARG F 629 42.22 -90.88 -30.80
CA ARG F 629 42.78 -91.47 -29.58
C ARG F 629 44.20 -90.99 -29.34
N GLU F 630 44.45 -89.72 -29.62
CA GLU F 630 45.77 -89.11 -29.43
C GLU F 630 45.79 -87.98 -28.42
N LEU F 631 44.67 -87.25 -28.27
CA LEU F 631 44.63 -86.11 -27.37
C LEU F 631 44.11 -86.51 -25.99
N LEU F 632 42.92 -87.09 -25.93
CA LEU F 632 42.35 -87.49 -24.66
C LEU F 632 43.07 -88.72 -24.11
N LEU F 633 43.16 -88.78 -22.78
CA LEU F 633 43.78 -89.92 -22.13
C LEU F 633 42.92 -91.16 -22.30
N GLN F 634 43.57 -92.30 -22.52
CA GLN F 634 42.88 -93.56 -22.78
C GLN F 634 42.92 -94.45 -21.55
N THR F 635 41.83 -95.19 -21.35
CA THR F 635 41.70 -96.10 -20.21
C THR F 635 41.31 -97.49 -20.71
N ASN F 636 41.80 -98.50 -20.01
CA ASN F 636 41.48 -99.89 -20.32
C ASN F 636 41.93 -100.76 -19.15
N LEU F 637 41.32 -101.93 -19.04
CA LEU F 637 41.68 -102.89 -18.01
C LEU F 637 42.75 -103.82 -18.52
N ILE F 638 43.83 -103.98 -17.75
CA ILE F 638 44.95 -104.82 -18.13
C ILE F 638 45.28 -105.76 -16.99
N ASN F 639 45.89 -106.89 -17.34
CA ASN F 639 46.31 -107.87 -16.35
C ASN F 639 47.71 -107.54 -15.84
N TYR F 640 47.95 -107.89 -14.57
CA TYR F 640 49.28 -107.80 -14.00
C TYR F 640 50.16 -108.91 -14.55
N VAL F 641 51.41 -108.58 -14.84
CA VAL F 641 52.38 -109.52 -15.35
C VAL F 641 53.60 -109.53 -14.43
N THR F 642 54.03 -110.72 -14.04
CA THR F 642 55.17 -110.88 -13.15
C THR F 642 56.20 -111.79 -13.81
N SER F 643 57.47 -111.52 -13.54
CA SER F 643 58.58 -112.28 -14.09
C SER F 643 59.26 -113.08 -12.98
N ILE F 644 59.65 -114.30 -13.31
CA ILE F 644 60.34 -115.19 -12.37
C ILE F 644 61.61 -115.69 -13.05
N ARG F 645 62.72 -115.64 -12.32
CA ARG F 645 64.01 -116.05 -12.86
C ARG F 645 64.70 -117.00 -11.88
N PRO F 646 65.55 -117.89 -12.39
CA PRO F 646 66.51 -118.57 -11.53
C PRO F 646 67.66 -117.64 -11.19
N ASN F 647 68.35 -117.96 -10.10
CA ASN F 647 69.53 -117.18 -9.74
C ASN F 647 70.75 -117.67 -10.52
N ILE F 648 70.62 -117.68 -11.85
CA ILE F 648 71.67 -118.10 -12.75
C ILE F 648 72.04 -116.90 -13.62
N PHE F 649 73.28 -116.45 -13.51
CA PHE F 649 73.74 -115.25 -14.21
C PHE F 649 74.97 -115.59 -15.04
N VAL F 650 74.91 -115.33 -16.33
CA VAL F 650 76.01 -115.58 -17.25
C VAL F 650 76.26 -114.31 -18.06
N GLY F 651 77.49 -114.15 -18.51
CA GLY F 651 77.87 -112.98 -19.29
C GLY F 651 79.21 -113.20 -19.96
N ARG F 652 79.60 -112.22 -20.75
CA ARG F 652 80.87 -112.28 -21.48
C ARG F 652 81.68 -111.03 -21.18
N ALA F 653 82.97 -111.21 -20.95
CA ALA F 653 83.89 -110.11 -20.73
C ALA F 653 85.29 -110.57 -21.07
N GLU F 654 86.17 -109.61 -21.34
CA GLU F 654 87.55 -109.94 -21.67
C GLU F 654 88.26 -110.49 -20.45
N GLY F 655 88.73 -111.74 -20.54
CA GLY F 655 89.34 -112.39 -19.41
C GLY F 655 88.39 -112.99 -18.41
N SER F 656 87.09 -113.00 -18.72
CA SER F 656 86.11 -113.56 -17.79
C SER F 656 86.25 -115.06 -17.69
N THR F 657 85.82 -115.60 -16.56
CA THR F 657 85.90 -117.03 -16.29
C THR F 657 84.64 -117.79 -16.66
N GLN F 658 83.64 -117.12 -17.20
CA GLN F 658 82.36 -117.75 -17.50
C GLN F 658 82.38 -118.39 -18.89
N TYR F 659 81.63 -119.48 -19.01
CA TYR F 659 81.45 -120.14 -20.30
C TYR F 659 80.53 -119.30 -21.19
N GLY F 660 80.60 -119.57 -22.49
CA GLY F 660 79.93 -118.71 -23.46
C GLY F 660 78.58 -119.18 -23.95
N LYS F 661 78.34 -120.49 -23.93
CA LYS F 661 77.12 -121.06 -24.49
C LYS F 661 76.32 -121.75 -23.39
N TRP F 662 75.03 -121.43 -23.31
CA TRP F 662 74.17 -121.93 -22.26
C TRP F 662 72.83 -122.36 -22.84
N TYR F 663 72.16 -123.25 -22.12
CA TYR F 663 70.94 -123.88 -22.60
C TYR F 663 70.02 -124.19 -21.43
N PHE F 664 68.72 -123.97 -21.62
CA PHE F 664 67.73 -124.35 -20.63
C PHE F 664 66.39 -124.55 -21.34
N GLU F 665 65.47 -125.21 -20.65
CA GLU F 665 64.15 -125.51 -21.20
C GLU F 665 63.07 -125.11 -20.21
N VAL F 666 61.92 -124.73 -20.74
CA VAL F 666 60.72 -124.45 -19.97
C VAL F 666 59.59 -125.28 -20.53
N MET F 667 58.94 -126.06 -19.67
CA MET F 667 57.83 -126.91 -20.05
C MET F 667 56.53 -126.33 -19.52
N VAL F 668 55.54 -126.22 -20.39
CA VAL F 668 54.25 -125.64 -20.04
C VAL F 668 53.32 -126.76 -19.61
N ASP F 669 52.74 -126.64 -18.42
CA ASP F 669 51.85 -127.66 -17.88
C ASP F 669 50.39 -127.26 -17.92
N GLU F 670 50.06 -125.99 -17.70
CA GLU F 670 48.67 -125.56 -17.65
C GLU F 670 48.59 -124.08 -17.96
N VAL F 671 47.84 -123.73 -18.99
CA VAL F 671 47.59 -122.34 -19.36
C VAL F 671 46.11 -122.16 -19.65
N VAL F 672 45.48 -121.22 -18.95
CA VAL F 672 44.10 -120.83 -19.25
C VAL F 672 44.16 -119.70 -20.27
N PRO F 673 43.69 -119.91 -21.51
CA PRO F 673 43.86 -118.89 -22.55
C PRO F 673 43.24 -117.55 -22.18
N PHE F 674 42.07 -117.55 -21.55
CA PHE F 674 41.39 -116.31 -21.13
C PHE F 674 40.86 -116.50 -19.71
N LEU F 675 41.70 -116.20 -18.72
CA LEU F 675 41.22 -116.14 -17.35
C LEU F 675 40.44 -114.86 -17.10
N THR F 676 40.80 -113.77 -17.79
CA THR F 676 40.08 -112.52 -17.73
C THR F 676 39.72 -112.08 -19.14
N ALA F 677 39.24 -110.85 -19.29
CA ALA F 677 38.91 -110.34 -20.63
C ALA F 677 40.13 -110.19 -21.51
N GLN F 678 41.33 -110.15 -20.94
CA GLN F 678 42.56 -110.02 -21.71
C GLN F 678 43.26 -111.37 -21.82
N ALA F 679 43.93 -111.58 -22.94
CA ALA F 679 44.60 -112.86 -23.18
C ALA F 679 45.70 -113.10 -22.17
N THR F 680 45.88 -114.36 -21.80
CA THR F 680 46.89 -114.72 -20.81
C THR F 680 48.29 -114.49 -21.36
N HIS F 681 49.14 -113.88 -20.54
CA HIS F 681 50.51 -113.57 -20.91
C HIS F 681 51.42 -114.74 -20.55
N LEU F 682 52.29 -115.13 -21.48
CA LEU F 682 53.28 -116.17 -21.21
C LEU F 682 54.40 -116.04 -22.23
N ARG F 683 55.60 -115.65 -21.78
CA ARG F 683 56.76 -115.52 -22.63
C ARG F 683 57.97 -116.13 -21.95
N VAL F 684 58.89 -116.65 -22.75
CA VAL F 684 60.11 -117.29 -22.27
C VAL F 684 61.30 -116.70 -23.02
N GLY F 685 62.38 -116.43 -22.30
CA GLY F 685 63.58 -115.91 -22.95
C GLY F 685 64.64 -115.52 -21.95
N TRP F 686 65.52 -114.63 -22.40
CA TRP F 686 66.64 -114.13 -21.60
C TRP F 686 66.46 -112.65 -21.32
N ALA F 687 67.02 -112.20 -20.21
CA ALA F 687 66.99 -110.79 -19.85
C ALA F 687 68.34 -110.39 -19.28
N LEU F 688 68.63 -109.09 -19.34
CA LEU F 688 69.89 -108.53 -18.87
C LEU F 688 69.70 -107.97 -17.47
N THR F 689 70.68 -108.22 -16.60
CA THR F 689 70.58 -107.77 -15.22
C THR F 689 70.50 -106.25 -15.12
N GLU F 690 71.32 -105.55 -15.90
CA GLU F 690 71.39 -104.09 -15.83
C GLU F 690 70.41 -103.48 -16.83
N GLY F 691 69.17 -103.32 -16.37
CA GLY F 691 68.17 -102.65 -17.17
C GLY F 691 66.80 -103.27 -17.16
N TYR F 692 66.72 -104.60 -17.00
CA TYR F 692 65.44 -105.27 -17.00
C TYR F 692 64.84 -105.23 -15.59
N SER F 693 63.99 -104.24 -15.36
CA SER F 693 63.34 -104.07 -14.06
C SER F 693 61.85 -103.82 -14.27
N PRO F 694 61.09 -104.87 -14.56
CA PRO F 694 59.65 -104.70 -14.80
C PRO F 694 58.91 -104.49 -13.48
N TYR F 695 58.32 -103.33 -13.33
CA TYR F 695 57.55 -103.12 -12.12
C TYR F 695 56.08 -103.47 -12.34
N PRO F 696 55.41 -103.98 -11.32
CA PRO F 696 53.98 -104.29 -11.46
C PRO F 696 53.17 -103.05 -11.79
N GLY F 697 52.17 -103.23 -12.65
CA GLY F 697 51.28 -102.14 -12.99
C GLY F 697 51.58 -101.51 -14.33
N GLY F 698 51.76 -100.19 -14.33
CA GLY F 698 51.96 -99.46 -15.57
C GLY F 698 53.36 -99.63 -16.13
N GLY F 699 53.55 -99.05 -17.31
CA GLY F 699 54.84 -99.14 -17.97
C GLY F 699 54.73 -98.75 -19.44
N GLU F 700 55.61 -99.33 -20.25
CA GLU F 700 55.61 -99.05 -21.67
C GLU F 700 54.36 -99.58 -22.33
N GLY F 701 53.86 -98.84 -23.31
CA GLY F 701 52.67 -99.26 -24.03
C GLY F 701 51.46 -99.28 -23.11
N TRP F 702 50.77 -100.41 -23.08
CA TRP F 702 49.58 -100.59 -22.27
C TRP F 702 49.85 -101.45 -21.03
N GLY F 703 51.04 -101.32 -20.46
CA GLY F 703 51.36 -102.06 -19.26
C GLY F 703 51.55 -103.54 -19.53
N GLY F 704 51.56 -104.30 -18.43
CA GLY F 704 51.76 -105.73 -18.51
C GLY F 704 53.10 -106.08 -19.13
N ASN F 705 54.14 -105.34 -18.76
CA ASN F 705 55.45 -105.52 -19.36
C ASN F 705 56.10 -106.79 -18.87
N GLY F 706 56.62 -107.59 -19.80
CA GLY F 706 57.31 -108.82 -19.51
C GLY F 706 58.58 -108.93 -20.31
N VAL F 707 58.92 -110.18 -20.68
CA VAL F 707 60.11 -110.42 -21.47
C VAL F 707 59.89 -109.90 -22.88
N GLY F 708 60.83 -109.12 -23.38
CA GLY F 708 60.73 -108.55 -24.70
C GLY F 708 59.95 -107.26 -24.79
N ASP F 709 59.52 -106.70 -23.67
CA ASP F 709 58.83 -105.41 -23.66
C ASP F 709 59.81 -104.25 -23.51
N ASP F 710 61.11 -104.53 -23.49
CA ASP F 710 62.15 -103.52 -23.52
C ASP F 710 63.30 -104.05 -24.36
N LEU F 711 64.40 -103.30 -24.40
CA LEU F 711 65.58 -103.70 -25.14
C LEU F 711 66.57 -104.45 -24.27
N TYR F 712 66.20 -104.78 -23.04
CA TYR F 712 67.03 -105.59 -22.15
C TYR F 712 66.58 -107.03 -22.06
N SER F 713 65.49 -107.40 -22.73
CA SER F 713 64.96 -108.76 -22.67
C SER F 713 64.58 -109.21 -24.07
N TYR F 714 64.58 -110.53 -24.25
CA TYR F 714 64.32 -111.14 -25.55
C TYR F 714 63.47 -112.38 -25.33
N GLY F 715 62.18 -112.31 -25.69
CA GLY F 715 61.22 -113.32 -25.35
C GLY F 715 60.68 -114.06 -26.57
N PHE F 716 59.83 -115.05 -26.30
CA PHE F 716 59.22 -115.88 -27.32
C PHE F 716 57.95 -116.48 -26.75
N ASP F 717 56.81 -116.14 -27.35
CA ASP F 717 55.51 -116.59 -26.84
C ASP F 717 54.89 -117.70 -27.69
N GLY F 718 55.65 -118.30 -28.60
CA GLY F 718 55.11 -119.36 -29.42
C GLY F 718 54.83 -118.92 -30.85
N LEU F 719 54.47 -117.66 -31.02
CA LEU F 719 54.16 -117.11 -32.33
C LEU F 719 55.03 -115.93 -32.72
N HIS F 720 55.57 -115.18 -31.76
CA HIS F 720 56.32 -113.97 -32.04
C HIS F 720 57.61 -113.95 -31.24
N LEU F 721 58.59 -113.23 -31.77
CA LEU F 721 59.80 -112.89 -31.04
C LEU F 721 59.65 -111.47 -30.50
N TRP F 722 59.73 -111.33 -29.17
CA TRP F 722 59.47 -110.06 -28.51
C TRP F 722 60.79 -109.39 -28.13
N THR F 723 60.96 -108.15 -28.57
CA THR F 723 62.06 -107.31 -28.14
C THR F 723 61.68 -105.85 -28.38
N GLY F 724 62.00 -105.00 -27.43
CA GLY F 724 61.66 -103.59 -27.56
C GLY F 724 60.17 -103.33 -27.65
N HIS F 725 59.36 -104.14 -26.98
CA HIS F 725 57.90 -103.99 -26.97
C HIS F 725 57.31 -104.10 -28.39
N VAL F 726 57.96 -104.87 -29.25
CA VAL F 726 57.51 -105.09 -30.62
C VAL F 726 57.43 -106.59 -30.86
N ALA F 727 56.28 -107.04 -31.37
CA ALA F 727 56.05 -108.46 -31.66
C ALA F 727 56.33 -108.71 -33.14
N ARG F 728 57.27 -109.60 -33.43
CA ARG F 728 57.61 -109.95 -34.79
C ARG F 728 57.26 -111.41 -35.04
N PRO F 729 56.34 -111.70 -35.95
CA PRO F 729 55.94 -113.09 -36.18
C PRO F 729 57.11 -113.95 -36.63
N VAL F 730 57.15 -115.18 -36.15
CA VAL F 730 58.20 -116.13 -36.48
C VAL F 730 57.56 -117.44 -36.92
N THR F 731 58.26 -118.18 -37.77
CA THR F 731 57.74 -119.39 -38.37
C THR F 731 58.35 -120.61 -37.71
N SER F 732 57.50 -121.54 -37.28
CA SER F 732 57.91 -122.81 -36.71
C SER F 732 56.94 -123.89 -37.19
N PRO F 733 57.39 -125.13 -37.26
CA PRO F 733 56.48 -126.22 -37.64
C PRO F 733 55.32 -126.33 -36.66
N GLY F 734 54.11 -126.06 -37.15
CA GLY F 734 52.93 -126.09 -36.31
C GLY F 734 52.86 -124.90 -35.37
N GLN F 735 52.77 -123.70 -35.93
CA GLN F 735 52.72 -122.49 -35.11
C GLN F 735 51.47 -122.47 -34.24
N HIS F 736 51.67 -122.18 -32.95
CA HIS F 736 50.55 -121.97 -32.04
C HIS F 736 51.09 -121.27 -30.81
N LEU F 737 50.18 -120.55 -30.13
CA LEU F 737 50.54 -119.90 -28.88
C LEU F 737 50.88 -120.96 -27.83
N LEU F 738 51.73 -120.58 -26.87
CA LEU F 738 52.22 -121.52 -25.87
C LEU F 738 51.06 -122.22 -25.17
N ALA F 739 51.06 -123.55 -25.28
CA ALA F 739 49.98 -124.42 -24.83
C ALA F 739 50.54 -125.46 -23.88
N PRO F 740 49.68 -126.13 -23.10
CA PRO F 740 50.17 -127.21 -22.24
C PRO F 740 50.86 -128.30 -23.04
N GLU F 741 51.85 -128.93 -22.39
CA GLU F 741 52.73 -129.96 -22.95
C GLU F 741 53.70 -129.41 -23.98
N ASP F 742 53.89 -128.09 -24.05
CA ASP F 742 54.88 -127.51 -24.93
C ASP F 742 56.21 -127.33 -24.19
N VAL F 743 57.31 -127.64 -24.86
CA VAL F 743 58.64 -127.50 -24.31
C VAL F 743 59.38 -126.46 -25.15
N VAL F 744 59.87 -125.41 -24.50
CA VAL F 744 60.58 -124.33 -25.16
C VAL F 744 62.05 -124.42 -24.79
N SER F 745 62.91 -124.53 -25.79
CA SER F 745 64.35 -124.63 -25.61
C SER F 745 64.98 -123.30 -25.99
N CYS F 746 65.71 -122.69 -25.07
CA CYS F 746 66.37 -121.41 -25.30
C CYS F 746 67.87 -121.61 -25.27
N CYS F 747 68.55 -121.13 -26.30
CA CYS F 747 70.00 -121.23 -26.44
C CYS F 747 70.60 -119.84 -26.44
N LEU F 748 71.64 -119.63 -25.64
CA LEU F 748 72.34 -118.36 -25.55
C LEU F 748 73.81 -118.58 -25.90
N ASP F 749 74.24 -118.03 -27.02
CA ASP F 749 75.62 -118.10 -27.48
C ASP F 749 76.19 -116.69 -27.43
N LEU F 750 76.94 -116.40 -26.36
CA LEU F 750 77.47 -115.05 -26.17
C LEU F 750 78.61 -114.72 -27.12
N SER F 751 79.15 -115.72 -27.82
CA SER F 751 80.27 -115.46 -28.71
C SER F 751 79.86 -114.64 -29.93
N VAL F 752 78.65 -114.85 -30.43
CA VAL F 752 78.22 -114.20 -31.67
C VAL F 752 77.93 -112.73 -31.41
N PRO F 753 77.04 -112.35 -30.48
CA PRO F 753 76.11 -113.07 -29.61
C PRO F 753 74.81 -113.43 -30.31
N SER F 754 74.12 -114.47 -29.85
CA SER F 754 72.90 -114.90 -30.52
C SER F 754 72.01 -115.63 -29.52
N ILE F 755 70.70 -115.46 -29.68
CA ILE F 755 69.70 -116.16 -28.90
C ILE F 755 68.78 -116.89 -29.87
N SER F 756 68.63 -118.20 -29.68
CA SER F 756 67.81 -119.02 -30.55
C SER F 756 66.84 -119.83 -29.70
N PHE F 757 65.72 -120.21 -30.32
CA PHE F 757 64.66 -120.93 -29.64
C PHE F 757 64.31 -122.21 -30.39
N ARG F 758 63.82 -123.20 -29.63
CA ARG F 758 63.24 -124.40 -30.19
C ARG F 758 62.00 -124.75 -29.38
N ILE F 759 60.92 -125.09 -30.08
CA ILE F 759 59.67 -125.45 -29.44
C ILE F 759 59.36 -126.91 -29.80
N ASN F 760 59.23 -127.76 -28.78
CA ASN F 760 58.93 -129.18 -28.96
C ASN F 760 59.96 -129.84 -29.87
N GLY F 761 61.20 -129.36 -29.84
CA GLY F 761 62.28 -129.93 -30.62
C GLY F 761 62.43 -129.37 -32.01
N CYS F 762 61.44 -128.64 -32.53
CA CYS F 762 61.70 -128.12 -33.86
C CYS F 762 62.25 -126.70 -33.79
N PRO F 763 63.22 -126.38 -34.64
CA PRO F 763 63.85 -125.06 -34.58
C PRO F 763 62.87 -123.94 -34.88
N VAL F 764 63.06 -122.82 -34.20
CA VAL F 764 62.29 -121.61 -34.45
C VAL F 764 63.08 -120.73 -35.39
N GLN F 765 62.48 -120.39 -36.53
CA GLN F 765 63.20 -119.72 -37.63
C GLN F 765 63.29 -118.22 -37.34
N GLY F 766 64.02 -117.90 -36.27
CA GLY F 766 64.23 -116.52 -35.88
C GLY F 766 65.18 -116.43 -34.71
N VAL F 767 66.16 -115.52 -34.78
CA VAL F 767 67.19 -115.40 -33.76
C VAL F 767 67.44 -113.92 -33.46
N PHE F 768 67.65 -113.62 -32.18
CA PHE F 768 68.19 -112.33 -31.78
C PHE F 768 69.71 -112.39 -31.87
N GLU F 769 70.31 -111.30 -32.33
CA GLU F 769 71.76 -111.26 -32.46
C GLU F 769 72.23 -109.81 -32.43
N ALA F 770 73.54 -109.65 -32.23
CA ALA F 770 74.19 -108.34 -32.22
C ALA F 770 73.57 -107.42 -31.17
N PHE F 771 73.30 -107.95 -29.99
CA PHE F 771 72.77 -107.18 -28.89
C PHE F 771 73.88 -106.81 -27.90
N ASN F 772 73.52 -106.00 -26.92
CA ASN F 772 74.51 -105.51 -25.96
C ASN F 772 74.97 -106.63 -25.04
N LEU F 773 76.17 -106.45 -24.47
CA LEU F 773 76.78 -107.43 -23.58
C LEU F 773 77.28 -106.80 -22.29
N ASP F 774 76.77 -105.63 -21.93
CA ASP F 774 77.23 -104.91 -20.74
C ASP F 774 76.39 -105.30 -19.52
N GLY F 775 76.44 -106.59 -19.19
CA GLY F 775 75.71 -107.09 -18.05
C GLY F 775 75.70 -108.60 -18.05
N LEU F 776 74.85 -109.15 -17.17
CA LEU F 776 74.70 -110.58 -17.03
C LEU F 776 73.33 -111.01 -17.54
N PHE F 777 73.28 -112.17 -18.17
CA PHE F 777 72.04 -112.71 -18.73
C PHE F 777 71.50 -113.81 -17.83
N PHE F 778 70.20 -113.80 -17.61
CA PHE F 778 69.54 -114.83 -16.81
C PHE F 778 68.30 -115.33 -17.52
N PRO F 779 67.97 -116.60 -17.34
CA PRO F 779 66.67 -117.10 -17.83
C PRO F 779 65.53 -116.41 -17.12
N VAL F 780 64.43 -116.19 -17.83
CA VAL F 780 63.29 -115.47 -17.27
C VAL F 780 62.04 -115.92 -18.01
N VAL F 781 60.94 -116.01 -17.26
CA VAL F 781 59.62 -116.23 -17.82
C VAL F 781 58.69 -115.15 -17.30
N SER F 782 57.94 -114.52 -18.20
CA SER F 782 56.93 -113.55 -17.85
C SER F 782 55.56 -114.16 -18.07
N PHE F 783 54.64 -113.87 -17.14
CA PHE F 783 53.35 -114.53 -17.18
C PHE F 783 52.31 -113.68 -16.47
N SER F 784 51.05 -113.92 -16.82
CA SER F 784 49.92 -113.41 -16.07
C SER F 784 49.32 -114.56 -15.25
N ALA F 785 48.23 -114.27 -14.57
CA ALA F 785 47.55 -115.30 -13.79
C ALA F 785 46.95 -116.34 -14.71
N GLY F 786 47.00 -117.59 -14.26
CA GLY F 786 46.47 -118.71 -15.01
C GLY F 786 47.49 -119.52 -15.77
N VAL F 787 48.73 -119.60 -15.27
CA VAL F 787 49.79 -120.35 -15.93
C VAL F 787 50.40 -121.32 -14.94
N LYS F 788 51.10 -122.32 -15.48
CA LYS F 788 51.80 -123.30 -14.66
C LYS F 788 52.91 -123.89 -15.50
N VAL F 789 54.15 -123.44 -15.27
CA VAL F 789 55.30 -123.85 -16.06
C VAL F 789 56.37 -124.40 -15.12
N ARG F 790 57.29 -125.16 -15.70
CA ARG F 790 58.39 -125.77 -14.95
C ARG F 790 59.70 -125.45 -15.65
N PHE F 791 60.68 -124.99 -14.87
CA PHE F 791 62.02 -124.75 -15.39
C PHE F 791 62.80 -126.05 -15.46
N LEU F 792 63.36 -126.34 -16.62
CA LEU F 792 64.26 -127.48 -16.80
C LEU F 792 65.66 -126.93 -17.00
N LEU F 793 66.52 -127.12 -16.00
CA LEU F 793 67.85 -126.56 -16.01
C LEU F 793 68.95 -127.62 -16.11
N GLY F 794 68.59 -128.90 -16.24
CA GLY F 794 69.56 -129.95 -16.37
C GLY F 794 70.04 -130.48 -15.03
N GLY F 795 70.78 -131.58 -15.11
CA GLY F 795 71.29 -132.20 -13.89
C GLY F 795 70.16 -132.69 -13.02
N ARG F 796 70.20 -132.31 -11.75
CA ARG F 796 69.17 -132.67 -10.78
C ARG F 796 68.08 -131.61 -10.68
N HIS F 797 68.10 -130.59 -11.54
CA HIS F 797 67.15 -129.49 -11.49
C HIS F 797 66.27 -129.48 -12.72
N GLY F 798 65.84 -130.66 -13.16
CA GLY F 798 64.98 -130.77 -14.32
C GLY F 798 65.65 -131.43 -15.51
N GLU F 799 65.31 -132.70 -15.74
CA GLU F 799 65.88 -133.42 -16.87
C GLU F 799 65.41 -132.82 -18.18
N PHE F 800 66.33 -132.63 -19.11
CA PHE F 800 66.00 -132.04 -20.41
C PHE F 800 65.17 -133.01 -21.23
N LYS F 801 64.10 -132.49 -21.84
CA LYS F 801 63.30 -133.30 -22.75
C LYS F 801 64.00 -133.52 -24.08
N PHE F 802 64.81 -132.57 -24.51
CA PHE F 802 65.56 -132.69 -25.76
C PHE F 802 67.04 -132.42 -25.50
N LEU F 803 67.88 -133.08 -26.28
CA LEU F 803 69.32 -132.94 -26.11
C LEU F 803 69.75 -131.54 -26.51
N PRO F 804 70.54 -130.86 -25.69
CA PRO F 804 71.00 -129.51 -26.06
C PRO F 804 71.92 -129.58 -27.25
N PRO F 805 71.99 -128.52 -28.05
CA PRO F 805 72.89 -128.52 -29.19
C PRO F 805 74.33 -128.61 -28.74
N PRO F 806 75.21 -129.18 -29.55
CA PRO F 806 76.60 -129.41 -29.12
C PRO F 806 77.29 -128.10 -28.74
N GLY F 807 78.10 -128.19 -27.69
CA GLY F 807 78.84 -127.04 -27.19
C GLY F 807 78.11 -126.21 -26.16
N TYR F 808 76.80 -126.37 -26.02
CA TYR F 808 76.04 -125.61 -25.04
C TYR F 808 76.01 -126.35 -23.71
N ALA F 809 76.06 -125.58 -22.62
CA ALA F 809 76.08 -126.16 -21.30
C ALA F 809 74.75 -125.94 -20.59
N PRO F 810 74.29 -126.91 -19.79
CA PRO F 810 73.07 -126.69 -19.01
C PRO F 810 73.23 -125.54 -18.04
N CYS F 811 72.14 -124.81 -17.82
CA CYS F 811 72.20 -123.63 -16.96
C CYS F 811 72.47 -123.96 -15.51
N HIS F 812 72.21 -125.20 -15.07
CA HIS F 812 72.48 -125.56 -13.69
C HIS F 812 73.97 -125.54 -13.37
N GLU F 813 74.83 -125.62 -14.38
CA GLU F 813 76.27 -125.56 -14.16
C GLU F 813 76.76 -124.15 -13.86
N ALA F 814 75.92 -123.14 -14.05
CA ALA F 814 76.31 -121.75 -13.85
C ALA F 814 76.03 -121.22 -12.45
N VAL F 815 75.53 -122.08 -11.54
CA VAL F 815 75.25 -121.62 -10.19
C VAL F 815 76.57 -121.40 -9.45
N LEU F 816 76.67 -120.27 -8.77
CA LEU F 816 77.89 -119.91 -8.07
C LEU F 816 78.07 -120.78 -6.83
N PRO F 817 79.33 -120.98 -6.40
CA PRO F 817 79.56 -121.84 -5.23
C PRO F 817 78.91 -121.35 -3.95
N ARG F 818 78.74 -120.04 -3.79
CA ARG F 818 78.23 -119.47 -2.55
C ARG F 818 76.71 -119.41 -2.51
N GLU F 819 76.02 -119.80 -3.57
CA GLU F 819 74.57 -119.70 -3.64
C GLU F 819 73.97 -121.05 -4.03
N ARG F 820 72.73 -121.26 -3.60
CA ARG F 820 71.95 -122.43 -3.98
C ARG F 820 70.93 -122.03 -5.03
N LEU F 821 70.69 -122.92 -5.99
CA LEU F 821 69.75 -122.64 -7.05
C LEU F 821 68.34 -122.46 -6.50
N ARG F 822 67.66 -121.41 -6.96
CA ARG F 822 66.31 -121.11 -6.50
C ARG F 822 65.64 -120.23 -7.54
N LEU F 823 64.32 -120.08 -7.39
CA LEU F 823 63.51 -119.21 -8.23
C LEU F 823 63.10 -118.00 -7.42
N GLU F 824 63.34 -116.82 -7.97
CA GLU F 824 63.12 -115.57 -7.26
C GLU F 824 62.50 -114.55 -8.20
N PRO F 825 61.78 -113.56 -7.67
CA PRO F 825 61.35 -112.43 -8.50
C PRO F 825 62.51 -111.56 -8.92
N ILE F 826 62.24 -110.50 -9.65
CA ILE F 826 63.28 -109.63 -10.20
C ILE F 826 63.11 -108.23 -9.64
N LYS F 827 64.07 -107.80 -8.82
CA LYS F 827 64.11 -106.44 -8.26
C LYS F 827 62.80 -106.08 -7.57
N GLU F 828 62.33 -106.98 -6.71
CA GLU F 828 61.09 -106.74 -5.98
C GLU F 828 61.32 -105.68 -4.90
N TYR F 829 60.32 -104.81 -4.71
CA TYR F 829 60.32 -103.84 -3.64
C TYR F 829 59.36 -104.20 -2.52
N ARG F 830 58.83 -105.43 -2.55
CA ARG F 830 57.81 -105.84 -1.59
C ARG F 830 57.74 -107.37 -1.61
N ARG F 831 57.53 -107.95 -0.43
CA ARG F 831 57.37 -109.39 -0.33
C ARG F 831 56.50 -109.70 0.88
N GLU F 832 55.90 -110.89 0.87
CA GLU F 832 55.09 -111.33 1.99
C GLU F 832 55.96 -111.72 3.17
N GLY F 833 55.47 -111.46 4.37
CA GLY F 833 56.18 -111.79 5.59
C GLY F 833 55.28 -112.44 6.61
N PRO F 834 55.86 -112.82 7.76
CA PRO F 834 55.04 -113.48 8.79
C PRO F 834 53.94 -112.57 9.35
N ARG F 835 54.30 -111.37 9.79
CA ARG F 835 53.34 -110.46 10.39
C ARG F 835 52.75 -109.46 9.41
N GLY F 836 53.17 -109.52 8.15
CA GLY F 836 52.68 -108.60 7.15
C GLY F 836 53.68 -108.41 6.01
N PRO F 837 53.32 -107.60 5.03
CA PRO F 837 54.22 -107.37 3.89
C PRO F 837 55.52 -106.72 4.33
N HIS F 838 56.61 -107.11 3.69
CA HIS F 838 57.94 -106.58 3.97
C HIS F 838 58.36 -105.66 2.83
N LEU F 839 58.78 -104.45 3.16
CA LEU F 839 59.37 -103.56 2.18
C LEU F 839 60.82 -103.97 1.93
N VAL F 840 61.21 -103.97 0.66
CA VAL F 840 62.53 -104.43 0.25
C VAL F 840 63.22 -103.31 -0.52
N GLY F 841 64.46 -103.01 -0.15
CA GLY F 841 65.25 -102.04 -0.87
C GLY F 841 65.89 -102.63 -2.09
N PRO F 842 66.79 -101.86 -2.70
CA PRO F 842 67.52 -102.35 -3.87
C PRO F 842 68.32 -103.59 -3.53
N SER F 843 68.48 -104.47 -4.52
CA SER F 843 69.18 -105.72 -4.35
C SER F 843 70.58 -105.61 -4.96
N ARG F 844 71.58 -106.06 -4.21
CA ARG F 844 72.94 -106.07 -4.73
C ARG F 844 73.04 -107.08 -5.87
N CYS F 845 73.57 -106.62 -7.01
CA CYS F 845 73.68 -107.45 -8.20
C CYS F 845 75.12 -107.48 -8.68
N LEU F 846 75.53 -108.64 -9.17
CA LEU F 846 76.86 -108.81 -9.72
C LEU F 846 76.96 -108.18 -11.09
N SER F 847 78.19 -107.99 -11.55
CA SER F 847 78.46 -107.44 -12.87
C SER F 847 79.30 -108.43 -13.67
N HIS F 848 79.30 -108.26 -14.99
CA HIS F 848 80.10 -109.13 -15.84
C HIS F 848 81.58 -108.96 -15.57
N THR F 849 81.98 -107.81 -15.03
CA THR F 849 83.38 -107.60 -14.66
C THR F 849 83.76 -108.31 -13.37
N ASP F 850 82.78 -108.69 -12.55
CA ASP F 850 83.06 -109.39 -11.30
C ASP F 850 83.60 -110.80 -11.51
N PHE F 851 83.48 -111.34 -12.73
CA PHE F 851 84.00 -112.66 -13.05
C PHE F 851 85.36 -112.59 -13.74
N VAL F 852 85.97 -111.42 -13.80
CA VAL F 852 87.28 -111.23 -14.41
C VAL F 852 88.30 -111.12 -13.28
N PRO F 853 89.20 -112.08 -13.12
CA PRO F 853 90.23 -111.95 -12.08
C PRO F 853 91.15 -110.77 -12.37
N CYS F 854 91.52 -110.06 -11.32
CA CYS F 854 92.36 -108.85 -11.43
C CYS F 854 93.51 -108.95 -10.43
N PRO F 855 94.51 -109.77 -10.72
CA PRO F 855 95.68 -109.86 -9.83
C PRO F 855 96.49 -108.57 -9.87
N VAL F 856 97.19 -108.31 -8.77
CA VAL F 856 98.03 -107.12 -8.69
C VAL F 856 99.18 -107.24 -9.68
N ASP F 857 99.69 -106.10 -10.13
CA ASP F 857 100.71 -106.08 -11.15
C ASP F 857 102.05 -106.57 -10.59
N THR F 858 102.68 -107.49 -11.31
CA THR F 858 103.99 -108.02 -10.92
C THR F 858 105.01 -107.83 -12.04
N VAL F 859 104.81 -106.82 -12.89
CA VAL F 859 105.78 -106.53 -13.95
C VAL F 859 107.12 -106.10 -13.37
N GLN F 860 107.08 -105.34 -12.27
CA GLN F 860 108.32 -104.88 -11.63
C GLN F 860 108.97 -106.07 -10.95
N ILE F 861 109.71 -106.84 -11.75
CA ILE F 861 110.37 -108.03 -11.23
C ILE F 861 111.75 -107.66 -10.72
N VAL F 862 111.80 -107.11 -9.50
CA VAL F 862 113.06 -106.77 -8.84
C VAL F 862 112.99 -107.25 -7.40
N LEU F 863 113.51 -108.44 -7.13
CA LEU F 863 113.52 -108.93 -5.77
C LEU F 863 114.89 -108.69 -5.15
N PRO F 864 114.97 -108.43 -3.85
CA PRO F 864 116.26 -108.32 -3.20
C PRO F 864 117.01 -109.64 -3.28
N PRO F 865 118.35 -109.60 -3.33
CA PRO F 865 119.10 -110.86 -3.46
C PRO F 865 118.86 -111.83 -2.32
N HIS F 866 118.67 -111.33 -1.11
CA HIS F 866 118.34 -112.22 0.01
C HIS F 866 116.95 -112.80 -0.15
N LEU F 867 116.02 -112.05 -0.74
CA LEU F 867 114.70 -112.59 -1.05
C LEU F 867 114.77 -113.55 -2.23
N GLU F 868 115.63 -113.28 -3.20
CA GLU F 868 115.74 -114.14 -4.38
C GLU F 868 116.20 -115.55 -4.00
N ARG F 869 117.22 -115.65 -3.16
CA ARG F 869 117.72 -116.96 -2.75
C ARG F 869 116.70 -117.70 -1.91
N ILE F 870 116.01 -116.99 -1.01
CA ILE F 870 115.04 -117.64 -0.14
C ILE F 870 113.73 -117.92 -0.88
N ARG F 871 113.57 -117.34 -2.07
CA ARG F 871 112.38 -117.60 -2.87
C ARG F 871 112.29 -119.07 -3.26
N GLU F 872 113.41 -119.66 -3.68
CA GLU F 872 113.41 -121.07 -4.04
C GLU F 872 113.21 -121.95 -2.82
N LYS F 873 113.79 -121.55 -1.68
CA LYS F 873 113.62 -122.31 -0.45
C LYS F 873 112.17 -122.27 0.04
N LEU F 874 111.47 -121.16 -0.25
CA LEU F 874 110.05 -121.10 0.09
C LEU F 874 109.24 -122.14 -0.67
N ALA F 875 109.59 -122.37 -1.93
CA ALA F 875 108.91 -123.40 -2.71
C ALA F 875 109.15 -124.78 -2.13
N GLU F 876 110.34 -125.02 -1.57
CA GLU F 876 110.62 -126.29 -0.92
C GLU F 876 109.70 -126.53 0.27
N ASN F 877 109.51 -125.50 1.10
CA ASN F 877 108.73 -125.67 2.32
C ASN F 877 107.25 -125.84 2.02
N ILE F 878 106.71 -125.02 1.10
CA ILE F 878 105.28 -125.10 0.79
C ILE F 878 104.94 -126.44 0.16
N HIS F 879 105.86 -127.00 -0.63
CA HIS F 879 105.64 -128.32 -1.21
C HIS F 879 105.52 -129.38 -0.11
N GLU F 880 106.38 -129.31 0.89
CA GLU F 880 106.28 -130.24 2.01
C GLU F 880 104.98 -130.04 2.78
N LEU F 881 104.60 -128.78 3.04
CA LEU F 881 103.31 -128.52 3.68
C LEU F 881 102.16 -129.01 2.83
N TRP F 882 102.23 -128.76 1.52
CA TRP F 882 101.24 -129.32 0.60
C TRP F 882 101.29 -130.84 0.60
N ALA F 883 102.51 -131.41 0.63
CA ALA F 883 102.64 -132.85 0.74
C ALA F 883 102.14 -133.36 2.09
N LEU F 884 102.42 -132.60 3.16
CA LEU F 884 101.97 -133.02 4.50
C LEU F 884 100.45 -133.06 4.57
N THR F 885 99.78 -132.05 4.04
CA THR F 885 98.32 -132.04 4.05
C THR F 885 97.76 -133.20 3.24
N ARG F 886 98.45 -133.57 2.16
CA ARG F 886 98.03 -134.74 1.39
C ARG F 886 98.23 -136.03 2.20
N ILE F 887 99.24 -136.05 3.07
CA ILE F 887 99.44 -137.21 3.94
C ILE F 887 98.28 -137.35 4.91
N GLU F 888 97.74 -136.22 5.37
CA GLU F 888 96.51 -136.28 6.17
C GLU F 888 95.35 -136.82 5.35
N GLN F 889 95.27 -136.44 4.08
CA GLN F 889 94.25 -136.96 3.20
C GLN F 889 94.50 -138.42 2.80
N GLY F 890 95.67 -138.97 3.12
CA GLY F 890 95.98 -140.35 2.81
C GLY F 890 96.94 -140.57 1.67
N TRP F 891 97.54 -139.52 1.12
CA TRP F 891 98.47 -139.69 0.01
C TRP F 891 99.75 -140.38 0.50
N THR F 892 100.29 -141.23 -0.37
CA THR F 892 101.56 -141.90 -0.11
C THR F 892 102.49 -141.67 -1.30
N TYR F 893 103.73 -142.13 -1.16
CA TYR F 893 104.69 -142.01 -2.24
C TYR F 893 104.29 -142.88 -3.42
N GLY F 894 104.47 -142.36 -4.63
CA GLY F 894 104.17 -143.08 -5.84
C GLY F 894 104.75 -142.43 -7.07
N PRO F 895 105.18 -143.25 -8.04
CA PRO F 895 105.70 -142.69 -9.30
C PRO F 895 104.66 -141.86 -10.04
N VAL F 896 103.39 -142.26 -9.97
CA VAL F 896 102.31 -141.53 -10.62
C VAL F 896 101.72 -140.53 -9.64
N ARG F 897 101.32 -139.37 -10.15
CA ARG F 897 100.75 -138.30 -9.33
C ARG F 897 99.25 -138.22 -9.59
N ASP F 898 98.48 -138.91 -8.76
CA ASP F 898 97.03 -138.95 -8.91
C ASP F 898 96.37 -138.67 -7.57
N ASP F 899 95.28 -137.89 -7.61
CA ASP F 899 94.56 -137.57 -6.38
C ASP F 899 93.80 -138.80 -5.87
N ASN F 900 93.08 -139.49 -6.77
CA ASN F 900 92.31 -140.65 -6.35
C ASN F 900 93.22 -141.79 -5.90
N LYS F 901 94.31 -142.03 -6.62
CA LYS F 901 95.24 -143.09 -6.25
C LYS F 901 96.05 -142.71 -5.01
N ARG F 902 96.06 -141.43 -4.64
CA ARG F 902 96.77 -140.95 -3.45
C ARG F 902 98.26 -141.30 -3.51
N LEU F 903 98.85 -141.16 -4.70
CA LEU F 903 100.28 -141.37 -4.90
C LEU F 903 100.91 -140.05 -5.35
N HIS F 904 102.02 -139.69 -4.70
CA HIS F 904 102.69 -138.41 -4.97
C HIS F 904 104.20 -138.61 -4.88
N PRO F 905 104.95 -138.33 -5.95
CA PRO F 905 106.41 -138.43 -5.87
C PRO F 905 107.02 -137.48 -4.85
N CYS F 906 106.40 -136.33 -4.63
CA CYS F 906 106.92 -135.36 -3.67
C CYS F 906 106.77 -135.83 -2.22
N LEU F 907 105.94 -136.85 -1.98
CA LEU F 907 105.65 -137.29 -0.61
C LEU F 907 106.77 -138.19 -0.10
N VAL F 908 108.00 -137.70 -0.21
CA VAL F 908 109.14 -138.33 0.44
C VAL F 908 109.92 -137.28 1.24
N ASN F 909 110.36 -136.23 0.56
CA ASN F 909 111.13 -135.16 1.18
C ASN F 909 111.27 -134.03 0.17
N PHE F 910 111.57 -132.83 0.68
CA PHE F 910 111.72 -131.68 -0.20
C PHE F 910 112.92 -131.84 -1.13
N HIS F 911 114.04 -132.34 -0.60
CA HIS F 911 115.20 -132.58 -1.44
C HIS F 911 115.00 -133.80 -2.35
N SER F 912 114.36 -134.85 -1.81
CA SER F 912 114.08 -136.02 -2.64
C SER F 912 113.01 -135.71 -3.68
N LEU F 913 112.23 -134.66 -3.45
CA LEU F 913 111.32 -134.17 -4.48
C LEU F 913 112.11 -133.74 -5.71
N PRO F 914 111.71 -134.16 -6.91
CA PRO F 914 112.45 -133.76 -8.11
C PRO F 914 112.50 -132.24 -8.27
N GLU F 915 113.67 -131.75 -8.67
CA GLU F 915 113.82 -130.31 -8.87
C GLU F 915 112.92 -129.74 -9.96
N PRO F 916 112.77 -130.36 -11.14
CA PRO F 916 111.79 -129.81 -12.10
C PRO F 916 110.37 -129.78 -11.56
N GLU F 917 109.97 -130.79 -10.79
CA GLU F 917 108.67 -130.74 -10.13
C GLU F 917 108.64 -129.65 -9.07
N ARG F 918 109.76 -129.46 -8.36
CA ARG F 918 109.86 -128.36 -7.42
C ARG F 918 109.77 -127.02 -8.14
N ASN F 919 110.35 -126.94 -9.35
CA ASN F 919 110.32 -125.70 -10.12
C ASN F 919 108.95 -125.41 -10.71
N TYR F 920 108.01 -126.36 -10.63
CA TYR F 920 106.67 -126.11 -11.16
C TYR F 920 106.00 -124.94 -10.45
N ASN F 921 106.12 -124.88 -9.13
CA ASN F 921 105.59 -123.77 -8.34
C ASN F 921 106.62 -122.69 -8.08
N LEU F 922 107.84 -122.83 -8.62
CA LEU F 922 108.84 -121.79 -8.45
C LEU F 922 108.39 -120.49 -9.09
N GLN F 923 107.71 -120.57 -10.22
CA GLN F 923 107.09 -119.38 -10.80
C GLN F 923 106.07 -118.79 -9.84
N MET F 924 105.20 -119.63 -9.26
CA MET F 924 104.26 -119.15 -8.26
C MET F 924 104.99 -118.68 -7.00
N SER F 925 106.02 -119.42 -6.58
CA SER F 925 106.77 -119.03 -5.39
C SER F 925 107.46 -117.69 -5.59
N GLY F 926 107.96 -117.43 -6.80
CA GLY F 926 108.54 -116.14 -7.08
C GLY F 926 107.54 -115.01 -6.96
N GLU F 927 106.30 -115.25 -7.40
CA GLU F 927 105.26 -114.22 -7.30
C GLU F 927 104.86 -113.98 -5.85
N THR F 928 104.91 -115.02 -5.01
CA THR F 928 104.48 -114.88 -3.62
C THR F 928 105.32 -113.84 -2.89
N LEU F 929 106.64 -113.89 -3.05
CA LEU F 929 107.48 -112.84 -2.49
C LEU F 929 107.33 -111.54 -3.27
N LYS F 930 107.16 -111.64 -4.59
CA LYS F 930 107.00 -110.44 -5.41
C LYS F 930 105.71 -109.69 -5.04
N THR F 931 104.64 -110.42 -4.76
CA THR F 931 103.38 -109.77 -4.39
C THR F 931 103.51 -109.03 -3.08
N LEU F 932 104.40 -109.48 -2.19
CA LEU F 932 104.67 -108.72 -0.98
C LEU F 932 105.21 -107.35 -1.30
N LEU F 933 106.16 -107.27 -2.23
CA LEU F 933 106.64 -105.97 -2.71
C LEU F 933 105.56 -105.25 -3.49
N ALA F 934 104.79 -106.00 -4.30
CA ALA F 934 103.74 -105.37 -5.11
C ALA F 934 102.65 -104.77 -4.24
N LEU F 935 102.25 -105.47 -3.17
CA LEU F 935 101.21 -104.97 -2.29
C LEU F 935 101.68 -103.77 -1.47
N GLY F 936 102.97 -103.48 -1.47
CA GLY F 936 103.51 -102.37 -0.71
C GLY F 936 104.16 -102.75 0.60
N CYS F 937 104.21 -104.03 0.94
CA CYS F 937 104.84 -104.46 2.18
C CYS F 937 106.35 -104.24 2.12
N HIS F 938 106.90 -103.74 3.22
CA HIS F 938 108.34 -103.56 3.35
C HIS F 938 108.94 -104.82 3.95
N VAL F 939 109.78 -105.50 3.18
CA VAL F 939 110.36 -106.78 3.57
C VAL F 939 111.86 -106.75 3.27
N GLY F 940 112.64 -107.24 4.23
CA GLY F 940 114.08 -107.35 4.07
C GLY F 940 114.62 -108.46 4.94
N MET F 941 115.90 -108.76 4.75
CA MET F 941 116.58 -109.79 5.52
C MET F 941 116.95 -109.22 6.88
N ALA F 942 115.93 -109.11 7.74
CA ALA F 942 116.16 -108.59 9.08
C ALA F 942 117.07 -109.51 9.90
N ASP F 943 116.86 -110.81 9.80
CA ASP F 943 117.62 -111.79 10.57
C ASP F 943 118.23 -112.83 9.62
N GLU F 944 119.53 -113.07 9.76
CA GLU F 944 120.21 -114.14 9.05
C GLU F 944 120.54 -115.33 9.96
N LYS F 945 120.81 -115.07 11.23
CA LYS F 945 121.06 -116.15 12.17
C LYS F 945 119.81 -117.00 12.39
N ALA F 946 118.63 -116.37 12.29
CA ALA F 946 117.39 -117.12 12.43
C ALA F 946 117.25 -118.16 11.32
N GLU F 947 117.64 -117.82 10.10
CA GLU F 947 117.61 -118.78 9.00
C GLU F 947 118.58 -119.92 9.26
N ASP F 948 119.76 -119.62 9.81
CA ASP F 948 120.77 -120.64 10.02
C ASP F 948 120.29 -121.71 11.00
N ASN F 949 119.66 -121.30 12.09
CA ASN F 949 119.22 -122.21 13.14
C ASN F 949 117.71 -122.14 13.28
N LEU F 950 117.04 -123.26 13.00
CA LEU F 950 115.59 -123.35 13.15
C LEU F 950 115.20 -124.83 13.24
N LYS F 951 114.17 -125.11 14.03
CA LYS F 951 113.69 -126.48 14.17
C LYS F 951 112.99 -126.93 12.89
N LYS F 952 113.01 -128.24 12.67
CA LYS F 952 112.35 -128.84 11.51
C LYS F 952 111.30 -129.85 11.98
N THR F 953 110.03 -129.55 11.72
CA THR F 953 108.97 -130.50 11.98
C THR F 953 109.03 -131.63 10.94
N LYS F 954 108.92 -132.87 11.42
CA LYS F 954 108.94 -134.04 10.56
C LYS F 954 107.66 -134.84 10.74
N LEU F 955 107.24 -135.49 9.65
CA LEU F 955 106.05 -136.33 9.72
C LEU F 955 106.28 -137.48 10.69
N PRO F 956 105.27 -137.86 11.47
CA PRO F 956 105.43 -139.01 12.37
C PRO F 956 105.72 -140.29 11.60
N LYS F 957 106.52 -141.15 12.21
CA LYS F 957 106.84 -142.44 11.59
C LYS F 957 105.58 -143.27 11.39
N THR F 958 104.62 -143.17 12.31
CA THR F 958 103.35 -143.87 12.13
C THR F 958 102.60 -143.34 10.91
N TYR F 959 102.61 -142.01 10.71
CA TYR F 959 101.95 -141.41 9.54
C TYR F 959 102.98 -141.28 8.41
N MET F 960 103.39 -142.44 7.89
CA MET F 960 104.40 -142.52 6.85
C MET F 960 103.74 -142.80 5.51
N MET F 961 104.43 -142.41 4.45
CA MET F 961 103.99 -142.70 3.08
C MET F 961 104.54 -144.04 2.63
N SER F 962 104.42 -144.32 1.33
CA SER F 962 104.97 -145.54 0.77
C SER F 962 106.50 -145.56 0.88
N ASN F 963 107.14 -144.41 0.66
CA ASN F 963 108.59 -144.36 0.72
C ASN F 963 109.10 -144.62 2.14
N GLY F 964 108.38 -144.12 3.15
CA GLY F 964 108.74 -144.33 4.53
C GLY F 964 109.62 -143.26 5.14
N TYR F 965 110.12 -142.31 4.34
CA TYR F 965 110.95 -141.25 4.89
C TYR F 965 110.10 -140.21 5.59
N LYS F 966 110.76 -139.34 6.35
CA LYS F 966 110.07 -138.28 7.08
C LYS F 966 110.35 -136.94 6.42
N PRO F 967 109.39 -136.36 5.70
CA PRO F 967 109.58 -135.00 5.19
C PRO F 967 109.75 -134.01 6.32
N ALA F 968 110.56 -132.98 6.07
CA ALA F 968 110.98 -132.02 7.10
C ALA F 968 110.64 -130.60 6.67
N PRO F 969 109.38 -130.19 6.74
CA PRO F 969 109.06 -128.77 6.60
C PRO F 969 109.53 -127.97 7.81
N LEU F 970 109.66 -126.67 7.61
CA LEU F 970 110.15 -125.79 8.67
C LEU F 970 109.16 -125.76 9.83
N ASP F 971 109.69 -125.84 11.04
CA ASP F 971 108.88 -125.78 12.25
C ASP F 971 108.72 -124.31 12.66
N LEU F 972 107.48 -123.83 12.65
CA LEU F 972 107.17 -122.43 12.92
C LEU F 972 106.07 -122.28 13.96
N SER F 973 106.04 -123.18 14.95
CA SER F 973 105.07 -123.06 16.03
C SER F 973 105.33 -121.82 16.87
N HIS F 974 106.60 -121.49 17.10
CA HIS F 974 106.94 -120.30 17.87
C HIS F 974 106.58 -119.02 17.13
N VAL F 975 106.36 -119.12 15.82
CA VAL F 975 106.04 -117.94 15.03
C VAL F 975 104.62 -117.48 15.32
N ARG F 976 104.46 -116.17 15.53
CA ARG F 976 103.16 -115.55 15.73
C ARG F 976 102.99 -114.42 14.73
N LEU F 977 101.74 -114.16 14.35
CA LEU F 977 101.41 -113.14 13.36
C LEU F 977 100.53 -112.08 14.00
N THR F 978 100.82 -110.82 13.69
CA THR F 978 99.99 -109.73 14.16
C THR F 978 98.66 -109.72 13.41
N PRO F 979 97.62 -109.12 13.99
CA PRO F 979 96.34 -109.03 13.27
C PRO F 979 96.46 -108.35 11.91
N ALA F 980 97.33 -107.34 11.79
CA ALA F 980 97.56 -106.72 10.50
C ALA F 980 98.18 -107.70 9.52
N GLN F 981 99.09 -108.55 10.00
CA GLN F 981 99.72 -109.55 9.13
C GLN F 981 98.69 -110.57 8.65
N THR F 982 97.71 -110.90 9.48
CA THR F 982 96.67 -111.84 9.07
C THR F 982 95.87 -111.28 7.90
N THR F 983 95.61 -109.97 7.91
CA THR F 983 94.95 -109.34 6.77
C THR F 983 95.81 -109.44 5.52
N LEU F 984 97.13 -109.33 5.68
CA LEU F 984 98.03 -109.50 4.53
C LEU F 984 97.92 -110.90 3.95
N VAL F 985 97.80 -111.91 4.80
CA VAL F 985 97.65 -113.28 4.33
C VAL F 985 96.39 -113.43 3.50
N ASP F 986 95.31 -112.77 3.92
CA ASP F 986 94.07 -112.80 3.15
C ASP F 986 94.25 -112.17 1.77
N ARG F 987 94.96 -111.04 1.71
CA ARG F 987 95.22 -110.40 0.42
C ARG F 987 96.15 -111.25 -0.43
N LEU F 988 97.15 -111.90 0.20
CA LEU F 988 98.03 -112.80 -0.55
C LEU F 988 97.27 -113.99 -1.11
N ALA F 989 96.37 -114.56 -0.31
CA ALA F 989 95.56 -115.69 -0.78
C ALA F 989 94.67 -115.27 -1.94
N GLU F 990 94.06 -114.08 -1.85
CA GLU F 990 93.20 -113.62 -2.92
C GLU F 990 93.97 -113.42 -4.21
N ASN F 991 95.17 -112.84 -4.13
CA ASN F 991 95.98 -112.63 -5.33
C ASN F 991 96.43 -113.95 -5.92
N GLY F 992 96.85 -114.90 -5.08
CA GLY F 992 97.32 -116.18 -5.59
C GLY F 992 96.25 -116.93 -6.36
N HIS F 993 95.01 -116.88 -5.87
CA HIS F 993 93.91 -117.50 -6.60
C HIS F 993 93.66 -116.80 -7.92
N ASN F 994 93.72 -115.45 -7.93
CA ASN F 994 93.46 -114.71 -9.15
C ASN F 994 94.55 -114.96 -10.19
N VAL F 995 95.81 -115.06 -9.76
CA VAL F 995 96.89 -115.37 -10.69
C VAL F 995 96.66 -116.74 -11.32
N TRP F 996 96.29 -117.72 -10.51
CA TRP F 996 95.97 -119.04 -11.05
C TRP F 996 94.74 -118.99 -11.93
N ALA F 997 93.75 -118.19 -11.56
CA ALA F 997 92.51 -118.11 -12.33
C ALA F 997 92.76 -117.55 -13.73
N ARG F 998 93.47 -116.42 -13.81
CA ARG F 998 93.70 -115.78 -15.10
C ARG F 998 94.63 -116.63 -15.97
N ASP F 999 95.52 -117.39 -15.34
CA ASP F 999 96.36 -118.31 -16.10
C ASP F 999 95.52 -119.41 -16.74
N ARG F 1000 94.53 -119.93 -16.01
CA ARG F 1000 93.67 -120.97 -16.56
C ARG F 1000 92.76 -120.41 -17.66
N VAL F 1001 92.31 -119.17 -17.50
CA VAL F 1001 91.47 -118.55 -18.52
C VAL F 1001 92.22 -118.43 -19.84
N ALA F 1002 93.49 -118.02 -19.78
CA ALA F 1002 94.31 -117.95 -20.98
C ALA F 1002 94.46 -119.33 -21.62
N GLN F 1003 94.41 -120.38 -20.82
CA GLN F 1003 94.49 -121.74 -21.32
C GLN F 1003 93.14 -122.28 -21.81
N GLY F 1004 92.07 -121.52 -21.64
CA GLY F 1004 90.75 -121.92 -22.09
C GLY F 1004 89.83 -122.50 -21.04
N TRP F 1005 90.23 -122.50 -19.78
CA TRP F 1005 89.39 -123.03 -18.73
C TRP F 1005 88.24 -122.08 -18.40
N SER F 1006 87.12 -122.66 -17.97
CA SER F 1006 85.93 -121.90 -17.63
C SER F 1006 85.28 -122.50 -16.40
N TYR F 1007 84.49 -121.68 -15.70
CA TYR F 1007 83.82 -122.13 -14.49
C TYR F 1007 82.66 -123.06 -14.83
N SER F 1008 82.45 -124.05 -13.97
CA SER F 1008 81.30 -124.93 -14.05
C SER F 1008 81.06 -125.56 -12.68
N ALA F 1009 79.78 -125.73 -12.33
CA ALA F 1009 79.44 -126.38 -11.08
C ALA F 1009 79.94 -127.82 -11.05
N VAL F 1010 79.84 -128.51 -12.18
CA VAL F 1010 80.32 -129.88 -12.31
C VAL F 1010 81.69 -129.87 -13.00
N GLN F 1011 82.67 -130.49 -12.36
CA GLN F 1011 84.02 -130.53 -12.88
C GLN F 1011 84.10 -131.43 -14.11
N ASP F 1012 84.75 -130.94 -15.16
CA ASP F 1012 84.94 -131.69 -16.39
C ASP F 1012 86.35 -131.39 -16.91
N ILE F 1013 87.31 -132.25 -16.57
CA ILE F 1013 88.70 -132.02 -16.97
C ILE F 1013 88.86 -132.03 -18.48
N PRO F 1014 88.33 -133.00 -19.24
CA PRO F 1014 88.47 -132.92 -20.71
C PRO F 1014 87.86 -131.67 -21.31
N ALA F 1015 86.79 -131.16 -20.73
CA ALA F 1015 86.16 -129.93 -21.21
C ALA F 1015 86.76 -128.68 -20.60
N ARG F 1016 87.79 -128.82 -19.75
CA ARG F 1016 88.45 -127.70 -19.09
C ARG F 1016 87.46 -126.87 -18.29
N ARG F 1017 86.60 -127.55 -17.52
CA ARG F 1017 85.64 -126.91 -16.64
C ARG F 1017 86.03 -127.20 -15.20
N ASN F 1018 86.13 -126.16 -14.38
CA ASN F 1018 86.60 -126.30 -13.02
C ASN F 1018 85.69 -125.56 -12.05
N PRO F 1019 85.29 -126.21 -10.95
CA PRO F 1019 84.42 -125.54 -9.97
C PRO F 1019 85.06 -124.35 -9.28
N ARG F 1020 86.39 -124.27 -9.25
CA ARG F 1020 87.08 -123.16 -8.59
C ARG F 1020 87.56 -122.10 -9.56
N LEU F 1021 87.16 -122.16 -10.84
CA LEU F 1021 87.55 -121.17 -11.84
C LEU F 1021 86.69 -119.92 -11.67
N VAL F 1022 86.81 -119.32 -10.49
CA VAL F 1022 86.02 -118.14 -10.14
C VAL F 1022 86.92 -117.18 -9.37
N PRO F 1023 86.62 -115.88 -9.43
CA PRO F 1023 87.38 -114.93 -8.62
C PRO F 1023 87.26 -115.23 -7.13
N TYR F 1024 88.30 -114.84 -6.40
CA TYR F 1024 88.44 -115.25 -4.99
C TYR F 1024 87.25 -114.78 -4.15
N ARG F 1025 86.72 -113.59 -4.43
CA ARG F 1025 85.61 -113.08 -3.64
C ARG F 1025 84.35 -113.93 -3.83
N LEU F 1026 84.17 -114.50 -5.02
CA LEU F 1026 83.02 -115.35 -5.29
C LEU F 1026 83.25 -116.79 -4.87
N LEU F 1027 84.45 -117.13 -4.40
CA LEU F 1027 84.73 -118.49 -4.00
C LEU F 1027 84.06 -118.81 -2.66
N ASP F 1028 83.71 -120.08 -2.50
CA ASP F 1028 83.10 -120.52 -1.25
C ASP F 1028 84.11 -120.47 -0.11
N GLU F 1029 83.58 -120.36 1.12
CA GLU F 1029 84.44 -120.18 2.28
C GLU F 1029 85.29 -121.42 2.56
N ALA F 1030 84.78 -122.60 2.22
CA ALA F 1030 85.52 -123.83 2.48
C ALA F 1030 86.84 -123.84 1.73
N THR F 1031 86.82 -123.52 0.44
CA THR F 1031 88.06 -123.42 -0.33
C THR F 1031 88.80 -122.13 -0.01
N LYS F 1032 88.06 -121.07 0.32
CA LYS F 1032 88.69 -119.80 0.67
C LYS F 1032 89.59 -119.95 1.88
N ARG F 1033 89.13 -120.69 2.90
CA ARG F 1033 89.95 -120.92 4.08
C ARG F 1033 91.15 -121.79 3.75
N SER F 1034 90.99 -122.75 2.84
CA SER F 1034 92.08 -123.65 2.49
C SER F 1034 93.26 -122.89 1.88
N ASN F 1035 92.97 -121.96 0.96
CA ASN F 1035 94.03 -121.14 0.39
C ASN F 1035 94.64 -120.23 1.43
N ARG F 1036 93.81 -119.72 2.36
CA ARG F 1036 94.31 -118.83 3.40
C ARG F 1036 95.30 -119.53 4.31
N ASP F 1037 95.02 -120.79 4.66
CA ASP F 1037 95.93 -121.54 5.53
C ASP F 1037 97.27 -121.76 4.83
N SER F 1038 97.24 -122.08 3.54
CA SER F 1038 98.50 -122.32 2.82
C SER F 1038 99.37 -121.07 2.77
N LEU F 1039 98.77 -119.91 2.53
CA LEU F 1039 99.52 -118.67 2.51
C LEU F 1039 100.05 -118.33 3.90
N CYS F 1040 99.31 -118.71 4.94
CA CYS F 1040 99.76 -118.45 6.30
C CYS F 1040 101.07 -119.18 6.60
N GLN F 1041 101.18 -120.44 6.15
CA GLN F 1041 102.42 -121.18 6.36
C GLN F 1041 103.57 -120.55 5.61
N ALA F 1042 103.32 -120.06 4.39
CA ALA F 1042 104.37 -119.38 3.63
C ALA F 1042 104.85 -118.13 4.35
N VAL F 1043 103.91 -117.34 4.90
CA VAL F 1043 104.30 -116.19 5.71
C VAL F 1043 105.03 -116.64 6.97
N ARG F 1044 104.55 -117.73 7.59
CA ARG F 1044 105.22 -118.27 8.76
C ARG F 1044 106.66 -118.69 8.43
N THR F 1045 106.87 -119.24 7.23
CA THR F 1045 108.20 -119.63 6.81
C THR F 1045 109.11 -118.41 6.73
N LEU F 1046 108.62 -117.31 6.17
CA LEU F 1046 109.41 -116.08 6.12
C LEU F 1046 109.70 -115.55 7.53
N LEU F 1047 108.70 -115.57 8.41
CA LEU F 1047 108.92 -115.14 9.79
C LEU F 1047 109.85 -116.11 10.51
N GLY F 1048 109.78 -117.40 10.17
CA GLY F 1048 110.72 -118.36 10.75
C GLY F 1048 112.15 -118.03 10.42
N TYR F 1049 112.40 -117.52 9.20
CA TYR F 1049 113.73 -117.04 8.83
C TYR F 1049 114.07 -115.71 9.48
N GLY F 1050 113.12 -115.07 10.14
CA GLY F 1050 113.37 -113.81 10.82
C GLY F 1050 113.26 -112.57 9.95
N TYR F 1051 112.82 -112.72 8.70
CA TYR F 1051 112.70 -111.56 7.83
C TYR F 1051 111.58 -110.65 8.30
N ASN F 1052 111.85 -109.34 8.31
CA ASN F 1052 110.86 -108.38 8.74
C ASN F 1052 109.76 -108.24 7.69
N ILE F 1053 108.51 -108.25 8.15
CA ILE F 1053 107.35 -108.08 7.29
C ILE F 1053 106.56 -106.89 7.80
N GLU F 1054 106.42 -105.85 6.97
CA GLU F 1054 105.73 -104.64 7.36
C GLU F 1054 104.36 -104.60 6.71
N PRO F 1055 103.28 -104.68 7.46
CA PRO F 1055 101.95 -104.59 6.87
C PRO F 1055 101.71 -103.22 6.27
N PRO F 1056 101.33 -103.15 5.00
CA PRO F 1056 101.12 -101.85 4.36
C PRO F 1056 99.96 -101.10 4.98
N ASP F 1057 100.05 -99.78 4.95
CA ASP F 1057 98.96 -98.91 5.41
C ASP F 1057 97.82 -99.01 4.38
N GLN F 1058 96.79 -99.76 4.79
CA GLN F 1058 95.67 -100.09 3.92
C GLN F 1058 95.00 -98.84 3.38
N GLU F 1059 94.71 -98.84 2.07
CA GLU F 1059 94.08 -97.71 1.40
C GLU F 1059 92.62 -98.05 1.12
N PRO F 1060 91.67 -97.42 1.80
CA PRO F 1060 90.26 -97.73 1.54
C PRO F 1060 89.81 -97.24 0.18
N SER F 1061 88.81 -97.92 -0.37
CA SER F 1061 88.24 -97.57 -1.66
C SER F 1061 86.76 -97.91 -1.66
N GLN F 1062 85.99 -97.20 -2.49
CA GLN F 1062 84.56 -97.40 -2.63
C GLN F 1062 84.27 -97.85 -4.05
N VAL F 1063 83.76 -99.07 -4.20
CA VAL F 1063 83.62 -99.67 -5.52
C VAL F 1063 82.50 -98.99 -6.31
N GLU F 1064 81.38 -98.65 -5.63
CA GLU F 1064 80.19 -98.12 -6.27
C GLU F 1064 79.70 -99.08 -7.37
N ASN F 1065 79.32 -100.28 -6.92
CA ASN F 1065 78.84 -101.31 -7.83
C ASN F 1065 77.57 -100.87 -8.54
N GLN F 1066 76.66 -100.23 -7.81
CA GLN F 1066 75.40 -99.74 -8.35
C GLN F 1066 75.50 -98.25 -8.65
N SER F 1067 74.55 -97.75 -9.43
CA SER F 1067 74.50 -96.33 -9.76
C SER F 1067 74.15 -95.51 -8.52
N ARG F 1068 74.16 -94.19 -8.65
CA ARG F 1068 73.87 -93.33 -7.51
C ARG F 1068 72.41 -93.42 -7.08
N TRP F 1069 71.51 -93.73 -8.00
CA TRP F 1069 70.08 -93.67 -7.72
C TRP F 1069 69.50 -95.01 -7.30
N ASP F 1070 70.00 -96.13 -7.83
CA ASP F 1070 69.52 -97.44 -7.41
C ASP F 1070 70.25 -97.88 -6.14
N ARG F 1071 70.27 -97.03 -5.13
CA ARG F 1071 70.84 -97.32 -3.83
C ARG F 1071 69.83 -97.21 -2.69
N VAL F 1072 68.99 -96.18 -2.71
CA VAL F 1072 68.01 -95.95 -1.66
C VAL F 1072 66.62 -95.94 -2.28
N ARG F 1073 65.71 -96.68 -1.67
CA ARG F 1073 64.32 -96.75 -2.10
C ARG F 1073 63.45 -96.19 -0.99
N ILE F 1074 62.71 -95.12 -1.30
CA ILE F 1074 61.94 -94.38 -0.30
C ILE F 1074 60.49 -94.81 -0.40
N PHE F 1075 59.90 -95.15 0.75
CA PHE F 1075 58.49 -95.51 0.84
C PHE F 1075 57.79 -94.50 1.72
N ARG F 1076 56.65 -93.98 1.25
CA ARG F 1076 55.87 -93.02 2.01
C ARG F 1076 54.39 -93.25 1.78
N ALA F 1077 53.58 -92.77 2.70
CA ALA F 1077 52.14 -92.84 2.55
C ALA F 1077 51.67 -91.84 1.49
N GLU F 1078 50.45 -92.05 1.01
CA GLU F 1078 49.87 -91.16 0.01
C GLU F 1078 49.61 -89.78 0.62
N LYS F 1079 49.68 -88.75 -0.22
CA LYS F 1079 49.50 -87.38 0.26
C LYS F 1079 48.12 -87.15 0.85
N SER F 1080 47.14 -87.97 0.49
CA SER F 1080 45.80 -87.81 1.05
C SER F 1080 45.73 -88.15 2.54
N TYR F 1081 46.76 -88.79 3.08
CA TYR F 1081 46.81 -89.15 4.50
C TYR F 1081 47.58 -88.13 5.32
N THR F 1082 47.88 -86.96 4.76
CA THR F 1082 48.66 -85.95 5.46
C THR F 1082 47.94 -85.51 6.73
N VAL F 1083 48.68 -85.44 7.84
CA VAL F 1083 48.15 -85.05 9.13
C VAL F 1083 48.69 -83.68 9.49
N GLN F 1084 47.80 -82.79 9.91
CA GLN F 1084 48.18 -81.45 10.34
C GLN F 1084 47.82 -81.16 11.78
N SER F 1085 47.28 -82.14 12.51
CA SER F 1085 46.94 -81.95 13.91
C SER F 1085 46.90 -83.32 14.58
N GLY F 1086 46.90 -83.31 15.90
CA GLY F 1086 46.81 -84.53 16.68
C GLY F 1086 48.15 -85.19 16.90
N ARG F 1087 48.10 -86.33 17.59
CA ARG F 1087 49.28 -87.12 17.93
C ARG F 1087 49.15 -88.49 17.28
N TRP F 1088 50.20 -88.91 16.57
CA TRP F 1088 50.13 -90.10 15.75
C TRP F 1088 51.35 -90.99 16.01
N TYR F 1089 51.15 -92.29 15.78
CA TYR F 1089 52.14 -93.30 16.10
C TYR F 1089 52.15 -94.38 15.03
N PHE F 1090 53.35 -94.87 14.69
CA PHE F 1090 53.49 -96.04 13.84
C PHE F 1090 54.82 -96.69 14.15
N GLU F 1091 54.96 -97.94 13.73
CA GLU F 1091 56.14 -98.73 14.02
C GLU F 1091 56.86 -99.13 12.74
N PHE F 1092 58.17 -99.31 12.85
CA PHE F 1092 59.01 -99.78 11.76
C PHE F 1092 59.94 -100.85 12.31
N GLU F 1093 59.84 -102.05 11.78
CA GLU F 1093 60.67 -103.17 12.22
C GLU F 1093 61.86 -103.32 11.27
N ALA F 1094 63.06 -103.38 11.84
CA ALA F 1094 64.29 -103.52 11.08
C ALA F 1094 64.63 -104.99 10.97
N VAL F 1095 64.19 -105.64 9.88
CA VAL F 1095 64.54 -107.03 9.66
C VAL F 1095 66.05 -107.17 9.47
N THR F 1096 66.65 -106.27 8.69
CA THR F 1096 68.08 -106.19 8.56
C THR F 1096 68.62 -105.09 9.46
N THR F 1097 69.94 -104.90 9.42
CA THR F 1097 70.61 -103.92 10.28
C THR F 1097 71.39 -102.87 9.51
N GLY F 1098 71.24 -102.81 8.19
CA GLY F 1098 72.00 -101.90 7.37
C GLY F 1098 71.46 -100.49 7.37
N GLU F 1099 71.66 -99.80 6.25
CA GLU F 1099 71.29 -98.38 6.12
C GLU F 1099 69.80 -98.28 5.86
N MET F 1100 69.05 -97.93 6.91
CA MET F 1100 67.61 -97.69 6.79
C MET F 1100 67.25 -96.47 7.62
N ARG F 1101 66.36 -95.64 7.09
CA ARG F 1101 65.90 -94.45 7.77
C ARG F 1101 64.38 -94.47 7.85
N VAL F 1102 63.85 -93.95 8.94
CA VAL F 1102 62.41 -93.93 9.17
C VAL F 1102 62.07 -92.67 9.95
N GLY F 1103 60.93 -92.06 9.62
CA GLY F 1103 60.50 -90.86 10.29
C GLY F 1103 59.26 -90.25 9.66
N TRP F 1104 59.20 -88.92 9.65
CA TRP F 1104 58.08 -88.19 9.09
C TRP F 1104 58.58 -87.24 8.01
N ALA F 1105 57.80 -87.12 6.93
CA ALA F 1105 58.17 -86.31 5.78
C ALA F 1105 57.00 -85.46 5.35
N ARG F 1106 57.31 -84.33 4.73
CA ARG F 1106 56.30 -83.44 4.19
C ARG F 1106 55.82 -83.93 2.83
N PRO F 1107 54.61 -83.54 2.42
CA PRO F 1107 54.07 -84.05 1.15
C PRO F 1107 54.93 -83.71 -0.06
N GLU F 1108 55.70 -82.62 -0.02
CA GLU F 1108 56.53 -82.22 -1.14
C GLU F 1108 57.88 -82.91 -1.15
N LEU F 1109 57.99 -84.06 -0.48
CA LEU F 1109 59.24 -84.80 -0.43
C LEU F 1109 59.70 -85.18 -1.83
N ARG F 1110 60.98 -84.99 -2.10
CA ARG F 1110 61.60 -85.26 -3.39
C ARG F 1110 62.17 -86.67 -3.41
N PRO F 1111 61.89 -87.45 -4.47
CA PRO F 1111 62.25 -88.87 -4.46
C PRO F 1111 63.73 -89.16 -4.64
N ASP F 1112 64.52 -88.22 -5.18
CA ASP F 1112 65.92 -88.48 -5.48
C ASP F 1112 66.87 -87.92 -4.43
N VAL F 1113 66.36 -87.46 -3.29
CA VAL F 1113 67.17 -86.89 -2.23
C VAL F 1113 67.10 -87.81 -1.01
N GLU F 1114 68.25 -88.05 -0.40
CA GLU F 1114 68.30 -88.86 0.82
C GLU F 1114 67.44 -88.22 1.90
N LEU F 1115 66.73 -89.07 2.66
CA LEU F 1115 65.87 -88.57 3.72
C LEU F 1115 66.68 -87.83 4.78
N GLY F 1116 66.22 -86.65 5.14
CA GLY F 1116 66.88 -85.84 6.14
C GLY F 1116 68.00 -84.96 5.62
N ALA F 1117 68.45 -85.16 4.38
CA ALA F 1117 69.46 -84.28 3.80
C ALA F 1117 68.91 -82.89 3.53
N ASP F 1118 67.60 -82.71 3.53
CA ASP F 1118 66.97 -81.41 3.34
C ASP F 1118 65.94 -81.17 4.44
N GLU F 1119 65.15 -80.11 4.30
CA GLU F 1119 64.19 -79.72 5.31
C GLU F 1119 62.85 -80.43 5.16
N LEU F 1120 62.73 -81.37 4.24
CA LEU F 1120 61.46 -82.00 3.93
C LEU F 1120 61.23 -83.31 4.67
N ALA F 1121 62.12 -83.71 5.56
CA ALA F 1121 61.97 -84.97 6.26
C ALA F 1121 62.66 -84.91 7.61
N TYR F 1122 62.05 -85.55 8.61
CA TYR F 1122 62.63 -85.72 9.94
C TYR F 1122 62.71 -87.22 10.20
N VAL F 1123 63.89 -87.80 9.99
CA VAL F 1123 64.03 -89.25 10.05
C VAL F 1123 65.13 -89.62 11.03
N PHE F 1124 65.08 -90.86 11.49
CA PHE F 1124 66.07 -91.44 12.37
C PHE F 1124 66.80 -92.55 11.66
N ASN F 1125 68.12 -92.46 11.60
CA ASN F 1125 68.96 -93.45 10.93
C ASN F 1125 69.46 -94.43 11.99
N GLY F 1126 68.88 -95.63 12.01
CA GLY F 1126 69.23 -96.61 13.00
C GLY F 1126 70.47 -97.43 12.70
N HIS F 1127 71.09 -97.23 11.54
CA HIS F 1127 72.32 -97.97 11.22
C HIS F 1127 73.44 -97.59 12.18
N ARG F 1128 73.57 -96.29 12.48
CA ARG F 1128 74.62 -95.80 13.36
C ARG F 1128 74.10 -94.81 14.40
N GLY F 1129 72.79 -94.74 14.61
CA GLY F 1129 72.23 -93.88 15.63
C GLY F 1129 72.35 -92.40 15.30
N GLN F 1130 71.65 -91.95 14.26
CA GLN F 1130 71.65 -90.56 13.85
C GLN F 1130 70.23 -90.11 13.56
N ARG F 1131 69.99 -88.81 13.76
CA ARG F 1131 68.77 -88.17 13.35
C ARG F 1131 69.10 -87.17 12.24
N TRP F 1132 68.27 -87.16 11.19
CA TRP F 1132 68.56 -86.41 9.98
C TRP F 1132 67.50 -85.35 9.75
N HIS F 1133 67.91 -84.09 9.72
CA HIS F 1133 67.09 -83.00 9.21
C HIS F 1133 68.02 -81.86 8.86
N LEU F 1134 68.16 -81.56 7.57
CA LEU F 1134 69.13 -80.59 7.08
C LEU F 1134 70.54 -80.92 7.55
N GLY F 1135 70.86 -82.21 7.60
CA GLY F 1135 72.13 -82.69 8.12
C GLY F 1135 71.94 -83.80 9.13
N SER F 1136 73.08 -84.32 9.58
CA SER F 1136 73.10 -85.43 10.52
C SER F 1136 73.74 -85.03 11.84
N GLU F 1137 73.15 -85.53 12.93
CA GLU F 1137 73.71 -85.35 14.26
C GLU F 1137 73.44 -86.61 15.05
N PRO F 1138 74.33 -87.01 15.95
CA PRO F 1138 74.13 -88.27 16.69
C PRO F 1138 72.87 -88.25 17.53
N PHE F 1139 72.21 -89.42 17.60
CA PHE F 1139 70.98 -89.55 18.35
C PHE F 1139 70.64 -91.03 18.58
N GLY F 1140 70.43 -91.41 19.83
CA GLY F 1140 70.08 -92.78 20.12
C GLY F 1140 71.24 -93.74 19.91
N ARG F 1141 70.89 -94.99 19.65
CA ARG F 1141 71.84 -96.07 19.48
C ARG F 1141 71.49 -96.86 18.22
N PRO F 1142 72.47 -97.53 17.62
CA PRO F 1142 72.17 -98.39 16.47
C PRO F 1142 71.28 -99.56 16.85
N TRP F 1143 70.46 -99.98 15.90
CA TRP F 1143 69.50 -101.05 16.13
C TRP F 1143 70.11 -102.40 15.78
N GLN F 1144 69.35 -103.46 16.08
CA GLN F 1144 69.73 -104.82 15.75
C GLN F 1144 68.59 -105.47 14.97
N SER F 1145 68.82 -106.71 14.55
CA SER F 1145 67.81 -107.43 13.79
C SER F 1145 66.59 -107.69 14.65
N GLY F 1146 65.41 -107.34 14.14
CA GLY F 1146 64.18 -107.51 14.86
C GLY F 1146 63.77 -106.33 15.74
N ASP F 1147 64.61 -105.31 15.84
CA ASP F 1147 64.26 -104.15 16.65
C ASP F 1147 63.12 -103.38 16.00
N VAL F 1148 62.22 -102.85 16.84
CA VAL F 1148 61.06 -102.11 16.38
C VAL F 1148 61.25 -100.65 16.78
N VAL F 1149 61.14 -99.75 15.81
CA VAL F 1149 61.27 -98.32 16.04
C VAL F 1149 59.88 -97.70 16.04
N GLY F 1150 59.52 -97.04 17.13
CA GLY F 1150 58.24 -96.39 17.23
C GLY F 1150 58.33 -94.90 16.97
N CYS F 1151 57.85 -94.47 15.81
CA CYS F 1151 57.91 -93.07 15.42
C CYS F 1151 56.65 -92.36 15.90
N MET F 1152 56.83 -91.33 16.71
CA MET F 1152 55.72 -90.60 17.32
C MET F 1152 55.87 -89.13 16.97
N ILE F 1153 54.79 -88.52 16.50
CA ILE F 1153 54.75 -87.10 16.21
C ILE F 1153 53.65 -86.45 17.02
N ASP F 1154 53.96 -85.31 17.62
CA ASP F 1154 53.02 -84.57 18.46
C ASP F 1154 52.86 -83.19 17.83
N LEU F 1155 51.77 -82.98 17.11
CA LEU F 1155 51.53 -81.71 16.43
C LEU F 1155 50.89 -80.68 17.35
N THR F 1156 50.58 -81.04 18.59
CA THR F 1156 50.14 -80.06 19.58
C THR F 1156 51.32 -79.45 20.32
N GLU F 1157 52.41 -80.20 20.51
CA GLU F 1157 53.65 -79.70 21.07
C GLU F 1157 54.74 -79.49 20.05
N ASN F 1158 54.50 -79.84 18.79
CA ASN F 1158 55.49 -79.70 17.71
C ASN F 1158 56.79 -80.43 18.04
N THR F 1159 56.66 -81.71 18.39
CA THR F 1159 57.81 -82.55 18.73
C THR F 1159 57.68 -83.89 18.03
N ILE F 1160 58.83 -84.52 17.82
CA ILE F 1160 58.91 -85.86 17.24
C ILE F 1160 59.71 -86.74 18.19
N ILE F 1161 59.17 -87.89 18.54
CA ILE F 1161 59.77 -88.81 19.50
C ILE F 1161 60.00 -90.15 18.81
N PHE F 1162 61.21 -90.68 18.95
CA PHE F 1162 61.56 -92.01 18.45
C PHE F 1162 61.83 -92.93 19.62
N THR F 1163 61.25 -94.12 19.56
CA THR F 1163 61.46 -95.15 20.58
C THR F 1163 62.04 -96.40 19.93
N LEU F 1164 62.86 -97.12 20.68
CA LEU F 1164 63.48 -98.36 20.21
C LEU F 1164 63.10 -99.47 21.18
N ASN F 1165 62.27 -100.41 20.72
CA ASN F 1165 61.77 -101.51 21.54
C ASN F 1165 61.08 -101.01 22.80
N GLY F 1166 60.32 -99.92 22.66
CA GLY F 1166 59.57 -99.36 23.76
C GLY F 1166 60.34 -98.38 24.62
N GLU F 1167 61.63 -98.20 24.38
CA GLU F 1167 62.45 -97.27 25.15
C GLU F 1167 62.70 -96.02 24.33
N VAL F 1168 62.42 -94.86 24.91
CA VAL F 1168 62.54 -93.61 24.19
C VAL F 1168 64.02 -93.31 23.95
N LEU F 1169 64.36 -93.03 22.69
CA LEU F 1169 65.72 -92.67 22.34
C LEU F 1169 66.01 -91.23 22.76
N MET F 1170 67.26 -90.98 23.14
CA MET F 1170 67.68 -89.67 23.61
C MET F 1170 68.98 -89.27 22.93
N SER F 1171 69.16 -87.95 22.82
CA SER F 1171 70.38 -87.40 22.23
C SER F 1171 71.49 -87.38 23.30
N ASP F 1172 72.58 -86.67 23.00
CA ASP F 1172 73.66 -86.55 23.97
C ASP F 1172 73.34 -85.47 24.99
N SER F 1173 72.17 -85.57 25.60
CA SER F 1173 71.67 -84.64 26.61
C SER F 1173 70.38 -85.24 27.17
N GLY F 1174 69.67 -84.45 27.97
CA GLY F 1174 68.41 -84.89 28.52
C GLY F 1174 67.22 -84.77 27.59
N SER F 1175 67.45 -84.41 26.32
CA SER F 1175 66.36 -84.21 25.37
C SER F 1175 65.65 -85.52 25.06
N GLU F 1176 64.40 -85.64 25.51
CA GLU F 1176 63.61 -86.82 25.24
C GLU F 1176 62.96 -86.80 23.86
N THR F 1177 63.04 -85.67 23.15
CA THR F 1177 62.45 -85.52 21.83
C THR F 1177 63.55 -85.32 20.79
N ALA F 1178 63.39 -85.97 19.64
CA ALA F 1178 64.39 -85.85 18.59
C ALA F 1178 64.37 -84.47 17.95
N PHE F 1179 63.18 -83.93 17.72
CA PHE F 1179 63.04 -82.62 17.08
C PHE F 1179 62.01 -81.79 17.82
N ARG F 1180 62.21 -80.48 17.82
CA ARG F 1180 61.37 -79.55 18.54
C ARG F 1180 61.06 -78.35 17.67
N GLU F 1181 59.95 -77.68 18.01
CA GLU F 1181 59.52 -76.45 17.32
C GLU F 1181 59.39 -76.66 15.82
N ILE F 1182 58.81 -77.79 15.43
CA ILE F 1182 58.57 -78.07 14.02
C ILE F 1182 57.28 -77.40 13.59
N GLU F 1183 57.33 -76.64 12.50
CA GLU F 1183 56.15 -75.99 11.97
C GLU F 1183 55.28 -77.00 11.24
N ILE F 1184 53.96 -76.88 11.43
CA ILE F 1184 53.03 -77.81 10.79
C ILE F 1184 53.03 -77.60 9.28
N GLY F 1185 52.66 -76.41 8.84
CA GLY F 1185 52.67 -76.10 7.42
C GLY F 1185 51.73 -77.02 6.66
N ASP F 1186 52.26 -77.65 5.61
CA ASP F 1186 51.48 -78.56 4.79
C ASP F 1186 51.07 -79.81 5.56
N GLY F 1187 51.92 -80.29 6.45
CA GLY F 1187 51.65 -81.49 7.24
C GLY F 1187 52.80 -82.46 7.16
N PHE F 1188 52.53 -83.69 7.62
CA PHE F 1188 53.55 -84.72 7.70
C PHE F 1188 52.98 -86.06 7.25
N LEU F 1189 53.86 -86.91 6.75
CA LEU F 1189 53.53 -88.26 6.32
C LEU F 1189 54.57 -89.23 6.84
N PRO F 1190 54.15 -90.43 7.26
CA PRO F 1190 55.14 -91.46 7.60
C PRO F 1190 55.97 -91.83 6.38
N VAL F 1191 57.26 -92.06 6.60
CA VAL F 1191 58.20 -92.29 5.51
C VAL F 1191 59.29 -93.23 6.00
N CYS F 1192 59.83 -94.01 5.06
CA CYS F 1192 60.97 -94.86 5.36
C CYS F 1192 61.78 -95.05 4.09
N SER F 1193 63.07 -95.28 4.26
CA SER F 1193 63.98 -95.52 3.14
C SER F 1193 64.84 -96.73 3.46
N LEU F 1194 65.07 -97.56 2.44
CA LEU F 1194 65.83 -98.79 2.59
C LEU F 1194 67.00 -98.77 1.62
N GLY F 1195 68.19 -99.11 2.13
CA GLY F 1195 69.38 -99.14 1.31
C GLY F 1195 69.50 -100.44 0.55
N PRO F 1196 70.64 -100.66 -0.09
CA PRO F 1196 70.83 -101.90 -0.86
C PRO F 1196 70.83 -103.12 0.03
N GLY F 1197 70.02 -104.10 -0.32
CA GLY F 1197 69.93 -105.34 0.43
C GLY F 1197 69.24 -105.22 1.77
N GLN F 1198 68.40 -104.22 1.97
CA GLN F 1198 67.76 -103.98 3.25
C GLN F 1198 66.29 -104.37 3.19
N VAL F 1199 65.81 -104.98 4.28
CA VAL F 1199 64.42 -105.41 4.41
C VAL F 1199 63.86 -104.79 5.68
N GLY F 1200 62.69 -104.18 5.57
CA GLY F 1200 62.04 -103.58 6.73
C GLY F 1200 60.54 -103.76 6.65
N HIS F 1201 59.92 -103.80 7.83
CA HIS F 1201 58.48 -103.96 7.96
C HIS F 1201 57.89 -102.67 8.51
N LEU F 1202 56.95 -102.10 7.76
CA LEU F 1202 56.28 -100.87 8.18
C LEU F 1202 54.88 -101.21 8.68
N ASN F 1203 54.58 -100.80 9.91
CA ASN F 1203 53.30 -101.07 10.55
C ASN F 1203 52.67 -99.72 10.90
N LEU F 1204 51.66 -99.31 10.13
CA LEU F 1204 50.97 -98.05 10.37
C LEU F 1204 49.84 -98.19 11.38
N GLY F 1205 49.64 -99.38 11.94
CA GLY F 1205 48.68 -99.53 13.01
C GLY F 1205 47.23 -99.62 12.59
N GLN F 1206 46.95 -100.20 11.42
CA GLN F 1206 45.56 -100.44 11.06
C GLN F 1206 44.92 -101.44 12.00
N ASP F 1207 45.66 -102.46 12.43
CA ASP F 1207 45.24 -103.38 13.47
C ASP F 1207 46.04 -103.03 14.72
N VAL F 1208 45.36 -102.46 15.72
CA VAL F 1208 46.02 -102.00 16.92
C VAL F 1208 46.68 -103.14 17.69
N SER F 1209 46.13 -104.34 17.60
CA SER F 1209 46.72 -105.48 18.30
C SER F 1209 48.03 -105.92 17.66
N SER F 1210 48.27 -105.58 16.40
CA SER F 1210 49.51 -105.98 15.73
C SER F 1210 50.71 -105.17 16.20
N LEU F 1211 50.49 -103.97 16.74
CA LEU F 1211 51.59 -103.16 17.24
C LEU F 1211 52.22 -103.83 18.45
N ARG F 1212 53.55 -103.85 18.50
CA ARG F 1212 54.28 -104.59 19.51
C ARG F 1212 54.72 -103.76 20.71
N PHE F 1213 54.82 -102.44 20.55
CA PHE F 1213 55.25 -101.59 21.65
C PHE F 1213 54.38 -100.34 21.81
N PHE F 1214 53.21 -100.29 21.16
CA PHE F 1214 52.35 -99.13 21.31
C PHE F 1214 51.82 -99.00 22.74
N ALA F 1215 51.44 -100.12 23.35
CA ALA F 1215 50.94 -100.09 24.71
C ALA F 1215 52.04 -99.73 25.71
N ILE F 1216 53.26 -100.19 25.45
CA ILE F 1216 54.37 -99.92 26.36
C ILE F 1216 54.72 -98.44 26.37
N CYS F 1217 54.79 -97.83 25.19
CA CYS F 1217 55.13 -96.41 25.07
C CYS F 1217 54.35 -95.82 23.90
N GLY F 1218 53.37 -94.98 24.21
CA GLY F 1218 52.61 -94.30 23.18
C GLY F 1218 51.11 -94.31 23.43
N LEU F 1219 50.60 -95.38 24.02
CA LEU F 1219 49.18 -95.47 24.30
C LEU F 1219 48.78 -94.51 25.43
N GLN F 1220 49.55 -94.51 26.52
CA GLN F 1220 49.20 -93.69 27.67
C GLN F 1220 49.55 -92.22 27.46
N GLU F 1221 50.39 -91.91 26.48
CA GLU F 1221 50.76 -90.52 26.21
C GLU F 1221 49.74 -89.81 25.32
N GLY F 1222 48.71 -90.49 24.86
CA GLY F 1222 47.69 -89.89 24.04
C GLY F 1222 47.89 -90.03 22.55
N PHE F 1223 48.88 -90.81 22.12
CA PHE F 1223 49.14 -91.01 20.71
C PHE F 1223 48.22 -92.08 20.15
N GLU F 1224 47.86 -91.93 18.88
CA GLU F 1224 47.01 -92.89 18.20
C GLU F 1224 47.75 -93.51 17.02
N PRO F 1225 47.44 -94.75 16.67
CA PRO F 1225 48.01 -95.34 15.45
C PRO F 1225 47.61 -94.52 14.23
N PHE F 1226 48.53 -94.45 13.27
CA PHE F 1226 48.32 -93.59 12.11
C PHE F 1226 47.10 -94.01 11.31
N ALA F 1227 46.74 -95.29 11.34
CA ALA F 1227 45.60 -95.78 10.58
C ALA F 1227 44.62 -96.52 11.48
N ILE F 1228 44.28 -95.93 12.62
CA ILE F 1228 43.51 -96.64 13.64
C ILE F 1228 42.13 -97.00 13.11
N ASN F 1229 41.45 -96.05 12.46
CA ASN F 1229 40.11 -96.30 11.92
C ASN F 1229 40.18 -96.12 10.40
N MET F 1230 40.59 -97.19 9.72
CA MET F 1230 40.66 -97.19 8.26
C MET F 1230 40.34 -98.60 7.78
N GLN F 1231 39.54 -98.68 6.71
CA GLN F 1231 39.14 -99.99 6.18
CA GLN F 1231 39.14 -99.99 6.18
C GLN F 1231 40.25 -100.60 5.34
N ARG F 1232 40.63 -99.91 4.27
CA ARG F 1232 41.68 -100.39 3.40
C ARG F 1232 43.06 -100.05 3.98
N PRO F 1233 44.07 -100.86 3.68
CA PRO F 1233 45.43 -100.49 4.08
C PRO F 1233 45.85 -99.18 3.44
N VAL F 1234 46.68 -98.43 4.16
CA VAL F 1234 47.10 -97.12 3.67
C VAL F 1234 47.89 -97.29 2.38
N THR F 1235 47.48 -96.57 1.34
CA THR F 1235 48.20 -96.61 0.07
C THR F 1235 49.58 -96.00 0.24
N THR F 1236 50.60 -96.68 -0.27
CA THR F 1236 51.98 -96.23 -0.15
C THR F 1236 52.55 -95.96 -1.54
N TRP F 1237 53.40 -94.94 -1.60
CA TRP F 1237 54.12 -94.59 -2.82
C TRP F 1237 55.60 -94.82 -2.61
N PHE F 1238 56.27 -95.32 -3.65
CA PHE F 1238 57.69 -95.61 -3.57
C PHE F 1238 58.42 -94.88 -4.69
N SER F 1239 59.70 -94.59 -4.45
CA SER F 1239 60.54 -93.92 -5.42
C SER F 1239 61.04 -94.95 -6.42
N LYS F 1240 60.50 -94.89 -7.64
CA LYS F 1240 60.86 -95.84 -8.68
C LYS F 1240 62.08 -95.31 -9.44
N SER F 1241 63.14 -96.11 -9.46
CA SER F 1241 64.39 -95.70 -10.10
C SER F 1241 64.38 -96.00 -11.60
N LEU F 1242 63.31 -95.59 -12.28
CA LEU F 1242 63.22 -95.72 -13.72
C LEU F 1242 63.27 -94.32 -14.33
N PRO F 1243 64.32 -93.96 -15.06
CA PRO F 1243 64.42 -92.60 -15.59
C PRO F 1243 63.26 -92.27 -16.52
N GLN F 1244 62.74 -91.06 -16.38
CA GLN F 1244 61.64 -90.57 -17.18
C GLN F 1244 61.91 -89.14 -17.62
N PHE F 1245 61.36 -88.77 -18.76
CA PHE F 1245 61.49 -87.41 -19.27
C PHE F 1245 60.40 -86.53 -18.68
N GLU F 1246 60.80 -85.44 -18.06
CA GLU F 1246 59.89 -84.48 -17.44
C GLU F 1246 60.24 -83.07 -17.90
N PRO F 1247 59.26 -82.16 -17.93
CA PRO F 1247 59.57 -80.79 -18.33
C PRO F 1247 60.59 -80.14 -17.41
N VAL F 1248 61.46 -79.33 -18.00
CA VAL F 1248 62.46 -78.60 -17.23
C VAL F 1248 61.75 -77.59 -16.35
N PRO F 1249 61.95 -77.63 -15.03
CA PRO F 1249 61.24 -76.70 -14.14
C PRO F 1249 61.59 -75.26 -14.46
N PRO F 1250 60.62 -74.35 -14.41
CA PRO F 1250 60.93 -72.93 -14.64
C PRO F 1250 61.87 -72.33 -13.63
N GLU F 1251 61.99 -72.93 -12.45
CA GLU F 1251 62.84 -72.42 -11.38
C GLU F 1251 64.02 -73.35 -11.10
N HIS F 1252 64.47 -74.08 -12.11
CA HIS F 1252 65.60 -74.98 -11.93
C HIS F 1252 66.85 -74.18 -11.61
N PRO F 1253 67.60 -74.54 -10.57
CA PRO F 1253 68.75 -73.72 -10.18
C PRO F 1253 69.85 -73.63 -11.23
N HIS F 1254 70.02 -74.66 -12.06
CA HIS F 1254 71.16 -74.72 -12.97
C HIS F 1254 70.80 -74.61 -14.44
N TYR F 1255 69.59 -74.99 -14.84
CA TYR F 1255 69.22 -75.07 -16.24
C TYR F 1255 68.09 -74.11 -16.54
N GLU F 1256 68.24 -73.35 -17.62
CA GLU F 1256 67.24 -72.40 -18.08
C GLU F 1256 66.98 -72.62 -19.55
N VAL F 1257 65.70 -72.59 -19.93
CA VAL F 1257 65.28 -72.77 -21.32
C VAL F 1257 64.56 -71.50 -21.75
N ALA F 1258 65.03 -70.90 -22.84
CA ALA F 1258 64.45 -69.68 -23.38
C ALA F 1258 63.81 -69.96 -24.73
N ARG F 1259 62.57 -69.54 -24.89
CA ARG F 1259 61.83 -69.72 -26.14
C ARG F 1259 62.09 -68.50 -27.02
N MET F 1260 62.84 -68.70 -28.09
CA MET F 1260 63.21 -67.61 -28.99
C MET F 1260 62.23 -67.59 -30.17
N ASP F 1261 61.64 -66.42 -30.41
CA ASP F 1261 60.73 -66.27 -31.53
C ASP F 1261 61.51 -66.23 -32.85
N GLY F 1262 60.84 -66.65 -33.91
CA GLY F 1262 61.46 -66.67 -35.23
C GLY F 1262 61.50 -65.31 -35.89
N THR F 1263 62.70 -64.85 -36.21
CA THR F 1263 62.88 -63.56 -36.86
C THR F 1263 62.82 -63.73 -38.37
N VAL F 1264 63.17 -62.68 -39.11
CA VAL F 1264 63.14 -62.76 -40.57
C VAL F 1264 64.19 -63.74 -41.08
N ASP F 1265 65.35 -63.80 -40.43
CA ASP F 1265 66.45 -64.64 -40.87
C ASP F 1265 66.69 -65.86 -39.99
N THR F 1266 65.97 -65.99 -38.87
CA THR F 1266 66.16 -67.12 -37.98
C THR F 1266 64.82 -67.77 -37.68
N PRO F 1267 64.81 -69.09 -37.49
CA PRO F 1267 63.57 -69.78 -37.12
C PRO F 1267 63.34 -69.72 -35.63
N PRO F 1268 62.14 -70.08 -35.16
CA PRO F 1268 61.93 -70.18 -33.72
C PRO F 1268 62.85 -71.22 -33.09
N CYS F 1269 63.33 -70.93 -31.90
CA CYS F 1269 64.35 -71.75 -31.25
C CYS F 1269 64.00 -71.98 -29.79
N LEU F 1270 64.55 -73.06 -29.25
CA LEU F 1270 64.47 -73.38 -27.82
C LEU F 1270 65.90 -73.50 -27.32
N ARG F 1271 66.41 -72.44 -26.70
CA ARG F 1271 67.81 -72.34 -26.31
C ARG F 1271 67.99 -72.74 -24.86
N LEU F 1272 69.01 -73.55 -24.60
CA LEU F 1272 69.35 -74.00 -23.26
C LEU F 1272 70.57 -73.21 -22.77
N ALA F 1273 70.49 -72.71 -21.55
CA ALA F 1273 71.57 -71.95 -20.93
C ALA F 1273 71.84 -72.49 -19.54
N HIS F 1274 73.11 -72.49 -19.14
CA HIS F 1274 73.52 -72.92 -17.82
C HIS F 1274 73.52 -71.71 -16.89
N ARG F 1275 72.64 -71.73 -15.90
CA ARG F 1275 72.47 -70.56 -15.03
C ARG F 1275 73.73 -70.27 -14.21
N THR F 1276 74.33 -71.31 -13.63
CA THR F 1276 75.40 -71.13 -12.65
C THR F 1276 76.76 -71.57 -13.17
N TRP F 1277 76.97 -71.57 -14.48
CA TRP F 1277 78.23 -72.04 -15.03
C TRP F 1277 79.38 -71.14 -14.57
N GLY F 1278 80.51 -71.77 -14.26
CA GLY F 1278 81.70 -71.05 -13.86
C GLY F 1278 81.77 -70.76 -12.37
N SER F 1279 80.61 -70.55 -11.75
CA SER F 1279 80.57 -70.21 -10.34
C SER F 1279 80.76 -71.45 -9.47
N GLN F 1280 81.01 -71.20 -8.19
CA GLN F 1280 81.10 -72.27 -7.20
C GLN F 1280 79.76 -72.99 -7.11
N ASN F 1281 79.82 -74.28 -6.77
CA ASN F 1281 78.68 -75.19 -6.55
C ASN F 1281 77.93 -75.47 -7.85
N SER F 1282 78.47 -75.05 -8.99
CA SER F 1282 77.83 -75.35 -10.27
C SER F 1282 77.75 -76.86 -10.50
N LEU F 1283 76.62 -77.30 -11.06
CA LEU F 1283 76.40 -78.71 -11.35
C LEU F 1283 76.73 -78.97 -12.81
N VAL F 1284 77.72 -79.83 -13.04
CA VAL F 1284 78.14 -80.21 -14.39
C VAL F 1284 78.01 -81.72 -14.49
N GLU F 1285 77.10 -82.20 -15.33
CA GLU F 1285 76.87 -83.62 -15.51
C GLU F 1285 76.17 -83.83 -16.84
N MET F 1286 76.12 -85.09 -17.28
CA MET F 1286 75.44 -85.42 -18.52
C MET F 1286 73.98 -85.02 -18.44
N LEU F 1287 73.51 -84.35 -19.49
CA LEU F 1287 72.14 -83.86 -19.57
C LEU F 1287 71.45 -84.50 -20.76
N PHE F 1288 70.30 -85.11 -20.50
CA PHE F 1288 69.53 -85.81 -21.53
C PHE F 1288 68.26 -85.00 -21.78
N LEU F 1289 68.19 -84.36 -22.95
CA LEU F 1289 67.09 -83.50 -23.32
C LEU F 1289 66.34 -84.08 -24.51
N ARG F 1290 65.03 -83.83 -24.54
CA ARG F 1290 64.21 -84.19 -25.69
C ARG F 1290 63.05 -83.22 -25.78
N LEU F 1291 62.46 -83.13 -26.97
CA LEU F 1291 61.27 -82.32 -27.16
C LEU F 1291 60.04 -83.09 -26.71
N SER F 1292 59.01 -82.34 -26.30
CA SER F 1292 57.85 -82.95 -25.65
C SER F 1292 56.97 -83.71 -26.63
N LEU F 1293 57.09 -83.48 -27.93
CA LEU F 1293 56.19 -84.13 -28.87
C LEU F 1293 56.97 -84.94 -29.89
N PRO F 1294 56.47 -86.13 -30.24
CA PRO F 1294 57.16 -86.98 -31.20
C PRO F 1294 56.68 -86.76 -32.63
N VAL F 1295 57.44 -87.31 -33.57
CA VAL F 1295 57.02 -87.45 -34.96
C VAL F 1295 56.81 -88.93 -35.25
N GLN F 1296 55.68 -89.25 -35.87
CA GLN F 1296 55.29 -90.62 -36.10
C GLN F 1296 55.39 -90.94 -37.59
N PHE F 1297 56.08 -92.02 -37.91
CA PHE F 1297 56.22 -92.44 -39.30
C PHE F 1297 54.90 -92.99 -39.83
N HIS F 1298 54.76 -92.96 -41.15
CA HIS F 1298 53.51 -93.36 -41.78
C HIS F 1298 53.24 -94.84 -41.55
N GLN F 1299 51.95 -95.20 -41.64
CA GLN F 1299 51.54 -96.58 -41.43
C GLN F 1299 52.15 -97.50 -42.49
N HIS F 1300 52.20 -97.05 -43.74
CA HIS F 1300 52.77 -97.83 -44.84
C HIS F 1300 53.83 -97.00 -45.53
N PHE F 1301 54.93 -97.63 -45.88
CA PHE F 1301 56.01 -96.97 -46.59
C PHE F 1301 55.80 -97.08 -48.10
N ARG F 1302 56.33 -96.09 -48.82
CA ARG F 1302 56.21 -96.08 -50.27
C ARG F 1302 57.01 -97.24 -50.87
N CYS F 1303 56.49 -97.79 -51.96
CA CYS F 1303 57.14 -98.89 -52.64
C CYS F 1303 58.48 -98.45 -53.23
N THR F 1304 59.49 -99.31 -53.12
CA THR F 1304 60.83 -99.04 -53.62
C THR F 1304 61.39 -97.74 -53.04
N ASP F 1419 66.01 -66.69 -55.14
CA ASP F 1419 66.56 -68.04 -55.09
C ASP F 1419 66.31 -68.67 -53.73
N ASN F 1420 66.62 -69.97 -53.61
CA ASN F 1420 66.38 -70.73 -52.39
C ASN F 1420 64.92 -70.63 -51.97
N ARG F 1421 64.02 -70.75 -52.93
CA ARG F 1421 62.59 -70.68 -52.71
C ARG F 1421 61.96 -72.03 -52.95
N ASP F 1422 61.07 -72.44 -52.05
CA ASP F 1422 60.46 -73.76 -52.14
C ASP F 1422 59.53 -73.86 -53.35
N ASP F 1423 59.59 -74.99 -54.03
CA ASP F 1423 58.66 -75.27 -55.11
C ASP F 1423 57.29 -75.58 -54.52
N PRO F 1424 56.24 -74.83 -54.87
CA PRO F 1424 54.94 -75.06 -54.22
C PRO F 1424 54.41 -76.48 -54.36
N GLU F 1425 54.63 -77.13 -55.51
CA GLU F 1425 54.13 -78.49 -55.67
C GLU F 1425 54.98 -79.50 -54.92
N ILE F 1426 56.29 -79.28 -54.85
CA ILE F 1426 57.16 -80.20 -54.13
C ILE F 1426 56.94 -80.08 -52.62
N ILE F 1427 56.84 -78.85 -52.12
CA ILE F 1427 56.75 -78.64 -50.69
C ILE F 1427 55.44 -79.18 -50.11
N LEU F 1428 54.37 -79.23 -50.91
CA LEU F 1428 53.08 -79.72 -50.45
C LEU F 1428 52.93 -81.23 -50.60
N ASN F 1429 53.87 -81.90 -51.25
CA ASN F 1429 53.81 -83.34 -51.42
C ASN F 1429 54.96 -84.07 -50.76
N THR F 1430 55.92 -83.36 -50.18
CA THR F 1430 57.07 -83.99 -49.55
C THR F 1430 56.69 -84.59 -48.20
N THR F 1431 57.41 -85.64 -47.82
CA THR F 1431 57.25 -86.26 -46.51
C THR F 1431 58.52 -86.16 -45.66
N THR F 1432 59.46 -85.31 -46.06
CA THR F 1432 60.71 -85.13 -45.34
C THR F 1432 60.60 -83.93 -44.41
N TYR F 1433 61.03 -84.11 -43.17
CA TYR F 1433 60.96 -83.07 -42.16
C TYR F 1433 62.35 -82.84 -41.57
N TYR F 1434 62.59 -81.60 -41.16
CA TYR F 1434 63.94 -81.17 -40.80
C TYR F 1434 63.92 -80.43 -39.46
N TYR F 1435 64.98 -80.62 -38.69
CA TYR F 1435 65.26 -79.78 -37.54
C TYR F 1435 66.76 -79.84 -37.29
N SER F 1436 67.29 -78.77 -36.70
CA SER F 1436 68.72 -78.64 -36.48
C SER F 1436 69.00 -78.20 -35.06
N VAL F 1437 70.19 -78.53 -34.59
CA VAL F 1437 70.67 -78.16 -33.27
C VAL F 1437 71.95 -77.36 -33.42
N ARG F 1438 71.99 -76.18 -32.82
CA ARG F 1438 73.13 -75.29 -32.89
C ARG F 1438 73.95 -75.46 -31.61
N VAL F 1439 75.16 -75.98 -31.73
CA VAL F 1439 76.09 -76.09 -30.61
C VAL F 1439 76.90 -74.80 -30.57
N PHE F 1440 76.63 -73.96 -29.57
CA PHE F 1440 77.26 -72.65 -29.50
C PHE F 1440 78.77 -72.78 -29.31
N ALA F 1441 79.49 -71.76 -29.78
CA ALA F 1441 80.93 -71.70 -29.56
C ALA F 1441 81.23 -71.67 -28.07
N GLY F 1442 82.18 -72.50 -27.64
CA GLY F 1442 82.49 -72.72 -26.25
C GLY F 1442 82.05 -74.06 -25.74
N GLN F 1443 80.94 -74.59 -26.27
CA GLN F 1443 80.50 -75.94 -25.94
C GLN F 1443 81.25 -76.93 -26.84
N GLU F 1444 81.92 -77.88 -26.23
CA GLU F 1444 82.72 -78.84 -26.98
C GLU F 1444 81.81 -79.76 -27.79
N PRO F 1445 82.00 -79.85 -29.11
CA PRO F 1445 81.20 -80.80 -29.90
C PRO F 1445 81.39 -82.24 -29.48
N SER F 1446 82.54 -82.59 -28.91
CA SER F 1446 82.79 -83.96 -28.47
C SER F 1446 81.89 -84.38 -27.31
N CYS F 1447 81.22 -83.43 -26.65
CA CYS F 1447 80.32 -83.72 -25.55
C CYS F 1447 78.86 -83.52 -25.93
N VAL F 1448 78.55 -83.57 -27.22
CA VAL F 1448 77.20 -83.34 -27.72
C VAL F 1448 76.80 -84.51 -28.60
N TRP F 1449 75.61 -85.06 -28.35
CA TRP F 1449 75.01 -86.07 -29.21
C TRP F 1449 73.64 -85.56 -29.66
N VAL F 1450 73.40 -85.61 -30.97
CA VAL F 1450 72.19 -85.06 -31.56
C VAL F 1450 71.50 -86.15 -32.37
N GLY F 1451 70.19 -86.29 -32.19
CA GLY F 1451 69.44 -87.26 -32.95
C GLY F 1451 68.01 -87.43 -32.48
N TRP F 1452 67.56 -88.69 -32.37
CA TRP F 1452 66.20 -88.99 -31.99
C TRP F 1452 66.20 -90.12 -30.96
N VAL F 1453 65.15 -90.16 -30.15
CA VAL F 1453 64.95 -91.22 -29.17
C VAL F 1453 63.53 -91.73 -29.28
N THR F 1454 63.36 -93.03 -29.17
CA THR F 1454 62.05 -93.64 -29.09
C THR F 1454 61.45 -93.41 -27.71
N PRO F 1455 60.13 -93.50 -27.57
CA PRO F 1455 59.51 -93.22 -26.26
C PRO F 1455 59.89 -94.19 -25.15
N ASP F 1456 60.68 -95.23 -25.44
CA ASP F 1456 61.10 -96.20 -24.43
C ASP F 1456 62.59 -96.07 -24.10
N TYR F 1457 63.10 -94.84 -24.09
CA TYR F 1457 64.48 -94.59 -23.70
C TYR F 1457 64.53 -94.21 -22.23
N HIS F 1458 65.22 -95.01 -21.42
CA HIS F 1458 65.35 -94.78 -19.99
C HIS F 1458 66.77 -95.03 -19.53
N GLN F 1459 67.75 -94.57 -20.30
CA GLN F 1459 69.16 -94.84 -20.03
C GLN F 1459 69.80 -93.55 -19.52
N HIS F 1460 69.89 -93.43 -18.20
CA HIS F 1460 70.47 -92.25 -17.56
C HIS F 1460 71.94 -92.51 -17.18
N ASP F 1461 72.78 -92.60 -18.21
CA ASP F 1461 74.18 -92.96 -18.04
C ASP F 1461 75.03 -91.69 -17.94
N MET F 1462 75.78 -91.58 -16.85
CA MET F 1462 76.66 -90.42 -16.65
C MET F 1462 77.93 -90.50 -17.49
N ASN F 1463 78.19 -91.63 -18.14
CA ASN F 1463 79.35 -91.76 -19.02
C ASN F 1463 78.88 -92.19 -20.40
N PHE F 1464 77.86 -91.49 -20.91
CA PHE F 1464 77.20 -91.92 -22.13
C PHE F 1464 78.11 -91.74 -23.35
N ASP F 1465 78.04 -92.73 -24.24
CA ASP F 1465 78.59 -92.61 -25.59
C ASP F 1465 77.78 -93.53 -26.48
N LEU F 1466 78.07 -93.48 -27.79
CA LEU F 1466 77.28 -94.24 -28.75
C LEU F 1466 77.39 -95.75 -28.56
N SER F 1467 78.39 -96.23 -27.82
CA SER F 1467 78.51 -97.66 -27.55
C SER F 1467 77.53 -98.14 -26.48
N LYS F 1468 76.98 -97.24 -25.66
CA LYS F 1468 76.00 -97.62 -24.65
C LYS F 1468 74.58 -97.72 -25.21
N VAL F 1469 74.37 -97.33 -26.46
CA VAL F 1469 73.03 -97.33 -27.03
C VAL F 1469 72.55 -98.76 -27.18
N ARG F 1470 71.32 -99.02 -26.70
CA ARG F 1470 70.74 -100.35 -26.84
C ARG F 1470 70.53 -100.69 -28.31
N ALA F 1471 70.89 -101.90 -28.69
CA ALA F 1471 70.72 -102.36 -30.05
C ALA F 1471 70.47 -103.85 -30.06
N VAL F 1472 69.74 -104.31 -31.07
CA VAL F 1472 69.46 -105.73 -31.24
C VAL F 1472 69.00 -105.94 -32.67
N THR F 1473 69.41 -107.05 -33.27
CA THR F 1473 69.04 -107.41 -34.63
C THR F 1473 68.17 -108.66 -34.57
N VAL F 1474 66.98 -108.58 -35.16
CA VAL F 1474 66.06 -109.71 -35.26
C VAL F 1474 66.17 -110.26 -36.68
N THR F 1475 66.60 -111.51 -36.79
CA THR F 1475 66.85 -112.15 -38.06
C THR F 1475 65.88 -113.30 -38.26
N MET F 1476 65.19 -113.30 -39.40
CA MET F 1476 64.26 -114.36 -39.77
C MET F 1476 64.78 -115.08 -41.01
N GLY F 1477 64.46 -116.36 -41.10
CA GLY F 1477 64.91 -117.17 -42.22
C GLY F 1477 63.93 -118.29 -42.50
N ASP F 1478 64.21 -119.05 -43.56
CA ASP F 1478 63.38 -120.17 -43.94
C ASP F 1478 63.83 -121.42 -43.18
N GLU F 1479 63.36 -122.59 -43.62
CA GLU F 1479 63.65 -123.82 -42.90
C GLU F 1479 65.15 -124.11 -42.82
N GLN F 1480 65.93 -123.64 -43.80
CA GLN F 1480 67.38 -123.87 -43.84
C GLN F 1480 68.09 -122.53 -44.06
N GLY F 1481 68.36 -121.82 -42.97
CA GLY F 1481 69.10 -120.57 -43.06
C GLY F 1481 68.38 -119.57 -43.94
N ASN F 1482 69.09 -119.08 -44.96
CA ASN F 1482 68.52 -118.22 -46.01
C ASN F 1482 67.77 -117.03 -45.42
N VAL F 1483 68.53 -116.18 -44.74
CA VAL F 1483 68.00 -114.98 -44.11
C VAL F 1483 67.22 -114.15 -45.13
N HIS F 1484 65.92 -113.97 -44.88
CA HIS F 1484 65.09 -113.14 -45.74
C HIS F 1484 64.63 -111.87 -45.06
N SER F 1485 64.96 -111.67 -43.78
CA SER F 1485 64.58 -110.45 -43.07
C SER F 1485 65.50 -110.24 -41.88
N SER F 1486 66.14 -109.07 -41.81
CA SER F 1486 67.07 -108.74 -40.73
C SER F 1486 66.80 -107.30 -40.32
N LEU F 1487 65.95 -107.14 -39.31
CA LEU F 1487 65.60 -105.82 -38.81
C LEU F 1487 66.52 -105.43 -37.67
N LYS F 1488 66.78 -104.13 -37.55
CA LYS F 1488 67.64 -103.58 -36.52
C LYS F 1488 66.83 -102.67 -35.63
N CYS F 1489 66.93 -102.87 -34.31
CA CYS F 1489 66.11 -102.17 -33.34
C CYS F 1489 66.99 -101.40 -32.37
N SER F 1490 66.56 -100.19 -32.04
CA SER F 1490 67.26 -99.35 -31.07
C SER F 1490 66.29 -98.31 -30.53
N ASN F 1491 66.65 -97.74 -29.38
CA ASN F 1491 65.86 -96.69 -28.76
C ASN F 1491 66.52 -95.32 -28.88
N CYS F 1492 67.68 -95.24 -29.52
CA CYS F 1492 68.41 -93.99 -29.62
C CYS F 1492 69.12 -93.95 -30.97
N TYR F 1493 68.71 -93.02 -31.83
CA TYR F 1493 69.33 -92.83 -33.14
C TYR F 1493 69.97 -91.46 -33.13
N MET F 1494 71.27 -91.40 -32.86
CA MET F 1494 71.97 -90.15 -32.69
C MET F 1494 73.32 -90.19 -33.41
N VAL F 1495 73.90 -89.01 -33.58
CA VAL F 1495 75.24 -88.85 -34.12
C VAL F 1495 76.08 -88.14 -33.07
N TRP F 1496 77.40 -88.37 -33.15
CA TRP F 1496 78.32 -87.76 -32.21
C TRP F 1496 78.85 -86.46 -32.79
N GLY F 1497 78.84 -85.40 -31.97
CA GLY F 1497 79.36 -84.12 -32.42
C GLY F 1497 80.86 -84.16 -32.67
N GLY F 1498 81.55 -85.15 -32.11
CA GLY F 1498 82.98 -85.28 -32.32
C GLY F 1498 83.35 -85.83 -33.69
N ASP F 1499 82.38 -86.29 -34.47
CA ASP F 1499 82.64 -86.77 -35.81
C ASP F 1499 82.61 -85.66 -36.86
N PHE F 1500 82.27 -84.43 -36.46
CA PHE F 1500 82.09 -83.32 -37.39
C PHE F 1500 83.10 -82.21 -37.13
N VAL F 1501 84.25 -82.56 -36.55
CA VAL F 1501 85.29 -81.59 -36.24
C VAL F 1501 86.61 -82.09 -36.85
N SER F 1502 87.24 -81.23 -37.66
CA SER F 1502 88.53 -81.58 -38.23
C SER F 1502 89.60 -81.62 -37.14
N PRO F 1503 90.56 -82.55 -37.26
CA PRO F 1503 91.69 -82.63 -36.30
C PRO F 1503 92.68 -81.48 -36.46
N GLY F 1504 92.17 -80.25 -36.35
CA GLY F 1504 93.06 -79.11 -36.39
C GLY F 1504 94.04 -79.13 -35.23
N GLN F 1505 95.16 -78.44 -35.40
CA GLN F 1505 96.22 -78.46 -34.38
C GLN F 1505 95.67 -78.06 -33.02
N GLN F 1506 94.92 -76.96 -32.96
CA GLN F 1506 94.10 -76.63 -31.80
C GLN F 1506 93.15 -75.51 -32.23
N GLY F 1507 92.52 -74.89 -31.24
CA GLY F 1507 91.43 -73.98 -31.52
C GLY F 1507 90.15 -74.76 -31.69
N ARG F 1508 90.01 -75.84 -30.91
CA ARG F 1508 88.85 -76.72 -31.04
C ARG F 1508 87.55 -76.00 -30.69
N ILE F 1509 87.62 -75.01 -29.81
CA ILE F 1509 86.47 -74.13 -29.59
C ILE F 1509 86.41 -73.21 -30.79
N SER F 1510 85.54 -73.53 -31.74
CA SER F 1510 85.56 -72.86 -33.04
C SER F 1510 84.89 -71.49 -32.96
N HIS F 1511 85.24 -70.66 -33.94
CA HIS F 1511 84.52 -69.40 -34.13
C HIS F 1511 83.08 -69.65 -34.55
N THR F 1512 82.86 -70.68 -35.37
CA THR F 1512 81.55 -70.98 -35.91
C THR F 1512 80.87 -72.06 -35.07
N ASP F 1513 79.61 -71.81 -34.74
CA ASP F 1513 78.82 -72.80 -34.03
C ASP F 1513 78.54 -73.99 -34.93
N LEU F 1514 78.54 -75.19 -34.34
CA LEU F 1514 78.20 -76.40 -35.07
C LEU F 1514 76.70 -76.55 -35.16
N VAL F 1515 76.18 -76.64 -36.38
CA VAL F 1515 74.74 -76.72 -36.61
C VAL F 1515 74.47 -78.08 -37.24
N ILE F 1516 74.14 -79.07 -36.41
CA ILE F 1516 73.85 -80.42 -36.86
C ILE F 1516 72.37 -80.49 -37.24
N GLY F 1517 72.10 -80.84 -38.49
CA GLY F 1517 70.75 -80.95 -38.99
C GLY F 1517 70.32 -82.41 -39.09
N CYS F 1518 69.04 -82.65 -38.86
CA CYS F 1518 68.46 -83.99 -38.90
C CYS F 1518 67.31 -84.03 -39.88
N LEU F 1519 67.32 -85.02 -40.76
CA LEU F 1519 66.26 -85.20 -41.76
C LEU F 1519 65.60 -86.54 -41.56
N VAL F 1520 64.27 -86.55 -41.51
CA VAL F 1520 63.49 -87.78 -41.39
C VAL F 1520 62.46 -87.79 -42.50
N ASP F 1521 62.36 -88.91 -43.21
CA ASP F 1521 61.36 -89.12 -44.25
C ASP F 1521 60.33 -90.10 -43.70
N LEU F 1522 59.14 -89.58 -43.35
CA LEU F 1522 58.13 -90.40 -42.71
C LEU F 1522 57.51 -91.42 -43.65
N ALA F 1523 57.69 -91.27 -44.96
CA ALA F 1523 57.13 -92.21 -45.93
C ALA F 1523 58.09 -93.32 -46.31
N THR F 1524 59.35 -93.27 -45.86
CA THR F 1524 60.32 -94.31 -46.15
C THR F 1524 61.06 -94.81 -44.93
N GLY F 1525 60.98 -94.12 -43.80
CA GLY F 1525 61.70 -94.55 -42.62
C GLY F 1525 63.19 -94.33 -42.68
N LEU F 1526 63.66 -93.44 -43.53
CA LEU F 1526 65.08 -93.16 -43.69
C LEU F 1526 65.44 -91.87 -42.95
N MET F 1527 66.54 -91.91 -42.20
CA MET F 1527 66.99 -90.79 -41.40
C MET F 1527 68.41 -90.43 -41.79
N THR F 1528 68.65 -89.15 -42.04
CA THR F 1528 69.97 -88.66 -42.46
C THR F 1528 70.34 -87.45 -41.62
N PHE F 1529 71.63 -87.12 -41.63
CA PHE F 1529 72.16 -86.03 -40.83
C PHE F 1529 73.10 -85.18 -41.67
N THR F 1530 73.21 -83.91 -41.30
CA THR F 1530 74.11 -82.96 -41.95
C THR F 1530 74.98 -82.29 -40.90
N ALA F 1531 76.28 -82.15 -41.21
CA ALA F 1531 77.22 -81.58 -40.25
C ALA F 1531 77.16 -80.07 -40.24
N ASN F 1532 77.52 -79.44 -41.36
CA ASN F 1532 77.42 -77.99 -41.54
C ASN F 1532 76.87 -77.70 -42.93
N GLY F 1533 75.85 -78.44 -43.33
CA GLY F 1533 75.38 -78.44 -44.70
C GLY F 1533 75.97 -79.53 -45.56
N LYS F 1534 76.92 -80.30 -45.03
CA LYS F 1534 77.50 -81.43 -45.74
C LYS F 1534 76.87 -82.72 -45.22
N GLU F 1535 76.40 -83.55 -46.14
CA GLU F 1535 75.72 -84.78 -45.75
C GLU F 1535 76.69 -85.72 -45.04
N SER F 1536 76.24 -86.28 -43.92
CA SER F 1536 77.04 -87.21 -43.16
C SER F 1536 76.85 -88.64 -43.67
N ASN F 1537 77.83 -89.50 -43.38
CA ASN F 1537 77.77 -90.87 -43.84
C ASN F 1537 76.79 -91.72 -43.03
N THR F 1538 76.58 -91.37 -41.76
CA THR F 1538 75.70 -92.17 -40.92
C THR F 1538 74.24 -91.96 -41.30
N PHE F 1539 73.47 -93.05 -41.21
CA PHE F 1539 72.04 -93.01 -41.49
C PHE F 1539 71.37 -94.14 -40.73
N PHE F 1540 70.06 -94.04 -40.58
CA PHE F 1540 69.28 -95.05 -39.88
C PHE F 1540 68.02 -95.37 -40.66
N GLN F 1541 67.53 -96.59 -40.47
CA GLN F 1541 66.29 -97.05 -41.07
C GLN F 1541 65.38 -97.57 -39.96
N VAL F 1542 64.12 -97.14 -39.97
CA VAL F 1542 63.17 -97.51 -38.95
C VAL F 1542 61.92 -98.08 -39.60
N GLU F 1543 61.14 -98.82 -38.81
CA GLU F 1543 59.91 -99.46 -39.22
C GLU F 1543 58.75 -98.48 -39.17
N PRO F 1544 57.65 -98.76 -39.88
CA PRO F 1544 56.49 -97.87 -39.84
C PRO F 1544 55.88 -97.81 -38.45
N ASN F 1545 55.16 -96.71 -38.21
CA ASN F 1545 54.50 -96.38 -36.95
C ASN F 1545 55.48 -96.07 -35.83
N THR F 1546 56.75 -95.88 -36.14
CA THR F 1546 57.74 -95.55 -35.13
C THR F 1546 57.58 -94.10 -34.67
N LYS F 1547 57.64 -93.89 -33.35
CA LYS F 1547 57.61 -92.56 -32.77
C LYS F 1547 59.02 -92.16 -32.37
N LEU F 1548 59.45 -90.98 -32.81
CA LEU F 1548 60.78 -90.47 -32.50
C LEU F 1548 60.66 -89.08 -31.91
N PHE F 1549 61.35 -88.86 -30.80
CA PHE F 1549 61.42 -87.56 -30.14
C PHE F 1549 62.73 -86.88 -30.48
N PRO F 1550 62.72 -85.65 -30.97
CA PRO F 1550 63.98 -84.93 -31.16
C PRO F 1550 64.69 -84.75 -29.83
N ALA F 1551 65.92 -85.25 -29.75
CA ALA F 1551 66.62 -85.30 -28.48
C ALA F 1551 68.08 -84.94 -28.66
N VAL F 1552 68.64 -84.29 -27.64
CA VAL F 1552 70.06 -83.93 -27.60
C VAL F 1552 70.62 -84.36 -26.24
N PHE F 1553 71.71 -85.12 -26.27
CA PHE F 1553 72.45 -85.49 -25.06
C PHE F 1553 73.73 -84.69 -25.04
N VAL F 1554 73.92 -83.90 -23.99
CA VAL F 1554 75.04 -82.95 -23.94
C VAL F 1554 75.61 -82.91 -22.52
N LEU F 1555 76.94 -82.79 -22.43
CA LEU F 1555 77.62 -82.48 -21.19
C LEU F 1555 78.03 -81.02 -21.25
N PRO F 1556 77.42 -80.13 -20.46
CA PRO F 1556 77.69 -78.70 -20.62
C PRO F 1556 79.15 -78.36 -20.34
N THR F 1557 79.68 -77.44 -21.16
CA THR F 1557 81.03 -76.92 -20.98
C THR F 1557 81.08 -75.41 -21.19
N HIS F 1558 79.93 -74.74 -21.19
CA HIS F 1558 79.85 -73.31 -21.46
C HIS F 1558 78.51 -72.81 -20.95
N GLN F 1559 78.39 -71.49 -20.84
CA GLN F 1559 77.12 -70.90 -20.41
C GLN F 1559 76.03 -71.18 -21.44
N ASN F 1560 76.35 -71.01 -22.72
CA ASN F 1560 75.43 -71.37 -23.81
C ASN F 1560 75.76 -72.78 -24.27
N VAL F 1561 74.77 -73.67 -24.20
CA VAL F 1561 75.04 -75.10 -24.41
C VAL F 1561 74.59 -75.53 -25.80
N ILE F 1562 73.29 -75.48 -26.05
CA ILE F 1562 72.71 -75.93 -27.31
C ILE F 1562 71.52 -75.03 -27.65
N GLN F 1563 70.89 -75.31 -28.78
CA GLN F 1563 69.72 -74.55 -29.21
C GLN F 1563 68.96 -75.39 -30.23
N PHE F 1564 67.77 -75.86 -29.87
CA PHE F 1564 66.91 -76.53 -30.83
C PHE F 1564 66.42 -75.52 -31.86
N GLU F 1565 66.76 -75.74 -33.12
CA GLU F 1565 66.33 -74.86 -34.20
C GLU F 1565 65.24 -75.55 -34.99
N LEU F 1566 64.01 -75.08 -34.83
CA LEU F 1566 62.84 -75.69 -35.47
C LEU F 1566 62.56 -75.02 -36.82
N GLY F 1567 63.59 -75.05 -37.67
CA GLY F 1567 63.54 -74.42 -38.97
C GLY F 1567 63.16 -75.38 -40.08
N LYS F 1568 63.58 -75.03 -41.29
CA LYS F 1568 63.29 -75.83 -42.47
C LYS F 1568 64.39 -75.61 -43.49
N GLN F 1569 64.45 -76.52 -44.45
CA GLN F 1569 65.36 -76.44 -45.58
C GLN F 1569 64.56 -76.19 -46.86
N LYS F 1570 65.24 -76.17 -47.98
CA LYS F 1570 64.57 -75.99 -49.27
C LYS F 1570 63.75 -77.25 -49.59
N ASN F 1571 62.45 -77.06 -49.85
CA ASN F 1571 61.54 -78.14 -50.18
C ASN F 1571 61.46 -79.19 -49.07
N ILE F 1572 61.63 -78.77 -47.82
CA ILE F 1572 61.54 -79.65 -46.66
C ILE F 1572 60.70 -78.97 -45.59
N MET F 1573 59.70 -79.66 -45.08
CA MET F 1573 58.80 -79.11 -44.08
C MET F 1573 59.47 -79.06 -42.71
N PRO F 1574 59.05 -78.14 -41.85
CA PRO F 1574 59.58 -78.10 -40.48
C PRO F 1574 58.93 -79.17 -39.61
N LEU F 1575 59.41 -79.24 -38.36
CA LEU F 1575 58.90 -80.24 -37.43
C LEU F 1575 57.45 -79.96 -37.05
N SER F 1576 57.08 -78.68 -36.96
CA SER F 1576 55.71 -78.34 -36.60
C SER F 1576 54.70 -78.89 -37.60
N ALA F 1577 55.14 -79.12 -38.84
CA ALA F 1577 54.26 -79.72 -39.83
C ALA F 1577 54.01 -81.20 -39.55
N ALA F 1578 54.92 -81.88 -38.86
CA ALA F 1578 54.77 -83.29 -38.57
C ALA F 1578 54.19 -83.57 -37.19
N MET F 1579 54.40 -82.67 -36.23
CA MET F 1579 53.91 -82.90 -34.86
C MET F 1579 52.44 -82.58 -34.70
N PHE F 1580 51.87 -81.74 -35.57
CA PHE F 1580 50.51 -81.26 -35.41
C PHE F 1580 49.71 -81.56 -36.67
N LEU F 1581 48.51 -82.11 -36.50
CA LEU F 1581 47.66 -82.43 -37.64
C LEU F 1581 47.22 -81.18 -38.39
N SER F 1582 46.89 -80.12 -37.67
CA SER F 1582 46.40 -78.90 -38.30
C SER F 1582 47.47 -78.16 -39.09
N GLU F 1583 48.74 -78.53 -38.94
CA GLU F 1583 49.84 -77.84 -39.61
C GLU F 1583 50.52 -78.72 -40.65
N ARG F 1584 49.86 -79.78 -41.11
CA ARG F 1584 50.48 -80.70 -42.06
C ARG F 1584 50.88 -80.01 -43.35
N LYS F 1585 50.07 -79.05 -43.81
CA LYS F 1585 50.34 -78.32 -45.05
C LYS F 1585 50.83 -76.92 -44.81
N ASN F 1586 51.32 -76.61 -43.61
CA ASN F 1586 51.81 -75.27 -43.30
C ASN F 1586 53.33 -75.30 -43.30
N PRO F 1587 54.00 -74.71 -44.29
CA PRO F 1587 55.46 -74.71 -44.32
C PRO F 1587 56.11 -73.70 -43.38
N ALA F 1588 55.34 -72.81 -42.77
CA ALA F 1588 55.91 -71.82 -41.88
C ALA F 1588 56.31 -72.47 -40.55
N PRO F 1589 57.57 -72.36 -40.14
CA PRO F 1589 57.97 -72.97 -38.86
C PRO F 1589 57.19 -72.37 -37.69
N GLN F 1590 56.83 -73.22 -36.74
CA GLN F 1590 56.09 -72.81 -35.55
C GLN F 1590 56.67 -73.49 -34.33
N CYS F 1591 56.50 -72.84 -33.18
CA CYS F 1591 56.87 -73.40 -31.89
C CYS F 1591 55.71 -73.22 -30.93
N PRO F 1592 54.69 -74.07 -31.03
CA PRO F 1592 53.51 -73.93 -30.17
C PRO F 1592 53.86 -74.19 -28.72
N PRO F 1593 53.06 -73.68 -27.78
CA PRO F 1593 53.41 -73.82 -26.36
C PRO F 1593 53.54 -75.25 -25.88
N ARG F 1594 52.81 -76.19 -26.48
CA ARG F 1594 52.91 -77.58 -26.04
C ARG F 1594 54.29 -78.15 -26.29
N LEU F 1595 55.00 -77.65 -27.29
CA LEU F 1595 56.34 -78.12 -27.60
C LEU F 1595 57.34 -77.46 -26.65
N GLU F 1596 57.98 -78.27 -25.82
CA GLU F 1596 58.91 -77.76 -24.81
C GLU F 1596 60.02 -78.77 -24.61
N VAL F 1597 61.10 -78.31 -23.99
CA VAL F 1597 62.25 -79.15 -23.72
C VAL F 1597 62.04 -79.94 -22.44
N GLN F 1598 62.24 -81.25 -22.50
CA GLN F 1598 62.09 -82.12 -21.35
C GLN F 1598 63.44 -82.77 -21.04
N MET F 1599 63.70 -82.94 -19.74
CA MET F 1599 64.94 -83.53 -19.26
C MET F 1599 64.65 -84.86 -18.57
N LEU F 1600 65.65 -85.74 -18.59
CA LEU F 1600 65.53 -87.09 -18.06
C LEU F 1600 65.75 -87.04 -16.55
N MET F 1601 64.72 -87.41 -15.79
CA MET F 1601 64.78 -87.45 -14.33
C MET F 1601 65.00 -88.87 -13.85
N PRO F 1602 66.10 -89.13 -13.13
CA PRO F 1602 66.41 -90.52 -12.76
C PRO F 1602 65.37 -91.19 -11.88
N VAL F 1603 64.73 -90.47 -10.97
CA VAL F 1603 63.82 -91.07 -10.00
C VAL F 1603 62.49 -90.33 -10.03
N SER F 1604 61.40 -91.09 -9.87
CA SER F 1604 60.07 -90.52 -9.84
C SER F 1604 59.23 -91.31 -8.84
N TRP F 1605 58.16 -90.68 -8.36
CA TRP F 1605 57.25 -91.34 -7.45
C TRP F 1605 56.31 -92.27 -8.20
N SER F 1606 56.09 -93.46 -7.65
CA SER F 1606 55.17 -94.43 -8.23
C SER F 1606 54.30 -95.00 -7.13
N ARG F 1607 53.05 -95.31 -7.47
CA ARG F 1607 52.09 -95.83 -6.50
C ARG F 1607 52.21 -97.35 -6.40
N MET F 1608 52.34 -97.84 -5.18
CA MET F 1608 52.39 -99.28 -4.97
C MET F 1608 51.01 -99.89 -5.15
N PRO F 1609 50.87 -100.96 -5.92
CA PRO F 1609 49.56 -101.61 -6.05
C PRO F 1609 49.06 -102.14 -4.71
N ASN F 1610 47.74 -102.13 -4.55
CA ASN F 1610 47.15 -102.63 -3.31
C ASN F 1610 47.28 -104.14 -3.18
N HIS F 1611 47.32 -104.85 -4.29
CA HIS F 1611 47.44 -106.30 -4.28
C HIS F 1611 48.48 -106.73 -5.31
N PHE F 1612 49.11 -107.86 -5.05
CA PHE F 1612 50.17 -108.38 -5.90
C PHE F 1612 49.88 -109.84 -6.25
N LEU F 1613 50.35 -110.25 -7.42
CA LEU F 1613 50.12 -111.61 -7.88
C LEU F 1613 50.76 -112.61 -6.92
N GLN F 1614 50.00 -113.64 -6.56
CA GLN F 1614 50.48 -114.69 -5.68
C GLN F 1614 51.16 -115.76 -6.53
N VAL F 1615 52.49 -115.80 -6.49
CA VAL F 1615 53.28 -116.72 -7.28
C VAL F 1615 53.87 -117.77 -6.35
N GLU F 1616 53.64 -119.04 -6.68
CA GLU F 1616 54.16 -120.16 -5.90
C GLU F 1616 55.29 -120.81 -6.68
N THR F 1617 56.48 -120.82 -6.07
CA THR F 1617 57.66 -121.42 -6.67
C THR F 1617 58.14 -122.54 -5.78
N ARG F 1618 58.41 -123.70 -6.37
CA ARG F 1618 58.87 -124.86 -5.61
C ARG F 1618 59.61 -125.80 -6.55
N ARG F 1619 60.43 -126.66 -5.96
CA ARG F 1619 61.15 -127.67 -6.72
C ARG F 1619 60.29 -128.93 -6.80
N ALA F 1620 59.74 -129.19 -7.99
CA ALA F 1620 58.81 -130.30 -8.14
C ALA F 1620 59.50 -131.65 -8.04
N GLY F 1621 60.80 -131.71 -8.22
CA GLY F 1621 61.53 -132.96 -8.11
C GLY F 1621 62.82 -132.89 -8.90
N GLU F 1622 63.57 -134.00 -8.85
CA GLU F 1622 64.83 -134.07 -9.57
C GLU F 1622 64.62 -134.00 -11.07
N ARG F 1623 63.60 -134.70 -11.58
CA ARG F 1623 63.35 -134.75 -13.01
C ARG F 1623 62.34 -133.71 -13.49
N LEU F 1624 61.44 -133.26 -12.61
CA LEU F 1624 60.43 -132.29 -13.00
C LEU F 1624 60.93 -130.85 -12.97
N GLY F 1625 61.97 -130.57 -12.19
CA GLY F 1625 62.53 -129.23 -12.13
C GLY F 1625 61.82 -128.30 -11.17
N TRP F 1626 61.89 -127.01 -11.45
CA TRP F 1626 61.31 -125.98 -10.60
C TRP F 1626 60.03 -125.45 -11.23
N ALA F 1627 58.95 -125.46 -10.47
CA ALA F 1627 57.62 -125.14 -10.99
C ALA F 1627 57.21 -123.72 -10.58
N VAL F 1628 56.62 -122.99 -11.52
CA VAL F 1628 56.05 -121.68 -11.26
C VAL F 1628 54.55 -121.77 -11.46
N GLN F 1629 53.81 -121.14 -10.54
CA GLN F 1629 52.36 -121.25 -10.56
C GLN F 1629 51.74 -119.94 -10.12
N CYS F 1630 50.72 -119.48 -10.84
CA CYS F 1630 49.97 -118.28 -10.51
C CYS F 1630 48.55 -118.46 -11.02
N GLN F 1631 47.56 -118.38 -10.13
CA GLN F 1631 46.19 -118.71 -10.48
C GLN F 1631 45.20 -117.57 -10.27
N ASP F 1632 45.33 -116.81 -9.19
CA ASP F 1632 44.34 -115.79 -8.89
C ASP F 1632 44.52 -114.58 -9.81
N PRO F 1633 43.50 -114.20 -10.58
CA PRO F 1633 43.65 -113.07 -11.50
C PRO F 1633 43.73 -111.74 -10.76
N LEU F 1634 44.43 -110.80 -11.38
CA LEU F 1634 44.50 -109.43 -10.91
C LEU F 1634 44.45 -108.49 -12.09
N THR F 1635 43.64 -107.44 -11.98
CA THR F 1635 43.42 -106.48 -13.05
C THR F 1635 43.49 -105.07 -12.49
N MET F 1636 44.11 -104.17 -13.25
CA MET F 1636 44.15 -102.76 -12.89
C MET F 1636 43.64 -101.92 -14.06
N MET F 1637 43.10 -100.75 -13.74
CA MET F 1637 42.61 -99.81 -14.74
C MET F 1637 43.75 -98.89 -15.12
N ALA F 1638 44.24 -99.02 -16.35
CA ALA F 1638 45.42 -98.28 -16.79
C ALA F 1638 45.03 -97.02 -17.54
N LEU F 1639 45.72 -95.92 -17.21
CA LEU F 1639 45.56 -94.66 -17.91
C LEU F 1639 46.75 -94.50 -18.86
N HIS F 1640 46.44 -94.41 -20.15
CA HIS F 1640 47.47 -94.41 -21.20
C HIS F 1640 47.64 -93.02 -21.76
N ILE F 1641 48.88 -92.56 -21.82
CA ILE F 1641 49.22 -91.28 -22.44
C ILE F 1641 49.63 -91.58 -23.89
N PRO F 1642 48.88 -91.11 -24.88
CA PRO F 1642 49.13 -91.54 -26.26
C PRO F 1642 50.48 -91.12 -26.82
N GLU F 1643 50.84 -89.84 -26.67
CA GLU F 1643 52.06 -89.34 -27.29
C GLU F 1643 53.32 -89.92 -26.67
N GLU F 1644 53.28 -90.28 -25.39
CA GLU F 1644 54.44 -90.86 -24.72
C GLU F 1644 54.47 -92.38 -24.79
N ASN F 1645 53.41 -93.02 -25.27
CA ASN F 1645 53.33 -94.46 -25.42
C ASN F 1645 53.64 -95.18 -24.12
N ARG F 1646 53.09 -94.65 -23.03
CA ARG F 1646 53.25 -95.24 -21.71
C ARG F 1646 51.94 -95.11 -20.96
N CYS F 1647 51.76 -95.98 -19.97
CA CYS F 1647 50.54 -96.00 -19.18
C CYS F 1647 50.87 -96.04 -17.70
N MET F 1648 49.94 -95.53 -16.90
CA MET F 1648 50.05 -95.54 -15.46
C MET F 1648 48.73 -96.01 -14.87
N ASP F 1649 48.79 -96.48 -13.62
CA ASP F 1649 47.56 -96.83 -12.92
C ASP F 1649 46.70 -95.59 -12.75
N ILE F 1650 45.40 -95.73 -13.01
CA ILE F 1650 44.49 -94.60 -12.88
C ILE F 1650 44.40 -94.13 -11.44
N LEU F 1651 44.74 -94.99 -10.49
CA LEU F 1651 44.72 -94.61 -9.08
C LEU F 1651 45.83 -93.60 -8.75
N GLU F 1652 46.84 -93.47 -9.62
CA GLU F 1652 47.88 -92.48 -9.40
C GLU F 1652 47.37 -91.06 -9.59
N LEU F 1653 46.17 -90.87 -10.14
CA LEU F 1653 45.62 -89.54 -10.33
C LEU F 1653 45.22 -88.87 -9.02
N SER F 1654 45.22 -89.61 -7.91
CA SER F 1654 44.96 -89.00 -6.62
C SER F 1654 46.04 -88.02 -6.21
N GLU F 1655 47.27 -88.17 -6.73
CA GLU F 1655 48.33 -87.22 -6.48
C GLU F 1655 48.70 -86.39 -7.69
N ARG F 1656 48.44 -86.87 -8.90
CA ARG F 1656 48.69 -86.10 -10.12
C ARG F 1656 47.42 -85.30 -10.41
N LEU F 1657 47.33 -84.12 -9.80
CA LEU F 1657 46.09 -83.35 -9.87
C LEU F 1657 45.88 -82.73 -11.25
N ASP F 1658 46.96 -82.43 -11.98
CA ASP F 1658 46.82 -81.85 -13.31
C ASP F 1658 46.13 -82.83 -14.25
N LEU F 1659 46.51 -84.10 -14.20
CA LEU F 1659 45.85 -85.11 -15.03
C LEU F 1659 44.47 -85.46 -14.49
N GLN F 1660 44.28 -85.40 -13.17
CA GLN F 1660 42.99 -85.72 -12.59
C GLN F 1660 41.92 -84.72 -13.06
N ARG F 1661 42.25 -83.43 -13.06
CA ARG F 1661 41.29 -82.44 -13.52
C ARG F 1661 40.98 -82.59 -15.00
N PHE F 1662 42.01 -82.84 -15.81
CA PHE F 1662 41.79 -82.99 -17.25
C PHE F 1662 40.96 -84.22 -17.55
N HIS F 1663 41.24 -85.34 -16.86
CA HIS F 1663 40.48 -86.56 -17.12
C HIS F 1663 39.06 -86.44 -16.60
N SER F 1664 38.86 -85.75 -15.47
CA SER F 1664 37.51 -85.54 -14.96
C SER F 1664 36.69 -84.70 -15.93
N HIS F 1665 37.30 -83.66 -16.50
CA HIS F 1665 36.61 -82.88 -17.52
C HIS F 1665 36.45 -83.66 -18.83
N THR F 1666 37.35 -84.61 -19.09
CA THR F 1666 37.16 -85.49 -20.24
C THR F 1666 35.91 -86.34 -20.09
N LEU F 1667 35.67 -86.87 -18.88
CA LEU F 1667 34.44 -87.60 -18.62
C LEU F 1667 33.22 -86.69 -18.73
N ARG F 1668 33.35 -85.43 -18.32
CA ARG F 1668 32.26 -84.48 -18.50
C ARG F 1668 31.97 -84.26 -19.98
N LEU F 1669 33.02 -84.21 -20.81
CA LEU F 1669 32.82 -84.06 -22.25
C LEU F 1669 32.15 -85.29 -22.84
N TYR F 1670 32.46 -86.48 -22.31
CA TYR F 1670 31.79 -87.68 -22.78
C TYR F 1670 30.29 -87.62 -22.51
N ARG F 1671 29.91 -87.12 -21.33
CA ARG F 1671 28.49 -86.98 -21.03
C ARG F 1671 27.83 -85.91 -21.88
N ALA F 1672 28.57 -84.85 -22.23
CA ALA F 1672 27.99 -83.76 -23.01
C ALA F 1672 27.65 -84.20 -24.42
N VAL F 1673 28.54 -84.96 -25.07
CA VAL F 1673 28.31 -85.34 -26.46
C VAL F 1673 27.16 -86.33 -26.61
N CYS F 1674 26.91 -87.16 -25.61
CA CYS F 1674 25.81 -88.11 -25.64
C CYS F 1674 24.59 -87.62 -24.85
N ALA F 1675 24.59 -86.37 -24.43
CA ALA F 1675 23.52 -85.86 -23.59
C ALA F 1675 22.23 -85.69 -24.38
N LEU F 1676 21.11 -85.88 -23.68
CA LEU F 1676 19.77 -85.61 -24.20
C LEU F 1676 19.45 -86.46 -25.43
N GLY F 1677 19.56 -87.78 -25.26
CA GLY F 1677 19.06 -88.71 -26.25
C GLY F 1677 19.92 -88.94 -27.47
N ASN F 1678 21.18 -88.53 -27.44
CA ASN F 1678 22.09 -88.79 -28.57
C ASN F 1678 22.62 -90.21 -28.44
N ASN F 1679 21.76 -91.16 -28.81
CA ASN F 1679 22.11 -92.57 -28.63
C ASN F 1679 23.20 -93.02 -29.59
N ARG F 1680 23.29 -92.40 -30.77
CA ARG F 1680 24.32 -92.80 -31.72
C ARG F 1680 25.71 -92.53 -31.17
N VAL F 1681 25.90 -91.36 -30.54
CA VAL F 1681 27.17 -91.07 -29.89
C VAL F 1681 27.37 -91.98 -28.68
N ALA F 1682 26.30 -92.32 -27.97
CA ALA F 1682 26.41 -93.19 -26.81
C ALA F 1682 26.99 -94.55 -27.19
N HIS F 1683 26.60 -95.09 -28.35
CA HIS F 1683 27.20 -96.31 -28.83
C HIS F 1683 28.69 -96.12 -29.13
N ALA F 1684 29.05 -94.96 -29.69
CA ALA F 1684 30.45 -94.69 -29.97
C ALA F 1684 31.28 -94.64 -28.70
N LEU F 1685 30.72 -94.07 -27.63
CA LEU F 1685 31.45 -93.99 -26.37
C LEU F 1685 31.72 -95.37 -25.77
N CYS F 1686 30.91 -96.38 -26.10
CA CYS F 1686 31.16 -97.72 -25.60
C CYS F 1686 32.47 -98.29 -26.15
N SER F 1687 32.94 -97.80 -27.29
CA SER F 1687 34.23 -98.23 -27.81
C SER F 1687 35.39 -97.62 -27.05
N HIS F 1688 35.17 -96.51 -26.34
CA HIS F 1688 36.21 -95.85 -25.57
C HIS F 1688 36.16 -96.20 -24.09
N VAL F 1689 34.97 -96.22 -23.50
CA VAL F 1689 34.77 -96.63 -22.12
C VAL F 1689 33.82 -97.83 -22.16
N ASP F 1690 34.38 -99.02 -22.16
CA ASP F 1690 33.58 -100.23 -22.34
C ASP F 1690 32.84 -100.57 -21.05
N GLN F 1691 32.03 -101.62 -21.14
CA GLN F 1691 31.22 -102.05 -20.00
C GLN F 1691 32.09 -102.50 -18.83
N ALA F 1692 33.17 -103.23 -19.11
CA ALA F 1692 34.03 -103.74 -18.04
C ALA F 1692 34.67 -102.60 -17.26
N GLN F 1693 35.11 -101.55 -17.96
CA GLN F 1693 35.72 -100.40 -17.28
C GLN F 1693 34.71 -99.71 -16.37
N LEU F 1694 33.48 -99.52 -16.86
CA LEU F 1694 32.46 -98.85 -16.06
C LEU F 1694 32.13 -99.65 -14.80
N LEU F 1695 31.93 -100.96 -14.96
CA LEU F 1695 31.60 -101.79 -13.82
C LEU F 1695 32.76 -101.86 -12.83
N HIS F 1696 33.99 -101.90 -13.33
CA HIS F 1696 35.15 -101.89 -12.46
C HIS F 1696 35.25 -100.58 -11.69
N ALA F 1697 34.95 -99.46 -12.35
CA ALA F 1697 35.06 -98.16 -11.70
C ALA F 1697 34.05 -97.99 -10.58
N LEU F 1698 32.88 -98.62 -10.70
CA LEU F 1698 31.86 -98.48 -9.66
C LEU F 1698 32.33 -99.07 -8.33
N GLU F 1699 32.99 -100.23 -8.39
CA GLU F 1699 33.41 -100.93 -7.18
C GLU F 1699 34.82 -100.54 -6.72
N ASP F 1700 35.51 -99.68 -7.46
CA ASP F 1700 36.87 -99.30 -7.08
C ASP F 1700 36.81 -98.34 -5.91
N ALA F 1701 37.34 -98.77 -4.77
CA ALA F 1701 37.28 -97.96 -3.55
C ALA F 1701 38.41 -96.94 -3.44
N HIS F 1702 39.43 -97.03 -4.31
CA HIS F 1702 40.56 -96.11 -4.26
C HIS F 1702 40.48 -95.02 -5.31
N LEU F 1703 39.41 -94.97 -6.10
CA LEU F 1703 39.30 -93.93 -7.11
C LEU F 1703 39.15 -92.57 -6.45
N PRO F 1704 39.74 -91.52 -7.02
CA PRO F 1704 39.49 -90.17 -6.52
C PRO F 1704 38.03 -89.79 -6.70
N GLY F 1705 37.58 -88.89 -5.82
CA GLY F 1705 36.19 -88.48 -5.80
C GLY F 1705 35.66 -87.95 -7.12
N PRO F 1706 36.37 -87.00 -7.74
CA PRO F 1706 35.93 -86.52 -9.06
C PRO F 1706 35.85 -87.61 -10.11
N LEU F 1707 36.78 -88.56 -10.09
CA LEU F 1707 36.73 -89.65 -11.06
C LEU F 1707 35.63 -90.64 -10.73
N ARG F 1708 35.44 -90.95 -9.44
CA ARG F 1708 34.37 -91.86 -9.05
C ARG F 1708 33.01 -91.28 -9.41
N ALA F 1709 32.80 -89.99 -9.12
CA ALA F 1709 31.54 -89.35 -9.48
C ALA F 1709 31.39 -89.28 -11.00
N GLY F 1710 32.49 -89.04 -11.71
CA GLY F 1710 32.41 -88.93 -13.16
C GLY F 1710 32.03 -90.24 -13.83
N TYR F 1711 32.61 -91.35 -13.36
CA TYR F 1711 32.30 -92.64 -13.98
C TYR F 1711 30.91 -93.12 -13.65
N TYR F 1712 30.41 -92.83 -12.44
CA TYR F 1712 29.02 -93.16 -12.13
C TYR F 1712 28.07 -92.38 -13.02
N ASP F 1713 28.34 -91.10 -13.23
CA ASP F 1713 27.49 -90.29 -14.10
C ASP F 1713 27.66 -90.68 -15.56
N LEU F 1714 28.87 -91.10 -15.95
CA LEU F 1714 29.09 -91.53 -17.33
C LEU F 1714 28.29 -92.79 -17.66
N LEU F 1715 28.22 -93.73 -16.72
CA LEU F 1715 27.42 -94.93 -16.94
C LEU F 1715 25.95 -94.61 -17.11
N ILE F 1716 25.44 -93.68 -16.29
CA ILE F 1716 24.04 -93.29 -16.40
C ILE F 1716 23.78 -92.59 -17.72
N SER F 1717 24.69 -91.71 -18.14
CA SER F 1717 24.49 -90.96 -19.38
C SER F 1717 24.50 -91.88 -20.59
N ILE F 1718 25.43 -92.85 -20.63
CA ILE F 1718 25.55 -93.71 -21.79
C ILE F 1718 24.38 -94.68 -21.88
N HIS F 1719 24.02 -95.30 -20.75
CA HIS F 1719 23.10 -96.44 -20.78
C HIS F 1719 21.71 -96.15 -20.22
N LEU F 1720 21.59 -95.28 -19.21
CA LEU F 1720 20.34 -95.15 -18.48
C LEU F 1720 19.66 -93.80 -18.64
N GLU F 1721 20.36 -92.77 -19.11
CA GLU F 1721 19.79 -91.43 -19.13
C GLU F 1721 18.57 -91.35 -20.05
N SER F 1722 18.68 -91.93 -21.26
CA SER F 1722 17.57 -91.85 -22.21
C SER F 1722 16.36 -92.62 -21.73
N ALA F 1723 16.57 -93.84 -21.20
CA ALA F 1723 15.45 -94.64 -20.74
C ALA F 1723 14.78 -94.02 -19.52
N CYS F 1724 15.57 -93.49 -18.60
CA CYS F 1724 15.00 -92.89 -17.39
C CYS F 1724 14.17 -91.66 -17.72
N ARG F 1725 14.68 -90.80 -18.61
CA ARG F 1725 13.96 -89.58 -18.95
C ARG F 1725 12.64 -89.88 -19.65
N SER F 1726 12.65 -90.84 -20.59
CA SER F 1726 11.42 -91.21 -21.27
C SER F 1726 10.41 -91.82 -20.30
N ARG F 1727 10.89 -92.67 -19.39
CA ARG F 1727 10.00 -93.28 -18.41
C ARG F 1727 9.44 -92.24 -17.45
N ARG F 1728 10.27 -91.28 -17.03
CA ARG F 1728 9.81 -90.27 -16.08
C ARG F 1728 8.69 -89.41 -16.66
N SER F 1729 8.72 -89.15 -17.97
CA SER F 1729 7.65 -88.38 -18.58
C SER F 1729 6.32 -89.12 -18.52
N MET F 1730 6.34 -90.45 -18.66
CA MET F 1730 5.12 -91.24 -18.62
C MET F 1730 4.61 -91.48 -17.20
N LEU F 1731 5.40 -91.20 -16.18
CA LEU F 1731 4.99 -91.47 -14.81
C LEU F 1731 3.93 -90.50 -14.31
N SER F 1732 3.73 -89.37 -14.98
CA SER F 1732 2.73 -88.40 -14.57
C SER F 1732 1.32 -88.75 -15.03
N GLU F 1733 1.18 -89.76 -15.89
CA GLU F 1733 -0.12 -90.17 -16.41
C GLU F 1733 -0.44 -91.57 -15.93
N TYR F 1734 -1.73 -91.86 -15.78
CA TYR F 1734 -2.20 -93.13 -15.24
C TYR F 1734 -3.26 -93.69 -16.19
N ILE F 1735 -2.81 -94.45 -17.18
CA ILE F 1735 -3.70 -95.15 -18.10
C ILE F 1735 -3.87 -96.57 -17.58
N VAL F 1736 -5.03 -96.86 -17.01
CA VAL F 1736 -5.28 -98.10 -16.28
C VAL F 1736 -6.20 -98.97 -17.12
N PRO F 1737 -5.71 -100.05 -17.74
CA PRO F 1737 -6.60 -100.98 -18.42
C PRO F 1737 -7.46 -101.75 -17.44
N LEU F 1738 -8.68 -102.08 -17.87
CA LEU F 1738 -9.62 -102.82 -17.02
C LEU F 1738 -9.40 -104.32 -17.19
N THR F 1739 -8.27 -104.77 -16.68
CA THR F 1739 -7.84 -106.16 -16.73
C THR F 1739 -8.12 -106.84 -15.39
N PRO F 1740 -8.15 -108.18 -15.37
CA PRO F 1740 -8.34 -108.87 -14.08
C PRO F 1740 -7.29 -108.53 -13.05
N GLU F 1741 -6.05 -108.23 -13.47
CA GLU F 1741 -5.04 -107.78 -12.52
C GLU F 1741 -5.43 -106.46 -11.88
N THR F 1742 -6.02 -105.56 -12.67
CA THR F 1742 -6.48 -104.28 -12.13
C THR F 1742 -7.59 -104.49 -11.10
N ARG F 1743 -8.48 -105.45 -11.35
CA ARG F 1743 -9.61 -105.67 -10.46
CA ARG F 1743 -9.61 -105.66 -10.46
C ARG F 1743 -9.15 -106.04 -9.05
N ALA F 1744 -8.10 -106.85 -8.94
CA ALA F 1744 -7.63 -107.30 -7.64
C ALA F 1744 -6.95 -106.20 -6.83
N ILE F 1745 -6.69 -105.03 -7.41
CA ILE F 1745 -5.98 -103.98 -6.70
C ILE F 1745 -6.89 -103.37 -5.64
N THR F 1746 -6.37 -103.29 -4.41
CA THR F 1746 -7.08 -102.70 -3.29
C THR F 1746 -6.18 -101.70 -2.58
N LEU F 1747 -6.80 -100.75 -1.88
CA LEU F 1747 -6.05 -99.72 -1.19
C LEU F 1747 -5.17 -100.32 -0.10
N PHE F 1748 -5.71 -101.25 0.67
CA PHE F 1748 -4.93 -101.86 1.74
C PHE F 1748 -4.76 -103.35 1.50
N PRO F 1749 -3.64 -103.92 1.93
CA PRO F 1749 -3.47 -105.37 1.80
C PRO F 1749 -4.48 -106.09 2.66
N PRO F 1750 -4.87 -107.31 2.25
CA PRO F 1750 -5.84 -108.06 3.05
C PRO F 1750 -5.31 -108.39 4.44
N GLY F 1751 -5.92 -107.81 5.47
CA GLY F 1751 -5.47 -107.99 6.83
C GLY F 1751 -6.64 -107.87 7.79
N ARG F 1752 -6.31 -107.92 9.09
CA ARG F 1752 -7.30 -107.89 10.15
C ARG F 1752 -7.05 -106.77 11.15
N LYS F 1753 -6.36 -105.71 10.73
CA LYS F 1753 -6.04 -104.62 11.65
C LYS F 1753 -7.31 -103.83 12.00
N GLY F 1754 -7.95 -103.24 11.01
CA GLY F 1754 -9.16 -102.47 11.24
C GLY F 1754 -10.02 -102.45 10.01
N GLY F 1755 -11.34 -102.37 10.23
CA GLY F 1755 -12.27 -102.32 9.11
C GLY F 1755 -12.13 -101.04 8.30
N ASN F 1756 -11.98 -99.90 8.97
CA ASN F 1756 -11.82 -98.64 8.26
C ASN F 1756 -10.50 -98.59 7.50
N ALA F 1757 -9.43 -99.12 8.07
CA ALA F 1757 -8.13 -99.11 7.42
C ALA F 1757 -7.23 -100.14 8.08
N ARG F 1758 -6.62 -101.00 7.28
CA ARG F 1758 -5.57 -101.88 7.76
C ARG F 1758 -4.26 -101.08 7.77
N ARG F 1759 -3.14 -101.77 8.00
CA ARG F 1759 -1.86 -101.10 7.96
C ARG F 1759 -1.43 -100.86 6.51
N HIS F 1760 -0.73 -99.76 6.30
CA HIS F 1760 -0.25 -99.43 4.96
C HIS F 1760 0.75 -100.48 4.49
N GLY F 1761 0.63 -100.85 3.22
CA GLY F 1761 1.62 -101.71 2.61
C GLY F 1761 2.90 -100.95 2.30
N LEU F 1762 3.92 -101.71 1.95
CA LEU F 1762 5.21 -101.10 1.60
C LEU F 1762 5.08 -100.32 0.30
N PRO F 1763 5.46 -99.06 0.27
CA PRO F 1763 5.36 -98.29 -0.99
C PRO F 1763 6.24 -98.88 -2.07
N GLY F 1764 5.73 -98.87 -3.29
CA GLY F 1764 6.43 -99.45 -4.42
C GLY F 1764 6.38 -100.95 -4.49
N VAL F 1765 5.64 -101.61 -3.61
CA VAL F 1765 5.52 -103.06 -3.58
C VAL F 1765 4.07 -103.42 -3.86
N GLY F 1766 3.86 -104.30 -4.83
CA GLY F 1766 2.54 -104.72 -5.22
C GLY F 1766 2.41 -104.79 -6.72
N VAL F 1767 1.17 -104.84 -7.19
CA VAL F 1767 0.86 -104.94 -8.62
C VAL F 1767 0.39 -103.58 -9.10
N THR F 1768 1.07 -103.05 -10.11
CA THR F 1768 0.70 -101.79 -10.75
C THR F 1768 0.37 -102.07 -12.21
N THR F 1769 -0.81 -101.62 -12.64
CA THR F 1769 -1.30 -101.90 -13.98
C THR F 1769 -1.27 -100.69 -14.90
N SER F 1770 -0.76 -99.55 -14.43
CA SER F 1770 -0.66 -98.38 -15.30
C SER F 1770 0.28 -98.66 -16.47
N LEU F 1771 -0.13 -98.22 -17.65
CA LEU F 1771 0.64 -98.52 -18.85
C LEU F 1771 1.92 -97.69 -18.90
N ARG F 1772 3.04 -98.39 -19.08
CA ARG F 1772 4.34 -97.77 -19.29
C ARG F 1772 5.04 -98.49 -20.43
N PRO F 1773 5.42 -97.80 -21.51
CA PRO F 1773 6.08 -98.49 -22.61
C PRO F 1773 7.40 -99.08 -22.15
N PRO F 1774 7.76 -100.25 -22.66
CA PRO F 1774 9.01 -100.90 -22.22
C PRO F 1774 10.23 -100.17 -22.74
N HIS F 1775 11.34 -100.36 -22.03
CA HIS F 1775 12.62 -99.82 -22.46
C HIS F 1775 13.15 -100.60 -23.65
N HIS F 1776 13.83 -99.90 -24.54
CA HIS F 1776 14.43 -100.51 -25.73
C HIS F 1776 15.92 -100.23 -25.74
N PHE F 1777 16.72 -101.27 -25.88
CA PHE F 1777 18.17 -101.17 -25.92
C PHE F 1777 18.72 -101.98 -27.08
N SER F 1778 19.90 -101.60 -27.54
CA SER F 1778 20.59 -102.32 -28.59
C SER F 1778 21.97 -102.75 -28.12
N PRO F 1779 22.42 -103.93 -28.50
CA PRO F 1779 23.75 -104.39 -28.10
C PRO F 1779 24.84 -103.57 -28.77
N PRO F 1780 25.82 -103.10 -28.00
CA PRO F 1780 26.92 -102.34 -28.59
C PRO F 1780 27.84 -103.26 -29.38
N CYS F 1781 27.79 -103.15 -30.71
CA CYS F 1781 28.59 -104.00 -31.58
C CYS F 1781 29.25 -103.11 -32.63
N PHE F 1782 30.53 -103.36 -32.88
CA PHE F 1782 31.31 -102.55 -33.82
C PHE F 1782 31.87 -103.40 -34.96
N VAL F 1783 31.32 -104.59 -35.17
CA VAL F 1783 31.67 -105.42 -36.30
C VAL F 1783 30.49 -105.65 -37.25
N ALA F 1784 29.31 -105.16 -36.90
CA ALA F 1784 28.15 -105.31 -37.78
C ALA F 1784 28.33 -104.46 -39.03
N ALA F 1785 27.80 -104.95 -40.14
CA ALA F 1785 27.89 -104.23 -41.41
C ALA F 1785 27.17 -102.90 -41.30
N LEU F 1786 27.81 -101.84 -41.79
CA LEU F 1786 27.23 -100.51 -41.74
C LEU F 1786 25.96 -100.48 -42.59
N PRO F 1787 24.85 -99.94 -42.08
CA PRO F 1787 23.59 -99.97 -42.84
C PRO F 1787 23.73 -99.22 -44.15
N ALA F 1788 23.10 -99.78 -45.19
CA ALA F 1788 23.08 -99.16 -46.51
C ALA F 1788 22.12 -97.98 -46.52
N ALA F 1789 21.29 -97.87 -45.49
CA ALA F 1789 20.37 -96.75 -45.38
C ALA F 1789 21.12 -95.44 -45.18
N GLY F 1790 20.68 -94.40 -45.88
CA GLY F 1790 21.34 -93.11 -45.78
C GLY F 1790 21.06 -92.43 -44.46
N VAL F 1791 21.84 -91.38 -44.18
CA VAL F 1791 21.65 -90.61 -42.96
C VAL F 1791 20.29 -89.92 -43.00
N ALA F 1792 19.67 -89.76 -41.84
CA ALA F 1792 18.34 -89.19 -41.60
C ALA F 1792 17.24 -90.11 -42.11
N GLU F 1793 17.55 -91.26 -42.70
CA GLU F 1793 16.55 -92.21 -43.16
C GLU F 1793 16.60 -93.53 -42.41
N ALA F 1794 17.75 -93.90 -41.85
CA ALA F 1794 17.85 -95.11 -41.05
C ALA F 1794 17.06 -94.95 -39.75
N PRO F 1795 16.58 -96.04 -39.18
CA PRO F 1795 15.82 -95.95 -37.92
C PRO F 1795 16.70 -95.40 -36.80
N ALA F 1796 16.05 -94.72 -35.86
CA ALA F 1796 16.77 -94.08 -34.75
C ALA F 1796 17.47 -95.13 -33.90
N ARG F 1797 18.71 -94.83 -33.52
CA ARG F 1797 19.49 -95.74 -32.69
C ARG F 1797 18.94 -95.80 -31.27
N LEU F 1798 18.99 -97.00 -30.69
CA LEU F 1798 18.59 -97.19 -29.31
C LEU F 1798 19.79 -97.04 -28.39
N SER F 1799 19.51 -96.90 -27.10
CA SER F 1799 20.59 -96.78 -26.13
C SER F 1799 21.38 -98.08 -26.04
N PRO F 1800 22.69 -98.00 -25.77
CA PRO F 1800 23.49 -99.22 -25.63
C PRO F 1800 22.99 -100.07 -24.47
N ALA F 1801 23.04 -101.38 -24.67
CA ALA F 1801 22.51 -102.33 -23.69
C ALA F 1801 23.58 -102.71 -22.67
N ILE F 1802 23.18 -102.71 -21.40
CA ILE F 1802 24.02 -103.17 -20.31
C ILE F 1802 23.15 -104.09 -19.44
N PRO F 1803 23.69 -105.20 -18.91
CA PRO F 1803 22.85 -106.10 -18.10
C PRO F 1803 22.26 -105.41 -16.89
N LEU F 1804 20.93 -105.25 -16.90
CA LEU F 1804 20.25 -104.51 -15.83
C LEU F 1804 20.13 -105.35 -14.56
N GLU F 1805 19.88 -106.66 -14.71
CA GLU F 1805 19.74 -107.51 -13.54
C GLU F 1805 21.04 -107.60 -12.75
N ALA F 1806 22.17 -107.69 -13.44
CA ALA F 1806 23.46 -107.65 -12.74
C ALA F 1806 23.73 -106.27 -12.17
N LEU F 1807 23.38 -105.22 -12.91
CA LEU F 1807 23.64 -103.86 -12.44
C LEU F 1807 22.84 -103.53 -11.20
N ARG F 1808 21.58 -103.96 -11.14
CA ARG F 1808 20.76 -103.65 -9.97
C ARG F 1808 21.24 -104.39 -8.73
N ASP F 1809 21.76 -105.62 -8.90
CA ASP F 1809 22.31 -106.34 -7.76
C ASP F 1809 23.57 -105.66 -7.24
N LYS F 1810 24.43 -105.19 -8.14
CA LYS F 1810 25.63 -104.47 -7.71
C LYS F 1810 25.28 -103.17 -7.01
N ALA F 1811 24.29 -102.44 -7.53
CA ALA F 1811 23.88 -101.19 -6.90
C ALA F 1811 23.32 -101.44 -5.50
N LEU F 1812 22.52 -102.49 -5.35
CA LEU F 1812 22.01 -102.84 -4.02
C LEU F 1812 23.15 -103.22 -3.08
N ARG F 1813 24.10 -104.03 -3.57
CA ARG F 1813 25.20 -104.46 -2.72
C ARG F 1813 26.10 -103.29 -2.33
N MET F 1814 26.40 -102.41 -3.29
CA MET F 1814 27.24 -101.25 -2.99
C MET F 1814 26.56 -100.32 -1.99
N LEU F 1815 25.26 -100.08 -2.16
CA LEU F 1815 24.54 -99.23 -1.22
C LEU F 1815 24.51 -99.85 0.16
N GLY F 1816 24.29 -101.16 0.25
CA GLY F 1816 24.30 -101.82 1.54
C GLY F 1816 25.64 -101.75 2.23
N GLU F 1817 26.72 -101.92 1.47
CA GLU F 1817 28.07 -101.80 2.05
C GLU F 1817 28.33 -100.38 2.53
N ALA F 1818 27.87 -99.38 1.78
CA ALA F 1818 28.09 -98.00 2.17
C ALA F 1818 27.38 -97.68 3.49
N VAL F 1819 26.18 -98.21 3.68
CA VAL F 1819 25.45 -97.97 4.93
C VAL F 1819 26.21 -98.55 6.11
N ARG F 1820 26.69 -99.79 5.99
CA ARG F 1820 27.51 -100.37 7.04
C ARG F 1820 28.83 -99.61 7.19
N ASP F 1821 29.46 -99.27 6.08
CA ASP F 1821 30.70 -98.51 6.12
C ASP F 1821 30.48 -97.13 6.72
N GLY F 1822 29.37 -96.48 6.36
CA GLY F 1822 29.03 -95.21 6.98
C GLY F 1822 28.83 -95.33 8.47
N GLY F 1823 28.28 -96.47 8.91
CA GLY F 1823 28.15 -96.72 10.33
C GLY F 1823 29.49 -96.86 11.04
N GLN F 1824 30.50 -97.39 10.36
CA GLN F 1824 31.79 -97.61 10.99
C GLN F 1824 32.57 -96.32 11.23
N HIS F 1825 32.16 -95.21 10.61
CA HIS F 1825 32.83 -93.91 10.78
C HIS F 1825 34.32 -94.01 10.46
N ALA F 1826 34.64 -94.67 9.36
CA ALA F 1826 36.02 -94.81 8.94
C ALA F 1826 36.61 -93.45 8.57
N ARG F 1827 37.88 -93.25 8.90
CA ARG F 1827 38.55 -92.00 8.58
C ARG F 1827 38.90 -91.88 7.11
N ASP F 1828 38.70 -92.94 6.32
CA ASP F 1828 38.97 -92.93 4.89
C ASP F 1828 37.74 -93.42 4.15
N PRO F 1829 36.70 -92.59 4.02
CA PRO F 1829 35.53 -92.99 3.25
C PRO F 1829 35.86 -93.13 1.77
N VAL F 1830 35.08 -93.98 1.09
CA VAL F 1830 35.31 -94.21 -0.34
C VAL F 1830 35.09 -92.93 -1.11
N GLY F 1831 36.05 -92.58 -1.96
CA GLY F 1831 36.00 -91.36 -2.72
C GLY F 1831 36.58 -90.15 -2.03
N GLY F 1832 37.03 -90.29 -0.79
CA GLY F 1832 37.63 -89.20 -0.05
C GLY F 1832 36.66 -88.43 0.84
N SER F 1833 35.37 -88.66 0.71
CA SER F 1833 34.39 -87.99 1.55
C SER F 1833 33.11 -88.80 1.58
N VAL F 1834 32.25 -88.49 2.55
CA VAL F 1834 30.96 -89.16 2.64
C VAL F 1834 30.11 -88.81 1.43
N GLU F 1835 30.23 -87.57 0.94
CA GLU F 1835 29.48 -87.16 -0.24
C GLU F 1835 29.86 -88.00 -1.44
N PHE F 1836 31.15 -88.22 -1.66
CA PHE F 1836 31.60 -88.99 -2.80
C PHE F 1836 31.30 -90.48 -2.67
N GLN F 1837 30.98 -90.94 -1.46
CA GLN F 1837 30.66 -92.35 -1.26
C GLN F 1837 29.19 -92.67 -1.49
N PHE F 1838 28.28 -91.77 -1.13
CA PHE F 1838 26.85 -92.04 -1.22
C PHE F 1838 26.17 -91.43 -2.43
N VAL F 1839 26.52 -90.21 -2.81
CA VAL F 1839 25.83 -89.51 -3.90
C VAL F 1839 25.93 -90.29 -5.21
N PRO F 1840 27.11 -90.75 -5.64
CA PRO F 1840 27.15 -91.56 -6.88
C PRO F 1840 26.32 -92.83 -6.79
N VAL F 1841 26.31 -93.49 -5.64
CA VAL F 1841 25.53 -94.72 -5.50
C VAL F 1841 24.04 -94.41 -5.48
N LEU F 1842 23.64 -93.36 -4.75
CA LEU F 1842 22.22 -93.03 -4.66
C LEU F 1842 21.66 -92.57 -6.00
N LYS F 1843 22.46 -91.88 -6.81
CA LYS F 1843 22.01 -91.51 -8.14
C LYS F 1843 21.74 -92.74 -9.00
N LEU F 1844 22.60 -93.75 -8.90
CA LEU F 1844 22.38 -94.98 -9.66
C LEU F 1844 21.14 -95.71 -9.18
N VAL F 1845 20.93 -95.80 -7.85
CA VAL F 1845 19.76 -96.47 -7.32
C VAL F 1845 18.49 -95.70 -7.69
N SER F 1846 18.53 -94.37 -7.60
CA SER F 1846 17.36 -93.57 -7.96
C SER F 1846 17.01 -93.74 -9.44
N THR F 1847 18.03 -93.77 -10.31
CA THR F 1847 17.77 -93.94 -11.73
C THR F 1847 17.14 -95.29 -12.01
N LEU F 1848 17.63 -96.35 -11.38
CA LEU F 1848 17.08 -97.68 -11.60
C LEU F 1848 15.67 -97.81 -11.04
N LEU F 1849 15.38 -97.13 -9.93
CA LEU F 1849 14.03 -97.17 -9.37
C LEU F 1849 13.02 -96.55 -10.31
N VAL F 1850 13.37 -95.41 -10.91
CA VAL F 1850 12.45 -94.76 -11.86
C VAL F 1850 12.22 -95.65 -13.07
N MET F 1851 13.28 -96.28 -13.58
CA MET F 1851 13.14 -97.18 -14.71
C MET F 1851 12.37 -98.44 -14.38
N GLY F 1852 12.11 -98.71 -13.10
CA GLY F 1852 11.36 -99.88 -12.72
C GLY F 1852 12.15 -101.18 -12.78
N ILE F 1853 13.47 -101.10 -12.69
CA ILE F 1853 14.29 -102.31 -12.78
C ILE F 1853 14.12 -103.19 -11.54
N PHE F 1854 14.05 -102.58 -10.35
CA PHE F 1854 13.97 -103.35 -9.13
C PHE F 1854 12.64 -104.06 -9.00
N GLY F 1855 12.67 -105.30 -8.49
CA GLY F 1855 11.49 -106.05 -8.20
C GLY F 1855 10.97 -105.79 -6.79
N ASP F 1856 9.97 -106.59 -6.40
CA ASP F 1856 9.39 -106.42 -5.08
C ASP F 1856 10.40 -106.69 -3.97
N GLU F 1857 11.19 -107.76 -4.11
CA GLU F 1857 12.19 -108.06 -3.10
C GLU F 1857 13.27 -106.98 -3.04
N ASP F 1858 13.69 -106.47 -4.21
CA ASP F 1858 14.70 -105.43 -4.24
C ASP F 1858 14.21 -104.15 -3.58
N VAL F 1859 12.95 -103.79 -3.83
CA VAL F 1859 12.40 -102.58 -3.23
C VAL F 1859 12.34 -102.71 -1.71
N LYS F 1860 12.03 -103.91 -1.22
CA LYS F 1860 12.01 -104.13 0.22
C LYS F 1860 13.39 -103.90 0.83
N GLN F 1861 14.45 -104.36 0.15
CA GLN F 1861 15.80 -104.13 0.65
C GLN F 1861 16.13 -102.65 0.70
N ILE F 1862 15.73 -101.90 -0.31
CA ILE F 1862 15.98 -100.46 -0.33
C ILE F 1862 15.26 -99.79 0.85
N LEU F 1863 14.02 -100.19 1.10
CA LEU F 1863 13.27 -99.59 2.21
C LEU F 1863 13.92 -99.92 3.55
N LYS F 1864 14.49 -101.12 3.69
CA LYS F 1864 15.20 -101.44 4.92
C LYS F 1864 16.40 -100.53 5.13
N MET F 1865 17.14 -100.23 4.06
CA MET F 1865 18.29 -99.35 4.18
C MET F 1865 17.85 -97.92 4.54
N ILE F 1866 16.74 -97.47 3.96
CA ILE F 1866 16.26 -96.13 4.25
C ILE F 1866 15.80 -96.02 5.70
N GLU F 1867 14.99 -96.98 6.15
CA GLU F 1867 14.47 -96.97 7.51
C GLU F 1867 14.10 -98.38 7.93
N PRO F 1868 15.00 -99.09 8.60
CA PRO F 1868 14.73 -100.51 8.92
C PRO F 1868 13.59 -100.73 9.91
N GLU F 1869 13.18 -99.72 10.67
CA GLU F 1869 12.13 -99.91 11.65
C GLU F 1869 10.74 -99.65 11.08
N VAL F 1870 10.59 -98.60 10.29
CA VAL F 1870 9.27 -98.27 9.75
C VAL F 1870 8.86 -99.28 8.69
N PHE F 1871 9.80 -99.73 7.88
CA PHE F 1871 9.51 -100.50 6.67
C PHE F 1871 9.75 -102.00 6.86
N THR F 1872 9.39 -102.52 8.03
CA THR F 1872 9.42 -103.95 8.28
C THR F 1872 8.01 -104.52 8.12
N GLU F 1873 7.88 -105.51 7.25
CA GLU F 1873 6.59 -106.14 7.00
C GLU F 1873 6.37 -107.30 7.96
N GLU F 1874 5.10 -107.58 8.24
CA GLU F 1874 4.73 -108.67 9.13
C GLU F 1874 3.29 -109.13 8.88
N LEU F 1922 25.76 -102.68 13.43
CA LEU F 1922 25.13 -101.37 13.36
C LEU F 1922 24.24 -101.26 12.14
N GLU F 1923 23.00 -101.75 12.26
CA GLU F 1923 22.06 -101.71 11.15
C GLU F 1923 21.21 -100.45 11.18
N GLU F 1924 21.86 -99.29 11.23
CA GLU F 1924 21.16 -98.02 11.25
C GLU F 1924 20.80 -97.59 9.83
N GLY F 1925 19.64 -96.95 9.70
CA GLY F 1925 19.17 -96.53 8.40
C GLY F 1925 19.87 -95.29 7.89
N LEU F 1926 19.60 -94.97 6.62
CA LEU F 1926 20.20 -93.80 6.01
C LEU F 1926 19.66 -92.51 6.63
N LEU F 1927 18.39 -92.51 7.02
CA LEU F 1927 17.76 -91.28 7.51
C LEU F 1927 18.37 -90.82 8.82
N GLN F 1928 19.03 -91.71 9.55
CA GLN F 1928 19.63 -91.38 10.84
C GLN F 1928 21.15 -91.40 10.83
N MET F 1929 21.77 -91.31 9.65
CA MET F 1929 23.23 -91.40 9.60
C MET F 1929 23.89 -90.03 9.57
N LYS F 1930 23.10 -88.96 9.61
CA LYS F 1930 23.62 -87.59 9.65
C LYS F 1930 24.51 -87.30 8.45
N LEU F 1931 23.94 -87.33 7.25
CA LEU F 1931 24.67 -87.12 6.01
C LEU F 1931 24.69 -85.64 5.65
N PRO F 1932 25.62 -85.21 4.81
CA PRO F 1932 25.63 -83.81 4.36
C PRO F 1932 24.43 -83.51 3.47
N GLU F 1933 24.35 -82.24 3.07
CA GLU F 1933 23.19 -81.76 2.32
C GLU F 1933 23.11 -82.39 0.93
N SER F 1934 24.25 -82.63 0.29
CA SER F 1934 24.24 -83.24 -1.04
C SER F 1934 23.62 -84.63 -1.01
N VAL F 1935 23.95 -85.41 0.03
CA VAL F 1935 23.35 -86.73 0.17
C VAL F 1935 21.86 -86.62 0.50
N LYS F 1936 21.49 -85.63 1.32
CA LYS F 1936 20.09 -85.42 1.66
C LYS F 1936 19.25 -85.12 0.42
N LEU F 1937 19.82 -84.42 -0.56
CA LEU F 1937 19.11 -84.17 -1.80
C LEU F 1937 18.80 -85.46 -2.53
N GLN F 1938 19.75 -86.39 -2.55
CA GLN F 1938 19.49 -87.69 -3.17
C GLN F 1938 18.49 -88.51 -2.37
N MET F 1939 18.48 -88.37 -1.04
CA MET F 1939 17.48 -89.05 -0.23
C MET F 1939 16.08 -88.55 -0.52
N CYS F 1940 15.93 -87.25 -0.80
CA CYS F 1940 14.63 -86.73 -1.17
C CYS F 1940 14.15 -87.32 -2.49
N ASN F 1941 15.06 -87.54 -3.44
CA ASN F 1941 14.68 -88.16 -4.71
C ASN F 1941 14.16 -89.57 -4.50
N LEU F 1942 14.81 -90.34 -3.61
CA LEU F 1942 14.32 -91.68 -3.31
C LEU F 1942 12.93 -91.64 -2.69
N LEU F 1943 12.74 -90.80 -1.69
CA LEU F 1943 11.42 -90.69 -1.04
C LEU F 1943 10.38 -90.13 -1.99
N GLU F 1944 10.80 -89.26 -2.91
CA GLU F 1944 9.85 -88.74 -3.91
C GLU F 1944 9.32 -89.87 -4.79
N TYR F 1945 10.17 -90.82 -5.14
CA TYR F 1945 9.71 -91.96 -5.93
C TYR F 1945 8.67 -92.77 -5.18
N PHE F 1946 8.91 -93.04 -3.90
CA PHE F 1946 7.97 -93.85 -3.13
C PHE F 1946 6.68 -93.09 -2.85
N CYS F 1947 6.76 -91.76 -2.69
CA CYS F 1947 5.54 -90.97 -2.59
C CYS F 1947 4.74 -91.02 -3.88
N ASP F 1948 5.42 -91.02 -5.03
CA ASP F 1948 4.73 -91.16 -6.31
C ASP F 1948 4.07 -92.52 -6.43
N GLN F 1949 4.73 -93.57 -5.95
CA GLN F 1949 4.14 -94.91 -6.00
C GLN F 1949 2.88 -95.00 -5.16
N GLU F 1950 2.87 -94.35 -3.99
CA GLU F 1950 1.67 -94.31 -3.17
C GLU F 1950 0.55 -93.57 -3.89
N LEU F 1951 0.88 -92.45 -4.56
CA LEU F 1951 -0.13 -91.74 -5.35
C LEU F 1951 -0.63 -92.59 -6.50
N GLN F 1952 0.28 -93.29 -7.18
CA GLN F 1952 -0.13 -94.17 -8.27
C GLN F 1952 -0.99 -95.31 -7.76
N HIS F 1953 -0.66 -95.84 -6.57
CA HIS F 1953 -1.47 -96.92 -6.00
C HIS F 1953 -2.89 -96.44 -5.71
N ARG F 1954 -3.04 -95.21 -5.20
CA ARG F 1954 -4.37 -94.68 -4.93
C ARG F 1954 -5.17 -94.53 -6.21
N VAL F 1955 -4.54 -94.04 -7.28
CA VAL F 1955 -5.24 -93.86 -8.55
C VAL F 1955 -5.67 -95.22 -9.10
N GLU F 1956 -4.78 -96.20 -9.07
CA GLU F 1956 -5.13 -97.53 -9.58
C GLU F 1956 -6.21 -98.18 -8.70
N SER F 1957 -6.11 -98.01 -7.38
CA SER F 1957 -7.14 -98.55 -6.50
C SER F 1957 -8.48 -97.88 -6.75
N LEU F 1958 -8.47 -96.56 -6.97
CA LEU F 1958 -9.71 -95.86 -7.29
C LEU F 1958 -10.26 -96.33 -8.63
N ALA F 1959 -9.39 -96.54 -9.61
CA ALA F 1959 -9.83 -97.09 -10.89
C ALA F 1959 -10.34 -98.52 -10.72
N ALA F 1960 -9.68 -99.31 -9.88
CA ALA F 1960 -10.13 -100.66 -9.62
C ALA F 1960 -11.51 -100.68 -8.99
N PHE F 1961 -11.76 -99.79 -8.03
CA PHE F 1961 -13.08 -99.72 -7.41
C PHE F 1961 -14.13 -99.26 -8.40
N ALA F 1962 -13.76 -98.35 -9.31
CA ALA F 1962 -14.70 -97.88 -10.31
C ALA F 1962 -15.20 -99.02 -11.19
N GLU F 1963 -14.31 -99.92 -11.58
CA GLU F 1963 -14.72 -101.05 -12.40
C GLU F 1963 -15.72 -101.93 -11.67
N ARG F 1964 -15.47 -102.20 -10.38
CA ARG F 1964 -16.38 -103.03 -9.61
C ARG F 1964 -17.69 -102.30 -9.34
N TYR F 1965 -17.63 -101.00 -9.04
CA TYR F 1965 -18.82 -100.27 -8.65
C TYR F 1965 -19.71 -99.98 -9.84
N VAL F 1966 -19.12 -99.73 -11.01
CA VAL F 1966 -19.91 -99.45 -12.20
C VAL F 1966 -20.75 -100.67 -12.58
N ASP F 1967 -20.18 -101.87 -12.44
CA ASP F 1967 -20.93 -103.08 -12.77
C ASP F 1967 -22.17 -103.20 -11.89
N LYS F 1968 -22.04 -102.91 -10.60
CA LYS F 1968 -23.21 -102.93 -9.73
C LYS F 1968 -24.20 -101.83 -10.09
N LEU F 1969 -23.70 -100.64 -10.44
CA LEU F 1969 -24.58 -99.56 -10.86
C LEU F 1969 -25.32 -99.91 -12.14
N GLN F 1970 -24.62 -100.49 -13.12
CA GLN F 1970 -25.27 -100.85 -14.38
C GLN F 1970 -26.26 -101.99 -14.18
N ALA F 1971 -25.90 -102.98 -13.38
CA ALA F 1971 -26.82 -104.08 -13.11
C ALA F 1971 -28.05 -103.61 -12.35
N ASN F 1972 -27.87 -102.71 -11.38
CA ASN F 1972 -29.02 -102.21 -10.63
C ASN F 1972 -29.91 -101.34 -11.50
N GLN F 1973 -29.32 -100.48 -12.33
CA GLN F 1973 -30.12 -99.61 -13.19
C GLN F 1973 -30.91 -100.41 -14.21
N ARG F 1974 -30.31 -101.49 -14.74
CA ARG F 1974 -31.04 -102.35 -15.65
C ARG F 1974 -32.23 -103.01 -14.95
N SER F 1975 -32.04 -103.45 -13.71
CA SER F 1975 -33.15 -104.06 -12.96
C SER F 1975 -34.20 -103.02 -12.60
N ARG F 1976 -33.78 -101.81 -12.22
CA ARG F 1976 -34.74 -100.77 -11.89
C ARG F 1976 -35.56 -100.37 -13.11
N TYR F 1977 -34.93 -100.30 -14.28
CA TYR F 1977 -35.66 -99.96 -15.49
C TYR F 1977 -36.66 -101.07 -15.86
N ALA F 1978 -36.29 -102.32 -15.60
CA ALA F 1978 -37.18 -103.44 -15.92
C ALA F 1978 -38.47 -103.36 -15.12
N LEU F 1979 -38.37 -103.09 -13.81
CA LEU F 1979 -39.57 -102.99 -12.99
C LEU F 1979 -40.30 -101.67 -13.21
N LEU F 1980 -39.59 -100.63 -13.64
CA LEU F 1980 -40.24 -99.35 -13.89
C LEU F 1980 -41.17 -99.39 -15.08
N MET F 1981 -40.96 -100.33 -16.01
CA MET F 1981 -41.85 -100.46 -17.16
C MET F 1981 -43.23 -100.96 -16.79
N ARG F 1982 -43.42 -101.47 -15.57
CA ARG F 1982 -44.72 -101.91 -15.10
C ARG F 1982 -45.34 -100.95 -14.10
N ALA F 1983 -44.80 -99.72 -14.00
CA ALA F 1983 -45.25 -98.78 -12.99
C ALA F 1983 -46.63 -98.20 -13.28
N PHE F 1984 -47.09 -98.26 -14.53
CA PHE F 1984 -48.38 -97.68 -14.87
C PHE F 1984 -49.52 -98.37 -14.13
N THR F 1985 -49.33 -99.62 -13.73
CA THR F 1985 -50.35 -100.35 -12.99
C THR F 1985 -50.51 -99.87 -11.56
N MET F 1986 -49.54 -99.12 -11.02
CA MET F 1986 -49.64 -98.63 -9.65
C MET F 1986 -49.16 -97.19 -9.50
N SER F 1987 -49.05 -96.45 -10.60
CA SER F 1987 -48.59 -95.06 -10.52
C SER F 1987 -49.26 -94.25 -11.63
N ALA F 1988 -48.79 -93.02 -11.77
CA ALA F 1988 -49.47 -92.05 -12.63
C ALA F 1988 -48.43 -91.16 -13.28
N ALA F 1989 -48.85 -89.97 -13.73
CA ALA F 1989 -48.04 -89.06 -14.50
C ALA F 1989 -46.65 -88.80 -13.91
N GLU F 1990 -46.51 -88.95 -12.59
CA GLU F 1990 -45.19 -88.73 -12.00
C GLU F 1990 -44.19 -89.82 -12.38
N THR F 1991 -44.55 -90.75 -13.26
CA THR F 1991 -43.58 -91.68 -13.83
C THR F 1991 -42.47 -90.94 -14.55
N ALA F 1992 -42.76 -89.74 -15.06
CA ALA F 1992 -41.72 -88.93 -15.70
C ALA F 1992 -40.61 -88.60 -14.72
N ARG F 1993 -40.95 -88.37 -13.45
CA ARG F 1993 -39.93 -88.11 -12.44
C ARG F 1993 -39.03 -89.32 -12.24
N ARG F 1994 -39.62 -90.53 -12.22
CA ARG F 1994 -38.82 -91.74 -12.07
C ARG F 1994 -38.00 -92.08 -13.31
N THR F 1995 -38.55 -91.82 -14.50
CA THR F 1995 -37.82 -92.06 -15.74
C THR F 1995 -37.00 -90.85 -16.17
N ARG F 1996 -36.96 -89.80 -15.34
CA ARG F 1996 -36.12 -88.64 -15.61
C ARG F 1996 -34.65 -89.06 -15.74
N GLU F 1997 -34.25 -90.09 -15.00
CA GLU F 1997 -32.88 -90.58 -15.10
C GLU F 1997 -32.56 -91.09 -16.49
N PHE F 1998 -33.48 -91.86 -17.07
CA PHE F 1998 -33.24 -92.48 -18.37
C PHE F 1998 -33.41 -91.52 -19.53
N ARG F 1999 -33.89 -90.29 -19.28
CA ARG F 1999 -34.01 -89.26 -20.30
C ARG F 1999 -32.99 -88.16 -20.06
N SER F 2000 -31.83 -88.54 -19.53
CA SER F 2000 -30.76 -87.62 -19.20
C SER F 2000 -29.45 -88.19 -19.71
N PRO F 2001 -28.46 -87.34 -19.97
CA PRO F 2001 -27.19 -87.84 -20.50
C PRO F 2001 -26.53 -88.76 -19.50
N PRO F 2002 -25.74 -89.74 -19.97
CA PRO F 2002 -25.14 -90.71 -19.04
C PRO F 2002 -24.27 -90.08 -17.97
N GLN F 2003 -23.58 -88.98 -18.27
CA GLN F 2003 -22.82 -88.28 -17.24
C GLN F 2003 -23.75 -87.74 -16.17
N GLU F 2004 -24.89 -87.19 -16.56
CA GLU F 2004 -25.87 -86.70 -15.58
C GLU F 2004 -26.51 -87.85 -14.82
N GLN F 2005 -26.69 -89.01 -15.46
CA GLN F 2005 -27.26 -90.16 -14.77
C GLN F 2005 -26.37 -90.61 -13.62
N ILE F 2006 -25.05 -90.67 -13.86
CA ILE F 2006 -24.15 -91.14 -12.82
C ILE F 2006 -23.92 -90.06 -11.77
N ASN F 2007 -24.12 -88.79 -12.13
CA ASN F 2007 -24.05 -87.72 -11.14
C ASN F 2007 -25.17 -87.85 -10.12
N MET F 2008 -26.38 -88.19 -10.59
CA MET F 2008 -27.50 -88.37 -9.67
C MET F 2008 -27.32 -89.59 -8.79
N LEU F 2009 -26.75 -90.67 -9.34
CA LEU F 2009 -26.62 -91.90 -8.57
C LEU F 2009 -25.63 -91.74 -7.41
N LEU F 2010 -24.61 -90.92 -7.58
CA LEU F 2010 -23.59 -90.73 -6.56
C LEU F 2010 -23.92 -89.60 -5.59
N HIS F 2011 -25.09 -88.98 -5.73
CA HIS F 2011 -25.47 -87.83 -4.91
C HIS F 2011 -26.20 -88.32 -3.65
N PHE F 2012 -25.44 -88.99 -2.78
CA PHE F 2012 -25.98 -89.44 -1.51
C PHE F 2012 -24.95 -89.30 -0.39
N LYS F 2013 -24.08 -88.30 -0.47
CA LYS F 2013 -23.03 -88.15 0.52
C LYS F 2013 -23.46 -87.34 1.74
N ASP F 2014 -24.21 -86.26 1.53
CA ASP F 2014 -24.52 -85.31 2.60
C ASP F 2014 -25.73 -85.72 3.43
N GLU F 2015 -26.38 -86.84 3.11
CA GLU F 2015 -27.49 -87.40 3.88
C GLU F 2015 -28.72 -86.51 3.80
N ALA F 2016 -28.62 -85.38 3.12
CA ALA F 2016 -29.76 -84.55 2.78
C ALA F 2016 -30.26 -84.80 1.37
N ASP F 2017 -29.63 -85.73 0.65
CA ASP F 2017 -30.01 -86.05 -0.72
C ASP F 2017 -30.29 -87.54 -0.90
N GLU F 2018 -30.86 -88.19 0.11
CA GLU F 2018 -31.18 -89.61 0.06
C GLU F 2018 -32.54 -89.89 -0.56
N GLU F 2019 -33.18 -88.87 -1.15
CA GLU F 2019 -34.49 -89.02 -1.78
C GLU F 2019 -34.43 -89.02 -3.30
N ASP F 2020 -33.58 -88.20 -3.90
CA ASP F 2020 -33.44 -88.21 -5.36
C ASP F 2020 -32.61 -89.41 -5.83
N CYS F 2021 -31.69 -89.89 -5.00
CA CYS F 2021 -30.88 -91.03 -5.37
C CYS F 2021 -31.70 -92.32 -5.28
N PRO F 2022 -31.84 -93.08 -6.37
CA PRO F 2022 -32.63 -94.31 -6.34
C PRO F 2022 -31.84 -95.57 -5.99
N LEU F 2023 -30.60 -95.45 -5.58
CA LEU F 2023 -29.79 -96.63 -5.29
C LEU F 2023 -30.26 -97.30 -4.00
N PRO F 2024 -30.20 -98.63 -3.93
CA PRO F 2024 -30.45 -99.31 -2.66
C PRO F 2024 -29.34 -99.03 -1.66
N GLU F 2025 -29.68 -99.23 -0.38
CA GLU F 2025 -28.76 -98.87 0.69
C GLU F 2025 -27.50 -99.73 0.65
N ASP F 2026 -27.62 -100.99 0.23
CA ASP F 2026 -26.46 -101.87 0.18
C ASP F 2026 -25.43 -101.38 -0.83
N ILE F 2027 -25.88 -100.90 -2.00
CA ILE F 2027 -24.94 -100.34 -2.97
C ILE F 2027 -24.34 -99.04 -2.46
N ARG F 2028 -25.14 -98.23 -1.76
CA ARG F 2028 -24.63 -96.98 -1.21
C ARG F 2028 -23.52 -97.25 -0.19
N GLN F 2029 -23.64 -98.32 0.57
CA GLN F 2029 -22.66 -98.61 1.62
C GLN F 2029 -21.28 -98.90 1.03
N ASP F 2030 -21.25 -99.57 -0.12
CA ASP F 2030 -19.96 -99.93 -0.72
C ASP F 2030 -19.15 -98.70 -1.08
N LEU F 2031 -19.79 -97.68 -1.65
CA LEU F 2031 -19.07 -96.45 -1.97
C LEU F 2031 -18.62 -95.74 -0.70
N GLN F 2032 -19.48 -95.69 0.31
CA GLN F 2032 -19.10 -95.06 1.57
C GLN F 2032 -17.98 -95.82 2.27
N ASP F 2033 -17.99 -97.15 2.19
CA ASP F 2033 -16.88 -97.93 2.74
C ASP F 2033 -15.58 -97.62 2.02
N PHE F 2034 -15.62 -97.49 0.69
CA PHE F 2034 -14.42 -97.15 -0.05
C PHE F 2034 -13.99 -95.71 0.20
N HIS F 2035 -14.96 -94.81 0.40
CA HIS F 2035 -14.61 -93.43 0.67
C HIS F 2035 -13.91 -93.28 2.01
N GLN F 2036 -14.29 -94.10 2.99
CA GLN F 2036 -13.66 -94.03 4.30
C GLN F 2036 -12.22 -94.53 4.25
N ASP F 2037 -11.99 -95.67 3.60
CA ASP F 2037 -10.64 -96.21 3.54
C ASP F 2037 -9.76 -95.46 2.53
N LEU F 2038 -10.35 -94.68 1.64
CA LEU F 2038 -9.55 -93.80 0.80
C LEU F 2038 -9.02 -92.61 1.61
N LEU F 2039 -9.88 -92.00 2.42
CA LEU F 2039 -9.43 -90.92 3.30
C LEU F 2039 -8.40 -91.42 4.30
N ALA F 2040 -8.63 -92.63 4.84
CA ALA F 2040 -7.67 -93.21 5.78
C ALA F 2040 -6.34 -93.49 5.10
N HIS F 2041 -6.38 -93.98 3.86
CA HIS F 2041 -5.14 -94.23 3.13
C HIS F 2041 -4.39 -92.94 2.85
N CYS F 2042 -5.09 -91.81 2.80
CA CYS F 2042 -4.47 -90.50 2.66
C CYS F 2042 -4.12 -89.88 4.01
N GLY F 2043 -4.34 -90.59 5.10
CA GLY F 2043 -4.03 -90.08 6.43
C GLY F 2043 -4.89 -88.91 6.86
N ILE F 2044 -6.18 -88.94 6.52
CA ILE F 2044 -7.08 -87.86 6.92
C ILE F 2044 -7.43 -87.99 8.40
N GLN F 2045 -8.09 -89.08 8.77
CA GLN F 2045 -8.49 -89.32 10.14
C GLN F 2045 -8.87 -90.80 10.26
N LEU F 2046 -9.05 -91.26 11.50
CA LEU F 2046 -9.42 -92.64 11.76
C LEU F 2046 -10.35 -92.74 12.96
N GLU F 2088 3.85 -93.11 20.50
CA GLU F 2088 3.61 -93.05 19.06
C GLU F 2088 4.79 -92.41 18.33
N LYS F 2089 5.99 -92.57 18.89
CA LYS F 2089 7.17 -92.01 18.26
C LYS F 2089 7.52 -92.69 16.94
N LYS F 2090 7.10 -93.93 16.75
CA LYS F 2090 7.35 -94.63 15.50
C LYS F 2090 6.45 -94.08 14.40
N PRO F 2091 7.00 -93.62 13.27
CA PRO F 2091 6.13 -93.08 12.20
C PRO F 2091 5.11 -94.07 11.69
N GLN F 2092 5.46 -95.35 11.60
CA GLN F 2092 4.54 -96.42 11.23
C GLN F 2092 4.03 -96.31 9.80
N SER F 2093 4.45 -95.26 9.08
CA SER F 2093 4.00 -95.08 7.70
C SER F 2093 4.96 -94.14 6.99
N LEU F 2094 4.92 -94.19 5.66
CA LEU F 2094 5.76 -93.30 4.86
C LEU F 2094 5.37 -91.85 5.05
N GLN F 2095 4.07 -91.57 5.15
CA GLN F 2095 3.61 -90.20 5.31
C GLN F 2095 4.15 -89.57 6.59
N GLU F 2096 4.09 -90.30 7.70
CA GLU F 2096 4.60 -89.75 8.96
C GLU F 2096 6.12 -89.72 8.98
N LEU F 2097 6.77 -90.68 8.32
CA LEU F 2097 8.22 -90.71 8.27
C LEU F 2097 8.78 -89.50 7.52
N VAL F 2098 8.19 -89.20 6.35
CA VAL F 2098 8.69 -88.08 5.55
C VAL F 2098 8.44 -86.75 6.26
N SER F 2099 7.24 -86.57 6.82
CA SER F 2099 6.93 -85.31 7.49
C SER F 2099 7.84 -85.08 8.67
N HIS F 2100 8.07 -86.11 9.48
CA HIS F 2100 8.98 -85.97 10.62
CA HIS F 2100 8.98 -85.98 10.62
C HIS F 2100 10.40 -85.72 10.17
N MET F 2101 10.85 -86.41 9.11
CA MET F 2101 12.22 -86.24 8.64
C MET F 2101 12.48 -84.84 8.12
N VAL F 2102 11.56 -84.28 7.33
CA VAL F 2102 11.77 -82.96 6.75
C VAL F 2102 11.82 -81.91 7.85
N VAL F 2103 10.89 -81.97 8.80
CA VAL F 2103 10.89 -81.01 9.90
C VAL F 2103 12.14 -81.14 10.74
N ARG F 2104 12.57 -82.37 11.02
CA ARG F 2104 13.77 -82.59 11.81
C ARG F 2104 15.01 -82.03 11.11
N TRP F 2105 15.11 -82.24 9.80
CA TRP F 2105 16.25 -81.71 9.05
C TRP F 2105 16.30 -80.19 9.13
N ALA F 2106 15.15 -79.53 8.98
CA ALA F 2106 15.14 -78.07 8.95
C ALA F 2106 15.45 -77.47 10.30
N GLN F 2107 15.04 -78.12 11.39
CA GLN F 2107 15.27 -77.60 12.73
C GLN F 2107 16.58 -78.07 13.34
N GLU F 2108 17.33 -78.93 12.64
CA GLU F 2108 18.65 -79.33 13.10
C GLU F 2108 19.75 -78.42 12.59
N ASP F 2109 19.56 -77.82 11.41
CA ASP F 2109 20.56 -76.92 10.86
C ASP F 2109 19.88 -76.02 9.83
N TYR F 2110 20.54 -74.89 9.55
CA TYR F 2110 20.09 -73.96 8.52
C TYR F 2110 20.53 -74.51 7.17
N VAL F 2111 19.57 -75.04 6.41
CA VAL F 2111 19.87 -75.65 5.13
C VAL F 2111 20.33 -74.57 4.15
N GLN F 2112 21.48 -74.81 3.51
CA GLN F 2112 22.09 -73.82 2.64
C GLN F 2112 21.88 -74.09 1.15
N SER F 2113 21.45 -75.30 0.79
CA SER F 2113 21.24 -75.64 -0.60
C SER F 2113 19.82 -75.30 -0.99
N PRO F 2114 19.60 -74.32 -1.88
CA PRO F 2114 18.23 -74.00 -2.30
C PRO F 2114 17.53 -75.16 -2.97
N GLU F 2115 18.25 -76.01 -3.70
CA GLU F 2115 17.64 -77.18 -4.33
C GLU F 2115 17.12 -78.14 -3.27
N LEU F 2116 17.89 -78.34 -2.20
CA LEU F 2116 17.44 -79.22 -1.12
C LEU F 2116 16.23 -78.64 -0.41
N VAL F 2117 16.23 -77.32 -0.17
CA VAL F 2117 15.11 -76.69 0.52
C VAL F 2117 13.82 -76.87 -0.27
N ARG F 2118 13.88 -76.65 -1.59
CA ARG F 2118 12.68 -76.86 -2.40
C ARG F 2118 12.27 -78.32 -2.41
N ALA F 2119 13.24 -79.24 -2.49
CA ALA F 2119 12.92 -80.66 -2.53
C ALA F 2119 12.23 -81.12 -1.25
N MET F 2120 12.72 -80.67 -0.09
CA MET F 2120 12.17 -81.16 1.16
C MET F 2120 10.80 -80.54 1.46
N PHE F 2121 10.60 -79.28 1.09
CA PHE F 2121 9.29 -78.67 1.31
C PHE F 2121 8.26 -79.12 0.29
N SER F 2122 8.68 -79.42 -0.94
CA SER F 2122 7.77 -80.04 -1.89
C SER F 2122 7.33 -81.42 -1.41
N LEU F 2123 8.27 -82.19 -0.86
CA LEU F 2123 7.93 -83.49 -0.30
C LEU F 2123 7.04 -83.35 0.92
N LEU F 2124 7.30 -82.35 1.75
CA LEU F 2124 6.50 -82.15 2.96
C LEU F 2124 5.06 -81.79 2.62
N HIS F 2125 4.86 -80.95 1.61
CA HIS F 2125 3.51 -80.52 1.26
C HIS F 2125 2.65 -81.69 0.81
N ARG F 2126 3.26 -82.67 0.13
CA ARG F 2126 2.49 -83.82 -0.35
C ARG F 2126 1.96 -84.66 0.81
N GLN F 2127 2.75 -84.81 1.87
CA GLN F 2127 2.33 -85.64 2.99
C GLN F 2127 1.15 -85.01 3.73
N TYR F 2128 1.18 -83.70 3.93
CA TYR F 2128 0.09 -83.03 4.64
C TYR F 2128 -1.18 -82.97 3.81
N ASP F 2129 -1.05 -82.84 2.49
CA ASP F 2129 -2.21 -82.77 1.59
C ASP F 2129 -2.12 -83.96 0.65
N GLY F 2130 -2.67 -85.09 1.08
CA GLY F 2130 -2.69 -86.29 0.26
C GLY F 2130 -3.93 -86.34 -0.61
N LEU F 2131 -5.07 -85.92 -0.05
CA LEU F 2131 -6.29 -85.87 -0.84
C LEU F 2131 -6.19 -84.85 -1.96
N GLY F 2132 -5.60 -83.69 -1.68
CA GLY F 2132 -5.40 -82.70 -2.73
C GLY F 2132 -4.44 -83.19 -3.80
N GLU F 2133 -3.41 -83.93 -3.41
CA GLU F 2133 -2.48 -84.51 -4.38
C GLU F 2133 -3.20 -85.50 -5.28
N LEU F 2134 -4.06 -86.34 -4.72
CA LEU F 2134 -4.87 -87.25 -5.52
C LEU F 2134 -5.84 -86.48 -6.40
N LEU F 2135 -6.40 -85.38 -5.89
CA LEU F 2135 -7.33 -84.59 -6.67
C LEU F 2135 -6.69 -84.00 -7.92
N ARG F 2136 -5.44 -83.55 -7.81
CA ARG F 2136 -4.75 -82.97 -8.95
C ARG F 2136 -4.18 -84.02 -9.90
N ALA F 2137 -4.16 -85.29 -9.52
CA ALA F 2137 -3.68 -86.35 -10.38
C ALA F 2137 -4.79 -87.06 -11.15
N LEU F 2138 -6.03 -86.97 -10.69
CA LEU F 2138 -7.14 -87.59 -11.39
C LEU F 2138 -7.33 -87.08 -12.82
N PRO F 2139 -7.16 -85.80 -13.14
CA PRO F 2139 -7.31 -85.38 -14.55
C PRO F 2139 -6.38 -86.10 -15.51
N ARG F 2140 -5.25 -86.62 -15.04
CA ARG F 2140 -4.33 -87.39 -15.87
C ARG F 2140 -4.56 -88.89 -15.76
N ALA F 2141 -5.67 -89.31 -15.16
CA ALA F 2141 -6.02 -90.72 -15.04
C ALA F 2141 -7.10 -91.06 -16.08
N TYR F 2142 -6.98 -92.24 -16.68
CA TYR F 2142 -7.89 -92.63 -17.74
C TYR F 2142 -7.94 -94.15 -17.80
N THR F 2143 -9.16 -94.70 -17.84
CA THR F 2143 -9.36 -96.14 -17.93
C THR F 2143 -9.70 -96.53 -19.36
N ILE F 2144 -9.09 -97.61 -19.84
CA ILE F 2144 -9.27 -98.08 -21.20
C ILE F 2144 -9.65 -99.55 -21.17
N SER F 2145 -10.26 -99.99 -22.28
CA SER F 2145 -10.59 -101.40 -22.42
C SER F 2145 -9.33 -102.23 -22.57
N PRO F 2146 -9.32 -103.46 -22.04
CA PRO F 2146 -8.14 -104.32 -22.22
C PRO F 2146 -7.86 -104.69 -23.67
N SER F 2147 -8.84 -104.57 -24.55
CA SER F 2147 -8.63 -104.89 -25.96
C SER F 2147 -7.91 -103.78 -26.72
N SER F 2148 -7.79 -102.59 -26.14
CA SER F 2148 -7.11 -101.47 -26.77
C SER F 2148 -5.76 -101.17 -26.16
N VAL F 2149 -5.18 -102.13 -25.43
CA VAL F 2149 -3.90 -101.89 -24.76
C VAL F 2149 -2.77 -101.80 -25.79
N GLU F 2150 -2.75 -102.71 -26.76
CA GLU F 2150 -1.64 -102.76 -27.71
C GLU F 2150 -1.59 -101.49 -28.56
N ASP F 2151 -2.75 -100.97 -28.97
CA ASP F 2151 -2.76 -99.73 -29.73
C ASP F 2151 -2.37 -98.54 -28.86
N THR F 2152 -2.78 -98.55 -27.60
CA THR F 2152 -2.40 -97.48 -26.68
C THR F 2152 -0.90 -97.47 -26.42
N MET F 2153 -0.31 -98.66 -26.27
CA MET F 2153 1.14 -98.75 -26.07
C MET F 2153 1.89 -98.20 -27.29
N SER F 2154 1.40 -98.52 -28.49
CA SER F 2154 2.02 -97.98 -29.69
C SER F 2154 1.91 -96.46 -29.72
N LEU F 2155 0.76 -95.92 -29.32
CA LEU F 2155 0.59 -94.48 -29.29
C LEU F 2155 1.52 -93.83 -28.27
N LEU F 2156 1.70 -94.48 -27.11
CA LEU F 2156 2.62 -93.96 -26.10
C LEU F 2156 4.05 -93.97 -26.60
N GLU F 2157 4.43 -95.01 -27.36
CA GLU F 2157 5.78 -95.04 -27.94
C GLU F 2157 6.00 -93.88 -28.88
N CYS F 2158 5.02 -93.59 -29.74
CA CYS F 2158 5.15 -92.47 -30.66
C CYS F 2158 5.17 -91.14 -29.92
N LEU F 2159 4.35 -91.00 -28.87
CA LEU F 2159 4.35 -89.77 -28.08
C LEU F 2159 5.67 -89.57 -27.36
N GLY F 2160 6.29 -90.66 -26.90
CA GLY F 2160 7.59 -90.54 -26.26
C GLY F 2160 8.66 -90.01 -27.21
N GLN F 2161 8.59 -90.41 -28.48
CA GLN F 2161 9.53 -89.91 -29.47
C GLN F 2161 9.35 -88.40 -29.67
N ILE F 2162 8.10 -87.95 -29.74
CA ILE F 2162 7.83 -86.52 -29.93
C ILE F 2162 8.30 -85.73 -28.71
N ARG F 2163 8.04 -86.23 -27.51
CA ARG F 2163 8.46 -85.54 -26.30
C ARG F 2163 9.99 -85.44 -26.22
N SER F 2164 10.70 -86.41 -26.79
CA SER F 2164 12.16 -86.37 -26.78
C SER F 2164 12.70 -85.27 -27.69
N LEU F 2165 11.88 -84.71 -28.57
CA LEU F 2165 12.31 -83.66 -29.47
C LEU F 2165 12.17 -82.27 -28.87
N LEU F 2166 11.66 -82.15 -27.65
CA LEU F 2166 11.56 -80.86 -26.99
C LEU F 2166 12.89 -80.39 -26.40
N ILE F 2167 13.89 -81.26 -26.34
CA ILE F 2167 15.17 -80.93 -25.72
C ILE F 2167 16.32 -80.98 -26.72
N VAL F 2168 16.02 -81.00 -28.01
CA VAL F 2168 17.05 -81.09 -29.05
C VAL F 2168 16.69 -80.12 -30.18
N GLN F 2169 17.70 -79.43 -30.70
CA GLN F 2169 17.50 -78.59 -31.86
C GLN F 2169 17.05 -79.42 -33.06
N MET F 2170 16.10 -78.89 -33.82
CA MET F 2170 15.56 -79.63 -34.95
C MET F 2170 16.61 -79.80 -36.04
N GLY F 2171 16.65 -80.98 -36.63
CA GLY F 2171 17.57 -81.28 -37.70
C GLY F 2171 16.95 -82.21 -38.72
N PRO F 2172 17.71 -82.52 -39.77
CA PRO F 2172 17.17 -83.43 -40.81
C PRO F 2172 16.78 -84.80 -40.27
N GLN F 2173 17.55 -85.34 -39.32
CA GLN F 2173 17.20 -86.64 -38.74
C GLN F 2173 15.98 -86.54 -37.84
N GLU F 2174 15.94 -85.51 -36.99
CA GLU F 2174 14.80 -85.34 -36.10
C GLU F 2174 13.53 -85.00 -36.86
N GLU F 2175 13.66 -84.33 -38.01
CA GLU F 2175 12.48 -84.03 -38.82
C GLU F 2175 11.80 -85.30 -39.30
N ASN F 2176 12.57 -86.27 -39.77
CA ASN F 2176 11.98 -87.53 -40.22
C ASN F 2176 11.32 -88.28 -39.07
N LEU F 2177 11.94 -88.28 -37.90
CA LEU F 2177 11.35 -88.94 -36.74
C LEU F 2177 10.04 -88.27 -36.34
N MET F 2178 10.00 -86.93 -36.38
CA MET F 2178 8.78 -86.22 -36.04
C MET F 2178 7.66 -86.52 -37.03
N ILE F 2179 7.99 -86.58 -38.32
CA ILE F 2179 6.97 -86.81 -39.35
C ILE F 2179 6.38 -88.20 -39.22
N GLN F 2180 7.23 -89.22 -39.06
CA GLN F 2180 6.72 -90.58 -38.97
C GLN F 2180 5.98 -90.82 -37.66
N SER F 2181 6.40 -90.16 -36.58
CA SER F 2181 5.67 -90.29 -35.32
C SER F 2181 4.27 -89.72 -35.43
N ILE F 2182 4.12 -88.57 -36.09
CA ILE F 2182 2.80 -87.98 -36.30
C ILE F 2182 1.96 -88.89 -37.19
N GLY F 2183 2.56 -89.44 -38.25
CA GLY F 2183 1.82 -90.33 -39.13
C GLY F 2183 1.34 -91.58 -38.41
N ASN F 2184 2.17 -92.15 -37.54
CA ASN F 2184 1.77 -93.33 -36.78
C ASN F 2184 0.64 -92.99 -35.81
N ILE F 2185 0.71 -91.82 -35.18
CA ILE F 2185 -0.36 -91.42 -34.26
C ILE F 2185 -1.67 -91.26 -35.01
N MET F 2186 -1.63 -90.57 -36.15
CA MET F 2186 -2.84 -90.37 -36.94
C MET F 2186 -3.32 -91.66 -37.61
N ASN F 2187 -2.50 -92.71 -37.62
CA ASN F 2187 -2.91 -94.01 -38.13
C ASN F 2187 -3.43 -94.92 -37.02
N ASN F 2188 -3.50 -94.44 -35.79
CA ASN F 2188 -3.91 -95.23 -34.64
C ASN F 2188 -5.37 -94.95 -34.32
N LYS F 2189 -6.15 -96.01 -34.11
CA LYS F 2189 -7.57 -95.85 -33.82
C LYS F 2189 -7.81 -95.18 -32.48
N VAL F 2190 -6.89 -95.36 -31.52
CA VAL F 2190 -7.06 -94.77 -30.20
C VAL F 2190 -7.04 -93.25 -30.27
N PHE F 2191 -6.25 -92.70 -31.19
CA PHE F 2191 -6.18 -91.25 -31.35
C PHE F 2191 -7.55 -90.65 -31.68
N TYR F 2192 -8.42 -91.41 -32.33
CA TYR F 2192 -9.74 -90.92 -32.68
C TYR F 2192 -10.82 -91.41 -31.71
N GLN F 2193 -10.64 -92.58 -31.12
CA GLN F 2193 -11.64 -93.12 -30.21
C GLN F 2193 -11.64 -92.42 -28.86
N HIS F 2194 -10.48 -91.93 -28.41
CA HIS F 2194 -10.33 -91.33 -27.08
C HIS F 2194 -9.67 -89.96 -27.21
N PRO F 2195 -10.41 -88.97 -27.72
CA PRO F 2195 -9.85 -87.61 -27.77
C PRO F 2195 -9.52 -87.05 -26.41
N ASN F 2196 -10.28 -87.42 -25.38
CA ASN F 2196 -10.00 -86.93 -24.03
C ASN F 2196 -8.65 -87.44 -23.53
N LEU F 2197 -8.33 -88.70 -23.83
CA LEU F 2197 -7.04 -89.24 -23.43
C LEU F 2197 -5.90 -88.49 -24.11
N MET F 2198 -6.04 -88.18 -25.39
CA MET F 2198 -5.01 -87.42 -26.09
C MET F 2198 -4.85 -86.03 -25.47
N ARG F 2199 -5.97 -85.40 -25.12
CA ARG F 2199 -5.92 -84.09 -24.47
C ARG F 2199 -5.24 -84.18 -23.11
N ALA F 2200 -5.51 -85.25 -22.36
CA ALA F 2200 -4.88 -85.42 -21.05
C ALA F 2200 -3.38 -85.62 -21.18
N LEU F 2201 -2.94 -86.33 -22.22
CA LEU F 2201 -1.51 -86.54 -22.44
C LEU F 2201 -0.79 -85.28 -22.88
N GLY F 2202 -1.52 -84.22 -23.21
CA GLY F 2202 -0.89 -83.01 -23.70
C GLY F 2202 -0.24 -83.18 -25.06
N MET F 2203 -0.83 -84.00 -25.91
CA MET F 2203 -0.23 -84.27 -27.22
C MET F 2203 -0.22 -83.02 -28.09
N HIS F 2204 -1.29 -82.24 -28.06
CA HIS F 2204 -1.35 -81.03 -28.87
C HIS F 2204 -0.35 -79.98 -28.38
N GLU F 2205 -0.16 -79.88 -27.06
CA GLU F 2205 0.85 -78.96 -26.55
C GLU F 2205 2.24 -79.36 -27.00
N THR F 2206 2.56 -80.65 -26.95
CA THR F 2206 3.90 -81.10 -27.33
C THR F 2206 4.18 -80.83 -28.79
N VAL F 2207 3.22 -81.11 -29.66
CA VAL F 2207 3.40 -80.85 -31.09
C VAL F 2207 3.53 -79.36 -31.36
N MET F 2208 2.72 -78.55 -30.67
CA MET F 2208 2.78 -77.10 -30.87
C MET F 2208 4.14 -76.54 -30.45
N GLU F 2209 4.68 -77.01 -29.32
CA GLU F 2209 5.96 -76.50 -28.84
C GLU F 2209 7.09 -76.86 -29.80
N VAL F 2210 7.04 -78.06 -30.39
CA VAL F 2210 8.05 -78.43 -31.38
C VAL F 2210 7.96 -77.51 -32.59
N MET F 2211 6.74 -77.23 -33.05
CA MET F 2211 6.56 -76.40 -34.24
C MET F 2211 7.09 -74.99 -34.02
N VAL F 2212 6.77 -74.38 -32.88
CA VAL F 2212 7.15 -72.99 -32.66
C VAL F 2212 8.66 -72.86 -32.47
N ASN F 2213 9.32 -73.90 -31.95
CA ASN F 2213 10.77 -73.85 -31.83
C ASN F 2213 11.43 -73.75 -33.20
N VAL F 2214 10.92 -74.51 -34.18
CA VAL F 2214 11.42 -74.38 -35.55
C VAL F 2214 11.06 -73.01 -36.12
N LEU F 2215 9.83 -72.55 -35.88
CA LEU F 2215 9.43 -71.23 -36.37
C LEU F 2215 10.18 -70.13 -35.63
N GLY F 2216 10.48 -70.33 -34.35
CA GLY F 2216 11.21 -69.30 -33.61
C GLY F 2216 12.58 -69.04 -34.18
N GLY F 2217 13.33 -70.10 -34.48
CA GLY F 2217 14.61 -69.92 -35.14
C GLY F 2217 14.42 -69.56 -36.60
N GLY F 2218 15.13 -68.54 -37.06
CA GLY F 2218 14.95 -68.08 -38.42
C GLY F 2218 13.56 -67.55 -38.69
N GLU F 2219 13.02 -66.77 -37.76
CA GLU F 2219 11.65 -66.30 -37.85
C GLU F 2219 11.42 -65.27 -38.94
N THR F 2220 12.47 -64.73 -39.55
CA THR F 2220 12.26 -63.71 -40.57
C THR F 2220 12.97 -64.00 -41.89
N LYS F 2221 14.17 -64.57 -41.86
CA LYS F 2221 14.94 -64.71 -43.09
C LYS F 2221 14.63 -65.98 -43.85
N GLU F 2222 14.43 -67.11 -43.15
CA GLU F 2222 14.19 -68.38 -43.83
C GLU F 2222 13.67 -69.42 -42.84
N ILE F 2223 12.64 -70.16 -43.24
CA ILE F 2223 12.10 -71.25 -42.43
C ILE F 2223 12.61 -72.56 -43.00
N ARG F 2224 13.31 -73.33 -42.17
CA ARG F 2224 13.87 -74.60 -42.57
C ARG F 2224 13.02 -75.75 -42.02
N PHE F 2225 13.28 -76.94 -42.53
CA PHE F 2225 12.47 -78.12 -42.28
C PHE F 2225 10.99 -77.84 -42.55
N PRO F 2226 10.63 -77.40 -43.76
CA PRO F 2226 9.22 -77.08 -44.03
C PRO F 2226 8.30 -78.27 -43.92
N LYS F 2227 8.79 -79.48 -44.26
CA LYS F 2227 7.93 -80.66 -44.21
C LYS F 2227 7.49 -80.97 -42.78
N MET F 2228 8.38 -80.74 -41.80
CA MET F 2228 8.00 -80.93 -40.41
C MET F 2228 6.92 -79.96 -40.00
N VAL F 2229 7.03 -78.70 -40.42
CA VAL F 2229 6.06 -77.68 -40.02
C VAL F 2229 4.68 -78.00 -40.59
N THR F 2230 4.61 -78.36 -41.86
CA THR F 2230 3.32 -78.68 -42.46
C THR F 2230 2.77 -80.01 -41.94
N SER F 2231 3.62 -80.90 -41.43
CA SER F 2231 3.13 -82.12 -40.80
C SER F 2231 2.51 -81.84 -39.44
N CYS F 2232 3.16 -80.98 -38.65
CA CYS F 2232 2.60 -80.60 -37.35
C CYS F 2232 1.32 -79.81 -37.51
N CYS F 2233 1.29 -78.87 -38.47
CA CYS F 2233 0.10 -78.06 -38.69
C CYS F 2233 -1.07 -78.93 -39.16
N ARG F 2234 -0.81 -79.86 -40.08
CA ARG F 2234 -1.87 -80.75 -40.55
C ARG F 2234 -2.37 -81.64 -39.42
N PHE F 2235 -1.46 -82.07 -38.54
CA PHE F 2235 -1.86 -82.87 -37.39
C PHE F 2235 -2.80 -82.08 -36.48
N LEU F 2236 -2.47 -80.82 -36.22
CA LEU F 2236 -3.30 -80.01 -35.34
C LEU F 2236 -4.65 -79.70 -35.96
N CYS F 2237 -4.70 -79.53 -37.29
CA CYS F 2237 -5.99 -79.29 -37.95
C CYS F 2237 -6.91 -80.48 -37.81
N TYR F 2238 -6.39 -81.70 -38.00
CA TYR F 2238 -7.19 -82.89 -37.77
C TYR F 2238 -7.51 -83.08 -36.30
N PHE F 2239 -6.63 -82.62 -35.42
CA PHE F 2239 -6.88 -82.71 -33.99
C PHE F 2239 -8.11 -81.88 -33.60
N CYS F 2240 -8.26 -80.70 -34.19
CA CYS F 2240 -9.41 -79.85 -33.89
C CYS F 2240 -10.72 -80.47 -34.37
N ARG F 2241 -10.69 -81.18 -35.51
CA ARG F 2241 -11.91 -81.71 -36.10
C ARG F 2241 -12.41 -82.98 -35.43
N ILE F 2242 -11.66 -83.55 -34.49
CA ILE F 2242 -12.11 -84.76 -33.82
C ILE F 2242 -13.28 -84.45 -32.88
N SER F 2243 -13.16 -83.40 -32.08
CA SER F 2243 -14.21 -83.03 -31.14
C SER F 2243 -14.14 -81.54 -30.86
N ARG F 2244 -15.25 -81.01 -30.35
CA ARG F 2244 -15.28 -79.59 -29.99
C ARG F 2244 -14.37 -79.29 -28.81
N GLN F 2245 -14.24 -80.23 -27.88
CA GLN F 2245 -13.33 -80.04 -26.75
C GLN F 2245 -11.89 -79.92 -27.22
N ASN F 2246 -11.47 -80.73 -28.20
CA ASN F 2246 -10.16 -80.55 -28.79
C ASN F 2246 -10.05 -79.20 -29.49
N GLN F 2247 -11.12 -78.80 -30.20
CA GLN F 2247 -11.11 -77.51 -30.88
C GLN F 2247 -11.02 -76.37 -29.89
N ARG F 2248 -11.74 -76.47 -28.76
CA ARG F 2248 -11.64 -75.44 -27.73
C ARG F 2248 -10.25 -75.39 -27.12
N SER F 2249 -9.62 -76.56 -26.93
CA SER F 2249 -8.27 -76.60 -26.37
C SER F 2249 -7.29 -75.85 -27.26
N MET F 2250 -7.38 -76.05 -28.58
CA MET F 2250 -6.53 -75.31 -29.49
C MET F 2250 -6.92 -73.85 -29.59
N PHE F 2251 -8.17 -73.51 -29.24
CA PHE F 2251 -8.59 -72.11 -29.25
C PHE F 2251 -7.88 -71.30 -28.16
N ASP F 2252 -7.48 -71.95 -27.08
CA ASP F 2252 -6.77 -71.25 -26.01
C ASP F 2252 -5.41 -70.75 -26.46
N HIS F 2253 -4.85 -71.31 -27.52
CA HIS F 2253 -3.57 -70.88 -28.07
C HIS F 2253 -3.74 -70.06 -29.35
N LEU F 2254 -4.92 -69.46 -29.54
CA LEU F 2254 -5.18 -68.70 -30.76
C LEU F 2254 -4.21 -67.53 -30.90
N SER F 2255 -4.01 -66.78 -29.81
CA SER F 2255 -3.06 -65.68 -29.85
C SER F 2255 -1.64 -66.20 -30.05
N TYR F 2256 -1.32 -67.35 -29.44
CA TYR F 2256 0.01 -67.94 -29.60
C TYR F 2256 0.25 -68.35 -31.05
N LEU F 2257 -0.78 -68.88 -31.72
CA LEU F 2257 -0.64 -69.27 -33.12
C LEU F 2257 -0.54 -68.04 -34.01
N LEU F 2258 -1.32 -66.99 -33.72
CA LEU F 2258 -1.34 -65.81 -34.59
C LEU F 2258 0.00 -65.10 -34.61
N GLU F 2259 0.64 -64.97 -33.44
CA GLU F 2259 1.93 -64.28 -33.40
C GLU F 2259 3.02 -65.05 -34.14
N ASN F 2260 2.86 -66.36 -34.33
CA ASN F 2260 3.77 -67.15 -35.12
C ASN F 2260 3.30 -67.31 -36.57
N SER F 2261 2.16 -66.74 -36.92
CA SER F 2261 1.61 -66.86 -38.27
C SER F 2261 2.07 -65.74 -39.19
N GLY F 2262 2.84 -64.78 -38.70
CA GLY F 2262 3.31 -63.71 -39.55
C GLY F 2262 4.24 -64.21 -40.66
N ILE F 2263 5.13 -65.14 -40.32
CA ILE F 2263 6.04 -65.71 -41.31
C ILE F 2263 5.55 -67.04 -41.87
N GLY F 2264 4.42 -67.55 -41.38
CA GLY F 2264 3.87 -68.79 -41.91
C GLY F 2264 3.44 -68.69 -43.36
N LEU F 2265 3.33 -67.47 -43.90
CA LEU F 2265 2.99 -67.30 -45.30
C LEU F 2265 4.04 -67.93 -46.21
N GLY F 2266 5.29 -67.94 -45.77
CA GLY F 2266 6.35 -68.52 -46.58
C GLY F 2266 6.14 -69.99 -46.86
N MET F 2267 5.81 -70.77 -45.82
CA MET F 2267 5.50 -72.16 -46.02
C MET F 2267 4.13 -72.31 -46.67
N GLN F 2268 4.02 -73.28 -47.59
CA GLN F 2268 2.79 -73.53 -48.31
CA GLN F 2268 2.79 -73.53 -48.31
C GLN F 2268 2.26 -74.91 -47.94
N GLY F 2269 0.93 -75.03 -47.89
CA GLY F 2269 0.29 -76.27 -47.48
C GLY F 2269 -0.55 -76.06 -46.24
N SER F 2270 -0.14 -76.66 -45.12
CA SER F 2270 -0.77 -76.43 -43.83
C SER F 2270 0.13 -75.53 -42.99
N THR F 2271 -0.43 -74.42 -42.51
CA THR F 2271 0.34 -73.38 -41.83
C THR F 2271 -0.26 -73.12 -40.46
N PRO F 2272 0.48 -72.48 -39.55
CA PRO F 2272 -0.12 -72.12 -38.25
C PRO F 2272 -1.37 -71.27 -38.37
N LEU F 2273 -1.44 -70.43 -39.41
CA LEU F 2273 -2.67 -69.67 -39.66
C LEU F 2273 -3.83 -70.60 -39.98
N ASP F 2274 -3.56 -71.68 -40.72
CA ASP F 2274 -4.60 -72.66 -40.99
C ASP F 2274 -5.06 -73.35 -39.72
N VAL F 2275 -4.13 -73.64 -38.81
CA VAL F 2275 -4.50 -74.23 -37.52
C VAL F 2275 -5.39 -73.30 -36.74
N ALA F 2276 -5.07 -72.00 -36.74
CA ALA F 2276 -5.92 -71.03 -36.06
C ALA F 2276 -7.30 -70.97 -36.69
N ALA F 2277 -7.37 -71.02 -38.02
CA ALA F 2277 -8.66 -71.04 -38.70
C ALA F 2277 -9.43 -72.32 -38.38
N ALA F 2278 -8.74 -73.45 -38.31
CA ALA F 2278 -9.39 -74.71 -38.02
C ALA F 2278 -9.91 -74.80 -36.59
N SER F 2279 -9.45 -73.90 -35.71
CA SER F 2279 -9.87 -73.91 -34.32
C SER F 2279 -11.11 -73.08 -34.06
N VAL F 2280 -11.65 -72.39 -35.07
CA VAL F 2280 -12.85 -71.59 -34.92
C VAL F 2280 -13.89 -71.88 -35.99
N ILE F 2281 -13.63 -72.82 -36.90
CA ILE F 2281 -14.51 -73.05 -38.03
C ILE F 2281 -15.76 -73.79 -37.55
N ASP F 2282 -16.93 -73.27 -37.95
CA ASP F 2282 -18.22 -73.91 -37.66
C ASP F 2282 -18.43 -74.13 -36.16
N ASN F 2283 -18.05 -73.14 -35.35
CA ASN F 2283 -18.22 -73.19 -33.91
C ASN F 2283 -18.65 -71.80 -33.45
N ASN F 2284 -19.94 -71.63 -33.16
CA ASN F 2284 -20.43 -70.33 -32.74
C ASN F 2284 -19.89 -69.95 -31.37
N GLU F 2285 -19.73 -70.92 -30.48
CA GLU F 2285 -19.25 -70.63 -29.13
C GLU F 2285 -17.85 -70.04 -29.16
N LEU F 2286 -16.96 -70.61 -29.98
CA LEU F 2286 -15.61 -70.09 -30.09
C LEU F 2286 -15.55 -68.81 -30.92
N ALA F 2287 -16.43 -68.68 -31.91
CA ALA F 2287 -16.48 -67.45 -32.70
C ALA F 2287 -16.90 -66.27 -31.84
N LEU F 2288 -17.89 -66.45 -30.97
CA LEU F 2288 -18.32 -65.39 -30.08
C LEU F 2288 -17.32 -65.13 -28.97
N ALA F 2289 -16.44 -66.09 -28.67
CA ALA F 2289 -15.42 -65.91 -27.66
C ALA F 2289 -14.11 -65.36 -28.23
N LEU F 2290 -14.09 -65.04 -29.52
CA LEU F 2290 -12.88 -64.53 -30.17
C LEU F 2290 -12.63 -63.11 -29.69
N GLN F 2291 -11.48 -62.89 -29.06
CA GLN F 2291 -11.14 -61.57 -28.54
C GLN F 2291 -10.86 -60.60 -29.68
N GLU F 2292 -11.08 -59.32 -29.40
CA GLU F 2292 -10.83 -58.30 -30.40
C GLU F 2292 -9.34 -58.13 -30.68
N GLN F 2293 -8.49 -58.38 -29.68
CA GLN F 2293 -7.06 -58.25 -29.88
C GLN F 2293 -6.55 -59.20 -30.94
N ASP F 2294 -7.09 -60.43 -30.97
CA ASP F 2294 -6.70 -61.38 -32.00
C ASP F 2294 -7.08 -60.89 -33.38
N LEU F 2295 -8.28 -60.33 -33.52
CA LEU F 2295 -8.69 -59.77 -34.81
C LEU F 2295 -7.83 -58.56 -35.18
N GLU F 2296 -7.51 -57.73 -34.19
CA GLU F 2296 -6.62 -56.59 -34.44
C GLU F 2296 -5.24 -57.06 -34.90
N LYS F 2297 -4.77 -58.16 -34.32
CA LYS F 2297 -3.48 -58.70 -34.72
C LYS F 2297 -3.49 -59.15 -36.19
N VAL F 2298 -4.59 -59.77 -36.62
CA VAL F 2298 -4.67 -60.24 -38.00
C VAL F 2298 -4.75 -59.07 -38.97
N VAL F 2299 -5.57 -58.06 -38.63
CA VAL F 2299 -5.71 -56.90 -39.50
C VAL F 2299 -4.39 -56.14 -39.60
N SER F 2300 -3.63 -56.08 -38.51
CA SER F 2300 -2.30 -55.47 -38.57
C SER F 2300 -1.39 -56.24 -39.53
N TYR F 2301 -1.48 -57.57 -39.51
CA TYR F 2301 -0.76 -58.36 -40.50
C TYR F 2301 -1.26 -58.08 -41.91
N LEU F 2302 -2.58 -57.96 -42.08
CA LEU F 2302 -3.15 -57.68 -43.39
C LEU F 2302 -2.73 -56.30 -43.88
N ALA F 2303 -2.65 -55.32 -42.97
CA ALA F 2303 -2.21 -53.99 -43.36
C ALA F 2303 -0.77 -54.01 -43.87
N GLY F 2304 0.09 -54.79 -43.23
CA GLY F 2304 1.47 -54.87 -43.67
C GLY F 2304 1.60 -55.48 -45.05
N CYS F 2305 0.78 -56.50 -45.35
CA CYS F 2305 0.82 -57.11 -46.68
C CYS F 2305 0.37 -56.14 -47.76
N GLY F 2306 -0.45 -55.16 -47.41
CA GLY F 2306 -0.92 -54.18 -48.36
C GLY F 2306 0.01 -53.02 -48.59
N LEU F 2307 1.18 -52.99 -47.94
CA LEU F 2307 2.11 -51.89 -48.07
C LEU F 2307 3.51 -52.31 -48.50
N GLN F 2308 3.87 -53.58 -48.40
CA GLN F 2308 5.21 -54.03 -48.75
C GLN F 2308 5.11 -55.28 -49.62
N SER F 2309 6.09 -55.43 -50.50
CA SER F 2309 6.19 -56.62 -51.33
C SER F 2309 6.70 -57.79 -50.49
N CYS F 2310 6.44 -59.00 -50.99
CA CYS F 2310 6.91 -60.19 -50.31
C CYS F 2310 8.42 -60.29 -50.45
N PRO F 2311 9.18 -60.32 -49.35
CA PRO F 2311 10.64 -60.40 -49.48
C PRO F 2311 11.12 -61.67 -50.15
N MET F 2312 10.41 -62.79 -49.97
CA MET F 2312 10.79 -64.02 -50.63
C MET F 2312 10.59 -63.93 -52.14
N LEU F 2313 9.50 -63.31 -52.58
CA LEU F 2313 9.26 -63.16 -54.02
C LEU F 2313 10.29 -62.24 -54.66
N LEU F 2314 10.66 -61.16 -53.98
CA LEU F 2314 11.65 -60.24 -54.53
C LEU F 2314 13.00 -60.94 -54.70
N ALA F 2315 13.38 -61.79 -53.75
CA ALA F 2315 14.63 -62.54 -53.85
C ALA F 2315 14.60 -63.56 -54.97
N LYS F 2316 13.43 -63.85 -55.54
CA LYS F 2316 13.29 -64.80 -56.63
C LYS F 2316 13.11 -64.12 -57.97
N GLY F 2317 13.43 -62.84 -58.07
CA GLY F 2317 13.38 -62.12 -59.32
C GLY F 2317 12.01 -61.60 -59.72
N TYR F 2318 11.04 -61.68 -58.84
CA TYR F 2318 9.70 -61.19 -59.17
C TYR F 2318 9.70 -59.66 -59.28
N PRO F 2319 8.88 -59.10 -60.16
CA PRO F 2319 8.75 -57.65 -60.23
C PRO F 2319 8.19 -57.09 -58.93
N ASP F 2320 8.63 -55.89 -58.58
CA ASP F 2320 8.33 -55.28 -57.29
C ASP F 2320 7.05 -54.46 -57.41
N ILE F 2321 5.92 -55.08 -57.09
CA ILE F 2321 4.69 -54.34 -56.83
C ILE F 2321 4.67 -53.97 -55.36
N GLY F 2322 4.08 -52.83 -55.04
CA GLY F 2322 4.21 -52.28 -53.71
C GLY F 2322 3.35 -52.91 -52.64
N TRP F 2323 2.99 -54.19 -52.81
CA TRP F 2323 2.18 -54.89 -51.82
C TRP F 2323 2.34 -56.38 -52.04
N ASN F 2324 1.71 -57.16 -51.17
CA ASN F 2324 1.86 -58.61 -51.13
C ASN F 2324 0.47 -59.25 -51.22
N PRO F 2325 -0.06 -59.41 -52.43
CA PRO F 2325 -1.38 -60.04 -52.57
C PRO F 2325 -1.43 -61.46 -52.06
N CYS F 2326 -0.34 -62.22 -52.18
CA CYS F 2326 -0.34 -63.61 -51.73
C CYS F 2326 -0.48 -63.70 -50.22
N GLY F 2327 0.31 -62.91 -49.49
CA GLY F 2327 0.20 -62.93 -48.03
C GLY F 2327 -1.12 -62.39 -47.54
N GLY F 2328 -1.63 -61.34 -48.18
CA GLY F 2328 -2.88 -60.74 -47.74
C GLY F 2328 -4.07 -61.67 -47.89
N GLU F 2329 -4.07 -62.49 -48.94
CA GLU F 2329 -5.18 -63.42 -49.15
C GLU F 2329 -5.27 -64.43 -48.01
N ARG F 2330 -4.12 -64.89 -47.52
CA ARG F 2330 -4.11 -65.90 -46.46
C ARG F 2330 -4.73 -65.34 -45.17
N TYR F 2331 -4.47 -64.08 -44.86
CA TYR F 2331 -5.12 -63.47 -43.70
C TYR F 2331 -6.59 -63.19 -43.95
N LEU F 2332 -6.98 -62.93 -45.20
CA LEU F 2332 -8.38 -62.65 -45.50
C LEU F 2332 -9.26 -63.87 -45.25
N ASP F 2333 -8.79 -65.06 -45.61
CA ASP F 2333 -9.62 -66.25 -45.42
C ASP F 2333 -9.76 -66.62 -43.95
N PHE F 2334 -8.78 -66.26 -43.12
CA PHE F 2334 -8.93 -66.47 -41.68
C PHE F 2334 -10.07 -65.63 -41.13
N LEU F 2335 -10.12 -64.36 -41.53
CA LEU F 2335 -11.22 -63.50 -41.10
C LEU F 2335 -12.55 -63.98 -41.68
N ARG F 2336 -12.51 -64.66 -42.83
CA ARG F 2336 -13.72 -65.22 -43.41
C ARG F 2336 -14.34 -66.26 -42.50
N PHE F 2337 -13.53 -67.10 -41.87
CA PHE F 2337 -14.03 -68.10 -40.93
C PHE F 2337 -14.42 -67.49 -39.59
N ALA F 2338 -13.84 -66.35 -39.22
CA ALA F 2338 -14.15 -65.73 -37.94
C ALA F 2338 -15.50 -65.04 -37.94
N VAL F 2339 -15.98 -64.58 -39.10
CA VAL F 2339 -17.21 -63.79 -39.17
C VAL F 2339 -18.37 -64.56 -39.77
N PHE F 2340 -18.14 -65.73 -40.35
CA PHE F 2340 -19.18 -66.50 -41.02
C PHE F 2340 -19.15 -67.93 -40.49
N VAL F 2341 -20.17 -68.31 -39.74
CA VAL F 2341 -20.25 -69.62 -39.11
C VAL F 2341 -21.58 -70.27 -39.47
N ASN F 2342 -21.52 -71.50 -39.99
CA ASN F 2342 -22.72 -72.31 -40.25
C ASN F 2342 -23.70 -71.61 -41.18
N GLY F 2343 -23.17 -70.87 -42.15
CA GLY F 2343 -24.01 -70.21 -43.13
C GLY F 2343 -24.61 -68.90 -42.70
N GLU F 2344 -24.32 -68.42 -41.50
CA GLU F 2344 -24.83 -67.14 -41.02
C GLU F 2344 -23.66 -66.26 -40.60
N SER F 2345 -23.88 -64.95 -40.68
CA SER F 2345 -22.84 -63.99 -40.32
C SER F 2345 -22.90 -63.70 -38.81
N VAL F 2346 -21.75 -63.78 -38.16
CA VAL F 2346 -21.63 -63.44 -36.74
C VAL F 2346 -21.48 -61.92 -36.66
N GLU F 2347 -22.55 -61.23 -36.25
CA GLU F 2347 -22.55 -59.78 -36.28
C GLU F 2347 -21.55 -59.19 -35.31
N GLU F 2348 -21.29 -59.86 -34.18
CA GLU F 2348 -20.31 -59.35 -33.23
C GLU F 2348 -18.93 -59.30 -33.85
N ASN F 2349 -18.53 -60.35 -34.56
CA ASN F 2349 -17.23 -60.36 -35.22
C ASN F 2349 -17.26 -59.53 -36.51
N ALA F 2350 -18.37 -59.56 -37.23
CA ALA F 2350 -18.45 -58.85 -38.50
C ALA F 2350 -18.29 -57.34 -38.30
N ASN F 2351 -18.96 -56.79 -37.29
CA ASN F 2351 -18.86 -55.36 -37.03
C ASN F 2351 -17.45 -54.95 -36.67
N VAL F 2352 -16.77 -55.75 -35.84
CA VAL F 2352 -15.41 -55.43 -35.42
C VAL F 2352 -14.47 -55.46 -36.62
N VAL F 2353 -14.59 -56.48 -37.46
CA VAL F 2353 -13.68 -56.62 -38.60
C VAL F 2353 -13.84 -55.45 -39.56
N VAL F 2354 -15.09 -55.06 -39.85
CA VAL F 2354 -15.32 -53.96 -40.78
C VAL F 2354 -14.75 -52.66 -40.21
N ARG F 2355 -14.98 -52.41 -38.92
CA ARG F 2355 -14.44 -51.20 -38.31
C ARG F 2355 -12.91 -51.22 -38.28
N LEU F 2356 -12.32 -52.39 -38.00
CA LEU F 2356 -10.87 -52.49 -38.04
C LEU F 2356 -10.33 -52.26 -39.44
N LEU F 2357 -11.01 -52.79 -40.46
CA LEU F 2357 -10.54 -52.65 -41.83
C LEU F 2357 -10.57 -51.21 -42.29
N ILE F 2358 -11.63 -50.47 -41.97
CA ILE F 2358 -11.73 -49.08 -42.43
C ILE F 2358 -10.77 -48.17 -41.69
N ARG F 2359 -10.39 -48.51 -40.45
CA ARG F 2359 -9.40 -47.72 -39.74
C ARG F 2359 -8.01 -47.87 -40.34
N LYS F 2360 -7.77 -48.93 -41.10
CA LYS F 2360 -6.51 -49.13 -41.82
C LYS F 2360 -6.87 -49.40 -43.27
N PRO F 2361 -7.14 -48.35 -44.05
CA PRO F 2361 -7.64 -48.54 -45.42
C PRO F 2361 -6.67 -49.25 -46.35
N GLU F 2362 -5.38 -49.32 -46.00
CA GLU F 2362 -4.42 -50.03 -46.83
C GLU F 2362 -4.68 -51.53 -46.89
N CYS F 2363 -5.53 -52.06 -46.00
CA CYS F 2363 -5.92 -53.46 -46.07
C CYS F 2363 -6.74 -53.79 -47.30
N PHE F 2364 -7.27 -52.79 -48.01
CA PHE F 2364 -8.07 -52.99 -49.19
C PHE F 2364 -7.25 -53.09 -50.46
N GLY F 2365 -5.93 -52.97 -50.37
CA GLY F 2365 -5.08 -53.05 -51.54
C GLY F 2365 -4.89 -51.70 -52.20
N PRO F 2366 -4.03 -51.66 -53.22
CA PRO F 2366 -3.85 -50.40 -53.97
C PRO F 2366 -5.12 -49.88 -54.59
N ALA F 2367 -6.01 -50.77 -55.06
CA ALA F 2367 -7.34 -50.34 -55.44
C ALA F 2367 -8.18 -50.12 -54.19
N LEU F 2368 -9.30 -49.40 -54.37
CA LEU F 2368 -10.15 -49.00 -53.26
C LEU F 2368 -9.38 -48.15 -52.25
N ARG F 2369 -8.35 -47.44 -52.73
CA ARG F 2369 -7.53 -46.60 -51.88
CA ARG F 2369 -7.53 -46.60 -51.87
C ARG F 2369 -8.14 -45.22 -51.64
N GLY F 2370 -9.16 -44.85 -52.40
CA GLY F 2370 -9.73 -43.52 -52.27
C GLY F 2370 -9.11 -42.56 -53.27
N GLU F 2371 -8.13 -41.78 -52.82
CA GLU F 2371 -7.45 -40.84 -53.70
C GLU F 2371 -6.41 -41.58 -54.53
N GLY F 2372 -6.38 -41.28 -55.83
CA GLY F 2372 -5.40 -41.88 -56.72
C GLY F 2372 -5.51 -43.37 -56.87
N GLY F 2373 -6.64 -43.96 -56.47
CA GLY F 2373 -6.80 -45.40 -56.53
C GLY F 2373 -7.86 -45.82 -57.53
N SER F 2374 -7.48 -46.71 -58.44
CA SER F 2374 -8.44 -47.22 -59.42
C SER F 2374 -9.48 -48.09 -58.72
N GLY F 2375 -10.61 -48.25 -59.40
CA GLY F 2375 -11.72 -49.01 -58.84
C GLY F 2375 -11.43 -50.50 -58.84
N LEU F 2376 -12.39 -51.24 -58.27
CA LEU F 2376 -12.27 -52.69 -58.23
C LEU F 2376 -12.24 -53.30 -59.63
N LEU F 2377 -13.11 -52.79 -60.51
CA LEU F 2377 -13.15 -53.30 -61.88
C LEU F 2377 -11.85 -53.01 -62.63
N ALA F 2378 -11.30 -51.81 -62.45
CA ALA F 2378 -10.06 -51.46 -63.13
C ALA F 2378 -8.91 -52.33 -62.65
N ALA F 2379 -8.86 -52.63 -61.35
CA ALA F 2379 -7.79 -53.47 -60.83
C ALA F 2379 -7.83 -54.87 -61.42
N ILE F 2380 -9.03 -55.45 -61.52
CA ILE F 2380 -9.15 -56.79 -62.10
C ILE F 2380 -8.75 -56.78 -63.57
N GLU F 2381 -9.19 -55.76 -64.32
CA GLU F 2381 -8.79 -55.65 -65.72
C GLU F 2381 -7.28 -55.47 -65.86
N GLU F 2382 -6.68 -54.68 -64.97
CA GLU F 2382 -5.23 -54.53 -64.96
C GLU F 2382 -4.54 -55.86 -64.67
N ALA F 2383 -5.10 -56.62 -63.72
CA ALA F 2383 -4.51 -57.91 -63.37
C ALA F 2383 -4.55 -58.88 -64.55
N ILE F 2384 -5.63 -58.84 -65.34
CA ILE F 2384 -5.73 -59.70 -66.51
C ILE F 2384 -4.64 -59.38 -67.52
N ARG F 2385 -4.39 -58.08 -67.74
CA ARG F 2385 -3.32 -57.69 -68.65
C ARG F 2385 -1.95 -58.11 -68.10
N ILE F 2386 -1.78 -58.06 -66.78
CA ILE F 2386 -0.55 -58.54 -66.17
C ILE F 2386 -0.40 -60.04 -66.41
N SER F 2387 -1.48 -60.80 -66.24
CA SER F 2387 -1.42 -62.25 -66.43
C SER F 2387 -1.05 -62.61 -67.86
N GLU F 2388 -1.60 -61.89 -68.84
CA GLU F 2388 -1.32 -62.19 -70.24
C GLU F 2388 0.10 -61.79 -70.64
N ASP F 2389 0.75 -60.91 -69.89
CA ASP F 2389 2.06 -60.41 -70.27
C ASP F 2389 3.13 -60.93 -69.32
N PRO F 2390 4.07 -61.75 -69.79
CA PRO F 2390 5.20 -62.14 -68.93
C PRO F 2390 6.11 -60.94 -68.68
N ALA F 2391 7.14 -61.19 -67.85
CA ALA F 2391 8.10 -60.18 -67.42
C ALA F 2391 7.44 -59.12 -66.56
N ARG F 2392 6.13 -59.28 -66.33
CA ARG F 2392 5.39 -58.46 -65.38
C ARG F 2392 4.49 -59.29 -64.48
N ASP F 2393 4.27 -60.56 -64.79
CA ASP F 2393 3.50 -61.47 -63.97
C ASP F 2393 4.38 -62.40 -63.14
N GLY F 2394 5.61 -62.65 -63.57
CA GLY F 2394 6.51 -63.52 -62.86
C GLY F 2394 7.96 -63.09 -62.99
N PRO F 2395 8.88 -63.93 -62.51
CA PRO F 2395 10.30 -63.56 -62.58
C PRO F 2395 10.81 -63.38 -64.00
N GLY F 2396 10.26 -64.10 -64.97
CA GLY F 2396 10.70 -63.98 -66.34
C GLY F 2396 12.14 -64.39 -66.56
N VAL F 2397 12.53 -65.52 -65.99
CA VAL F 2397 13.90 -66.01 -66.09
C VAL F 2397 14.24 -66.34 -67.54
N PRO F 2410 4.07 -76.17 -63.03
CA PRO F 2410 4.73 -74.88 -62.90
C PRO F 2410 6.25 -75.00 -62.94
N PRO F 2411 6.94 -73.96 -63.41
CA PRO F 2411 8.41 -74.01 -63.44
C PRO F 2411 9.04 -74.27 -62.09
N GLU F 2412 8.48 -73.71 -61.02
CA GLU F 2412 8.95 -73.94 -59.66
C GLU F 2412 8.04 -74.88 -58.90
N GLU F 2413 7.08 -75.49 -59.62
CA GLU F 2413 6.14 -76.50 -59.13
C GLU F 2413 5.08 -75.86 -58.23
N ASN F 2414 5.30 -74.61 -57.83
CA ASN F 2414 4.28 -73.80 -57.17
C ASN F 2414 4.47 -72.34 -57.63
N ARG F 2415 4.70 -72.18 -58.93
CA ARG F 2415 5.00 -70.85 -59.48
C ARG F 2415 3.87 -69.88 -59.17
N VAL F 2416 4.23 -68.73 -58.64
CA VAL F 2416 3.27 -67.70 -58.26
C VAL F 2416 3.10 -66.75 -59.43
N HIS F 2417 1.86 -66.52 -59.83
CA HIS F 2417 1.53 -65.59 -60.90
C HIS F 2417 0.88 -64.36 -60.28
N LEU F 2418 1.52 -63.20 -60.48
CA LEU F 2418 1.04 -61.98 -59.83
C LEU F 2418 -0.33 -61.59 -60.35
N GLY F 2419 -0.59 -61.80 -61.63
CA GLY F 2419 -1.91 -61.50 -62.17
C GLY F 2419 -3.01 -62.29 -61.47
N HIS F 2420 -2.79 -63.60 -61.31
CA HIS F 2420 -3.76 -64.42 -60.59
C HIS F 2420 -3.78 -64.07 -59.11
N ALA F 2421 -2.62 -63.75 -58.53
CA ALA F 2421 -2.56 -63.40 -57.11
C ALA F 2421 -3.36 -62.15 -56.81
N ILE F 2422 -3.27 -61.14 -57.69
CA ILE F 2422 -4.02 -59.91 -57.47
C ILE F 2422 -5.52 -60.16 -57.50
N MET F 2423 -5.98 -60.94 -58.48
CA MET F 2423 -7.41 -61.26 -58.55
C MET F 2423 -7.86 -62.04 -57.33
N SER F 2424 -7.03 -62.99 -56.89
CA SER F 2424 -7.39 -63.81 -55.72
C SER F 2424 -7.50 -62.96 -54.46
N PHE F 2425 -6.65 -61.95 -54.30
CA PHE F 2425 -6.74 -61.08 -53.14
C PHE F 2425 -8.07 -60.33 -53.10
N TYR F 2426 -8.42 -59.67 -54.20
CA TYR F 2426 -9.65 -58.90 -54.24
C TYR F 2426 -10.87 -59.80 -54.15
N ALA F 2427 -10.82 -60.98 -54.77
CA ALA F 2427 -11.90 -61.94 -54.63
C ALA F 2427 -12.06 -62.36 -53.17
N ALA F 2428 -10.94 -62.61 -52.48
CA ALA F 2428 -11.01 -62.93 -51.06
C ALA F 2428 -11.52 -61.73 -50.26
N LEU F 2429 -11.07 -60.53 -50.61
CA LEU F 2429 -11.53 -59.33 -49.91
C LEU F 2429 -13.02 -59.10 -50.12
N ILE F 2430 -13.51 -59.27 -51.35
CA ILE F 2430 -14.93 -59.10 -51.62
C ILE F 2430 -15.74 -60.20 -50.94
N ASP F 2431 -15.19 -61.42 -50.90
CA ASP F 2431 -15.86 -62.50 -50.19
C ASP F 2431 -15.98 -62.20 -48.71
N LEU F 2432 -14.91 -61.67 -48.11
CA LEU F 2432 -14.94 -61.35 -46.68
C LEU F 2432 -15.96 -60.26 -46.39
N LEU F 2433 -15.97 -59.20 -47.21
CA LEU F 2433 -16.93 -58.11 -46.99
C LEU F 2433 -18.35 -58.59 -47.21
N GLY F 2434 -18.57 -59.48 -48.18
CA GLY F 2434 -19.90 -60.00 -48.41
C GLY F 2434 -20.41 -60.81 -47.24
N ARG F 2435 -19.53 -61.61 -46.62
CA ARG F 2435 -19.93 -62.40 -45.46
C ARG F 2435 -20.10 -61.55 -44.21
N CYS F 2436 -19.54 -60.33 -44.20
CA CYS F 2436 -19.75 -59.42 -43.09
C CYS F 2436 -21.08 -58.68 -43.18
N ALA F 2437 -21.80 -58.82 -44.29
CA ALA F 2437 -23.07 -58.14 -44.44
C ALA F 2437 -24.09 -58.68 -43.44
N PRO F 2438 -24.95 -57.82 -42.90
CA PRO F 2438 -25.95 -58.29 -41.94
C PRO F 2438 -26.97 -59.20 -42.59
N GLU F 2439 -27.54 -60.09 -41.77
CA GLU F 2439 -28.58 -60.99 -42.26
C GLU F 2439 -29.85 -60.20 -42.56
N MET F 2440 -30.71 -60.80 -43.39
CA MET F 2440 -31.91 -60.12 -43.84
C MET F 2440 -32.85 -59.81 -42.69
N HIS F 2441 -32.97 -60.72 -41.72
CA HIS F 2441 -33.88 -60.50 -40.61
C HIS F 2441 -33.47 -59.30 -39.75
N LEU F 2442 -32.18 -58.97 -39.71
CA LEU F 2442 -31.76 -57.77 -39.00
C LEU F 2442 -32.12 -56.51 -39.79
N ILE F 2443 -31.95 -56.55 -41.11
CA ILE F 2443 -32.31 -55.41 -41.94
C ILE F 2443 -33.81 -55.18 -41.90
N GLN F 2444 -34.60 -56.26 -42.00
CA GLN F 2444 -36.05 -56.12 -41.93
C GLN F 2444 -36.50 -55.62 -40.57
N ALA F 2445 -35.79 -55.98 -39.51
CA ALA F 2445 -36.10 -55.47 -38.17
C ALA F 2445 -35.72 -54.01 -38.01
N GLY F 2446 -35.00 -53.43 -38.97
CA GLY F 2446 -34.64 -52.02 -38.89
C GLY F 2446 -33.59 -51.69 -37.87
N LYS F 2447 -32.72 -52.65 -37.52
CA LYS F 2447 -31.66 -52.38 -36.56
C LYS F 2447 -30.71 -51.34 -37.12
N GLY F 2448 -30.39 -50.35 -36.28
CA GLY F 2448 -29.55 -49.25 -36.73
C GLY F 2448 -28.13 -49.68 -37.07
N GLU F 2449 -27.55 -50.55 -36.24
CA GLU F 2449 -26.19 -51.00 -36.47
C GLU F 2449 -26.09 -51.79 -37.76
N ALA F 2450 -27.08 -52.65 -38.03
CA ALA F 2450 -27.07 -53.44 -39.26
C ALA F 2450 -27.15 -52.56 -40.50
N LEU F 2451 -28.02 -51.56 -40.47
CA LEU F 2451 -28.16 -50.67 -41.62
C LEU F 2451 -26.88 -49.87 -41.86
N ARG F 2452 -26.23 -49.43 -40.79
CA ARG F 2452 -24.99 -48.67 -40.94
C ARG F 2452 -23.90 -49.51 -41.58
N ILE F 2453 -23.78 -50.77 -41.16
CA ILE F 2453 -22.74 -51.64 -41.72
C ILE F 2453 -22.97 -51.88 -43.21
N ARG F 2454 -24.21 -52.15 -43.60
CA ARG F 2454 -24.50 -52.38 -45.01
C ARG F 2454 -24.23 -51.13 -45.84
N ALA F 2455 -24.54 -49.95 -45.29
CA ALA F 2455 -24.25 -48.72 -46.01
C ALA F 2455 -22.76 -48.54 -46.23
N ILE F 2456 -21.95 -48.89 -45.23
CA ILE F 2456 -20.50 -48.79 -45.38
C ILE F 2456 -20.01 -49.75 -46.45
N LEU F 2457 -20.52 -50.98 -46.44
CA LEU F 2457 -20.11 -51.96 -47.44
C LEU F 2457 -20.48 -51.53 -48.85
N ARG F 2458 -21.68 -50.95 -49.00
CA ARG F 2458 -22.10 -50.46 -50.31
C ARG F 2458 -21.20 -49.34 -50.79
N SER F 2459 -20.78 -48.46 -49.88
CA SER F 2459 -19.89 -47.38 -50.27
C SER F 2459 -18.53 -47.90 -50.73
N LEU F 2460 -18.01 -48.94 -50.09
CA LEU F 2460 -16.71 -49.48 -50.48
C LEU F 2460 -16.75 -50.11 -51.85
N VAL F 2461 -17.77 -50.92 -52.14
CA VAL F 2461 -17.86 -51.64 -53.41
C VAL F 2461 -19.08 -51.17 -54.18
N PRO F 2462 -18.90 -50.37 -55.23
CA PRO F 2462 -20.06 -49.95 -56.03
C PRO F 2462 -20.66 -51.11 -56.80
N LEU F 2463 -21.96 -50.99 -57.07
CA LEU F 2463 -22.68 -52.08 -57.72
C LEU F 2463 -22.23 -52.27 -59.16
N ASP F 2464 -21.88 -51.19 -59.85
CA ASP F 2464 -21.48 -51.30 -61.25
C ASP F 2464 -20.19 -52.09 -61.41
N ASP F 2465 -19.26 -51.94 -60.46
CA ASP F 2465 -18.02 -52.70 -60.50
C ASP F 2465 -18.28 -54.19 -60.34
N LEU F 2466 -19.24 -54.56 -59.48
CA LEU F 2466 -19.59 -55.96 -59.33
C LEU F 2466 -20.11 -56.54 -60.63
N VAL F 2467 -20.99 -55.81 -61.32
CA VAL F 2467 -21.54 -56.29 -62.58
C VAL F 2467 -20.46 -56.35 -63.65
N GLY F 2468 -19.55 -55.38 -63.64
CA GLY F 2468 -18.48 -55.38 -64.63
C GLY F 2468 -17.56 -56.58 -64.51
N ILE F 2469 -17.22 -56.96 -63.28
CA ILE F 2469 -16.36 -58.12 -63.06
C ILE F 2469 -17.08 -59.39 -63.47
N ILE F 2470 -18.36 -59.51 -63.12
CA ILE F 2470 -19.15 -60.68 -63.52
C ILE F 2470 -19.27 -60.76 -65.03
N SER F 2471 -19.36 -59.61 -65.70
CA SER F 2471 -19.50 -59.56 -67.14
C SER F 2471 -18.18 -59.80 -67.87
N LEU F 2472 -17.06 -59.89 -67.16
CA LEU F 2472 -15.78 -60.09 -67.81
C LEU F 2472 -15.75 -61.45 -68.51
N PRO F 2473 -15.19 -61.52 -69.72
CA PRO F 2473 -15.12 -62.80 -70.42
C PRO F 2473 -14.19 -63.78 -69.73
N LEU F 2474 -14.52 -65.06 -69.87
CA LEU F 2474 -13.70 -66.15 -69.34
C LEU F 2474 -13.12 -66.95 -70.50
N GLN F 2475 -11.84 -67.26 -70.40
CA GLN F 2475 -11.20 -68.05 -71.45
C GLN F 2475 -11.74 -69.48 -71.43
N ILE F 2476 -12.12 -69.97 -72.60
CA ILE F 2476 -12.82 -71.24 -72.74
C ILE F 2476 -11.89 -72.22 -73.44
N PRO F 2477 -11.76 -73.46 -72.96
CA PRO F 2477 -10.90 -74.43 -73.65
C PRO F 2477 -11.42 -74.71 -75.06
N THR F 2478 -10.60 -74.36 -76.05
CA THR F 2478 -10.94 -74.52 -77.46
C THR F 2478 -10.08 -75.62 -78.06
N LEU F 2479 -10.28 -75.85 -79.36
CA LEU F 2479 -9.59 -76.89 -80.09
C LEU F 2479 -8.92 -76.30 -81.33
N GLY F 2480 -7.75 -76.83 -81.68
CA GLY F 2480 -7.06 -76.36 -82.86
C GLY F 2480 -5.65 -76.90 -82.91
N LYS F 2481 -5.00 -76.66 -84.04
CA LYS F 2481 -3.60 -77.03 -84.27
C LYS F 2481 -3.41 -78.53 -84.06
N ASP F 2482 -4.07 -79.29 -84.92
CA ASP F 2482 -4.15 -80.77 -84.99
C ASP F 2482 -5.21 -81.31 -84.04
N GLY F 2483 -5.88 -80.45 -83.29
CA GLY F 2483 -6.90 -80.91 -82.37
C GLY F 2483 -6.47 -81.01 -80.92
N ALA F 2484 -5.33 -80.44 -80.57
CA ALA F 2484 -4.95 -80.36 -79.16
C ALA F 2484 -5.80 -79.32 -78.45
N LEU F 2485 -6.15 -79.61 -77.19
CA LEU F 2485 -6.98 -78.71 -76.41
C LEU F 2485 -6.13 -77.54 -75.92
N VAL F 2486 -6.54 -76.32 -76.29
CA VAL F 2486 -5.88 -75.10 -75.84
C VAL F 2486 -6.60 -74.66 -74.57
N GLN F 2487 -6.06 -75.07 -73.42
CA GLN F 2487 -6.71 -74.81 -72.15
C GLN F 2487 -5.99 -73.70 -71.39
N PRO F 2488 -6.74 -72.87 -70.66
CA PRO F 2488 -6.08 -71.88 -69.79
C PRO F 2488 -5.43 -72.55 -68.60
N LYS F 2489 -4.40 -71.90 -68.07
CA LYS F 2489 -3.76 -72.34 -66.83
C LYS F 2489 -4.52 -71.71 -65.67
N MET F 2490 -5.24 -72.53 -64.90
CA MET F 2490 -6.12 -72.02 -63.86
C MET F 2490 -5.37 -71.29 -62.77
N SER F 2491 -4.07 -71.55 -62.61
CA SER F 2491 -3.27 -70.86 -61.61
C SER F 2491 -2.70 -69.54 -62.11
N ALA F 2492 -2.97 -69.16 -63.36
CA ALA F 2492 -2.40 -67.95 -63.92
C ALA F 2492 -3.41 -67.14 -64.73
N SER F 2493 -4.70 -67.27 -64.47
CA SER F 2493 -5.71 -66.62 -65.29
C SER F 2493 -6.94 -66.33 -64.44
N PHE F 2494 -7.83 -65.52 -65.01
CA PHE F 2494 -9.11 -65.23 -64.38
C PHE F 2494 -9.96 -66.50 -64.34
N VAL F 2495 -10.51 -66.81 -63.17
CA VAL F 2495 -11.19 -68.08 -62.97
C VAL F 2495 -12.60 -67.79 -62.46
N PRO F 2496 -13.52 -68.74 -62.65
CA PRO F 2496 -14.90 -68.53 -62.14
C PRO F 2496 -14.97 -68.34 -60.64
N ASP F 2497 -14.00 -68.87 -59.89
CA ASP F 2497 -14.00 -68.67 -58.44
C ASP F 2497 -13.90 -67.19 -58.09
N HIS F 2498 -13.20 -66.40 -58.91
CA HIS F 2498 -13.16 -64.96 -58.68
C HIS F 2498 -14.54 -64.34 -58.86
N LYS F 2499 -15.29 -64.81 -59.86
CA LYS F 2499 -16.65 -64.32 -60.05
C LYS F 2499 -17.58 -64.75 -58.94
N ALA F 2500 -17.34 -65.91 -58.34
CA ALA F 2500 -18.23 -66.42 -57.30
C ALA F 2500 -18.25 -65.50 -56.09
N SER F 2501 -17.09 -64.92 -55.74
CA SER F 2501 -17.05 -63.99 -54.62
C SER F 2501 -17.88 -62.74 -54.90
N MET F 2502 -17.84 -62.25 -56.14
CA MET F 2502 -18.62 -61.07 -56.49
C MET F 2502 -20.12 -61.34 -56.39
N VAL F 2503 -20.55 -62.54 -56.79
CA VAL F 2503 -21.97 -62.88 -56.70
C VAL F 2503 -22.42 -62.92 -55.25
N LEU F 2504 -21.58 -63.45 -54.36
CA LEU F 2504 -21.94 -63.49 -52.95
C LEU F 2504 -22.11 -62.09 -52.38
N PHE F 2505 -21.21 -61.17 -52.73
CA PHE F 2505 -21.35 -59.80 -52.26
C PHE F 2505 -22.62 -59.15 -52.83
N LEU F 2506 -22.90 -59.39 -54.11
CA LEU F 2506 -24.08 -58.79 -54.73
C LEU F 2506 -25.36 -59.28 -54.06
N ASP F 2507 -25.44 -60.58 -53.77
CA ASP F 2507 -26.63 -61.13 -53.15
C ASP F 2507 -26.81 -60.61 -51.72
N ARG F 2508 -25.76 -60.68 -50.91
CA ARG F 2508 -25.88 -60.35 -49.49
C ARG F 2508 -25.94 -58.85 -49.24
N VAL F 2509 -25.17 -58.06 -49.97
CA VAL F 2509 -25.09 -56.63 -49.71
C VAL F 2509 -26.15 -55.86 -50.48
N TYR F 2510 -26.19 -56.04 -51.81
CA TYR F 2510 -27.16 -55.33 -52.63
C TYR F 2510 -28.45 -56.13 -52.83
N GLY F 2511 -28.32 -57.36 -53.30
CA GLY F 2511 -29.49 -58.17 -53.59
C GLY F 2511 -30.11 -57.82 -54.92
N ILE F 2512 -31.07 -58.65 -55.32
CA ILE F 2512 -31.84 -58.44 -56.55
C ILE F 2512 -33.29 -58.24 -56.14
N GLU F 2513 -33.76 -57.00 -56.21
CA GLU F 2513 -35.10 -56.66 -55.73
C GLU F 2513 -36.06 -56.30 -56.85
N ASN F 2514 -35.57 -55.96 -58.04
CA ASN F 2514 -36.41 -55.54 -59.14
C ASN F 2514 -36.13 -56.38 -60.38
N GLN F 2515 -37.16 -56.57 -61.19
CA GLN F 2515 -37.06 -57.43 -62.36
C GLN F 2515 -36.07 -56.89 -63.39
N ASP F 2516 -36.10 -55.57 -63.63
CA ASP F 2516 -35.25 -55.00 -64.67
C ASP F 2516 -33.78 -55.19 -64.38
N PHE F 2517 -33.37 -55.02 -63.11
CA PHE F 2517 -31.99 -55.26 -62.74
C PHE F 2517 -31.63 -56.73 -62.92
N LEU F 2518 -32.55 -57.64 -62.58
CA LEU F 2518 -32.29 -59.06 -62.73
C LEU F 2518 -32.03 -59.43 -64.18
N LEU F 2519 -32.83 -58.88 -65.10
CA LEU F 2519 -32.61 -59.16 -66.52
C LEU F 2519 -31.29 -58.57 -66.99
N HIS F 2520 -30.92 -57.40 -66.47
CA HIS F 2520 -29.66 -56.78 -66.86
C HIS F 2520 -28.46 -57.62 -66.43
N VAL F 2521 -28.53 -58.22 -65.24
CA VAL F 2521 -27.43 -59.05 -64.77
C VAL F 2521 -27.34 -60.33 -65.60
N LEU F 2522 -28.48 -60.91 -65.98
CA LEU F 2522 -28.48 -62.18 -66.67
C LEU F 2522 -27.80 -62.09 -68.03
N ASP F 2523 -28.20 -61.14 -68.87
CA ASP F 2523 -27.78 -61.15 -70.27
C ASP F 2523 -26.35 -60.67 -70.47
N VAL F 2524 -25.71 -60.09 -69.47
CA VAL F 2524 -24.32 -59.66 -69.60
C VAL F 2524 -23.39 -60.50 -68.73
N GLY F 2525 -23.83 -60.91 -67.54
CA GLY F 2525 -22.95 -61.60 -66.63
C GLY F 2525 -23.20 -63.08 -66.45
N PHE F 2526 -24.47 -63.47 -66.40
CA PHE F 2526 -24.81 -64.86 -66.07
C PHE F 2526 -25.03 -65.71 -67.33
N LEU F 2527 -25.89 -65.24 -68.24
CA LEU F 2527 -26.20 -66.03 -69.43
C LEU F 2527 -24.97 -66.38 -70.28
N PRO F 2528 -24.05 -65.45 -70.55
CA PRO F 2528 -22.83 -65.86 -71.28
C PRO F 2528 -22.04 -66.96 -70.58
N ASP F 2529 -22.00 -66.95 -69.25
CA ASP F 2529 -21.31 -68.02 -68.53
C ASP F 2529 -22.10 -69.32 -68.58
N MET F 2530 -23.43 -69.23 -68.49
CA MET F 2530 -24.26 -70.44 -68.58
C MET F 2530 -24.15 -71.07 -69.95
N ARG F 2531 -24.13 -70.26 -71.01
CA ARG F 2531 -23.95 -70.81 -72.36
C ARG F 2531 -22.58 -71.45 -72.52
N ALA F 2532 -21.54 -70.82 -71.95
CA ALA F 2532 -20.19 -71.36 -72.07
C ALA F 2532 -20.09 -72.73 -71.40
N ALA F 2533 -20.70 -72.89 -70.22
CA ALA F 2533 -20.69 -74.18 -69.55
C ALA F 2533 -21.47 -75.21 -70.34
N ALA F 2534 -22.61 -74.81 -70.92
CA ALA F 2534 -23.40 -75.75 -71.71
C ALA F 2534 -22.64 -76.20 -72.96
N SER F 2535 -21.91 -75.28 -73.59
CA SER F 2535 -21.14 -75.64 -74.78
C SER F 2535 -19.99 -76.57 -74.44
N LEU F 2536 -19.47 -76.49 -73.22
CA LEU F 2536 -18.35 -77.34 -72.80
C LEU F 2536 -18.78 -78.76 -72.47
N ASP F 2537 -20.09 -79.03 -72.41
CA ASP F 2537 -20.59 -80.37 -72.10
C ASP F 2537 -20.57 -81.25 -73.36
N THR F 2538 -19.36 -81.52 -73.82
CA THR F 2538 -19.13 -82.37 -74.98
C THR F 2538 -18.20 -83.52 -74.59
N ALA F 2539 -17.81 -84.31 -75.58
CA ALA F 2539 -16.95 -85.46 -75.31
C ALA F 2539 -15.57 -85.03 -74.81
N THR F 2540 -15.03 -83.95 -75.37
CA THR F 2540 -13.66 -83.58 -75.07
C THR F 2540 -13.58 -82.59 -73.91
N PHE F 2541 -14.46 -81.60 -73.89
CA PHE F 2541 -14.32 -80.47 -72.97
C PHE F 2541 -15.07 -80.67 -71.65
N SER F 2542 -15.74 -81.80 -71.45
CA SER F 2542 -16.56 -81.96 -70.25
C SER F 2542 -15.71 -82.07 -68.99
N THR F 2543 -14.58 -82.78 -69.07
CA THR F 2543 -13.76 -83.05 -67.90
C THR F 2543 -12.63 -82.05 -67.72
N THR F 2544 -12.59 -81.00 -68.55
CA THR F 2544 -11.53 -80.01 -68.43
C THR F 2544 -11.67 -79.23 -67.12
N GLU F 2545 -10.56 -78.65 -66.68
CA GLU F 2545 -10.54 -77.93 -65.41
C GLU F 2545 -11.46 -76.72 -65.46
N MET F 2546 -11.47 -76.00 -66.58
CA MET F 2546 -12.33 -74.83 -66.69
C MET F 2546 -13.81 -75.22 -66.64
N ALA F 2547 -14.17 -76.32 -67.31
CA ALA F 2547 -15.56 -76.77 -67.30
C ALA F 2547 -16.02 -77.15 -65.91
N LEU F 2548 -15.17 -77.86 -65.15
CA LEU F 2548 -15.51 -78.21 -63.78
C LEU F 2548 -15.63 -76.96 -62.91
N ALA F 2549 -14.75 -75.98 -63.13
CA ALA F 2549 -14.83 -74.74 -62.37
C ALA F 2549 -16.12 -73.99 -62.69
N LEU F 2550 -16.54 -74.00 -63.96
CA LEU F 2550 -17.79 -73.35 -64.33
C LEU F 2550 -18.99 -74.00 -63.65
N ASN F 2551 -18.99 -75.34 -63.57
CA ASN F 2551 -20.09 -76.04 -62.93
C ASN F 2551 -20.20 -75.68 -61.46
N ARG F 2552 -19.06 -75.62 -60.76
CA ARG F 2552 -19.07 -75.20 -59.37
C ARG F 2552 -19.54 -73.76 -59.23
N TYR F 2553 -19.11 -72.88 -60.13
CA TYR F 2553 -19.52 -71.49 -60.08
C TYR F 2553 -21.02 -71.35 -60.30
N LEU F 2554 -21.59 -72.11 -61.24
CA LEU F 2554 -23.01 -71.99 -61.51
C LEU F 2554 -23.85 -72.63 -60.42
N CYS F 2555 -23.42 -73.79 -59.92
CA CYS F 2555 -24.21 -74.55 -58.96
C CYS F 2555 -24.07 -74.07 -57.53
N LEU F 2556 -23.18 -73.10 -57.28
CA LEU F 2556 -23.02 -72.53 -55.94
C LEU F 2556 -23.31 -71.04 -55.85
N ALA F 2557 -23.19 -70.30 -56.94
CA ALA F 2557 -23.40 -68.86 -56.92
C ALA F 2557 -24.54 -68.40 -57.81
N VAL F 2558 -24.54 -68.79 -59.08
CA VAL F 2558 -25.47 -68.22 -60.05
C VAL F 2558 -26.85 -68.84 -59.91
N LEU F 2559 -26.95 -70.16 -60.12
CA LEU F 2559 -28.25 -70.82 -60.11
C LEU F 2559 -29.01 -70.68 -58.80
N PRO F 2560 -28.39 -70.84 -57.62
CA PRO F 2560 -29.15 -70.56 -56.39
C PRO F 2560 -29.69 -69.15 -56.33
N LEU F 2561 -28.94 -68.17 -56.85
CA LEU F 2561 -29.43 -66.80 -56.88
C LEU F 2561 -30.63 -66.67 -57.81
N ILE F 2562 -30.59 -67.33 -58.97
CA ILE F 2562 -31.72 -67.26 -59.90
C ILE F 2562 -32.95 -67.93 -59.30
N THR F 2563 -32.75 -69.01 -58.56
CA THR F 2563 -33.87 -69.69 -57.92
C THR F 2563 -34.58 -68.77 -56.94
N LYS F 2564 -33.82 -67.99 -56.16
CA LYS F 2564 -34.42 -67.01 -55.27
C LYS F 2564 -35.20 -65.96 -56.05
N CYS F 2565 -34.65 -65.51 -57.17
CA CYS F 2565 -35.27 -64.47 -57.99
C CYS F 2565 -36.28 -65.03 -58.99
N ALA F 2566 -36.69 -66.28 -58.82
CA ALA F 2566 -37.69 -66.86 -59.72
C ALA F 2566 -39.00 -66.09 -59.77
N PRO F 2567 -39.58 -65.61 -58.66
CA PRO F 2567 -40.85 -64.87 -58.77
C PRO F 2567 -40.78 -63.61 -59.59
N LEU F 2568 -39.58 -63.06 -59.83
CA LEU F 2568 -39.41 -61.85 -60.61
C LEU F 2568 -39.55 -62.08 -62.11
N PHE F 2569 -39.75 -63.31 -62.54
CA PHE F 2569 -39.91 -63.65 -63.95
C PHE F 2569 -41.37 -63.67 -64.39
N ALA F 2570 -42.27 -63.16 -63.55
CA ALA F 2570 -43.70 -63.26 -63.82
C ALA F 2570 -44.11 -62.43 -65.04
N GLY F 2571 -43.57 -61.23 -65.17
CA GLY F 2571 -43.97 -60.32 -66.22
C GLY F 2571 -42.85 -60.01 -67.19
N THR F 2572 -42.09 -61.02 -67.59
CA THR F 2572 -40.99 -60.85 -68.53
C THR F 2572 -41.42 -61.14 -69.96
N GLU F 2573 -42.62 -60.68 -70.33
CA GLU F 2573 -43.07 -60.82 -71.71
C GLU F 2573 -42.24 -59.97 -72.66
N HIS F 2574 -41.79 -58.79 -72.22
CA HIS F 2574 -41.06 -57.90 -73.10
C HIS F 2574 -39.67 -58.45 -73.42
N ARG F 2575 -39.15 -59.33 -72.58
CA ARG F 2575 -37.84 -59.94 -72.82
C ARG F 2575 -37.97 -61.44 -73.01
N ALA F 2576 -38.98 -61.86 -73.78
CA ALA F 2576 -39.25 -63.28 -73.94
C ALA F 2576 -38.12 -64.01 -74.65
N ILE F 2577 -37.41 -63.33 -75.54
CA ILE F 2577 -36.32 -63.98 -76.26
C ILE F 2577 -35.19 -64.37 -75.31
N MET F 2578 -34.80 -63.47 -74.40
CA MET F 2578 -33.74 -63.79 -73.45
C MET F 2578 -34.19 -64.85 -72.45
N VAL F 2579 -35.44 -64.75 -71.97
CA VAL F 2579 -35.95 -65.71 -71.00
C VAL F 2579 -35.98 -67.10 -71.60
N ASP F 2580 -36.43 -67.21 -72.85
CA ASP F 2580 -36.47 -68.52 -73.51
C ASP F 2580 -35.07 -69.10 -73.66
N SER F 2581 -34.10 -68.26 -74.00
CA SER F 2581 -32.72 -68.73 -74.09
C SER F 2581 -32.21 -69.19 -72.74
N MET F 2582 -32.58 -68.49 -71.67
CA MET F 2582 -32.18 -68.89 -70.33
C MET F 2582 -32.73 -70.26 -69.98
N LEU F 2583 -34.01 -70.50 -70.32
CA LEU F 2583 -34.63 -71.78 -70.01
C LEU F 2583 -33.95 -72.93 -70.75
N HIS F 2584 -33.62 -72.71 -72.02
CA HIS F 2584 -32.95 -73.76 -72.79
CA HIS F 2584 -32.95 -73.76 -72.78
C HIS F 2584 -31.56 -74.05 -72.24
N THR F 2585 -30.81 -73.01 -71.86
CA THR F 2585 -29.46 -73.21 -71.35
C THR F 2585 -29.47 -73.98 -70.04
N VAL F 2586 -30.35 -73.61 -69.11
CA VAL F 2586 -30.40 -74.32 -67.83
C VAL F 2586 -30.88 -75.75 -68.03
N TYR F 2587 -31.82 -75.96 -68.97
CA TYR F 2587 -32.25 -77.31 -69.29
C TYR F 2587 -31.12 -78.10 -69.93
N ARG F 2588 -30.35 -77.46 -70.82
CA ARG F 2588 -29.23 -78.16 -71.45
C ARG F 2588 -28.14 -78.46 -70.42
N LEU F 2589 -28.00 -77.62 -69.41
CA LEU F 2589 -27.06 -77.90 -68.32
C LEU F 2589 -27.49 -79.12 -67.53
N SER F 2590 -28.81 -79.30 -67.34
CA SER F 2590 -29.29 -80.45 -66.58
C SER F 2590 -28.93 -81.76 -67.26
N ARG F 2591 -29.04 -81.81 -68.58
CA ARG F 2591 -28.64 -82.98 -69.36
C ARG F 2591 -27.14 -82.95 -69.65
N GLY F 2592 -26.34 -82.78 -68.60
CA GLY F 2592 -24.91 -82.61 -68.73
C GLY F 2592 -24.15 -83.74 -68.06
N ARG F 2593 -23.21 -84.32 -68.81
CA ARG F 2593 -22.31 -85.31 -68.24
C ARG F 2593 -21.28 -84.64 -67.35
N SER F 2594 -20.58 -85.46 -66.56
CA SER F 2594 -19.56 -84.98 -65.63
C SER F 2594 -20.12 -84.00 -64.61
N LEU F 2595 -21.37 -84.19 -64.21
CA LEU F 2595 -22.01 -83.38 -63.18
C LEU F 2595 -22.29 -84.27 -61.98
N THR F 2596 -21.90 -83.80 -60.79
CA THR F 2596 -22.17 -84.55 -59.57
C THR F 2596 -23.67 -84.54 -59.27
N LYS F 2597 -24.08 -85.49 -58.43
CA LYS F 2597 -25.49 -85.58 -58.07
C LYS F 2597 -25.95 -84.32 -57.34
N ALA F 2598 -25.11 -83.78 -56.45
CA ALA F 2598 -25.45 -82.56 -55.74
C ALA F 2598 -25.60 -81.38 -56.70
N GLN F 2599 -24.70 -81.29 -57.69
CA GLN F 2599 -24.80 -80.20 -58.67
C GLN F 2599 -26.03 -80.37 -59.54
N ARG F 2600 -26.37 -81.60 -59.90
CA ARG F 2600 -27.48 -81.83 -60.84
C ARG F 2600 -28.81 -81.38 -60.26
N ASP F 2601 -29.04 -81.65 -58.97
CA ASP F 2601 -30.32 -81.28 -58.37
C ASP F 2601 -30.46 -79.76 -58.25
N VAL F 2602 -29.33 -79.06 -58.04
CA VAL F 2602 -29.38 -77.59 -58.01
C VAL F 2602 -29.85 -77.05 -59.35
N ILE F 2603 -29.33 -77.61 -60.44
CA ILE F 2603 -29.79 -77.20 -61.78
C ILE F 2603 -31.25 -77.54 -61.97
N GLU F 2604 -31.67 -78.74 -61.54
CA GLU F 2604 -33.05 -79.14 -61.68
C GLU F 2604 -33.97 -78.26 -60.84
N ASP F 2605 -33.55 -77.93 -59.62
CA ASP F 2605 -34.37 -77.07 -58.76
C ASP F 2605 -34.54 -75.69 -59.38
N CYS F 2606 -33.48 -75.15 -60.00
CA CYS F 2606 -33.59 -73.86 -60.67
C CYS F 2606 -34.58 -73.92 -61.83
N LEU F 2607 -34.53 -74.99 -62.62
CA LEU F 2607 -35.45 -75.12 -63.73
C LEU F 2607 -36.89 -75.27 -63.26
N MET F 2608 -37.11 -76.03 -62.18
CA MET F 2608 -38.45 -76.16 -61.63
C MET F 2608 -38.98 -74.82 -61.13
N ALA F 2609 -38.13 -74.05 -60.44
CA ALA F 2609 -38.55 -72.76 -59.90
C ALA F 2609 -38.89 -71.78 -61.02
N LEU F 2610 -38.10 -71.76 -62.09
CA LEU F 2610 -38.36 -70.82 -63.17
C LEU F 2610 -39.70 -71.09 -63.83
N CYS F 2611 -39.99 -72.36 -64.12
CA CYS F 2611 -41.24 -72.71 -64.82
C CYS F 2611 -42.46 -72.49 -63.96
N ARG F 2612 -42.32 -72.34 -62.64
CA ARG F 2612 -43.46 -72.11 -61.77
CA ARG F 2612 -43.46 -72.11 -61.77
C ARG F 2612 -44.00 -70.70 -61.87
N TYR F 2613 -43.16 -69.72 -62.22
CA TYR F 2613 -43.58 -68.33 -62.30
C TYR F 2613 -43.64 -67.78 -63.72
N ILE F 2614 -42.93 -68.38 -64.67
CA ILE F 2614 -42.97 -67.91 -66.05
C ILE F 2614 -44.33 -68.21 -66.64
N ARG F 2615 -44.84 -67.27 -67.44
CA ARG F 2615 -46.16 -67.42 -68.05
C ARG F 2615 -46.18 -68.62 -68.98
N PRO F 2616 -47.32 -69.30 -69.10
CA PRO F 2616 -47.40 -70.49 -69.95
C PRO F 2616 -47.06 -70.21 -71.41
N SER F 2617 -47.35 -69.00 -71.90
CA SER F 2617 -47.07 -68.70 -73.30
C SER F 2617 -45.58 -68.67 -73.59
N MET F 2618 -44.77 -68.33 -72.59
CA MET F 2618 -43.32 -68.25 -72.79
C MET F 2618 -42.61 -69.59 -72.61
N LEU F 2619 -43.34 -70.63 -72.22
CA LEU F 2619 -42.78 -71.97 -72.07
C LEU F 2619 -42.95 -72.83 -73.31
N GLN F 2620 -43.46 -72.26 -74.40
CA GLN F 2620 -43.78 -73.05 -75.59
C GLN F 2620 -42.54 -73.69 -76.18
N HIS F 2621 -41.45 -72.92 -76.30
CA HIS F 2621 -40.24 -73.46 -76.92
C HIS F 2621 -39.60 -74.54 -76.05
N LEU F 2622 -39.62 -74.35 -74.73
CA LEU F 2622 -39.10 -75.38 -73.84
C LEU F 2622 -39.90 -76.67 -73.95
N LEU F 2623 -41.22 -76.56 -74.05
CA LEU F 2623 -42.06 -77.73 -74.23
C LEU F 2623 -41.74 -78.44 -75.54
N ARG F 2624 -41.42 -77.68 -76.58
CA ARG F 2624 -41.09 -78.28 -77.87
C ARG F 2624 -39.86 -79.17 -77.76
N ARG F 2625 -38.84 -78.71 -77.02
CA ARG F 2625 -37.67 -79.54 -76.79
C ARG F 2625 -38.02 -80.77 -75.96
N LEU F 2626 -38.90 -80.62 -74.97
CA LEU F 2626 -39.28 -81.75 -74.13
C LEU F 2626 -40.07 -82.79 -74.90
N VAL F 2627 -40.80 -82.38 -75.94
CA VAL F 2627 -41.55 -83.34 -76.75
C VAL F 2627 -40.61 -84.31 -77.44
N PHE F 2628 -39.42 -83.84 -77.83
CA PHE F 2628 -38.46 -84.71 -78.49
C PHE F 2628 -37.73 -85.63 -77.53
N ASP F 2629 -37.60 -85.24 -76.26
CA ASP F 2629 -36.76 -85.95 -75.30
C ASP F 2629 -37.54 -86.87 -74.36
N VAL F 2630 -38.66 -86.41 -73.83
CA VAL F 2630 -39.37 -87.18 -72.81
C VAL F 2630 -39.82 -88.55 -73.31
N PRO F 2631 -40.39 -88.70 -74.51
CA PRO F 2631 -40.83 -90.04 -74.94
C PRO F 2631 -39.74 -91.08 -74.99
N ILE F 2632 -38.47 -90.70 -74.99
CA ILE F 2632 -37.39 -91.69 -74.91
C ILE F 2632 -37.47 -92.45 -73.59
N LEU F 2633 -37.82 -91.75 -72.51
CA LEU F 2633 -37.99 -92.34 -71.19
C LEU F 2633 -36.71 -93.04 -70.72
N ASN F 2634 -35.58 -92.36 -70.90
CA ASN F 2634 -34.30 -92.83 -70.41
C ASN F 2634 -34.11 -92.33 -68.97
N GLU F 2635 -32.91 -92.48 -68.42
CA GLU F 2635 -32.66 -92.03 -67.05
C GLU F 2635 -32.70 -90.51 -66.92
N PHE F 2636 -32.52 -89.79 -68.02
CA PHE F 2636 -32.59 -88.33 -67.98
C PHE F 2636 -34.01 -87.81 -68.02
N ALA F 2637 -35.00 -88.67 -68.22
CA ALA F 2637 -36.39 -88.24 -68.36
C ALA F 2637 -37.11 -88.06 -67.04
N LYS F 2638 -36.45 -88.36 -65.91
CA LYS F 2638 -37.13 -88.26 -64.63
C LYS F 2638 -37.48 -86.81 -64.29
N MET F 2639 -36.51 -85.91 -64.42
CA MET F 2639 -36.78 -84.50 -64.12
C MET F 2639 -37.80 -83.89 -65.06
N PRO F 2640 -37.72 -84.06 -66.39
CA PRO F 2640 -38.76 -83.46 -67.25
C PRO F 2640 -40.16 -83.96 -66.96
N LEU F 2641 -40.30 -85.23 -66.54
CA LEU F 2641 -41.62 -85.74 -66.21
C LEU F 2641 -42.23 -84.98 -65.04
N LYS F 2642 -41.43 -84.72 -64.00
CA LYS F 2642 -41.91 -83.92 -62.88
C LYS F 2642 -42.16 -82.48 -63.30
N LEU F 2643 -41.31 -81.93 -64.18
CA LEU F 2643 -41.50 -80.56 -64.65
C LEU F 2643 -42.81 -80.44 -65.43
N LEU F 2644 -43.09 -81.41 -66.30
CA LEU F 2644 -44.32 -81.38 -67.08
C LEU F 2644 -45.54 -81.57 -66.19
N THR F 2645 -45.43 -82.41 -65.17
CA THR F 2645 -46.56 -82.65 -64.26
C THR F 2645 -46.95 -81.36 -63.54
N ASN F 2646 -45.97 -80.62 -63.03
CA ASN F 2646 -46.27 -79.38 -62.33
C ASN F 2646 -46.79 -78.31 -63.28
N HIS F 2647 -46.27 -78.28 -64.51
CA HIS F 2647 -46.67 -77.25 -65.46
C HIS F 2647 -48.14 -77.39 -65.84
N TYR F 2648 -48.57 -78.60 -66.20
CA TYR F 2648 -49.94 -78.79 -66.66
C TYR F 2648 -50.94 -78.75 -65.52
N GLU F 2649 -50.55 -79.22 -64.33
CA GLU F 2649 -51.43 -79.11 -63.17
C GLU F 2649 -51.66 -77.65 -62.80
N ARG F 2650 -50.62 -76.82 -62.88
CA ARG F 2650 -50.75 -75.41 -62.55
C ARG F 2650 -51.49 -74.64 -63.63
N CYS F 2651 -51.22 -74.94 -64.90
CA CYS F 2651 -51.75 -74.17 -66.01
C CYS F 2651 -52.77 -74.96 -66.83
N TRP F 2652 -53.63 -75.74 -66.17
CA TRP F 2652 -54.59 -76.54 -66.91
C TRP F 2652 -55.69 -75.67 -67.53
N LYS F 2653 -56.05 -74.57 -66.86
CA LYS F 2653 -57.06 -73.68 -67.44
C LYS F 2653 -56.56 -73.02 -68.72
N TYR F 2654 -55.25 -72.83 -68.84
CA TYR F 2654 -54.70 -72.20 -70.04
C TYR F 2654 -54.92 -73.04 -71.29
N TYR F 2655 -54.99 -74.36 -71.13
CA TYR F 2655 -55.13 -75.26 -72.27
C TYR F 2655 -56.54 -75.80 -72.45
N CYS F 2656 -57.31 -75.95 -71.38
CA CYS F 2656 -58.60 -76.61 -71.46
C CYS F 2656 -59.75 -75.65 -71.69
N LEU F 2657 -59.86 -74.62 -70.86
CA LEU F 2657 -61.00 -73.71 -70.94
C LEU F 2657 -60.95 -72.93 -72.25
N PRO F 2658 -62.09 -72.80 -72.95
CA PRO F 2658 -62.09 -72.00 -74.19
C PRO F 2658 -61.70 -70.55 -73.97
N THR F 2659 -62.09 -69.96 -72.83
CA THR F 2659 -61.68 -68.60 -72.52
C THR F 2659 -60.25 -68.52 -72.00
N GLY F 2660 -59.63 -69.64 -71.67
CA GLY F 2660 -58.27 -69.65 -71.19
C GLY F 2660 -58.16 -69.23 -69.74
N TRP F 2661 -56.93 -69.26 -69.24
CA TRP F 2661 -56.66 -68.83 -67.88
C TRP F 2661 -56.84 -67.33 -67.75
N ALA F 2662 -57.27 -66.90 -66.56
CA ALA F 2662 -57.49 -65.48 -66.31
C ALA F 2662 -56.18 -64.70 -66.45
N ASN F 2663 -56.23 -63.61 -67.20
CA ASN F 2663 -55.14 -62.67 -67.45
C ASN F 2663 -53.86 -63.36 -67.94
N PHE F 2664 -53.95 -64.60 -68.40
CA PHE F 2664 -52.80 -65.31 -68.94
C PHE F 2664 -52.95 -65.68 -70.41
N GLY F 2665 -54.14 -65.53 -70.98
CA GLY F 2665 -54.38 -65.88 -72.36
C GLY F 2665 -54.86 -67.29 -72.55
N VAL F 2666 -54.91 -67.70 -73.82
CA VAL F 2666 -55.35 -69.04 -74.19
C VAL F 2666 -54.27 -69.66 -75.06
N THR F 2667 -54.34 -70.99 -75.17
CA THR F 2667 -53.39 -71.72 -76.01
C THR F 2667 -53.56 -71.31 -77.48
N SER F 2668 -52.49 -71.50 -78.24
CA SER F 2668 -52.40 -70.99 -79.60
C SER F 2668 -52.57 -72.08 -80.66
N GLU F 2669 -53.17 -73.21 -80.30
CA GLU F 2669 -53.49 -74.30 -81.23
C GLU F 2669 -52.22 -75.02 -81.68
N GLU F 2670 -51.07 -74.49 -81.29
CA GLU F 2670 -49.79 -75.16 -81.51
C GLU F 2670 -49.26 -75.82 -80.25
N GLU F 2671 -49.48 -75.18 -79.09
CA GLU F 2671 -49.13 -75.82 -77.82
C GLU F 2671 -49.98 -77.06 -77.59
N LEU F 2672 -51.25 -77.02 -77.99
CA LEU F 2672 -52.10 -78.19 -77.89
C LEU F 2672 -51.58 -79.32 -78.76
N HIS F 2673 -51.11 -79.01 -79.97
CA HIS F 2673 -50.52 -80.03 -80.82
C HIS F 2673 -49.28 -80.63 -80.16
N LEU F 2674 -48.43 -79.79 -79.57
CA LEU F 2674 -47.28 -80.30 -78.82
C LEU F 2674 -47.73 -81.13 -77.63
N THR F 2675 -48.76 -80.66 -76.93
CA THR F 2675 -49.26 -81.42 -75.77
C THR F 2675 -49.84 -82.75 -76.20
N ARG F 2676 -50.57 -82.78 -77.33
CA ARG F 2676 -51.13 -84.03 -77.81
C ARG F 2676 -50.04 -85.03 -78.18
N LYS F 2677 -49.00 -84.57 -78.87
CA LYS F 2677 -47.88 -85.44 -79.19
C LYS F 2677 -47.15 -85.90 -77.93
N LEU F 2678 -47.04 -85.01 -76.95
CA LEU F 2678 -46.37 -85.36 -75.70
C LEU F 2678 -47.12 -86.47 -74.98
N PHE F 2679 -48.46 -86.41 -74.97
CA PHE F 2679 -49.24 -87.45 -74.32
C PHE F 2679 -49.03 -88.81 -74.99
N TRP F 2680 -49.20 -88.86 -76.31
CA TRP F 2680 -49.10 -90.13 -77.00
C TRP F 2680 -47.66 -90.63 -77.08
N GLY F 2681 -46.69 -89.71 -77.10
CA GLY F 2681 -45.30 -90.14 -77.06
C GLY F 2681 -44.96 -90.88 -75.78
N ILE F 2682 -45.40 -90.36 -74.64
CA ILE F 2682 -45.20 -91.04 -73.37
C ILE F 2682 -46.05 -92.31 -73.31
N PHE F 2683 -47.30 -92.23 -73.75
CA PHE F 2683 -48.21 -93.37 -73.64
C PHE F 2683 -47.72 -94.55 -74.45
N ASP F 2684 -47.30 -94.30 -75.69
CA ASP F 2684 -46.82 -95.39 -76.54
C ASP F 2684 -45.51 -95.97 -76.01
N SER F 2685 -44.59 -95.11 -75.59
CA SER F 2685 -43.31 -95.60 -75.06
C SER F 2685 -43.51 -96.37 -73.78
N LEU F 2686 -44.36 -95.88 -72.88
CA LEU F 2686 -44.60 -96.57 -71.62
C LEU F 2686 -45.32 -97.90 -71.84
N ALA F 2687 -46.11 -98.01 -72.90
CA ALA F 2687 -46.82 -99.25 -73.21
C ALA F 2687 -45.88 -100.37 -73.63
N HIS F 2688 -44.65 -100.04 -74.06
CA HIS F 2688 -43.68 -101.05 -74.45
C HIS F 2688 -42.51 -101.18 -73.48
N LYS F 2689 -42.29 -100.19 -72.63
CA LYS F 2689 -41.22 -100.29 -71.65
C LYS F 2689 -41.53 -101.40 -70.64
N LYS F 2690 -40.50 -102.16 -70.26
CA LYS F 2690 -40.67 -103.14 -69.21
C LYS F 2690 -40.97 -102.45 -67.88
N TYR F 2691 -41.71 -103.15 -67.03
CA TYR F 2691 -42.22 -102.53 -65.81
C TYR F 2691 -41.08 -102.09 -64.90
N ASP F 2692 -40.98 -100.77 -64.68
CA ASP F 2692 -40.07 -100.20 -63.70
C ASP F 2692 -40.90 -99.37 -62.73
N GLN F 2693 -40.80 -99.70 -61.44
CA GLN F 2693 -41.64 -99.03 -60.45
C GLN F 2693 -41.34 -97.54 -60.38
N GLU F 2694 -40.06 -97.17 -60.42
CA GLU F 2694 -39.71 -95.75 -60.38
C GLU F 2694 -40.22 -95.00 -61.60
N LEU F 2695 -40.09 -95.60 -62.78
CA LEU F 2695 -40.57 -94.94 -64.00
C LEU F 2695 -42.08 -94.80 -63.98
N TYR F 2696 -42.78 -95.86 -63.59
CA TYR F 2696 -44.24 -95.82 -63.57
C TYR F 2696 -44.77 -94.86 -62.50
N ARG F 2697 -44.02 -94.68 -61.41
CA ARG F 2697 -44.51 -93.86 -60.31
C ARG F 2697 -44.67 -92.40 -60.71
N MET F 2698 -43.80 -91.91 -61.60
CA MET F 2698 -43.83 -90.51 -61.99
C MET F 2698 -44.29 -90.29 -63.43
N ALA F 2699 -44.35 -91.33 -64.25
CA ALA F 2699 -44.90 -91.17 -65.59
C ALA F 2699 -46.42 -91.07 -65.54
N MET F 2700 -47.06 -91.82 -64.65
CA MET F 2700 -48.51 -91.79 -64.55
C MET F 2700 -49.05 -90.42 -64.18
N PRO F 2701 -48.53 -89.72 -63.17
CA PRO F 2701 -49.03 -88.35 -62.90
C PRO F 2701 -48.85 -87.41 -64.08
N CYS F 2702 -47.78 -87.58 -64.86
CA CYS F 2702 -47.57 -86.74 -66.03
C CYS F 2702 -48.68 -86.97 -67.06
N LEU F 2703 -49.05 -88.23 -67.29
CA LEU F 2703 -50.12 -88.51 -68.24
C LEU F 2703 -51.45 -87.95 -67.75
N CYS F 2704 -51.73 -88.09 -66.45
CA CYS F 2704 -52.98 -87.55 -65.92
C CYS F 2704 -53.03 -86.03 -66.05
N ALA F 2705 -51.92 -85.35 -65.75
CA ALA F 2705 -51.89 -83.90 -65.87
C ALA F 2705 -52.05 -83.47 -67.32
N ILE F 2706 -51.37 -84.14 -68.24
CA ILE F 2706 -51.46 -83.79 -69.66
C ILE F 2706 -52.87 -84.02 -70.17
N ALA F 2707 -53.45 -85.17 -69.83
CA ALA F 2707 -54.80 -85.48 -70.28
C ALA F 2707 -55.82 -84.52 -69.71
N GLY F 2708 -55.60 -84.07 -68.47
CA GLY F 2708 -56.50 -83.12 -67.85
C GLY F 2708 -56.41 -81.71 -68.38
N ALA F 2709 -55.39 -81.42 -69.19
CA ALA F 2709 -55.21 -80.11 -69.78
C ALA F 2709 -55.75 -80.02 -71.20
N LEU F 2710 -55.59 -81.08 -71.99
CA LEU F 2710 -56.10 -81.07 -73.35
C LEU F 2710 -57.63 -81.06 -73.34
N PRO F 2711 -58.27 -80.20 -74.13
CA PRO F 2711 -59.72 -80.27 -74.28
C PRO F 2711 -60.12 -81.61 -74.87
N PRO F 2712 -61.22 -82.20 -74.38
CA PRO F 2712 -61.65 -83.50 -74.92
C PRO F 2712 -62.00 -83.45 -76.39
N ASP F 2713 -62.51 -82.32 -76.87
CA ASP F 2713 -62.94 -82.19 -78.26
C ASP F 2713 -61.87 -81.54 -79.15
N TYR F 2714 -60.64 -81.40 -78.66
CA TYR F 2714 -59.59 -80.81 -79.45
C TYR F 2714 -59.30 -81.64 -80.68
N VAL F 2715 -59.21 -80.98 -81.83
CA VAL F 2715 -58.90 -81.62 -83.11
C VAL F 2715 -57.66 -80.94 -83.68
N ASP F 2716 -56.61 -81.71 -83.91
CA ASP F 2716 -55.38 -81.17 -84.48
C ASP F 2716 -55.56 -80.95 -85.97
N ALA F 2717 -55.14 -79.76 -86.44
CA ALA F 2717 -55.26 -79.44 -87.86
C ALA F 2717 -54.42 -80.38 -88.71
N SER F 2718 -53.21 -80.67 -88.28
CA SER F 2718 -52.31 -81.58 -88.99
C SER F 2718 -52.45 -82.97 -88.38
N TYR F 2719 -53.46 -83.71 -88.82
CA TYR F 2719 -53.76 -85.05 -88.30
C TYR F 2719 -52.97 -86.06 -89.12
N SER F 2720 -51.66 -86.06 -88.91
CA SER F 2720 -50.73 -86.97 -89.60
C SER F 2720 -49.42 -86.94 -88.84
N SER F 2721 -48.65 -88.01 -89.00
CA SER F 2721 -47.36 -88.13 -88.33
C SER F 2721 -46.42 -88.98 -89.17
N LYS F 2722 -45.11 -88.78 -88.95
CA LYS F 2722 -44.12 -89.58 -89.65
C LYS F 2722 -44.04 -90.99 -89.08
N ALA F 2723 -44.40 -91.17 -87.81
CA ALA F 2723 -44.33 -92.46 -87.13
C ALA F 2723 -42.92 -93.04 -87.17
N GLU F 2724 -41.93 -92.18 -87.04
CA GLU F 2724 -40.53 -92.59 -87.03
C GLU F 2724 -40.02 -92.78 -85.61
N LYS F 2725 -38.88 -93.44 -85.49
CA LYS F 2725 -38.24 -93.72 -84.20
C LYS F 2725 -39.18 -94.46 -83.25
N ASN F 2734 -29.31 -86.56 -79.64
CA ASN F 2734 -29.96 -85.35 -80.11
C ASN F 2734 -30.85 -85.65 -81.32
N PHE F 2735 -31.09 -84.62 -82.13
CA PHE F 2735 -31.94 -84.72 -83.31
C PHE F 2735 -31.08 -84.74 -84.57
N ASP F 2736 -31.25 -85.81 -85.36
CA ASP F 2736 -30.53 -85.97 -86.62
C ASP F 2736 -31.53 -86.08 -87.77
N PRO F 2737 -31.75 -85.00 -88.53
CA PRO F 2737 -32.70 -85.08 -89.65
C PRO F 2737 -32.15 -85.86 -90.83
N ARG F 2738 -32.69 -87.05 -91.07
CA ARG F 2738 -32.25 -87.87 -92.19
C ARG F 2738 -32.87 -87.36 -93.48
N PRO F 2739 -32.08 -87.02 -94.49
CA PRO F 2739 -32.66 -86.62 -95.78
C PRO F 2739 -33.16 -87.82 -96.57
N VAL F 2740 -33.60 -87.59 -97.80
CA VAL F 2740 -34.12 -88.64 -98.67
C VAL F 2740 -33.07 -88.96 -99.73
N GLU F 2741 -32.72 -90.23 -99.85
CA GLU F 2741 -31.70 -90.66 -100.80
C GLU F 2741 -32.32 -90.80 -102.18
N THR F 2742 -31.92 -89.93 -103.11
CA THR F 2742 -32.40 -89.99 -104.48
C THR F 2742 -31.30 -89.90 -105.52
N LEU F 2743 -30.09 -89.46 -105.17
CA LEU F 2743 -29.00 -89.42 -106.13
C LEU F 2743 -28.62 -90.83 -106.59
N ASN F 2744 -28.77 -91.83 -105.72
CA ASN F 2744 -28.44 -93.20 -106.09
C ASN F 2744 -29.36 -93.71 -107.19
N VAL F 2745 -30.65 -93.43 -107.09
CA VAL F 2745 -31.62 -93.90 -108.07
C VAL F 2745 -31.64 -92.94 -109.26
N ILE F 2746 -31.87 -93.51 -110.45
CA ILE F 2746 -31.89 -92.70 -111.67
C ILE F 2746 -33.14 -91.83 -111.70
N ILE F 2747 -32.97 -90.58 -112.13
CA ILE F 2747 -34.06 -89.62 -112.22
C ILE F 2747 -34.75 -89.83 -113.58
N PRO F 2748 -36.05 -90.15 -113.61
CA PRO F 2748 -36.75 -90.23 -114.90
C PRO F 2748 -36.80 -88.87 -115.57
N GLU F 2749 -36.47 -88.84 -116.86
CA GLU F 2749 -36.43 -87.60 -117.63
C GLU F 2749 -37.50 -87.57 -118.72
N LYS F 2750 -38.50 -88.45 -118.64
CA LYS F 2750 -39.57 -88.44 -119.62
C LYS F 2750 -40.42 -87.17 -119.55
N LEU F 2751 -40.40 -86.48 -118.42
CA LEU F 2751 -41.16 -85.24 -118.22
C LEU F 2751 -40.24 -84.02 -118.23
N ASP F 2752 -39.16 -84.07 -119.02
CA ASP F 2752 -38.19 -82.98 -119.04
C ASP F 2752 -38.79 -81.67 -119.55
N SER F 2753 -39.93 -81.73 -120.23
CA SER F 2753 -40.60 -80.50 -120.65
C SER F 2753 -41.00 -79.64 -119.46
N PHE F 2754 -41.25 -80.27 -118.31
CA PHE F 2754 -41.54 -79.53 -117.08
C PHE F 2754 -40.30 -79.32 -116.22
N ILE F 2755 -39.34 -80.25 -116.25
CA ILE F 2755 -38.20 -80.19 -115.35
C ILE F 2755 -37.37 -78.94 -115.64
N ASN F 2756 -37.04 -78.72 -116.91
CA ASN F 2756 -36.23 -77.57 -117.27
C ASN F 2756 -37.04 -76.28 -117.26
N LYS F 2757 -38.30 -76.35 -117.68
CA LYS F 2757 -39.13 -75.15 -117.78
C LYS F 2757 -39.39 -74.55 -116.40
N PHE F 2758 -39.83 -75.36 -115.45
CA PHE F 2758 -40.14 -74.85 -114.12
C PHE F 2758 -38.88 -74.53 -113.33
N ALA F 2759 -37.74 -75.13 -113.70
CA ALA F 2759 -36.49 -74.81 -113.01
C ALA F 2759 -36.10 -73.36 -113.21
N GLU F 2760 -36.24 -72.85 -114.44
CA GLU F 2760 -36.01 -71.45 -114.72
C GLU F 2760 -37.24 -70.59 -114.47
N TYR F 2761 -38.42 -71.20 -114.30
CA TYR F 2761 -39.62 -70.44 -114.03
C TYR F 2761 -39.63 -69.91 -112.60
N THR F 2762 -39.05 -70.65 -111.65
CA THR F 2762 -38.95 -70.16 -110.29
C THR F 2762 -38.08 -68.92 -110.22
N HIS F 2763 -36.95 -68.91 -110.93
CA HIS F 2763 -36.14 -67.71 -111.02
C HIS F 2763 -36.82 -66.64 -111.86
N GLU F 2764 -37.67 -67.04 -112.81
CA GLU F 2764 -38.46 -66.07 -113.56
C GLU F 2764 -39.45 -65.38 -112.64
N LYS F 2765 -40.00 -66.11 -111.65
CA LYS F 2765 -40.87 -65.49 -110.67
C LYS F 2765 -40.13 -64.48 -109.81
N TRP F 2766 -38.81 -64.68 -109.63
CA TRP F 2766 -38.03 -63.70 -108.88
C TRP F 2766 -37.96 -62.36 -109.60
N ALA F 2767 -38.03 -62.38 -110.93
CA ALA F 2767 -38.11 -61.13 -111.69
C ALA F 2767 -39.39 -60.38 -111.35
N PHE F 2768 -40.51 -61.10 -111.23
CA PHE F 2768 -41.75 -60.47 -110.80
C PHE F 2768 -41.65 -60.00 -109.35
N ASP F 2769 -40.86 -60.67 -108.52
CA ASP F 2769 -40.65 -60.22 -107.16
C ASP F 2769 -39.88 -58.90 -107.10
N LYS F 2770 -39.08 -58.59 -108.12
CA LYS F 2770 -38.34 -57.34 -108.13
C LYS F 2770 -39.26 -56.14 -108.37
N ILE F 2771 -40.20 -56.27 -109.31
CA ILE F 2771 -41.12 -55.17 -109.58
C ILE F 2771 -42.04 -54.91 -108.39
N GLN F 2772 -42.30 -55.94 -107.57
CA GLN F 2772 -43.01 -55.75 -106.32
C GLN F 2772 -42.12 -55.13 -105.25
N ASN F 2773 -40.81 -55.38 -105.30
CA ASN F 2773 -39.87 -54.71 -104.42
C ASN F 2773 -39.72 -53.23 -104.75
N ASN F 2774 -40.30 -52.79 -105.88
CA ASN F 2774 -40.31 -51.40 -106.33
C ASN F 2774 -38.93 -50.98 -106.83
N TRP F 2775 -37.97 -51.89 -106.77
CA TRP F 2775 -36.65 -51.69 -107.35
C TRP F 2775 -36.46 -52.71 -108.47
N SER F 2776 -36.15 -52.22 -109.67
CA SER F 2776 -36.12 -53.06 -110.85
C SER F 2776 -34.84 -53.88 -110.89
N TYR F 2777 -34.67 -54.66 -111.96
CA TYR F 2777 -33.51 -55.51 -112.15
C TYR F 2777 -32.37 -54.73 -112.80
N GLY F 2778 -31.15 -55.13 -112.49
CA GLY F 2778 -29.97 -54.47 -113.03
C GLY F 2778 -28.96 -55.49 -113.53
N GLU F 2779 -28.09 -55.01 -114.41
CA GLU F 2779 -27.06 -55.86 -115.01
C GLU F 2779 -25.77 -55.85 -114.20
N ASN F 2780 -25.30 -54.67 -113.78
CA ASN F 2780 -24.05 -54.57 -113.05
C ASN F 2780 -24.18 -55.16 -111.66
N VAL F 2781 -23.10 -55.78 -111.19
CA VAL F 2781 -23.07 -56.32 -109.83
C VAL F 2781 -22.90 -55.17 -108.84
N ASP F 2782 -23.82 -55.07 -107.88
CA ASP F 2782 -23.80 -53.97 -106.93
C ASP F 2782 -24.53 -54.40 -105.66
N GLU F 2783 -24.08 -53.84 -104.53
CA GLU F 2783 -24.69 -54.09 -103.24
C GLU F 2783 -25.60 -52.95 -102.80
N GLU F 2784 -25.77 -51.92 -103.63
CA GLU F 2784 -26.61 -50.78 -103.28
C GLU F 2784 -28.06 -50.97 -103.69
N LEU F 2785 -28.33 -51.83 -104.68
CA LEU F 2785 -29.70 -52.07 -105.13
C LEU F 2785 -30.44 -53.03 -104.23
N LYS F 2786 -29.77 -53.64 -103.24
CA LYS F 2786 -30.35 -54.59 -102.27
C LYS F 2786 -31.27 -55.61 -102.94
N THR F 2787 -30.99 -55.93 -104.20
CA THR F 2787 -31.73 -56.96 -104.93
C THR F 2787 -30.74 -57.87 -105.65
N HIS F 2788 -31.24 -58.72 -106.55
CA HIS F 2788 -30.35 -59.57 -107.32
C HIS F 2788 -29.57 -58.71 -108.30
N PRO F 2789 -28.23 -58.68 -108.23
CA PRO F 2789 -27.46 -57.76 -109.09
C PRO F 2789 -27.24 -58.26 -110.50
N MET F 2790 -27.43 -59.57 -110.76
CA MET F 2790 -27.16 -60.14 -112.06
C MET F 2790 -28.43 -60.51 -112.81
N LEU F 2791 -29.58 -60.02 -112.37
CA LEU F 2791 -30.84 -60.34 -113.02
C LEU F 2791 -30.97 -59.52 -114.29
N ARG F 2792 -31.03 -60.19 -115.42
CA ARG F 2792 -31.00 -59.54 -116.73
C ARG F 2792 -32.14 -60.02 -117.60
N PRO F 2793 -32.59 -59.19 -118.54
CA PRO F 2793 -33.61 -59.65 -119.50
C PRO F 2793 -33.08 -60.79 -120.36
N TYR F 2794 -33.99 -61.67 -120.77
CA TYR F 2794 -33.60 -62.89 -121.47
C TYR F 2794 -32.81 -62.61 -122.74
N LYS F 2795 -32.98 -61.43 -123.34
CA LYS F 2795 -32.17 -61.08 -124.51
C LYS F 2795 -30.69 -61.02 -124.15
N THR F 2796 -30.36 -60.47 -122.98
CA THR F 2796 -28.98 -60.38 -122.51
C THR F 2796 -28.76 -61.13 -121.20
N PHE F 2797 -29.60 -62.12 -120.91
CA PHE F 2797 -29.45 -62.92 -119.70
C PHE F 2797 -28.54 -64.11 -120.02
N SER F 2798 -27.37 -64.15 -119.38
CA SER F 2798 -26.45 -65.26 -119.59
C SER F 2798 -27.02 -66.53 -118.98
N GLU F 2799 -26.80 -67.66 -119.67
CA GLU F 2799 -27.30 -68.94 -119.20
C GLU F 2799 -26.41 -69.60 -118.17
N LYS F 2800 -25.28 -68.97 -117.80
CA LYS F 2800 -24.44 -69.53 -116.75
C LYS F 2800 -25.19 -69.60 -115.43
N ASP F 2801 -25.93 -68.54 -115.09
CA ASP F 2801 -26.77 -68.58 -113.90
C ASP F 2801 -28.03 -69.40 -114.11
N LYS F 2802 -28.55 -69.44 -115.35
CA LYS F 2802 -29.71 -70.26 -115.65
C LYS F 2802 -29.40 -71.74 -115.50
N GLU F 2803 -28.17 -72.14 -115.82
CA GLU F 2803 -27.74 -73.52 -115.74
C GLU F 2803 -27.24 -73.92 -114.36
N ILE F 2804 -27.32 -73.03 -113.37
CA ILE F 2804 -27.01 -73.39 -111.99
C ILE F 2804 -28.18 -73.19 -111.06
N TYR F 2805 -29.19 -72.38 -111.43
CA TYR F 2805 -30.38 -72.22 -110.59
C TYR F 2805 -31.33 -73.40 -110.69
N ARG F 2806 -31.13 -74.30 -111.67
CA ARG F 2806 -32.02 -75.44 -111.84
C ARG F 2806 -31.76 -76.55 -110.84
N TRP F 2807 -30.61 -76.55 -110.18
CA TRP F 2807 -30.26 -77.63 -109.27
C TRP F 2807 -31.25 -77.79 -108.11
N PRO F 2808 -31.68 -76.73 -107.40
CA PRO F 2808 -32.69 -76.93 -106.35
C PRO F 2808 -33.98 -77.54 -106.88
N ILE F 2809 -34.39 -77.17 -108.09
CA ILE F 2809 -35.58 -77.75 -108.69
C ILE F 2809 -35.32 -79.21 -109.06
N LYS F 2810 -34.13 -79.52 -109.54
CA LYS F 2810 -33.80 -80.89 -109.94
C LYS F 2810 -33.97 -81.86 -108.78
N GLU F 2811 -33.40 -81.54 -107.62
CA GLU F 2811 -33.57 -82.39 -106.45
C GLU F 2811 -34.98 -82.28 -105.88
N SER F 2812 -35.66 -81.15 -106.07
CA SER F 2812 -37.05 -81.03 -105.63
C SER F 2812 -37.94 -82.03 -106.37
N LEU F 2813 -37.74 -82.17 -107.68
CA LEU F 2813 -38.47 -83.19 -108.43
C LEU F 2813 -37.99 -84.59 -108.07
N LYS F 2814 -36.69 -84.75 -107.79
CA LYS F 2814 -36.19 -86.03 -107.31
C LYS F 2814 -36.83 -86.40 -105.98
N ALA F 2815 -36.98 -85.41 -105.09
CA ALA F 2815 -37.50 -85.68 -103.76
C ALA F 2815 -38.95 -86.16 -103.81
N MET F 2816 -39.79 -85.49 -104.60
CA MET F 2816 -41.21 -85.83 -104.63
C MET F 2816 -41.48 -87.11 -105.42
N ILE F 2817 -40.54 -87.54 -106.26
CA ILE F 2817 -40.71 -88.78 -107.00
C ILE F 2817 -40.08 -89.97 -106.27
N ALA F 2818 -39.18 -89.73 -105.32
CA ALA F 2818 -38.55 -90.82 -104.59
C ALA F 2818 -39.49 -91.44 -103.56
N TRP F 2819 -40.45 -90.67 -103.04
CA TRP F 2819 -41.38 -91.19 -102.04
C TRP F 2819 -42.52 -91.94 -102.69
N GLU F 2820 -42.20 -92.93 -103.54
CA GLU F 2820 -43.14 -93.79 -104.24
C GLU F 2820 -44.34 -93.03 -104.78
N TRP F 2821 -44.13 -91.79 -105.22
CA TRP F 2821 -45.18 -90.93 -105.76
C TRP F 2821 -44.94 -90.80 -107.26
N THR F 2822 -45.61 -91.62 -108.05
CA THR F 2822 -45.51 -91.52 -109.49
C THR F 2822 -46.27 -90.31 -110.01
N ILE F 2823 -45.72 -89.66 -111.02
CA ILE F 2823 -46.31 -88.48 -111.63
C ILE F 2823 -46.61 -88.79 -113.09
N GLU F 2824 -47.84 -88.51 -113.52
CA GLU F 2824 -48.27 -88.77 -114.88
C GLU F 2824 -48.79 -87.47 -115.50
N LYS F 2825 -48.39 -87.22 -116.75
CA LYS F 2825 -48.83 -86.04 -117.49
C LYS F 2825 -50.16 -86.37 -118.17
N ALA F 2826 -51.25 -86.04 -117.49
CA ALA F 2826 -52.57 -86.27 -118.06
C ALA F 2826 -52.78 -85.46 -119.33
N ARG F 2827 -52.37 -84.19 -119.31
CA ARG F 2827 -52.49 -83.33 -120.48
C ARG F 2827 -51.33 -83.55 -121.43
N GLU F 2828 -51.51 -83.09 -122.67
CA GLU F 2828 -50.47 -83.19 -123.69
C GLU F 2828 -50.54 -81.93 -124.54
N GLY F 2829 -49.63 -81.00 -124.30
CA GLY F 2829 -49.61 -79.75 -125.02
C GLY F 2829 -48.25 -79.11 -124.98
N GLU F 2830 -48.22 -77.81 -125.27
CA GLU F 2830 -47.00 -77.01 -125.28
C GLU F 2830 -45.95 -77.60 -126.20
N TYR F 2855 -39.85 -59.47 -121.37
CA TYR F 2855 -39.25 -60.05 -120.17
C TYR F 2855 -40.17 -59.86 -118.97
N ASN F 2856 -41.20 -60.71 -118.87
CA ASN F 2856 -42.17 -60.64 -117.78
C ASN F 2856 -42.92 -61.96 -117.66
N PRO F 2857 -42.92 -62.57 -116.47
CA PRO F 2857 -43.70 -63.80 -116.28
C PRO F 2857 -45.20 -63.53 -116.23
N GLN F 2858 -45.83 -63.41 -117.40
CA GLN F 2858 -47.26 -63.10 -117.47
C GLN F 2858 -48.14 -64.05 -116.67
N PRO F 2859 -47.98 -65.38 -116.73
CA PRO F 2859 -48.77 -66.25 -115.86
C PRO F 2859 -48.31 -66.11 -114.41
N PRO F 2860 -49.16 -65.59 -113.52
CA PRO F 2860 -48.74 -65.38 -112.14
C PRO F 2860 -48.93 -66.61 -111.26
N ASP F 2861 -47.86 -67.07 -110.63
CA ASP F 2861 -47.92 -68.20 -109.71
C ASP F 2861 -48.17 -67.68 -108.31
N LEU F 2862 -49.33 -68.00 -107.75
CA LEU F 2862 -49.73 -67.54 -106.42
C LEU F 2862 -49.81 -68.72 -105.47
N SER F 2863 -50.09 -68.42 -104.20
CA SER F 2863 -50.20 -69.45 -103.18
C SER F 2863 -51.40 -69.23 -102.25
N GLY F 2864 -52.26 -68.25 -102.52
CA GLY F 2864 -53.39 -67.98 -101.67
C GLY F 2864 -54.61 -68.84 -101.91
N VAL F 2865 -54.58 -69.69 -102.94
CA VAL F 2865 -55.72 -70.54 -103.24
C VAL F 2865 -55.62 -71.84 -102.45
N THR F 2866 -56.76 -72.51 -102.30
CA THR F 2866 -56.83 -73.76 -101.55
C THR F 2866 -56.58 -74.95 -102.46
N LEU F 2867 -56.50 -76.13 -101.84
CA LEU F 2867 -56.20 -77.36 -102.57
C LEU F 2867 -56.72 -78.55 -101.78
N SER F 2868 -56.84 -79.68 -102.46
CA SER F 2868 -57.36 -80.89 -101.84
C SER F 2868 -56.42 -81.39 -100.75
N ARG F 2869 -56.99 -82.15 -99.81
CA ARG F 2869 -56.26 -82.58 -98.63
C ARG F 2869 -55.22 -83.64 -98.96
N GLU F 2870 -55.58 -84.63 -99.78
CA GLU F 2870 -54.66 -85.70 -100.12
CA GLU F 2870 -54.65 -85.70 -100.11
C GLU F 2870 -53.42 -85.17 -100.84
N LEU F 2871 -53.62 -84.28 -101.80
CA LEU F 2871 -52.49 -83.76 -102.57
C LEU F 2871 -51.69 -82.75 -101.76
N GLN F 2872 -52.36 -81.96 -100.92
CA GLN F 2872 -51.64 -81.00 -100.08
C GLN F 2872 -50.81 -81.70 -99.01
N ALA F 2873 -51.25 -82.87 -98.55
CA ALA F 2873 -50.47 -83.63 -97.58
C ALA F 2873 -49.11 -84.00 -98.12
N MET F 2874 -49.04 -84.38 -99.40
CA MET F 2874 -47.77 -84.68 -100.02
C MET F 2874 -46.87 -83.44 -100.08
N ALA F 2875 -47.46 -82.28 -100.36
CA ALA F 2875 -46.68 -81.04 -100.41
C ALA F 2875 -46.08 -80.73 -99.05
N GLU F 2876 -46.87 -80.89 -97.98
CA GLU F 2876 -46.34 -80.67 -96.64
C GLU F 2876 -45.27 -81.70 -96.29
N GLN F 2877 -45.43 -82.95 -96.74
CA GLN F 2877 -44.38 -83.93 -96.58
C GLN F 2877 -43.12 -83.53 -97.33
N LEU F 2878 -43.29 -83.01 -98.55
CA LEU F 2878 -42.14 -82.48 -99.29
C LEU F 2878 -41.54 -81.27 -98.59
N ALA F 2879 -42.39 -80.40 -98.02
CA ALA F 2879 -41.89 -79.28 -97.24
C ALA F 2879 -41.11 -79.77 -96.01
N GLU F 2880 -41.52 -80.90 -95.45
CA GLU F 2880 -40.72 -81.52 -94.38
C GLU F 2880 -39.36 -81.93 -94.91
N ASN F 2881 -39.30 -82.49 -96.12
CA ASN F 2881 -38.02 -82.86 -96.70
C ASN F 2881 -37.18 -81.63 -97.01
N TYR F 2882 -37.81 -80.49 -97.29
CA TYR F 2882 -37.05 -79.25 -97.41
C TYR F 2882 -36.38 -78.89 -96.10
N HIS F 2883 -37.08 -79.06 -94.98
CA HIS F 2883 -36.54 -78.64 -93.69
C HIS F 2883 -35.43 -79.57 -93.21
N ASN F 2884 -35.63 -80.88 -93.32
CA ASN F 2884 -34.61 -81.82 -92.82
C ASN F 2884 -33.33 -81.73 -93.64
N THR F 2885 -33.45 -81.58 -94.96
CA THR F 2885 -32.26 -81.31 -95.77
C THR F 2885 -31.64 -79.98 -95.40
N TRP F 2886 -32.47 -78.96 -95.17
CA TRP F 2886 -31.96 -77.69 -94.65
C TRP F 2886 -31.32 -77.89 -93.28
N GLY F 2887 -31.98 -78.67 -92.42
CA GLY F 2887 -31.41 -78.97 -91.12
C GLY F 2887 -30.16 -79.80 -91.19
N ARG F 2888 -30.08 -80.72 -92.15
CA ARG F 2888 -28.90 -81.57 -92.29
C ARG F 2888 -27.66 -80.75 -92.59
N LYS F 2889 -27.72 -79.90 -93.63
CA LYS F 2889 -26.55 -79.11 -93.98
C LYS F 2889 -26.24 -78.06 -92.92
N LYS F 2890 -27.26 -77.53 -92.25
CA LYS F 2890 -27.03 -76.58 -91.17
C LYS F 2890 -26.31 -77.23 -89.99
N LYS F 2891 -26.72 -78.45 -89.63
CA LYS F 2891 -26.10 -79.12 -88.48
C LYS F 2891 -24.71 -79.66 -88.80
N GLN F 2892 -24.40 -79.91 -90.07
CA GLN F 2892 -23.06 -80.37 -90.43
C GLN F 2892 -22.01 -79.32 -90.09
N GLU F 2893 -22.32 -78.05 -90.34
CA GLU F 2893 -21.41 -76.98 -89.94
C GLU F 2893 -21.41 -76.81 -88.43
N LEU F 2894 -22.57 -77.00 -87.78
CA LEU F 2894 -22.68 -76.79 -86.35
C LEU F 2894 -22.09 -77.93 -85.54
N GLU F 2895 -22.11 -79.16 -86.08
CA GLU F 2895 -21.66 -80.33 -85.32
C GLU F 2895 -20.16 -80.33 -85.08
N ALA F 2896 -19.40 -79.46 -85.74
CA ALA F 2896 -17.96 -79.39 -85.52
C ALA F 2896 -17.60 -78.89 -84.12
N LYS F 2897 -18.53 -78.27 -83.41
CA LYS F 2897 -18.29 -77.76 -82.07
C LYS F 2897 -18.69 -78.74 -80.97
N GLY F 2898 -19.86 -79.38 -81.11
CA GLY F 2898 -20.34 -80.30 -80.11
C GLY F 2898 -21.12 -79.66 -78.98
N GLY F 2899 -21.26 -78.33 -78.97
CA GLY F 2899 -22.00 -77.65 -77.92
C GLY F 2899 -23.02 -76.68 -78.48
N GLY F 2900 -24.27 -76.82 -78.05
CA GLY F 2900 -25.35 -75.99 -78.56
C GLY F 2900 -25.94 -76.53 -79.85
N THR F 2901 -27.02 -75.89 -80.28
CA THR F 2901 -27.71 -76.30 -81.49
C THR F 2901 -28.49 -75.12 -82.05
N HIS F 2902 -28.81 -75.21 -83.33
CA HIS F 2902 -29.63 -74.18 -83.97
C HIS F 2902 -31.05 -74.23 -83.42
N PRO F 2903 -31.68 -73.07 -83.19
CA PRO F 2903 -33.03 -73.07 -82.62
C PRO F 2903 -34.07 -73.74 -83.51
N LEU F 2904 -33.82 -73.87 -84.81
CA LEU F 2904 -34.77 -74.48 -85.73
C LEU F 2904 -34.41 -75.92 -86.08
N LEU F 2905 -33.45 -76.52 -85.38
CA LEU F 2905 -33.10 -77.93 -85.57
C LEU F 2905 -34.10 -78.82 -84.83
N VAL F 2906 -35.35 -78.73 -85.25
CA VAL F 2906 -36.45 -79.46 -84.62
C VAL F 2906 -37.25 -80.16 -85.72
N PRO F 2907 -37.99 -81.21 -85.37
CA PRO F 2907 -38.82 -81.88 -86.38
C PRO F 2907 -39.84 -80.93 -87.00
N TYR F 2908 -40.18 -81.21 -88.26
CA TYR F 2908 -41.02 -80.31 -89.02
C TYR F 2908 -42.40 -80.12 -88.38
N ASP F 2909 -42.92 -81.18 -87.77
CA ASP F 2909 -44.23 -81.07 -87.12
C ASP F 2909 -44.16 -80.26 -85.83
N THR F 2910 -42.99 -80.23 -85.19
CA THR F 2910 -42.86 -79.52 -83.91
C THR F 2910 -42.87 -78.01 -84.10
N LEU F 2911 -42.22 -77.50 -85.14
CA LEU F 2911 -42.12 -76.06 -85.34
C LEU F 2911 -43.49 -75.48 -85.72
N THR F 2912 -43.72 -74.24 -85.28
CA THR F 2912 -45.01 -73.60 -85.51
C THR F 2912 -45.14 -73.14 -86.95
N ALA F 2913 -46.28 -72.52 -87.26
CA ALA F 2913 -46.60 -72.17 -88.65
C ALA F 2913 -45.76 -70.99 -89.13
N LYS F 2914 -45.46 -70.04 -88.24
CA LYS F 2914 -44.74 -68.84 -88.67
C LYS F 2914 -43.35 -69.18 -89.19
N GLU F 2915 -42.67 -70.14 -88.55
CA GLU F 2915 -41.40 -70.62 -89.05
C GLU F 2915 -41.55 -71.72 -90.08
N LYS F 2916 -42.78 -72.14 -90.38
CA LYS F 2916 -43.04 -73.17 -91.39
C LYS F 2916 -43.32 -72.57 -92.77
N ALA F 2917 -43.78 -71.32 -92.82
CA ALA F 2917 -44.22 -70.73 -94.07
C ALA F 2917 -43.11 -70.68 -95.12
N ARG F 2918 -41.84 -70.70 -94.69
CA ARG F 2918 -40.74 -70.70 -95.63
C ARG F 2918 -40.77 -71.94 -96.51
N ASP F 2919 -40.76 -73.13 -95.90
CA ASP F 2919 -40.83 -74.36 -96.67
C ASP F 2919 -42.27 -74.66 -97.11
N ARG F 2920 -43.25 -74.19 -96.35
CA ARG F 2920 -44.65 -74.43 -96.71
C ARG F 2920 -44.99 -73.77 -98.05
N GLU F 2921 -44.69 -72.49 -98.19
CA GLU F 2921 -45.00 -71.78 -99.43
C GLU F 2921 -44.20 -72.32 -100.60
N LYS F 2922 -42.93 -72.67 -100.37
CA LYS F 2922 -42.09 -73.19 -101.45
C LYS F 2922 -42.65 -74.50 -102.00
N ALA F 2923 -43.09 -75.39 -101.11
CA ALA F 2923 -43.68 -76.65 -101.56
C ALA F 2923 -45.04 -76.41 -102.20
N GLN F 2924 -45.84 -75.50 -101.64
CA GLN F 2924 -47.15 -75.20 -102.21
C GLN F 2924 -47.02 -74.56 -103.59
N GLU F 2925 -46.05 -73.66 -103.75
CA GLU F 2925 -45.88 -72.99 -105.03
C GLU F 2925 -45.55 -73.98 -106.14
N LEU F 2926 -44.70 -74.97 -105.85
CA LEU F 2926 -44.44 -76.02 -106.82
C LEU F 2926 -45.71 -76.81 -107.13
N LEU F 2927 -46.51 -77.10 -106.10
CA LEU F 2927 -47.76 -77.81 -106.32
C LEU F 2927 -48.77 -76.97 -107.10
N LYS F 2928 -48.79 -75.65 -106.88
CA LYS F 2928 -49.68 -74.79 -107.63
C LYS F 2928 -49.34 -74.78 -109.11
N PHE F 2929 -48.03 -74.79 -109.44
CA PHE F 2929 -47.63 -74.89 -110.84
C PHE F 2929 -48.08 -76.21 -111.45
N LEU F 2930 -48.00 -77.30 -110.67
CA LEU F 2930 -48.49 -78.58 -111.13
C LEU F 2930 -50.01 -78.63 -111.20
N GLN F 2931 -50.70 -77.68 -110.57
CA GLN F 2931 -52.15 -77.74 -110.48
C GLN F 2931 -52.81 -77.26 -111.77
N MET F 2932 -52.50 -76.04 -112.21
CA MET F 2932 -53.16 -75.48 -113.39
C MET F 2932 -52.75 -76.20 -114.67
N ASN F 2933 -51.61 -76.89 -114.67
CA ASN F 2933 -51.20 -77.64 -115.86
C ASN F 2933 -51.79 -79.05 -115.89
N GLY F 2934 -52.06 -79.63 -114.72
CA GLY F 2934 -52.68 -80.94 -114.66
C GLY F 2934 -51.72 -82.09 -114.52
N TYR F 2935 -50.82 -82.00 -113.55
CA TYR F 2935 -49.90 -83.10 -113.24
C TYR F 2935 -50.48 -83.93 -112.11
N ALA F 2936 -50.72 -85.21 -112.38
CA ALA F 2936 -51.35 -86.11 -111.41
C ALA F 2936 -50.27 -86.92 -110.71
N VAL F 2937 -50.08 -86.66 -109.42
CA VAL F 2937 -49.14 -87.40 -108.59
C VAL F 2937 -49.93 -88.03 -107.44
N THR F 2938 -49.81 -89.36 -107.32
CA THR F 2938 -50.55 -90.11 -106.31
C THR F 2938 -49.65 -91.21 -105.76
N ARG F 2939 -49.87 -91.54 -104.49
CA ARG F 2939 -49.11 -92.59 -103.83
C ARG F 2939 -49.38 -93.96 -104.45
N LEU F 2946 -57.12 -91.36 -92.90
CA LEU F 2946 -57.52 -90.94 -94.23
C LEU F 2946 -59.04 -90.82 -94.31
N ASP F 2947 -59.51 -89.69 -94.84
CA ASP F 2947 -60.94 -89.38 -94.90
C ASP F 2947 -61.59 -89.47 -93.53
N THR F 2948 -60.89 -88.97 -92.52
CA THR F 2948 -61.36 -89.03 -91.14
C THR F 2948 -62.20 -87.80 -90.82
N SER F 2949 -63.36 -88.02 -90.23
CA SER F 2949 -64.24 -86.92 -89.86
C SER F 2949 -63.68 -86.18 -88.64
N SER F 2950 -64.22 -84.97 -88.40
CA SER F 2950 -63.74 -84.17 -87.28
C SER F 2950 -64.04 -84.83 -85.93
N ILE F 2951 -65.15 -85.57 -85.84
CA ILE F 2951 -65.50 -86.23 -84.60
C ILE F 2951 -64.46 -87.29 -84.25
N GLU F 2952 -64.04 -88.07 -85.24
CA GLU F 2952 -63.05 -89.13 -85.00
C GLU F 2952 -61.66 -88.58 -84.73
N LYS F 2953 -61.40 -87.30 -85.03
CA LYS F 2953 -60.10 -86.71 -84.78
C LYS F 2953 -59.99 -86.09 -83.39
N ARG F 2954 -61.06 -86.10 -82.60
CA ARG F 2954 -61.01 -85.51 -81.27
C ARG F 2954 -60.08 -86.32 -80.37
N PHE F 2955 -59.48 -85.63 -79.40
CA PHE F 2955 -58.56 -86.30 -78.47
C PHE F 2955 -59.28 -87.37 -77.66
N ALA F 2956 -60.49 -87.07 -77.19
CA ALA F 2956 -61.24 -88.05 -76.41
C ALA F 2956 -61.60 -89.27 -77.24
N PHE F 2957 -61.92 -89.07 -78.52
CA PHE F 2957 -62.26 -90.20 -79.38
C PHE F 2957 -61.07 -91.14 -79.53
N GLY F 2958 -59.88 -90.59 -79.78
CA GLY F 2958 -58.69 -91.42 -79.88
C GLY F 2958 -58.31 -92.04 -78.55
N PHE F 2959 -58.43 -91.28 -77.46
CA PHE F 2959 -58.09 -91.80 -76.15
C PHE F 2959 -59.02 -92.94 -75.74
N LEU F 2960 -60.33 -92.77 -75.97
CA LEU F 2960 -61.28 -93.83 -75.66
C LEU F 2960 -61.06 -95.05 -76.55
N GLN F 2961 -60.71 -94.83 -77.82
CA GLN F 2961 -60.50 -95.96 -78.73
C GLN F 2961 -59.33 -96.81 -78.27
N GLN F 2962 -58.26 -96.18 -77.78
CA GLN F 2962 -57.13 -96.93 -77.25
C GLN F 2962 -57.51 -97.69 -75.99
N LEU F 2963 -58.33 -97.07 -75.12
CA LEU F 2963 -58.78 -97.76 -73.92
C LEU F 2963 -59.60 -99.00 -74.27
N LEU F 2964 -60.50 -98.89 -75.26
CA LEU F 2964 -61.23 -100.05 -75.71
C LEU F 2964 -60.30 -101.08 -76.34
N ARG F 2965 -59.24 -100.62 -77.00
CA ARG F 2965 -58.25 -101.54 -77.56
C ARG F 2965 -57.54 -102.32 -76.46
N TRP F 2966 -57.26 -101.69 -75.32
CA TRP F 2966 -56.66 -102.42 -74.21
C TRP F 2966 -57.67 -103.30 -73.48
N MET F 2967 -58.97 -103.02 -73.63
CA MET F 2967 -59.97 -103.86 -72.97
C MET F 2967 -59.96 -105.27 -73.53
N ASP F 2968 -59.87 -105.41 -74.86
CA ASP F 2968 -59.77 -106.75 -75.43
C ASP F 2968 -58.43 -107.40 -75.07
N ILE F 2969 -57.39 -106.59 -74.89
CA ILE F 2969 -56.13 -107.12 -74.38
C ILE F 2969 -56.28 -107.55 -72.93
N SER F 2970 -57.03 -106.78 -72.14
CA SER F 2970 -57.26 -107.14 -70.74
C SER F 2970 -58.01 -108.47 -70.63
N GLN F 2971 -58.99 -108.68 -71.50
CA GLN F 2971 -59.71 -109.94 -71.51
C GLN F 2971 -58.82 -111.10 -71.92
N GLU F 2972 -57.71 -110.84 -72.61
CA GLU F 2972 -56.86 -111.91 -73.10
C GLU F 2972 -56.05 -112.55 -71.97
N PHE F 2973 -55.50 -111.74 -71.07
CA PHE F 2973 -54.62 -112.32 -70.05
C PHE F 2973 -55.36 -112.72 -68.78
N ILE F 2974 -56.53 -112.14 -68.51
CA ILE F 2974 -57.31 -112.60 -67.37
C ILE F 2974 -57.79 -114.02 -67.59
N ALA F 2975 -58.16 -114.35 -68.84
CA ALA F 2975 -58.49 -115.74 -69.16
C ALA F 2975 -57.28 -116.64 -68.97
N HIS F 2976 -56.09 -116.15 -69.35
CA HIS F 2976 -54.87 -116.91 -69.08
C HIS F 2976 -54.65 -117.06 -67.59
N LEU F 2977 -54.87 -115.99 -66.82
CA LEU F 2977 -54.76 -116.09 -65.37
C LEU F 2977 -55.80 -117.05 -64.79
N GLU F 2978 -57.03 -117.00 -65.32
CA GLU F 2978 -58.05 -117.93 -64.88
C GLU F 2978 -57.68 -119.36 -65.26
N ALA F 2979 -57.08 -119.54 -66.45
CA ALA F 2979 -56.68 -120.87 -66.86
C ALA F 2979 -55.59 -121.44 -65.96
N VAL F 2980 -54.54 -120.65 -65.71
CA VAL F 2980 -53.43 -121.14 -64.91
C VAL F 2980 -53.83 -121.35 -63.46
N VAL F 2981 -54.72 -120.48 -62.93
CA VAL F 2981 -55.17 -120.63 -61.55
C VAL F 2981 -56.08 -121.84 -61.38
N SER F 2982 -56.60 -122.40 -62.47
CA SER F 2982 -57.43 -123.59 -62.44
C SER F 2982 -56.63 -124.86 -62.71
N SER F 2983 -55.80 -124.85 -63.75
CA SER F 2983 -54.98 -126.01 -64.08
C SER F 2983 -53.70 -125.54 -64.77
N GLY F 2984 -52.66 -126.36 -64.67
CA GLY F 2984 -51.38 -126.04 -65.28
C GLY F 2984 -50.74 -124.80 -64.70
N ARG F 2985 -50.33 -124.88 -63.43
CA ARG F 2985 -49.72 -123.73 -62.77
C ARG F 2985 -48.39 -123.37 -63.43
N VAL F 2986 -48.21 -122.07 -63.69
CA VAL F 2986 -46.97 -121.56 -64.25
C VAL F 2986 -46.85 -120.09 -63.87
N GLU F 2987 -45.66 -119.69 -63.43
CA GLU F 2987 -45.41 -118.33 -62.98
C GLU F 2987 -44.64 -117.51 -64.02
N LYS F 2988 -44.61 -117.95 -65.27
CA LYS F 2988 -43.92 -117.19 -66.31
C LYS F 2988 -44.59 -115.84 -66.53
N SER F 2989 -45.92 -115.80 -66.51
CA SER F 2989 -46.70 -114.58 -66.73
C SER F 2989 -46.28 -113.90 -68.03
N PRO F 2990 -46.64 -114.45 -69.19
CA PRO F 2990 -46.23 -113.84 -70.46
C PRO F 2990 -46.79 -112.45 -70.67
N HIS F 2991 -47.86 -112.06 -69.95
CA HIS F 2991 -48.44 -110.73 -70.08
C HIS F 2991 -48.16 -109.87 -68.86
N GLU F 2992 -47.00 -110.07 -68.21
CA GLU F 2992 -46.68 -109.32 -67.00
C GLU F 2992 -46.61 -107.82 -67.28
N GLN F 2993 -46.01 -107.45 -68.41
CA GLN F 2993 -45.98 -106.04 -68.79
C GLN F 2993 -47.40 -105.50 -69.01
N GLU F 2994 -48.25 -106.29 -69.68
CA GLU F 2994 -49.61 -105.84 -69.93
C GLU F 2994 -50.39 -105.69 -68.63
N ILE F 2995 -50.21 -106.62 -67.68
CA ILE F 2995 -50.93 -106.55 -66.42
C ILE F 2995 -50.53 -105.31 -65.64
N LYS F 2996 -49.21 -105.05 -65.54
CA LYS F 2996 -48.74 -103.90 -64.79
C LYS F 2996 -49.17 -102.59 -65.44
N PHE F 2997 -49.10 -102.50 -66.76
CA PHE F 2997 -49.49 -101.28 -67.45
C PHE F 2997 -50.97 -101.01 -67.27
N PHE F 2998 -51.79 -102.05 -67.38
CA PHE F 2998 -53.23 -101.88 -67.22
C PHE F 2998 -53.58 -101.45 -65.79
N ALA F 2999 -52.96 -102.10 -64.79
CA ALA F 2999 -53.32 -101.83 -63.41
C ALA F 2999 -52.72 -100.53 -62.90
N LYS F 3000 -51.47 -100.23 -63.27
CA LYS F 3000 -50.76 -99.11 -62.68
C LYS F 3000 -50.86 -97.82 -63.48
N ILE F 3001 -51.25 -97.89 -64.75
CA ILE F 3001 -51.31 -96.70 -65.59
C ILE F 3001 -52.74 -96.43 -66.03
N LEU F 3002 -53.38 -97.42 -66.64
CA LEU F 3002 -54.70 -97.22 -67.22
C LEU F 3002 -55.74 -96.89 -66.16
N LEU F 3003 -55.78 -97.68 -65.08
CA LEU F 3003 -56.77 -97.45 -64.04
C LEU F 3003 -56.62 -96.08 -63.38
N PRO F 3004 -55.43 -95.64 -62.96
CA PRO F 3004 -55.32 -94.25 -62.49
C PRO F 3004 -55.65 -93.22 -63.55
N LEU F 3005 -55.35 -93.52 -64.82
CA LEU F 3005 -55.63 -92.57 -65.89
C LEU F 3005 -57.13 -92.46 -66.14
N ILE F 3006 -57.83 -93.59 -66.19
CA ILE F 3006 -59.28 -93.58 -66.34
C ILE F 3006 -59.93 -92.90 -65.14
N ASN F 3007 -59.38 -93.14 -63.95
CA ASN F 3007 -59.95 -92.57 -62.73
C ASN F 3007 -59.93 -91.05 -62.78
N GLN F 3008 -58.82 -90.47 -63.23
CA GLN F 3008 -58.68 -89.02 -63.15
C GLN F 3008 -59.22 -88.32 -64.40
N TYR F 3009 -59.12 -88.96 -65.57
CA TYR F 3009 -59.54 -88.32 -66.80
C TYR F 3009 -61.05 -88.06 -66.80
N PHE F 3010 -61.84 -89.07 -66.46
CA PHE F 3010 -63.29 -88.93 -66.47
C PHE F 3010 -63.82 -88.19 -65.25
N THR F 3011 -63.01 -88.04 -64.21
CA THR F 3011 -63.40 -87.17 -63.10
C THR F 3011 -63.35 -85.71 -63.54
N ASN F 3012 -62.32 -85.33 -64.30
CA ASN F 3012 -62.20 -83.94 -64.74
C ASN F 3012 -63.19 -83.61 -65.85
N HIS F 3013 -63.38 -84.54 -66.79
CA HIS F 3013 -64.21 -84.32 -67.96
C HIS F 3013 -65.55 -85.04 -67.87
N CYS F 3014 -66.10 -85.13 -66.66
CA CYS F 3014 -67.39 -85.78 -66.49
C CYS F 3014 -68.50 -85.00 -67.19
N LEU F 3015 -68.47 -83.68 -67.10
CA LEU F 3015 -69.54 -82.87 -67.68
C LEU F 3015 -69.49 -82.90 -69.21
N TYR F 3016 -68.31 -83.10 -69.78
CA TYR F 3016 -68.20 -83.14 -71.24
C TYR F 3016 -69.00 -84.30 -71.83
N PHE F 3017 -68.91 -85.48 -71.21
CA PHE F 3017 -69.62 -86.64 -71.73
C PHE F 3017 -71.10 -86.61 -71.39
N LEU F 3018 -71.47 -85.99 -70.27
CA LEU F 3018 -72.88 -85.88 -69.91
C LEU F 3018 -73.61 -84.78 -70.65
N SER F 3019 -72.87 -83.86 -71.28
CA SER F 3019 -73.49 -82.75 -71.98
C SER F 3019 -74.12 -83.22 -73.29
N THR F 3020 -75.13 -82.47 -73.72
CA THR F 3020 -75.86 -82.70 -74.95
C THR F 3020 -76.10 -81.36 -75.62
N PRO F 3021 -76.25 -81.33 -76.94
CA PRO F 3021 -76.52 -80.04 -77.60
C PRO F 3021 -77.76 -79.34 -77.07
N ALA F 3022 -78.78 -80.11 -76.65
CA ALA F 3022 -79.97 -79.50 -76.07
C ALA F 3022 -79.64 -78.82 -74.74
N LYS F 3023 -78.83 -79.45 -73.90
CA LYS F 3023 -78.50 -78.93 -72.58
C LYS F 3023 -77.01 -79.13 -72.33
N VAL F 3024 -76.26 -78.04 -72.30
CA VAL F 3024 -74.82 -78.08 -72.09
C VAL F 3024 -74.53 -77.89 -70.61
N LEU F 3025 -73.77 -78.81 -70.02
CA LEU F 3025 -73.46 -78.79 -68.60
C LEU F 3025 -72.07 -78.24 -68.30
N GLY F 3026 -71.08 -78.53 -69.14
CA GLY F 3026 -69.72 -78.11 -68.90
C GLY F 3026 -69.48 -76.68 -69.38
N SER F 3027 -68.20 -76.28 -69.33
CA SER F 3027 -67.82 -74.96 -69.78
C SER F 3027 -68.09 -74.79 -71.27
N GLY F 3028 -67.74 -75.80 -72.06
CA GLY F 3028 -67.99 -75.75 -73.49
C GLY F 3028 -67.78 -77.11 -74.11
N GLY F 3029 -68.43 -77.31 -75.25
CA GLY F 3029 -68.32 -78.55 -75.98
C GLY F 3029 -69.09 -79.69 -75.33
N HIS F 3030 -69.49 -80.64 -76.16
CA HIS F 3030 -70.22 -81.81 -75.68
C HIS F 3030 -69.76 -83.03 -76.47
N ALA F 3031 -69.80 -84.18 -75.82
CA ALA F 3031 -69.35 -85.42 -76.45
C ALA F 3031 -70.30 -85.80 -77.58
N SER F 3032 -69.73 -86.35 -78.65
CA SER F 3032 -70.52 -86.86 -79.75
C SER F 3032 -71.19 -88.18 -79.34
N ASN F 3033 -72.09 -88.66 -80.19
CA ASN F 3033 -72.77 -89.90 -79.91
C ASN F 3033 -71.80 -91.08 -79.85
N LYS F 3034 -70.84 -91.12 -80.78
CA LYS F 3034 -69.86 -92.21 -80.78
C LYS F 3034 -69.03 -92.20 -79.51
N GLU F 3035 -68.64 -91.02 -79.03
CA GLU F 3035 -67.90 -90.94 -77.77
C GLU F 3035 -68.75 -91.44 -76.61
N LYS F 3036 -70.04 -91.10 -76.60
CA LYS F 3036 -70.95 -91.61 -75.58
C LYS F 3036 -71.11 -93.13 -75.70
N GLU F 3037 -71.13 -93.64 -76.93
CA GLU F 3037 -71.21 -95.09 -77.12
C GLU F 3037 -69.96 -95.79 -76.61
N MET F 3038 -68.79 -95.22 -76.89
CA MET F 3038 -67.54 -95.86 -76.48
C MET F 3038 -67.39 -95.89 -74.96
N ILE F 3039 -67.75 -94.81 -74.28
CA ILE F 3039 -67.64 -94.78 -72.83
C ILE F 3039 -68.63 -95.75 -72.20
N THR F 3040 -69.76 -95.99 -72.86
CA THR F 3040 -70.70 -96.99 -72.37
C THR F 3040 -70.13 -98.40 -72.53
N SER F 3041 -69.53 -98.69 -73.69
CA SER F 3041 -68.92 -99.98 -73.91
C SER F 3041 -67.70 -100.18 -73.01
N LEU F 3042 -66.98 -99.11 -72.70
CA LEU F 3042 -65.87 -99.21 -71.76
C LEU F 3042 -66.35 -99.63 -70.38
N PHE F 3043 -67.47 -99.06 -69.92
CA PHE F 3043 -68.03 -99.45 -68.64
C PHE F 3043 -68.48 -100.90 -68.63
N CYS F 3044 -69.16 -101.33 -69.70
CA CYS F 3044 -69.66 -102.69 -69.76
C CYS F 3044 -68.52 -103.70 -69.82
N LYS F 3045 -67.50 -103.43 -70.63
CA LYS F 3045 -66.37 -104.34 -70.72
C LYS F 3045 -65.60 -104.41 -69.41
N LEU F 3046 -65.39 -103.26 -68.76
CA LEU F 3046 -64.69 -103.25 -67.49
C LEU F 3046 -65.48 -103.98 -66.41
N ALA F 3047 -66.79 -103.80 -66.38
CA ALA F 3047 -67.62 -104.48 -65.40
C ALA F 3047 -67.58 -105.99 -65.62
N ALA F 3048 -67.68 -106.43 -66.87
CA ALA F 3048 -67.59 -107.86 -67.16
C ALA F 3048 -66.20 -108.40 -66.88
N LEU F 3049 -65.17 -107.54 -66.98
CA LEU F 3049 -63.80 -107.97 -66.70
C LEU F 3049 -63.65 -108.38 -65.24
N VAL F 3050 -64.23 -107.59 -64.32
CA VAL F 3050 -64.08 -107.84 -62.89
C VAL F 3050 -65.14 -108.79 -62.35
N ARG F 3051 -66.10 -109.20 -63.17
CA ARG F 3051 -67.18 -110.06 -62.69
C ARG F 3051 -66.64 -111.42 -62.29
N HIS F 3052 -66.76 -111.73 -60.99
CA HIS F 3052 -66.30 -112.98 -60.39
C HIS F 3052 -64.78 -113.15 -60.49
N ARG F 3053 -64.04 -112.05 -60.67
CA ARG F 3053 -62.59 -112.09 -60.71
C ARG F 3053 -61.99 -111.01 -59.82
N VAL F 3054 -62.69 -110.64 -58.75
CA VAL F 3054 -62.19 -109.60 -57.86
C VAL F 3054 -60.91 -110.06 -57.16
N SER F 3055 -60.83 -111.35 -56.82
CA SER F 3055 -59.64 -111.86 -56.15
C SER F 3055 -58.42 -111.86 -57.08
N LEU F 3056 -58.64 -112.11 -58.37
CA LEU F 3056 -57.53 -112.21 -59.30
C LEU F 3056 -56.82 -110.87 -59.51
N PHE F 3057 -57.47 -109.76 -59.18
CA PHE F 3057 -56.84 -108.45 -59.30
C PHE F 3057 -56.01 -108.08 -58.08
N GLY F 3058 -56.11 -108.86 -57.00
CA GLY F 3058 -55.30 -108.58 -55.81
C GLY F 3058 -55.61 -107.22 -55.24
N THR F 3059 -54.57 -106.43 -55.02
CA THR F 3059 -54.72 -105.08 -54.48
C THR F 3059 -55.23 -104.08 -55.51
N ASP F 3060 -55.34 -104.47 -56.77
CA ASP F 3060 -55.84 -103.59 -57.81
C ASP F 3060 -57.37 -103.57 -57.89
N ALA F 3061 -58.04 -104.46 -57.15
CA ALA F 3061 -59.50 -104.46 -57.15
C ALA F 3061 -60.11 -103.14 -56.69
N PRO F 3062 -59.64 -102.48 -55.62
CA PRO F 3062 -60.19 -101.16 -55.30
C PRO F 3062 -60.03 -100.15 -56.42
N ALA F 3063 -58.95 -100.24 -57.20
CA ALA F 3063 -58.79 -99.35 -58.34
C ALA F 3063 -59.84 -99.61 -59.41
N VAL F 3064 -60.15 -100.89 -59.65
CA VAL F 3064 -61.12 -101.24 -60.69
C VAL F 3064 -62.50 -100.72 -60.33
N VAL F 3065 -62.93 -100.91 -59.08
CA VAL F 3065 -64.27 -100.49 -58.69
C VAL F 3065 -64.37 -98.97 -58.68
N ASN F 3066 -63.30 -98.27 -58.30
CA ASN F 3066 -63.31 -96.81 -58.35
C ASN F 3066 -63.48 -96.31 -59.77
N CYS F 3067 -62.83 -96.96 -60.74
CA CYS F 3067 -63.03 -96.60 -62.13
C CYS F 3067 -64.47 -96.85 -62.56
N LEU F 3068 -65.06 -97.95 -62.08
CA LEU F 3068 -66.46 -98.24 -62.41
C LEU F 3068 -67.39 -97.18 -61.85
N HIS F 3069 -67.11 -96.69 -60.63
CA HIS F 3069 -67.92 -95.61 -60.06
C HIS F 3069 -67.86 -94.36 -60.93
N ILE F 3070 -66.66 -93.98 -61.35
CA ILE F 3070 -66.50 -92.75 -62.12
C ILE F 3070 -67.08 -92.91 -63.52
N LEU F 3071 -66.88 -94.08 -64.14
CA LEU F 3071 -67.47 -94.32 -65.45
C LEU F 3071 -68.99 -94.30 -65.37
N ALA F 3072 -69.56 -94.83 -64.29
CA ALA F 3072 -71.01 -94.81 -64.12
C ALA F 3072 -71.53 -93.39 -64.02
N ARG F 3073 -70.83 -92.51 -63.31
CA ARG F 3073 -71.25 -91.12 -63.18
C ARG F 3073 -71.12 -90.33 -64.46
N SER F 3074 -70.47 -90.88 -65.49
CA SER F 3074 -70.27 -90.19 -66.75
C SER F 3074 -70.95 -90.93 -67.91
N LEU F 3075 -72.02 -91.67 -67.60
CA LEU F 3075 -72.76 -92.42 -68.61
C LEU F 3075 -73.99 -91.62 -69.02
N ASP F 3076 -74.02 -91.12 -70.25
CA ASP F 3076 -75.21 -90.50 -70.82
C ASP F 3076 -76.05 -91.59 -71.47
N ALA F 3077 -76.63 -92.43 -70.61
CA ALA F 3077 -77.36 -93.60 -71.08
C ALA F 3077 -78.65 -93.24 -71.81
N ARG F 3078 -79.14 -92.02 -71.66
CA ARG F 3078 -80.35 -91.61 -72.37
C ARG F 3078 -80.12 -91.63 -73.88
N THR F 3079 -79.04 -90.99 -74.33
CA THR F 3079 -78.75 -90.95 -75.77
C THR F 3079 -78.37 -92.32 -76.29
N VAL F 3080 -77.60 -93.10 -75.52
CA VAL F 3080 -77.13 -94.39 -75.98
C VAL F 3080 -78.30 -95.35 -76.19
N MET F 3081 -79.25 -95.39 -75.25
CA MET F 3081 -80.36 -96.32 -75.36
C MET F 3081 -81.37 -95.87 -76.40
N LYS F 3082 -81.51 -94.55 -76.61
CA LYS F 3082 -82.45 -94.04 -77.60
C LYS F 3082 -81.91 -94.18 -79.01
N SER F 3083 -80.77 -93.54 -79.29
CA SER F 3083 -80.14 -93.56 -80.59
C SER F 3083 -78.72 -94.10 -80.43
N GLY F 3084 -78.58 -95.43 -80.53
CA GLY F 3084 -77.30 -96.06 -80.41
C GLY F 3084 -77.26 -97.40 -81.10
N PRO F 3085 -76.06 -97.93 -81.32
CA PRO F 3085 -75.93 -99.24 -81.97
C PRO F 3085 -76.49 -100.35 -81.09
N GLU F 3086 -76.93 -101.42 -81.75
CA GLU F 3086 -77.47 -102.57 -81.02
C GLU F 3086 -76.41 -103.22 -80.15
N ILE F 3087 -75.18 -103.30 -80.64
CA ILE F 3087 -74.10 -103.95 -79.89
C ILE F 3087 -73.83 -103.20 -78.60
N VAL F 3088 -73.76 -101.86 -78.66
CA VAL F 3088 -73.50 -101.08 -77.47
C VAL F 3088 -74.68 -101.18 -76.50
N LYS F 3089 -75.91 -101.10 -77.02
CA LYS F 3089 -77.08 -101.20 -76.16
C LYS F 3089 -77.18 -102.58 -75.53
N ALA F 3090 -76.87 -103.63 -76.29
CA ALA F 3090 -76.93 -104.98 -75.75
C ALA F 3090 -75.93 -105.18 -74.62
N GLY F 3091 -74.80 -104.48 -74.67
CA GLY F 3091 -73.84 -104.57 -73.58
C GLY F 3091 -74.38 -104.00 -72.28
N LEU F 3092 -75.05 -102.85 -72.35
CA LEU F 3092 -75.64 -102.27 -71.15
C LEU F 3092 -76.77 -103.13 -70.61
N ARG F 3093 -77.59 -103.70 -71.50
CA ARG F 3093 -78.65 -104.60 -71.08
C ARG F 3093 -78.07 -105.84 -70.40
N SER F 3094 -76.99 -106.38 -70.95
CA SER F 3094 -76.36 -107.56 -70.36
C SER F 3094 -75.81 -107.27 -68.98
N PHE F 3095 -75.37 -106.04 -68.73
CA PHE F 3095 -74.85 -105.69 -67.41
C PHE F 3095 -75.93 -105.79 -66.35
N PHE F 3096 -77.11 -105.22 -66.63
CA PHE F 3096 -78.22 -105.30 -65.67
C PHE F 3096 -78.69 -106.74 -65.49
N GLU F 3097 -78.77 -107.49 -66.60
CA GLU F 3097 -79.20 -108.88 -66.50
C GLU F 3097 -78.20 -109.70 -65.70
N SER F 3098 -76.90 -109.48 -65.92
CA SER F 3098 -75.89 -110.19 -65.14
C SER F 3098 -75.95 -109.78 -63.68
N ALA F 3099 -76.19 -108.49 -63.41
CA ALA F 3099 -76.28 -108.02 -62.03
C ALA F 3099 -77.45 -108.68 -61.31
N SER F 3100 -78.59 -108.82 -61.98
CA SER F 3100 -79.74 -109.46 -61.37
C SER F 3100 -79.45 -110.92 -61.02
N GLU F 3101 -78.78 -111.63 -61.93
CA GLU F 3101 -78.46 -113.03 -61.68
C GLU F 3101 -77.51 -113.19 -60.52
N ASP F 3102 -76.50 -112.31 -60.43
CA ASP F 3102 -75.54 -112.40 -59.33
C ASP F 3102 -76.22 -112.11 -57.98
N ILE F 3103 -77.12 -111.13 -57.95
CA ILE F 3103 -77.82 -110.82 -56.71
C ILE F 3103 -78.75 -111.97 -56.32
N GLU F 3104 -79.41 -112.58 -57.30
CA GLU F 3104 -80.27 -113.73 -57.00
C GLU F 3104 -79.48 -114.87 -56.39
N LYS F 3105 -78.27 -115.14 -56.93
CA LYS F 3105 -77.43 -116.16 -56.33
C LYS F 3105 -76.95 -115.74 -54.94
N MET F 3106 -76.73 -114.45 -54.74
CA MET F 3106 -76.29 -113.97 -53.43
C MET F 3106 -77.39 -114.15 -52.39
N VAL F 3107 -78.61 -113.75 -52.72
CA VAL F 3107 -79.69 -113.79 -51.74
C VAL F 3107 -80.08 -115.22 -51.40
N GLU F 3108 -80.04 -116.13 -52.39
CA GLU F 3108 -80.37 -117.52 -52.13
C GLU F 3108 -79.30 -118.20 -51.28
N ASN F 3109 -78.06 -117.73 -51.34
CA ASN F 3109 -77.02 -118.20 -50.45
C ASN F 3109 -77.16 -117.62 -49.05
N LEU F 3110 -77.57 -116.34 -48.96
CA LEU F 3110 -77.91 -115.76 -47.68
C LEU F 3110 -79.14 -116.42 -47.06
N ARG F 3111 -79.96 -117.08 -47.87
CA ARG F 3111 -81.07 -117.89 -47.37
C ARG F 3111 -80.59 -119.19 -46.74
N LEU F 3112 -79.28 -119.34 -46.57
CA LEU F 3112 -78.68 -120.54 -45.98
C LEU F 3112 -78.98 -121.79 -46.80
N GLY F 3113 -79.13 -121.61 -48.12
CA GLY F 3113 -79.07 -122.74 -49.02
C GLY F 3113 -77.69 -123.36 -49.03
N LYS F 3114 -76.65 -122.54 -48.87
CA LYS F 3114 -75.28 -123.00 -48.70
C LYS F 3114 -74.71 -122.33 -47.45
N VAL F 3115 -73.76 -123.02 -46.81
CA VAL F 3115 -73.25 -122.54 -45.52
C VAL F 3115 -72.57 -121.19 -45.69
N SER F 3116 -71.77 -121.03 -46.74
CA SER F 3116 -71.08 -119.77 -47.03
C SER F 3116 -70.19 -119.33 -45.88
N LYS F 3123 -65.70 -122.70 -53.21
CA LYS F 3123 -66.38 -122.83 -54.50
C LYS F 3123 -66.79 -121.47 -55.05
N GLY F 3124 -67.75 -121.48 -55.97
CA GLY F 3124 -68.23 -120.23 -56.56
C GLY F 3124 -69.08 -119.39 -55.63
N VAL F 3125 -69.55 -119.97 -54.51
CA VAL F 3125 -70.33 -119.21 -53.55
C VAL F 3125 -69.47 -118.11 -52.94
N GLY F 3126 -68.23 -118.44 -52.57
CA GLY F 3126 -67.34 -117.43 -52.01
C GLY F 3126 -66.98 -116.37 -53.02
N GLN F 3127 -66.73 -116.76 -54.27
CA GLN F 3127 -66.40 -115.79 -55.30
C GLN F 3127 -67.58 -114.87 -55.58
N ASN F 3128 -68.78 -115.42 -55.68
CA ASN F 3128 -69.96 -114.60 -55.93
C ASN F 3128 -70.25 -113.66 -54.77
N LEU F 3129 -70.10 -114.14 -53.53
CA LEU F 3129 -70.41 -113.31 -52.38
C LEU F 3129 -69.46 -112.13 -52.27
N THR F 3130 -68.16 -112.36 -52.46
CA THR F 3130 -67.20 -111.28 -52.33
C THR F 3130 -67.25 -110.33 -53.51
N TYR F 3131 -67.67 -110.82 -54.69
CA TYR F 3131 -67.81 -109.93 -55.85
C TYR F 3131 -68.99 -108.99 -55.68
N THR F 3132 -70.11 -109.49 -55.17
CA THR F 3132 -71.30 -108.67 -55.07
C THR F 3132 -71.17 -107.60 -53.99
N THR F 3133 -70.63 -107.97 -52.83
CA THR F 3133 -70.57 -107.03 -51.72
C THR F 3133 -69.47 -105.99 -51.87
N VAL F 3134 -68.48 -106.23 -52.73
CA VAL F 3134 -67.37 -105.32 -52.90
C VAL F 3134 -67.46 -104.55 -54.21
N ALA F 3135 -67.88 -105.20 -55.28
CA ALA F 3135 -67.91 -104.59 -56.60
C ALA F 3135 -69.32 -104.32 -57.12
N LEU F 3136 -70.17 -105.34 -57.16
CA LEU F 3136 -71.46 -105.19 -57.83
C LEU F 3136 -72.37 -104.21 -57.11
N LEU F 3137 -72.54 -104.39 -55.80
CA LEU F 3137 -73.47 -103.55 -55.06
C LEU F 3137 -73.07 -102.07 -55.05
N PRO F 3138 -71.82 -101.70 -54.73
CA PRO F 3138 -71.48 -100.27 -54.79
C PRO F 3138 -71.62 -99.66 -56.18
N VAL F 3139 -71.27 -100.42 -57.22
CA VAL F 3139 -71.37 -99.90 -58.58
C VAL F 3139 -72.83 -99.76 -59.00
N LEU F 3140 -73.64 -100.78 -58.69
CA LEU F 3140 -75.06 -100.72 -59.04
C LEU F 3140 -75.75 -99.59 -58.31
N THR F 3141 -75.37 -99.34 -57.05
CA THR F 3141 -75.92 -98.21 -56.31
C THR F 3141 -75.56 -96.89 -56.97
N THR F 3142 -74.30 -96.75 -57.39
CA THR F 3142 -73.86 -95.52 -58.04
C THR F 3142 -74.57 -95.30 -59.37
N LEU F 3143 -74.73 -96.38 -60.14
CA LEU F 3143 -75.37 -96.25 -61.45
C LEU F 3143 -76.83 -95.83 -61.31
N PHE F 3144 -77.55 -96.44 -60.35
CA PHE F 3144 -78.94 -96.06 -60.13
C PHE F 3144 -79.06 -94.62 -59.65
N GLN F 3145 -78.15 -94.19 -58.76
CA GLN F 3145 -78.15 -92.82 -58.30
C GLN F 3145 -77.88 -91.86 -59.45
N HIS F 3146 -76.96 -92.23 -60.35
CA HIS F 3146 -76.68 -91.41 -61.52
C HIS F 3146 -77.90 -91.29 -62.42
N ILE F 3147 -78.62 -92.40 -62.61
CA ILE F 3147 -79.82 -92.37 -63.43
C ILE F 3147 -80.89 -91.49 -62.80
N ALA F 3148 -81.06 -91.60 -61.48
CA ALA F 3148 -82.10 -90.84 -60.80
C ALA F 3148 -81.84 -89.34 -60.87
N GLN F 3149 -80.59 -88.92 -60.69
CA GLN F 3149 -80.27 -87.49 -60.68
C GLN F 3149 -80.56 -86.85 -62.04
N HIS F 3150 -80.24 -87.55 -63.12
CA HIS F 3150 -80.38 -87.01 -64.46
C HIS F 3150 -81.69 -87.41 -65.13
N GLN F 3151 -82.62 -88.00 -64.38
CA GLN F 3151 -83.95 -88.35 -64.89
C GLN F 3151 -83.86 -89.28 -66.10
N PHE F 3152 -82.91 -90.22 -66.06
CA PHE F 3152 -82.75 -91.17 -67.14
C PHE F 3152 -83.61 -92.41 -66.97
N GLY F 3153 -84.38 -92.52 -65.89
CA GLY F 3153 -85.14 -93.73 -65.63
C GLY F 3153 -86.18 -94.01 -66.70
N ASP F 3154 -86.86 -92.96 -67.16
CA ASP F 3154 -87.91 -93.13 -68.16
C ASP F 3154 -87.37 -93.47 -69.54
N ASP F 3155 -86.05 -93.40 -69.75
CA ASP F 3155 -85.46 -93.67 -71.05
C ASP F 3155 -84.58 -94.91 -71.08
N VAL F 3156 -84.04 -95.34 -69.95
CA VAL F 3156 -83.11 -96.46 -69.90
C VAL F 3156 -83.81 -97.74 -69.47
N ILE F 3157 -84.54 -97.68 -68.36
CA ILE F 3157 -85.18 -98.89 -67.78
C ILE F 3157 -86.55 -98.99 -68.44
N LEU F 3158 -86.57 -99.58 -69.63
CA LEU F 3158 -87.80 -99.61 -70.43
C LEU F 3158 -88.35 -101.01 -70.66
N ASP F 3159 -87.59 -101.92 -71.26
CA ASP F 3159 -88.14 -103.19 -71.72
C ASP F 3159 -87.53 -104.39 -71.01
N ASP F 3160 -86.21 -104.58 -71.08
CA ASP F 3160 -85.57 -105.70 -70.41
C ASP F 3160 -84.78 -105.27 -69.18
N VAL F 3161 -84.39 -103.99 -69.09
CA VAL F 3161 -83.81 -103.49 -67.86
C VAL F 3161 -84.85 -103.50 -66.75
N GLN F 3162 -86.12 -103.23 -67.09
CA GLN F 3162 -87.19 -103.31 -66.11
C GLN F 3162 -87.32 -104.72 -65.55
N VAL F 3163 -87.26 -105.73 -66.42
CA VAL F 3163 -87.31 -107.11 -65.95
C VAL F 3163 -86.10 -107.41 -65.07
N SER F 3164 -84.92 -106.95 -65.47
CA SER F 3164 -83.74 -107.12 -64.64
C SER F 3164 -83.87 -106.35 -63.34
N CYS F 3165 -84.37 -105.11 -63.40
CA CYS F 3165 -84.53 -104.33 -62.19
C CYS F 3165 -85.64 -104.89 -61.30
N TYR F 3166 -86.69 -105.47 -61.89
CA TYR F 3166 -87.72 -106.11 -61.09
C TYR F 3166 -87.15 -107.27 -60.29
N ARG F 3167 -86.34 -108.11 -60.92
CA ARG F 3167 -85.75 -109.24 -60.22
C ARG F 3167 -84.81 -108.78 -59.11
N THR F 3168 -84.05 -107.71 -59.37
CA THR F 3168 -83.24 -107.12 -58.31
C THR F 3168 -84.13 -106.58 -57.19
N LEU F 3169 -85.21 -105.89 -57.56
CA LEU F 3169 -86.17 -105.42 -56.57
C LEU F 3169 -86.84 -106.59 -55.86
N CYS F 3170 -87.20 -107.63 -56.60
CA CYS F 3170 -87.78 -108.83 -56.01
C CYS F 3170 -86.85 -109.44 -54.97
N SER F 3171 -85.58 -109.63 -55.34
CA SER F 3171 -84.66 -110.42 -54.53
C SER F 3171 -84.21 -109.67 -53.29
N ILE F 3172 -83.91 -108.38 -53.42
CA ILE F 3172 -83.35 -107.63 -52.29
C ILE F 3172 -84.36 -107.54 -51.15
N TYR F 3173 -85.63 -107.27 -51.48
CA TYR F 3173 -86.64 -107.19 -50.44
C TYR F 3173 -86.95 -108.54 -49.81
N SER F 3174 -86.60 -109.64 -50.48
CA SER F 3174 -86.88 -110.98 -49.96
C SER F 3174 -86.03 -111.34 -48.76
N LEU F 3175 -85.19 -110.44 -48.27
CA LEU F 3175 -84.37 -110.70 -47.09
C LEU F 3175 -85.11 -110.44 -45.78
N GLY F 3176 -86.36 -109.99 -45.85
CA GLY F 3176 -87.10 -109.70 -44.63
C GLY F 3176 -87.33 -110.94 -43.78
N THR F 3177 -87.56 -112.08 -44.43
CA THR F 3177 -87.79 -113.35 -43.74
C THR F 3177 -86.51 -114.14 -43.52
N THR F 3178 -85.36 -113.46 -43.46
CA THR F 3178 -84.07 -114.10 -43.28
C THR F 3178 -83.38 -113.51 -42.06
N LYS F 3179 -82.85 -114.39 -41.21
CA LYS F 3179 -82.15 -113.99 -39.99
C LYS F 3179 -80.81 -114.72 -39.93
N ASN F 3180 -79.74 -114.00 -40.24
CA ASN F 3180 -78.40 -114.58 -40.21
C ASN F 3180 -77.42 -113.49 -39.78
N THR F 3181 -76.14 -113.85 -39.69
CA THR F 3181 -75.09 -112.89 -39.39
C THR F 3181 -74.62 -112.14 -40.63
N TYR F 3182 -74.53 -112.83 -41.76
CA TYR F 3182 -74.16 -112.17 -43.00
C TYR F 3182 -75.21 -111.15 -43.44
N VAL F 3183 -76.48 -111.50 -43.27
CA VAL F 3183 -77.56 -110.59 -43.66
C VAL F 3183 -77.53 -109.33 -42.81
N GLU F 3184 -77.17 -109.48 -41.52
CA GLU F 3184 -77.18 -108.33 -40.62
C GLU F 3184 -76.19 -107.26 -41.07
N LYS F 3185 -75.00 -107.66 -41.51
CA LYS F 3185 -73.99 -106.69 -41.92
C LYS F 3185 -74.20 -106.20 -43.35
N LEU F 3186 -75.04 -106.88 -44.13
CA LEU F 3186 -75.28 -106.50 -45.52
C LEU F 3186 -76.52 -105.64 -45.70
N ARG F 3187 -77.32 -105.44 -44.65
CA ARG F 3187 -78.51 -104.61 -44.79
C ARG F 3187 -78.21 -103.17 -45.19
N PRO F 3188 -77.23 -102.46 -44.60
CA PRO F 3188 -76.97 -101.09 -45.06
C PRO F 3188 -76.62 -101.00 -46.54
N ALA F 3189 -75.88 -101.97 -47.07
CA ALA F 3189 -75.55 -101.95 -48.49
C ALA F 3189 -76.76 -102.29 -49.34
N LEU F 3190 -77.53 -103.31 -48.94
CA LEU F 3190 -78.73 -103.68 -49.69
C LEU F 3190 -79.77 -102.57 -49.63
N GLY F 3191 -79.95 -101.95 -48.46
CA GLY F 3191 -80.93 -100.90 -48.33
C GLY F 3191 -80.61 -99.67 -49.18
N GLU F 3192 -79.33 -99.28 -49.21
CA GLU F 3192 -78.94 -98.13 -50.02
C GLU F 3192 -79.13 -98.42 -51.50
N CYS F 3193 -78.81 -99.65 -51.94
CA CYS F 3193 -79.00 -100.00 -53.33
C CYS F 3193 -80.48 -100.00 -53.71
N LEU F 3194 -81.33 -100.51 -52.82
CA LEU F 3194 -82.76 -100.54 -53.11
C LEU F 3194 -83.36 -99.14 -53.15
N ALA F 3195 -82.88 -98.25 -52.27
CA ALA F 3195 -83.39 -96.88 -52.27
C ALA F 3195 -83.06 -96.18 -53.59
N ARG F 3196 -81.85 -96.36 -54.09
CA ARG F 3196 -81.47 -95.75 -55.36
C ARG F 3196 -82.25 -96.36 -56.52
N LEU F 3197 -82.55 -97.66 -56.45
CA LEU F 3197 -83.35 -98.30 -57.48
C LEU F 3197 -84.76 -97.71 -57.52
N ALA F 3198 -85.33 -97.44 -56.35
CA ALA F 3198 -86.68 -96.87 -56.31
C ALA F 3198 -86.72 -95.49 -56.95
N ALA F 3199 -85.67 -94.69 -56.75
CA ALA F 3199 -85.61 -93.37 -57.35
C ALA F 3199 -85.51 -93.44 -58.87
N ALA F 3200 -84.85 -94.46 -59.39
CA ALA F 3200 -84.65 -94.59 -60.83
C ALA F 3200 -85.70 -95.47 -61.51
N MET F 3201 -86.49 -96.22 -60.75
CA MET F 3201 -87.46 -97.11 -61.35
C MET F 3201 -88.61 -96.29 -61.95
N PRO F 3202 -88.90 -96.44 -63.24
CA PRO F 3202 -89.97 -95.64 -63.85
C PRO F 3202 -91.36 -96.21 -63.66
N VAL F 3203 -91.52 -97.32 -62.95
CA VAL F 3203 -92.83 -97.92 -62.72
C VAL F 3203 -93.14 -97.84 -61.23
N ALA F 3204 -94.43 -97.66 -60.93
CA ALA F 3204 -94.91 -97.62 -59.54
C ALA F 3204 -95.15 -99.06 -59.09
N PHE F 3205 -94.07 -99.73 -58.73
CA PHE F 3205 -94.15 -101.14 -58.35
C PHE F 3205 -94.93 -101.35 -57.06
N LEU F 3206 -95.08 -100.32 -56.24
CA LEU F 3206 -95.87 -100.40 -55.03
C LEU F 3206 -97.35 -100.13 -55.26
N GLU F 3207 -97.72 -99.70 -56.47
CA GLU F 3207 -99.12 -99.41 -56.82
C GLU F 3207 -99.44 -100.08 -58.16
N PRO F 3208 -99.52 -101.41 -58.19
CA PRO F 3208 -99.82 -102.09 -59.45
C PRO F 3208 -101.22 -101.84 -59.98
N GLN F 3209 -102.14 -101.39 -59.14
CA GLN F 3209 -103.52 -101.18 -59.59
C GLN F 3209 -103.63 -100.01 -60.57
N LEU F 3210 -102.66 -99.11 -60.59
CA LEU F 3210 -102.68 -97.97 -61.50
C LEU F 3210 -101.61 -98.09 -62.59
N ASN F 3211 -101.08 -99.29 -62.82
CA ASN F 3211 -100.02 -99.47 -63.81
C ASN F 3211 -100.52 -99.24 -65.24
N GLU F 3212 -101.82 -99.39 -65.48
CA GLU F 3212 -102.36 -99.23 -66.82
C GLU F 3212 -102.23 -97.80 -67.34
N TYR F 3213 -101.95 -96.83 -66.47
CA TYR F 3213 -101.80 -95.43 -66.86
C TYR F 3213 -100.35 -95.01 -66.98
N ASN F 3214 -99.41 -95.96 -66.89
CA ASN F 3214 -97.98 -95.67 -66.97
C ASN F 3214 -97.48 -96.06 -68.35
N ALA F 3215 -96.96 -95.07 -69.10
CA ALA F 3215 -96.47 -95.34 -70.44
C ALA F 3215 -95.12 -96.06 -70.42
N CYS F 3216 -94.33 -95.85 -69.38
CA CYS F 3216 -93.01 -96.48 -69.28
C CYS F 3216 -93.07 -97.82 -68.56
N SER F 3217 -93.94 -98.70 -69.03
CA SER F 3217 -94.12 -100.02 -68.45
C SER F 3217 -94.12 -101.07 -69.55
N VAL F 3218 -93.57 -102.24 -69.24
CA VAL F 3218 -93.50 -103.32 -70.22
C VAL F 3218 -94.88 -103.80 -70.63
N TYR F 3219 -95.86 -103.72 -69.73
CA TYR F 3219 -97.21 -104.17 -70.03
C TYR F 3219 -97.97 -103.22 -70.95
N THR F 3220 -97.45 -102.02 -71.18
CA THR F 3220 -98.02 -101.09 -72.14
C THR F 3220 -97.17 -100.94 -73.39
N THR F 3221 -95.84 -100.96 -73.25
CA THR F 3221 -94.97 -100.83 -74.42
C THR F 3221 -95.04 -102.08 -75.29
N LYS F 3222 -95.12 -103.26 -74.67
CA LYS F 3222 -95.11 -104.51 -75.40
C LYS F 3222 -96.51 -105.10 -75.52
N SER F 3223 -96.74 -105.81 -76.62
CA SER F 3223 -98.02 -106.42 -76.92
C SER F 3223 -98.25 -107.66 -76.07
N PRO F 3224 -99.52 -108.02 -75.83
CA PRO F 3224 -99.79 -109.31 -75.18
C PRO F 3224 -99.30 -110.50 -75.97
N ARG F 3225 -99.14 -110.38 -77.30
CA ARG F 3225 -98.54 -111.45 -78.08
C ARG F 3225 -97.12 -111.72 -77.64
N GLU F 3226 -96.33 -110.66 -77.44
CA GLU F 3226 -95.04 -110.79 -76.79
C GLU F 3226 -95.26 -110.78 -75.28
N ARG F 3227 -94.19 -110.64 -74.50
CA ARG F 3227 -94.22 -110.80 -73.05
C ARG F 3227 -94.57 -112.23 -72.67
N ALA F 3228 -94.76 -113.09 -73.68
CA ALA F 3228 -94.91 -114.52 -73.50
C ALA F 3228 -93.76 -115.32 -74.10
N ILE F 3229 -93.16 -114.81 -75.18
CA ILE F 3229 -91.91 -115.39 -75.67
C ILE F 3229 -90.82 -115.25 -74.62
N LEU F 3230 -90.82 -114.13 -73.90
CA LEU F 3230 -89.99 -113.94 -72.72
C LEU F 3230 -90.87 -114.10 -71.49
N GLY F 3231 -90.41 -114.91 -70.54
CA GLY F 3231 -91.22 -115.26 -69.39
C GLY F 3231 -91.67 -114.09 -68.54
N LEU F 3232 -92.96 -113.77 -68.60
CA LEU F 3232 -93.57 -112.76 -67.75
C LEU F 3232 -94.84 -113.32 -67.13
N PRO F 3233 -95.19 -112.88 -65.92
CA PRO F 3233 -96.26 -113.54 -65.18
C PRO F 3233 -97.67 -113.16 -65.63
N ASN F 3234 -97.79 -112.53 -66.80
CA ASN F 3234 -99.05 -112.17 -67.45
C ASN F 3234 -99.81 -111.09 -66.70
N SER F 3235 -99.32 -110.60 -65.57
CA SER F 3235 -99.98 -109.54 -64.83
C SER F 3235 -98.93 -108.71 -64.12
N VAL F 3236 -99.17 -107.40 -64.04
CA VAL F 3236 -98.22 -106.51 -63.39
C VAL F 3236 -98.15 -106.80 -61.89
N GLU F 3237 -99.27 -107.19 -61.29
CA GLU F 3237 -99.28 -107.48 -59.86
C GLU F 3237 -98.41 -108.68 -59.50
N GLU F 3238 -98.10 -109.54 -60.46
CA GLU F 3238 -97.34 -110.75 -60.21
C GLU F 3238 -95.86 -110.60 -60.53
N MET F 3239 -95.40 -109.42 -60.91
CA MET F 3239 -93.98 -109.22 -61.18
C MET F 3239 -93.14 -109.44 -59.93
N CYS F 3240 -93.48 -108.76 -58.83
CA CYS F 3240 -92.88 -108.99 -57.52
C CYS F 3240 -94.02 -109.11 -56.52
N PRO F 3241 -94.69 -110.26 -56.46
CA PRO F 3241 -95.89 -110.39 -55.63
C PRO F 3241 -95.62 -110.35 -54.13
N ASP F 3242 -94.38 -110.51 -53.70
CA ASP F 3242 -94.04 -110.52 -52.28
C ASP F 3242 -93.78 -109.12 -51.74
N ILE F 3243 -93.90 -108.09 -52.57
CA ILE F 3243 -93.75 -106.71 -52.14
C ILE F 3243 -95.13 -106.19 -51.74
N PRO F 3244 -95.34 -105.79 -50.50
CA PRO F 3244 -96.64 -105.23 -50.11
C PRO F 3244 -96.93 -103.93 -50.87
N VAL F 3245 -98.22 -103.67 -51.09
CA VAL F 3245 -98.65 -102.47 -51.78
C VAL F 3245 -98.37 -101.27 -50.89
N LEU F 3246 -98.45 -100.06 -51.47
CA LEU F 3246 -98.12 -98.86 -50.72
C LEU F 3246 -99.03 -98.67 -49.51
N ASP F 3247 -100.32 -98.92 -49.68
CA ASP F 3247 -101.25 -98.77 -48.57
C ASP F 3247 -100.94 -99.75 -47.44
N ARG F 3248 -100.65 -101.01 -47.80
CA ARG F 3248 -100.27 -102.00 -46.79
C ARG F 3248 -98.95 -101.64 -46.13
N LEU F 3249 -97.97 -101.20 -46.92
CA LEU F 3249 -96.65 -100.90 -46.38
C LEU F 3249 -96.69 -99.74 -45.40
N MET F 3250 -97.47 -98.70 -45.72
CA MET F 3250 -97.60 -97.57 -44.81
C MET F 3250 -98.28 -97.98 -43.51
N ALA F 3251 -99.30 -98.84 -43.59
CA ALA F 3251 -100.00 -99.28 -42.37
C ALA F 3251 -99.07 -100.06 -41.46
N ASP F 3252 -98.23 -100.93 -42.04
CA ASP F 3252 -97.31 -101.73 -41.22
C ASP F 3252 -96.31 -100.85 -40.48
N ILE F 3253 -95.76 -99.85 -41.16
CA ILE F 3253 -94.81 -98.95 -40.51
C ILE F 3253 -95.50 -98.14 -39.43
N GLY F 3254 -96.71 -97.65 -39.71
CA GLY F 3254 -97.46 -96.91 -38.70
C GLY F 3254 -97.76 -97.75 -37.48
N GLY F 3255 -98.13 -99.02 -37.67
CA GLY F 3255 -98.39 -99.88 -36.54
C GLY F 3255 -97.16 -100.13 -35.70
N LEU F 3256 -96.01 -100.34 -36.36
CA LEU F 3256 -94.76 -100.54 -35.62
C LEU F 3256 -94.37 -99.29 -34.86
N ALA F 3257 -94.55 -98.11 -35.48
CA ALA F 3257 -94.16 -96.87 -34.82
C ALA F 3257 -94.99 -96.61 -33.57
N GLU F 3258 -96.31 -96.84 -33.65
CA GLU F 3258 -97.16 -96.58 -32.50
C GLU F 3258 -97.01 -97.66 -31.42
N SER F 3259 -96.63 -98.87 -31.80
CA SER F 3259 -96.46 -99.95 -30.83
C SER F 3259 -95.20 -99.78 -29.98
N GLY F 3260 -94.33 -98.84 -30.32
CA GLY F 3260 -93.11 -98.66 -29.56
C GLY F 3260 -92.07 -99.73 -29.76
N ALA F 3261 -92.13 -100.46 -30.87
CA ALA F 3261 -91.18 -101.53 -31.13
C ALA F 3261 -89.76 -100.97 -31.29
N ARG F 3262 -88.79 -101.70 -30.75
CA ARG F 3262 -87.40 -101.31 -30.85
C ARG F 3262 -86.83 -101.73 -32.20
N TYR F 3263 -85.56 -101.36 -32.43
CA TYR F 3263 -84.90 -101.71 -33.68
C TYR F 3263 -84.69 -103.21 -33.81
N THR F 3264 -84.54 -103.91 -32.69
CA THR F 3264 -84.20 -105.33 -32.73
C THR F 3264 -85.35 -106.16 -33.30
N GLU F 3265 -86.59 -105.75 -33.10
CA GLU F 3265 -87.74 -106.50 -33.59
C GLU F 3265 -88.21 -106.05 -34.96
N MET F 3266 -87.54 -105.07 -35.58
CA MET F 3266 -87.87 -104.68 -36.94
C MET F 3266 -86.64 -104.15 -37.66
N PRO F 3267 -85.59 -104.97 -37.84
CA PRO F 3267 -84.39 -104.46 -38.52
C PRO F 3267 -84.59 -104.33 -40.02
N HIS F 3268 -85.45 -105.17 -40.59
CA HIS F 3268 -85.70 -105.12 -42.02
C HIS F 3268 -86.41 -103.84 -42.43
N VAL F 3269 -87.39 -103.41 -41.65
CA VAL F 3269 -88.17 -102.22 -41.99
C VAL F 3269 -87.28 -100.98 -41.97
N ILE F 3270 -86.47 -100.84 -40.92
CA ILE F 3270 -85.64 -99.65 -40.77
C ILE F 3270 -84.53 -99.61 -41.82
N GLU F 3271 -83.87 -100.75 -42.03
CA GLU F 3271 -82.72 -100.79 -42.92
C GLU F 3271 -83.09 -100.87 -44.39
N ILE F 3272 -84.25 -101.41 -44.74
CA ILE F 3272 -84.57 -101.67 -46.14
C ILE F 3272 -85.88 -100.98 -46.54
N THR F 3273 -86.96 -101.27 -45.81
CA THR F 3273 -88.27 -100.76 -46.20
C THR F 3273 -88.33 -99.24 -46.11
N LEU F 3274 -87.84 -98.68 -45.01
CA LEU F 3274 -87.88 -97.22 -44.85
C LEU F 3274 -87.06 -96.49 -45.92
N PRO F 3275 -85.82 -96.87 -46.22
CA PRO F 3275 -85.11 -96.18 -47.32
C PRO F 3275 -85.81 -96.29 -48.65
N MET F 3276 -86.51 -97.40 -48.91
CA MET F 3276 -87.26 -97.53 -50.15
C MET F 3276 -88.38 -96.49 -50.24
N LEU F 3277 -89.16 -96.35 -49.17
CA LEU F 3277 -90.26 -95.39 -49.18
C LEU F 3277 -89.75 -93.96 -49.15
N CYS F 3278 -88.64 -93.71 -48.45
CA CYS F 3278 -88.09 -92.37 -48.40
C CYS F 3278 -87.62 -91.89 -49.77
N SER F 3279 -87.43 -92.81 -50.72
CA SER F 3279 -87.08 -92.46 -52.08
C SER F 3279 -88.21 -92.70 -53.08
N TYR F 3280 -89.10 -93.64 -52.81
CA TYR F 3280 -90.21 -93.91 -53.71
C TYR F 3280 -91.23 -92.78 -53.68
N LEU F 3281 -91.61 -92.33 -52.49
CA LEU F 3281 -92.64 -91.30 -52.37
C LEU F 3281 -92.24 -89.97 -53.00
N PRO F 3282 -91.05 -89.42 -52.77
CA PRO F 3282 -90.72 -88.14 -53.41
C PRO F 3282 -90.73 -88.21 -54.93
N ARG F 3283 -90.35 -89.34 -55.52
CA ARG F 3283 -90.33 -89.46 -56.97
C ARG F 3283 -91.74 -89.39 -57.55
N TRP F 3284 -92.69 -90.09 -56.92
CA TRP F 3284 -94.04 -90.18 -57.45
C TRP F 3284 -94.97 -89.09 -56.94
N TRP F 3285 -94.52 -88.28 -55.97
CA TRP F 3285 -95.31 -87.11 -55.60
C TRP F 3285 -95.33 -86.08 -56.72
N GLU F 3286 -94.25 -86.00 -57.49
CA GLU F 3286 -94.15 -85.06 -58.60
C GLU F 3286 -94.85 -85.55 -59.85
N ARG F 3287 -95.27 -86.81 -59.91
CA ARG F 3287 -95.87 -87.38 -61.10
C ARG F 3287 -97.32 -87.81 -60.87
N GLY F 3288 -97.88 -87.52 -59.71
CA GLY F 3288 -99.25 -87.89 -59.41
C GLY F 3288 -100.10 -86.70 -59.05
N PRO F 3289 -101.19 -86.94 -58.32
CA PRO F 3289 -102.01 -85.83 -57.85
C PRO F 3289 -101.25 -84.96 -56.87
N GLU F 3290 -101.70 -83.71 -56.76
CA GLU F 3290 -101.13 -82.65 -55.93
C GLU F 3290 -99.80 -82.14 -56.47
N ALA F 3291 -99.30 -82.71 -57.56
CA ALA F 3291 -98.12 -82.16 -58.20
C ALA F 3291 -98.46 -80.83 -58.85
N PRO F 3292 -97.47 -79.96 -59.05
CA PRO F 3292 -97.70 -78.70 -59.78
C PRO F 3292 -97.75 -78.95 -61.28
N PRO F 3293 -98.92 -79.27 -61.83
CA PRO F 3293 -98.96 -79.90 -63.14
C PRO F 3293 -98.96 -78.88 -64.26
N PRO F 3294 -97.99 -78.97 -65.19
CA PRO F 3294 -98.08 -78.27 -66.47
C PRO F 3294 -98.82 -79.10 -67.51
N ALA F 3295 -99.93 -79.71 -67.09
CA ALA F 3295 -100.60 -80.75 -67.87
C ALA F 3295 -101.86 -80.26 -68.55
N LEU F 3296 -101.86 -79.03 -69.08
CA LEU F 3296 -102.97 -78.63 -69.93
C LEU F 3296 -103.01 -79.48 -71.20
N PRO F 3297 -101.88 -79.71 -71.91
CA PRO F 3297 -101.94 -80.58 -73.09
C PRO F 3297 -101.88 -82.06 -72.75
N ALA F 3298 -101.16 -82.42 -71.70
CA ALA F 3298 -100.87 -83.82 -71.37
C ALA F 3298 -101.61 -84.30 -70.12
N GLY F 3299 -102.70 -83.61 -69.74
CA GLY F 3299 -103.48 -84.04 -68.60
C GLY F 3299 -104.49 -85.12 -68.86
N ALA F 3300 -104.65 -85.54 -70.12
CA ALA F 3300 -105.61 -86.60 -70.43
C ALA F 3300 -105.29 -87.92 -69.72
N PRO F 3301 -104.06 -88.42 -69.72
CA PRO F 3301 -103.79 -89.66 -68.99
C PRO F 3301 -103.85 -89.45 -67.49
N PRO F 3302 -104.65 -90.24 -66.78
CA PRO F 3302 -104.68 -90.13 -65.33
C PRO F 3302 -103.33 -90.51 -64.75
N PRO F 3303 -102.98 -89.93 -63.60
CA PRO F 3303 -101.69 -90.29 -62.97
C PRO F 3303 -101.62 -91.77 -62.63
N CYS F 3304 -100.44 -92.34 -62.79
CA CYS F 3304 -100.22 -93.74 -62.50
C CYS F 3304 -99.90 -94.02 -61.04
N THR F 3305 -99.93 -92.99 -60.19
CA THR F 3305 -99.67 -93.14 -58.77
C THR F 3305 -100.70 -92.32 -57.99
N ALA F 3306 -100.83 -92.66 -56.71
CA ALA F 3306 -101.75 -91.96 -55.81
C ALA F 3306 -101.03 -91.32 -54.64
N VAL F 3307 -99.76 -90.97 -54.81
CA VAL F 3307 -98.97 -90.40 -53.73
C VAL F 3307 -99.28 -88.92 -53.61
N THR F 3308 -99.71 -88.50 -52.42
CA THR F 3308 -99.96 -87.11 -52.09
C THR F 3308 -99.06 -86.68 -50.95
N SER F 3309 -99.24 -85.44 -50.50
CA SER F 3309 -98.47 -84.96 -49.36
C SER F 3309 -98.86 -85.66 -48.07
N ASP F 3310 -100.03 -86.29 -48.02
CA ASP F 3310 -100.42 -87.05 -46.84
C ASP F 3310 -99.47 -88.22 -46.61
N HIS F 3311 -99.10 -88.93 -47.68
CA HIS F 3311 -98.21 -90.08 -47.54
C HIS F 3311 -96.86 -89.67 -47.00
N LEU F 3312 -96.28 -88.58 -47.55
CA LEU F 3312 -94.99 -88.12 -47.07
C LEU F 3312 -95.09 -87.61 -45.64
N ASN F 3313 -96.16 -86.88 -45.31
CA ASN F 3313 -96.33 -86.39 -43.95
C ASN F 3313 -96.53 -87.54 -42.97
N SER F 3314 -97.33 -88.55 -43.35
CA SER F 3314 -97.54 -89.69 -42.48
C SER F 3314 -96.26 -90.47 -42.26
N LEU F 3315 -95.48 -90.69 -43.33
CA LEU F 3315 -94.24 -91.43 -43.20
C LEU F 3315 -93.24 -90.70 -42.31
N LEU F 3316 -93.14 -89.38 -42.46
CA LEU F 3316 -92.20 -88.63 -41.66
C LEU F 3316 -92.56 -88.67 -40.18
N GLY F 3317 -93.85 -88.59 -39.86
CA GLY F 3317 -94.27 -88.70 -38.48
C GLY F 3317 -93.94 -90.06 -37.88
N ASN F 3318 -94.14 -91.13 -38.67
CA ASN F 3318 -93.79 -92.47 -38.20
C ASN F 3318 -92.28 -92.60 -37.98
N ILE F 3319 -91.48 -92.01 -38.87
CA ILE F 3319 -90.03 -92.08 -38.72
C ILE F 3319 -89.59 -91.41 -37.42
N LEU F 3320 -90.18 -90.24 -37.11
CA LEU F 3320 -89.84 -89.56 -35.87
C LEU F 3320 -90.21 -90.39 -34.65
N ARG F 3321 -91.37 -91.05 -34.70
CA ARG F 3321 -91.77 -91.89 -33.58
C ARG F 3321 -90.87 -93.12 -33.47
N ILE F 3322 -90.39 -93.63 -34.60
CA ILE F 3322 -89.47 -94.77 -34.55
C ILE F 3322 -88.17 -94.37 -33.85
N ILE F 3323 -87.65 -93.19 -34.15
CA ILE F 3323 -86.39 -92.75 -33.56
C ILE F 3323 -86.51 -92.62 -32.04
N VAL F 3324 -87.59 -92.00 -31.57
CA VAL F 3324 -87.74 -91.78 -30.14
C VAL F 3324 -88.00 -93.08 -29.38
N ASN F 3325 -88.52 -94.11 -30.05
CA ASN F 3325 -88.65 -95.41 -29.40
C ASN F 3325 -87.29 -96.00 -29.08
N ASN F 3326 -86.28 -95.71 -29.89
CA ASN F 3326 -84.92 -96.17 -29.67
C ASN F 3326 -84.01 -95.04 -29.20
N LEU F 3327 -84.59 -94.03 -28.55
CA LEU F 3327 -83.84 -92.83 -28.21
C LEU F 3327 -82.74 -93.11 -27.19
N GLY F 3328 -83.07 -93.89 -26.15
CA GLY F 3328 -82.13 -94.13 -25.07
C GLY F 3328 -81.33 -95.41 -25.14
N ILE F 3329 -81.38 -96.15 -26.25
CA ILE F 3329 -80.66 -97.41 -26.32
C ILE F 3329 -79.16 -97.16 -26.44
N ASP F 3330 -78.38 -98.18 -26.06
CA ASP F 3330 -76.94 -97.99 -25.95
C ASP F 3330 -76.28 -97.83 -27.32
N GLU F 3331 -76.63 -98.68 -28.28
CA GLU F 3331 -75.98 -98.67 -29.58
C GLU F 3331 -77.04 -98.66 -30.68
N ALA F 3332 -76.93 -97.71 -31.60
CA ALA F 3332 -77.79 -97.67 -32.78
C ALA F 3332 -77.03 -96.92 -33.88
N THR F 3333 -76.42 -97.66 -34.79
CA THR F 3333 -75.71 -97.07 -35.91
C THR F 3333 -76.61 -96.80 -37.10
N TRP F 3334 -77.87 -97.23 -37.05
CA TRP F 3334 -78.79 -97.02 -38.16
C TRP F 3334 -79.39 -95.63 -38.16
N MET F 3335 -79.26 -94.88 -37.06
CA MET F 3335 -79.89 -93.56 -36.98
C MET F 3335 -79.28 -92.60 -38.00
N LYS F 3336 -77.96 -92.63 -38.16
CA LYS F 3336 -77.33 -91.73 -39.14
C LYS F 3336 -77.74 -92.09 -40.56
N ARG F 3337 -77.86 -93.39 -40.86
CA ARG F 3337 -78.32 -93.80 -42.18
C ARG F 3337 -79.77 -93.43 -42.41
N LEU F 3338 -80.61 -93.56 -41.38
CA LEU F 3338 -82.01 -93.21 -41.53
C LEU F 3338 -82.19 -91.70 -41.68
N ALA F 3339 -81.35 -90.91 -41.02
CA ALA F 3339 -81.48 -89.45 -41.09
C ALA F 3339 -81.23 -88.95 -42.51
N VAL F 3340 -80.20 -89.46 -43.18
CA VAL F 3340 -79.89 -88.99 -44.53
C VAL F 3340 -80.96 -89.42 -45.52
N PHE F 3341 -81.60 -90.57 -45.28
CA PHE F 3341 -82.63 -91.04 -46.20
C PHE F 3341 -83.94 -90.29 -46.03
N ALA F 3342 -84.25 -89.84 -44.82
CA ALA F 3342 -85.52 -89.18 -44.55
C ALA F 3342 -85.53 -87.70 -44.91
N GLN F 3343 -84.37 -87.13 -45.25
CA GLN F 3343 -84.33 -85.71 -45.61
C GLN F 3343 -85.16 -85.37 -46.85
N PRO F 3344 -85.15 -86.14 -47.95
CA PRO F 3344 -85.97 -85.74 -49.10
C PRO F 3344 -87.45 -85.62 -48.82
N ILE F 3345 -88.00 -86.40 -47.88
CA ILE F 3345 -89.44 -86.40 -47.66
C ILE F 3345 -89.91 -85.30 -46.73
N VAL F 3346 -89.00 -84.60 -46.05
CA VAL F 3346 -89.40 -83.56 -45.12
C VAL F 3346 -89.87 -82.30 -45.83
N SER F 3347 -89.55 -82.17 -47.12
CA SER F 3347 -89.92 -80.96 -47.86
C SER F 3347 -91.43 -80.77 -47.95
N ARG F 3348 -92.20 -81.85 -47.84
CA ARG F 3348 -93.65 -81.77 -47.91
C ARG F 3348 -94.31 -81.88 -46.54
N ALA F 3349 -93.55 -81.72 -45.46
CA ALA F 3349 -94.10 -81.81 -44.13
C ALA F 3349 -95.07 -80.66 -43.87
N ARG F 3350 -96.13 -80.97 -43.13
CA ARG F 3350 -97.16 -80.01 -42.78
C ARG F 3350 -96.82 -79.31 -41.48
N PRO F 3351 -97.38 -78.11 -41.24
CA PRO F 3351 -97.06 -77.37 -40.02
C PRO F 3351 -97.47 -78.08 -38.75
N GLU F 3352 -98.39 -79.04 -38.80
CA GLU F 3352 -98.83 -79.72 -37.60
C GLU F 3352 -97.74 -80.58 -36.97
N LEU F 3353 -96.70 -80.95 -37.73
CA LEU F 3353 -95.63 -81.77 -37.18
C LEU F 3353 -94.78 -81.00 -36.19
N LEU F 3354 -94.81 -79.67 -36.25
CA LEU F 3354 -94.03 -78.88 -35.30
C LEU F 3354 -94.53 -79.09 -33.88
N HIS F 3355 -95.84 -79.12 -33.68
CA HIS F 3355 -96.42 -79.29 -32.36
C HIS F 3355 -96.63 -80.75 -32.00
N SER F 3356 -97.05 -81.57 -32.96
CA SER F 3356 -97.37 -82.96 -32.67
C SER F 3356 -96.11 -83.79 -32.41
N HIS F 3357 -95.07 -83.59 -33.21
CA HIS F 3357 -93.89 -84.44 -33.14
C HIS F 3357 -92.64 -83.68 -32.68
N PHE F 3358 -92.25 -82.61 -33.38
CA PHE F 3358 -90.94 -82.02 -33.16
C PHE F 3358 -90.78 -81.47 -31.74
N ILE F 3359 -91.78 -80.74 -31.25
CA ILE F 3359 -91.67 -80.14 -29.92
C ILE F 3359 -91.54 -81.20 -28.81
N PRO F 3360 -92.39 -82.24 -28.76
CA PRO F 3360 -92.16 -83.27 -27.72
C PRO F 3360 -90.82 -83.96 -27.82
N THR F 3361 -90.32 -84.19 -29.03
CA THR F 3361 -89.06 -84.91 -29.19
C THR F 3361 -87.87 -84.08 -28.72
N ILE F 3362 -87.81 -82.82 -29.14
CA ILE F 3362 -86.71 -81.95 -28.73
C ILE F 3362 -86.76 -81.69 -27.24
N GLY F 3363 -87.96 -81.59 -26.67
CA GLY F 3363 -88.08 -81.41 -25.23
C GLY F 3363 -87.47 -82.56 -24.45
N ARG F 3364 -87.65 -83.79 -24.93
CA ARG F 3364 -87.01 -84.94 -24.29
C ARG F 3364 -85.49 -84.83 -24.39
N LEU F 3365 -84.99 -84.41 -25.55
CA LEU F 3365 -83.55 -84.23 -25.70
C LEU F 3365 -83.05 -83.09 -24.80
N ARG F 3366 -83.85 -82.03 -24.67
CA ARG F 3366 -83.44 -80.90 -23.85
C ARG F 3366 -83.30 -81.29 -22.38
N LYS F 3367 -84.28 -82.02 -21.85
CA LYS F 3367 -84.19 -82.44 -20.45
C LYS F 3367 -83.10 -83.49 -20.25
N ARG F 3368 -82.88 -84.35 -21.24
CA ARG F 3368 -81.77 -85.29 -21.15
C ARG F 3368 -80.43 -84.56 -21.11
N ALA F 3369 -80.27 -83.52 -21.92
CA ALA F 3369 -79.05 -82.73 -21.89
C ALA F 3369 -78.86 -82.05 -20.55
N GLY F 3370 -79.94 -81.50 -19.98
CA GLY F 3370 -79.85 -80.87 -18.68
C GLY F 3370 -79.52 -81.87 -17.58
N LYS F 3371 -80.06 -83.08 -17.69
CA LYS F 3371 -79.78 -84.11 -16.69
C LYS F 3371 -78.31 -84.52 -16.70
N VAL F 3372 -77.72 -84.67 -17.89
CA VAL F 3372 -76.33 -85.11 -17.97
C VAL F 3372 -75.39 -84.03 -17.45
N VAL F 3373 -75.62 -82.77 -17.86
CA VAL F 3373 -74.74 -81.70 -17.39
C VAL F 3373 -74.90 -81.49 -15.89
N ALA F 3374 -76.07 -81.80 -15.33
CA ALA F 3374 -76.23 -81.77 -13.89
C ALA F 3374 -75.34 -82.81 -13.22
N GLU F 3375 -75.23 -83.99 -13.83
CA GLU F 3375 -74.29 -85.00 -13.33
C GLU F 3375 -72.85 -84.55 -13.50
N GLU F 3376 -72.55 -83.88 -14.63
CA GLU F 3376 -71.19 -83.45 -14.88
C GLU F 3376 -70.73 -82.43 -13.85
N GLU F 3377 -71.59 -81.46 -13.52
CA GLU F 3377 -71.20 -80.46 -12.52
C GLU F 3377 -71.14 -81.06 -11.12
N GLN F 3378 -71.90 -82.12 -10.87
CA GLN F 3378 -71.81 -82.82 -9.59
C GLN F 3378 -70.43 -83.43 -9.40
N LEU F 3379 -69.85 -83.97 -10.47
CA LEU F 3379 -68.52 -84.57 -10.38
C LEU F 3379 -67.46 -83.53 -10.04
N ARG F 3380 -67.53 -82.36 -10.67
CA ARG F 3380 -66.44 -81.39 -10.53
C ARG F 3380 -66.48 -80.68 -9.18
N LEU F 3381 -67.66 -80.56 -8.56
CA LEU F 3381 -67.73 -79.84 -7.29
C LEU F 3381 -67.03 -80.62 -6.17
N GLU F 3382 -66.96 -81.95 -6.29
CA GLU F 3382 -66.26 -82.79 -5.34
C GLU F 3382 -65.11 -83.47 -6.08
N ALA F 3383 -63.96 -82.79 -6.12
CA ALA F 3383 -62.79 -83.34 -6.78
C ALA F 3383 -62.28 -84.56 -6.02
N LYS F 3384 -62.02 -85.63 -6.76
CA LYS F 3384 -61.61 -86.89 -6.14
C LYS F 3384 -60.89 -87.73 -7.18
N ALA F 3385 -60.10 -88.69 -6.70
CA ALA F 3385 -59.51 -89.67 -7.60
C ALA F 3385 -60.56 -90.60 -8.19
N GLU F 3386 -61.73 -90.70 -7.57
CA GLU F 3386 -62.84 -91.47 -8.10
C GLU F 3386 -63.62 -90.73 -9.17
N ALA F 3387 -63.41 -89.41 -9.30
CA ALA F 3387 -64.14 -88.64 -10.31
C ALA F 3387 -63.84 -89.14 -11.72
N GLU F 3388 -62.64 -89.68 -11.94
CA GLU F 3388 -62.34 -90.30 -13.23
C GLU F 3388 -63.25 -91.49 -13.48
N GLU F 3389 -63.49 -92.31 -12.47
CA GLU F 3389 -64.45 -93.40 -12.56
C GLU F 3389 -65.84 -92.80 -12.41
N GLY F 3390 -66.41 -92.38 -13.54
CA GLY F 3390 -67.64 -91.62 -13.54
C GLY F 3390 -67.55 -90.50 -14.55
N GLU F 3391 -66.34 -89.99 -14.77
CA GLU F 3391 -66.11 -89.11 -15.90
C GLU F 3391 -66.32 -89.84 -17.22
N LEU F 3392 -65.95 -91.11 -17.29
CA LEU F 3392 -66.25 -91.91 -18.47
C LEU F 3392 -67.75 -92.15 -18.61
N LEU F 3393 -68.47 -92.24 -17.49
CA LEU F 3393 -69.92 -92.46 -17.55
C LEU F 3393 -70.62 -91.29 -18.22
N VAL F 3394 -70.26 -90.06 -17.86
CA VAL F 3394 -70.90 -88.90 -18.48
C VAL F 3394 -70.43 -88.75 -19.93
N ARG F 3395 -69.21 -89.19 -20.24
CA ARG F 3395 -68.78 -89.21 -21.64
C ARG F 3395 -69.64 -90.16 -22.46
N ASP F 3396 -69.96 -91.33 -21.90
CA ASP F 3396 -70.88 -92.24 -22.58
C ASP F 3396 -72.26 -91.64 -22.70
N GLU F 3397 -72.74 -90.96 -21.65
CA GLU F 3397 -74.04 -90.30 -21.71
C GLU F 3397 -74.04 -89.16 -22.73
N PHE F 3398 -72.94 -88.43 -22.83
CA PHE F 3398 -72.85 -87.39 -23.85
C PHE F 3398 -72.78 -87.99 -25.25
N SER F 3399 -72.07 -89.11 -25.39
CA SER F 3399 -71.92 -89.73 -26.71
C SER F 3399 -73.27 -90.22 -27.24
N VAL F 3400 -74.05 -90.89 -26.39
CA VAL F 3400 -75.37 -91.35 -26.82
C VAL F 3400 -76.29 -90.16 -27.06
N LEU F 3401 -76.15 -89.09 -26.26
CA LEU F 3401 -76.94 -87.90 -26.46
C LEU F 3401 -76.65 -87.25 -27.81
N CYS F 3402 -75.36 -87.15 -28.15
CA CYS F 3402 -74.99 -86.56 -29.44
C CYS F 3402 -75.51 -87.40 -30.60
N ARG F 3403 -75.58 -88.72 -30.43
CA ARG F 3403 -76.17 -89.57 -31.46
C ARG F 3403 -77.63 -89.25 -31.67
N ASP F 3404 -78.38 -89.04 -30.59
CA ASP F 3404 -79.79 -88.71 -30.71
C ASP F 3404 -80.00 -87.35 -31.36
N LEU F 3405 -79.17 -86.37 -31.00
CA LEU F 3405 -79.29 -85.05 -31.61
C LEU F 3405 -79.05 -85.11 -33.11
N TYR F 3406 -78.05 -85.86 -33.55
CA TYR F 3406 -77.74 -85.97 -34.97
C TYR F 3406 -78.71 -86.88 -35.71
N ALA F 3407 -79.60 -87.57 -35.00
CA ALA F 3407 -80.66 -88.33 -35.65
C ALA F 3407 -81.93 -87.51 -35.86
N LEU F 3408 -82.02 -86.34 -35.25
CA LEU F 3408 -83.19 -85.49 -35.35
C LEU F 3408 -82.91 -84.11 -35.92
N TYR F 3409 -81.76 -83.52 -35.61
CA TYR F 3409 -81.44 -82.18 -36.11
C TYR F 3409 -81.41 -82.10 -37.64
N PRO F 3410 -80.80 -83.04 -38.39
CA PRO F 3410 -80.87 -82.92 -39.85
C PRO F 3410 -82.28 -82.89 -40.39
N LEU F 3411 -83.20 -83.64 -39.77
CA LEU F 3411 -84.61 -83.54 -40.15
C LEU F 3411 -85.19 -82.21 -39.68
N LEU F 3412 -84.81 -81.75 -38.49
CA LEU F 3412 -85.33 -80.49 -37.97
C LEU F 3412 -84.82 -79.31 -38.79
N ILE F 3413 -83.55 -79.33 -39.19
CA ILE F 3413 -82.97 -78.20 -39.92
C ILE F 3413 -83.71 -78.00 -41.24
N ARG F 3414 -83.96 -79.08 -41.96
CA ARG F 3414 -84.70 -78.97 -43.22
C ARG F 3414 -86.13 -78.50 -42.99
N TYR F 3415 -86.77 -78.98 -41.92
CA TYR F 3415 -88.12 -78.54 -41.60
C TYR F 3415 -88.15 -77.05 -41.26
N VAL F 3416 -87.15 -76.57 -40.53
CA VAL F 3416 -87.09 -75.15 -40.17
C VAL F 3416 -86.94 -74.30 -41.41
N ASP F 3417 -86.09 -74.72 -42.35
CA ASP F 3417 -85.84 -73.92 -43.54
C ASP F 3417 -87.11 -73.74 -44.37
N ASN F 3418 -87.93 -74.77 -44.48
CA ASN F 3418 -89.15 -74.69 -45.27
C ASN F 3418 -90.29 -74.01 -44.53
N ASN F 3419 -90.13 -73.68 -43.25
CA ASN F 3419 -91.19 -73.07 -42.48
C ASN F 3419 -90.78 -71.81 -41.73
N ARG F 3420 -89.51 -71.40 -41.83
CA ARG F 3420 -89.07 -70.21 -41.11
C ARG F 3420 -89.73 -68.96 -41.67
N ALA F 3421 -89.96 -68.92 -42.98
CA ALA F 3421 -90.59 -67.75 -43.58
C ALA F 3421 -92.00 -67.54 -43.03
N HIS F 3422 -92.77 -68.62 -42.90
CA HIS F 3422 -94.13 -68.49 -42.37
CA HIS F 3422 -94.12 -68.50 -42.37
C HIS F 3422 -94.10 -68.04 -40.92
N TRP F 3423 -93.18 -68.58 -40.12
CA TRP F 3423 -93.10 -68.20 -38.71
C TRP F 3423 -92.72 -66.75 -38.54
N LEU F 3424 -91.83 -66.23 -39.39
CA LEU F 3424 -91.46 -64.82 -39.31
C LEU F 3424 -92.58 -63.93 -39.83
N THR F 3425 -93.26 -64.37 -40.89
CA THR F 3425 -94.37 -63.59 -41.43
C THR F 3425 -95.51 -63.49 -40.42
N GLU F 3426 -95.86 -64.60 -39.79
CA GLU F 3426 -96.90 -64.63 -38.76
C GLU F 3426 -96.32 -65.29 -37.51
N PRO F 3427 -96.19 -64.57 -36.40
CA PRO F 3427 -95.57 -65.16 -35.21
C PRO F 3427 -96.31 -66.39 -34.74
N ASN F 3428 -95.53 -67.39 -34.30
CA ASN F 3428 -96.08 -68.68 -33.89
C ASN F 3428 -95.55 -69.00 -32.50
N ALA F 3429 -96.48 -69.33 -31.59
CA ALA F 3429 -96.08 -69.69 -30.23
C ALA F 3429 -95.24 -70.96 -30.21
N ASN F 3430 -95.62 -71.94 -31.03
CA ASN F 3430 -94.85 -73.19 -31.08
C ASN F 3430 -93.45 -72.97 -31.61
N ALA F 3431 -93.31 -72.12 -32.64
CA ALA F 3431 -91.98 -71.83 -33.17
C ALA F 3431 -91.10 -71.16 -32.13
N GLU F 3432 -91.67 -70.24 -31.35
CA GLU F 3432 -90.92 -69.60 -30.29
C GLU F 3432 -90.51 -70.60 -29.22
N GLU F 3433 -91.40 -71.55 -28.90
CA GLU F 3433 -91.06 -72.59 -27.93
C GLU F 3433 -89.91 -73.45 -28.42
N LEU F 3434 -89.92 -73.79 -29.71
CA LEU F 3434 -88.82 -74.57 -30.28
C LEU F 3434 -87.50 -73.83 -30.19
N PHE F 3435 -87.52 -72.50 -30.32
CA PHE F 3435 -86.30 -71.72 -30.19
C PHE F 3435 -85.70 -71.86 -28.79
N ARG F 3436 -86.54 -71.85 -27.76
CA ARG F 3436 -86.03 -72.01 -26.40
C ARG F 3436 -85.39 -73.38 -26.21
N MET F 3437 -85.99 -74.41 -26.79
CA MET F 3437 -85.44 -75.76 -26.65
C MET F 3437 -84.09 -75.88 -27.32
N VAL F 3438 -83.97 -75.43 -28.57
CA VAL F 3438 -82.69 -75.50 -29.25
C VAL F 3438 -81.70 -74.53 -28.64
N GLY F 3439 -82.18 -73.41 -28.11
CA GLY F 3439 -81.28 -72.47 -27.46
C GLY F 3439 -80.67 -73.03 -26.19
N GLU F 3440 -81.48 -73.71 -25.36
CA GLU F 3440 -80.96 -74.27 -24.12
C GLU F 3440 -80.00 -75.41 -24.39
N ILE F 3441 -80.25 -76.20 -25.43
CA ILE F 3441 -79.32 -77.25 -25.81
C ILE F 3441 -77.99 -76.64 -26.23
N PHE F 3442 -78.04 -75.54 -27.00
CA PHE F 3442 -76.83 -74.85 -27.40
C PHE F 3442 -76.07 -74.31 -26.19
N ILE F 3443 -76.79 -73.75 -25.21
CA ILE F 3443 -76.15 -73.24 -24.01
C ILE F 3443 -75.49 -74.38 -23.24
N TYR F 3444 -76.16 -75.52 -23.14
CA TYR F 3444 -75.55 -76.69 -22.52
C TYR F 3444 -74.30 -77.12 -23.28
N TRP F 3445 -74.38 -77.11 -24.61
CA TRP F 3445 -73.23 -77.49 -25.44
C TRP F 3445 -72.08 -76.52 -25.25
N SER F 3446 -72.37 -75.22 -25.17
CA SER F 3446 -71.32 -74.23 -25.04
C SER F 3446 -70.66 -74.29 -23.67
N LYS F 3447 -71.47 -74.50 -22.62
CA LYS F 3447 -70.91 -74.53 -21.27
C LYS F 3447 -70.11 -75.81 -21.01
N SER F 3448 -70.65 -76.95 -21.41
CA SER F 3448 -70.03 -78.24 -21.10
C SER F 3448 -68.85 -78.51 -22.02
N HIS F 3449 -67.71 -78.84 -21.42
CA HIS F 3449 -66.52 -79.18 -22.19
C HIS F 3449 -66.62 -80.56 -22.81
N ASN F 3450 -67.20 -81.52 -22.08
CA ASN F 3450 -67.34 -82.87 -22.61
C ASN F 3450 -68.34 -82.92 -23.76
N PHE F 3451 -69.35 -82.07 -23.72
CA PHE F 3451 -70.35 -82.04 -24.78
C PHE F 3451 -69.71 -81.73 -26.14
N LYS F 3452 -68.82 -80.73 -26.16
CA LYS F 3452 -68.10 -80.42 -27.40
C LYS F 3452 -67.21 -81.57 -27.82
N ARG F 3453 -66.52 -82.19 -26.86
CA ARG F 3453 -65.61 -83.28 -27.18
C ARG F 3453 -66.35 -84.49 -27.74
N GLU F 3454 -67.44 -84.90 -27.09
CA GLU F 3454 -68.19 -86.06 -27.55
C GLU F 3454 -68.82 -85.81 -28.91
N GLU F 3455 -69.34 -84.60 -29.15
CA GLU F 3455 -69.91 -84.30 -30.46
C GLU F 3455 -68.86 -84.38 -31.55
N GLN F 3456 -67.67 -83.84 -31.29
CA GLN F 3456 -66.60 -83.91 -32.27
C GLN F 3456 -66.18 -85.36 -32.52
N ASN F 3457 -66.09 -86.16 -31.46
CA ASN F 3457 -65.76 -87.57 -31.63
C ASN F 3457 -66.82 -88.30 -32.42
N PHE F 3458 -68.10 -88.00 -32.17
CA PHE F 3458 -69.18 -88.70 -32.86
C PHE F 3458 -69.14 -88.42 -34.35
N VAL F 3459 -68.87 -87.18 -34.75
CA VAL F 3459 -68.88 -86.82 -36.16
C VAL F 3459 -67.73 -87.51 -36.90
N VAL F 3460 -66.52 -87.45 -36.33
CA VAL F 3460 -65.35 -87.97 -37.03
C VAL F 3460 -65.38 -89.49 -37.08
N GLN F 3461 -65.83 -90.14 -35.99
CA GLN F 3461 -65.81 -91.60 -35.95
C GLN F 3461 -66.91 -92.20 -36.81
N ASN F 3462 -68.04 -91.52 -36.94
CA ASN F 3462 -69.14 -91.98 -37.77
C ASN F 3462 -69.12 -91.39 -39.17
N GLU F 3463 -68.10 -90.59 -39.50
CA GLU F 3463 -67.95 -89.97 -40.82
C GLU F 3463 -69.19 -89.17 -41.21
N ILE F 3464 -69.74 -88.43 -40.24
CA ILE F 3464 -70.87 -87.57 -40.52
C ILE F 3464 -70.41 -86.40 -41.38
N ASN F 3465 -71.08 -86.18 -42.52
CA ASN F 3465 -70.65 -85.16 -43.45
C ASN F 3465 -70.77 -83.77 -42.84
N ASN F 3466 -71.91 -83.47 -42.21
CA ASN F 3466 -72.17 -82.19 -41.56
C ASN F 3466 -72.18 -81.03 -42.56
N MET F 3467 -72.00 -81.35 -43.84
CA MET F 3467 -72.08 -80.36 -44.91
C MET F 3467 -73.22 -80.62 -45.87
N SER F 3468 -73.51 -81.89 -46.18
CA SER F 3468 -74.70 -82.21 -46.95
C SER F 3468 -75.97 -81.89 -46.18
N PHE F 3469 -75.92 -81.98 -44.85
CA PHE F 3469 -77.07 -81.63 -44.03
C PHE F 3469 -77.41 -80.14 -44.15
N LEU F 3470 -76.47 -79.31 -44.56
CA LEU F 3470 -76.70 -77.88 -44.70
C LEU F 3470 -76.80 -77.43 -46.15
N THR F 3471 -76.34 -78.25 -47.10
CA THR F 3471 -76.36 -77.89 -48.51
C THR F 3471 -77.33 -78.73 -49.32
N ALA F 3472 -78.10 -79.63 -48.69
CA ALA F 3472 -79.03 -80.46 -49.43
C ALA F 3472 -80.12 -79.63 -50.10
N ASP F 3473 -80.61 -78.59 -49.40
CA ASP F 3473 -81.64 -77.74 -49.98
C ASP F 3473 -81.11 -77.03 -51.23
N SER F 3474 -79.87 -76.57 -51.19
CA SER F 3474 -79.28 -75.97 -52.38
C SER F 3474 -79.20 -76.97 -53.52
N LYS F 3475 -78.81 -78.21 -53.24
CA LYS F 3475 -78.80 -79.24 -54.25
C LYS F 3475 -80.22 -79.62 -54.66
N SER F 3476 -81.16 -79.57 -53.70
CA SER F 3476 -82.55 -79.87 -54.02
C SER F 3476 -83.13 -78.85 -54.99
N LYS F 3477 -82.77 -77.58 -54.84
CA LYS F 3477 -83.21 -76.52 -55.74
C LYS F 3477 -82.46 -76.52 -57.06
N MET F 3478 -81.60 -77.50 -57.30
CA MET F 3478 -80.82 -77.62 -58.53
C MET F 3478 -79.97 -76.36 -58.76
N ALA F 3479 -79.06 -76.15 -57.83
CA ALA F 3479 -78.15 -75.00 -57.89
C ALA F 3479 -77.16 -75.15 -59.04
N ARG F 3498 -62.85 -78.57 -47.17
CA ARG F 3498 -61.41 -78.40 -47.26
C ARG F 3498 -60.81 -78.02 -45.91
N ARG F 3499 -61.17 -76.84 -45.41
CA ARG F 3499 -60.65 -76.36 -44.14
C ARG F 3499 -61.08 -77.27 -43.00
N GLY F 3500 -62.38 -77.38 -42.75
CA GLY F 3500 -62.90 -78.19 -41.67
C GLY F 3500 -63.77 -79.33 -42.15
N ASP F 3501 -63.33 -80.02 -43.21
CA ASP F 3501 -64.17 -81.04 -43.83
C ASP F 3501 -64.50 -82.17 -42.86
N ARG F 3502 -63.51 -82.63 -42.08
CA ARG F 3502 -63.79 -83.69 -41.11
C ARG F 3502 -64.74 -83.21 -40.03
N TYR F 3503 -64.45 -82.06 -39.44
CA TYR F 3503 -65.32 -81.46 -38.43
C TYR F 3503 -64.94 -80.01 -38.25
N SER F 3504 -65.95 -79.16 -38.07
CA SER F 3504 -65.71 -77.76 -37.78
C SER F 3504 -66.84 -77.25 -36.88
N VAL F 3505 -66.50 -76.34 -35.98
CA VAL F 3505 -67.49 -75.79 -35.07
C VAL F 3505 -68.53 -74.99 -35.85
N GLN F 3506 -68.13 -74.38 -36.96
CA GLN F 3506 -69.07 -73.60 -37.76
C GLN F 3506 -70.16 -74.49 -38.37
N THR F 3507 -69.78 -75.69 -38.80
CA THR F 3507 -70.71 -76.60 -39.45
C THR F 3507 -71.36 -77.57 -38.47
N SER F 3508 -71.12 -77.42 -37.17
CA SER F 3508 -71.76 -78.27 -36.18
C SER F 3508 -73.27 -78.07 -36.21
N LEU F 3509 -74.01 -79.19 -36.22
CA LEU F 3509 -75.47 -79.10 -36.31
C LEU F 3509 -76.07 -78.48 -35.05
N ILE F 3510 -75.40 -78.62 -33.91
CA ILE F 3510 -75.92 -78.03 -32.68
C ILE F 3510 -75.95 -76.51 -32.78
N VAL F 3511 -74.92 -75.91 -33.39
CA VAL F 3511 -74.90 -74.47 -33.55
C VAL F 3511 -75.54 -74.03 -34.87
N ALA F 3512 -75.55 -74.90 -35.88
CA ALA F 3512 -76.19 -74.54 -37.14
C ALA F 3512 -77.70 -74.46 -36.99
N THR F 3513 -78.29 -75.36 -36.20
CA THR F 3513 -79.73 -75.31 -35.96
C THR F 3513 -80.12 -74.05 -35.22
N LEU F 3514 -79.32 -73.65 -34.23
CA LEU F 3514 -79.62 -72.44 -33.48
C LEU F 3514 -79.58 -71.21 -34.37
N LYS F 3515 -78.57 -71.11 -35.22
CA LYS F 3515 -78.46 -69.94 -36.09
C LYS F 3515 -79.62 -69.85 -37.06
N LYS F 3516 -80.18 -70.99 -37.48
CA LYS F 3516 -81.37 -70.98 -38.31
C LYS F 3516 -82.63 -70.64 -37.50
N MET F 3517 -82.64 -70.97 -36.21
CA MET F 3517 -83.75 -70.61 -35.34
C MET F 3517 -83.55 -69.27 -34.64
N LEU F 3518 -82.38 -68.65 -34.80
CA LEU F 3518 -82.13 -67.36 -34.16
C LEU F 3518 -83.09 -66.27 -34.60
N PRO F 3519 -83.42 -66.09 -35.89
CA PRO F 3519 -84.38 -65.04 -36.25
C PRO F 3519 -85.73 -65.20 -35.57
N ILE F 3520 -86.15 -66.43 -35.29
CA ILE F 3520 -87.41 -66.65 -34.57
C ILE F 3520 -87.32 -66.07 -33.17
N GLY F 3521 -86.19 -66.29 -32.49
CA GLY F 3521 -86.03 -65.71 -31.17
C GLY F 3521 -85.93 -64.19 -31.18
N LEU F 3522 -85.18 -63.64 -32.14
CA LEU F 3522 -85.08 -62.20 -32.25
C LEU F 3522 -86.41 -61.57 -32.62
N ASN F 3523 -87.28 -62.30 -33.31
CA ASN F 3523 -88.59 -61.78 -33.67
C ASN F 3523 -89.47 -61.53 -32.46
N MET F 3524 -89.28 -62.29 -31.38
CA MET F 3524 -90.06 -62.07 -30.16
C MET F 3524 -89.76 -60.70 -29.57
N CYS F 3525 -88.48 -60.32 -29.52
CA CYS F 3525 -88.08 -59.08 -28.88
C CYS F 3525 -88.47 -57.87 -29.72
N ALA F 3526 -89.00 -56.86 -29.05
CA ALA F 3526 -89.31 -55.60 -29.70
C ALA F 3526 -88.03 -54.81 -29.95
N PRO F 3527 -88.05 -53.90 -30.93
CA PRO F 3527 -86.86 -53.07 -31.17
C PRO F 3527 -86.45 -52.23 -29.97
N THR F 3528 -87.40 -51.88 -29.10
CA THR F 3528 -87.06 -51.13 -27.89
C THR F 3528 -86.24 -51.96 -26.91
N ASP F 3529 -86.20 -53.28 -27.09
CA ASP F 3529 -85.47 -54.16 -26.18
C ASP F 3529 -84.01 -54.32 -26.54
N GLN F 3530 -83.54 -53.65 -27.59
CA GLN F 3530 -82.14 -53.79 -27.99
C GLN F 3530 -81.19 -53.32 -26.90
N ASP F 3531 -81.53 -52.21 -26.24
CA ASP F 3531 -80.70 -51.71 -25.14
C ASP F 3531 -80.68 -52.71 -23.99
N LEU F 3532 -81.82 -53.31 -23.67
CA LEU F 3532 -81.87 -54.30 -22.59
C LEU F 3532 -81.04 -55.52 -22.93
N ILE F 3533 -81.04 -55.93 -24.20
CA ILE F 3533 -80.26 -57.09 -24.61
C ILE F 3533 -78.77 -56.84 -24.39
N MET F 3534 -78.29 -55.64 -24.75
CA MET F 3534 -76.88 -55.32 -24.55
C MET F 3534 -76.53 -55.33 -23.07
N LEU F 3535 -77.41 -54.80 -22.21
CA LEU F 3535 -77.15 -54.82 -20.78
C LEU F 3535 -77.08 -56.24 -20.25
N ALA F 3536 -78.00 -57.10 -20.70
CA ALA F 3536 -78.01 -58.48 -20.23
C ALA F 3536 -76.78 -59.24 -20.70
N LYS F 3537 -76.33 -58.98 -21.93
CA LYS F 3537 -75.14 -59.65 -22.44
C LYS F 3537 -73.91 -59.31 -21.61
N THR F 3538 -73.81 -58.07 -21.12
CA THR F 3538 -72.71 -57.71 -20.24
C THR F 3538 -72.75 -58.50 -18.93
N ARG F 3539 -73.94 -58.70 -18.37
CA ARG F 3539 -74.05 -59.49 -17.14
C ARG F 3539 -73.64 -60.94 -17.37
N TYR F 3540 -73.99 -61.51 -18.53
CA TYR F 3540 -73.54 -62.86 -18.85
C TYR F 3540 -72.02 -62.91 -19.01
N ALA F 3541 -71.41 -61.84 -19.52
CA ALA F 3541 -69.95 -61.78 -19.58
C ALA F 3541 -69.33 -61.77 -18.18
N LEU F 3542 -70.11 -61.36 -17.17
CA LEU F 3542 -69.65 -61.36 -15.79
C LEU F 3542 -70.07 -62.62 -15.04
N LYS F 3543 -70.42 -63.68 -15.76
CA LYS F 3543 -70.71 -65.00 -15.17
C LYS F 3543 -71.86 -64.91 -14.16
N ASP F 3544 -73.03 -64.53 -14.66
CA ASP F 3544 -74.24 -64.48 -13.87
C ASP F 3544 -75.22 -65.55 -14.31
N THR F 3545 -75.95 -66.10 -13.35
CA THR F 3545 -76.93 -67.13 -13.65
C THR F 3545 -78.19 -66.52 -14.25
N ASP F 3546 -79.12 -67.38 -14.66
CA ASP F 3546 -80.34 -66.91 -15.28
C ASP F 3546 -81.21 -66.12 -14.30
N GLU F 3547 -81.09 -66.39 -13.00
CA GLU F 3547 -81.85 -65.63 -12.02
C GLU F 3547 -81.26 -64.24 -11.82
N GLU F 3548 -79.92 -64.12 -11.85
CA GLU F 3548 -79.28 -62.83 -11.62
C GLU F 3548 -79.59 -61.85 -12.75
N VAL F 3549 -79.60 -62.32 -14.00
CA VAL F 3549 -79.90 -61.43 -15.11
C VAL F 3549 -81.37 -61.01 -15.08
N ARG F 3550 -82.27 -61.90 -14.68
CA ARG F 3550 -83.69 -61.55 -14.63
C ARG F 3550 -83.95 -60.44 -13.62
N GLU F 3551 -83.38 -60.55 -12.42
CA GLU F 3551 -83.57 -59.50 -11.42
C GLU F 3551 -82.86 -58.22 -11.83
N PHE F 3552 -81.73 -58.35 -12.53
CA PHE F 3552 -81.06 -57.17 -13.08
C PHE F 3552 -81.95 -56.47 -14.09
N LEU F 3553 -82.63 -57.24 -14.95
CA LEU F 3553 -83.55 -56.64 -15.92
C LEU F 3553 -84.80 -56.07 -15.25
N GLN F 3554 -85.24 -56.69 -14.14
CA GLN F 3554 -86.41 -56.19 -13.43
C GLN F 3554 -86.19 -54.78 -12.91
N ASN F 3555 -85.00 -54.53 -12.34
CA ASN F 3555 -84.68 -53.21 -11.81
C ASN F 3555 -84.24 -52.24 -12.88
N ASN F 3556 -84.04 -52.69 -14.12
CA ASN F 3556 -83.56 -51.85 -15.21
C ASN F 3556 -84.53 -51.82 -16.38
N LEU F 3557 -85.83 -51.96 -16.11
CA LEU F 3557 -86.81 -51.95 -17.18
C LEU F 3557 -86.97 -50.58 -17.83
N HIS F 3558 -86.50 -49.52 -17.18
CA HIS F 3558 -86.66 -48.18 -17.72
C HIS F 3558 -85.56 -47.80 -18.69
N LEU F 3559 -84.56 -48.66 -18.90
CA LEU F 3559 -83.47 -48.36 -19.82
C LEU F 3559 -83.75 -48.78 -21.25
N GLN F 3560 -84.92 -49.34 -21.53
CA GLN F 3560 -85.28 -49.67 -22.90
C GLN F 3560 -85.41 -48.40 -23.73
N GLY F 3561 -85.03 -48.51 -25.00
CA GLY F 3561 -84.94 -47.34 -25.85
C GLY F 3561 -86.28 -46.69 -26.09
N LYS F 3562 -86.23 -45.40 -26.40
CA LYS F 3562 -87.41 -44.60 -26.72
C LYS F 3562 -87.46 -44.38 -28.22
N VAL F 3563 -88.65 -44.54 -28.80
CA VAL F 3563 -88.81 -44.40 -30.24
C VAL F 3563 -88.52 -42.98 -30.69
N GLU F 3564 -88.89 -41.98 -29.88
CA GLU F 3564 -88.69 -40.59 -30.28
C GLU F 3564 -87.22 -40.24 -30.36
N GLY F 3565 -86.40 -40.81 -29.48
CA GLY F 3565 -84.99 -40.47 -29.44
C GLY F 3565 -84.12 -41.12 -30.49
N SER F 3566 -84.66 -42.08 -31.24
CA SER F 3566 -83.88 -42.77 -32.26
C SER F 3566 -84.65 -42.83 -33.56
N PRO F 3567 -84.01 -42.48 -34.68
CA PRO F 3567 -84.70 -42.56 -35.97
C PRO F 3567 -84.83 -43.99 -36.47
N SER F 3568 -83.87 -44.84 -36.08
CA SER F 3568 -83.92 -46.25 -36.49
C SER F 3568 -85.11 -46.96 -35.87
N LEU F 3569 -85.40 -46.68 -34.60
CA LEU F 3569 -86.52 -47.33 -33.94
C LEU F 3569 -87.87 -46.87 -34.46
N ARG F 3570 -87.91 -45.74 -35.17
CA ARG F 3570 -89.17 -45.23 -35.69
C ARG F 3570 -89.80 -46.22 -36.66
N TRP F 3571 -89.03 -46.65 -37.67
CA TRP F 3571 -89.57 -47.57 -38.66
C TRP F 3571 -89.57 -49.00 -38.18
N GLN F 3572 -88.61 -49.38 -37.33
CA GLN F 3572 -88.58 -50.74 -36.79
C GLN F 3572 -89.81 -51.01 -35.93
N MET F 3573 -90.16 -50.06 -35.07
CA MET F 3573 -91.35 -50.24 -34.23
C MET F 3573 -92.61 -50.28 -35.06
N ALA F 3574 -92.70 -49.43 -36.09
CA ALA F 3574 -93.86 -49.46 -36.97
C ALA F 3574 -93.95 -50.80 -37.70
N LEU F 3575 -92.81 -51.32 -38.16
CA LEU F 3575 -92.81 -52.63 -38.80
C LEU F 3575 -93.08 -53.73 -37.79
N TYR F 3576 -92.56 -53.60 -36.57
CA TYR F 3576 -92.79 -54.60 -35.54
C TYR F 3576 -94.26 -54.68 -35.15
N ARG F 3577 -94.92 -53.53 -35.00
CA ARG F 3577 -96.31 -53.50 -34.57
C ARG F 3577 -97.28 -53.93 -35.66
N GLY F 3578 -96.83 -54.05 -36.90
CA GLY F 3578 -97.70 -54.47 -37.98
C GLY F 3578 -97.93 -55.96 -38.09
N LEU F 3579 -97.25 -56.76 -37.28
CA LEU F 3579 -97.45 -58.21 -37.35
C LEU F 3579 -98.84 -58.59 -36.84
N PRO F 3580 -99.44 -59.63 -37.40
CA PRO F 3580 -100.82 -59.99 -37.05
C PRO F 3580 -101.02 -60.31 -35.57
N GLY F 3581 -100.07 -61.04 -34.98
CA GLY F 3581 -100.26 -61.56 -33.63
C GLY F 3581 -99.68 -60.70 -32.52
N ARG F 3582 -99.40 -59.44 -32.81
CA ARG F 3582 -98.81 -58.54 -31.81
C ARG F 3582 -99.91 -57.91 -30.99
N GLU F 3583 -99.96 -58.24 -29.70
CA GLU F 3583 -100.89 -57.62 -28.76
C GLU F 3583 -100.10 -56.78 -27.76
N GLU F 3584 -100.62 -55.58 -27.47
CA GLU F 3584 -99.98 -54.70 -26.50
C GLU F 3584 -99.99 -55.29 -25.09
N ASP F 3585 -100.89 -56.23 -24.79
CA ASP F 3585 -100.89 -56.89 -23.50
C ASP F 3585 -99.70 -57.80 -23.30
N ALA F 3586 -99.05 -58.23 -24.39
CA ALA F 3586 -97.88 -59.09 -24.29
C ALA F 3586 -96.65 -58.37 -23.76
N ASP F 3587 -96.70 -57.04 -23.67
CA ASP F 3587 -95.57 -56.27 -23.14
C ASP F 3587 -95.66 -56.11 -21.63
N ASP F 3588 -95.84 -57.23 -20.93
CA ASP F 3588 -95.82 -57.23 -19.49
C ASP F 3588 -94.38 -57.17 -18.97
N PRO F 3589 -94.18 -56.64 -17.76
CA PRO F 3589 -92.81 -56.60 -17.22
C PRO F 3589 -92.17 -57.97 -17.12
N GLU F 3590 -92.95 -59.00 -16.80
CA GLU F 3590 -92.40 -60.34 -16.73
C GLU F 3590 -92.14 -60.91 -18.13
N LYS F 3591 -93.04 -60.66 -19.08
CA LYS F 3591 -92.85 -61.19 -20.43
C LYS F 3591 -91.65 -60.55 -21.10
N ILE F 3592 -91.37 -59.27 -20.83
CA ILE F 3592 -90.24 -58.61 -21.44
C ILE F 3592 -88.93 -59.20 -20.93
N VAL F 3593 -88.81 -59.37 -19.61
CA VAL F 3593 -87.55 -59.84 -19.05
C VAL F 3593 -87.28 -61.29 -19.43
N ARG F 3594 -88.32 -62.09 -19.60
CA ARG F 3594 -88.12 -63.49 -19.98
C ARG F 3594 -87.51 -63.59 -21.37
N ARG F 3595 -88.08 -62.89 -22.34
CA ARG F 3595 -87.61 -63.00 -23.72
C ARG F 3595 -86.23 -62.37 -23.89
N VAL F 3596 -85.98 -61.25 -23.20
CA VAL F 3596 -84.67 -60.60 -23.29
C VAL F 3596 -83.59 -61.50 -22.69
N GLN F 3597 -83.89 -62.11 -21.54
CA GLN F 3597 -82.91 -62.99 -20.91
C GLN F 3597 -82.61 -64.21 -21.77
N GLU F 3598 -83.65 -64.80 -22.37
CA GLU F 3598 -83.44 -65.98 -23.21
C GLU F 3598 -82.62 -65.65 -24.45
N VAL F 3599 -82.94 -64.53 -25.10
CA VAL F 3599 -82.23 -64.16 -26.32
C VAL F 3599 -80.80 -63.73 -25.99
N SER F 3600 -80.62 -62.99 -24.91
CA SER F 3600 -79.29 -62.50 -24.55
C SER F 3600 -78.34 -63.66 -24.25
N ALA F 3601 -78.83 -64.68 -23.54
CA ALA F 3601 -78.00 -65.84 -23.25
C ALA F 3601 -77.59 -66.54 -24.53
N VAL F 3602 -78.51 -66.69 -25.48
CA VAL F 3602 -78.19 -67.29 -26.77
C VAL F 3602 -77.19 -66.41 -27.52
N LEU F 3603 -77.45 -65.10 -27.55
CA LEU F 3603 -76.55 -64.20 -28.27
C LEU F 3603 -75.16 -64.16 -27.65
N TYR F 3604 -75.09 -64.17 -26.31
CA TYR F 3604 -73.79 -64.12 -25.65
C TYR F 3604 -72.97 -65.36 -25.97
N HIS F 3605 -73.55 -66.55 -25.80
CA HIS F 3605 -72.82 -67.78 -26.07
C HIS F 3605 -72.55 -67.98 -27.55
N LEU F 3606 -73.35 -67.36 -28.42
CA LEU F 3606 -73.14 -67.52 -29.86
C LEU F 3606 -71.84 -66.83 -30.30
N GLU F 3607 -71.58 -65.63 -29.80
CA GLU F 3607 -70.36 -64.93 -30.15
C GLU F 3607 -69.13 -65.50 -29.43
N GLN F 3608 -69.32 -66.24 -28.34
CA GLN F 3608 -68.20 -66.97 -27.76
C GLN F 3608 -67.73 -68.08 -28.69
N THR F 3609 -68.60 -68.55 -29.58
CA THR F 3609 -68.29 -69.65 -30.50
C THR F 3609 -67.68 -69.13 -31.80
N GLU F 3610 -68.38 -68.21 -32.46
CA GLU F 3610 -67.87 -67.65 -33.72
C GLU F 3610 -66.56 -66.92 -33.49
N HIS F 3611 -66.45 -66.15 -32.40
CA HIS F 3611 -65.23 -65.46 -32.03
C HIS F 3611 -64.71 -66.08 -30.75
N PRO F 3612 -63.91 -67.15 -30.82
CA PRO F 3612 -63.46 -67.82 -29.60
C PRO F 3612 -62.64 -66.96 -28.67
N TYR F 3613 -62.05 -65.87 -29.18
CA TYR F 3613 -61.22 -64.92 -28.42
C TYR F 3613 -60.15 -65.62 -27.58
N LYS F 3614 -59.81 -66.87 -27.92
CA LYS F 3614 -58.72 -67.57 -27.27
C LYS F 3614 -57.36 -67.19 -27.83
N SER F 3615 -57.33 -66.36 -28.87
CA SER F 3615 -56.07 -65.84 -29.38
C SER F 3615 -55.47 -64.86 -28.38
N LYS F 3616 -54.20 -64.53 -28.59
CA LYS F 3616 -53.39 -63.70 -27.73
C LYS F 3616 -53.15 -64.33 -26.36
N LYS F 3617 -53.63 -65.55 -26.15
CA LYS F 3617 -53.31 -66.35 -24.97
C LYS F 3617 -52.13 -67.27 -25.24
N ALA F 3618 -52.24 -68.12 -26.28
CA ALA F 3618 -51.14 -68.98 -26.73
C ALA F 3618 -50.99 -68.79 -28.24
N VAL F 3619 -50.33 -67.69 -28.62
CA VAL F 3619 -50.00 -67.45 -30.02
C VAL F 3619 -48.78 -68.29 -30.39
N TRP F 3620 -48.51 -68.36 -31.70
CA TRP F 3620 -47.31 -69.06 -32.17
C TRP F 3620 -46.09 -68.46 -31.48
N HIS F 3621 -45.49 -69.25 -30.57
CA HIS F 3621 -44.58 -68.71 -29.57
C HIS F 3621 -43.14 -69.19 -29.70
N LYS F 3622 -42.90 -70.32 -30.37
CA LYS F 3622 -41.56 -70.89 -30.53
C LYS F 3622 -40.74 -70.74 -29.24
N LEU F 3623 -41.26 -71.31 -28.15
CA LEU F 3623 -40.65 -71.17 -26.83
C LEU F 3623 -39.13 -71.37 -26.91
N LEU F 3624 -38.71 -72.57 -27.34
CA LEU F 3624 -37.31 -72.80 -27.70
C LEU F 3624 -37.19 -73.81 -28.85
N SER F 3625 -38.30 -74.19 -29.47
CA SER F 3625 -38.32 -75.38 -30.32
C SER F 3625 -37.43 -75.20 -31.56
N LYS F 3626 -37.54 -74.05 -32.22
CA LYS F 3626 -36.92 -73.88 -33.53
C LYS F 3626 -35.40 -74.11 -33.50
N GLN F 3627 -34.77 -73.93 -32.35
CA GLN F 3627 -33.35 -74.24 -32.19
C GLN F 3627 -33.08 -75.42 -31.27
N ARG F 3628 -34.01 -75.74 -30.37
CA ARG F 3628 -33.82 -76.80 -29.39
C ARG F 3628 -34.66 -78.05 -29.69
N ARG F 3629 -35.29 -78.12 -30.87
CA ARG F 3629 -36.05 -79.32 -31.22
C ARG F 3629 -35.14 -80.53 -31.33
N ARG F 3630 -33.87 -80.34 -31.71
CA ARG F 3630 -32.94 -81.46 -31.76
C ARG F 3630 -32.65 -82.01 -30.36
N ALA F 3631 -32.67 -81.14 -29.35
CA ALA F 3631 -32.37 -81.59 -27.99
C ALA F 3631 -33.49 -82.46 -27.43
N VAL F 3632 -34.74 -82.01 -27.59
CA VAL F 3632 -35.86 -82.79 -27.05
C VAL F 3632 -35.98 -84.12 -27.78
N VAL F 3633 -35.68 -84.16 -29.07
CA VAL F 3633 -35.64 -85.43 -29.79
C VAL F 3633 -34.49 -86.28 -29.25
N ALA F 3634 -33.34 -85.66 -28.97
CA ALA F 3634 -32.20 -86.41 -28.43
C ALA F 3634 -32.48 -86.92 -27.03
N CYS F 3635 -33.35 -86.25 -26.27
CA CYS F 3635 -33.66 -86.69 -24.92
C CYS F 3635 -34.32 -88.07 -24.93
N PHE F 3636 -35.26 -88.30 -25.84
CA PHE F 3636 -35.97 -89.57 -25.93
C PHE F 3636 -35.13 -90.69 -26.50
N ARG F 3637 -33.96 -90.39 -27.07
CA ARG F 3637 -33.06 -91.41 -27.59
C ARG F 3637 -31.73 -91.41 -26.85
N MET F 3638 -31.69 -90.83 -25.65
CA MET F 3638 -30.46 -90.81 -24.86
C MET F 3638 -30.11 -92.23 -24.42
N THR F 3639 -28.84 -92.56 -24.49
CA THR F 3639 -28.39 -93.90 -24.14
C THR F 3639 -28.40 -94.09 -22.64
N PRO F 3640 -29.03 -95.16 -22.13
CA PRO F 3640 -28.97 -95.42 -20.69
C PRO F 3640 -27.57 -95.83 -20.26
N LEU F 3641 -27.29 -95.65 -18.97
CA LEU F 3641 -25.94 -95.88 -18.46
C LEU F 3641 -25.52 -97.34 -18.59
N TYR F 3642 -26.47 -98.28 -18.45
CA TYR F 3642 -26.10 -99.69 -18.49
C TYR F 3642 -25.74 -100.17 -19.89
N ASN F 3643 -26.00 -99.39 -20.93
CA ASN F 3643 -25.61 -99.75 -22.28
C ASN F 3643 -24.23 -99.22 -22.66
N LEU F 3644 -23.62 -98.41 -21.81
CA LEU F 3644 -22.30 -97.88 -22.09
C LEU F 3644 -21.23 -98.95 -21.86
N PRO F 3645 -20.10 -98.85 -22.57
CA PRO F 3645 -18.98 -99.74 -22.27
C PRO F 3645 -18.42 -99.45 -20.88
N THR F 3646 -17.80 -100.47 -20.29
CA THR F 3646 -17.32 -100.35 -18.91
C THR F 3646 -16.29 -99.24 -18.77
N HIS F 3647 -15.34 -99.16 -19.71
CA HIS F 3647 -14.28 -98.15 -19.60
C HIS F 3647 -14.84 -96.75 -19.70
N ARG F 3648 -15.81 -96.52 -20.58
CA ARG F 3648 -16.43 -95.20 -20.67
C ARG F 3648 -17.18 -94.85 -19.39
N ALA F 3649 -17.89 -95.83 -18.82
CA ALA F 3649 -18.64 -95.57 -17.58
C ALA F 3649 -17.69 -95.30 -16.42
N CYS F 3650 -16.55 -96.00 -16.38
CA CYS F 3650 -15.58 -95.76 -15.32
C CYS F 3650 -15.01 -94.35 -15.38
N ASN F 3651 -14.73 -93.87 -16.61
CA ASN F 3651 -14.22 -92.51 -16.76
C ASN F 3651 -15.25 -91.49 -16.28
N MET F 3652 -16.54 -91.72 -16.58
CA MET F 3652 -17.58 -90.84 -16.08
C MET F 3652 -17.69 -90.93 -14.56
N PHE F 3653 -17.51 -92.12 -13.99
CA PHE F 3653 -17.56 -92.27 -12.55
C PHE F 3653 -16.47 -91.47 -11.86
N LEU F 3654 -15.25 -91.50 -12.40
CA LEU F 3654 -14.15 -90.78 -11.79
C LEU F 3654 -14.41 -89.29 -11.75
N GLU F 3655 -14.93 -88.74 -12.85
CA GLU F 3655 -15.26 -87.31 -12.87
C GLU F 3655 -16.36 -86.98 -11.87
N SER F 3656 -17.38 -87.83 -11.80
CA SER F 3656 -18.47 -87.59 -10.85
C SER F 3656 -18.00 -87.75 -9.41
N TYR F 3657 -17.16 -88.77 -9.16
CA TYR F 3657 -16.74 -89.05 -7.79
C TYR F 3657 -15.88 -87.92 -7.23
N LYS F 3658 -14.95 -87.40 -8.03
CA LYS F 3658 -14.07 -86.35 -7.52
C LYS F 3658 -14.82 -85.05 -7.26
N ALA F 3659 -15.83 -84.74 -8.09
CA ALA F 3659 -16.56 -83.49 -7.91
C ALA F 3659 -17.52 -83.56 -6.74
N ALA F 3660 -18.11 -84.72 -6.48
CA ALA F 3660 -19.14 -84.84 -5.46
C ALA F 3660 -18.63 -85.40 -4.14
N TRP F 3661 -17.49 -86.10 -4.14
CA TRP F 3661 -17.00 -86.74 -2.93
C TRP F 3661 -15.61 -86.30 -2.51
N ILE F 3662 -14.71 -86.02 -3.45
CA ILE F 3662 -13.36 -85.60 -3.12
C ILE F 3662 -13.27 -84.09 -2.97
N LEU F 3663 -13.84 -83.34 -3.92
CA LEU F 3663 -13.86 -81.89 -3.82
C LEU F 3663 -14.66 -81.43 -2.61
N THR F 3664 -15.82 -82.06 -2.38
CA THR F 3664 -16.67 -81.67 -1.26
C THR F 3664 -16.06 -82.04 0.09
N GLU F 3665 -15.06 -82.92 0.12
CA GLU F 3665 -14.44 -83.30 1.38
C GLU F 3665 -13.68 -82.11 1.96
N ASP F 3666 -13.81 -81.93 3.28
CA ASP F 3666 -13.17 -80.83 3.99
C ASP F 3666 -12.04 -81.40 4.84
N HIS F 3667 -10.83 -80.91 4.61
CA HIS F 3667 -9.65 -81.31 5.37
C HIS F 3667 -8.85 -80.07 5.72
N SER F 3668 -8.91 -79.67 6.99
CA SER F 3668 -8.19 -78.49 7.46
C SER F 3668 -6.84 -78.92 8.02
N PHE F 3669 -5.77 -78.63 7.29
CA PHE F 3669 -4.42 -78.94 7.73
C PHE F 3669 -3.51 -77.73 7.80
N GLU F 3670 -3.97 -76.56 7.38
CA GLU F 3670 -3.11 -75.37 7.36
C GLU F 3670 -2.68 -74.98 8.77
N ASP F 3671 -3.61 -74.98 9.72
CA ASP F 3671 -3.26 -74.62 11.09
C ASP F 3671 -2.27 -75.61 11.69
N ARG F 3672 -2.49 -76.90 11.45
CA ARG F 3672 -1.59 -77.92 11.99
C ARG F 3672 -0.22 -77.84 11.34
N MET F 3673 -0.17 -77.59 10.03
CA MET F 3673 1.10 -77.54 9.32
C MET F 3673 1.94 -76.35 9.76
N ILE F 3674 1.30 -75.18 9.89
CA ILE F 3674 2.03 -73.98 10.30
C ILE F 3674 2.53 -74.13 11.73
N ASP F 3675 1.73 -74.75 12.60
CA ASP F 3675 2.15 -74.97 13.98
C ASP F 3675 3.37 -75.88 14.04
N ASP F 3676 3.38 -76.94 13.23
CA ASP F 3676 4.51 -77.87 13.23
C ASP F 3676 5.79 -77.19 12.72
N LEU F 3677 5.67 -76.35 11.70
CA LEU F 3677 6.84 -75.71 11.13
C LEU F 3677 7.36 -74.55 11.98
N SER F 3678 6.58 -74.07 12.93
CA SER F 3678 6.96 -72.94 13.76
C SER F 3678 7.67 -73.34 15.04
N LYS F 3679 7.94 -74.63 15.23
CA LYS F 3679 8.56 -75.12 16.45
C LYS F 3679 10.05 -75.35 16.24
N ALA F 3680 10.86 -74.84 17.17
CA ALA F 3680 12.28 -75.14 17.18
C ALA F 3680 12.51 -76.48 17.87
N GLY F 3681 13.33 -77.33 17.27
CA GLY F 3681 13.43 -78.70 17.72
C GLY F 3681 14.51 -78.99 18.75
N GLU F 3682 14.12 -78.94 20.02
CA GLU F 3682 14.92 -79.40 21.17
C GLU F 3682 16.41 -79.10 21.02
N GLN F 3683 16.71 -77.83 20.72
CA GLN F 3683 18.09 -77.37 20.63
C GLN F 3683 18.46 -76.46 21.80
N GLU F 3684 17.63 -76.41 22.85
CA GLU F 3684 17.83 -75.49 23.96
C GLU F 3684 18.57 -76.12 25.13
N GLU F 3685 19.46 -77.07 24.88
CA GLU F 3685 20.26 -77.68 25.92
C GLU F 3685 21.67 -77.09 26.01
N GLU F 3686 21.94 -76.03 25.26
CA GLU F 3686 23.25 -75.40 25.26
C GLU F 3686 23.21 -73.95 25.69
N GLU F 3687 22.18 -73.20 25.24
CA GLU F 3687 21.95 -71.80 25.57
C GLU F 3687 23.21 -70.95 25.64
N GLU F 3688 24.06 -71.10 24.63
CA GLU F 3688 25.31 -70.35 24.52
C GLU F 3688 25.07 -69.08 23.70
N GLU F 3689 26.13 -68.49 23.18
CA GLU F 3689 26.05 -67.26 22.38
C GLU F 3689 25.49 -67.55 20.98
N VAL F 3690 24.88 -68.72 20.81
CA VAL F 3690 24.25 -69.15 19.56
C VAL F 3690 22.97 -68.35 19.34
N GLU F 3691 22.71 -67.38 20.21
CA GLU F 3691 21.48 -66.60 20.23
C GLU F 3691 21.13 -65.95 18.89
N GLU F 3692 22.04 -66.07 17.91
CA GLU F 3692 21.71 -65.77 16.52
C GLU F 3692 20.40 -66.45 16.13
N LYS F 3693 20.14 -67.64 16.69
CA LYS F 3693 18.86 -68.32 16.57
C LYS F 3693 18.51 -68.59 15.10
N LYS F 3694 19.28 -69.52 14.52
CA LYS F 3694 19.09 -70.02 13.16
C LYS F 3694 17.60 -70.23 12.87
N PRO F 3695 17.16 -69.93 11.65
CA PRO F 3695 15.72 -69.91 11.38
C PRO F 3695 15.05 -71.26 11.62
N ASP F 3696 13.83 -71.20 12.14
CA ASP F 3696 13.00 -72.38 12.30
C ASP F 3696 12.49 -72.83 10.93
N PRO F 3697 11.97 -74.06 10.81
CA PRO F 3697 11.54 -74.54 9.49
C PRO F 3697 10.58 -73.62 8.77
N LEU F 3698 9.65 -73.00 9.47
CA LEU F 3698 8.75 -72.05 8.83
C LEU F 3698 9.51 -70.83 8.32
N HIS F 3699 10.47 -70.35 9.11
CA HIS F 3699 11.26 -69.19 8.71
C HIS F 3699 12.10 -69.50 7.47
N GLN F 3700 12.68 -70.70 7.42
CA GLN F 3700 13.49 -71.08 6.25
C GLN F 3700 12.63 -71.17 5.00
N LEU F 3701 11.37 -71.58 5.14
CA LEU F 3701 10.47 -71.65 3.99
C LEU F 3701 10.22 -70.26 3.41
N VAL F 3702 10.01 -69.28 4.27
CA VAL F 3702 9.78 -67.92 3.79
C VAL F 3702 11.03 -67.35 3.15
N LEU F 3703 12.20 -67.62 3.75
CA LEU F 3703 13.45 -67.14 3.18
C LEU F 3703 13.70 -67.74 1.80
N HIS F 3704 13.33 -69.01 1.61
CA HIS F 3704 13.51 -69.64 0.30
C HIS F 3704 12.67 -68.96 -0.76
N PHE F 3705 11.41 -68.66 -0.45
CA PHE F 3705 10.55 -67.96 -1.40
C PHE F 3705 10.99 -66.51 -1.56
N SER F 3706 11.50 -65.90 -0.50
CA SER F 3706 12.09 -64.57 -0.63
C SER F 3706 13.35 -64.61 -1.49
N ARG F 3707 14.07 -65.72 -1.48
CA ARG F 3707 15.27 -65.85 -2.30
C ARG F 3707 14.94 -65.85 -3.78
N THR F 3708 13.93 -66.62 -4.18
CA THR F 3708 13.58 -66.69 -5.59
C THR F 3708 12.86 -65.46 -6.09
N ALA F 3709 12.28 -64.66 -5.18
CA ALA F 3709 11.68 -63.40 -5.58
C ALA F 3709 12.73 -62.33 -5.87
N LEU F 3710 13.84 -62.36 -5.15
CA LEU F 3710 14.92 -61.39 -5.36
C LEU F 3710 15.86 -61.78 -6.48
N THR F 3711 15.69 -62.97 -7.06
CA THR F 3711 16.56 -63.40 -8.15
C THR F 3711 16.32 -62.54 -9.38
N GLU F 3712 17.40 -62.07 -9.99
CA GLU F 3712 17.32 -61.22 -11.18
C GLU F 3712 16.83 -62.06 -12.36
N LYS F 3713 15.56 -61.90 -12.71
CA LYS F 3713 14.96 -62.62 -13.82
C LYS F 3713 14.08 -61.68 -14.62
N SER F 3714 13.90 -62.01 -15.90
CA SER F 3714 13.06 -61.19 -16.76
C SER F 3714 11.59 -61.32 -16.38
N LYS F 3715 11.14 -62.54 -16.08
CA LYS F 3715 9.75 -62.80 -15.75
C LYS F 3715 9.67 -63.73 -14.56
N LEU F 3716 8.70 -63.47 -13.69
CA LEU F 3716 8.45 -64.33 -12.53
C LEU F 3716 7.71 -65.57 -13.03
N ASP F 3717 8.44 -66.68 -13.16
CA ASP F 3717 7.84 -67.91 -13.67
C ASP F 3717 6.85 -68.48 -12.67
N GLU F 3718 5.87 -69.21 -13.18
CA GLU F 3718 4.83 -69.78 -12.35
C GLU F 3718 5.41 -70.87 -11.45
N ASP F 3719 5.09 -70.81 -10.17
CA ASP F 3719 5.58 -71.76 -9.18
C ASP F 3719 4.39 -72.28 -8.38
N TYR F 3720 4.03 -73.55 -8.58
CA TYR F 3720 2.92 -74.13 -7.84
C TYR F 3720 3.26 -74.30 -6.37
N LEU F 3721 4.54 -74.53 -6.06
CA LEU F 3721 4.94 -74.71 -4.67
C LEU F 3721 4.70 -73.45 -3.85
N TYR F 3722 5.09 -72.29 -4.41
CA TYR F 3722 4.83 -71.04 -3.72
C TYR F 3722 3.33 -70.78 -3.56
N MET F 3723 2.56 -71.05 -4.62
CA MET F 3723 1.12 -70.85 -4.55
C MET F 3723 0.49 -71.74 -3.49
N ALA F 3724 0.93 -72.99 -3.39
CA ALA F 3724 0.38 -73.90 -2.40
C ALA F 3724 0.68 -73.42 -0.99
N TYR F 3725 1.91 -72.99 -0.74
CA TYR F 3725 2.29 -72.56 0.61
C TYR F 3725 1.75 -71.17 0.94
N ALA F 3726 1.60 -70.30 -0.06
CA ALA F 3726 1.00 -68.99 0.19
C ALA F 3726 -0.44 -69.15 0.66
N ASP F 3727 -1.19 -70.07 0.05
CA ASP F 3727 -2.55 -70.33 0.50
C ASP F 3727 -2.56 -70.93 1.90
N ILE F 3728 -1.61 -71.82 2.19
CA ILE F 3728 -1.55 -72.44 3.52
C ILE F 3728 -1.28 -71.38 4.57
N MET F 3729 -0.32 -70.49 4.32
CA MET F 3729 -0.02 -69.42 5.26
C MET F 3729 -1.19 -68.46 5.40
N ALA F 3730 -1.85 -68.14 4.28
CA ALA F 3730 -2.99 -67.23 4.34
C ALA F 3730 -4.16 -67.84 5.09
N LYS F 3731 -4.42 -69.14 4.87
CA LYS F 3731 -5.55 -69.78 5.52
C LYS F 3731 -5.33 -69.99 7.01
N SER F 3732 -4.09 -69.92 7.48
CA SER F 3732 -3.81 -70.14 8.89
C SER F 3732 -3.88 -68.88 9.73
N CYS F 3733 -4.15 -67.72 9.12
CA CYS F 3733 -4.12 -66.47 9.85
C CYS F 3733 -5.49 -65.90 10.20
N HIS F 3734 -6.53 -66.25 9.45
CA HIS F 3734 -7.84 -65.67 9.73
C HIS F 3734 -8.65 -66.56 10.68
N LEU F 3735 -8.94 -67.79 10.27
CA LEU F 3735 -9.74 -68.73 11.06
C LEU F 3735 -11.06 -68.10 11.52
N GLU F 3736 -11.70 -67.37 10.61
CA GLU F 3736 -12.98 -66.72 10.91
C GLU F 3736 -13.77 -66.46 9.63
N VAL F 3749 -25.81 -63.58 18.34
CA VAL F 3749 -25.25 -62.69 17.34
C VAL F 3749 -24.73 -61.41 18.00
N GLU F 3750 -24.52 -61.47 19.31
CA GLU F 3750 -24.05 -60.33 20.09
C GLU F 3750 -22.74 -60.71 20.78
N VAL F 3751 -21.63 -60.48 20.07
CA VAL F 3751 -20.32 -60.79 20.64
C VAL F 3751 -19.97 -59.75 21.71
N SER F 3752 -19.60 -60.24 22.88
CA SER F 3752 -19.32 -59.34 23.99
C SER F 3752 -17.94 -58.69 23.83
N PHE F 3753 -17.67 -57.72 24.69
CA PHE F 3753 -16.42 -56.98 24.61
C PHE F 3753 -15.21 -57.87 24.89
N GLU F 3754 -15.34 -58.79 25.85
CA GLU F 3754 -14.19 -59.57 26.28
C GLU F 3754 -13.66 -60.46 25.16
N GLU F 3755 -14.53 -61.25 24.54
CA GLU F 3755 -14.07 -62.15 23.49
C GLU F 3755 -13.82 -61.43 22.17
N LYS F 3756 -14.39 -60.24 21.97
CA LYS F 3756 -14.05 -59.45 20.80
C LYS F 3756 -12.57 -59.12 20.78
N GLU F 3757 -12.03 -58.71 21.93
CA GLU F 3757 -10.59 -58.47 22.03
C GLU F 3757 -9.80 -59.76 21.93
N MET F 3758 -10.36 -60.87 22.45
CA MET F 3758 -9.67 -62.15 22.36
C MET F 3758 -9.50 -62.60 20.90
N GLU F 3759 -10.54 -62.39 20.08
CA GLU F 3759 -10.42 -62.70 18.67
C GLU F 3759 -9.35 -61.84 18.00
N LYS F 3760 -9.30 -60.56 18.35
CA LYS F 3760 -8.26 -59.68 17.79
C LYS F 3760 -6.87 -60.15 18.20
N GLN F 3761 -6.68 -60.47 19.48
CA GLN F 3761 -5.37 -60.94 19.93
C GLN F 3761 -5.02 -62.29 19.31
N ARG F 3762 -5.99 -63.19 19.20
CA ARG F 3762 -5.75 -64.46 18.54
C ARG F 3762 -5.41 -64.25 17.07
N LEU F 3763 -6.08 -63.29 16.42
CA LEU F 3763 -5.75 -62.94 15.05
C LEU F 3763 -4.34 -62.37 14.96
N LEU F 3764 -3.96 -61.53 15.92
CA LEU F 3764 -2.62 -60.94 15.91
C LEU F 3764 -1.55 -62.01 16.07
N TYR F 3765 -1.78 -62.98 16.96
CA TYR F 3765 -0.79 -64.04 17.17
C TYR F 3765 -0.57 -64.86 15.92
N GLN F 3766 -1.67 -65.22 15.22
CA GLN F 3766 -1.53 -66.00 14.00
C GLN F 3766 -0.79 -65.21 12.93
N GLN F 3767 -1.07 -63.91 12.81
CA GLN F 3767 -0.31 -63.06 11.91
C GLN F 3767 1.13 -62.89 12.37
N SER F 3768 1.37 -62.92 13.70
CA SER F 3768 2.71 -62.76 14.21
C SER F 3768 3.60 -63.93 13.83
N ARG F 3769 3.03 -65.12 13.65
CA ARG F 3769 3.85 -66.28 13.26
C ARG F 3769 4.45 -66.09 11.89
N LEU F 3770 3.88 -65.23 11.06
CA LEU F 3770 4.38 -65.01 9.71
C LEU F 3770 5.27 -63.79 9.60
N HIS F 3771 4.78 -62.61 10.00
CA HIS F 3771 5.54 -61.39 9.79
C HIS F 3771 6.79 -61.30 10.66
N THR F 3772 6.90 -62.12 11.71
CA THR F 3772 8.14 -62.22 12.45
C THR F 3772 9.14 -63.16 11.79
N ARG F 3773 8.76 -63.81 10.70
CA ARG F 3773 9.64 -64.71 9.96
C ARG F 3773 9.83 -64.23 8.52
N GLY F 3774 9.70 -62.93 8.29
CA GLY F 3774 9.97 -62.35 7.00
C GLY F 3774 8.85 -62.47 5.98
N ALA F 3775 7.65 -62.85 6.39
CA ALA F 3775 6.56 -62.99 5.44
C ALA F 3775 6.12 -61.65 4.87
N ALA F 3776 6.16 -60.58 5.69
CA ALA F 3776 5.75 -59.27 5.21
C ALA F 3776 6.65 -58.78 4.09
N GLU F 3777 7.97 -58.96 4.24
CA GLU F 3777 8.89 -58.57 3.18
C GLU F 3777 8.74 -59.44 1.95
N MET F 3778 8.43 -60.72 2.12
CA MET F 3778 8.27 -61.62 0.98
C MET F 3778 7.11 -61.19 0.09
N VAL F 3779 6.02 -60.73 0.70
CA VAL F 3779 4.86 -60.29 -0.08
C VAL F 3779 5.23 -59.13 -0.98
N LEU F 3780 5.97 -58.16 -0.44
CA LEU F 3780 6.39 -57.01 -1.24
C LEU F 3780 7.33 -57.44 -2.36
N GLN F 3781 8.25 -58.36 -2.06
CA GLN F 3781 9.20 -58.81 -3.08
C GLN F 3781 8.48 -59.55 -4.21
N MET F 3782 7.51 -60.40 -3.87
CA MET F 3782 6.78 -61.12 -4.90
C MET F 3782 5.96 -60.17 -5.77
N ILE F 3783 5.35 -59.16 -5.17
CA ILE F 3783 4.61 -58.17 -5.95
C ILE F 3783 5.55 -57.43 -6.88
N SER F 3784 6.73 -57.03 -6.38
CA SER F 3784 7.70 -56.37 -7.23
C SER F 3784 8.26 -57.31 -8.29
N ALA F 3785 8.28 -58.61 -8.01
CA ALA F 3785 8.86 -59.56 -8.96
C ALA F 3785 7.93 -59.81 -10.15
N CYS F 3786 6.62 -59.76 -9.94
CA CYS F 3786 5.69 -60.02 -11.03
C CYS F 3786 5.72 -58.93 -12.09
N LYS F 3787 6.20 -57.74 -11.75
CA LYS F 3787 6.36 -56.64 -12.69
C LYS F 3787 5.04 -56.25 -13.35
N GLY F 3788 3.94 -56.37 -12.63
CA GLY F 3788 2.65 -55.96 -13.15
C GLY F 3788 1.98 -56.95 -14.07
N GLU F 3789 2.37 -58.22 -14.04
CA GLU F 3789 1.73 -59.26 -14.84
C GLU F 3789 0.73 -60.00 -13.96
N THR F 3790 -0.53 -59.99 -14.39
CA THR F 3790 -1.57 -60.70 -13.64
C THR F 3790 -1.40 -62.21 -13.79
N GLY F 3791 -1.87 -62.93 -12.78
CA GLY F 3791 -1.76 -64.37 -12.79
C GLY F 3791 -2.04 -64.93 -11.41
N ALA F 3792 -1.85 -66.25 -11.30
CA ALA F 3792 -2.08 -66.92 -10.03
C ALA F 3792 -1.01 -66.57 -9.01
N MET F 3793 0.20 -66.27 -9.46
CA MET F 3793 1.28 -65.93 -8.53
C MET F 3793 0.98 -64.64 -7.78
N VAL F 3794 0.60 -63.59 -8.50
CA VAL F 3794 0.32 -62.31 -7.86
C VAL F 3794 -0.95 -62.39 -7.02
N SER F 3795 -1.96 -63.12 -7.50
CA SER F 3795 -3.20 -63.23 -6.73
C SER F 3795 -2.97 -63.95 -5.41
N SER F 3796 -2.16 -65.01 -5.41
CA SER F 3796 -1.84 -65.69 -4.16
C SER F 3796 -1.06 -64.78 -3.23
N THR F 3797 -0.14 -63.98 -3.77
CA THR F 3797 0.63 -63.05 -2.95
C THR F 3797 -0.27 -62.00 -2.31
N LEU F 3798 -1.22 -61.46 -3.08
CA LEU F 3798 -2.11 -60.44 -2.54
C LEU F 3798 -3.00 -61.01 -1.43
N LYS F 3799 -3.51 -62.22 -1.61
CA LYS F 3799 -4.32 -62.85 -0.57
C LYS F 3799 -3.52 -63.06 0.71
N LEU F 3800 -2.26 -63.48 0.57
CA LEU F 3800 -1.41 -63.65 1.75
C LEU F 3800 -1.15 -62.31 2.43
N GLY F 3801 -0.90 -61.27 1.64
CA GLY F 3801 -0.70 -59.95 2.23
C GLY F 3801 -1.92 -59.44 2.97
N ILE F 3802 -3.11 -59.70 2.41
CA ILE F 3802 -4.34 -59.33 3.09
C ILE F 3802 -4.50 -60.12 4.38
N SER F 3803 -4.13 -61.40 4.35
CA SER F 3803 -4.32 -62.25 5.52
C SER F 3803 -3.51 -61.76 6.71
N ILE F 3804 -2.28 -61.29 6.48
CA ILE F 3804 -1.45 -60.78 7.56
C ILE F 3804 -1.72 -59.32 7.87
N LEU F 3805 -2.54 -58.64 7.06
CA LEU F 3805 -2.86 -57.24 7.29
C LEU F 3805 -4.29 -57.02 7.75
N ASN F 3806 -5.08 -58.07 7.92
CA ASN F 3806 -6.47 -57.91 8.35
C ASN F 3806 -6.54 -57.29 9.73
N GLY F 3807 -7.50 -56.40 9.92
CA GLY F 3807 -7.64 -55.67 11.15
C GLY F 3807 -6.74 -54.48 11.32
N GLY F 3808 -5.94 -54.16 10.29
CA GLY F 3808 -5.01 -53.04 10.39
C GLY F 3808 -3.85 -53.33 11.30
N ASN F 3809 -3.09 -54.38 11.00
CA ASN F 3809 -1.95 -54.77 11.82
C ASN F 3809 -0.86 -53.71 11.69
N ALA F 3810 -0.69 -52.89 12.73
CA ALA F 3810 0.29 -51.81 12.68
C ALA F 3810 1.71 -52.35 12.58
N GLU F 3811 1.99 -53.47 13.25
CA GLU F 3811 3.33 -54.03 13.22
C GLU F 3811 3.72 -54.49 11.83
N VAL F 3812 2.80 -55.12 11.10
CA VAL F 3812 3.08 -55.52 9.73
C VAL F 3812 3.23 -54.31 8.82
N GLN F 3813 2.40 -53.29 9.04
CA GLN F 3813 2.49 -52.07 8.23
C GLN F 3813 3.84 -51.39 8.42
N GLN F 3814 4.34 -51.36 9.66
CA GLN F 3814 5.64 -50.75 9.92
C GLN F 3814 6.75 -51.52 9.23
N LYS F 3815 6.70 -52.86 9.28
CA LYS F 3815 7.73 -53.67 8.62
C LYS F 3815 7.70 -53.48 7.11
N MET F 3816 6.50 -53.47 6.53
CA MET F 3816 6.40 -53.24 5.09
C MET F 3816 6.89 -51.85 4.71
N LEU F 3817 6.52 -50.83 5.48
CA LEU F 3817 6.94 -49.47 5.17
C LEU F 3817 8.45 -49.31 5.33
N ASP F 3818 9.01 -49.91 6.37
CA ASP F 3818 10.47 -49.82 6.56
C ASP F 3818 11.22 -50.48 5.43
N TYR F 3819 10.76 -51.67 4.99
CA TYR F 3819 11.45 -52.39 3.93
C TYR F 3819 11.45 -51.60 2.63
N LEU F 3820 10.31 -50.99 2.29
CA LEU F 3820 10.24 -50.21 1.05
C LEU F 3820 11.16 -49.00 1.11
N LYS F 3821 11.26 -48.35 2.27
CA LYS F 3821 12.03 -47.12 2.36
C LYS F 3821 13.54 -47.38 2.34
N ASP F 3822 14.00 -48.49 2.92
CA ASP F 3822 15.43 -48.76 2.90
C ASP F 3822 15.89 -49.25 1.53
N LYS F 3823 15.08 -50.06 0.85
CA LYS F 3823 15.47 -50.56 -0.46
C LYS F 3823 15.40 -49.47 -1.52
N LYS F 3824 14.43 -48.56 -1.42
CA LYS F 3824 14.25 -47.46 -2.37
C LYS F 3824 14.08 -47.98 -3.80
N GLU F 3825 13.39 -49.09 -3.97
CA GLU F 3825 13.15 -49.67 -5.28
C GLU F 3825 11.86 -49.13 -5.86
N VAL F 3826 11.85 -48.90 -7.18
CA VAL F 3826 10.66 -48.41 -7.85
C VAL F 3826 9.81 -49.54 -8.43
N GLY F 3827 10.30 -50.78 -8.39
CA GLY F 3827 9.57 -51.88 -8.99
C GLY F 3827 8.25 -52.18 -8.31
N PHE F 3828 8.18 -51.97 -6.99
CA PHE F 3828 6.97 -52.32 -6.26
C PHE F 3828 5.77 -51.49 -6.73
N PHE F 3829 5.94 -50.16 -6.79
CA PHE F 3829 4.83 -49.31 -7.21
C PHE F 3829 4.61 -49.35 -8.71
N GLN F 3830 5.67 -49.59 -9.49
CA GLN F 3830 5.48 -49.81 -10.92
C GLN F 3830 4.65 -51.05 -11.18
N SER F 3831 4.90 -52.11 -10.41
CA SER F 3831 4.07 -53.32 -10.53
C SER F 3831 2.64 -53.05 -10.11
N ILE F 3832 2.44 -52.31 -9.00
CA ILE F 3832 1.10 -52.00 -8.53
C ILE F 3832 0.35 -51.18 -9.56
N GLN F 3833 1.01 -50.16 -10.12
CA GLN F 3833 0.35 -49.32 -11.11
C GLN F 3833 -0.02 -50.11 -12.35
N ALA F 3834 0.87 -50.99 -12.81
CA ALA F 3834 0.58 -51.80 -13.98
C ALA F 3834 -0.60 -52.74 -13.72
N LEU F 3835 -0.66 -53.34 -12.54
CA LEU F 3835 -1.77 -54.23 -12.22
C LEU F 3835 -3.10 -53.49 -12.21
N MET F 3836 -3.12 -52.28 -11.67
CA MET F 3836 -4.35 -51.50 -11.64
C MET F 3836 -4.82 -51.09 -13.03
N GLN F 3837 -3.89 -50.87 -13.96
CA GLN F 3837 -4.27 -50.53 -15.32
C GLN F 3837 -4.80 -51.72 -16.10
N THR F 3838 -4.51 -52.94 -15.66
CA THR F 3838 -5.01 -54.15 -16.30
C THR F 3838 -6.31 -54.65 -15.70
N CYS F 3839 -6.81 -54.00 -14.64
CA CYS F 3839 -8.07 -54.40 -14.04
C CYS F 3839 -9.21 -54.12 -15.02
N SER F 3840 -10.12 -55.07 -15.15
CA SER F 3840 -11.20 -54.97 -16.12
C SER F 3840 -12.41 -54.28 -15.52
N VAL F 3841 -13.21 -53.69 -16.40
CA VAL F 3841 -14.47 -53.05 -16.01
C VAL F 3841 -15.59 -53.70 -16.82
N LEU F 3842 -16.81 -53.22 -16.64
CA LEU F 3842 -17.94 -53.76 -17.40
C LEU F 3842 -17.76 -53.48 -18.88
N ASP F 3843 -17.77 -54.54 -19.68
CA ASP F 3843 -17.65 -54.43 -21.14
C ASP F 3843 -18.94 -54.90 -21.76
N LEU F 3844 -19.63 -53.99 -22.45
CA LEU F 3844 -20.90 -54.35 -23.08
C LEU F 3844 -20.71 -55.27 -24.27
N ASN F 3845 -19.60 -55.09 -25.01
CA ASN F 3845 -19.32 -55.98 -26.14
C ASN F 3845 -19.14 -57.42 -25.67
N ALA F 3846 -18.41 -57.61 -24.57
CA ALA F 3846 -18.27 -58.94 -23.99
C ALA F 3846 -19.62 -59.45 -23.47
N PHE F 3847 -20.41 -58.55 -22.86
CA PHE F 3847 -21.72 -58.94 -22.35
C PHE F 3847 -22.66 -59.36 -23.46
N GLU F 3848 -22.65 -58.62 -24.57
CA GLU F 3848 -23.51 -58.97 -25.70
C GLU F 3848 -23.14 -60.32 -26.29
N ARG F 3849 -21.84 -60.62 -26.38
CA ARG F 3849 -21.40 -61.90 -26.91
C ARG F 3849 -21.86 -63.05 -26.02
N GLN F 3850 -21.80 -62.88 -24.70
CA GLN F 3850 -22.20 -63.95 -23.79
C GLN F 3850 -23.69 -64.24 -23.91
N ASN F 3851 -24.52 -63.21 -24.09
CA ASN F 3851 -25.95 -63.42 -24.19
C ASN F 3851 -26.29 -64.26 -25.41
N LYS F 3852 -25.64 -64.01 -26.54
CA LYS F 3852 -25.84 -64.86 -27.71
C LYS F 3852 -25.28 -66.26 -27.47
N ALA F 3853 -24.13 -66.36 -26.79
CA ALA F 3853 -23.52 -67.66 -26.56
C ALA F 3853 -24.40 -68.55 -25.71
N GLU F 3854 -25.00 -67.98 -24.65
CA GLU F 3854 -25.89 -68.77 -23.80
C GLU F 3854 -27.20 -69.10 -24.48
N GLY F 3855 -27.56 -68.37 -25.54
CA GLY F 3855 -28.77 -68.69 -26.29
C GLY F 3855 -28.64 -69.81 -27.29
N LEU F 3856 -27.41 -70.21 -27.61
CA LEU F 3856 -27.21 -71.30 -28.56
C LEU F 3856 -27.53 -72.65 -27.92
N GLY F 3857 -27.09 -72.85 -26.67
CA GLY F 3857 -27.31 -74.12 -26.00
C GLY F 3857 -26.42 -75.23 -26.53
N MET F 3858 -25.11 -75.09 -26.33
CA MET F 3858 -24.14 -76.04 -26.85
C MET F 3858 -24.09 -77.30 -25.98
N VAL F 3859 -23.62 -78.38 -26.59
CA VAL F 3859 -23.44 -79.67 -25.92
C VAL F 3859 -22.09 -80.25 -26.35
N ASN F 3860 -21.65 -81.26 -25.62
CA ASN F 3860 -20.40 -81.94 -25.93
C ASN F 3860 -20.66 -83.23 -26.71
N GLU F 3861 -19.57 -83.88 -27.14
CA GLU F 3861 -19.68 -85.10 -27.92
C GLU F 3861 -19.96 -86.32 -27.04
N ASP F 3862 -19.05 -86.59 -26.09
CA ASP F 3862 -19.20 -87.75 -25.22
C ASP F 3862 -20.27 -87.48 -24.17
N GLY F 3863 -21.52 -87.77 -24.52
CA GLY F 3863 -22.64 -87.46 -23.65
C GLY F 3863 -23.31 -86.16 -24.05
N THR F 3864 -23.69 -85.36 -23.06
CA THR F 3864 -24.33 -84.07 -23.33
C THR F 3864 -24.21 -83.20 -22.09
N VAL F 3865 -23.58 -82.05 -22.24
CA VAL F 3865 -23.44 -81.09 -21.15
C VAL F 3865 -24.61 -80.12 -21.20
N ILE F 3866 -25.14 -79.79 -20.04
CA ILE F 3866 -26.33 -78.94 -19.93
C ILE F 3866 -25.84 -77.52 -19.72
N ASN F 3867 -25.62 -76.81 -20.83
CA ASN F 3867 -25.26 -75.39 -20.82
C ASN F 3867 -24.01 -75.15 -19.97
N ARG F 3868 -22.89 -75.70 -20.48
CA ARG F 3868 -21.60 -75.62 -19.81
C ARG F 3868 -21.31 -74.21 -19.32
N GLN F 3869 -20.75 -74.12 -18.11
CA GLN F 3869 -20.58 -72.86 -17.39
C GLN F 3869 -19.15 -72.36 -17.45
N ASN F 3870 -18.51 -72.46 -18.62
CA ASN F 3870 -17.14 -71.98 -18.81
C ASN F 3870 -16.95 -70.54 -18.33
N GLY F 3871 -15.71 -70.16 -18.04
CA GLY F 3871 -15.37 -68.90 -17.42
C GLY F 3871 -16.10 -67.66 -17.89
N GLU F 3872 -16.61 -66.88 -16.95
CA GLU F 3872 -17.26 -65.61 -17.27
C GLU F 3872 -16.25 -64.65 -17.89
N LYS F 3873 -16.68 -63.96 -18.95
CA LYS F 3873 -15.82 -63.02 -19.66
C LYS F 3873 -16.19 -61.57 -19.40
N VAL F 3874 -17.09 -61.29 -18.47
CA VAL F 3874 -17.43 -59.93 -18.07
C VAL F 3874 -16.94 -59.74 -16.65
N MET F 3875 -15.90 -58.91 -16.49
CA MET F 3875 -15.22 -58.70 -15.21
C MET F 3875 -14.80 -60.03 -14.60
N ALA F 3876 -13.99 -60.77 -15.39
CA ALA F 3876 -13.53 -62.08 -14.96
C ALA F 3876 -12.63 -61.97 -13.74
N ASP F 3877 -11.80 -60.93 -13.65
CA ASP F 3877 -10.88 -60.74 -12.55
C ASP F 3877 -11.43 -59.81 -11.48
N ASP F 3878 -12.75 -59.83 -11.27
CA ASP F 3878 -13.35 -58.97 -10.26
C ASP F 3878 -12.83 -59.31 -8.86
N GLU F 3879 -12.64 -60.60 -8.58
CA GLU F 3879 -12.08 -60.99 -7.28
C GLU F 3879 -10.65 -60.50 -7.14
N PHE F 3880 -9.87 -60.52 -8.22
CA PHE F 3880 -8.51 -60.00 -8.17
C PHE F 3880 -8.51 -58.50 -7.96
N THR F 3881 -9.43 -57.78 -8.61
CA THR F 3881 -9.50 -56.34 -8.44
C THR F 3881 -9.85 -55.98 -7.00
N GLN F 3882 -10.76 -56.72 -6.39
CA GLN F 3882 -11.15 -56.41 -5.01
C GLN F 3882 -9.99 -56.60 -4.04
N ASP F 3883 -9.25 -57.69 -4.18
CA ASP F 3883 -8.15 -57.93 -3.25
C ASP F 3883 -6.98 -56.99 -3.51
N LEU F 3884 -6.81 -56.54 -4.76
CA LEU F 3884 -5.76 -55.57 -5.04
C LEU F 3884 -6.01 -54.25 -4.31
N PHE F 3885 -7.26 -53.78 -4.31
CA PHE F 3885 -7.58 -52.56 -3.58
C PHE F 3885 -7.78 -52.83 -2.09
N ARG F 3886 -8.18 -54.04 -1.73
CA ARG F 3886 -8.23 -54.40 -0.30
C ARG F 3886 -6.84 -54.37 0.30
N PHE F 3887 -5.83 -54.85 -0.44
CA PHE F 3887 -4.46 -54.81 0.03
C PHE F 3887 -3.99 -53.38 0.22
N LEU F 3888 -4.31 -52.50 -0.72
CA LEU F 3888 -3.93 -51.09 -0.59
C LEU F 3888 -4.65 -50.43 0.57
N GLN F 3889 -5.91 -50.78 0.79
CA GLN F 3889 -6.65 -50.23 1.93
C GLN F 3889 -6.02 -50.66 3.25
N LEU F 3890 -5.61 -51.91 3.35
CA LEU F 3890 -5.01 -52.40 4.59
C LEU F 3890 -3.66 -51.77 4.88
N LEU F 3891 -2.96 -51.27 3.85
CA LEU F 3891 -1.72 -50.53 4.09
C LEU F 3891 -1.96 -49.22 4.82
N CYS F 3892 -3.16 -48.64 4.67
CA CYS F 3892 -3.50 -47.39 5.33
C CYS F 3892 -4.51 -47.58 6.46
N GLU F 3893 -4.90 -48.82 6.75
CA GLU F 3893 -5.87 -49.07 7.81
C GLU F 3893 -5.33 -48.63 9.16
N GLY F 3894 -6.21 -48.11 10.01
CA GLY F 3894 -5.80 -47.56 11.27
C GLY F 3894 -5.25 -46.15 11.20
N HIS F 3895 -5.48 -45.46 10.07
CA HIS F 3895 -5.01 -44.08 9.87
C HIS F 3895 -3.49 -44.00 9.98
N ASN F 3896 -2.82 -44.90 9.27
CA ASN F 3896 -1.36 -44.89 9.21
C ASN F 3896 -0.91 -43.73 8.33
N ASN F 3897 -0.62 -42.59 8.94
CA ASN F 3897 -0.32 -41.38 8.17
C ASN F 3897 0.97 -41.55 7.38
N ASP F 3898 1.95 -42.25 7.93
CA ASP F 3898 3.21 -42.44 7.22
C ASP F 3898 3.01 -43.23 5.93
N PHE F 3899 2.19 -44.27 5.97
CA PHE F 3899 1.94 -45.05 4.76
C PHE F 3899 1.00 -44.32 3.81
N GLN F 3900 0.08 -43.51 4.36
CA GLN F 3900 -0.80 -42.72 3.50
C GLN F 3900 -0.01 -41.72 2.68
N ASN F 3901 0.97 -41.06 3.29
CA ASN F 3901 1.82 -40.12 2.56
C ASN F 3901 2.72 -40.86 1.57
N TYR F 3902 3.18 -42.05 1.94
CA TYR F 3902 4.11 -42.79 1.09
C TYR F 3902 3.44 -43.23 -0.21
N LEU F 3903 2.16 -43.58 -0.17
CA LEU F 3903 1.46 -43.96 -1.40
C LEU F 3903 1.37 -42.80 -2.37
N ARG F 3904 1.10 -41.60 -1.85
CA ARG F 3904 1.02 -40.43 -2.72
C ARG F 3904 2.37 -40.09 -3.34
N THR F 3905 3.43 -40.15 -2.53
CA THR F 3905 4.76 -39.80 -3.01
C THR F 3905 5.81 -40.62 -2.28
N GLN F 3906 6.82 -41.07 -3.03
CA GLN F 3906 7.95 -41.81 -2.49
C GLN F 3906 9.18 -40.91 -2.60
N THR F 3907 9.57 -40.32 -1.47
CA THR F 3907 10.63 -39.31 -1.49
C THR F 3907 11.98 -39.91 -1.85
N GLY F 3908 12.31 -41.08 -1.29
CA GLY F 3908 13.63 -41.65 -1.50
C GLY F 3908 13.85 -42.23 -2.88
N ASN F 3909 12.78 -42.61 -3.57
CA ASN F 3909 12.91 -43.25 -4.87
C ASN F 3909 13.29 -42.23 -5.94
N THR F 3910 13.94 -42.72 -6.99
CA THR F 3910 14.31 -41.85 -8.11
C THR F 3910 13.09 -41.39 -8.89
N THR F 3911 12.05 -42.22 -8.95
CA THR F 3911 10.79 -41.86 -9.61
C THR F 3911 9.65 -42.10 -8.63
N THR F 3912 8.58 -41.30 -8.80
CA THR F 3912 7.45 -41.32 -7.90
C THR F 3912 6.18 -41.68 -8.66
N ILE F 3913 5.39 -42.58 -8.09
CA ILE F 3913 4.10 -42.97 -8.65
C ILE F 3913 3.03 -42.64 -7.61
N ASN F 3914 2.01 -41.88 -8.03
CA ASN F 3914 0.94 -41.47 -7.14
C ASN F 3914 -0.15 -42.53 -7.20
N ILE F 3915 -0.14 -43.44 -6.23
CA ILE F 3915 -1.15 -44.49 -6.17
C ILE F 3915 -2.53 -43.91 -5.93
N ILE F 3916 -2.61 -42.81 -5.17
CA ILE F 3916 -3.91 -42.19 -4.88
C ILE F 3916 -4.58 -41.74 -6.18
N ILE F 3917 -3.80 -41.12 -7.07
CA ILE F 3917 -4.35 -40.71 -8.37
C ILE F 3917 -4.68 -41.93 -9.22
N CYS F 3918 -3.84 -42.96 -9.15
CA CYS F 3918 -4.10 -44.18 -9.93
C CYS F 3918 -5.41 -44.83 -9.53
N THR F 3919 -5.76 -44.78 -8.25
CA THR F 3919 -7.05 -45.33 -7.80
C THR F 3919 -8.21 -44.56 -8.42
N VAL F 3920 -8.10 -43.24 -8.51
CA VAL F 3920 -9.16 -42.44 -9.12
C VAL F 3920 -9.29 -42.76 -10.59
N ASP F 3921 -8.16 -43.03 -11.26
CA ASP F 3921 -8.21 -43.34 -12.69
C ASP F 3921 -9.02 -44.61 -12.94
N TYR F 3922 -8.83 -45.64 -12.12
CA TYR F 3922 -9.65 -46.84 -12.26
C TYR F 3922 -11.09 -46.57 -11.91
N LEU F 3923 -11.35 -45.72 -10.91
CA LEU F 3923 -12.72 -45.41 -10.53
C LEU F 3923 -13.47 -44.74 -11.67
N LEU F 3924 -12.79 -43.85 -12.41
CA LEU F 3924 -13.42 -43.24 -13.58
C LEU F 3924 -13.76 -44.28 -14.64
N ARG F 3925 -12.83 -45.21 -14.91
CA ARG F 3925 -13.11 -46.25 -15.90
C ARG F 3925 -14.25 -47.14 -15.46
N LEU F 3926 -14.28 -47.49 -14.16
CA LEU F 3926 -15.39 -48.29 -13.64
C LEU F 3926 -16.70 -47.52 -13.70
N GLN F 3927 -16.67 -46.22 -13.36
CA GLN F 3927 -17.88 -45.42 -13.40
C GLN F 3927 -18.43 -45.30 -14.83
N GLU F 3928 -17.54 -45.08 -15.80
CA GLU F 3928 -17.99 -44.98 -17.19
C GLU F 3928 -18.61 -46.28 -17.66
N SER F 3929 -18.02 -47.41 -17.27
CA SER F 3929 -18.59 -48.71 -17.65
C SER F 3929 -19.97 -48.90 -17.04
N ILE F 3930 -20.14 -48.49 -15.77
CA ILE F 3930 -21.45 -48.61 -15.12
C ILE F 3930 -22.46 -47.69 -15.81
N SER F 3931 -22.04 -46.49 -16.19
CA SER F 3931 -22.93 -45.58 -16.91
C SER F 3931 -23.36 -46.18 -18.24
N ASP F 3932 -22.43 -46.79 -18.97
CA ASP F 3932 -22.77 -47.43 -20.24
C ASP F 3932 -23.73 -48.60 -20.01
N PHE F 3933 -23.52 -49.35 -18.92
CA PHE F 3933 -24.40 -50.47 -18.63
C PHE F 3933 -25.82 -50.00 -18.33
N TYR F 3934 -25.96 -48.87 -17.64
CA TYR F 3934 -27.28 -48.33 -17.36
C TYR F 3934 -28.00 -47.95 -18.65
N TRP F 3935 -27.30 -47.30 -19.58
CA TRP F 3935 -27.92 -46.90 -20.83
C TRP F 3935 -28.37 -48.13 -21.62
N TYR F 3936 -27.62 -49.22 -21.54
CA TYR F 3936 -28.01 -50.44 -22.24
C TYR F 3936 -29.37 -50.93 -21.75
N TYR F 3937 -29.60 -50.89 -20.44
CA TYR F 3937 -30.86 -51.31 -19.86
C TYR F 3937 -31.85 -50.17 -19.66
N SER F 3938 -31.49 -48.94 -20.02
CA SER F 3938 -32.39 -47.81 -19.82
C SER F 3938 -33.67 -47.97 -20.62
N GLY F 3939 -33.56 -48.42 -21.87
CA GLY F 3939 -34.74 -48.64 -22.68
C GLY F 3939 -35.56 -49.83 -22.19
N LYS F 3940 -34.89 -50.89 -21.76
CA LYS F 3940 -35.58 -52.09 -21.33
C LYS F 3940 -36.35 -51.85 -20.03
N ASP F 3941 -37.51 -52.50 -19.92
CA ASP F 3941 -38.36 -52.30 -18.76
C ASP F 3941 -37.82 -52.99 -17.52
N VAL F 3942 -37.29 -54.21 -17.67
CA VAL F 3942 -36.81 -55.00 -16.55
C VAL F 3942 -35.41 -55.51 -16.86
N ILE F 3943 -34.53 -55.44 -15.88
CA ILE F 3943 -33.17 -55.95 -16.00
C ILE F 3943 -33.21 -57.44 -15.73
N GLU F 3944 -32.69 -58.23 -16.67
CA GLU F 3944 -32.73 -59.68 -16.55
C GLU F 3944 -31.67 -60.16 -15.57
N GLU F 3945 -31.63 -61.48 -15.35
CA GLU F 3945 -30.79 -62.05 -14.30
C GLU F 3945 -29.30 -61.82 -14.57
N GLN F 3946 -28.87 -62.04 -15.82
CA GLN F 3946 -27.45 -61.89 -16.12
C GLN F 3946 -26.98 -60.45 -15.92
N GLY F 3947 -27.82 -59.48 -16.30
CA GLY F 3947 -27.48 -58.09 -16.09
C GLY F 3947 -27.38 -57.73 -14.62
N LYS F 3948 -28.29 -58.27 -13.80
CA LYS F 3948 -28.25 -57.98 -12.37
C LYS F 3948 -26.98 -58.53 -11.73
N ARG F 3949 -26.56 -59.73 -12.14
CA ARG F 3949 -25.36 -60.32 -11.58
C ARG F 3949 -24.12 -59.50 -11.93
N ASN F 3950 -24.05 -59.01 -13.18
CA ASN F 3950 -22.93 -58.16 -13.57
C ASN F 3950 -22.98 -56.82 -12.86
N PHE F 3951 -24.18 -56.29 -12.62
CA PHE F 3951 -24.30 -55.08 -11.82
C PHE F 3951 -23.80 -55.30 -10.40
N SER F 3952 -24.13 -56.46 -9.82
CA SER F 3952 -23.76 -56.72 -8.43
C SER F 3952 -22.26 -56.77 -8.26
N LYS F 3953 -21.55 -57.45 -9.17
CA LYS F 3953 -20.10 -57.53 -9.03
C LYS F 3953 -19.43 -56.20 -9.31
N ALA F 3954 -19.99 -55.39 -10.21
CA ALA F 3954 -19.45 -54.05 -10.44
C ALA F 3954 -19.61 -53.17 -9.21
N MET F 3955 -20.76 -53.27 -8.54
CA MET F 3955 -20.97 -52.49 -7.32
C MET F 3955 -20.04 -52.96 -6.21
N SER F 3956 -19.79 -54.28 -6.13
CA SER F 3956 -18.88 -54.79 -5.12
C SER F 3956 -17.47 -54.24 -5.30
N VAL F 3957 -17.00 -54.18 -6.55
CA VAL F 3957 -15.70 -53.59 -6.83
C VAL F 3957 -15.72 -52.09 -6.51
N ALA F 3958 -16.81 -51.40 -6.88
CA ALA F 3958 -16.91 -49.98 -6.60
C ALA F 3958 -16.90 -49.70 -5.10
N LYS F 3959 -17.50 -50.60 -4.30
CA LYS F 3959 -17.45 -50.44 -2.86
C LYS F 3959 -16.01 -50.49 -2.35
N GLN F 3960 -15.22 -51.43 -2.85
CA GLN F 3960 -13.84 -51.57 -2.40
C GLN F 3960 -13.02 -50.34 -2.78
N VAL F 3961 -13.22 -49.82 -3.99
CA VAL F 3961 -12.48 -48.64 -4.42
C VAL F 3961 -12.84 -47.43 -3.56
N PHE F 3962 -14.13 -47.26 -3.27
CA PHE F 3962 -14.54 -46.17 -2.39
C PHE F 3962 -13.98 -46.35 -0.99
N ASN F 3963 -13.97 -47.58 -0.48
CA ASN F 3963 -13.36 -47.84 0.83
C ASN F 3963 -11.88 -47.56 0.80
N SER F 3964 -11.19 -47.94 -0.27
CA SER F 3964 -9.76 -47.67 -0.39
C SER F 3964 -9.49 -46.18 -0.42
N LEU F 3965 -10.29 -45.42 -1.18
CA LEU F 3965 -10.13 -43.97 -1.22
C LEU F 3965 -10.41 -43.36 0.13
N THR F 3966 -11.42 -43.87 0.84
CA THR F 3966 -11.73 -43.37 2.18
C THR F 3966 -10.57 -43.61 3.13
N GLU F 3967 -9.93 -44.78 3.04
CA GLU F 3967 -8.82 -45.08 3.94
C GLU F 3967 -7.60 -44.23 3.64
N TYR F 3968 -7.45 -43.76 2.39
CA TYR F 3968 -6.31 -42.93 2.04
C TYR F 3968 -6.36 -41.59 2.76
N ILE F 3969 -7.55 -41.00 2.88
CA ILE F 3969 -7.67 -39.61 3.34
C ILE F 3969 -8.07 -39.49 4.80
N GLN F 3970 -8.57 -40.56 5.42
CA GLN F 3970 -8.97 -40.48 6.82
C GLN F 3970 -7.76 -40.32 7.73
N GLY F 3971 -7.99 -39.74 8.90
CA GLY F 3971 -6.94 -39.49 9.86
C GLY F 3971 -6.90 -38.08 10.44
N PRO F 3972 -7.10 -37.05 9.62
CA PRO F 3972 -7.11 -36.94 8.15
C PRO F 3972 -5.71 -36.83 7.56
N CYS F 3973 -5.56 -37.23 6.31
CA CYS F 3973 -4.30 -37.04 5.57
C CYS F 3973 -4.50 -35.85 4.65
N THR F 3974 -3.94 -34.70 5.04
CA THR F 3974 -4.15 -33.47 4.29
C THR F 3974 -3.58 -33.58 2.88
N GLY F 3975 -2.42 -34.20 2.74
CA GLY F 3975 -1.82 -34.34 1.42
C GLY F 3975 -2.68 -35.13 0.46
N ASN F 3976 -3.27 -36.23 0.94
CA ASN F 3976 -4.14 -37.03 0.09
C ASN F 3976 -5.44 -36.30 -0.21
N GLN F 3977 -5.96 -35.53 0.75
CA GLN F 3977 -7.18 -34.76 0.52
C GLN F 3977 -6.97 -33.73 -0.58
N GLN F 3978 -5.83 -33.03 -0.55
CA GLN F 3978 -5.52 -32.07 -1.59
C GLN F 3978 -5.33 -32.76 -2.94
N SER F 3979 -4.70 -33.94 -2.93
CA SER F 3979 -4.51 -34.68 -4.17
C SER F 3979 -5.84 -35.11 -4.77
N LEU F 3980 -6.77 -35.56 -3.94
CA LEU F 3980 -8.08 -35.95 -4.45
C LEU F 3980 -8.88 -34.74 -4.91
N ALA F 3981 -8.72 -33.60 -4.22
CA ALA F 3981 -9.48 -32.41 -4.58
C ALA F 3981 -9.12 -31.93 -5.98
N HIS F 3982 -7.84 -31.99 -6.34
CA HIS F 3982 -7.36 -31.54 -7.64
C HIS F 3982 -7.39 -32.64 -8.69
N SER F 3983 -7.85 -33.84 -8.33
CA SER F 3983 -7.91 -34.95 -9.27
C SER F 3983 -9.26 -34.95 -9.98
N ARG F 3984 -9.50 -36.01 -10.76
CA ARG F 3984 -10.76 -36.20 -11.46
C ARG F 3984 -11.79 -36.93 -10.62
N LEU F 3985 -11.64 -36.93 -9.30
CA LEU F 3985 -12.60 -37.61 -8.44
C LEU F 3985 -13.99 -36.98 -8.56
N TRP F 3986 -14.05 -35.65 -8.69
CA TRP F 3986 -15.33 -34.97 -8.80
C TRP F 3986 -16.09 -35.42 -10.04
N ASP F 3987 -15.39 -35.65 -11.15
CA ASP F 3987 -16.04 -36.14 -12.35
C ASP F 3987 -16.65 -37.52 -12.12
N ALA F 3988 -15.94 -38.39 -11.40
CA ALA F 3988 -16.48 -39.71 -11.10
C ALA F 3988 -17.70 -39.61 -10.20
N VAL F 3989 -17.66 -38.73 -9.19
CA VAL F 3989 -18.79 -38.59 -8.28
C VAL F 3989 -20.01 -38.06 -9.02
N VAL F 3990 -19.81 -37.10 -9.92
CA VAL F 3990 -20.91 -36.58 -10.73
C VAL F 3990 -21.53 -37.69 -11.57
N GLY F 3991 -20.69 -38.52 -12.19
CA GLY F 3991 -21.19 -39.62 -12.98
C GLY F 3991 -21.93 -40.65 -12.15
N PHE F 3992 -21.42 -40.96 -10.95
CA PHE F 3992 -22.09 -41.91 -10.09
C PHE F 3992 -23.46 -41.39 -9.65
N LEU F 3993 -23.56 -40.10 -9.34
CA LEU F 3993 -24.83 -39.53 -8.94
C LEU F 3993 -25.88 -39.66 -10.04
N HIS F 3994 -25.47 -39.49 -11.31
CA HIS F 3994 -26.40 -39.67 -12.41
C HIS F 3994 -26.88 -41.12 -12.48
N VAL F 3995 -25.97 -42.08 -12.32
CA VAL F 3995 -26.37 -43.48 -12.34
C VAL F 3995 -27.20 -43.83 -11.11
N PHE F 3996 -26.81 -43.31 -9.94
CA PHE F 3996 -27.55 -43.60 -8.72
C PHE F 3996 -28.98 -43.08 -8.81
N ALA F 3997 -29.17 -41.87 -9.30
CA ALA F 3997 -30.50 -41.28 -9.35
C ALA F 3997 -31.42 -42.06 -10.28
N HIS F 3998 -30.93 -42.41 -11.47
CA HIS F 3998 -31.78 -43.07 -12.45
C HIS F 3998 -31.99 -44.54 -12.12
N MET F 3999 -30.97 -45.22 -11.60
CA MET F 3999 -31.14 -46.63 -11.23
C MET F 3999 -32.11 -46.79 -10.06
N MET F 4000 -32.07 -45.87 -9.09
CA MET F 4000 -33.00 -45.93 -7.97
C MET F 4000 -34.44 -45.84 -8.45
N MET F 4001 -34.72 -44.92 -9.37
CA MET F 4001 -36.07 -44.80 -9.93
C MET F 4001 -36.45 -46.04 -10.72
N LYS F 4002 -35.51 -46.59 -11.49
CA LYS F 4002 -35.82 -47.74 -12.33
C LYS F 4002 -36.00 -49.01 -11.51
N LEU F 4003 -35.10 -49.24 -10.55
CA LEU F 4003 -35.16 -50.48 -9.77
C LEU F 4003 -36.37 -50.51 -8.84
N ALA F 4004 -36.84 -49.34 -8.39
CA ALA F 4004 -37.96 -49.29 -7.47
C ALA F 4004 -39.30 -49.65 -8.12
N GLN F 4005 -39.34 -49.76 -9.44
CA GLN F 4005 -40.58 -50.01 -10.16
C GLN F 4005 -40.94 -51.50 -10.24
N ASP F 4006 -40.10 -52.38 -9.70
CA ASP F 4006 -40.42 -53.80 -9.69
C ASP F 4006 -39.75 -54.44 -8.47
N SER F 4007 -40.51 -55.23 -7.73
CA SER F 4007 -40.02 -55.85 -6.51
C SER F 4007 -39.04 -57.00 -6.77
N SER F 4008 -38.96 -57.49 -8.00
CA SER F 4008 -38.00 -58.55 -8.31
C SER F 4008 -36.56 -58.07 -8.25
N GLN F 4009 -36.34 -56.75 -8.26
CA GLN F 4009 -35.00 -56.18 -8.23
C GLN F 4009 -34.74 -55.44 -6.92
N ILE F 4010 -35.42 -55.83 -5.85
CA ILE F 4010 -35.25 -55.15 -4.57
C ILE F 4010 -33.88 -55.44 -3.99
N GLU F 4011 -33.37 -56.66 -4.18
CA GLU F 4011 -32.04 -56.99 -3.66
C GLU F 4011 -30.96 -56.18 -4.36
N LEU F 4012 -31.09 -55.98 -5.67
CA LEU F 4012 -30.14 -55.14 -6.39
C LEU F 4012 -30.25 -53.69 -5.92
N LEU F 4013 -31.46 -53.23 -5.62
CA LEU F 4013 -31.64 -51.88 -5.12
C LEU F 4013 -30.99 -51.70 -3.76
N LYS F 4014 -31.09 -52.70 -2.89
CA LYS F 4014 -30.43 -52.63 -1.60
C LYS F 4014 -28.93 -52.50 -1.75
N GLU F 4015 -28.34 -53.27 -2.67
CA GLU F 4015 -26.91 -53.17 -2.91
C GLU F 4015 -26.54 -51.81 -3.48
N LEU F 4016 -27.39 -51.26 -4.34
CA LEU F 4016 -27.13 -49.94 -4.89
C LEU F 4016 -27.14 -48.87 -3.81
N LEU F 4017 -28.09 -48.97 -2.86
CA LEU F 4017 -28.21 -47.94 -1.82
C LEU F 4017 -26.99 -47.89 -0.92
N ASP F 4018 -26.46 -49.05 -0.52
CA ASP F 4018 -25.28 -49.04 0.33
C ASP F 4018 -24.04 -48.60 -0.42
N LEU F 4019 -24.01 -48.82 -1.74
CA LEU F 4019 -22.92 -48.27 -2.54
C LEU F 4019 -22.92 -46.75 -2.51
N GLN F 4020 -24.11 -46.14 -2.54
CA GLN F 4020 -24.20 -44.69 -2.41
C GLN F 4020 -23.71 -44.23 -1.05
N LYS F 4021 -24.00 -44.99 0.00
CA LYS F 4021 -23.53 -44.65 1.33
C LYS F 4021 -22.01 -44.61 1.39
N ASP F 4022 -21.34 -45.59 0.77
CA ASP F 4022 -19.89 -45.61 0.76
C ASP F 4022 -19.32 -44.41 0.02
N MET F 4023 -19.97 -43.96 -1.06
CA MET F 4023 -19.52 -42.76 -1.75
C MET F 4023 -19.67 -41.53 -0.86
N VAL F 4024 -20.78 -41.44 -0.13
CA VAL F 4024 -20.99 -40.30 0.77
C VAL F 4024 -19.99 -40.33 1.91
N VAL F 4025 -19.69 -41.52 2.44
CA VAL F 4025 -18.68 -41.63 3.49
C VAL F 4025 -17.33 -41.13 2.99
N MET F 4026 -17.00 -41.43 1.74
CA MET F 4026 -15.78 -40.87 1.14
C MET F 4026 -15.85 -39.36 1.06
N LEU F 4027 -17.01 -38.82 0.68
CA LEU F 4027 -17.17 -37.37 0.64
C LEU F 4027 -17.04 -36.75 2.03
N LEU F 4028 -17.62 -37.41 3.04
CA LEU F 4028 -17.49 -36.91 4.40
C LEU F 4028 -16.04 -36.96 4.87
N SER F 4029 -15.26 -37.93 4.40
CA SER F 4029 -13.87 -38.00 4.76
C SER F 4029 -13.07 -36.83 4.19
N LEU F 4030 -13.45 -36.35 3.00
CA LEU F 4030 -12.81 -35.18 2.44
C LEU F 4030 -13.08 -33.92 3.24
N LEU F 4031 -14.12 -33.93 4.08
CA LEU F 4031 -14.48 -32.78 4.91
C LEU F 4031 -13.89 -32.86 6.30
N GLU F 4032 -13.07 -33.86 6.58
CA GLU F 4032 -12.41 -33.95 7.88
C GLU F 4032 -11.40 -32.83 8.03
N GLY F 4033 -11.46 -32.12 9.16
CA GLY F 4033 -10.57 -31.00 9.37
C GLY F 4033 -10.76 -29.87 8.39
N ASN F 4034 -12.00 -29.62 7.98
CA ASN F 4034 -12.30 -28.59 7.00
C ASN F 4034 -12.76 -27.33 7.71
N VAL F 4035 -12.10 -26.20 7.41
CA VAL F 4035 -12.46 -24.93 8.01
C VAL F 4035 -13.65 -24.33 7.28
N VAL F 4036 -14.25 -23.31 7.90
CA VAL F 4036 -15.36 -22.61 7.27
C VAL F 4036 -14.89 -21.96 5.98
N ASN F 4037 -15.69 -22.11 4.92
CA ASN F 4037 -15.36 -21.64 3.59
C ASN F 4037 -14.07 -22.28 3.07
N GLY F 4038 -13.84 -23.55 3.42
CA GLY F 4038 -12.69 -24.25 2.91
C GLY F 4038 -12.81 -24.54 1.43
N MET F 4039 -11.66 -24.73 0.78
CA MET F 4039 -11.66 -24.94 -0.67
C MET F 4039 -12.26 -26.28 -1.04
N ILE F 4040 -12.02 -27.32 -0.21
CA ILE F 4040 -12.63 -28.62 -0.47
C ILE F 4040 -14.14 -28.54 -0.32
N ALA F 4041 -14.61 -27.87 0.73
CA ALA F 4041 -16.05 -27.74 0.94
C ALA F 4041 -16.71 -26.97 -0.21
N ARG F 4042 -16.08 -25.89 -0.65
CA ARG F 4042 -16.66 -25.12 -1.76
C ARG F 4042 -16.61 -25.90 -3.06
N GLN F 4043 -15.57 -26.70 -3.27
CA GLN F 4043 -15.52 -27.57 -4.44
C GLN F 4043 -16.65 -28.59 -4.41
N MET F 4044 -16.92 -29.16 -3.24
CA MET F 4044 -17.98 -30.16 -3.13
C MET F 4044 -19.35 -29.55 -3.42
N VAL F 4045 -19.56 -28.30 -3.00
CA VAL F 4045 -20.81 -27.61 -3.33
C VAL F 4045 -20.91 -27.42 -4.83
N ASP F 4046 -19.81 -27.04 -5.48
CA ASP F 4046 -19.82 -26.91 -6.94
C ASP F 4046 -20.13 -28.23 -7.61
N MET F 4047 -19.59 -29.33 -7.06
CA MET F 4047 -19.89 -30.65 -7.60
C MET F 4047 -21.37 -30.97 -7.49
N LEU F 4048 -21.99 -30.64 -6.37
CA LEU F 4048 -23.43 -30.87 -6.21
C LEU F 4048 -24.23 -30.01 -7.18
N VAL F 4049 -23.83 -28.75 -7.37
CA VAL F 4049 -24.52 -27.88 -8.30
C VAL F 4049 -24.37 -28.40 -9.73
N GLU F 4050 -23.18 -28.87 -10.08
CA GLU F 4050 -22.95 -29.42 -11.42
C GLU F 4050 -23.85 -30.61 -11.71
N SER F 4051 -24.22 -31.36 -10.67
CA SER F 4051 -25.14 -32.49 -10.79
C SER F 4051 -26.43 -32.23 -10.01
N SER F 4052 -26.95 -31.01 -10.10
CA SER F 4052 -28.12 -30.63 -9.30
C SER F 4052 -29.34 -31.48 -9.66
N SER F 4053 -29.55 -31.74 -10.95
CA SER F 4053 -30.71 -32.52 -11.36
C SER F 4053 -30.69 -33.92 -10.76
N ASN F 4054 -29.53 -34.55 -10.74
CA ASN F 4054 -29.42 -35.88 -10.15
C ASN F 4054 -29.60 -35.84 -8.63
N VAL F 4055 -29.05 -34.80 -7.98
CA VAL F 4055 -29.19 -34.67 -6.54
C VAL F 4055 -30.65 -34.45 -6.17
N GLU F 4056 -31.35 -33.60 -6.93
CA GLU F 4056 -32.77 -33.37 -6.68
C GLU F 4056 -33.57 -34.66 -6.85
N MET F 4057 -33.22 -35.46 -7.87
CA MET F 4057 -33.90 -36.73 -8.09
C MET F 4057 -33.68 -37.69 -6.93
N ILE F 4058 -32.46 -37.74 -6.40
CA ILE F 4058 -32.17 -38.58 -5.25
C ILE F 4058 -32.94 -38.10 -4.03
N LEU F 4059 -32.94 -36.79 -3.80
CA LEU F 4059 -33.70 -36.25 -2.68
C LEU F 4059 -35.20 -36.45 -2.87
N LYS F 4060 -35.68 -36.35 -4.10
CA LYS F 4060 -37.10 -36.58 -4.36
C LYS F 4060 -37.47 -38.05 -4.17
N PHE F 4061 -36.49 -38.95 -4.18
CA PHE F 4061 -36.77 -40.35 -3.91
C PHE F 4061 -37.04 -40.58 -2.42
N PHE F 4062 -36.26 -39.92 -1.56
CA PHE F 4062 -36.38 -40.17 -0.13
C PHE F 4062 -37.65 -39.55 0.44
N ASP F 4063 -37.97 -38.31 0.07
CA ASP F 4063 -39.11 -37.63 0.66
C ASP F 4063 -40.42 -38.23 0.20
N MET F 4064 -40.49 -38.74 -1.03
CA MET F 4064 -41.73 -39.31 -1.53
C MET F 4064 -42.17 -40.50 -0.70
N PHE F 4065 -41.23 -41.39 -0.36
CA PHE F 4065 -41.56 -42.55 0.45
C PHE F 4065 -41.65 -42.23 1.94
N LEU F 4066 -40.92 -41.23 2.43
CA LEU F 4066 -41.14 -40.76 3.79
C LEU F 4066 -42.53 -40.16 3.93
N LYS F 4067 -42.96 -39.36 2.94
CA LYS F 4067 -44.32 -38.83 2.95
C LYS F 4067 -45.34 -39.94 2.77
N LEU F 4068 -45.04 -40.92 1.92
CA LEU F 4068 -45.96 -42.04 1.73
C LEU F 4068 -46.14 -42.84 3.01
N LYS F 4069 -45.08 -42.94 3.82
CA LYS F 4069 -45.17 -43.71 5.05
C LYS F 4069 -46.19 -43.11 6.01
N ASP F 4070 -46.21 -41.79 6.15
CA ASP F 4070 -47.16 -41.14 7.04
C ASP F 4070 -48.54 -40.96 6.42
N ILE F 4071 -48.64 -40.95 5.09
CA ILE F 4071 -49.94 -40.79 4.45
C ILE F 4071 -50.80 -42.03 4.65
N VAL F 4072 -50.22 -43.22 4.47
CA VAL F 4072 -50.98 -44.45 4.60
C VAL F 4072 -51.48 -44.65 6.02
N GLY F 4073 -50.77 -44.10 7.01
CA GLY F 4073 -51.23 -44.13 8.38
C GLY F 4073 -52.20 -43.05 8.77
N SER F 4074 -52.48 -42.11 7.86
CA SER F 4074 -53.39 -41.01 8.16
C SER F 4074 -54.83 -41.51 8.17
N GLU F 4075 -55.68 -40.76 8.87
CA GLU F 4075 -57.10 -41.10 8.95
C GLU F 4075 -57.80 -40.89 7.61
N ALA F 4076 -57.40 -39.86 6.86
CA ALA F 4076 -58.04 -39.58 5.58
C ALA F 4076 -57.80 -40.72 4.59
N PHE F 4077 -56.59 -41.27 4.57
CA PHE F 4077 -56.29 -42.38 3.67
C PHE F 4077 -57.12 -43.62 4.03
N GLN F 4078 -57.28 -43.89 5.33
CA GLN F 4078 -58.04 -45.05 5.75
C GLN F 4078 -59.51 -44.95 5.36
N ASP F 4079 -60.03 -43.74 5.18
CA ASP F 4079 -61.40 -43.59 4.72
C ASP F 4079 -61.61 -44.17 3.33
N TYR F 4080 -60.61 -44.11 2.46
CA TYR F 4080 -60.70 -44.69 1.13
C TYR F 4080 -60.58 -46.20 1.14
N VAL F 4081 -59.80 -46.76 2.06
CA VAL F 4081 -59.61 -48.21 2.13
C VAL F 4081 -60.93 -48.86 2.54
N THR F 4082 -61.55 -49.58 1.63
CA THR F 4082 -62.81 -50.25 1.88
C THR F 4082 -62.71 -51.77 1.85
N ASP F 4083 -61.67 -52.31 1.24
CA ASP F 4083 -61.52 -53.76 1.17
C ASP F 4083 -61.24 -54.33 2.55
N PRO F 4084 -62.00 -55.32 3.01
CA PRO F 4084 -61.73 -55.90 4.34
C PRO F 4084 -60.35 -56.55 4.45
N ARG F 4085 -59.79 -57.01 3.34
CA ARG F 4085 -58.48 -57.64 3.38
C ARG F 4085 -57.36 -56.66 3.70
N GLY F 4086 -57.63 -55.37 3.60
CA GLY F 4086 -56.61 -54.35 3.83
C GLY F 4086 -55.89 -53.88 2.59
N LEU F 4087 -56.48 -54.05 1.41
CA LEU F 4087 -55.89 -53.63 0.15
C LEU F 4087 -56.61 -52.39 -0.37
N ILE F 4088 -56.10 -51.85 -1.47
CA ILE F 4088 -56.69 -50.65 -2.07
C ILE F 4088 -56.41 -50.70 -3.56
N SER F 4089 -57.43 -50.35 -4.36
CA SER F 4089 -57.26 -50.37 -5.80
C SER F 4089 -56.46 -49.17 -6.27
N LYS F 4090 -55.89 -49.30 -7.48
CA LYS F 4090 -55.08 -48.22 -8.04
C LYS F 4090 -55.90 -46.96 -8.25
N LYS F 4091 -57.13 -47.11 -8.75
CA LYS F 4091 -58.01 -45.96 -8.90
C LYS F 4091 -58.32 -45.32 -7.55
N ASP F 4092 -58.60 -46.16 -6.55
CA ASP F 4092 -58.81 -45.64 -5.20
C ASP F 4092 -57.52 -45.02 -4.65
N PHE F 4093 -56.38 -45.65 -4.92
CA PHE F 4093 -55.10 -45.08 -4.52
C PHE F 4093 -54.85 -43.74 -5.22
N GLN F 4094 -55.23 -43.65 -6.50
CA GLN F 4094 -55.04 -42.41 -7.24
C GLN F 4094 -55.82 -41.26 -6.62
N LYS F 4095 -57.08 -41.51 -6.26
CA LYS F 4095 -57.89 -40.45 -5.67
C LYS F 4095 -57.54 -40.22 -4.21
N ALA F 4096 -56.86 -41.17 -3.57
CA ALA F 4096 -56.42 -40.95 -2.19
C ALA F 4096 -55.24 -40.00 -2.12
N MET F 4097 -54.27 -40.15 -3.03
CA MET F 4097 -53.04 -39.39 -2.93
C MET F 4097 -53.25 -37.92 -3.30
N ASP F 4098 -53.97 -37.65 -4.39
CA ASP F 4098 -54.19 -36.27 -4.79
C ASP F 4098 -55.13 -35.53 -3.85
N SER F 4099 -55.90 -36.24 -3.03
CA SER F 4099 -56.68 -35.59 -1.99
C SER F 4099 -55.81 -35.08 -0.85
N GLN F 4100 -54.61 -35.63 -0.69
CA GLN F 4100 -53.67 -35.13 0.31
C GLN F 4100 -52.97 -33.86 -0.13
N LYS F 4101 -52.97 -33.56 -1.43
CA LYS F 4101 -52.35 -32.35 -1.98
C LYS F 4101 -50.87 -32.26 -1.62
N GLN F 4102 -50.18 -33.40 -1.60
CA GLN F 4102 -48.74 -33.43 -1.32
C GLN F 4102 -47.90 -33.89 -2.50
N PHE F 4103 -48.46 -34.70 -3.40
CA PHE F 4103 -47.76 -35.16 -4.58
C PHE F 4103 -48.37 -34.53 -5.83
N THR F 4104 -47.59 -34.53 -6.91
CA THR F 4104 -48.03 -34.01 -8.18
C THR F 4104 -48.54 -35.15 -9.06
N GLY F 4105 -48.85 -34.83 -10.31
CA GLY F 4105 -49.33 -35.80 -11.27
C GLY F 4105 -48.33 -36.93 -11.52
N PRO F 4106 -47.16 -36.59 -12.05
CA PRO F 4106 -46.15 -37.64 -12.31
C PRO F 4106 -45.73 -38.40 -11.06
N GLU F 4107 -45.68 -37.73 -9.90
CA GLU F 4107 -45.26 -38.42 -8.68
C GLU F 4107 -46.23 -39.52 -8.29
N ILE F 4108 -47.54 -39.26 -8.42
CA ILE F 4108 -48.53 -40.29 -8.11
C ILE F 4108 -48.42 -41.44 -9.10
N GLN F 4109 -48.20 -41.13 -10.38
CA GLN F 4109 -48.06 -42.18 -11.38
C GLN F 4109 -46.83 -43.03 -11.10
N PHE F 4110 -45.73 -42.41 -10.69
CA PHE F 4110 -44.54 -43.16 -10.33
C PHE F 4110 -44.78 -44.07 -9.14
N LEU F 4111 -45.52 -43.57 -8.13
CA LEU F 4111 -45.85 -44.41 -6.98
C LEU F 4111 -46.71 -45.59 -7.39
N LEU F 4112 -47.63 -45.40 -8.33
CA LEU F 4112 -48.44 -46.50 -8.83
C LEU F 4112 -47.58 -47.56 -9.49
N SER F 4113 -46.58 -47.13 -10.28
CA SER F 4113 -45.68 -48.09 -10.92
C SER F 4113 -44.87 -48.86 -9.88
N CYS F 4114 -44.40 -48.17 -8.84
CA CYS F 4114 -43.62 -48.85 -7.81
C CYS F 4114 -44.48 -49.80 -6.99
N SER F 4115 -45.76 -49.49 -6.83
CA SER F 4115 -46.65 -50.38 -6.08
C SER F 4115 -46.84 -51.68 -6.84
N GLU F 4116 -46.69 -52.80 -6.15
CA GLU F 4116 -46.80 -54.12 -6.76
C GLU F 4116 -48.27 -54.56 -6.83
N ALA F 4117 -49.01 -53.85 -7.67
CA ALA F 4117 -50.42 -54.18 -7.86
C ALA F 4117 -50.57 -55.53 -8.53
N ASP F 4118 -51.53 -56.32 -8.05
CA ASP F 4118 -51.76 -57.66 -8.59
C ASP F 4118 -52.59 -57.55 -9.86
N GLU F 4119 -53.09 -58.69 -10.34
CA GLU F 4119 -53.92 -58.70 -11.55
C GLU F 4119 -55.24 -57.99 -11.32
N ASN F 4120 -55.67 -57.84 -10.06
CA ASN F 4120 -56.89 -57.14 -9.72
C ASN F 4120 -56.65 -55.68 -9.36
N GLU F 4121 -55.46 -55.17 -9.65
CA GLU F 4121 -55.08 -53.78 -9.36
C GLU F 4121 -55.18 -53.46 -7.87
N MET F 4122 -55.00 -54.46 -7.02
CA MET F 4122 -55.04 -54.25 -5.58
C MET F 4122 -53.63 -54.03 -5.04
N ILE F 4123 -53.49 -53.04 -4.17
CA ILE F 4123 -52.19 -52.62 -3.65
C ILE F 4123 -52.15 -52.89 -2.16
N ASN F 4124 -51.12 -53.60 -1.71
CA ASN F 4124 -50.89 -53.82 -0.28
C ASN F 4124 -50.06 -52.63 0.21
N PHE F 4125 -50.75 -51.57 0.62
CA PHE F 4125 -50.07 -50.33 0.99
C PHE F 4125 -49.28 -50.48 2.29
N GLU F 4126 -49.58 -51.49 3.10
CA GLU F 4126 -48.82 -51.70 4.34
C GLU F 4126 -47.37 -52.06 4.03
N GLU F 4127 -47.16 -53.04 3.14
CA GLU F 4127 -45.79 -53.40 2.76
C GLU F 4127 -45.19 -52.40 1.79
N PHE F 4128 -46.03 -51.71 1.01
CA PHE F 4128 -45.52 -50.72 0.05
C PHE F 4128 -44.82 -49.58 0.78
N ALA F 4129 -45.42 -49.09 1.88
CA ALA F 4129 -44.83 -47.99 2.61
C ALA F 4129 -43.53 -48.39 3.29
N ASN F 4130 -43.47 -49.63 3.80
CA ASN F 4130 -42.30 -50.11 4.54
C ASN F 4130 -41.26 -50.78 3.66
N ARG F 4131 -41.47 -50.81 2.34
CA ARG F 4131 -40.54 -51.52 1.46
C ARG F 4131 -39.18 -50.86 1.43
N PHE F 4132 -39.13 -49.53 1.35
CA PHE F 4132 -37.88 -48.81 1.20
C PHE F 4132 -37.43 -48.07 2.45
N GLN F 4133 -38.18 -48.16 3.54
CA GLN F 4133 -37.82 -47.41 4.74
C GLN F 4133 -36.51 -47.91 5.34
N GLU F 4134 -36.32 -49.21 5.40
CA GLU F 4134 -35.12 -49.77 5.97
C GLU F 4134 -33.92 -49.73 5.01
N PRO F 4135 -34.06 -50.17 3.75
CA PRO F 4135 -32.90 -50.13 2.85
C PRO F 4135 -32.33 -48.74 2.63
N ALA F 4136 -33.17 -47.70 2.64
CA ALA F 4136 -32.75 -46.35 2.31
C ALA F 4136 -32.46 -45.51 3.55
N ARG F 4137 -32.50 -46.09 4.74
CA ARG F 4137 -32.29 -45.31 5.95
C ARG F 4137 -30.83 -44.90 6.09
N ASP F 4138 -29.90 -45.84 5.84
CA ASP F 4138 -28.48 -45.53 6.02
C ASP F 4138 -28.01 -44.46 5.05
N ILE F 4139 -28.41 -44.56 3.79
CA ILE F 4139 -28.01 -43.55 2.81
C ILE F 4139 -28.71 -42.23 3.10
N GLY F 4140 -29.97 -42.27 3.51
CA GLY F 4140 -30.70 -41.04 3.80
C GLY F 4140 -30.08 -40.27 4.93
N PHE F 4141 -29.63 -40.97 5.98
CA PHE F 4141 -28.99 -40.29 7.10
C PHE F 4141 -27.68 -39.64 6.68
N ASN F 4142 -26.88 -40.34 5.87
CA ASN F 4142 -25.60 -39.79 5.44
C ASN F 4142 -25.78 -38.59 4.54
N VAL F 4143 -26.80 -38.60 3.67
CA VAL F 4143 -27.09 -37.42 2.86
C VAL F 4143 -27.47 -36.25 3.74
N ALA F 4144 -28.27 -36.50 4.78
CA ALA F 4144 -28.62 -35.45 5.73
C ALA F 4144 -27.37 -34.91 6.43
N VAL F 4145 -26.46 -35.81 6.83
CA VAL F 4145 -25.22 -35.38 7.45
C VAL F 4145 -24.38 -34.56 6.48
N LEU F 4146 -24.30 -35.02 5.22
CA LEU F 4146 -23.50 -34.31 4.23
C LEU F 4146 -24.02 -32.90 3.99
N LEU F 4147 -25.33 -32.75 3.85
CA LEU F 4147 -25.90 -31.42 3.65
C LEU F 4147 -25.73 -30.55 4.90
N THR F 4148 -25.92 -31.14 6.08
CA THR F 4148 -25.73 -30.39 7.32
C THR F 4148 -24.29 -29.95 7.47
N ASN F 4149 -23.33 -30.82 7.15
CA ASN F 4149 -21.92 -30.47 7.26
C ASN F 4149 -21.57 -29.33 6.30
N LEU F 4150 -22.05 -29.41 5.05
CA LEU F 4150 -21.75 -28.38 4.08
C LEU F 4150 -22.42 -27.06 4.45
N SER F 4151 -23.65 -27.12 4.95
CA SER F 4151 -24.37 -25.90 5.28
C SER F 4151 -23.69 -25.13 6.40
N GLU F 4152 -23.20 -25.85 7.42
CA GLU F 4152 -22.59 -25.18 8.56
C GLU F 4152 -21.15 -24.76 8.31
N HIS F 4153 -20.53 -25.24 7.23
CA HIS F 4153 -19.19 -24.82 6.87
C HIS F 4153 -19.14 -23.90 5.65
N VAL F 4154 -20.21 -23.85 4.86
CA VAL F 4154 -20.34 -22.87 3.79
C VAL F 4154 -21.68 -22.18 3.97
N PRO F 4155 -21.82 -21.30 4.98
CA PRO F 4155 -23.14 -20.74 5.30
C PRO F 4155 -23.58 -19.61 4.39
N HIS F 4156 -22.72 -19.10 3.52
CA HIS F 4156 -23.04 -17.96 2.67
C HIS F 4156 -23.08 -18.35 1.18
N ASP F 4157 -23.49 -19.59 0.89
CA ASP F 4157 -23.60 -20.04 -0.49
C ASP F 4157 -25.08 -20.12 -0.85
N PRO F 4158 -25.60 -19.24 -1.69
CA PRO F 4158 -27.02 -19.29 -2.05
C PRO F 4158 -27.42 -20.58 -2.76
N ARG F 4159 -26.49 -21.25 -3.44
CA ARG F 4159 -26.82 -22.45 -4.18
C ARG F 4159 -27.11 -23.64 -3.28
N LEU F 4160 -26.71 -23.59 -2.01
CA LEU F 4160 -26.85 -24.73 -1.12
C LEU F 4160 -28.20 -24.74 -0.40
N ARG F 4161 -28.84 -23.58 -0.23
CA ARG F 4161 -30.13 -23.56 0.44
C ARG F 4161 -31.20 -24.29 -0.35
N ASN F 4162 -31.07 -24.31 -1.69
CA ASN F 4162 -32.04 -25.02 -2.51
C ASN F 4162 -32.06 -26.51 -2.17
N PHE F 4163 -30.87 -27.11 -2.00
CA PHE F 4163 -30.80 -28.51 -1.60
C PHE F 4163 -31.37 -28.72 -0.20
N LEU F 4164 -31.09 -27.78 0.71
CA LEU F 4164 -31.61 -27.91 2.07
C LEU F 4164 -33.13 -27.85 2.09
N GLU F 4165 -33.72 -26.95 1.30
CA GLU F 4165 -35.18 -26.86 1.23
C GLU F 4165 -35.78 -28.12 0.63
N LEU F 4166 -35.15 -28.67 -0.42
CA LEU F 4166 -35.64 -29.90 -1.01
C LEU F 4166 -35.46 -31.10 -0.11
N ALA F 4167 -34.55 -31.02 0.87
CA ALA F 4167 -34.32 -32.09 1.82
C ALA F 4167 -34.84 -31.76 3.21
N GLU F 4168 -35.83 -30.87 3.31
CA GLU F 4168 -36.35 -30.47 4.61
C GLU F 4168 -36.97 -31.66 5.35
N SER F 4169 -37.74 -32.48 4.64
CA SER F 4169 -38.35 -33.65 5.28
C SER F 4169 -37.29 -34.65 5.73
N ILE F 4170 -36.25 -34.86 4.90
CA ILE F 4170 -35.18 -35.78 5.29
C ILE F 4170 -34.45 -35.25 6.51
N LEU F 4171 -34.14 -33.95 6.52
CA LEU F 4171 -33.48 -33.36 7.68
C LEU F 4171 -34.38 -33.42 8.91
N GLU F 4172 -35.67 -33.16 8.73
CA GLU F 4172 -36.60 -33.23 9.87
C GLU F 4172 -36.72 -34.64 10.41
N TYR F 4173 -36.76 -35.63 9.53
CA TYR F 4173 -36.90 -37.02 9.97
C TYR F 4173 -35.69 -37.46 10.80
N PHE F 4174 -34.49 -37.11 10.35
CA PHE F 4174 -33.25 -37.54 11.00
C PHE F 4174 -32.75 -36.56 12.05
N ARG F 4175 -33.50 -35.49 12.32
CA ARG F 4175 -33.07 -34.54 13.33
C ARG F 4175 -32.89 -35.17 14.71
N PRO F 4176 -33.81 -35.98 15.23
CA PRO F 4176 -33.57 -36.60 16.55
C PRO F 4176 -32.40 -37.56 16.56
N TYR F 4177 -31.96 -38.06 15.41
CA TYR F 4177 -30.86 -39.02 15.35
C TYR F 4177 -29.54 -38.42 14.88
N LEU F 4178 -29.54 -37.17 14.41
CA LEU F 4178 -28.31 -36.52 13.94
C LEU F 4178 -27.67 -35.83 15.13
N GLY F 4179 -26.74 -36.52 15.77
CA GLY F 4179 -26.01 -35.96 16.89
C GLY F 4179 -24.76 -35.22 16.43
N ARG F 4180 -24.53 -34.06 17.02
CA ARG F 4180 -23.36 -33.24 16.69
C ARG F 4180 -22.69 -32.78 17.97
N ILE F 4181 -21.36 -32.89 18.01
CA ILE F 4181 -20.56 -32.43 19.13
C ILE F 4181 -19.39 -31.62 18.57
N GLU F 4182 -18.76 -30.85 19.44
CA GLU F 4182 -17.58 -30.09 19.11
C GLU F 4182 -16.42 -30.58 19.97
N ILE F 4183 -15.28 -30.83 19.34
CA ILE F 4183 -14.09 -31.30 20.04
C ILE F 4183 -12.91 -30.43 19.65
N MET F 4184 -11.87 -30.48 20.48
CA MET F 4184 -10.58 -29.86 20.17
C MET F 4184 -9.73 -30.91 19.47
N GLY F 4185 -9.60 -30.79 18.15
CA GLY F 4185 -8.93 -31.80 17.36
C GLY F 4185 -7.41 -31.73 17.50
N ALA F 4186 -6.75 -32.70 16.86
CA ALA F 4186 -5.30 -32.74 16.86
C ALA F 4186 -4.68 -31.55 16.14
N SER F 4187 -5.43 -30.90 15.25
CA SER F 4187 -4.95 -29.73 14.54
C SER F 4187 -5.04 -28.45 15.36
N ARG F 4188 -5.23 -28.58 16.68
CA ARG F 4188 -5.33 -27.44 17.60
C ARG F 4188 -6.49 -26.52 17.25
N ARG F 4189 -7.55 -27.05 16.67
CA ARG F 4189 -8.73 -26.27 16.32
C ARG F 4189 -9.99 -27.01 16.74
N ILE F 4190 -11.04 -26.25 16.98
CA ILE F 4190 -12.33 -26.82 17.32
C ILE F 4190 -12.97 -27.41 16.07
N GLU F 4191 -13.33 -28.69 16.14
CA GLU F 4191 -13.94 -29.40 15.03
C GLU F 4191 -15.31 -29.91 15.45
N ARG F 4192 -16.24 -29.93 14.50
CA ARG F 4192 -17.59 -30.40 14.74
C ARG F 4192 -17.77 -31.79 14.15
N ILE F 4193 -18.25 -32.72 14.98
CA ILE F 4193 -18.37 -34.13 14.60
C ILE F 4193 -19.85 -34.48 14.52
N TYR F 4194 -20.25 -35.08 13.41
CA TYR F 4194 -21.61 -35.54 13.19
C TYR F 4194 -21.64 -37.06 13.27
N PHE F 4195 -22.56 -37.60 14.05
CA PHE F 4195 -22.68 -39.03 14.23
C PHE F 4195 -24.16 -39.40 14.34
N GLU F 4196 -24.43 -40.69 14.48
CA GLU F 4196 -25.79 -41.21 14.50
C GLU F 4196 -26.17 -41.62 15.92
N ILE F 4197 -27.33 -41.18 16.37
CA ILE F 4197 -27.88 -41.57 17.66
C ILE F 4197 -28.98 -42.61 17.40
N SER F 4198 -28.79 -43.81 17.92
CA SER F 4198 -29.78 -44.86 17.71
C SER F 4198 -31.04 -44.58 18.51
N GLU F 4199 -32.14 -45.20 18.08
CA GLU F 4199 -33.41 -45.01 18.76
C GLU F 4199 -33.36 -45.51 20.20
N THR F 4200 -32.73 -46.66 20.42
CA THR F 4200 -32.67 -47.23 21.76
C THR F 4200 -31.90 -46.34 22.72
N ASN F 4201 -30.77 -45.78 22.26
CA ASN F 4201 -29.97 -44.94 23.14
C ASN F 4201 -30.74 -43.70 23.58
N ARG F 4202 -31.45 -43.06 22.66
CA ARG F 4202 -32.24 -41.89 23.03
C ARG F 4202 -33.40 -42.27 23.92
N ALA F 4203 -34.05 -43.41 23.64
CA ALA F 4203 -35.16 -43.85 24.47
C ALA F 4203 -34.71 -44.14 25.89
N GLN F 4204 -33.56 -44.81 26.04
CA GLN F 4204 -33.04 -45.10 27.37
C GLN F 4204 -32.61 -43.83 28.09
N TRP F 4205 -32.09 -42.86 27.34
CA TRP F 4205 -31.65 -41.61 27.96
C TRP F 4205 -32.82 -40.80 28.50
N GLU F 4206 -34.01 -40.97 27.93
CA GLU F 4206 -35.18 -40.21 28.33
C GLU F 4206 -35.99 -40.88 29.44
N MET F 4207 -35.52 -42.01 29.95
CA MET F 4207 -36.22 -42.67 31.04
C MET F 4207 -36.17 -41.78 32.29
N PRO F 4208 -37.24 -41.76 33.10
CA PRO F 4208 -37.25 -40.86 34.26
C PRO F 4208 -36.13 -41.13 35.26
N GLN F 4209 -35.76 -42.39 35.46
CA GLN F 4209 -34.67 -42.69 36.39
C GLN F 4209 -33.34 -42.14 35.89
N VAL F 4210 -33.07 -42.22 34.58
CA VAL F 4210 -31.85 -41.66 34.04
C VAL F 4210 -31.86 -40.14 34.16
N LYS F 4211 -33.01 -39.51 33.89
CA LYS F 4211 -33.11 -38.06 34.00
C LYS F 4211 -32.90 -37.60 35.43
N GLU F 4212 -33.44 -38.36 36.41
CA GLU F 4212 -33.22 -38.02 37.80
C GLU F 4212 -31.75 -38.13 38.18
N SER F 4213 -31.06 -39.15 37.66
CA SER F 4213 -29.63 -39.30 37.91
C SER F 4213 -28.85 -38.12 37.32
N LYS F 4214 -29.26 -37.65 36.15
CA LYS F 4214 -28.59 -36.51 35.54
C LYS F 4214 -28.75 -35.26 36.40
N ARG F 4215 -29.95 -35.02 36.93
CA ARG F 4215 -30.16 -33.85 37.77
C ARG F 4215 -29.32 -33.91 39.03
N GLN F 4216 -29.23 -35.10 39.65
CA GLN F 4216 -28.39 -35.25 40.82
C GLN F 4216 -26.92 -35.03 40.48
N PHE F 4217 -26.47 -35.55 39.34
CA PHE F 4217 -25.09 -35.36 38.93
C PHE F 4217 -24.79 -33.89 38.67
N ILE F 4218 -25.69 -33.20 37.98
CA ILE F 4218 -25.47 -31.78 37.67
C ILE F 4218 -25.39 -30.97 38.95
N PHE F 4219 -26.25 -31.27 39.92
CA PHE F 4219 -26.23 -30.55 41.18
C PHE F 4219 -24.91 -30.73 41.92
N ASP F 4220 -24.38 -31.96 41.91
CA ASP F 4220 -23.16 -32.25 42.66
C ASP F 4220 -21.96 -31.52 42.10
N VAL F 4221 -21.75 -31.61 40.78
CA VAL F 4221 -20.55 -31.02 40.18
C VAL F 4221 -20.60 -29.50 40.25
N VAL F 4222 -21.78 -28.90 40.05
CA VAL F 4222 -21.88 -27.45 40.10
C VAL F 4222 -21.69 -26.94 41.52
N ASN F 4223 -22.25 -27.65 42.50
CA ASN F 4223 -22.22 -27.16 43.88
C ASN F 4223 -20.87 -27.45 44.54
N GLU F 4224 -20.49 -28.71 44.64
CA GLU F 4224 -19.27 -29.12 45.33
C GLU F 4224 -18.26 -29.76 44.39
N GLY F 4225 -18.07 -29.17 43.21
CA GLY F 4225 -17.12 -29.69 42.25
C GLY F 4225 -16.17 -28.60 41.78
N GLY F 4226 -15.04 -29.05 41.24
CA GLY F 4226 -14.02 -28.17 40.70
C GLY F 4226 -13.98 -28.19 39.18
N GLU F 4227 -13.28 -27.20 38.62
CA GLU F 4227 -13.17 -27.09 37.18
C GLU F 4227 -12.20 -28.10 36.59
N ALA F 4228 -11.15 -28.46 37.33
CA ALA F 4228 -10.17 -29.42 36.81
C ALA F 4228 -10.70 -30.85 36.83
N GLU F 4229 -11.62 -31.17 37.72
CA GLU F 4229 -12.21 -32.50 37.81
C GLU F 4229 -13.56 -32.58 37.13
N LYS F 4230 -14.04 -31.48 36.54
CA LYS F 4230 -15.40 -31.45 36.01
C LYS F 4230 -15.59 -32.46 34.89
N MET F 4231 -14.63 -32.53 33.96
CA MET F 4231 -14.77 -33.44 32.82
C MET F 4231 -14.54 -34.89 33.22
N GLU F 4232 -13.60 -35.15 34.14
CA GLU F 4232 -13.39 -36.51 34.60
C GLU F 4232 -14.62 -37.05 35.33
N LEU F 4233 -15.25 -36.20 36.14
CA LEU F 4233 -16.50 -36.60 36.79
C LEU F 4233 -17.60 -36.84 35.77
N PHE F 4234 -17.66 -36.01 34.72
CA PHE F 4234 -18.68 -36.18 33.69
C PHE F 4234 -18.52 -37.51 32.96
N VAL F 4235 -17.29 -37.88 32.63
CA VAL F 4235 -17.06 -39.16 31.97
C VAL F 4235 -17.43 -40.31 32.89
N SER F 4236 -17.07 -40.21 34.17
CA SER F 4236 -17.45 -41.25 35.13
C SER F 4236 -18.97 -41.35 35.23
N PHE F 4237 -19.67 -40.23 35.17
CA PHE F 4237 -21.12 -40.26 35.11
C PHE F 4237 -21.62 -40.97 33.84
N CYS F 4238 -20.97 -40.73 32.71
CA CYS F 4238 -21.36 -41.42 31.48
C CYS F 4238 -21.16 -42.92 31.60
N GLU F 4239 -20.04 -43.34 32.17
CA GLU F 4239 -19.79 -44.77 32.32
C GLU F 4239 -20.81 -45.42 33.24
N ASP F 4240 -21.16 -44.75 34.34
CA ASP F 4240 -22.18 -45.27 35.24
C ASP F 4240 -23.54 -45.31 34.56
N THR F 4241 -23.87 -44.27 33.79
CA THR F 4241 -25.16 -44.22 33.13
C THR F 4241 -25.29 -45.35 32.10
N ILE F 4242 -24.23 -45.62 31.35
CA ILE F 4242 -24.26 -46.71 30.39
C ILE F 4242 -24.51 -48.04 31.09
N PHE F 4243 -23.84 -48.26 32.22
CA PHE F 4243 -24.04 -49.50 32.96
C PHE F 4243 -25.47 -49.62 33.48
N GLU F 4244 -26.04 -48.50 33.94
CA GLU F 4244 -27.42 -48.53 34.43
C GLU F 4244 -28.40 -48.81 33.30
N MET F 4245 -28.11 -48.33 32.10
CA MET F 4245 -28.97 -48.65 30.96
C MET F 4245 -28.99 -50.14 30.69
N GLN F 4246 -27.84 -50.80 30.83
CA GLN F 4246 -27.80 -52.25 30.64
C GLN F 4246 -28.65 -52.97 31.68
N ILE F 4247 -28.61 -52.51 32.94
CA ILE F 4247 -29.41 -53.13 33.99
C ILE F 4247 -30.89 -52.96 33.69
N ALA F 4248 -31.29 -51.76 33.26
CA ALA F 4248 -32.70 -51.52 32.93
C ALA F 4248 -33.14 -52.39 31.76
N ALA F 4249 -32.26 -52.56 30.77
CA ALA F 4249 -32.60 -53.42 29.64
C ALA F 4249 -32.75 -54.88 30.07
N GLN F 4250 -31.87 -55.34 30.96
CA GLN F 4250 -31.94 -56.73 31.40
C GLN F 4250 -33.22 -57.01 32.17
N ILE F 4251 -33.60 -56.12 33.08
CA ILE F 4251 -34.78 -56.34 33.91
C ILE F 4251 -36.07 -56.06 33.17
N SER F 4252 -36.01 -55.38 32.02
CA SER F 4252 -37.22 -55.08 31.26
C SER F 4252 -37.83 -56.36 30.70
N GLU F 4253 -39.15 -56.33 30.54
CA GLU F 4253 -39.87 -57.48 30.02
C GLU F 4253 -40.54 -57.12 28.69
N PRO F 4254 -40.59 -58.06 27.74
CA PRO F 4254 -41.22 -57.83 26.43
C PRO F 4254 -42.74 -57.74 26.53
N PHE F 4540 -35.71 -79.88 35.20
CA PHE F 4540 -36.56 -78.87 35.83
C PHE F 4540 -35.73 -77.63 36.20
N TRP F 4541 -34.41 -77.75 36.06
CA TRP F 4541 -33.54 -76.62 36.38
C TRP F 4541 -33.80 -75.45 35.43
N GLY F 4542 -34.01 -75.74 34.14
CA GLY F 4542 -34.33 -74.68 33.20
C GLY F 4542 -35.65 -74.01 33.52
N GLU F 4543 -36.64 -74.79 33.97
CA GLU F 4543 -37.94 -74.24 34.29
C GLU F 4543 -37.86 -73.27 35.47
N LEU F 4544 -37.08 -73.62 36.50
CA LEU F 4544 -36.99 -72.75 37.67
C LEU F 4544 -36.12 -71.53 37.39
N GLU F 4545 -35.06 -71.70 36.59
CA GLU F 4545 -34.16 -70.59 36.32
C GLU F 4545 -34.86 -69.47 35.56
N VAL F 4546 -35.67 -69.81 34.55
CA VAL F 4546 -36.38 -68.79 33.80
C VAL F 4546 -37.41 -68.09 34.68
N GLN F 4547 -38.03 -68.82 35.60
CA GLN F 4547 -38.97 -68.19 36.53
C GLN F 4547 -38.23 -67.40 37.60
N ARG F 4548 -37.04 -67.86 38.01
CA ARG F 4548 -36.28 -67.15 39.02
C ARG F 4548 -35.84 -65.78 38.53
N VAL F 4549 -35.32 -65.71 37.30
CA VAL F 4549 -34.88 -64.43 36.76
C VAL F 4549 -36.09 -63.53 36.49
N LYS F 4550 -37.20 -64.11 36.06
CA LYS F 4550 -38.42 -63.33 35.87
C LYS F 4550 -38.90 -62.76 37.20
N PHE F 4551 -38.87 -63.56 38.27
CA PHE F 4551 -39.26 -63.08 39.58
C PHE F 4551 -38.31 -61.98 40.06
N LEU F 4552 -37.00 -62.18 39.86
CA LEU F 4552 -36.03 -61.17 40.27
C LEU F 4552 -36.19 -59.89 39.47
N ASN F 4553 -36.44 -60.02 38.17
CA ASN F 4553 -36.66 -58.82 37.34
C ASN F 4553 -37.92 -58.10 37.75
N TYR F 4554 -38.97 -58.84 38.13
CA TYR F 4554 -40.19 -58.21 38.60
C TYR F 4554 -39.94 -57.39 39.86
N LEU F 4555 -39.17 -57.93 40.80
CA LEU F 4555 -38.83 -57.18 42.00
C LEU F 4555 -37.97 -55.97 41.66
N SER F 4556 -37.02 -56.12 40.74
CA SER F 4556 -36.15 -55.01 40.36
C SER F 4556 -36.94 -53.90 39.67
N ARG F 4557 -37.87 -54.27 38.78
CA ARG F 4557 -38.69 -53.26 38.10
C ARG F 4557 -39.59 -52.53 39.07
N ASN F 4558 -40.17 -53.26 40.03
CA ASN F 4558 -41.14 -52.70 40.96
C ASN F 4558 -40.54 -52.46 42.34
N PHE F 4559 -39.25 -52.10 42.40
CA PHE F 4559 -38.60 -51.88 43.69
C PHE F 4559 -39.23 -50.71 44.43
N TYR F 4560 -39.50 -49.61 43.73
CA TYR F 4560 -40.04 -48.42 44.38
C TYR F 4560 -41.50 -48.60 44.79
N THR F 4561 -42.27 -49.35 44.02
CA THR F 4561 -43.65 -49.64 44.42
C THR F 4561 -43.68 -50.49 45.68
N LEU F 4562 -42.76 -51.45 45.80
CA LEU F 4562 -42.66 -52.22 47.03
C LEU F 4562 -42.26 -51.35 48.20
N ARG F 4563 -41.36 -50.39 47.97
CA ARG F 4563 -41.00 -49.44 49.02
C ARG F 4563 -42.20 -48.61 49.45
N PHE F 4564 -43.00 -48.15 48.47
CA PHE F 4564 -44.22 -47.44 48.81
C PHE F 4564 -45.22 -48.35 49.51
N LEU F 4565 -45.32 -49.61 49.06
CA LEU F 4565 -46.25 -50.55 49.67
C LEU F 4565 -45.89 -50.82 51.13
N ALA F 4566 -44.60 -50.96 51.42
CA ALA F 4566 -44.17 -51.17 52.80
C ALA F 4566 -44.52 -49.98 53.68
N LEU F 4567 -44.34 -48.76 53.16
CA LEU F 4567 -44.72 -47.58 53.91
C LEU F 4567 -46.23 -47.53 54.15
N PHE F 4568 -47.01 -47.89 53.13
CA PHE F 4568 -48.46 -47.92 53.29
C PHE F 4568 -48.88 -48.95 54.34
N LEU F 4569 -48.25 -50.13 54.32
CA LEU F 4569 -48.59 -51.15 55.30
C LEU F 4569 -48.20 -50.72 56.70
N ALA F 4570 -47.11 -49.95 56.84
CA ALA F 4570 -46.70 -49.47 58.15
C ALA F 4570 -47.76 -48.56 58.76
N PHE F 4571 -48.32 -47.66 57.96
CA PHE F 4571 -49.40 -46.80 58.46
C PHE F 4571 -50.64 -47.60 58.80
N ALA F 4572 -50.96 -48.61 57.99
CA ALA F 4572 -52.12 -49.44 58.28
C ALA F 4572 -51.96 -50.20 59.58
N ILE F 4573 -50.76 -50.73 59.84
CA ILE F 4573 -50.50 -51.43 61.09
C ILE F 4573 -50.59 -50.46 62.27
N ASN F 4574 -49.98 -49.29 62.13
CA ASN F 4574 -49.98 -48.33 63.23
C ASN F 4574 -51.36 -47.73 63.47
N PHE F 4575 -52.19 -47.65 62.43
CA PHE F 4575 -53.57 -47.22 62.63
C PHE F 4575 -54.32 -48.21 63.52
N ILE F 4576 -54.08 -49.51 63.31
CA ILE F 4576 -54.70 -50.52 64.16
C ILE F 4576 -54.16 -50.43 65.58
N LEU F 4577 -52.87 -50.15 65.72
CA LEU F 4577 -52.25 -50.07 67.04
C LEU F 4577 -52.82 -48.95 67.90
N LEU F 4578 -53.47 -47.96 67.29
CA LEU F 4578 -54.10 -46.90 68.06
C LEU F 4578 -55.27 -47.41 68.89
N PHE F 4579 -55.79 -48.59 68.58
CA PHE F 4579 -56.91 -49.17 69.29
C PHE F 4579 -56.48 -50.10 70.42
N TYR F 4580 -55.18 -50.20 70.68
CA TYR F 4580 -54.72 -51.03 71.78
C TYR F 4580 -55.17 -50.46 73.12
N LYS F 4581 -55.44 -51.37 74.06
CA LYS F 4581 -55.94 -50.99 75.37
C LYS F 4581 -55.36 -51.94 76.40
N VAL F 4582 -54.84 -51.38 77.49
CA VAL F 4582 -54.27 -52.18 78.57
C VAL F 4582 -55.31 -52.29 79.69
N SER F 4583 -55.48 -53.51 80.19
CA SER F 4583 -56.45 -53.78 81.24
C SER F 4583 -55.94 -54.89 82.14
N ASP F 4584 -56.22 -54.75 83.44
CA ASP F 4584 -55.84 -55.80 84.38
C ASP F 4584 -56.60 -57.09 84.11
N SER F 4585 -57.88 -57.00 83.78
CA SER F 4585 -58.66 -58.18 83.47
C SER F 4585 -58.21 -58.77 82.13
N PRO F 4586 -58.11 -60.10 82.02
CA PRO F 4586 -57.76 -60.70 80.75
C PRO F 4586 -58.83 -60.42 79.70
N PRO F 4587 -58.45 -60.28 78.42
CA PRO F 4587 -59.40 -60.02 77.35
C PRO F 4587 -60.31 -61.22 77.05
N ASN F 4626 -50.30 -59.80 89.45
CA ASN F 4626 -50.82 -58.46 89.25
C ASN F 4626 -50.31 -57.85 87.95
N MET F 4627 -50.26 -58.67 86.90
CA MET F 4627 -49.77 -58.24 85.60
C MET F 4627 -50.95 -57.85 84.72
N VAL F 4628 -50.71 -56.90 83.82
CA VAL F 4628 -51.75 -56.36 82.95
C VAL F 4628 -51.68 -57.03 81.59
N TYR F 4629 -52.75 -56.84 80.82
CA TYR F 4629 -52.85 -57.46 79.48
C TYR F 4629 -53.09 -56.37 78.44
N TYR F 4630 -52.41 -56.47 77.31
CA TYR F 4630 -52.55 -55.48 76.22
C TYR F 4630 -53.37 -56.12 75.11
N PHE F 4631 -54.49 -55.52 74.72
CA PHE F 4631 -55.37 -56.13 73.71
C PHE F 4631 -56.04 -55.07 72.85
N LEU F 4632 -56.42 -55.40 71.62
CA LEU F 4632 -57.17 -54.45 70.83
C LEU F 4632 -58.58 -54.28 71.39
N GLU F 4633 -59.09 -53.05 71.34
CA GLU F 4633 -60.43 -52.72 71.81
C GLU F 4633 -61.22 -52.21 70.62
N GLU F 4634 -61.96 -53.10 69.97
CA GLU F 4634 -62.80 -52.73 68.84
C GLU F 4634 -64.00 -53.66 68.79
N SER F 4635 -65.08 -53.18 68.17
CA SER F 4635 -66.32 -53.93 68.09
C SER F 4635 -66.50 -54.68 66.77
N THR F 4636 -65.76 -54.30 65.72
CA THR F 4636 -65.91 -54.98 64.44
C THR F 4636 -65.47 -56.43 64.53
N GLY F 4637 -64.37 -56.70 65.23
CA GLY F 4637 -63.85 -58.05 65.35
C GLY F 4637 -62.95 -58.48 64.21
N TYR F 4638 -62.78 -57.66 63.18
CA TYR F 4638 -61.91 -57.99 62.06
C TYR F 4638 -60.52 -57.38 62.18
N MET F 4639 -60.33 -56.39 63.06
CA MET F 4639 -59.04 -55.73 63.19
C MET F 4639 -57.97 -56.66 63.75
N GLU F 4640 -58.33 -57.50 64.73
CA GLU F 4640 -57.34 -58.43 65.28
C GLU F 4640 -56.80 -59.40 64.24
N PRO F 4641 -57.63 -60.09 63.44
CA PRO F 4641 -57.05 -60.87 62.34
C PRO F 4641 -56.33 -60.03 61.30
N ALA F 4642 -56.80 -58.81 61.05
CA ALA F 4642 -56.18 -57.97 60.04
C ALA F 4642 -54.76 -57.57 60.46
N LEU F 4643 -54.55 -57.30 61.75
CA LEU F 4643 -53.23 -56.94 62.21
C LEU F 4643 -52.23 -58.06 61.99
N TRP F 4644 -52.65 -59.31 62.24
CA TRP F 4644 -51.78 -60.44 62.01
C TRP F 4644 -51.47 -60.60 60.52
N CYS F 4645 -52.48 -60.43 59.65
CA CYS F 4645 -52.26 -60.54 58.22
C CYS F 4645 -51.34 -59.44 57.71
N LEU F 4646 -51.56 -58.20 58.16
CA LEU F 4646 -50.72 -57.09 57.72
C LEU F 4646 -49.29 -57.23 58.22
N SER F 4647 -49.11 -57.72 59.45
CA SER F 4647 -47.77 -57.89 59.99
C SER F 4647 -46.97 -58.91 59.18
N LEU F 4648 -47.60 -60.02 58.81
CA LEU F 4648 -46.91 -60.99 57.95
C LEU F 4648 -46.66 -60.43 56.55
N LEU F 4649 -47.64 -59.72 56.00
CA LEU F 4649 -47.47 -59.13 54.67
C LEU F 4649 -46.38 -58.08 54.67
N HIS F 4650 -46.32 -57.26 55.72
CA HIS F 4650 -45.28 -56.24 55.80
C HIS F 4650 -43.89 -56.87 55.88
N THR F 4651 -43.77 -57.96 56.63
CA THR F 4651 -42.49 -58.67 56.71
C THR F 4651 -42.08 -59.21 55.35
N LEU F 4652 -43.04 -59.75 54.59
CA LEU F 4652 -42.73 -60.28 53.26
C LEU F 4652 -42.28 -59.16 52.32
N VAL F 4653 -42.97 -58.02 52.36
CA VAL F 4653 -42.63 -56.92 51.46
C VAL F 4653 -41.24 -56.37 51.79
N ALA F 4654 -40.92 -56.25 53.07
CA ALA F 4654 -39.59 -55.77 53.46
C ALA F 4654 -38.50 -56.71 52.98
N PHE F 4655 -38.75 -58.02 53.06
CA PHE F 4655 -37.78 -58.98 52.56
C PHE F 4655 -37.59 -58.87 51.05
N LEU F 4656 -38.69 -58.65 50.33
CA LEU F 4656 -38.60 -58.49 48.88
C LEU F 4656 -37.85 -57.22 48.49
N CYS F 4657 -37.92 -56.19 49.33
CA CYS F 4657 -37.19 -54.96 49.04
C CYS F 4657 -35.68 -55.19 49.04
N ILE F 4658 -35.18 -56.01 49.97
CA ILE F 4658 -33.76 -56.32 50.01
C ILE F 4658 -33.35 -57.07 48.75
N ILE F 4659 -34.15 -58.04 48.33
CA ILE F 4659 -33.88 -58.76 47.09
C ILE F 4659 -34.00 -57.80 45.90
N GLY F 4660 -35.01 -56.93 45.91
CA GLY F 4660 -35.13 -55.96 44.86
C GLY F 4660 -33.97 -54.99 44.82
N TYR F 4661 -33.45 -54.63 45.99
CA TYR F 4661 -32.33 -53.69 46.05
C TYR F 4661 -31.05 -54.32 45.53
N ASN F 4662 -30.74 -55.53 45.97
CA ASN F 4662 -29.47 -56.14 45.60
C ASN F 4662 -29.44 -56.60 44.15
N CYS F 4663 -30.57 -56.62 43.47
CA CYS F 4663 -30.62 -56.92 42.05
C CYS F 4663 -30.75 -55.67 41.18
N LEU F 4664 -30.95 -54.50 41.77
CA LEU F 4664 -31.12 -53.26 41.02
C LEU F 4664 -30.04 -52.24 41.33
N LYS F 4665 -29.75 -51.99 42.61
CA LYS F 4665 -28.82 -50.95 43.00
C LYS F 4665 -27.43 -51.49 43.35
N VAL F 4666 -27.34 -52.68 43.92
CA VAL F 4666 -26.03 -53.24 44.28
C VAL F 4666 -25.10 -53.37 43.09
N PRO F 4667 -25.52 -53.84 41.91
CA PRO F 4667 -24.57 -53.92 40.79
C PRO F 4667 -23.89 -52.61 40.45
N LEU F 4668 -24.59 -51.48 40.59
CA LEU F 4668 -23.94 -50.18 40.38
C LEU F 4668 -22.89 -49.93 41.45
N VAL F 4669 -23.17 -50.30 42.70
CA VAL F 4669 -22.21 -50.08 43.78
C VAL F 4669 -20.94 -50.87 43.53
N ILE F 4670 -21.09 -52.14 43.12
CA ILE F 4670 -19.93 -52.96 42.81
C ILE F 4670 -19.22 -52.42 41.58
N PHE F 4671 -19.97 -51.98 40.58
CA PHE F 4671 -19.37 -51.45 39.36
C PHE F 4671 -18.52 -50.22 39.66
N LYS F 4672 -19.04 -49.30 40.47
CA LYS F 4672 -18.30 -48.09 40.79
C LYS F 4672 -17.03 -48.40 41.57
N ARG F 4673 -17.13 -49.31 42.55
CA ARG F 4673 -15.97 -49.63 43.36
C ARG F 4673 -14.90 -50.36 42.56
N GLU F 4674 -15.31 -51.30 41.70
CA GLU F 4674 -14.36 -51.97 40.83
C GLU F 4674 -13.74 -50.98 39.84
N LYS F 4675 -14.52 -50.02 39.36
CA LYS F 4675 -14.00 -49.04 38.41
C LYS F 4675 -12.89 -48.20 39.02
N GLU F 4676 -13.13 -47.64 40.21
CA GLU F 4676 -12.13 -46.77 40.83
C GLU F 4676 -10.91 -47.57 41.28
N LEU F 4677 -11.12 -48.81 41.73
CA LEU F 4677 -10.00 -49.64 42.16
C LEU F 4677 -9.09 -49.98 40.98
N ALA F 4678 -9.69 -50.29 39.83
CA ALA F 4678 -8.89 -50.65 38.65
C ALA F 4678 -8.01 -49.50 38.20
N ARG F 4679 -8.56 -48.27 38.21
CA ARG F 4679 -7.79 -47.12 37.75
C ARG F 4679 -6.66 -46.79 38.72
N LYS F 4680 -6.89 -46.96 40.02
CA LYS F 4680 -5.83 -46.71 40.99
C LYS F 4680 -4.73 -47.76 40.89
N LEU F 4681 -5.09 -49.00 40.51
CA LEU F 4681 -4.08 -50.01 40.27
C LEU F 4681 -3.18 -49.64 39.09
N GLU F 4682 -3.77 -49.12 38.03
CA GLU F 4682 -3.02 -48.84 36.81
C GLU F 4682 -2.40 -47.45 36.83
N PHE F 4683 -3.23 -46.42 36.97
CA PHE F 4683 -2.77 -45.05 36.87
C PHE F 4683 -2.15 -44.51 38.16
N ASP F 4684 -2.20 -45.28 39.26
CA ASP F 4684 -1.59 -44.86 40.51
C ASP F 4684 -0.73 -45.92 41.18
N GLY F 4685 -0.93 -47.21 40.88
CA GLY F 4685 -0.18 -48.25 41.56
C GLY F 4685 -0.47 -48.28 43.05
N LEU F 4686 -1.75 -48.31 43.41
CA LEU F 4686 -2.15 -48.19 44.81
C LEU F 4686 -1.53 -49.29 45.66
N TYR F 4687 -1.59 -50.53 45.20
CA TYR F 4687 -1.02 -51.66 45.91
C TYR F 4687 0.33 -52.08 45.35
N ILE F 4688 0.89 -51.30 44.43
CA ILE F 4688 2.21 -51.55 43.89
C ILE F 4688 3.25 -50.61 44.48
N THR F 4689 2.91 -49.33 44.63
CA THR F 4689 3.85 -48.32 45.08
C THR F 4689 3.49 -47.75 46.46
N GLU F 4690 2.31 -47.15 46.60
CA GLU F 4690 2.02 -46.40 47.82
C GLU F 4690 1.63 -47.26 49.01
N GLN F 4691 0.83 -48.31 48.80
CA GLN F 4691 0.46 -49.23 49.88
C GLN F 4691 -0.23 -48.48 51.02
N PRO F 4692 -1.52 -48.10 50.85
CA PRO F 4692 -2.21 -47.26 51.85
C PRO F 4692 -1.90 -47.57 53.30
N GLY F 4693 -1.77 -46.52 54.12
CA GLY F 4693 -1.24 -46.65 55.47
C GLY F 4693 -2.22 -47.08 56.54
N ASP F 4694 -3.06 -48.07 56.22
CA ASP F 4694 -3.87 -48.79 57.20
C ASP F 4694 -4.96 -47.92 57.82
N ASP F 4695 -5.02 -46.64 57.46
CA ASP F 4695 -6.07 -45.75 57.93
C ASP F 4695 -7.24 -45.66 56.97
N ASP F 4696 -7.15 -46.30 55.82
CA ASP F 4696 -8.23 -46.33 54.83
C ASP F 4696 -8.81 -47.74 54.82
N VAL F 4697 -9.94 -47.92 55.51
CA VAL F 4697 -10.58 -49.23 55.55
C VAL F 4697 -11.04 -49.65 54.16
N LYS F 4698 -11.46 -48.69 53.33
CA LYS F 4698 -11.86 -49.00 51.97
C LYS F 4698 -10.69 -49.56 51.17
N GLY F 4699 -9.51 -48.95 51.31
CA GLY F 4699 -8.34 -49.45 50.61
C GLY F 4699 -7.87 -50.79 51.13
N GLN F 4700 -7.91 -50.97 52.46
CA GLN F 4700 -7.46 -52.23 53.04
C GLN F 4700 -8.40 -53.38 52.71
N TRP F 4701 -9.69 -53.10 52.55
CA TRP F 4701 -10.64 -54.16 52.25
C TRP F 4701 -10.53 -54.64 50.81
N ASP F 4702 -10.07 -53.77 49.91
CA ASP F 4702 -9.97 -54.13 48.49
C ASP F 4702 -8.83 -55.08 48.19
N ARG F 4703 -7.94 -55.35 49.15
CA ARG F 4703 -6.85 -56.28 48.91
C ARG F 4703 -7.35 -57.70 48.70
N LEU F 4704 -8.55 -58.03 49.18
CA LEU F 4704 -9.06 -59.38 49.04
C LEU F 4704 -9.45 -59.70 47.61
N VAL F 4705 -9.73 -58.68 46.80
CA VAL F 4705 -10.23 -58.91 45.45
C VAL F 4705 -9.15 -58.82 44.38
N LEU F 4706 -7.94 -58.43 44.74
CA LEU F 4706 -6.89 -58.25 43.75
C LEU F 4706 -6.54 -59.55 43.03
N ASN F 4707 -6.43 -60.64 43.79
CA ASN F 4707 -6.02 -61.93 43.24
C ASN F 4707 -7.21 -62.82 42.89
N THR F 4708 -8.43 -62.32 43.04
CA THR F 4708 -9.60 -63.12 42.71
C THR F 4708 -9.70 -63.33 41.20
N PRO F 4709 -10.05 -64.53 40.74
CA PRO F 4709 -10.17 -64.76 39.29
C PRO F 4709 -11.25 -63.93 38.62
N SER F 4710 -12.22 -63.44 39.38
CA SER F 4710 -13.33 -62.69 38.80
C SER F 4710 -13.40 -61.28 39.38
N PHE F 4711 -12.24 -60.61 39.46
CA PHE F 4711 -12.22 -59.26 40.01
C PHE F 4711 -13.05 -58.28 39.18
N PRO F 4712 -12.87 -58.18 37.85
CA PRO F 4712 -13.72 -57.24 37.11
C PRO F 4712 -15.03 -57.88 36.67
N SER F 4713 -15.86 -58.24 37.64
CA SER F 4713 -17.13 -58.89 37.33
C SER F 4713 -18.14 -57.91 36.72
N ASN F 4714 -18.25 -56.72 37.31
CA ASN F 4714 -19.17 -55.71 36.81
C ASN F 4714 -18.50 -54.65 35.94
N TYR F 4715 -17.25 -54.33 36.23
CA TYR F 4715 -16.52 -53.37 35.41
C TYR F 4715 -16.30 -53.93 34.01
N TRP F 4716 -16.46 -53.07 33.00
CA TRP F 4716 -16.43 -53.54 31.61
C TRP F 4716 -15.04 -53.99 31.20
N ASP F 4717 -13.99 -53.35 31.71
CA ASP F 4717 -12.62 -53.68 31.32
C ASP F 4717 -12.22 -55.00 31.97
N LYS F 4718 -12.22 -56.07 31.20
CA LYS F 4718 -11.85 -57.39 31.69
C LYS F 4718 -10.35 -57.66 31.58
N PHE F 4719 -9.59 -56.73 31.01
CA PHE F 4719 -8.16 -56.90 30.82
C PHE F 4719 -7.36 -55.90 31.64
N VAL F 4720 -7.91 -55.49 32.79
CA VAL F 4720 -7.21 -54.55 33.65
C VAL F 4720 -5.93 -55.17 34.20
N LYS F 4721 -5.97 -56.43 34.61
CA LYS F 4721 -4.79 -57.10 35.13
C LYS F 4721 -3.69 -57.17 34.09
N ARG F 4722 -4.07 -57.45 32.84
CA ARG F 4722 -3.11 -57.50 31.74
C ARG F 4722 -2.45 -56.13 31.55
N LYS F 4723 -3.25 -55.07 31.62
CA LYS F 4723 -2.72 -53.72 31.45
C LYS F 4723 -1.81 -53.32 32.60
N VAL F 4724 -2.18 -53.68 33.84
CA VAL F 4724 -1.36 -53.35 35.00
C VAL F 4724 -0.03 -54.08 34.93
N LEU F 4725 -0.05 -55.34 34.49
CA LEU F 4725 1.19 -56.11 34.39
C LEU F 4725 2.15 -55.48 33.39
N ASP F 4726 1.63 -55.00 32.25
CA ASP F 4726 2.49 -54.40 31.24
C ASP F 4726 3.03 -53.05 31.68
N LYS F 4727 2.33 -52.37 32.58
CA LYS F 4727 2.74 -51.04 33.01
C LYS F 4727 3.71 -51.06 34.18
N HIS F 4728 3.51 -51.95 35.16
CA HIS F 4728 4.35 -51.98 36.34
C HIS F 4728 5.19 -53.25 36.46
N GLY F 4729 5.13 -54.15 35.48
CA GLY F 4729 5.89 -55.39 35.58
C GLY F 4729 7.39 -55.17 35.53
N ASP F 4730 7.84 -54.24 34.68
CA ASP F 4730 9.28 -54.03 34.51
C ASP F 4730 9.90 -53.38 35.74
N ILE F 4731 9.18 -52.50 36.42
CA ILE F 4731 9.73 -51.76 37.55
C ILE F 4731 9.47 -52.47 38.89
N PHE F 4732 8.46 -53.34 38.96
CA PHE F 4732 8.10 -53.99 40.21
C PHE F 4732 8.27 -55.50 40.18
N GLY F 4733 8.48 -56.10 39.00
CA GLY F 4733 8.62 -57.54 38.91
C GLY F 4733 7.39 -58.21 38.35
N ARG F 4734 7.53 -58.85 37.19
CA ARG F 4734 6.38 -59.49 36.54
C ARG F 4734 5.83 -60.62 37.41
N GLU F 4735 6.71 -61.44 37.99
CA GLU F 4735 6.24 -62.54 38.84
C GLU F 4735 5.58 -62.02 40.10
N ARG F 4736 6.06 -60.90 40.65
CA ARG F 4736 5.45 -60.34 41.85
C ARG F 4736 4.10 -59.70 41.53
N ILE F 4737 3.99 -59.04 40.38
CA ILE F 4737 2.72 -58.48 39.96
C ILE F 4737 1.70 -59.59 39.72
N ALA F 4738 2.13 -60.67 39.06
CA ALA F 4738 1.23 -61.79 38.82
C ALA F 4738 0.75 -62.42 40.11
N GLU F 4739 1.65 -62.55 41.09
CA GLU F 4739 1.24 -63.07 42.40
C GLU F 4739 0.25 -62.13 43.07
N LEU F 4740 0.49 -60.82 42.98
CA LEU F 4740 -0.43 -59.86 43.59
C LEU F 4740 -1.81 -59.92 42.95
N LEU F 4741 -1.86 -60.03 41.62
CA LEU F 4741 -3.12 -60.04 40.90
C LEU F 4741 -3.64 -61.44 40.63
N GLY F 4742 -2.96 -62.48 41.11
CA GLY F 4742 -3.41 -63.84 40.88
C GLY F 4742 -3.42 -64.23 39.43
N MET F 4743 -2.39 -63.87 38.68
CA MET F 4743 -2.31 -64.13 37.26
C MET F 4743 -1.36 -65.29 36.98
N ASP F 4744 -1.74 -66.16 36.06
CA ASP F 4744 -0.87 -67.25 35.61
C ASP F 4744 -0.12 -66.76 34.38
N LEU F 4745 1.18 -66.53 34.52
CA LEU F 4745 1.97 -66.03 33.40
C LEU F 4745 2.04 -67.05 32.27
N ALA F 4746 2.12 -68.34 32.60
CA ALA F 4746 2.16 -69.37 31.58
C ALA F 4746 0.85 -69.48 30.81
N SER F 4747 -0.25 -69.00 31.38
CA SER F 4747 -1.55 -69.05 30.71
C SER F 4747 -1.80 -67.86 29.80
N LEU F 4748 -0.94 -66.84 29.84
CA LEU F 4748 -1.13 -65.68 28.98
C LEU F 4748 -0.94 -66.04 27.51
N GLU F 4749 0.07 -66.86 27.22
CA GLU F 4749 0.38 -67.18 25.83
C GLU F 4749 -0.64 -68.14 25.23
N ILE F 4750 -1.03 -69.17 25.99
CA ILE F 4750 -1.91 -70.21 25.45
C ILE F 4750 -3.27 -69.63 25.10
N THR F 4751 -3.75 -68.67 25.89
CA THR F 4751 -5.00 -68.00 25.54
C THR F 4751 -4.85 -67.20 24.25
N ALA F 4752 -3.71 -66.55 24.05
CA ALA F 4752 -3.46 -65.81 22.83
C ALA F 4752 -3.18 -66.73 21.65
N HIS F 4753 -2.77 -67.97 21.90
CA HIS F 4753 -2.50 -68.90 20.82
C HIS F 4753 -3.78 -69.41 20.17
N ASN F 4754 -4.66 -70.01 20.97
CA ASN F 4754 -5.94 -70.51 20.49
C ASN F 4754 -6.95 -70.41 21.63
N GLU F 4755 -8.14 -70.95 21.41
CA GLU F 4755 -9.21 -70.90 22.40
C GLU F 4755 -9.69 -72.31 22.71
N ARG F 4756 -9.96 -72.55 23.99
CA ARG F 4756 -10.44 -73.85 24.46
C ARG F 4756 -11.93 -73.79 24.70
N LYS F 4757 -12.62 -74.88 24.33
CA LYS F 4757 -14.04 -75.02 24.55
C LYS F 4757 -14.29 -76.21 25.47
N PRO F 4758 -14.36 -76.00 26.79
CA PRO F 4758 -14.60 -77.13 27.70
C PRO F 4758 -16.06 -77.51 27.80
N ASP F 4759 -16.38 -78.47 28.66
CA ASP F 4759 -17.75 -78.87 28.89
C ASP F 4759 -18.30 -78.10 30.09
N PRO F 4760 -19.30 -77.24 29.90
CA PRO F 4760 -19.96 -76.57 31.04
C PRO F 4760 -21.14 -77.37 31.55
N PRO F 4761 -20.93 -78.37 32.41
CA PRO F 4761 -22.05 -79.23 32.83
C PRO F 4761 -23.05 -78.45 33.66
N PRO F 4762 -24.33 -78.47 33.27
CA PRO F 4762 -25.37 -77.72 33.99
C PRO F 4762 -25.84 -78.39 35.28
N GLY F 4763 -24.89 -78.79 36.12
CA GLY F 4763 -25.19 -79.42 37.39
C GLY F 4763 -24.95 -78.49 38.55
N LEU F 4764 -25.79 -78.61 39.58
CA LEU F 4764 -25.64 -77.79 40.77
C LEU F 4764 -24.38 -78.15 41.55
N LEU F 4765 -23.98 -79.42 41.54
CA LEU F 4765 -22.76 -79.82 42.23
C LEU F 4765 -21.54 -79.13 41.63
N THR F 4766 -21.47 -79.09 40.29
CA THR F 4766 -20.37 -78.39 39.63
C THR F 4766 -20.42 -76.90 39.90
N TRP F 4767 -21.62 -76.36 40.11
CA TRP F 4767 -21.78 -74.94 40.43
C TRP F 4767 -21.27 -74.59 41.83
N LEU F 4768 -21.10 -75.58 42.70
CA LEU F 4768 -20.69 -75.30 44.08
C LEU F 4768 -19.26 -74.80 44.14
N MET F 4769 -18.33 -75.51 43.50
CA MET F 4769 -16.91 -75.15 43.57
C MET F 4769 -16.53 -74.13 42.51
N SER F 4770 -17.47 -73.72 41.66
CA SER F 4770 -17.23 -72.65 40.68
C SER F 4770 -17.44 -71.28 41.28
N ILE F 4771 -17.83 -71.18 42.55
CA ILE F 4771 -18.06 -69.92 43.21
C ILE F 4771 -16.75 -69.40 43.77
N ASP F 4772 -16.41 -68.16 43.41
CA ASP F 4772 -15.21 -67.50 43.92
C ASP F 4772 -15.51 -67.01 45.33
N VAL F 4773 -15.15 -67.82 46.32
CA VAL F 4773 -15.53 -67.53 47.71
C VAL F 4773 -14.90 -66.23 48.18
N LYS F 4774 -13.63 -66.00 47.82
CA LYS F 4774 -12.96 -64.78 48.27
C LYS F 4774 -13.62 -63.54 47.68
N TYR F 4775 -14.03 -63.61 46.42
CA TYR F 4775 -14.73 -62.48 45.81
C TYR F 4775 -16.07 -62.23 46.49
N GLN F 4776 -16.80 -63.30 46.82
CA GLN F 4776 -18.10 -63.13 47.46
C GLN F 4776 -17.95 -62.50 48.84
N ILE F 4777 -16.90 -62.87 49.58
CA ILE F 4777 -16.65 -62.24 50.87
C ILE F 4777 -16.38 -60.75 50.69
N TRP F 4778 -15.57 -60.41 49.70
CA TRP F 4778 -15.29 -58.99 49.42
C TRP F 4778 -16.56 -58.26 48.99
N LYS F 4779 -17.37 -58.88 48.12
CA LYS F 4779 -18.58 -58.22 47.64
C LYS F 4779 -19.57 -57.99 48.76
N PHE F 4780 -19.75 -58.98 49.64
CA PHE F 4780 -20.68 -58.83 50.75
C PHE F 4780 -20.23 -57.76 51.73
N GLY F 4781 -18.92 -57.61 51.93
CA GLY F 4781 -18.43 -56.55 52.79
C GLY F 4781 -18.78 -55.18 52.24
N VAL F 4782 -18.72 -55.01 50.92
CA VAL F 4782 -19.11 -53.75 50.30
C VAL F 4782 -20.59 -53.49 50.49
N ILE F 4783 -21.41 -54.53 50.31
CA ILE F 4783 -22.86 -54.38 50.46
C ILE F 4783 -23.22 -54.04 51.90
N PHE F 4784 -22.58 -54.73 52.86
CA PHE F 4784 -22.86 -54.47 54.26
C PHE F 4784 -22.39 -53.10 54.73
N THR F 4785 -21.54 -52.43 53.97
CA THR F 4785 -21.10 -51.08 54.30
C THR F 4785 -21.87 -50.02 53.51
N ASP F 4786 -22.89 -50.42 52.76
CA ASP F 4786 -23.70 -49.48 52.00
C ASP F 4786 -24.82 -48.94 52.88
N ASN F 4787 -24.96 -47.61 52.91
CA ASN F 4787 -25.94 -46.99 53.78
C ASN F 4787 -27.36 -47.39 53.39
N SER F 4788 -27.66 -47.42 52.09
CA SER F 4788 -29.00 -47.79 51.65
C SER F 4788 -29.32 -49.24 52.00
N PHE F 4789 -28.35 -50.13 51.92
CA PHE F 4789 -28.64 -51.56 52.19
C PHE F 4789 -28.85 -51.73 53.69
N LEU F 4790 -28.04 -51.06 54.48
CA LEU F 4790 -28.13 -51.17 55.95
C LEU F 4790 -29.49 -50.64 56.41
N TYR F 4791 -30.00 -49.58 55.79
CA TYR F 4791 -31.34 -49.07 56.14
C TYR F 4791 -32.40 -50.13 55.84
N LEU F 4792 -32.30 -50.76 54.69
CA LEU F 4792 -33.28 -51.80 54.30
C LEU F 4792 -33.15 -52.98 55.25
N GLY F 4793 -31.94 -53.32 55.64
CA GLY F 4793 -31.72 -54.41 56.61
C GLY F 4793 -32.31 -54.08 57.97
N TRP F 4794 -32.16 -52.84 58.42
CA TRP F 4794 -32.79 -52.42 59.69
C TRP F 4794 -34.30 -52.53 59.57
N TYR F 4795 -34.85 -52.13 58.45
CA TYR F 4795 -36.32 -52.14 58.26
C TYR F 4795 -36.78 -53.59 58.39
N MET F 4796 -36.06 -54.53 57.79
CA MET F 4796 -36.43 -55.96 57.87
C MET F 4796 -36.30 -56.48 59.30
N VAL F 4797 -35.24 -56.13 60.00
CA VAL F 4797 -35.02 -56.62 61.37
C VAL F 4797 -36.16 -56.12 62.24
N MET F 4798 -36.51 -54.85 62.07
CA MET F 4798 -37.60 -54.25 62.89
C MET F 4798 -38.91 -54.95 62.58
N SER F 4799 -39.12 -55.33 61.32
CA SER F 4799 -40.36 -56.04 60.93
C SER F 4799 -40.44 -57.39 61.64
N LEU F 4800 -39.31 -58.09 61.74
CA LEU F 4800 -39.28 -59.37 62.46
C LEU F 4800 -39.51 -59.15 63.95
N LEU F 4801 -38.93 -58.10 64.53
CA LEU F 4801 -39.12 -57.79 65.96
C LEU F 4801 -40.58 -57.44 66.16
N GLY F 4802 -41.24 -56.96 65.12
CA GLY F 4802 -42.67 -56.62 65.16
C GLY F 4802 -43.47 -57.84 65.49
N HIS F 4803 -43.04 -59.00 65.04
CA HIS F 4803 -43.71 -60.26 65.41
C HIS F 4803 -43.58 -60.53 66.91
N TYR F 4804 -42.45 -60.21 67.53
CA TYR F 4804 -42.35 -60.36 69.01
C TYR F 4804 -43.29 -59.35 69.68
N ASN F 4805 -43.14 -58.04 69.46
CA ASN F 4805 -44.14 -57.06 69.96
C ASN F 4805 -44.56 -56.21 68.78
N ASN F 4806 -45.85 -56.08 68.53
CA ASN F 4806 -46.34 -55.37 67.33
C ASN F 4806 -45.92 -53.90 67.38
N PHE F 4807 -45.67 -53.36 68.56
CA PHE F 4807 -45.37 -51.92 68.72
C PHE F 4807 -44.07 -51.56 68.01
N PHE F 4808 -43.23 -52.54 67.73
CA PHE F 4808 -41.96 -52.27 67.00
C PHE F 4808 -42.27 -51.82 65.58
N PHE F 4809 -43.45 -52.16 65.08
CA PHE F 4809 -43.84 -51.71 63.73
C PHE F 4809 -43.96 -50.19 63.69
N ALA F 4810 -43.89 -49.52 64.83
CA ALA F 4810 -43.91 -48.05 64.88
C ALA F 4810 -42.66 -47.48 64.24
N ALA F 4811 -41.52 -48.14 64.40
CA ALA F 4811 -40.25 -47.62 63.89
C ALA F 4811 -40.34 -47.40 62.39
N HIS F 4812 -41.11 -48.23 61.72
CA HIS F 4812 -41.20 -48.17 60.24
C HIS F 4812 -41.80 -46.85 59.79
N LEU F 4813 -42.56 -46.17 60.65
CA LEU F 4813 -43.23 -44.90 60.26
C LEU F 4813 -42.16 -43.83 60.08
N LEU F 4814 -40.96 -44.06 60.58
CA LEU F 4814 -39.84 -43.11 60.36
C LEU F 4814 -39.51 -43.04 58.87
N ASP F 4815 -39.65 -44.15 58.14
CA ASP F 4815 -39.38 -44.20 56.69
C ASP F 4815 -39.89 -42.98 55.93
N ILE F 4816 -40.93 -42.30 56.40
CA ILE F 4816 -41.36 -41.08 55.73
C ILE F 4816 -40.24 -40.07 55.60
N ALA F 4817 -39.15 -40.24 56.35
CA ALA F 4817 -38.01 -39.33 56.23
C ALA F 4817 -37.42 -39.38 54.82
N MET F 4818 -37.28 -40.58 54.27
CA MET F 4818 -36.80 -40.75 52.91
C MET F 4818 -37.87 -41.23 51.95
N GLY F 4819 -39.03 -41.66 52.45
CA GLY F 4819 -40.12 -42.00 51.56
C GLY F 4819 -40.65 -40.78 50.81
N VAL F 4820 -40.72 -39.65 51.48
CA VAL F 4820 -41.17 -38.40 50.89
C VAL F 4820 -39.99 -37.46 50.79
N LYS F 4821 -39.71 -36.97 49.58
CA LYS F 4821 -38.56 -36.09 49.37
C LYS F 4821 -38.75 -34.73 50.03
N THR F 4822 -39.99 -34.30 50.23
CA THR F 4822 -40.23 -33.01 50.90
C THR F 4822 -39.74 -33.04 52.34
N LEU F 4823 -40.02 -34.13 53.06
CA LEU F 4823 -39.55 -34.24 54.43
C LEU F 4823 -38.04 -34.36 54.49
N ARG F 4824 -37.44 -35.06 53.51
CA ARG F 4824 -35.99 -35.21 53.50
C ARG F 4824 -35.30 -33.86 53.35
N THR F 4825 -35.85 -32.97 52.50
CA THR F 4825 -35.31 -31.62 52.41
C THR F 4825 -35.47 -30.87 53.71
N ILE F 4826 -36.62 -31.01 54.37
CA ILE F 4826 -36.83 -30.36 55.66
C ILE F 4826 -35.87 -30.91 56.70
N LEU F 4827 -35.71 -32.23 56.75
CA LEU F 4827 -34.79 -32.83 57.71
C LEU F 4827 -33.34 -32.51 57.37
N SER F 4828 -33.04 -32.25 56.09
CA SER F 4828 -31.70 -31.82 55.73
C SER F 4828 -31.34 -30.48 56.35
N SER F 4829 -32.35 -29.62 56.58
CA SER F 4829 -32.13 -28.35 57.26
C SER F 4829 -31.77 -28.53 58.72
N VAL F 4830 -31.94 -29.72 59.28
CA VAL F 4830 -31.51 -30.01 60.64
C VAL F 4830 -30.14 -30.69 60.66
N THR F 4831 -29.91 -31.61 59.74
CA THR F 4831 -28.62 -32.32 59.67
C THR F 4831 -27.54 -31.50 58.98
N HIS F 4832 -27.88 -30.40 58.32
CA HIS F 4832 -26.85 -29.58 57.66
C HIS F 4832 -25.90 -29.00 58.68
N ASN F 4833 -26.41 -28.49 59.79
CA ASN F 4833 -25.62 -27.98 60.90
C ASN F 4833 -25.71 -28.90 62.12
N GLY F 4834 -25.77 -30.20 61.86
CA GLY F 4834 -25.91 -31.15 62.95
C GLY F 4834 -24.74 -31.14 63.91
N LYS F 4835 -23.52 -31.00 63.39
CA LYS F 4835 -22.35 -30.93 64.25
C LYS F 4835 -22.40 -29.70 65.14
N GLN F 4836 -22.82 -28.56 64.59
CA GLN F 4836 -22.98 -27.36 65.40
C GLN F 4836 -24.08 -27.54 66.43
N LEU F 4837 -25.16 -28.24 66.06
CA LEU F 4837 -26.24 -28.48 67.02
C LEU F 4837 -25.78 -29.34 68.18
N VAL F 4838 -24.94 -30.33 67.91
CA VAL F 4838 -24.41 -31.16 68.99
C VAL F 4838 -23.51 -30.33 69.90
N MET F 4839 -22.66 -29.49 69.32
CA MET F 4839 -21.72 -28.71 70.12
C MET F 4839 -22.44 -27.70 71.00
N THR F 4840 -23.47 -27.04 70.48
CA THR F 4840 -24.17 -26.04 71.28
C THR F 4840 -24.97 -26.69 72.41
N VAL F 4841 -25.42 -27.93 72.22
CA VAL F 4841 -26.02 -28.67 73.33
C VAL F 4841 -24.96 -29.03 74.37
N GLY F 4842 -23.78 -29.43 73.90
CA GLY F 4842 -22.68 -29.67 74.83
C GLY F 4842 -22.26 -28.39 75.55
N LEU F 4843 -22.26 -27.27 74.84
CA LEU F 4843 -22.01 -25.98 75.48
C LEU F 4843 -23.10 -25.67 76.50
N LEU F 4844 -24.35 -26.03 76.18
CA LEU F 4844 -25.44 -25.83 77.13
C LEU F 4844 -25.23 -26.62 78.40
N ALA F 4845 -24.73 -27.85 78.28
CA ALA F 4845 -24.48 -28.67 79.46
C ALA F 4845 -23.38 -28.06 80.32
N VAL F 4846 -22.36 -27.49 79.70
CA VAL F 4846 -21.22 -26.90 80.46
C VAL F 4846 -21.71 -25.65 81.19
N VAL F 4847 -22.47 -24.77 80.54
CA VAL F 4847 -22.92 -23.51 81.19
C VAL F 4847 -23.83 -23.86 82.36
N VAL F 4848 -24.67 -24.87 82.22
CA VAL F 4848 -25.58 -25.31 83.31
C VAL F 4848 -24.75 -25.90 84.47
N TYR F 4849 -23.65 -26.58 84.19
CA TYR F 4849 -22.78 -27.13 85.25
C TYR F 4849 -22.19 -26.00 86.06
N LEU F 4850 -21.80 -24.93 85.40
CA LEU F 4850 -21.22 -23.78 86.11
C LEU F 4850 -22.27 -23.18 87.03
N TYR F 4851 -23.52 -23.10 86.58
CA TYR F 4851 -24.62 -22.62 87.44
C TYR F 4851 -24.84 -23.57 88.61
N THR F 4852 -24.72 -24.87 88.39
CA THR F 4852 -24.87 -25.88 89.46
C THR F 4852 -23.79 -25.69 90.50
N VAL F 4853 -22.55 -25.45 90.09
CA VAL F 4853 -21.43 -25.29 91.05
C VAL F 4853 -21.72 -24.09 91.93
N VAL F 4854 -22.19 -23.00 91.35
CA VAL F 4854 -22.50 -21.77 92.13
C VAL F 4854 -23.63 -22.10 93.09
N ALA F 4855 -24.65 -22.81 92.64
CA ALA F 4855 -25.81 -23.14 93.48
C ALA F 4855 -25.42 -24.03 94.64
N PHE F 4856 -24.63 -25.06 94.38
CA PHE F 4856 -24.25 -26.02 95.44
C PHE F 4856 -23.46 -25.26 96.48
N ASN F 4857 -22.55 -24.43 96.01
CA ASN F 4857 -21.70 -23.67 96.94
C ASN F 4857 -22.46 -22.57 97.69
N PHE F 4858 -23.33 -21.80 97.05
CA PHE F 4858 -23.92 -20.62 97.74
C PHE F 4858 -25.44 -20.59 97.90
N PHE F 4859 -26.24 -21.22 97.03
CA PHE F 4859 -27.71 -21.03 97.05
C PHE F 4859 -28.50 -22.30 97.36
N ARG F 4860 -27.95 -23.24 98.12
CA ARG F 4860 -28.60 -24.55 98.37
C ARG F 4860 -29.93 -24.44 99.11
N LYS F 4861 -30.09 -23.50 100.02
CA LYS F 4861 -31.31 -23.42 100.87
C LYS F 4861 -32.55 -23.23 100.02
N PHE F 4862 -32.41 -22.65 98.85
CA PHE F 4862 -33.57 -22.31 98.01
C PHE F 4862 -34.02 -23.47 97.15
N TYR F 4863 -33.42 -24.65 97.31
CA TYR F 4863 -33.74 -25.81 96.43
C TYR F 4863 -34.56 -26.86 97.16
N ASN F 4864 -35.43 -26.46 98.08
CA ASN F 4864 -36.35 -27.35 98.78
C ASN F 4864 -37.63 -27.45 97.96
N LYS F 4865 -37.83 -28.58 97.30
CA LYS F 4865 -38.98 -28.79 96.42
C LYS F 4865 -40.04 -29.66 97.07
N SER F 4866 -40.23 -29.54 98.38
CA SER F 4866 -41.23 -30.30 99.10
C SER F 4866 -42.14 -29.35 99.86
N GLU F 4867 -43.44 -29.43 99.57
CA GLU F 4867 -44.42 -28.67 100.35
C GLU F 4867 -44.52 -29.19 101.78
N ASP F 4868 -44.07 -30.41 102.03
CA ASP F 4868 -44.05 -30.95 103.38
C ASP F 4868 -43.05 -30.16 104.24
N GLU F 4869 -43.30 -30.16 105.55
CA GLU F 4869 -42.50 -29.36 106.47
C GLU F 4869 -41.52 -30.17 107.33
N ASP F 4870 -41.76 -31.47 107.52
CA ASP F 4870 -40.87 -32.25 108.37
C ASP F 4870 -39.89 -33.13 107.60
N GLU F 4871 -40.18 -33.44 106.34
CA GLU F 4871 -39.24 -34.16 105.49
C GLU F 4871 -38.95 -33.32 104.25
N PRO F 4872 -37.82 -32.62 104.19
CA PRO F 4872 -37.53 -31.78 103.03
C PRO F 4872 -36.90 -32.56 101.88
N ASP F 4873 -37.32 -32.20 100.67
CA ASP F 4873 -36.77 -32.79 99.45
C ASP F 4873 -35.75 -31.82 98.86
N MET F 4874 -34.57 -31.80 99.45
CA MET F 4874 -33.52 -30.91 99.00
C MET F 4874 -32.94 -31.41 97.67
N LYS F 4875 -33.03 -30.57 96.64
CA LYS F 4875 -32.58 -30.95 95.30
C LYS F 4875 -31.13 -30.59 95.03
N CYS F 4876 -30.46 -29.87 95.93
CA CYS F 4876 -29.08 -29.44 95.68
C CYS F 4876 -28.17 -29.80 96.84
N ASP F 4877 -28.45 -30.89 97.54
CA ASP F 4877 -27.53 -31.42 98.54
C ASP F 4877 -26.46 -32.31 97.94
N ASP F 4878 -26.57 -32.64 96.65
CA ASP F 4878 -25.56 -33.39 95.93
C ASP F 4878 -25.34 -32.73 94.57
N MET F 4879 -24.09 -32.74 94.12
CA MET F 4879 -23.77 -32.14 92.82
C MET F 4879 -24.48 -32.86 91.68
N MET F 4880 -24.51 -34.19 91.71
CA MET F 4880 -25.15 -34.94 90.65
C MET F 4880 -26.66 -34.69 90.62
N THR F 4881 -27.29 -34.65 91.81
CA THR F 4881 -28.71 -34.36 91.87
C THR F 4881 -29.00 -32.93 91.44
N CYS F 4882 -28.19 -31.98 91.90
CA CYS F 4882 -28.41 -30.58 91.56
C CYS F 4882 -28.19 -30.33 90.08
N TYR F 4883 -27.17 -30.97 89.49
CA TYR F 4883 -26.93 -30.83 88.06
C TYR F 4883 -28.09 -31.39 87.25
N LEU F 4884 -28.63 -32.54 87.67
CA LEU F 4884 -29.79 -33.09 86.99
C LEU F 4884 -30.99 -32.16 87.12
N PHE F 4885 -31.15 -31.53 88.29
CA PHE F 4885 -32.28 -30.62 88.49
C PHE F 4885 -32.21 -29.44 87.53
N HIS F 4886 -31.02 -28.85 87.38
CA HIS F 4886 -30.89 -27.72 86.45
C HIS F 4886 -31.11 -28.14 85.02
N MET F 4887 -30.60 -29.31 84.63
CA MET F 4887 -30.75 -29.77 83.25
C MET F 4887 -32.17 -30.23 82.94
N TYR F 4888 -32.91 -30.67 83.96
CA TYR F 4888 -34.24 -31.25 83.71
C TYR F 4888 -35.33 -30.19 83.78
N VAL F 4889 -35.42 -29.46 84.90
CA VAL F 4889 -36.51 -28.51 85.08
C VAL F 4889 -36.04 -27.10 84.78
N GLY F 4890 -34.73 -26.84 84.94
CA GLY F 4890 -34.23 -25.49 84.70
C GLY F 4890 -34.25 -25.10 83.24
N VAL F 4891 -33.80 -25.99 82.37
CA VAL F 4891 -33.75 -25.67 80.94
C VAL F 4891 -35.16 -25.60 80.36
N ARG F 4892 -36.03 -26.54 80.74
CA ARG F 4892 -37.37 -26.60 80.18
C ARG F 4892 -38.29 -25.52 80.74
N ALA F 4893 -37.93 -24.87 81.84
CA ALA F 4893 -38.77 -23.82 82.39
C ALA F 4893 -38.73 -22.59 81.50
N GLY F 4894 -39.87 -21.90 81.43
CA GLY F 4894 -39.96 -20.71 80.60
C GLY F 4894 -39.08 -19.58 81.10
N GLY F 4895 -39.08 -19.36 82.42
CA GLY F 4895 -38.31 -18.27 83.00
C GLY F 4895 -37.00 -18.71 83.59
N GLY F 4896 -36.52 -19.89 83.20
CA GLY F 4896 -35.26 -20.38 83.70
C GLY F 4896 -35.39 -21.06 85.05
N ILE F 4897 -34.28 -21.16 85.78
CA ILE F 4897 -34.25 -21.82 87.12
C ILE F 4897 -35.05 -21.05 88.13
N GLY F 4898 -35.17 -19.74 87.99
CA GLY F 4898 -35.82 -18.93 89.01
C GLY F 4898 -37.23 -19.36 89.25
N ASP F 4899 -37.92 -19.77 88.20
CA ASP F 4899 -39.32 -20.18 88.32
C ASP F 4899 -39.46 -21.37 89.26
N GLU F 4900 -38.60 -22.36 89.12
CA GLU F 4900 -38.62 -23.59 89.96
C GLU F 4900 -38.17 -23.38 91.40
N ILE F 4901 -37.12 -22.63 91.65
CA ILE F 4901 -36.53 -22.49 93.01
C ILE F 4901 -37.33 -21.51 93.87
N GLU F 4902 -37.11 -21.52 95.19
CA GLU F 4902 -37.87 -20.68 96.15
C GLU F 4902 -37.57 -19.21 95.95
N ASP F 4903 -38.48 -18.32 96.34
CA ASP F 4903 -38.32 -16.87 96.11
C ASP F 4903 -37.11 -16.35 96.87
N PRO F 4904 -36.35 -15.40 96.30
CA PRO F 4904 -35.16 -14.90 96.94
C PRO F 4904 -35.43 -13.66 97.77
N ALA F 4905 -36.69 -13.36 98.08
CA ALA F 4905 -37.00 -12.06 98.74
C ALA F 4905 -36.72 -12.09 100.24
N GLY F 4906 -36.46 -10.92 100.81
CA GLY F 4906 -36.06 -10.84 102.21
C GLY F 4906 -34.95 -11.78 102.61
N ASP F 4907 -33.90 -11.87 101.78
CA ASP F 4907 -32.76 -12.73 102.06
C ASP F 4907 -31.48 -11.94 101.83
N GLU F 4908 -30.40 -12.39 102.50
CA GLU F 4908 -29.09 -11.71 102.39
C GLU F 4908 -28.56 -11.81 100.96
N TYR F 4909 -28.82 -12.92 100.28
CA TYR F 4909 -28.24 -13.14 98.94
C TYR F 4909 -29.25 -12.81 97.86
N GLU F 4910 -30.26 -11.99 98.15
CA GLU F 4910 -31.34 -11.74 97.17
C GLU F 4910 -30.75 -11.16 95.89
N LEU F 4911 -29.88 -10.18 95.99
CA LEU F 4911 -29.38 -9.54 94.75
C LEU F 4911 -28.56 -10.56 93.99
N TYR F 4912 -27.78 -11.36 94.70
CA TYR F 4912 -26.91 -12.36 94.03
C TYR F 4912 -27.82 -13.34 93.33
N ARG F 4913 -28.93 -13.70 93.96
CA ARG F 4913 -29.84 -14.71 93.36
C ARG F 4913 -30.57 -14.10 92.16
N VAL F 4914 -30.92 -12.80 92.21
CA VAL F 4914 -31.54 -12.17 91.01
C VAL F 4914 -30.56 -12.19 89.84
N VAL F 4915 -29.28 -11.94 90.06
CA VAL F 4915 -28.29 -12.02 88.96
C VAL F 4915 -28.22 -13.46 88.46
N PHE F 4916 -28.21 -14.44 89.36
CA PHE F 4916 -28.14 -15.87 88.96
C PHE F 4916 -29.35 -16.21 88.10
N ASP F 4917 -30.53 -15.79 88.52
CA ASP F 4917 -31.78 -16.10 87.79
C ASP F 4917 -31.89 -15.36 86.46
N ILE F 4918 -31.44 -14.13 86.39
CA ILE F 4918 -31.64 -13.32 85.16
C ILE F 4918 -30.60 -13.75 84.15
N THR F 4919 -29.38 -14.00 84.60
CA THR F 4919 -28.29 -14.43 83.72
C THR F 4919 -28.57 -15.82 83.17
N PHE F 4920 -29.25 -16.67 83.94
CA PHE F 4920 -29.51 -18.05 83.48
C PHE F 4920 -30.64 -17.94 82.49
N PHE F 4921 -31.52 -16.98 82.71
CA PHE F 4921 -32.58 -16.80 81.72
C PHE F 4921 -32.04 -16.30 80.40
N PHE F 4922 -31.15 -15.33 80.43
CA PHE F 4922 -30.55 -14.74 79.22
C PHE F 4922 -29.64 -15.72 78.51
N PHE F 4923 -28.63 -16.24 79.21
CA PHE F 4923 -27.63 -17.12 78.57
C PHE F 4923 -28.24 -18.43 78.10
N VAL F 4924 -29.07 -19.06 78.90
CA VAL F 4924 -29.57 -20.41 78.53
C VAL F 4924 -30.90 -20.32 77.78
N ILE F 4925 -31.92 -19.72 78.36
CA ILE F 4925 -33.24 -19.74 77.74
C ILE F 4925 -33.25 -18.87 76.49
N VAL F 4926 -32.63 -17.70 76.55
CA VAL F 4926 -32.74 -16.72 75.45
C VAL F 4926 -31.64 -16.93 74.41
N ILE F 4927 -30.38 -16.87 74.82
CA ILE F 4927 -29.29 -16.86 73.85
C ILE F 4927 -29.05 -18.25 73.28
N LEU F 4928 -28.83 -19.24 74.14
CA LEU F 4928 -28.48 -20.58 73.66
C LEU F 4928 -29.60 -21.25 72.88
N LEU F 4929 -30.86 -21.02 73.24
CA LEU F 4929 -31.95 -21.56 72.45
C LEU F 4929 -32.13 -20.81 71.13
N ALA F 4930 -31.73 -19.54 71.09
CA ALA F 4930 -31.74 -18.81 69.82
C ALA F 4930 -30.68 -19.35 68.88
N ILE F 4931 -29.53 -19.78 69.41
CA ILE F 4931 -28.50 -20.37 68.58
C ILE F 4931 -28.99 -21.64 67.93
N ILE F 4932 -29.68 -22.50 68.69
CA ILE F 4932 -30.21 -23.74 68.14
C ILE F 4932 -31.23 -23.44 67.05
N GLN F 4933 -32.12 -22.48 67.31
CA GLN F 4933 -33.08 -22.07 66.29
C GLN F 4933 -32.40 -21.31 65.16
N GLY F 4934 -31.37 -20.52 65.47
CA GLY F 4934 -30.67 -19.78 64.42
C GLY F 4934 -29.94 -20.69 63.45
N LEU F 4935 -29.38 -21.80 63.96
CA LEU F 4935 -28.70 -22.75 63.09
C LEU F 4935 -29.67 -23.39 62.10
N ILE F 4936 -30.88 -23.74 62.57
CA ILE F 4936 -31.87 -24.34 61.69
C ILE F 4936 -32.33 -23.34 60.64
N ILE F 4937 -32.58 -22.09 61.04
CA ILE F 4937 -33.03 -21.07 60.10
C ILE F 4937 -31.94 -20.78 59.06
N ASP F 4938 -30.70 -20.68 59.52
CA ASP F 4938 -29.59 -20.41 58.60
C ASP F 4938 -29.43 -21.56 57.60
N ALA F 4939 -29.72 -22.78 58.04
CA ALA F 4939 -29.60 -23.94 57.15
C ALA F 4939 -30.61 -23.85 56.01
N PHE F 4940 -31.81 -23.35 56.28
CA PHE F 4940 -32.80 -23.18 55.23
C PHE F 4940 -32.30 -22.22 54.15
N GLY F 4941 -31.69 -21.11 54.57
CA GLY F 4941 -31.13 -20.18 53.61
C GLY F 4941 -29.96 -20.77 52.84
N GLU F 4942 -29.07 -21.49 53.54
CA GLU F 4942 -27.91 -22.06 52.89
C GLU F 4942 -28.30 -23.10 51.85
N LEU F 4943 -29.26 -23.97 52.18
CA LEU F 4943 -29.71 -24.97 51.22
C LEU F 4943 -30.44 -24.32 50.05
N ARG F 4944 -31.20 -23.25 50.32
CA ARG F 4944 -31.96 -22.61 49.26
C ARG F 4944 -31.05 -21.97 48.22
N ASP F 4945 -29.98 -21.29 48.66
CA ASP F 4945 -29.10 -20.63 47.70
C ASP F 4945 -28.30 -21.64 46.88
N GLN F 4946 -28.04 -22.83 47.43
CA GLN F 4946 -27.36 -23.86 46.67
C GLN F 4946 -28.18 -24.26 45.45
N GLN F 4947 -29.49 -24.42 45.63
CA GLN F 4947 -30.37 -24.70 44.48
C GLN F 4947 -30.37 -23.54 43.51
N GLU F 4948 -30.44 -22.32 44.03
CA GLU F 4948 -30.41 -21.14 43.16
C GLU F 4948 -29.08 -21.01 42.43
N GLN F 4949 -27.97 -21.27 43.13
CA GLN F 4949 -26.66 -21.16 42.50
C GLN F 4949 -26.49 -22.19 41.39
N VAL F 4950 -26.95 -23.42 41.62
CA VAL F 4950 -26.84 -24.45 40.58
C VAL F 4950 -27.71 -24.07 39.38
N LYS F 4951 -28.93 -23.62 39.65
CA LYS F 4951 -29.82 -23.21 38.57
C LYS F 4951 -29.26 -22.02 37.82
N GLU F 4952 -28.71 -21.04 38.53
CA GLU F 4952 -28.14 -19.87 37.89
C GLU F 4952 -26.95 -20.22 37.02
N ASP F 4953 -26.07 -21.10 37.50
CA ASP F 4953 -24.88 -21.46 36.73
C ASP F 4953 -25.26 -22.18 35.43
N MET F 4954 -26.25 -23.07 35.49
CA MET F 4954 -26.64 -23.80 34.29
C MET F 4954 -27.25 -22.88 33.24
N GLU F 4955 -27.96 -21.83 33.66
CA GLU F 4955 -28.62 -20.92 32.74
C GLU F 4955 -27.74 -19.74 32.34
N THR F 4956 -26.52 -19.65 32.87
CA THR F 4956 -25.62 -18.55 32.54
C THR F 4956 -24.30 -19.01 31.93
N LYS F 4957 -23.95 -20.28 32.05
CA LYS F 4957 -22.72 -20.79 31.48
C LYS F 4957 -22.98 -22.14 30.84
N CYS F 4958 -22.17 -22.48 29.84
CA CYS F 4958 -22.27 -23.79 29.23
C CYS F 4958 -21.55 -24.82 30.10
N PHE F 4959 -22.18 -25.99 30.25
CA PHE F 4959 -21.62 -27.03 31.10
C PHE F 4959 -20.32 -27.58 30.53
N ILE F 4960 -20.12 -27.49 29.22
CA ILE F 4960 -18.96 -28.08 28.58
C ILE F 4960 -17.82 -27.07 28.45
N CYS F 4961 -18.06 -25.99 27.72
CA CYS F 4961 -16.99 -25.04 27.44
C CYS F 4961 -16.84 -23.98 28.53
N GLY F 4962 -17.89 -23.71 29.29
CA GLY F 4962 -17.81 -22.73 30.35
C GLY F 4962 -17.99 -21.28 29.91
N ILE F 4963 -18.23 -21.04 28.62
CA ILE F 4963 -18.44 -19.68 28.14
C ILE F 4963 -19.81 -19.20 28.58
N GLY F 4964 -19.88 -17.93 29.01
CA GLY F 4964 -21.12 -17.39 29.53
C GLY F 4964 -22.17 -17.20 28.46
N SER F 4965 -23.42 -17.09 28.93
CA SER F 4965 -24.54 -16.90 28.02
C SER F 4965 -24.49 -15.54 27.34
N ASP F 4966 -23.82 -14.57 27.96
CA ASP F 4966 -23.76 -13.23 27.38
C ASP F 4966 -23.08 -13.23 26.03
N TYR F 4967 -22.00 -14.00 25.88
CA TYR F 4967 -21.33 -14.09 24.59
C TYR F 4967 -22.22 -14.72 23.53
N PHE F 4968 -22.90 -15.81 23.87
CA PHE F 4968 -23.71 -16.50 22.88
C PHE F 4968 -24.96 -15.71 22.52
N ASP F 4969 -25.45 -14.87 23.42
CA ASP F 4969 -26.66 -14.09 23.16
C ASP F 4969 -26.45 -12.96 22.17
N THR F 4970 -25.25 -12.81 21.60
CA THR F 4970 -25.08 -11.84 20.52
C THR F 4970 -25.97 -12.18 19.34
N THR F 4971 -26.04 -13.45 18.98
CA THR F 4971 -26.93 -14.13 18.05
C THR F 4971 -28.25 -14.46 18.75
N PRO F 4972 -29.38 -14.12 18.13
CA PRO F 4972 -30.68 -14.39 18.78
C PRO F 4972 -30.84 -15.85 19.15
N HIS F 4973 -31.19 -16.10 20.42
CA HIS F 4973 -31.30 -17.44 20.97
C HIS F 4973 -30.00 -18.22 20.81
N GLY F 4974 -28.86 -17.53 20.91
CA GLY F 4974 -27.58 -18.19 20.71
C GLY F 4974 -27.27 -19.20 21.78
N PHE F 4975 -27.50 -18.85 23.05
CA PHE F 4975 -27.18 -19.77 24.13
C PHE F 4975 -28.09 -20.98 24.13
N GLU F 4976 -29.37 -20.79 23.76
CA GLU F 4976 -30.28 -21.92 23.68
C GLU F 4976 -29.85 -22.91 22.60
N THR F 4977 -29.44 -22.40 21.44
CA THR F 4977 -28.98 -23.30 20.38
C THR F 4977 -27.63 -23.92 20.73
N HIS F 4978 -26.76 -23.18 21.42
CA HIS F 4978 -25.46 -23.72 21.78
C HIS F 4978 -25.59 -24.90 22.74
N THR F 4979 -26.48 -24.80 23.71
CA THR F 4979 -26.65 -25.85 24.70
C THR F 4979 -27.52 -27.01 24.22
N LEU F 4980 -28.20 -26.86 23.08
CA LEU F 4980 -29.01 -27.92 22.53
C LEU F 4980 -28.45 -28.56 21.27
N GLU F 4981 -27.59 -27.85 20.54
CA GLU F 4981 -27.01 -28.36 19.31
C GLU F 4981 -25.50 -28.44 19.35
N GLU F 4982 -24.82 -27.39 19.79
CA GLU F 4982 -23.37 -27.33 19.70
C GLU F 4982 -22.68 -28.12 20.81
N HIS F 4983 -22.94 -27.78 22.06
CA HIS F 4983 -22.28 -28.39 23.21
C HIS F 4983 -23.29 -29.06 24.14
N ASN F 4984 -24.24 -29.79 23.56
CA ASN F 4984 -25.20 -30.52 24.38
C ASN F 4984 -24.51 -31.67 25.09
N LEU F 4985 -24.65 -31.72 26.41
CA LEU F 4985 -23.97 -32.75 27.18
C LEU F 4985 -24.54 -34.13 26.91
N ALA F 4986 -25.82 -34.21 26.51
CA ALA F 4986 -26.41 -35.49 26.15
C ALA F 4986 -25.76 -36.09 24.90
N ASN F 4987 -25.38 -35.26 23.93
CA ASN F 4987 -24.73 -35.75 22.74
C ASN F 4987 -23.37 -36.37 23.03
N TYR F 4988 -22.63 -35.80 23.98
CA TYR F 4988 -21.36 -36.41 24.39
C TYR F 4988 -21.57 -37.78 25.02
N MET F 4989 -22.66 -37.95 25.78
CA MET F 4989 -23.05 -39.27 26.26
C MET F 4989 -23.31 -40.22 25.11
N PHE F 4990 -24.06 -39.74 24.11
CA PHE F 4990 -24.38 -40.57 22.94
C PHE F 4990 -23.15 -40.88 22.11
N PHE F 4991 -22.22 -39.92 21.99
CA PHE F 4991 -21.03 -40.14 21.19
C PHE F 4991 -20.16 -41.24 21.80
N LEU F 4992 -20.05 -41.28 23.13
CA LEU F 4992 -19.32 -42.35 23.78
C LEU F 4992 -19.96 -43.70 23.49
N MET F 4993 -21.28 -43.78 23.59
CA MET F 4993 -21.98 -45.02 23.25
C MET F 4993 -21.82 -45.36 21.78
N TYR F 4994 -21.78 -44.34 20.92
CA TYR F 4994 -21.58 -44.57 19.49
C TYR F 4994 -20.22 -45.19 19.21
N LEU F 4995 -19.18 -44.70 19.89
CA LEU F 4995 -17.84 -45.24 19.66
C LEU F 4995 -17.72 -46.68 20.14
N ILE F 4996 -18.34 -47.00 21.29
CA ILE F 4996 -18.24 -48.35 21.82
C ILE F 4996 -18.88 -49.36 20.88
N ASN F 4997 -20.06 -49.03 20.36
CA ASN F 4997 -20.75 -49.96 19.47
C ASN F 4997 -20.06 -50.06 18.12
N LYS F 4998 -19.54 -48.95 17.60
CA LYS F 4998 -18.94 -48.94 16.27
C LYS F 4998 -17.62 -49.71 16.27
N ASP F 4999 -17.37 -50.41 15.17
CA ASP F 4999 -16.13 -51.15 15.00
C ASP F 4999 -14.96 -50.17 14.89
N GLU F 5000 -13.83 -50.55 15.48
CA GLU F 5000 -12.65 -49.68 15.44
C GLU F 5000 -12.15 -49.48 14.03
N THR F 5001 -12.20 -50.53 13.20
CA THR F 5001 -11.76 -50.40 11.82
C THR F 5001 -12.63 -49.44 11.03
N GLU F 5002 -13.87 -49.20 11.45
CA GLU F 5002 -14.77 -48.28 10.79
C GLU F 5002 -14.70 -46.87 11.36
N HIS F 5003 -13.92 -46.65 12.42
CA HIS F 5003 -13.80 -45.32 13.00
C HIS F 5003 -13.14 -44.37 12.00
N THR F 5004 -13.66 -43.14 11.95
CA THR F 5004 -13.05 -42.11 11.12
C THR F 5004 -11.84 -41.53 11.83
N GLY F 5005 -11.20 -40.55 11.19
CA GLY F 5005 -10.05 -39.91 11.80
C GLY F 5005 -10.41 -39.18 13.08
N GLN F 5006 -11.53 -38.46 13.08
CA GLN F 5006 -11.97 -37.76 14.27
C GLN F 5006 -12.42 -38.73 15.35
N GLU F 5007 -13.15 -39.79 14.96
CA GLU F 5007 -13.62 -40.77 15.93
C GLU F 5007 -12.45 -41.52 16.57
N SER F 5008 -11.45 -41.89 15.77
CA SER F 5008 -10.29 -42.58 16.31
C SER F 5008 -9.52 -41.69 17.28
N TYR F 5009 -9.44 -40.39 16.98
CA TYR F 5009 -8.74 -39.46 17.86
C TYR F 5009 -9.40 -39.40 19.24
N VAL F 5010 -10.73 -39.31 19.27
CA VAL F 5010 -11.44 -39.26 20.54
C VAL F 5010 -11.40 -40.61 21.24
N TRP F 5011 -11.55 -41.69 20.48
CA TRP F 5011 -11.55 -43.02 21.07
C TRP F 5011 -10.21 -43.35 21.71
N LYS F 5012 -9.11 -42.94 21.06
CA LYS F 5012 -7.79 -43.18 21.63
C LYS F 5012 -7.61 -42.45 22.95
N MET F 5013 -8.10 -41.20 23.02
CA MET F 5013 -7.96 -40.42 24.25
C MET F 5013 -8.90 -40.88 25.35
N TYR F 5014 -10.03 -41.51 24.99
CA TYR F 5014 -10.88 -42.12 26.01
C TYR F 5014 -10.15 -43.26 26.71
N GLN F 5015 -9.42 -44.08 25.94
CA GLN F 5015 -8.70 -45.19 26.54
C GLN F 5015 -7.49 -44.73 27.34
N GLU F 5016 -6.92 -43.57 26.98
CA GLU F 5016 -5.79 -43.01 27.69
C GLU F 5016 -6.21 -42.06 28.81
N ARG F 5017 -7.51 -41.91 29.05
CA ARG F 5017 -8.03 -41.05 30.11
C ARG F 5017 -7.55 -39.61 29.97
N CYS F 5018 -7.49 -39.13 28.72
CA CYS F 5018 -7.11 -37.75 28.42
C CYS F 5018 -8.34 -37.02 27.93
N TRP F 5019 -8.73 -35.95 28.64
CA TRP F 5019 -9.95 -35.21 28.33
C TRP F 5019 -9.66 -33.89 27.65
N ASP F 5020 -8.60 -33.82 26.84
CA ASP F 5020 -8.27 -32.60 26.12
C ASP F 5020 -9.17 -32.36 24.91
N PHE F 5021 -9.91 -33.37 24.47
CA PHE F 5021 -10.81 -33.18 23.33
C PHE F 5021 -12.06 -32.41 23.71
N PHE F 5022 -12.41 -32.36 24.99
CA PHE F 5022 -13.52 -31.53 25.41
C PHE F 5022 -13.17 -30.06 25.23
N PRO F 5023 -14.00 -29.28 24.54
CA PRO F 5023 -13.70 -27.85 24.38
C PRO F 5023 -13.80 -27.12 25.71
N ALA F 5024 -12.74 -26.41 26.07
CA ALA F 5024 -12.68 -25.66 27.31
C ALA F 5024 -12.33 -24.21 26.99
N GLY F 5025 -13.30 -23.32 27.16
CA GLY F 5025 -13.09 -21.91 26.88
C GLY F 5025 -13.10 -21.55 25.41
N ASP F 5026 -13.45 -22.48 24.53
CA ASP F 5026 -13.50 -22.23 23.10
C ASP F 5026 -14.63 -23.02 22.49
N CYS F 5027 -15.12 -22.55 21.34
CA CYS F 5027 -16.21 -23.20 20.64
C CYS F 5027 -16.07 -22.92 19.15
N PHE F 5028 -16.88 -23.64 18.37
CA PHE F 5028 -16.86 -23.47 16.92
C PHE F 5028 -17.24 -22.06 16.52
N ARG F 5029 -18.24 -21.49 17.19
CA ARG F 5029 -18.67 -20.13 16.86
C ARG F 5029 -17.58 -19.11 17.13
N LYS F 5030 -16.86 -19.27 18.24
CA LYS F 5030 -15.82 -18.31 18.60
C LYS F 5030 -14.60 -18.43 17.68
N GLN F 5031 -14.28 -19.65 17.24
CA GLN F 5031 -13.10 -19.84 16.42
C GLN F 5031 -13.27 -19.21 15.04
N TYR F 5032 -14.48 -19.22 14.51
CA TYR F 5032 -14.77 -18.69 13.17
C TYR F 5032 -15.68 -17.47 13.24
N GLU F 5033 -15.40 -16.57 14.18
CA GLU F 5033 -16.24 -15.37 14.31
C GLU F 5033 -16.18 -14.51 13.05
N ASP F 5034 -14.99 -14.35 12.47
CA ASP F 5034 -14.87 -13.54 11.27
C ASP F 5034 -15.59 -14.18 10.10
N GLN F 5035 -15.42 -15.49 9.92
CA GLN F 5035 -16.02 -16.17 8.77
C GLN F 5035 -17.53 -16.31 8.92
N LEU F 5036 -18.00 -16.72 10.10
CA LEU F 5036 -19.43 -16.93 10.29
C LEU F 5036 -20.19 -15.61 10.21
N SER F 5037 -19.65 -14.56 10.80
CA SER F 5037 -20.31 -13.26 10.78
C SER F 5037 -19.82 -12.41 9.62
N GLU G 10 -5.73 -21.36 -14.82
CA GLU G 10 -7.05 -21.89 -15.19
C GLU G 10 -7.03 -22.45 -16.61
N VAL G 11 -7.61 -23.63 -16.78
CA VAL G 11 -7.70 -24.31 -18.08
C VAL G 11 -9.14 -24.26 -18.53
N GLN G 12 -9.36 -23.77 -19.75
CA GLN G 12 -10.70 -23.66 -20.31
C GLN G 12 -11.17 -25.00 -20.86
N PHE G 13 -12.42 -25.34 -20.59
CA PHE G 13 -13.03 -26.57 -21.08
C PHE G 13 -14.25 -26.22 -21.92
N LEU G 14 -14.39 -26.90 -23.05
CA LEU G 14 -15.53 -26.67 -23.93
C LEU G 14 -16.79 -27.30 -23.33
N ARG G 15 -17.88 -26.54 -23.34
CA ARG G 15 -19.15 -26.99 -22.80
C ARG G 15 -20.24 -26.81 -23.84
N THR G 16 -21.39 -27.42 -23.58
CA THR G 16 -22.52 -27.29 -24.48
C THR G 16 -23.06 -25.87 -24.49
N ASP G 17 -23.81 -25.55 -25.54
CA ASP G 17 -24.37 -24.22 -25.81
C ASP G 17 -23.30 -23.17 -26.07
N ASP G 18 -22.05 -23.58 -26.25
CA ASP G 18 -20.99 -22.65 -26.60
C ASP G 18 -20.79 -22.61 -28.12
N GLU G 19 -20.51 -21.42 -28.64
CA GLU G 19 -20.23 -21.26 -30.05
C GLU G 19 -18.76 -21.48 -30.31
N VAL G 20 -18.44 -22.34 -31.28
CA VAL G 20 -17.08 -22.69 -31.62
C VAL G 20 -16.92 -22.62 -33.13
N VAL G 21 -15.66 -22.60 -33.57
CA VAL G 21 -15.32 -22.66 -34.98
C VAL G 21 -14.39 -23.84 -35.19
N LEU G 22 -14.69 -24.66 -36.20
CA LEU G 22 -13.84 -25.78 -36.58
C LEU G 22 -12.72 -25.26 -37.46
N GLN G 23 -11.49 -25.31 -36.95
CA GLN G 23 -10.34 -24.72 -37.62
C GLN G 23 -9.27 -25.78 -37.84
N CYS G 24 -8.76 -25.83 -39.07
CA CYS G 24 -7.67 -26.71 -39.45
C CYS G 24 -6.54 -25.89 -40.04
N SER G 25 -5.43 -26.57 -40.34
CA SER G 25 -4.24 -25.93 -40.87
C SER G 25 -3.77 -26.66 -42.12
N ALA G 26 -3.23 -25.91 -43.08
CA ALA G 26 -2.72 -26.46 -44.32
C ALA G 26 -1.43 -25.76 -44.68
N THR G 27 -0.67 -26.36 -45.59
CA THR G 27 0.58 -25.80 -46.08
C THR G 27 0.39 -25.33 -47.51
N VAL G 28 0.62 -24.04 -47.74
CA VAL G 28 0.49 -23.43 -49.06
C VAL G 28 1.77 -22.63 -49.31
N LEU G 29 2.60 -23.13 -50.20
CA LEU G 29 3.87 -22.49 -50.57
C LEU G 29 4.70 -22.15 -49.34
N LYS G 30 4.93 -23.18 -48.52
CA LYS G 30 5.69 -23.12 -47.27
C LYS G 30 5.04 -22.24 -46.22
N GLU G 31 3.79 -21.82 -46.42
CA GLU G 31 3.09 -20.95 -45.48
C GLU G 31 2.00 -21.74 -44.77
N GLN G 32 1.90 -21.56 -43.45
CA GLN G 32 0.87 -22.20 -42.66
C GLN G 32 -0.41 -21.37 -42.75
N LEU G 33 -1.42 -21.92 -43.42
CA LEU G 33 -2.69 -21.25 -43.62
C LEU G 33 -3.75 -21.90 -42.74
N LYS G 34 -4.42 -21.08 -41.93
CA LYS G 34 -5.47 -21.58 -41.04
C LYS G 34 -6.83 -21.34 -41.69
N LEU G 35 -7.65 -22.38 -41.70
CA LEU G 35 -8.94 -22.35 -42.37
C LEU G 35 -10.04 -22.73 -41.38
N CYS G 36 -11.21 -22.10 -41.55
CA CYS G 36 -12.37 -22.39 -40.73
C CYS G 36 -13.47 -23.01 -41.58
N LEU G 37 -14.09 -24.08 -41.08
CA LEU G 37 -15.19 -24.70 -41.79
C LEU G 37 -16.39 -23.76 -41.80
N ALA G 38 -16.95 -23.52 -42.98
CA ALA G 38 -18.05 -22.59 -43.14
C ALA G 38 -19.11 -23.20 -44.04
N ALA G 39 -20.33 -22.69 -43.91
CA ALA G 39 -21.42 -23.11 -44.77
C ALA G 39 -22.47 -22.01 -44.80
N GLU G 40 -23.02 -21.76 -45.98
CA GLU G 40 -24.06 -20.75 -46.11
C GLU G 40 -25.41 -21.22 -45.59
N GLY G 41 -25.73 -22.49 -45.81
CA GLY G 41 -27.01 -23.03 -45.36
C GLY G 41 -28.11 -22.87 -46.39
N PHE G 42 -28.58 -21.65 -46.58
CA PHE G 42 -29.64 -21.38 -47.54
C PHE G 42 -29.06 -21.25 -48.93
N GLY G 43 -29.51 -22.10 -49.85
CA GLY G 43 -29.04 -22.08 -51.22
C GLY G 43 -27.84 -22.95 -51.50
N ASN G 44 -27.11 -23.36 -50.46
CA ASN G 44 -25.95 -24.22 -50.65
C ASN G 44 -25.70 -24.95 -49.34
N ARG G 45 -26.01 -26.25 -49.29
CA ARG G 45 -25.80 -27.05 -48.09
C ARG G 45 -24.34 -27.41 -47.87
N LEU G 46 -23.56 -27.54 -48.95
CA LEU G 46 -22.19 -28.03 -48.83
C LEU G 46 -21.32 -27.05 -48.05
N CYS G 47 -20.35 -27.61 -47.32
CA CYS G 47 -19.43 -26.82 -46.52
C CYS G 47 -18.14 -26.56 -47.28
N PHE G 48 -17.59 -25.37 -47.09
CA PHE G 48 -16.31 -24.99 -47.67
C PHE G 48 -15.38 -24.48 -46.57
N LEU G 49 -14.22 -23.95 -46.97
CA LEU G 49 -13.22 -23.48 -46.02
C LEU G 49 -12.97 -21.99 -46.24
N GLU G 50 -13.09 -21.22 -45.16
CA GLU G 50 -12.81 -19.79 -45.20
C GLU G 50 -11.44 -19.56 -44.60
N PRO G 51 -10.48 -19.03 -45.36
CA PRO G 51 -9.16 -18.72 -44.79
C PRO G 51 -9.25 -17.61 -43.75
N THR G 52 -8.40 -17.70 -42.73
CA THR G 52 -8.39 -16.72 -41.66
C THR G 52 -7.00 -16.21 -41.31
N SER G 53 -5.94 -16.73 -41.94
CA SER G 53 -4.60 -16.29 -41.63
C SER G 53 -4.31 -14.88 -42.13
N ASN G 54 -5.06 -14.42 -43.14
CA ASN G 54 -4.88 -13.09 -43.70
C ASN G 54 -5.92 -12.10 -43.18
N ALA G 55 -6.38 -12.29 -41.93
CA ALA G 55 -7.38 -11.39 -41.36
C ALA G 55 -6.86 -9.98 -41.17
N GLN G 56 -5.54 -9.80 -41.14
CA GLN G 56 -4.97 -8.46 -41.00
C GLN G 56 -5.26 -7.61 -42.23
N ASN G 57 -5.26 -8.20 -43.41
CA ASN G 57 -5.47 -7.48 -44.65
C ASN G 57 -6.86 -7.71 -45.25
N VAL G 58 -7.41 -8.91 -45.10
CA VAL G 58 -8.76 -9.21 -45.59
C VAL G 58 -9.55 -9.88 -44.48
N PRO G 59 -10.58 -9.23 -43.95
CA PRO G 59 -11.35 -9.83 -42.86
C PRO G 59 -12.11 -11.05 -43.33
N PRO G 60 -12.08 -12.14 -42.58
CA PRO G 60 -12.83 -13.34 -42.96
C PRO G 60 -14.32 -13.18 -42.68
N ASP G 61 -15.11 -13.99 -43.37
CA ASP G 61 -16.56 -13.99 -43.21
C ASP G 61 -16.90 -15.01 -42.12
N LEU G 62 -16.82 -14.58 -40.87
CA LEU G 62 -17.03 -15.47 -39.73
C LEU G 62 -18.49 -15.63 -39.34
N ALA G 63 -19.41 -14.90 -40.00
CA ALA G 63 -20.82 -15.02 -39.66
C ALA G 63 -21.39 -16.39 -40.01
N ILE G 64 -20.73 -17.12 -40.91
CA ILE G 64 -21.20 -18.44 -41.34
C ILE G 64 -20.25 -19.54 -40.90
N CYS G 65 -19.35 -19.24 -39.96
CA CYS G 65 -18.40 -20.21 -39.45
C CYS G 65 -18.71 -20.65 -38.02
N CYS G 66 -19.73 -20.09 -37.40
CA CYS G 66 -20.02 -20.35 -35.99
C CYS G 66 -20.97 -21.52 -35.86
N PHE G 67 -20.63 -22.45 -34.97
CA PHE G 67 -21.45 -23.61 -34.66
C PHE G 67 -21.68 -23.69 -33.16
N THR G 68 -22.88 -24.07 -32.76
CA THR G 68 -23.23 -24.21 -31.36
C THR G 68 -23.24 -25.68 -30.97
N LEU G 69 -22.54 -26.00 -29.88
CA LEU G 69 -22.51 -27.36 -29.34
C LEU G 69 -23.82 -27.59 -28.59
N GLU G 70 -24.79 -28.19 -29.27
CA GLU G 70 -26.10 -28.36 -28.67
C GLU G 70 -26.11 -29.52 -27.67
N GLN G 71 -25.59 -30.68 -28.06
CA GLN G 71 -25.62 -31.85 -27.20
C GLN G 71 -24.28 -32.56 -27.24
N SER G 72 -23.98 -33.29 -26.17
CA SER G 72 -22.78 -34.10 -26.07
C SER G 72 -23.12 -35.34 -25.27
N LEU G 73 -23.14 -36.49 -25.94
CA LEU G 73 -23.57 -37.73 -25.33
C LEU G 73 -22.56 -38.83 -25.64
N SER G 74 -22.52 -39.83 -24.76
CA SER G 74 -21.74 -41.02 -25.03
C SER G 74 -22.40 -41.83 -26.14
N VAL G 75 -21.66 -42.82 -26.65
CA VAL G 75 -22.16 -43.62 -27.77
C VAL G 75 -23.41 -44.39 -27.35
N ARG G 76 -23.41 -44.96 -26.15
CA ARG G 76 -24.58 -45.69 -25.67
C ARG G 76 -25.78 -44.75 -25.49
N ALA G 77 -25.55 -43.57 -24.93
CA ALA G 77 -26.64 -42.61 -24.77
C ALA G 77 -27.19 -42.17 -26.13
N LEU G 78 -26.30 -41.97 -27.10
CA LEU G 78 -26.74 -41.61 -28.45
C LEU G 78 -27.57 -42.73 -29.06
N GLN G 79 -27.13 -43.98 -28.89
CA GLN G 79 -27.89 -45.10 -29.43
C GLN G 79 -29.27 -45.19 -28.79
N GLU G 80 -29.34 -44.96 -27.47
CA GLU G 80 -30.63 -45.02 -26.79
C GLU G 80 -31.56 -43.91 -27.26
N MET G 81 -31.02 -42.69 -27.41
CA MET G 81 -31.88 -41.57 -27.80
C MET G 81 -32.30 -41.69 -29.27
N LEU G 82 -31.47 -42.31 -30.11
CA LEU G 82 -31.85 -42.53 -31.50
C LEU G 82 -32.96 -43.58 -31.59
N ALA G 83 -32.90 -44.61 -30.76
CA ALA G 83 -33.94 -45.63 -30.77
C ALA G 83 -35.29 -45.06 -30.34
N ASN G 84 -35.29 -44.20 -29.33
CA ASN G 84 -36.53 -43.58 -28.85
C ASN G 84 -37.00 -42.50 -29.81
N HIS G 98 -25.06 -27.18 -18.59
CA HIS G 98 -24.07 -27.18 -19.66
C HIS G 98 -23.07 -28.31 -19.49
N ARG G 99 -23.26 -29.40 -20.24
CA ARG G 99 -22.40 -30.54 -20.11
C ARG G 99 -21.01 -30.23 -20.66
N THR G 100 -19.99 -30.75 -19.99
CA THR G 100 -18.61 -30.60 -20.44
C THR G 100 -18.30 -31.67 -21.47
N LEU G 101 -17.60 -31.28 -22.53
CA LEU G 101 -17.25 -32.22 -23.59
C LEU G 101 -16.17 -33.18 -23.12
N LEU G 102 -16.38 -34.47 -23.38
CA LEU G 102 -15.43 -35.52 -23.07
C LEU G 102 -15.03 -36.24 -24.34
N TYR G 103 -13.76 -36.66 -24.40
CA TYR G 103 -13.29 -37.43 -25.54
C TYR G 103 -14.03 -38.75 -25.63
N GLY G 104 -14.41 -39.12 -26.85
CA GLY G 104 -15.23 -40.29 -27.07
C GLY G 104 -16.72 -40.03 -27.10
N HIS G 105 -17.16 -38.85 -26.71
CA HIS G 105 -18.57 -38.50 -26.79
C HIS G 105 -18.94 -38.07 -28.20
N ALA G 106 -20.24 -38.10 -28.48
CA ALA G 106 -20.78 -37.67 -29.75
C ALA G 106 -21.44 -36.30 -29.57
N ILE G 107 -21.09 -35.38 -30.46
CA ILE G 107 -21.55 -34.00 -30.34
C ILE G 107 -22.50 -33.69 -31.50
N LEU G 108 -23.35 -32.69 -31.27
CA LEU G 108 -24.29 -32.21 -32.27
C LEU G 108 -24.00 -30.73 -32.51
N LEU G 109 -23.58 -30.41 -33.73
CA LEU G 109 -23.19 -29.06 -34.10
C LEU G 109 -24.32 -28.43 -34.91
N ARG G 110 -24.83 -27.30 -34.43
CA ARG G 110 -25.87 -26.55 -35.14
C ARG G 110 -25.27 -25.27 -35.72
N HIS G 111 -25.53 -25.03 -36.99
CA HIS G 111 -25.05 -23.82 -37.64
C HIS G 111 -25.74 -22.60 -37.04
N ALA G 112 -24.94 -21.60 -36.66
CA ALA G 112 -25.49 -20.44 -35.97
C ALA G 112 -26.43 -19.65 -36.87
N HIS G 113 -26.07 -19.47 -38.14
CA HIS G 113 -26.87 -18.64 -39.03
C HIS G 113 -28.11 -19.38 -39.54
N SER G 114 -27.91 -20.49 -40.24
CA SER G 114 -29.00 -21.20 -40.90
C SER G 114 -29.79 -22.09 -39.96
N ARG G 115 -29.36 -22.25 -38.71
CA ARG G 115 -30.00 -23.12 -37.73
C ARG G 115 -30.03 -24.58 -38.17
N MET G 116 -29.21 -24.94 -39.15
CA MET G 116 -29.10 -26.32 -39.61
C MET G 116 -28.00 -27.02 -38.82
N TYR G 117 -27.83 -28.31 -39.09
CA TYR G 117 -26.90 -29.16 -38.35
C TYR G 117 -25.83 -29.70 -39.28
N LEU G 118 -24.58 -29.63 -38.84
CA LEU G 118 -23.49 -30.23 -39.60
C LEU G 118 -23.70 -31.73 -39.73
N SER G 119 -23.56 -32.24 -40.94
CA SER G 119 -23.87 -33.63 -41.21
C SER G 119 -22.95 -34.19 -42.28
N CYS G 120 -22.86 -35.51 -42.34
CA CYS G 120 -22.12 -36.23 -43.37
C CYS G 120 -23.10 -36.62 -44.46
N LEU G 121 -23.09 -35.88 -45.57
CA LEU G 121 -24.02 -36.13 -46.65
C LEU G 121 -23.69 -37.43 -47.36
N THR G 122 -24.72 -38.05 -47.94
CA THR G 122 -24.56 -39.30 -48.67
C THR G 122 -24.04 -39.10 -50.09
N THR G 123 -24.00 -37.86 -50.58
CA THR G 123 -23.50 -37.58 -51.92
C THR G 123 -21.99 -37.36 -51.89
N SER G 124 -21.40 -37.22 -53.07
CA SER G 124 -19.97 -37.00 -53.18
C SER G 124 -19.69 -36.32 -54.51
N ARG G 125 -19.20 -35.07 -54.45
CA ARG G 125 -18.90 -34.30 -55.66
C ARG G 125 -17.43 -34.35 -56.02
N SER G 126 -16.61 -35.07 -55.24
CA SER G 126 -15.18 -35.15 -55.50
C SER G 126 -14.89 -36.32 -56.43
N MET G 127 -13.92 -36.12 -57.33
CA MET G 127 -13.52 -37.14 -58.28
C MET G 127 -12.25 -37.87 -57.88
N THR G 128 -11.39 -37.25 -57.06
CA THR G 128 -10.14 -37.88 -56.67
C THR G 128 -10.36 -39.03 -55.71
N ASP G 129 -11.21 -38.83 -54.69
CA ASP G 129 -11.46 -39.83 -53.66
C ASP G 129 -12.82 -40.47 -53.92
N LYS G 130 -12.81 -41.76 -54.24
CA LYS G 130 -14.04 -42.48 -54.51
C LYS G 130 -14.76 -42.93 -53.24
N LEU G 131 -14.07 -42.94 -52.10
CA LEU G 131 -14.65 -43.37 -50.84
C LEU G 131 -15.02 -42.20 -49.93
N ALA G 132 -14.96 -40.97 -50.44
CA ALA G 132 -15.23 -39.79 -49.64
C ALA G 132 -16.69 -39.38 -49.77
N PHE G 133 -17.17 -38.68 -48.75
CA PHE G 133 -18.52 -38.14 -48.72
C PHE G 133 -18.48 -36.65 -48.47
N ASP G 134 -19.46 -35.94 -49.04
CA ASP G 134 -19.56 -34.51 -48.83
C ASP G 134 -20.04 -34.20 -47.42
N VAL G 135 -19.50 -33.12 -46.86
CA VAL G 135 -19.89 -32.64 -45.54
C VAL G 135 -20.71 -31.38 -45.74
N GLY G 136 -21.94 -31.39 -45.22
CA GLY G 136 -22.82 -30.26 -45.41
C GLY G 136 -23.75 -30.03 -44.24
N LEU G 137 -24.83 -29.30 -44.47
CA LEU G 137 -25.80 -28.96 -43.43
C LEU G 137 -27.10 -29.72 -43.66
N GLN G 138 -27.69 -30.20 -42.58
CA GLN G 138 -28.94 -30.93 -42.61
C GLN G 138 -30.02 -30.12 -41.90
N GLU G 139 -31.22 -30.11 -42.47
CA GLU G 139 -32.29 -29.27 -41.94
C GLU G 139 -32.71 -29.68 -40.53
N ASP G 140 -32.76 -30.98 -40.26
CA ASP G 140 -33.20 -31.47 -38.97
C ASP G 140 -32.09 -32.29 -38.31
N ALA G 141 -32.21 -32.47 -36.99
CA ALA G 141 -31.24 -33.20 -36.20
C ALA G 141 -31.58 -34.69 -36.11
N THR G 142 -32.57 -35.15 -36.84
CA THR G 142 -32.95 -36.56 -36.80
C THR G 142 -31.89 -37.42 -37.47
N GLY G 143 -31.86 -38.69 -37.08
CA GLY G 143 -30.90 -39.63 -37.64
C GLY G 143 -29.53 -39.50 -36.99
N GLU G 144 -28.64 -40.37 -37.43
CA GLU G 144 -27.27 -40.42 -36.92
C GLU G 144 -26.27 -39.73 -37.84
N ALA G 145 -26.73 -39.12 -38.94
CA ALA G 145 -25.82 -38.49 -39.88
C ALA G 145 -25.28 -37.15 -39.39
N CYS G 146 -25.84 -36.60 -38.30
CA CYS G 146 -25.44 -35.30 -37.80
C CYS G 146 -24.70 -35.39 -36.47
N TRP G 147 -24.14 -36.54 -36.15
CA TRP G 147 -23.43 -36.74 -34.89
C TRP G 147 -21.98 -37.10 -35.19
N TRP G 148 -21.07 -36.50 -34.43
CA TRP G 148 -19.64 -36.69 -34.61
C TRP G 148 -18.99 -37.02 -33.28
N THR G 149 -18.11 -38.02 -33.29
CA THR G 149 -17.40 -38.46 -32.09
C THR G 149 -16.03 -37.81 -32.03
N MET G 150 -15.70 -37.23 -30.89
CA MET G 150 -14.42 -36.56 -30.70
C MET G 150 -13.38 -37.57 -30.19
N HIS G 151 -12.23 -37.62 -30.85
CA HIS G 151 -11.15 -38.51 -30.48
C HIS G 151 -9.88 -37.71 -30.30
N PRO G 152 -9.01 -38.10 -29.36
CA PRO G 152 -7.75 -37.38 -29.16
C PRO G 152 -6.82 -37.55 -30.35
N ALA G 153 -6.17 -36.45 -30.74
CA ALA G 153 -5.24 -36.49 -31.86
C ALA G 153 -3.91 -37.12 -31.49
N SER G 154 -3.50 -37.01 -30.22
CA SER G 154 -2.19 -37.49 -29.79
C SER G 154 -2.35 -38.27 -28.50
N LYS G 155 -1.24 -38.88 -28.06
CA LYS G 155 -1.24 -39.65 -26.83
C LYS G 155 -1.38 -38.79 -25.59
N GLN G 156 -1.27 -37.46 -25.73
CA GLN G 156 -1.39 -36.58 -24.58
C GLN G 156 -2.77 -36.70 -23.93
N ARG G 157 -3.81 -36.80 -24.74
CA ARG G 157 -5.18 -36.94 -24.26
C ARG G 157 -5.66 -38.37 -24.46
N SER G 158 -6.52 -38.82 -23.56
CA SER G 158 -7.10 -40.16 -23.64
C SER G 158 -8.61 -40.06 -23.58
N GLU G 159 -9.27 -41.14 -23.99
CA GLU G 159 -10.73 -41.16 -24.00
C GLU G 159 -11.29 -40.98 -22.59
N GLY G 160 -12.34 -40.17 -22.49
CA GLY G 160 -12.93 -39.85 -21.21
C GLY G 160 -12.43 -38.56 -20.59
N GLU G 161 -11.30 -38.04 -21.05
CA GLU G 161 -10.79 -36.79 -20.53
C GLU G 161 -11.59 -35.61 -21.08
N LYS G 162 -11.55 -34.50 -20.35
CA LYS G 162 -12.23 -33.30 -20.79
C LYS G 162 -11.52 -32.71 -22.01
N VAL G 163 -12.31 -32.20 -22.95
CA VAL G 163 -11.75 -31.54 -24.13
C VAL G 163 -11.43 -30.10 -23.76
N ARG G 164 -10.17 -29.70 -23.95
CA ARG G 164 -9.70 -28.39 -23.56
C ARG G 164 -9.57 -27.49 -24.79
N VAL G 165 -9.67 -26.18 -24.55
CA VAL G 165 -9.51 -25.21 -25.63
C VAL G 165 -8.09 -25.28 -26.17
N GLY G 166 -7.97 -25.33 -27.49
CA GLY G 166 -6.68 -25.44 -28.15
C GLY G 166 -6.23 -26.85 -28.45
N ASP G 167 -6.96 -27.86 -27.99
CA ASP G 167 -6.61 -29.24 -28.29
C ASP G 167 -6.91 -29.57 -29.75
N ASP G 168 -6.12 -30.47 -30.30
CA ASP G 168 -6.38 -30.99 -31.64
C ASP G 168 -7.34 -32.17 -31.54
N LEU G 169 -8.41 -32.13 -32.31
CA LEU G 169 -9.46 -33.13 -32.25
C LEU G 169 -9.54 -33.93 -33.53
N ILE G 170 -10.07 -35.14 -33.42
CA ILE G 170 -10.37 -35.99 -34.56
C ILE G 170 -11.87 -36.26 -34.54
N LEU G 171 -12.57 -35.79 -35.56
CA LEU G 171 -14.01 -35.92 -35.64
C LEU G 171 -14.36 -37.06 -36.59
N VAL G 172 -15.14 -38.01 -36.10
CA VAL G 172 -15.55 -39.18 -36.87
C VAL G 172 -17.07 -39.19 -36.96
N SER G 173 -17.59 -39.32 -38.18
CA SER G 173 -19.03 -39.38 -38.37
C SER G 173 -19.58 -40.67 -37.81
N VAL G 174 -20.64 -40.57 -37.00
CA VAL G 174 -21.26 -41.76 -36.43
C VAL G 174 -21.88 -42.61 -37.53
N SER G 175 -22.57 -41.98 -38.48
CA SER G 175 -23.29 -42.73 -39.50
C SER G 175 -22.34 -43.39 -40.49
N SER G 176 -21.30 -42.67 -40.92
CA SER G 176 -20.44 -43.14 -42.01
C SER G 176 -19.09 -43.67 -41.55
N GLU G 177 -18.73 -43.49 -40.28
CA GLU G 177 -17.44 -43.94 -39.76
C GLU G 177 -16.28 -43.35 -40.55
N ARG G 178 -16.40 -42.08 -40.92
CA ARG G 178 -15.38 -41.38 -41.69
C ARG G 178 -14.95 -40.12 -40.97
N TYR G 179 -13.70 -39.75 -41.16
CA TYR G 179 -13.13 -38.57 -40.53
C TYR G 179 -13.54 -37.30 -41.26
N LEU G 180 -13.61 -36.20 -40.52
CA LEU G 180 -13.75 -34.89 -41.13
C LEU G 180 -12.41 -34.51 -41.75
N HIS G 181 -12.30 -34.69 -43.06
CA HIS G 181 -11.01 -34.68 -43.74
C HIS G 181 -10.86 -33.42 -44.58
N LEU G 182 -9.65 -32.88 -44.59
CA LEU G 182 -9.28 -31.78 -45.49
C LEU G 182 -8.53 -32.39 -46.68
N SER G 183 -9.07 -32.19 -47.87
CA SER G 183 -8.52 -32.80 -49.08
C SER G 183 -7.75 -31.75 -49.87
N THR G 184 -6.50 -32.07 -50.20
CA THR G 184 -5.67 -31.21 -51.03
C THR G 184 -5.31 -31.85 -52.36
N ALA G 185 -6.05 -32.91 -52.74
CA ALA G 185 -5.74 -33.61 -53.99
C ALA G 185 -5.95 -32.70 -55.19
N SER G 186 -7.02 -31.92 -55.21
CA SER G 186 -7.26 -30.97 -56.28
C SER G 186 -6.45 -29.70 -56.04
N GLY G 187 -6.61 -28.73 -56.94
CA GLY G 187 -5.89 -27.48 -56.80
C GLY G 187 -6.37 -26.63 -55.64
N GLU G 188 -7.58 -26.88 -55.15
CA GLU G 188 -8.17 -26.11 -54.06
C GLU G 188 -8.18 -26.91 -52.78
N LEU G 189 -8.59 -26.26 -51.70
CA LEU G 189 -8.72 -26.89 -50.39
C LEU G 189 -10.19 -27.16 -50.12
N GLN G 190 -10.54 -28.43 -49.94
CA GLN G 190 -11.92 -28.84 -49.76
C GLN G 190 -12.02 -29.79 -48.58
N VAL G 191 -13.16 -29.74 -47.89
CA VAL G 191 -13.41 -30.58 -46.72
C VAL G 191 -14.42 -31.64 -47.09
N ASP G 192 -14.13 -32.89 -46.74
CA ASP G 192 -15.02 -34.01 -47.02
C ASP G 192 -14.88 -35.04 -45.91
N ALA G 193 -15.68 -36.09 -45.99
CA ALA G 193 -15.65 -37.18 -45.04
C ALA G 193 -14.95 -38.37 -45.69
N SER G 194 -13.70 -38.59 -45.31
CA SER G 194 -12.87 -39.63 -45.88
C SER G 194 -12.33 -40.54 -44.78
N PHE G 195 -11.57 -41.54 -45.19
CA PHE G 195 -10.93 -42.48 -44.27
C PHE G 195 -9.56 -41.99 -43.80
N MET G 196 -9.11 -40.84 -44.26
CA MET G 196 -7.87 -40.23 -43.82
C MET G 196 -8.18 -39.14 -42.79
N GLN G 197 -7.50 -39.19 -41.66
CA GLN G 197 -7.82 -38.28 -40.57
C GLN G 197 -7.25 -36.90 -40.81
N THR G 198 -7.77 -35.93 -40.08
CA THR G 198 -7.30 -34.56 -40.13
C THR G 198 -7.53 -33.92 -38.77
N LEU G 199 -6.52 -33.21 -38.27
CA LEU G 199 -6.60 -32.58 -36.97
C LEU G 199 -7.41 -31.28 -37.05
N TRP G 200 -8.32 -31.10 -36.09
CA TRP G 200 -9.16 -29.93 -36.03
C TRP G 200 -9.06 -29.29 -34.65
N ASN G 201 -9.25 -27.98 -34.61
CA ASN G 201 -9.29 -27.22 -33.36
C ASN G 201 -10.66 -26.57 -33.24
N MET G 202 -11.30 -26.76 -32.09
CA MET G 202 -12.59 -26.15 -31.81
C MET G 202 -12.34 -24.89 -30.98
N ASN G 203 -12.00 -23.81 -31.67
CA ASN G 203 -11.74 -22.55 -30.99
C ASN G 203 -13.06 -21.93 -30.54
N PRO G 204 -13.22 -21.63 -29.25
CA PRO G 204 -14.49 -21.06 -28.77
C PRO G 204 -14.68 -19.64 -29.28
N ILE G 205 -15.95 -19.27 -29.43
CA ILE G 205 -16.33 -17.92 -29.78
C ILE G 205 -16.96 -17.19 -28.59
N CYS G 206 -17.94 -17.83 -27.96
CA CYS G 206 -18.58 -17.28 -26.77
C CYS G 206 -19.17 -18.42 -25.96
N SER G 207 -19.00 -18.36 -24.64
CA SER G 207 -19.52 -19.37 -23.74
C SER G 207 -20.81 -18.93 -23.05
N CYS G 208 -20.77 -17.81 -22.34
CA CYS G 208 -21.93 -17.31 -21.61
C CYS G 208 -21.93 -15.79 -21.67
N CYS G 209 -23.06 -15.22 -22.05
CA CYS G 209 -23.22 -13.78 -22.18
C CYS G 209 -24.23 -13.28 -21.16
N GLU G 210 -23.87 -12.23 -20.44
CA GLU G 210 -24.78 -11.61 -19.49
C GLU G 210 -25.90 -10.88 -20.21
N GLU G 211 -27.01 -10.68 -19.49
CA GLU G 211 -28.15 -9.97 -20.06
C GLU G 211 -27.73 -8.56 -20.49
N GLY G 212 -28.22 -8.13 -21.65
CA GLY G 212 -27.67 -6.94 -22.28
C GLY G 212 -26.21 -7.18 -22.60
N TYR G 213 -25.37 -6.19 -22.28
CA TYR G 213 -23.92 -6.38 -22.26
C TYR G 213 -23.39 -6.85 -23.62
N VAL G 214 -23.44 -5.91 -24.58
CA VAL G 214 -23.05 -6.13 -25.96
C VAL G 214 -21.76 -6.92 -26.07
N THR G 215 -21.76 -7.93 -26.96
CA THR G 215 -20.59 -8.76 -27.21
C THR G 215 -20.24 -8.69 -28.69
N GLY G 216 -19.02 -9.11 -29.01
CA GLY G 216 -18.59 -9.12 -30.39
C GLY G 216 -19.35 -10.14 -31.21
N GLY G 217 -19.44 -9.86 -32.51
CA GLY G 217 -20.15 -10.73 -33.42
C GLY G 217 -21.65 -10.53 -33.47
N HIS G 218 -22.19 -9.60 -32.70
CA HIS G 218 -23.62 -9.34 -32.70
C HIS G 218 -23.99 -8.40 -33.85
N VAL G 219 -25.22 -8.53 -34.32
CA VAL G 219 -25.81 -7.63 -35.30
C VAL G 219 -26.71 -6.66 -34.56
N LEU G 220 -26.50 -5.37 -34.77
CA LEU G 220 -27.19 -4.34 -34.00
C LEU G 220 -27.35 -3.08 -34.83
N ARG G 221 -28.05 -2.11 -34.27
CA ARG G 221 -28.20 -0.80 -34.86
C ARG G 221 -27.56 0.25 -33.96
N LEU G 222 -27.01 1.28 -34.58
CA LEU G 222 -26.35 2.37 -33.87
C LEU G 222 -27.24 3.60 -33.95
N PHE G 223 -27.99 3.87 -32.89
CA PHE G 223 -28.92 4.99 -32.85
C PHE G 223 -28.23 6.25 -32.35
N HIS G 224 -28.55 7.37 -32.98
CA HIS G 224 -27.89 8.63 -32.67
C HIS G 224 -28.45 9.27 -31.41
N GLY G 225 -29.74 9.60 -31.42
CA GLY G 225 -30.34 10.29 -30.30
C GLY G 225 -31.28 9.43 -29.48
N HIS G 226 -32.54 9.84 -29.39
CA HIS G 226 -33.54 9.14 -28.59
C HIS G 226 -34.35 8.18 -29.46
N MET G 227 -33.66 7.15 -29.96
CA MET G 227 -34.26 6.12 -30.81
C MET G 227 -34.94 6.72 -32.04
N ASP G 228 -34.37 7.77 -32.60
CA ASP G 228 -34.93 8.45 -33.76
C ASP G 228 -34.10 8.27 -35.02
N GLU G 229 -32.80 8.55 -34.97
CA GLU G 229 -31.92 8.40 -36.11
C GLU G 229 -30.94 7.27 -35.85
N CYS G 230 -30.62 6.51 -36.89
CA CYS G 230 -29.72 5.38 -36.80
C CYS G 230 -28.71 5.45 -37.93
N LEU G 231 -27.53 4.87 -37.69
CA LEU G 231 -26.49 4.84 -38.70
C LEU G 231 -26.86 3.84 -39.79
N THR G 232 -26.77 4.28 -41.05
CA THR G 232 -27.18 3.44 -42.17
C THR G 232 -26.52 3.94 -43.44
N ILE G 233 -26.71 3.19 -44.51
CA ILE G 233 -26.28 3.59 -45.83
C ILE G 233 -27.51 3.86 -46.69
N SER G 234 -27.27 4.32 -47.91
CA SER G 234 -28.37 4.66 -48.81
C SER G 234 -29.13 3.41 -49.22
N ALA G 235 -30.37 3.62 -49.67
CA ALA G 235 -31.21 2.51 -50.09
C ALA G 235 -30.68 1.89 -51.37
N ALA G 236 -31.35 0.84 -51.83
CA ALA G 236 -30.92 0.11 -53.01
C ALA G 236 -31.04 1.00 -54.24
N ASP G 237 -30.30 0.61 -55.29
CA ASP G 237 -30.18 1.33 -56.56
C ASP G 237 -30.10 2.84 -56.36
N SER G 238 -29.12 3.28 -55.57
CA SER G 238 -28.89 4.69 -55.32
C SER G 238 -27.66 5.17 -56.09
N ASP G 239 -27.60 6.48 -56.33
CA ASP G 239 -26.54 7.04 -57.16
C ASP G 239 -25.18 6.96 -56.48
N ASP G 240 -25.14 6.96 -55.15
CA ASP G 240 -23.87 6.91 -54.42
C ASP G 240 -23.29 5.51 -54.32
N GLN G 241 -23.86 4.53 -55.03
CA GLN G 241 -23.40 3.15 -55.03
C GLN G 241 -23.45 2.51 -53.65
N ARG G 242 -24.27 3.06 -52.75
CA ARG G 242 -24.40 2.56 -51.38
C ARG G 242 -23.05 2.50 -50.68
N ARG G 243 -22.22 3.51 -50.93
CA ARG G 243 -20.90 3.59 -50.32
C ARG G 243 -20.72 4.80 -49.42
N LEU G 244 -21.81 5.43 -49.00
CA LEU G 244 -21.77 6.56 -48.08
C LEU G 244 -22.65 6.27 -46.88
N VAL G 245 -22.26 6.81 -45.73
CA VAL G 245 -22.93 6.55 -44.46
C VAL G 245 -23.69 7.80 -44.03
N TYR G 246 -24.92 7.61 -43.59
CA TYR G 246 -25.79 8.71 -43.22
C TYR G 246 -26.45 8.43 -41.87
N TYR G 247 -26.82 9.51 -41.17
CA TYR G 247 -27.71 9.42 -40.03
C TYR G 247 -29.13 9.68 -40.51
N GLU G 248 -29.95 8.64 -40.51
CA GLU G 248 -31.29 8.71 -41.07
C GLU G 248 -32.30 8.16 -40.07
N GLY G 249 -33.48 8.77 -40.05
CA GLY G 249 -34.55 8.34 -39.18
C GLY G 249 -35.80 7.99 -39.98
N GLY G 250 -36.78 7.45 -39.27
CA GLY G 250 -38.05 7.07 -39.87
C GLY G 250 -38.16 5.55 -39.99
N ALA G 251 -38.58 5.10 -41.19
CA ALA G 251 -38.75 3.67 -41.41
C ALA G 251 -37.43 2.93 -41.53
N VAL G 252 -36.32 3.64 -41.73
CA VAL G 252 -35.03 2.99 -41.85
C VAL G 252 -34.63 2.30 -40.56
N CYS G 253 -35.17 2.72 -39.43
CA CYS G 253 -34.84 2.11 -38.14
C CYS G 253 -35.33 0.68 -38.04
N THR G 254 -36.23 0.25 -38.92
CA THR G 254 -36.71 -1.13 -38.93
C THR G 254 -36.32 -1.87 -40.20
N HIS G 255 -35.49 -1.28 -41.05
CA HIS G 255 -35.05 -1.91 -42.28
C HIS G 255 -33.72 -2.63 -42.09
N ALA G 256 -33.33 -3.39 -43.10
CA ALA G 256 -32.14 -4.20 -43.03
C ALA G 256 -30.86 -3.46 -43.38
N ARG G 257 -30.97 -2.25 -43.96
CA ARG G 257 -29.78 -1.49 -44.33
C ARG G 257 -29.21 -0.70 -43.18
N SER G 258 -29.84 -0.73 -42.01
CA SER G 258 -29.32 -0.08 -40.82
C SER G 258 -28.70 -1.08 -39.84
N LEU G 259 -28.48 -2.31 -40.28
CA LEU G 259 -27.93 -3.36 -39.42
C LEU G 259 -26.44 -3.46 -39.63
N TRP G 260 -25.70 -3.53 -38.53
CA TRP G 260 -24.24 -3.61 -38.56
C TRP G 260 -23.78 -4.74 -37.65
N ARG G 261 -22.69 -5.39 -38.04
CA ARG G 261 -22.09 -6.47 -37.27
C ARG G 261 -20.74 -6.02 -36.74
N LEU G 262 -20.54 -6.14 -35.44
CA LEU G 262 -19.31 -5.73 -34.79
C LEU G 262 -18.34 -6.91 -34.76
N GLU G 263 -17.21 -6.77 -35.44
CA GLU G 263 -16.24 -7.85 -35.58
C GLU G 263 -14.92 -7.48 -34.91
N PRO G 264 -14.62 -8.05 -33.75
CA PRO G 264 -13.31 -7.79 -33.13
C PRO G 264 -12.18 -8.37 -33.97
N LEU G 265 -10.99 -7.82 -33.76
CA LEU G 265 -9.82 -8.19 -34.55
C LEU G 265 -9.17 -9.48 -34.03
N ARG G 266 -9.98 -10.52 -33.89
CA ARG G 266 -9.48 -11.84 -33.49
C ARG G 266 -10.53 -12.88 -33.83
N ILE G 267 -10.11 -14.13 -33.88
CA ILE G 267 -11.02 -15.24 -34.18
C ILE G 267 -11.45 -15.90 -32.89
N SER G 268 -10.47 -16.32 -32.08
CA SER G 268 -10.77 -16.95 -30.80
C SER G 268 -11.36 -15.92 -29.83
N TRP G 269 -12.47 -16.29 -29.20
CA TRP G 269 -13.18 -15.43 -28.26
C TRP G 269 -13.61 -14.12 -28.91
N SER G 270 -13.93 -14.17 -30.20
CA SER G 270 -14.45 -12.99 -30.87
C SER G 270 -15.84 -12.60 -30.39
N GLY G 271 -16.54 -13.52 -29.74
CA GLY G 271 -17.85 -13.27 -29.17
C GLY G 271 -17.83 -12.84 -27.72
N SER G 272 -16.67 -12.49 -27.18
CA SER G 272 -16.58 -12.05 -25.80
C SER G 272 -17.22 -10.66 -25.64
N HIS G 273 -17.38 -10.26 -24.38
CA HIS G 273 -17.95 -8.96 -24.09
C HIS G 273 -17.09 -7.84 -24.66
N LEU G 274 -17.73 -6.88 -25.30
CA LEU G 274 -17.02 -5.73 -25.82
C LEU G 274 -16.49 -4.87 -24.67
N ARG G 275 -15.33 -4.26 -24.89
CA ARG G 275 -14.69 -3.42 -23.90
C ARG G 275 -14.38 -2.07 -24.53
N TRP G 276 -14.37 -1.04 -23.69
CA TRP G 276 -14.05 0.30 -24.16
C TRP G 276 -12.63 0.34 -24.70
N GLY G 277 -12.47 0.94 -25.88
CA GLY G 277 -11.18 1.03 -26.52
C GLY G 277 -10.72 -0.20 -27.26
N GLN G 278 -11.53 -1.25 -27.29
CA GLN G 278 -11.16 -2.48 -28.00
C GLN G 278 -11.34 -2.26 -29.50
N PRO G 279 -10.29 -2.44 -30.31
CA PRO G 279 -10.45 -2.27 -31.75
C PRO G 279 -11.36 -3.34 -32.35
N LEU G 280 -12.12 -2.93 -33.36
CA LEU G 280 -13.04 -3.85 -34.02
C LEU G 280 -13.46 -3.27 -35.36
N ARG G 281 -13.81 -4.17 -36.27
CA ARG G 281 -14.37 -3.77 -37.56
C ARG G 281 -15.89 -3.68 -37.46
N ILE G 282 -16.48 -2.81 -38.26
CA ILE G 282 -17.93 -2.64 -38.34
C ILE G 282 -18.34 -3.00 -39.75
N ARG G 283 -19.17 -4.04 -39.88
CA ARG G 283 -19.53 -4.62 -41.16
C ARG G 283 -21.01 -4.38 -41.43
N HIS G 284 -21.34 -3.92 -42.63
CA HIS G 284 -22.72 -3.79 -43.04
C HIS G 284 -23.23 -5.15 -43.51
N VAL G 285 -24.32 -5.61 -42.90
CA VAL G 285 -24.73 -7.00 -43.05
C VAL G 285 -25.21 -7.28 -44.48
N THR G 286 -26.10 -6.42 -44.99
CA THR G 286 -26.71 -6.71 -46.29
C THR G 286 -25.74 -6.54 -47.44
N THR G 287 -24.84 -5.57 -47.37
CA THR G 287 -23.90 -5.33 -48.45
C THR G 287 -22.56 -6.01 -48.24
N GLY G 288 -22.23 -6.41 -47.02
CA GLY G 288 -20.97 -7.07 -46.76
C GLY G 288 -19.77 -6.16 -46.74
N ARG G 289 -19.97 -4.85 -46.76
CA ARG G 289 -18.87 -3.89 -46.75
C ARG G 289 -18.58 -3.43 -45.33
N TYR G 290 -17.36 -2.93 -45.15
CA TYR G 290 -16.84 -2.55 -43.84
C TYR G 290 -16.66 -1.04 -43.76
N LEU G 291 -17.07 -0.46 -42.64
CA LEU G 291 -16.86 0.96 -42.40
C LEU G 291 -15.37 1.26 -42.44
N ALA G 292 -15.00 2.31 -43.17
CA ALA G 292 -13.59 2.56 -43.43
C ALA G 292 -13.34 4.06 -43.53
N LEU G 293 -12.07 4.43 -43.34
CA LEU G 293 -11.59 5.79 -43.55
C LEU G 293 -10.60 5.77 -44.70
N THR G 294 -10.97 6.43 -45.81
CA THR G 294 -10.13 6.50 -46.99
C THR G 294 -9.57 7.90 -47.15
N GLU G 295 -8.36 7.98 -47.69
CA GLU G 295 -7.73 9.27 -47.92
C GLU G 295 -8.44 10.10 -48.97
N ASP G 296 -9.27 9.47 -49.80
CA ASP G 296 -9.95 10.18 -50.89
C ASP G 296 -11.34 10.66 -50.48
N GLN G 297 -12.21 9.74 -50.06
CA GLN G 297 -13.60 10.05 -49.80
C GLN G 297 -13.92 10.21 -48.31
N GLY G 298 -12.95 10.02 -47.43
CA GLY G 298 -13.21 10.14 -46.01
C GLY G 298 -13.84 8.87 -45.47
N LEU G 299 -15.01 9.01 -44.85
CA LEU G 299 -15.71 7.90 -44.23
C LEU G 299 -16.64 7.25 -45.24
N VAL G 300 -16.32 6.01 -45.64
CA VAL G 300 -17.11 5.23 -46.58
C VAL G 300 -17.16 3.79 -46.09
N VAL G 301 -17.85 2.94 -46.85
CA VAL G 301 -17.84 1.50 -46.64
C VAL G 301 -17.16 0.86 -47.84
N VAL G 302 -16.16 0.02 -47.58
CA VAL G 302 -15.34 -0.56 -48.62
C VAL G 302 -15.52 -2.08 -48.61
N ASP G 303 -15.12 -2.70 -49.72
CA ASP G 303 -15.21 -4.14 -49.84
C ASP G 303 -14.19 -4.82 -48.93
N ALA G 304 -14.38 -6.12 -48.73
CA ALA G 304 -13.51 -6.88 -47.84
C ALA G 304 -12.06 -6.91 -48.32
N CYS G 305 -11.82 -6.71 -49.61
CA CYS G 305 -10.47 -6.73 -50.14
C CYS G 305 -9.69 -5.47 -49.80
N LYS G 306 -10.34 -4.45 -49.24
CA LYS G 306 -9.69 -3.19 -48.91
C LYS G 306 -9.76 -2.85 -47.42
N ALA G 307 -10.11 -3.82 -46.58
CA ALA G 307 -10.22 -3.60 -45.13
C ALA G 307 -8.97 -4.18 -44.48
N HIS G 308 -7.94 -3.33 -44.33
CA HIS G 308 -6.62 -3.77 -43.91
C HIS G 308 -6.28 -3.33 -42.48
N THR G 309 -7.28 -3.33 -41.60
CA THR G 309 -7.08 -3.20 -40.16
C THR G 309 -6.57 -1.81 -39.77
N LYS G 310 -6.30 -0.96 -40.75
CA LYS G 310 -5.90 0.41 -40.51
C LYS G 310 -6.99 1.41 -40.87
N ALA G 311 -7.66 1.21 -42.00
CA ALA G 311 -8.78 2.06 -42.37
C ALA G 311 -10.07 1.62 -41.70
N THR G 312 -10.16 0.36 -41.26
CA THR G 312 -11.41 -0.20 -40.77
C THR G 312 -11.39 -0.56 -39.29
N SER G 313 -10.48 0.00 -38.52
CA SER G 313 -10.39 -0.27 -37.08
C SER G 313 -11.05 0.87 -36.32
N PHE G 314 -12.10 0.55 -35.58
CA PHE G 314 -12.84 1.51 -34.76
C PHE G 314 -12.93 0.98 -33.34
N CYS G 315 -13.23 1.89 -32.41
CA CYS G 315 -13.40 1.51 -31.02
C CYS G 315 -14.46 2.40 -30.39
N PHE G 316 -15.13 1.87 -29.36
CA PHE G 316 -16.11 2.62 -28.60
C PHE G 316 -15.45 3.18 -27.36
N ARG G 317 -15.68 4.47 -27.09
CA ARG G 317 -15.12 5.14 -25.93
C ARG G 317 -16.22 5.83 -25.15
N VAL G 318 -16.14 5.76 -23.83
CA VAL G 318 -17.16 6.36 -22.97
C VAL G 318 -17.08 7.88 -22.97
N SER G 319 -15.95 8.45 -23.36
CA SER G 319 -15.79 9.90 -23.39
C SER G 319 -14.75 10.27 -24.44
N LYS G 320 -14.74 11.54 -24.81
CA LYS G 320 -13.82 12.05 -25.82
C LYS G 320 -12.49 12.49 -25.23
N GLU G 321 -12.29 12.32 -23.92
CA GLU G 321 -11.02 12.67 -23.31
C GLU G 321 -9.90 11.78 -23.84
N LYS G 322 -8.73 12.40 -24.05
CA LYS G 322 -7.58 11.71 -24.61
C LYS G 322 -6.85 10.94 -23.51
N LEU G 323 -7.42 9.78 -23.16
CA LEU G 323 -6.82 8.93 -22.14
C LEU G 323 -5.44 8.46 -22.56
N ASP G 324 -5.38 7.66 -23.62
CA ASP G 324 -4.11 7.15 -24.16
C ASP G 324 -3.27 6.48 -23.08
N THR G 325 -3.93 5.69 -22.23
CA THR G 325 -3.25 5.10 -21.09
C THR G 325 -2.29 3.99 -21.52
N ALA G 326 -2.82 2.92 -22.10
CA ALA G 326 -2.02 1.77 -22.50
C ALA G 326 -2.85 0.83 -23.36
N PRO G 327 -2.22 0.11 -24.30
CA PRO G 327 -2.97 -0.88 -25.08
C PRO G 327 -3.41 -2.06 -24.23
N LYS G 328 -4.73 -2.19 -24.04
CA LYS G 328 -5.25 -3.27 -23.21
C LYS G 328 -4.99 -4.62 -23.86
N ARG G 329 -4.61 -5.60 -23.03
CA ARG G 329 -4.33 -6.94 -23.52
C ARG G 329 -5.56 -7.81 -23.39
N ASP G 330 -5.92 -8.48 -24.49
CA ASP G 330 -7.11 -9.33 -24.51
C ASP G 330 -6.92 -10.56 -23.63
N VAL G 331 -8.01 -11.01 -23.04
CA VAL G 331 -8.01 -12.17 -22.17
C VAL G 331 -8.66 -13.34 -22.91
N GLU G 332 -8.35 -14.55 -22.45
CA GLU G 332 -8.88 -15.77 -23.05
C GLU G 332 -10.16 -16.16 -22.33
N GLY G 333 -11.23 -15.44 -22.65
CA GLY G 333 -12.51 -15.71 -22.05
C GLY G 333 -13.52 -14.65 -22.46
N MET G 334 -14.70 -14.71 -21.83
CA MET G 334 -15.73 -13.73 -22.11
C MET G 334 -15.35 -12.34 -21.62
N GLY G 335 -14.54 -12.24 -20.56
CA GLY G 335 -14.12 -10.97 -20.05
C GLY G 335 -15.19 -10.28 -19.23
N PRO G 336 -14.86 -9.14 -18.64
CA PRO G 336 -15.84 -8.40 -17.83
C PRO G 336 -16.81 -7.65 -18.72
N PRO G 337 -18.11 -7.68 -18.40
CA PRO G 337 -19.09 -6.96 -19.21
C PRO G 337 -19.03 -5.46 -18.95
N GLU G 338 -18.88 -4.68 -20.03
CA GLU G 338 -18.73 -3.23 -19.91
C GLU G 338 -19.84 -2.46 -20.60
N ILE G 339 -20.11 -2.74 -21.87
CA ILE G 339 -21.02 -1.95 -22.69
C ILE G 339 -22.38 -2.62 -22.72
N LYS G 340 -23.42 -1.86 -22.37
CA LYS G 340 -24.78 -2.37 -22.29
C LYS G 340 -25.59 -1.97 -23.52
N TYR G 341 -26.67 -2.70 -23.75
CA TYR G 341 -27.57 -2.40 -24.86
C TYR G 341 -28.58 -1.33 -24.44
N GLY G 342 -28.53 -0.18 -25.11
CA GLY G 342 -29.52 0.85 -24.91
C GLY G 342 -29.30 1.75 -23.71
N GLU G 343 -28.25 1.52 -22.93
CA GLU G 343 -27.92 2.38 -21.79
C GLU G 343 -26.59 3.07 -21.95
N SER G 344 -25.55 2.34 -22.35
CA SER G 344 -24.22 2.93 -22.49
C SER G 344 -24.19 3.87 -23.70
N LEU G 345 -23.62 5.05 -23.50
CA LEU G 345 -23.41 6.02 -24.56
C LEU G 345 -21.98 5.83 -25.07
N CYS G 346 -21.86 5.52 -26.37
CA CYS G 346 -20.59 5.15 -26.96
C CYS G 346 -20.18 6.19 -27.99
N PHE G 347 -18.93 6.63 -27.93
CA PHE G 347 -18.33 7.49 -28.95
C PHE G 347 -17.46 6.62 -29.85
N VAL G 348 -17.75 6.64 -31.13
CA VAL G 348 -17.01 5.85 -32.10
C VAL G 348 -15.80 6.64 -32.55
N GLN G 349 -14.61 6.07 -32.39
CA GLN G 349 -13.36 6.71 -32.77
C GLN G 349 -12.60 5.81 -33.73
N HIS G 350 -12.04 6.40 -34.78
CA HIS G 350 -11.16 5.66 -35.66
C HIS G 350 -9.80 5.48 -34.97
N VAL G 351 -9.36 4.23 -34.88
CA VAL G 351 -8.20 3.91 -34.06
C VAL G 351 -6.93 4.52 -34.66
N ALA G 352 -6.74 4.35 -35.97
CA ALA G 352 -5.49 4.78 -36.60
C ALA G 352 -5.36 6.29 -36.58
N SER G 353 -6.44 7.02 -36.86
CA SER G 353 -6.37 8.46 -37.01
C SER G 353 -6.81 9.22 -35.76
N GLY G 354 -7.60 8.61 -34.89
CA GLY G 354 -8.13 9.30 -33.73
C GLY G 354 -9.34 10.15 -34.00
N LEU G 355 -9.85 10.16 -35.23
CA LEU G 355 -11.01 10.98 -35.56
C LEU G 355 -12.27 10.40 -34.92
N TRP G 356 -13.26 11.27 -34.74
CA TRP G 356 -14.51 10.91 -34.10
C TRP G 356 -15.63 10.85 -35.13
N LEU G 357 -16.52 9.87 -34.95
CA LEU G 357 -17.67 9.71 -35.85
C LEU G 357 -18.73 10.73 -35.49
N THR G 358 -19.13 11.55 -36.46
CA THR G 358 -20.12 12.59 -36.25
C THR G 358 -20.82 12.89 -37.56
N TYR G 359 -21.75 13.83 -37.51
CA TYR G 359 -22.52 14.25 -38.69
C TYR G 359 -21.84 15.44 -39.35
N ALA G 360 -22.30 15.75 -40.57
CA ALA G 360 -21.65 16.72 -41.43
C ALA G 360 -22.23 18.12 -41.33
N ALA G 361 -23.21 18.35 -40.45
CA ALA G 361 -23.83 19.67 -40.29
C ALA G 361 -24.40 20.13 -41.62
N PRO G 362 -25.50 19.54 -42.07
CA PRO G 362 -25.95 19.74 -43.47
C PRO G 362 -26.15 21.21 -43.81
N ASP G 363 -25.77 21.56 -45.03
CA ASP G 363 -25.87 22.92 -45.50
C ASP G 363 -27.34 23.31 -45.65
N PRO G 364 -27.70 24.56 -45.33
CA PRO G 364 -29.09 25.01 -45.52
C PRO G 364 -29.50 24.98 -46.98
N LYS G 365 -30.78 25.30 -47.20
CA LYS G 365 -31.42 25.29 -48.51
C LYS G 365 -31.66 23.86 -48.97
N ALA G 366 -31.14 22.90 -48.22
CA ALA G 366 -31.39 21.48 -48.50
C ALA G 366 -32.52 20.91 -47.66
N LEU G 367 -32.96 21.63 -46.62
CA LEU G 367 -34.09 21.17 -45.81
C LEU G 367 -35.38 21.17 -46.62
N ARG G 368 -35.51 22.09 -47.58
CA ARG G 368 -36.70 22.11 -48.43
C ARG G 368 -36.80 20.86 -49.28
N LEU G 369 -35.68 20.24 -49.61
CA LEU G 369 -35.68 19.00 -50.37
C LEU G 369 -36.20 17.81 -49.58
N GLY G 370 -36.44 17.98 -48.28
CA GLY G 370 -36.88 16.88 -47.45
C GLY G 370 -35.79 15.94 -47.00
N VAL G 371 -34.53 16.33 -47.17
CA VAL G 371 -33.40 15.47 -46.81
C VAL G 371 -33.13 15.60 -45.31
N LEU G 372 -33.75 14.72 -44.52
CA LEU G 372 -33.44 14.63 -43.10
C LEU G 372 -32.15 13.85 -42.84
N LYS G 373 -31.59 13.22 -43.86
CA LYS G 373 -30.35 12.47 -43.71
C LYS G 373 -29.20 13.42 -43.44
N LYS G 374 -28.36 13.07 -42.48
CA LYS G 374 -27.12 13.78 -42.18
C LYS G 374 -25.96 12.87 -42.52
N LYS G 375 -25.07 13.33 -43.40
CA LYS G 375 -23.94 12.52 -43.81
C LYS G 375 -22.99 12.31 -42.65
N ALA G 376 -22.59 11.06 -42.43
CA ALA G 376 -21.66 10.73 -41.36
C ALA G 376 -20.24 10.96 -41.83
N ILE G 377 -19.47 11.66 -41.01
CA ILE G 377 -18.09 12.00 -41.32
C ILE G 377 -17.21 11.69 -40.11
N LEU G 378 -15.91 11.61 -40.35
CA LEU G 378 -14.91 11.49 -39.29
C LEU G 378 -14.26 12.85 -39.11
N HIS G 379 -14.31 13.36 -37.88
CA HIS G 379 -13.84 14.70 -37.57
C HIS G 379 -12.97 14.64 -36.32
N GLN G 380 -12.01 15.58 -36.24
CA GLN G 380 -11.09 15.61 -35.12
C GLN G 380 -11.75 16.05 -33.82
N GLU G 381 -12.75 16.92 -33.88
CA GLU G 381 -13.43 17.40 -32.70
C GLU G 381 -14.82 16.80 -32.52
N GLY G 382 -15.65 16.85 -33.55
CA GLY G 382 -17.00 16.33 -33.42
C GLY G 382 -17.89 17.26 -32.62
N HIS G 383 -18.96 16.69 -32.09
CA HIS G 383 -19.95 17.42 -31.31
C HIS G 383 -20.20 16.68 -30.00
N MET G 384 -20.98 17.33 -29.13
CA MET G 384 -21.27 16.74 -27.82
C MET G 384 -22.28 15.61 -27.91
N ASP G 385 -23.13 15.60 -28.95
CA ASP G 385 -24.15 14.58 -29.12
C ASP G 385 -23.70 13.45 -30.04
N ASP G 386 -22.39 13.21 -30.16
CA ASP G 386 -21.89 12.15 -31.00
C ASP G 386 -22.07 10.76 -30.39
N ALA G 387 -22.48 10.67 -29.13
CA ALA G 387 -22.68 9.39 -28.49
C ALA G 387 -23.77 8.60 -29.18
N LEU G 388 -23.58 7.28 -29.27
CA LEU G 388 -24.50 6.40 -29.96
C LEU G 388 -25.03 5.34 -29.01
N PHE G 389 -26.29 4.97 -29.21
CA PHE G 389 -26.92 3.87 -28.48
C PHE G 389 -26.84 2.60 -29.32
N LEU G 390 -26.46 1.50 -28.69
CA LEU G 390 -26.43 0.20 -29.35
C LEU G 390 -27.69 -0.56 -28.96
N THR G 391 -28.52 -0.86 -29.97
CA THR G 391 -29.78 -1.56 -29.75
C THR G 391 -29.72 -2.95 -30.36
N ARG G 392 -30.19 -3.93 -29.60
CA ARG G 392 -30.18 -5.31 -30.05
C ARG G 392 -31.09 -5.49 -31.26
N CYS G 393 -30.73 -6.45 -32.11
CA CYS G 393 -31.53 -6.81 -33.27
C CYS G 393 -32.08 -8.22 -33.09
N GLN G 394 -33.33 -8.41 -33.48
CA GLN G 394 -33.96 -9.72 -33.36
C GLN G 394 -33.26 -10.73 -34.26
N GLN G 395 -33.24 -11.99 -33.80
CA GLN G 395 -32.60 -13.04 -34.58
C GLN G 395 -33.26 -13.22 -35.93
N GLU G 396 -34.57 -12.97 -36.01
CA GLU G 396 -35.26 -13.07 -37.30
C GLU G 396 -34.74 -12.04 -38.29
N GLU G 397 -34.55 -10.79 -37.84
CA GLU G 397 -34.04 -9.75 -38.74
C GLU G 397 -32.58 -10.00 -39.09
N SER G 398 -31.77 -10.42 -38.11
CA SER G 398 -30.36 -10.67 -38.38
C SER G 398 -30.18 -11.79 -39.40
N GLN G 399 -30.96 -12.87 -39.26
CA GLN G 399 -30.89 -13.95 -40.23
C GLN G 399 -31.36 -13.51 -41.61
N ALA G 400 -32.42 -12.71 -41.66
CA ALA G 400 -32.95 -12.25 -42.93
C ALA G 400 -31.93 -11.35 -43.65
N ALA G 401 -31.26 -10.46 -42.90
CA ALA G 401 -30.30 -9.56 -43.51
C ALA G 401 -29.15 -10.33 -44.14
N ARG G 402 -28.65 -11.36 -43.44
CA ARG G 402 -27.59 -12.18 -44.02
C ARG G 402 -28.09 -12.95 -45.25
N MET G 403 -29.32 -13.44 -45.20
CA MET G 403 -29.89 -14.13 -46.36
C MET G 403 -30.01 -13.20 -47.55
N ILE G 404 -30.39 -11.94 -47.31
CA ILE G 404 -30.45 -10.96 -48.39
C ILE G 404 -29.08 -10.77 -49.01
N HIS G 405 -28.04 -10.73 -48.19
CA HIS G 405 -26.68 -10.56 -48.69
C HIS G 405 -26.28 -11.72 -49.60
N SER G 406 -26.58 -12.95 -49.18
CA SER G 406 -26.22 -14.11 -49.98
C SER G 406 -27.11 -14.24 -51.21
N THR G 407 -28.41 -13.96 -51.05
CA THR G 407 -29.33 -14.08 -52.17
C THR G 407 -29.01 -13.05 -53.25
N ALA G 408 -28.69 -11.82 -52.86
CA ALA G 408 -28.39 -10.78 -53.85
C ALA G 408 -27.14 -11.13 -54.65
N GLY G 409 -26.11 -11.66 -53.98
CA GLY G 409 -24.89 -12.00 -54.69
C GLY G 409 -25.10 -13.13 -55.69
N LEU G 410 -25.92 -14.12 -55.33
CA LEU G 410 -26.13 -15.26 -56.22
C LEU G 410 -26.93 -14.85 -57.45
N TYR G 411 -28.01 -14.09 -57.27
CA TYR G 411 -28.85 -13.74 -58.40
C TYR G 411 -28.17 -12.72 -59.31
N ASN G 412 -27.39 -11.80 -58.75
CA ASN G 412 -26.61 -10.89 -59.58
C ASN G 412 -25.61 -11.65 -60.42
N GLN G 413 -24.98 -12.67 -59.85
CA GLN G 413 -24.12 -13.55 -60.65
C GLN G 413 -24.92 -14.27 -61.72
N PHE G 414 -26.13 -14.73 -61.38
CA PHE G 414 -26.99 -15.39 -62.36
C PHE G 414 -27.43 -14.41 -63.45
N ILE G 415 -27.73 -13.17 -63.05
CA ILE G 415 -28.19 -12.18 -64.03
C ILE G 415 -27.07 -11.83 -65.01
N LYS G 416 -25.86 -11.56 -64.50
CA LYS G 416 -24.75 -11.22 -65.37
C LYS G 416 -24.34 -12.41 -66.24
N GLY G 417 -24.57 -13.63 -65.77
CA GLY G 417 -24.34 -14.80 -66.60
C GLY G 417 -25.28 -14.87 -67.78
N LEU G 418 -26.55 -14.50 -67.57
CA LEU G 418 -27.50 -14.45 -68.67
C LEU G 418 -27.12 -13.38 -69.68
N ASP G 419 -26.66 -12.22 -69.19
CA ASP G 419 -26.25 -11.15 -70.08
C ASP G 419 -24.98 -11.46 -70.85
N SER G 420 -24.23 -12.50 -70.44
CA SER G 420 -23.02 -12.87 -71.17
C SER G 420 -23.35 -13.35 -72.57
N PHE G 421 -24.42 -14.13 -72.71
CA PHE G 421 -24.87 -14.64 -74.00
C PHE G 421 -26.21 -14.04 -74.40
N SER G 422 -26.42 -12.75 -74.10
CA SER G 422 -27.68 -12.11 -74.39
C SER G 422 -27.98 -12.09 -75.89
N GLY G 423 -26.97 -11.78 -76.70
CA GLY G 423 -27.14 -11.77 -78.14
C GLY G 423 -26.04 -12.51 -78.87
N LYS G 424 -25.47 -13.53 -78.22
CA LYS G 424 -24.36 -14.31 -78.78
C LYS G 424 -24.79 -15.77 -78.87
N PRO G 425 -25.35 -16.19 -79.99
CA PRO G 425 -25.70 -17.62 -80.15
C PRO G 425 -24.46 -18.49 -80.06
N ARG G 426 -24.60 -19.63 -79.39
CA ARG G 426 -23.46 -20.53 -79.24
C ARG G 426 -23.15 -21.31 -80.50
N GLY G 427 -24.12 -21.43 -81.42
CA GLY G 427 -23.91 -22.25 -82.59
C GLY G 427 -23.72 -23.70 -82.23
N SER G 428 -22.84 -24.37 -82.97
CA SER G 428 -22.49 -25.76 -82.68
C SER G 428 -21.29 -25.85 -81.75
N GLY G 429 -21.37 -25.20 -80.61
CA GLY G 429 -20.27 -25.17 -79.67
C GLY G 429 -20.69 -24.74 -78.28
N PRO G 430 -19.73 -24.62 -77.37
CA PRO G 430 -20.04 -24.22 -76.00
C PRO G 430 -20.55 -22.79 -75.94
N PRO G 431 -21.30 -22.44 -74.88
CA PRO G 431 -21.77 -21.05 -74.74
C PRO G 431 -20.67 -20.02 -74.59
N ALA G 432 -19.41 -20.45 -74.45
CA ALA G 432 -18.25 -19.55 -74.38
C ALA G 432 -18.39 -18.58 -73.19
N GLY G 433 -18.41 -19.16 -72.00
CA GLY G 433 -18.47 -18.38 -70.78
C GLY G 433 -18.55 -19.27 -69.55
N PRO G 434 -18.46 -18.67 -68.36
CA PRO G 434 -18.59 -19.44 -67.14
C PRO G 434 -19.98 -20.05 -67.00
N ALA G 435 -20.04 -21.22 -66.40
CA ALA G 435 -21.32 -21.92 -66.25
C ALA G 435 -22.25 -21.16 -65.32
N LEU G 436 -23.53 -21.17 -65.66
CA LEU G 436 -24.53 -20.53 -64.82
C LEU G 436 -24.67 -21.30 -63.50
N PRO G 437 -24.88 -20.60 -62.39
CA PRO G 437 -25.12 -21.31 -61.12
C PRO G 437 -26.51 -21.90 -61.06
N ILE G 438 -26.79 -22.86 -61.95
CA ILE G 438 -28.14 -23.40 -62.07
C ILE G 438 -28.56 -24.12 -60.78
N GLU G 439 -27.69 -24.99 -60.28
CA GLU G 439 -28.04 -25.75 -59.08
C GLU G 439 -28.17 -24.85 -57.86
N ALA G 440 -27.32 -23.83 -57.76
CA ALA G 440 -27.42 -22.90 -56.63
C ALA G 440 -28.69 -22.08 -56.70
N VAL G 441 -29.07 -21.63 -57.88
CA VAL G 441 -30.27 -20.80 -58.03
C VAL G 441 -31.51 -21.63 -57.69
N ILE G 442 -31.57 -22.87 -58.18
CA ILE G 442 -32.74 -23.70 -57.92
C ILE G 442 -32.91 -23.96 -56.42
N LEU G 443 -31.81 -24.32 -55.76
CA LEU G 443 -31.88 -24.58 -54.32
C LEU G 443 -32.20 -23.31 -53.55
N SER G 444 -31.63 -22.18 -53.96
CA SER G 444 -31.93 -20.91 -53.29
C SER G 444 -33.39 -20.54 -53.45
N LEU G 445 -33.95 -20.72 -54.65
CA LEU G 445 -35.35 -20.41 -54.87
C LEU G 445 -36.25 -21.28 -54.00
N GLN G 446 -35.94 -22.58 -53.92
CA GLN G 446 -36.76 -23.48 -53.12
C GLN G 446 -36.70 -23.12 -51.64
N ASP G 447 -35.51 -22.76 -51.15
CA ASP G 447 -35.38 -22.36 -49.75
C ASP G 447 -36.18 -21.10 -49.45
N LEU G 448 -36.14 -20.12 -50.36
CA LEU G 448 -36.87 -18.88 -50.13
C LEU G 448 -38.38 -19.12 -50.21
N ILE G 449 -38.83 -19.99 -51.12
CA ILE G 449 -40.25 -20.30 -51.21
C ILE G 449 -40.76 -20.91 -49.92
N GLY G 450 -40.00 -21.86 -49.35
CA GLY G 450 -40.33 -22.38 -48.04
C GLY G 450 -40.10 -21.39 -46.93
N TYR G 451 -39.26 -20.38 -47.16
CA TYR G 451 -39.03 -19.35 -46.15
C TYR G 451 -40.20 -18.38 -46.05
N PHE G 452 -40.91 -18.15 -47.16
CA PHE G 452 -42.02 -17.22 -47.20
C PHE G 452 -43.37 -17.93 -47.25
N GLU G 453 -43.42 -19.21 -46.88
CA GLU G 453 -44.69 -19.94 -46.96
C GLU G 453 -45.68 -19.38 -45.93
N PRO G 454 -46.93 -19.15 -46.32
CA PRO G 454 -47.91 -18.65 -45.36
C PRO G 454 -48.20 -19.69 -44.29
N PRO G 455 -48.54 -19.27 -43.08
CA PRO G 455 -48.83 -20.24 -42.02
C PRO G 455 -50.06 -21.08 -42.34
N SER G 456 -50.05 -22.32 -41.86
CA SER G 456 -51.15 -23.22 -42.10
C SER G 456 -52.42 -22.74 -41.39
N GLU G 457 -53.56 -22.94 -42.04
CA GLU G 457 -54.84 -22.51 -41.48
C GLU G 457 -55.27 -23.34 -40.28
N GLU G 458 -54.63 -24.49 -40.04
CA GLU G 458 -55.00 -25.35 -38.92
C GLU G 458 -54.41 -24.89 -37.60
N LEU G 459 -53.52 -23.90 -37.61
CA LEU G 459 -52.93 -23.41 -36.38
C LEU G 459 -53.95 -22.62 -35.58
N GLN G 460 -53.69 -22.49 -34.28
CA GLN G 460 -54.53 -21.66 -33.44
C GLN G 460 -54.37 -20.20 -33.81
N HIS G 461 -55.33 -19.39 -33.37
CA HIS G 461 -55.36 -17.99 -33.77
C HIS G 461 -54.13 -17.24 -33.28
N GLU G 462 -53.67 -17.54 -32.06
CA GLU G 462 -52.59 -16.77 -31.46
C GLU G 462 -51.29 -16.93 -32.22
N GLU G 463 -50.88 -18.18 -32.48
CA GLU G 463 -49.61 -18.38 -33.17
C GLU G 463 -49.71 -18.07 -34.65
N LYS G 464 -50.90 -18.21 -35.24
CA LYS G 464 -51.07 -17.87 -36.64
C LYS G 464 -50.84 -16.38 -36.88
N GLN G 465 -51.37 -15.54 -35.99
CA GLN G 465 -51.15 -14.10 -36.11
C GLN G 465 -49.68 -13.76 -35.88
N SER G 466 -49.02 -14.46 -34.95
CA SER G 466 -47.60 -14.23 -34.73
C SER G 466 -46.78 -14.57 -35.97
N LYS G 467 -47.10 -15.69 -36.63
CA LYS G 467 -46.40 -16.06 -37.84
C LYS G 467 -46.72 -15.10 -38.99
N LEU G 468 -47.96 -14.64 -39.06
CA LEU G 468 -48.32 -13.64 -40.07
C LEU G 468 -47.53 -12.35 -39.87
N ARG G 469 -47.38 -11.92 -38.62
CA ARG G 469 -46.61 -10.71 -38.35
C ARG G 469 -45.15 -10.87 -38.76
N SER G 470 -44.57 -12.04 -38.45
CA SER G 470 -43.19 -12.29 -38.87
C SER G 470 -43.08 -12.37 -40.38
N LEU G 471 -44.06 -12.99 -41.04
CA LEU G 471 -44.02 -13.11 -42.49
C LEU G 471 -44.10 -11.76 -43.17
N ARG G 472 -44.98 -10.88 -42.70
CA ARG G 472 -45.08 -9.54 -43.27
C ARG G 472 -43.78 -8.77 -43.07
N ASN G 473 -43.16 -8.91 -41.90
CA ASN G 473 -41.90 -8.22 -41.64
C ASN G 473 -40.80 -8.69 -42.58
N ARG G 474 -40.72 -10.01 -42.81
CA ARG G 474 -39.69 -10.54 -43.69
C ARG G 474 -39.94 -10.16 -45.14
N GLN G 475 -41.20 -10.11 -45.56
CA GLN G 475 -41.50 -9.65 -46.92
C GLN G 475 -41.08 -8.20 -47.12
N SER G 476 -41.35 -7.35 -46.12
CA SER G 476 -40.95 -5.95 -46.22
C SER G 476 -39.43 -5.81 -46.22
N LEU G 477 -38.73 -6.61 -45.42
CA LEU G 477 -37.28 -6.53 -45.36
C LEU G 477 -36.65 -6.87 -46.70
N PHE G 478 -37.12 -7.93 -47.35
CA PHE G 478 -36.58 -8.29 -48.66
C PHE G 478 -36.93 -7.26 -49.71
N GLN G 479 -38.16 -6.73 -49.68
CA GLN G 479 -38.57 -5.75 -50.68
C GLN G 479 -37.75 -4.47 -50.57
N GLU G 480 -37.48 -4.01 -49.34
CA GLU G 480 -36.75 -2.77 -49.16
C GLU G 480 -35.30 -2.89 -49.61
N GLU G 481 -34.77 -4.10 -49.74
CA GLU G 481 -33.42 -4.32 -50.21
C GLU G 481 -33.34 -4.60 -51.70
N GLY G 482 -34.46 -4.47 -52.41
CA GLY G 482 -34.47 -4.69 -53.85
C GLY G 482 -34.55 -6.13 -54.28
N MET G 483 -34.87 -7.05 -53.36
CA MET G 483 -35.00 -8.45 -53.74
C MET G 483 -36.17 -8.65 -54.71
N LEU G 484 -37.27 -7.95 -54.48
CA LEU G 484 -38.42 -8.06 -55.39
C LEU G 484 -38.05 -7.58 -56.79
N SER G 485 -37.34 -6.46 -56.88
CA SER G 485 -36.87 -5.99 -58.18
C SER G 485 -35.82 -6.92 -58.76
N LEU G 486 -35.02 -7.57 -57.89
CA LEU G 486 -34.03 -8.52 -58.36
C LEU G 486 -34.68 -9.74 -59.01
N VAL G 487 -35.78 -10.22 -58.43
CA VAL G 487 -36.50 -11.36 -59.00
C VAL G 487 -37.09 -10.98 -60.36
N LEU G 488 -37.62 -9.76 -60.49
CA LEU G 488 -38.19 -9.33 -61.76
C LEU G 488 -37.14 -9.30 -62.86
N ASN G 489 -35.93 -8.84 -62.53
CA ASN G 489 -34.86 -8.80 -63.52
C ASN G 489 -34.50 -10.21 -63.99
N CYS G 490 -34.46 -11.17 -63.07
CA CYS G 490 -34.21 -12.56 -63.46
C CYS G 490 -35.30 -13.08 -64.37
N ILE G 491 -36.56 -12.76 -64.07
CA ILE G 491 -37.67 -13.21 -64.91
C ILE G 491 -37.59 -12.59 -66.29
N ASP G 492 -37.31 -11.28 -66.35
CA ASP G 492 -37.29 -10.58 -67.64
C ASP G 492 -36.23 -11.16 -68.57
N ARG G 493 -35.04 -11.44 -68.04
CA ARG G 493 -33.97 -11.96 -68.88
C ARG G 493 -34.24 -13.39 -69.32
N LEU G 494 -34.92 -14.17 -68.46
CA LEU G 494 -35.32 -15.51 -68.86
C LEU G 494 -36.57 -15.52 -69.72
N ASN G 495 -37.32 -14.42 -69.74
CA ASN G 495 -38.57 -14.36 -70.50
C ASN G 495 -38.35 -14.01 -71.97
N VAL G 496 -37.16 -13.59 -72.35
CA VAL G 496 -36.88 -13.28 -73.75
C VAL G 496 -36.72 -14.52 -74.61
N TYR G 497 -36.73 -15.70 -74.01
CA TYR G 497 -36.65 -16.96 -74.72
C TYR G 497 -38.02 -17.62 -74.69
N THR G 498 -38.54 -17.95 -75.87
CA THR G 498 -39.89 -18.47 -75.97
C THR G 498 -40.04 -19.87 -75.42
N THR G 499 -38.95 -20.65 -75.40
CA THR G 499 -39.02 -22.03 -74.91
C THR G 499 -37.63 -22.45 -74.47
N ALA G 500 -37.56 -23.66 -73.92
CA ALA G 500 -36.28 -24.21 -73.48
C ALA G 500 -35.35 -24.43 -74.67
N ALA G 501 -35.89 -24.90 -75.80
CA ALA G 501 -35.08 -25.11 -76.98
C ALA G 501 -34.49 -23.79 -77.49
N HIS G 502 -35.28 -22.72 -77.46
CA HIS G 502 -34.74 -21.41 -77.79
C HIS G 502 -33.67 -20.99 -76.81
N PHE G 503 -33.88 -21.26 -75.52
CA PHE G 503 -32.87 -20.96 -74.51
C PHE G 503 -31.64 -21.84 -74.70
N ALA G 504 -31.82 -23.04 -75.26
CA ALA G 504 -30.68 -23.93 -75.50
C ALA G 504 -29.76 -23.36 -76.58
N GLU G 505 -30.29 -22.53 -77.47
CA GLU G 505 -29.49 -21.95 -78.54
C GLU G 505 -28.47 -20.95 -78.04
N TYR G 506 -28.55 -20.54 -76.78
CA TYR G 506 -27.64 -19.56 -76.21
C TYR G 506 -26.93 -20.03 -74.96
N ALA G 507 -27.52 -20.96 -74.20
CA ALA G 507 -26.92 -21.42 -72.96
C ALA G 507 -26.59 -22.90 -72.95
N GLY G 508 -26.83 -23.61 -74.05
CA GLY G 508 -26.55 -25.03 -74.12
C GLY G 508 -27.70 -25.88 -73.61
N GLU G 509 -27.59 -27.19 -73.86
CA GLU G 509 -28.64 -28.11 -73.48
C GLU G 509 -28.66 -28.37 -71.99
N GLU G 510 -27.48 -28.45 -71.36
CA GLU G 510 -27.43 -28.76 -69.93
C GLU G 510 -28.03 -27.64 -69.10
N ALA G 511 -27.98 -26.40 -69.58
CA ALA G 511 -28.62 -25.30 -68.85
C ALA G 511 -30.08 -25.15 -69.22
N ALA G 512 -30.47 -25.56 -70.43
CA ALA G 512 -31.85 -25.40 -70.88
C ALA G 512 -32.79 -26.38 -70.21
N GLU G 513 -32.30 -27.54 -69.78
CA GLU G 513 -33.15 -28.54 -69.14
C GLU G 513 -33.65 -28.10 -67.78
N SER G 514 -33.10 -27.03 -67.21
CA SER G 514 -33.61 -26.44 -65.99
C SER G 514 -34.27 -25.09 -66.23
N TRP G 515 -34.40 -24.66 -67.48
CA TRP G 515 -34.98 -23.35 -67.78
C TRP G 515 -36.44 -23.28 -67.33
N LYS G 516 -37.21 -24.34 -67.59
CA LYS G 516 -38.62 -24.34 -67.21
C LYS G 516 -38.78 -24.42 -65.70
N GLU G 517 -37.90 -25.15 -65.02
CA GLU G 517 -37.99 -25.25 -63.57
C GLU G 517 -37.69 -23.91 -62.90
N ILE G 518 -36.68 -23.19 -63.39
CA ILE G 518 -36.28 -21.94 -62.75
C ILE G 518 -37.37 -20.89 -62.89
N VAL G 519 -37.96 -20.76 -64.09
CA VAL G 519 -38.96 -19.71 -64.29
C VAL G 519 -40.19 -19.97 -63.44
N ASN G 520 -40.57 -21.23 -63.28
CA ASN G 520 -41.69 -21.54 -62.40
C ASN G 520 -41.39 -21.19 -60.95
N LEU G 521 -40.17 -21.47 -60.50
CA LEU G 521 -39.78 -21.10 -59.14
C LEU G 521 -39.73 -19.59 -58.96
N LEU G 522 -39.29 -18.87 -60.00
CA LEU G 522 -39.22 -17.41 -59.89
C LEU G 522 -40.61 -16.81 -59.69
N TYR G 523 -41.61 -17.28 -60.45
CA TYR G 523 -42.96 -16.79 -60.25
C TYR G 523 -43.53 -17.23 -58.91
N GLU G 524 -43.18 -18.44 -58.48
CA GLU G 524 -43.64 -18.91 -57.18
C GLU G 524 -43.06 -18.08 -56.05
N LEU G 525 -41.77 -17.73 -56.15
CA LEU G 525 -41.17 -16.85 -55.16
C LEU G 525 -41.76 -15.44 -55.23
N LEU G 526 -42.02 -14.96 -56.44
CA LEU G 526 -42.60 -13.63 -56.59
C LEU G 526 -43.97 -13.54 -55.93
N ALA G 527 -44.78 -14.58 -56.07
CA ALA G 527 -46.08 -14.61 -55.41
C ALA G 527 -45.92 -14.63 -53.89
N SER G 528 -44.96 -15.38 -53.38
CA SER G 528 -44.75 -15.46 -51.94
C SER G 528 -44.27 -14.13 -51.36
N LEU G 529 -43.51 -13.35 -52.13
CA LEU G 529 -43.01 -12.08 -51.64
C LEU G 529 -44.14 -11.05 -51.50
N ILE G 530 -45.24 -11.23 -52.22
CA ILE G 530 -46.31 -10.23 -52.25
C ILE G 530 -47.62 -10.76 -51.68
N ARG G 531 -47.76 -12.07 -51.45
CA ARG G 531 -49.02 -12.62 -50.99
C ARG G 531 -49.38 -12.06 -49.61
N GLY G 532 -50.49 -11.33 -49.55
CA GLY G 532 -50.97 -10.76 -48.31
C GLY G 532 -50.31 -9.47 -47.89
N ASN G 533 -49.36 -8.96 -48.68
CA ASN G 533 -48.64 -7.72 -48.37
C ASN G 533 -49.12 -6.64 -49.32
N ARG G 534 -49.90 -5.69 -48.80
CA ARG G 534 -50.46 -4.64 -49.65
C ARG G 534 -49.37 -3.72 -50.17
N ALA G 535 -48.36 -3.42 -49.35
CA ALA G 535 -47.29 -2.53 -49.79
C ALA G 535 -46.53 -3.12 -50.98
N ASN G 536 -46.23 -4.41 -50.93
CA ASN G 536 -45.55 -5.04 -52.05
C ASN G 536 -46.44 -5.13 -53.28
N CYS G 537 -47.73 -5.41 -53.09
CA CYS G 537 -48.65 -5.51 -54.22
C CYS G 537 -48.86 -4.16 -54.88
N ALA G 538 -48.81 -3.07 -54.11
CA ALA G 538 -49.00 -1.74 -54.67
C ALA G 538 -47.89 -1.35 -55.63
N LEU G 539 -46.75 -2.04 -55.59
CA LEU G 539 -45.66 -1.73 -56.50
C LEU G 539 -46.02 -2.03 -57.95
N PHE G 540 -47.00 -2.90 -58.18
CA PHE G 540 -47.40 -3.25 -59.55
C PHE G 540 -48.40 -2.25 -60.13
N SER G 541 -48.80 -1.22 -59.37
CA SER G 541 -49.67 -0.19 -59.91
C SER G 541 -48.98 0.65 -60.97
N THR G 542 -47.66 0.56 -61.10
CA THR G 542 -46.93 1.23 -62.16
C THR G 542 -46.58 0.31 -63.32
N ASN G 543 -46.28 -0.96 -63.04
CA ASN G 543 -46.00 -1.96 -64.07
C ASN G 543 -47.00 -3.09 -63.93
N LEU G 544 -48.16 -2.93 -64.58
CA LEU G 544 -49.16 -3.97 -64.63
C LEU G 544 -49.17 -4.73 -65.94
N ASP G 545 -48.80 -4.08 -67.04
CA ASP G 545 -48.66 -4.77 -68.30
C ASP G 545 -47.57 -5.84 -68.23
N TRP G 546 -46.64 -5.70 -67.29
CA TRP G 546 -45.59 -6.70 -67.12
C TRP G 546 -46.19 -8.05 -66.76
N VAL G 547 -47.15 -8.06 -65.83
CA VAL G 547 -47.80 -9.32 -65.44
C VAL G 547 -48.78 -9.78 -66.51
N VAL G 548 -49.59 -8.85 -67.04
CA VAL G 548 -50.66 -9.21 -67.94
C VAL G 548 -50.12 -9.76 -69.26
N SER G 549 -49.07 -9.13 -69.80
CA SER G 549 -48.54 -9.57 -71.08
C SER G 549 -47.92 -10.96 -71.02
N LYS G 550 -47.62 -11.46 -69.82
CA LYS G 550 -47.04 -12.78 -69.66
C LYS G 550 -48.09 -13.85 -69.38
N LEU G 551 -49.37 -13.50 -69.37
CA LEU G 551 -50.40 -14.49 -69.06
C LEU G 551 -50.48 -15.58 -70.10
N ASP G 552 -50.12 -15.27 -71.35
CA ASP G 552 -50.19 -16.24 -72.43
C ASP G 552 -48.97 -17.15 -72.52
N ARG G 553 -47.96 -16.92 -71.69
CA ARG G 553 -46.79 -17.80 -71.67
C ARG G 553 -47.19 -19.20 -71.22
N LEU G 554 -46.70 -20.21 -71.95
CA LEU G 554 -47.13 -21.57 -71.70
C LEU G 554 -46.27 -22.27 -70.65
N GLU G 555 -45.03 -21.83 -70.46
CA GLU G 555 -44.13 -22.55 -69.55
C GLU G 555 -44.56 -22.38 -68.09
N ALA G 556 -45.12 -21.23 -67.73
CA ALA G 556 -45.51 -20.96 -66.35
C ALA G 556 -46.88 -20.29 -66.31
N SER G 557 -47.85 -20.89 -67.00
CA SER G 557 -49.18 -20.31 -67.06
C SER G 557 -49.82 -20.24 -65.67
N SER G 558 -49.67 -21.32 -64.88
CA SER G 558 -50.28 -21.34 -63.56
C SER G 558 -49.59 -20.39 -62.59
N GLY G 559 -48.26 -20.31 -62.65
CA GLY G 559 -47.54 -19.45 -61.73
C GLY G 559 -47.83 -17.97 -61.95
N ILE G 560 -47.89 -17.55 -63.22
CA ILE G 560 -48.15 -16.14 -63.51
C ILE G 560 -49.56 -15.75 -63.12
N LEU G 561 -50.52 -16.65 -63.32
CA LEU G 561 -51.89 -16.37 -62.90
C LEU G 561 -51.98 -16.20 -61.39
N GLU G 562 -51.22 -17.00 -60.64
CA GLU G 562 -51.21 -16.86 -59.19
C GLU G 562 -50.64 -15.52 -58.77
N VAL G 563 -49.60 -15.04 -59.48
CA VAL G 563 -49.03 -13.74 -59.18
C VAL G 563 -50.06 -12.64 -59.40
N LEU G 564 -50.80 -12.72 -60.51
CA LEU G 564 -51.83 -11.73 -60.78
C LEU G 564 -52.92 -11.76 -59.74
N TYR G 565 -53.31 -12.97 -59.30
CA TYR G 565 -54.37 -13.09 -58.30
C TYR G 565 -53.96 -12.45 -56.98
N CYS G 566 -52.71 -12.64 -56.56
CA CYS G 566 -52.24 -12.08 -55.30
C CYS G 566 -52.26 -10.55 -55.34
N VAL G 567 -51.86 -9.97 -56.48
CA VAL G 567 -51.81 -8.51 -56.60
C VAL G 567 -53.21 -7.91 -56.50
N LEU G 568 -54.18 -8.52 -57.19
CA LEU G 568 -55.51 -7.91 -57.28
C LEU G 568 -56.27 -7.98 -55.96
N ILE G 569 -56.10 -9.06 -55.19
CA ILE G 569 -56.86 -9.21 -53.95
C ILE G 569 -56.32 -8.34 -52.82
N GLU G 570 -55.19 -7.67 -53.01
CA GLU G 570 -54.56 -6.90 -51.94
C GLU G 570 -54.50 -5.40 -52.23
N SER G 571 -54.24 -5.01 -53.47
CA SER G 571 -54.00 -3.61 -53.77
C SER G 571 -55.20 -3.00 -54.48
N PRO G 572 -55.98 -2.13 -53.83
CA PRO G 572 -57.02 -1.38 -54.56
C PRO G 572 -56.46 -0.44 -55.60
N GLU G 573 -55.19 -0.04 -55.49
CA GLU G 573 -54.60 0.86 -56.47
C GLU G 573 -54.52 0.21 -57.85
N VAL G 574 -54.24 -1.09 -57.88
CA VAL G 574 -54.14 -1.79 -59.16
C VAL G 574 -55.49 -1.85 -59.85
N LEU G 575 -56.56 -2.00 -59.08
CA LEU G 575 -57.89 -2.06 -59.68
C LEU G 575 -58.26 -0.75 -60.37
N ASN G 576 -57.74 0.38 -59.88
CA ASN G 576 -58.05 1.68 -60.47
C ASN G 576 -57.31 1.93 -61.77
N ILE G 577 -56.27 1.15 -62.07
CA ILE G 577 -55.54 1.31 -63.33
C ILE G 577 -55.91 0.25 -64.35
N ILE G 578 -56.83 -0.65 -64.02
CA ILE G 578 -57.23 -1.69 -64.96
C ILE G 578 -57.89 -1.07 -66.17
N GLN G 579 -57.43 -1.44 -67.35
CA GLN G 579 -57.97 -0.94 -68.61
C GLN G 579 -58.66 -2.07 -69.36
N GLU G 580 -59.29 -1.72 -70.49
CA GLU G 580 -60.03 -2.71 -71.25
C GLU G 580 -59.11 -3.80 -71.81
N ASN G 581 -57.93 -3.41 -72.31
CA ASN G 581 -57.02 -4.40 -72.87
C ASN G 581 -56.54 -5.40 -71.82
N HIS G 582 -56.42 -4.96 -70.56
CA HIS G 582 -56.06 -5.88 -69.50
C HIS G 582 -57.14 -6.92 -69.28
N ILE G 583 -58.40 -6.48 -69.25
CA ILE G 583 -59.51 -7.40 -69.01
C ILE G 583 -59.69 -8.36 -70.18
N LYS G 584 -59.55 -7.85 -71.41
CA LYS G 584 -59.65 -8.73 -72.57
C LYS G 584 -58.56 -9.79 -72.58
N SER G 585 -57.36 -9.43 -72.12
CA SER G 585 -56.30 -10.42 -72.00
C SER G 585 -56.64 -11.50 -70.98
N ILE G 586 -57.22 -11.11 -69.85
CA ILE G 586 -57.61 -12.08 -68.83
C ILE G 586 -58.75 -12.95 -69.34
N ILE G 587 -59.71 -12.35 -70.05
CA ILE G 587 -60.80 -13.13 -70.63
C ILE G 587 -60.26 -14.07 -71.71
N SER G 588 -59.26 -13.62 -72.47
CA SER G 588 -58.65 -14.48 -73.48
C SER G 588 -57.99 -15.69 -72.85
N LEU G 589 -57.62 -15.61 -71.57
CA LEU G 589 -57.04 -16.76 -70.89
C LEU G 589 -58.04 -17.90 -70.79
N LEU G 590 -59.32 -17.58 -70.55
CA LEU G 590 -60.36 -18.61 -70.55
C LEU G 590 -60.49 -19.26 -71.94
N ASP G 591 -60.43 -18.45 -73.00
CA ASP G 591 -60.61 -18.96 -74.34
C ASP G 591 -59.47 -19.89 -74.74
N LYS G 592 -58.25 -19.58 -74.32
CA LYS G 592 -57.07 -20.31 -74.77
C LYS G 592 -56.62 -21.39 -73.81
N HIS G 593 -56.88 -21.26 -72.51
CA HIS G 593 -56.44 -22.25 -71.54
C HIS G 593 -57.57 -23.10 -70.97
N GLY G 594 -58.81 -22.88 -71.41
CA GLY G 594 -59.92 -23.69 -70.96
C GLY G 594 -60.66 -23.06 -69.80
N ARG G 595 -61.64 -23.82 -69.30
CA ARG G 595 -62.49 -23.36 -68.21
C ARG G 595 -61.79 -23.60 -66.88
N ASN G 596 -61.02 -22.61 -66.45
CA ASN G 596 -60.33 -22.65 -65.17
C ASN G 596 -61.05 -21.71 -64.21
N HIS G 597 -61.45 -22.25 -63.06
CA HIS G 597 -62.19 -21.44 -62.09
C HIS G 597 -61.32 -20.36 -61.46
N LYS G 598 -60.01 -20.51 -61.49
CA LYS G 598 -59.13 -19.48 -60.92
C LYS G 598 -59.17 -18.19 -61.74
N VAL G 599 -59.34 -18.30 -63.06
CA VAL G 599 -59.49 -17.11 -63.88
C VAL G 599 -60.77 -16.36 -63.51
N LEU G 600 -61.83 -17.12 -63.19
CA LEU G 600 -63.06 -16.50 -62.71
C LEU G 600 -62.83 -15.76 -61.40
N ASP G 601 -62.06 -16.35 -60.49
CA ASP G 601 -61.74 -15.68 -59.23
C ASP G 601 -60.95 -14.40 -59.48
N VAL G 602 -60.07 -14.40 -60.48
CA VAL G 602 -59.34 -13.19 -60.84
C VAL G 602 -60.32 -12.12 -61.31
N LEU G 603 -61.29 -12.49 -62.12
CA LEU G 603 -62.29 -11.53 -62.60
C LEU G 603 -63.16 -11.04 -61.46
N CYS G 604 -63.48 -11.90 -60.49
CA CYS G 604 -64.27 -11.47 -59.33
C CYS G 604 -63.53 -10.42 -58.53
N SER G 605 -62.22 -10.60 -58.34
CA SER G 605 -61.43 -9.65 -57.57
C SER G 605 -61.29 -8.29 -58.25
N LEU G 606 -61.52 -8.21 -59.56
CA LEU G 606 -61.45 -6.94 -60.25
C LEU G 606 -62.64 -6.04 -59.97
N CYS G 607 -63.75 -6.60 -59.49
CA CYS G 607 -64.98 -5.84 -59.31
C CYS G 607 -65.03 -5.12 -57.97
N VAL G 608 -64.83 -5.85 -56.87
CA VAL G 608 -64.96 -5.30 -55.53
C VAL G 608 -63.68 -5.59 -54.75
N CYS G 609 -63.17 -4.57 -54.06
CA CYS G 609 -62.01 -4.72 -53.18
C CYS G 609 -62.30 -3.96 -51.90
N ASN G 610 -62.21 -4.66 -50.76
CA ASN G 610 -62.41 -4.06 -49.44
C ASN G 610 -63.77 -3.38 -49.34
N GLY G 611 -64.80 -3.99 -49.92
CA GLY G 611 -66.14 -3.46 -49.84
C GLY G 611 -66.44 -2.27 -50.74
N VAL G 612 -65.55 -1.96 -51.67
CA VAL G 612 -65.75 -0.86 -52.62
C VAL G 612 -65.73 -1.43 -54.02
N ALA G 613 -66.76 -1.11 -54.81
CA ALA G 613 -66.90 -1.64 -56.16
C ALA G 613 -66.36 -0.65 -57.17
N VAL G 614 -65.80 -1.17 -58.25
CA VAL G 614 -65.29 -0.38 -59.36
C VAL G 614 -66.26 -0.57 -60.52
N ARG G 615 -66.97 0.50 -60.88
CA ARG G 615 -67.95 0.41 -61.96
C ARG G 615 -67.30 0.10 -63.30
N SER G 616 -66.14 0.70 -63.58
CA SER G 616 -65.49 0.50 -64.87
C SER G 616 -65.12 -0.96 -65.08
N ASN G 617 -64.57 -1.61 -64.05
CA ASN G 617 -64.20 -3.02 -64.16
C ASN G 617 -65.44 -3.88 -64.34
N GLN G 618 -66.51 -3.60 -63.61
CA GLN G 618 -67.72 -4.40 -63.72
C GLN G 618 -68.34 -4.29 -65.11
N ASP G 619 -68.35 -3.08 -65.67
CA ASP G 619 -68.94 -2.90 -67.00
C ASP G 619 -68.08 -3.56 -68.08
N LEU G 620 -66.77 -3.43 -67.98
CA LEU G 620 -65.89 -4.02 -68.99
C LEU G 620 -65.96 -5.55 -68.98
N ILE G 621 -66.01 -6.15 -67.79
CA ILE G 621 -66.15 -7.60 -67.71
C ILE G 621 -67.49 -8.04 -68.29
N THR G 622 -68.56 -7.32 -67.96
CA THR G 622 -69.87 -7.65 -68.50
C THR G 622 -69.90 -7.49 -70.02
N GLU G 623 -69.28 -6.42 -70.53
CA GLU G 623 -69.34 -6.15 -71.96
C GLU G 623 -68.55 -7.17 -72.77
N ASN G 624 -67.39 -7.61 -72.26
CA ASN G 624 -66.47 -8.43 -73.04
C ASN G 624 -66.58 -9.92 -72.74
N LEU G 625 -67.49 -10.34 -71.88
CA LEU G 625 -67.57 -11.75 -71.52
C LEU G 625 -68.97 -12.33 -71.67
N LEU G 626 -70.01 -11.60 -71.26
CA LEU G 626 -71.36 -12.14 -71.23
C LEU G 626 -72.02 -12.23 -72.62
N PRO G 627 -72.07 -11.15 -73.42
CA PRO G 627 -72.88 -11.21 -74.64
C PRO G 627 -72.42 -12.25 -75.65
N GLY G 628 -71.15 -12.67 -75.59
CA GLY G 628 -70.68 -13.70 -76.50
C GLY G 628 -71.40 -15.02 -76.29
N ARG G 629 -71.63 -15.39 -75.03
CA ARG G 629 -72.30 -16.65 -74.67
C ARG G 629 -71.55 -17.86 -75.25
N GLU G 630 -70.23 -17.79 -75.24
CA GLU G 630 -69.39 -18.86 -75.76
C GLU G 630 -68.49 -19.49 -74.71
N LEU G 631 -68.07 -18.73 -73.69
CA LEU G 631 -67.15 -19.24 -72.68
C LEU G 631 -67.90 -19.80 -71.47
N LEU G 632 -68.74 -18.97 -70.85
CA LEU G 632 -69.49 -19.42 -69.69
C LEU G 632 -70.60 -20.38 -70.09
N LEU G 633 -70.89 -21.33 -69.22
CA LEU G 633 -71.96 -22.29 -69.46
C LEU G 633 -73.32 -21.59 -69.40
N GLN G 634 -74.21 -21.98 -70.30
CA GLN G 634 -75.52 -21.35 -70.41
C GLN G 634 -76.60 -22.24 -69.80
N THR G 635 -77.58 -21.61 -69.19
CA THR G 635 -78.70 -22.30 -68.55
C THR G 635 -80.02 -21.75 -69.07
N ASN G 636 -81.00 -22.63 -69.16
CA ASN G 636 -82.35 -22.26 -69.59
C ASN G 636 -83.29 -23.41 -69.27
N LEU G 637 -84.57 -23.09 -69.14
CA LEU G 637 -85.60 -24.09 -68.90
C LEU G 637 -86.15 -24.59 -70.22
N ILE G 638 -86.20 -25.92 -70.38
CA ILE G 638 -86.67 -26.54 -71.61
C ILE G 638 -87.72 -27.59 -71.26
N ASN G 639 -88.58 -27.87 -72.23
CA ASN G 639 -89.61 -28.88 -72.05
C ASN G 639 -89.08 -30.25 -72.45
N TYR G 640 -89.60 -31.28 -71.79
CA TYR G 640 -89.30 -32.66 -72.19
C TYR G 640 -90.07 -33.01 -73.45
N VAL G 641 -89.41 -33.73 -74.35
CA VAL G 641 -90.00 -34.16 -75.62
C VAL G 641 -89.89 -35.66 -75.71
N THR G 642 -91.01 -36.31 -76.04
CA THR G 642 -91.08 -37.77 -76.16
C THR G 642 -91.58 -38.13 -77.55
N SER G 643 -91.08 -39.25 -78.07
CA SER G 643 -91.46 -39.74 -79.38
C SER G 643 -92.27 -41.03 -79.23
N ILE G 644 -93.30 -41.16 -80.08
CA ILE G 644 -94.16 -42.33 -80.09
C ILE G 644 -94.23 -42.85 -81.52
N ARG G 645 -94.06 -44.16 -81.68
CA ARG G 645 -94.06 -44.80 -82.98
C ARG G 645 -94.99 -46.00 -82.99
N PRO G 646 -95.55 -46.33 -84.15
CA PRO G 646 -96.15 -47.66 -84.32
C PRO G 646 -95.06 -48.69 -84.53
N ASN G 647 -95.41 -49.95 -84.27
CA ASN G 647 -94.46 -51.04 -84.52
C ASN G 647 -94.50 -51.44 -85.99
N ILE G 648 -94.31 -50.46 -86.87
CA ILE G 648 -94.30 -50.66 -88.31
C ILE G 648 -92.91 -50.30 -88.82
N PHE G 649 -92.22 -51.28 -89.39
CA PHE G 649 -90.84 -51.09 -89.84
C PHE G 649 -90.73 -51.48 -91.30
N VAL G 650 -90.25 -50.55 -92.12
CA VAL G 650 -90.06 -50.78 -93.55
C VAL G 650 -88.65 -50.37 -93.93
N GLY G 651 -88.13 -50.98 -94.99
CA GLY G 651 -86.79 -50.68 -95.45
C GLY G 651 -86.57 -51.25 -96.84
N ARG G 652 -85.40 -50.97 -97.38
CA ARG G 652 -85.03 -51.43 -98.71
C ARG G 652 -83.70 -52.17 -98.64
N ALA G 653 -83.63 -53.29 -99.34
CA ALA G 653 -82.41 -54.08 -99.43
C ALA G 653 -82.47 -54.91 -100.70
N GLU G 654 -81.30 -55.34 -101.16
CA GLU G 654 -81.24 -56.15 -102.36
C GLU G 654 -81.82 -57.53 -102.09
N GLY G 655 -82.90 -57.87 -102.81
CA GLY G 655 -83.59 -59.12 -102.57
C GLY G 655 -84.56 -59.10 -101.42
N SER G 656 -84.82 -57.93 -100.83
CA SER G 656 -85.73 -57.85 -99.71
C SER G 656 -87.17 -58.09 -100.15
N THR G 657 -87.99 -58.55 -99.21
CA THR G 657 -89.38 -58.87 -99.49
C THR G 657 -90.33 -57.71 -99.19
N GLN G 658 -89.82 -56.57 -98.75
CA GLN G 658 -90.65 -55.45 -98.35
C GLN G 658 -91.01 -54.57 -99.54
N TYR G 659 -92.20 -53.98 -99.48
CA TYR G 659 -92.63 -53.03 -100.49
C TYR G 659 -91.88 -51.70 -100.32
N GLY G 660 -91.87 -50.91 -101.38
CA GLY G 660 -91.02 -49.73 -101.41
C GLY G 660 -91.69 -48.41 -101.05
N LYS G 661 -93.00 -48.31 -101.27
CA LYS G 661 -93.73 -47.05 -101.07
C LYS G 661 -94.76 -47.22 -99.98
N TRP G 662 -94.76 -46.30 -99.01
CA TRP G 662 -95.63 -46.38 -97.85
C TRP G 662 -96.24 -45.03 -97.56
N TYR G 663 -97.39 -45.04 -96.88
CA TYR G 663 -98.17 -43.84 -96.64
C TYR G 663 -98.90 -43.95 -95.31
N PHE G 664 -98.93 -42.85 -94.57
CA PHE G 664 -99.72 -42.78 -93.34
C PHE G 664 -100.08 -41.34 -93.07
N GLU G 665 -101.04 -41.13 -92.19
CA GLU G 665 -101.53 -39.81 -91.85
C GLU G 665 -101.57 -39.64 -90.33
N VAL G 666 -101.38 -38.40 -89.89
CA VAL G 666 -101.52 -38.02 -88.49
C VAL G 666 -102.47 -36.84 -88.43
N MET G 667 -103.53 -36.98 -87.62
CA MET G 667 -104.52 -35.93 -87.45
C MET G 667 -104.36 -35.29 -86.08
N VAL G 668 -104.32 -33.96 -86.05
CA VAL G 668 -104.12 -33.21 -84.82
C VAL G 668 -105.48 -32.85 -84.26
N ASP G 669 -105.72 -33.21 -82.99
CA ASP G 669 -106.99 -32.95 -82.34
C ASP G 669 -106.94 -31.81 -81.33
N GLU G 670 -105.85 -31.66 -80.60
CA GLU G 670 -105.75 -30.64 -79.58
C GLU G 670 -104.29 -30.31 -79.33
N VAL G 671 -103.94 -29.03 -79.49
CA VAL G 671 -102.59 -28.55 -79.21
C VAL G 671 -102.71 -27.24 -78.43
N VAL G 672 -102.08 -27.17 -77.26
CA VAL G 672 -101.97 -25.95 -76.49
C VAL G 672 -100.69 -25.24 -76.96
N PRO G 673 -100.78 -24.08 -77.61
CA PRO G 673 -99.56 -23.47 -78.16
C PRO G 673 -98.49 -23.19 -77.13
N PHE G 674 -98.88 -22.73 -75.94
CA PHE G 674 -97.92 -22.45 -74.86
C PHE G 674 -98.49 -23.00 -73.55
N LEU G 675 -98.19 -24.27 -73.28
CA LEU G 675 -98.49 -24.83 -71.97
C LEU G 675 -97.50 -24.35 -70.92
N THR G 676 -96.25 -24.11 -71.34
CA THR G 676 -95.22 -23.55 -70.48
C THR G 676 -94.62 -22.32 -71.15
N ALA G 677 -93.52 -21.81 -70.61
CA ALA G 677 -92.86 -20.65 -71.20
C ALA G 677 -92.29 -20.96 -72.57
N GLN G 678 -92.08 -22.23 -72.91
CA GLN G 678 -91.53 -22.63 -74.19
C GLN G 678 -92.64 -23.14 -75.09
N ALA G 679 -92.49 -22.90 -76.39
CA ALA G 679 -93.52 -23.30 -77.35
C ALA G 679 -93.67 -24.81 -77.39
N THR G 680 -94.91 -25.26 -77.59
CA THR G 680 -95.22 -26.68 -77.61
C THR G 680 -94.56 -27.34 -78.83
N HIS G 681 -93.94 -28.49 -78.59
CA HIS G 681 -93.27 -29.26 -79.63
C HIS G 681 -94.25 -30.22 -80.27
N LEU G 682 -94.25 -30.27 -81.61
CA LEU G 682 -95.07 -31.24 -82.33
C LEU G 682 -94.50 -31.39 -83.74
N ARG G 683 -93.94 -32.57 -84.04
CA ARG G 683 -93.39 -32.86 -85.35
C ARG G 683 -93.83 -34.24 -85.80
N VAL G 684 -93.97 -34.42 -87.11
CA VAL G 684 -94.39 -35.68 -87.71
C VAL G 684 -93.41 -36.03 -88.82
N GLY G 685 -93.05 -37.31 -88.91
CA GLY G 685 -92.16 -37.75 -89.98
C GLY G 685 -91.72 -39.18 -89.80
N TRP G 686 -90.60 -39.50 -90.43
CA TRP G 686 -90.02 -40.83 -90.40
C TRP G 686 -88.69 -40.81 -89.67
N ALA G 687 -88.33 -41.95 -89.08
CA ALA G 687 -87.06 -42.11 -88.39
C ALA G 687 -86.47 -43.47 -88.71
N LEU G 688 -85.15 -43.57 -88.57
CA LEU G 688 -84.43 -44.80 -88.86
C LEU G 688 -84.18 -45.56 -87.56
N THR G 689 -84.36 -46.89 -87.62
CA THR G 689 -84.21 -47.70 -86.42
C THR G 689 -82.79 -47.65 -85.87
N GLU G 690 -81.79 -47.70 -86.75
CA GLU G 690 -80.40 -47.72 -86.32
C GLU G 690 -79.85 -46.30 -86.25
N GLY G 691 -80.06 -45.68 -85.10
CA GLY G 691 -79.50 -44.36 -84.85
C GLY G 691 -80.42 -43.38 -84.17
N TYR G 692 -81.73 -43.50 -84.38
CA TYR G 692 -82.67 -42.57 -83.76
C TYR G 692 -83.02 -43.06 -82.37
N SER G 693 -82.30 -42.53 -81.37
CA SER G 693 -82.54 -42.90 -79.98
C SER G 693 -82.59 -41.64 -79.13
N PRO G 694 -83.72 -40.93 -79.16
CA PRO G 694 -83.85 -39.69 -78.37
C PRO G 694 -84.05 -40.02 -76.90
N TYR G 695 -83.10 -39.62 -76.09
CA TYR G 695 -83.30 -39.84 -74.67
C TYR G 695 -83.92 -38.62 -74.01
N PRO G 696 -84.75 -38.83 -72.99
CA PRO G 696 -85.35 -37.68 -72.30
C PRO G 696 -84.29 -36.79 -71.67
N GLY G 697 -84.54 -35.49 -71.70
CA GLY G 697 -83.63 -34.55 -71.08
C GLY G 697 -82.70 -33.84 -72.06
N GLY G 698 -81.40 -33.92 -71.79
CA GLY G 698 -80.44 -33.20 -72.60
C GLY G 698 -80.17 -33.88 -73.93
N GLY G 699 -79.36 -33.21 -74.73
CA GLY G 699 -79.02 -33.73 -76.05
C GLY G 699 -78.40 -32.66 -76.92
N GLU G 700 -78.61 -32.80 -78.23
CA GLU G 700 -78.07 -31.85 -79.18
C GLU G 700 -78.77 -30.49 -79.03
N GLY G 701 -77.98 -29.43 -79.21
CA GLY G 701 -78.52 -28.09 -79.10
C GLY G 701 -78.98 -27.81 -77.68
N TRP G 702 -80.22 -27.36 -77.56
CA TRP G 702 -80.82 -27.02 -76.27
C TRP G 702 -81.80 -28.09 -75.81
N GLY G 703 -81.52 -29.36 -76.09
CA GLY G 703 -82.37 -30.43 -75.65
C GLY G 703 -83.70 -30.46 -76.38
N GLY G 704 -84.62 -31.24 -75.82
CA GLY G 704 -85.94 -31.41 -76.41
C GLY G 704 -85.84 -32.00 -77.80
N ASN G 705 -84.98 -32.99 -77.97
CA ASN G 705 -84.73 -33.57 -79.28
C ASN G 705 -85.90 -34.45 -79.70
N GLY G 706 -86.37 -34.25 -80.93
CA GLY G 706 -87.44 -35.02 -81.50
C GLY G 706 -87.11 -35.43 -82.92
N VAL G 707 -88.15 -35.50 -83.75
CA VAL G 707 -87.97 -35.88 -85.14
C VAL G 707 -87.27 -34.75 -85.88
N GLY G 708 -86.21 -35.09 -86.60
CA GLY G 708 -85.44 -34.10 -87.32
C GLY G 708 -84.37 -33.39 -86.54
N ASP G 709 -84.14 -33.79 -85.29
CA ASP G 709 -83.07 -33.24 -84.48
C ASP G 709 -81.76 -33.99 -84.65
N ASP G 710 -81.74 -35.00 -85.53
CA ASP G 710 -80.54 -35.71 -85.91
C ASP G 710 -80.62 -36.02 -87.39
N LEU G 711 -79.64 -36.77 -87.89
CA LEU G 711 -79.63 -37.18 -89.28
C LEU G 711 -80.28 -38.55 -89.50
N TYR G 712 -80.91 -39.10 -88.47
CA TYR G 712 -81.65 -40.35 -88.59
C TYR G 712 -83.16 -40.14 -88.66
N SER G 713 -83.63 -38.90 -88.57
CA SER G 713 -85.05 -38.61 -88.57
C SER G 713 -85.33 -37.42 -89.49
N TYR G 714 -86.55 -37.36 -89.99
CA TYR G 714 -86.96 -36.33 -90.95
C TYR G 714 -88.38 -35.91 -90.60
N GLY G 715 -88.52 -34.71 -90.04
CA GLY G 715 -89.78 -34.26 -89.49
C GLY G 715 -90.38 -33.08 -90.25
N PHE G 716 -91.56 -32.68 -89.79
CA PHE G 716 -92.31 -31.59 -90.39
C PHE G 716 -93.29 -31.05 -89.35
N ASP G 717 -93.11 -29.78 -88.97
CA ASP G 717 -93.92 -29.17 -87.93
C ASP G 717 -94.97 -28.20 -88.46
N GLY G 718 -95.21 -28.20 -89.77
CA GLY G 718 -96.18 -27.29 -90.34
C GLY G 718 -95.57 -26.12 -91.07
N LEU G 719 -94.41 -25.67 -90.60
CA LEU G 719 -93.71 -24.54 -91.20
C LEU G 719 -92.31 -24.88 -91.69
N HIS G 720 -91.66 -25.88 -91.12
CA HIS G 720 -90.28 -26.19 -91.43
C HIS G 720 -90.11 -27.69 -91.67
N LEU G 721 -89.09 -28.03 -92.44
CA LEU G 721 -88.63 -29.41 -92.58
C LEU G 721 -87.42 -29.58 -91.69
N TRP G 722 -87.51 -30.51 -90.74
CA TRP G 722 -86.47 -30.70 -89.74
C TRP G 722 -85.60 -31.89 -90.10
N THR G 723 -84.30 -31.67 -90.15
CA THR G 723 -83.33 -32.75 -90.29
C THR G 723 -81.98 -32.23 -89.82
N GLY G 724 -81.25 -33.06 -89.07
CA GLY G 724 -79.97 -32.65 -88.54
C GLY G 724 -80.04 -31.46 -87.61
N HIS G 725 -81.12 -31.35 -86.84
CA HIS G 725 -81.31 -30.26 -85.88
C HIS G 725 -81.28 -28.89 -86.57
N VAL G 726 -81.72 -28.83 -87.83
CA VAL G 726 -81.78 -27.59 -88.59
C VAL G 726 -83.19 -27.44 -89.14
N ALA G 727 -83.79 -26.28 -88.92
CA ALA G 727 -85.13 -25.99 -89.40
C ALA G 727 -85.04 -25.21 -90.71
N ARG G 728 -85.63 -25.77 -91.77
CA ARG G 728 -85.63 -25.13 -93.08
C ARG G 728 -87.06 -24.77 -93.45
N PRO G 729 -87.38 -23.49 -93.62
CA PRO G 729 -88.76 -23.11 -93.94
C PRO G 729 -89.22 -23.73 -95.26
N VAL G 730 -90.49 -24.13 -95.28
CA VAL G 730 -91.09 -24.75 -96.45
C VAL G 730 -92.42 -24.04 -96.74
N THR G 731 -92.80 -24.03 -98.01
CA THR G 731 -93.97 -23.29 -98.46
C THR G 731 -95.12 -24.25 -98.73
N SER G 732 -96.27 -23.96 -98.14
CA SER G 732 -97.51 -24.70 -98.36
C SER G 732 -98.66 -23.71 -98.42
N PRO G 733 -99.75 -24.06 -99.11
CA PRO G 733 -100.92 -23.17 -99.13
C PRO G 733 -101.47 -22.98 -97.72
N GLY G 734 -101.40 -21.74 -97.24
CA GLY G 734 -101.84 -21.42 -95.90
C GLY G 734 -100.89 -21.94 -94.83
N GLN G 735 -99.66 -21.43 -94.83
CA GLN G 735 -98.68 -21.89 -93.86
C GLN G 735 -99.10 -21.53 -92.44
N HIS G 736 -99.02 -22.51 -91.55
CA HIS G 736 -99.23 -22.28 -90.13
C HIS G 736 -98.67 -23.47 -89.36
N LEU G 737 -98.32 -23.22 -88.10
CA LEU G 737 -97.85 -24.28 -87.24
C LEU G 737 -98.97 -25.28 -87.01
N LEU G 738 -98.60 -26.53 -86.72
CA LEU G 738 -99.56 -27.61 -86.57
C LEU G 738 -100.63 -27.24 -85.55
N ALA G 739 -101.88 -27.25 -86.01
CA ALA G 739 -103.03 -26.78 -85.25
C ALA G 739 -104.08 -27.88 -85.22
N PRO G 740 -105.06 -27.78 -84.32
CA PRO G 740 -106.13 -28.78 -84.31
C PRO G 740 -106.87 -28.81 -85.64
N GLU G 741 -107.37 -30.00 -85.97
CA GLU G 741 -108.06 -30.34 -87.23
C GLU G 741 -107.12 -30.36 -88.43
N ASP G 742 -105.80 -30.39 -88.20
CA ASP G 742 -104.86 -30.52 -89.31
C ASP G 742 -104.51 -31.98 -89.54
N VAL G 743 -104.45 -32.36 -90.81
CA VAL G 743 -104.11 -33.72 -91.21
C VAL G 743 -102.79 -33.67 -91.98
N VAL G 744 -101.80 -34.41 -91.51
CA VAL G 744 -100.48 -34.45 -92.12
C VAL G 744 -100.30 -35.79 -92.80
N SER G 745 -100.03 -35.77 -94.10
CA SER G 745 -99.83 -36.97 -94.90
C SER G 745 -98.34 -37.12 -95.19
N CYS G 746 -97.77 -38.25 -94.80
CA CYS G 746 -96.35 -38.53 -95.00
C CYS G 746 -96.20 -39.68 -95.99
N CYS G 747 -95.39 -39.47 -97.03
CA CYS G 747 -95.14 -40.47 -98.06
C CYS G 747 -93.67 -40.84 -98.03
N LEU G 748 -93.40 -42.14 -98.06
CA LEU G 748 -92.03 -42.66 -98.07
C LEU G 748 -91.85 -43.53 -99.30
N ASP G 749 -91.02 -43.07 -100.22
CA ASP G 749 -90.69 -43.81 -101.44
C ASP G 749 -89.21 -44.20 -101.35
N LEU G 750 -88.96 -45.45 -100.96
CA LEU G 750 -87.58 -45.91 -100.76
C LEU G 750 -86.84 -46.10 -102.08
N SER G 751 -87.54 -46.09 -103.21
CA SER G 751 -86.88 -46.32 -104.49
C SER G 751 -85.97 -45.17 -104.87
N VAL G 752 -86.35 -43.94 -104.54
CA VAL G 752 -85.59 -42.77 -104.98
C VAL G 752 -84.28 -42.65 -104.19
N PRO G 753 -84.30 -42.59 -102.84
CA PRO G 753 -85.36 -42.51 -101.83
C PRO G 753 -85.87 -41.09 -101.63
N SER G 754 -87.11 -40.94 -101.17
CA SER G 754 -87.68 -39.60 -101.00
C SER G 754 -88.76 -39.64 -99.93
N ILE G 755 -88.86 -38.55 -99.18
CA ILE G 755 -89.91 -38.36 -98.19
C ILE G 755 -90.63 -37.06 -98.53
N SER G 756 -91.95 -37.14 -98.67
CA SER G 756 -92.77 -35.99 -99.02
C SER G 756 -93.92 -35.87 -98.04
N PHE G 757 -94.42 -34.64 -97.89
CA PHE G 757 -95.48 -34.35 -96.94
C PHE G 757 -96.64 -33.64 -97.63
N ARG G 758 -97.83 -33.83 -97.06
CA ARG G 758 -99.02 -33.09 -97.46
C ARG G 758 -99.79 -32.72 -96.19
N ILE G 759 -100.23 -31.47 -96.12
CA ILE G 759 -100.98 -30.97 -94.96
C ILE G 759 -102.36 -30.57 -95.46
N ASN G 760 -103.40 -31.21 -94.89
CA ASN G 760 -104.79 -30.94 -95.24
C ASN G 760 -105.03 -31.12 -96.73
N GLY G 761 -104.29 -32.04 -97.35
CA GLY G 761 -104.45 -32.35 -98.76
C GLY G 761 -103.61 -31.52 -99.69
N CYS G 762 -103.05 -30.41 -99.24
CA CYS G 762 -102.25 -29.68 -100.21
C CYS G 762 -100.78 -30.07 -100.10
N PRO G 763 -100.09 -30.20 -101.24
CA PRO G 763 -98.70 -30.66 -101.20
C PRO G 763 -97.80 -29.67 -100.47
N VAL G 764 -96.81 -30.21 -99.78
CA VAL G 764 -95.78 -29.40 -99.12
C VAL G 764 -94.58 -29.32 -100.06
N GLN G 765 -94.18 -28.11 -100.41
CA GLN G 765 -93.18 -27.88 -101.44
C GLN G 765 -91.78 -28.07 -100.86
N GLY G 766 -91.50 -29.30 -100.46
CA GLY G 766 -90.21 -29.66 -99.91
C GLY G 766 -90.11 -31.14 -99.63
N VAL G 767 -89.02 -31.77 -100.04
CA VAL G 767 -88.86 -33.22 -99.91
C VAL G 767 -87.44 -33.53 -99.43
N PHE G 768 -87.34 -34.52 -98.54
CA PHE G 768 -86.06 -35.12 -98.22
C PHE G 768 -85.75 -36.20 -99.26
N GLU G 769 -84.48 -36.30 -99.65
CA GLU G 769 -84.10 -37.28 -100.64
C GLU G 769 -82.61 -37.58 -100.50
N ALA G 770 -82.20 -38.69 -101.13
CA ALA G 770 -80.79 -39.12 -101.15
C ALA G 770 -80.25 -39.30 -99.74
N PHE G 771 -81.04 -39.92 -98.88
CA PHE G 771 -80.62 -40.21 -97.52
C PHE G 771 -80.20 -41.68 -97.39
N ASN G 772 -79.69 -42.03 -96.22
CA ASN G 772 -79.18 -43.38 -96.01
C ASN G 772 -80.32 -44.39 -95.95
N LEU G 773 -79.98 -45.65 -96.24
CA LEU G 773 -80.93 -46.74 -96.26
C LEU G 773 -80.46 -47.95 -95.47
N ASP G 774 -79.52 -47.75 -94.55
CA ASP G 774 -78.95 -48.85 -93.77
C ASP G 774 -79.74 -49.06 -92.47
N GLY G 775 -81.02 -49.38 -92.64
CA GLY G 775 -81.87 -49.61 -91.50
C GLY G 775 -83.32 -49.68 -91.92
N LEU G 776 -84.20 -49.66 -90.92
CA LEU G 776 -85.63 -49.70 -91.14
C LEU G 776 -86.26 -48.37 -90.76
N PHE G 777 -87.27 -47.96 -91.53
CA PHE G 777 -87.96 -46.70 -91.31
C PHE G 777 -89.30 -46.95 -90.64
N PHE G 778 -89.62 -46.13 -89.66
CA PHE G 778 -90.90 -46.22 -88.96
C PHE G 778 -91.54 -44.85 -88.83
N PRO G 779 -92.86 -44.77 -88.88
CA PRO G 779 -93.53 -43.51 -88.56
C PRO G 779 -93.27 -43.10 -87.11
N VAL G 780 -93.19 -41.80 -86.89
CA VAL G 780 -92.85 -41.29 -85.57
C VAL G 780 -93.43 -39.88 -85.44
N VAL G 781 -93.90 -39.57 -84.23
CA VAL G 781 -94.32 -38.22 -83.87
C VAL G 781 -93.59 -37.82 -82.61
N SER G 782 -92.99 -36.64 -82.61
CA SER G 782 -92.35 -36.08 -81.44
C SER G 782 -93.21 -34.93 -80.90
N PHE G 783 -93.31 -34.85 -79.58
CA PHE G 783 -94.22 -33.89 -78.99
C PHE G 783 -93.79 -33.56 -77.58
N SER G 784 -94.23 -32.40 -77.11
CA SER G 784 -94.15 -32.02 -75.71
C SER G 784 -95.52 -32.19 -75.08
N ALA G 785 -95.63 -31.81 -73.80
CA ALA G 785 -96.90 -31.87 -73.12
C ALA G 785 -97.88 -30.86 -73.71
N GLY G 786 -99.14 -31.25 -73.77
CA GLY G 786 -100.19 -30.42 -74.32
C GLY G 786 -100.59 -30.72 -75.73
N VAL G 787 -100.48 -31.97 -76.17
CA VAL G 787 -100.83 -32.36 -77.53
C VAL G 787 -101.81 -33.52 -77.48
N LYS G 788 -102.50 -33.73 -78.59
CA LYS G 788 -103.43 -34.84 -78.72
C LYS G 788 -103.58 -35.15 -80.20
N VAL G 789 -102.93 -36.20 -80.67
CA VAL G 789 -102.91 -36.56 -82.09
C VAL G 789 -103.36 -38.00 -82.24
N ARG G 790 -103.77 -38.34 -83.45
CA ARG G 790 -104.24 -39.68 -83.78
C ARG G 790 -103.50 -40.18 -85.02
N PHE G 791 -102.99 -41.40 -84.93
CA PHE G 791 -102.35 -42.04 -86.08
C PHE G 791 -103.42 -42.65 -86.99
N LEU G 792 -103.35 -42.31 -88.27
CA LEU G 792 -104.20 -42.91 -89.29
C LEU G 792 -103.32 -43.79 -90.16
N LEU G 793 -103.49 -45.10 -90.03
CA LEU G 793 -102.65 -46.07 -90.72
C LEU G 793 -103.40 -46.86 -91.78
N GLY G 794 -104.67 -46.57 -92.01
CA GLY G 794 -105.45 -47.26 -93.03
C GLY G 794 -106.08 -48.53 -92.51
N GLY G 795 -106.95 -49.10 -93.35
CA GLY G 795 -107.66 -50.31 -92.97
C GLY G 795 -108.54 -50.07 -91.77
N ARG G 796 -108.40 -50.93 -90.76
CA ARG G 796 -109.15 -50.81 -89.52
C ARG G 796 -108.40 -50.03 -88.46
N HIS G 797 -107.27 -49.43 -88.80
CA HIS G 797 -106.45 -48.70 -87.85
C HIS G 797 -106.41 -47.22 -88.18
N GLY G 798 -107.55 -46.66 -88.57
CA GLY G 798 -107.63 -45.25 -88.90
C GLY G 798 -107.90 -45.00 -90.37
N GLU G 799 -109.14 -44.65 -90.69
CA GLU G 799 -109.50 -44.36 -92.08
C GLU G 799 -108.79 -43.10 -92.55
N PHE G 800 -108.23 -43.16 -93.76
CA PHE G 800 -107.50 -42.02 -94.31
C PHE G 800 -108.47 -40.90 -94.67
N LYS G 801 -108.10 -39.67 -94.29
CA LYS G 801 -108.89 -38.51 -94.67
C LYS G 801 -108.70 -38.16 -96.14
N PHE G 802 -107.52 -38.44 -96.69
CA PHE G 802 -107.23 -38.17 -98.09
C PHE G 802 -106.69 -39.43 -98.75
N LEU G 803 -106.99 -39.56 -100.04
CA LEU G 803 -106.56 -40.74 -100.78
C LEU G 803 -105.04 -40.74 -100.93
N PRO G 804 -104.36 -41.83 -100.64
CA PRO G 804 -102.91 -41.87 -100.81
C PRO G 804 -102.55 -41.76 -102.27
N PRO G 805 -101.36 -41.23 -102.58
CA PRO G 805 -100.94 -41.14 -103.97
C PRO G 805 -100.79 -42.52 -104.57
N PRO G 806 -100.98 -42.66 -105.88
CA PRO G 806 -100.97 -43.99 -106.50
C PRO G 806 -99.63 -44.70 -106.29
N GLY G 807 -99.71 -46.01 -106.05
CA GLY G 807 -98.55 -46.83 -105.82
C GLY G 807 -98.11 -46.93 -104.39
N TYR G 808 -98.59 -46.05 -103.51
CA TYR G 808 -98.23 -46.11 -102.11
C TYR G 808 -99.16 -47.01 -101.34
N ALA G 809 -98.62 -47.72 -100.36
CA ALA G 809 -99.42 -48.65 -99.58
C ALA G 809 -99.64 -48.13 -98.17
N PRO G 810 -100.82 -48.35 -97.59
CA PRO G 810 -101.05 -47.95 -96.20
C PRO G 810 -100.09 -48.67 -95.27
N CYS G 811 -99.68 -47.97 -94.21
CA CYS G 811 -98.69 -48.52 -93.28
C CYS G 811 -99.21 -49.72 -92.50
N HIS G 812 -100.53 -49.87 -92.37
CA HIS G 812 -101.07 -51.01 -91.66
C HIS G 812 -100.78 -52.32 -92.35
N GLU G 813 -100.47 -52.30 -93.64
CA GLU G 813 -100.13 -53.51 -94.37
C GLU G 813 -98.72 -54.01 -94.06
N ALA G 814 -97.91 -53.22 -93.36
CA ALA G 814 -96.53 -53.58 -93.07
C ALA G 814 -96.35 -54.26 -91.73
N VAL G 815 -97.44 -54.52 -91.00
CA VAL G 815 -97.32 -55.21 -89.72
C VAL G 815 -96.96 -56.67 -89.95
N LEU G 816 -95.98 -57.14 -89.19
CA LEU G 816 -95.48 -58.50 -89.34
C LEU G 816 -96.49 -59.51 -88.81
N PRO G 817 -96.49 -60.73 -89.34
CA PRO G 817 -97.47 -61.73 -88.90
C PRO G 817 -97.38 -62.07 -87.42
N ARG G 818 -96.20 -61.99 -86.83
CA ARG G 818 -96.00 -62.41 -85.44
C ARG G 818 -96.30 -61.30 -84.44
N GLU G 819 -96.63 -60.10 -84.89
CA GLU G 819 -96.85 -58.97 -84.00
C GLU G 819 -98.20 -58.33 -84.30
N ARG G 820 -98.76 -57.70 -83.27
CA ARG G 820 -99.99 -56.92 -83.39
C ARG G 820 -99.65 -55.44 -83.39
N LEU G 821 -100.38 -54.67 -84.19
CA LEU G 821 -100.13 -53.24 -84.29
C LEU G 821 -100.37 -52.56 -82.96
N ARG G 822 -99.44 -51.69 -82.56
CA ARG G 822 -99.54 -50.98 -81.29
C ARG G 822 -98.67 -49.74 -81.37
N LEU G 823 -98.85 -48.86 -80.40
CA LEU G 823 -98.05 -47.65 -80.25
C LEU G 823 -97.14 -47.82 -79.05
N GLU G 824 -95.84 -47.57 -79.25
CA GLU G 824 -94.83 -47.82 -78.24
C GLU G 824 -93.82 -46.68 -78.24
N PRO G 825 -93.14 -46.47 -77.12
CA PRO G 825 -92.02 -45.53 -77.11
C PRO G 825 -90.84 -46.08 -77.90
N ILE G 826 -89.74 -45.34 -77.96
CA ILE G 826 -88.58 -45.71 -78.76
C ILE G 826 -87.38 -45.88 -77.83
N LYS G 827 -86.90 -47.12 -77.72
CA LYS G 827 -85.70 -47.45 -76.95
C LYS G 827 -85.78 -46.92 -75.53
N GLU G 828 -86.90 -47.19 -74.87
CA GLU G 828 -87.08 -46.75 -73.50
C GLU G 828 -86.22 -47.58 -72.55
N TYR G 829 -85.66 -46.91 -71.54
CA TYR G 829 -84.92 -47.58 -70.48
C TYR G 829 -85.70 -47.64 -69.18
N ARG G 830 -86.98 -47.28 -69.21
CA ARG G 830 -87.78 -47.17 -68.00
C ARG G 830 -89.26 -47.19 -68.41
N ARG G 831 -90.08 -47.83 -67.60
CA ARG G 831 -91.52 -47.86 -67.84
C ARG G 831 -92.22 -48.03 -66.51
N GLU G 832 -93.49 -47.64 -66.48
CA GLU G 832 -94.31 -47.79 -65.29
C GLU G 832 -94.71 -49.25 -65.09
N GLY G 833 -94.79 -49.68 -63.84
CA GLY G 833 -95.17 -51.03 -63.51
C GLY G 833 -96.18 -51.07 -62.39
N PRO G 834 -96.64 -52.27 -62.03
CA PRO G 834 -97.64 -52.39 -60.95
C PRO G 834 -97.12 -51.90 -59.61
N ARG G 835 -95.97 -52.41 -59.16
CA ARG G 835 -95.43 -52.05 -57.87
C ARG G 835 -94.43 -50.90 -57.93
N GLY G 836 -94.15 -50.37 -59.11
CA GLY G 836 -93.20 -49.30 -59.26
C GLY G 836 -92.59 -49.27 -60.65
N PRO G 837 -91.71 -48.32 -60.90
CA PRO G 837 -91.08 -48.22 -62.22
C PRO G 837 -90.23 -49.45 -62.53
N HIS G 838 -90.24 -49.85 -63.79
CA HIS G 838 -89.48 -51.00 -64.27
C HIS G 838 -88.31 -50.52 -65.10
N LEU G 839 -87.11 -50.99 -64.77
CA LEU G 839 -85.94 -50.73 -65.59
C LEU G 839 -85.96 -51.67 -66.80
N VAL G 840 -85.64 -51.12 -67.97
CA VAL G 840 -85.71 -51.85 -69.22
C VAL G 840 -84.34 -51.79 -69.88
N GLY G 841 -83.84 -52.95 -70.32
CA GLY G 841 -82.59 -53.01 -71.04
C GLY G 841 -82.79 -52.70 -72.51
N PRO G 842 -81.73 -52.93 -73.28
CA PRO G 842 -81.83 -52.71 -74.74
C PRO G 842 -82.89 -53.61 -75.35
N SER G 843 -83.50 -53.11 -76.41
CA SER G 843 -84.58 -53.81 -77.10
C SER G 843 -84.04 -54.43 -78.38
N ARG G 844 -84.39 -55.70 -78.60
CA ARG G 844 -83.99 -56.36 -79.83
C ARG G 844 -84.71 -55.72 -81.02
N CYS G 845 -83.95 -55.35 -82.03
CA CYS G 845 -84.49 -54.68 -83.20
C CYS G 845 -84.11 -55.42 -84.46
N LEU G 846 -85.03 -55.46 -85.41
CA LEU G 846 -84.79 -56.10 -86.69
C LEU G 846 -83.91 -55.23 -87.56
N SER G 847 -83.37 -55.83 -88.61
CA SER G 847 -82.54 -55.13 -89.58
C SER G 847 -83.15 -55.27 -90.97
N HIS G 848 -82.74 -54.38 -91.87
CA HIS G 848 -83.24 -54.45 -93.24
C HIS G 848 -82.79 -55.73 -93.93
N THR G 849 -81.69 -56.33 -93.46
CA THR G 849 -81.24 -57.61 -94.00
C THR G 849 -82.07 -58.79 -93.51
N ASP G 850 -82.82 -58.61 -92.41
CA ASP G 850 -83.65 -59.69 -91.89
C ASP G 850 -84.83 -60.01 -92.79
N PHE G 851 -85.15 -59.16 -93.75
CA PHE G 851 -86.24 -59.39 -94.69
C PHE G 851 -85.74 -59.93 -96.02
N VAL G 852 -84.47 -60.29 -96.12
CA VAL G 852 -83.89 -60.85 -97.32
C VAL G 852 -83.75 -62.36 -97.12
N PRO G 853 -84.50 -63.19 -97.83
CA PRO G 853 -84.32 -64.65 -97.70
C PRO G 853 -82.94 -65.06 -98.13
N CYS G 854 -82.35 -66.02 -97.41
CA CYS G 854 -81.00 -66.51 -97.66
C CYS G 854 -81.02 -68.03 -97.69
N PRO G 855 -81.52 -68.62 -98.77
CA PRO G 855 -81.49 -70.08 -98.88
C PRO G 855 -80.08 -70.60 -99.04
N VAL G 856 -79.87 -71.85 -98.62
CA VAL G 856 -78.55 -72.47 -98.73
C VAL G 856 -78.23 -72.68 -100.20
N ASP G 857 -76.93 -72.69 -100.51
CA ASP G 857 -76.50 -72.77 -101.90
C ASP G 857 -76.77 -74.16 -102.46
N THR G 858 -77.36 -74.21 -103.66
CA THR G 858 -77.65 -75.46 -104.35
C THR G 858 -77.03 -75.47 -105.75
N VAL G 859 -75.95 -74.72 -105.94
CA VAL G 859 -75.26 -74.70 -107.24
C VAL G 859 -74.65 -76.07 -107.52
N GLN G 860 -74.13 -76.75 -106.50
CA GLN G 860 -73.53 -78.06 -106.67
C GLN G 860 -74.65 -79.07 -106.94
N ILE G 861 -75.08 -79.12 -108.19
CA ILE G 861 -76.16 -80.01 -108.57
C ILE G 861 -75.58 -81.36 -108.97
N VAL G 862 -75.27 -82.18 -107.96
CA VAL G 862 -74.79 -83.54 -108.18
C VAL G 862 -75.52 -84.47 -107.23
N LEU G 863 -76.59 -85.09 -107.70
CA LEU G 863 -77.31 -86.03 -106.86
C LEU G 863 -76.88 -87.46 -107.21
N PRO G 864 -76.86 -88.37 -106.25
CA PRO G 864 -76.58 -89.76 -106.56
C PRO G 864 -77.65 -90.34 -107.46
N PRO G 865 -77.30 -91.29 -108.32
CA PRO G 865 -78.30 -91.83 -109.25
C PRO G 865 -79.50 -92.46 -108.56
N HIS G 866 -79.29 -93.09 -107.42
CA HIS G 866 -80.41 -93.63 -106.66
C HIS G 866 -81.27 -92.52 -106.07
N LEU G 867 -80.64 -91.40 -105.70
CA LEU G 867 -81.41 -90.24 -105.25
C LEU G 867 -82.10 -89.54 -106.42
N GLU G 868 -81.47 -89.54 -107.59
CA GLU G 868 -82.05 -88.87 -108.76
C GLU G 868 -83.35 -89.52 -109.18
N ARG G 869 -83.37 -90.85 -109.24
CA ARG G 869 -84.59 -91.56 -109.64
C ARG G 869 -85.69 -91.41 -108.60
N ILE G 870 -85.32 -91.45 -107.31
CA ILE G 870 -86.33 -91.34 -106.26
C ILE G 870 -86.75 -89.89 -106.05
N ARG G 871 -86.01 -88.95 -106.65
CA ARG G 871 -86.39 -87.54 -106.55
C ARG G 871 -87.74 -87.28 -107.21
N GLU G 872 -87.97 -87.86 -108.38
CA GLU G 872 -89.26 -87.69 -109.05
C GLU G 872 -90.36 -88.41 -108.29
N LYS G 873 -90.07 -89.58 -107.72
CA LYS G 873 -91.07 -90.30 -106.94
C LYS G 873 -91.43 -89.55 -105.67
N LEU G 874 -90.49 -88.78 -105.12
CA LEU G 874 -90.81 -87.95 -103.96
C LEU G 874 -91.86 -86.89 -104.31
N ALA G 875 -91.76 -86.31 -105.51
CA ALA G 875 -92.76 -85.34 -105.94
C ALA G 875 -94.13 -85.98 -106.07
N GLU G 876 -94.18 -87.25 -106.47
CA GLU G 876 -95.47 -87.95 -106.56
C GLU G 876 -96.12 -88.06 -105.18
N ASN G 877 -95.33 -88.41 -104.16
CA ASN G 877 -95.90 -88.66 -102.84
C ASN G 877 -96.34 -87.36 -102.17
N ILE G 878 -95.51 -86.32 -102.26
CA ILE G 878 -95.85 -85.05 -101.62
C ILE G 878 -97.10 -84.44 -102.25
N HIS G 879 -97.27 -84.63 -103.56
CA HIS G 879 -98.48 -84.14 -104.22
C HIS G 879 -99.72 -84.83 -103.66
N GLU G 880 -99.65 -86.15 -103.45
CA GLU G 880 -100.77 -86.85 -102.84
C GLU G 880 -101.01 -86.39 -101.41
N LEU G 881 -99.94 -86.21 -100.63
CA LEU G 881 -100.10 -85.68 -99.28
C LEU G 881 -100.68 -84.27 -99.33
N TRP G 882 -100.18 -83.43 -100.24
CA TRP G 882 -100.77 -82.11 -100.44
C TRP G 882 -102.21 -82.22 -100.91
N ALA G 883 -102.49 -83.18 -101.82
CA ALA G 883 -103.86 -83.42 -102.24
C ALA G 883 -104.70 -83.98 -101.09
N LEU G 884 -104.12 -84.86 -100.28
CA LEU G 884 -104.86 -85.43 -99.15
C LEU G 884 -105.26 -84.35 -98.15
N THR G 885 -104.34 -83.45 -97.83
CA THR G 885 -104.67 -82.37 -96.90
C THR G 885 -105.76 -81.47 -97.47
N ARG G 886 -105.76 -81.28 -98.79
CA ARG G 886 -106.83 -80.52 -99.43
C ARG G 886 -108.16 -81.27 -99.33
N ILE G 887 -108.11 -82.61 -99.35
CA ILE G 887 -109.34 -83.40 -99.18
C ILE G 887 -109.92 -83.17 -97.79
N GLU G 888 -109.05 -83.02 -96.78
CA GLU G 888 -109.52 -82.65 -95.46
C GLU G 888 -110.15 -81.26 -95.47
N GLN G 889 -109.57 -80.34 -96.24
CA GLN G 889 -110.15 -79.01 -96.39
C GLN G 889 -111.41 -79.00 -97.26
N GLY G 890 -111.72 -80.12 -97.91
CA GLY G 890 -112.92 -80.22 -98.73
C GLY G 890 -112.71 -80.17 -100.22
N TRP G 891 -111.45 -80.20 -100.69
CA TRP G 891 -111.21 -80.17 -102.12
C TRP G 891 -111.66 -81.47 -102.77
N THR G 892 -112.19 -81.35 -103.99
CA THR G 892 -112.59 -82.49 -104.79
C THR G 892 -111.94 -82.39 -106.16
N TYR G 893 -112.13 -83.42 -106.98
CA TYR G 893 -111.59 -83.42 -108.33
C TYR G 893 -112.30 -82.37 -109.18
N GLY G 894 -111.53 -81.68 -110.01
CA GLY G 894 -112.07 -80.68 -110.91
C GLY G 894 -111.09 -80.27 -111.98
N PRO G 895 -111.60 -79.98 -113.19
CA PRO G 895 -110.71 -79.50 -114.25
C PRO G 895 -110.03 -78.19 -113.91
N VAL G 896 -110.70 -77.32 -113.18
CA VAL G 896 -110.12 -76.04 -112.76
C VAL G 896 -109.49 -76.21 -111.39
N ARG G 897 -108.37 -75.51 -111.15
CA ARG G 897 -107.63 -75.58 -109.91
C ARG G 897 -107.85 -74.29 -109.13
N ASP G 898 -108.84 -74.30 -108.24
CA ASP G 898 -109.19 -73.12 -107.46
C ASP G 898 -109.31 -73.50 -105.99
N ASP G 899 -108.79 -72.64 -105.12
CA ASP G 899 -108.89 -72.89 -103.68
C ASP G 899 -110.32 -72.73 -103.19
N ASN G 900 -110.99 -71.64 -103.59
CA ASN G 900 -112.36 -71.39 -103.14
C ASN G 900 -113.32 -72.42 -103.71
N LYS G 901 -113.16 -72.77 -104.99
CA LYS G 901 -114.03 -73.77 -105.60
C LYS G 901 -113.72 -75.17 -105.12
N ARG G 902 -112.56 -75.36 -104.48
CA ARG G 902 -112.15 -76.65 -103.93
C ARG G 902 -112.14 -77.74 -105.01
N LEU G 903 -111.66 -77.39 -106.20
CA LEU G 903 -111.49 -78.33 -107.30
C LEU G 903 -110.01 -78.44 -107.63
N HIS G 904 -109.53 -79.68 -107.76
CA HIS G 904 -108.11 -79.93 -108.01
C HIS G 904 -107.97 -81.13 -108.95
N PRO G 905 -107.33 -80.95 -110.11
CA PRO G 905 -107.11 -82.11 -111.00
C PRO G 905 -106.26 -83.20 -110.37
N CYS G 906 -105.33 -82.82 -109.48
CA CYS G 906 -104.47 -83.80 -108.84
C CYS G 906 -105.22 -84.67 -107.83
N LEU G 907 -106.43 -84.27 -107.43
CA LEU G 907 -107.17 -84.99 -106.38
C LEU G 907 -107.87 -86.21 -106.98
N VAL G 908 -107.09 -87.02 -107.68
CA VAL G 908 -107.56 -88.33 -108.11
C VAL G 908 -106.53 -89.39 -107.72
N ASN G 909 -105.29 -89.22 -108.18
CA ASN G 909 -104.20 -90.16 -107.91
C ASN G 909 -102.91 -89.53 -108.40
N PHE G 910 -101.79 -90.03 -107.88
CA PHE G 910 -100.49 -89.51 -108.27
C PHE G 910 -100.20 -89.79 -109.75
N HIS G 911 -100.53 -91.00 -110.21
CA HIS G 911 -100.34 -91.32 -111.62
C HIS G 911 -101.38 -90.62 -112.49
N SER G 912 -102.62 -90.56 -112.02
CA SER G 912 -103.66 -89.85 -112.77
C SER G 912 -103.42 -88.35 -112.76
N LEU G 913 -102.62 -87.86 -111.81
CA LEU G 913 -102.18 -86.48 -111.83
C LEU G 913 -101.36 -86.23 -113.10
N PRO G 914 -101.63 -85.15 -113.83
CA PRO G 914 -100.86 -84.89 -115.06
C PRO G 914 -99.37 -84.75 -114.76
N GLU G 915 -98.56 -85.32 -115.65
CA GLU G 915 -97.11 -85.23 -115.48
C GLU G 915 -96.57 -83.81 -115.53
N PRO G 916 -96.98 -82.95 -116.47
CA PRO G 916 -96.50 -81.55 -116.39
C PRO G 916 -96.89 -80.85 -115.10
N GLU G 917 -98.09 -81.11 -114.58
CA GLU G 917 -98.46 -80.58 -113.28
C GLU G 917 -97.61 -81.21 -112.18
N ARG G 918 -97.32 -82.51 -112.31
CA ARG G 918 -96.41 -83.16 -111.37
C ARG G 918 -95.01 -82.55 -111.45
N ASN G 919 -94.58 -82.16 -112.67
CA ASN G 919 -93.27 -81.58 -112.84
C ASN G 919 -93.19 -80.15 -112.33
N TYR G 920 -94.32 -79.55 -111.96
CA TYR G 920 -94.30 -78.19 -111.42
C TYR G 920 -93.46 -78.09 -110.15
N ASN G 921 -93.62 -79.07 -109.26
CA ASN G 921 -92.83 -79.13 -108.04
C ASN G 921 -91.60 -80.03 -108.18
N LEU G 922 -91.37 -80.59 -109.37
CA LEU G 922 -90.17 -81.40 -109.58
C LEU G 922 -88.91 -80.58 -109.39
N GLN G 923 -88.93 -79.31 -109.80
CA GLN G 923 -87.84 -78.41 -109.48
C GLN G 923 -87.66 -78.25 -107.98
N MET G 924 -88.78 -78.04 -107.27
CA MET G 924 -88.72 -77.99 -105.81
C MET G 924 -88.34 -79.34 -105.22
N SER G 925 -88.89 -80.43 -105.77
CA SER G 925 -88.57 -81.75 -105.27
C SER G 925 -87.09 -82.07 -105.46
N GLY G 926 -86.51 -81.63 -106.58
CA GLY G 926 -85.08 -81.81 -106.77
C GLY G 926 -84.25 -81.08 -105.73
N GLU G 927 -84.69 -79.88 -105.34
CA GLU G 927 -83.97 -79.13 -104.31
C GLU G 927 -84.10 -79.78 -102.95
N THR G 928 -85.23 -80.43 -102.67
CA THR G 928 -85.44 -81.03 -101.36
C THR G 928 -84.39 -82.08 -101.05
N LEU G 929 -84.11 -82.96 -102.01
CA LEU G 929 -83.02 -83.92 -101.84
C LEU G 929 -81.67 -83.22 -101.94
N LYS G 930 -81.56 -82.22 -102.80
CA LYS G 930 -80.30 -81.49 -102.95
C LYS G 930 -79.94 -80.75 -101.66
N THR G 931 -80.93 -80.16 -101.00
CA THR G 931 -80.67 -79.44 -99.76
C THR G 931 -80.16 -80.38 -98.67
N LEU G 932 -80.56 -81.65 -98.72
CA LEU G 932 -80.01 -82.62 -97.79
C LEU G 932 -78.50 -82.74 -97.97
N LEU G 933 -78.04 -82.84 -99.22
CA LEU G 933 -76.61 -82.82 -99.48
C LEU G 933 -76.02 -81.44 -99.16
N ALA G 934 -76.75 -80.38 -99.47
CA ALA G 934 -76.25 -79.03 -99.23
C ALA G 934 -76.08 -78.76 -97.73
N LEU G 935 -77.05 -79.21 -96.92
CA LEU G 935 -76.96 -78.99 -95.48
C LEU G 935 -75.86 -79.82 -94.83
N GLY G 936 -75.29 -80.78 -95.56
CA GLY G 936 -74.24 -81.63 -95.04
C GLY G 936 -74.70 -83.01 -94.61
N CYS G 937 -75.98 -83.32 -94.76
CA CYS G 937 -76.47 -84.64 -94.38
C CYS G 937 -75.91 -85.71 -95.31
N HIS G 938 -75.51 -86.84 -94.72
CA HIS G 938 -75.03 -87.99 -95.47
C HIS G 938 -76.21 -88.90 -95.78
N VAL G 939 -76.53 -89.04 -97.06
CA VAL G 939 -77.69 -89.80 -97.51
C VAL G 939 -77.27 -90.71 -98.66
N GLY G 940 -77.74 -91.95 -98.60
CA GLY G 940 -77.48 -92.93 -99.65
C GLY G 940 -78.58 -93.96 -99.67
N MET G 941 -78.54 -94.81 -100.70
CA MET G 941 -79.52 -95.87 -100.87
C MET G 941 -79.14 -97.02 -99.95
N ALA G 942 -79.43 -96.83 -98.66
CA ALA G 942 -79.12 -97.87 -97.68
C ALA G 942 -79.95 -99.13 -97.93
N ASP G 943 -81.22 -98.98 -98.25
CA ASP G 943 -82.12 -100.10 -98.46
C ASP G 943 -82.81 -99.98 -99.81
N GLU G 944 -82.76 -101.05 -100.59
CA GLU G 944 -83.51 -101.13 -101.84
C GLU G 944 -84.73 -102.04 -101.75
N LYS G 945 -84.66 -103.08 -100.91
CA LYS G 945 -85.81 -103.95 -100.70
C LYS G 945 -86.94 -103.20 -100.00
N ALA G 946 -86.60 -102.23 -99.17
CA ALA G 946 -87.62 -101.43 -98.50
C ALA G 946 -88.45 -100.63 -99.51
N GLU G 947 -87.79 -100.09 -100.54
CA GLU G 947 -88.52 -99.39 -101.59
C GLU G 947 -89.45 -100.34 -102.35
N ASP G 948 -88.99 -101.57 -102.60
CA ASP G 948 -89.77 -102.51 -103.37
C ASP G 948 -91.08 -102.86 -102.67
N ASN G 949 -91.03 -103.10 -101.37
CA ASN G 949 -92.21 -103.51 -100.61
C ASN G 949 -92.50 -102.47 -99.54
N LEU G 950 -93.68 -101.84 -99.63
CA LEU G 950 -94.12 -100.88 -98.64
C LEU G 950 -95.64 -100.71 -98.76
N LYS G 951 -96.28 -100.48 -97.62
CA LYS G 951 -97.72 -100.29 -97.63
C LYS G 951 -98.08 -98.94 -98.23
N LYS G 952 -99.29 -98.86 -98.78
CA LYS G 952 -99.80 -97.63 -99.38
C LYS G 952 -101.08 -97.21 -98.67
N THR G 953 -101.04 -96.08 -97.99
CA THR G 953 -102.24 -95.51 -97.41
C THR G 953 -103.12 -94.92 -98.52
N LYS G 954 -104.41 -95.21 -98.46
CA LYS G 954 -105.36 -94.70 -99.44
C LYS G 954 -106.45 -93.92 -98.73
N LEU G 955 -106.98 -92.91 -99.44
CA LEU G 955 -108.06 -92.11 -98.88
C LEU G 955 -109.30 -92.98 -98.66
N PRO G 956 -110.03 -92.77 -97.58
CA PRO G 956 -111.25 -93.54 -97.36
C PRO G 956 -112.26 -93.31 -98.46
N LYS G 957 -113.03 -94.36 -98.78
CA LYS G 957 -114.07 -94.24 -99.79
C LYS G 957 -115.12 -93.21 -99.39
N THR G 958 -115.41 -93.10 -98.09
CA THR G 958 -116.33 -92.07 -97.62
C THR G 958 -115.76 -90.68 -97.88
N TYR G 959 -114.47 -90.48 -97.66
CA TYR G 959 -113.82 -89.20 -97.92
C TYR G 959 -113.25 -89.19 -99.33
N MET G 960 -114.17 -89.21 -100.30
CA MET G 960 -113.83 -89.27 -101.71
C MET G 960 -114.00 -87.90 -102.35
N MET G 961 -113.27 -87.69 -103.44
CA MET G 961 -113.40 -86.47 -104.22
C MET G 961 -114.47 -86.64 -105.29
N SER G 962 -114.52 -85.70 -106.24
CA SER G 962 -115.46 -85.80 -107.34
C SER G 962 -115.15 -87.01 -108.23
N ASN G 963 -113.87 -87.29 -108.46
CA ASN G 963 -113.50 -88.41 -109.31
C ASN G 963 -113.89 -89.74 -108.68
N GLY G 964 -113.76 -89.85 -107.35
CA GLY G 964 -114.14 -91.05 -106.64
C GLY G 964 -113.03 -92.06 -106.44
N TYR G 965 -111.87 -91.86 -107.06
CA TYR G 965 -110.76 -92.78 -106.89
C TYR G 965 -110.09 -92.57 -105.53
N LYS G 966 -109.24 -93.52 -105.15
CA LYS G 966 -108.53 -93.44 -103.88
C LYS G 966 -107.06 -93.14 -104.14
N PRO G 967 -106.59 -91.92 -103.89
CA PRO G 967 -105.15 -91.66 -103.99
C PRO G 967 -104.37 -92.49 -102.99
N ALA G 968 -103.15 -92.87 -103.39
CA ALA G 968 -102.34 -93.82 -102.63
C ALA G 968 -100.96 -93.23 -102.32
N PRO G 969 -100.88 -92.31 -101.36
CA PRO G 969 -99.57 -91.90 -100.85
C PRO G 969 -98.93 -93.02 -100.03
N LEU G 970 -97.61 -92.93 -99.90
CA LEU G 970 -96.86 -93.95 -99.18
C LEU G 970 -97.26 -93.98 -97.70
N ASP G 971 -97.45 -95.20 -97.19
CA ASP G 971 -97.79 -95.39 -95.78
C ASP G 971 -96.51 -95.47 -94.96
N LEU G 972 -96.33 -94.52 -94.05
CA LEU G 972 -95.11 -94.40 -93.27
C LEU G 972 -95.41 -94.27 -91.78
N SER G 973 -96.46 -94.95 -91.31
CA SER G 973 -96.77 -94.93 -89.88
C SER G 973 -95.67 -95.62 -89.08
N HIS G 974 -95.11 -96.71 -89.61
CA HIS G 974 -94.03 -97.43 -88.92
C HIS G 974 -92.76 -96.59 -88.86
N VAL G 975 -92.66 -95.56 -89.70
CA VAL G 975 -91.46 -94.75 -89.74
C VAL G 975 -91.39 -93.86 -88.50
N ARG G 976 -90.22 -93.81 -87.88
CA ARG G 976 -89.95 -92.96 -86.73
C ARG G 976 -88.73 -92.11 -87.02
N LEU G 977 -88.70 -90.91 -86.44
CA LEU G 977 -87.62 -89.96 -86.64
C LEU G 977 -86.92 -89.67 -85.33
N THR G 978 -85.59 -89.63 -85.37
CA THR G 978 -84.82 -89.26 -84.20
C THR G 978 -84.98 -87.77 -83.90
N PRO G 979 -84.74 -87.35 -82.65
CA PRO G 979 -84.83 -85.91 -82.35
C PRO G 979 -83.89 -85.06 -83.20
N ALA G 980 -82.71 -85.59 -83.55
CA ALA G 980 -81.82 -84.87 -84.45
C ALA G 980 -82.44 -84.73 -85.83
N GLN G 981 -83.13 -85.77 -86.30
CA GLN G 981 -83.79 -85.71 -87.61
C GLN G 981 -84.91 -84.67 -87.61
N THR G 982 -85.60 -84.52 -86.48
CA THR G 982 -86.65 -83.51 -86.40
C THR G 982 -86.08 -82.10 -86.58
N THR G 983 -84.89 -81.86 -86.04
CA THR G 983 -84.23 -80.57 -86.26
C THR G 983 -83.91 -80.38 -87.73
N LEU G 984 -83.53 -81.46 -88.42
CA LEU G 984 -83.27 -81.38 -89.86
C LEU G 984 -84.53 -80.98 -90.62
N VAL G 985 -85.68 -81.51 -90.22
CA VAL G 985 -86.94 -81.15 -90.87
C VAL G 985 -87.21 -79.66 -90.71
N ASP G 986 -86.90 -79.10 -89.54
CA ASP G 986 -87.08 -77.67 -89.33
C ASP G 986 -86.17 -76.87 -90.26
N ARG G 987 -84.92 -77.29 -90.43
CA ARG G 987 -84.01 -76.60 -91.34
C ARG G 987 -84.47 -76.77 -92.79
N LEU G 988 -84.97 -77.95 -93.14
CA LEU G 988 -85.48 -78.15 -94.49
C LEU G 988 -86.70 -77.28 -94.76
N ALA G 989 -87.60 -77.17 -93.78
CA ALA G 989 -88.77 -76.31 -93.95
C ALA G 989 -88.36 -74.85 -94.10
N GLU G 990 -87.38 -74.40 -93.31
CA GLU G 990 -86.92 -73.01 -93.41
C GLU G 990 -86.33 -72.73 -94.78
N ASN G 991 -85.51 -73.65 -95.30
CA ASN G 991 -84.90 -73.45 -96.61
C ASN G 991 -85.97 -73.45 -97.71
N GLY G 992 -86.92 -74.37 -97.63
CA GLY G 992 -87.95 -74.44 -98.67
C GLY G 992 -88.76 -73.16 -98.77
N HIS G 993 -89.10 -72.57 -97.63
CA HIS G 993 -89.80 -71.30 -97.65
C HIS G 993 -88.94 -70.19 -98.24
N ASN G 994 -87.65 -70.17 -97.89
CA ASN G 994 -86.76 -69.13 -98.40
C ASN G 994 -86.56 -69.27 -99.90
N VAL G 995 -86.46 -70.49 -100.41
CA VAL G 995 -86.34 -70.69 -101.84
C VAL G 995 -87.58 -70.17 -102.56
N TRP G 996 -88.76 -70.48 -102.02
CA TRP G 996 -90.00 -69.95 -102.59
C TRP G 996 -90.05 -68.43 -102.45
N ALA G 997 -89.58 -67.90 -101.32
CA ALA G 997 -89.65 -66.46 -101.08
C ALA G 997 -88.80 -65.69 -102.08
N ARG G 998 -87.54 -66.11 -102.26
CA ARG G 998 -86.65 -65.39 -103.16
C ARG G 998 -87.08 -65.55 -104.61
N ASP G 999 -87.72 -66.67 -104.95
CA ASP G 999 -88.26 -66.84 -106.29
C ASP G 999 -89.38 -65.84 -106.54
N ARG G 1000 -90.25 -65.62 -105.54
CA ARG G 1000 -91.33 -64.65 -105.69
C ARG G 1000 -90.81 -63.22 -105.76
N VAL G 1001 -89.75 -62.93 -105.00
CA VAL G 1001 -89.17 -61.59 -105.03
C VAL G 1001 -88.64 -61.27 -106.42
N ALA G 1002 -87.97 -62.24 -107.05
CA ALA G 1002 -87.50 -62.04 -108.42
C ALA G 1002 -88.65 -61.79 -109.38
N GLN G 1003 -89.83 -62.35 -109.06
CA GLN G 1003 -91.02 -62.13 -109.87
C GLN G 1003 -91.74 -60.84 -109.53
N GLY G 1004 -91.29 -60.10 -108.51
CA GLY G 1004 -91.89 -58.85 -108.15
C GLY G 1004 -92.84 -58.89 -106.97
N TRP G 1005 -92.98 -60.02 -106.30
CA TRP G 1005 -93.88 -60.12 -105.16
C TRP G 1005 -93.29 -59.44 -103.94
N SER G 1006 -94.18 -58.91 -103.10
CA SER G 1006 -93.78 -58.22 -101.88
C SER G 1006 -94.73 -58.60 -100.75
N TYR G 1007 -94.26 -58.42 -99.52
CA TYR G 1007 -95.07 -58.75 -98.35
C TYR G 1007 -96.16 -57.71 -98.13
N SER G 1008 -97.31 -58.17 -97.67
CA SER G 1008 -98.40 -57.30 -97.26
C SER G 1008 -99.31 -58.06 -96.30
N ALA G 1009 -99.82 -57.35 -95.30
CA ALA G 1009 -100.76 -57.98 -94.36
C ALA G 1009 -102.02 -58.42 -95.08
N VAL G 1010 -102.49 -57.63 -96.03
CA VAL G 1010 -103.68 -57.97 -96.82
C VAL G 1010 -103.23 -58.53 -98.16
N GLN G 1011 -103.72 -59.72 -98.50
CA GLN G 1011 -103.35 -60.38 -99.74
C GLN G 1011 -103.97 -59.67 -100.93
N ASP G 1012 -103.16 -59.43 -101.97
CA ASP G 1012 -103.60 -58.79 -103.20
C ASP G 1012 -102.90 -59.48 -104.36
N ILE G 1013 -103.57 -60.46 -104.96
CA ILE G 1013 -102.96 -61.21 -106.06
C ILE G 1013 -102.65 -60.33 -107.26
N PRO G 1014 -103.56 -59.48 -107.75
CA PRO G 1014 -103.19 -58.61 -108.88
C PRO G 1014 -102.01 -57.69 -108.58
N ALA G 1015 -101.87 -57.25 -107.33
CA ALA G 1015 -100.75 -56.40 -106.93
C ALA G 1015 -99.53 -57.20 -106.51
N ARG G 1016 -99.59 -58.53 -106.58
CA ARG G 1016 -98.49 -59.41 -106.19
C ARG G 1016 -98.06 -59.16 -104.74
N ARG G 1017 -99.05 -59.07 -103.86
CA ARG G 1017 -98.83 -58.91 -102.42
C ARG G 1017 -99.29 -60.17 -101.72
N ASN G 1018 -98.42 -60.74 -100.88
CA ASN G 1018 -98.69 -62.01 -100.24
C ASN G 1018 -98.38 -61.93 -98.75
N PRO G 1019 -99.29 -62.40 -97.89
CA PRO G 1019 -99.02 -62.37 -96.44
C PRO G 1019 -97.87 -63.25 -96.01
N ARG G 1020 -97.49 -64.25 -96.80
CA ARG G 1020 -96.41 -65.15 -96.44
C ARG G 1020 -95.09 -64.82 -97.13
N LEU G 1021 -95.02 -63.68 -97.82
CA LEU G 1021 -93.80 -63.26 -98.50
C LEU G 1021 -92.83 -62.66 -97.47
N VAL G 1022 -92.44 -63.50 -96.52
CA VAL G 1022 -91.57 -63.09 -95.43
C VAL G 1022 -90.58 -64.22 -95.17
N PRO G 1023 -89.39 -63.90 -94.65
CA PRO G 1023 -88.45 -64.96 -94.25
C PRO G 1023 -89.05 -65.88 -93.20
N TYR G 1024 -88.58 -67.12 -93.21
CA TYR G 1024 -89.19 -68.17 -92.40
C TYR G 1024 -89.17 -67.83 -90.91
N ARG G 1025 -88.11 -67.19 -90.43
CA ARG G 1025 -88.01 -66.87 -89.01
C ARG G 1025 -89.07 -65.85 -88.60
N LEU G 1026 -89.43 -64.94 -89.51
CA LEU G 1026 -90.46 -63.94 -89.24
C LEU G 1026 -91.87 -64.46 -89.49
N LEU G 1027 -92.00 -65.69 -90.00
CA LEU G 1027 -93.32 -66.24 -90.29
C LEU G 1027 -94.02 -66.64 -89.00
N ASP G 1028 -95.35 -66.56 -89.01
CA ASP G 1028 -96.14 -66.95 -87.85
C ASP G 1028 -96.08 -68.46 -87.65
N GLU G 1029 -96.31 -68.87 -86.39
CA GLU G 1029 -96.15 -70.28 -86.05
C GLU G 1029 -97.20 -71.15 -86.74
N ALA G 1030 -98.39 -70.61 -87.01
CA ALA G 1030 -99.43 -71.40 -87.64
C ALA G 1030 -99.01 -71.88 -89.02
N THR G 1031 -98.46 -70.98 -89.84
CA THR G 1031 -97.96 -71.39 -91.15
C THR G 1031 -96.61 -72.10 -91.01
N LYS G 1032 -95.82 -71.72 -90.00
CA LYS G 1032 -94.53 -72.36 -89.78
C LYS G 1032 -94.69 -73.85 -89.50
N ARG G 1033 -95.69 -74.21 -88.69
CA ARG G 1033 -95.94 -75.62 -88.42
C ARG G 1033 -96.44 -76.34 -89.67
N SER G 1034 -97.23 -75.65 -90.49
CA SER G 1034 -97.78 -76.28 -91.69
C SER G 1034 -96.67 -76.71 -92.65
N ASN G 1035 -95.68 -75.84 -92.86
CA ASN G 1035 -94.55 -76.21 -93.71
C ASN G 1035 -93.73 -77.33 -93.07
N ARG G 1036 -93.60 -77.29 -91.74
CA ARG G 1036 -92.83 -78.30 -91.04
C ARG G 1036 -93.45 -79.68 -91.21
N ASP G 1037 -94.78 -79.77 -91.13
CA ASP G 1037 -95.45 -81.06 -91.30
C ASP G 1037 -95.23 -81.62 -92.70
N SER G 1038 -95.29 -80.76 -93.72
CA SER G 1038 -95.11 -81.21 -95.09
C SER G 1038 -93.71 -81.78 -95.31
N LEU G 1039 -92.69 -81.10 -94.77
CA LEU G 1039 -91.33 -81.59 -94.91
C LEU G 1039 -91.14 -82.89 -94.13
N CYS G 1040 -91.86 -83.05 -93.03
CA CYS G 1040 -91.77 -84.29 -92.25
C CYS G 1040 -92.22 -85.49 -93.07
N GLN G 1041 -93.31 -85.33 -93.82
CA GLN G 1041 -93.79 -86.43 -94.66
C GLN G 1041 -92.78 -86.77 -95.76
N ALA G 1042 -92.14 -85.74 -96.33
CA ALA G 1042 -91.12 -85.98 -97.34
C ALA G 1042 -89.93 -86.76 -96.76
N VAL G 1043 -89.51 -86.39 -95.55
CA VAL G 1043 -88.47 -87.16 -94.88
C VAL G 1043 -88.96 -88.56 -94.55
N ARG G 1044 -90.22 -88.67 -94.11
CA ARG G 1044 -90.80 -89.99 -93.85
C ARG G 1044 -90.82 -90.85 -95.11
N THR G 1045 -91.08 -90.22 -96.27
CA THR G 1045 -91.07 -90.96 -97.52
C THR G 1045 -89.68 -91.54 -97.80
N LEU G 1046 -88.63 -90.74 -97.57
CA LEU G 1046 -87.27 -91.23 -97.74
C LEU G 1046 -86.97 -92.36 -96.76
N LEU G 1047 -87.37 -92.20 -95.50
CA LEU G 1047 -87.16 -93.27 -94.52
C LEU G 1047 -88.01 -94.49 -94.86
N GLY G 1048 -89.19 -94.27 -95.44
CA GLY G 1048 -90.00 -95.39 -95.88
C GLY G 1048 -89.30 -96.23 -96.93
N TYR G 1049 -88.54 -95.59 -97.81
CA TYR G 1049 -87.71 -96.30 -98.78
C TYR G 1049 -86.48 -96.93 -98.14
N GLY G 1050 -86.20 -96.62 -96.88
CA GLY G 1050 -85.07 -97.20 -96.18
C GLY G 1050 -83.75 -96.48 -96.38
N TYR G 1051 -83.75 -95.33 -97.05
CA TYR G 1051 -82.52 -94.60 -97.27
C TYR G 1051 -81.98 -94.04 -95.97
N ASN G 1052 -80.68 -94.18 -95.76
CA ASN G 1052 -80.06 -93.68 -94.54
C ASN G 1052 -79.99 -92.16 -94.57
N ILE G 1053 -80.36 -91.54 -93.46
CA ILE G 1053 -80.31 -90.09 -93.31
C ILE G 1053 -79.44 -89.79 -92.09
N GLU G 1054 -78.33 -89.09 -92.31
CA GLU G 1054 -77.39 -88.77 -91.25
C GLU G 1054 -77.55 -87.31 -90.85
N PRO G 1055 -78.02 -87.01 -89.64
CA PRO G 1055 -78.13 -85.61 -89.21
C PRO G 1055 -76.75 -84.98 -89.10
N PRO G 1056 -76.54 -83.85 -89.77
CA PRO G 1056 -75.22 -83.20 -89.72
C PRO G 1056 -74.88 -82.71 -88.32
N ASP G 1057 -73.59 -82.69 -88.02
CA ASP G 1057 -73.09 -82.14 -86.76
C ASP G 1057 -73.27 -80.62 -86.80
N GLN G 1058 -74.29 -80.16 -86.09
CA GLN G 1058 -74.70 -78.76 -86.10
C GLN G 1058 -73.55 -77.83 -85.72
N GLU G 1059 -73.38 -76.75 -86.48
CA GLU G 1059 -72.32 -75.78 -86.23
C GLU G 1059 -72.93 -74.53 -85.63
N PRO G 1060 -72.67 -74.24 -84.36
CA PRO G 1060 -73.24 -73.03 -83.75
C PRO G 1060 -72.61 -71.76 -84.32
N SER G 1061 -73.39 -70.69 -84.29
CA SER G 1061 -72.95 -69.39 -84.75
C SER G 1061 -73.61 -68.30 -83.92
N GLN G 1062 -72.95 -67.15 -83.84
CA GLN G 1062 -73.44 -66.00 -83.10
C GLN G 1062 -73.67 -64.86 -84.08
N VAL G 1063 -74.93 -64.45 -84.21
CA VAL G 1063 -75.29 -63.48 -85.25
C VAL G 1063 -74.75 -62.09 -84.92
N GLU G 1064 -74.80 -61.70 -83.65
CA GLU G 1064 -74.45 -60.35 -83.20
C GLU G 1064 -75.28 -59.30 -83.96
N ASN G 1065 -76.59 -59.38 -83.74
CA ASN G 1065 -77.51 -58.47 -84.41
C ASN G 1065 -77.26 -57.02 -83.98
N GLN G 1066 -76.99 -56.80 -82.70
CA GLN G 1066 -76.71 -55.48 -82.17
C GLN G 1066 -75.20 -55.29 -82.02
N SER G 1067 -74.80 -54.03 -81.84
CA SER G 1067 -73.39 -53.72 -81.63
C SER G 1067 -72.91 -54.24 -80.28
N ARG G 1068 -71.62 -54.08 -80.00
CA ARG G 1068 -71.07 -54.59 -78.74
C ARG G 1068 -71.57 -53.80 -77.54
N TRP G 1069 -71.90 -52.52 -77.74
CA TRP G 1069 -72.23 -51.64 -76.62
C TRP G 1069 -73.73 -51.55 -76.35
N ASP G 1070 -74.58 -51.64 -77.36
CA ASP G 1070 -76.01 -51.62 -77.13
C ASP G 1070 -76.51 -53.02 -76.80
N ARG G 1071 -75.87 -53.67 -75.83
CA ARG G 1071 -76.27 -54.98 -75.34
C ARG G 1071 -76.60 -54.98 -73.85
N VAL G 1072 -75.81 -54.29 -73.04
CA VAL G 1072 -76.00 -54.25 -71.60
C VAL G 1072 -76.19 -52.80 -71.17
N ARG G 1073 -77.22 -52.56 -70.36
CA ARG G 1073 -77.53 -51.25 -69.83
C ARG G 1073 -77.38 -51.31 -68.31
N ILE G 1074 -76.48 -50.50 -67.77
CA ILE G 1074 -76.13 -50.55 -66.36
C ILE G 1074 -76.84 -49.42 -65.63
N PHE G 1075 -77.52 -49.76 -64.53
CA PHE G 1075 -78.19 -48.79 -63.68
C PHE G 1075 -77.56 -48.81 -62.31
N ARG G 1076 -77.23 -47.62 -61.79
CA ARG G 1076 -76.63 -47.51 -60.48
C ARG G 1076 -77.15 -46.26 -59.79
N ALA G 1077 -77.03 -46.24 -58.47
CA ALA G 1077 -77.40 -45.07 -57.70
C ALA G 1077 -76.36 -43.97 -57.89
N GLU G 1078 -76.75 -42.75 -57.53
CA GLU G 1078 -75.84 -41.62 -57.62
C GLU G 1078 -74.70 -41.77 -56.62
N LYS G 1079 -73.55 -41.20 -56.98
CA LYS G 1079 -72.36 -41.32 -56.13
C LYS G 1079 -72.56 -40.67 -54.77
N SER G 1080 -73.50 -39.75 -54.63
CA SER G 1080 -73.76 -39.11 -53.35
C SER G 1080 -74.38 -40.07 -52.34
N TYR G 1081 -74.85 -41.23 -52.77
CA TYR G 1081 -75.44 -42.22 -51.88
C TYR G 1081 -74.45 -43.30 -51.48
N THR G 1082 -73.15 -43.09 -51.73
CA THR G 1082 -72.15 -44.08 -51.42
C THR G 1082 -72.12 -44.37 -49.92
N VAL G 1083 -72.10 -45.65 -49.57
CA VAL G 1083 -72.09 -46.11 -48.18
C VAL G 1083 -70.72 -46.68 -47.87
N GLN G 1084 -70.14 -46.25 -46.75
CA GLN G 1084 -68.85 -46.75 -46.29
C GLN G 1084 -68.93 -47.44 -44.94
N SER G 1085 -70.11 -47.56 -44.36
CA SER G 1085 -70.28 -48.23 -43.07
C SER G 1085 -71.72 -48.71 -42.96
N GLY G 1086 -71.96 -49.59 -42.00
CA GLY G 1086 -73.28 -50.10 -41.74
C GLY G 1086 -73.65 -51.28 -42.61
N ARG G 1087 -74.88 -51.75 -42.41
CA ARG G 1087 -75.42 -52.90 -43.13
C ARG G 1087 -76.65 -52.44 -43.91
N TRP G 1088 -76.67 -52.76 -45.21
CA TRP G 1088 -77.68 -52.23 -46.10
C TRP G 1088 -78.30 -53.35 -46.93
N TYR G 1089 -79.54 -53.11 -47.35
CA TYR G 1089 -80.35 -54.12 -48.02
C TYR G 1089 -81.17 -53.47 -49.13
N PHE G 1090 -81.31 -54.15 -50.25
CA PHE G 1090 -82.23 -53.75 -51.30
C PHE G 1090 -82.62 -54.98 -52.10
N GLU G 1091 -83.71 -54.86 -52.86
CA GLU G 1091 -84.26 -55.97 -53.61
C GLU G 1091 -84.23 -55.67 -55.11
N PHE G 1092 -84.11 -56.74 -55.89
CA PHE G 1092 -84.18 -56.65 -57.35
C PHE G 1092 -85.09 -57.76 -57.85
N GLU G 1093 -86.17 -57.40 -58.51
CA GLU G 1093 -87.13 -58.36 -59.04
C GLU G 1093 -86.83 -58.63 -60.51
N ALA G 1094 -86.71 -59.90 -60.86
CA ALA G 1094 -86.42 -60.31 -62.23
C ALA G 1094 -87.74 -60.57 -62.96
N VAL G 1095 -88.25 -59.55 -63.64
CA VAL G 1095 -89.47 -59.73 -64.44
C VAL G 1095 -89.22 -60.73 -65.55
N THR G 1096 -88.08 -60.62 -66.23
CA THR G 1096 -87.66 -61.60 -67.21
C THR G 1096 -86.65 -62.55 -66.58
N THR G 1097 -86.15 -63.50 -67.38
CA THR G 1097 -85.23 -64.52 -66.89
C THR G 1097 -83.91 -64.53 -67.64
N GLY G 1098 -83.65 -63.53 -68.47
CA GLY G 1098 -82.44 -63.51 -69.29
C GLY G 1098 -81.22 -63.04 -68.54
N GLU G 1099 -80.31 -62.42 -69.27
CA GLU G 1099 -79.01 -61.99 -68.73
C GLU G 1099 -79.21 -60.70 -67.95
N MET G 1100 -79.24 -60.82 -66.62
CA MET G 1100 -79.31 -59.65 -65.74
C MET G 1100 -78.38 -59.88 -64.56
N ARG G 1101 -77.70 -58.82 -64.15
CA ARG G 1101 -76.79 -58.87 -63.01
C ARG G 1101 -77.16 -57.79 -62.01
N VAL G 1102 -77.00 -58.11 -60.73
CA VAL G 1102 -77.34 -57.19 -59.66
C VAL G 1102 -76.35 -57.39 -58.53
N GLY G 1103 -75.97 -56.29 -57.88
CA GLY G 1103 -75.05 -56.35 -56.76
C GLY G 1103 -74.62 -54.99 -56.27
N TRP G 1104 -73.36 -54.87 -55.86
CA TRP G 1104 -72.81 -53.63 -55.35
C TRP G 1104 -71.60 -53.22 -56.18
N ALA G 1105 -71.46 -51.93 -56.43
CA ALA G 1105 -70.39 -51.40 -57.26
C ALA G 1105 -69.75 -50.19 -56.59
N ARG G 1106 -68.50 -49.97 -56.91
CA ARG G 1106 -67.77 -48.81 -56.40
C ARG G 1106 -68.09 -47.57 -57.23
N PRO G 1107 -67.93 -46.38 -56.65
CA PRO G 1107 -68.30 -45.15 -57.39
C PRO G 1107 -67.56 -44.97 -58.70
N GLU G 1108 -66.35 -45.51 -58.84
CA GLU G 1108 -65.56 -45.37 -60.05
C GLU G 1108 -65.94 -46.40 -61.10
N LEU G 1109 -67.13 -46.98 -61.02
CA LEU G 1109 -67.56 -47.99 -61.99
C LEU G 1109 -67.56 -47.42 -63.40
N ARG G 1110 -67.02 -48.19 -64.34
CA ARG G 1110 -66.92 -47.80 -65.73
C ARG G 1110 -68.14 -48.28 -66.52
N PRO G 1111 -68.74 -47.40 -67.33
CA PRO G 1111 -70.03 -47.75 -67.96
C PRO G 1111 -69.93 -48.74 -69.11
N ASP G 1112 -68.76 -48.92 -69.73
CA ASP G 1112 -68.62 -49.78 -70.89
C ASP G 1112 -68.08 -51.17 -70.56
N VAL G 1113 -67.95 -51.51 -69.29
CA VAL G 1113 -67.42 -52.80 -68.87
C VAL G 1113 -68.54 -53.60 -68.21
N GLU G 1114 -68.62 -54.88 -68.55
CA GLU G 1114 -69.61 -55.76 -67.94
C GLU G 1114 -69.40 -55.82 -66.42
N LEU G 1115 -70.51 -55.83 -65.68
CA LEU G 1115 -70.42 -55.87 -64.24
C LEU G 1115 -69.73 -57.14 -63.77
N GLY G 1116 -68.76 -56.99 -62.87
CA GLY G 1116 -68.02 -58.11 -62.33
C GLY G 1116 -66.84 -58.55 -63.15
N ALA G 1117 -66.70 -58.07 -64.39
CA ALA G 1117 -65.51 -58.39 -65.18
C ALA G 1117 -64.26 -57.74 -64.64
N ASP G 1118 -64.39 -56.74 -63.76
CA ASP G 1118 -63.25 -56.10 -63.13
C ASP G 1118 -63.46 -56.04 -61.62
N GLU G 1119 -62.60 -55.31 -60.92
CA GLU G 1119 -62.64 -55.24 -59.47
C GLU G 1119 -63.58 -54.17 -58.94
N LEU G 1120 -64.34 -53.52 -59.80
CA LEU G 1120 -65.18 -52.39 -59.41
C LEU G 1120 -66.62 -52.78 -59.11
N ALA G 1121 -66.97 -54.07 -59.15
CA ALA G 1121 -68.34 -54.48 -58.91
C ALA G 1121 -68.37 -55.89 -58.34
N TYR G 1122 -69.30 -56.13 -57.43
CA TYR G 1122 -69.58 -57.45 -56.87
C TYR G 1122 -71.04 -57.76 -57.17
N VAL G 1123 -71.30 -58.53 -58.22
CA VAL G 1123 -72.66 -58.74 -58.70
C VAL G 1123 -72.94 -60.23 -58.78
N PHE G 1124 -74.23 -60.56 -58.77
CA PHE G 1124 -74.71 -61.93 -58.93
C PHE G 1124 -75.48 -62.04 -60.23
N ASN G 1125 -75.09 -62.98 -61.07
CA ASN G 1125 -75.72 -63.21 -62.37
C ASN G 1125 -76.73 -64.33 -62.19
N GLY G 1126 -78.01 -63.97 -62.17
CA GLY G 1126 -79.06 -64.94 -61.95
C GLY G 1126 -79.51 -65.70 -63.18
N HIS G 1127 -78.96 -65.39 -64.35
CA HIS G 1127 -79.32 -66.13 -65.56
C HIS G 1127 -78.87 -67.58 -65.47
N ARG G 1128 -77.67 -67.81 -64.95
CA ARG G 1128 -77.13 -69.16 -64.83
C ARG G 1128 -76.49 -69.42 -63.48
N GLY G 1129 -76.76 -68.58 -62.48
CA GLY G 1129 -76.24 -68.79 -61.15
C GLY G 1129 -74.74 -68.59 -61.03
N GLN G 1130 -74.29 -67.36 -61.21
CA GLN G 1130 -72.88 -67.02 -61.11
C GLN G 1130 -72.71 -65.75 -60.30
N ARG G 1131 -71.57 -65.63 -59.62
CA ARG G 1131 -71.15 -64.41 -58.97
C ARG G 1131 -69.92 -63.87 -59.69
N TRP G 1132 -69.90 -62.57 -59.92
CA TRP G 1132 -68.90 -61.94 -60.76
C TRP G 1132 -68.09 -60.93 -59.96
N HIS G 1133 -66.77 -61.17 -59.88
CA HIS G 1133 -65.83 -60.16 -59.42
C HIS G 1133 -64.46 -60.57 -59.92
N LEU G 1134 -63.91 -59.80 -60.85
CA LEU G 1134 -62.66 -60.15 -61.54
C LEU G 1134 -62.75 -61.53 -62.18
N GLY G 1135 -63.92 -61.87 -62.71
CA GLY G 1135 -64.18 -63.18 -63.27
C GLY G 1135 -65.47 -63.77 -62.75
N SER G 1136 -65.80 -64.93 -63.29
CA SER G 1136 -67.04 -65.63 -62.95
C SER G 1136 -66.75 -66.96 -62.27
N GLU G 1137 -67.56 -67.28 -61.26
CA GLU G 1137 -67.51 -68.57 -60.60
C GLU G 1137 -68.91 -68.96 -60.21
N PRO G 1138 -69.27 -70.25 -60.24
CA PRO G 1138 -70.65 -70.64 -59.96
C PRO G 1138 -71.07 -70.26 -58.54
N PHE G 1139 -72.35 -69.87 -58.41
CA PHE G 1139 -72.90 -69.46 -57.14
C PHE G 1139 -74.43 -69.45 -57.19
N GLY G 1140 -75.07 -70.13 -56.26
CA GLY G 1140 -76.52 -70.13 -56.22
C GLY G 1140 -77.13 -70.91 -57.38
N ARG G 1141 -78.35 -70.53 -57.71
CA ARG G 1141 -79.15 -71.17 -58.75
C ARG G 1141 -79.75 -70.12 -59.67
N PRO G 1142 -80.05 -70.48 -60.90
CA PRO G 1142 -80.72 -69.53 -61.80
C PRO G 1142 -82.11 -69.18 -61.30
N TRP G 1143 -82.53 -67.95 -61.59
CA TRP G 1143 -83.81 -67.44 -61.13
C TRP G 1143 -84.91 -67.73 -62.16
N GLN G 1144 -86.14 -67.41 -61.78
CA GLN G 1144 -87.30 -67.54 -62.64
C GLN G 1144 -88.03 -66.21 -62.68
N SER G 1145 -89.09 -66.16 -63.49
CA SER G 1145 -89.88 -64.93 -63.61
C SER G 1145 -90.55 -64.61 -62.29
N GLY G 1146 -90.39 -63.37 -61.83
CA GLY G 1146 -90.97 -62.94 -60.58
C GLY G 1146 -90.11 -63.17 -59.35
N ASP G 1147 -88.95 -63.82 -59.51
CA ASP G 1147 -88.07 -64.03 -58.36
C ASP G 1147 -87.47 -62.71 -57.89
N VAL G 1148 -87.32 -62.59 -56.58
CA VAL G 1148 -86.79 -61.37 -55.96
C VAL G 1148 -85.43 -61.71 -55.37
N VAL G 1149 -84.42 -60.94 -55.74
CA VAL G 1149 -83.06 -61.12 -55.25
C VAL G 1149 -82.79 -60.05 -54.20
N GLY G 1150 -82.43 -60.48 -53.00
CA GLY G 1150 -82.12 -59.56 -51.93
C GLY G 1150 -80.63 -59.38 -51.75
N CYS G 1151 -80.11 -58.23 -52.16
CA CYS G 1151 -78.69 -57.94 -52.07
C CYS G 1151 -78.39 -57.29 -50.72
N MET G 1152 -77.51 -57.92 -49.95
CA MET G 1152 -77.17 -57.46 -48.61
C MET G 1152 -75.67 -57.27 -48.53
N ILE G 1153 -75.25 -56.11 -48.02
CA ILE G 1153 -73.84 -55.83 -47.80
C ILE G 1153 -73.63 -55.52 -46.32
N ASP G 1154 -72.58 -56.10 -45.76
CA ASP G 1154 -72.24 -55.91 -44.35
C ASP G 1154 -70.84 -55.31 -44.30
N LEU G 1155 -70.75 -54.01 -44.09
CA LEU G 1155 -69.47 -53.32 -44.05
C LEU G 1155 -68.79 -53.40 -42.69
N THR G 1156 -69.44 -54.01 -41.70
CA THR G 1156 -68.79 -54.31 -40.44
C THR G 1156 -68.06 -55.64 -40.47
N GLU G 1157 -68.58 -56.61 -41.24
CA GLU G 1157 -67.92 -57.88 -41.44
C GLU G 1157 -67.28 -58.01 -42.82
N ASN G 1158 -67.44 -57.01 -43.69
CA ASN G 1158 -66.87 -57.01 -45.04
C ASN G 1158 -67.34 -58.24 -45.82
N THR G 1159 -68.65 -58.44 -45.87
CA THR G 1159 -69.26 -59.56 -46.58
C THR G 1159 -70.45 -59.07 -47.39
N ILE G 1160 -70.75 -59.81 -48.45
CA ILE G 1160 -71.90 -59.55 -49.30
C ILE G 1160 -72.73 -60.82 -49.38
N ILE G 1161 -74.03 -60.70 -49.11
CA ILE G 1161 -74.94 -61.84 -49.07
C ILE G 1161 -76.05 -61.62 -50.09
N PHE G 1162 -76.30 -62.65 -50.90
CA PHE G 1162 -77.40 -62.64 -51.86
C PHE G 1162 -78.44 -63.66 -51.45
N THR G 1163 -79.71 -63.25 -51.48
CA THR G 1163 -80.83 -64.13 -51.18
C THR G 1163 -81.76 -64.18 -52.36
N LEU G 1164 -82.41 -65.33 -52.54
CA LEU G 1164 -83.37 -65.54 -53.63
C LEU G 1164 -84.69 -65.96 -53.01
N ASN G 1165 -85.69 -65.08 -53.09
CA ASN G 1165 -87.02 -65.31 -52.51
C ASN G 1165 -86.92 -65.60 -51.01
N GLY G 1166 -86.03 -64.89 -50.33
CA GLY G 1166 -85.86 -65.04 -48.90
C GLY G 1166 -84.91 -66.14 -48.47
N GLU G 1167 -84.40 -66.93 -49.41
CA GLU G 1167 -83.48 -68.01 -49.10
C GLU G 1167 -82.06 -67.59 -49.49
N VAL G 1168 -81.13 -67.70 -48.55
CA VAL G 1168 -79.77 -67.26 -48.79
C VAL G 1168 -79.10 -68.19 -49.81
N LEU G 1169 -78.53 -67.59 -50.85
CA LEU G 1169 -77.80 -68.36 -51.85
C LEU G 1169 -76.45 -68.77 -51.31
N MET G 1170 -75.99 -69.94 -51.75
CA MET G 1170 -74.73 -70.52 -51.30
C MET G 1170 -73.92 -71.01 -52.49
N SER G 1171 -72.61 -71.01 -52.31
CA SER G 1171 -71.69 -71.50 -53.33
C SER G 1171 -71.61 -73.02 -53.26
N ASP G 1172 -70.64 -73.61 -53.95
CA ASP G 1172 -70.46 -75.05 -53.90
C ASP G 1172 -69.68 -75.44 -52.64
N SER G 1173 -70.16 -74.97 -51.49
CA SER G 1173 -69.56 -75.23 -50.18
C SER G 1173 -70.53 -74.68 -49.14
N GLY G 1174 -70.10 -74.64 -47.89
CA GLY G 1174 -70.90 -74.09 -46.83
C GLY G 1174 -70.88 -72.57 -46.72
N SER G 1175 -70.26 -71.88 -47.68
CA SER G 1175 -70.13 -70.44 -47.62
C SER G 1175 -71.48 -69.76 -47.78
N GLU G 1176 -71.97 -69.14 -46.70
CA GLU G 1176 -73.24 -68.42 -46.74
C GLU G 1176 -73.10 -67.02 -47.32
N THR G 1177 -71.87 -66.56 -47.56
CA THR G 1177 -71.62 -65.23 -48.11
C THR G 1177 -70.98 -65.34 -49.49
N ALA G 1178 -71.43 -64.50 -50.41
CA ALA G 1178 -70.91 -64.53 -51.77
C ALA G 1178 -69.46 -64.03 -51.82
N PHE G 1179 -69.17 -62.95 -51.08
CA PHE G 1179 -67.84 -62.37 -51.08
C PHE G 1179 -67.43 -62.06 -49.66
N ARG G 1180 -66.12 -62.14 -49.41
CA ARG G 1180 -65.56 -61.95 -48.08
C ARG G 1180 -64.31 -61.07 -48.16
N GLU G 1181 -63.98 -60.44 -47.04
CA GLU G 1181 -62.78 -59.61 -46.91
C GLU G 1181 -62.73 -58.52 -47.97
N ILE G 1182 -63.88 -57.88 -48.22
CA ILE G 1182 -63.93 -56.78 -49.17
C ILE G 1182 -63.51 -55.49 -48.47
N GLU G 1183 -62.57 -54.77 -49.09
CA GLU G 1183 -62.12 -53.51 -48.53
C GLU G 1183 -63.15 -52.42 -48.81
N ILE G 1184 -63.37 -51.57 -47.80
CA ILE G 1184 -64.35 -50.50 -47.96
C ILE G 1184 -63.87 -49.48 -48.99
N GLY G 1185 -62.74 -48.85 -48.73
CA GLY G 1185 -62.18 -47.90 -49.67
C GLY G 1185 -63.13 -46.73 -49.90
N ASP G 1186 -63.42 -46.46 -51.18
CA ASP G 1186 -64.32 -45.38 -51.54
C ASP G 1186 -65.75 -45.65 -51.09
N GLY G 1187 -66.18 -46.90 -51.12
CA GLY G 1187 -67.53 -47.28 -50.72
C GLY G 1187 -68.19 -48.13 -51.78
N PHE G 1188 -69.50 -48.30 -51.62
CA PHE G 1188 -70.27 -49.16 -52.52
C PHE G 1188 -71.60 -48.50 -52.85
N LEU G 1189 -72.12 -48.86 -54.03
CA LEU G 1189 -73.40 -48.39 -54.51
C LEU G 1189 -74.20 -49.56 -55.07
N PRO G 1190 -75.51 -49.59 -54.87
CA PRO G 1190 -76.34 -50.60 -55.53
C PRO G 1190 -76.28 -50.42 -57.04
N VAL G 1191 -76.24 -51.54 -57.76
CA VAL G 1191 -76.05 -51.52 -59.19
C VAL G 1191 -76.79 -52.71 -59.80
N CYS G 1192 -77.24 -52.54 -61.04
CA CYS G 1192 -77.85 -53.62 -61.79
C CYS G 1192 -77.62 -53.38 -63.27
N SER G 1193 -77.57 -54.47 -64.03
CA SER G 1193 -77.39 -54.42 -65.47
C SER G 1193 -78.41 -55.33 -66.13
N LEU G 1194 -78.96 -54.86 -67.24
CA LEU G 1194 -79.99 -55.59 -67.98
C LEU G 1194 -79.53 -55.82 -69.40
N GLY G 1195 -79.66 -57.05 -69.88
CA GLY G 1195 -79.28 -57.39 -71.22
C GLY G 1195 -80.36 -57.03 -72.23
N PRO G 1196 -80.20 -57.48 -73.48
CA PRO G 1196 -81.19 -57.16 -74.50
C PRO G 1196 -82.53 -57.82 -74.21
N GLY G 1197 -83.59 -57.02 -74.25
CA GLY G 1197 -84.92 -57.52 -74.00
C GLY G 1197 -85.22 -57.90 -72.57
N GLN G 1198 -84.48 -57.35 -71.60
CA GLN G 1198 -84.64 -57.71 -70.21
C GLN G 1198 -85.34 -56.60 -69.44
N VAL G 1199 -86.23 -56.99 -68.53
CA VAL G 1199 -86.98 -56.07 -67.68
C VAL G 1199 -86.75 -56.46 -66.24
N GLY G 1200 -86.41 -55.48 -65.40
CA GLY G 1200 -86.19 -55.74 -63.98
C GLY G 1200 -86.70 -54.59 -63.16
N HIS G 1201 -87.08 -54.91 -61.93
CA HIS G 1201 -87.59 -53.94 -60.97
C HIS G 1201 -86.60 -53.80 -59.84
N LEU G 1202 -86.13 -52.57 -59.62
CA LEU G 1202 -85.19 -52.29 -58.54
C LEU G 1202 -85.92 -51.60 -57.39
N ASN G 1203 -85.82 -52.17 -56.20
CA ASN G 1203 -86.48 -51.65 -55.01
C ASN G 1203 -85.40 -51.36 -53.98
N LEU G 1204 -85.11 -50.08 -53.79
CA LEU G 1204 -84.11 -49.66 -52.82
C LEU G 1204 -84.68 -49.50 -51.42
N GLY G 1205 -85.95 -49.78 -51.22
CA GLY G 1205 -86.52 -49.78 -49.88
C GLY G 1205 -86.86 -48.43 -49.31
N GLN G 1206 -87.26 -47.47 -50.14
CA GLN G 1206 -87.74 -46.21 -49.61
C GLN G 1206 -89.01 -46.41 -48.80
N ASP G 1207 -89.89 -47.29 -49.27
CA ASP G 1207 -91.08 -47.72 -48.52
C ASP G 1207 -90.78 -49.12 -48.01
N VAL G 1208 -90.58 -49.25 -46.69
CA VAL G 1208 -90.20 -50.53 -46.11
C VAL G 1208 -91.28 -51.58 -46.30
N SER G 1209 -92.55 -51.17 -46.36
CA SER G 1209 -93.64 -52.13 -46.56
C SER G 1209 -93.64 -52.71 -47.97
N SER G 1210 -93.03 -52.02 -48.93
CA SER G 1210 -93.00 -52.52 -50.30
C SER G 1210 -92.03 -53.68 -50.49
N LEU G 1211 -91.04 -53.82 -49.62
CA LEU G 1211 -90.12 -54.94 -49.71
C LEU G 1211 -90.84 -56.25 -49.42
N ARG G 1212 -90.55 -57.28 -50.23
CA ARG G 1212 -91.29 -58.52 -50.17
C ARG G 1212 -90.61 -59.61 -49.34
N PHE G 1213 -89.30 -59.51 -49.13
CA PHE G 1213 -88.59 -60.52 -48.36
C PHE G 1213 -87.63 -59.92 -47.33
N PHE G 1214 -87.72 -58.62 -47.06
CA PHE G 1214 -86.84 -58.01 -46.07
C PHE G 1214 -87.10 -58.56 -44.68
N ALA G 1215 -88.37 -58.74 -44.32
CA ALA G 1215 -88.70 -59.28 -43.00
C ALA G 1215 -88.29 -60.74 -42.88
N ILE G 1216 -88.40 -61.51 -43.96
CA ILE G 1216 -88.07 -62.92 -43.92
C ILE G 1216 -86.57 -63.12 -43.71
N CYS G 1217 -85.76 -62.36 -44.43
CA CYS G 1217 -84.30 -62.46 -44.31
C CYS G 1217 -83.69 -61.08 -44.50
N GLY G 1218 -83.17 -60.51 -43.43
CA GLY G 1218 -82.50 -59.22 -43.49
C GLY G 1218 -82.90 -58.28 -42.37
N LEU G 1219 -84.16 -58.35 -41.94
CA LEU G 1219 -84.61 -57.47 -40.87
C LEU G 1219 -83.99 -57.88 -39.52
N GLN G 1220 -84.02 -59.18 -39.22
CA GLN G 1220 -83.52 -59.64 -37.93
C GLN G 1220 -82.00 -59.69 -37.88
N GLU G 1221 -81.33 -59.65 -39.02
CA GLU G 1221 -79.87 -59.68 -39.04
C GLU G 1221 -79.26 -58.29 -38.85
N GLY G 1222 -80.06 -57.25 -38.73
CA GLY G 1222 -79.56 -55.92 -38.51
C GLY G 1222 -79.38 -55.08 -39.76
N PHE G 1223 -79.81 -55.57 -40.91
CA PHE G 1223 -79.69 -54.83 -42.16
C PHE G 1223 -80.83 -53.82 -42.30
N GLU G 1224 -80.51 -52.70 -42.94
CA GLU G 1224 -81.50 -51.66 -43.17
C GLU G 1224 -81.72 -51.46 -44.67
N PRO G 1225 -82.92 -51.06 -45.08
CA PRO G 1225 -83.12 -50.70 -46.49
C PRO G 1225 -82.20 -49.56 -46.90
N PHE G 1226 -81.74 -49.60 -48.14
CA PHE G 1226 -80.75 -48.63 -48.60
C PHE G 1226 -81.28 -47.20 -48.53
N ALA G 1227 -82.60 -47.02 -48.66
CA ALA G 1227 -83.18 -45.69 -48.64
C ALA G 1227 -84.28 -45.60 -47.59
N ILE G 1228 -84.00 -46.07 -46.38
CA ILE G 1228 -85.04 -46.21 -45.36
C ILE G 1228 -85.61 -44.85 -44.98
N ASN G 1229 -84.75 -43.87 -44.75
CA ASN G 1229 -85.17 -42.52 -44.38
C ASN G 1229 -84.71 -41.55 -45.46
N MET G 1230 -85.51 -41.45 -46.51
CA MET G 1230 -85.23 -40.54 -47.61
C MET G 1230 -86.56 -40.04 -48.18
N GLN G 1231 -86.63 -38.74 -48.47
CA GLN G 1231 -87.86 -38.16 -48.98
CA GLN G 1231 -87.86 -38.16 -48.98
C GLN G 1231 -88.04 -38.45 -50.47
N ARG G 1232 -87.11 -37.99 -51.27
CA ARG G 1232 -87.16 -38.22 -52.71
C ARG G 1232 -86.64 -39.61 -53.04
N PRO G 1233 -87.11 -40.21 -54.13
CA PRO G 1233 -86.53 -41.48 -54.58
C PRO G 1233 -85.06 -41.29 -54.93
N VAL G 1234 -84.29 -42.35 -54.71
CA VAL G 1234 -82.86 -42.27 -54.96
C VAL G 1234 -82.59 -42.02 -56.44
N THR G 1235 -81.81 -40.98 -56.73
CA THR G 1235 -81.45 -40.68 -58.11
C THR G 1235 -80.58 -41.79 -58.67
N THR G 1236 -80.91 -42.23 -59.88
CA THR G 1236 -80.18 -43.31 -60.53
C THR G 1236 -79.54 -42.81 -61.81
N TRP G 1237 -78.36 -43.35 -62.10
CA TRP G 1237 -77.64 -43.06 -63.33
C TRP G 1237 -77.55 -44.32 -64.17
N PHE G 1238 -77.70 -44.16 -65.48
CA PHE G 1238 -77.66 -45.27 -66.41
C PHE G 1238 -76.59 -45.03 -67.46
N SER G 1239 -76.08 -46.13 -68.00
CA SER G 1239 -75.06 -46.09 -69.04
C SER G 1239 -75.74 -45.84 -70.38
N LYS G 1240 -75.59 -44.62 -70.90
CA LYS G 1240 -76.22 -44.24 -72.16
C LYS G 1240 -75.31 -44.61 -73.31
N SER G 1241 -75.81 -45.43 -74.23
CA SER G 1241 -75.02 -45.92 -75.36
C SER G 1241 -75.04 -44.93 -76.52
N LEU G 1242 -74.76 -43.67 -76.23
CA LEU G 1242 -74.63 -42.64 -77.25
C LEU G 1242 -73.18 -42.21 -77.31
N PRO G 1243 -72.46 -42.48 -78.40
CA PRO G 1243 -71.04 -42.14 -78.46
C PRO G 1243 -70.82 -40.64 -78.30
N GLN G 1244 -69.80 -40.29 -77.53
CA GLN G 1244 -69.43 -38.91 -77.27
C GLN G 1244 -67.93 -38.76 -77.35
N PHE G 1245 -67.48 -37.56 -77.71
CA PHE G 1245 -66.06 -37.25 -77.77
C PHE G 1245 -65.58 -36.79 -76.40
N GLU G 1246 -64.55 -37.44 -75.89
CA GLU G 1246 -63.96 -37.13 -74.61
C GLU G 1246 -62.45 -37.02 -74.75
N PRO G 1247 -61.79 -36.24 -73.90
CA PRO G 1247 -60.34 -36.12 -73.98
C PRO G 1247 -59.67 -37.46 -73.77
N VAL G 1248 -58.57 -37.68 -74.50
CA VAL G 1248 -57.79 -38.91 -74.37
C VAL G 1248 -57.15 -38.91 -72.98
N PRO G 1249 -57.38 -39.94 -72.18
CA PRO G 1249 -56.82 -39.97 -70.83
C PRO G 1249 -55.30 -39.94 -70.86
N PRO G 1250 -54.67 -39.21 -69.94
CA PRO G 1250 -53.20 -39.21 -69.90
C PRO G 1250 -52.60 -40.56 -69.58
N GLU G 1251 -53.36 -41.47 -68.97
CA GLU G 1251 -52.88 -42.79 -68.58
C GLU G 1251 -53.54 -43.89 -69.39
N HIS G 1252 -53.95 -43.59 -70.61
CA HIS G 1252 -54.59 -44.60 -71.45
C HIS G 1252 -53.60 -45.70 -71.78
N PRO G 1253 -53.97 -46.97 -71.60
CA PRO G 1253 -53.00 -48.06 -71.81
C PRO G 1253 -52.47 -48.16 -73.22
N HIS G 1254 -53.26 -47.78 -74.23
CA HIS G 1254 -52.89 -48.04 -75.62
C HIS G 1254 -52.61 -46.78 -76.43
N TYR G 1255 -53.16 -45.64 -76.06
CA TYR G 1255 -53.07 -44.42 -76.87
C TYR G 1255 -52.34 -43.34 -76.10
N GLU G 1256 -51.38 -42.70 -76.76
CA GLU G 1256 -50.61 -41.61 -76.19
C GLU G 1256 -50.62 -40.43 -77.15
N VAL G 1257 -50.82 -39.23 -76.61
CA VAL G 1257 -50.82 -38.00 -77.40
C VAL G 1257 -49.69 -37.12 -76.90
N ALA G 1258 -48.81 -36.71 -77.81
CA ALA G 1258 -47.67 -35.86 -77.49
C ALA G 1258 -47.85 -34.51 -78.14
N ARG G 1259 -47.69 -33.45 -77.35
CA ARG G 1259 -47.80 -32.08 -77.86
C ARG G 1259 -46.43 -31.62 -78.29
N MET G 1260 -46.23 -31.48 -79.61
CA MET G 1260 -44.95 -31.09 -80.16
C MET G 1260 -44.92 -29.59 -80.40
N ASP G 1261 -43.90 -28.93 -79.87
CA ASP G 1261 -43.75 -27.50 -80.07
C ASP G 1261 -43.30 -27.21 -81.50
N GLY G 1262 -43.66 -26.02 -81.97
CA GLY G 1262 -43.30 -25.60 -83.31
C GLY G 1262 -41.87 -25.14 -83.42
N THR G 1263 -41.08 -25.79 -84.27
CA THR G 1263 -39.69 -25.43 -84.48
C THR G 1263 -39.60 -24.38 -85.58
N VAL G 1264 -38.37 -24.10 -86.03
CA VAL G 1264 -38.19 -23.11 -87.10
C VAL G 1264 -38.78 -23.60 -88.41
N ASP G 1265 -38.69 -24.90 -88.68
CA ASP G 1265 -39.19 -25.46 -89.94
C ASP G 1265 -40.45 -26.30 -89.79
N THR G 1266 -40.94 -26.50 -88.58
CA THR G 1266 -42.14 -27.29 -88.37
C THR G 1266 -43.13 -26.54 -87.50
N PRO G 1267 -44.43 -26.72 -87.74
CA PRO G 1267 -45.44 -26.06 -86.91
C PRO G 1267 -45.71 -26.89 -85.65
N PRO G 1268 -46.41 -26.32 -84.67
CA PRO G 1268 -46.82 -27.13 -83.52
C PRO G 1268 -47.73 -28.27 -83.96
N CYS G 1269 -47.55 -29.43 -83.31
CA CYS G 1269 -48.22 -30.64 -83.72
C CYS G 1269 -48.80 -31.37 -82.50
N LEU G 1270 -49.81 -32.20 -82.76
CA LEU G 1270 -50.40 -33.11 -81.78
C LEU G 1270 -50.27 -34.51 -82.35
N ARG G 1271 -49.26 -35.25 -81.91
CA ARG G 1271 -48.91 -36.54 -82.49
C ARG G 1271 -49.52 -37.66 -81.66
N LEU G 1272 -50.12 -38.63 -82.34
CA LEU G 1272 -50.71 -39.81 -81.72
C LEU G 1272 -49.78 -40.99 -81.90
N ALA G 1273 -49.54 -41.73 -80.81
CA ALA G 1273 -48.68 -42.90 -80.84
C ALA G 1273 -49.40 -44.07 -80.16
N HIS G 1274 -49.17 -45.26 -80.67
CA HIS G 1274 -49.74 -46.48 -80.09
C HIS G 1274 -48.76 -47.04 -79.08
N ARG G 1275 -49.15 -47.05 -77.80
CA ARG G 1275 -48.24 -47.44 -76.74
C ARG G 1275 -47.84 -48.90 -76.85
N THR G 1276 -48.79 -49.80 -77.11
CA THR G 1276 -48.56 -51.23 -77.01
C THR G 1276 -48.58 -51.93 -78.37
N TRP G 1277 -48.29 -51.20 -79.45
CA TRP G 1277 -48.33 -51.80 -80.77
C TRP G 1277 -47.31 -52.92 -80.91
N GLY G 1278 -47.72 -54.00 -81.57
CA GLY G 1278 -46.83 -55.11 -81.82
C GLY G 1278 -46.80 -56.14 -80.70
N SER G 1279 -46.98 -55.69 -79.47
CA SER G 1279 -46.93 -56.57 -78.32
C SER G 1279 -48.22 -57.36 -78.17
N GLN G 1280 -48.17 -58.39 -77.32
CA GLN G 1280 -49.36 -59.15 -76.98
C GLN G 1280 -50.37 -58.26 -76.28
N ASN G 1281 -51.65 -58.58 -76.45
CA ASN G 1281 -52.81 -57.93 -75.84
C ASN G 1281 -53.02 -56.53 -76.39
N SER G 1282 -52.29 -56.14 -77.42
CA SER G 1282 -52.48 -54.82 -78.04
C SER G 1282 -53.89 -54.69 -78.58
N LEU G 1283 -54.47 -53.51 -78.41
CA LEU G 1283 -55.82 -53.22 -78.89
C LEU G 1283 -55.72 -52.50 -80.23
N VAL G 1284 -56.28 -53.12 -81.27
CA VAL G 1284 -56.30 -52.55 -82.61
C VAL G 1284 -57.76 -52.47 -83.04
N GLU G 1285 -58.26 -51.25 -83.20
CA GLU G 1285 -59.64 -51.03 -83.62
C GLU G 1285 -59.75 -49.63 -84.20
N MET G 1286 -60.88 -49.36 -84.85
CA MET G 1286 -61.12 -48.04 -85.41
C MET G 1286 -61.09 -46.99 -84.32
N LEU G 1287 -60.36 -45.91 -84.59
CA LEU G 1287 -60.19 -44.81 -83.65
C LEU G 1287 -60.75 -43.54 -84.25
N PHE G 1288 -61.64 -42.88 -83.53
CA PHE G 1288 -62.29 -41.66 -83.99
C PHE G 1288 -61.75 -40.50 -83.15
N LEU G 1289 -60.95 -39.65 -83.76
CA LEU G 1289 -60.31 -38.54 -83.08
C LEU G 1289 -60.80 -37.22 -83.64
N ARG G 1290 -60.85 -36.21 -82.77
CA ARG G 1290 -61.18 -34.86 -83.19
C ARG G 1290 -60.50 -33.87 -82.25
N LEU G 1291 -60.33 -32.65 -82.73
CA LEU G 1291 -59.79 -31.60 -81.88
C LEU G 1291 -60.89 -31.02 -80.99
N SER G 1292 -60.48 -30.49 -79.84
CA SER G 1292 -61.44 -30.07 -78.82
C SER G 1292 -62.19 -28.81 -79.19
N LEU G 1293 -61.70 -28.02 -80.14
CA LEU G 1293 -62.35 -26.76 -80.44
C LEU G 1293 -62.77 -26.70 -81.90
N PRO G 1294 -63.95 -26.15 -82.18
CA PRO G 1294 -64.43 -26.06 -83.57
C PRO G 1294 -64.06 -24.75 -84.23
N VAL G 1295 -64.26 -24.72 -85.55
CA VAL G 1295 -64.21 -23.49 -86.33
C VAL G 1295 -65.63 -23.22 -86.83
N GLN G 1296 -66.08 -21.97 -86.66
CA GLN G 1296 -67.44 -21.58 -86.98
C GLN G 1296 -67.44 -20.69 -88.21
N PHE G 1297 -68.26 -21.05 -89.20
CA PHE G 1297 -68.37 -20.25 -90.40
C PHE G 1297 -69.10 -18.94 -90.12
N HIS G 1298 -68.86 -17.95 -90.97
CA HIS G 1298 -69.41 -16.62 -90.77
C HIS G 1298 -70.92 -16.64 -90.86
N GLN G 1299 -71.54 -15.64 -90.23
CA GLN G 1299 -72.99 -15.54 -90.22
C GLN G 1299 -73.54 -15.34 -91.63
N HIS G 1300 -72.88 -14.51 -92.42
CA HIS G 1300 -73.29 -14.25 -93.80
C HIS G 1300 -72.12 -14.53 -94.73
N PHE G 1301 -72.42 -15.16 -95.86
CA PHE G 1301 -71.40 -15.46 -96.87
C PHE G 1301 -71.27 -14.31 -97.84
N ARG G 1302 -70.08 -14.16 -98.42
CA ARG G 1302 -69.84 -13.11 -99.39
C ARG G 1302 -70.64 -13.37 -100.66
N CYS G 1303 -71.08 -12.27 -101.28
CA CYS G 1303 -71.86 -12.37 -102.50
C CYS G 1303 -71.03 -12.95 -103.63
N THR G 1304 -71.65 -13.81 -104.44
CA THR G 1304 -70.99 -14.47 -105.56
C THR G 1304 -69.73 -15.21 -105.13
N ASP G 1419 -38.60 -15.74 -100.56
CA ASP G 1419 -39.77 -16.25 -101.27
C ASP G 1419 -40.69 -17.00 -100.31
N ASN G 1420 -41.88 -17.37 -100.80
CA ASN G 1420 -42.89 -18.05 -99.98
C ASN G 1420 -43.20 -17.24 -98.73
N ARG G 1421 -43.35 -15.93 -98.90
CA ARG G 1421 -43.63 -15.01 -97.81
C ARG G 1421 -45.04 -14.44 -97.99
N ASP G 1422 -45.79 -14.40 -96.90
CA ASP G 1422 -47.18 -13.95 -96.96
C ASP G 1422 -47.26 -12.47 -97.28
N ASP G 1423 -48.20 -12.10 -98.14
CA ASP G 1423 -48.48 -10.70 -98.42
C ASP G 1423 -49.20 -10.10 -97.22
N PRO G 1424 -48.66 -9.05 -96.60
CA PRO G 1424 -49.29 -8.51 -95.38
C PRO G 1424 -50.74 -8.09 -95.56
N GLU G 1425 -51.09 -7.53 -96.71
CA GLU G 1425 -52.48 -7.11 -96.91
C GLU G 1425 -53.40 -8.30 -97.19
N ILE G 1426 -52.90 -9.31 -97.91
CA ILE G 1426 -53.72 -10.48 -98.20
C ILE G 1426 -53.94 -11.31 -96.93
N ILE G 1427 -52.88 -11.52 -96.15
CA ILE G 1427 -52.95 -12.39 -94.99
C ILE G 1427 -53.87 -11.82 -93.91
N LEU G 1428 -54.01 -10.50 -93.83
CA LEU G 1428 -54.87 -9.88 -92.83
C LEU G 1428 -56.31 -9.73 -93.27
N ASN G 1429 -56.62 -10.03 -94.54
CA ASN G 1429 -57.98 -9.94 -95.04
C ASN G 1429 -58.54 -11.28 -95.49
N THR G 1430 -57.74 -12.34 -95.46
CA THR G 1430 -58.21 -13.64 -95.91
C THR G 1430 -59.11 -14.29 -94.87
N THR G 1431 -60.02 -15.14 -95.35
CA THR G 1431 -60.90 -15.91 -94.48
C THR G 1431 -60.67 -17.42 -94.64
N THR G 1432 -59.57 -17.81 -95.26
CA THR G 1432 -59.25 -19.21 -95.48
C THR G 1432 -58.30 -19.69 -94.39
N TYR G 1433 -58.60 -20.84 -93.82
CA TYR G 1433 -57.80 -21.42 -92.74
C TYR G 1433 -57.38 -22.83 -93.13
N TYR G 1434 -56.22 -23.23 -92.62
CA TYR G 1434 -55.57 -24.46 -93.08
C TYR G 1434 -55.10 -25.28 -91.89
N TYR G 1435 -55.18 -26.59 -92.05
CA TYR G 1435 -54.53 -27.54 -91.16
C TYR G 1435 -54.29 -28.82 -91.92
N SER G 1436 -53.27 -29.56 -91.51
CA SER G 1436 -52.85 -30.75 -92.23
C SER G 1436 -52.64 -31.89 -91.24
N VAL G 1437 -52.76 -33.11 -91.76
CA VAL G 1437 -52.55 -34.33 -90.98
C VAL G 1437 -51.46 -35.14 -91.67
N ARG G 1438 -50.43 -35.50 -90.91
CA ARG G 1438 -49.31 -36.28 -91.44
C ARG G 1438 -49.52 -37.74 -91.06
N VAL G 1439 -49.72 -38.58 -92.07
CA VAL G 1439 -49.82 -40.03 -91.86
C VAL G 1439 -48.42 -40.60 -91.97
N PHE G 1440 -47.87 -41.03 -90.84
CA PHE G 1440 -46.48 -41.47 -90.81
C PHE G 1440 -46.29 -42.73 -91.65
N ALA G 1441 -45.07 -42.91 -92.15
CA ALA G 1441 -44.72 -44.12 -92.88
C ALA G 1441 -44.90 -45.33 -91.98
N GLY G 1442 -45.56 -46.36 -92.51
CA GLY G 1442 -45.95 -47.54 -91.76
C GLY G 1442 -47.44 -47.61 -91.50
N GLN G 1443 -48.09 -46.46 -91.33
CA GLN G 1443 -49.54 -46.42 -91.21
C GLN G 1443 -50.15 -46.42 -92.62
N GLU G 1444 -51.02 -47.38 -92.87
CA GLU G 1444 -51.62 -47.51 -94.20
C GLU G 1444 -52.55 -46.34 -94.48
N PRO G 1445 -52.35 -45.61 -95.58
CA PRO G 1445 -53.30 -44.54 -95.93
C PRO G 1445 -54.71 -45.03 -96.15
N SER G 1446 -54.90 -46.29 -96.56
CA SER G 1446 -56.22 -46.82 -96.79
C SER G 1446 -57.05 -46.95 -95.51
N CYS G 1447 -56.41 -46.85 -94.35
CA CYS G 1447 -57.10 -46.93 -93.07
C CYS G 1447 -57.16 -45.57 -92.36
N VAL G 1448 -57.05 -44.48 -93.12
CA VAL G 1448 -57.04 -43.13 -92.57
C VAL G 1448 -58.09 -42.31 -93.29
N TRP G 1449 -58.92 -41.62 -92.52
CA TRP G 1449 -59.87 -40.64 -93.06
C TRP G 1449 -59.62 -39.31 -92.38
N VAL G 1450 -59.48 -38.26 -93.18
CA VAL G 1450 -59.11 -36.93 -92.69
C VAL G 1450 -60.16 -35.93 -93.17
N GLY G 1451 -60.63 -35.08 -92.26
CA GLY G 1451 -61.59 -34.06 -92.62
C GLY G 1451 -62.16 -33.32 -91.42
N TRP G 1452 -63.48 -33.12 -91.43
CA TRP G 1452 -64.16 -32.38 -90.38
C TRP G 1452 -65.41 -33.11 -89.97
N VAL G 1453 -65.85 -32.88 -88.72
CA VAL G 1453 -67.09 -33.43 -88.21
C VAL G 1453 -67.88 -32.32 -87.54
N THR G 1454 -69.20 -32.33 -87.73
CA THR G 1454 -70.08 -31.43 -87.03
C THR G 1454 -70.24 -31.90 -85.59
N PRO G 1455 -70.68 -31.01 -84.68
CA PRO G 1455 -70.78 -31.41 -83.26
C PRO G 1455 -71.82 -32.48 -82.99
N ASP G 1456 -72.59 -32.93 -83.98
CA ASP G 1456 -73.60 -33.96 -83.79
C ASP G 1456 -73.20 -35.27 -84.46
N TYR G 1457 -71.91 -35.61 -84.42
CA TYR G 1457 -71.43 -36.88 -84.94
C TYR G 1457 -71.33 -37.88 -83.79
N HIS G 1458 -72.09 -38.96 -83.87
CA HIS G 1458 -72.10 -40.00 -82.84
C HIS G 1458 -72.10 -41.38 -83.47
N GLN G 1459 -71.30 -41.57 -84.52
CA GLN G 1459 -71.28 -42.81 -85.28
C GLN G 1459 -70.00 -43.57 -84.95
N HIS G 1460 -70.10 -44.52 -84.01
CA HIS G 1460 -68.96 -45.32 -83.57
C HIS G 1460 -68.95 -46.67 -84.29
N ASP G 1461 -68.66 -46.62 -85.59
CA ASP G 1461 -68.71 -47.80 -86.45
C ASP G 1461 -67.32 -48.43 -86.54
N MET G 1462 -67.24 -49.71 -86.20
CA MET G 1462 -65.98 -50.43 -86.26
C MET G 1462 -65.61 -50.84 -87.69
N ASN G 1463 -66.51 -50.66 -88.65
CA ASN G 1463 -66.22 -50.94 -90.06
C ASN G 1463 -66.47 -49.69 -90.88
N PHE G 1464 -65.94 -48.56 -90.41
CA PHE G 1464 -66.27 -47.27 -91.00
C PHE G 1464 -65.67 -47.13 -92.40
N ASP G 1465 -66.46 -46.54 -93.29
CA ASP G 1465 -65.97 -46.04 -94.57
C ASP G 1465 -66.88 -44.88 -94.98
N LEU G 1466 -66.53 -44.24 -96.08
CA LEU G 1466 -67.26 -43.04 -96.50
C LEU G 1466 -68.71 -43.32 -96.88
N SER G 1467 -69.08 -44.59 -97.11
CA SER G 1467 -70.46 -44.92 -97.39
C SER G 1467 -71.34 -44.92 -96.15
N LYS G 1468 -70.76 -45.01 -94.95
CA LYS G 1468 -71.53 -44.97 -93.72
C LYS G 1468 -71.84 -43.56 -93.27
N VAL G 1469 -71.29 -42.54 -93.93
CA VAL G 1469 -71.49 -41.16 -93.49
C VAL G 1469 -72.95 -40.78 -93.71
N ARG G 1470 -73.56 -40.20 -92.67
CA ARG G 1470 -74.93 -39.74 -92.78
C ARG G 1470 -75.03 -38.61 -93.81
N ALA G 1471 -76.05 -38.70 -94.67
CA ALA G 1471 -76.27 -37.68 -95.69
C ALA G 1471 -77.75 -37.57 -95.96
N VAL G 1472 -78.17 -36.37 -96.36
CA VAL G 1472 -79.56 -36.11 -96.73
C VAL G 1472 -79.60 -34.83 -97.53
N THR G 1473 -80.46 -34.79 -98.54
CA THR G 1473 -80.65 -33.63 -99.39
C THR G 1473 -82.03 -33.07 -99.17
N VAL G 1474 -82.12 -31.80 -98.83
CA VAL G 1474 -83.39 -31.10 -98.65
C VAL G 1474 -83.64 -30.27 -99.89
N THR G 1475 -84.71 -30.57 -100.61
CA THR G 1475 -85.02 -29.94 -101.88
C THR G 1475 -86.32 -29.14 -101.75
N MET G 1476 -86.26 -27.87 -102.13
CA MET G 1476 -87.40 -26.98 -102.12
C MET G 1476 -87.75 -26.59 -103.56
N GLY G 1477 -89.05 -26.34 -103.79
CA GLY G 1477 -89.51 -25.97 -105.11
C GLY G 1477 -90.75 -25.10 -105.02
N ASP G 1478 -91.20 -24.65 -106.19
CA ASP G 1478 -92.40 -23.83 -106.27
C ASP G 1478 -93.63 -24.73 -106.36
N GLU G 1479 -94.78 -24.15 -106.72
CA GLU G 1479 -96.03 -24.90 -106.74
C GLU G 1479 -95.97 -26.08 -107.69
N GLN G 1480 -95.17 -25.99 -108.76
CA GLN G 1480 -95.05 -27.07 -109.76
C GLN G 1480 -93.57 -27.37 -109.98
N GLY G 1481 -93.03 -28.27 -109.17
CA GLY G 1481 -91.65 -28.70 -109.34
C GLY G 1481 -90.69 -27.53 -109.24
N ASN G 1482 -89.86 -27.36 -110.27
CA ASN G 1482 -88.99 -26.20 -110.43
C ASN G 1482 -88.14 -25.97 -109.17
N VAL G 1483 -87.27 -26.94 -108.92
CA VAL G 1483 -86.35 -26.91 -107.78
C VAL G 1483 -85.57 -25.61 -107.79
N HIS G 1484 -85.72 -24.80 -106.75
CA HIS G 1484 -84.97 -23.57 -106.61
C HIS G 1484 -83.97 -23.62 -105.46
N SER G 1485 -83.93 -24.70 -104.69
CA SER G 1485 -83.00 -24.84 -103.58
C SER G 1485 -82.81 -26.31 -103.23
N SER G 1486 -81.56 -26.77 -103.25
CA SER G 1486 -81.23 -28.17 -102.96
C SER G 1486 -79.99 -28.17 -102.07
N LEU G 1487 -80.21 -28.19 -100.77
CA LEU G 1487 -79.12 -28.21 -99.81
C LEU G 1487 -78.75 -29.63 -99.43
N LYS G 1488 -77.47 -29.84 -99.14
CA LYS G 1488 -76.94 -31.14 -98.78
C LYS G 1488 -76.42 -31.08 -97.35
N CYS G 1489 -76.84 -32.05 -96.53
CA CYS G 1489 -76.53 -32.05 -95.11
C CYS G 1489 -75.77 -33.31 -94.73
N SER G 1490 -74.77 -33.15 -93.87
CA SER G 1490 -73.99 -34.28 -93.38
C SER G 1490 -73.32 -33.86 -92.08
N ASN G 1491 -72.91 -34.87 -91.31
CA ASN G 1491 -72.19 -34.64 -90.05
C ASN G 1491 -70.71 -34.98 -90.17
N CYS G 1492 -70.25 -35.42 -91.33
CA CYS G 1492 -68.87 -35.83 -91.50
C CYS G 1492 -68.42 -35.47 -92.91
N TYR G 1493 -67.48 -34.55 -93.01
CA TYR G 1493 -66.91 -34.12 -94.28
C TYR G 1493 -65.44 -34.54 -94.29
N MET G 1494 -65.15 -35.69 -94.90
CA MET G 1494 -63.81 -36.27 -94.85
C MET G 1494 -63.43 -36.79 -96.21
N VAL G 1495 -62.13 -37.04 -96.37
CA VAL G 1495 -61.59 -37.68 -97.55
C VAL G 1495 -60.90 -38.97 -97.13
N TRP G 1496 -60.80 -39.91 -98.06
CA TRP G 1496 -60.18 -41.20 -97.80
C TRP G 1496 -58.70 -41.13 -98.16
N GLY G 1497 -57.85 -41.62 -97.26
CA GLY G 1497 -56.43 -41.66 -97.55
C GLY G 1497 -56.08 -42.61 -98.67
N GLY G 1498 -56.97 -43.55 -98.99
CA GLY G 1498 -56.74 -44.47 -100.08
C GLY G 1498 -56.93 -43.88 -101.46
N ASP G 1499 -57.44 -42.65 -101.55
CA ASP G 1499 -57.59 -41.97 -102.83
C ASP G 1499 -56.35 -41.19 -103.23
N PHE G 1500 -55.32 -41.15 -102.38
CA PHE G 1500 -54.13 -40.35 -102.62
C PHE G 1500 -52.89 -41.21 -102.74
N VAL G 1501 -53.07 -42.47 -103.16
CA VAL G 1501 -51.95 -43.41 -103.31
C VAL G 1501 -52.01 -44.00 -104.70
N SER G 1502 -50.92 -43.90 -105.44
CA SER G 1502 -50.84 -44.49 -106.77
C SER G 1502 -50.84 -46.01 -106.66
N PRO G 1503 -51.48 -46.71 -107.62
CA PRO G 1503 -51.48 -48.18 -107.66
C PRO G 1503 -50.13 -48.76 -108.06
N GLY G 1504 -49.09 -48.40 -107.31
CA GLY G 1504 -47.78 -48.98 -107.57
C GLY G 1504 -47.81 -50.48 -107.35
N GLN G 1505 -46.85 -51.16 -107.98
CA GLN G 1505 -46.82 -52.63 -107.91
C GLN G 1505 -46.82 -53.11 -106.47
N GLN G 1506 -45.96 -52.54 -105.63
CA GLN G 1506 -46.03 -52.68 -104.18
C GLN G 1506 -45.10 -51.64 -103.58
N GLY G 1507 -44.83 -51.79 -102.28
CA GLY G 1507 -44.15 -50.75 -101.54
C GLY G 1507 -45.16 -49.71 -101.08
N ARG G 1508 -46.36 -50.18 -100.75
CA ARG G 1508 -47.44 -49.29 -100.37
C ARG G 1508 -47.12 -48.52 -99.09
N ILE G 1509 -46.32 -49.10 -98.21
CA ILE G 1509 -45.78 -48.35 -97.08
C ILE G 1509 -44.69 -47.46 -97.64
N SER G 1510 -45.02 -46.19 -97.87
CA SER G 1510 -44.14 -45.32 -98.62
C SER G 1510 -43.00 -44.80 -97.76
N HIS G 1511 -41.94 -44.37 -98.44
CA HIS G 1511 -40.86 -43.65 -97.76
C HIS G 1511 -41.35 -42.30 -97.25
N THR G 1512 -42.24 -41.65 -98.00
CA THR G 1512 -42.72 -40.33 -97.65
C THR G 1512 -44.06 -40.43 -96.93
N ASP G 1513 -44.17 -39.70 -95.83
CA ASP G 1513 -45.43 -39.63 -95.09
C ASP G 1513 -46.47 -38.89 -95.92
N LEU G 1514 -47.72 -39.33 -95.84
CA LEU G 1514 -48.82 -38.66 -96.51
C LEU G 1514 -49.29 -37.49 -95.66
N VAL G 1515 -49.27 -36.29 -96.25
CA VAL G 1515 -49.63 -35.05 -95.55
C VAL G 1515 -50.89 -34.51 -96.22
N ILE G 1516 -52.05 -34.87 -95.69
CA ILE G 1516 -53.32 -34.41 -96.24
C ILE G 1516 -53.65 -33.07 -95.61
N GLY G 1517 -53.82 -32.05 -96.44
CA GLY G 1517 -54.14 -30.71 -95.98
C GLY G 1517 -55.62 -30.40 -96.20
N CYS G 1518 -56.19 -29.60 -95.30
CA CYS G 1518 -57.59 -29.22 -95.36
C CYS G 1518 -57.70 -27.71 -95.35
N LEU G 1519 -58.48 -27.17 -96.29
CA LEU G 1519 -58.71 -25.73 -96.39
C LEU G 1519 -60.19 -25.45 -96.22
N VAL G 1520 -60.50 -24.49 -95.36
CA VAL G 1520 -61.87 -24.04 -95.14
C VAL G 1520 -61.92 -22.53 -95.29
N ASP G 1521 -62.88 -22.04 -96.07
CA ASP G 1521 -63.11 -20.61 -96.25
C ASP G 1521 -64.39 -20.27 -95.49
N LEU G 1522 -64.22 -19.59 -94.35
CA LEU G 1522 -65.36 -19.29 -93.49
C LEU G 1522 -66.30 -18.26 -94.08
N ALA G 1523 -65.87 -17.51 -95.08
CA ALA G 1523 -66.72 -16.50 -95.70
C ALA G 1523 -67.50 -17.01 -96.90
N THR G 1524 -67.24 -18.24 -97.36
CA THR G 1524 -67.96 -18.82 -98.48
C THR G 1524 -68.50 -20.22 -98.20
N GLY G 1525 -68.06 -20.88 -97.13
CA GLY G 1525 -68.53 -22.22 -96.85
C GLY G 1525 -67.97 -23.28 -97.77
N LEU G 1526 -66.85 -23.01 -98.43
CA LEU G 1526 -66.24 -23.97 -99.34
C LEU G 1526 -65.06 -24.66 -98.67
N MET G 1527 -64.99 -25.97 -98.84
CA MET G 1527 -63.96 -26.79 -98.21
C MET G 1527 -63.22 -27.57 -99.29
N THR G 1528 -61.89 -27.53 -99.23
CA THR G 1528 -61.05 -28.20 -100.22
C THR G 1528 -59.96 -28.98 -99.51
N PHE G 1529 -59.36 -29.91 -100.23
CA PHE G 1529 -58.34 -30.78 -99.66
C PHE G 1529 -57.16 -30.89 -100.61
N THR G 1530 -55.98 -31.15 -100.05
CA THR G 1530 -54.76 -31.35 -100.81
C THR G 1530 -54.11 -32.66 -100.42
N ALA G 1531 -53.62 -33.41 -101.40
CA ALA G 1531 -53.05 -34.73 -101.13
C ALA G 1531 -51.60 -34.61 -100.65
N ASN G 1532 -50.71 -34.11 -101.51
CA ASN G 1532 -49.32 -33.84 -101.15
C ASN G 1532 -48.91 -32.49 -101.73
N GLY G 1533 -49.78 -31.51 -101.59
CA GLY G 1533 -49.63 -30.25 -102.28
C GLY G 1533 -50.38 -30.16 -103.60
N LYS G 1534 -51.00 -31.25 -104.04
CA LYS G 1534 -51.82 -31.27 -105.25
C LYS G 1534 -53.29 -31.21 -104.84
N GLU G 1535 -54.02 -30.28 -105.45
CA GLU G 1535 -55.42 -30.11 -105.10
C GLU G 1535 -56.24 -31.34 -105.46
N SER G 1536 -57.08 -31.77 -104.53
CA SER G 1536 -57.93 -32.94 -104.76
C SER G 1536 -59.25 -32.51 -105.42
N ASN G 1537 -59.89 -33.48 -106.07
CA ASN G 1537 -61.15 -33.20 -106.76
C ASN G 1537 -62.32 -33.05 -105.80
N THR G 1538 -62.27 -33.71 -104.65
CA THR G 1538 -63.38 -33.67 -103.71
C THR G 1538 -63.45 -32.31 -103.02
N PHE G 1539 -64.68 -31.85 -102.79
CA PHE G 1539 -64.91 -30.60 -102.08
C PHE G 1539 -66.29 -30.66 -101.44
N PHE G 1540 -66.52 -29.77 -100.48
CA PHE G 1540 -67.79 -29.72 -99.77
C PHE G 1540 -68.23 -28.27 -99.64
N GLN G 1541 -69.55 -28.09 -99.55
CA GLN G 1541 -70.17 -26.79 -99.33
C GLN G 1541 -71.07 -26.87 -98.12
N VAL G 1542 -70.95 -25.91 -97.21
CA VAL G 1542 -71.71 -25.91 -95.97
C VAL G 1542 -72.41 -24.55 -95.82
N GLU G 1543 -73.44 -24.55 -94.99
CA GLU G 1543 -74.26 -23.39 -94.69
C GLU G 1543 -73.60 -22.50 -93.64
N PRO G 1544 -73.98 -21.23 -93.56
CA PRO G 1544 -73.39 -20.35 -92.54
C PRO G 1544 -73.73 -20.81 -91.13
N ASN G 1545 -72.90 -20.39 -90.18
CA ASN G 1545 -72.96 -20.72 -88.76
C ASN G 1545 -72.65 -22.18 -88.47
N THR G 1546 -72.12 -22.91 -89.45
CA THR G 1546 -71.76 -24.30 -89.24
C THR G 1546 -70.51 -24.41 -88.38
N LYS G 1547 -70.53 -25.32 -87.42
CA LYS G 1547 -69.38 -25.62 -86.59
C LYS G 1547 -68.74 -26.93 -87.07
N LEU G 1548 -67.43 -26.90 -87.32
CA LEU G 1548 -66.70 -28.06 -87.78
C LEU G 1548 -65.51 -28.30 -86.87
N PHE G 1549 -65.35 -29.54 -86.44
CA PHE G 1549 -64.22 -29.97 -85.63
C PHE G 1549 -63.21 -30.69 -86.51
N PRO G 1550 -61.94 -30.30 -86.50
CA PRO G 1550 -60.92 -31.08 -87.22
C PRO G 1550 -60.84 -32.48 -86.65
N ALA G 1551 -61.04 -33.48 -87.52
CA ALA G 1551 -61.18 -34.85 -87.05
C ALA G 1551 -60.47 -35.80 -87.99
N VAL G 1552 -59.91 -36.86 -87.42
CA VAL G 1552 -59.26 -37.93 -88.17
C VAL G 1552 -59.78 -39.27 -87.67
N PHE G 1553 -60.24 -40.09 -88.59
CA PHE G 1553 -60.66 -41.46 -88.27
C PHE G 1553 -59.62 -42.41 -88.84
N VAL G 1554 -59.00 -43.21 -87.97
CA VAL G 1554 -57.86 -44.02 -88.36
C VAL G 1554 -57.95 -45.38 -87.69
N LEU G 1555 -57.56 -46.42 -88.42
CA LEU G 1555 -57.33 -47.74 -87.86
C LEU G 1555 -55.82 -47.95 -87.74
N PRO G 1556 -55.26 -47.97 -86.53
CA PRO G 1556 -53.81 -48.00 -86.39
C PRO G 1556 -53.19 -49.26 -87.02
N THR G 1557 -52.05 -49.06 -87.67
CA THR G 1557 -51.28 -50.16 -88.25
C THR G 1557 -49.78 -49.99 -87.99
N HIS G 1558 -49.40 -49.10 -87.07
CA HIS G 1558 -48.01 -48.79 -86.81
C HIS G 1558 -47.93 -48.10 -85.46
N GLN G 1559 -46.71 -48.03 -84.91
CA GLN G 1559 -46.52 -47.33 -83.65
C GLN G 1559 -46.84 -45.85 -83.78
N ASN G 1560 -46.38 -45.23 -84.86
CA ASN G 1560 -46.72 -43.85 -85.17
C ASN G 1560 -47.91 -43.85 -86.12
N VAL G 1561 -49.01 -43.20 -85.71
CA VAL G 1561 -50.26 -43.34 -86.44
C VAL G 1561 -50.53 -42.10 -87.28
N ILE G 1562 -50.72 -40.95 -86.63
CA ILE G 1562 -51.05 -39.70 -87.31
C ILE G 1562 -50.39 -38.55 -86.54
N GLN G 1563 -50.60 -37.34 -87.06
CA GLN G 1563 -50.06 -36.14 -86.42
C GLN G 1563 -50.85 -34.94 -86.93
N PHE G 1564 -51.62 -34.32 -86.05
CA PHE G 1564 -52.29 -33.07 -86.39
C PHE G 1564 -51.25 -31.97 -86.54
N GLU G 1565 -51.15 -31.38 -87.72
CA GLU G 1565 -50.19 -30.31 -87.99
C GLU G 1565 -50.97 -29.01 -88.08
N LEU G 1566 -50.83 -28.17 -87.04
CA LEU G 1566 -51.55 -26.91 -86.95
C LEU G 1566 -50.73 -25.78 -87.57
N GLY G 1567 -50.37 -25.96 -88.83
CA GLY G 1567 -49.54 -25.03 -89.56
C GLY G 1567 -50.34 -24.07 -90.40
N LYS G 1568 -49.68 -23.56 -91.44
CA LYS G 1568 -50.30 -22.59 -92.34
C LYS G 1568 -49.65 -22.72 -93.70
N GLN G 1569 -50.33 -22.17 -94.71
CA GLN G 1569 -49.83 -22.09 -96.07
C GLN G 1569 -49.55 -20.64 -96.41
N LYS G 1570 -49.16 -20.39 -97.66
CA LYS G 1570 -48.91 -19.03 -98.10
C LYS G 1570 -50.23 -18.27 -98.19
N ASN G 1571 -50.30 -17.12 -97.51
CA ASN G 1571 -51.49 -16.27 -97.49
C ASN G 1571 -52.71 -17.00 -96.93
N ILE G 1572 -52.49 -17.94 -96.02
CA ILE G 1572 -53.58 -18.68 -95.38
C ILE G 1572 -53.30 -18.73 -93.88
N MET G 1573 -54.30 -18.37 -93.08
CA MET G 1573 -54.15 -18.34 -91.63
C MET G 1573 -54.21 -19.74 -91.05
N PRO G 1574 -53.59 -19.96 -89.90
CA PRO G 1574 -53.68 -21.26 -89.23
C PRO G 1574 -55.01 -21.41 -88.50
N LEU G 1575 -55.20 -22.60 -87.92
CA LEU G 1575 -56.45 -22.89 -87.21
C LEU G 1575 -56.57 -22.05 -85.95
N SER G 1576 -55.46 -21.77 -85.29
CA SER G 1576 -55.50 -20.98 -84.06
C SER G 1576 -56.07 -19.59 -84.31
N ALA G 1577 -55.97 -19.10 -85.55
CA ALA G 1577 -56.56 -17.82 -85.89
C ALA G 1577 -58.08 -17.88 -85.96
N ALA G 1578 -58.65 -19.06 -86.23
CA ALA G 1578 -60.09 -19.20 -86.33
C ALA G 1578 -60.74 -19.70 -85.04
N MET G 1579 -60.02 -20.46 -84.22
CA MET G 1579 -60.59 -21.01 -83.00
C MET G 1579 -60.65 -20.00 -81.86
N PHE G 1580 -59.82 -18.97 -81.89
CA PHE G 1580 -59.70 -18.03 -80.78
C PHE G 1580 -59.93 -16.61 -81.28
N LEU G 1581 -60.76 -15.86 -80.56
CA LEU G 1581 -61.05 -14.49 -80.95
C LEU G 1581 -59.82 -13.60 -80.86
N SER G 1582 -59.02 -13.78 -79.82
CA SER G 1582 -57.84 -12.93 -79.61
C SER G 1582 -56.74 -13.17 -80.64
N GLU G 1583 -56.84 -14.24 -81.43
CA GLU G 1583 -55.81 -14.58 -82.41
C GLU G 1583 -56.30 -14.44 -83.85
N ARG G 1584 -57.38 -13.68 -84.07
CA ARG G 1584 -57.93 -13.57 -85.41
C ARG G 1584 -56.95 -12.96 -86.39
N LYS G 1585 -56.12 -12.01 -85.94
CA LYS G 1585 -55.15 -11.35 -86.80
C LYS G 1585 -53.73 -11.81 -86.52
N ASN G 1586 -53.55 -12.95 -85.87
CA ASN G 1586 -52.22 -13.47 -85.58
C ASN G 1586 -51.90 -14.60 -86.54
N PRO G 1587 -51.00 -14.41 -87.50
CA PRO G 1587 -50.67 -15.48 -88.44
C PRO G 1587 -49.73 -16.53 -87.88
N ALA G 1588 -49.16 -16.33 -86.70
CA ALA G 1588 -48.25 -17.30 -86.12
C ALA G 1588 -49.02 -18.50 -85.61
N PRO G 1589 -48.71 -19.71 -86.06
CA PRO G 1589 -49.44 -20.89 -85.56
C PRO G 1589 -49.25 -21.07 -84.06
N GLN G 1590 -50.33 -21.47 -83.39
CA GLN G 1590 -50.31 -21.69 -81.96
C GLN G 1590 -51.06 -22.97 -81.62
N CYS G 1591 -50.69 -23.57 -80.50
CA CYS G 1591 -51.38 -24.74 -79.96
C CYS G 1591 -51.65 -24.49 -78.48
N PRO G 1592 -52.68 -23.71 -78.17
CA PRO G 1592 -52.98 -23.41 -76.76
C PRO G 1592 -53.41 -24.64 -76.01
N PRO G 1593 -53.28 -24.64 -74.68
CA PRO G 1593 -53.58 -25.86 -73.91
C PRO G 1593 -55.02 -26.35 -74.05
N ARG G 1594 -55.97 -25.45 -74.31
CA ARG G 1594 -57.36 -25.89 -74.44
C ARG G 1594 -57.55 -26.78 -75.67
N LEU G 1595 -56.72 -26.60 -76.68
CA LEU G 1595 -56.81 -27.43 -77.89
C LEU G 1595 -56.14 -28.76 -77.63
N GLU G 1596 -56.91 -29.84 -77.67
CA GLU G 1596 -56.40 -31.16 -77.38
C GLU G 1596 -57.15 -32.19 -78.21
N VAL G 1597 -56.58 -33.39 -78.31
CA VAL G 1597 -57.17 -34.45 -79.10
C VAL G 1597 -58.20 -35.18 -78.24
N GLN G 1598 -59.40 -35.35 -78.80
CA GLN G 1598 -60.48 -36.06 -78.14
C GLN G 1598 -60.84 -37.31 -78.93
N MET G 1599 -61.20 -38.37 -78.21
CA MET G 1599 -61.57 -39.64 -78.82
C MET G 1599 -63.04 -39.95 -78.52
N LEU G 1600 -63.64 -40.72 -79.42
CA LEU G 1600 -65.06 -41.05 -79.34
C LEU G 1600 -65.24 -42.21 -78.38
N MET G 1601 -65.97 -41.98 -77.28
CA MET G 1601 -66.26 -42.99 -76.28
C MET G 1601 -67.66 -43.55 -76.48
N PRO G 1602 -67.80 -44.85 -76.71
CA PRO G 1602 -69.12 -45.39 -77.05
C PRO G 1602 -70.16 -45.24 -75.96
N VAL G 1603 -69.78 -45.33 -74.69
CA VAL G 1603 -70.74 -45.34 -73.58
C VAL G 1603 -70.33 -44.29 -72.56
N SER G 1604 -71.33 -43.62 -71.99
CA SER G 1604 -71.11 -42.63 -70.96
C SER G 1604 -72.24 -42.70 -69.94
N TRP G 1605 -71.97 -42.20 -68.74
CA TRP G 1605 -72.97 -42.15 -67.69
C TRP G 1605 -73.93 -41.00 -67.93
N SER G 1606 -75.22 -41.25 -67.72
CA SER G 1606 -76.25 -40.24 -67.85
C SER G 1606 -77.20 -40.35 -66.67
N ARG G 1607 -77.71 -39.20 -66.22
CA ARG G 1607 -78.60 -39.17 -65.08
C ARG G 1607 -80.05 -39.39 -65.51
N MET G 1608 -80.72 -40.32 -64.86
CA MET G 1608 -82.12 -40.57 -65.15
C MET G 1608 -82.98 -39.44 -64.58
N PRO G 1609 -83.90 -38.89 -65.37
CA PRO G 1609 -84.79 -37.86 -64.82
C PRO G 1609 -85.66 -38.40 -63.71
N ASN G 1610 -85.98 -37.53 -62.76
CA ASN G 1610 -86.82 -37.93 -61.63
C ASN G 1610 -88.25 -38.18 -62.05
N HIS G 1611 -88.73 -37.51 -63.08
CA HIS G 1611 -90.09 -37.68 -63.57
C HIS G 1611 -90.07 -37.79 -65.09
N PHE G 1612 -91.06 -38.49 -65.63
CA PHE G 1612 -91.15 -38.74 -67.06
C PHE G 1612 -92.54 -38.36 -67.54
N LEU G 1613 -92.62 -37.94 -68.81
CA LEU G 1613 -93.89 -37.55 -69.39
C LEU G 1613 -94.88 -38.71 -69.38
N GLN G 1614 -96.10 -38.43 -68.95
CA GLN G 1614 -97.17 -39.43 -68.91
C GLN G 1614 -97.88 -39.42 -70.26
N VAL G 1615 -97.61 -40.44 -71.08
CA VAL G 1615 -98.16 -40.54 -72.42
C VAL G 1615 -99.20 -41.65 -72.42
N GLU G 1616 -100.41 -41.33 -72.88
CA GLU G 1616 -101.51 -42.28 -72.96
C GLU G 1616 -101.73 -42.64 -74.42
N THR G 1617 -101.58 -43.93 -74.73
CA THR G 1617 -101.78 -44.44 -76.08
C THR G 1617 -102.91 -45.46 -76.06
N ARG G 1618 -103.85 -45.31 -76.99
CA ARG G 1618 -104.99 -46.21 -77.06
C ARG G 1618 -105.55 -46.18 -78.47
N ARG G 1619 -106.30 -47.23 -78.81
CA ARG G 1619 -106.95 -47.31 -80.11
C ARG G 1619 -108.33 -46.67 -79.99
N ALA G 1620 -108.49 -45.49 -80.57
CA ALA G 1620 -109.74 -44.75 -80.43
C ALA G 1620 -110.90 -45.39 -81.18
N GLY G 1621 -110.61 -46.25 -82.14
CA GLY G 1621 -111.66 -46.92 -82.88
C GLY G 1621 -111.16 -47.35 -84.24
N GLU G 1622 -112.06 -47.99 -84.99
CA GLU G 1622 -111.71 -48.47 -86.33
C GLU G 1622 -111.42 -47.30 -87.26
N ARG G 1623 -112.22 -46.23 -87.19
CA ARG G 1623 -112.05 -45.10 -88.08
C ARG G 1623 -111.21 -43.98 -87.49
N LEU G 1624 -111.14 -43.87 -86.17
CA LEU G 1624 -110.37 -42.81 -85.53
C LEU G 1624 -108.89 -43.15 -85.40
N GLY G 1625 -108.53 -44.42 -85.41
CA GLY G 1625 -107.14 -44.81 -85.34
C GLY G 1625 -106.59 -44.87 -83.93
N TRP G 1626 -105.27 -44.67 -83.80
CA TRP G 1626 -104.58 -44.77 -82.53
C TRP G 1626 -104.25 -43.37 -82.04
N ALA G 1627 -104.65 -43.06 -80.80
CA ALA G 1627 -104.55 -41.71 -80.25
C ALA G 1627 -103.36 -41.62 -79.29
N VAL G 1628 -102.62 -40.52 -79.39
CA VAL G 1628 -101.54 -40.20 -78.47
C VAL G 1628 -101.92 -38.96 -77.69
N GLN G 1629 -101.67 -38.98 -76.38
CA GLN G 1629 -102.10 -37.88 -75.52
C GLN G 1629 -101.06 -37.66 -74.43
N CYS G 1630 -100.73 -36.39 -74.19
CA CYS G 1630 -99.82 -36.00 -73.13
C CYS G 1630 -100.22 -34.61 -72.66
N GLN G 1631 -100.52 -34.47 -71.37
CA GLN G 1631 -101.09 -33.22 -70.86
C GLN G 1631 -100.26 -32.58 -69.76
N ASP G 1632 -99.71 -33.35 -68.84
CA ASP G 1632 -99.00 -32.77 -67.70
C ASP G 1632 -97.65 -32.23 -68.14
N PRO G 1633 -97.38 -30.94 -67.94
CA PRO G 1633 -96.08 -30.38 -68.37
C PRO G 1633 -94.93 -30.87 -67.51
N LEU G 1634 -93.75 -30.93 -68.13
CA LEU G 1634 -92.52 -31.24 -67.42
C LEU G 1634 -91.41 -30.35 -67.98
N THR G 1635 -90.61 -29.78 -67.08
CA THR G 1635 -89.55 -28.86 -67.45
C THR G 1635 -88.28 -29.21 -66.68
N MET G 1636 -87.14 -29.13 -67.35
CA MET G 1636 -85.86 -29.32 -66.71
C MET G 1636 -84.96 -28.13 -66.99
N MET G 1637 -84.02 -27.90 -66.09
CA MET G 1637 -83.06 -26.81 -66.24
C MET G 1637 -81.83 -27.36 -66.96
N ALA G 1638 -81.61 -26.92 -68.19
CA ALA G 1638 -80.57 -27.47 -69.04
C ALA G 1638 -79.31 -26.61 -68.97
N LEU G 1639 -78.17 -27.29 -68.84
CA LEU G 1639 -76.86 -26.65 -68.89
C LEU G 1639 -76.27 -26.89 -70.27
N HIS G 1640 -76.02 -25.80 -71.00
CA HIS G 1640 -75.60 -25.87 -72.39
C HIS G 1640 -74.11 -25.55 -72.50
N ILE G 1641 -73.37 -26.42 -73.19
CA ILE G 1641 -71.97 -26.19 -73.49
C ILE G 1641 -71.89 -25.55 -74.88
N PRO G 1642 -71.43 -24.30 -74.99
CA PRO G 1642 -71.52 -23.59 -76.28
C PRO G 1642 -70.71 -24.22 -77.39
N GLU G 1643 -69.44 -24.52 -77.15
CA GLU G 1643 -68.57 -24.98 -78.22
C GLU G 1643 -68.95 -26.37 -78.72
N GLU G 1644 -69.55 -27.21 -77.89
CA GLU G 1644 -69.95 -28.54 -78.30
C GLU G 1644 -71.39 -28.60 -78.80
N ASN G 1645 -72.15 -27.51 -78.66
CA ASN G 1645 -73.53 -27.42 -79.15
C ASN G 1645 -74.38 -28.56 -78.60
N ARG G 1646 -74.20 -28.85 -77.31
CA ARG G 1646 -74.97 -29.87 -76.63
C ARG G 1646 -75.29 -29.39 -75.23
N CYS G 1647 -76.34 -29.95 -74.65
CA CYS G 1647 -76.77 -29.57 -73.32
C CYS G 1647 -77.01 -30.80 -72.47
N MET G 1648 -76.89 -30.62 -71.16
CA MET G 1648 -77.14 -31.67 -70.18
C MET G 1648 -78.00 -31.10 -69.07
N ASP G 1649 -78.67 -31.99 -68.35
CA ASP G 1649 -79.41 -31.56 -67.17
C ASP G 1649 -78.44 -30.98 -66.14
N ILE G 1650 -78.83 -29.84 -65.55
CA ILE G 1650 -77.98 -29.18 -64.57
C ILE G 1650 -77.82 -30.05 -63.33
N LEU G 1651 -78.75 -30.99 -63.10
CA LEU G 1651 -78.63 -31.90 -61.96
C LEU G 1651 -77.49 -32.88 -62.14
N GLU G 1652 -76.97 -33.05 -63.35
CA GLU G 1652 -75.82 -33.92 -63.56
C GLU G 1652 -74.54 -33.36 -62.97
N LEU G 1653 -74.54 -32.08 -62.55
CA LEU G 1653 -73.35 -31.49 -61.97
C LEU G 1653 -73.05 -32.03 -60.58
N SER G 1654 -73.96 -32.81 -59.98
CA SER G 1654 -73.68 -33.44 -58.71
C SER G 1654 -72.56 -34.47 -58.82
N GLU G 1655 -72.34 -35.05 -60.00
CA GLU G 1655 -71.23 -35.96 -60.22
C GLU G 1655 -70.13 -35.39 -61.08
N ARG G 1656 -70.43 -34.40 -61.93
CA ARG G 1656 -69.41 -33.74 -62.74
C ARG G 1656 -68.88 -32.57 -61.94
N LEU G 1657 -67.89 -32.85 -61.09
CA LEU G 1657 -67.41 -31.85 -60.15
C LEU G 1657 -66.61 -30.74 -60.83
N ASP G 1658 -65.95 -31.05 -61.95
CA ASP G 1658 -65.19 -30.03 -62.65
C ASP G 1658 -66.10 -28.93 -63.19
N LEU G 1659 -67.24 -29.31 -63.76
CA LEU G 1659 -68.19 -28.31 -64.23
C LEU G 1659 -68.95 -27.66 -63.08
N GLN G 1660 -69.17 -28.40 -62.00
CA GLN G 1660 -69.87 -27.83 -60.85
C GLN G 1660 -69.08 -26.69 -60.23
N ARG G 1661 -67.78 -26.86 -60.06
CA ARG G 1661 -66.95 -25.79 -59.51
C ARG G 1661 -66.91 -24.59 -60.44
N PHE G 1662 -66.75 -24.82 -61.74
CA PHE G 1662 -66.69 -23.72 -62.68
C PHE G 1662 -68.00 -22.96 -62.73
N HIS G 1663 -69.13 -23.68 -62.73
CA HIS G 1663 -70.42 -23.00 -62.80
C HIS G 1663 -70.73 -22.28 -61.49
N SER G 1664 -70.33 -22.86 -60.35
CA SER G 1664 -70.52 -22.17 -59.07
C SER G 1664 -69.73 -20.87 -59.02
N HIS G 1665 -68.49 -20.90 -59.53
CA HIS G 1665 -67.71 -19.66 -59.60
C HIS G 1665 -68.25 -18.72 -60.66
N THR G 1666 -68.91 -19.25 -61.69
CA THR G 1666 -69.58 -18.39 -62.66
C THR G 1666 -70.70 -17.60 -62.01
N LEU G 1667 -71.48 -18.26 -61.13
CA LEU G 1667 -72.50 -17.55 -60.39
C LEU G 1667 -71.90 -16.52 -59.45
N ARG G 1668 -70.74 -16.83 -58.88
CA ARG G 1668 -70.05 -15.85 -58.03
C ARG G 1668 -69.63 -14.64 -58.86
N LEU G 1669 -69.18 -14.87 -60.10
CA LEU G 1669 -68.83 -13.76 -60.98
C LEU G 1669 -70.04 -12.91 -61.33
N TYR G 1670 -71.21 -13.56 -61.50
CA TYR G 1670 -72.42 -12.81 -61.76
C TYR G 1670 -72.75 -11.87 -60.61
N ARG G 1671 -72.57 -12.34 -59.37
CA ARG G 1671 -72.83 -11.48 -58.22
C ARG G 1671 -71.79 -10.37 -58.11
N ALA G 1672 -70.55 -10.65 -58.52
CA ALA G 1672 -69.49 -9.64 -58.41
C ALA G 1672 -69.74 -8.46 -59.35
N VAL G 1673 -70.14 -8.73 -60.58
CA VAL G 1673 -70.30 -7.66 -61.57
C VAL G 1673 -71.47 -6.75 -61.24
N CYS G 1674 -72.52 -7.27 -60.59
CA CYS G 1674 -73.66 -6.47 -60.19
C CYS G 1674 -73.62 -6.07 -58.73
N ALA G 1675 -72.49 -6.28 -58.06
CA ALA G 1675 -72.40 -6.02 -56.63
C ALA G 1675 -72.39 -4.52 -56.34
N LEU G 1676 -72.97 -4.17 -55.19
CA LEU G 1676 -72.91 -2.80 -54.64
C LEU G 1676 -73.57 -1.80 -55.59
N GLY G 1677 -74.83 -2.06 -55.91
CA GLY G 1677 -75.66 -1.07 -56.58
C GLY G 1677 -75.46 -0.92 -58.07
N ASN G 1678 -74.79 -1.85 -58.73
CA ASN G 1678 -74.61 -1.78 -60.18
C ASN G 1678 -75.87 -2.33 -60.83
N ASN G 1679 -76.91 -1.49 -60.84
CA ASN G 1679 -78.22 -1.94 -61.33
C ASN G 1679 -78.22 -2.14 -62.84
N ARG G 1680 -77.40 -1.39 -63.57
CA ARG G 1680 -77.36 -1.54 -65.02
C ARG G 1680 -76.89 -2.93 -65.41
N VAL G 1681 -75.85 -3.44 -64.74
CA VAL G 1681 -75.40 -4.81 -64.98
C VAL G 1681 -76.45 -5.81 -64.50
N ALA G 1682 -77.15 -5.49 -63.41
CA ALA G 1682 -78.17 -6.40 -62.89
C ALA G 1682 -79.27 -6.64 -63.92
N HIS G 1683 -79.65 -5.59 -64.67
CA HIS G 1683 -80.61 -5.79 -65.76
C HIS G 1683 -80.02 -6.68 -66.84
N ALA G 1684 -78.73 -6.52 -67.13
CA ALA G 1684 -78.10 -7.37 -68.15
C ALA G 1684 -78.10 -8.83 -67.73
N LEU G 1685 -77.88 -9.10 -66.44
CA LEU G 1685 -77.88 -10.48 -65.96
C LEU G 1685 -79.24 -11.15 -66.10
N CYS G 1686 -80.32 -10.37 -66.12
CA CYS G 1686 -81.64 -10.96 -66.31
C CYS G 1686 -81.80 -11.59 -67.69
N SER G 1687 -81.01 -11.16 -68.66
CA SER G 1687 -81.02 -11.80 -69.98
C SER G 1687 -80.32 -13.14 -69.98
N HIS G 1688 -79.43 -13.39 -69.01
CA HIS G 1688 -78.71 -14.65 -68.91
C HIS G 1688 -79.33 -15.61 -67.90
N VAL G 1689 -79.74 -15.11 -66.74
CA VAL G 1689 -80.42 -15.91 -65.74
C VAL G 1689 -81.77 -15.23 -65.51
N ASP G 1690 -82.79 -15.70 -66.22
CA ASP G 1690 -84.10 -15.05 -66.19
C ASP G 1690 -84.83 -15.37 -64.89
N GLN G 1691 -86.01 -14.76 -64.75
CA GLN G 1691 -86.81 -14.93 -63.54
C GLN G 1691 -87.26 -16.38 -63.37
N ALA G 1692 -87.66 -17.03 -64.47
CA ALA G 1692 -88.13 -18.40 -64.37
C ALA G 1692 -87.05 -19.35 -63.88
N GLN G 1693 -85.81 -19.17 -64.36
CA GLN G 1693 -84.71 -20.01 -63.92
C GLN G 1693 -84.45 -19.84 -62.43
N LEU G 1694 -84.45 -18.59 -61.96
CA LEU G 1694 -84.19 -18.33 -60.54
C LEU G 1694 -85.26 -18.96 -59.66
N LEU G 1695 -86.53 -18.76 -60.03
CA LEU G 1695 -87.61 -19.32 -59.23
C LEU G 1695 -87.60 -20.84 -59.27
N HIS G 1696 -87.27 -21.42 -60.42
CA HIS G 1696 -87.15 -22.87 -60.50
C HIS G 1696 -86.01 -23.39 -59.64
N ALA G 1697 -84.90 -22.67 -59.60
CA ALA G 1697 -83.74 -23.13 -58.82
C ALA G 1697 -84.01 -23.11 -57.33
N LEU G 1698 -84.87 -22.20 -56.86
CA LEU G 1698 -85.15 -22.12 -55.43
C LEU G 1698 -85.86 -23.37 -54.94
N GLU G 1699 -86.80 -23.89 -55.72
CA GLU G 1699 -87.60 -25.05 -55.31
C GLU G 1699 -87.01 -26.37 -55.76
N ASP G 1700 -85.89 -26.36 -56.48
CA ASP G 1700 -85.27 -27.60 -56.94
C ASP G 1700 -84.58 -28.29 -55.78
N ALA G 1701 -85.09 -29.47 -55.41
CA ALA G 1701 -84.56 -30.20 -54.27
C ALA G 1701 -83.35 -31.05 -54.61
N HIS G 1702 -83.04 -31.24 -55.89
CA HIS G 1702 -81.92 -32.07 -56.30
C HIS G 1702 -80.69 -31.27 -56.69
N LEU G 1703 -80.74 -29.94 -56.57
CA LEU G 1703 -79.59 -29.12 -56.94
C LEU G 1703 -78.43 -29.39 -55.97
N PRO G 1704 -77.20 -29.41 -56.46
CA PRO G 1704 -76.06 -29.49 -55.55
C PRO G 1704 -75.98 -28.26 -54.65
N GLY G 1705 -75.40 -28.46 -53.48
CA GLY G 1705 -75.31 -27.43 -52.47
C GLY G 1705 -74.69 -26.13 -52.94
N PRO G 1706 -73.50 -26.20 -53.56
CA PRO G 1706 -72.90 -24.96 -54.09
C PRO G 1706 -73.76 -24.27 -55.12
N LEU G 1707 -74.48 -25.02 -55.97
CA LEU G 1707 -75.35 -24.39 -56.95
C LEU G 1707 -76.61 -23.83 -56.30
N ARG G 1708 -77.19 -24.56 -55.36
CA ARG G 1708 -78.37 -24.07 -54.66
C ARG G 1708 -78.06 -22.79 -53.89
N ALA G 1709 -76.92 -22.76 -53.18
CA ALA G 1709 -76.53 -21.55 -52.47
C ALA G 1709 -76.21 -20.43 -53.44
N GLY G 1710 -75.60 -20.76 -54.58
CA GLY G 1710 -75.25 -19.74 -55.55
C GLY G 1710 -76.46 -19.07 -56.18
N TYR G 1711 -77.48 -19.86 -56.52
CA TYR G 1711 -78.67 -19.29 -57.15
C TYR G 1711 -79.51 -18.49 -56.18
N TYR G 1712 -79.58 -18.91 -54.91
CA TYR G 1712 -80.25 -18.10 -53.90
C TYR G 1712 -79.57 -16.76 -53.72
N ASP G 1713 -78.24 -16.76 -53.67
CA ASP G 1713 -77.50 -15.51 -53.54
C ASP G 1713 -77.56 -14.68 -54.82
N LEU G 1714 -77.61 -15.34 -55.97
CA LEU G 1714 -77.73 -14.61 -57.23
C LEU G 1714 -79.05 -13.86 -57.33
N LEU G 1715 -80.14 -14.48 -56.88
CA LEU G 1715 -81.43 -13.80 -56.89
C LEU G 1715 -81.41 -12.57 -55.99
N ILE G 1716 -80.80 -12.69 -54.81
CA ILE G 1716 -80.72 -11.55 -53.90
C ILE G 1716 -79.88 -10.44 -54.50
N SER G 1717 -78.74 -10.81 -55.11
CA SER G 1717 -77.85 -9.79 -55.67
C SER G 1717 -78.50 -9.04 -56.82
N ILE G 1718 -79.20 -9.75 -57.70
CA ILE G 1718 -79.79 -9.11 -58.88
C ILE G 1718 -80.96 -8.23 -58.48
N HIS G 1719 -81.85 -8.74 -57.61
CA HIS G 1719 -83.14 -8.10 -57.38
C HIS G 1719 -83.29 -7.42 -56.04
N LEU G 1720 -82.67 -7.96 -54.98
CA LEU G 1720 -82.96 -7.50 -53.63
C LEU G 1720 -81.80 -6.83 -52.92
N GLU G 1721 -80.56 -7.00 -53.41
CA GLU G 1721 -79.41 -6.48 -52.66
C GLU G 1721 -79.44 -4.95 -52.56
N SER G 1722 -79.74 -4.27 -53.65
CA SER G 1722 -79.74 -2.81 -53.63
C SER G 1722 -80.85 -2.25 -52.75
N ALA G 1723 -82.05 -2.82 -52.85
CA ALA G 1723 -83.17 -2.33 -52.05
C ALA G 1723 -82.95 -2.61 -50.56
N CYS G 1724 -82.44 -3.80 -50.23
CA CYS G 1724 -82.22 -4.14 -48.83
C CYS G 1724 -81.16 -3.25 -48.20
N ARG G 1725 -80.07 -2.99 -48.91
CA ARG G 1725 -79.00 -2.16 -48.36
C ARG G 1725 -79.46 -0.73 -48.13
N SER G 1726 -80.20 -0.16 -49.08
CA SER G 1726 -80.71 1.19 -48.90
C SER G 1726 -81.70 1.26 -47.76
N ARG G 1727 -82.57 0.26 -47.64
CA ARG G 1727 -83.53 0.24 -46.55
C ARG G 1727 -82.84 0.07 -45.19
N ARG G 1728 -81.82 -0.78 -45.13
CA ARG G 1728 -81.13 -1.03 -43.87
C ARG G 1728 -80.45 0.24 -43.34
N SER G 1729 -79.95 1.10 -44.23
CA SER G 1729 -79.35 2.35 -43.78
C SER G 1729 -80.37 3.26 -43.12
N MET G 1730 -81.61 3.27 -43.61
CA MET G 1730 -82.66 4.11 -43.04
C MET G 1730 -83.26 3.54 -41.77
N LEU G 1731 -83.01 2.27 -41.45
CA LEU G 1731 -83.61 1.66 -40.27
C LEU G 1731 -83.01 2.16 -38.96
N SER G 1732 -81.86 2.82 -39.00
CA SER G 1732 -81.23 3.34 -37.80
C SER G 1732 -81.80 4.68 -37.36
N GLU G 1733 -82.63 5.31 -38.18
CA GLU G 1733 -83.22 6.60 -37.86
C GLU G 1733 -84.73 6.44 -37.71
N TYR G 1734 -85.33 7.30 -36.87
CA TYR G 1734 -86.75 7.22 -36.56
C TYR G 1734 -87.35 8.62 -36.74
N ILE G 1735 -87.80 8.91 -37.96
CA ILE G 1735 -88.49 10.14 -38.27
C ILE G 1735 -89.98 9.85 -38.19
N VAL G 1736 -90.64 10.33 -37.14
CA VAL G 1736 -92.00 9.97 -36.82
C VAL G 1736 -92.90 11.18 -37.09
N PRO G 1737 -93.69 11.17 -38.16
CA PRO G 1737 -94.67 12.25 -38.36
C PRO G 1737 -95.77 12.19 -37.33
N LEU G 1738 -96.30 13.36 -36.97
CA LEU G 1738 -97.37 13.46 -35.99
C LEU G 1738 -98.72 13.34 -36.69
N THR G 1739 -98.99 12.14 -37.14
CA THR G 1739 -100.21 11.78 -37.85
C THR G 1739 -101.18 11.06 -36.91
N PRO G 1740 -102.46 11.01 -37.26
CA PRO G 1740 -103.41 10.26 -36.42
C PRO G 1740 -103.03 8.80 -36.22
N GLU G 1741 -102.39 8.19 -37.21
CA GLU G 1741 -101.91 6.82 -37.04
C GLU G 1741 -100.85 6.75 -35.95
N THR G 1742 -99.98 7.76 -35.89
CA THR G 1742 -98.96 7.81 -34.83
C THR G 1742 -99.59 7.93 -33.46
N ARG G 1743 -100.67 8.71 -33.36
CA ARG G 1743 -101.31 8.96 -32.07
CA ARG G 1743 -101.30 8.95 -32.06
C ARG G 1743 -101.81 7.65 -31.44
N ALA G 1744 -102.37 6.77 -32.26
CA ALA G 1744 -102.94 5.52 -31.75
C ALA G 1744 -101.88 4.53 -31.26
N ILE G 1745 -100.59 4.78 -31.51
CA ILE G 1745 -99.56 3.83 -31.14
C ILE G 1745 -99.39 3.82 -29.63
N THR G 1746 -99.41 2.62 -29.04
CA THR G 1746 -99.21 2.45 -27.61
C THR G 1746 -98.17 1.35 -27.38
N LEU G 1747 -97.55 1.40 -26.21
CA LEU G 1747 -96.51 0.42 -25.87
C LEU G 1747 -97.09 -0.99 -25.81
N PHE G 1748 -98.25 -1.15 -25.19
CA PHE G 1748 -98.85 -2.47 -25.07
C PHE G 1748 -100.19 -2.50 -25.80
N PRO G 1749 -100.57 -3.66 -26.36
CA PRO G 1749 -101.88 -3.76 -26.97
C PRO G 1749 -102.97 -3.61 -25.93
N PRO G 1750 -104.14 -3.11 -26.32
CA PRO G 1750 -105.24 -2.96 -25.35
C PRO G 1750 -105.68 -4.29 -24.79
N GLY G 1751 -105.45 -4.49 -23.48
CA GLY G 1751 -105.77 -5.74 -22.83
C GLY G 1751 -106.11 -5.52 -21.37
N ARG G 1752 -106.32 -6.63 -20.66
CA ARG G 1752 -106.71 -6.59 -19.26
C ARG G 1752 -105.76 -7.39 -18.37
N LYS G 1753 -104.51 -7.58 -18.80
CA LYS G 1753 -103.57 -8.35 -18.01
C LYS G 1753 -103.17 -7.62 -16.74
N GLY G 1754 -102.57 -6.46 -16.89
CA GLY G 1754 -102.15 -5.68 -15.74
C GLY G 1754 -102.09 -4.20 -16.07
N GLY G 1755 -102.36 -3.37 -15.07
CA GLY G 1755 -102.32 -1.93 -15.28
C GLY G 1755 -100.92 -1.43 -15.59
N ASN G 1756 -99.92 -1.93 -14.86
CA ASN G 1756 -98.54 -1.51 -15.12
C ASN G 1756 -98.06 -1.99 -16.48
N ALA G 1757 -98.43 -3.19 -16.89
CA ALA G 1757 -97.99 -3.73 -18.18
C ALA G 1757 -98.90 -4.89 -18.56
N ARG G 1758 -99.44 -4.85 -19.76
CA ARG G 1758 -100.13 -6.00 -20.34
C ARG G 1758 -99.08 -6.94 -20.91
N ARG G 1759 -99.52 -7.96 -21.65
CA ARG G 1759 -98.57 -8.85 -22.29
C ARG G 1759 -97.98 -8.20 -23.53
N HIS G 1760 -96.72 -8.52 -23.81
CA HIS G 1760 -96.06 -7.98 -24.99
C HIS G 1760 -96.75 -8.45 -26.26
N GLY G 1761 -96.89 -7.54 -27.21
CA GLY G 1761 -97.38 -7.92 -28.52
C GLY G 1761 -96.31 -8.63 -29.33
N LEU G 1762 -96.73 -9.19 -30.45
CA LEU G 1762 -95.80 -9.89 -31.32
C LEU G 1762 -94.85 -8.88 -31.96
N PRO G 1763 -93.54 -9.09 -31.86
CA PRO G 1763 -92.59 -8.14 -32.47
C PRO G 1763 -92.77 -8.11 -33.98
N GLY G 1764 -92.64 -6.90 -34.55
CA GLY G 1764 -92.83 -6.72 -35.97
C GLY G 1764 -94.26 -6.70 -36.43
N VAL G 1765 -95.22 -6.76 -35.51
CA VAL G 1765 -96.64 -6.77 -35.84
C VAL G 1765 -97.27 -5.52 -35.23
N GLY G 1766 -97.97 -4.75 -36.05
CA GLY G 1766 -98.62 -3.53 -35.63
C GLY G 1766 -98.42 -2.45 -36.65
N VAL G 1767 -98.67 -1.21 -36.23
CA VAL G 1767 -98.57 -0.05 -37.09
C VAL G 1767 -97.28 0.70 -36.76
N THR G 1768 -96.43 0.90 -37.76
CA THR G 1768 -95.20 1.65 -37.63
C THR G 1768 -95.27 2.86 -38.55
N THR G 1769 -95.03 4.05 -37.99
CA THR G 1769 -95.16 5.29 -38.74
C THR G 1769 -93.82 5.93 -39.08
N SER G 1770 -92.71 5.31 -38.73
CA SER G 1770 -91.40 5.86 -39.07
C SER G 1770 -91.25 5.92 -40.59
N LEU G 1771 -90.69 7.03 -41.07
CA LEU G 1771 -90.58 7.26 -42.50
C LEU G 1771 -89.50 6.37 -43.10
N ARG G 1772 -89.87 5.63 -44.14
CA ARG G 1772 -88.95 4.83 -44.93
C ARG G 1772 -89.27 5.03 -46.40
N PRO G 1773 -88.34 5.49 -47.22
CA PRO G 1773 -88.62 5.69 -48.63
C PRO G 1773 -88.97 4.38 -49.30
N PRO G 1774 -89.93 4.40 -50.22
CA PRO G 1774 -90.34 3.14 -50.87
C PRO G 1774 -89.27 2.62 -51.81
N HIS G 1775 -89.33 1.31 -52.05
CA HIS G 1775 -88.44 0.67 -53.00
C HIS G 1775 -88.86 1.02 -54.42
N HIS G 1776 -87.86 1.15 -55.30
CA HIS G 1776 -88.09 1.47 -56.71
C HIS G 1776 -87.48 0.38 -57.57
N PHE G 1777 -88.28 -0.18 -58.48
CA PHE G 1777 -87.84 -1.23 -59.37
C PHE G 1777 -88.27 -0.91 -60.79
N SER G 1778 -87.55 -1.46 -61.76
CA SER G 1778 -87.89 -1.31 -63.16
C SER G 1778 -88.07 -2.68 -63.81
N PRO G 1779 -89.04 -2.82 -64.72
CA PRO G 1779 -89.25 -4.09 -65.39
C PRO G 1779 -88.09 -4.42 -66.31
N PRO G 1780 -87.55 -5.64 -66.24
CA PRO G 1780 -86.46 -6.03 -67.14
C PRO G 1780 -87.00 -6.24 -68.56
N CYS G 1781 -86.65 -5.31 -69.45
CA CYS G 1781 -87.12 -5.36 -70.83
C CYS G 1781 -85.94 -5.11 -71.75
N PHE G 1782 -85.83 -5.92 -72.80
CA PHE G 1782 -84.71 -5.83 -73.73
C PHE G 1782 -85.18 -5.54 -75.16
N VAL G 1783 -86.41 -5.03 -75.30
CA VAL G 1783 -86.92 -4.58 -76.59
C VAL G 1783 -87.23 -3.09 -76.60
N ALA G 1784 -87.09 -2.41 -75.46
CA ALA G 1784 -87.33 -0.98 -75.41
C ALA G 1784 -86.25 -0.23 -76.19
N ALA G 1785 -86.64 0.88 -76.80
CA ALA G 1785 -85.69 1.69 -77.56
C ALA G 1785 -84.60 2.22 -76.65
N LEU G 1786 -83.36 2.12 -77.11
CA LEU G 1786 -82.23 2.59 -76.32
C LEU G 1786 -82.33 4.10 -76.12
N PRO G 1787 -82.16 4.61 -74.91
CA PRO G 1787 -82.33 6.04 -74.67
C PRO G 1787 -81.34 6.87 -75.49
N ALA G 1788 -81.84 8.00 -76.01
CA ALA G 1788 -81.00 8.92 -76.76
C ALA G 1788 -80.07 9.69 -75.83
N ALA G 1789 -80.35 9.63 -74.54
CA ALA G 1789 -79.51 10.30 -73.55
C ALA G 1789 -78.13 9.67 -73.51
N GLY G 1790 -77.11 10.51 -73.44
CA GLY G 1790 -75.75 10.01 -73.41
C GLY G 1790 -75.40 9.38 -72.07
N VAL G 1791 -74.27 8.66 -72.06
CA VAL G 1791 -73.80 8.03 -70.83
C VAL G 1791 -73.44 9.11 -69.82
N ALA G 1792 -73.65 8.80 -68.53
CA ALA G 1792 -73.45 9.66 -67.37
C ALA G 1792 -74.47 10.78 -67.31
N GLU G 1793 -75.40 10.88 -68.27
CA GLU G 1793 -76.45 11.88 -68.25
C GLU G 1793 -77.85 11.28 -68.12
N ALA G 1794 -78.04 10.04 -68.55
CA ALA G 1794 -79.32 9.37 -68.38
C ALA G 1794 -79.58 9.11 -66.89
N PRO G 1795 -80.85 9.03 -66.50
CA PRO G 1795 -81.16 8.76 -65.08
C PRO G 1795 -80.65 7.38 -64.66
N ALA G 1796 -80.31 7.28 -63.38
CA ALA G 1796 -79.75 6.04 -62.85
C ALA G 1796 -80.75 4.89 -62.96
N ARG G 1797 -80.25 3.73 -63.39
CA ARG G 1797 -81.09 2.56 -63.54
C ARG G 1797 -81.54 2.02 -62.19
N LEU G 1798 -82.78 1.54 -62.14
CA LEU G 1798 -83.31 0.91 -60.95
C LEU G 1798 -83.06 -0.60 -61.00
N SER G 1799 -83.24 -1.24 -59.85
CA SER G 1799 -83.06 -2.68 -59.77
C SER G 1799 -84.13 -3.39 -60.59
N PRO G 1800 -83.81 -4.53 -61.19
CA PRO G 1800 -84.81 -5.28 -61.94
C PRO G 1800 -85.96 -5.72 -61.04
N ALA G 1801 -87.17 -5.71 -61.60
CA ALA G 1801 -88.37 -6.00 -60.83
C ALA G 1801 -88.68 -7.50 -60.86
N ILE G 1802 -89.00 -8.04 -59.69
CA ILE G 1802 -89.45 -9.42 -59.57
C ILE G 1802 -90.69 -9.39 -58.67
N PRO G 1803 -91.73 -10.19 -58.94
CA PRO G 1803 -92.92 -10.16 -58.08
C PRO G 1803 -92.62 -10.49 -56.64
N LEU G 1804 -92.77 -9.49 -55.76
CA LEU G 1804 -92.42 -9.66 -54.36
C LEU G 1804 -93.48 -10.45 -53.60
N GLU G 1805 -94.76 -10.23 -53.93
CA GLU G 1805 -95.83 -10.95 -53.24
C GLU G 1805 -95.76 -12.44 -53.51
N ALA G 1806 -95.46 -12.84 -54.74
CA ALA G 1806 -95.27 -14.25 -55.04
C ALA G 1806 -93.99 -14.78 -54.40
N LEU G 1807 -92.92 -13.97 -54.41
CA LEU G 1807 -91.66 -14.40 -53.84
C LEU G 1807 -91.75 -14.62 -52.34
N ARG G 1808 -92.46 -13.74 -51.63
CA ARG G 1808 -92.57 -13.89 -50.19
C ARG G 1808 -93.39 -15.12 -49.81
N ASP G 1809 -94.41 -15.45 -50.61
CA ASP G 1809 -95.18 -16.65 -50.33
C ASP G 1809 -94.35 -17.90 -50.55
N LYS G 1810 -93.54 -17.92 -51.61
CA LYS G 1810 -92.66 -19.05 -51.84
C LYS G 1810 -91.63 -19.20 -50.74
N ALA G 1811 -91.06 -18.09 -50.28
CA ALA G 1811 -90.06 -18.15 -49.21
C ALA G 1811 -90.69 -18.67 -47.92
N LEU G 1812 -91.91 -18.22 -47.61
CA LEU G 1812 -92.60 -18.75 -46.43
C LEU G 1812 -92.88 -20.23 -46.57
N ARG G 1813 -93.34 -20.66 -47.75
CA ARG G 1813 -93.66 -22.06 -47.96
C ARG G 1813 -92.41 -22.93 -47.90
N MET G 1814 -91.32 -22.48 -48.53
CA MET G 1814 -90.09 -23.25 -48.51
C MET G 1814 -89.53 -23.36 -47.09
N LEU G 1815 -89.57 -22.27 -46.33
CA LEU G 1815 -89.09 -22.32 -44.96
C LEU G 1815 -89.94 -23.24 -44.11
N GLY G 1816 -91.27 -23.20 -44.29
CA GLY G 1816 -92.13 -24.10 -43.55
C GLY G 1816 -91.88 -25.56 -43.87
N GLU G 1817 -91.67 -25.87 -45.15
CA GLU G 1817 -91.36 -27.23 -45.54
C GLU G 1817 -90.03 -27.69 -44.95
N ALA G 1818 -89.03 -26.80 -44.91
CA ALA G 1818 -87.73 -27.15 -44.37
C ALA G 1818 -87.83 -27.49 -42.88
N VAL G 1819 -88.65 -26.75 -42.13
CA VAL G 1819 -88.82 -27.02 -40.71
C VAL G 1819 -89.41 -28.41 -40.50
N ARG G 1820 -90.46 -28.74 -41.26
CA ARG G 1820 -91.04 -30.08 -41.18
C ARG G 1820 -90.03 -31.13 -41.66
N ASP G 1821 -89.36 -30.85 -42.78
CA ASP G 1821 -88.36 -31.76 -43.30
C ASP G 1821 -87.20 -31.93 -42.33
N GLY G 1822 -86.76 -30.83 -41.71
CA GLY G 1822 -85.74 -30.93 -40.68
C GLY G 1822 -86.19 -31.77 -39.51
N GLY G 1823 -87.48 -31.71 -39.18
CA GLY G 1823 -88.01 -32.57 -38.14
C GLY G 1823 -87.95 -34.04 -38.50
N GLN G 1824 -88.12 -34.37 -39.79
CA GLN G 1824 -88.14 -35.76 -40.21
C GLN G 1824 -86.79 -36.44 -40.14
N HIS G 1825 -85.70 -35.67 -40.01
CA HIS G 1825 -84.34 -36.22 -39.94
C HIS G 1825 -84.03 -37.12 -41.13
N ALA G 1826 -84.39 -36.66 -42.32
CA ALA G 1826 -84.13 -37.42 -43.53
C ALA G 1826 -82.63 -37.54 -43.78
N ARG G 1827 -82.22 -38.70 -44.28
CA ARG G 1827 -80.80 -38.92 -44.57
C ARG G 1827 -80.34 -38.20 -45.83
N ASP G 1828 -81.25 -37.58 -46.57
CA ASP G 1828 -80.91 -36.82 -47.77
C ASP G 1828 -81.54 -35.44 -47.67
N PRO G 1829 -80.95 -34.54 -46.88
CA PRO G 1829 -81.46 -33.17 -46.82
C PRO G 1829 -81.24 -32.44 -48.13
N VAL G 1830 -82.10 -31.45 -48.38
CA VAL G 1830 -82.02 -30.68 -49.62
C VAL G 1830 -80.68 -29.95 -49.67
N GLY G 1831 -79.99 -30.07 -50.79
CA GLY G 1831 -78.68 -29.47 -50.96
C GLY G 1831 -77.52 -30.30 -50.47
N GLY G 1832 -77.79 -31.48 -49.90
CA GLY G 1832 -76.73 -32.35 -49.42
C GLY G 1832 -76.39 -32.19 -47.95
N SER G 1833 -76.88 -31.16 -47.30
CA SER G 1833 -76.61 -30.95 -45.88
C SER G 1833 -77.69 -30.05 -45.29
N VAL G 1834 -77.77 -30.06 -43.97
CA VAL G 1834 -78.72 -29.19 -43.28
C VAL G 1834 -78.35 -27.72 -43.51
N GLU G 1835 -77.05 -27.43 -43.59
CA GLU G 1835 -76.61 -26.06 -43.86
C GLU G 1835 -77.11 -25.58 -45.21
N PHE G 1836 -76.98 -26.42 -46.24
CA PHE G 1836 -77.40 -26.02 -47.57
C PHE G 1836 -78.92 -25.97 -47.72
N GLN G 1837 -79.66 -26.55 -46.77
CA GLN G 1837 -81.11 -26.53 -46.83
C GLN G 1837 -81.72 -25.28 -46.18
N PHE G 1838 -81.12 -24.80 -45.09
CA PHE G 1838 -81.69 -23.69 -44.33
C PHE G 1838 -81.04 -22.35 -44.60
N VAL G 1839 -79.73 -22.29 -44.74
CA VAL G 1839 -79.02 -21.03 -44.90
C VAL G 1839 -79.50 -20.27 -46.13
N PRO G 1840 -79.59 -20.89 -47.32
CA PRO G 1840 -80.12 -20.13 -48.46
C PRO G 1840 -81.54 -19.62 -48.25
N VAL G 1841 -82.40 -20.41 -47.61
CA VAL G 1841 -83.77 -19.98 -47.37
C VAL G 1841 -83.81 -18.87 -46.33
N LEU G 1842 -83.04 -19.01 -45.25
CA LEU G 1842 -83.06 -18.00 -44.20
C LEU G 1842 -82.49 -16.67 -44.68
N LYS G 1843 -81.50 -16.69 -45.57
CA LYS G 1843 -81.01 -15.45 -46.15
C LYS G 1843 -82.09 -14.74 -46.94
N LEU G 1844 -82.88 -15.49 -47.71
CA LEU G 1844 -83.96 -14.89 -48.47
C LEU G 1844 -85.04 -14.32 -47.55
N VAL G 1845 -85.40 -15.05 -46.50
CA VAL G 1845 -86.41 -14.56 -45.57
C VAL G 1845 -85.90 -13.33 -44.83
N SER G 1846 -84.64 -13.36 -44.39
CA SER G 1846 -84.07 -12.21 -43.69
C SER G 1846 -84.03 -10.98 -44.59
N THR G 1847 -83.67 -11.15 -45.85
CA THR G 1847 -83.63 -10.03 -46.78
C THR G 1847 -85.02 -9.43 -46.98
N LEU G 1848 -86.04 -10.27 -47.14
CA LEU G 1848 -87.39 -9.78 -47.33
C LEU G 1848 -87.94 -9.11 -46.08
N LEU G 1849 -87.56 -9.60 -44.90
CA LEU G 1849 -88.01 -8.97 -43.66
C LEU G 1849 -87.48 -7.55 -43.53
N VAL G 1850 -86.19 -7.36 -43.85
CA VAL G 1850 -85.60 -6.03 -43.77
C VAL G 1850 -86.28 -5.08 -44.76
N MET G 1851 -86.54 -5.56 -45.97
CA MET G 1851 -87.23 -4.75 -46.97
C MET G 1851 -88.68 -4.46 -46.60
N GLY G 1852 -89.23 -5.14 -45.59
CA GLY G 1852 -90.60 -4.88 -45.19
C GLY G 1852 -91.64 -5.48 -46.10
N ILE G 1853 -91.28 -6.53 -46.85
CA ILE G 1853 -92.23 -7.14 -47.77
C ILE G 1853 -93.34 -7.88 -47.02
N PHE G 1854 -93.00 -8.59 -45.95
CA PHE G 1854 -93.97 -9.39 -45.22
C PHE G 1854 -94.98 -8.51 -44.51
N GLY G 1855 -96.24 -8.94 -44.52
CA GLY G 1855 -97.30 -8.28 -43.78
C GLY G 1855 -97.43 -8.82 -42.37
N ASP G 1856 -98.49 -8.38 -41.69
CA ASP G 1856 -98.71 -8.81 -40.31
C ASP G 1856 -98.93 -10.32 -40.23
N GLU G 1857 -99.74 -10.86 -41.13
CA GLU G 1857 -100.00 -12.30 -41.12
C GLU G 1857 -98.73 -13.09 -41.45
N ASP G 1858 -97.94 -12.60 -42.40
CA ASP G 1858 -96.70 -13.28 -42.76
C ASP G 1858 -95.71 -13.29 -41.60
N VAL G 1859 -95.61 -12.17 -40.88
CA VAL G 1859 -94.69 -12.10 -39.74
C VAL G 1859 -95.10 -13.08 -38.66
N LYS G 1860 -96.41 -13.23 -38.46
CA LYS G 1860 -96.90 -14.18 -37.47
C LYS G 1860 -96.47 -15.61 -37.83
N GLN G 1861 -96.55 -15.96 -39.11
CA GLN G 1861 -96.11 -17.29 -39.53
C GLN G 1861 -94.63 -17.51 -39.27
N ILE G 1862 -93.81 -16.48 -39.54
CA ILE G 1862 -92.37 -16.60 -39.29
C ILE G 1862 -92.12 -16.82 -37.80
N LEU G 1863 -92.83 -16.08 -36.95
CA LEU G 1863 -92.64 -16.22 -35.50
C LEU G 1863 -93.04 -17.61 -35.04
N LYS G 1864 -94.08 -18.20 -35.64
CA LYS G 1864 -94.47 -19.56 -35.30
C LYS G 1864 -93.35 -20.54 -35.63
N MET G 1865 -92.71 -20.37 -36.79
CA MET G 1865 -91.62 -21.26 -37.16
C MET G 1865 -90.43 -21.11 -36.22
N ILE G 1866 -90.14 -19.87 -35.80
CA ILE G 1866 -89.01 -19.64 -34.90
C ILE G 1866 -89.28 -20.26 -33.54
N GLU G 1867 -90.47 -20.00 -32.98
CA GLU G 1867 -90.82 -20.51 -31.67
C GLU G 1867 -92.34 -20.59 -31.53
N PRO G 1868 -92.95 -21.75 -31.83
CA PRO G 1868 -94.41 -21.83 -31.83
C PRO G 1868 -95.07 -21.65 -30.47
N GLU G 1869 -94.34 -21.80 -29.37
CA GLU G 1869 -94.95 -21.67 -28.06
C GLU G 1869 -94.90 -20.25 -27.51
N VAL G 1870 -93.78 -19.56 -27.69
CA VAL G 1870 -93.66 -18.20 -27.16
C VAL G 1870 -94.53 -17.23 -27.96
N PHE G 1871 -94.60 -17.42 -29.28
CA PHE G 1871 -95.17 -16.43 -30.19
C PHE G 1871 -96.59 -16.80 -30.63
N THR G 1872 -97.39 -17.36 -29.72
CA THR G 1872 -98.80 -17.60 -29.96
C THR G 1872 -99.62 -16.48 -29.36
N GLU G 1873 -100.45 -15.85 -30.18
CA GLU G 1873 -101.29 -14.76 -29.74
C GLU G 1873 -102.64 -15.28 -29.24
N GLU G 1874 -103.25 -14.54 -28.32
CA GLU G 1874 -104.53 -14.91 -27.76
C GLU G 1874 -105.25 -13.70 -27.18
N LEU G 1922 -94.82 -33.15 -36.12
CA LEU G 1922 -93.70 -32.56 -35.39
C LEU G 1922 -93.56 -31.08 -35.68
N GLU G 1923 -94.34 -30.27 -34.97
CA GLU G 1923 -94.31 -28.82 -35.16
C GLU G 1923 -93.29 -28.16 -34.24
N GLU G 1924 -92.05 -28.62 -34.29
CA GLU G 1924 -91.01 -28.04 -33.47
C GLU G 1924 -90.42 -26.80 -34.15
N GLY G 1925 -90.05 -25.82 -33.33
CA GLY G 1925 -89.50 -24.58 -33.84
C GLY G 1925 -88.06 -24.71 -34.29
N LEU G 1926 -87.60 -23.65 -34.95
CA LEU G 1926 -86.22 -23.63 -35.44
C LEU G 1926 -85.23 -23.57 -34.28
N LEU G 1927 -85.59 -22.89 -33.19
CA LEU G 1927 -84.65 -22.69 -32.10
C LEU G 1927 -84.30 -24.00 -31.39
N GLN G 1928 -85.15 -25.02 -31.54
CA GLN G 1928 -84.93 -26.30 -30.88
C GLN G 1928 -84.59 -27.43 -31.85
N MET G 1929 -84.16 -27.11 -33.07
CA MET G 1929 -83.91 -28.17 -34.05
C MET G 1929 -82.43 -28.57 -34.09
N LYS G 1930 -81.59 -27.96 -33.25
CA LYS G 1930 -80.17 -28.30 -33.15
C LYS G 1930 -79.47 -28.15 -34.50
N LEU G 1931 -79.41 -26.92 -35.01
CA LEU G 1931 -78.82 -26.63 -36.31
C LEU G 1931 -77.33 -26.35 -36.14
N PRO G 1932 -76.55 -26.46 -37.22
CA PRO G 1932 -75.13 -26.10 -37.15
C PRO G 1932 -74.95 -24.60 -36.96
N GLU G 1933 -73.68 -24.21 -36.81
CA GLU G 1933 -73.35 -22.81 -36.50
C GLU G 1933 -73.71 -21.86 -37.63
N SER G 1934 -73.57 -22.31 -38.89
CA SER G 1934 -73.90 -21.44 -40.02
C SER G 1934 -75.38 -21.08 -40.00
N VAL G 1935 -76.24 -22.03 -39.69
CA VAL G 1935 -77.67 -21.74 -39.59
C VAL G 1935 -77.96 -20.86 -38.38
N LYS G 1936 -77.25 -21.08 -37.27
CA LYS G 1936 -77.44 -20.24 -36.10
C LYS G 1936 -77.12 -18.79 -36.38
N LEU G 1937 -76.12 -18.53 -37.24
CA LEU G 1937 -75.81 -17.16 -37.61
C LEU G 1937 -76.99 -16.50 -38.31
N GLN G 1938 -77.66 -17.23 -39.20
CA GLN G 1938 -78.85 -16.71 -39.85
C GLN G 1938 -80.00 -16.53 -38.89
N MET G 1939 -80.11 -17.40 -37.89
CA MET G 1939 -81.15 -17.23 -36.88
C MET G 1939 -80.94 -15.97 -36.05
N CYS G 1940 -79.68 -15.61 -35.78
CA CYS G 1940 -79.40 -14.36 -35.09
C CYS G 1940 -79.83 -13.15 -35.91
N ASN G 1941 -79.67 -13.21 -37.23
CA ASN G 1941 -80.10 -12.12 -38.09
C ASN G 1941 -81.61 -11.94 -38.01
N LEU G 1942 -82.36 -13.04 -38.00
CA LEU G 1942 -83.81 -12.94 -37.87
C LEU G 1942 -84.20 -12.32 -36.54
N LEU G 1943 -83.62 -12.81 -35.45
CA LEU G 1943 -83.95 -12.26 -34.14
C LEU G 1943 -83.46 -10.82 -34.00
N GLU G 1944 -82.37 -10.46 -34.68
CA GLU G 1944 -81.90 -9.08 -34.66
C GLU G 1944 -82.94 -8.15 -35.27
N TYR G 1945 -83.60 -8.59 -36.35
CA TYR G 1945 -84.64 -7.78 -36.96
C TYR G 1945 -85.80 -7.54 -36.00
N PHE G 1946 -86.23 -8.60 -35.30
CA PHE G 1946 -87.36 -8.44 -34.39
C PHE G 1946 -86.98 -7.64 -33.16
N CYS G 1947 -85.73 -7.73 -32.70
CA CYS G 1947 -85.27 -6.86 -31.64
C CYS G 1947 -85.26 -5.39 -32.09
N ASP G 1948 -84.88 -5.14 -33.34
CA ASP G 1948 -84.93 -3.78 -33.87
C ASP G 1948 -86.38 -3.27 -33.94
N GLN G 1949 -87.32 -4.15 -34.31
CA GLN G 1949 -88.71 -3.73 -34.37
C GLN G 1949 -89.25 -3.36 -32.99
N GLU G 1950 -88.85 -4.10 -31.96
CA GLU G 1950 -89.23 -3.74 -30.59
C GLU G 1950 -88.64 -2.40 -30.21
N LEU G 1951 -87.37 -2.14 -30.56
CA LEU G 1951 -86.78 -0.84 -30.30
C LEU G 1951 -87.49 0.26 -31.06
N GLN G 1952 -87.83 0.00 -32.33
CA GLN G 1952 -88.56 0.99 -33.11
C GLN G 1952 -89.94 1.24 -32.53
N HIS G 1953 -90.58 0.19 -32.04
CA HIS G 1953 -91.91 0.35 -31.42
C HIS G 1953 -91.84 1.23 -30.19
N ARG G 1954 -90.79 1.06 -29.37
CA ARG G 1954 -90.63 1.90 -28.19
C ARG G 1954 -90.42 3.36 -28.56
N VAL G 1955 -89.62 3.62 -29.59
CA VAL G 1955 -89.38 5.00 -30.01
C VAL G 1955 -90.67 5.63 -30.54
N GLU G 1956 -91.41 4.90 -31.37
CA GLU G 1956 -92.67 5.42 -31.89
C GLU G 1956 -93.69 5.62 -30.78
N SER G 1957 -93.75 4.68 -29.83
CA SER G 1957 -94.66 4.82 -28.71
C SER G 1957 -94.29 6.02 -27.85
N LEU G 1958 -92.98 6.23 -27.62
CA LEU G 1958 -92.53 7.39 -26.88
C LEU G 1958 -92.86 8.68 -27.64
N ALA G 1959 -92.67 8.67 -28.95
CA ALA G 1959 -93.07 9.82 -29.76
C ALA G 1959 -94.57 10.03 -29.74
N ALA G 1960 -95.35 8.93 -29.76
CA ALA G 1960 -96.79 9.03 -29.69
C ALA G 1960 -97.25 9.65 -28.37
N PHE G 1961 -96.62 9.23 -27.26
CA PHE G 1961 -96.97 9.80 -25.97
C PHE G 1961 -96.57 11.27 -25.89
N ALA G 1962 -95.46 11.64 -26.53
CA ALA G 1962 -95.04 13.03 -26.51
C ALA G 1962 -96.07 13.93 -27.16
N GLU G 1963 -96.67 13.48 -28.27
CA GLU G 1963 -97.69 14.27 -28.95
C GLU G 1963 -98.90 14.49 -28.04
N ARG G 1964 -99.33 13.44 -27.34
CA ARG G 1964 -100.47 13.56 -26.44
C ARG G 1964 -100.13 14.39 -25.21
N TYR G 1965 -98.92 14.20 -24.66
CA TYR G 1965 -98.58 14.87 -23.42
C TYR G 1965 -98.27 16.35 -23.64
N VAL G 1966 -97.69 16.69 -24.79
CA VAL G 1966 -97.38 18.09 -25.08
C VAL G 1966 -98.66 18.91 -25.17
N ASP G 1967 -99.70 18.33 -25.77
CA ASP G 1967 -100.97 19.04 -25.89
C ASP G 1967 -101.54 19.38 -24.52
N LYS G 1968 -101.47 18.44 -23.57
CA LYS G 1968 -101.91 18.73 -22.22
C LYS G 1968 -101.02 19.76 -21.55
N LEU G 1969 -99.70 19.67 -21.77
CA LEU G 1969 -98.78 20.66 -21.21
C LEU G 1969 -99.07 22.05 -21.77
N GLN G 1970 -99.27 22.16 -23.08
CA GLN G 1970 -99.53 23.46 -23.68
C GLN G 1970 -100.88 24.02 -23.25
N ALA G 1971 -101.91 23.16 -23.19
CA ALA G 1971 -103.22 23.62 -22.74
C ALA G 1971 -103.19 24.05 -21.28
N ASN G 1972 -102.46 23.31 -20.43
CA ASN G 1972 -102.37 23.69 -19.02
C ASN G 1972 -101.59 24.98 -18.84
N GLN G 1973 -100.47 25.13 -19.56
CA GLN G 1973 -99.67 26.34 -19.42
C GLN G 1973 -100.43 27.56 -19.90
N ARG G 1974 -101.23 27.43 -20.97
CA ARG G 1974 -102.06 28.53 -21.42
C ARG G 1974 -103.07 28.93 -20.36
N SER G 1975 -103.69 27.94 -19.70
CA SER G 1975 -104.65 28.22 -18.65
C SER G 1975 -103.97 28.82 -17.42
N ARG G 1976 -102.79 28.32 -17.08
CA ARG G 1976 -102.07 28.86 -15.92
C ARG G 1976 -101.65 30.31 -16.17
N TYR G 1977 -101.22 30.62 -17.40
CA TYR G 1977 -100.84 31.99 -17.72
C TYR G 1977 -102.05 32.92 -17.68
N ALA G 1978 -103.22 32.41 -18.08
CA ALA G 1978 -104.42 33.23 -18.08
C ALA G 1978 -104.80 33.67 -16.67
N LEU G 1979 -104.76 32.74 -15.72
CA LEU G 1979 -105.08 33.08 -14.34
C LEU G 1979 -103.95 33.84 -13.66
N LEU G 1980 -102.71 33.64 -14.11
CA LEU G 1980 -101.58 34.35 -13.51
C LEU G 1980 -101.62 35.85 -13.80
N MET G 1981 -102.30 36.27 -14.87
CA MET G 1981 -102.41 37.68 -15.19
C MET G 1981 -103.27 38.44 -14.18
N ARG G 1982 -104.02 37.75 -13.34
CA ARG G 1982 -104.84 38.37 -12.31
C ARG G 1982 -104.23 38.22 -10.92
N ALA G 1983 -102.97 37.82 -10.84
CA ALA G 1983 -102.35 37.52 -9.56
C ALA G 1983 -102.05 38.77 -8.74
N PHE G 1984 -101.98 39.94 -9.37
CA PHE G 1984 -101.66 41.15 -8.63
C PHE G 1984 -102.71 41.48 -7.57
N THR G 1985 -103.95 41.01 -7.77
CA THR G 1985 -105.00 41.24 -6.81
C THR G 1985 -104.86 40.43 -5.53
N MET G 1986 -104.02 39.39 -5.54
CA MET G 1986 -103.82 38.57 -4.34
C MET G 1986 -102.36 38.20 -4.12
N SER G 1987 -101.42 38.88 -4.77
CA SER G 1987 -100.01 38.54 -4.60
C SER G 1987 -99.18 39.81 -4.74
N ALA G 1988 -97.87 39.63 -4.79
CA ALA G 1988 -96.95 40.75 -4.70
C ALA G 1988 -95.73 40.45 -5.57
N ALA G 1989 -94.61 41.12 -5.28
CA ALA G 1989 -93.41 41.07 -6.10
C ALA G 1989 -92.96 39.66 -6.46
N GLU G 1990 -93.31 38.67 -5.63
CA GLU G 1990 -92.91 37.31 -5.97
C GLU G 1990 -93.65 36.76 -7.19
N THR G 1991 -94.47 37.57 -7.86
CA THR G 1991 -95.03 37.18 -9.15
C THR G 1991 -93.93 36.87 -10.17
N ALA G 1992 -92.76 37.48 -10.01
CA ALA G 1992 -91.63 37.17 -10.88
C ALA G 1992 -91.24 35.71 -10.78
N ARG G 1993 -91.34 35.13 -9.58
CA ARG G 1993 -91.04 33.71 -9.41
C ARG G 1993 -92.03 32.85 -10.18
N ARG G 1994 -93.32 33.21 -10.15
CA ARG G 1994 -94.33 32.46 -10.89
C ARG G 1994 -94.24 32.66 -12.39
N THR G 1995 -93.89 33.87 -12.84
CA THR G 1995 -93.72 34.14 -14.26
C THR G 1995 -92.30 33.88 -14.73
N ARG G 1996 -91.44 33.35 -13.85
CA ARG G 1996 -90.10 32.95 -14.25
C ARG G 1996 -90.14 31.93 -15.38
N GLU G 1997 -91.17 31.08 -15.40
CA GLU G 1997 -91.31 30.10 -16.46
C GLU G 1997 -91.47 30.77 -17.83
N PHE G 1998 -92.30 31.81 -17.90
CA PHE G 1998 -92.60 32.46 -19.16
C PHE G 1998 -91.50 33.40 -19.62
N ARG G 1999 -90.50 33.65 -18.79
CA ARG G 1999 -89.34 34.47 -19.14
C ARG G 1999 -88.11 33.61 -19.29
N SER G 2000 -88.30 32.38 -19.75
CA SER G 2000 -87.24 31.40 -19.91
C SER G 2000 -87.39 30.74 -21.27
N PRO G 2001 -86.31 30.22 -21.84
CA PRO G 2001 -86.40 29.59 -23.14
C PRO G 2001 -87.32 28.39 -23.11
N PRO G 2002 -87.98 28.07 -24.23
CA PRO G 2002 -88.95 26.95 -24.21
C PRO G 2002 -88.34 25.63 -23.80
N GLN G 2003 -87.07 25.38 -24.14
CA GLN G 2003 -86.43 24.16 -23.67
C GLN G 2003 -86.32 24.15 -22.15
N GLU G 2004 -85.98 25.30 -21.56
CA GLU G 2004 -85.93 25.38 -20.09
C GLU G 2004 -87.31 25.30 -19.48
N GLN G 2005 -88.33 25.81 -20.17
CA GLN G 2005 -89.70 25.72 -19.64
C GLN G 2005 -90.14 24.27 -19.50
N ILE G 2006 -89.84 23.45 -20.50
CA ILE G 2006 -90.28 22.06 -20.46
C ILE G 2006 -89.39 21.25 -19.54
N ASN G 2007 -88.16 21.70 -19.31
CA ASN G 2007 -87.30 21.03 -18.33
C ASN G 2007 -87.87 21.19 -16.92
N MET G 2008 -88.37 22.38 -16.59
CA MET G 2008 -88.96 22.59 -15.28
C MET G 2008 -90.27 21.81 -15.11
N LEU G 2009 -91.06 21.70 -16.17
CA LEU G 2009 -92.35 21.03 -16.06
C LEU G 2009 -92.19 19.53 -15.79
N LEU G 2010 -91.15 18.92 -16.32
CA LEU G 2010 -90.92 17.49 -16.16
C LEU G 2010 -90.09 17.15 -14.93
N HIS G 2011 -89.74 18.16 -14.11
CA HIS G 2011 -88.88 17.94 -12.95
C HIS G 2011 -89.74 17.62 -11.73
N PHE G 2012 -90.38 16.46 -11.77
CA PHE G 2012 -91.16 15.97 -10.64
C PHE G 2012 -91.00 14.47 -10.43
N LYS G 2013 -89.83 13.93 -10.75
CA LYS G 2013 -89.63 12.49 -10.65
C LYS G 2013 -89.18 12.05 -9.27
N ASP G 2014 -88.27 12.80 -8.64
CA ASP G 2014 -87.64 12.36 -7.39
C ASP G 2014 -88.46 12.68 -6.15
N GLU G 2015 -89.62 13.33 -6.30
CA GLU G 2015 -90.54 13.61 -5.21
C GLU G 2015 -89.96 14.64 -4.24
N ALA G 2016 -88.72 15.06 -4.47
CA ALA G 2016 -88.14 16.18 -3.75
C ALA G 2016 -88.23 17.48 -4.54
N ASP G 2017 -88.84 17.45 -5.72
CA ASP G 2017 -88.98 18.62 -6.57
C ASP G 2017 -90.43 18.87 -6.95
N GLU G 2018 -91.37 18.60 -6.04
CA GLU G 2018 -92.80 18.80 -6.29
C GLU G 2018 -93.24 20.22 -5.97
N GLU G 2019 -92.32 21.13 -5.70
CA GLU G 2019 -92.64 22.52 -5.38
C GLU G 2019 -92.36 23.48 -6.51
N ASP G 2020 -91.25 23.29 -7.25
CA ASP G 2020 -90.97 24.15 -8.39
C ASP G 2020 -91.83 23.80 -9.59
N CYS G 2021 -92.25 22.53 -9.71
CA CYS G 2021 -93.08 22.12 -10.82
C CYS G 2021 -94.51 22.61 -10.62
N PRO G 2022 -95.06 23.41 -11.53
CA PRO G 2022 -96.43 23.90 -11.37
C PRO G 2022 -97.52 23.04 -11.97
N LEU G 2023 -97.20 21.83 -12.42
CA LEU G 2023 -98.20 20.99 -13.06
C LEU G 2023 -99.19 20.44 -12.03
N PRO G 2024 -100.46 20.28 -12.41
CA PRO G 2024 -101.40 19.60 -11.52
C PRO G 2024 -101.07 18.12 -11.41
N GLU G 2025 -101.57 17.51 -10.33
CA GLU G 2025 -101.21 16.12 -10.03
C GLU G 2025 -101.74 15.17 -11.09
N ASP G 2026 -102.90 15.49 -11.68
CA ASP G 2026 -103.47 14.62 -12.71
C ASP G 2026 -102.58 14.54 -13.95
N ILE G 2027 -102.00 15.67 -14.37
CA ILE G 2027 -101.08 15.66 -15.50
C ILE G 2027 -99.79 14.93 -15.13
N ARG G 2028 -99.33 15.09 -13.89
CA ARG G 2028 -98.12 14.40 -13.45
C ARG G 2028 -98.31 12.89 -13.49
N GLN G 2029 -99.51 12.42 -13.17
CA GLN G 2029 -99.74 10.97 -13.11
C GLN G 2029 -99.61 10.34 -14.48
N ASP G 2030 -100.02 11.04 -15.54
CA ASP G 2030 -99.97 10.47 -16.87
C ASP G 2030 -98.54 10.16 -17.29
N LEU G 2031 -97.61 11.07 -17.01
CA LEU G 2031 -96.21 10.80 -17.33
C LEU G 2031 -95.66 9.66 -16.50
N GLN G 2032 -96.00 9.61 -15.21
CA GLN G 2032 -95.54 8.53 -14.35
C GLN G 2032 -96.13 7.19 -14.77
N ASP G 2033 -97.39 7.19 -15.21
CA ASP G 2033 -97.99 5.96 -15.73
C ASP G 2033 -97.27 5.49 -16.97
N PHE G 2034 -96.91 6.41 -17.87
CA PHE G 2034 -96.17 6.02 -19.06
C PHE G 2034 -94.75 5.61 -18.73
N HIS G 2035 -94.15 6.24 -17.73
CA HIS G 2035 -92.79 5.86 -17.36
C HIS G 2035 -92.74 4.45 -16.78
N GLN G 2036 -93.80 4.05 -16.07
CA GLN G 2036 -93.82 2.70 -15.49
C GLN G 2036 -93.96 1.64 -16.58
N ASP G 2037 -94.88 1.85 -17.52
CA ASP G 2037 -95.07 0.87 -18.57
C ASP G 2037 -93.98 0.91 -19.63
N LEU G 2038 -93.20 1.99 -19.69
CA LEU G 2038 -92.01 1.99 -20.54
C LEU G 2038 -90.91 1.13 -19.95
N LEU G 2039 -90.67 1.24 -18.63
CA LEU G 2039 -89.70 0.38 -17.98
C LEU G 2039 -90.14 -1.07 -18.04
N ALA G 2040 -91.43 -1.33 -17.84
CA ALA G 2040 -91.95 -2.69 -17.95
C ALA G 2040 -91.78 -3.24 -19.35
N HIS G 2041 -92.03 -2.41 -20.37
CA HIS G 2041 -91.86 -2.86 -21.74
C HIS G 2041 -90.40 -3.17 -22.05
N CYS G 2042 -89.48 -2.57 -21.32
CA CYS G 2042 -88.06 -2.87 -21.42
C CYS G 2042 -87.63 -4.00 -20.50
N GLY G 2043 -88.56 -4.60 -19.77
CA GLY G 2043 -88.25 -5.68 -18.86
C GLY G 2043 -87.40 -5.26 -17.67
N ILE G 2044 -87.67 -4.08 -17.11
CA ILE G 2044 -86.91 -3.64 -15.94
C ILE G 2044 -87.38 -4.36 -14.70
N GLN G 2045 -88.64 -4.16 -14.33
CA GLN G 2045 -89.23 -4.80 -13.15
C GLN G 2045 -90.74 -4.67 -13.26
N LEU G 2046 -91.45 -5.38 -12.38
CA LEU G 2046 -92.91 -5.33 -12.36
C LEU G 2046 -93.43 -5.44 -10.92
N GLU G 2088 -91.95 -21.07 -14.50
CA GLU G 2088 -91.68 -19.93 -15.37
C GLU G 2088 -90.66 -20.28 -16.44
N LYS G 2089 -90.66 -21.55 -16.85
CA LYS G 2089 -89.73 -22.00 -17.88
C LYS G 2089 -90.06 -21.41 -19.26
N LYS G 2090 -91.31 -21.02 -19.48
CA LYS G 2090 -91.68 -20.42 -20.76
C LYS G 2090 -91.16 -18.99 -20.82
N PRO G 2091 -90.39 -18.63 -21.85
CA PRO G 2091 -89.87 -17.24 -21.92
C PRO G 2091 -90.95 -16.19 -21.94
N GLN G 2092 -92.09 -16.45 -22.60
CA GLN G 2092 -93.25 -15.57 -22.60
C GLN G 2092 -92.99 -14.24 -23.28
N SER G 2093 -91.78 -14.01 -23.76
CA SER G 2093 -91.43 -12.76 -24.42
C SER G 2093 -90.19 -12.95 -25.27
N LEU G 2094 -90.00 -12.04 -26.21
CA LEU G 2094 -88.82 -12.08 -27.06
C LEU G 2094 -87.55 -11.85 -26.26
N GLN G 2095 -87.60 -10.95 -25.29
CA GLN G 2095 -86.41 -10.64 -24.49
C GLN G 2095 -85.93 -11.86 -23.72
N GLU G 2096 -86.85 -12.59 -23.09
CA GLU G 2096 -86.44 -13.78 -22.34
C GLU G 2096 -86.07 -14.92 -23.28
N LEU G 2097 -86.71 -15.01 -24.44
CA LEU G 2097 -86.40 -16.06 -25.39
C LEU G 2097 -84.99 -15.92 -25.93
N VAL G 2098 -84.61 -14.69 -26.32
CA VAL G 2098 -83.29 -14.48 -26.89
C VAL G 2098 -82.20 -14.70 -25.85
N SER G 2099 -82.40 -14.16 -24.63
CA SER G 2099 -81.39 -14.31 -23.59
C SER G 2099 -81.19 -15.78 -23.24
N HIS G 2100 -82.27 -16.54 -23.10
CA HIS G 2100 -82.13 -17.96 -22.80
CA HIS G 2100 -82.15 -17.96 -22.80
C HIS G 2100 -81.48 -18.71 -23.95
N MET G 2101 -81.84 -18.37 -25.19
CA MET G 2101 -81.29 -19.07 -26.35
C MET G 2101 -79.80 -18.85 -26.49
N VAL G 2102 -79.32 -17.61 -26.31
CA VAL G 2102 -77.91 -17.32 -26.49
C VAL G 2102 -77.09 -18.04 -25.41
N VAL G 2103 -77.55 -17.98 -24.16
CA VAL G 2103 -76.83 -18.66 -23.08
C VAL G 2103 -76.82 -20.16 -23.31
N ARG G 2104 -77.96 -20.73 -23.72
CA ARG G 2104 -78.02 -22.16 -23.96
C ARG G 2104 -77.09 -22.58 -25.08
N TRP G 2105 -77.03 -21.80 -26.16
CA TRP G 2105 -76.13 -22.12 -27.26
C TRP G 2105 -74.67 -22.15 -26.81
N ALA G 2106 -74.28 -21.16 -26.00
CA ALA G 2106 -72.87 -21.05 -25.60
C ALA G 2106 -72.47 -22.15 -24.62
N GLN G 2107 -73.39 -22.61 -23.78
CA GLN G 2107 -73.08 -23.64 -22.80
C GLN G 2107 -73.35 -25.05 -23.32
N GLU G 2108 -73.88 -25.18 -24.54
CA GLU G 2108 -74.04 -26.49 -25.15
C GLU G 2108 -72.83 -26.93 -25.95
N ASP G 2109 -72.08 -25.98 -26.52
CA ASP G 2109 -70.89 -26.30 -27.27
C ASP G 2109 -69.98 -25.08 -27.33
N TYR G 2110 -68.72 -25.32 -27.63
CA TYR G 2110 -67.74 -24.26 -27.82
C TYR G 2110 -67.91 -23.71 -29.23
N VAL G 2111 -68.50 -22.52 -29.33
CA VAL G 2111 -68.77 -21.92 -30.62
C VAL G 2111 -67.46 -21.57 -31.31
N GLN G 2112 -67.30 -22.00 -32.56
CA GLN G 2112 -66.06 -21.83 -33.29
C GLN G 2112 -66.10 -20.69 -34.31
N SER G 2113 -67.29 -20.19 -34.66
CA SER G 2113 -67.40 -19.13 -35.63
C SER G 2113 -67.32 -17.79 -34.92
N PRO G 2114 -66.28 -16.99 -35.15
CA PRO G 2114 -66.20 -15.67 -34.49
C PRO G 2114 -67.35 -14.76 -34.88
N GLU G 2115 -67.86 -14.85 -36.10
CA GLU G 2115 -69.00 -14.04 -36.50
C GLU G 2115 -70.24 -14.40 -35.69
N LEU G 2116 -70.45 -15.70 -35.46
CA LEU G 2116 -71.60 -16.13 -34.65
C LEU G 2116 -71.45 -15.67 -33.20
N VAL G 2117 -70.23 -15.76 -32.66
CA VAL G 2117 -70.00 -15.35 -31.27
C VAL G 2117 -70.32 -13.88 -31.08
N ARG G 2118 -69.86 -13.03 -32.00
CA ARG G 2118 -70.18 -11.61 -31.91
C ARG G 2118 -71.67 -11.37 -32.08
N ALA G 2119 -72.31 -12.09 -33.00
CA ALA G 2119 -73.73 -11.88 -33.25
C ALA G 2119 -74.56 -12.25 -32.03
N MET G 2120 -74.25 -13.37 -31.37
CA MET G 2120 -75.07 -13.82 -30.25
C MET G 2120 -74.85 -12.96 -29.01
N PHE G 2121 -73.62 -12.50 -28.78
CA PHE G 2121 -73.36 -11.64 -27.62
C PHE G 2121 -73.84 -10.22 -27.85
N SER G 2122 -73.80 -9.74 -29.09
CA SER G 2122 -74.43 -8.44 -29.38
C SER G 2122 -75.93 -8.52 -29.15
N LEU G 2123 -76.56 -9.61 -29.57
CA LEU G 2123 -77.99 -9.80 -29.33
C LEU G 2123 -78.28 -9.93 -27.84
N LEU G 2124 -77.41 -10.63 -27.11
CA LEU G 2124 -77.62 -10.84 -25.69
C LEU G 2124 -77.55 -9.53 -24.91
N HIS G 2125 -76.60 -8.65 -25.29
CA HIS G 2125 -76.44 -7.39 -24.57
C HIS G 2125 -77.67 -6.51 -24.69
N ARG G 2126 -78.34 -6.55 -25.84
CA ARG G 2126 -79.53 -5.73 -26.05
C ARG G 2126 -80.67 -6.14 -25.11
N GLN G 2127 -80.83 -7.45 -24.89
CA GLN G 2127 -81.92 -7.92 -24.04
C GLN G 2127 -81.73 -7.50 -22.59
N TYR G 2128 -80.50 -7.60 -22.08
CA TYR G 2128 -80.24 -7.22 -20.70
C TYR G 2128 -80.31 -5.72 -20.49
N ASP G 2129 -79.92 -4.93 -21.47
CA ASP G 2129 -79.95 -3.47 -21.39
C ASP G 2129 -80.90 -2.96 -22.47
N GLY G 2130 -82.18 -2.90 -22.13
CA GLY G 2130 -83.17 -2.40 -23.05
C GLY G 2130 -83.34 -0.90 -22.93
N LEU G 2131 -83.31 -0.39 -21.69
CA LEU G 2131 -83.40 1.04 -21.47
C LEU G 2131 -82.20 1.77 -22.05
N GLY G 2132 -81.00 1.20 -21.90
CA GLY G 2132 -79.82 1.79 -22.49
C GLY G 2132 -79.86 1.77 -24.01
N GLU G 2133 -80.41 0.69 -24.59
CA GLU G 2133 -80.58 0.63 -26.03
C GLU G 2133 -81.51 1.72 -26.53
N LEU G 2134 -82.63 1.94 -25.81
CA LEU G 2134 -83.53 3.03 -26.16
C LEU G 2134 -82.84 4.38 -25.97
N LEU G 2135 -82.01 4.50 -24.93
CA LEU G 2135 -81.33 5.76 -24.67
C LEU G 2135 -80.39 6.14 -25.80
N ARG G 2136 -79.69 5.16 -26.39
CA ARG G 2136 -78.78 5.43 -27.48
C ARG G 2136 -79.48 5.58 -28.82
N ALA G 2137 -80.76 5.26 -28.92
CA ALA G 2137 -81.50 5.42 -30.16
C ALA G 2137 -82.29 6.73 -30.22
N LEU G 2138 -82.57 7.34 -29.08
CA LEU G 2138 -83.28 8.62 -29.06
C LEU G 2138 -82.58 9.73 -29.85
N PRO G 2139 -81.25 9.88 -29.81
CA PRO G 2139 -80.62 10.95 -30.61
C PRO G 2139 -80.92 10.86 -32.10
N ARG G 2140 -81.26 9.68 -32.61
CA ARG G 2140 -81.63 9.52 -34.02
C ARG G 2140 -83.14 9.53 -34.22
N ALA G 2141 -83.90 9.94 -33.21
CA ALA G 2141 -85.35 10.06 -33.31
C ALA G 2141 -85.73 11.52 -33.49
N TYR G 2142 -86.72 11.79 -34.34
CA TYR G 2142 -87.11 13.15 -34.65
C TYR G 2142 -88.56 13.16 -35.10
N THR G 2143 -89.35 14.06 -34.53
CA THR G 2143 -90.75 14.20 -34.88
C THR G 2143 -90.94 15.39 -35.82
N ILE G 2144 -91.75 15.20 -36.85
CA ILE G 2144 -91.98 16.22 -37.85
C ILE G 2144 -93.49 16.41 -38.03
N SER G 2145 -93.85 17.57 -38.57
CA SER G 2145 -95.24 17.86 -38.87
C SER G 2145 -95.72 16.97 -40.02
N PRO G 2146 -96.98 16.56 -39.99
CA PRO G 2146 -97.51 15.75 -41.10
C PRO G 2146 -97.52 16.48 -42.43
N SER G 2147 -97.48 17.81 -42.43
CA SER G 2147 -97.48 18.57 -43.67
C SER G 2147 -96.11 18.60 -44.34
N SER G 2148 -95.05 18.18 -43.66
CA SER G 2148 -93.71 18.16 -44.22
C SER G 2148 -93.22 16.75 -44.54
N VAL G 2149 -94.15 15.78 -44.65
CA VAL G 2149 -93.76 14.40 -44.91
C VAL G 2149 -93.22 14.25 -46.33
N GLU G 2150 -93.91 14.84 -47.31
CA GLU G 2150 -93.52 14.64 -48.70
C GLU G 2150 -92.14 15.23 -48.98
N ASP G 2151 -91.84 16.39 -48.41
CA ASP G 2151 -90.52 16.97 -48.59
C ASP G 2151 -89.45 16.15 -47.87
N THR G 2152 -89.79 15.62 -46.69
CA THR G 2152 -88.84 14.77 -45.96
C THR G 2152 -88.55 13.49 -46.71
N MET G 2153 -89.58 12.89 -47.32
CA MET G 2153 -89.36 11.68 -48.10
C MET G 2153 -88.45 11.94 -49.29
N SER G 2154 -88.64 13.10 -49.95
CA SER G 2154 -87.75 13.46 -51.05
C SER G 2154 -86.32 13.64 -50.57
N LEU G 2155 -86.15 14.26 -49.40
CA LEU G 2155 -84.80 14.43 -48.85
C LEU G 2155 -84.17 13.08 -48.52
N LEU G 2156 -84.97 12.16 -47.98
CA LEU G 2156 -84.44 10.83 -47.68
C LEU G 2156 -84.03 10.09 -48.95
N GLU G 2157 -84.79 10.26 -50.02
CA GLU G 2157 -84.43 9.64 -51.30
C GLU G 2157 -83.08 10.16 -51.79
N CYS G 2158 -82.86 11.48 -51.70
CA CYS G 2158 -81.60 12.05 -52.12
C CYS G 2158 -80.46 11.59 -51.22
N LEU G 2159 -80.71 11.52 -49.92
CA LEU G 2159 -79.68 11.06 -48.99
C LEU G 2159 -79.32 9.61 -49.24
N GLY G 2160 -80.30 8.78 -49.60
CA GLY G 2160 -80.01 7.39 -49.92
C GLY G 2160 -79.09 7.25 -51.12
N GLN G 2161 -79.26 8.12 -52.12
CA GLN G 2161 -78.36 8.11 -53.28
C GLN G 2161 -76.94 8.46 -52.87
N ILE G 2162 -76.77 9.45 -52.01
CA ILE G 2162 -75.44 9.85 -51.56
C ILE G 2162 -74.80 8.73 -50.75
N ARG G 2163 -75.57 8.09 -49.85
CA ARG G 2163 -75.02 7.01 -49.06
C ARG G 2163 -74.60 5.82 -49.92
N SER G 2164 -75.27 5.63 -51.06
CA SER G 2164 -74.89 4.54 -51.96
C SER G 2164 -73.55 4.79 -52.63
N LEU G 2165 -73.04 6.02 -52.59
CA LEU G 2165 -71.77 6.36 -53.21
C LEU G 2165 -70.58 6.12 -52.30
N LEU G 2166 -70.80 5.69 -51.06
CA LEU G 2166 -69.72 5.39 -50.15
C LEU G 2166 -69.08 4.04 -50.41
N ILE G 2167 -69.69 3.20 -51.25
CA ILE G 2167 -69.20 1.86 -51.51
C ILE G 2167 -68.81 1.66 -52.97
N VAL G 2168 -68.66 2.75 -53.72
CA VAL G 2168 -68.31 2.66 -55.14
C VAL G 2168 -67.27 3.73 -55.45
N GLN G 2169 -66.29 3.36 -56.26
CA GLN G 2169 -65.30 4.33 -56.73
C GLN G 2169 -65.98 5.40 -57.56
N MET G 2170 -65.55 6.64 -57.36
CA MET G 2170 -66.17 7.77 -58.05
C MET G 2170 -65.88 7.70 -59.55
N GLY G 2171 -66.90 8.01 -60.35
CA GLY G 2171 -66.78 8.02 -61.78
C GLY G 2171 -67.62 9.12 -62.40
N PRO G 2172 -67.56 9.24 -63.73
CA PRO G 2172 -68.36 10.29 -64.39
C PRO G 2172 -69.85 10.15 -64.16
N GLN G 2173 -70.37 8.92 -64.10
CA GLN G 2173 -71.79 8.73 -63.86
C GLN G 2173 -72.14 9.04 -62.41
N GLU G 2174 -71.32 8.55 -61.46
CA GLU G 2174 -71.58 8.81 -60.05
C GLU G 2174 -71.41 10.29 -59.71
N GLU G 2175 -70.53 10.99 -60.43
CA GLU G 2175 -70.35 12.42 -60.20
C GLU G 2175 -71.63 13.20 -60.47
N ASN G 2176 -72.31 12.88 -61.58
CA ASN G 2176 -73.56 13.56 -61.90
C ASN G 2176 -74.63 13.26 -60.87
N LEU G 2177 -74.71 12.00 -60.42
CA LEU G 2177 -75.69 11.64 -59.40
C LEU G 2177 -75.41 12.39 -58.09
N MET G 2178 -74.15 12.51 -57.72
CA MET G 2178 -73.80 13.23 -56.49
C MET G 2178 -74.16 14.70 -56.60
N ILE G 2179 -73.91 15.31 -57.76
CA ILE G 2179 -74.16 16.74 -57.92
C ILE G 2179 -75.66 17.03 -57.86
N GLN G 2180 -76.46 16.24 -58.56
CA GLN G 2180 -77.90 16.49 -58.58
C GLN G 2180 -78.55 16.16 -57.25
N SER G 2181 -78.02 15.17 -56.52
CA SER G 2181 -78.54 14.86 -55.19
C SER G 2181 -78.29 16.02 -54.23
N ILE G 2182 -77.11 16.62 -54.29
CA ILE G 2182 -76.81 17.77 -53.44
C ILE G 2182 -77.70 18.94 -53.82
N GLY G 2183 -77.89 19.17 -55.12
CA GLY G 2183 -78.75 20.26 -55.55
C GLY G 2183 -80.19 20.09 -55.08
N ASN G 2184 -80.70 18.86 -55.15
CA ASN G 2184 -82.06 18.61 -54.69
C ASN G 2184 -82.18 18.80 -53.18
N ILE G 2185 -81.17 18.39 -52.42
CA ILE G 2185 -81.19 18.59 -50.97
C ILE G 2185 -81.19 20.07 -50.64
N MET G 2186 -80.32 20.85 -51.29
CA MET G 2186 -80.26 22.27 -51.06
C MET G 2186 -81.46 23.02 -51.62
N ASN G 2187 -82.28 22.37 -52.43
CA ASN G 2187 -83.53 22.94 -52.92
C ASN G 2187 -84.72 22.56 -52.05
N ASN G 2188 -84.50 21.80 -50.98
CA ASN G 2188 -85.57 21.31 -50.12
C ASN G 2188 -85.69 22.20 -48.89
N LYS G 2189 -86.91 22.58 -48.56
CA LYS G 2189 -87.14 23.46 -47.41
C LYS G 2189 -86.80 22.77 -46.09
N VAL G 2190 -86.95 21.45 -46.03
CA VAL G 2190 -86.66 20.72 -44.80
C VAL G 2190 -85.19 20.84 -44.42
N PHE G 2191 -84.31 20.88 -45.43
CA PHE G 2191 -82.88 21.01 -45.17
C PHE G 2191 -82.55 22.27 -44.37
N TYR G 2192 -83.36 23.31 -44.52
CA TYR G 2192 -83.13 24.56 -43.79
C TYR G 2192 -84.02 24.69 -42.56
N GLN G 2193 -85.21 24.10 -42.59
CA GLN G 2193 -86.12 24.22 -41.46
C GLN G 2193 -85.70 23.35 -40.28
N HIS G 2194 -85.06 22.21 -40.55
CA HIS G 2194 -84.69 21.25 -39.50
C HIS G 2194 -83.21 20.91 -39.61
N PRO G 2195 -82.33 21.85 -39.23
CA PRO G 2195 -80.90 21.53 -39.23
C PRO G 2195 -80.53 20.41 -38.28
N ASN G 2196 -81.25 20.27 -37.17
CA ASN G 2196 -80.96 19.18 -36.23
C ASN G 2196 -81.25 17.83 -36.86
N LEU G 2197 -82.32 17.73 -37.65
CA LEU G 2197 -82.61 16.47 -38.32
C LEU G 2197 -81.51 16.10 -39.31
N MET G 2198 -81.02 17.08 -40.06
CA MET G 2198 -79.92 16.82 -40.98
C MET G 2198 -78.66 16.36 -40.25
N ARG G 2199 -78.39 16.98 -39.10
CA ARG G 2199 -77.25 16.58 -38.29
C ARG G 2199 -77.43 15.16 -37.75
N ALA G 2200 -78.65 14.81 -37.35
CA ALA G 2200 -78.92 13.47 -36.85
C ALA G 2200 -78.74 12.42 -37.95
N LEU G 2201 -79.12 12.75 -39.18
CA LEU G 2201 -78.97 11.82 -40.29
C LEU G 2201 -77.51 11.65 -40.71
N GLY G 2202 -76.60 12.45 -40.18
CA GLY G 2202 -75.21 12.37 -40.57
C GLY G 2202 -74.97 12.77 -42.02
N MET G 2203 -75.74 13.75 -42.51
CA MET G 2203 -75.62 14.16 -43.90
C MET G 2203 -74.26 14.79 -44.17
N HIS G 2204 -73.76 15.61 -43.26
CA HIS G 2204 -72.47 16.25 -43.46
C HIS G 2204 -71.33 15.24 -43.42
N GLU G 2205 -71.44 14.22 -42.56
CA GLU G 2205 -70.42 13.17 -42.56
C GLU G 2205 -70.40 12.41 -43.87
N THR G 2206 -71.57 12.07 -44.41
CA THR G 2206 -71.63 11.31 -45.65
C THR G 2206 -71.03 12.09 -46.81
N VAL G 2207 -71.37 13.37 -46.92
CA VAL G 2207 -70.81 14.20 -47.99
C VAL G 2207 -69.31 14.35 -47.83
N MET G 2208 -68.84 14.54 -46.59
CA MET G 2208 -67.41 14.70 -46.36
C MET G 2208 -66.64 13.43 -46.74
N GLU G 2209 -67.18 12.26 -46.40
CA GLU G 2209 -66.48 11.01 -46.71
C GLU G 2209 -66.39 10.78 -48.21
N VAL G 2210 -67.44 11.15 -48.96
CA VAL G 2210 -67.38 11.05 -50.41
C VAL G 2210 -66.31 11.96 -50.97
N MET G 2211 -66.22 13.19 -50.45
CA MET G 2211 -65.26 14.15 -50.96
C MET G 2211 -63.83 13.68 -50.74
N VAL G 2212 -63.53 13.19 -49.52
CA VAL G 2212 -62.15 12.83 -49.20
C VAL G 2212 -61.72 11.58 -49.98
N ASN G 2213 -62.65 10.70 -50.32
CA ASN G 2213 -62.30 9.54 -51.13
C ASN G 2213 -61.81 9.97 -52.50
N VAL G 2214 -62.46 10.96 -53.11
CA VAL G 2214 -61.97 11.51 -54.37
C VAL G 2214 -60.64 12.22 -54.17
N LEU G 2215 -60.53 13.00 -53.09
CA LEU G 2215 -59.27 13.69 -52.81
C LEU G 2215 -58.17 12.69 -52.44
N GLY G 2216 -58.54 11.61 -51.75
CA GLY G 2216 -57.54 10.62 -51.37
C GLY G 2216 -56.86 9.99 -52.57
N GLY G 2217 -57.64 9.58 -53.56
CA GLY G 2217 -57.07 9.07 -54.79
C GLY G 2217 -56.49 10.20 -55.62
N GLY G 2218 -55.27 10.03 -56.11
CA GLY G 2218 -54.62 11.10 -56.85
C GLY G 2218 -54.37 12.33 -56.02
N GLU G 2219 -53.92 12.15 -54.78
CA GLU G 2219 -53.78 13.26 -53.84
C GLU G 2219 -52.64 14.21 -54.21
N THR G 2220 -51.78 13.86 -55.14
CA THR G 2220 -50.66 14.74 -55.45
C THR G 2220 -50.53 15.08 -56.94
N LYS G 2221 -50.80 14.13 -57.83
CA LYS G 2221 -50.54 14.37 -59.24
C LYS G 2221 -51.69 15.05 -59.97
N GLU G 2222 -52.94 14.68 -59.66
CA GLU G 2222 -54.09 15.25 -60.37
C GLU G 2222 -55.38 14.92 -59.62
N ILE G 2223 -56.25 15.92 -59.49
CA ILE G 2223 -57.56 15.73 -58.87
C ILE G 2223 -58.59 15.67 -59.99
N ARG G 2224 -59.32 14.57 -60.04
CA ARG G 2224 -60.34 14.34 -61.05
C ARG G 2224 -61.72 14.55 -60.45
N PHE G 2225 -62.71 14.64 -61.34
CA PHE G 2225 -64.08 15.03 -60.98
C PHE G 2225 -64.10 16.32 -60.17
N PRO G 2226 -63.52 17.41 -60.69
CA PRO G 2226 -63.50 18.65 -59.91
C PRO G 2226 -64.87 19.22 -59.61
N LYS G 2227 -65.84 19.02 -60.49
CA LYS G 2227 -67.18 19.56 -60.26
C LYS G 2227 -67.83 18.92 -59.04
N MET G 2228 -67.59 17.62 -58.83
CA MET G 2228 -68.13 16.98 -57.64
C MET G 2228 -67.51 17.56 -56.37
N VAL G 2229 -66.20 17.81 -56.39
CA VAL G 2229 -65.52 18.31 -55.20
C VAL G 2229 -66.04 19.70 -54.84
N THR G 2230 -66.17 20.58 -55.83
CA THR G 2230 -66.66 21.92 -55.54
C THR G 2230 -68.15 21.93 -55.19
N SER G 2231 -68.89 20.91 -55.61
CA SER G 2231 -70.29 20.81 -55.20
C SER G 2231 -70.41 20.37 -53.75
N CYS G 2232 -69.58 19.41 -53.34
CA CYS G 2232 -69.60 18.97 -51.94
C CYS G 2232 -69.09 20.08 -51.03
N CYS G 2233 -68.03 20.77 -51.43
CA CYS G 2233 -67.49 21.85 -50.61
C CYS G 2233 -68.50 22.99 -50.47
N ARG G 2234 -69.16 23.37 -51.57
CA ARG G 2234 -70.17 24.42 -51.49
C ARG G 2234 -71.34 24.00 -50.61
N PHE G 2235 -71.71 22.72 -50.68
CA PHE G 2235 -72.77 22.21 -49.82
C PHE G 2235 -72.41 22.34 -48.35
N LEU G 2236 -71.16 21.98 -48.00
CA LEU G 2236 -70.75 22.06 -46.61
C LEU G 2236 -70.63 23.50 -46.13
N CYS G 2237 -70.24 24.42 -47.01
CA CYS G 2237 -70.18 25.83 -46.61
C CYS G 2237 -71.57 26.36 -46.27
N TYR G 2238 -72.57 26.05 -47.09
CA TYR G 2238 -73.93 26.44 -46.76
C TYR G 2238 -74.47 25.68 -45.56
N PHE G 2239 -73.98 24.46 -45.34
CA PHE G 2239 -74.38 23.70 -44.17
C PHE G 2239 -73.95 24.40 -42.88
N CYS G 2240 -72.74 24.96 -42.87
CA CYS G 2240 -72.25 25.65 -41.69
C CYS G 2240 -73.05 26.91 -41.40
N ARG G 2241 -73.50 27.61 -42.43
CA ARG G 2241 -74.18 28.90 -42.25
C ARG G 2241 -75.63 28.76 -41.82
N ILE G 2242 -76.18 27.55 -41.78
CA ILE G 2242 -77.57 27.39 -41.36
C ILE G 2242 -77.71 27.64 -39.86
N SER G 2243 -76.82 27.07 -39.05
CA SER G 2243 -76.89 27.25 -37.61
C SER G 2243 -75.50 27.07 -37.01
N ARG G 2244 -75.33 27.59 -35.80
CA ARG G 2244 -74.05 27.44 -35.11
C ARG G 2244 -73.78 25.99 -34.75
N GLN G 2245 -74.83 25.23 -34.42
CA GLN G 2245 -74.63 23.82 -34.12
C GLN G 2245 -74.11 23.05 -35.32
N ASN G 2246 -74.61 23.36 -36.52
CA ASN G 2246 -74.02 22.79 -37.72
C ASN G 2246 -72.58 23.24 -37.90
N GLN G 2247 -72.32 24.52 -37.65
CA GLN G 2247 -70.95 25.04 -37.77
C GLN G 2247 -70.01 24.36 -36.77
N ARG G 2248 -70.49 24.13 -35.55
CA ARG G 2248 -69.68 23.43 -34.56
C ARG G 2248 -69.43 21.99 -34.98
N SER G 2249 -70.44 21.34 -35.57
CA SER G 2249 -70.26 19.97 -36.02
C SER G 2249 -69.16 19.85 -37.07
N MET G 2250 -69.13 20.78 -38.02
CA MET G 2250 -68.06 20.80 -39.00
C MET G 2250 -66.73 21.23 -38.40
N PHE G 2251 -66.76 21.94 -37.27
CA PHE G 2251 -65.51 22.33 -36.61
C PHE G 2251 -64.78 21.13 -36.03
N ASP G 2252 -65.51 20.06 -35.69
CA ASP G 2252 -64.88 18.86 -35.16
C ASP G 2252 -64.01 18.16 -36.19
N HIS G 2253 -64.22 18.43 -37.48
CA HIS G 2253 -63.41 17.86 -38.54
C HIS G 2253 -62.43 18.88 -39.13
N LEU G 2254 -62.09 19.91 -38.35
CA LEU G 2254 -61.20 20.96 -38.85
C LEU G 2254 -59.84 20.39 -39.22
N SER G 2255 -59.28 19.55 -38.35
CA SER G 2255 -58.00 18.91 -38.66
C SER G 2255 -58.14 17.96 -39.84
N TYR G 2256 -59.28 17.27 -39.93
CA TYR G 2256 -59.51 16.37 -41.06
C TYR G 2256 -59.58 17.13 -42.38
N LEU G 2257 -60.20 18.31 -42.36
CA LEU G 2257 -60.27 19.12 -43.57
C LEU G 2257 -58.91 19.71 -43.93
N LEU G 2258 -58.15 20.14 -42.93
CA LEU G 2258 -56.87 20.79 -43.20
C LEU G 2258 -55.88 19.83 -43.85
N GLU G 2259 -55.82 18.59 -43.38
CA GLU G 2259 -54.88 17.64 -43.95
C GLU G 2259 -55.22 17.27 -45.39
N ASN G 2260 -56.48 17.45 -45.80
CA ASN G 2260 -56.88 17.27 -47.18
C ASN G 2260 -56.87 18.57 -47.98
N SER G 2261 -56.52 19.69 -47.35
CA SER G 2261 -56.51 20.98 -48.01
C SER G 2261 -55.18 21.32 -48.65
N GLY G 2262 -54.16 20.46 -48.49
CA GLY G 2262 -52.88 20.72 -49.11
C GLY G 2262 -52.94 20.76 -50.62
N ILE G 2263 -53.70 19.82 -51.21
CA ILE G 2263 -53.84 19.77 -52.67
C ILE G 2263 -55.12 20.45 -53.14
N GLY G 2264 -55.96 20.94 -52.23
CA GLY G 2264 -57.17 21.64 -52.63
C GLY G 2264 -56.90 22.93 -53.38
N LEU G 2265 -55.67 23.42 -53.34
CA LEU G 2265 -55.32 24.62 -54.10
C LEU G 2265 -55.52 24.41 -55.59
N GLY G 2266 -55.33 23.18 -56.06
CA GLY G 2266 -55.49 22.90 -57.48
C GLY G 2266 -56.89 23.18 -57.97
N MET G 2267 -57.90 22.70 -57.24
CA MET G 2267 -59.27 22.99 -57.59
C MET G 2267 -59.61 24.44 -57.25
N GLN G 2268 -60.38 25.09 -58.11
CA GLN G 2268 -60.78 26.47 -57.95
CA GLN G 2268 -60.78 26.47 -57.95
C GLN G 2268 -62.28 26.55 -57.74
N GLY G 2269 -62.71 27.50 -56.91
CA GLY G 2269 -64.11 27.64 -56.57
C GLY G 2269 -64.33 27.45 -55.08
N SER G 2270 -65.01 26.37 -54.70
CA SER G 2270 -65.18 26.00 -53.30
C SER G 2270 -64.27 24.82 -53.00
N THR G 2271 -63.42 24.97 -51.99
CA THR G 2271 -62.38 23.99 -51.68
C THR G 2271 -62.52 23.54 -50.23
N PRO G 2272 -61.90 22.41 -49.85
CA PRO G 2272 -61.94 22.01 -48.43
C PRO G 2272 -61.38 23.06 -47.50
N LEU G 2273 -60.41 23.85 -47.95
CA LEU G 2273 -59.92 24.96 -47.15
C LEU G 2273 -61.01 26.00 -46.92
N ASP G 2274 -61.84 26.24 -47.94
CA ASP G 2274 -62.97 27.15 -47.77
C ASP G 2274 -63.97 26.61 -46.75
N VAL G 2275 -64.19 25.30 -46.76
CA VAL G 2275 -65.09 24.68 -45.78
C VAL G 2275 -64.54 24.87 -44.37
N ALA G 2276 -63.22 24.69 -44.20
CA ALA G 2276 -62.62 24.92 -42.90
C ALA G 2276 -62.77 26.38 -42.47
N ALA G 2277 -62.57 27.31 -43.40
CA ALA G 2277 -62.77 28.72 -43.08
C ALA G 2277 -64.22 29.02 -42.75
N ALA G 2278 -65.16 28.40 -43.46
CA ALA G 2278 -66.58 28.64 -43.21
C ALA G 2278 -67.02 28.06 -41.87
N SER G 2279 -66.23 27.19 -41.26
CA SER G 2279 -66.59 26.56 -39.99
C SER G 2279 -66.13 27.36 -38.78
N VAL G 2280 -65.41 28.46 -38.99
CA VAL G 2280 -64.95 29.31 -37.89
C VAL G 2280 -65.26 30.77 -38.10
N ILE G 2281 -65.93 31.13 -39.20
CA ILE G 2281 -66.14 32.54 -39.51
C ILE G 2281 -67.22 33.12 -38.61
N ASP G 2282 -66.92 34.27 -38.00
CA ASP G 2282 -67.87 35.01 -37.17
C ASP G 2282 -68.41 34.16 -36.03
N ASN G 2283 -67.53 33.40 -35.39
CA ASN G 2283 -67.88 32.56 -34.24
C ASN G 2283 -66.73 32.63 -33.25
N ASN G 2284 -66.91 33.41 -32.18
CA ASN G 2284 -65.85 33.56 -31.19
C ASN G 2284 -65.62 32.26 -30.43
N GLU G 2285 -66.68 31.50 -30.17
CA GLU G 2285 -66.55 30.27 -29.41
C GLU G 2285 -65.66 29.27 -30.15
N LEU G 2286 -65.85 29.12 -31.46
CA LEU G 2286 -65.02 28.21 -32.23
C LEU G 2286 -63.64 28.79 -32.49
N ALA G 2287 -63.52 30.11 -32.63
CA ALA G 2287 -62.22 30.72 -32.81
C ALA G 2287 -61.34 30.52 -31.58
N LEU G 2288 -61.91 30.68 -30.38
CA LEU G 2288 -61.14 30.45 -29.17
C LEU G 2288 -60.88 28.98 -28.91
N ALA G 2289 -61.64 28.08 -29.52
CA ALA G 2289 -61.44 26.66 -29.39
C ALA G 2289 -60.51 26.09 -30.46
N LEU G 2290 -59.96 26.95 -31.32
CA LEU G 2290 -59.08 26.50 -32.39
C LEU G 2290 -57.74 26.07 -31.80
N GLN G 2291 -57.39 24.80 -31.99
CA GLN G 2291 -56.16 24.27 -31.45
C GLN G 2291 -54.95 24.85 -32.17
N GLU G 2292 -53.83 24.91 -31.45
CA GLU G 2292 -52.60 25.44 -32.05
C GLU G 2292 -52.06 24.52 -33.14
N GLN G 2293 -52.28 23.21 -33.02
CA GLN G 2293 -51.80 22.28 -34.02
C GLN G 2293 -52.40 22.56 -35.38
N ASP G 2294 -53.69 22.93 -35.42
CA ASP G 2294 -54.33 23.27 -36.68
C ASP G 2294 -53.68 24.50 -37.31
N LEU G 2295 -53.39 25.52 -36.49
CA LEU G 2295 -52.71 26.70 -37.01
C LEU G 2295 -51.30 26.36 -37.47
N GLU G 2296 -50.60 25.51 -36.71
CA GLU G 2296 -49.27 25.08 -37.12
C GLU G 2296 -49.32 24.32 -38.44
N LYS G 2297 -50.38 23.54 -38.65
CA LYS G 2297 -50.53 22.82 -39.91
C LYS G 2297 -50.68 23.78 -41.08
N VAL G 2298 -51.45 24.85 -40.89
CA VAL G 2298 -51.66 25.80 -41.97
C VAL G 2298 -50.37 26.57 -42.28
N VAL G 2299 -49.66 27.00 -41.24
CA VAL G 2299 -48.43 27.75 -41.44
C VAL G 2299 -47.38 26.87 -42.12
N SER G 2300 -47.35 25.57 -41.79
CA SER G 2300 -46.45 24.66 -42.49
C SER G 2300 -46.80 24.58 -43.98
N TYR G 2301 -48.09 24.57 -44.29
CA TYR G 2301 -48.51 24.65 -45.70
C TYR G 2301 -48.09 25.98 -46.31
N LEU G 2302 -48.25 27.07 -45.57
CA LEU G 2302 -47.87 28.39 -46.08
C LEU G 2302 -46.36 28.47 -46.30
N ALA G 2303 -45.58 27.86 -45.42
CA ALA G 2303 -44.14 27.85 -45.58
C ALA G 2303 -43.73 27.11 -46.85
N GLY G 2304 -44.40 26.00 -47.17
CA GLY G 2304 -44.09 25.27 -48.38
C GLY G 2304 -44.39 26.06 -49.63
N CYS G 2305 -45.48 26.82 -49.62
CA CYS G 2305 -45.82 27.65 -50.79
C CYS G 2305 -44.80 28.75 -51.01
N GLY G 2306 -44.11 29.18 -49.96
CA GLY G 2306 -43.10 30.21 -50.06
C GLY G 2306 -41.73 29.72 -50.48
N LEU G 2307 -41.57 28.42 -50.74
CA LEU G 2307 -40.27 27.87 -51.10
C LEU G 2307 -40.28 27.08 -52.41
N GLN G 2308 -41.43 26.69 -52.93
CA GLN G 2308 -41.50 25.90 -54.15
C GLN G 2308 -42.55 26.49 -55.09
N SER G 2309 -42.31 26.35 -56.37
CA SER G 2309 -43.27 26.76 -57.39
C SER G 2309 -44.44 25.78 -57.44
N CYS G 2310 -45.55 26.24 -57.97
CA CYS G 2310 -46.71 25.37 -58.13
C CYS G 2310 -46.43 24.34 -59.20
N PRO G 2311 -46.49 23.04 -58.89
CA PRO G 2311 -46.21 22.02 -59.93
C PRO G 2311 -47.20 22.07 -61.08
N MET G 2312 -48.46 22.43 -60.82
CA MET G 2312 -49.44 22.52 -61.90
C MET G 2312 -49.11 23.67 -62.84
N LEU G 2313 -48.68 24.81 -62.29
CA LEU G 2313 -48.34 25.95 -63.14
C LEU G 2313 -47.11 25.66 -63.98
N LEU G 2314 -46.10 24.98 -63.41
CA LEU G 2314 -44.90 24.65 -64.16
C LEU G 2314 -45.22 23.73 -65.33
N ALA G 2315 -46.12 22.76 -65.13
CA ALA G 2315 -46.54 21.88 -66.21
C ALA G 2315 -47.32 22.59 -67.30
N LYS G 2316 -47.76 23.83 -67.05
CA LYS G 2316 -48.50 24.61 -68.03
C LYS G 2316 -47.64 25.67 -68.69
N GLY G 2317 -46.32 25.55 -68.59
CA GLY G 2317 -45.42 26.47 -69.26
C GLY G 2317 -45.16 27.77 -68.54
N TYR G 2318 -45.62 27.91 -67.31
CA TYR G 2318 -45.39 29.14 -66.57
C TYR G 2318 -43.92 29.29 -66.21
N PRO G 2319 -43.40 30.52 -66.17
CA PRO G 2319 -42.03 30.73 -65.72
C PRO G 2319 -41.87 30.31 -64.27
N ASP G 2320 -40.68 29.80 -63.95
CA ASP G 2320 -40.41 29.20 -62.65
C ASP G 2320 -39.88 30.28 -61.69
N ILE G 2321 -40.80 30.87 -60.94
CA ILE G 2321 -40.42 31.65 -59.77
C ILE G 2321 -40.34 30.70 -58.57
N GLY G 2322 -39.43 31.00 -57.65
CA GLY G 2322 -39.12 30.03 -56.61
C GLY G 2322 -40.12 29.93 -55.48
N TRP G 2323 -41.39 30.25 -55.74
CA TRP G 2323 -42.43 30.16 -54.72
C TRP G 2323 -43.78 30.12 -55.41
N ASN G 2324 -44.83 29.97 -54.61
CA ASN G 2324 -46.20 29.76 -55.10
C ASN G 2324 -47.10 30.82 -54.48
N PRO G 2325 -47.15 32.01 -55.07
CA PRO G 2325 -48.02 33.06 -54.52
C PRO G 2325 -49.50 32.69 -54.52
N CYS G 2326 -49.96 31.92 -55.51
CA CYS G 2326 -51.36 31.56 -55.59
C CYS G 2326 -51.76 30.65 -54.43
N GLY G 2327 -50.96 29.62 -54.17
CA GLY G 2327 -51.27 28.73 -53.06
C GLY G 2327 -51.14 29.40 -51.71
N GLY G 2328 -50.14 30.27 -51.56
CA GLY G 2328 -49.93 30.93 -50.29
C GLY G 2328 -51.06 31.87 -49.91
N GLU G 2329 -51.66 32.54 -50.91
CA GLU G 2329 -52.76 33.45 -50.63
C GLU G 2329 -53.95 32.71 -50.05
N ARG G 2330 -54.22 31.51 -50.55
CA ARG G 2330 -55.38 30.75 -50.07
C ARG G 2330 -55.23 30.38 -48.60
N TYR G 2331 -54.02 30.05 -48.17
CA TYR G 2331 -53.80 29.77 -46.75
C TYR G 2331 -53.83 31.06 -45.93
N LEU G 2332 -53.43 32.19 -46.52
CA LEU G 2332 -53.43 33.44 -45.78
C LEU G 2332 -54.83 33.87 -45.38
N ASP G 2333 -55.80 33.71 -46.28
CA ASP G 2333 -57.16 34.15 -45.97
C ASP G 2333 -57.82 33.25 -44.93
N PHE G 2334 -57.41 31.99 -44.84
CA PHE G 2334 -57.91 31.13 -43.77
C PHE G 2334 -57.46 31.65 -42.40
N LEU G 2335 -56.19 32.01 -42.29
CA LEU G 2335 -55.69 32.59 -41.05
C LEU G 2335 -56.35 33.94 -40.77
N ARG G 2336 -56.78 34.64 -41.83
CA ARG G 2336 -57.47 35.91 -41.64
C ARG G 2336 -58.79 35.71 -40.89
N PHE G 2337 -59.52 34.64 -41.20
CA PHE G 2337 -60.75 34.35 -40.49
C PHE G 2337 -60.51 33.78 -39.10
N ALA G 2338 -59.35 33.16 -38.86
CA ALA G 2338 -59.07 32.57 -37.57
C ALA G 2338 -58.72 33.61 -36.52
N VAL G 2339 -58.17 34.76 -36.93
CA VAL G 2339 -57.69 35.75 -35.99
C VAL G 2339 -58.58 36.99 -35.90
N PHE G 2340 -59.54 37.14 -36.81
CA PHE G 2340 -60.39 38.32 -36.86
C PHE G 2340 -61.84 37.88 -36.91
N VAL G 2341 -62.58 38.13 -35.84
CA VAL G 2341 -63.97 37.69 -35.71
C VAL G 2341 -64.82 38.89 -35.32
N ASN G 2342 -65.89 39.13 -36.08
CA ASN G 2342 -66.89 40.16 -35.76
C ASN G 2342 -66.27 41.54 -35.61
N GLY G 2343 -65.25 41.83 -36.43
CA GLY G 2343 -64.64 43.14 -36.43
C GLY G 2343 -63.60 43.37 -35.35
N GLU G 2344 -63.31 42.37 -34.53
CA GLU G 2344 -62.28 42.49 -33.50
C GLU G 2344 -61.26 41.39 -33.67
N SER G 2345 -60.04 41.67 -33.21
CA SER G 2345 -58.95 40.70 -33.32
C SER G 2345 -58.96 39.76 -32.13
N VAL G 2346 -58.90 38.46 -32.40
CA VAL G 2346 -58.81 37.45 -31.35
C VAL G 2346 -57.34 37.36 -30.94
N GLU G 2347 -57.01 37.92 -29.77
CA GLU G 2347 -55.60 38.01 -29.38
C GLU G 2347 -54.99 36.63 -29.13
N GLU G 2348 -55.78 35.67 -28.68
CA GLU G 2348 -55.26 34.33 -28.45
C GLU G 2348 -54.77 33.71 -29.76
N ASN G 2349 -55.56 33.84 -30.82
CA ASN G 2349 -55.14 33.31 -32.12
C ASN G 2349 -54.13 34.22 -32.80
N ALA G 2350 -54.26 35.54 -32.62
CA ALA G 2350 -53.36 36.47 -33.29
C ALA G 2350 -51.93 36.30 -32.81
N ASN G 2351 -51.75 36.13 -31.50
CA ASN G 2351 -50.40 35.98 -30.96
C ASN G 2351 -49.76 34.69 -31.46
N VAL G 2352 -50.53 33.60 -31.52
CA VAL G 2352 -49.98 32.33 -31.98
C VAL G 2352 -49.57 32.41 -33.44
N VAL G 2353 -50.42 33.02 -34.28
CA VAL G 2353 -50.13 33.10 -35.71
C VAL G 2353 -48.88 33.91 -35.97
N VAL G 2354 -48.73 35.06 -35.28
CA VAL G 2354 -47.56 35.89 -35.48
C VAL G 2354 -46.30 35.16 -35.06
N ARG G 2355 -46.34 34.49 -33.91
CA ARG G 2355 -45.17 33.73 -33.45
C ARG G 2355 -44.86 32.58 -34.40
N LEU G 2356 -45.88 31.90 -34.91
CA LEU G 2356 -45.65 30.82 -35.86
C LEU G 2356 -45.05 31.37 -37.16
N LEU G 2357 -45.53 32.53 -37.61
CA LEU G 2357 -45.04 33.10 -38.87
C LEU G 2357 -43.56 33.49 -38.76
N ILE G 2358 -43.16 34.11 -37.65
CA ILE G 2358 -41.78 34.56 -37.53
C ILE G 2358 -40.82 33.39 -37.32
N ARG G 2359 -41.29 32.28 -36.77
CA ARG G 2359 -40.43 31.10 -36.64
C ARG G 2359 -40.15 30.45 -37.98
N LYS G 2360 -40.97 30.72 -38.99
CA LYS G 2360 -40.75 30.27 -40.36
C LYS G 2360 -40.82 31.48 -41.27
N PRO G 2361 -39.74 32.26 -41.36
CA PRO G 2361 -39.79 33.53 -42.10
C PRO G 2361 -40.07 33.38 -43.58
N GLU G 2362 -39.91 32.19 -44.15
CA GLU G 2362 -40.22 31.99 -45.56
C GLU G 2362 -41.70 32.16 -45.87
N CYS G 2363 -42.56 32.17 -44.85
CA CYS G 2363 -43.97 32.44 -45.06
C CYS G 2363 -44.25 33.86 -45.54
N PHE G 2364 -43.27 34.76 -45.42
CA PHE G 2364 -43.44 36.14 -45.83
C PHE G 2364 -43.12 36.37 -47.30
N GLY G 2365 -42.71 35.34 -48.03
CA GLY G 2365 -42.38 35.47 -49.42
C GLY G 2365 -40.93 35.83 -49.65
N PRO G 2366 -40.50 35.88 -50.91
CA PRO G 2366 -39.12 36.30 -51.19
C PRO G 2366 -38.80 37.69 -50.69
N ALA G 2367 -39.76 38.62 -50.74
CA ALA G 2367 -39.58 39.89 -50.06
C ALA G 2367 -39.80 39.69 -48.56
N LEU G 2368 -39.33 40.68 -47.78
CA LEU G 2368 -39.34 40.58 -46.32
C LEU G 2368 -38.54 39.39 -45.83
N ARG G 2369 -37.54 38.98 -46.61
CA ARG G 2369 -36.71 37.84 -46.27
CA ARG G 2369 -36.71 37.84 -46.26
C ARG G 2369 -35.58 38.20 -45.32
N GLY G 2370 -35.30 39.48 -45.13
CA GLY G 2370 -34.19 39.89 -44.29
C GLY G 2370 -32.94 40.13 -45.13
N GLU G 2371 -32.06 39.14 -45.18
CA GLU G 2371 -30.84 39.27 -45.97
C GLU G 2371 -31.16 39.02 -47.45
N GLY G 2372 -30.63 39.87 -48.32
CA GLY G 2372 -30.81 39.70 -49.75
C GLY G 2372 -32.24 39.81 -50.22
N GLY G 2373 -33.13 40.35 -49.39
CA GLY G 2373 -34.53 40.45 -49.76
C GLY G 2373 -34.99 41.88 -49.94
N SER G 2374 -35.59 42.17 -51.09
CA SER G 2374 -36.11 43.50 -51.34
C SER G 2374 -37.31 43.78 -50.44
N GLY G 2375 -37.60 45.06 -50.26
CA GLY G 2375 -38.67 45.47 -49.39
C GLY G 2375 -40.03 45.18 -49.99
N LEU G 2376 -41.07 45.48 -49.20
CA LEU G 2376 -42.43 45.29 -49.66
C LEU G 2376 -42.75 46.18 -50.85
N LEU G 2377 -42.30 47.43 -50.81
CA LEU G 2377 -42.55 48.35 -51.92
C LEU G 2377 -41.84 47.90 -53.19
N ALA G 2378 -40.60 47.42 -53.06
CA ALA G 2378 -39.85 46.97 -54.23
C ALA G 2378 -40.51 45.75 -54.87
N ALA G 2379 -41.02 44.84 -54.04
CA ALA G 2379 -41.68 43.65 -54.57
C ALA G 2379 -42.92 44.00 -55.37
N ILE G 2380 -43.72 44.94 -54.87
CA ILE G 2380 -44.93 45.36 -55.59
C ILE G 2380 -44.55 46.03 -56.91
N GLU G 2381 -43.54 46.91 -56.88
CA GLU G 2381 -43.09 47.55 -58.10
C GLU G 2381 -42.56 46.52 -59.10
N GLU G 2382 -41.83 45.52 -58.61
CA GLU G 2382 -41.35 44.45 -59.48
C GLU G 2382 -42.52 43.68 -60.06
N ALA G 2383 -43.56 43.42 -59.26
CA ALA G 2383 -44.72 42.69 -59.75
C ALA G 2383 -45.43 43.46 -60.85
N ILE G 2384 -45.49 44.78 -60.73
CA ILE G 2384 -46.13 45.60 -61.76
C ILE G 2384 -45.38 45.47 -63.08
N ARG G 2385 -44.05 45.50 -63.03
CA ARG G 2385 -43.26 45.32 -64.25
C ARG G 2385 -43.45 43.93 -64.82
N ILE G 2386 -43.61 42.92 -63.96
CA ILE G 2386 -43.90 41.57 -64.44
C ILE G 2386 -45.26 41.54 -65.14
N SER G 2387 -46.26 42.21 -64.56
CA SER G 2387 -47.59 42.20 -65.15
C SER G 2387 -47.60 42.87 -66.52
N GLU G 2388 -46.84 43.97 -66.68
CA GLU G 2388 -46.82 44.67 -67.95
C GLU G 2388 -46.04 43.90 -69.02
N ASP G 2389 -45.19 42.97 -68.63
CA ASP G 2389 -44.34 42.26 -69.59
C ASP G 2389 -44.77 40.81 -69.71
N PRO G 2390 -45.26 40.38 -70.87
CA PRO G 2390 -45.52 38.95 -71.08
C PRO G 2390 -44.22 38.16 -71.13
N ALA G 2391 -44.38 36.83 -71.24
CA ALA G 2391 -43.27 35.88 -71.25
C ALA G 2391 -42.56 35.86 -69.89
N ARG G 2392 -43.05 36.66 -68.96
CA ARG G 2392 -42.61 36.63 -67.57
C ARG G 2392 -43.78 36.64 -66.59
N ASP G 2393 -44.99 36.97 -67.05
CA ASP G 2393 -46.19 36.94 -66.23
C ASP G 2393 -47.03 35.70 -66.45
N GLY G 2394 -46.91 35.06 -67.61
CA GLY G 2394 -47.67 33.87 -67.91
C GLY G 2394 -46.90 32.90 -68.79
N PRO G 2395 -47.58 31.85 -69.26
CA PRO G 2395 -46.90 30.85 -70.10
C PRO G 2395 -46.34 31.43 -71.39
N GLY G 2396 -46.99 32.45 -71.95
CA GLY G 2396 -46.52 33.05 -73.18
C GLY G 2396 -46.53 32.09 -74.37
N VAL G 2397 -47.63 31.36 -74.53
CA VAL G 2397 -47.77 30.39 -75.60
C VAL G 2397 -47.74 31.08 -76.97
N PRO G 2410 -60.30 35.19 -70.15
CA PRO G 2410 -58.93 34.66 -70.11
C PRO G 2410 -58.69 33.56 -71.12
N PRO G 2411 -57.44 33.41 -71.58
CA PRO G 2411 -57.16 32.34 -72.55
C PRO G 2411 -57.52 30.95 -72.04
N GLU G 2412 -57.30 30.68 -70.75
CA GLU G 2412 -57.66 29.42 -70.14
C GLU G 2412 -58.92 29.55 -69.29
N GLU G 2413 -59.58 30.71 -69.38
CA GLU G 2413 -60.85 31.03 -68.73
C GLU G 2413 -60.65 31.25 -67.23
N ASN G 2414 -59.48 30.88 -66.71
CA ASN G 2414 -59.05 31.24 -65.36
C ASN G 2414 -57.53 31.48 -65.40
N ARG G 2415 -57.08 32.17 -66.44
CA ARG G 2415 -55.65 32.39 -66.64
C ARG G 2415 -55.03 33.08 -65.43
N VAL G 2416 -53.95 32.50 -64.93
CA VAL G 2416 -53.24 33.02 -63.76
C VAL G 2416 -52.16 33.97 -64.22
N HIS G 2417 -52.15 35.17 -63.67
CA HIS G 2417 -51.14 36.17 -63.97
C HIS G 2417 -50.22 36.30 -62.76
N LEU G 2418 -48.94 36.01 -62.96
CA LEU G 2418 -47.99 36.00 -61.85
C LEU G 2418 -47.84 37.38 -61.24
N GLY G 2419 -47.86 38.43 -62.07
CA GLY G 2419 -47.78 39.77 -61.54
C GLY G 2419 -48.91 40.09 -60.58
N HIS G 2420 -50.13 39.76 -60.97
CA HIS G 2420 -51.28 39.96 -60.09
C HIS G 2420 -51.23 39.01 -58.90
N ALA G 2421 -50.76 37.78 -59.12
CA ALA G 2421 -50.68 36.81 -58.03
C ALA G 2421 -49.71 37.26 -56.95
N ILE G 2422 -48.57 37.83 -57.35
CA ILE G 2422 -47.59 38.29 -56.36
C ILE G 2422 -48.17 39.42 -55.52
N MET G 2423 -48.85 40.39 -56.15
CA MET G 2423 -49.47 41.47 -55.41
C MET G 2423 -50.54 40.96 -54.47
N SER G 2424 -51.34 40.00 -54.94
CA SER G 2424 -52.41 39.45 -54.12
C SER G 2424 -51.87 38.75 -52.88
N PHE G 2425 -50.74 38.05 -53.02
CA PHE G 2425 -50.15 37.38 -51.86
C PHE G 2425 -49.73 38.39 -50.79
N TYR G 2426 -48.98 39.41 -51.18
CA TYR G 2426 -48.51 40.39 -50.20
C TYR G 2426 -49.67 41.19 -49.64
N ALA G 2427 -50.67 41.52 -50.46
CA ALA G 2427 -51.86 42.17 -49.95
C ALA G 2427 -52.57 41.31 -48.93
N ALA G 2428 -52.68 40.00 -49.20
CA ALA G 2428 -53.26 39.09 -48.22
C ALA G 2428 -52.38 39.00 -46.98
N LEU G 2429 -51.06 38.96 -47.16
CA LEU G 2429 -50.15 38.89 -46.02
C LEU G 2429 -50.24 40.15 -45.17
N ILE G 2430 -50.28 41.32 -45.80
CA ILE G 2430 -50.39 42.56 -45.05
C ILE G 2430 -51.75 42.67 -44.37
N ASP G 2431 -52.79 42.18 -45.04
CA ASP G 2431 -54.12 42.15 -44.43
C ASP G 2431 -54.13 41.26 -43.19
N LEU G 2432 -53.49 40.09 -43.27
CA LEU G 2432 -53.45 39.19 -42.13
C LEU G 2432 -52.69 39.80 -40.96
N LEU G 2433 -51.54 40.40 -41.24
CA LEU G 2433 -50.76 41.02 -40.18
C LEU G 2433 -51.50 42.21 -39.57
N GLY G 2434 -52.21 42.97 -40.40
CA GLY G 2434 -52.98 44.09 -39.87
C GLY G 2434 -54.09 43.65 -38.94
N ARG G 2435 -54.76 42.54 -39.28
CA ARG G 2435 -55.82 42.03 -38.42
C ARG G 2435 -55.27 41.37 -37.16
N CYS G 2436 -53.99 41.01 -37.15
CA CYS G 2436 -53.36 40.47 -35.95
C CYS G 2436 -52.94 41.56 -34.97
N ALA G 2437 -53.04 42.82 -35.36
CA ALA G 2437 -52.64 43.90 -34.48
C ALA G 2437 -53.57 43.98 -33.28
N PRO G 2438 -53.05 44.29 -32.09
CA PRO G 2438 -53.91 44.37 -30.90
C PRO G 2438 -54.89 45.53 -31.00
N GLU G 2439 -56.02 45.37 -30.31
CA GLU G 2439 -57.02 46.42 -30.26
C GLU G 2439 -56.50 47.61 -29.46
N MET G 2440 -57.13 48.77 -29.70
CA MET G 2440 -56.65 50.00 -29.08
C MET G 2440 -56.79 49.93 -27.56
N HIS G 2441 -57.87 49.34 -27.05
CA HIS G 2441 -58.06 49.29 -25.61
C HIS G 2441 -56.99 48.47 -24.90
N LEU G 2442 -56.39 47.50 -25.58
CA LEU G 2442 -55.27 46.77 -24.99
C LEU G 2442 -54.00 47.63 -24.97
N ILE G 2443 -53.76 48.37 -26.05
CA ILE G 2443 -52.60 49.25 -26.09
C ILE G 2443 -52.72 50.36 -25.06
N GLN G 2444 -53.92 50.95 -24.94
CA GLN G 2444 -54.12 51.99 -23.94
C GLN G 2444 -54.00 51.45 -22.53
N ALA G 2445 -54.39 50.19 -22.31
CA ALA G 2445 -54.21 49.57 -21.01
C ALA G 2445 -52.76 49.24 -20.70
N GLY G 2446 -51.87 49.38 -21.68
CA GLY G 2446 -50.45 49.12 -21.44
C GLY G 2446 -50.08 47.68 -21.27
N LYS G 2447 -50.87 46.75 -21.83
CA LYS G 2447 -50.54 45.34 -21.72
C LYS G 2447 -49.23 45.05 -22.43
N GLY G 2448 -48.36 44.29 -21.74
CA GLY G 2448 -47.03 44.03 -22.28
C GLY G 2448 -47.07 43.18 -23.53
N GLU G 2449 -47.92 42.15 -23.54
CA GLU G 2449 -48.00 41.26 -24.70
C GLU G 2449 -48.50 42.02 -25.92
N ALA G 2450 -49.49 42.89 -25.74
CA ALA G 2450 -50.02 43.65 -26.87
C ALA G 2450 -48.97 44.59 -27.46
N LEU G 2451 -48.21 45.26 -26.60
CA LEU G 2451 -47.18 46.17 -27.09
C LEU G 2451 -46.08 45.42 -27.83
N ARG G 2452 -45.70 44.25 -27.34
CA ARG G 2452 -44.67 43.47 -28.01
C ARG G 2452 -45.11 43.03 -29.40
N ILE G 2453 -46.37 42.62 -29.54
CA ILE G 2453 -46.86 42.17 -30.84
C ILE G 2453 -46.86 43.31 -31.84
N ARG G 2454 -47.33 44.48 -31.42
CA ARG G 2454 -47.36 45.62 -32.33
C ARG G 2454 -45.95 46.04 -32.75
N ALA G 2455 -44.99 45.96 -31.82
CA ALA G 2455 -43.61 46.28 -32.15
C ALA G 2455 -43.06 45.32 -33.19
N ILE G 2456 -43.40 44.04 -33.08
CA ILE G 2456 -42.95 43.06 -34.07
C ILE G 2456 -43.56 43.37 -35.44
N LEU G 2457 -44.86 43.69 -35.46
CA LEU G 2457 -45.51 43.99 -36.73
C LEU G 2457 -44.93 45.23 -37.38
N ARG G 2458 -44.62 46.26 -36.57
CA ARG G 2458 -44.01 47.46 -37.12
C ARG G 2458 -42.63 47.16 -37.70
N SER G 2459 -41.87 46.28 -37.06
CA SER G 2459 -40.55 45.93 -37.58
C SER G 2459 -40.66 45.20 -38.92
N LEU G 2460 -41.66 44.35 -39.08
CA LEU G 2460 -41.80 43.60 -40.33
C LEU G 2460 -42.16 44.52 -41.49
N VAL G 2461 -43.12 45.43 -41.28
CA VAL G 2461 -43.59 46.29 -42.36
C VAL G 2461 -43.28 47.75 -42.02
N PRO G 2462 -42.28 48.35 -42.65
CA PRO G 2462 -41.99 49.76 -42.39
C PRO G 2462 -43.10 50.67 -42.90
N LEU G 2463 -43.23 51.83 -42.25
CA LEU G 2463 -44.31 52.75 -42.58
C LEU G 2463 -44.12 53.35 -43.96
N ASP G 2464 -42.88 53.61 -44.36
CA ASP G 2464 -42.64 54.24 -45.66
C ASP G 2464 -43.07 53.34 -46.81
N ASP G 2465 -42.89 52.02 -46.66
CA ASP G 2465 -43.33 51.09 -47.69
C ASP G 2465 -44.84 51.10 -47.84
N LEU G 2466 -45.57 51.23 -46.72
CA LEU G 2466 -47.02 51.32 -46.80
C LEU G 2466 -47.45 52.56 -47.59
N VAL G 2467 -46.83 53.70 -47.32
CA VAL G 2467 -47.18 54.93 -48.03
C VAL G 2467 -46.79 54.83 -49.49
N GLY G 2468 -45.66 54.19 -49.79
CA GLY G 2468 -45.23 54.05 -51.17
C GLY G 2468 -46.20 53.23 -52.00
N ILE G 2469 -46.71 52.14 -51.43
CA ILE G 2469 -47.66 51.30 -52.15
C ILE G 2469 -48.96 52.05 -52.36
N ILE G 2470 -49.44 52.76 -51.34
CA ILE G 2470 -50.67 53.55 -51.47
C ILE G 2470 -50.48 54.65 -52.52
N SER G 2471 -49.29 55.22 -52.60
CA SER G 2471 -49.00 56.28 -53.55
C SER G 2471 -48.79 55.77 -54.98
N LEU G 2472 -48.76 54.46 -55.19
CA LEU G 2472 -48.54 53.94 -56.52
C LEU G 2472 -49.70 54.31 -57.44
N PRO G 2473 -49.42 54.69 -58.68
CA PRO G 2473 -50.50 55.05 -59.60
C PRO G 2473 -51.35 53.84 -59.97
N LEU G 2474 -52.62 54.11 -60.24
CA LEU G 2474 -53.58 53.11 -60.67
C LEU G 2474 -54.00 53.40 -62.11
N GLN G 2475 -54.02 52.38 -62.94
CA GLN G 2475 -54.43 52.55 -64.32
C GLN G 2475 -55.93 52.87 -64.38
N ILE G 2476 -56.27 53.91 -65.12
CA ILE G 2476 -57.62 54.47 -65.16
C ILE G 2476 -58.22 54.19 -66.54
N PRO G 2477 -59.46 53.72 -66.63
CA PRO G 2477 -60.07 53.50 -67.95
C PRO G 2477 -60.18 54.79 -68.72
N THR G 2478 -59.49 54.86 -69.84
CA THR G 2478 -59.45 56.03 -70.69
C THR G 2478 -60.21 55.75 -71.99
N LEU G 2479 -60.23 56.75 -72.87
CA LEU G 2479 -60.93 56.67 -74.14
C LEU G 2479 -59.98 57.03 -75.28
N GLY G 2480 -60.17 56.36 -76.41
CA GLY G 2480 -59.33 56.66 -77.57
C GLY G 2480 -59.53 55.61 -78.65
N LYS G 2481 -58.94 55.91 -79.81
CA LYS G 2481 -58.93 55.00 -80.95
C LYS G 2481 -60.36 54.63 -81.36
N ASP G 2482 -61.09 55.67 -81.78
CA ASP G 2482 -62.49 55.69 -82.21
C ASP G 2482 -63.43 55.82 -81.02
N GLY G 2483 -62.91 55.87 -79.80
CA GLY G 2483 -63.75 55.99 -78.63
C GLY G 2483 -64.01 54.71 -77.87
N ALA G 2484 -63.27 53.64 -78.17
CA ALA G 2484 -63.37 52.43 -77.37
C ALA G 2484 -62.70 52.64 -76.02
N LEU G 2485 -63.29 52.06 -74.98
CA LEU G 2485 -62.76 52.19 -73.63
C LEU G 2485 -61.53 51.30 -73.47
N VAL G 2486 -60.39 51.90 -73.13
CA VAL G 2486 -59.16 51.17 -72.88
C VAL G 2486 -59.14 50.88 -71.38
N GLN G 2487 -59.62 49.69 -70.99
CA GLN G 2487 -59.75 49.35 -69.59
C GLN G 2487 -58.67 48.36 -69.17
N PRO G 2488 -58.17 48.46 -67.95
CA PRO G 2488 -57.24 47.45 -67.44
C PRO G 2488 -57.96 46.14 -67.17
N LYS G 2489 -57.19 45.05 -67.25
CA LYS G 2489 -57.71 43.73 -66.88
C LYS G 2489 -57.48 43.56 -65.39
N MET G 2490 -58.58 43.53 -64.63
CA MET G 2490 -58.49 43.52 -63.17
C MET G 2490 -57.81 42.27 -62.63
N SER G 2491 -57.79 41.19 -63.41
CA SER G 2491 -57.13 39.97 -62.99
C SER G 2491 -55.65 39.93 -63.32
N ALA G 2492 -55.13 40.98 -63.95
CA ALA G 2492 -53.72 40.99 -64.36
C ALA G 2492 -53.04 42.33 -64.09
N SER G 2493 -53.51 43.10 -63.12
CA SER G 2493 -52.96 44.42 -62.89
C SER G 2493 -53.12 44.81 -61.43
N PHE G 2494 -52.45 45.88 -61.05
CA PHE G 2494 -52.58 46.43 -59.71
C PHE G 2494 -53.99 46.98 -59.51
N VAL G 2495 -54.62 46.58 -58.42
CA VAL G 2495 -56.03 46.91 -58.19
C VAL G 2495 -56.18 47.62 -56.87
N PRO G 2496 -57.26 48.39 -56.70
CA PRO G 2496 -57.45 49.09 -55.41
C PRO G 2496 -57.58 48.15 -54.22
N ASP G 2497 -57.99 46.90 -54.44
CA ASP G 2497 -58.06 45.95 -53.34
C ASP G 2497 -56.69 45.71 -52.71
N HIS G 2498 -55.63 45.77 -53.52
CA HIS G 2498 -54.29 45.66 -52.97
C HIS G 2498 -53.98 46.84 -52.05
N LYS G 2499 -54.41 48.04 -52.43
CA LYS G 2499 -54.20 49.21 -51.58
C LYS G 2499 -55.04 49.14 -50.31
N ALA G 2500 -56.21 48.50 -50.38
CA ALA G 2500 -57.10 48.45 -49.21
C ALA G 2500 -56.43 47.71 -48.05
N SER G 2501 -55.69 46.65 -48.36
CA SER G 2501 -54.99 45.91 -47.31
C SER G 2501 -53.93 46.78 -46.63
N MET G 2502 -53.23 47.59 -47.41
CA MET G 2502 -52.21 48.47 -46.84
C MET G 2502 -52.83 49.50 -45.89
N VAL G 2503 -54.00 50.04 -46.26
CA VAL G 2503 -54.66 51.02 -45.41
C VAL G 2503 -55.07 50.39 -44.09
N LEU G 2504 -55.54 49.14 -44.13
CA LEU G 2504 -55.94 48.45 -42.89
C LEU G 2504 -54.75 48.28 -41.96
N PHE G 2505 -53.59 47.89 -42.51
CA PHE G 2505 -52.39 47.75 -41.69
C PHE G 2505 -51.96 49.09 -41.12
N LEU G 2506 -52.01 50.15 -41.94
CA LEU G 2506 -51.60 51.47 -41.47
C LEU G 2506 -52.48 51.95 -40.34
N ASP G 2507 -53.80 51.75 -40.44
CA ASP G 2507 -54.71 52.20 -39.40
C ASP G 2507 -54.52 51.41 -38.11
N ARG G 2508 -54.50 50.09 -38.21
CA ARG G 2508 -54.47 49.25 -37.02
C ARG G 2508 -53.09 49.20 -36.36
N VAL G 2509 -52.03 49.14 -37.14
CA VAL G 2509 -50.69 48.98 -36.59
C VAL G 2509 -50.05 50.33 -36.27
N TYR G 2510 -49.99 51.23 -37.24
CA TYR G 2510 -49.38 52.53 -37.02
C TYR G 2510 -50.39 53.58 -36.60
N GLY G 2511 -51.46 53.75 -37.37
CA GLY G 2511 -52.45 54.76 -37.08
C GLY G 2511 -52.00 56.14 -37.54
N ILE G 2512 -52.94 57.08 -37.48
CA ILE G 2512 -52.68 58.47 -37.82
C ILE G 2512 -52.91 59.29 -36.56
N GLU G 2513 -51.81 59.75 -35.96
CA GLU G 2513 -51.88 60.44 -34.68
C GLU G 2513 -51.55 61.93 -34.77
N ASN G 2514 -50.89 62.36 -35.84
CA ASN G 2514 -50.47 63.75 -35.99
C ASN G 2514 -50.99 64.32 -37.31
N GLN G 2515 -51.24 65.62 -37.30
CA GLN G 2515 -51.84 66.28 -38.46
C GLN G 2515 -50.91 66.25 -39.66
N ASP G 2516 -49.61 66.49 -39.44
CA ASP G 2516 -48.68 66.60 -40.57
C ASP G 2516 -48.58 65.29 -41.33
N PHE G 2517 -48.56 64.16 -40.62
CA PHE G 2517 -48.55 62.86 -41.29
C PHE G 2517 -49.83 62.64 -42.07
N LEU G 2518 -50.98 63.06 -41.50
CA LEU G 2518 -52.25 62.90 -42.19
C LEU G 2518 -52.26 63.65 -43.51
N LEU G 2519 -51.76 64.89 -43.52
CA LEU G 2519 -51.70 65.65 -44.75
C LEU G 2519 -50.76 65.01 -45.75
N HIS G 2520 -49.65 64.43 -45.27
CA HIS G 2520 -48.70 63.78 -46.17
C HIS G 2520 -49.32 62.57 -46.85
N VAL G 2521 -50.13 61.81 -46.12
CA VAL G 2521 -50.76 60.63 -46.72
C VAL G 2521 -51.81 61.05 -47.73
N LEU G 2522 -52.54 62.14 -47.45
CA LEU G 2522 -53.64 62.53 -48.33
C LEU G 2522 -53.14 62.93 -49.72
N ASP G 2523 -52.17 63.84 -49.79
CA ASP G 2523 -51.82 64.46 -51.07
C ASP G 2523 -51.01 63.54 -51.98
N VAL G 2524 -50.49 62.43 -51.49
CA VAL G 2524 -49.74 61.50 -52.33
C VAL G 2524 -50.48 60.19 -52.52
N GLY G 2525 -51.21 59.71 -51.51
CA GLY G 2525 -51.83 58.41 -51.60
C GLY G 2525 -53.33 58.40 -51.74
N PHE G 2526 -54.01 59.30 -51.02
CA PHE G 2526 -55.47 59.27 -50.98
C PHE G 2526 -56.10 60.22 -51.98
N LEU G 2527 -55.68 61.49 -51.98
CA LEU G 2527 -56.29 62.47 -52.87
C LEU G 2527 -56.18 62.11 -54.34
N PRO G 2528 -55.04 61.65 -54.86
CA PRO G 2528 -55.03 61.22 -56.27
C PRO G 2528 -56.03 60.11 -56.58
N ASP G 2529 -56.25 59.18 -55.64
CA ASP G 2529 -57.25 58.14 -55.86
C ASP G 2529 -58.66 58.70 -55.78
N MET G 2530 -58.89 59.64 -54.85
CA MET G 2530 -60.21 60.26 -54.74
C MET G 2530 -60.55 61.06 -56.00
N ARG G 2531 -59.57 61.79 -56.54
CA ARG G 2531 -59.81 62.52 -57.78
C ARG G 2531 -60.07 61.58 -58.93
N ALA G 2532 -59.34 60.46 -58.99
CA ALA G 2532 -59.53 59.51 -60.08
C ALA G 2532 -60.94 58.92 -60.05
N ALA G 2533 -61.44 58.57 -58.87
CA ALA G 2533 -62.80 58.05 -58.76
C ALA G 2533 -63.82 59.12 -59.15
N ALA G 2534 -63.59 60.36 -58.73
CA ALA G 2534 -64.51 61.44 -59.08
C ALA G 2534 -64.55 61.68 -60.58
N SER G 2535 -63.39 61.61 -61.24
CA SER G 2535 -63.35 61.81 -62.69
C SER G 2535 -64.03 60.67 -63.44
N LEU G 2536 -64.06 59.47 -62.85
CA LEU G 2536 -64.70 58.33 -63.49
C LEU G 2536 -66.21 58.36 -63.39
N ASP G 2537 -66.79 59.27 -62.61
CA ASP G 2537 -68.23 59.38 -62.46
C ASP G 2537 -68.84 60.16 -63.63
N THR G 2538 -68.74 59.55 -64.81
CA THR G 2538 -69.28 60.11 -66.03
C THR G 2538 -70.24 59.11 -66.66
N ALA G 2539 -70.73 59.43 -67.86
CA ALA G 2539 -71.68 58.56 -68.54
C ALA G 2539 -71.05 57.23 -68.91
N THR G 2540 -69.80 57.25 -69.35
CA THR G 2540 -69.17 56.04 -69.89
C THR G 2540 -68.42 55.26 -68.81
N PHE G 2541 -67.68 55.94 -67.95
CA PHE G 2541 -66.74 55.28 -67.04
C PHE G 2541 -67.35 54.96 -65.68
N SER G 2542 -68.62 55.27 -65.44
CA SER G 2542 -69.18 55.07 -64.11
C SER G 2542 -69.32 53.60 -63.77
N THR G 2543 -69.73 52.78 -64.72
CA THR G 2543 -70.02 51.37 -64.48
C THR G 2543 -68.83 50.46 -64.78
N THR G 2544 -67.67 51.03 -65.08
CA THR G 2544 -66.50 50.21 -65.38
C THR G 2544 -66.03 49.48 -64.12
N GLU G 2545 -65.32 48.38 -64.34
CA GLU G 2545 -64.85 47.57 -63.22
C GLU G 2545 -63.90 48.34 -62.33
N MET G 2546 -63.00 49.13 -62.92
CA MET G 2546 -62.06 49.90 -62.13
C MET G 2546 -62.77 50.95 -61.29
N ALA G 2547 -63.78 51.62 -61.86
CA ALA G 2547 -64.53 52.62 -61.11
C ALA G 2547 -65.25 52.01 -59.91
N LEU G 2548 -65.88 50.84 -60.12
CA LEU G 2548 -66.55 50.17 -59.01
C LEU G 2548 -65.55 49.74 -57.94
N ALA G 2549 -64.37 49.27 -58.36
CA ALA G 2549 -63.34 48.90 -57.41
C ALA G 2549 -62.85 50.10 -56.61
N LEU G 2550 -62.72 51.26 -57.27
CA LEU G 2550 -62.31 52.46 -56.57
C LEU G 2550 -63.34 52.87 -55.51
N ASN G 2551 -64.63 52.76 -55.85
CA ASN G 2551 -65.67 53.12 -54.89
C ASN G 2551 -65.62 52.24 -53.66
N ARG G 2552 -65.43 50.93 -53.85
CA ARG G 2552 -65.30 50.02 -52.70
C ARG G 2552 -64.05 50.36 -51.89
N TYR G 2553 -62.95 50.68 -52.57
CA TYR G 2553 -61.71 51.03 -51.88
C TYR G 2553 -61.88 52.29 -51.04
N LEU G 2554 -62.57 53.29 -51.59
CA LEU G 2554 -62.73 54.55 -50.87
C LEU G 2554 -63.73 54.42 -49.73
N CYS G 2555 -64.84 53.71 -49.97
CA CYS G 2555 -65.92 53.62 -49.00
C CYS G 2555 -65.68 52.58 -47.92
N LEU G 2556 -64.60 51.80 -48.02
CA LEU G 2556 -64.27 50.82 -46.98
C LEU G 2556 -62.93 51.05 -46.31
N ALA G 2557 -61.99 51.72 -46.96
CA ALA G 2557 -60.66 51.93 -46.39
C ALA G 2557 -60.32 53.39 -46.19
N VAL G 2558 -60.46 54.22 -47.23
CA VAL G 2558 -59.95 55.59 -47.17
C VAL G 2558 -60.88 56.49 -46.38
N LEU G 2559 -62.12 56.64 -46.86
CA LEU G 2559 -63.05 57.57 -46.23
C LEU G 2559 -63.33 57.27 -44.76
N PRO G 2560 -63.57 56.02 -44.34
CA PRO G 2560 -63.70 55.78 -42.89
C PRO G 2560 -62.48 56.21 -42.10
N LEU G 2561 -61.28 56.04 -42.66
CA LEU G 2561 -60.07 56.50 -41.99
C LEU G 2561 -60.05 58.02 -41.86
N ILE G 2562 -60.46 58.73 -42.92
CA ILE G 2562 -60.48 60.19 -42.86
C ILE G 2562 -61.51 60.68 -41.87
N THR G 2563 -62.64 59.97 -41.76
CA THR G 2563 -63.66 60.35 -40.78
C THR G 2563 -63.12 60.28 -39.36
N LYS G 2564 -62.34 59.23 -39.06
CA LYS G 2564 -61.71 59.14 -37.75
C LYS G 2564 -60.74 60.28 -37.52
N CYS G 2565 -59.97 60.65 -38.55
CA CYS G 2565 -58.97 61.70 -38.45
C CYS G 2565 -59.55 63.09 -38.71
N ALA G 2566 -60.87 63.23 -38.68
CA ALA G 2566 -61.48 64.54 -38.88
C ALA G 2566 -61.03 65.59 -37.87
N PRO G 2567 -60.92 65.31 -36.56
CA PRO G 2567 -60.48 66.36 -35.63
C PRO G 2567 -59.10 66.90 -35.91
N LEU G 2568 -58.26 66.20 -36.67
CA LEU G 2568 -56.92 66.65 -36.99
C LEU G 2568 -56.89 67.75 -38.05
N PHE G 2569 -58.05 68.12 -38.60
CA PHE G 2569 -58.13 69.16 -39.62
C PHE G 2569 -58.41 70.53 -39.03
N ALA G 2570 -58.28 70.67 -37.71
CA ALA G 2570 -58.65 71.91 -37.04
C ALA G 2570 -57.73 73.08 -37.42
N GLY G 2571 -56.44 72.81 -37.50
CA GLY G 2571 -55.46 73.85 -37.75
C GLY G 2571 -54.73 73.70 -39.06
N THR G 2572 -55.45 73.34 -40.13
CA THR G 2572 -54.86 73.15 -41.45
C THR G 2572 -54.97 74.41 -42.29
N GLU G 2573 -54.73 75.57 -41.67
CA GLU G 2573 -54.72 76.81 -42.44
C GLU G 2573 -53.55 76.87 -43.40
N HIS G 2574 -52.41 76.30 -43.01
CA HIS G 2574 -51.22 76.38 -43.85
C HIS G 2574 -51.37 75.54 -45.12
N ARG G 2575 -52.26 74.55 -45.09
CA ARG G 2575 -52.48 73.70 -46.26
C ARG G 2575 -53.91 73.86 -46.75
N ALA G 2576 -54.40 75.10 -46.78
CA ALA G 2576 -55.80 75.34 -47.14
C ALA G 2576 -56.10 74.93 -48.58
N ILE G 2577 -55.13 75.03 -49.48
CA ILE G 2577 -55.37 74.66 -50.87
C ILE G 2577 -55.66 73.17 -51.00
N MET G 2578 -54.88 72.32 -50.33
CA MET G 2578 -55.13 70.88 -50.40
C MET G 2578 -56.42 70.50 -49.70
N VAL G 2579 -56.69 71.12 -48.54
CA VAL G 2579 -57.91 70.80 -47.80
C VAL G 2579 -59.14 71.16 -48.60
N ASP G 2580 -59.11 72.32 -49.26
CA ASP G 2580 -60.25 72.72 -50.09
C ASP G 2580 -60.46 71.75 -51.25
N SER G 2581 -59.37 71.30 -51.86
CA SER G 2581 -59.49 70.31 -52.93
C SER G 2581 -60.07 69.00 -52.40
N MET G 2582 -59.67 68.60 -51.19
CA MET G 2582 -60.22 67.39 -50.59
C MET G 2582 -61.72 67.51 -50.39
N LEU G 2583 -62.17 68.67 -49.90
CA LEU G 2583 -63.60 68.86 -49.66
C LEU G 2583 -64.40 68.80 -50.95
N HIS G 2584 -63.89 69.40 -52.02
CA HIS G 2584 -64.59 69.37 -53.29
CA HIS G 2584 -64.60 69.36 -53.29
C HIS G 2584 -64.66 67.94 -53.86
N THR G 2585 -63.56 67.19 -53.74
CA THR G 2585 -63.54 65.84 -54.28
C THR G 2585 -64.52 64.93 -53.55
N VAL G 2586 -64.55 64.99 -52.22
CA VAL G 2586 -65.47 64.14 -51.47
C VAL G 2586 -66.91 64.57 -51.73
N TYR G 2587 -67.14 65.87 -51.87
CA TYR G 2587 -68.47 66.34 -52.22
C TYR G 2587 -68.86 65.88 -53.63
N ARG G 2588 -67.91 65.93 -54.57
CA ARG G 2588 -68.20 65.48 -55.93
C ARG G 2588 -68.44 63.98 -55.97
N LEU G 2589 -67.78 63.24 -55.06
CA LEU G 2589 -68.04 61.81 -54.96
C LEU G 2589 -69.46 61.54 -54.46
N SER G 2590 -69.96 62.38 -53.55
CA SER G 2590 -71.30 62.19 -53.02
C SER G 2590 -72.34 62.31 -54.13
N ARG G 2591 -72.18 63.27 -55.02
CA ARG G 2591 -73.05 63.42 -56.18
C ARG G 2591 -72.65 62.50 -57.32
N GLY G 2592 -72.50 61.22 -57.01
CA GLY G 2592 -71.98 60.25 -57.95
C GLY G 2592 -73.01 59.18 -58.27
N ARG G 2593 -73.21 58.95 -59.57
CA ARG G 2593 -74.06 57.86 -60.01
C ARG G 2593 -73.34 56.52 -59.81
N SER G 2594 -74.12 55.44 -59.92
CA SER G 2594 -73.61 54.08 -59.75
C SER G 2594 -72.98 53.87 -58.38
N LEU G 2595 -73.52 54.53 -57.36
CA LEU G 2595 -73.08 54.36 -55.99
C LEU G 2595 -74.21 53.72 -55.19
N THR G 2596 -73.90 52.67 -54.44
CA THR G 2596 -74.90 52.02 -53.62
C THR G 2596 -75.28 52.93 -52.45
N LYS G 2597 -76.45 52.64 -51.85
CA LYS G 2597 -76.91 53.44 -50.73
C LYS G 2597 -75.95 53.36 -49.56
N ALA G 2598 -75.41 52.16 -49.29
CA ALA G 2598 -74.45 52.01 -48.21
C ALA G 2598 -73.18 52.82 -48.47
N GLN G 2599 -72.70 52.80 -49.71
CA GLN G 2599 -71.51 53.59 -50.05
C GLN G 2599 -71.78 55.08 -49.95
N ARG G 2600 -72.98 55.52 -50.36
CA ARG G 2600 -73.26 56.95 -50.41
C ARG G 2600 -73.25 57.57 -49.03
N ASP G 2601 -73.81 56.88 -48.03
CA ASP G 2601 -73.84 57.44 -46.69
C ASP G 2601 -72.45 57.53 -46.07
N VAL G 2602 -71.55 56.62 -46.43
CA VAL G 2602 -70.18 56.69 -45.94
C VAL G 2602 -69.52 57.96 -46.47
N ILE G 2603 -69.72 58.28 -47.75
CA ILE G 2603 -69.20 59.51 -48.31
C ILE G 2603 -69.81 60.72 -47.62
N GLU G 2604 -71.14 60.68 -47.41
CA GLU G 2604 -71.81 61.79 -46.74
C GLU G 2604 -71.33 61.95 -45.31
N ASP G 2605 -71.14 60.85 -44.59
CA ASP G 2605 -70.67 60.93 -43.22
C ASP G 2605 -69.27 61.54 -43.15
N CYS G 2606 -68.40 61.18 -44.11
CA CYS G 2606 -67.08 61.77 -44.15
C CYS G 2606 -67.14 63.28 -44.39
N LEU G 2607 -68.01 63.71 -45.30
CA LEU G 2607 -68.15 65.14 -45.57
C LEU G 2607 -68.69 65.88 -44.36
N MET G 2608 -69.66 65.30 -43.66
CA MET G 2608 -70.20 65.92 -42.46
C MET G 2608 -69.13 66.03 -41.39
N ALA G 2609 -68.33 64.99 -41.20
CA ALA G 2609 -67.29 65.01 -40.17
C ALA G 2609 -66.22 66.06 -40.48
N LEU G 2610 -65.83 66.18 -41.74
CA LEU G 2610 -64.79 67.14 -42.10
C LEU G 2610 -65.23 68.57 -41.81
N CYS G 2611 -66.45 68.92 -42.21
CA CYS G 2611 -66.94 70.28 -42.03
C CYS G 2611 -67.17 70.64 -40.57
N ARG G 2612 -67.25 69.66 -39.67
CA ARG G 2612 -67.45 69.94 -38.26
CA ARG G 2612 -67.44 69.95 -38.26
C ARG G 2612 -66.19 70.48 -37.58
N TYR G 2613 -65.01 70.14 -38.08
CA TYR G 2613 -63.75 70.58 -37.47
C TYR G 2613 -62.98 71.58 -38.31
N ILE G 2614 -63.22 71.65 -39.61
CA ILE G 2614 -62.52 72.62 -40.45
C ILE G 2614 -63.01 74.03 -40.11
N ARG G 2615 -62.07 74.98 -40.09
CA ARG G 2615 -62.40 76.35 -39.75
C ARG G 2615 -63.40 76.93 -40.76
N PRO G 2616 -64.28 77.83 -40.31
CA PRO G 2616 -65.27 78.40 -41.24
C PRO G 2616 -64.66 79.12 -42.41
N SER G 2617 -63.48 79.74 -42.25
CA SER G 2617 -62.88 80.48 -43.34
C SER G 2617 -62.45 79.56 -44.48
N MET G 2618 -62.13 78.30 -44.18
CA MET G 2618 -61.68 77.36 -45.19
C MET G 2618 -62.84 76.65 -45.89
N LEU G 2619 -64.07 76.88 -45.46
CA LEU G 2619 -65.24 76.30 -46.10
C LEU G 2619 -65.88 77.21 -47.13
N GLN G 2620 -65.25 78.34 -47.43
CA GLN G 2620 -65.86 79.33 -48.32
C GLN G 2620 -66.08 78.77 -49.72
N HIS G 2621 -65.07 78.08 -50.26
CA HIS G 2621 -65.20 77.56 -51.62
C HIS G 2621 -66.25 76.46 -51.71
N LEU G 2622 -66.31 75.60 -50.68
CA LEU G 2622 -67.35 74.56 -50.67
C LEU G 2622 -68.74 75.17 -50.61
N LEU G 2623 -68.91 76.23 -49.83
CA LEU G 2623 -70.20 76.92 -49.77
C LEU G 2623 -70.56 77.51 -51.12
N ARG G 2624 -69.57 78.02 -51.85
CA ARG G 2624 -69.83 78.59 -53.16
C ARG G 2624 -70.42 77.55 -54.11
N ARG G 2625 -69.88 76.34 -54.08
CA ARG G 2625 -70.46 75.26 -54.89
C ARG G 2625 -71.87 74.92 -54.44
N LEU G 2626 -72.10 74.91 -53.12
CA LEU G 2626 -73.42 74.58 -52.60
C LEU G 2626 -74.46 75.64 -52.97
N VAL G 2627 -74.04 76.89 -53.13
CA VAL G 2627 -74.97 77.94 -53.53
C VAL G 2627 -75.56 77.65 -54.90
N PHE G 2628 -74.77 77.05 -55.79
CA PHE G 2628 -75.27 76.73 -57.13
C PHE G 2628 -76.16 75.51 -57.15
N ASP G 2629 -75.99 74.59 -56.20
CA ASP G 2629 -76.65 73.28 -56.24
C ASP G 2629 -77.88 73.19 -55.34
N VAL G 2630 -77.78 73.69 -54.11
CA VAL G 2630 -78.89 73.52 -53.15
C VAL G 2630 -80.20 74.11 -53.63
N PRO G 2631 -80.25 75.32 -54.19
CA PRO G 2631 -81.55 75.89 -54.61
C PRO G 2631 -82.30 75.05 -55.63
N ILE G 2632 -81.64 74.12 -56.31
CA ILE G 2632 -82.35 73.22 -57.22
C ILE G 2632 -83.34 72.36 -56.43
N LEU G 2633 -82.94 71.94 -55.23
CA LEU G 2633 -83.80 71.15 -54.34
C LEU G 2633 -84.26 69.85 -55.00
N ASN G 2634 -83.32 69.17 -55.64
CA ASN G 2634 -83.57 67.86 -56.23
C ASN G 2634 -83.32 66.79 -55.17
N GLU G 2635 -83.29 65.52 -55.56
CA GLU G 2635 -83.06 64.45 -54.60
C GLU G 2635 -81.65 64.46 -54.05
N PHE G 2636 -80.70 65.10 -54.74
CA PHE G 2636 -79.33 65.19 -54.25
C PHE G 2636 -79.14 66.31 -53.23
N ALA G 2637 -80.16 67.13 -53.01
CA ALA G 2637 -80.03 68.28 -52.13
C ALA G 2637 -80.28 67.95 -50.66
N LYS G 2638 -80.62 66.69 -50.34
CA LYS G 2638 -80.92 66.35 -48.95
C LYS G 2638 -79.67 66.45 -48.07
N MET G 2639 -78.56 65.85 -48.51
CA MET G 2639 -77.34 65.93 -47.72
C MET G 2639 -76.81 67.35 -47.58
N PRO G 2640 -76.70 68.16 -48.64
CA PRO G 2640 -76.22 69.54 -48.45
C PRO G 2640 -77.07 70.35 -47.50
N LEU G 2641 -78.38 70.14 -47.47
CA LEU G 2641 -79.24 70.87 -46.55
C LEU G 2641 -78.85 70.57 -45.11
N LYS G 2642 -78.61 69.30 -44.78
CA LYS G 2642 -78.17 68.95 -43.44
C LYS G 2642 -76.77 69.49 -43.17
N LEU G 2643 -75.90 69.47 -44.18
CA LEU G 2643 -74.55 70.00 -44.01
C LEU G 2643 -74.58 71.49 -43.71
N LEU G 2644 -75.41 72.23 -44.45
CA LEU G 2644 -75.52 73.67 -44.23
C LEU G 2644 -76.14 73.97 -42.88
N THR G 2645 -77.10 73.17 -42.45
CA THR G 2645 -77.75 73.40 -41.16
C THR G 2645 -76.76 73.27 -40.02
N ASN G 2646 -75.91 72.24 -40.05
CA ASN G 2646 -74.92 72.06 -39.00
C ASN G 2646 -73.85 73.13 -39.05
N HIS G 2647 -73.47 73.56 -40.25
CA HIS G 2647 -72.40 74.54 -40.39
C HIS G 2647 -72.80 75.88 -39.78
N TYR G 2648 -73.98 76.38 -40.12
CA TYR G 2648 -74.39 77.70 -39.66
C TYR G 2648 -74.80 77.68 -38.18
N GLU G 2649 -75.37 76.58 -37.71
CA GLU G 2649 -75.68 76.47 -36.29
C GLU G 2649 -74.41 76.47 -35.46
N ARG G 2650 -73.37 75.79 -35.92
CA ARG G 2650 -72.10 75.73 -35.20
C ARG G 2650 -71.33 77.04 -35.29
N CYS G 2651 -71.34 77.67 -36.46
CA CYS G 2651 -70.51 78.84 -36.72
C CYS G 2651 -71.34 80.11 -36.90
N TRP G 2652 -72.40 80.26 -36.11
CA TRP G 2652 -73.26 81.44 -36.27
C TRP G 2652 -72.56 82.70 -35.78
N LYS G 2653 -71.71 82.60 -34.75
CA LYS G 2653 -70.98 83.76 -34.27
C LYS G 2653 -70.00 84.28 -35.32
N TYR G 2654 -69.50 83.40 -36.18
CA TYR G 2654 -68.54 83.81 -37.21
C TYR G 2654 -69.18 84.76 -38.21
N TYR G 2655 -70.49 84.65 -38.45
CA TYR G 2655 -71.16 85.47 -39.44
C TYR G 2655 -71.97 86.62 -38.85
N CYS G 2656 -72.49 86.46 -37.62
CA CYS G 2656 -73.40 87.45 -37.07
C CYS G 2656 -72.70 88.50 -36.22
N LEU G 2657 -71.89 88.08 -35.26
CA LEU G 2657 -71.27 89.03 -34.36
C LEU G 2657 -70.26 89.90 -35.10
N PRO G 2658 -70.27 91.22 -34.85
CA PRO G 2658 -69.28 92.08 -35.52
C PRO G 2658 -67.85 91.73 -35.18
N THR G 2659 -67.57 91.28 -33.96
CA THR G 2659 -66.24 90.84 -33.58
C THR G 2659 -65.92 89.44 -34.09
N GLY G 2660 -66.92 88.69 -34.55
CA GLY G 2660 -66.70 87.37 -35.06
C GLY G 2660 -66.56 86.33 -33.96
N TRP G 2661 -66.39 85.09 -34.39
CA TRP G 2661 -66.18 84.00 -33.45
C TRP G 2661 -64.80 84.12 -32.81
N ALA G 2662 -64.71 83.67 -31.56
CA ALA G 2662 -63.45 83.74 -30.83
C ALA G 2662 -62.39 82.90 -31.51
N ASN G 2663 -61.21 83.49 -31.71
CA ASN G 2663 -60.01 82.88 -32.32
C ASN G 2663 -60.30 82.22 -33.66
N PHE G 2664 -61.42 82.53 -34.30
CA PHE G 2664 -61.73 82.00 -35.62
C PHE G 2664 -61.85 83.08 -36.69
N GLY G 2665 -61.88 84.34 -36.31
CA GLY G 2665 -61.99 85.43 -37.27
C GLY G 2665 -63.43 85.84 -37.51
N VAL G 2666 -63.60 86.69 -38.51
CA VAL G 2666 -64.91 87.22 -38.89
C VAL G 2666 -65.11 86.96 -40.38
N THR G 2667 -66.37 87.02 -40.81
CA THR G 2667 -66.69 86.84 -42.21
C THR G 2667 -66.07 87.95 -43.05
N SER G 2668 -65.86 87.65 -44.33
CA SER G 2668 -65.11 88.53 -45.23
C SER G 2668 -66.00 89.30 -46.19
N GLU G 2669 -67.28 89.45 -45.89
CA GLU G 2669 -68.22 90.26 -46.67
C GLU G 2669 -68.54 89.57 -47.99
N GLU G 2670 -67.85 88.48 -48.29
CA GLU G 2670 -68.16 87.65 -49.44
C GLU G 2670 -68.88 86.38 -49.05
N GLU G 2671 -68.55 85.80 -47.90
CA GLU G 2671 -69.31 84.67 -47.38
C GLU G 2671 -70.73 85.09 -47.04
N LEU G 2672 -70.90 86.30 -46.51
CA LEU G 2672 -72.24 86.81 -46.24
C LEU G 2672 -73.05 86.94 -47.53
N HIS G 2673 -72.42 87.42 -48.60
CA HIS G 2673 -73.10 87.49 -49.89
C HIS G 2673 -73.51 86.10 -50.37
N LEU G 2674 -72.63 85.12 -50.22
CA LEU G 2674 -72.99 83.75 -50.56
C LEU G 2674 -74.10 83.24 -49.66
N THR G 2675 -74.03 83.56 -48.36
CA THR G 2675 -75.07 83.13 -47.43
C THR G 2675 -76.40 83.78 -47.76
N ARG G 2676 -76.39 85.07 -48.12
CA ARG G 2676 -77.63 85.75 -48.48
C ARG G 2676 -78.26 85.15 -49.72
N LYS G 2677 -77.45 84.85 -50.74
CA LYS G 2677 -77.98 84.18 -51.93
C LYS G 2677 -78.47 82.79 -51.60
N LEU G 2678 -77.77 82.09 -50.71
CA LEU G 2678 -78.19 80.74 -50.33
C LEU G 2678 -79.55 80.76 -49.66
N PHE G 2679 -79.81 81.75 -48.80
CA PHE G 2679 -81.10 81.85 -48.14
C PHE G 2679 -82.22 82.08 -49.14
N TRP G 2680 -82.06 83.08 -50.00
CA TRP G 2680 -83.14 83.41 -50.94
C TRP G 2680 -83.27 82.37 -52.04
N GLY G 2681 -82.18 81.69 -52.39
CA GLY G 2681 -82.28 80.61 -53.36
C GLY G 2681 -83.14 79.47 -52.86
N ILE G 2682 -82.95 79.07 -51.61
CA ILE G 2682 -83.80 78.04 -51.02
C ILE G 2682 -85.21 78.56 -50.81
N PHE G 2683 -85.34 79.80 -50.32
CA PHE G 2683 -86.65 80.34 -49.99
C PHE G 2683 -87.53 80.46 -51.24
N ASP G 2684 -86.96 80.99 -52.33
CA ASP G 2684 -87.74 81.14 -53.56
C ASP G 2684 -88.10 79.79 -54.16
N SER G 2685 -87.14 78.86 -54.18
CA SER G 2685 -87.40 77.54 -54.74
C SER G 2685 -88.43 76.79 -53.92
N LEU G 2686 -88.32 76.86 -52.59
CA LEU G 2686 -89.26 76.16 -51.72
C LEU G 2686 -90.66 76.77 -51.82
N ALA G 2687 -90.75 78.07 -52.12
CA ALA G 2687 -92.04 78.73 -52.25
C ALA G 2687 -92.82 78.27 -53.47
N HIS G 2688 -92.15 77.65 -54.46
CA HIS G 2688 -92.83 77.14 -55.64
C HIS G 2688 -92.86 75.62 -55.71
N LYS G 2689 -92.02 74.93 -54.95
CA LYS G 2689 -92.05 73.48 -54.94
C LYS G 2689 -93.36 72.99 -54.33
N LYS G 2690 -93.93 71.93 -54.92
CA LYS G 2690 -95.11 71.30 -54.35
C LYS G 2690 -94.75 70.69 -53.00
N TYR G 2691 -95.74 70.63 -52.11
CA TYR G 2691 -95.49 70.23 -50.74
C TYR G 2691 -94.98 68.80 -50.66
N ASP G 2692 -93.75 68.64 -50.19
CA ASP G 2692 -93.17 67.34 -49.89
C ASP G 2692 -92.74 67.35 -48.43
N GLN G 2693 -93.27 66.40 -47.65
CA GLN G 2693 -93.01 66.40 -46.22
C GLN G 2693 -91.53 66.21 -45.92
N GLU G 2694 -90.87 65.30 -46.66
CA GLU G 2694 -89.45 65.06 -46.42
C GLU G 2694 -88.62 66.29 -46.77
N LEU G 2695 -88.95 66.97 -47.88
CA LEU G 2695 -88.21 68.16 -48.28
C LEU G 2695 -88.41 69.28 -47.26
N TYR G 2696 -89.66 69.50 -46.85
CA TYR G 2696 -89.95 70.57 -45.91
C TYR G 2696 -89.36 70.30 -44.53
N ARG G 2697 -89.21 69.03 -44.16
CA ARG G 2697 -88.74 68.70 -42.82
C ARG G 2697 -87.32 69.15 -42.59
N MET G 2698 -86.48 69.12 -43.64
CA MET G 2698 -85.07 69.47 -43.50
C MET G 2698 -84.70 70.77 -44.18
N ALA G 2699 -85.55 71.32 -45.04
CA ALA G 2699 -85.28 72.63 -45.61
C ALA G 2699 -85.54 73.73 -44.60
N MET G 2700 -86.57 73.58 -43.77
CA MET G 2700 -86.89 74.61 -42.78
C MET G 2700 -85.77 74.83 -41.78
N PRO G 2701 -85.17 73.79 -41.17
CA PRO G 2701 -84.03 74.06 -40.27
C PRO G 2701 -82.86 74.75 -40.97
N CYS G 2702 -82.64 74.46 -42.25
CA CYS G 2702 -81.58 75.13 -42.98
C CYS G 2702 -81.85 76.62 -43.10
N LEU G 2703 -83.10 76.99 -43.40
CA LEU G 2703 -83.44 78.41 -43.49
C LEU G 2703 -83.30 79.10 -42.15
N CYS G 2704 -83.73 78.45 -41.07
CA CYS G 2704 -83.60 79.04 -39.74
C CYS G 2704 -82.14 79.25 -39.36
N ALA G 2705 -81.29 78.26 -39.64
CA ALA G 2705 -79.88 78.38 -39.33
C ALA G 2705 -79.23 79.48 -40.16
N ILE G 2706 -79.55 79.56 -41.45
CA ILE G 2706 -78.97 80.58 -42.31
C ILE G 2706 -79.42 81.97 -41.87
N ALA G 2707 -80.71 82.11 -41.58
CA ALA G 2707 -81.23 83.41 -41.16
C ALA G 2707 -80.64 83.83 -39.81
N GLY G 2708 -80.40 82.86 -38.93
CA GLY G 2708 -79.81 83.17 -37.64
C GLY G 2708 -78.34 83.52 -37.69
N ALA G 2709 -77.68 83.31 -38.83
CA ALA G 2709 -76.27 83.64 -38.99
C ALA G 2709 -76.05 84.99 -39.65
N LEU G 2710 -76.88 85.35 -40.63
CA LEU G 2710 -76.74 86.64 -41.28
C LEU G 2710 -77.09 87.76 -40.31
N PRO G 2711 -76.26 88.80 -40.24
CA PRO G 2711 -76.63 89.98 -39.46
C PRO G 2711 -77.89 90.61 -40.01
N PRO G 2712 -78.80 91.06 -39.15
CA PRO G 2712 -80.04 91.67 -39.64
C PRO G 2712 -79.79 92.92 -40.48
N ASP G 2713 -78.75 93.68 -40.19
CA ASP G 2713 -78.46 94.93 -40.87
C ASP G 2713 -77.43 94.76 -41.99
N TYR G 2714 -77.11 93.53 -42.36
CA TYR G 2714 -76.15 93.31 -43.44
C TYR G 2714 -76.66 93.87 -44.75
N VAL G 2715 -75.79 94.59 -45.45
CA VAL G 2715 -76.09 95.17 -46.75
C VAL G 2715 -75.06 94.67 -47.74
N ASP G 2716 -75.52 94.00 -48.79
CA ASP G 2716 -74.62 93.49 -49.82
C ASP G 2716 -74.17 94.63 -50.73
N ALA G 2717 -72.85 94.70 -50.98
CA ALA G 2717 -72.31 95.74 -51.84
C ALA G 2717 -72.87 95.64 -53.25
N SER G 2718 -72.95 94.42 -53.79
CA SER G 2718 -73.48 94.19 -55.12
C SER G 2718 -74.96 93.81 -54.99
N TYR G 2719 -75.81 94.84 -54.90
CA TYR G 2719 -77.25 94.63 -54.72
C TYR G 2719 -77.88 94.55 -56.10
N SER G 2720 -77.62 93.43 -56.77
CA SER G 2720 -78.16 93.16 -58.11
C SER G 2720 -77.98 91.68 -58.37
N SER G 2721 -78.79 91.15 -59.29
CA SER G 2721 -78.74 89.75 -59.64
C SER G 2721 -79.18 89.57 -61.09
N LYS G 2722 -78.74 88.45 -61.68
CA LYS G 2722 -79.15 88.14 -63.05
C LYS G 2722 -80.59 87.63 -63.10
N ALA G 2723 -81.06 87.04 -62.00
CA ALA G 2723 -82.42 86.47 -61.92
C ALA G 2723 -82.64 85.43 -63.01
N GLU G 2724 -81.61 84.63 -63.29
CA GLU G 2724 -81.70 83.58 -64.28
C GLU G 2724 -82.02 82.24 -63.61
N LYS G 2725 -82.42 81.28 -64.45
CA LYS G 2725 -82.77 79.93 -63.98
C LYS G 2725 -83.87 79.96 -62.92
N ASN G 2734 -74.74 70.59 -64.23
CA ASN G 2734 -73.64 71.45 -63.81
C ASN G 2734 -73.89 72.90 -64.21
N PHE G 2735 -72.83 73.67 -64.36
CA PHE G 2735 -72.91 75.08 -64.70
C PHE G 2735 -72.50 75.29 -66.16
N ASP G 2736 -73.41 75.87 -66.94
CA ASP G 2736 -73.16 76.18 -68.34
C ASP G 2736 -73.27 77.67 -68.57
N PRO G 2737 -72.16 78.40 -68.67
CA PRO G 2737 -72.25 79.85 -68.91
C PRO G 2737 -72.65 80.19 -70.34
N ARG G 2738 -73.87 80.69 -70.52
CA ARG G 2738 -74.35 81.06 -71.84
C ARG G 2738 -73.77 82.41 -72.23
N PRO G 2739 -73.07 82.52 -73.36
CA PRO G 2739 -72.58 83.83 -73.82
C PRO G 2739 -73.70 84.66 -74.42
N VAL G 2740 -73.35 85.82 -74.97
CA VAL G 2740 -74.31 86.73 -75.58
C VAL G 2740 -74.18 86.64 -77.09
N GLU G 2741 -75.30 86.41 -77.76
CA GLU G 2741 -75.30 86.25 -79.22
C GLU G 2741 -75.32 87.63 -79.87
N THR G 2742 -74.23 87.98 -80.54
CA THR G 2742 -74.14 89.26 -81.24
C THR G 2742 -73.61 89.14 -82.67
N LEU G 2743 -72.98 88.02 -83.04
CA LEU G 2743 -72.52 87.85 -84.41
C LEU G 2743 -73.70 87.81 -85.39
N ASN G 2744 -74.85 87.28 -84.95
CA ASN G 2744 -76.01 87.22 -85.82
C ASN G 2744 -76.51 88.62 -86.19
N VAL G 2745 -76.55 89.53 -85.22
CA VAL G 2745 -77.04 90.88 -85.47
C VAL G 2745 -75.91 91.73 -86.03
N ILE G 2746 -76.27 92.67 -86.91
CA ILE G 2746 -75.28 93.53 -87.54
C ILE G 2746 -74.73 94.53 -86.54
N ILE G 2747 -73.42 94.75 -86.59
CA ILE G 2747 -72.75 95.67 -85.69
C ILE G 2747 -72.83 97.07 -86.29
N PRO G 2748 -73.44 98.04 -85.60
CA PRO G 2748 -73.43 99.42 -86.12
C PRO G 2748 -72.01 99.97 -86.18
N GLU G 2749 -71.67 100.58 -87.32
CA GLU G 2749 -70.34 101.13 -87.53
C GLU G 2749 -70.35 102.65 -87.65
N LYS G 2750 -71.43 103.30 -87.21
CA LYS G 2750 -71.49 104.76 -87.25
C LYS G 2750 -70.49 105.40 -86.29
N LEU G 2751 -70.03 104.66 -85.28
CA LEU G 2751 -69.05 105.16 -84.31
C LEU G 2751 -67.67 104.54 -84.55
N ASP G 2752 -67.33 104.26 -85.80
CA ASP G 2752 -66.06 103.60 -86.12
C ASP G 2752 -64.86 104.44 -85.75
N SER G 2753 -65.05 105.75 -85.52
CA SER G 2753 -63.95 106.59 -85.06
C SER G 2753 -63.44 106.13 -83.70
N PHE G 2754 -64.29 105.52 -82.89
CA PHE G 2754 -63.89 104.96 -81.61
C PHE G 2754 -63.56 103.48 -81.70
N ILE G 2755 -64.24 102.73 -82.59
CA ILE G 2755 -64.07 101.29 -82.64
C ILE G 2755 -62.65 100.92 -83.01
N ASN G 2756 -62.12 101.54 -84.08
CA ASN G 2756 -60.77 101.23 -84.51
C ASN G 2756 -59.73 101.89 -83.62
N LYS G 2757 -60.00 103.11 -83.15
CA LYS G 2757 -59.03 103.84 -82.35
C LYS G 2757 -58.75 103.15 -81.03
N PHE G 2758 -59.82 102.81 -80.29
CA PHE G 2758 -59.64 102.17 -78.99
C PHE G 2758 -59.19 100.72 -79.12
N ALA G 2759 -59.44 100.08 -80.27
CA ALA G 2759 -58.98 98.72 -80.47
C ALA G 2759 -57.46 98.64 -80.44
N GLU G 2760 -56.78 99.58 -81.10
CA GLU G 2760 -55.33 99.66 -81.03
C GLU G 2760 -54.84 100.45 -79.83
N TYR G 2761 -55.73 101.18 -79.16
CA TYR G 2761 -55.32 101.93 -77.98
C TYR G 2761 -55.07 101.02 -76.79
N THR G 2762 -55.84 99.93 -76.68
CA THR G 2762 -55.60 98.97 -75.61
C THR G 2762 -54.22 98.33 -75.75
N HIS G 2763 -53.83 97.97 -76.97
CA HIS G 2763 -52.47 97.47 -77.19
C HIS G 2763 -51.45 98.59 -77.06
N GLU G 2764 -51.85 99.84 -77.35
CA GLU G 2764 -50.97 100.97 -77.10
C GLU G 2764 -50.71 101.14 -75.61
N LYS G 2765 -51.70 100.85 -74.77
CA LYS G 2765 -51.48 100.88 -73.33
C LYS G 2765 -50.51 99.80 -72.89
N TRP G 2766 -50.44 98.69 -73.63
CA TRP G 2766 -49.47 97.65 -73.31
C TRP G 2766 -48.04 98.15 -73.48
N ALA G 2767 -47.83 99.09 -74.42
CA ALA G 2767 -46.51 99.70 -74.54
C ALA G 2767 -46.15 100.48 -73.28
N PHE G 2768 -47.11 101.19 -72.70
CA PHE G 2768 -46.87 101.86 -71.43
C PHE G 2768 -46.66 100.85 -70.31
N ASP G 2769 -47.28 99.67 -70.41
CA ASP G 2769 -47.06 98.63 -69.41
C ASP G 2769 -45.63 98.08 -69.46
N LYS G 2770 -44.96 98.18 -70.61
CA LYS G 2770 -43.59 97.70 -70.73
C LYS G 2770 -42.61 98.60 -69.98
N ILE G 2771 -42.77 99.92 -70.12
CA ILE G 2771 -41.87 100.84 -69.41
C ILE G 2771 -42.07 100.75 -67.90
N GLN G 2772 -43.25 100.33 -67.45
CA GLN G 2772 -43.47 100.05 -66.03
C GLN G 2772 -42.87 98.70 -65.63
N ASN G 2773 -42.81 97.76 -66.57
CA ASN G 2773 -42.11 96.50 -66.32
C ASN G 2773 -40.61 96.68 -66.24
N ASN G 2774 -40.10 97.88 -66.57
CA ASN G 2774 -38.69 98.26 -66.48
C ASN G 2774 -37.89 97.58 -67.58
N TRP G 2775 -38.55 96.77 -68.40
CA TRP G 2775 -37.96 96.19 -69.60
C TRP G 2775 -38.68 96.75 -70.81
N SER G 2776 -37.91 97.33 -71.74
CA SER G 2776 -38.50 98.06 -72.86
C SER G 2776 -38.98 97.10 -73.93
N TYR G 2777 -39.49 97.64 -75.03
CA TYR G 2777 -40.01 96.86 -76.14
C TYR G 2777 -38.88 96.49 -77.10
N GLY G 2778 -39.04 95.35 -77.76
CA GLY G 2778 -38.05 94.88 -78.70
C GLY G 2778 -38.69 94.40 -79.99
N GLU G 2779 -37.88 94.36 -81.03
CA GLU G 2779 -38.34 93.95 -82.36
C GLU G 2779 -38.20 92.44 -82.58
N ASN G 2780 -37.04 91.89 -82.23
CA ASN G 2780 -36.79 90.47 -82.46
C ASN G 2780 -37.65 89.61 -81.54
N VAL G 2781 -38.08 88.46 -82.05
CA VAL G 2781 -38.84 87.51 -81.24
C VAL G 2781 -37.88 86.78 -80.31
N ASP G 2782 -38.17 86.82 -79.01
CA ASP G 2782 -37.30 86.24 -78.02
C ASP G 2782 -38.10 85.90 -76.77
N GLU G 2783 -37.67 84.85 -76.07
CA GLU G 2783 -38.29 84.43 -74.82
C GLU G 2783 -37.49 84.88 -73.60
N GLU G 2784 -36.39 85.60 -73.80
CA GLU G 2784 -35.55 86.05 -72.70
C GLU G 2784 -36.00 87.39 -72.13
N LEU G 2785 -36.68 88.22 -72.92
CA LEU G 2785 -37.15 89.52 -72.46
C LEU G 2785 -38.40 89.43 -71.61
N LYS G 2786 -39.01 88.25 -71.51
CA LYS G 2786 -40.23 87.98 -70.72
C LYS G 2786 -41.29 89.06 -70.91
N THR G 2787 -41.31 89.67 -72.09
CA THR G 2787 -42.32 90.67 -72.46
C THR G 2787 -42.83 90.36 -73.86
N HIS G 2788 -43.60 91.28 -74.44
CA HIS G 2788 -44.06 91.10 -75.80
C HIS G 2788 -42.88 91.21 -76.76
N PRO G 2789 -42.56 90.17 -77.53
CA PRO G 2789 -41.35 90.22 -78.36
C PRO G 2789 -41.52 90.96 -79.67
N MET G 2790 -42.75 91.21 -80.12
CA MET G 2790 -43.00 91.84 -81.40
C MET G 2790 -43.51 93.27 -81.25
N LEU G 2791 -43.39 93.86 -80.06
CA LEU G 2791 -43.85 95.22 -79.83
C LEU G 2791 -42.86 96.20 -80.45
N ARG G 2792 -43.32 96.98 -81.42
CA ARG G 2792 -42.44 97.84 -82.20
C ARG G 2792 -43.00 99.26 -82.25
N PRO G 2793 -42.14 100.25 -82.41
CA PRO G 2793 -42.63 101.63 -82.58
C PRO G 2793 -43.44 101.74 -83.87
N TYR G 2794 -44.41 102.66 -83.84
CA TYR G 2794 -45.37 102.78 -84.95
C TYR G 2794 -44.69 103.05 -86.29
N LYS G 2795 -43.48 103.63 -86.28
CA LYS G 2795 -42.74 103.82 -87.52
C LYS G 2795 -42.42 102.48 -88.18
N THR G 2796 -42.04 101.49 -87.38
CA THR G 2796 -41.72 100.15 -87.88
C THR G 2796 -42.63 99.08 -87.29
N PHE G 2797 -43.82 99.46 -86.84
CA PHE G 2797 -44.78 98.51 -86.29
C PHE G 2797 -45.65 97.99 -87.43
N SER G 2798 -45.54 96.69 -87.71
CA SER G 2798 -46.35 96.07 -88.76
C SER G 2798 -47.80 96.04 -88.34
N GLU G 2799 -48.70 96.27 -89.29
CA GLU G 2799 -50.13 96.28 -89.01
C GLU G 2799 -50.75 94.88 -89.01
N LYS G 2800 -49.96 93.84 -89.28
CA LYS G 2800 -50.50 92.48 -89.20
C LYS G 2800 -50.98 92.16 -87.79
N ASP G 2801 -50.21 92.54 -86.78
CA ASP G 2801 -50.65 92.37 -85.40
C ASP G 2801 -51.68 93.42 -85.01
N LYS G 2802 -51.60 94.62 -85.59
CA LYS G 2802 -52.60 95.65 -85.32
C LYS G 2802 -53.97 95.23 -85.83
N GLU G 2803 -54.01 94.52 -86.95
CA GLU G 2803 -55.25 94.08 -87.56
C GLU G 2803 -55.77 92.77 -86.99
N ILE G 2804 -55.12 92.22 -85.97
CA ILE G 2804 -55.65 91.05 -85.27
C ILE G 2804 -55.89 91.31 -83.78
N TYR G 2805 -55.29 92.35 -83.20
CA TYR G 2805 -55.56 92.68 -81.81
C TYR G 2805 -56.89 93.40 -81.62
N ARG G 2806 -57.52 93.85 -82.71
CA ARG G 2806 -58.77 94.58 -82.61
C ARG G 2806 -59.97 93.67 -82.36
N TRP G 2807 -59.82 92.36 -82.61
CA TRP G 2807 -60.95 91.45 -82.47
C TRP G 2807 -61.54 91.41 -81.07
N PRO G 2808 -60.75 91.31 -79.98
CA PRO G 2808 -61.37 91.35 -78.65
C PRO G 2808 -62.14 92.64 -78.40
N ILE G 2809 -61.66 93.77 -78.91
CA ILE G 2809 -62.38 95.02 -78.77
C ILE G 2809 -63.65 95.01 -79.61
N LYS G 2810 -63.58 94.41 -80.80
CA LYS G 2810 -64.75 94.38 -81.69
C LYS G 2810 -65.93 93.68 -81.01
N GLU G 2811 -65.70 92.49 -80.45
CA GLU G 2811 -66.77 91.81 -79.74
C GLU G 2811 -67.10 92.48 -78.40
N SER G 2812 -66.13 93.18 -77.80
CA SER G 2812 -66.42 93.93 -76.58
C SER G 2812 -67.44 95.03 -76.84
N LEU G 2813 -67.29 95.75 -77.96
CA LEU G 2813 -68.29 96.74 -78.32
C LEU G 2813 -69.58 96.08 -78.78
N LYS G 2814 -69.49 94.92 -79.43
CA LYS G 2814 -70.69 94.15 -79.77
C LYS G 2814 -71.44 93.73 -78.52
N ALA G 2815 -70.69 93.30 -77.49
CA ALA G 2815 -71.32 92.79 -76.27
C ALA G 2815 -72.09 93.88 -75.55
N MET G 2816 -71.49 95.06 -75.40
CA MET G 2816 -72.14 96.12 -74.63
C MET G 2816 -73.27 96.78 -75.40
N ILE G 2817 -73.32 96.63 -76.72
CA ILE G 2817 -74.42 97.19 -77.50
C ILE G 2817 -75.54 96.18 -77.71
N ALA G 2818 -75.26 94.88 -77.53
CA ALA G 2818 -76.30 93.87 -77.69
C ALA G 2818 -77.30 93.85 -76.54
N TRP G 2819 -76.88 94.26 -75.35
CA TRP G 2819 -77.77 94.27 -74.19
C TRP G 2819 -78.65 95.52 -74.16
N GLU G 2820 -79.34 95.79 -75.26
CA GLU G 2820 -80.26 96.92 -75.43
C GLU G 2820 -79.70 98.22 -74.84
N TRP G 2821 -78.38 98.40 -74.93
CA TRP G 2821 -77.71 99.58 -74.43
C TRP G 2821 -77.24 100.41 -75.62
N THR G 2822 -78.04 101.40 -76.00
CA THR G 2822 -77.65 102.29 -77.09
C THR G 2822 -76.57 103.26 -76.62
N ILE G 2823 -75.63 103.55 -77.53
CA ILE G 2823 -74.53 104.46 -77.26
C ILE G 2823 -74.62 105.63 -78.22
N GLU G 2824 -74.57 106.85 -77.67
CA GLU G 2824 -74.65 108.06 -78.46
C GLU G 2824 -73.42 108.92 -78.21
N LYS G 2825 -72.86 109.47 -79.29
CA LYS G 2825 -71.69 110.34 -79.20
C LYS G 2825 -72.18 111.76 -78.96
N ALA G 2826 -72.25 112.15 -77.68
CA ALA G 2826 -72.67 113.50 -77.34
C ALA G 2826 -71.70 114.54 -77.89
N ARG G 2827 -70.40 114.28 -77.77
CA ARG G 2827 -69.39 115.20 -78.28
C ARG G 2827 -69.16 114.95 -79.77
N GLU G 2828 -68.53 115.93 -80.42
CA GLU G 2828 -68.20 115.83 -81.84
C GLU G 2828 -66.85 116.51 -82.04
N GLY G 2829 -65.79 115.71 -82.16
CA GLY G 2829 -64.47 116.25 -82.35
C GLY G 2829 -63.54 115.23 -82.99
N GLU G 2830 -62.25 115.47 -82.84
CA GLU G 2830 -61.21 114.60 -83.37
C GLU G 2830 -61.36 114.41 -84.88
N TYR G 2855 -43.53 107.53 -79.98
CA TYR G 2855 -44.16 106.25 -79.64
C TYR G 2855 -44.42 106.15 -78.14
N ASN G 2856 -45.48 106.81 -77.68
CA ASN G 2856 -45.83 106.82 -76.27
C ASN G 2856 -47.30 107.22 -76.08
N PRO G 2857 -48.11 106.41 -75.40
CA PRO G 2857 -49.49 106.81 -75.12
C PRO G 2857 -49.57 107.90 -74.07
N GLN G 2858 -49.39 109.15 -74.49
CA GLN G 2858 -49.40 110.27 -73.55
C GLN G 2858 -50.66 110.36 -72.70
N PRO G 2859 -51.88 110.21 -73.22
CA PRO G 2859 -53.05 110.18 -72.34
C PRO G 2859 -53.09 108.88 -71.55
N PRO G 2860 -52.94 108.95 -70.23
CA PRO G 2860 -52.90 107.71 -69.43
C PRO G 2860 -54.28 107.22 -69.03
N ASP G 2861 -54.60 105.98 -69.38
CA ASP G 2861 -55.87 105.36 -69.01
C ASP G 2861 -55.68 104.63 -67.67
N LEU G 2862 -56.35 105.11 -66.63
CA LEU G 2862 -56.25 104.55 -65.30
C LEU G 2862 -57.58 103.91 -64.90
N SER G 2863 -57.58 103.30 -63.72
CA SER G 2863 -58.78 102.65 -63.20
C SER G 2863 -59.02 102.93 -61.72
N GLY G 2864 -58.22 103.80 -61.10
CA GLY G 2864 -58.37 104.10 -59.69
C GLY G 2864 -59.44 105.11 -59.35
N VAL G 2865 -60.05 105.74 -60.35
CA VAL G 2865 -61.07 106.75 -60.10
C VAL G 2865 -62.43 106.08 -59.98
N THR G 2866 -63.36 106.79 -59.34
CA THR G 2866 -64.71 106.30 -59.10
C THR G 2866 -65.63 106.65 -60.27
N LEU G 2867 -66.85 106.13 -60.22
CA LEU G 2867 -67.82 106.33 -61.29
C LEU G 2867 -69.22 106.13 -60.73
N SER G 2868 -70.21 106.62 -61.48
CA SER G 2868 -71.60 106.54 -61.05
C SER G 2868 -72.07 105.09 -60.99
N ARG G 2869 -73.09 104.85 -60.17
CA ARG G 2869 -73.55 103.49 -59.91
C ARG G 2869 -74.27 102.89 -61.11
N GLU G 2870 -75.15 103.66 -61.76
CA GLU G 2870 -75.91 103.14 -62.89
CA GLU G 2870 -75.90 103.13 -62.89
C GLU G 2870 -74.99 102.72 -64.03
N LEU G 2871 -73.99 103.57 -64.35
CA LEU G 2871 -73.09 103.25 -65.46
C LEU G 2871 -72.10 102.16 -65.09
N GLN G 2872 -71.65 102.14 -63.83
CA GLN G 2872 -70.73 101.09 -63.40
C GLN G 2872 -71.40 99.73 -63.34
N ALA G 2873 -72.71 99.70 -63.09
CA ALA G 2873 -73.44 98.43 -63.07
C ALA G 2873 -73.38 97.76 -64.44
N MET G 2874 -73.49 98.56 -65.50
CA MET G 2874 -73.38 98.00 -66.85
C MET G 2874 -71.98 97.43 -67.10
N ALA G 2875 -70.95 98.11 -66.59
CA ALA G 2875 -69.58 97.62 -66.76
C ALA G 2875 -69.39 96.28 -66.07
N GLU G 2876 -69.92 96.16 -64.84
CA GLU G 2876 -69.85 94.88 -64.13
C GLU G 2876 -70.65 93.80 -64.85
N GLN G 2877 -71.80 94.16 -65.44
CA GLN G 2877 -72.53 93.21 -66.26
C GLN G 2877 -71.72 92.80 -67.49
N LEU G 2878 -71.03 93.76 -68.11
CA LEU G 2878 -70.13 93.43 -69.21
C LEU G 2878 -68.97 92.58 -68.73
N ALA G 2879 -68.43 92.88 -67.54
CA ALA G 2879 -67.39 92.02 -66.96
C ALA G 2879 -67.91 90.61 -66.71
N GLU G 2880 -69.19 90.48 -66.37
CA GLU G 2880 -69.79 89.15 -66.27
C GLU G 2880 -69.78 88.45 -67.63
N ASN G 2881 -70.07 89.20 -68.70
CA ASN G 2881 -70.03 88.62 -70.04
C ASN G 2881 -68.61 88.25 -70.43
N TYR G 2882 -67.61 88.96 -69.90
CA TYR G 2882 -66.23 88.55 -70.11
C TYR G 2882 -65.97 87.19 -69.48
N HIS G 2883 -66.50 86.96 -68.28
CA HIS G 2883 -66.22 85.72 -67.56
C HIS G 2883 -66.94 84.52 -68.18
N ASN G 2884 -68.23 84.68 -68.53
CA ASN G 2884 -68.98 83.55 -69.06
C ASN G 2884 -68.45 83.13 -70.44
N THR G 2885 -68.09 84.11 -71.28
CA THR G 2885 -67.42 83.78 -72.53
C THR G 2885 -66.07 83.13 -72.27
N TRP G 2886 -65.33 83.64 -71.28
CA TRP G 2886 -64.09 82.98 -70.87
C TRP G 2886 -64.38 81.59 -70.32
N GLY G 2887 -65.44 81.47 -69.51
CA GLY G 2887 -65.83 80.16 -69.01
C GLY G 2887 -66.34 79.23 -70.10
N ARG G 2888 -67.02 79.78 -71.11
CA ARG G 2888 -67.54 78.95 -72.19
C ARG G 2888 -66.42 78.27 -72.95
N LYS G 2889 -65.43 79.04 -73.42
CA LYS G 2889 -64.34 78.44 -74.18
C LYS G 2889 -63.46 77.56 -73.30
N LYS G 2890 -63.31 77.90 -72.02
CA LYS G 2890 -62.55 77.06 -71.11
C LYS G 2890 -63.23 75.71 -70.90
N LYS G 2891 -64.55 75.70 -70.74
CA LYS G 2891 -65.26 74.45 -70.48
C LYS G 2891 -65.40 73.60 -71.74
N GLN G 2892 -65.33 74.20 -72.93
CA GLN G 2892 -65.40 73.42 -74.16
C GLN G 2892 -64.23 72.45 -74.27
N GLU G 2893 -63.03 72.92 -73.89
CA GLU G 2893 -61.88 72.03 -73.87
C GLU G 2893 -61.99 71.02 -72.72
N LEU G 2894 -62.56 71.45 -71.59
CA LEU G 2894 -62.65 70.59 -70.41
C LEU G 2894 -63.77 69.56 -70.55
N GLU G 2895 -64.84 69.88 -71.26
CA GLU G 2895 -65.99 68.98 -71.33
C GLU G 2895 -65.70 67.70 -72.10
N ALA G 2896 -64.57 67.62 -72.81
CA ALA G 2896 -64.22 66.40 -73.52
C ALA G 2896 -63.92 65.22 -72.61
N LYS G 2897 -63.67 65.47 -71.32
CA LYS G 2897 -63.37 64.43 -70.35
C LYS G 2897 -64.60 63.95 -69.59
N GLY G 2898 -65.45 64.87 -69.15
CA GLY G 2898 -66.63 64.53 -68.38
C GLY G 2898 -66.40 64.38 -66.89
N GLY G 2899 -65.17 64.55 -66.41
CA GLY G 2899 -64.88 64.44 -65.00
C GLY G 2899 -64.08 65.62 -64.48
N GLY G 2900 -64.57 66.26 -63.43
CA GLY G 2900 -63.93 67.44 -62.88
C GLY G 2900 -64.34 68.70 -63.60
N THR G 2901 -63.90 69.83 -63.05
CA THR G 2901 -64.22 71.13 -63.61
C THR G 2901 -63.17 72.14 -63.18
N HIS G 2902 -63.10 73.24 -63.93
CA HIS G 2902 -62.18 74.31 -63.59
C HIS G 2902 -62.64 75.00 -62.31
N PRO G 2903 -61.72 75.37 -61.42
CA PRO G 2903 -62.14 76.01 -60.16
C PRO G 2903 -62.85 77.34 -60.34
N LEU G 2904 -62.67 78.01 -61.47
CA LEU G 2904 -63.30 79.30 -61.72
C LEU G 2904 -64.53 79.19 -62.61
N LEU G 2905 -65.02 77.97 -62.89
CA LEU G 2905 -66.25 77.79 -63.65
C LEU G 2905 -67.46 77.98 -62.74
N VAL G 2906 -67.59 79.21 -62.23
CA VAL G 2906 -68.65 79.57 -61.30
C VAL G 2906 -69.30 80.86 -61.80
N PRO G 2907 -70.53 81.14 -61.38
CA PRO G 2907 -71.18 82.38 -61.78
C PRO G 2907 -70.39 83.60 -61.32
N TYR G 2908 -70.51 84.68 -62.09
CA TYR G 2908 -69.69 85.87 -61.86
C TYR G 2908 -69.95 86.47 -60.49
N ASP G 2909 -71.20 86.41 -60.01
CA ASP G 2909 -71.49 86.95 -58.69
C ASP G 2909 -70.94 86.08 -57.57
N THR G 2910 -70.77 84.78 -57.82
CA THR G 2910 -70.29 83.87 -56.79
C THR G 2910 -68.82 84.07 -56.47
N LEU G 2911 -68.00 84.30 -57.49
CA LEU G 2911 -66.56 84.44 -57.28
C LEU G 2911 -66.25 85.73 -56.54
N THR G 2912 -65.20 85.69 -55.71
CA THR G 2912 -64.84 86.82 -54.88
C THR G 2912 -64.16 87.90 -55.72
N ALA G 2913 -63.77 89.00 -55.04
CA ALA G 2913 -63.25 90.16 -55.74
C ALA G 2913 -61.84 89.92 -56.27
N LYS G 2914 -61.03 89.15 -55.54
CA LYS G 2914 -59.65 88.95 -55.96
C LYS G 2914 -59.56 88.25 -57.30
N GLU G 2915 -60.43 87.27 -57.54
CA GLU G 2915 -60.51 86.63 -58.85
C GLU G 2915 -61.41 87.38 -59.82
N LYS G 2916 -62.03 88.47 -59.38
CA LYS G 2916 -62.88 89.29 -60.25
C LYS G 2916 -62.13 90.44 -60.89
N ALA G 2917 -61.02 90.88 -60.28
CA ALA G 2917 -60.33 92.08 -60.75
C ALA G 2917 -59.83 91.94 -62.18
N ARG G 2918 -59.65 90.71 -62.66
CA ARG G 2918 -59.22 90.52 -64.05
C ARG G 2918 -60.26 91.07 -65.02
N ASP G 2919 -61.49 90.59 -64.93
CA ASP G 2919 -62.55 91.10 -65.79
C ASP G 2919 -63.08 92.44 -65.30
N ARG G 2920 -63.00 92.71 -64.00
CA ARG G 2920 -63.48 93.97 -63.46
C ARG G 2920 -62.69 95.15 -64.01
N GLU G 2921 -61.36 95.07 -63.94
CA GLU G 2921 -60.53 96.17 -64.43
C GLU G 2921 -60.64 96.32 -65.94
N LYS G 2922 -60.73 95.21 -66.67
CA LYS G 2922 -60.84 95.28 -68.13
C LYS G 2922 -62.11 95.99 -68.55
N ALA G 2923 -63.24 95.69 -67.88
CA ALA G 2923 -64.49 96.37 -68.20
C ALA G 2923 -64.46 97.82 -67.74
N GLN G 2924 -63.87 98.08 -66.57
CA GLN G 2924 -63.77 99.45 -66.08
C GLN G 2924 -62.88 100.30 -66.97
N GLU G 2925 -61.76 99.73 -67.45
CA GLU G 2925 -60.83 100.49 -68.28
C GLU G 2925 -61.51 100.94 -69.58
N LEU G 2926 -62.32 100.07 -70.18
CA LEU G 2926 -63.08 100.47 -71.36
C LEU G 2926 -64.07 101.57 -71.01
N LEU G 2927 -64.71 101.47 -69.85
CA LEU G 2927 -65.64 102.52 -69.43
C LEU G 2927 -64.92 103.83 -69.12
N LYS G 2928 -63.71 103.75 -68.56
CA LYS G 2928 -62.94 104.96 -68.29
C LYS G 2928 -62.59 105.69 -69.58
N PHE G 2929 -62.24 104.95 -70.63
CA PHE G 2929 -61.98 105.57 -71.92
C PHE G 2929 -63.24 106.24 -72.47
N LEU G 2930 -64.40 105.61 -72.28
CA LEU G 2930 -65.66 106.22 -72.67
C LEU G 2930 -66.04 107.40 -71.78
N GLN G 2931 -65.41 107.54 -70.61
CA GLN G 2931 -65.81 108.57 -69.65
C GLN G 2931 -65.26 109.94 -70.04
N MET G 2932 -63.94 110.04 -70.19
CA MET G 2932 -63.34 111.35 -70.49
C MET G 2932 -63.70 111.86 -71.87
N ASN G 2933 -64.09 110.98 -72.79
CA ASN G 2933 -64.50 111.42 -74.11
C ASN G 2933 -65.97 111.82 -74.17
N GLY G 2934 -66.81 111.22 -73.32
CA GLY G 2934 -68.20 111.59 -73.27
C GLY G 2934 -69.12 110.71 -74.10
N TYR G 2935 -69.01 109.39 -73.94
CA TYR G 2935 -69.91 108.46 -74.61
C TYR G 2935 -71.05 108.10 -73.66
N ALA G 2936 -72.27 108.40 -74.09
CA ALA G 2936 -73.45 108.18 -73.25
C ALA G 2936 -74.12 106.87 -73.65
N VAL G 2937 -74.05 105.88 -72.77
CA VAL G 2937 -74.71 104.59 -72.96
C VAL G 2937 -75.71 104.38 -71.84
N THR G 2938 -76.97 104.15 -72.19
CA THR G 2938 -78.03 103.99 -71.22
C THR G 2938 -78.99 102.90 -71.70
N ARG G 2939 -79.59 102.20 -70.74
CA ARG G 2939 -80.54 101.14 -71.04
C ARG G 2939 -81.79 101.70 -71.71
N LEU G 2946 -83.20 99.90 -57.76
CA LEU G 2946 -82.64 101.11 -58.35
C LEU G 2946 -82.86 102.30 -57.43
N ASP G 2947 -81.79 103.05 -57.18
CA ASP G 2947 -81.80 104.18 -56.24
C ASP G 2947 -82.29 103.74 -54.86
N THR G 2948 -81.84 102.56 -54.42
CA THR G 2948 -82.26 102.01 -53.16
C THR G 2948 -81.33 102.47 -52.04
N SER G 2949 -81.92 102.93 -50.94
CA SER G 2949 -81.12 103.39 -49.81
C SER G 2949 -80.53 102.20 -49.07
N SER G 2950 -79.54 102.49 -48.20
CA SER G 2950 -78.88 101.44 -47.46
C SER G 2950 -79.82 100.74 -46.50
N ILE G 2951 -80.78 101.47 -45.94
CA ILE G 2951 -81.74 100.87 -45.01
C ILE G 2951 -82.57 99.81 -45.72
N GLU G 2952 -83.05 100.11 -46.93
CA GLU G 2952 -83.88 99.17 -47.68
C GLU G 2952 -83.09 97.98 -48.20
N LYS G 2953 -81.75 98.05 -48.20
CA LYS G 2953 -80.93 96.94 -48.66
C LYS G 2953 -80.57 95.96 -47.56
N ARG G 2954 -80.96 96.24 -46.32
CA ARG G 2954 -80.64 95.34 -45.22
C ARG G 2954 -81.37 94.01 -45.38
N PHE G 2955 -80.76 92.95 -44.86
CA PHE G 2955 -81.36 91.62 -44.96
C PHE G 2955 -82.69 91.56 -44.23
N ALA G 2956 -82.77 92.16 -43.04
CA ALA G 2956 -84.01 92.15 -42.29
C ALA G 2956 -85.11 92.91 -43.02
N PHE G 2957 -84.76 94.02 -43.68
CA PHE G 2957 -85.76 94.79 -44.43
C PHE G 2957 -86.36 93.95 -45.55
N GLY G 2958 -85.52 93.26 -46.31
CA GLY G 2958 -86.03 92.40 -47.37
C GLY G 2958 -86.77 91.20 -46.83
N PHE G 2959 -86.27 90.60 -45.75
CA PHE G 2959 -86.93 89.45 -45.15
C PHE G 2959 -88.31 89.82 -44.61
N LEU G 2960 -88.40 90.96 -43.91
CA LEU G 2960 -89.69 91.40 -43.40
C LEU G 2960 -90.64 91.77 -44.53
N GLN G 2961 -90.13 92.38 -45.60
CA GLN G 2961 -90.98 92.76 -46.71
C GLN G 2961 -91.62 91.55 -47.37
N GLN G 2962 -90.86 90.46 -47.50
CA GLN G 2962 -91.42 89.22 -48.04
C GLN G 2962 -92.46 88.62 -47.10
N LEU G 2963 -92.22 88.70 -45.79
CA LEU G 2963 -93.20 88.20 -44.84
C LEU G 2963 -94.50 88.98 -44.93
N LEU G 2964 -94.42 90.30 -45.06
CA LEU G 2964 -95.63 91.10 -45.26
C LEU G 2964 -96.28 90.77 -46.59
N ARG G 2965 -95.47 90.45 -47.60
CA ARG G 2965 -96.02 90.03 -48.89
C ARG G 2965 -96.82 88.74 -48.76
N TRP G 2966 -96.36 87.81 -47.94
CA TRP G 2966 -97.12 86.59 -47.72
C TRP G 2966 -98.33 86.80 -46.82
N MET G 2967 -98.32 87.88 -46.03
CA MET G 2967 -99.47 88.15 -45.17
C MET G 2967 -100.72 88.45 -45.98
N ASP G 2968 -100.60 89.26 -47.03
CA ASP G 2968 -101.75 89.50 -47.91
C ASP G 2968 -102.13 88.23 -48.67
N ILE G 2969 -101.15 87.37 -48.96
CA ILE G 2969 -101.46 86.06 -49.53
C ILE G 2969 -102.18 85.20 -48.51
N SER G 2970 -101.76 85.27 -47.25
CA SER G 2970 -102.42 84.49 -46.20
C SER G 2970 -103.87 84.90 -46.04
N GLN G 2971 -104.14 86.21 -46.10
CA GLN G 2971 -105.51 86.69 -46.03
C GLN G 2971 -106.34 86.25 -47.22
N GLU G 2972 -105.70 85.89 -48.34
CA GLU G 2972 -106.45 85.53 -49.53
C GLU G 2972 -107.08 84.15 -49.41
N PHE G 2973 -106.35 83.16 -48.88
CA PHE G 2973 -106.89 81.82 -48.85
C PHE G 2973 -107.67 81.50 -47.58
N ILE G 2974 -107.44 82.23 -46.49
CA ILE G 2974 -108.26 82.02 -45.30
C ILE G 2974 -109.69 82.46 -45.58
N ALA G 2975 -109.87 83.54 -46.34
CA ALA G 2975 -111.20 83.94 -46.77
C ALA G 2975 -111.83 82.86 -47.65
N HIS G 2976 -111.02 82.26 -48.52
CA HIS G 2976 -111.51 81.13 -49.32
C HIS G 2976 -111.89 79.96 -48.42
N LEU G 2977 -111.06 79.67 -47.42
CA LEU G 2977 -111.39 78.62 -46.47
C LEU G 2977 -112.65 78.96 -45.67
N GLU G 2978 -112.78 80.23 -45.27
CA GLU G 2978 -114.00 80.65 -44.58
C GLU G 2978 -115.21 80.56 -45.51
N ALA G 2979 -115.03 80.89 -46.78
CA ALA G 2979 -116.14 80.81 -47.73
C ALA G 2979 -116.59 79.37 -47.92
N VAL G 2980 -115.64 78.46 -48.16
CA VAL G 2980 -116.01 77.07 -48.43
C VAL G 2980 -116.56 76.41 -47.18
N VAL G 2981 -116.04 76.75 -46.00
CA VAL G 2981 -116.54 76.16 -44.76
C VAL G 2981 -117.93 76.67 -44.41
N SER G 2982 -118.37 77.75 -45.04
CA SER G 2982 -119.72 78.28 -44.84
C SER G 2982 -120.70 77.82 -45.90
N SER G 2983 -120.31 77.89 -47.18
CA SER G 2983 -121.16 77.44 -48.27
C SER G 2983 -120.29 76.96 -49.42
N GLY G 2984 -120.87 76.09 -50.24
CA GLY G 2984 -120.16 75.56 -51.39
C GLY G 2984 -118.94 74.75 -51.02
N ARG G 2985 -119.14 73.60 -50.39
CA ARG G 2985 -118.03 72.77 -49.95
C ARG G 2985 -117.26 72.23 -51.15
N VAL G 2986 -115.94 72.33 -51.09
CA VAL G 2986 -115.05 71.81 -52.13
C VAL G 2986 -113.69 71.54 -51.49
N GLU G 2987 -113.13 70.38 -51.81
CA GLU G 2987 -111.85 69.95 -51.25
C GLU G 2987 -110.70 70.11 -52.24
N LYS G 2988 -110.89 70.90 -53.30
CA LYS G 2988 -109.82 71.12 -54.26
C LYS G 2988 -108.63 71.82 -53.62
N SER G 2989 -108.90 72.80 -52.76
CA SER G 2989 -107.87 73.58 -52.07
C SER G 2989 -106.88 74.17 -53.08
N PRO G 2990 -107.29 75.19 -53.85
CA PRO G 2990 -106.37 75.77 -54.84
C PRO G 2990 -105.12 76.38 -54.24
N HIS G 2991 -105.13 76.72 -52.95
CA HIS G 2991 -103.97 77.31 -52.29
C HIS G 2991 -103.30 76.32 -51.34
N GLU G 2992 -103.35 75.02 -51.65
CA GLU G 2992 -102.78 74.02 -50.76
C GLU G 2992 -101.29 74.22 -50.58
N GLN G 2993 -100.58 74.55 -51.66
CA GLN G 2993 -99.15 74.85 -51.54
C GLN G 2993 -98.92 76.07 -50.66
N GLU G 2994 -99.74 77.11 -50.84
CA GLU G 2994 -99.59 78.32 -50.04
C GLU G 2994 -99.85 78.04 -48.56
N ILE G 2995 -100.87 77.23 -48.26
CA ILE G 2995 -101.20 76.93 -46.87
C ILE G 2995 -100.08 76.17 -46.20
N LYS G 2996 -99.55 75.14 -46.88
CA LYS G 2996 -98.48 74.34 -46.30
C LYS G 2996 -97.20 75.16 -46.13
N PHE G 2997 -96.86 75.98 -47.10
CA PHE G 2997 -95.64 76.79 -47.00
C PHE G 2997 -95.76 77.80 -45.86
N PHE G 2998 -96.92 78.43 -45.73
CA PHE G 2998 -97.13 79.40 -44.65
C PHE G 2998 -97.05 78.73 -43.29
N ALA G 2999 -97.71 77.58 -43.14
CA ALA G 2999 -97.80 76.93 -41.84
C ALA G 2999 -96.51 76.20 -41.47
N LYS G 3000 -95.87 75.54 -42.42
CA LYS G 3000 -94.75 74.67 -42.12
C LYS G 3000 -93.40 75.35 -42.27
N ILE G 3001 -93.32 76.48 -42.97
CA ILE G 3001 -92.03 77.14 -43.19
C ILE G 3001 -92.01 78.51 -42.53
N LEU G 3002 -93.00 79.35 -42.87
CA LEU G 3002 -93.00 80.73 -42.40
C LEU G 3002 -93.12 80.81 -40.88
N LEU G 3003 -94.08 80.07 -40.31
CA LEU G 3003 -94.27 80.14 -38.86
C LEU G 3003 -93.05 79.66 -38.09
N PRO G 3004 -92.43 78.51 -38.39
CA PRO G 3004 -91.18 78.17 -37.72
C PRO G 3004 -90.07 79.19 -37.99
N LEU G 3005 -90.05 79.79 -39.18
CA LEU G 3005 -89.01 80.75 -39.50
C LEU G 3005 -89.20 82.05 -38.70
N ILE G 3006 -90.43 82.54 -38.63
CA ILE G 3006 -90.71 83.73 -37.83
C ILE G 3006 -90.45 83.44 -36.36
N ASN G 3007 -90.76 82.23 -35.91
CA ASN G 3007 -90.58 81.87 -34.52
C ASN G 3007 -89.11 81.97 -34.11
N GLN G 3008 -88.21 81.47 -34.96
CA GLN G 3008 -86.80 81.38 -34.58
C GLN G 3008 -86.04 82.65 -34.95
N TYR G 3009 -86.41 83.32 -36.04
CA TYR G 3009 -85.66 84.48 -36.47
C TYR G 3009 -85.75 85.62 -35.46
N PHE G 3010 -86.97 85.93 -35.01
CA PHE G 3010 -87.16 87.02 -34.07
C PHE G 3010 -86.79 86.65 -32.64
N THR G 3011 -86.67 85.35 -32.35
CA THR G 3011 -86.11 84.96 -31.06
C THR G 3011 -84.63 85.27 -30.97
N ASN G 3012 -83.89 85.04 -32.06
CA ASN G 3012 -82.46 85.30 -32.07
C ASN G 3012 -82.17 86.79 -32.15
N HIS G 3013 -82.93 87.52 -32.97
CA HIS G 3013 -82.68 88.93 -33.25
C HIS G 3013 -83.70 89.82 -32.54
N CYS G 3014 -84.12 89.42 -31.34
CA CYS G 3014 -85.07 90.24 -30.59
C CYS G 3014 -84.47 91.57 -30.19
N LEU G 3015 -83.20 91.55 -29.75
CA LEU G 3015 -82.56 92.77 -29.27
C LEU G 3015 -82.29 93.76 -30.41
N TYR G 3016 -82.12 93.26 -31.64
CA TYR G 3016 -81.86 94.14 -32.77
C TYR G 3016 -83.04 95.07 -33.03
N PHE G 3017 -84.26 94.54 -32.98
CA PHE G 3017 -85.44 95.35 -33.24
C PHE G 3017 -85.81 96.23 -32.06
N LEU G 3018 -85.51 95.80 -30.83
CA LEU G 3018 -85.80 96.61 -29.66
C LEU G 3018 -84.76 97.69 -29.42
N SER G 3019 -83.61 97.60 -30.08
CA SER G 3019 -82.56 98.59 -29.88
C SER G 3019 -82.90 99.90 -30.55
N THR G 3020 -82.33 100.98 -30.01
CA THR G 3020 -82.50 102.34 -30.52
C THR G 3020 -81.14 103.01 -30.46
N PRO G 3021 -80.90 104.01 -31.31
CA PRO G 3021 -79.60 104.72 -31.25
C PRO G 3021 -79.33 105.33 -29.89
N ALA G 3022 -80.36 105.76 -29.18
CA ALA G 3022 -80.16 106.29 -27.82
C ALA G 3022 -79.67 105.20 -26.87
N LYS G 3023 -80.25 104.01 -26.96
CA LYS G 3023 -79.93 102.91 -26.06
C LYS G 3023 -79.83 101.62 -26.87
N VAL G 3024 -78.62 101.09 -27.01
CA VAL G 3024 -78.37 99.88 -27.77
C VAL G 3024 -78.39 98.69 -26.82
N LEU G 3025 -79.21 97.68 -27.14
CA LEU G 3025 -79.38 96.51 -26.30
C LEU G 3025 -78.59 95.30 -26.79
N GLY G 3026 -78.50 95.10 -28.11
CA GLY G 3026 -77.82 93.97 -28.67
C GLY G 3026 -76.32 94.17 -28.75
N SER G 3027 -75.66 93.21 -29.40
CA SER G 3027 -74.21 93.28 -29.59
C SER G 3027 -73.84 94.48 -30.44
N GLY G 3028 -74.59 94.71 -31.52
CA GLY G 3028 -74.33 95.83 -32.39
C GLY G 3028 -75.46 96.02 -33.37
N GLY G 3029 -75.59 97.26 -33.84
CA GLY G 3029 -76.63 97.61 -34.79
C GLY G 3029 -78.01 97.69 -34.17
N HIS G 3030 -78.86 98.50 -34.79
CA HIS G 3030 -80.22 98.66 -34.34
C HIS G 3030 -81.13 98.78 -35.54
N ALA G 3031 -82.38 98.32 -35.37
CA ALA G 3031 -83.33 98.36 -36.47
C ALA G 3031 -83.71 99.79 -36.81
N SER G 3032 -83.90 100.05 -38.10
CA SER G 3032 -84.38 101.35 -38.54
C SER G 3032 -85.86 101.51 -38.21
N ASN G 3033 -86.36 102.73 -38.40
CA ASN G 3033 -87.77 102.99 -38.12
C ASN G 3033 -88.67 102.16 -39.03
N LYS G 3034 -88.32 102.06 -40.31
CA LYS G 3034 -89.14 101.29 -41.25
C LYS G 3034 -89.19 99.82 -40.85
N GLU G 3035 -88.05 99.27 -40.40
CA GLU G 3035 -88.05 97.88 -39.92
C GLU G 3035 -88.93 97.72 -38.70
N LYS G 3036 -88.90 98.69 -37.79
CA LYS G 3036 -89.78 98.66 -36.63
C LYS G 3036 -91.24 98.79 -37.06
N GLU G 3037 -91.52 99.60 -38.07
CA GLU G 3037 -92.88 99.72 -38.58
C GLU G 3037 -93.36 98.41 -39.19
N MET G 3038 -92.49 97.75 -39.97
CA MET G 3038 -92.91 96.51 -40.64
C MET G 3038 -93.18 95.39 -39.65
N ILE G 3039 -92.35 95.26 -38.62
CA ILE G 3039 -92.57 94.21 -37.63
C ILE G 3039 -93.84 94.49 -36.83
N THR G 3040 -94.20 95.75 -36.67
CA THR G 3040 -95.46 96.08 -36.02
C THR G 3040 -96.65 95.69 -36.90
N SER G 3041 -96.56 96.01 -38.19
CA SER G 3041 -97.63 95.63 -39.11
C SER G 3041 -97.72 94.12 -39.27
N LEU G 3042 -96.58 93.42 -39.19
CA LEU G 3042 -96.60 91.96 -39.24
C LEU G 3042 -97.37 91.39 -38.07
N PHE G 3043 -97.17 91.95 -36.87
CA PHE G 3043 -97.90 91.48 -35.70
C PHE G 3043 -99.38 91.74 -35.84
N CYS G 3044 -99.75 92.94 -36.30
CA CYS G 3044 -101.16 93.29 -36.42
C CYS G 3044 -101.85 92.43 -37.47
N LYS G 3045 -101.21 92.22 -38.62
CA LYS G 3045 -101.81 91.40 -39.67
C LYS G 3045 -101.94 89.95 -39.22
N LEU G 3046 -100.91 89.43 -38.55
CA LEU G 3046 -100.98 88.05 -38.06
C LEU G 3046 -102.07 87.88 -37.01
N ALA G 3047 -102.18 88.85 -36.10
CA ALA G 3047 -103.22 88.79 -35.07
C ALA G 3047 -104.61 88.83 -35.68
N ALA G 3048 -104.82 89.71 -36.66
CA ALA G 3048 -106.11 89.77 -37.34
C ALA G 3048 -106.36 88.51 -38.17
N LEU G 3049 -105.29 87.87 -38.63
CA LEU G 3049 -105.45 86.64 -39.40
C LEU G 3049 -106.06 85.53 -38.57
N VAL G 3050 -105.61 85.38 -37.32
CA VAL G 3050 -106.09 84.31 -36.45
C VAL G 3050 -107.33 84.69 -35.66
N ARG G 3051 -107.78 85.93 -35.77
CA ARG G 3051 -108.94 86.39 -35.00
C ARG G 3051 -110.20 85.64 -35.44
N HIS G 3052 -110.75 84.85 -34.51
CA HIS G 3052 -111.95 84.05 -34.73
C HIS G 3052 -111.76 82.99 -35.81
N ARG G 3053 -110.51 82.60 -36.07
CA ARG G 3053 -110.21 81.53 -37.03
C ARG G 3053 -109.21 80.56 -36.45
N VAL G 3054 -109.21 80.38 -35.13
CA VAL G 3054 -108.26 79.47 -34.50
C VAL G 3054 -108.54 78.03 -34.92
N SER G 3055 -109.82 77.68 -35.11
CA SER G 3055 -110.17 76.32 -35.52
C SER G 3055 -109.71 76.04 -36.94
N LEU G 3056 -109.77 77.04 -37.82
CA LEU G 3056 -109.43 76.82 -39.22
C LEU G 3056 -107.96 76.50 -39.43
N PHE G 3057 -107.10 76.83 -38.46
CA PHE G 3057 -105.69 76.50 -38.55
C PHE G 3057 -105.37 75.09 -38.10
N GLY G 3058 -106.34 74.41 -37.48
CA GLY G 3058 -106.10 73.03 -37.05
C GLY G 3058 -104.97 72.96 -36.04
N THR G 3059 -104.02 72.06 -36.30
CA THR G 3059 -102.87 71.88 -35.44
C THR G 3059 -101.84 73.00 -35.57
N ASP G 3060 -102.00 73.89 -36.53
CA ASP G 3060 -101.08 75.01 -36.71
C ASP G 3060 -101.40 76.18 -35.81
N ALA G 3061 -102.54 76.16 -35.10
CA ALA G 3061 -102.87 77.25 -34.19
C ALA G 3061 -101.83 77.46 -33.10
N PRO G 3062 -101.29 76.43 -32.43
CA PRO G 3062 -100.21 76.69 -31.46
C PRO G 3062 -99.00 77.36 -32.09
N ALA G 3063 -98.71 77.07 -33.35
CA ALA G 3063 -97.60 77.75 -34.02
C ALA G 3063 -97.89 79.23 -34.22
N VAL G 3064 -99.14 79.57 -34.55
CA VAL G 3064 -99.49 80.96 -34.80
C VAL G 3064 -99.38 81.78 -33.53
N VAL G 3065 -99.90 81.26 -32.42
CA VAL G 3065 -99.87 82.01 -31.17
C VAL G 3065 -98.44 82.15 -30.66
N ASN G 3066 -97.60 81.14 -30.86
CA ASN G 3066 -96.20 81.25 -30.46
C ASN G 3066 -95.49 82.35 -31.23
N CYS G 3067 -95.79 82.48 -32.53
CA CYS G 3067 -95.23 83.57 -33.31
C CYS G 3067 -95.73 84.91 -32.78
N LEU G 3068 -96.99 84.99 -32.39
CA LEU G 3068 -97.53 86.23 -31.83
C LEU G 3068 -96.84 86.60 -30.53
N HIS G 3069 -96.52 85.60 -29.70
CA HIS G 3069 -95.79 85.88 -28.46
C HIS G 3069 -94.42 86.48 -28.76
N ILE G 3070 -93.69 85.88 -29.71
CA ILE G 3070 -92.34 86.33 -30.01
C ILE G 3070 -92.37 87.68 -30.72
N LEU G 3071 -93.33 87.89 -31.62
CA LEU G 3071 -93.46 89.19 -32.26
C LEU G 3071 -93.79 90.28 -31.25
N ALA G 3072 -94.63 89.96 -30.26
CA ALA G 3072 -94.98 90.93 -29.23
C ALA G 3072 -93.75 91.32 -28.41
N ARG G 3073 -92.88 90.37 -28.09
CA ARG G 3073 -91.68 90.66 -27.32
C ARG G 3073 -90.65 91.45 -28.11
N SER G 3074 -90.83 91.62 -29.42
CA SER G 3074 -89.90 92.35 -30.26
C SER G 3074 -90.55 93.59 -30.88
N LEU G 3075 -91.55 94.14 -30.21
CA LEU G 3075 -92.25 95.33 -30.69
C LEU G 3075 -91.69 96.55 -29.97
N ASP G 3076 -90.99 97.42 -30.70
CA ASP G 3076 -90.56 98.71 -30.20
C ASP G 3076 -91.68 99.73 -30.45
N ALA G 3077 -92.77 99.54 -29.70
CA ALA G 3077 -93.97 100.34 -29.92
C ALA G 3077 -93.79 101.81 -29.54
N ARG G 3078 -92.76 102.13 -28.76
CA ARG G 3078 -92.51 103.53 -28.41
C ARG G 3078 -92.19 104.36 -29.64
N THR G 3079 -91.26 103.88 -30.48
CA THR G 3079 -90.89 104.62 -31.67
C THR G 3079 -92.02 104.63 -32.70
N VAL G 3080 -92.72 103.51 -32.83
CA VAL G 3080 -93.78 103.40 -33.84
C VAL G 3080 -94.91 104.37 -33.53
N MET G 3081 -95.35 104.43 -32.27
CA MET G 3081 -96.47 105.30 -31.92
C MET G 3081 -96.06 106.77 -31.91
N LYS G 3082 -94.81 107.07 -31.60
CA LYS G 3082 -94.35 108.45 -31.57
C LYS G 3082 -94.09 108.98 -32.98
N SER G 3083 -93.18 108.34 -33.71
CA SER G 3083 -92.81 108.75 -35.05
C SER G 3083 -93.04 107.56 -35.99
N GLY G 3084 -94.25 107.46 -36.52
CA GLY G 3084 -94.60 106.38 -37.42
C GLY G 3084 -95.74 106.75 -38.33
N PRO G 3085 -95.93 105.98 -39.41
CA PRO G 3085 -97.03 106.25 -40.32
C PRO G 3085 -98.38 106.03 -39.67
N GLU G 3086 -99.38 106.75 -40.17
CA GLU G 3086 -100.73 106.61 -39.64
C GLU G 3086 -101.28 105.21 -39.85
N ILE G 3087 -100.98 104.61 -41.02
CA ILE G 3087 -101.50 103.28 -41.32
C ILE G 3087 -100.96 102.25 -40.35
N VAL G 3088 -99.66 102.31 -40.06
CA VAL G 3088 -99.06 101.36 -39.12
C VAL G 3088 -99.60 101.59 -37.71
N LYS G 3089 -99.71 102.86 -37.29
CA LYS G 3089 -100.23 103.15 -35.97
C LYS G 3089 -101.70 102.74 -35.84
N ALA G 3090 -102.49 102.96 -36.90
CA ALA G 3090 -103.90 102.57 -36.86
C ALA G 3090 -104.06 101.07 -36.72
N GLY G 3091 -103.13 100.30 -37.26
CA GLY G 3091 -103.20 98.85 -37.10
C GLY G 3091 -103.02 98.42 -35.67
N LEU G 3092 -102.06 99.02 -34.96
CA LEU G 3092 -101.86 98.69 -33.56
C LEU G 3092 -103.03 99.13 -32.70
N ARG G 3093 -103.59 100.31 -33.01
CA ARG G 3093 -104.78 100.76 -32.29
C ARG G 3093 -105.96 99.83 -32.52
N SER G 3094 -106.13 99.36 -33.76
CA SER G 3094 -107.23 98.44 -34.06
C SER G 3094 -107.08 97.12 -33.32
N PHE G 3095 -105.85 96.69 -33.06
CA PHE G 3095 -105.64 95.44 -32.34
C PHE G 3095 -106.18 95.54 -30.91
N PHE G 3096 -105.85 96.63 -30.21
CA PHE G 3096 -106.35 96.81 -28.86
C PHE G 3096 -107.86 96.99 -28.85
N GLU G 3097 -108.40 97.74 -29.80
CA GLU G 3097 -109.85 97.92 -29.87
C GLU G 3097 -110.56 96.60 -30.15
N SER G 3098 -110.01 95.80 -31.07
CA SER G 3098 -110.60 94.49 -31.34
C SER G 3098 -110.49 93.58 -30.13
N ALA G 3099 -109.36 93.64 -29.42
CA ALA G 3099 -109.18 92.81 -28.23
C ALA G 3099 -110.21 93.17 -27.16
N SER G 3100 -110.48 94.46 -26.98
CA SER G 3100 -111.47 94.88 -25.99
C SER G 3100 -112.86 94.36 -26.35
N GLU G 3101 -113.22 94.44 -27.63
CA GLU G 3101 -114.54 93.97 -28.05
C GLU G 3101 -114.69 92.47 -27.84
N ASP G 3102 -113.64 91.70 -28.16
CA ASP G 3102 -113.70 90.25 -27.99
C ASP G 3102 -113.83 89.88 -26.52
N ILE G 3103 -113.11 90.58 -25.64
CA ILE G 3103 -113.20 90.29 -24.21
C ILE G 3103 -114.57 90.66 -23.68
N GLU G 3104 -115.13 91.78 -24.16
CA GLU G 3104 -116.48 92.17 -23.73
C GLU G 3104 -117.50 91.12 -24.12
N LYS G 3105 -117.39 90.57 -25.33
CA LYS G 3105 -118.28 89.49 -25.73
C LYS G 3105 -118.03 88.23 -24.91
N MET G 3106 -116.78 87.99 -24.53
CA MET G 3106 -116.46 86.81 -23.71
C MET G 3106 -117.08 86.93 -22.32
N VAL G 3107 -116.91 88.08 -21.67
CA VAL G 3107 -117.38 88.23 -20.30
C VAL G 3107 -118.90 88.22 -20.24
N GLU G 3108 -119.57 88.81 -21.23
CA GLU G 3108 -121.03 88.81 -21.23
C GLU G 3108 -121.59 87.42 -21.49
N ASN G 3109 -120.84 86.56 -22.18
CA ASN G 3109 -121.24 85.16 -22.32
C ASN G 3109 -120.96 84.38 -21.05
N LEU G 3110 -119.85 84.67 -20.36
CA LEU G 3110 -119.61 84.10 -19.05
C LEU G 3110 -120.63 84.57 -18.03
N ARG G 3111 -121.29 85.70 -18.28
CA ARG G 3111 -122.41 86.15 -17.47
C ARG G 3111 -123.66 85.31 -17.68
N LEU G 3112 -123.55 84.20 -18.43
CA LEU G 3112 -124.67 83.31 -18.73
C LEU G 3112 -125.77 84.03 -19.49
N GLY G 3113 -125.39 85.02 -20.29
CA GLY G 3113 -126.30 85.51 -21.32
C GLY G 3113 -126.58 84.47 -22.37
N LYS G 3114 -125.60 83.63 -22.66
CA LYS G 3114 -125.74 82.48 -23.53
C LYS G 3114 -125.20 81.26 -22.80
N VAL G 3115 -125.77 80.09 -23.12
CA VAL G 3115 -125.43 78.86 -22.38
C VAL G 3115 -123.95 78.53 -22.53
N SER G 3116 -123.42 78.65 -23.74
CA SER G 3116 -122.01 78.39 -24.03
C SER G 3116 -121.60 76.97 -23.62
N LYS G 3123 -122.44 78.36 -32.71
CA LYS G 3123 -122.49 79.71 -33.27
C LYS G 3123 -121.18 80.45 -33.02
N GLY G 3124 -121.24 81.78 -33.06
CA GLY G 3124 -120.05 82.58 -32.84
C GLY G 3124 -119.60 82.63 -31.39
N VAL G 3125 -120.47 82.22 -30.46
CA VAL G 3125 -120.09 82.20 -29.05
C VAL G 3125 -118.95 81.20 -28.83
N GLY G 3126 -119.07 80.02 -29.44
CA GLY G 3126 -118.01 79.04 -29.30
C GLY G 3126 -116.71 79.49 -29.94
N GLN G 3127 -116.80 80.11 -31.12
CA GLN G 3127 -115.61 80.61 -31.80
C GLN G 3127 -114.94 81.71 -30.99
N ASN G 3128 -115.73 82.64 -30.47
CA ASN G 3128 -115.17 83.73 -29.67
C ASN G 3128 -114.55 83.22 -28.38
N LEU G 3129 -115.20 82.27 -27.72
CA LEU G 3129 -114.69 81.77 -26.45
C LEU G 3129 -113.36 81.04 -26.63
N THR G 3130 -113.26 80.19 -27.65
CA THR G 3130 -112.02 79.44 -27.84
C THR G 3130 -110.92 80.32 -28.40
N TYR G 3131 -111.26 81.38 -29.12
CA TYR G 3131 -110.24 82.29 -29.62
C TYR G 3131 -109.62 83.11 -28.48
N THR G 3132 -110.46 83.57 -27.55
CA THR G 3132 -109.97 84.45 -26.50
C THR G 3132 -109.11 83.68 -25.50
N THR G 3133 -109.55 82.49 -25.09
CA THR G 3133 -108.85 81.75 -24.06
C THR G 3133 -107.57 81.08 -24.56
N VAL G 3134 -107.42 80.90 -25.87
CA VAL G 3134 -106.27 80.23 -26.43
C VAL G 3134 -105.31 81.21 -27.10
N ALA G 3135 -105.83 82.21 -27.79
CA ALA G 3135 -105.00 83.14 -28.55
C ALA G 3135 -104.97 84.54 -27.96
N LEU G 3136 -106.14 85.16 -27.76
CA LEU G 3136 -106.17 86.57 -27.40
C LEU G 3136 -105.57 86.81 -26.01
N LEU G 3137 -106.02 86.06 -25.02
CA LEU G 3137 -105.56 86.31 -23.64
C LEU G 3137 -104.06 86.07 -23.48
N PRO G 3138 -103.47 84.94 -23.91
CA PRO G 3138 -102.02 84.80 -23.76
C PRO G 3138 -101.22 85.85 -24.50
N VAL G 3139 -101.67 86.25 -25.70
CA VAL G 3139 -100.93 87.26 -26.46
C VAL G 3139 -101.07 88.63 -25.80
N LEU G 3140 -102.28 88.98 -25.37
CA LEU G 3140 -102.48 90.27 -24.72
C LEU G 3140 -101.69 90.36 -23.42
N THR G 3141 -101.60 89.25 -22.68
CA THR G 3141 -100.78 89.22 -21.47
C THR G 3141 -99.32 89.45 -21.80
N THR G 3142 -98.82 88.80 -22.85
CA THR G 3142 -97.42 88.97 -23.23
C THR G 3142 -97.14 90.39 -23.69
N LEU G 3143 -98.04 90.98 -24.47
CA LEU G 3143 -97.83 92.33 -24.97
C LEU G 3143 -97.80 93.34 -23.84
N PHE G 3144 -98.71 93.21 -22.87
CA PHE G 3144 -98.70 94.12 -21.73
C PHE G 3144 -97.44 93.95 -20.89
N GLN G 3145 -97.00 92.71 -20.70
CA GLN G 3145 -95.76 92.48 -19.97
C GLN G 3145 -94.57 93.08 -20.70
N HIS G 3146 -94.55 92.97 -22.02
CA HIS G 3146 -93.49 93.58 -22.80
C HIS G 3146 -93.49 95.10 -22.66
N ILE G 3147 -94.68 95.71 -22.67
CA ILE G 3147 -94.77 97.16 -22.50
C ILE G 3147 -94.28 97.57 -21.12
N ALA G 3148 -94.67 96.82 -20.08
CA ALA G 3148 -94.31 97.17 -18.72
C ALA G 3148 -92.80 97.09 -18.50
N GLN G 3149 -92.15 96.06 -19.04
CA GLN G 3149 -90.71 95.89 -18.81
C GLN G 3149 -89.92 97.03 -19.43
N HIS G 3150 -90.31 97.48 -20.62
CA HIS G 3150 -89.58 98.51 -21.34
C HIS G 3150 -90.13 99.91 -21.12
N GLN G 3151 -91.05 100.07 -20.17
CA GLN G 3151 -91.59 101.39 -19.80
C GLN G 3151 -92.24 102.07 -21.00
N PHE G 3152 -92.92 101.30 -21.84
CA PHE G 3152 -93.61 101.86 -23.00
C PHE G 3152 -95.02 102.33 -22.69
N GLY G 3153 -95.49 102.16 -21.46
CA GLY G 3153 -96.87 102.50 -21.14
C GLY G 3153 -97.17 103.98 -21.34
N ASP G 3154 -96.25 104.85 -20.95
CA ASP G 3154 -96.45 106.28 -21.05
C ASP G 3154 -96.40 106.79 -22.49
N ASP G 3155 -96.01 105.95 -23.46
CA ASP G 3155 -95.88 106.36 -24.84
C ASP G 3155 -96.86 105.67 -25.77
N VAL G 3156 -97.36 104.49 -25.43
CA VAL G 3156 -98.24 103.71 -26.29
C VAL G 3156 -99.70 103.87 -25.91
N ILE G 3157 -100.02 103.69 -24.63
CA ILE G 3157 -101.41 103.72 -24.17
C ILE G 3157 -101.70 105.17 -23.80
N LEU G 3158 -102.05 105.96 -24.83
CA LEU G 3158 -102.21 107.40 -24.64
C LEU G 3158 -103.63 107.89 -24.86
N ASP G 3159 -104.21 107.67 -26.04
CA ASP G 3159 -105.47 108.33 -26.39
C ASP G 3159 -106.61 107.34 -26.61
N ASP G 3160 -106.48 106.41 -27.54
CA ASP G 3160 -107.53 105.43 -27.78
C ASP G 3160 -107.16 104.04 -27.26
N VAL G 3161 -105.88 103.75 -27.08
CA VAL G 3161 -105.48 102.52 -26.40
C VAL G 3161 -105.94 102.56 -24.96
N GLN G 3162 -105.91 103.75 -24.33
CA GLN G 3162 -106.41 103.89 -22.97
C GLN G 3162 -107.89 103.53 -22.89
N VAL G 3163 -108.68 104.02 -23.85
CA VAL G 3163 -110.09 103.68 -23.88
C VAL G 3163 -110.27 102.18 -24.07
N SER G 3164 -109.49 101.60 -24.98
CA SER G 3164 -109.54 100.15 -25.17
C SER G 3164 -109.07 99.41 -23.93
N CYS G 3165 -107.99 99.89 -23.30
CA CYS G 3165 -107.50 99.25 -22.08
C CYS G 3165 -108.45 99.45 -20.92
N TYR G 3166 -109.13 100.60 -20.86
CA TYR G 3166 -110.13 100.80 -19.81
C TYR G 3166 -111.26 99.80 -19.92
N ARG G 3167 -111.76 99.57 -21.15
CA ARG G 3167 -112.84 98.60 -21.33
C ARG G 3167 -112.38 97.20 -20.97
N THR G 3168 -111.15 96.85 -21.33
CA THR G 3168 -110.59 95.57 -20.91
C THR G 3168 -110.48 95.51 -19.39
N LEU G 3169 -110.01 96.60 -18.77
CA LEU G 3169 -109.96 96.67 -17.32
C LEU G 3169 -111.36 96.65 -16.72
N CYS G 3170 -112.29 97.36 -17.34
CA CYS G 3170 -113.69 97.34 -16.88
C CYS G 3170 -114.25 95.92 -16.90
N SER G 3171 -114.07 95.22 -18.02
CA SER G 3171 -114.77 93.96 -18.23
C SER G 3171 -114.18 92.83 -17.40
N ILE G 3172 -112.84 92.75 -17.32
CA ILE G 3172 -112.21 91.62 -16.63
C ILE G 3172 -112.58 91.62 -15.15
N TYR G 3173 -112.55 92.78 -14.51
CA TYR G 3173 -112.89 92.87 -13.09
C TYR G 3173 -114.37 92.60 -12.84
N SER G 3174 -115.21 92.74 -13.87
CA SER G 3174 -116.65 92.54 -13.69
C SER G 3174 -117.03 91.07 -13.47
N LEU G 3175 -116.06 90.17 -13.37
CA LEU G 3175 -116.34 88.76 -13.11
C LEU G 3175 -116.50 88.46 -11.63
N GLY G 3176 -116.34 89.46 -10.76
CA GLY G 3176 -116.47 89.22 -9.33
C GLY G 3176 -117.86 88.77 -8.93
N THR G 3177 -118.88 89.31 -9.59
CA THR G 3177 -120.27 88.96 -9.31
C THR G 3177 -120.78 87.82 -10.19
N THR G 3178 -119.88 86.96 -10.67
CA THR G 3178 -120.23 85.84 -11.54
C THR G 3178 -119.74 84.55 -10.91
N LYS G 3179 -120.62 83.55 -10.88
CA LYS G 3179 -120.29 82.23 -10.32
C LYS G 3179 -120.70 81.16 -11.34
N ASN G 3180 -119.71 80.60 -12.02
CA ASN G 3180 -119.96 79.56 -13.01
C ASN G 3180 -118.77 78.60 -12.99
N THR G 3181 -118.85 77.57 -13.84
CA THR G 3181 -117.75 76.63 -13.99
C THR G 3181 -116.70 77.14 -14.97
N TYR G 3182 -117.14 77.79 -16.05
CA TYR G 3182 -116.18 78.37 -17.00
C TYR G 3182 -115.38 79.49 -16.35
N VAL G 3183 -116.02 80.32 -15.53
CA VAL G 3183 -115.33 81.42 -14.88
C VAL G 3183 -114.28 80.89 -13.91
N GLU G 3184 -114.56 79.76 -13.25
CA GLU G 3184 -113.64 79.22 -12.27
C GLU G 3184 -112.31 78.84 -12.90
N LYS G 3185 -112.34 78.21 -14.07
CA LYS G 3185 -111.11 77.80 -14.72
C LYS G 3185 -110.42 78.92 -15.49
N LEU G 3186 -111.12 80.03 -15.72
CA LEU G 3186 -110.55 81.16 -16.47
C LEU G 3186 -109.98 82.25 -15.58
N ARG G 3187 -110.16 82.16 -14.26
CA ARG G 3187 -109.62 83.17 -13.37
C ARG G 3187 -108.09 83.28 -13.44
N PRO G 3188 -107.31 82.20 -13.42
CA PRO G 3188 -105.85 82.38 -13.52
C PRO G 3188 -105.41 83.09 -14.78
N ALA G 3189 -106.07 82.85 -15.91
CA ALA G 3189 -105.72 83.55 -17.14
C ALA G 3189 -106.17 85.01 -17.09
N LEU G 3190 -107.39 85.26 -16.61
CA LEU G 3190 -107.87 86.63 -16.50
C LEU G 3190 -107.06 87.42 -15.49
N GLY G 3191 -106.71 86.80 -14.36
CA GLY G 3191 -105.95 87.52 -13.34
C GLY G 3191 -104.57 87.89 -13.80
N GLU G 3192 -103.89 86.99 -14.51
CA GLU G 3192 -102.56 87.29 -15.01
C GLU G 3192 -102.60 88.40 -16.05
N CYS G 3193 -103.61 88.38 -16.92
CA CYS G 3193 -103.74 89.45 -17.91
C CYS G 3193 -104.00 90.79 -17.25
N LEU G 3194 -104.85 90.81 -16.22
CA LEU G 3194 -105.15 92.07 -15.55
C LEU G 3194 -103.95 92.60 -14.79
N ALA G 3195 -103.15 91.72 -14.21
CA ALA G 3195 -101.95 92.15 -13.49
C ALA G 3195 -100.96 92.82 -14.43
N ARG G 3196 -100.77 92.24 -15.62
CA ARG G 3196 -99.86 92.84 -16.60
C ARG G 3196 -100.42 94.17 -17.12
N LEU G 3197 -101.73 94.27 -17.27
CA LEU G 3197 -102.34 95.52 -17.69
C LEU G 3197 -102.08 96.63 -16.67
N ALA G 3198 -102.18 96.30 -15.38
CA ALA G 3198 -101.95 97.29 -14.34
C ALA G 3198 -100.51 97.82 -14.38
N ALA G 3199 -99.55 96.94 -14.66
CA ALA G 3199 -98.16 97.37 -14.75
C ALA G 3199 -97.93 98.29 -15.93
N ALA G 3200 -98.65 98.10 -17.03
CA ALA G 3200 -98.47 98.91 -18.22
C ALA G 3200 -99.42 100.09 -18.31
N MET G 3201 -100.46 100.14 -17.49
CA MET G 3201 -101.42 101.23 -17.57
C MET G 3201 -100.79 102.51 -17.04
N PRO G 3202 -100.75 103.59 -17.83
CA PRO G 3202 -100.13 104.82 -17.37
C PRO G 3202 -101.02 105.71 -16.52
N VAL G 3203 -102.25 105.30 -16.24
CA VAL G 3203 -103.16 106.09 -15.43
C VAL G 3203 -103.44 105.34 -14.13
N ALA G 3204 -103.61 106.10 -13.05
CA ALA G 3204 -103.93 105.54 -11.74
C ALA G 3204 -105.45 105.36 -11.67
N PHE G 3205 -105.91 104.27 -12.28
CA PHE G 3205 -107.34 104.01 -12.36
C PHE G 3205 -107.97 103.72 -11.00
N LEU G 3206 -107.16 103.34 -10.01
CA LEU G 3206 -107.65 103.13 -8.66
C LEU G 3206 -107.68 104.40 -7.83
N GLU G 3207 -107.14 105.49 -8.35
CA GLU G 3207 -107.11 106.78 -7.64
C GLU G 3207 -107.57 107.88 -8.59
N PRO G 3208 -108.85 107.89 -8.96
CA PRO G 3208 -109.34 108.92 -9.89
C PRO G 3208 -109.32 110.33 -9.31
N GLN G 3209 -109.25 110.48 -7.99
CA GLN G 3209 -109.28 111.82 -7.39
C GLN G 3209 -108.01 112.61 -7.69
N LEU G 3210 -106.92 111.94 -8.05
CA LEU G 3210 -105.68 112.61 -8.38
C LEU G 3210 -105.34 112.54 -9.87
N ASN G 3211 -106.33 112.23 -10.71
CA ASN G 3211 -106.08 112.10 -12.14
C ASN G 3211 -105.71 113.43 -12.79
N GLU G 3212 -106.10 114.56 -12.20
CA GLU G 3212 -105.82 115.86 -12.79
C GLU G 3212 -104.32 116.18 -12.83
N TYR G 3213 -103.50 115.44 -12.09
CA TYR G 3213 -102.06 115.65 -12.08
C TYR G 3213 -101.31 114.67 -12.95
N ASN G 3214 -102.01 113.87 -13.74
CA ASN G 3214 -101.39 112.87 -14.61
C ASN G 3214 -101.40 113.39 -16.04
N ALA G 3215 -100.20 113.55 -16.61
CA ALA G 3215 -100.09 114.07 -17.98
C ALA G 3215 -100.49 113.02 -19.01
N CYS G 3216 -100.30 111.74 -18.70
CA CYS G 3216 -100.61 110.66 -19.63
C CYS G 3216 -102.03 110.16 -19.46
N SER G 3217 -102.99 111.08 -19.51
CA SER G 3217 -104.40 110.76 -19.36
C SER G 3217 -105.20 111.44 -20.46
N VAL G 3218 -106.26 110.77 -20.92
CA VAL G 3218 -107.09 111.32 -21.98
C VAL G 3218 -107.79 112.60 -21.55
N TYR G 3219 -108.10 112.74 -20.26
CA TYR G 3219 -108.80 113.92 -19.77
C TYR G 3219 -107.88 115.14 -19.68
N THR G 3220 -106.57 114.97 -19.83
CA THR G 3220 -105.63 116.07 -19.89
C THR G 3220 -105.06 116.28 -21.28
N THR G 3221 -104.81 115.20 -22.02
CA THR G 3221 -104.28 115.34 -23.38
C THR G 3221 -105.32 115.91 -24.32
N LYS G 3222 -106.58 115.50 -24.17
CA LYS G 3222 -107.64 115.91 -25.07
C LYS G 3222 -108.50 117.00 -24.45
N SER G 3223 -109.03 117.88 -25.30
CA SER G 3223 -109.85 119.01 -24.89
C SER G 3223 -111.24 118.55 -24.49
N PRO G 3224 -111.92 119.31 -23.62
CA PRO G 3224 -113.34 119.02 -23.35
C PRO G 3224 -114.22 119.12 -24.59
N ARG G 3225 -113.81 119.90 -25.60
CA ARG G 3225 -114.57 119.91 -26.85
C ARG G 3225 -114.57 118.54 -27.51
N GLU G 3226 -113.42 117.87 -27.55
CA GLU G 3226 -113.37 116.47 -27.93
C GLU G 3226 -113.69 115.64 -26.69
N ARG G 3227 -113.46 114.33 -26.76
CA ARG G 3227 -113.89 113.38 -25.74
C ARG G 3227 -115.40 113.32 -25.65
N ALA G 3228 -116.08 114.09 -26.51
CA ALA G 3228 -117.52 114.02 -26.70
C ALA G 3228 -117.90 113.52 -28.08
N ILE G 3229 -117.09 113.81 -29.10
CA ILE G 3229 -117.27 113.18 -30.40
C ILE G 3229 -117.08 111.67 -30.29
N LEU G 3230 -116.14 111.25 -29.45
CA LEU G 3230 -115.99 109.86 -29.07
C LEU G 3230 -116.57 109.68 -27.66
N GLY G 3231 -117.41 108.67 -27.50
CA GLY G 3231 -118.15 108.49 -26.26
C GLY G 3231 -117.29 108.32 -25.02
N LEU G 3232 -117.26 109.34 -24.17
CA LEU G 3232 -116.59 109.27 -22.88
C LEU G 3232 -117.53 109.78 -21.79
N PRO G 3233 -117.41 109.25 -20.58
CA PRO G 3233 -118.43 109.53 -19.55
C PRO G 3233 -118.29 110.89 -18.89
N ASN G 3234 -117.50 111.79 -19.48
CA ASN G 3234 -117.33 113.18 -19.06
C ASN G 3234 -116.60 113.30 -17.72
N SER G 3235 -116.24 112.20 -17.08
CA SER G 3235 -115.51 112.26 -15.82
C SER G 3235 -114.61 111.04 -15.72
N VAL G 3236 -113.42 111.24 -15.14
CA VAL G 3236 -112.48 110.14 -15.00
C VAL G 3236 -113.01 109.08 -14.05
N GLU G 3237 -113.76 109.48 -13.02
CA GLU G 3237 -114.30 108.53 -12.07
C GLU G 3237 -115.32 107.58 -12.70
N GLU G 3238 -115.88 107.95 -13.84
CA GLU G 3238 -116.92 107.15 -14.48
C GLU G 3238 -116.39 106.27 -15.60
N MET G 3239 -115.07 106.24 -15.82
CA MET G 3239 -114.52 105.38 -16.85
C MET G 3239 -114.76 103.91 -16.54
N CYS G 3240 -114.40 103.46 -15.33
CA CYS G 3240 -114.72 102.13 -14.83
C CYS G 3240 -115.27 102.30 -13.42
N PRO G 3241 -116.54 102.72 -13.30
CA PRO G 3241 -117.10 103.04 -11.97
C PRO G 3241 -117.27 101.85 -11.05
N ASP G 3242 -117.22 100.62 -11.56
CA ASP G 3242 -117.40 99.44 -10.75
C ASP G 3242 -116.11 98.94 -10.12
N ILE G 3243 -115.01 99.64 -10.34
CA ILE G 3243 -113.72 99.31 -9.72
C ILE G 3243 -113.62 100.10 -8.43
N PRO G 3244 -113.50 99.45 -7.27
CA PRO G 3244 -113.34 100.19 -6.02
C PRO G 3244 -112.03 100.97 -6.01
N VAL G 3245 -112.03 102.09 -5.29
CA VAL G 3245 -110.85 102.92 -5.17
C VAL G 3245 -109.80 102.19 -4.35
N LEU G 3246 -108.56 102.69 -4.37
CA LEU G 3246 -107.47 102.00 -3.70
C LEU G 3246 -107.73 101.88 -2.20
N ASP G 3247 -108.23 102.95 -1.58
CA ASP G 3247 -108.50 102.91 -0.14
C ASP G 3247 -109.58 101.87 0.18
N ARG G 3248 -110.65 101.83 -0.62
CA ARG G 3248 -111.68 100.84 -0.41
C ARG G 3248 -111.17 99.43 -0.65
N LEU G 3249 -110.38 99.25 -1.71
CA LEU G 3249 -109.90 97.92 -2.07
C LEU G 3249 -108.97 97.36 -0.99
N MET G 3250 -108.10 98.20 -0.44
CA MET G 3250 -107.22 97.75 0.63
C MET G 3250 -108.00 97.37 1.88
N ALA G 3251 -109.04 98.14 2.21
CA ALA G 3251 -109.84 97.82 3.40
C ALA G 3251 -110.56 96.49 3.24
N ASP G 3252 -111.09 96.20 2.06
CA ASP G 3252 -111.79 94.94 1.84
C ASP G 3252 -110.86 93.75 2.01
N ILE G 3253 -109.65 93.83 1.45
CA ILE G 3253 -108.69 92.74 1.59
C ILE G 3253 -108.28 92.57 3.04
N GLY G 3254 -108.04 93.68 3.73
CA GLY G 3254 -107.68 93.61 5.15
C GLY G 3254 -108.77 92.97 5.98
N GLY G 3255 -110.04 93.33 5.71
CA GLY G 3255 -111.13 92.72 6.44
C GLY G 3255 -111.25 91.23 6.20
N LEU G 3256 -111.07 90.80 4.94
CA LEU G 3256 -111.11 89.37 4.64
C LEU G 3256 -109.96 88.63 5.30
N ALA G 3257 -108.77 89.24 5.31
CA ALA G 3257 -107.60 88.57 5.90
C ALA G 3257 -107.78 88.38 7.40
N GLU G 3258 -108.28 89.38 8.10
CA GLU G 3258 -108.45 89.27 9.54
C GLU G 3258 -109.64 88.39 9.91
N SER G 3259 -110.64 88.30 9.04
CA SER G 3259 -111.81 87.47 9.34
C SER G 3259 -111.52 85.98 9.21
N GLY G 3260 -110.36 85.60 8.69
CA GLY G 3260 -110.05 84.19 8.53
C GLY G 3260 -110.81 83.50 7.42
N ALA G 3261 -111.30 84.26 6.43
CA ALA G 3261 -112.07 83.67 5.35
C ALA G 3261 -111.18 82.75 4.50
N ARG G 3262 -111.76 81.63 4.07
CA ARG G 3262 -111.05 80.68 3.24
C ARG G 3262 -111.07 81.13 1.79
N TYR G 3263 -110.39 80.36 0.93
CA TYR G 3263 -110.34 80.69 -0.49
C TYR G 3263 -111.72 80.54 -1.15
N THR G 3264 -112.54 79.64 -0.63
CA THR G 3264 -113.82 79.36 -1.29
C THR G 3264 -114.77 80.55 -1.22
N GLU G 3265 -114.70 81.35 -0.17
CA GLU G 3265 -115.59 82.50 -0.02
C GLU G 3265 -115.00 83.79 -0.59
N MET G 3266 -113.81 83.74 -1.17
CA MET G 3266 -113.26 84.91 -1.84
C MET G 3266 -112.34 84.51 -2.99
N PRO G 3267 -112.84 83.80 -4.00
CA PRO G 3267 -111.97 83.39 -5.10
C PRO G 3267 -111.61 84.54 -6.02
N HIS G 3268 -112.50 85.52 -6.14
CA HIS G 3268 -112.25 86.66 -7.01
C HIS G 3268 -111.10 87.52 -6.49
N VAL G 3269 -111.06 87.75 -5.17
CA VAL G 3269 -110.04 88.61 -4.60
C VAL G 3269 -108.66 88.00 -4.78
N ILE G 3270 -108.53 86.70 -4.50
CA ILE G 3270 -107.23 86.05 -4.56
C ILE G 3270 -106.76 85.93 -6.00
N GLU G 3271 -107.66 85.52 -6.90
CA GLU G 3271 -107.26 85.25 -8.28
C GLU G 3271 -107.15 86.50 -9.13
N ILE G 3272 -107.87 87.56 -8.81
CA ILE G 3272 -107.93 88.72 -9.68
C ILE G 3272 -107.50 89.99 -8.96
N THR G 3273 -108.15 90.30 -7.84
CA THR G 3273 -107.89 91.56 -7.15
C THR G 3273 -106.47 91.62 -6.61
N LEU G 3274 -106.02 90.55 -5.97
CA LEU G 3274 -104.67 90.54 -5.41
C LEU G 3274 -103.59 90.68 -6.47
N PRO G 3275 -103.61 89.94 -7.58
CA PRO G 3275 -102.59 90.18 -8.62
C PRO G 3275 -102.60 91.59 -9.17
N MET G 3276 -103.78 92.23 -9.24
CA MET G 3276 -103.84 93.61 -9.71
C MET G 3276 -103.09 94.54 -8.77
N LEU G 3277 -103.33 94.41 -7.47
CA LEU G 3277 -102.67 95.29 -6.51
C LEU G 3277 -101.18 94.96 -6.40
N CYS G 3278 -100.82 93.69 -6.51
CA CYS G 3278 -99.42 93.30 -6.45
C CYS G 3278 -98.60 93.89 -7.59
N SER G 3279 -99.26 94.34 -8.65
CA SER G 3279 -98.59 95.01 -9.76
C SER G 3279 -98.90 96.49 -9.85
N TYR G 3280 -100.05 96.92 -9.36
CA TYR G 3280 -100.40 98.34 -9.39
C TYR G 3280 -99.55 99.14 -8.41
N LEU G 3281 -99.42 98.65 -7.18
CA LEU G 3281 -98.70 99.39 -6.14
C LEU G 3281 -97.23 99.58 -6.47
N PRO G 3282 -96.47 98.56 -6.88
CA PRO G 3282 -95.05 98.80 -7.19
C PRO G 3282 -94.83 99.82 -8.31
N ARG G 3283 -95.73 99.87 -9.29
CA ARG G 3283 -95.56 100.82 -10.39
C ARG G 3283 -95.72 102.26 -9.90
N TRP G 3284 -96.72 102.51 -9.05
CA TRP G 3284 -97.01 103.86 -8.62
C TRP G 3284 -96.27 104.27 -7.35
N TRP G 3285 -95.58 103.33 -6.69
CA TRP G 3285 -94.71 103.73 -5.60
C TRP G 3285 -93.52 104.54 -6.10
N GLU G 3286 -93.06 104.25 -7.31
CA GLU G 3286 -91.93 104.96 -7.90
C GLU G 3286 -92.32 106.30 -8.50
N ARG G 3287 -93.61 106.57 -8.65
CA ARG G 3287 -94.08 107.80 -9.30
C ARG G 3287 -94.85 108.69 -8.35
N GLY G 3288 -94.92 108.35 -7.07
CA GLY G 3288 -95.64 109.16 -6.11
C GLY G 3288 -94.76 109.62 -4.97
N PRO G 3289 -95.37 109.92 -3.82
CA PRO G 3289 -94.60 110.28 -2.64
C PRO G 3289 -93.76 109.10 -2.15
N GLU G 3290 -92.69 109.43 -1.44
CA GLU G 3290 -91.70 108.50 -0.89
C GLU G 3290 -90.82 107.90 -1.98
N ALA G 3291 -91.04 108.22 -3.24
CA ALA G 3291 -90.13 107.80 -4.29
C ALA G 3291 -88.80 108.54 -4.15
N PRO G 3292 -87.72 107.98 -4.67
CA PRO G 3292 -86.43 108.70 -4.70
C PRO G 3292 -86.41 109.71 -5.82
N PRO G 3293 -86.88 110.94 -5.57
CA PRO G 3293 -87.25 111.82 -6.67
C PRO G 3293 -86.06 112.61 -7.20
N PRO G 3294 -85.76 112.49 -8.49
CA PRO G 3294 -84.87 113.45 -9.16
C PRO G 3294 -85.65 114.65 -9.70
N ALA G 3295 -86.55 115.19 -8.87
CA ALA G 3295 -87.56 116.14 -9.32
C ALA G 3295 -87.25 117.57 -8.88
N LEU G 3296 -85.99 117.97 -8.91
CA LEU G 3296 -85.69 119.38 -8.71
C LEU G 3296 -86.28 120.21 -9.85
N PRO G 3297 -86.10 119.83 -11.14
CA PRO G 3297 -86.73 120.62 -12.20
C PRO G 3297 -88.21 120.28 -12.41
N ALA G 3298 -88.57 119.02 -12.21
CA ALA G 3298 -89.91 118.52 -12.55
C ALA G 3298 -90.76 118.23 -11.33
N GLY G 3299 -90.43 118.82 -10.19
CA GLY G 3299 -91.22 118.60 -8.99
C GLY G 3299 -92.44 119.48 -8.85
N ALA G 3300 -92.65 120.42 -9.77
CA ALA G 3300 -93.82 121.28 -9.70
C ALA G 3300 -95.14 120.52 -9.78
N PRO G 3301 -95.34 119.57 -10.70
CA PRO G 3301 -96.60 118.82 -10.70
C PRO G 3301 -96.68 117.89 -9.51
N PRO G 3302 -97.76 117.97 -8.73
CA PRO G 3302 -97.92 117.04 -7.63
C PRO G 3302 -98.09 115.63 -8.16
N PRO G 3303 -97.68 114.62 -7.38
CA PRO G 3303 -97.83 113.23 -7.84
C PRO G 3303 -99.29 112.89 -8.06
N CYS G 3304 -99.54 112.08 -9.08
CA CYS G 3304 -100.89 111.65 -9.43
C CYS G 3304 -101.34 110.44 -8.64
N THR G 3305 -100.53 109.94 -7.72
CA THR G 3305 -100.87 108.80 -6.89
C THR G 3305 -100.47 109.08 -5.45
N ALA G 3306 -101.07 108.31 -4.53
CA ALA G 3306 -100.77 108.43 -3.11
C ALA G 3306 -100.20 107.15 -2.52
N VAL G 3307 -99.55 106.34 -3.34
CA VAL G 3307 -99.03 105.05 -2.90
C VAL G 3307 -97.70 105.27 -2.19
N THR G 3308 -97.62 104.81 -0.94
CA THR G 3308 -96.41 104.86 -0.14
C THR G 3308 -96.01 103.45 0.24
N SER G 3309 -94.94 103.34 1.04
CA SER G 3309 -94.51 102.03 1.52
C SER G 3309 -95.51 101.42 2.50
N ASP G 3310 -96.39 102.24 3.09
CA ASP G 3310 -97.42 101.70 3.96
C ASP G 3310 -98.37 100.80 3.20
N HIS G 3311 -98.76 101.19 1.99
CA HIS G 3311 -99.69 100.38 1.20
C HIS G 3311 -99.09 99.04 0.86
N LEU G 3312 -97.83 99.02 0.41
CA LEU G 3312 -97.17 97.77 0.09
C LEU G 3312 -96.97 96.90 1.33
N ASN G 3313 -96.58 97.53 2.45
CA ASN G 3313 -96.40 96.77 3.68
C ASN G 3313 -97.72 96.22 4.18
N SER G 3314 -98.80 97.01 4.12
CA SER G 3314 -100.10 96.53 4.55
C SER G 3314 -100.60 95.40 3.67
N LEU G 3315 -100.43 95.52 2.36
CA LEU G 3315 -100.89 94.47 1.45
C LEU G 3315 -100.12 93.17 1.68
N LEU G 3316 -98.81 93.26 1.89
CA LEU G 3316 -98.01 92.05 2.10
C LEU G 3316 -98.42 91.34 3.38
N GLY G 3317 -98.69 92.10 4.44
CA GLY G 3317 -99.15 91.48 5.68
C GLY G 3317 -100.49 90.78 5.51
N ASN G 3318 -101.40 91.39 4.76
CA ASN G 3318 -102.68 90.75 4.49
C ASN G 3318 -102.52 89.48 3.67
N ILE G 3319 -101.61 89.50 2.69
CA ILE G 3319 -101.37 88.32 1.87
C ILE G 3319 -100.86 87.17 2.72
N LEU G 3320 -99.95 87.45 3.65
CA LEU G 3320 -99.44 86.41 4.53
C LEU G 3320 -100.55 85.83 5.41
N ARG G 3321 -101.43 86.69 5.91
CA ARG G 3321 -102.54 86.20 6.73
C ARG G 3321 -103.53 85.40 5.90
N ILE G 3322 -103.70 85.77 4.63
CA ILE G 3322 -104.58 85.00 3.74
C ILE G 3322 -104.04 83.58 3.56
N ILE G 3323 -102.73 83.45 3.36
CA ILE G 3323 -102.13 82.14 3.13
C ILE G 3323 -102.31 81.24 4.33
N VAL G 3324 -102.06 81.75 5.54
CA VAL G 3324 -102.15 80.92 6.73
C VAL G 3324 -103.59 80.54 7.06
N ASN G 3325 -104.56 81.33 6.59
CA ASN G 3325 -105.96 80.93 6.78
C ASN G 3325 -106.28 79.67 5.99
N ASN G 3326 -105.62 79.48 4.85
CA ASN G 3326 -105.78 78.30 4.02
C ASN G 3326 -104.59 77.35 4.11
N LEU G 3327 -103.88 77.41 5.24
CA LEU G 3327 -102.62 76.68 5.37
C LEU G 3327 -102.84 75.17 5.34
N GLY G 3328 -103.85 74.68 6.06
CA GLY G 3328 -104.06 73.26 6.19
C GLY G 3328 -105.10 72.64 5.27
N ILE G 3329 -105.59 73.39 4.28
CA ILE G 3329 -106.63 72.83 3.41
C ILE G 3329 -106.02 71.80 2.48
N ASP G 3330 -106.89 70.93 1.95
CA ASP G 3330 -106.42 69.79 1.18
C ASP G 3330 -105.85 70.21 -0.18
N GLU G 3331 -106.56 71.07 -0.90
CA GLU G 3331 -106.17 71.46 -2.25
C GLU G 3331 -106.19 72.97 -2.37
N ALA G 3332 -105.09 73.55 -2.82
CA ALA G 3332 -105.02 74.98 -3.13
C ALA G 3332 -103.94 75.18 -4.18
N THR G 3333 -104.34 75.29 -5.44
CA THR G 3333 -103.41 75.53 -6.53
C THR G 3333 -103.13 77.02 -6.75
N TRP G 3334 -103.84 77.90 -6.03
CA TRP G 3334 -103.64 79.33 -6.21
C TRP G 3334 -102.44 79.85 -5.43
N MET G 3335 -101.91 79.06 -4.50
CA MET G 3335 -100.80 79.54 -3.67
C MET G 3335 -99.56 79.81 -4.51
N LYS G 3336 -99.25 78.93 -5.46
CA LYS G 3336 -98.08 79.16 -6.30
C LYS G 3336 -98.25 80.40 -7.18
N ARG G 3337 -99.46 80.61 -7.69
CA ARG G 3337 -99.71 81.81 -8.48
C ARG G 3337 -99.65 83.07 -7.63
N LEU G 3338 -100.15 83.00 -6.39
CA LEU G 3338 -100.11 84.16 -5.51
C LEU G 3338 -98.68 84.47 -5.09
N ALA G 3339 -97.85 83.45 -4.91
CA ALA G 3339 -96.47 83.66 -4.46
C ALA G 3339 -95.68 84.44 -5.49
N VAL G 3340 -95.81 84.10 -6.76
CA VAL G 3340 -95.04 84.78 -7.80
C VAL G 3340 -95.51 86.22 -7.97
N PHE G 3341 -96.80 86.48 -7.73
CA PHE G 3341 -97.32 87.84 -7.88
C PHE G 3341 -96.92 88.74 -6.72
N ALA G 3342 -96.79 88.18 -5.52
CA ALA G 3342 -96.49 88.99 -4.34
C ALA G 3342 -95.02 89.29 -4.18
N GLN G 3343 -94.15 88.69 -4.97
CA GLN G 3343 -92.71 88.97 -4.86
C GLN G 3343 -92.35 90.43 -5.13
N PRO G 3344 -92.88 91.11 -6.15
CA PRO G 3344 -92.47 92.52 -6.37
C PRO G 3344 -92.74 93.44 -5.19
N ILE G 3345 -93.79 93.18 -4.40
CA ILE G 3345 -94.16 94.11 -3.33
C ILE G 3345 -93.38 93.89 -2.04
N VAL G 3346 -92.63 92.80 -1.93
CA VAL G 3346 -91.90 92.52 -0.70
C VAL G 3346 -90.67 93.41 -0.56
N SER G 3347 -90.23 94.04 -1.65
CA SER G 3347 -89.02 94.86 -1.60
C SER G 3347 -89.17 96.06 -0.68
N ARG G 3348 -90.40 96.51 -0.42
CA ARG G 3348 -90.65 97.64 0.46
C ARG G 3348 -91.16 97.21 1.83
N ALA G 3349 -91.02 95.93 2.19
CA ALA G 3349 -91.49 95.46 3.47
C ALA G 3349 -90.65 96.05 4.60
N ARG G 3350 -91.32 96.34 5.71
CA ARG G 3350 -90.71 96.92 6.89
C ARG G 3350 -90.19 95.83 7.82
N PRO G 3351 -89.22 96.16 8.69
CA PRO G 3351 -88.66 95.14 9.59
C PRO G 3351 -89.67 94.56 10.56
N GLU G 3352 -90.79 95.23 10.82
CA GLU G 3352 -91.77 94.73 11.77
C GLU G 3352 -92.44 93.45 11.28
N LEU G 3353 -92.43 93.18 9.97
CA LEU G 3353 -93.07 91.97 9.47
C LEU G 3353 -92.33 90.71 9.88
N LEU G 3354 -91.05 90.84 10.23
CA LEU G 3354 -90.29 89.67 10.66
C LEU G 3354 -90.87 89.08 11.94
N HIS G 3355 -91.22 89.93 12.89
CA HIS G 3355 -91.77 89.47 14.17
C HIS G 3355 -93.28 89.32 14.14
N SER G 3356 -93.98 90.23 13.46
CA SER G 3356 -95.44 90.21 13.48
C SER G 3356 -95.99 89.06 12.64
N HIS G 3357 -95.41 88.82 11.47
CA HIS G 3357 -95.97 87.85 10.53
C HIS G 3357 -95.05 86.66 10.30
N PHE G 3358 -93.80 86.88 9.86
CA PHE G 3358 -92.99 85.77 9.36
C PHE G 3358 -92.69 84.74 10.45
N ILE G 3359 -92.31 85.20 11.64
CA ILE G 3359 -91.95 84.26 12.71
C ILE G 3359 -93.13 83.38 13.13
N PRO G 3360 -94.33 83.92 13.40
CA PRO G 3360 -95.46 83.02 13.71
C PRO G 3360 -95.80 82.05 12.59
N THR G 3361 -95.68 82.48 11.33
CA THR G 3361 -96.06 81.61 10.21
C THR G 3361 -95.09 80.45 10.06
N ILE G 3362 -93.78 80.74 10.07
CA ILE G 3362 -92.78 79.70 9.92
C ILE G 3362 -92.81 78.74 11.12
N GLY G 3363 -93.10 79.27 12.31
CA GLY G 3363 -93.21 78.41 13.47
C GLY G 3363 -94.31 77.38 13.33
N ARG G 3364 -95.45 77.77 12.74
CA ARG G 3364 -96.51 76.81 12.47
C ARG G 3364 -96.06 75.76 11.48
N LEU G 3365 -95.33 76.18 10.43
CA LEU G 3365 -94.78 75.21 9.49
C LEU G 3365 -93.76 74.30 10.14
N ARG G 3366 -92.96 74.85 11.05
CA ARG G 3366 -91.92 74.05 11.71
C ARG G 3366 -92.53 72.95 12.57
N LYS G 3367 -93.56 73.29 13.36
CA LYS G 3367 -94.19 72.28 14.20
C LYS G 3367 -95.00 71.28 13.37
N ARG G 3368 -95.58 71.73 12.25
CA ARG G 3368 -96.25 70.81 11.34
C ARG G 3368 -95.25 69.82 10.76
N ALA G 3369 -94.07 70.30 10.37
CA ALA G 3369 -93.05 69.40 9.85
C ALA G 3369 -92.60 68.39 10.90
N GLY G 3370 -92.42 68.85 12.14
CA GLY G 3370 -92.04 67.94 13.21
C GLY G 3370 -93.13 66.92 13.52
N LYS G 3371 -94.39 67.34 13.41
CA LYS G 3371 -95.48 66.41 13.67
C LYS G 3371 -95.55 65.31 12.62
N VAL G 3372 -95.33 65.64 11.36
CA VAL G 3372 -95.42 64.65 10.29
C VAL G 3372 -94.27 63.66 10.39
N VAL G 3373 -93.05 64.15 10.60
CA VAL G 3373 -91.91 63.25 10.70
C VAL G 3373 -92.01 62.37 11.95
N ALA G 3374 -92.68 62.87 12.99
CA ALA G 3374 -92.96 62.03 14.15
C ALA G 3374 -93.88 60.87 13.77
N GLU G 3375 -94.87 61.13 12.92
CA GLU G 3375 -95.71 60.05 12.41
C GLU G 3375 -94.92 59.12 11.50
N GLU G 3376 -94.01 59.67 10.70
CA GLU G 3376 -93.23 58.84 9.78
C GLU G 3376 -92.34 57.86 10.53
N GLU G 3377 -91.67 58.32 11.59
CA GLU G 3377 -90.82 57.43 12.36
C GLU G 3377 -91.63 56.42 13.16
N GLN G 3378 -92.87 56.77 13.51
CA GLN G 3378 -93.75 55.81 14.18
C GLN G 3378 -94.06 54.63 13.27
N LEU G 3379 -94.24 54.88 11.98
CA LEU G 3379 -94.54 53.81 11.04
C LEU G 3379 -93.37 52.84 10.92
N ARG G 3380 -92.14 53.37 10.84
CA ARG G 3380 -90.99 52.52 10.54
C ARG G 3380 -90.57 51.68 11.75
N LEU G 3381 -90.84 52.14 12.97
CA LEU G 3381 -90.41 51.39 14.14
C LEU G 3381 -91.20 50.09 14.29
N GLU G 3382 -92.43 50.05 13.77
CA GLU G 3382 -93.25 48.85 13.78
C GLU G 3382 -93.50 48.46 12.32
N ALA G 3383 -92.58 47.66 11.77
CA ALA G 3383 -92.72 47.20 10.40
C ALA G 3383 -93.91 46.26 10.28
N LYS G 3384 -94.74 46.50 9.27
CA LYS G 3384 -95.96 45.72 9.09
C LYS G 3384 -96.41 45.85 7.65
N ALA G 3385 -97.24 44.88 7.23
CA ALA G 3385 -97.88 45.00 5.92
C ALA G 3385 -98.90 46.13 5.88
N GLU G 3386 -99.37 46.58 7.04
CA GLU G 3386 -100.26 47.72 7.13
C GLU G 3386 -99.53 49.05 7.06
N ALA G 3387 -98.20 49.05 7.22
CA ALA G 3387 -97.44 50.29 7.16
C ALA G 3387 -97.59 50.98 5.81
N GLU G 3388 -97.80 50.21 4.74
CA GLU G 3388 -98.08 50.81 3.44
C GLU G 3388 -99.38 51.61 3.49
N GLU G 3389 -100.40 51.07 4.14
CA GLU G 3389 -101.65 51.79 4.35
C GLU G 3389 -101.42 52.76 5.51
N GLY G 3390 -100.94 53.95 5.17
CA GLY G 3390 -100.49 54.90 6.17
C GLY G 3390 -99.21 55.57 5.70
N GLU G 3391 -98.42 54.84 4.92
CA GLU G 3391 -97.31 55.46 4.21
C GLU G 3391 -97.81 56.46 3.19
N LEU G 3392 -98.93 56.17 2.53
CA LEU G 3392 -99.54 57.14 1.65
C LEU G 3392 -100.09 58.34 2.41
N LEU G 3393 -100.55 58.12 3.65
CA LEU G 3393 -101.08 59.23 4.45
C LEU G 3393 -99.99 60.26 4.74
N VAL G 3394 -98.79 59.81 5.14
CA VAL G 3394 -97.72 60.75 5.42
C VAL G 3394 -97.20 61.38 4.13
N ARG G 3395 -97.29 60.66 3.00
CA ARG G 3395 -96.95 61.27 1.72
C ARG G 3395 -97.90 62.40 1.39
N ASP G 3396 -99.20 62.22 1.66
CA ASP G 3396 -100.15 63.30 1.48
C ASP G 3396 -99.86 64.45 2.43
N GLU G 3397 -99.52 64.14 3.68
CA GLU G 3397 -99.18 65.17 4.65
C GLU G 3397 -97.90 65.91 4.25
N PHE G 3398 -96.93 65.19 3.69
CA PHE G 3398 -95.73 65.86 3.20
C PHE G 3398 -96.03 66.71 1.97
N SER G 3399 -96.91 66.22 1.09
CA SER G 3399 -97.22 66.96 -0.13
C SER G 3399 -97.90 68.28 0.19
N VAL G 3400 -98.87 68.27 1.10
CA VAL G 3400 -99.53 69.52 1.49
C VAL G 3400 -98.56 70.42 2.24
N LEU G 3401 -97.66 69.83 3.03
CA LEU G 3401 -96.66 70.62 3.74
C LEU G 3401 -95.73 71.33 2.75
N CYS G 3402 -95.26 70.61 1.73
CA CYS G 3402 -94.39 71.22 0.74
C CYS G 3402 -95.09 72.33 -0.02
N ARG G 3403 -96.41 72.20 -0.22
CA ARG G 3403 -97.17 73.28 -0.86
C ARG G 3403 -97.15 74.53 0.00
N ASP G 3404 -97.32 74.38 1.32
CA ASP G 3404 -97.31 75.52 2.22
C ASP G 3404 -95.94 76.18 2.26
N LEU G 3405 -94.87 75.37 2.27
CA LEU G 3405 -93.52 75.93 2.30
C LEU G 3405 -93.24 76.75 1.05
N TYR G 3406 -93.65 76.25 -0.12
CA TYR G 3406 -93.42 76.97 -1.36
C TYR G 3406 -94.38 78.14 -1.55
N ALA G 3407 -95.37 78.30 -0.69
CA ALA G 3407 -96.22 79.48 -0.72
C ALA G 3407 -95.69 80.60 0.18
N LEU G 3408 -94.69 80.32 1.01
CA LEU G 3408 -94.13 81.31 1.92
C LEU G 3408 -92.64 81.54 1.72
N TYR G 3409 -91.88 80.50 1.41
CA TYR G 3409 -90.45 80.67 1.22
C TYR G 3409 -90.07 81.66 0.12
N PRO G 3410 -90.69 81.66 -1.07
CA PRO G 3410 -90.33 82.69 -2.05
C PRO G 3410 -90.52 84.11 -1.55
N LEU G 3411 -91.56 84.34 -0.74
CA LEU G 3411 -91.70 85.64 -0.11
C LEU G 3411 -90.65 85.84 0.98
N LEU G 3412 -90.35 84.78 1.74
CA LEU G 3412 -89.36 84.88 2.81
C LEU G 3412 -87.96 85.10 2.24
N ILE G 3413 -87.62 84.42 1.15
CA ILE G 3413 -86.28 84.54 0.58
C ILE G 3413 -86.00 85.97 0.15
N ARG G 3414 -86.97 86.59 -0.53
CA ARG G 3414 -86.79 87.98 -0.95
C ARG G 3414 -86.71 88.92 0.25
N TYR G 3415 -87.51 88.65 1.29
CA TYR G 3415 -87.46 89.47 2.48
C TYR G 3415 -86.11 89.35 3.19
N VAL G 3416 -85.55 88.13 3.23
CA VAL G 3416 -84.26 87.93 3.86
C VAL G 3416 -83.17 88.67 3.12
N ASP G 3417 -83.21 88.65 1.78
CA ASP G 3417 -82.17 89.29 0.99
C ASP G 3417 -82.12 90.80 1.25
N ASN G 3418 -83.28 91.42 1.38
CA ASN G 3418 -83.34 92.87 1.60
C ASN G 3418 -83.07 93.27 3.05
N ASN G 3419 -82.97 92.30 3.96
CA ASN G 3419 -82.76 92.62 5.37
C ASN G 3419 -81.60 91.87 6.01
N ARG G 3420 -80.91 91.00 5.26
CA ARG G 3420 -79.80 90.25 5.85
C ARG G 3420 -78.65 91.18 6.22
N ALA G 3421 -78.42 92.23 5.43
CA ALA G 3421 -77.34 93.16 5.73
C ALA G 3421 -77.56 93.85 7.07
N HIS G 3422 -78.78 94.29 7.33
CA HIS G 3422 -79.07 94.95 8.61
CA HIS G 3422 -79.08 94.94 8.60
C HIS G 3422 -78.91 93.98 9.78
N TRP G 3423 -79.36 92.74 9.61
CA TRP G 3423 -79.24 91.76 10.69
C TRP G 3423 -77.80 91.43 11.00
N LEU G 3424 -76.94 91.35 9.97
CA LEU G 3424 -75.52 91.10 10.21
C LEU G 3424 -74.83 92.33 10.79
N THR G 3425 -75.21 93.52 10.32
CA THR G 3425 -74.61 94.74 10.86
C THR G 3425 -74.96 94.92 12.33
N GLU G 3426 -76.22 94.70 12.68
CA GLU G 3426 -76.68 94.79 14.07
C GLU G 3426 -77.41 93.51 14.42
N PRO G 3427 -76.89 92.70 15.35
CA PRO G 3427 -77.53 91.41 15.66
C PRO G 3427 -78.97 91.59 16.10
N ASN G 3428 -79.83 90.68 15.64
CA ASN G 3428 -81.26 90.74 15.90
C ASN G 3428 -81.70 89.42 16.50
N ALA G 3429 -82.40 89.48 17.64
CA ALA G 3429 -82.90 88.26 18.27
C ALA G 3429 -83.93 87.56 17.39
N ASN G 3430 -84.81 88.33 16.74
CA ASN G 3430 -85.82 87.75 15.87
C ASN G 3430 -85.19 87.06 14.67
N ALA G 3431 -84.16 87.68 14.08
CA ALA G 3431 -83.49 87.06 12.95
C ALA G 3431 -82.82 85.75 13.34
N GLU G 3432 -82.22 85.70 14.53
CA GLU G 3432 -81.63 84.46 15.01
C GLU G 3432 -82.71 83.40 15.24
N GLU G 3433 -83.87 83.80 15.75
CA GLU G 3433 -84.95 82.85 15.94
C GLU G 3433 -85.44 82.28 14.62
N LEU G 3434 -85.51 83.14 13.59
CA LEU G 3434 -85.92 82.65 12.27
C LEU G 3434 -84.92 81.64 11.72
N PHE G 3435 -83.63 81.81 12.03
CA PHE G 3435 -82.63 80.85 11.58
C PHE G 3435 -82.88 79.47 12.16
N ARG G 3436 -83.26 79.41 13.45
CA ARG G 3436 -83.54 78.13 14.06
C ARG G 3436 -84.74 77.45 13.41
N MET G 3437 -85.77 78.23 13.06
CA MET G 3437 -86.96 77.67 12.44
C MET G 3437 -86.64 77.09 11.05
N VAL G 3438 -85.95 77.87 10.22
CA VAL G 3438 -85.60 77.36 8.89
C VAL G 3438 -84.55 76.26 9.00
N GLY G 3439 -83.69 76.32 10.01
CA GLY G 3439 -82.71 75.26 10.19
C GLY G 3439 -83.34 73.93 10.56
N GLU G 3440 -84.32 73.96 11.47
CA GLU G 3440 -84.97 72.72 11.89
C GLU G 3440 -85.80 72.12 10.76
N ILE G 3441 -86.42 72.97 9.94
CA ILE G 3441 -87.13 72.47 8.76
C ILE G 3441 -86.18 71.80 7.80
N PHE G 3442 -85.00 72.39 7.60
CA PHE G 3442 -83.99 71.79 6.74
C PHE G 3442 -83.52 70.44 7.30
N ILE G 3443 -83.33 70.37 8.62
CA ILE G 3443 -82.92 69.11 9.24
C ILE G 3443 -83.99 68.05 9.04
N TYR G 3444 -85.27 68.43 9.22
CA TYR G 3444 -86.35 67.50 8.94
C TYR G 3444 -86.34 67.06 7.48
N TRP G 3445 -86.11 68.01 6.57
CA TRP G 3445 -86.06 67.68 5.15
C TRP G 3445 -84.90 66.74 4.83
N SER G 3446 -83.74 66.98 5.45
CA SER G 3446 -82.57 66.15 5.17
C SER G 3446 -82.74 64.75 5.75
N LYS G 3447 -83.31 64.63 6.94
CA LYS G 3447 -83.47 63.32 7.56
C LYS G 3447 -84.56 62.50 6.88
N SER G 3448 -85.71 63.11 6.59
CA SER G 3448 -86.84 62.37 6.06
C SER G 3448 -86.66 62.08 4.57
N HIS G 3449 -86.83 60.82 4.20
CA HIS G 3449 -86.75 60.44 2.79
C HIS G 3449 -87.98 60.86 2.01
N ASN G 3450 -89.16 60.75 2.63
CA ASN G 3450 -90.38 61.15 1.94
C ASN G 3450 -90.44 62.65 1.72
N PHE G 3451 -89.87 63.43 2.63
CA PHE G 3451 -89.87 64.88 2.50
C PHE G 3451 -89.19 65.31 1.21
N LYS G 3452 -88.02 64.71 0.92
CA LYS G 3452 -87.34 65.02 -0.33
C LYS G 3452 -88.15 64.58 -1.54
N ARG G 3453 -88.77 63.39 -1.45
CA ARG G 3453 -89.54 62.88 -2.57
C ARG G 3453 -90.76 63.74 -2.85
N GLU G 3454 -91.51 64.10 -1.82
CA GLU G 3454 -92.71 64.92 -2.02
C GLU G 3454 -92.37 66.31 -2.54
N GLU G 3455 -91.29 66.90 -2.03
CA GLU G 3455 -90.88 68.22 -2.53
C GLU G 3455 -90.52 68.16 -4.00
N GLN G 3456 -89.77 67.12 -4.41
CA GLN G 3456 -89.43 66.97 -5.82
C GLN G 3456 -90.67 66.76 -6.67
N ASN G 3457 -91.61 65.94 -6.19
CA ASN G 3457 -92.85 65.74 -6.93
C ASN G 3457 -93.65 67.03 -7.05
N PHE G 3458 -93.70 67.82 -5.97
CA PHE G 3458 -94.47 69.05 -6.00
C PHE G 3458 -93.94 70.03 -7.03
N VAL G 3459 -92.61 70.16 -7.13
CA VAL G 3459 -92.01 71.12 -8.04
C VAL G 3459 -92.27 70.73 -9.49
N VAL G 3460 -92.04 69.44 -9.81
CA VAL G 3460 -92.15 69.02 -11.21
C VAL G 3460 -93.60 68.99 -11.65
N GLN G 3461 -94.52 68.57 -10.79
CA GLN G 3461 -95.92 68.45 -11.19
C GLN G 3461 -96.58 69.82 -11.30
N ASN G 3462 -96.16 70.79 -10.48
CA ASN G 3462 -96.71 72.13 -10.53
C ASN G 3462 -95.88 73.08 -11.38
N GLU G 3463 -94.82 72.57 -12.03
CA GLU G 3463 -93.95 73.37 -12.90
C GLU G 3463 -93.39 74.59 -12.16
N ILE G 3464 -92.99 74.40 -10.91
CA ILE G 3464 -92.36 75.47 -10.15
C ILE G 3464 -90.99 75.75 -10.73
N ASN G 3465 -90.73 77.02 -11.06
CA ASN G 3465 -89.48 77.38 -11.71
C ASN G 3465 -88.28 77.12 -10.80
N ASN G 3466 -88.38 77.56 -9.54
CA ASN G 3466 -87.33 77.39 -8.54
C ASN G 3466 -86.05 78.11 -8.92
N MET G 3467 -86.07 78.82 -10.05
CA MET G 3467 -84.95 79.63 -10.50
C MET G 3467 -85.27 81.12 -10.54
N SER G 3468 -86.50 81.47 -10.95
CA SER G 3468 -86.93 82.86 -10.86
C SER G 3468 -87.06 83.31 -9.41
N PHE G 3469 -87.38 82.38 -8.50
CA PHE G 3469 -87.45 82.71 -7.09
C PHE G 3469 -86.09 83.12 -6.53
N LEU G 3470 -84.99 82.72 -7.17
CA LEU G 3470 -83.66 83.07 -6.72
C LEU G 3470 -82.98 84.13 -7.58
N THR G 3471 -83.49 84.37 -8.79
CA THR G 3471 -82.89 85.35 -9.69
C THR G 3471 -83.77 86.57 -9.92
N ALA G 3472 -84.91 86.68 -9.23
CA ALA G 3472 -85.79 87.82 -9.43
C ALA G 3472 -85.12 89.11 -8.98
N ASP G 3473 -84.37 89.07 -7.87
CA ASP G 3473 -83.67 90.26 -7.40
C ASP G 3473 -82.65 90.73 -8.43
N SER G 3474 -81.93 89.81 -9.05
CA SER G 3474 -80.99 90.18 -10.11
C SER G 3474 -81.72 90.85 -11.27
N LYS G 3475 -82.87 90.29 -11.66
CA LYS G 3475 -83.67 90.92 -12.71
C LYS G 3475 -84.28 92.23 -12.21
N SER G 3476 -84.63 92.30 -10.93
CA SER G 3476 -85.18 93.52 -10.36
C SER G 3476 -84.15 94.66 -10.41
N LYS G 3477 -82.88 94.34 -10.17
CA LYS G 3477 -81.80 95.31 -10.23
C LYS G 3477 -81.38 95.65 -11.65
N MET G 3478 -82.09 95.11 -12.65
CA MET G 3478 -81.80 95.35 -14.07
C MET G 3478 -80.35 94.93 -14.39
N ALA G 3479 -80.11 93.63 -14.23
CA ALA G 3479 -78.81 93.05 -14.52
C ALA G 3479 -78.51 93.08 -16.01
N ARG G 3498 -80.72 74.36 -17.39
CA ARG G 3498 -80.20 73.35 -18.31
C ARG G 3498 -79.96 72.02 -17.60
N ARG G 3499 -79.00 72.01 -16.68
CA ARG G 3499 -78.66 70.81 -15.95
C ARG G 3499 -79.85 70.32 -15.12
N GLY G 3500 -80.28 71.13 -14.15
CA GLY G 3500 -81.38 70.75 -13.28
C GLY G 3500 -82.58 71.67 -13.40
N ASP G 3501 -82.94 72.01 -14.65
CA ASP G 3501 -84.00 72.99 -14.88
C ASP G 3501 -85.33 72.54 -14.28
N ARG G 3502 -85.69 71.27 -14.47
CA ARG G 3502 -86.94 70.77 -13.91
C ARG G 3502 -86.91 70.78 -12.39
N TYR G 3503 -85.84 70.24 -11.81
CA TYR G 3503 -85.66 70.24 -10.36
C TYR G 3503 -84.21 69.91 -10.05
N SER G 3504 -83.67 70.57 -9.04
CA SER G 3504 -82.32 70.28 -8.57
C SER G 3504 -82.26 70.55 -7.08
N VAL G 3505 -81.48 69.73 -6.37
CA VAL G 3505 -81.35 69.89 -4.93
C VAL G 3505 -80.68 71.23 -4.61
N GLN G 3506 -79.80 71.70 -5.49
CA GLN G 3506 -79.12 72.97 -5.25
C GLN G 3506 -80.09 74.13 -5.27
N THR G 3507 -81.08 74.09 -6.16
CA THR G 3507 -82.06 75.17 -6.31
C THR G 3507 -83.30 74.96 -5.48
N SER G 3508 -83.34 73.92 -4.64
CA SER G 3508 -84.48 73.69 -3.76
C SER G 3508 -84.63 74.86 -2.79
N LEU G 3509 -85.86 75.36 -2.66
CA LEU G 3509 -86.09 76.49 -1.78
C LEU G 3509 -85.87 76.14 -0.31
N ILE G 3510 -86.06 74.87 0.05
CA ILE G 3510 -85.84 74.48 1.44
C ILE G 3510 -84.37 74.64 1.82
N VAL G 3511 -83.47 74.31 0.91
CA VAL G 3511 -82.04 74.46 1.20
C VAL G 3511 -81.53 75.84 0.77
N ALA G 3512 -82.17 76.48 -0.20
CA ALA G 3512 -81.75 77.81 -0.61
C ALA G 3512 -82.04 78.84 0.48
N THR G 3513 -83.19 78.72 1.15
CA THR G 3513 -83.51 79.63 2.23
C THR G 3513 -82.53 79.48 3.39
N LEU G 3514 -82.15 78.25 3.71
CA LEU G 3514 -81.20 78.03 4.80
C LEU G 3514 -79.85 78.66 4.49
N LYS G 3515 -79.36 78.48 3.26
CA LYS G 3515 -78.05 79.03 2.90
C LYS G 3515 -78.06 80.55 2.96
N LYS G 3516 -79.19 81.18 2.67
CA LYS G 3516 -79.30 82.62 2.83
C LYS G 3516 -79.42 83.03 4.29
N MET G 3517 -79.96 82.17 5.14
CA MET G 3517 -80.04 82.43 6.57
C MET G 3517 -78.84 81.89 7.33
N LEU G 3518 -77.96 81.15 6.67
CA LEU G 3518 -76.79 80.60 7.34
C LEU G 3518 -75.87 81.66 7.95
N PRO G 3519 -75.54 82.78 7.26
CA PRO G 3519 -74.69 83.79 7.92
C PRO G 3519 -75.28 84.33 9.21
N ILE G 3520 -76.61 84.40 9.32
CA ILE G 3520 -77.22 84.84 10.55
C ILE G 3520 -76.90 83.88 11.69
N GLY G 3521 -76.98 82.57 11.42
CA GLY G 3521 -76.65 81.59 12.43
C GLY G 3521 -75.17 81.60 12.80
N LEU G 3522 -74.30 81.71 11.79
CA LEU G 3522 -72.87 81.78 12.06
C LEU G 3522 -72.49 83.04 12.82
N ASN G 3523 -73.27 84.11 12.65
CA ASN G 3523 -72.99 85.36 13.36
C ASN G 3523 -73.20 85.22 14.86
N MET G 3524 -74.08 84.32 15.30
CA MET G 3524 -74.26 84.10 16.73
C MET G 3524 -73.00 83.55 17.37
N CYS G 3525 -72.36 82.59 16.72
CA CYS G 3525 -71.20 81.92 17.29
C CYS G 3525 -69.98 82.83 17.27
N ALA G 3526 -69.25 82.82 18.38
CA ALA G 3526 -67.99 83.55 18.47
C ALA G 3526 -66.90 82.81 17.72
N PRO G 3527 -65.86 83.51 17.28
CA PRO G 3527 -64.74 82.83 16.60
C PRO G 3527 -64.07 81.77 17.46
N THR G 3528 -64.11 81.91 18.78
CA THR G 3528 -63.54 80.89 19.66
C THR G 3528 -64.33 79.59 19.62
N ASP G 3529 -65.55 79.61 19.08
CA ASP G 3529 -66.39 78.43 19.03
C ASP G 3529 -66.14 77.57 17.79
N GLN G 3530 -65.20 77.94 16.94
CA GLN G 3530 -64.94 77.17 15.73
C GLN G 3530 -64.47 75.76 16.07
N ASP G 3531 -63.62 75.62 17.08
CA ASP G 3531 -63.16 74.30 17.49
C ASP G 3531 -64.32 73.46 18.02
N LEU G 3532 -65.22 74.08 18.80
CA LEU G 3532 -66.37 73.35 19.32
C LEU G 3532 -67.29 72.89 18.20
N ILE G 3533 -67.44 73.72 17.16
CA ILE G 3533 -68.30 73.35 16.04
C ILE G 3533 -67.76 72.11 15.35
N MET G 3534 -66.45 72.05 15.13
CA MET G 3534 -65.85 70.88 14.49
C MET G 3534 -66.05 69.62 15.33
N LEU G 3535 -65.90 69.74 16.64
CA LEU G 3535 -66.13 68.59 17.52
C LEU G 3535 -67.56 68.12 17.44
N ALA G 3536 -68.51 69.07 17.45
CA ALA G 3536 -69.93 68.70 17.40
C ALA G 3536 -70.29 68.06 16.07
N LYS G 3537 -69.70 68.55 14.98
CA LYS G 3537 -69.99 67.97 13.67
C LYS G 3537 -69.53 66.52 13.59
N THR G 3538 -68.43 66.18 14.24
CA THR G 3538 -67.99 64.79 14.29
C THR G 3538 -68.98 63.91 15.04
N ARG G 3539 -69.56 64.41 16.12
CA ARG G 3539 -70.56 63.64 16.85
C ARG G 3539 -71.81 63.42 16.01
N TYR G 3540 -72.22 64.42 15.23
CA TYR G 3540 -73.35 64.22 14.32
C TYR G 3540 -73.03 63.21 13.25
N ALA G 3541 -71.77 63.14 12.81
CA ALA G 3541 -71.37 62.09 11.87
C ALA G 3541 -71.48 60.71 12.50
N LEU G 3542 -71.45 60.63 13.82
CA LEU G 3542 -71.59 59.38 14.54
C LEU G 3542 -73.04 59.13 14.98
N LYS G 3543 -74.01 59.81 14.37
CA LYS G 3543 -75.42 59.58 14.60
C LYS G 3543 -75.79 59.76 16.07
N ASP G 3544 -75.61 60.99 16.55
CA ASP G 3544 -75.98 61.36 17.91
C ASP G 3544 -77.15 62.33 17.88
N THR G 3545 -78.02 62.20 18.88
CA THR G 3545 -79.17 63.09 18.98
C THR G 3545 -78.75 64.46 19.51
N ASP G 3546 -79.70 65.38 19.55
CA ASP G 3546 -79.42 66.73 20.01
C ASP G 3546 -79.05 66.77 21.49
N GLU G 3547 -79.52 65.79 22.27
CA GLU G 3547 -79.14 65.74 23.68
C GLU G 3547 -77.71 65.24 23.85
N GLU G 3548 -77.31 64.26 23.04
CA GLU G 3548 -75.96 63.70 23.16
C GLU G 3548 -74.89 64.73 22.83
N VAL G 3549 -75.12 65.55 21.80
CA VAL G 3549 -74.12 66.56 21.44
C VAL G 3549 -74.05 67.65 22.51
N ARG G 3550 -75.19 68.01 23.10
CA ARG G 3550 -75.19 69.05 24.13
C ARG G 3550 -74.38 68.63 25.34
N GLU G 3551 -74.57 67.40 25.82
CA GLU G 3551 -73.79 66.93 26.97
C GLU G 3551 -72.34 66.73 26.59
N PHE G 3552 -72.07 66.36 25.34
CA PHE G 3552 -70.69 66.28 24.87
C PHE G 3552 -70.03 67.65 24.89
N LEU G 3553 -70.76 68.68 24.48
CA LEU G 3553 -70.21 70.03 24.53
C LEU G 3553 -70.09 70.54 25.95
N GLN G 3554 -70.98 70.11 26.85
CA GLN G 3554 -70.90 70.55 28.24
C GLN G 3554 -69.60 70.09 28.88
N ASN G 3555 -69.19 68.85 28.63
CA ASN G 3555 -67.96 68.31 29.20
C ASN G 3555 -66.72 68.75 28.42
N ASN G 3556 -66.89 69.40 27.28
CA ASN G 3556 -65.77 69.81 26.43
C ASN G 3556 -65.76 71.31 26.20
N LEU G 3557 -66.23 72.09 27.17
CA LEU G 3557 -66.25 73.54 27.02
C LEU G 3557 -64.85 74.16 27.05
N HIS G 3558 -63.85 73.43 27.52
CA HIS G 3558 -62.51 73.96 27.62
C HIS G 3558 -61.71 73.81 26.33
N LEU G 3559 -62.26 73.17 25.30
CA LEU G 3559 -61.56 72.98 24.05
C LEU G 3559 -61.77 74.12 23.06
N GLN G 3560 -62.51 75.15 23.44
CA GLN G 3560 -62.66 76.31 22.58
C GLN G 3560 -61.32 77.02 22.42
N GLY G 3561 -61.11 77.58 21.23
CA GLY G 3561 -59.81 78.14 20.90
C GLY G 3561 -59.45 79.33 21.76
N LYS G 3562 -58.15 79.56 21.88
CA LYS G 3562 -57.59 80.69 22.61
C LYS G 3562 -57.12 81.73 21.62
N VAL G 3563 -57.43 83.00 21.90
CA VAL G 3563 -57.07 84.08 21.00
C VAL G 3563 -55.56 84.24 20.90
N GLU G 3564 -54.84 84.02 22.01
CA GLU G 3564 -53.40 84.21 22.00
C GLU G 3564 -52.70 83.18 21.12
N GLY G 3565 -53.23 81.96 21.07
CA GLY G 3565 -52.59 80.90 20.32
C GLY G 3565 -52.82 80.92 18.82
N SER G 3566 -53.72 81.77 18.34
CA SER G 3566 -54.02 81.83 16.92
C SER G 3566 -54.01 83.27 16.44
N PRO G 3567 -53.33 83.56 15.33
CA PRO G 3567 -53.32 84.93 14.80
C PRO G 3567 -54.63 85.28 14.11
N SER G 3568 -55.29 84.28 13.55
CA SER G 3568 -56.56 84.51 12.88
C SER G 3568 -57.64 84.95 13.87
N LEU G 3569 -57.67 84.34 15.05
CA LEU G 3569 -58.67 84.69 16.04
C LEU G 3569 -58.44 86.07 16.65
N ARG G 3570 -57.23 86.63 16.48
CA ARG G 3570 -56.93 87.94 17.05
C ARG G 3570 -57.85 89.01 16.45
N TRP G 3571 -57.89 89.09 15.12
CA TRP G 3571 -58.71 90.10 14.47
C TRP G 3571 -60.18 89.71 14.40
N GLN G 3572 -60.47 88.41 14.31
CA GLN G 3572 -61.87 87.96 14.29
C GLN G 3572 -62.57 88.29 15.60
N MET G 3573 -61.90 88.03 16.72
CA MET G 3573 -62.49 88.35 18.03
C MET G 3573 -62.66 89.84 18.20
N ALA G 3574 -61.68 90.63 17.76
CA ALA G 3574 -61.82 92.09 17.84
C ALA G 3574 -62.97 92.57 16.98
N LEU G 3575 -63.13 92.00 15.78
CA LEU G 3575 -64.26 92.36 14.94
C LEU G 3575 -65.57 91.83 15.52
N TYR G 3576 -65.55 90.65 16.12
CA TYR G 3576 -66.75 90.08 16.72
C TYR G 3576 -67.23 90.92 17.90
N ARG G 3577 -66.31 91.36 18.76
CA ARG G 3577 -66.68 92.11 19.95
C ARG G 3577 -67.10 93.54 19.65
N GLY G 3578 -66.88 94.02 18.42
CA GLY G 3578 -67.29 95.37 18.07
C GLY G 3578 -68.74 95.54 17.71
N LEU G 3579 -69.51 94.46 17.64
CA LEU G 3579 -70.92 94.57 17.29
C LEU G 3579 -71.69 95.25 18.42
N PRO G 3580 -72.73 96.03 18.09
CA PRO G 3580 -73.45 96.80 19.12
C PRO G 3580 -74.07 95.95 20.21
N GLY G 3581 -74.66 94.81 19.84
CA GLY G 3581 -75.45 94.03 20.77
C GLY G 3581 -74.70 92.90 21.46
N ARG G 3582 -73.37 92.95 21.44
CA ARG G 3582 -72.57 91.89 22.05
C ARG G 3582 -72.36 92.20 23.53
N GLU G 3583 -72.94 91.36 24.39
CA GLU G 3583 -72.73 91.45 25.82
C GLU G 3583 -71.92 90.24 26.30
N GLU G 3584 -70.96 90.50 27.18
CA GLU G 3584 -70.15 89.41 27.74
C GLU G 3584 -70.97 88.45 28.59
N ASP G 3585 -72.13 88.88 29.10
CA ASP G 3585 -72.99 87.99 29.85
C ASP G 3585 -73.64 86.93 28.98
N ALA G 3586 -73.71 87.15 27.66
CA ALA G 3586 -74.28 86.17 26.75
C ALA G 3586 -73.40 84.94 26.57
N ASP G 3587 -72.17 84.97 27.05
CA ASP G 3587 -71.27 83.82 26.95
C ASP G 3587 -71.41 82.89 28.14
N ASP G 3588 -72.65 82.50 28.43
CA ASP G 3588 -72.92 81.53 29.47
C ASP G 3588 -72.63 80.12 28.96
N PRO G 3589 -72.29 79.19 29.86
CA PRO G 3589 -72.04 77.81 29.41
C PRO G 3589 -73.23 77.20 28.68
N GLU G 3590 -74.45 77.52 29.11
CA GLU G 3590 -75.63 77.00 28.42
C GLU G 3590 -75.84 77.70 27.08
N LYS G 3591 -75.64 79.02 27.04
CA LYS G 3591 -75.84 79.75 25.79
C LYS G 3591 -74.84 79.34 24.72
N ILE G 3592 -73.61 79.01 25.12
CA ILE G 3592 -72.60 78.60 24.15
C ILE G 3592 -72.96 77.26 23.54
N VAL G 3593 -73.34 76.28 24.37
CA VAL G 3593 -73.61 74.95 23.85
C VAL G 3593 -74.86 74.93 22.97
N ARG G 3594 -75.84 75.79 23.28
CA ARG G 3594 -77.06 75.81 22.48
C ARG G 3594 -76.76 76.28 21.06
N ARG G 3595 -76.04 77.39 20.92
CA ARG G 3595 -75.79 77.94 19.59
C ARG G 3595 -74.83 77.05 18.79
N VAL G 3596 -73.83 76.48 19.45
CA VAL G 3596 -72.90 75.59 18.75
C VAL G 3596 -73.62 74.35 18.25
N GLN G 3597 -74.49 73.76 19.09
CA GLN G 3597 -75.23 72.58 18.69
C GLN G 3597 -76.16 72.88 17.51
N GLU G 3598 -76.85 74.01 17.56
CA GLU G 3598 -77.79 74.36 16.49
C GLU G 3598 -77.05 74.59 15.18
N VAL G 3599 -75.94 75.31 15.23
CA VAL G 3599 -75.20 75.61 14.00
C VAL G 3599 -74.52 74.35 13.47
N SER G 3600 -73.97 73.53 14.35
CA SER G 3600 -73.27 72.33 13.90
C SER G 3600 -74.21 71.36 13.21
N ALA G 3601 -75.42 71.20 13.74
CA ALA G 3601 -76.40 70.34 13.08
C ALA G 3601 -76.74 70.85 11.69
N VAL G 3602 -76.92 72.16 11.55
CA VAL G 3602 -77.18 72.75 10.24
C VAL G 3602 -75.98 72.56 9.33
N LEU G 3603 -74.77 72.82 9.84
CA LEU G 3603 -73.58 72.68 9.02
C LEU G 3603 -73.34 71.23 8.61
N TYR G 3604 -73.58 70.29 9.52
CA TYR G 3604 -73.36 68.88 9.20
C TYR G 3604 -74.30 68.43 8.09
N HIS G 3605 -75.60 68.69 8.24
CA HIS G 3605 -76.55 68.26 7.23
C HIS G 3605 -76.42 69.04 5.93
N LEU G 3606 -75.85 70.25 5.98
CA LEU G 3606 -75.68 71.03 4.77
C LEU G 3606 -74.66 70.40 3.84
N GLU G 3607 -73.54 69.92 4.39
CA GLU G 3607 -72.52 69.28 3.57
C GLU G 3607 -72.92 67.86 3.14
N GLN G 3608 -73.87 67.25 3.84
CA GLN G 3608 -74.43 65.99 3.35
C GLN G 3608 -75.20 66.20 2.05
N THR G 3609 -75.69 67.42 1.83
CA THR G 3609 -76.50 67.74 0.66
C THR G 3609 -75.64 68.18 -0.52
N GLU G 3610 -74.78 69.18 -0.29
CA GLU G 3610 -73.90 69.67 -1.36
C GLU G 3610 -72.94 68.59 -1.82
N HIS G 3611 -72.39 67.82 -0.87
CA HIS G 3611 -71.51 66.69 -1.17
C HIS G 3611 -72.23 65.42 -0.74
N PRO G 3612 -73.05 64.82 -1.61
CA PRO G 3612 -73.83 63.64 -1.21
C PRO G 3612 -72.98 62.45 -0.81
N TYR G 3613 -71.71 62.41 -1.22
CA TYR G 3613 -70.76 61.34 -0.91
C TYR G 3613 -71.34 59.94 -1.18
N LYS G 3614 -72.38 59.85 -2.00
CA LYS G 3614 -72.93 58.57 -2.42
C LYS G 3614 -72.16 57.96 -3.57
N SER G 3615 -71.17 58.67 -4.10
CA SER G 3615 -70.28 58.09 -5.10
C SER G 3615 -69.40 57.02 -4.48
N LYS G 3616 -68.76 56.23 -5.34
CA LYS G 3616 -67.92 55.09 -4.97
C LYS G 3616 -68.74 53.97 -4.32
N LYS G 3617 -70.06 54.13 -4.22
CA LYS G 3617 -70.97 53.07 -3.80
C LYS G 3617 -71.53 52.32 -5.00
N ALA G 3618 -72.17 53.06 -5.93
CA ALA G 3618 -72.67 52.50 -7.19
C ALA G 3618 -72.16 53.40 -8.32
N VAL G 3619 -70.89 53.22 -8.69
CA VAL G 3619 -70.33 53.91 -9.84
C VAL G 3619 -70.78 53.21 -11.12
N TRP G 3620 -70.56 53.87 -12.26
CA TRP G 3620 -70.85 53.26 -13.55
C TRP G 3620 -70.14 51.92 -13.65
N HIS G 3621 -70.91 50.83 -13.60
CA HIS G 3621 -70.39 49.52 -13.28
C HIS G 3621 -70.48 48.51 -14.41
N LYS G 3622 -71.40 48.71 -15.38
CA LYS G 3622 -71.61 47.79 -16.50
C LYS G 3622 -71.51 46.33 -16.04
N LEU G 3623 -72.38 45.96 -15.09
CA LEU G 3623 -72.34 44.64 -14.49
C LEU G 3623 -72.18 43.55 -15.55
N LEU G 3624 -73.14 43.47 -16.47
CA LEU G 3624 -72.99 42.66 -17.68
C LEU G 3624 -73.71 43.27 -18.87
N SER G 3625 -74.22 44.51 -18.74
CA SER G 3625 -75.19 45.02 -19.69
C SER G 3625 -74.60 45.19 -21.07
N LYS G 3626 -73.40 45.77 -21.15
CA LYS G 3626 -72.86 46.19 -22.45
C LYS G 3626 -72.74 45.03 -23.44
N GLN G 3627 -72.64 43.80 -22.95
CA GLN G 3627 -72.64 42.63 -23.82
C GLN G 3627 -73.88 41.75 -23.66
N ARG G 3628 -74.56 41.82 -22.52
CA ARG G 3628 -75.71 40.99 -22.24
C ARG G 3628 -77.04 41.75 -22.30
N ARG G 3629 -77.03 43.00 -22.77
CA ARG G 3629 -78.28 43.74 -22.89
C ARG G 3629 -79.22 43.08 -23.90
N ARG G 3630 -78.68 42.40 -24.90
CA ARG G 3630 -79.53 41.68 -25.84
C ARG G 3630 -80.24 40.51 -25.18
N ALA G 3631 -79.61 39.89 -24.18
CA ALA G 3631 -80.21 38.75 -23.52
C ALA G 3631 -81.40 39.16 -22.66
N VAL G 3632 -81.24 40.22 -21.86
CA VAL G 3632 -82.33 40.66 -21.00
C VAL G 3632 -83.51 41.17 -21.83
N VAL G 3633 -83.23 41.81 -22.96
CA VAL G 3633 -84.30 42.18 -23.88
C VAL G 3633 -84.96 40.93 -24.45
N ALA G 3634 -84.15 39.92 -24.79
CA ALA G 3634 -84.71 38.68 -25.33
C ALA G 3634 -85.52 37.93 -24.29
N CYS G 3635 -85.22 38.10 -23.01
CA CYS G 3635 -85.95 37.41 -21.96
C CYS G 3635 -87.42 37.84 -21.95
N PHE G 3636 -87.68 39.14 -22.10
CA PHE G 3636 -89.04 39.66 -22.06
C PHE G 3636 -89.82 39.37 -23.34
N ARG G 3637 -89.16 38.89 -24.40
CA ARG G 3637 -89.84 38.51 -25.63
C ARG G 3637 -89.67 37.03 -25.94
N MET G 3638 -89.32 36.23 -24.92
CA MET G 3638 -89.18 34.80 -25.12
C MET G 3638 -90.54 34.16 -25.42
N THR G 3639 -90.54 33.25 -26.37
CA THR G 3639 -91.80 32.62 -26.79
C THR G 3639 -92.26 31.62 -25.74
N PRO G 3640 -93.51 31.69 -25.29
CA PRO G 3640 -94.01 30.68 -24.37
C PRO G 3640 -94.17 29.33 -25.05
N LEU G 3641 -94.17 28.28 -24.24
CA LEU G 3641 -94.19 26.92 -24.79
C LEU G 3641 -95.46 26.63 -25.56
N TYR G 3642 -96.60 27.19 -25.14
CA TYR G 3642 -97.86 26.88 -25.81
C TYR G 3642 -97.97 27.51 -27.19
N ASN G 3643 -97.10 28.44 -27.54
CA ASN G 3643 -97.10 29.03 -28.88
C ASN G 3643 -96.20 28.27 -29.86
N LEU G 3644 -95.44 27.28 -29.39
CA LEU G 3644 -94.59 26.52 -30.27
C LEU G 3644 -95.41 25.52 -31.09
N PRO G 3645 -94.94 25.16 -32.29
CA PRO G 3645 -95.59 24.08 -33.02
C PRO G 3645 -95.43 22.75 -32.28
N THR G 3646 -96.38 21.85 -32.54
CA THR G 3646 -96.41 20.58 -31.81
C THR G 3646 -95.15 19.77 -32.04
N HIS G 3647 -94.68 19.70 -33.29
CA HIS G 3647 -93.50 18.88 -33.58
C HIS G 3647 -92.25 19.43 -32.89
N ARG G 3648 -92.10 20.76 -32.86
CA ARG G 3648 -90.96 21.34 -32.15
C ARG G 3648 -91.04 21.06 -30.66
N ALA G 3649 -92.23 21.17 -30.08
CA ALA G 3649 -92.39 20.91 -28.65
C ALA G 3649 -92.13 19.45 -28.32
N CYS G 3650 -92.54 18.53 -29.21
CA CYS G 3650 -92.30 17.12 -28.98
C CYS G 3650 -90.81 16.80 -28.98
N ASN G 3651 -90.05 17.44 -29.89
CA ASN G 3651 -88.60 17.23 -29.93
C ASN G 3651 -87.95 17.72 -28.64
N MET G 3652 -88.42 18.85 -28.13
CA MET G 3652 -87.90 19.35 -26.85
C MET G 3652 -88.29 18.43 -25.71
N PHE G 3653 -89.50 17.85 -25.76
CA PHE G 3653 -89.92 16.92 -24.72
C PHE G 3653 -89.03 15.69 -24.68
N LEU G 3654 -88.68 15.14 -25.85
CA LEU G 3654 -87.86 13.93 -25.88
C LEU G 3654 -86.49 14.18 -25.27
N GLU G 3655 -85.88 15.33 -25.58
CA GLU G 3655 -84.59 15.65 -24.97
C GLU G 3655 -84.71 15.83 -23.46
N SER G 3656 -85.77 16.51 -23.01
CA SER G 3656 -85.96 16.69 -21.57
C SER G 3656 -86.28 15.38 -20.87
N TYR G 3657 -87.10 14.53 -21.51
CA TYR G 3657 -87.52 13.29 -20.87
C TYR G 3657 -86.36 12.33 -20.68
N LYS G 3658 -85.50 12.20 -21.68
CA LYS G 3658 -84.39 11.26 -21.57
C LYS G 3658 -83.37 11.71 -20.53
N ALA G 3659 -83.14 13.02 -20.41
CA ALA G 3659 -82.15 13.51 -19.46
C ALA G 3659 -82.64 13.44 -18.03
N ALA G 3660 -83.94 13.66 -17.81
CA ALA G 3660 -84.48 13.74 -16.46
C ALA G 3660 -85.14 12.45 -15.99
N TRP G 3661 -85.54 11.57 -16.90
CA TRP G 3661 -86.28 10.36 -16.52
C TRP G 3661 -85.61 9.07 -16.97
N ILE G 3662 -84.97 9.05 -18.13
CA ILE G 3662 -84.32 7.83 -18.61
C ILE G 3662 -82.88 7.75 -18.12
N LEU G 3663 -82.12 8.84 -18.24
CA LEU G 3663 -80.76 8.85 -17.73
C LEU G 3663 -80.73 8.67 -16.23
N THR G 3664 -81.63 9.35 -15.51
CA THR G 3664 -81.67 9.25 -14.06
C THR G 3664 -82.12 7.88 -13.57
N GLU G 3665 -82.74 7.08 -14.43
CA GLU G 3665 -83.19 5.76 -14.01
C GLU G 3665 -82.00 4.86 -13.73
N ASP G 3666 -82.10 4.09 -12.65
CA ASP G 3666 -81.03 3.19 -12.21
C ASP G 3666 -81.48 1.76 -12.48
N HIS G 3667 -80.69 1.04 -13.26
CA HIS G 3667 -80.95 -0.37 -13.56
C HIS G 3667 -79.64 -1.14 -13.45
N SER G 3668 -79.50 -1.92 -12.39
CA SER G 3668 -78.30 -2.71 -12.15
C SER G 3668 -78.51 -4.11 -12.71
N PHE G 3669 -77.86 -4.41 -13.83
CA PHE G 3669 -77.93 -5.72 -14.45
C PHE G 3669 -76.58 -6.39 -14.62
N GLU G 3670 -75.48 -5.71 -14.30
CA GLU G 3670 -74.16 -6.27 -14.51
C GLU G 3670 -73.93 -7.52 -13.65
N ASP G 3671 -74.32 -7.45 -12.37
CA ASP G 3671 -74.15 -8.61 -11.51
C ASP G 3671 -74.98 -9.79 -11.99
N ARG G 3672 -76.22 -9.53 -12.38
CA ARG G 3672 -77.09 -10.61 -12.86
C ARG G 3672 -76.59 -11.20 -14.17
N MET G 3673 -76.09 -10.35 -15.07
CA MET G 3673 -75.64 -10.83 -16.36
C MET G 3673 -74.37 -11.68 -16.23
N ILE G 3674 -73.43 -11.24 -15.41
CA ILE G 3674 -72.20 -11.99 -15.21
C ILE G 3674 -72.49 -13.33 -14.53
N ASP G 3675 -73.42 -13.33 -13.58
CA ASP G 3675 -73.79 -14.58 -12.91
C ASP G 3675 -74.39 -15.57 -13.90
N ASP G 3676 -75.26 -15.09 -14.80
CA ASP G 3676 -75.88 -15.98 -15.77
C ASP G 3676 -74.86 -16.56 -16.74
N LEU G 3677 -73.89 -15.75 -17.17
CA LEU G 3677 -72.90 -16.22 -18.13
C LEU G 3677 -71.83 -17.11 -17.51
N SER G 3678 -71.72 -17.13 -16.18
CA SER G 3678 -70.71 -17.91 -15.50
C SER G 3678 -71.18 -19.31 -15.13
N LYS G 3679 -72.37 -19.71 -15.54
CA LYS G 3679 -72.94 -21.00 -15.18
C LYS G 3679 -72.77 -21.98 -16.34
N ALA G 3680 -72.28 -23.17 -16.03
CA ALA G 3680 -72.24 -24.26 -17.00
C ALA G 3680 -73.60 -24.95 -17.03
N GLY G 3681 -74.12 -25.20 -18.23
CA GLY G 3681 -75.48 -25.66 -18.36
C GLY G 3681 -75.70 -27.16 -18.38
N GLU G 3682 -75.97 -27.72 -17.20
CA GLU G 3682 -76.45 -29.09 -17.00
C GLU G 3682 -75.79 -30.09 -17.96
N GLN G 3683 -74.47 -30.05 -18.00
CA GLN G 3683 -73.69 -31.00 -18.79
C GLN G 3683 -72.95 -32.01 -17.92
N GLU G 3684 -73.29 -32.08 -16.63
CA GLU G 3684 -72.56 -32.92 -15.67
C GLU G 3684 -73.21 -34.28 -15.47
N GLU G 3685 -73.88 -34.82 -16.49
CA GLU G 3685 -74.48 -36.15 -16.42
C GLU G 3685 -73.61 -37.23 -17.06
N GLU G 3686 -72.39 -36.88 -17.48
CA GLU G 3686 -71.49 -37.83 -18.11
C GLU G 3686 -70.18 -38.00 -17.35
N GLU G 3687 -69.62 -36.91 -16.82
CA GLU G 3687 -68.39 -36.88 -16.02
C GLU G 3687 -67.32 -37.82 -16.53
N GLU G 3688 -67.08 -37.80 -17.84
CA GLU G 3688 -66.05 -38.62 -18.49
C GLU G 3688 -64.74 -37.83 -18.55
N GLU G 3689 -63.83 -38.25 -19.44
CA GLU G 3689 -62.54 -37.59 -19.60
C GLU G 3689 -62.69 -36.27 -20.35
N VAL G 3690 -63.91 -35.76 -20.42
CA VAL G 3690 -64.23 -34.48 -21.06
C VAL G 3690 -63.73 -33.33 -20.18
N GLU G 3691 -63.00 -33.67 -19.11
CA GLU G 3691 -62.54 -32.73 -18.09
C GLU G 3691 -61.76 -31.55 -18.67
N GLU G 3692 -61.48 -31.58 -19.97
CA GLU G 3692 -61.01 -30.39 -20.68
C GLU G 3692 -61.88 -29.19 -20.34
N LYS G 3693 -63.19 -29.43 -20.12
CA LYS G 3693 -64.11 -28.42 -19.60
C LYS G 3693 -64.18 -27.19 -20.52
N LYS G 3694 -64.79 -27.43 -21.69
CA LYS G 3694 -65.06 -26.41 -22.69
C LYS G 3694 -65.53 -25.12 -22.04
N PRO G 3695 -65.13 -23.96 -22.55
CA PRO G 3695 -65.39 -22.70 -21.84
C PRO G 3695 -66.87 -22.44 -21.64
N ASP G 3696 -67.19 -21.87 -20.48
CA ASP G 3696 -68.54 -21.42 -20.18
C ASP G 3696 -68.83 -20.15 -20.99
N PRO G 3697 -70.10 -19.74 -21.09
CA PRO G 3697 -70.42 -18.57 -21.93
C PRO G 3697 -69.63 -17.32 -21.58
N LEU G 3698 -69.38 -17.06 -20.29
CA LEU G 3698 -68.54 -15.92 -19.93
C LEU G 3698 -67.12 -16.10 -20.42
N HIS G 3699 -66.59 -17.32 -20.31
CA HIS G 3699 -65.22 -17.58 -20.77
C HIS G 3699 -65.10 -17.40 -22.27
N GLN G 3700 -66.10 -17.85 -23.03
CA GLN G 3700 -66.06 -17.69 -24.48
C GLN G 3700 -66.13 -16.22 -24.88
N LEU G 3701 -66.83 -15.40 -24.11
CA LEU G 3701 -66.89 -13.97 -24.39
C LEU G 3701 -65.50 -13.33 -24.27
N VAL G 3702 -64.76 -13.70 -23.21
CA VAL G 3702 -63.42 -13.14 -23.02
C VAL G 3702 -62.48 -13.62 -24.11
N LEU G 3703 -62.59 -14.89 -24.49
CA LEU G 3703 -61.74 -15.43 -25.55
C LEU G 3703 -62.00 -14.71 -26.88
N HIS G 3704 -63.26 -14.39 -27.15
CA HIS G 3704 -63.59 -13.68 -28.39
C HIS G 3704 -62.93 -12.31 -28.43
N PHE G 3705 -62.99 -11.56 -27.33
CA PHE G 3705 -62.33 -10.26 -27.28
C PHE G 3705 -60.82 -10.40 -27.26
N SER G 3706 -60.31 -11.47 -26.63
CA SER G 3706 -58.89 -11.76 -26.70
C SER G 3706 -58.48 -12.11 -28.13
N ARG G 3707 -59.39 -12.72 -28.89
CA ARG G 3707 -59.08 -13.08 -30.27
C ARG G 3707 -58.89 -11.85 -31.15
N THR G 3708 -59.78 -10.86 -31.03
CA THR G 3708 -59.68 -9.67 -31.85
C THR G 3708 -58.55 -8.74 -31.39
N ALA G 3709 -58.09 -8.88 -30.15
CA ALA G 3709 -56.94 -8.10 -29.69
C ALA G 3709 -55.63 -8.63 -30.25
N LEU G 3710 -55.54 -9.95 -30.43
CA LEU G 3710 -54.33 -10.56 -30.98
C LEU G 3710 -54.28 -10.53 -32.50
N THR G 3711 -55.35 -10.07 -33.16
CA THR G 3711 -55.36 -10.01 -34.61
C THR G 3711 -54.37 -8.98 -35.10
N GLU G 3712 -53.56 -9.35 -36.09
CA GLU G 3712 -52.55 -8.46 -36.65
C GLU G 3712 -53.25 -7.36 -37.43
N LYS G 3713 -53.31 -6.17 -36.86
CA LYS G 3713 -53.94 -5.02 -37.49
C LYS G 3713 -53.09 -3.78 -37.24
N SER G 3714 -53.21 -2.82 -38.16
CA SER G 3714 -52.46 -1.57 -38.01
C SER G 3714 -52.99 -0.74 -36.85
N LYS G 3715 -54.31 -0.67 -36.70
CA LYS G 3715 -54.94 0.14 -35.67
C LYS G 3715 -56.07 -0.64 -35.02
N LEU G 3716 -56.20 -0.49 -33.71
CA LEU G 3716 -57.30 -1.11 -32.96
C LEU G 3716 -58.56 -0.30 -33.21
N ASP G 3717 -59.42 -0.80 -34.09
CA ASP G 3717 -60.64 -0.08 -34.43
C ASP G 3717 -61.60 -0.03 -33.25
N GLU G 3718 -62.43 1.02 -33.23
CA GLU G 3718 -63.37 1.21 -32.13
C GLU G 3718 -64.44 0.13 -32.17
N ASP G 3719 -64.68 -0.50 -31.01
CA ASP G 3719 -65.68 -1.56 -30.88
C ASP G 3719 -66.58 -1.23 -29.71
N TYR G 3720 -67.84 -0.90 -30.00
CA TYR G 3720 -68.78 -0.59 -28.94
C TYR G 3720 -69.14 -1.84 -28.13
N LEU G 3721 -69.13 -3.01 -28.77
CA LEU G 3721 -69.47 -4.24 -28.07
C LEU G 3721 -68.46 -4.54 -26.97
N TYR G 3722 -67.17 -4.39 -27.27
CA TYR G 3722 -66.15 -4.60 -26.24
C TYR G 3722 -66.27 -3.59 -25.13
N MET G 3723 -66.52 -2.32 -25.48
CA MET G 3723 -66.67 -1.28 -24.47
C MET G 3723 -67.85 -1.55 -23.56
N ALA G 3724 -68.97 -2.01 -24.14
CA ALA G 3724 -70.15 -2.31 -23.33
C ALA G 3724 -69.88 -3.45 -22.36
N TYR G 3725 -69.24 -4.52 -22.83
CA TYR G 3725 -68.98 -5.67 -21.96
C TYR G 3725 -67.84 -5.42 -20.99
N ALA G 3726 -66.86 -4.60 -21.37
CA ALA G 3726 -65.79 -4.25 -20.43
C ALA G 3726 -66.36 -3.50 -19.23
N ASP G 3727 -67.29 -2.58 -19.48
CA ASP G 3727 -67.93 -1.88 -18.38
C ASP G 3727 -68.77 -2.83 -17.53
N ILE G 3728 -69.46 -3.78 -18.17
CA ILE G 3728 -70.27 -4.73 -17.42
C ILE G 3728 -69.40 -5.59 -16.52
N MET G 3729 -68.28 -6.09 -17.06
CA MET G 3729 -67.37 -6.89 -16.25
C MET G 3729 -66.74 -6.06 -15.14
N ALA G 3730 -66.37 -4.82 -15.44
CA ALA G 3730 -65.77 -3.95 -14.42
C ALA G 3730 -66.76 -3.62 -13.32
N LYS G 3731 -68.02 -3.34 -13.69
CA LYS G 3731 -69.02 -2.95 -12.70
C LYS G 3731 -69.45 -4.12 -11.82
N SER G 3732 -69.18 -5.35 -12.23
CA SER G 3732 -69.59 -6.52 -11.46
C SER G 3732 -68.55 -6.96 -10.44
N CYS G 3733 -67.40 -6.31 -10.38
CA CYS G 3733 -66.32 -6.76 -9.51
C CYS G 3733 -66.17 -5.93 -8.24
N HIS G 3734 -66.59 -4.67 -8.22
CA HIS G 3734 -66.39 -3.86 -7.02
C HIS G 3734 -67.59 -3.92 -6.08
N LEU G 3735 -68.76 -3.50 -6.55
CA LEU G 3735 -69.98 -3.48 -5.75
C LEU G 3735 -69.77 -2.78 -4.42
N GLU G 3736 -69.05 -1.65 -4.46
CA GLU G 3736 -68.78 -0.87 -3.26
C GLU G 3736 -68.46 0.58 -3.61
N VAL G 3749 -70.06 3.90 11.08
CA VAL G 3749 -68.89 4.18 10.25
C VAL G 3749 -67.68 3.43 10.79
N GLU G 3750 -67.93 2.39 11.57
CA GLU G 3750 -66.87 1.58 12.18
C GLU G 3750 -67.07 0.13 11.73
N VAL G 3751 -66.47 -0.22 10.60
CA VAL G 3751 -66.57 -1.58 10.10
C VAL G 3751 -65.70 -2.50 10.95
N SER G 3752 -66.29 -3.59 11.43
CA SER G 3752 -65.58 -4.49 12.31
C SER G 3752 -64.61 -5.38 11.52
N PHE G 3753 -63.78 -6.11 12.25
CA PHE G 3753 -62.76 -6.95 11.62
C PHE G 3753 -63.40 -8.08 10.81
N GLU G 3754 -64.48 -8.66 11.32
CA GLU G 3754 -65.04 -9.85 10.68
C GLU G 3754 -65.57 -9.53 9.27
N GLU G 3755 -66.41 -8.52 9.15
CA GLU G 3755 -66.98 -8.20 7.84
C GLU G 3755 -65.99 -7.48 6.94
N LYS G 3756 -64.94 -6.87 7.50
CA LYS G 3756 -63.88 -6.29 6.67
C LYS G 3756 -63.22 -7.37 5.82
N GLU G 3757 -62.94 -8.52 6.43
CA GLU G 3757 -62.40 -9.65 5.68
C GLU G 3757 -63.44 -10.22 4.73
N MET G 3758 -64.71 -10.21 5.12
CA MET G 3758 -65.76 -10.72 4.26
C MET G 3758 -65.88 -9.90 2.99
N GLU G 3759 -65.76 -8.58 3.10
CA GLU G 3759 -65.77 -7.73 1.91
C GLU G 3759 -64.59 -8.04 1.01
N LYS G 3760 -63.41 -8.26 1.59
CA LYS G 3760 -62.25 -8.61 0.79
C LYS G 3760 -62.43 -9.94 0.08
N GLN G 3761 -62.95 -10.95 0.79
CA GLN G 3761 -63.18 -12.25 0.16
C GLN G 3761 -64.27 -12.18 -0.89
N ARG G 3762 -65.34 -11.42 -0.63
CA ARG G 3762 -66.38 -11.22 -1.63
C ARG G 3762 -65.82 -10.48 -2.85
N LEU G 3763 -64.95 -9.50 -2.61
CA LEU G 3763 -64.28 -8.81 -3.71
C LEU G 3763 -63.40 -9.78 -4.49
N LEU G 3764 -62.68 -10.66 -3.80
CA LEU G 3764 -61.82 -11.62 -4.48
C LEU G 3764 -62.62 -12.59 -5.34
N TYR G 3765 -63.77 -13.05 -4.83
CA TYR G 3765 -64.58 -13.98 -5.59
C TYR G 3765 -65.10 -13.34 -6.88
N GLN G 3766 -65.56 -12.10 -6.80
CA GLN G 3766 -66.04 -11.41 -8.00
C GLN G 3766 -64.93 -11.21 -9.01
N GLN G 3767 -63.74 -10.87 -8.54
CA GLN G 3767 -62.59 -10.80 -9.42
C GLN G 3767 -62.18 -12.16 -9.94
N SER G 3768 -62.39 -13.21 -9.14
CA SER G 3768 -62.03 -14.55 -9.57
C SER G 3768 -62.87 -15.03 -10.74
N ARG G 3769 -64.11 -14.54 -10.85
CA ARG G 3769 -64.96 -14.94 -11.97
C ARG G 3769 -64.39 -14.47 -13.31
N LEU G 3770 -63.54 -13.45 -13.29
CA LEU G 3770 -62.98 -12.91 -14.52
C LEU G 3770 -61.58 -13.45 -14.81
N HIS G 3771 -60.64 -13.29 -13.88
CA HIS G 3771 -59.26 -13.65 -14.15
C HIS G 3771 -59.06 -15.16 -14.27
N THR G 3772 -60.01 -15.97 -13.83
CA THR G 3772 -59.95 -17.40 -14.10
C THR G 3772 -60.50 -17.76 -15.46
N ARG G 3773 -61.01 -16.78 -16.21
CA ARG G 3773 -61.54 -16.98 -17.55
C ARG G 3773 -60.77 -16.15 -18.57
N GLY G 3774 -59.51 -15.83 -18.28
CA GLY G 3774 -58.65 -15.14 -19.21
C GLY G 3774 -58.84 -13.64 -19.29
N ALA G 3775 -59.56 -13.04 -18.35
CA ALA G 3775 -59.76 -11.60 -18.40
C ALA G 3775 -58.47 -10.83 -18.14
N ALA G 3776 -57.59 -11.35 -17.28
CA ALA G 3776 -56.34 -10.66 -16.98
C ALA G 3776 -55.46 -10.56 -18.22
N GLU G 3777 -55.37 -11.65 -18.98
CA GLU G 3777 -54.58 -11.62 -20.21
C GLU G 3777 -55.21 -10.72 -21.26
N MET G 3778 -56.55 -10.67 -21.30
CA MET G 3778 -57.23 -9.84 -22.29
C MET G 3778 -56.92 -8.36 -22.08
N VAL G 3779 -56.85 -7.93 -20.82
CA VAL G 3779 -56.55 -6.53 -20.54
C VAL G 3779 -55.18 -6.15 -21.10
N LEU G 3780 -54.18 -7.01 -20.88
CA LEU G 3780 -52.85 -6.73 -21.39
C LEU G 3780 -52.83 -6.71 -22.91
N GLN G 3781 -53.55 -7.65 -23.55
CA GLN G 3781 -53.59 -7.69 -25.00
C GLN G 3781 -54.25 -6.44 -25.59
N MET G 3782 -55.34 -5.98 -24.98
CA MET G 3782 -56.01 -4.79 -25.46
C MET G 3782 -55.13 -3.55 -25.31
N ILE G 3783 -54.41 -3.45 -24.20
CA ILE G 3783 -53.49 -2.33 -24.01
C ILE G 3783 -52.39 -2.38 -25.06
N SER G 3784 -51.84 -3.57 -25.32
CA SER G 3784 -50.83 -3.70 -26.37
C SER G 3784 -51.40 -3.45 -27.75
N ALA G 3785 -52.70 -3.72 -27.94
CA ALA G 3785 -53.30 -3.56 -29.25
C ALA G 3785 -53.52 -2.09 -29.61
N CYS G 3786 -53.82 -1.25 -28.62
CA CYS G 3786 -54.08 0.16 -28.90
C CYS G 3786 -52.83 0.89 -29.38
N LYS G 3787 -51.65 0.36 -29.08
CA LYS G 3787 -50.38 0.93 -29.55
C LYS G 3787 -50.18 2.37 -29.09
N GLY G 3788 -50.69 2.70 -27.90
CA GLY G 3788 -50.49 4.03 -27.36
C GLY G 3788 -51.43 5.09 -27.88
N GLU G 3789 -52.55 4.71 -28.47
CA GLU G 3789 -53.54 5.67 -28.95
C GLU G 3789 -54.64 5.80 -27.91
N THR G 3790 -54.84 7.02 -27.42
CA THR G 3790 -55.89 7.27 -26.43
C THR G 3790 -57.26 7.16 -27.08
N GLY G 3791 -58.24 6.81 -26.26
CA GLY G 3791 -59.60 6.66 -26.75
C GLY G 3791 -60.45 5.93 -25.74
N ALA G 3792 -61.69 5.65 -26.17
CA ALA G 3792 -62.62 4.94 -25.30
C ALA G 3792 -62.24 3.48 -25.13
N MET G 3793 -61.58 2.89 -26.12
CA MET G 3793 -61.19 1.49 -26.03
C MET G 3793 -60.16 1.27 -24.92
N VAL G 3794 -59.10 2.09 -24.91
CA VAL G 3794 -58.07 1.93 -23.90
C VAL G 3794 -58.58 2.32 -22.52
N SER G 3795 -59.43 3.35 -22.44
CA SER G 3795 -59.96 3.76 -21.15
C SER G 3795 -60.84 2.67 -20.54
N SER G 3796 -61.66 2.02 -21.36
CA SER G 3796 -62.47 0.92 -20.85
C SER G 3796 -61.60 -0.24 -20.40
N THR G 3797 -60.52 -0.52 -21.14
CA THR G 3797 -59.62 -1.60 -20.76
C THR G 3797 -58.93 -1.30 -19.43
N LEU G 3798 -58.49 -0.06 -19.23
CA LEU G 3798 -57.82 0.29 -17.98
C LEU G 3798 -58.77 0.19 -16.79
N LYS G 3799 -60.01 0.62 -16.95
CA LYS G 3799 -60.98 0.51 -15.87
C LYS G 3799 -61.24 -0.94 -15.51
N LEU G 3800 -61.34 -1.81 -16.52
CA LEU G 3800 -61.51 -3.23 -16.26
C LEU G 3800 -60.30 -3.82 -15.53
N GLY G 3801 -59.10 -3.43 -15.96
CA GLY G 3801 -57.90 -3.91 -15.28
C GLY G 3801 -57.84 -3.46 -13.85
N ILE G 3802 -58.24 -2.23 -13.56
CA ILE G 3802 -58.29 -1.74 -12.20
C ILE G 3802 -59.33 -2.51 -11.39
N SER G 3803 -60.46 -2.83 -12.02
CA SER G 3803 -61.54 -3.51 -11.31
C SER G 3803 -61.11 -4.88 -10.79
N ILE G 3804 -60.34 -5.62 -11.60
CA ILE G 3804 -59.87 -6.94 -11.20
C ILE G 3804 -58.58 -6.87 -10.38
N LEU G 3805 -57.96 -5.69 -10.25
CA LEU G 3805 -56.74 -5.53 -9.48
C LEU G 3805 -56.94 -4.76 -8.19
N ASN G 3806 -58.17 -4.34 -7.88
CA ASN G 3806 -58.40 -3.59 -6.66
C ASN G 3806 -58.07 -4.42 -5.44
N GLY G 3807 -57.47 -3.78 -4.42
CA GLY G 3807 -57.04 -4.47 -3.23
C GLY G 3807 -55.73 -5.20 -3.35
N GLY G 3808 -55.04 -5.09 -4.49
CA GLY G 3808 -53.79 -5.78 -4.68
C GLY G 3808 -53.97 -7.28 -4.83
N ASN G 3809 -54.75 -7.69 -5.83
CA ASN G 3809 -55.00 -9.11 -6.07
C ASN G 3809 -53.72 -9.78 -6.54
N ALA G 3810 -53.09 -10.55 -5.66
CA ALA G 3810 -51.83 -11.20 -6.00
C ALA G 3810 -52.00 -12.22 -7.12
N GLU G 3811 -53.14 -12.92 -7.13
CA GLU G 3811 -53.36 -13.94 -8.15
C GLU G 3811 -53.45 -13.32 -9.54
N VAL G 3812 -54.12 -12.18 -9.66
CA VAL G 3812 -54.20 -11.50 -10.96
C VAL G 3812 -52.84 -10.95 -11.34
N GLN G 3813 -52.09 -10.42 -10.38
CA GLN G 3813 -50.75 -9.90 -10.67
C GLN G 3813 -49.84 -11.00 -11.18
N GLN G 3814 -49.92 -12.19 -10.58
CA GLN G 3814 -49.09 -13.29 -11.04
C GLN G 3814 -49.45 -13.70 -12.47
N LYS G 3815 -50.75 -13.77 -12.78
CA LYS G 3815 -51.16 -14.14 -14.13
C LYS G 3815 -50.72 -13.10 -15.15
N MET G 3816 -50.85 -11.81 -14.82
CA MET G 3816 -50.41 -10.77 -15.73
C MET G 3816 -48.90 -10.81 -15.92
N LEU G 3817 -48.15 -11.00 -14.83
CA LEU G 3817 -46.69 -11.04 -14.93
C LEU G 3817 -46.23 -12.26 -15.72
N ASP G 3818 -46.86 -13.41 -15.49
CA ASP G 3818 -46.49 -14.61 -16.23
C ASP G 3818 -46.74 -14.45 -17.71
N TYR G 3819 -47.88 -13.88 -18.08
CA TYR G 3819 -48.22 -13.73 -19.50
C TYR G 3819 -47.23 -12.82 -20.21
N LEU G 3820 -46.84 -11.71 -19.56
CA LEU G 3820 -45.89 -10.81 -20.18
C LEU G 3820 -44.53 -11.46 -20.37
N LYS G 3821 -44.10 -12.28 -19.41
CA LYS G 3821 -42.77 -12.85 -19.47
C LYS G 3821 -42.67 -13.97 -20.50
N ASP G 3822 -43.73 -14.75 -20.70
CA ASP G 3822 -43.66 -15.82 -21.69
C ASP G 3822 -43.78 -15.29 -23.11
N LYS G 3823 -44.61 -14.26 -23.33
CA LYS G 3823 -44.76 -13.70 -24.66
C LYS G 3823 -43.54 -12.89 -25.08
N LYS G 3824 -42.91 -12.20 -24.12
CA LYS G 3824 -41.72 -11.37 -24.39
C LYS G 3824 -41.99 -10.32 -25.46
N GLU G 3825 -43.19 -9.75 -25.47
CA GLU G 3825 -43.54 -8.73 -26.44
C GLU G 3825 -43.21 -7.35 -25.88
N VAL G 3826 -42.76 -6.46 -26.77
CA VAL G 3826 -42.44 -5.10 -26.36
C VAL G 3826 -43.59 -4.14 -26.58
N GLY G 3827 -44.68 -4.59 -27.22
CA GLY G 3827 -45.78 -3.70 -27.51
C GLY G 3827 -46.50 -3.19 -26.28
N PHE G 3828 -46.56 -4.00 -25.21
CA PHE G 3828 -47.30 -3.60 -24.02
C PHE G 3828 -46.69 -2.36 -23.38
N PHE G 3829 -45.38 -2.38 -23.15
CA PHE G 3829 -44.73 -1.24 -22.51
C PHE G 3829 -44.54 -0.08 -23.47
N GLN G 3830 -44.39 -0.35 -24.76
CA GLN G 3830 -44.37 0.73 -25.75
C GLN G 3830 -45.71 1.47 -25.76
N SER G 3831 -46.81 0.72 -25.67
CA SER G 3831 -48.12 1.36 -25.59
C SER G 3831 -48.27 2.15 -24.30
N ILE G 3832 -47.81 1.60 -23.18
CA ILE G 3832 -47.91 2.30 -21.90
C ILE G 3832 -47.10 3.59 -21.94
N GLN G 3833 -45.88 3.51 -22.46
CA GLN G 3833 -45.04 4.70 -22.52
C GLN G 3833 -45.65 5.77 -23.42
N ALA G 3834 -46.21 5.37 -24.56
CA ALA G 3834 -46.84 6.33 -25.46
C ALA G 3834 -48.05 6.98 -24.80
N LEU G 3835 -48.85 6.22 -24.07
CA LEU G 3835 -50.01 6.77 -23.41
C LEU G 3835 -49.61 7.81 -22.36
N MET G 3836 -48.56 7.52 -21.60
CA MET G 3836 -48.10 8.45 -20.58
C MET G 3836 -47.55 9.74 -21.17
N GLN G 3837 -46.96 9.69 -22.37
CA GLN G 3837 -46.47 10.89 -23.02
C GLN G 3837 -47.59 11.75 -23.59
N THR G 3838 -48.77 11.17 -23.81
CA THR G 3838 -49.92 11.92 -24.31
C THR G 3838 -50.80 12.47 -23.19
N CYS G 3839 -50.50 12.16 -21.94
CA CYS G 3839 -51.27 12.69 -20.82
C CYS G 3839 -51.08 14.19 -20.74
N SER G 3840 -52.17 14.92 -20.54
CA SER G 3840 -52.15 16.37 -20.54
C SER G 3840 -51.88 16.91 -19.14
N VAL G 3841 -51.32 18.11 -19.10
CA VAL G 3841 -51.08 18.82 -17.85
C VAL G 3841 -51.80 20.16 -17.91
N LEU G 3842 -51.65 20.98 -16.88
CA LEU G 3842 -52.29 22.29 -16.87
C LEU G 3842 -51.71 23.17 -17.98
N ASP G 3843 -52.57 23.65 -18.86
CA ASP G 3843 -52.17 24.53 -19.95
C ASP G 3843 -52.80 25.90 -19.73
N LEU G 3844 -51.96 26.91 -19.53
CA LEU G 3844 -52.47 28.26 -19.30
C LEU G 3844 -53.09 28.85 -20.55
N ASN G 3845 -52.53 28.54 -21.72
CA ASN G 3845 -53.12 29.04 -22.97
C ASN G 3845 -54.53 28.51 -23.15
N ALA G 3846 -54.75 27.23 -22.88
CA ALA G 3846 -56.10 26.69 -22.92
C ALA G 3846 -56.97 27.31 -21.85
N PHE G 3847 -56.42 27.54 -20.67
CA PHE G 3847 -57.19 28.15 -19.58
C PHE G 3847 -57.60 29.58 -19.92
N GLU G 3848 -56.67 30.34 -20.52
CA GLU G 3848 -57.00 31.72 -20.88
C GLU G 3848 -58.10 31.77 -21.94
N ARG G 3849 -58.06 30.84 -22.90
CA ARG G 3849 -59.10 30.80 -23.93
C ARG G 3849 -60.47 30.51 -23.33
N GLN G 3850 -60.52 29.59 -22.37
CA GLN G 3850 -61.80 29.23 -21.77
C GLN G 3850 -62.42 30.41 -21.00
N ASN G 3851 -61.58 31.19 -20.32
CA ASN G 3851 -62.08 32.33 -19.55
C ASN G 3851 -62.74 33.35 -20.46
N LYS G 3852 -62.14 33.61 -21.62
CA LYS G 3852 -62.79 34.50 -22.58
C LYS G 3852 -64.04 33.86 -23.17
N ALA G 3853 -64.00 32.55 -23.43
CA ALA G 3853 -65.14 31.87 -24.02
C ALA G 3853 -66.35 31.93 -23.10
N GLU G 3854 -66.15 31.70 -21.80
CA GLU G 3854 -67.26 31.74 -20.86
C GLU G 3854 -67.76 33.16 -20.62
N GLY G 3855 -66.95 34.17 -20.94
CA GLY G 3855 -67.37 35.55 -20.81
C GLY G 3855 -68.23 36.06 -21.95
N LEU G 3856 -68.28 35.35 -23.08
CA LEU G 3856 -69.10 35.77 -24.19
C LEU G 3856 -70.58 35.52 -23.91
N GLY G 3857 -70.91 34.36 -23.35
CA GLY G 3857 -72.29 34.01 -23.10
C GLY G 3857 -73.05 33.65 -24.36
N MET G 3858 -72.65 32.55 -25.00
CA MET G 3858 -73.26 32.13 -26.25
C MET G 3858 -74.60 31.45 -26.01
N VAL G 3859 -75.43 31.44 -27.08
CA VAL G 3859 -76.74 30.80 -27.07
C VAL G 3859 -76.91 30.06 -28.39
N ASN G 3860 -77.91 29.19 -28.44
CA ASN G 3860 -78.21 28.44 -29.65
C ASN G 3860 -79.36 29.09 -30.41
N GLU G 3861 -79.66 28.53 -31.59
CA GLU G 3861 -80.70 29.08 -32.44
C GLU G 3861 -82.09 28.63 -31.98
N ASP G 3862 -82.33 27.32 -31.95
CA ASP G 3862 -83.62 26.78 -31.56
C ASP G 3862 -83.81 26.90 -30.04
N GLY G 3863 -84.31 28.05 -29.60
CA GLY G 3863 -84.42 28.32 -28.18
C GLY G 3863 -83.25 29.15 -27.68
N THR G 3864 -82.76 28.82 -26.49
CA THR G 3864 -81.62 29.54 -25.91
C THR G 3864 -80.99 28.67 -24.84
N VAL G 3865 -79.71 28.35 -25.01
CA VAL G 3865 -78.97 27.56 -24.03
C VAL G 3865 -78.30 28.52 -23.06
N ILE G 3866 -78.32 28.16 -21.77
CA ILE G 3866 -77.80 29.00 -20.71
C ILE G 3866 -76.36 28.57 -20.46
N ASN G 3867 -75.43 29.18 -21.19
CA ASN G 3867 -73.99 28.97 -21.00
C ASN G 3867 -73.64 27.49 -21.11
N ARG G 3868 -73.82 26.97 -22.33
CA ARG G 3868 -73.56 25.57 -22.64
C ARG G 3868 -72.24 25.09 -22.05
N GLN G 3869 -72.26 23.88 -21.51
CA GLN G 3869 -71.15 23.34 -20.73
C GLN G 3869 -70.33 22.33 -21.53
N ASN G 3870 -70.05 22.62 -22.80
CA ASN G 3870 -69.26 21.75 -23.66
C ASN G 3870 -67.93 21.37 -23.02
N GLY G 3871 -67.34 20.27 -23.48
CA GLY G 3871 -66.17 19.65 -22.87
C GLY G 3871 -65.07 20.58 -22.40
N GLU G 3872 -64.61 20.37 -21.18
CA GLU G 3872 -63.49 21.13 -20.63
C GLU G 3872 -62.22 20.84 -21.43
N LYS G 3873 -61.46 21.89 -21.73
CA LYS G 3873 -60.24 21.77 -22.51
C LYS G 3873 -58.98 21.94 -21.68
N VAL G 3874 -59.10 22.01 -20.36
CA VAL G 3874 -57.95 22.07 -19.47
C VAL G 3874 -57.91 20.76 -18.69
N MET G 3875 -56.91 19.93 -18.99
CA MET G 3875 -56.80 18.58 -18.43
C MET G 3875 -58.09 17.79 -18.64
N ALA G 3876 -58.46 17.68 -19.91
CA ALA G 3876 -59.68 16.98 -20.28
C ALA G 3876 -59.61 15.50 -19.93
N ASP G 3877 -58.44 14.89 -20.09
CA ASP G 3877 -58.24 13.47 -19.82
C ASP G 3877 -57.68 13.21 -18.42
N ASP G 3878 -58.05 14.05 -17.45
CA ASP G 3878 -57.54 13.87 -16.10
C ASP G 3878 -58.01 12.54 -15.52
N GLU G 3879 -59.26 12.15 -15.80
CA GLU G 3879 -59.74 10.85 -15.33
C GLU G 3879 -58.96 9.71 -15.98
N PHE G 3880 -58.61 9.85 -17.26
CA PHE G 3880 -57.81 8.83 -17.92
C PHE G 3880 -56.41 8.76 -17.33
N THR G 3881 -55.82 9.92 -17.02
CA THR G 3881 -54.48 9.92 -16.43
C THR G 3881 -54.48 9.24 -15.06
N GLN G 3882 -55.52 9.47 -14.26
CA GLN G 3882 -55.57 8.87 -12.94
C GLN G 3882 -55.66 7.36 -13.02
N ASP G 3883 -56.51 6.83 -13.90
CA ASP G 3883 -56.66 5.38 -13.99
C ASP G 3883 -55.44 4.73 -14.64
N LEU G 3884 -54.74 5.45 -15.52
CA LEU G 3884 -53.52 4.91 -16.10
C LEU G 3884 -52.46 4.68 -15.04
N PHE G 3885 -52.29 5.63 -14.12
CA PHE G 3885 -51.34 5.45 -13.03
C PHE G 3885 -51.91 4.60 -11.90
N ARG G 3886 -53.23 4.58 -11.74
CA ARG G 3886 -53.84 3.65 -10.79
C ARG G 3886 -53.60 2.22 -11.22
N PHE G 3887 -53.71 1.95 -12.52
CA PHE G 3887 -53.44 0.60 -13.03
C PHE G 3887 -51.99 0.19 -12.77
N LEU G 3888 -51.05 1.10 -13.00
CA LEU G 3888 -49.65 0.80 -12.74
C LEU G 3888 -49.39 0.60 -11.25
N GLN G 3889 -50.06 1.38 -10.40
CA GLN G 3889 -49.92 1.20 -8.97
C GLN G 3889 -50.41 -0.17 -8.53
N LEU G 3890 -51.55 -0.61 -9.07
CA LEU G 3890 -52.11 -1.91 -8.69
C LEU G 3890 -51.24 -3.07 -9.14
N LEU G 3891 -50.42 -2.88 -10.18
CA LEU G 3891 -49.49 -3.92 -10.58
C LEU G 3891 -48.41 -4.16 -9.52
N CYS G 3892 -48.10 -3.15 -8.72
CA CYS G 3892 -47.10 -3.27 -7.65
C CYS G 3892 -47.73 -3.29 -6.26
N GLU G 3893 -49.05 -3.25 -6.16
CA GLU G 3893 -49.71 -3.24 -4.86
C GLU G 3893 -49.41 -4.52 -4.11
N GLY G 3894 -49.28 -4.39 -2.79
CA GLY G 3894 -48.88 -5.52 -1.97
C GLY G 3894 -47.40 -5.81 -1.96
N HIS G 3895 -46.58 -4.87 -2.42
CA HIS G 3895 -45.12 -5.02 -2.47
C HIS G 3895 -44.72 -6.21 -3.33
N ASN G 3896 -45.30 -6.29 -4.52
CA ASN G 3896 -44.93 -7.33 -5.48
C ASN G 3896 -43.57 -7.02 -6.07
N ASN G 3897 -42.53 -7.59 -5.46
CA ASN G 3897 -41.16 -7.24 -5.87
C ASN G 3897 -40.87 -7.68 -7.30
N ASP G 3898 -41.43 -8.81 -7.71
CA ASP G 3898 -41.20 -9.30 -9.07
C ASP G 3898 -41.76 -8.33 -10.10
N PHE G 3899 -42.95 -7.79 -9.87
CA PHE G 3899 -43.53 -6.84 -10.81
C PHE G 3899 -42.87 -5.47 -10.69
N GLN G 3900 -42.41 -5.11 -9.49
CA GLN G 3900 -41.70 -3.85 -9.33
C GLN G 3900 -40.40 -3.84 -10.13
N ASN G 3901 -39.66 -4.94 -10.10
CA ASN G 3901 -38.44 -5.04 -10.90
C ASN G 3901 -38.76 -5.08 -12.39
N TYR G 3902 -39.86 -5.73 -12.76
CA TYR G 3902 -40.19 -5.88 -14.17
C TYR G 3902 -40.53 -4.55 -14.83
N LEU G 3903 -41.17 -3.64 -14.09
CA LEU G 3903 -41.47 -2.32 -14.65
C LEU G 3903 -40.19 -1.55 -14.95
N ARG G 3904 -39.19 -1.64 -14.06
CA ARG G 3904 -37.93 -0.94 -14.30
C ARG G 3904 -37.20 -1.53 -15.50
N THR G 3905 -37.16 -2.85 -15.60
CA THR G 3905 -36.42 -3.51 -16.68
C THR G 3905 -37.12 -4.81 -17.05
N GLN G 3906 -37.17 -5.09 -18.35
CA GLN G 3906 -37.73 -6.34 -18.88
C GLN G 3906 -36.56 -7.13 -19.47
N THR G 3907 -36.11 -8.14 -18.73
CA THR G 3907 -34.91 -8.87 -19.12
C THR G 3907 -35.11 -9.66 -20.41
N GLY G 3908 -36.25 -10.34 -20.54
CA GLY G 3908 -36.47 -11.20 -21.69
C GLY G 3908 -36.72 -10.48 -22.99
N ASN G 3909 -37.20 -9.24 -22.93
CA ASN G 3909 -37.53 -8.51 -24.14
C ASN G 3909 -36.27 -8.03 -24.84
N THR G 3910 -36.41 -7.84 -26.16
CA THR G 3910 -35.28 -7.33 -26.95
C THR G 3910 -34.97 -5.88 -26.61
N THR G 3911 -35.99 -5.10 -26.24
CA THR G 3911 -35.81 -3.72 -25.83
C THR G 3911 -36.47 -3.51 -24.48
N THR G 3912 -35.93 -2.58 -23.71
CA THR G 3912 -36.37 -2.33 -22.33
C THR G 3912 -36.86 -0.90 -22.20
N ILE G 3913 -38.00 -0.73 -21.55
CA ILE G 3913 -38.57 0.58 -21.26
C ILE G 3913 -38.69 0.71 -19.74
N ASN G 3914 -38.12 1.78 -19.19
CA ASN G 3914 -38.14 2.01 -17.75
C ASN G 3914 -39.38 2.80 -17.41
N ILE G 3915 -40.43 2.10 -16.98
CA ILE G 3915 -41.67 2.77 -16.61
C ILE G 3915 -41.48 3.66 -15.40
N ILE G 3916 -40.58 3.27 -14.48
CA ILE G 3916 -40.34 4.08 -13.29
C ILE G 3916 -39.83 5.46 -13.68
N ILE G 3917 -38.89 5.51 -14.63
CA ILE G 3917 -38.38 6.80 -15.10
C ILE G 3917 -39.47 7.55 -15.87
N CYS G 3918 -40.28 6.83 -16.64
CA CYS G 3918 -41.34 7.48 -17.39
C CYS G 3918 -42.35 8.16 -16.47
N THR G 3919 -42.61 7.58 -15.30
CA THR G 3919 -43.51 8.21 -14.34
C THR G 3919 -42.94 9.52 -13.83
N VAL G 3920 -41.63 9.56 -13.59
CA VAL G 3920 -40.99 10.79 -13.12
C VAL G 3920 -41.05 11.86 -14.20
N ASP G 3921 -40.93 11.45 -15.48
CA ASP G 3921 -40.98 12.42 -16.57
C ASP G 3921 -42.33 13.14 -16.61
N TYR G 3922 -43.43 12.40 -16.43
CA TYR G 3922 -44.73 13.04 -16.37
C TYR G 3922 -44.87 13.90 -15.13
N LEU G 3923 -44.29 13.46 -14.00
CA LEU G 3923 -44.38 14.24 -12.78
C LEU G 3923 -43.70 15.59 -12.94
N LEU G 3924 -42.56 15.63 -13.64
CA LEU G 3924 -41.90 16.91 -13.92
C LEU G 3924 -42.78 17.81 -14.76
N ARG G 3925 -43.40 17.25 -15.81
CA ARG G 3925 -44.28 18.07 -16.65
C ARG G 3925 -45.48 18.58 -15.86
N LEU G 3926 -46.05 17.72 -15.02
CA LEU G 3926 -47.16 18.17 -14.18
C LEU G 3926 -46.71 19.22 -13.18
N GLN G 3927 -45.53 19.03 -12.58
CA GLN G 3927 -45.03 20.00 -11.61
C GLN G 3927 -44.78 21.36 -12.26
N GLU G 3928 -44.19 21.36 -13.46
CA GLU G 3928 -43.94 22.62 -14.15
C GLU G 3928 -45.23 23.33 -14.49
N SER G 3929 -46.26 22.58 -14.91
CA SER G 3929 -47.55 23.19 -15.18
C SER G 3929 -48.16 23.80 -13.93
N ILE G 3930 -48.05 23.11 -12.80
CA ILE G 3930 -48.58 23.65 -11.55
C ILE G 3930 -47.80 24.90 -11.14
N SER G 3931 -46.48 24.90 -11.34
CA SER G 3931 -45.69 26.09 -11.02
C SER G 3931 -46.11 27.26 -11.89
N ASP G 3932 -46.34 27.02 -13.19
CA ASP G 3932 -46.81 28.09 -14.07
C ASP G 3932 -48.18 28.60 -13.64
N PHE G 3933 -49.05 27.69 -13.21
CA PHE G 3933 -50.38 28.09 -12.77
C PHE G 3933 -50.30 28.98 -11.53
N TYR G 3934 -49.39 28.66 -10.60
CA TYR G 3934 -49.22 29.50 -9.42
C TYR G 3934 -48.77 30.90 -9.78
N TRP G 3935 -47.82 31.02 -10.72
CA TRP G 3935 -47.36 32.35 -11.12
C TRP G 3935 -48.48 33.16 -11.76
N TYR G 3936 -49.39 32.49 -12.49
CA TYR G 3936 -50.51 33.19 -13.10
C TYR G 3936 -51.38 33.85 -12.04
N TYR G 3937 -51.62 33.15 -10.92
CA TYR G 3937 -52.43 33.68 -9.84
C TYR G 3937 -51.59 34.33 -8.74
N SER G 3938 -50.27 34.37 -8.88
CA SER G 3938 -49.43 34.95 -7.84
C SER G 3938 -49.73 36.44 -7.67
N GLY G 3939 -49.88 37.17 -8.77
CA GLY G 3939 -50.24 38.57 -8.68
C GLY G 3939 -51.64 38.80 -8.15
N LYS G 3940 -52.58 37.96 -8.56
CA LYS G 3940 -53.97 38.13 -8.17
C LYS G 3940 -54.15 37.85 -6.69
N ASP G 3941 -55.05 38.62 -6.06
CA ASP G 3941 -55.28 38.49 -4.62
C ASP G 3941 -56.05 37.22 -4.27
N VAL G 3942 -57.06 36.87 -5.05
CA VAL G 3942 -57.91 35.73 -4.77
C VAL G 3942 -58.02 34.87 -6.03
N ILE G 3943 -57.93 33.56 -5.84
CA ILE G 3943 -58.09 32.61 -6.93
C ILE G 3943 -59.58 32.38 -7.16
N GLU G 3944 -60.04 32.58 -8.38
CA GLU G 3944 -61.46 32.46 -8.69
C GLU G 3944 -61.86 30.99 -8.78
N GLU G 3945 -63.15 30.76 -9.04
CA GLU G 3945 -63.69 29.41 -8.96
C GLU G 3945 -63.10 28.49 -10.02
N GLN G 3946 -62.98 28.98 -11.26
CA GLN G 3946 -62.45 28.13 -12.33
C GLN G 3946 -61.01 27.72 -12.06
N GLY G 3947 -60.21 28.66 -11.53
CA GLY G 3947 -58.83 28.32 -11.20
C GLY G 3947 -58.73 27.28 -10.09
N LYS G 3948 -59.61 27.39 -9.09
CA LYS G 3948 -59.58 26.42 -7.99
C LYS G 3948 -59.95 25.03 -8.48
N ARG G 3949 -60.92 24.93 -9.39
CA ARG G 3949 -61.32 23.63 -9.91
C ARG G 3949 -60.19 22.99 -10.70
N ASN G 3950 -59.47 23.78 -11.51
CA ASN G 3950 -58.34 23.25 -12.26
C ASN G 3950 -57.19 22.88 -11.32
N PHE G 3951 -57.00 23.64 -10.24
CA PHE G 3951 -56.01 23.26 -9.24
C PHE G 3951 -56.38 21.93 -8.59
N SER G 3952 -57.67 21.73 -8.29
CA SER G 3952 -58.09 20.53 -7.59
C SER G 3952 -57.84 19.28 -8.43
N LYS G 3953 -58.14 19.33 -9.72
CA LYS G 3953 -57.92 18.15 -10.56
C LYS G 3953 -56.44 17.90 -10.80
N ALA G 3954 -55.63 18.96 -10.87
CA ALA G 3954 -54.19 18.78 -10.99
C ALA G 3954 -53.61 18.13 -9.74
N MET G 3955 -54.08 18.53 -8.56
CA MET G 3955 -53.62 17.91 -7.32
C MET G 3955 -54.06 16.46 -7.24
N SER G 3956 -55.27 16.15 -7.71
CA SER G 3956 -55.75 14.77 -7.71
C SER G 3956 -54.86 13.88 -8.56
N VAL G 3957 -54.47 14.36 -9.74
CA VAL G 3957 -53.55 13.61 -10.59
C VAL G 3957 -52.19 13.48 -9.92
N ALA G 3958 -51.72 14.56 -9.29
CA ALA G 3958 -50.42 14.53 -8.62
C ALA G 3958 -50.44 13.53 -7.46
N LYS G 3959 -51.58 13.41 -6.77
CA LYS G 3959 -51.68 12.41 -5.71
C LYS G 3959 -51.50 11.01 -6.26
N GLN G 3960 -52.13 10.70 -7.39
CA GLN G 3960 -52.01 9.37 -7.96
C GLN G 3960 -50.59 9.07 -8.40
N VAL G 3961 -49.92 10.05 -9.01
CA VAL G 3961 -48.54 9.84 -9.44
C VAL G 3961 -47.63 9.60 -8.24
N PHE G 3962 -47.81 10.37 -7.17
CA PHE G 3962 -47.03 10.15 -5.96
C PHE G 3962 -47.32 8.79 -5.35
N ASN G 3963 -48.60 8.38 -5.35
CA ASN G 3963 -48.95 7.05 -4.86
C ASN G 3963 -48.34 5.97 -5.73
N SER G 3964 -48.35 6.16 -7.04
CA SER G 3964 -47.74 5.19 -7.95
C SER G 3964 -46.24 5.08 -7.71
N LEU G 3965 -45.56 6.21 -7.54
CA LEU G 3965 -44.13 6.18 -7.25
C LEU G 3965 -43.86 5.53 -5.91
N THR G 3966 -44.71 5.78 -4.92
CA THR G 3966 -44.55 5.14 -3.62
C THR G 3966 -44.69 3.63 -3.72
N GLU G 3967 -45.64 3.16 -4.52
CA GLU G 3967 -45.85 1.73 -4.67
C GLU G 3967 -44.70 1.06 -5.39
N TYR G 3968 -44.00 1.80 -6.26
CA TYR G 3968 -42.87 1.23 -6.98
C TYR G 3968 -41.73 0.85 -6.04
N ILE G 3969 -41.46 1.69 -5.05
CA ILE G 3969 -40.26 1.53 -4.24
C ILE G 3969 -40.49 0.87 -2.89
N GLN G 3970 -41.74 0.76 -2.44
CA GLN G 3970 -42.01 0.14 -1.15
C GLN G 3970 -41.75 -1.35 -1.21
N GLY G 3971 -41.47 -1.93 -0.05
CA GLY G 3971 -41.18 -3.34 0.05
C GLY G 3971 -39.93 -3.69 0.86
N PRO G 3972 -38.83 -2.94 0.69
CA PRO G 3972 -38.46 -1.95 -0.33
C PRO G 3972 -37.91 -2.60 -1.60
N CYS G 3973 -38.04 -1.91 -2.73
CA CYS G 3973 -37.44 -2.34 -3.99
C CYS G 3973 -36.17 -1.51 -4.19
N THR G 3974 -35.01 -2.14 -3.93
CA THR G 3974 -33.75 -1.41 -3.98
C THR G 3974 -33.45 -0.91 -5.39
N GLY G 3975 -33.77 -1.72 -6.40
CA GLY G 3975 -33.52 -1.29 -7.77
C GLY G 3975 -34.30 -0.04 -8.15
N ASN G 3976 -35.57 0.02 -7.76
CA ASN G 3976 -36.38 1.20 -8.05
C ASN G 3976 -35.91 2.40 -7.24
N GLN G 3977 -35.48 2.18 -6.00
CA GLN G 3977 -34.98 3.27 -5.19
C GLN G 3977 -33.73 3.90 -5.81
N GLN G 3978 -32.81 3.07 -6.30
CA GLN G 3978 -31.63 3.59 -6.97
C GLN G 3978 -32.01 4.30 -8.26
N SER G 3979 -32.99 3.78 -8.99
CA SER G 3979 -33.42 4.41 -10.23
C SER G 3979 -34.02 5.79 -9.95
N LEU G 3980 -34.83 5.91 -8.90
CA LEU G 3980 -35.40 7.21 -8.55
C LEU G 3980 -34.34 8.16 -8.04
N ALA G 3981 -33.35 7.65 -7.31
CA ALA G 3981 -32.31 8.51 -6.75
C ALA G 3981 -31.50 9.19 -7.85
N HIS G 3982 -31.21 8.47 -8.93
CA HIS G 3982 -30.44 9.00 -10.04
C HIS G 3982 -31.30 9.67 -11.09
N SER G 3983 -32.61 9.72 -10.90
CA SER G 3983 -33.52 10.33 -11.86
C SER G 3983 -33.70 11.81 -11.53
N ARG G 3984 -34.62 12.45 -12.24
CA ARG G 3984 -34.95 13.85 -12.02
C ARG G 3984 -36.05 14.03 -10.97
N LEU G 3985 -36.26 13.04 -10.10
CA LEU G 3985 -37.28 13.15 -9.07
C LEU G 3985 -36.97 14.28 -8.11
N TRP G 3986 -35.69 14.49 -7.80
CA TRP G 3986 -35.31 15.54 -6.87
C TRP G 3986 -35.69 16.92 -7.42
N ASP G 3987 -35.54 17.11 -8.73
CA ASP G 3987 -35.94 18.37 -9.33
C ASP G 3987 -37.43 18.61 -9.17
N ALA G 3988 -38.24 17.56 -9.36
CA ALA G 3988 -39.68 17.69 -9.18
C ALA G 3988 -40.03 18.01 -7.73
N VAL G 3989 -39.36 17.36 -6.78
CA VAL G 3989 -39.66 17.61 -5.36
C VAL G 3989 -39.28 19.03 -4.99
N VAL G 3990 -38.16 19.53 -5.49
CA VAL G 3990 -37.77 20.91 -5.22
C VAL G 3990 -38.81 21.87 -5.77
N GLY G 3991 -39.29 21.61 -6.99
CA GLY G 3991 -40.32 22.46 -7.56
C GLY G 3991 -41.63 22.42 -6.79
N PHE G 3992 -42.02 21.22 -6.34
CA PHE G 3992 -43.25 21.11 -5.55
C PHE G 3992 -43.15 21.85 -4.23
N LEU G 3993 -41.98 21.78 -3.58
CA LEU G 3993 -41.80 22.50 -2.33
C LEU G 3993 -41.95 24.00 -2.51
N HIS G 3994 -41.47 24.54 -3.63
CA HIS G 3994 -41.66 25.96 -3.90
C HIS G 3994 -43.14 26.30 -4.06
N VAL G 3995 -43.88 25.46 -4.78
CA VAL G 3995 -45.30 25.70 -4.97
C VAL G 3995 -46.05 25.49 -3.65
N PHE G 3996 -45.68 24.45 -2.90
CA PHE G 3996 -46.35 24.18 -1.64
C PHE G 3996 -46.18 25.32 -0.65
N ALA G 3997 -44.95 25.85 -0.55
CA ALA G 3997 -44.68 26.90 0.43
C ALA G 3997 -45.46 28.17 0.10
N HIS G 3998 -45.48 28.57 -1.17
CA HIS G 3998 -46.12 29.83 -1.53
C HIS G 3998 -47.64 29.70 -1.58
N MET G 3999 -48.16 28.56 -2.04
CA MET G 3999 -49.60 28.38 -2.07
C MET G 3999 -50.18 28.31 -0.67
N MET G 4000 -49.48 27.69 0.27
CA MET G 4000 -49.97 27.62 1.65
C MET G 4000 -50.11 29.02 2.24
N MET G 4001 -49.12 29.88 2.01
CA MET G 4001 -49.22 31.26 2.49
C MET G 4001 -50.34 32.02 1.79
N LYS G 4002 -50.51 31.81 0.49
CA LYS G 4002 -51.53 32.54 -0.26
C LYS G 4002 -52.93 32.06 0.08
N LEU G 4003 -53.13 30.74 0.15
CA LEU G 4003 -54.46 30.20 0.40
C LEU G 4003 -54.95 30.48 1.81
N ALA G 4004 -54.02 30.61 2.77
CA ALA G 4004 -54.40 30.83 4.16
C ALA G 4004 -54.92 32.23 4.42
N GLN G 4005 -54.79 33.15 3.45
CA GLN G 4005 -55.19 34.53 3.65
C GLN G 4005 -56.66 34.78 3.39
N ASP G 4006 -57.41 33.76 2.99
CA ASP G 4006 -58.85 33.90 2.80
C ASP G 4006 -59.52 32.57 3.07
N SER G 4007 -60.61 32.61 3.86
CA SER G 4007 -61.31 31.39 4.24
C SER G 4007 -62.14 30.79 3.12
N SER G 4008 -62.35 31.51 2.02
CA SER G 4008 -63.10 30.96 0.89
C SER G 4008 -62.33 29.87 0.19
N GLN G 4009 -61.02 29.78 0.41
CA GLN G 4009 -60.17 28.79 -0.24
C GLN G 4009 -59.64 27.75 0.75
N ILE G 4010 -60.37 27.54 1.85
CA ILE G 4010 -59.91 26.59 2.86
C ILE G 4010 -59.98 25.16 2.33
N GLU G 4011 -60.99 24.85 1.53
CA GLU G 4011 -61.11 23.51 0.97
C GLU G 4011 -59.96 23.20 0.02
N LEU G 4012 -59.57 24.18 -0.79
CA LEU G 4012 -58.41 23.99 -1.65
C LEU G 4012 -57.13 23.83 -0.83
N LEU G 4013 -57.03 24.56 0.28
CA LEU G 4013 -55.86 24.43 1.14
C LEU G 4013 -55.79 23.05 1.77
N LYS G 4014 -56.95 22.49 2.18
CA LYS G 4014 -56.96 21.15 2.72
C LYS G 4014 -56.45 20.13 1.70
N GLU G 4015 -56.90 20.27 0.45
CA GLU G 4015 -56.44 19.37 -0.61
C GLU G 4015 -54.95 19.53 -0.85
N LEU G 4016 -54.45 20.76 -0.79
CA LEU G 4016 -53.02 21.01 -0.96
C LEU G 4016 -52.21 20.34 0.15
N LEU G 4017 -52.69 20.40 1.38
CA LEU G 4017 -51.93 19.88 2.51
C LEU G 4017 -51.77 18.36 2.41
N ASP G 4018 -52.83 17.65 2.04
CA ASP G 4018 -52.71 16.19 1.93
C ASP G 4018 -51.87 15.79 0.72
N LEU G 4019 -51.82 16.64 -0.32
CA LEU G 4019 -50.90 16.39 -1.42
C LEU G 4019 -49.46 16.44 -0.95
N GLN G 4020 -49.14 17.37 -0.06
CA GLN G 4020 -47.80 17.43 0.52
C GLN G 4020 -47.50 16.17 1.31
N LYS G 4021 -48.50 15.66 2.04
CA LYS G 4021 -48.30 14.43 2.81
C LYS G 4021 -47.93 13.26 1.90
N ASP G 4022 -48.59 13.15 0.76
CA ASP G 4022 -48.29 12.07 -0.17
C ASP G 4022 -46.86 12.19 -0.70
N MET G 4023 -46.39 13.41 -0.96
CA MET G 4023 -45.01 13.59 -1.38
C MET G 4023 -44.04 13.18 -0.30
N VAL G 4024 -44.34 13.51 0.96
CA VAL G 4024 -43.47 13.14 2.07
C VAL G 4024 -43.47 11.63 2.25
N VAL G 4025 -44.64 10.99 2.10
CA VAL G 4025 -44.71 9.54 2.20
C VAL G 4025 -43.83 8.89 1.14
N MET G 4026 -43.81 9.46 -0.07
CA MET G 4026 -42.90 8.98 -1.10
C MET G 4026 -41.45 9.15 -0.68
N LEU G 4027 -41.12 10.30 -0.06
CA LEU G 4027 -39.76 10.51 0.42
C LEU G 4027 -39.40 9.54 1.52
N LEU G 4028 -40.34 9.25 2.42
CA LEU G 4028 -40.08 8.27 3.48
C LEU G 4028 -39.90 6.87 2.90
N SER G 4029 -40.56 6.58 1.78
CA SER G 4029 -40.38 5.27 1.14
C SER G 4029 -38.97 5.13 0.57
N LEU G 4030 -38.38 6.23 0.09
CA LEU G 4030 -37.01 6.18 -0.38
C LEU G 4030 -36.01 5.91 0.74
N LEU G 4031 -36.41 6.13 1.99
CA LEU G 4031 -35.56 5.90 3.14
C LEU G 4031 -35.75 4.52 3.76
N GLU G 4032 -36.58 3.67 3.15
CA GLU G 4032 -36.75 2.32 3.65
C GLU G 4032 -35.47 1.53 3.46
N GLY G 4033 -35.03 0.85 4.51
CA GLY G 4033 -33.78 0.09 4.43
C GLY G 4033 -32.57 0.95 4.18
N ASN G 4034 -32.54 2.16 4.72
CA ASN G 4034 -31.43 3.08 4.49
C ASN G 4034 -30.46 3.02 5.67
N VAL G 4035 -29.19 2.78 5.36
CA VAL G 4035 -28.17 2.70 6.38
C VAL G 4035 -27.72 4.11 6.79
N VAL G 4036 -27.00 4.19 7.89
CA VAL G 4036 -26.47 5.47 8.35
C VAL G 4036 -25.51 6.01 7.30
N ASN G 4037 -25.63 7.31 7.00
CA ASN G 4037 -24.86 7.97 5.95
C ASN G 4037 -25.08 7.32 4.59
N GLY G 4038 -26.30 6.86 4.34
CA GLY G 4038 -26.63 6.31 3.03
C GLY G 4038 -26.65 7.37 1.96
N MET G 4039 -26.44 6.94 0.72
CA MET G 4039 -26.38 7.89 -0.39
C MET G 4039 -27.74 8.52 -0.67
N ILE G 4040 -28.82 7.74 -0.53
CA ILE G 4040 -30.16 8.30 -0.71
C ILE G 4040 -30.45 9.33 0.37
N ALA G 4041 -30.11 9.02 1.62
CA ALA G 4041 -30.35 9.95 2.72
C ALA G 4041 -29.56 11.24 2.53
N ARG G 4042 -28.30 11.13 2.12
CA ARG G 4042 -27.49 12.32 1.91
C ARG G 4042 -27.99 13.12 0.71
N GLN G 4043 -28.47 12.45 -0.33
CA GLN G 4043 -29.07 13.15 -1.46
C GLN G 4043 -30.32 13.92 -1.03
N MET G 4044 -31.14 13.31 -0.17
CA MET G 4044 -32.36 13.98 0.29
C MET G 4044 -32.03 15.22 1.10
N VAL G 4045 -30.97 15.16 1.92
CA VAL G 4045 -30.53 16.33 2.65
C VAL G 4045 -30.09 17.43 1.68
N ASP G 4046 -29.36 17.06 0.63
CA ASP G 4046 -28.96 18.04 -0.37
C ASP G 4046 -30.18 18.65 -1.05
N MET G 4047 -31.20 17.83 -1.30
CA MET G 4047 -32.43 18.35 -1.90
C MET G 4047 -33.10 19.37 -0.98
N LEU G 4048 -33.13 19.10 0.33
CA LEU G 4048 -33.71 20.06 1.26
C LEU G 4048 -32.88 21.34 1.32
N VAL G 4049 -31.56 21.23 1.29
CA VAL G 4049 -30.71 22.41 1.30
C VAL G 4049 -30.91 23.22 0.03
N GLU G 4050 -31.03 22.53 -1.11
CA GLU G 4050 -31.25 23.23 -2.37
C GLU G 4050 -32.54 24.04 -2.36
N SER G 4051 -33.54 23.59 -1.60
CA SER G 4051 -34.80 24.29 -1.43
C SER G 4051 -35.00 24.75 0.01
N SER G 4052 -33.93 25.26 0.62
CA SER G 4052 -33.97 25.62 2.03
C SER G 4052 -34.99 26.72 2.30
N SER G 4053 -35.06 27.72 1.42
CA SER G 4053 -35.98 28.83 1.64
C SER G 4053 -37.43 28.34 1.66
N ASN G 4054 -37.78 27.42 0.76
CA ASN G 4054 -39.13 26.90 0.73
C ASN G 4054 -39.41 26.02 1.95
N VAL G 4055 -38.42 25.22 2.37
CA VAL G 4055 -38.59 24.38 3.56
C VAL G 4055 -38.78 25.23 4.80
N GLU G 4056 -37.98 26.30 4.94
CA GLU G 4056 -38.14 27.20 6.07
C GLU G 4056 -39.52 27.84 6.06
N MET G 4057 -40.01 28.23 4.89
CA MET G 4057 -41.34 28.82 4.79
C MET G 4057 -42.42 27.84 5.21
N ILE G 4058 -42.28 26.57 4.81
CA ILE G 4058 -43.25 25.54 5.22
C ILE G 4058 -43.19 25.33 6.72
N LEU G 4059 -41.98 25.24 7.28
CA LEU G 4059 -41.83 25.09 8.72
C LEU G 4059 -42.34 26.32 9.46
N LYS G 4060 -42.12 27.51 8.89
CA LYS G 4060 -42.61 28.73 9.53
C LYS G 4060 -44.14 28.79 9.48
N PHE G 4061 -44.77 28.03 8.59
CA PHE G 4061 -46.23 27.99 8.57
C PHE G 4061 -46.77 27.20 9.74
N PHE G 4062 -46.13 26.07 10.06
CA PHE G 4062 -46.66 25.19 11.12
C PHE G 4062 -46.47 25.80 12.50
N ASP G 4063 -45.29 26.34 12.77
CA ASP G 4063 -45.00 26.82 14.13
C ASP G 4063 -45.79 28.09 14.45
N MET G 4064 -46.06 28.93 13.45
CA MET G 4064 -46.80 30.16 13.70
C MET G 4064 -48.20 29.88 14.22
N PHE G 4065 -48.89 28.91 13.63
CA PHE G 4065 -50.23 28.56 14.09
C PHE G 4065 -50.22 27.65 15.31
N LEU G 4066 -49.18 26.83 15.49
CA LEU G 4066 -49.03 26.11 16.75
C LEU G 4066 -48.80 27.08 17.91
N LYS G 4067 -47.95 28.09 17.69
CA LYS G 4067 -47.75 29.12 18.70
C LYS G 4067 -49.02 29.95 18.89
N LEU G 4068 -49.73 30.24 17.81
CA LEU G 4068 -50.97 31.01 17.92
C LEU G 4068 -52.01 30.25 18.73
N LYS G 4069 -52.02 28.92 18.62
CA LYS G 4069 -53.01 28.12 19.34
C LYS G 4069 -52.84 28.28 20.85
N ASP G 4070 -51.60 28.27 21.35
CA ASP G 4070 -51.37 28.41 22.77
C ASP G 4070 -51.39 29.86 23.24
N ILE G 4071 -51.16 30.82 22.35
CA ILE G 4071 -51.19 32.22 22.75
C ILE G 4071 -52.61 32.67 23.07
N VAL G 4072 -53.57 32.31 22.22
CA VAL G 4072 -54.95 32.72 22.45
C VAL G 4072 -55.51 32.13 23.73
N GLY G 4073 -55.01 30.97 24.16
CA GLY G 4073 -55.41 30.41 25.43
C GLY G 4073 -54.65 30.92 26.64
N SER G 4074 -53.66 31.78 26.42
CA SER G 4074 -52.88 32.31 27.53
C SER G 4074 -53.67 33.35 28.30
N GLU G 4075 -53.27 33.56 29.56
CA GLU G 4075 -53.94 34.54 30.40
C GLU G 4075 -53.65 35.97 29.94
N ALA G 4076 -52.43 36.21 29.44
CA ALA G 4076 -52.08 37.56 28.99
C ALA G 4076 -52.93 37.99 27.80
N PHE G 4077 -53.18 37.06 26.87
CA PHE G 4077 -54.01 37.39 25.71
C PHE G 4077 -55.45 37.71 26.13
N GLN G 4078 -55.98 36.95 27.09
CA GLN G 4078 -57.35 37.19 27.54
C GLN G 4078 -57.51 38.54 28.21
N ASP G 4079 -56.44 39.11 28.75
CA ASP G 4079 -56.51 40.45 29.32
C ASP G 4079 -56.87 41.50 28.28
N TYR G 4080 -56.42 41.33 27.04
CA TYR G 4080 -56.74 42.26 25.97
C TYR G 4080 -58.17 42.08 25.47
N VAL G 4081 -58.70 40.86 25.48
CA VAL G 4081 -60.05 40.60 24.99
C VAL G 4081 -61.04 41.28 25.93
N THR G 4082 -61.71 42.33 25.45
CA THR G 4082 -62.69 43.06 26.23
C THR G 4082 -64.11 42.94 25.71
N ASP G 4083 -64.28 42.53 24.45
CA ASP G 4083 -65.62 42.40 23.89
C ASP G 4083 -66.34 41.24 24.56
N PRO G 4084 -67.56 41.46 25.07
CA PRO G 4084 -68.30 40.35 25.70
C PRO G 4084 -68.62 39.22 24.73
N ARG G 4085 -68.73 39.51 23.44
CA ARG G 4085 -69.04 38.47 22.46
C ARG G 4085 -67.90 37.48 22.27
N GLY G 4086 -66.71 37.79 22.75
CA GLY G 4086 -65.56 36.95 22.56
C GLY G 4086 -64.72 37.26 21.35
N LEU G 4087 -64.79 38.47 20.82
CA LEU G 4087 -64.02 38.89 19.66
C LEU G 4087 -62.91 39.84 20.10
N ILE G 4088 -62.06 40.22 19.14
CA ILE G 4088 -60.95 41.10 19.41
C ILE G 4088 -60.65 41.90 18.15
N SER G 4089 -60.41 43.19 18.31
CA SER G 4089 -60.12 44.04 17.16
C SER G 4089 -58.70 43.80 16.66
N LYS G 4090 -58.47 44.18 15.39
CA LYS G 4090 -57.15 43.99 14.79
C LYS G 4090 -56.10 44.81 15.51
N LYS G 4091 -56.43 46.06 15.89
CA LYS G 4091 -55.49 46.86 16.66
C LYS G 4091 -55.22 46.24 18.01
N ASP G 4092 -56.25 45.73 18.69
CA ASP G 4092 -56.05 45.01 19.93
C ASP G 4092 -55.28 43.72 19.70
N PHE G 4093 -55.57 43.03 18.60
CA PHE G 4093 -54.80 41.82 18.26
C PHE G 4093 -53.35 42.17 17.98
N GLN G 4094 -53.11 43.31 17.32
CA GLN G 4094 -51.74 43.73 17.02
C GLN G 4094 -50.94 43.95 18.29
N LYS G 4095 -51.52 44.64 19.27
CA LYS G 4095 -50.81 44.90 20.51
C LYS G 4095 -50.77 43.67 21.42
N ALA G 4096 -51.64 42.69 21.18
CA ALA G 4096 -51.59 41.46 21.97
C ALA G 4096 -50.42 40.58 21.55
N MET G 4097 -50.18 40.46 20.24
CA MET G 4097 -49.18 39.50 19.76
C MET G 4097 -47.76 39.98 20.05
N ASP G 4098 -47.47 41.26 19.79
CA ASP G 4098 -46.13 41.76 20.04
C ASP G 4098 -45.81 41.86 21.52
N SER G 4099 -46.81 41.86 22.39
CA SER G 4099 -46.56 41.78 23.82
C SER G 4099 -46.08 40.40 24.24
N GLN G 4100 -46.36 39.37 23.45
CA GLN G 4100 -45.86 38.03 23.72
C GLN G 4100 -44.40 37.86 23.33
N LYS G 4101 -43.87 38.75 22.48
CA LYS G 4101 -42.48 38.71 22.04
C LYS G 4101 -42.13 37.36 21.40
N GLN G 4102 -43.06 36.79 20.66
CA GLN G 4102 -42.81 35.54 19.94
C GLN G 4102 -42.85 35.66 18.43
N PHE G 4103 -43.58 36.64 17.90
CA PHE G 4103 -43.64 36.88 16.47
C PHE G 4103 -42.95 38.19 16.13
N THR G 4104 -42.58 38.34 14.86
CA THR G 4104 -41.94 39.53 14.37
C THR G 4104 -42.99 40.44 13.72
N GLY G 4105 -42.51 41.52 13.11
CA GLY G 4105 -43.37 42.46 12.43
C GLY G 4105 -44.18 41.85 11.31
N PRO G 4106 -43.50 41.34 10.28
CA PRO G 4106 -44.22 40.71 9.16
C PRO G 4106 -45.09 39.53 9.58
N GLU G 4107 -44.65 38.75 10.58
CA GLU G 4107 -45.43 37.59 11.00
C GLU G 4107 -46.78 38.00 11.57
N ILE G 4108 -46.80 39.06 12.37
CA ILE G 4108 -48.06 39.55 12.92
C ILE G 4108 -48.96 40.07 11.80
N GLN G 4109 -48.38 40.78 10.83
CA GLN G 4109 -49.17 41.29 9.71
C GLN G 4109 -49.75 40.14 8.90
N PHE G 4110 -48.98 39.07 8.69
CA PHE G 4110 -49.50 37.92 7.98
C PHE G 4110 -50.64 37.27 8.73
N LEU G 4111 -50.52 37.17 10.07
CA LEU G 4111 -51.61 36.61 10.87
C LEU G 4111 -52.86 37.46 10.77
N LEU G 4112 -52.70 38.78 10.73
CA LEU G 4112 -53.86 39.66 10.55
C LEU G 4112 -54.55 39.41 9.22
N SER G 4113 -53.77 39.21 8.15
CA SER G 4113 -54.37 38.92 6.85
C SER G 4113 -55.11 37.60 6.87
N CYS G 4114 -54.53 36.58 7.53
CA CYS G 4114 -55.19 35.29 7.60
C CYS G 4114 -56.45 35.33 8.44
N SER G 4115 -56.48 36.19 9.46
CA SER G 4115 -57.66 36.32 10.30
C SER G 4115 -58.80 36.90 9.48
N GLU G 4116 -59.98 36.27 9.58
CA GLU G 4116 -61.15 36.69 8.82
C GLU G 4116 -61.89 37.81 9.55
N ALA G 4117 -61.24 38.97 9.63
CA ALA G 4117 -61.83 40.12 10.28
C ALA G 4117 -63.03 40.61 9.50
N ASP G 4118 -64.09 40.96 10.22
CA ASP G 4118 -65.32 41.43 9.59
C ASP G 4118 -65.18 42.91 9.22
N GLU G 4119 -66.30 43.55 8.85
CA GLU G 4119 -66.26 44.96 8.50
C GLU G 4119 -65.93 45.84 9.70
N ASN G 4120 -66.11 45.32 10.92
CA ASN G 4120 -65.78 46.04 12.14
C ASN G 4120 -64.40 45.69 12.67
N GLU G 4121 -63.59 45.01 11.86
CA GLU G 4121 -62.23 44.61 12.23
C GLU G 4121 -62.22 43.72 13.47
N MET G 4122 -63.29 42.95 13.68
CA MET G 4122 -63.37 42.04 14.80
C MET G 4122 -62.93 40.64 14.37
N ILE G 4123 -62.12 40.00 15.20
CA ILE G 4123 -61.52 38.71 14.89
C ILE G 4123 -62.03 37.68 15.87
N ASN G 4124 -62.57 36.58 15.34
CA ASN G 4124 -62.99 35.44 16.16
C ASN G 4124 -61.76 34.55 16.34
N PHE G 4125 -60.96 34.86 17.37
CA PHE G 4125 -59.70 34.16 17.57
C PHE G 4125 -59.90 32.70 17.98
N GLU G 4126 -61.09 32.33 18.46
CA GLU G 4126 -61.34 30.94 18.81
C GLU G 4126 -61.29 30.04 17.57
N GLU G 4127 -62.02 30.43 16.52
CA GLU G 4127 -61.99 29.65 15.28
C GLU G 4127 -60.71 29.89 14.49
N PHE G 4128 -60.11 31.07 14.64
CA PHE G 4128 -58.87 31.37 13.93
C PHE G 4128 -57.75 30.43 14.35
N ALA G 4129 -57.63 30.16 15.65
CA ALA G 4129 -56.56 29.29 16.13
C ALA G 4129 -56.79 27.85 15.68
N ASN G 4130 -58.05 27.40 15.65
CA ASN G 4130 -58.37 26.02 15.33
C ASN G 4130 -58.61 25.80 13.85
N ARG G 4131 -58.46 26.83 13.02
CA ARG G 4131 -58.76 26.70 11.60
C ARG G 4131 -57.81 25.73 10.90
N PHE G 4132 -56.52 25.81 11.20
CA PHE G 4132 -55.52 25.02 10.50
C PHE G 4132 -54.94 23.89 11.34
N GLN G 4133 -55.39 23.72 12.59
CA GLN G 4133 -54.81 22.69 13.45
C GLN G 4133 -55.10 21.29 12.91
N GLU G 4134 -56.32 21.05 12.45
CA GLU G 4134 -56.69 19.73 11.96
C GLU G 4134 -56.20 19.48 10.52
N PRO G 4135 -56.41 20.41 9.58
CA PRO G 4135 -55.95 20.14 8.20
C PRO G 4135 -54.45 19.94 8.08
N ALA G 4136 -53.66 20.61 8.92
CA ALA G 4136 -52.20 20.57 8.82
C ALA G 4136 -51.56 19.58 9.78
N ARG G 4137 -52.35 18.78 10.49
CA ARG G 4137 -51.77 17.86 11.45
C ARG G 4137 -51.08 16.69 10.76
N ASP G 4138 -51.71 16.13 9.73
CA ASP G 4138 -51.14 14.97 9.06
C ASP G 4138 -49.83 15.31 8.37
N ILE G 4139 -49.78 16.45 7.67
CA ILE G 4139 -48.54 16.84 7.01
C ILE G 4139 -47.48 17.23 8.03
N GLY G 4140 -47.90 17.91 9.10
CA GLY G 4140 -46.93 18.31 10.12
C GLY G 4140 -46.26 17.13 10.79
N PHE G 4141 -47.03 16.07 11.07
CA PHE G 4141 -46.43 14.88 11.66
C PHE G 4141 -45.44 14.22 10.72
N ASN G 4142 -45.77 14.12 9.44
CA ASN G 4142 -44.89 13.48 8.48
C ASN G 4142 -43.60 14.27 8.28
N VAL G 4143 -43.69 15.61 8.30
CA VAL G 4143 -42.48 16.42 8.23
C VAL G 4143 -41.61 16.17 9.45
N ALA G 4144 -42.22 16.07 10.63
CA ALA G 4144 -41.47 15.75 11.83
C ALA G 4144 -40.81 14.38 11.73
N VAL G 4145 -41.53 13.40 11.17
CA VAL G 4145 -40.95 12.07 10.98
C VAL G 4145 -39.80 12.14 9.97
N LEU G 4146 -39.98 12.89 8.88
CA LEU G 4146 -38.94 12.99 7.86
C LEU G 4146 -37.67 13.60 8.43
N LEU G 4147 -37.79 14.68 9.19
CA LEU G 4147 -36.61 15.30 9.79
C LEU G 4147 -35.98 14.39 10.84
N THR G 4148 -36.81 13.71 11.64
CA THR G 4148 -36.28 12.78 12.63
C THR G 4148 -35.54 11.63 11.96
N ASN G 4149 -36.11 11.09 10.88
CA ASN G 4149 -35.47 9.98 10.18
C ASN G 4149 -34.13 10.41 9.59
N LEU G 4150 -34.09 11.60 8.97
CA LEU G 4150 -32.83 12.07 8.38
C LEU G 4150 -31.80 12.40 9.44
N SER G 4151 -32.23 12.98 10.56
CA SER G 4151 -31.29 13.36 11.61
C SER G 4151 -30.61 12.13 12.22
N GLU G 4152 -31.36 11.06 12.43
CA GLU G 4152 -30.81 9.87 13.06
C GLU G 4152 -30.03 8.99 12.10
N HIS G 4153 -30.15 9.23 10.79
CA HIS G 4153 -29.38 8.48 9.80
C HIS G 4153 -28.27 9.30 9.17
N VAL G 4154 -28.31 10.63 9.28
CA VAL G 4154 -27.21 11.49 8.87
C VAL G 4154 -26.87 12.39 10.05
N PRO G 4155 -26.25 11.87 11.11
CA PRO G 4155 -26.08 12.66 12.33
C PRO G 4155 -24.94 13.66 12.28
N HIS G 4156 -24.09 13.62 11.25
CA HIS G 4156 -22.92 14.49 11.17
C HIS G 4156 -23.03 15.47 10.01
N ASP G 4157 -24.24 15.92 9.69
CA ASP G 4157 -24.45 16.90 8.65
C ASP G 4157 -24.80 18.23 9.28
N PRO G 4158 -23.91 19.22 9.25
CA PRO G 4158 -24.23 20.52 9.88
C PRO G 4158 -25.42 21.23 9.24
N ARG G 4159 -25.71 20.96 7.97
CA ARG G 4159 -26.81 21.65 7.29
C ARG G 4159 -28.18 21.20 7.79
N LEU G 4160 -28.26 20.05 8.46
CA LEU G 4160 -29.55 19.51 8.87
C LEU G 4160 -30.00 20.04 10.23
N ARG G 4161 -29.08 20.46 11.09
CA ARG G 4161 -29.46 20.97 12.39
C ARG G 4161 -30.25 22.26 12.28
N ASN G 4162 -30.00 23.06 11.24
CA ASN G 4162 -30.76 24.28 11.04
C ASN G 4162 -32.24 24.00 10.86
N PHE G 4163 -32.58 22.98 10.08
CA PHE G 4163 -33.98 22.59 9.91
C PHE G 4163 -34.56 22.07 11.21
N LEU G 4164 -33.78 21.31 11.98
CA LEU G 4164 -34.26 20.78 13.25
C LEU G 4164 -34.56 21.91 14.22
N GLU G 4165 -33.68 22.91 14.28
CA GLU G 4165 -33.91 24.05 15.17
C GLU G 4165 -35.14 24.83 14.75
N LEU G 4166 -35.33 25.03 13.45
CA LEU G 4166 -36.51 25.74 12.96
C LEU G 4166 -37.79 24.93 13.16
N ALA G 4167 -37.69 23.62 13.33
CA ALA G 4167 -38.83 22.76 13.55
C ALA G 4167 -38.89 22.23 14.98
N GLU G 4168 -38.29 22.95 15.93
CA GLU G 4168 -38.27 22.49 17.32
C GLU G 4168 -39.67 22.40 17.89
N SER G 4169 -40.50 23.41 17.63
CA SER G 4169 -41.87 23.39 18.13
C SER G 4169 -42.67 22.25 17.50
N ILE G 4170 -42.49 22.02 16.20
CA ILE G 4170 -43.19 20.92 15.53
C ILE G 4170 -42.75 19.59 16.11
N LEU G 4171 -41.45 19.41 16.31
CA LEU G 4171 -40.94 18.18 16.91
C LEU G 4171 -41.43 18.02 18.34
N GLU G 4172 -41.45 19.12 19.10
CA GLU G 4172 -41.92 19.05 20.48
C GLU G 4172 -43.40 18.70 20.54
N TYR G 4173 -44.20 19.27 19.64
CA TYR G 4173 -45.63 19.01 19.65
C TYR G 4173 -45.93 17.55 19.35
N PHE G 4174 -45.24 16.97 18.38
CA PHE G 4174 -45.50 15.59 17.95
C PHE G 4174 -44.63 14.57 18.67
N ARG G 4175 -43.84 15.00 19.65
CA ARG G 4175 -43.01 14.04 20.40
C ARG G 4175 -43.82 12.96 21.09
N PRO G 4176 -44.91 13.27 21.82
CA PRO G 4176 -45.69 12.18 22.44
C PRO G 4176 -46.34 11.25 21.43
N TYR G 4177 -46.51 11.66 20.18
CA TYR G 4177 -47.17 10.84 19.17
C TYR G 4177 -46.21 10.19 18.19
N LEU G 4178 -44.93 10.57 18.20
CA LEU G 4178 -43.95 10.00 17.28
C LEU G 4178 -43.35 8.78 17.93
N GLY G 4179 -43.92 7.61 17.60
CA GLY G 4179 -43.42 6.36 18.13
C GLY G 4179 -42.36 5.77 17.22
N ARG G 4180 -41.29 5.26 17.84
CA ARG G 4180 -40.19 4.65 17.10
C ARG G 4180 -39.84 3.32 17.74
N ILE G 4181 -39.65 2.30 16.91
CA ILE G 4181 -39.22 0.98 17.34
C ILE G 4181 -38.09 0.52 16.44
N GLU G 4182 -37.37 -0.49 16.91
CA GLU G 4182 -36.30 -1.13 16.13
C GLU G 4182 -36.67 -2.58 15.89
N ILE G 4183 -36.54 -3.02 14.65
CA ILE G 4183 -36.84 -4.40 14.27
C ILE G 4183 -35.67 -4.97 13.50
N MET G 4184 -35.63 -6.30 13.43
CA MET G 4184 -34.69 -7.02 12.58
C MET G 4184 -35.38 -7.24 11.24
N GLY G 4185 -34.99 -6.45 10.24
CA GLY G 4185 -35.65 -6.49 8.95
C GLY G 4185 -35.26 -7.70 8.12
N ALA G 4186 -35.93 -7.80 6.96
CA ALA G 4186 -35.64 -8.90 6.04
C ALA G 4186 -34.22 -8.83 5.48
N SER G 4187 -33.61 -7.64 5.48
CA SER G 4187 -32.25 -7.47 5.01
C SER G 4187 -31.20 -7.89 6.03
N ARG G 4188 -31.61 -8.62 7.07
CA ARG G 4188 -30.72 -9.11 8.12
C ARG G 4188 -30.03 -7.97 8.86
N ARG G 4189 -30.67 -6.81 8.96
CA ARG G 4189 -30.12 -5.66 9.67
C ARG G 4189 -31.19 -5.05 10.56
N ILE G 4190 -30.75 -4.38 11.60
CA ILE G 4190 -31.66 -3.67 12.50
C ILE G 4190 -32.14 -2.40 11.82
N GLU G 4191 -33.46 -2.24 11.72
CA GLU G 4191 -34.06 -1.08 11.10
C GLU G 4191 -34.94 -0.36 12.12
N ARG G 4192 -35.00 0.96 12.01
CA ARG G 4192 -35.80 1.78 12.90
C ARG G 4192 -37.06 2.24 12.17
N ILE G 4193 -38.22 2.01 12.80
CA ILE G 4193 -39.52 2.27 12.21
C ILE G 4193 -40.16 3.42 12.97
N TYR G 4194 -40.64 4.42 12.24
CA TYR G 4194 -41.34 5.56 12.81
C TYR G 4194 -42.82 5.45 12.45
N PHE G 4195 -43.68 5.60 13.45
CA PHE G 4195 -45.12 5.49 13.23
C PHE G 4195 -45.81 6.51 14.12
N GLU G 4196 -47.14 6.55 14.02
CA GLU G 4196 -47.95 7.53 14.75
C GLU G 4196 -48.70 6.84 15.88
N ILE G 4197 -48.63 7.43 17.07
CA ILE G 4197 -49.37 6.96 18.23
C ILE G 4197 -50.55 7.90 18.44
N SER G 4198 -51.75 7.36 18.35
CA SER G 4198 -52.95 8.18 18.52
C SER G 4198 -53.11 8.60 19.97
N GLU G 4199 -53.88 9.68 20.16
CA GLU G 4199 -54.11 10.19 21.52
C GLU G 4199 -54.83 9.17 22.37
N THR G 4200 -55.83 8.49 21.80
CA THR G 4200 -56.62 7.53 22.57
C THR G 4200 -55.76 6.36 23.04
N ASN G 4201 -54.89 5.85 22.17
CA ASN G 4201 -54.06 4.71 22.54
C ASN G 4201 -53.14 5.05 23.70
N ARG G 4202 -52.52 6.22 23.66
CA ARG G 4202 -51.64 6.62 24.76
C ARG G 4202 -52.43 6.88 26.03
N ALA G 4203 -53.62 7.49 25.90
CA ALA G 4203 -54.45 7.75 27.07
C ALA G 4203 -54.89 6.44 27.73
N GLN G 4204 -55.30 5.46 26.93
CA GLN G 4204 -55.70 4.17 27.48
C GLN G 4204 -54.51 3.44 28.09
N TRP G 4205 -53.34 3.59 27.51
CA TRP G 4205 -52.15 2.92 28.04
C TRP G 4205 -51.74 3.46 29.39
N GLU G 4206 -52.07 4.73 29.68
CA GLU G 4206 -51.68 5.36 30.93
C GLU G 4206 -52.71 5.19 32.04
N MET G 4207 -53.79 4.45 31.79
CA MET G 4207 -54.78 4.22 32.84
C MET G 4207 -54.15 3.39 33.96
N PRO G 4208 -54.52 3.64 35.22
CA PRO G 4208 -53.87 2.92 36.33
C PRO G 4208 -54.06 1.41 36.27
N GLN G 4209 -55.22 0.95 35.81
CA GLN G 4209 -55.43 -0.49 35.71
C GLN G 4209 -54.51 -1.13 34.68
N VAL G 4210 -54.29 -0.46 33.55
CA VAL G 4210 -53.37 -0.98 32.55
C VAL G 4210 -51.94 -0.97 33.08
N LYS G 4211 -51.55 0.09 33.78
CA LYS G 4211 -50.20 0.16 34.35
C LYS G 4211 -49.99 -0.93 35.39
N GLU G 4212 -51.02 -1.22 36.20
CA GLU G 4212 -50.89 -2.30 37.18
C GLU G 4212 -50.73 -3.65 36.49
N SER G 4213 -51.47 -3.86 35.39
CA SER G 4213 -51.31 -5.11 34.63
C SER G 4213 -49.91 -5.23 34.06
N LYS G 4214 -49.33 -4.12 33.60
CA LYS G 4214 -47.98 -4.16 33.07
C LYS G 4214 -46.98 -4.56 34.15
N ARG G 4215 -47.12 -4.00 35.36
CA ARG G 4215 -46.21 -4.34 36.45
C ARG G 4215 -46.31 -5.82 36.81
N GLN G 4216 -47.53 -6.34 36.86
CA GLN G 4216 -47.71 -7.77 37.13
C GLN G 4216 -47.09 -8.62 36.03
N PHE G 4217 -47.28 -8.22 34.77
CA PHE G 4217 -46.71 -8.98 33.66
C PHE G 4217 -45.19 -8.95 33.70
N ILE G 4218 -44.60 -7.78 33.98
CA ILE G 4218 -43.15 -7.67 34.02
C ILE G 4218 -42.58 -8.54 35.13
N PHE G 4219 -43.24 -8.56 36.29
CA PHE G 4219 -42.78 -9.38 37.40
C PHE G 4219 -42.80 -10.86 37.04
N ASP G 4220 -43.85 -11.32 36.35
CA ASP G 4220 -43.99 -12.73 36.05
C ASP G 4220 -42.91 -13.23 35.09
N VAL G 4221 -42.70 -12.51 33.99
CA VAL G 4221 -41.76 -12.97 32.97
C VAL G 4221 -40.33 -12.90 33.49
N VAL G 4222 -39.99 -11.87 34.26
CA VAL G 4222 -38.64 -11.75 34.78
C VAL G 4222 -38.36 -12.81 35.84
N ASN G 4223 -39.35 -13.09 36.69
CA ASN G 4223 -39.13 -14.01 37.81
C ASN G 4223 -39.22 -15.46 37.36
N GLU G 4224 -40.36 -15.88 36.82
CA GLU G 4224 -40.60 -17.26 36.44
C GLU G 4224 -40.81 -17.42 34.93
N GLY G 4225 -39.98 -16.75 34.14
CA GLY G 4225 -40.09 -16.84 32.70
C GLY G 4225 -38.75 -17.18 32.07
N GLY G 4226 -38.82 -17.68 30.84
CA GLY G 4226 -37.64 -18.05 30.08
C GLY G 4226 -37.37 -17.06 28.95
N GLU G 4227 -36.17 -17.17 28.39
CA GLU G 4227 -35.77 -16.28 27.30
C GLU G 4227 -36.42 -16.66 25.98
N ALA G 4228 -36.65 -17.95 25.75
CA ALA G 4228 -37.25 -18.38 24.49
C ALA G 4228 -38.74 -18.06 24.41
N GLU G 4229 -39.42 -17.99 25.55
CA GLU G 4229 -40.84 -17.69 25.60
C GLU G 4229 -41.11 -16.22 25.93
N LYS G 4230 -40.06 -15.42 26.12
CA LYS G 4230 -40.23 -14.05 26.60
C LYS G 4230 -41.03 -13.21 25.62
N MET G 4231 -40.71 -13.31 24.32
CA MET G 4231 -41.40 -12.50 23.33
C MET G 4231 -42.81 -13.00 23.05
N GLU G 4232 -43.01 -14.33 23.05
CA GLU G 4232 -44.36 -14.86 22.85
C GLU G 4232 -45.28 -14.46 24.01
N LEU G 4233 -44.76 -14.48 25.23
CA LEU G 4233 -45.56 -14.00 26.37
C LEU G 4233 -45.84 -12.51 26.25
N PHE G 4234 -44.87 -11.74 25.76
CA PHE G 4234 -45.07 -10.30 25.62
C PHE G 4234 -46.17 -9.99 24.61
N VAL G 4235 -46.19 -10.71 23.48
CA VAL G 4235 -47.23 -10.50 22.48
C VAL G 4235 -48.59 -10.90 23.05
N SER G 4236 -48.65 -12.01 23.79
CA SER G 4236 -49.90 -12.41 24.42
C SER G 4236 -50.37 -11.35 25.41
N PHE G 4237 -49.43 -10.73 26.13
CA PHE G 4237 -49.79 -9.61 26.99
C PHE G 4237 -50.34 -8.45 26.20
N CYS G 4238 -49.76 -8.16 25.02
CA CYS G 4238 -50.28 -7.08 24.18
C CYS G 4238 -51.69 -7.38 23.71
N GLU G 4239 -51.95 -8.61 23.30
CA GLU G 4239 -53.28 -8.97 22.84
C GLU G 4239 -54.31 -8.86 23.96
N ASP G 4240 -53.95 -9.30 25.16
CA ASP G 4240 -54.85 -9.17 26.30
C ASP G 4240 -55.07 -7.70 26.66
N THR G 4241 -54.00 -6.89 26.61
CA THR G 4241 -54.13 -5.48 26.95
C THR G 4241 -55.05 -4.76 25.97
N ILE G 4242 -54.93 -5.07 24.67
CA ILE G 4242 -55.80 -4.45 23.68
C ILE G 4242 -57.26 -4.80 23.96
N PHE G 4243 -57.52 -6.06 24.30
CA PHE G 4243 -58.89 -6.47 24.60
C PHE G 4243 -59.42 -5.75 25.84
N GLU G 4244 -58.57 -5.58 26.86
CA GLU G 4244 -59.00 -4.88 28.07
C GLU G 4244 -59.29 -3.41 27.78
N MET G 4245 -58.54 -2.80 26.87
CA MET G 4245 -58.82 -1.42 26.49
C MET G 4245 -60.20 -1.29 25.88
N GLN G 4246 -60.61 -2.28 25.07
CA GLN G 4246 -61.96 -2.26 24.49
C GLN G 4246 -63.01 -2.34 25.57
N ILE G 4247 -62.80 -3.20 26.58
CA ILE G 4247 -63.77 -3.33 27.67
C ILE G 4247 -63.89 -2.01 28.43
N ALA G 4248 -62.75 -1.37 28.72
CA ALA G 4248 -62.78 -0.10 29.42
C ALA G 4248 -63.50 0.97 28.61
N ALA G 4249 -63.28 0.97 27.30
CA ALA G 4249 -63.98 1.93 26.44
C ALA G 4249 -65.47 1.69 26.43
N GLN G 4250 -65.89 0.41 26.38
CA GLN G 4250 -67.31 0.10 26.34
C GLN G 4250 -68.02 0.53 27.62
N ILE G 4251 -67.42 0.25 28.77
CA ILE G 4251 -68.05 0.57 30.05
C ILE G 4251 -67.93 2.04 30.41
N SER G 4252 -67.07 2.79 29.74
CA SER G 4252 -66.91 4.21 30.03
C SER G 4252 -68.17 4.98 29.63
N GLU G 4253 -68.41 6.07 30.36
CA GLU G 4253 -69.57 6.90 30.11
C GLU G 4253 -69.15 8.29 29.67
N PRO G 4254 -69.87 8.92 28.74
CA PRO G 4254 -69.56 10.27 28.26
C PRO G 4254 -69.84 11.34 29.30
N PHE G 4540 -91.01 -0.74 24.77
CA PHE G 4540 -90.35 -0.48 26.05
C PHE G 4540 -89.04 -1.27 26.16
N TRP G 4541 -88.83 -2.17 25.20
CA TRP G 4541 -87.61 -2.98 25.21
C TRP G 4541 -86.38 -2.10 25.02
N GLY G 4542 -86.46 -1.10 24.14
CA GLY G 4542 -85.35 -0.18 23.96
C GLY G 4542 -85.07 0.62 25.22
N GLU G 4543 -86.12 1.02 25.94
CA GLU G 4543 -85.94 1.80 27.15
C GLU G 4543 -85.23 1.00 28.23
N LEU G 4544 -85.57 -0.28 28.38
CA LEU G 4544 -84.94 -1.09 29.42
C LEU G 4544 -83.52 -1.49 29.02
N GLU G 4545 -83.29 -1.75 27.74
CA GLU G 4545 -81.97 -2.18 27.29
C GLU G 4545 -80.92 -1.11 27.50
N VAL G 4546 -81.26 0.15 27.18
CA VAL G 4546 -80.30 1.23 27.38
C VAL G 4546 -80.03 1.45 28.87
N GLN G 4547 -81.04 1.25 29.71
CA GLN G 4547 -80.81 1.37 31.15
C GLN G 4547 -80.08 0.15 31.70
N ARG G 4548 -80.33 -1.03 31.11
CA ARG G 4548 -79.66 -2.25 31.58
C ARG G 4548 -78.16 -2.17 31.33
N VAL G 4549 -77.75 -1.74 30.14
CA VAL G 4549 -76.33 -1.64 29.84
C VAL G 4549 -75.69 -0.53 30.67
N LYS G 4550 -76.43 0.57 30.88
CA LYS G 4550 -75.93 1.63 31.74
C LYS G 4550 -75.73 1.14 33.16
N PHE G 4551 -76.69 0.36 33.68
CA PHE G 4551 -76.55 -0.20 35.02
C PHE G 4551 -75.38 -1.17 35.08
N LEU G 4552 -75.24 -2.02 34.07
CA LEU G 4552 -74.12 -2.97 34.04
C LEU G 4552 -72.79 -2.24 33.93
N ASN G 4553 -72.72 -1.20 33.11
CA ASN G 4553 -71.48 -0.44 32.99
C ASN G 4553 -71.15 0.27 34.30
N TYR G 4554 -72.17 0.75 35.01
CA TYR G 4554 -71.93 1.39 36.31
C TYR G 4554 -71.32 0.41 37.30
N LEU G 4555 -71.83 -0.82 37.33
CA LEU G 4555 -71.26 -1.84 38.20
C LEU G 4555 -69.84 -2.19 37.77
N SER G 4556 -69.61 -2.30 36.46
CA SER G 4556 -68.27 -2.63 35.96
C SER G 4556 -67.28 -1.54 36.29
N ARG G 4557 -67.67 -0.27 36.10
CA ARG G 4557 -66.76 0.84 36.42
C ARG G 4557 -66.45 0.90 37.90
N ASN G 4558 -67.45 0.66 38.75
CA ASN G 4558 -67.31 0.79 40.19
C ASN G 4558 -67.20 -0.57 40.88
N PHE G 4559 -66.58 -1.55 40.23
CA PHE G 4559 -66.45 -2.87 40.81
C PHE G 4559 -65.61 -2.85 42.08
N TYR G 4560 -64.49 -2.12 42.06
CA TYR G 4560 -63.60 -2.10 43.21
C TYR G 4560 -64.18 -1.29 44.37
N THR G 4561 -64.94 -0.23 44.08
CA THR G 4561 -65.59 0.50 45.15
C THR G 4561 -66.64 -0.36 45.84
N LEU G 4562 -67.39 -1.16 45.07
CA LEU G 4562 -68.33 -2.09 45.68
C LEU G 4562 -67.61 -3.13 46.53
N ARG G 4563 -66.45 -3.60 46.07
CA ARG G 4563 -65.65 -4.52 46.87
C ARG G 4563 -65.21 -3.86 48.18
N PHE G 4564 -64.77 -2.61 48.10
CA PHE G 4564 -64.43 -1.88 49.33
C PHE G 4564 -65.66 -1.64 50.19
N LEU G 4565 -66.80 -1.34 49.56
CA LEU G 4565 -68.02 -1.10 50.31
C LEU G 4565 -68.47 -2.35 51.07
N ALA G 4566 -68.36 -3.51 50.42
CA ALA G 4566 -68.73 -4.75 51.10
C ALA G 4566 -67.83 -5.02 52.29
N LEU G 4567 -66.53 -4.75 52.15
CA LEU G 4567 -65.62 -4.91 53.28
C LEU G 4567 -65.96 -3.95 54.41
N PHE G 4568 -66.30 -2.70 54.06
CA PHE G 4568 -66.68 -1.73 55.09
C PHE G 4568 -67.95 -2.16 55.80
N LEU G 4569 -68.94 -2.67 55.06
CA LEU G 4569 -70.17 -3.12 55.68
C LEU G 4569 -69.93 -4.34 56.58
N ALA G 4570 -68.98 -5.18 56.22
CA ALA G 4570 -68.66 -6.35 57.04
C ALA G 4570 -68.15 -5.92 58.42
N PHE G 4571 -67.26 -4.92 58.45
CA PHE G 4571 -66.78 -4.41 59.73
C PHE G 4571 -67.90 -3.76 60.53
N ALA G 4572 -68.78 -3.02 59.85
CA ALA G 4572 -69.89 -2.38 60.55
C ALA G 4572 -70.82 -3.43 61.18
N ILE G 4573 -71.10 -4.51 60.45
CA ILE G 4573 -71.94 -5.57 60.99
C ILE G 4573 -71.25 -6.24 62.18
N ASN G 4574 -69.96 -6.54 62.04
CA ASN G 4574 -69.25 -7.23 63.10
C ASN G 4574 -69.05 -6.34 64.32
N PHE G 4575 -68.96 -5.02 64.11
CA PHE G 4575 -68.90 -4.11 65.25
C PHE G 4575 -70.18 -4.18 66.07
N ILE G 4576 -71.32 -4.28 65.40
CA ILE G 4576 -72.59 -4.43 66.11
C ILE G 4576 -72.65 -5.78 66.81
N LEU G 4577 -72.10 -6.83 66.19
CA LEU G 4577 -72.14 -8.16 66.79
C LEU G 4577 -71.36 -8.25 68.08
N LEU G 4578 -70.45 -7.31 68.34
CA LEU G 4578 -69.71 -7.30 69.60
C LEU G 4578 -70.63 -7.01 70.78
N PHE G 4579 -71.81 -6.47 70.54
CA PHE G 4579 -72.75 -6.13 71.59
C PHE G 4579 -73.75 -7.25 71.87
N TYR G 4580 -73.60 -8.40 71.22
CA TYR G 4580 -74.49 -9.53 71.48
C TYR G 4580 -74.30 -10.05 72.89
N LYS G 4581 -75.40 -10.51 73.48
CA LYS G 4581 -75.40 -11.00 74.85
C LYS G 4581 -76.36 -12.17 74.96
N VAL G 4582 -75.91 -13.25 75.59
CA VAL G 4582 -76.73 -14.42 75.79
C VAL G 4582 -77.30 -14.40 77.20
N SER G 4583 -78.59 -14.67 77.32
CA SER G 4583 -79.25 -14.65 78.62
C SER G 4583 -80.37 -15.69 78.62
N ASP G 4584 -80.55 -16.34 79.78
CA ASP G 4584 -81.63 -17.30 79.92
C ASP G 4584 -82.99 -16.62 79.83
N SER G 4585 -83.13 -15.44 80.42
CA SER G 4585 -84.39 -14.71 80.34
C SER G 4585 -84.60 -14.18 78.92
N PRO G 4586 -85.82 -14.25 78.40
CA PRO G 4586 -86.08 -13.70 77.08
C PRO G 4586 -85.86 -12.19 77.08
N PRO G 4587 -85.41 -11.61 75.95
CA PRO G 4587 -85.18 -10.18 75.85
C PRO G 4587 -86.48 -9.36 75.86
N ASN G 4626 -85.15 -25.01 78.95
CA ASN G 4626 -83.93 -24.41 79.53
C ASN G 4626 -83.01 -23.90 78.44
N MET G 4627 -83.58 -23.29 77.41
CA MET G 4627 -82.81 -22.75 76.29
C MET G 4627 -82.54 -21.27 76.51
N VAL G 4628 -81.41 -20.80 75.98
CA VAL G 4628 -80.97 -19.43 76.16
C VAL G 4628 -81.35 -18.61 74.94
N TYR G 4629 -81.26 -17.29 75.11
CA TYR G 4629 -81.64 -16.35 74.03
C TYR G 4629 -80.46 -15.42 73.73
N TYR G 4630 -80.19 -15.18 72.46
CA TYR G 4630 -79.07 -14.30 72.05
C TYR G 4630 -79.66 -12.99 71.58
N PHE G 4631 -79.27 -11.87 72.17
CA PHE G 4631 -79.87 -10.57 71.82
C PHE G 4631 -78.84 -9.45 71.92
N LEU G 4632 -79.03 -8.36 71.18
CA LEU G 4632 -78.14 -7.22 71.35
C LEU G 4632 -78.40 -6.55 72.69
N GLU G 4633 -77.33 -6.07 73.32
CA GLU G 4633 -77.41 -5.37 74.60
C GLU G 4633 -76.88 -3.96 74.38
N GLU G 4634 -77.79 -3.02 74.13
CA GLU G 4634 -77.42 -1.63 73.92
C GLU G 4634 -78.58 -0.74 74.39
N SER G 4635 -78.23 0.49 74.75
CA SER G 4635 -79.22 1.44 75.25
C SER G 4635 -79.74 2.41 74.20
N THR G 4636 -79.01 2.58 73.09
CA THR G 4636 -79.46 3.51 72.06
C THR G 4636 -80.77 3.05 71.43
N GLY G 4637 -80.90 1.76 71.16
CA GLY G 4637 -82.09 1.22 70.53
C GLY G 4637 -82.09 1.28 69.03
N TYR G 4638 -81.08 1.88 68.41
CA TYR G 4638 -80.98 1.96 66.96
C TYR G 4638 -80.11 0.88 66.34
N MET G 4639 -79.29 0.20 67.16
CA MET G 4639 -78.38 -0.81 66.62
C MET G 4639 -79.13 -2.03 66.10
N GLU G 4640 -80.20 -2.46 66.77
CA GLU G 4640 -80.96 -3.60 66.29
C GLU G 4640 -81.58 -3.36 64.92
N PRO G 4641 -82.27 -2.24 64.66
CA PRO G 4641 -82.69 -1.98 63.28
C PRO G 4641 -81.53 -1.79 62.32
N ALA G 4642 -80.43 -1.21 62.79
CA ALA G 4642 -79.29 -0.96 61.90
C ALA G 4642 -78.67 -2.27 61.43
N LEU G 4643 -78.60 -3.27 62.31
CA LEU G 4643 -78.03 -4.55 61.92
C LEU G 4643 -78.85 -5.20 60.81
N TRP G 4644 -80.18 -5.12 60.90
CA TRP G 4644 -81.03 -5.66 59.84
C TRP G 4644 -80.83 -4.91 58.53
N CYS G 4645 -80.73 -3.58 58.59
CA CYS G 4645 -80.53 -2.80 57.38
C CYS G 4645 -79.17 -3.09 56.76
N LEU G 4646 -78.12 -3.17 57.58
CA LEU G 4646 -76.79 -3.44 57.05
C LEU G 4646 -76.69 -4.85 56.48
N SER G 4647 -77.35 -5.82 57.12
CA SER G 4647 -77.30 -7.18 56.61
C SER G 4647 -77.93 -7.29 55.23
N LEU G 4648 -79.08 -6.63 55.03
CA LEU G 4648 -79.69 -6.61 53.71
C LEU G 4648 -78.83 -5.85 52.70
N LEU G 4649 -78.27 -4.72 53.12
CA LEU G 4649 -77.44 -3.92 52.22
C LEU G 4649 -76.18 -4.69 51.83
N HIS G 4650 -75.57 -5.40 52.80
CA HIS G 4650 -74.37 -6.18 52.50
C HIS G 4650 -74.68 -7.29 51.51
N THR G 4651 -75.84 -7.94 51.65
CA THR G 4651 -76.23 -8.97 50.70
C THR G 4651 -76.41 -8.40 49.31
N LEU G 4652 -77.00 -7.21 49.20
CA LEU G 4652 -77.19 -6.57 47.90
C LEU G 4652 -75.85 -6.23 47.26
N VAL G 4653 -74.92 -5.69 48.05
CA VAL G 4653 -73.62 -5.30 47.51
C VAL G 4653 -72.85 -6.51 47.02
N ALA G 4654 -72.90 -7.62 47.79
CA ALA G 4654 -72.20 -8.82 47.37
C ALA G 4654 -72.77 -9.36 46.07
N PHE G 4655 -74.09 -9.30 45.91
CA PHE G 4655 -74.70 -9.75 44.66
C PHE G 4655 -74.27 -8.86 43.49
N LEU G 4656 -74.17 -7.55 43.72
CA LEU G 4656 -73.74 -6.65 42.66
C LEU G 4656 -72.28 -6.89 42.27
N CYS G 4657 -71.47 -7.35 43.22
CA CYS G 4657 -70.07 -7.63 42.91
C CYS G 4657 -69.94 -8.77 41.89
N ILE G 4658 -70.78 -9.80 42.02
CA ILE G 4658 -70.78 -10.91 41.07
C ILE G 4658 -71.16 -10.40 39.68
N ILE G 4659 -72.20 -9.58 39.60
CA ILE G 4659 -72.58 -8.98 38.32
C ILE G 4659 -71.48 -8.06 37.82
N GLY G 4660 -70.88 -7.27 38.71
CA GLY G 4660 -69.78 -6.43 38.30
C GLY G 4660 -68.58 -7.23 37.83
N TYR G 4661 -68.34 -8.38 38.45
CA TYR G 4661 -67.20 -9.20 38.06
C TYR G 4661 -67.41 -9.84 36.70
N ASN G 4662 -68.59 -10.43 36.47
CA ASN G 4662 -68.81 -11.16 35.23
C ASN G 4662 -68.97 -10.24 34.02
N CYS G 4663 -69.12 -8.94 34.25
CA CYS G 4663 -69.16 -7.98 33.16
C CYS G 4663 -67.84 -7.23 32.97
N LEU G 4664 -66.87 -7.43 33.87
CA LEU G 4664 -65.59 -6.74 33.79
C LEU G 4664 -64.42 -7.70 33.63
N LYS G 4665 -64.35 -8.75 34.44
CA LYS G 4665 -63.22 -9.66 34.43
C LYS G 4665 -63.48 -10.95 33.68
N VAL G 4666 -64.71 -11.45 33.68
CA VAL G 4666 -65.01 -12.70 32.96
C VAL G 4666 -64.70 -12.61 31.48
N PRO G 4667 -65.03 -11.53 30.75
CA PRO G 4667 -64.68 -11.49 29.32
C PRO G 4667 -63.21 -11.71 29.03
N LEU G 4668 -62.32 -11.23 29.89
CA LEU G 4668 -60.90 -11.51 29.71
C LEU G 4668 -60.60 -13.00 29.89
N VAL G 4669 -61.25 -13.63 30.87
CA VAL G 4669 -61.02 -15.05 31.12
C VAL G 4669 -61.45 -15.87 29.90
N ILE G 4670 -62.61 -15.55 29.34
CA ILE G 4670 -63.08 -16.25 28.15
C ILE G 4670 -62.18 -15.94 26.96
N PHE G 4671 -61.74 -14.68 26.85
CA PHE G 4671 -60.87 -14.29 25.74
C PHE G 4671 -59.56 -15.06 25.77
N LYS G 4672 -58.95 -15.17 26.96
CA LYS G 4672 -57.68 -15.87 27.07
C LYS G 4672 -57.84 -17.35 26.75
N ARG G 4673 -58.90 -17.98 27.25
CA ARG G 4673 -59.10 -19.41 27.03
C ARG G 4673 -59.41 -19.70 25.56
N GLU G 4674 -60.23 -18.86 24.93
CA GLU G 4674 -60.49 -19.03 23.50
C GLU G 4674 -59.23 -18.80 22.68
N LYS G 4675 -58.40 -17.85 23.11
CA LYS G 4675 -57.17 -17.55 22.39
C LYS G 4675 -56.23 -18.74 22.37
N GLU G 4676 -55.97 -19.32 23.54
CA GLU G 4676 -55.03 -20.44 23.61
C GLU G 4676 -55.60 -21.68 22.94
N LEU G 4677 -56.91 -21.89 23.05
CA LEU G 4677 -57.52 -23.05 22.41
C LEU G 4677 -57.43 -22.96 20.89
N ALA G 4678 -57.65 -21.76 20.33
CA ALA G 4678 -57.60 -21.60 18.88
C ALA G 4678 -56.21 -21.89 18.34
N ARG G 4679 -55.17 -21.43 19.04
CA ARG G 4679 -53.81 -21.64 18.56
C ARG G 4679 -53.41 -23.11 18.64
N LYS G 4680 -53.87 -23.82 19.68
CA LYS G 4680 -53.57 -25.23 19.79
C LYS G 4680 -54.30 -26.04 18.72
N LEU G 4681 -55.48 -25.58 18.32
CA LEU G 4681 -56.20 -26.22 17.22
C LEU G 4681 -55.43 -26.09 15.91
N GLU G 4682 -54.86 -24.92 15.67
CA GLU G 4682 -54.20 -24.65 14.39
C GLU G 4682 -52.73 -25.06 14.41
N PHE G 4683 -51.96 -24.49 15.34
CA PHE G 4683 -50.52 -24.70 15.37
C PHE G 4683 -50.11 -25.99 16.07
N ASP G 4684 -51.05 -26.71 16.67
CA ASP G 4684 -50.75 -27.98 17.32
C ASP G 4684 -51.69 -29.11 16.95
N GLY G 4685 -52.91 -28.84 16.50
CA GLY G 4685 -53.86 -29.90 16.22
C GLY G 4685 -54.23 -30.67 17.46
N LEU G 4686 -54.62 -29.96 18.52
CA LEU G 4686 -54.85 -30.59 19.81
C LEU G 4686 -55.92 -31.67 19.72
N TYR G 4687 -57.03 -31.38 19.07
CA TYR G 4687 -58.12 -32.33 18.90
C TYR G 4687 -58.10 -32.99 17.53
N ILE G 4688 -57.07 -32.75 16.74
CA ILE G 4688 -56.90 -33.39 15.44
C ILE G 4688 -55.87 -34.51 15.49
N THR G 4689 -54.76 -34.30 16.19
CA THR G 4689 -53.65 -35.25 16.21
C THR G 4689 -53.45 -35.86 17.59
N GLU G 4690 -53.18 -35.05 18.61
CA GLU G 4690 -52.74 -35.61 19.90
C GLU G 4690 -53.88 -36.15 20.76
N GLN G 4691 -55.03 -35.47 20.80
CA GLN G 4691 -56.18 -35.96 21.55
C GLN G 4691 -55.84 -36.16 23.03
N PRO G 4692 -55.74 -35.08 23.82
CA PRO G 4692 -55.27 -35.18 25.22
C PRO G 4692 -55.78 -36.41 25.99
N GLY G 4693 -54.89 -36.99 26.79
CA GLY G 4693 -55.13 -38.28 27.40
C GLY G 4693 -55.97 -38.28 28.67
N ASP G 4694 -57.05 -37.50 28.68
CA ASP G 4694 -58.10 -37.59 29.69
C ASP G 4694 -57.63 -37.15 31.08
N ASP G 4695 -56.36 -36.80 31.21
CA ASP G 4695 -55.83 -36.29 32.47
C ASP G 4695 -55.82 -34.77 32.53
N ASP G 4696 -56.22 -34.10 31.45
CA ASP G 4696 -56.30 -32.64 31.42
C ASP G 4696 -57.79 -32.27 31.37
N VAL G 4697 -58.34 -31.90 32.52
CA VAL G 4697 -59.74 -31.51 32.57
C VAL G 4697 -59.99 -30.27 31.73
N LYS G 4698 -59.01 -29.36 31.68
CA LYS G 4698 -59.16 -28.16 30.86
C LYS G 4698 -59.27 -28.53 29.38
N GLY G 4699 -58.45 -29.47 28.92
CA GLY G 4699 -58.53 -29.91 27.53
C GLY G 4699 -59.80 -30.67 27.23
N GLN G 4700 -60.24 -31.53 28.16
CA GLN G 4700 -61.44 -32.31 27.93
C GLN G 4700 -62.69 -31.44 27.95
N TRP G 4701 -62.70 -30.36 28.73
CA TRP G 4701 -63.87 -29.51 28.81
C TRP G 4701 -64.03 -28.66 27.55
N ASP G 4702 -62.93 -28.36 26.86
CA ASP G 4702 -62.99 -27.50 25.68
C ASP G 4702 -63.58 -28.20 24.46
N ARG G 4703 -63.81 -29.52 24.52
CA ARG G 4703 -64.41 -30.21 23.40
C ARG G 4703 -65.84 -29.77 23.14
N LEU G 4704 -66.51 -29.22 24.15
CA LEU G 4704 -67.90 -28.81 23.98
C LEU G 4704 -68.04 -27.57 23.10
N VAL G 4705 -66.97 -26.78 22.98
CA VAL G 4705 -67.05 -25.51 22.26
C VAL G 4705 -66.52 -25.60 20.83
N LEU G 4706 -65.95 -26.73 20.44
CA LEU G 4706 -65.35 -26.84 19.11
C LEU G 4706 -66.39 -26.69 18.01
N ASN G 4707 -67.54 -27.34 18.17
CA ASN G 4707 -68.58 -27.33 17.15
C ASN G 4707 -69.64 -26.25 17.39
N THR G 4708 -69.46 -25.42 18.41
CA THR G 4708 -70.43 -24.37 18.67
C THR G 4708 -70.37 -23.30 17.57
N PRO G 4709 -71.52 -22.79 17.12
CA PRO G 4709 -71.50 -21.76 16.08
C PRO G 4709 -70.83 -20.46 16.51
N SER G 4710 -70.72 -20.21 17.81
CA SER G 4710 -70.15 -18.97 18.30
C SER G 4710 -68.92 -19.23 19.17
N PHE G 4711 -68.03 -20.12 18.70
CA PHE G 4711 -66.83 -20.43 19.47
C PHE G 4711 -65.94 -19.21 19.67
N PRO G 4712 -65.56 -18.46 18.62
CA PRO G 4712 -64.70 -17.28 18.89
C PRO G 4712 -65.53 -16.05 19.21
N SER G 4713 -66.25 -16.09 20.33
CA SER G 4713 -67.10 -14.98 20.71
C SER G 4713 -66.29 -13.78 21.19
N ASN G 4714 -65.28 -14.02 22.03
CA ASN G 4714 -64.44 -12.95 22.54
C ASN G 4714 -63.12 -12.82 21.80
N TYR G 4715 -62.58 -13.93 21.30
CA TYR G 4715 -61.34 -13.88 20.53
C TYR G 4715 -61.57 -13.14 19.22
N TRP G 4716 -60.59 -12.31 18.85
CA TRP G 4716 -60.77 -11.44 17.69
C TRP G 4716 -60.80 -12.22 16.38
N ASP G 4717 -60.07 -13.32 16.28
CA ASP G 4717 -59.99 -14.08 15.04
C ASP G 4717 -61.28 -14.88 14.89
N LYS G 4718 -62.16 -14.41 14.02
CA LYS G 4718 -63.43 -15.08 13.75
C LYS G 4718 -63.32 -16.14 12.66
N PHE G 4719 -62.15 -16.28 12.04
CA PHE G 4719 -61.96 -17.23 10.95
C PHE G 4719 -60.98 -18.32 11.34
N VAL G 4720 -60.93 -18.66 12.63
CA VAL G 4720 -60.02 -19.72 13.09
C VAL G 4720 -60.42 -21.05 12.49
N LYS G 4721 -61.72 -21.35 12.46
CA LYS G 4721 -62.19 -22.62 11.90
C LYS G 4721 -61.81 -22.75 10.44
N ARG G 4722 -61.93 -21.65 9.68
CA ARG G 4722 -61.55 -21.62 8.28
C ARG G 4722 -60.07 -21.93 8.13
N LYS G 4723 -59.24 -21.33 8.98
CA LYS G 4723 -57.80 -21.55 8.92
C LYS G 4723 -57.43 -22.98 9.30
N VAL G 4724 -58.08 -23.53 10.32
CA VAL G 4724 -57.79 -24.90 10.74
C VAL G 4724 -58.18 -25.88 9.64
N LEU G 4725 -59.31 -25.64 8.97
CA LEU G 4725 -59.74 -26.53 7.90
C LEU G 4725 -58.74 -26.55 6.75
N ASP G 4726 -58.19 -25.38 6.40
CA ASP G 4726 -57.24 -25.33 5.30
C ASP G 4726 -55.90 -25.96 5.67
N LYS G 4727 -55.58 -26.00 6.96
CA LYS G 4727 -54.29 -26.52 7.40
C LYS G 4727 -54.30 -28.02 7.62
N HIS G 4728 -55.38 -28.57 8.19
CA HIS G 4728 -55.44 -29.98 8.53
C HIS G 4728 -56.48 -30.75 7.71
N GLY G 4729 -57.18 -30.10 6.78
CA GLY G 4729 -58.20 -30.79 6.02
C GLY G 4729 -57.64 -31.86 5.10
N ASP G 4730 -56.49 -31.59 4.48
CA ASP G 4730 -55.94 -32.53 3.52
C ASP G 4730 -55.40 -33.79 4.20
N ILE G 4731 -54.85 -33.65 5.40
CA ILE G 4731 -54.23 -34.79 6.09
C ILE G 4731 -55.21 -35.51 7.01
N PHE G 4732 -56.28 -34.85 7.45
CA PHE G 4732 -57.22 -35.45 8.38
C PHE G 4732 -58.62 -35.62 7.82
N GLY G 4733 -58.92 -35.03 6.66
CA GLY G 4733 -60.25 -35.14 6.09
C GLY G 4733 -61.07 -33.88 6.26
N ARG G 4734 -61.44 -33.25 5.15
CA ARG G 4734 -62.20 -32.00 5.23
C ARG G 4734 -63.55 -32.21 5.87
N GLU G 4735 -64.25 -33.29 5.51
CA GLU G 4735 -65.55 -33.56 6.09
C GLU G 4735 -65.45 -33.90 7.58
N ARG G 4736 -64.37 -34.56 7.99
CA ARG G 4736 -64.20 -34.87 9.40
C ARG G 4736 -63.83 -33.63 10.20
N ILE G 4737 -63.02 -32.75 9.63
CA ILE G 4737 -62.69 -31.49 10.29
C ILE G 4737 -63.94 -30.63 10.43
N ALA G 4738 -64.75 -30.56 9.38
CA ALA G 4738 -65.98 -29.77 9.44
C ALA G 4738 -66.93 -30.32 10.50
N GLU G 4739 -67.04 -31.65 10.60
CA GLU G 4739 -67.86 -32.24 11.64
C GLU G 4739 -67.32 -31.90 13.03
N LEU G 4740 -65.99 -31.95 13.19
CA LEU G 4740 -65.39 -31.63 14.49
C LEU G 4740 -65.65 -30.18 14.87
N LEU G 4741 -65.52 -29.26 13.92
CA LEU G 4741 -65.68 -27.85 14.17
C LEU G 4741 -67.09 -27.35 13.90
N GLY G 4742 -68.01 -28.22 13.52
CA GLY G 4742 -69.37 -27.80 13.25
C GLY G 4742 -69.49 -26.83 12.09
N MET G 4743 -68.76 -27.09 11.01
CA MET G 4743 -68.74 -26.22 9.85
C MET G 4743 -69.57 -26.81 8.72
N ASP G 4744 -70.33 -25.95 8.05
CA ASP G 4744 -71.09 -26.34 6.86
C ASP G 4744 -70.22 -26.05 5.64
N LEU G 4745 -69.73 -27.12 4.99
CA LEU G 4745 -68.87 -26.94 3.83
C LEU G 4745 -69.62 -26.29 2.67
N ALA G 4746 -70.90 -26.63 2.49
CA ALA G 4746 -71.68 -26.03 1.43
C ALA G 4746 -71.94 -24.54 1.67
N SER G 4747 -71.84 -24.08 2.90
CA SER G 4747 -72.06 -22.68 3.23
C SER G 4747 -70.81 -21.83 3.06
N LEU G 4748 -69.64 -22.44 2.85
CA LEU G 4748 -68.41 -21.67 2.68
C LEU G 4748 -68.45 -20.84 1.40
N GLU G 4749 -68.95 -21.45 0.31
CA GLU G 4749 -68.93 -20.77 -0.98
C GLU G 4749 -69.97 -19.65 -1.05
N ILE G 4750 -71.19 -19.92 -0.55
CA ILE G 4750 -72.27 -18.96 -0.70
C ILE G 4750 -71.97 -17.68 0.07
N THR G 4751 -71.31 -17.80 1.23
CA THR G 4751 -70.88 -16.60 1.95
C THR G 4751 -69.85 -15.82 1.15
N ALA G 4752 -68.93 -16.51 0.49
CA ALA G 4752 -67.94 -15.84 -0.35
C ALA G 4752 -68.54 -15.31 -1.64
N HIS G 4753 -69.68 -15.84 -2.08
CA HIS G 4753 -70.31 -15.37 -3.30
C HIS G 4753 -70.96 -14.01 -3.10
N ASN G 4754 -71.88 -13.92 -2.15
CA ASN G 4754 -72.57 -12.67 -1.85
C ASN G 4754 -72.91 -12.67 -0.36
N GLU G 4755 -73.66 -11.66 0.08
CA GLU G 4755 -74.03 -11.51 1.47
C GLU G 4755 -75.54 -11.44 1.60
N ARG G 4756 -76.07 -12.10 2.63
CA ARG G 4756 -77.50 -12.13 2.90
C ARG G 4756 -77.85 -11.17 4.02
N LYS G 4757 -78.96 -10.45 3.87
CA LYS G 4757 -79.47 -9.55 4.89
C LYS G 4757 -80.83 -10.03 5.36
N PRO G 4758 -80.88 -10.85 6.41
CA PRO G 4758 -82.19 -11.34 6.89
C PRO G 4758 -82.90 -10.33 7.77
N ASP G 4759 -84.05 -10.72 8.32
CA ASP G 4759 -84.79 -9.87 9.24
C ASP G 4759 -84.40 -10.22 10.66
N PRO G 4760 -83.78 -9.31 11.41
CA PRO G 4760 -83.50 -9.54 12.83
C PRO G 4760 -84.62 -9.04 13.72
N PRO G 4761 -85.69 -9.81 13.93
CA PRO G 4761 -86.84 -9.31 14.67
C PRO G 4761 -86.47 -9.08 16.13
N PRO G 4762 -86.72 -7.87 16.65
CA PRO G 4762 -86.36 -7.53 18.04
C PRO G 4762 -87.36 -8.07 19.07
N GLY G 4763 -87.67 -9.35 18.96
CA GLY G 4763 -88.58 -10.01 19.88
C GLY G 4763 -87.85 -10.92 20.85
N LEU G 4764 -88.36 -10.98 22.08
CA LEU G 4764 -87.75 -11.84 23.09
C LEU G 4764 -87.94 -13.32 22.75
N LEU G 4765 -89.07 -13.67 22.13
CA LEU G 4765 -89.30 -15.06 21.75
C LEU G 4765 -88.25 -15.53 20.74
N THR G 4766 -87.95 -14.70 19.74
CA THR G 4766 -86.91 -15.04 18.78
C THR G 4766 -85.54 -15.11 19.43
N TRP G 4767 -85.34 -14.33 20.50
CA TRP G 4767 -84.08 -14.36 21.25
C TRP G 4767 -83.89 -15.65 22.04
N LEU G 4768 -84.96 -16.41 22.28
CA LEU G 4768 -84.85 -17.61 23.10
C LEU G 4768 -84.05 -18.69 22.38
N MET G 4769 -84.41 -19.00 21.14
CA MET G 4769 -83.75 -20.08 20.39
C MET G 4769 -82.49 -19.61 19.68
N SER G 4770 -82.16 -18.32 19.78
CA SER G 4770 -80.92 -17.81 19.23
C SER G 4770 -79.75 -17.98 20.20
N ILE G 4771 -79.99 -18.53 21.38
CA ILE G 4771 -78.95 -18.73 22.38
C ILE G 4771 -78.25 -20.05 22.10
N ASP G 4772 -76.92 -20.01 21.99
CA ASP G 4772 -76.12 -21.21 21.79
C ASP G 4772 -75.98 -21.89 23.15
N VAL G 4773 -76.85 -22.87 23.40
CA VAL G 4773 -76.91 -23.50 24.72
C VAL G 4773 -75.61 -24.21 25.05
N LYS G 4774 -75.04 -24.91 24.07
CA LYS G 4774 -73.80 -25.65 24.32
C LYS G 4774 -72.66 -24.71 24.65
N TYR G 4775 -72.58 -23.56 23.98
CA TYR G 4775 -71.56 -22.58 24.31
C TYR G 4775 -71.74 -22.02 25.71
N GLN G 4776 -72.99 -21.75 26.10
CA GLN G 4776 -73.26 -21.21 27.43
C GLN G 4776 -72.86 -22.20 28.52
N ILE G 4777 -73.12 -23.48 28.29
CA ILE G 4777 -72.70 -24.50 29.25
C ILE G 4777 -71.18 -24.52 29.37
N TRP G 4778 -70.47 -24.44 28.24
CA TRP G 4778 -69.02 -24.39 28.28
C TRP G 4778 -68.53 -23.13 28.98
N LYS G 4779 -69.14 -21.99 28.67
CA LYS G 4779 -68.70 -20.73 29.27
C LYS G 4779 -68.91 -20.72 30.78
N PHE G 4780 -70.06 -21.23 31.24
CA PHE G 4780 -70.33 -21.25 32.67
C PHE G 4780 -69.39 -22.19 33.41
N GLY G 4781 -68.99 -23.29 32.77
CA GLY G 4781 -68.01 -24.18 33.38
C GLY G 4781 -66.68 -23.50 33.60
N VAL G 4782 -66.27 -22.65 32.66
CA VAL G 4782 -65.04 -21.89 32.82
C VAL G 4782 -65.16 -20.89 33.96
N ILE G 4783 -66.31 -20.20 34.04
CA ILE G 4783 -66.52 -19.23 35.10
C ILE G 4783 -66.54 -19.90 36.47
N PHE G 4784 -67.22 -21.04 36.57
CA PHE G 4784 -67.31 -21.76 37.83
C PHE G 4784 -65.98 -22.36 38.27
N THR G 4785 -65.01 -22.46 37.38
CA THR G 4785 -63.66 -22.92 37.73
C THR G 4785 -62.69 -21.79 37.95
N ASP G 4786 -63.16 -20.54 37.94
CA ASP G 4786 -62.32 -19.38 38.16
C ASP G 4786 -62.21 -19.11 39.66
N ASN G 4787 -60.97 -18.97 40.15
CA ASN G 4787 -60.76 -18.77 41.58
C ASN G 4787 -61.40 -17.48 42.07
N SER G 4788 -61.26 -16.40 41.31
CA SER G 4788 -61.84 -15.12 41.73
C SER G 4788 -63.35 -15.19 41.76
N PHE G 4789 -63.98 -15.90 40.83
CA PHE G 4789 -65.46 -15.93 40.80
C PHE G 4789 -65.94 -16.78 41.97
N LEU G 4790 -65.26 -17.89 42.23
CA LEU G 4790 -65.66 -18.80 43.32
C LEU G 4790 -65.55 -18.06 44.65
N TYR G 4791 -64.53 -17.23 44.83
CA TYR G 4791 -64.42 -16.42 46.08
C TYR G 4791 -65.61 -15.50 46.21
N LEU G 4792 -65.98 -14.83 45.13
CA LEU G 4792 -67.12 -13.89 45.17
C LEU G 4792 -68.40 -14.68 45.43
N GLY G 4793 -68.53 -15.87 44.86
CA GLY G 4793 -69.69 -16.73 45.11
C GLY G 4793 -69.77 -17.17 46.55
N TRP G 4794 -68.64 -17.51 47.15
CA TRP G 4794 -68.61 -17.88 48.58
C TRP G 4794 -69.03 -16.68 49.41
N TYR G 4795 -68.56 -15.49 49.06
CA TYR G 4795 -68.88 -14.28 49.83
C TYR G 4795 -70.39 -14.09 49.82
N MET G 4796 -71.01 -14.28 48.66
CA MET G 4796 -72.48 -14.13 48.53
C MET G 4796 -73.21 -15.20 49.33
N VAL G 4797 -72.76 -16.44 49.27
CA VAL G 4797 -73.45 -17.54 49.98
C VAL G 4797 -73.38 -17.25 51.47
N MET G 4798 -72.22 -16.80 51.94
CA MET G 4798 -72.05 -16.51 53.38
C MET G 4798 -72.95 -15.36 53.78
N SER G 4799 -73.13 -14.38 52.90
CA SER G 4799 -74.02 -13.24 53.17
C SER G 4799 -75.46 -13.72 53.35
N LEU G 4800 -75.89 -14.66 52.52
CA LEU G 4800 -77.24 -15.23 52.65
C LEU G 4800 -77.36 -16.03 53.94
N LEU G 4801 -76.32 -16.80 54.29
CA LEU G 4801 -76.33 -17.59 55.54
C LEU G 4801 -76.37 -16.62 56.70
N GLY G 4802 -75.87 -15.41 56.50
CA GLY G 4802 -75.88 -14.37 57.52
C GLY G 4802 -77.29 -14.04 57.91
N HIS G 4803 -78.21 -14.13 56.98
CA HIS G 4803 -79.64 -13.93 57.31
C HIS G 4803 -80.14 -15.04 58.23
N TYR G 4804 -79.69 -16.28 58.07
CA TYR G 4804 -80.08 -17.34 59.03
C TYR G 4804 -79.47 -17.04 60.39
N ASN G 4805 -78.15 -16.95 60.52
CA ASN G 4805 -77.52 -16.49 61.79
C ASN G 4805 -76.58 -15.35 61.44
N ASN G 4806 -76.70 -14.22 62.11
CA ASN G 4806 -75.91 -13.02 61.75
C ASN G 4806 -74.43 -13.28 61.95
N PHE G 4807 -74.07 -14.24 62.81
CA PHE G 4807 -72.66 -14.48 63.15
C PHE G 4807 -71.88 -14.97 61.93
N PHE G 4808 -72.57 -15.46 60.91
CA PHE G 4808 -71.90 -15.91 59.66
C PHE G 4808 -71.27 -14.71 58.97
N PHE G 4809 -71.78 -13.52 59.24
CA PHE G 4809 -71.19 -12.30 58.64
C PHE G 4809 -69.76 -12.11 59.13
N ALA G 4810 -69.31 -12.90 60.10
CA ALA G 4810 -67.91 -12.84 60.57
C ALA G 4810 -66.96 -13.31 59.49
N ALA G 4811 -67.37 -14.29 58.70
CA ALA G 4811 -66.49 -14.89 57.68
C ALA G 4811 -66.02 -13.81 56.72
N HIS G 4812 -66.86 -12.83 56.47
CA HIS G 4812 -66.55 -11.78 55.47
C HIS G 4812 -65.34 -10.96 55.92
N LEU G 4813 -65.02 -10.94 57.21
CA LEU G 4813 -63.90 -10.12 57.71
C LEU G 4813 -62.59 -10.74 57.24
N LEU G 4814 -62.64 -11.97 56.76
CA LEU G 4814 -61.43 -12.62 56.18
C LEU G 4814 -61.02 -11.87 54.91
N ASP G 4815 -61.97 -11.34 54.16
CA ASP G 4815 -61.69 -10.58 52.91
C ASP G 4815 -60.50 -9.63 53.04
N ILE G 4816 -60.17 -9.14 54.24
CA ILE G 4816 -58.98 -8.31 54.36
C ILE G 4816 -57.73 -9.01 53.87
N ALA G 4817 -57.78 -10.33 53.67
CA ALA G 4817 -56.64 -11.05 53.13
C ALA G 4817 -56.29 -10.56 51.74
N MET G 4818 -57.30 -10.35 50.90
CA MET G 4818 -57.10 -9.81 49.56
C MET G 4818 -57.63 -8.40 49.40
N GLY G 4819 -58.39 -7.89 50.36
CA GLY G 4819 -58.80 -6.50 50.31
C GLY G 4819 -57.63 -5.55 50.45
N VAL G 4820 -56.68 -5.89 51.31
CA VAL G 4820 -55.48 -5.10 51.53
C VAL G 4820 -54.29 -5.87 50.98
N LYS G 4821 -53.54 -5.24 50.07
CA LYS G 4821 -52.40 -5.92 49.46
C LYS G 4821 -51.26 -6.15 50.44
N THR G 4822 -51.16 -5.34 51.49
CA THR G 4822 -50.12 -5.54 52.49
C THR G 4822 -50.29 -6.86 53.22
N LEU G 4823 -51.53 -7.19 53.60
CA LEU G 4823 -51.79 -8.46 54.27
C LEU G 4823 -51.57 -9.63 53.32
N ARG G 4824 -51.91 -9.46 52.05
CA ARG G 4824 -51.72 -10.54 51.08
C ARG G 4824 -50.25 -10.89 50.93
N THR G 4825 -49.39 -9.87 50.92
CA THR G 4825 -47.95 -10.15 50.89
C THR G 4825 -47.49 -10.86 52.16
N ILE G 4826 -48.02 -10.44 53.31
CA ILE G 4826 -47.68 -11.11 54.56
C ILE G 4826 -48.18 -12.55 54.56
N LEU G 4827 -49.42 -12.77 54.11
CA LEU G 4827 -49.96 -14.12 54.06
C LEU G 4827 -49.26 -14.95 53.00
N SER G 4828 -48.71 -14.32 51.95
CA SER G 4828 -47.93 -15.07 50.98
C SER G 4828 -46.68 -15.66 51.59
N SER G 4829 -46.14 -15.03 52.64
CA SER G 4829 -45.00 -15.58 53.36
C SER G 4829 -45.36 -16.84 54.13
N VAL G 4830 -46.63 -17.13 54.30
CA VAL G 4830 -47.06 -18.38 54.94
C VAL G 4830 -47.40 -19.44 53.90
N THR G 4831 -48.07 -19.05 52.81
CA THR G 4831 -48.43 -19.99 51.75
C THR G 4831 -47.27 -20.31 50.81
N HIS G 4832 -46.18 -19.56 50.87
CA HIS G 4832 -45.05 -19.84 49.99
C HIS G 4832 -44.45 -21.21 50.29
N ASN G 4833 -44.30 -21.53 51.57
CA ASN G 4833 -43.83 -22.83 52.02
C ASN G 4833 -44.95 -23.62 52.68
N GLY G 4834 -46.17 -23.48 52.16
CA GLY G 4834 -47.31 -24.14 52.76
C GLY G 4834 -47.19 -25.65 52.73
N LYS G 4835 -46.70 -26.20 51.63
CA LYS G 4835 -46.53 -27.64 51.53
C LYS G 4835 -45.53 -28.14 52.57
N GLN G 4836 -44.43 -27.40 52.75
CA GLN G 4836 -43.47 -27.76 53.80
C GLN G 4836 -44.07 -27.63 55.18
N LEU G 4837 -44.92 -26.62 55.39
CA LEU G 4837 -45.58 -26.46 56.69
C LEU G 4837 -46.51 -27.62 56.99
N VAL G 4838 -47.23 -28.12 55.98
CA VAL G 4838 -48.10 -29.28 56.19
C VAL G 4838 -47.27 -30.52 56.52
N MET G 4839 -46.16 -30.73 55.81
CA MET G 4839 -45.34 -31.91 56.03
C MET G 4839 -44.70 -31.91 57.41
N THR G 4840 -44.20 -30.76 57.87
CA THR G 4840 -43.56 -30.73 59.17
C THR G 4840 -44.57 -30.92 60.30
N VAL G 4841 -45.83 -30.51 60.09
CA VAL G 4841 -46.87 -30.84 61.05
C VAL G 4841 -47.16 -32.33 61.03
N GLY G 4842 -47.20 -32.93 59.84
CA GLY G 4842 -47.34 -34.37 59.75
C GLY G 4842 -46.17 -35.11 60.39
N LEU G 4843 -44.96 -34.58 60.19
CA LEU G 4843 -43.79 -35.14 60.88
C LEU G 4843 -43.93 -34.98 62.38
N LEU G 4844 -44.49 -33.86 62.84
CA LEU G 4844 -44.73 -33.67 64.26
C LEU G 4844 -45.67 -34.72 64.82
N ALA G 4845 -46.72 -35.05 64.07
CA ALA G 4845 -47.65 -36.08 64.52
C ALA G 4845 -46.98 -37.44 64.64
N VAL G 4846 -46.09 -37.76 63.70
CA VAL G 4846 -45.41 -39.07 63.72
C VAL G 4846 -44.45 -39.14 64.92
N VAL G 4847 -43.68 -38.09 65.17
CA VAL G 4847 -42.69 -38.13 66.29
C VAL G 4847 -43.45 -38.26 67.60
N VAL G 4848 -44.57 -37.58 67.74
CA VAL G 4848 -45.42 -37.65 68.96
C VAL G 4848 -45.99 -39.06 69.12
N TYR G 4849 -46.35 -39.73 68.03
CA TYR G 4849 -46.86 -41.12 68.08
C TYR G 4849 -45.79 -42.04 68.63
N LEU G 4850 -44.56 -41.83 68.21
CA LEU G 4850 -43.46 -42.69 68.69
C LEU G 4850 -43.30 -42.48 70.20
N TYR G 4851 -43.44 -41.26 70.68
CA TYR G 4851 -43.38 -40.97 72.12
C TYR G 4851 -44.55 -41.65 72.83
N THR G 4852 -45.73 -41.66 72.23
CA THR G 4852 -46.93 -42.29 72.81
C THR G 4852 -46.69 -43.80 72.94
N VAL G 4853 -46.09 -44.43 71.94
CA VAL G 4853 -45.88 -45.90 71.97
C VAL G 4853 -44.95 -46.20 73.14
N VAL G 4854 -43.91 -45.40 73.32
CA VAL G 4854 -42.95 -45.63 74.43
C VAL G 4854 -43.69 -45.45 75.75
N ALA G 4855 -44.53 -44.43 75.84
CA ALA G 4855 -45.26 -44.15 77.10
C ALA G 4855 -46.24 -45.25 77.42
N PHE G 4856 -46.99 -45.72 76.44
CA PHE G 4856 -48.02 -46.74 76.71
C PHE G 4856 -47.30 -47.99 77.18
N ASN G 4857 -46.22 -48.32 76.51
CA ASN G 4857 -45.46 -49.53 76.86
C ASN G 4857 -44.73 -49.42 78.20
N PHE G 4858 -44.07 -48.30 78.51
CA PHE G 4858 -43.21 -48.26 79.72
C PHE G 4858 -43.56 -47.24 80.80
N PHE G 4859 -44.16 -46.09 80.48
CA PHE G 4859 -44.33 -45.00 81.48
C PHE G 4859 -45.79 -44.68 81.83
N ARG G 4860 -46.70 -45.64 81.77
CA ARG G 4860 -48.14 -45.38 81.98
C ARG G 4860 -48.48 -44.88 83.38
N LYS G 4861 -47.78 -45.32 84.41
CA LYS G 4861 -48.15 -44.98 85.81
C LYS G 4861 -48.09 -43.48 86.03
N PHE G 4862 -47.28 -42.77 85.25
CA PHE G 4862 -47.06 -41.33 85.48
C PHE G 4862 -48.13 -40.48 84.80
N TYR G 4863 -49.14 -41.09 84.20
CA TYR G 4863 -50.16 -40.33 83.43
C TYR G 4863 -51.49 -40.25 84.18
N ASN G 4864 -51.47 -40.20 85.50
CA ASN G 4864 -52.67 -40.02 86.32
C ASN G 4864 -52.89 -38.53 86.51
N LYS G 4865 -53.90 -37.99 85.82
CA LYS G 4865 -54.20 -36.56 85.85
C LYS G 4865 -55.39 -36.24 86.73
N SER G 4866 -55.55 -36.96 87.83
CA SER G 4866 -56.66 -36.75 88.76
C SER G 4866 -56.09 -36.52 90.16
N GLU G 4867 -56.40 -35.36 90.74
CA GLU G 4867 -56.05 -35.12 92.14
C GLU G 4867 -56.82 -36.01 93.09
N ASP G 4868 -57.94 -36.58 92.64
CA ASP G 4868 -58.69 -37.53 93.45
C ASP G 4868 -57.88 -38.80 93.67
N GLU G 4869 -58.17 -39.49 94.77
CA GLU G 4869 -57.41 -40.66 95.16
C GLU G 4869 -58.11 -41.99 94.94
N ASP G 4870 -59.44 -42.01 94.85
CA ASP G 4870 -60.14 -43.27 94.68
C ASP G 4870 -60.61 -43.53 93.26
N GLU G 4871 -60.75 -42.50 92.43
CA GLU G 4871 -61.07 -42.66 91.01
C GLU G 4871 -59.97 -42.01 90.19
N PRO G 4872 -59.03 -42.79 89.64
CA PRO G 4872 -57.94 -42.19 88.86
C PRO G 4872 -58.33 -41.92 87.41
N ASP G 4873 -57.87 -40.79 86.89
CA ASP G 4873 -58.08 -40.42 85.50
C ASP G 4873 -56.81 -40.73 84.71
N MET G 4874 -56.64 -42.01 84.40
CA MET G 4874 -55.45 -42.45 83.67
C MET G 4874 -55.56 -42.02 82.22
N LYS G 4875 -54.60 -41.23 81.76
CA LYS G 4875 -54.61 -40.70 80.41
C LYS G 4875 -53.87 -41.57 79.40
N CYS G 4876 -53.21 -42.64 79.84
CA CYS G 4876 -52.43 -43.47 78.93
C CYS G 4876 -52.77 -44.95 79.08
N ASP G 4877 -54.02 -45.25 79.46
CA ASP G 4877 -54.50 -46.62 79.44
C ASP G 4877 -55.00 -47.06 78.07
N ASP G 4878 -55.11 -46.14 77.12
CA ASP G 4878 -55.45 -46.46 75.75
C ASP G 4878 -54.52 -45.69 74.82
N MET G 4879 -54.17 -46.31 73.70
CA MET G 4879 -53.29 -45.66 72.74
C MET G 4879 -53.92 -44.40 72.15
N MET G 4880 -55.21 -44.47 71.81
CA MET G 4880 -55.87 -43.32 71.22
C MET G 4880 -55.96 -42.17 72.23
N THR G 4881 -56.30 -42.48 73.48
CA THR G 4881 -56.35 -41.45 74.51
C THR G 4881 -54.97 -40.88 74.80
N CYS G 4882 -53.96 -41.74 74.89
CA CYS G 4882 -52.61 -41.28 75.19
C CYS G 4882 -52.04 -40.45 74.04
N TYR G 4883 -52.32 -40.85 72.81
CA TYR G 4883 -51.86 -40.08 71.66
C TYR G 4883 -52.51 -38.70 71.62
N LEU G 4884 -53.81 -38.63 71.94
CA LEU G 4884 -54.48 -37.34 72.03
C LEU G 4884 -53.88 -36.48 73.14
N PHE G 4885 -53.54 -37.11 74.26
CA PHE G 4885 -52.96 -36.37 75.39
C PHE G 4885 -51.63 -35.72 75.00
N HIS G 4886 -50.78 -36.47 74.31
CA HIS G 4886 -49.50 -35.91 73.88
C HIS G 4886 -49.69 -34.80 72.86
N MET G 4887 -50.61 -34.99 71.91
CA MET G 4887 -50.83 -33.98 70.88
C MET G 4887 -51.54 -32.74 71.42
N TYR G 4888 -52.32 -32.88 72.49
CA TYR G 4888 -53.11 -31.75 72.98
C TYR G 4888 -52.37 -30.94 74.02
N VAL G 4889 -51.91 -31.58 75.09
CA VAL G 4889 -51.27 -30.85 76.18
C VAL G 4889 -49.76 -30.92 76.06
N GLY G 4890 -49.25 -31.98 75.44
CA GLY G 4890 -47.80 -32.14 75.35
C GLY G 4890 -47.16 -31.14 74.42
N VAL G 4891 -47.75 -30.93 73.24
CA VAL G 4891 -47.16 -30.00 72.28
C VAL G 4891 -47.32 -28.57 72.75
N ARG G 4892 -48.48 -28.22 73.31
CA ARG G 4892 -48.74 -26.86 73.73
C ARG G 4892 -48.02 -26.48 75.02
N ALA G 4893 -47.52 -27.46 75.77
CA ALA G 4893 -46.81 -27.14 77.01
C ALA G 4893 -45.45 -26.52 76.69
N GLY G 4894 -45.04 -25.59 77.55
CA GLY G 4894 -43.77 -24.91 77.35
C GLY G 4894 -42.58 -25.84 77.50
N GLY G 4895 -42.61 -26.71 78.51
CA GLY G 4895 -41.51 -27.61 78.76
C GLY G 4895 -41.74 -29.02 78.23
N GLY G 4896 -42.69 -29.16 77.31
CA GLY G 4896 -42.97 -30.46 76.75
C GLY G 4896 -43.89 -31.29 77.61
N ILE G 4897 -43.87 -32.61 77.41
CA ILE G 4897 -44.74 -33.56 78.17
C ILE G 4897 -44.37 -33.60 79.63
N GLY G 4898 -43.12 -33.35 79.97
CA GLY G 4898 -42.68 -33.50 81.36
C GLY G 4898 -43.46 -32.63 82.29
N ASP G 4899 -43.82 -31.45 81.84
CA ASP G 4899 -44.55 -30.49 82.69
C ASP G 4899 -45.89 -31.08 83.12
N GLU G 4900 -46.62 -31.68 82.19
CA GLU G 4900 -47.94 -32.28 82.45
C GLU G 4900 -47.92 -33.57 83.27
N ILE G 4901 -46.99 -34.47 83.00
CA ILE G 4901 -46.99 -35.81 83.67
C ILE G 4901 -46.39 -35.74 85.08
N GLU G 4902 -46.60 -36.78 85.89
CA GLU G 4902 -46.14 -36.82 87.30
C GLU G 4902 -44.62 -36.84 87.39
N ASP G 4903 -44.06 -36.37 88.50
CA ASP G 4903 -42.59 -36.27 88.66
C ASP G 4903 -41.96 -37.64 88.60
N PRO G 4904 -40.78 -37.79 87.98
CA PRO G 4904 -40.15 -39.07 87.84
C PRO G 4904 -39.16 -39.37 88.98
N ALA G 4905 -39.23 -38.62 90.07
CA ALA G 4905 -38.19 -38.77 91.12
C ALA G 4905 -38.42 -39.97 92.02
N GLY G 4906 -37.35 -40.50 92.60
CA GLY G 4906 -37.45 -41.71 93.39
C GLY G 4906 -38.16 -42.85 92.70
N ASP G 4907 -37.85 -43.10 91.43
CA ASP G 4907 -38.46 -44.16 90.66
C ASP G 4907 -37.38 -44.93 89.93
N GLU G 4908 -37.68 -46.19 89.59
CA GLU G 4908 -36.72 -47.07 88.89
C GLU G 4908 -36.43 -46.53 87.51
N TYR G 4909 -37.42 -45.94 86.86
CA TYR G 4909 -37.26 -45.48 85.46
C TYR G 4909 -36.98 -43.99 85.40
N GLU G 4910 -36.48 -43.39 86.48
CA GLU G 4910 -36.30 -41.93 86.52
C GLU G 4910 -35.38 -41.49 85.40
N LEU G 4911 -34.25 -42.16 85.21
CA LEU G 4911 -33.31 -41.67 84.18
C LEU G 4911 -33.95 -41.83 82.82
N TYR G 4912 -34.67 -42.92 82.61
CA TYR G 4912 -35.30 -43.16 81.30
C TYR G 4912 -36.32 -42.06 81.07
N ARG G 4913 -37.03 -41.68 82.13
CA ARG G 4913 -38.09 -40.65 81.97
C ARG G 4913 -37.44 -39.27 81.73
N VAL G 4914 -36.30 -38.98 82.37
CA VAL G 4914 -35.62 -37.70 82.07
C VAL G 4914 -35.20 -37.65 80.61
N VAL G 4915 -34.71 -38.74 80.03
CA VAL G 4915 -34.36 -38.75 78.59
C VAL G 4915 -35.62 -38.55 77.77
N PHE G 4916 -36.73 -39.19 78.14
CA PHE G 4916 -38.00 -39.04 77.39
C PHE G 4916 -38.44 -37.59 77.43
N ASP G 4917 -38.39 -36.96 78.59
CA ASP G 4917 -38.83 -35.56 78.76
C ASP G 4917 -37.91 -34.57 78.08
N ILE G 4918 -36.61 -34.79 78.10
CA ILE G 4918 -35.65 -33.78 77.57
C ILE G 4918 -35.65 -33.90 76.06
N THR G 4919 -35.69 -35.13 75.56
CA THR G 4919 -35.70 -35.38 74.10
C THR G 4919 -36.99 -34.87 73.47
N PHE G 4920 -38.09 -34.91 74.21
CA PHE G 4920 -39.38 -34.48 73.64
C PHE G 4920 -39.35 -32.98 73.67
N PHE G 4921 -38.68 -32.42 74.67
CA PHE G 4921 -38.57 -30.96 74.67
C PHE G 4921 -37.72 -30.46 73.52
N PHE G 4922 -36.61 -31.10 73.26
CA PHE G 4922 -35.67 -30.71 72.18
C PHE G 4922 -36.27 -30.97 70.81
N PHE G 4923 -36.67 -32.21 70.54
CA PHE G 4923 -37.16 -32.57 69.19
C PHE G 4923 -38.47 -31.87 68.85
N VAL G 4924 -39.41 -31.81 69.77
CA VAL G 4924 -40.74 -31.26 69.43
C VAL G 4924 -40.82 -29.77 69.74
N ILE G 4925 -40.59 -29.36 70.98
CA ILE G 4925 -40.79 -27.96 71.35
C ILE G 4925 -39.73 -27.07 70.71
N VAL G 4926 -38.48 -27.53 70.69
CA VAL G 4926 -37.37 -26.67 70.25
C VAL G 4926 -37.13 -26.81 68.75
N ILE G 4927 -36.86 -28.02 68.28
CA ILE G 4927 -36.42 -28.18 66.89
C ILE G 4927 -37.58 -28.05 65.92
N LEU G 4928 -38.65 -28.83 66.13
CA LEU G 4928 -39.76 -28.84 65.18
C LEU G 4928 -40.51 -27.52 65.12
N LEU G 4929 -40.63 -26.81 66.24
CA LEU G 4929 -41.26 -25.50 66.19
C LEU G 4929 -40.35 -24.46 65.56
N ALA G 4930 -39.03 -24.66 65.65
CA ALA G 4930 -38.10 -23.77 64.95
C ALA G 4930 -38.20 -23.96 63.45
N ILE G 4931 -38.45 -25.18 62.99
CA ILE G 4931 -38.63 -25.44 61.57
C ILE G 4931 -39.84 -24.69 61.04
N ILE G 4932 -40.95 -24.74 61.78
CA ILE G 4932 -42.16 -24.03 61.36
C ILE G 4932 -41.89 -22.54 61.30
N GLN G 4933 -41.23 -21.99 62.31
CA GLN G 4933 -40.87 -20.59 62.29
C GLN G 4933 -39.78 -20.29 61.27
N GLY G 4934 -38.85 -21.23 61.08
CA GLY G 4934 -37.79 -21.03 60.09
C GLY G 4934 -38.32 -20.96 58.67
N LEU G 4935 -39.34 -21.77 58.37
CA LEU G 4935 -39.94 -21.74 57.04
C LEU G 4935 -40.59 -20.39 56.75
N ILE G 4936 -41.28 -19.83 57.74
CA ILE G 4936 -41.91 -18.53 57.56
C ILE G 4936 -40.87 -17.44 57.37
N ILE G 4937 -39.81 -17.47 58.18
CA ILE G 4937 -38.77 -16.45 58.07
C ILE G 4937 -38.05 -16.56 56.74
N ASP G 4938 -37.74 -17.79 56.31
CA ASP G 4938 -37.08 -17.97 55.02
C ASP G 4938 -37.95 -17.49 53.87
N ALA G 4939 -39.27 -17.63 54.02
CA ALA G 4939 -40.18 -17.17 52.96
C ALA G 4939 -40.12 -15.66 52.79
N PHE G 4940 -39.96 -14.93 53.90
CA PHE G 4940 -39.83 -13.48 53.80
C PHE G 4940 -38.60 -13.10 52.98
N GLY G 4941 -37.47 -13.77 53.23
CA GLY G 4941 -36.28 -13.49 52.45
C GLY G 4941 -36.43 -13.90 50.99
N GLU G 4942 -37.06 -15.05 50.74
CA GLU G 4942 -37.21 -15.51 49.37
C GLU G 4942 -38.10 -14.58 48.56
N LEU G 4943 -39.21 -14.13 49.15
CA LEU G 4943 -40.09 -13.20 48.45
C LEU G 4943 -39.42 -11.84 48.25
N ARG G 4944 -38.63 -11.41 49.23
CA ARG G 4944 -37.98 -10.11 49.13
C ARG G 4944 -36.97 -10.06 47.98
N ASP G 4945 -36.17 -11.12 47.83
CA ASP G 4945 -35.16 -11.10 46.77
C ASP G 4945 -35.79 -11.20 45.39
N GLN G 4946 -36.97 -11.83 45.28
CA GLN G 4946 -37.66 -11.87 44.00
C GLN G 4946 -38.00 -10.46 43.52
N GLN G 4947 -38.49 -9.62 44.42
CA GLN G 4947 -38.75 -8.23 44.07
C GLN G 4947 -37.45 -7.51 43.70
N GLU G 4948 -36.39 -7.75 44.47
CA GLU G 4948 -35.10 -7.13 44.16
C GLU G 4948 -34.54 -7.64 42.84
N GLN G 4949 -34.67 -8.93 42.57
CA GLN G 4949 -34.15 -9.49 41.33
C GLN G 4949 -34.88 -8.92 40.13
N VAL G 4950 -36.21 -8.80 40.21
CA VAL G 4950 -36.98 -8.24 39.11
C VAL G 4950 -36.60 -6.77 38.89
N LYS G 4951 -36.49 -6.01 39.98
CA LYS G 4951 -36.11 -4.61 39.87
C LYS G 4951 -34.69 -4.47 39.33
N GLU G 4952 -33.77 -5.33 39.77
CA GLU G 4952 -32.39 -5.25 39.30
C GLU G 4952 -32.30 -5.57 37.81
N ASP G 4953 -33.04 -6.60 37.36
CA ASP G 4953 -32.98 -6.98 35.95
C ASP G 4953 -33.50 -5.87 35.04
N MET G 4954 -34.58 -5.21 35.45
CA MET G 4954 -35.15 -4.16 34.62
C MET G 4954 -34.21 -2.96 34.51
N GLU G 4955 -33.46 -2.67 35.56
CA GLU G 4955 -32.57 -1.52 35.56
C GLU G 4955 -31.17 -1.86 35.07
N THR G 4956 -30.89 -3.10 34.71
CA THR G 4956 -29.58 -3.51 34.22
C THR G 4956 -29.61 -4.10 32.82
N LYS G 4957 -30.77 -4.51 32.32
CA LYS G 4957 -30.87 -5.08 30.99
C LYS G 4957 -32.10 -4.52 30.30
N CYS G 4958 -32.05 -4.47 28.98
CA CYS G 4958 -33.22 -4.06 28.21
C CYS G 4958 -34.20 -5.21 28.10
N PHE G 4959 -35.49 -4.90 28.26
CA PHE G 4959 -36.51 -5.95 28.22
C PHE G 4959 -36.63 -6.56 26.84
N ILE G 4960 -36.26 -5.82 25.79
CA ILE G 4960 -36.45 -6.30 24.42
C ILE G 4960 -35.21 -7.00 23.93
N CYS G 4961 -34.08 -6.29 23.85
CA CYS G 4961 -32.88 -6.86 23.25
C CYS G 4961 -32.04 -7.65 24.24
N GLY G 4962 -32.16 -7.36 25.53
CA GLY G 4962 -31.39 -8.07 26.54
C GLY G 4962 -29.98 -7.56 26.75
N ILE G 4963 -29.56 -6.53 26.03
CA ILE G 4963 -28.22 -5.99 26.21
C ILE G 4963 -28.14 -5.22 27.53
N GLY G 4964 -27.03 -5.41 28.24
CA GLY G 4964 -26.89 -4.80 29.55
C GLY G 4964 -26.75 -3.29 29.51
N SER G 4965 -27.02 -2.67 30.66
CA SER G 4965 -26.92 -1.22 30.76
C SER G 4965 -25.49 -0.74 30.63
N ASP G 4966 -24.52 -1.60 30.93
CA ASP G 4966 -23.12 -1.20 30.87
C ASP G 4966 -22.71 -0.80 29.46
N TYR G 4967 -23.18 -1.55 28.46
CA TYR G 4967 -22.86 -1.19 27.07
C TYR G 4967 -23.47 0.14 26.68
N PHE G 4968 -24.73 0.37 27.04
CA PHE G 4968 -25.40 1.60 26.63
C PHE G 4968 -24.86 2.82 27.38
N ASP G 4969 -24.33 2.62 28.59
CA ASP G 4969 -23.82 3.72 29.39
C ASP G 4969 -22.51 4.28 28.87
N THR G 4970 -21.99 3.78 27.74
CA THR G 4970 -20.83 4.41 27.13
C THR G 4970 -21.13 5.85 26.74
N THR G 4971 -22.30 6.08 26.15
CA THR G 4971 -22.98 7.33 25.85
C THR G 4971 -23.71 7.83 27.09
N PRO G 4972 -23.54 9.10 27.45
CA PRO G 4972 -24.20 9.62 28.66
C PRO G 4972 -25.71 9.42 28.60
N HIS G 4973 -26.26 8.83 29.66
CA HIS G 4973 -27.67 8.48 29.75
C HIS G 4973 -28.10 7.57 28.59
N GLY G 4974 -27.19 6.70 28.14
CA GLY G 4974 -27.49 5.85 27.00
C GLY G 4974 -28.59 4.85 27.29
N PHE G 4975 -28.54 4.19 28.45
CA PHE G 4975 -29.54 3.19 28.77
C PHE G 4975 -30.92 3.82 28.98
N GLU G 4976 -30.95 5.02 29.58
CA GLU G 4976 -32.23 5.70 29.77
C GLU G 4976 -32.87 6.05 28.44
N THR G 4977 -32.09 6.54 27.48
CA THR G 4977 -32.63 6.85 26.17
C THR G 4977 -32.99 5.59 25.40
N HIS G 4978 -32.21 4.52 25.56
CA HIS G 4978 -32.50 3.28 24.85
C HIS G 4978 -33.83 2.69 25.28
N THR G 4979 -34.12 2.70 26.58
CA THR G 4979 -35.35 2.13 27.10
C THR G 4979 -36.56 3.04 26.96
N LEU G 4980 -36.36 4.30 26.60
CA LEU G 4980 -37.47 5.23 26.41
C LEU G 4980 -37.71 5.61 24.96
N GLU G 4981 -36.70 5.51 24.10
CA GLU G 4981 -36.84 5.87 22.69
C GLU G 4981 -36.58 4.71 21.75
N GLU G 4982 -35.50 3.96 21.95
CA GLU G 4982 -35.09 2.93 20.99
C GLU G 4982 -35.90 1.65 21.13
N HIS G 4983 -35.86 1.01 22.31
CA HIS G 4983 -36.51 -0.26 22.54
C HIS G 4983 -37.55 -0.17 23.65
N ASN G 4984 -38.35 0.90 23.63
CA ASN G 4984 -39.42 1.04 24.61
C ASN G 4984 -40.50 -0.02 24.35
N LEU G 4985 -40.82 -0.80 25.38
CA LEU G 4985 -41.79 -1.86 25.22
C LEU G 4985 -43.20 -1.31 24.97
N ALA G 4986 -43.48 -0.10 25.47
CA ALA G 4986 -44.78 0.51 25.21
C ALA G 4986 -44.98 0.84 23.73
N ASN G 4987 -43.91 1.23 23.02
CA ASN G 4987 -44.02 1.52 21.61
C ASN G 4987 -44.35 0.28 20.79
N TYR G 4988 -43.82 -0.88 21.18
CA TYR G 4988 -44.18 -2.12 20.51
C TYR G 4988 -45.66 -2.45 20.70
N MET G 4989 -46.21 -2.15 21.88
CA MET G 4989 -47.64 -2.26 22.09
C MET G 4989 -48.40 -1.33 21.15
N PHE G 4990 -47.93 -0.08 21.03
CA PHE G 4990 -48.58 0.89 20.15
C PHE G 4990 -48.44 0.51 18.68
N PHE G 4991 -47.29 -0.05 18.30
CA PHE G 4991 -47.09 -0.43 16.91
C PHE G 4991 -48.06 -1.52 16.48
N LEU G 4992 -48.31 -2.48 17.37
CA LEU G 4992 -49.28 -3.53 17.07
C LEU G 4992 -50.67 -2.93 16.87
N MET G 4993 -51.06 -2.01 17.75
CA MET G 4993 -52.35 -1.33 17.58
C MET G 4993 -52.36 -0.48 16.32
N TYR G 4994 -51.22 0.11 15.97
CA TYR G 4994 -51.13 0.91 14.74
C TYR G 4994 -51.36 0.05 13.51
N LEU G 4995 -50.79 -1.15 13.48
CA LEU G 4995 -50.95 -2.03 12.32
C LEU G 4995 -52.39 -2.51 12.18
N ILE G 4996 -53.04 -2.82 13.30
CA ILE G 4996 -54.42 -3.32 13.24
C ILE G 4996 -55.35 -2.26 12.67
N ASN G 4997 -55.22 -1.01 13.12
CA ASN G 4997 -56.09 0.05 12.65
C ASN G 4997 -55.79 0.43 11.21
N LYS G 4998 -54.50 0.43 10.83
CA LYS G 4998 -54.12 0.86 9.49
C LYS G 4998 -54.55 -0.15 8.44
N ASP G 4999 -54.96 0.37 7.29
CA ASP G 4999 -55.35 -0.49 6.18
C ASP G 4999 -54.13 -1.24 5.65
N GLU G 5000 -54.35 -2.49 5.24
CA GLU G 5000 -53.24 -3.31 4.74
C GLU G 5000 -52.68 -2.72 3.45
N THR G 5001 -53.53 -2.18 2.58
CA THR G 5001 -53.06 -1.58 1.35
C THR G 5001 -52.19 -0.36 1.60
N GLU G 5002 -52.33 0.28 2.75
CA GLU G 5002 -51.52 1.44 3.10
C GLU G 5002 -50.27 1.08 3.88
N HIS G 5003 -50.08 -0.19 4.22
CA HIS G 5003 -48.88 -0.60 4.94
C HIS G 5003 -47.63 -0.38 4.09
N THR G 5004 -46.58 0.10 4.73
CA THR G 5004 -45.30 0.25 4.05
C THR G 5004 -44.59 -1.10 3.98
N GLY G 5005 -43.39 -1.11 3.39
CA GLY G 5005 -42.64 -2.34 3.30
C GLY G 5005 -42.26 -2.89 4.65
N GLN G 5006 -41.82 -2.01 5.56
CA GLN G 5006 -41.47 -2.44 6.90
C GLN G 5006 -42.71 -2.88 7.69
N GLU G 5007 -43.81 -2.13 7.56
CA GLU G 5007 -45.03 -2.47 8.26
C GLU G 5007 -45.61 -3.80 7.78
N SER G 5008 -45.58 -4.04 6.47
CA SER G 5008 -46.07 -5.29 5.94
C SER G 5008 -45.23 -6.46 6.41
N TYR G 5009 -43.91 -6.26 6.52
CA TYR G 5009 -43.03 -7.33 6.98
C TYR G 5009 -43.37 -7.74 8.41
N VAL G 5010 -43.59 -6.76 9.30
CA VAL G 5010 -43.93 -7.08 10.68
C VAL G 5010 -45.35 -7.65 10.76
N TRP G 5011 -46.28 -7.08 10.00
CA TRP G 5011 -47.66 -7.54 10.04
C TRP G 5011 -47.78 -8.98 9.56
N LYS G 5012 -47.03 -9.34 8.53
CA LYS G 5012 -47.06 -10.72 8.04
C LYS G 5012 -46.56 -11.69 9.08
N MET G 5013 -45.49 -11.33 9.80
CA MET G 5013 -44.95 -12.20 10.84
C MET G 5013 -45.80 -12.26 12.09
N TYR G 5014 -46.59 -11.21 12.36
CA TYR G 5014 -47.56 -11.29 13.45
C TYR G 5014 -48.61 -12.35 13.17
N GLN G 5015 -49.09 -12.42 11.92
CA GLN G 5015 -50.11 -13.41 11.58
C GLN G 5015 -49.52 -14.82 11.53
N GLU G 5016 -48.23 -14.94 11.25
CA GLU G 5016 -47.57 -16.24 11.22
C GLU G 5016 -46.96 -16.62 12.56
N ARG G 5017 -47.15 -15.80 13.59
CA ARG G 5017 -46.65 -16.08 14.94
C ARG G 5017 -45.13 -16.28 14.95
N CYS G 5018 -44.43 -15.47 14.15
CA CYS G 5018 -42.98 -15.49 14.09
C CYS G 5018 -42.46 -14.20 14.72
N TRP G 5019 -41.67 -14.34 15.79
CA TRP G 5019 -41.18 -13.18 16.54
C TRP G 5019 -39.71 -12.88 16.24
N ASP G 5020 -39.26 -13.14 15.01
CA ASP G 5020 -37.89 -12.84 14.64
C ASP G 5020 -37.64 -11.36 14.40
N PHE G 5021 -38.69 -10.56 14.25
CA PHE G 5021 -38.50 -9.12 14.05
C PHE G 5021 -38.11 -8.40 15.33
N PHE G 5022 -38.39 -8.99 16.49
CA PHE G 5022 -37.92 -8.40 17.74
C PHE G 5022 -36.41 -8.47 17.81
N PRO G 5023 -35.72 -7.36 18.06
CA PRO G 5023 -34.26 -7.41 18.16
C PRO G 5023 -33.83 -8.17 19.40
N ALA G 5024 -32.97 -9.17 19.20
CA ALA G 5024 -32.46 -10.02 20.27
C ALA G 5024 -30.95 -9.98 20.24
N GLY G 5025 -30.34 -9.34 21.23
CA GLY G 5025 -28.91 -9.23 21.30
C GLY G 5025 -28.29 -8.22 20.35
N ASP G 5026 -29.10 -7.43 19.66
CA ASP G 5026 -28.59 -6.43 18.73
C ASP G 5026 -29.50 -5.21 18.77
N CYS G 5027 -28.95 -4.08 18.38
CA CYS G 5027 -29.69 -2.83 18.37
C CYS G 5027 -29.12 -1.92 17.28
N PHE G 5028 -29.84 -0.83 17.02
CA PHE G 5028 -29.41 0.13 16.01
C PHE G 5028 -28.06 0.74 16.37
N ARG G 5029 -27.87 1.07 17.64
CA ARG G 5029 -26.62 1.68 18.07
C ARG G 5029 -25.44 0.73 17.87
N LYS G 5030 -25.64 -0.56 18.19
CA LYS G 5030 -24.54 -1.52 18.06
C LYS G 5030 -24.23 -1.82 16.61
N GLN G 5031 -25.23 -1.82 15.73
CA GLN G 5031 -25.00 -2.16 14.34
C GLN G 5031 -24.17 -1.09 13.63
N TYR G 5032 -24.36 0.17 14.00
CA TYR G 5032 -23.68 1.29 13.38
C TYR G 5032 -22.72 1.98 14.34
N GLU G 5033 -21.98 1.20 15.12
CA GLU G 5033 -21.04 1.79 16.08
C GLU G 5033 -19.99 2.63 15.37
N ASP G 5034 -19.44 2.13 14.26
CA ASP G 5034 -18.42 2.88 13.54
C ASP G 5034 -18.98 4.17 12.96
N GLN G 5035 -20.17 4.11 12.35
CA GLN G 5035 -20.73 5.28 11.69
C GLN G 5035 -21.23 6.30 12.71
N LEU G 5036 -21.96 5.84 13.74
CA LEU G 5036 -22.52 6.77 14.71
C LEU G 5036 -21.42 7.46 15.53
N SER G 5037 -20.40 6.71 15.91
CA SER G 5037 -19.30 7.27 16.69
C SER G 5037 -18.16 7.73 15.78
N GLU H 10 10.65 23.63 6.06
CA GLU H 10 11.55 23.98 7.15
C GLU H 10 12.58 25.02 6.71
N VAL H 11 12.78 26.03 7.56
CA VAL H 11 13.74 27.10 7.31
C VAL H 11 14.92 26.92 8.26
N GLN H 12 16.13 26.89 7.71
CA GLN H 12 17.34 26.73 8.50
C GLN H 12 17.74 28.04 9.14
N PHE H 13 18.14 27.98 10.40
CA PHE H 13 18.61 29.13 11.14
C PHE H 13 20.03 28.89 11.63
N LEU H 14 20.88 29.88 11.49
CA LEU H 14 22.27 29.78 11.94
C LEU H 14 22.32 29.85 13.46
N ARG H 15 23.09 28.94 14.05
CA ARG H 15 23.26 28.88 15.49
C ARG H 15 24.73 28.88 15.85
N THR H 16 25.01 29.08 17.13
CA THR H 16 26.40 29.08 17.59
C THR H 16 26.99 27.67 17.50
N ASP H 17 28.32 27.62 17.51
CA ASP H 17 29.12 26.40 17.35
C ASP H 17 28.98 25.79 15.97
N ASP H 18 28.36 26.49 15.03
CA ASP H 18 28.26 25.99 13.66
C ASP H 18 29.38 26.58 12.81
N GLU H 19 29.91 25.76 11.91
CA GLU H 19 30.94 26.20 10.98
C GLU H 19 30.29 26.82 9.75
N VAL H 20 30.74 28.02 9.39
CA VAL H 20 30.19 28.76 8.26
C VAL H 20 31.34 29.29 7.43
N VAL H 21 31.02 29.70 6.20
CA VAL H 21 31.96 30.36 5.31
C VAL H 21 31.38 31.71 4.91
N LEU H 22 32.20 32.76 5.01
CA LEU H 22 31.80 34.09 4.58
C LEU H 22 32.01 34.19 3.08
N GLN H 23 30.92 34.31 2.32
CA GLN H 23 30.96 34.26 0.88
C GLN H 23 30.34 35.53 0.30
N CYS H 24 31.05 36.14 -0.64
CA CYS H 24 30.58 37.32 -1.36
C CYS H 24 30.62 37.04 -2.86
N SER H 25 30.10 37.99 -3.63
CA SER H 25 30.03 37.87 -5.08
C SER H 25 30.63 39.10 -5.74
N ALA H 26 31.27 38.89 -6.88
CA ALA H 26 31.88 39.96 -7.65
C ALA H 26 31.61 39.74 -9.13
N THR H 27 31.82 40.79 -9.92
CA THR H 27 31.65 40.73 -11.36
C THR H 27 33.01 40.80 -12.02
N VAL H 28 33.35 39.78 -12.80
CA VAL H 28 34.62 39.69 -13.52
C VAL H 28 34.29 39.33 -14.96
N LEU H 29 34.45 40.30 -15.86
CA LEU H 29 34.20 40.13 -17.29
C LEU H 29 32.81 39.53 -17.54
N LYS H 30 31.81 40.20 -16.97
CA LYS H 30 30.40 39.85 -17.05
C LYS H 30 30.09 38.51 -16.39
N GLU H 31 31.02 37.94 -15.62
CA GLU H 31 30.82 36.65 -14.96
C GLU H 31 30.67 36.87 -13.46
N GLN H 32 29.69 36.20 -12.87
CA GLN H 32 29.47 36.26 -11.43
C GLN H 32 30.42 35.28 -10.74
N LEU H 33 31.39 35.80 -10.01
CA LEU H 33 32.40 35.01 -9.33
C LEU H 33 32.12 35.04 -7.83
N LYS H 34 32.00 33.87 -7.23
CA LYS H 34 31.76 33.75 -5.80
C LYS H 34 33.07 33.49 -5.07
N LEU H 35 33.30 34.25 -4.01
CA LEU H 35 34.55 34.21 -3.27
C LEU H 35 34.28 33.95 -1.80
N CYS H 36 35.17 33.20 -1.17
CA CYS H 36 35.08 32.91 0.26
C CYS H 36 36.24 33.56 0.99
N LEU H 37 35.94 34.19 2.12
CA LEU H 37 36.99 34.79 2.93
C LEU H 37 37.85 33.69 3.56
N ALA H 38 39.16 33.80 3.39
CA ALA H 38 40.09 32.79 3.86
C ALA H 38 41.27 33.46 4.54
N ALA H 39 41.94 32.69 5.40
CA ALA H 39 43.15 33.16 6.06
C ALA H 39 43.96 31.96 6.49
N GLU H 40 45.27 32.06 6.32
CA GLU H 40 46.16 30.97 6.71
C GLU H 40 46.38 30.92 8.22
N GLY H 41 46.46 32.08 8.87
CA GLY H 41 46.68 32.13 10.30
C GLY H 41 48.14 32.14 10.68
N PHE H 42 48.81 31.01 10.51
CA PHE H 42 50.22 30.90 10.85
C PHE H 42 51.07 31.44 9.70
N GLY H 43 51.88 32.45 9.97
CA GLY H 43 52.74 33.05 8.99
C GLY H 43 52.13 34.19 8.20
N ASN H 44 50.80 34.33 8.23
CA ASN H 44 50.13 35.42 7.53
C ASN H 44 48.78 35.64 8.18
N ARG H 45 48.65 36.72 8.95
CA ARG H 45 47.39 37.03 9.61
C ARG H 45 46.34 37.60 8.66
N LEU H 46 46.76 38.27 7.59
CA LEU H 46 45.82 38.96 6.73
C LEU H 46 44.91 37.97 6.00
N CYS H 47 43.68 38.41 5.74
CA CYS H 47 42.70 37.58 5.07
C CYS H 47 42.66 37.91 3.58
N PHE H 48 42.45 36.88 2.77
CA PHE H 48 42.31 37.03 1.33
C PHE H 48 41.02 36.36 0.87
N LEU H 49 40.82 36.27 -0.44
CA LEU H 49 39.61 35.70 -1.01
C LEU H 49 39.97 34.49 -1.87
N GLU H 50 39.32 33.36 -1.59
CA GLU H 50 39.49 32.15 -2.36
C GLU H 50 38.31 32.00 -3.30
N PRO H 51 38.52 32.01 -4.62
CA PRO H 51 37.40 31.80 -5.55
C PRO H 51 36.85 30.39 -5.43
N THR H 52 35.54 30.26 -5.63
CA THR H 52 34.86 28.98 -5.53
C THR H 52 33.93 28.68 -6.70
N SER H 53 33.76 29.62 -7.63
CA SER H 53 32.86 29.38 -8.76
C SER H 53 33.42 28.36 -9.73
N ASN H 54 34.73 28.16 -9.76
CA ASN H 54 35.37 27.21 -10.66
C ASN H 54 35.72 25.90 -9.95
N ALA H 55 34.92 25.51 -8.96
CA ALA H 55 35.20 24.28 -8.22
C ALA H 55 35.05 23.04 -9.09
N GLN H 56 34.35 23.15 -10.23
CA GLN H 56 34.21 22.00 -11.12
C GLN H 56 35.54 21.63 -11.75
N ASN H 57 36.37 22.62 -12.06
CA ASN H 57 37.66 22.39 -12.71
C ASN H 57 38.84 22.53 -11.77
N VAL H 58 38.77 23.43 -10.80
CA VAL H 58 39.84 23.60 -9.82
C VAL H 58 39.23 23.62 -8.43
N PRO H 59 39.49 22.62 -7.60
CA PRO H 59 38.90 22.59 -6.25
C PRO H 59 39.45 23.71 -5.39
N PRO H 60 38.58 24.41 -4.67
CA PRO H 60 39.05 25.48 -3.78
C PRO H 60 39.67 24.91 -2.51
N ASP H 61 40.49 25.74 -1.87
CA ASP H 61 41.15 25.37 -0.62
C ASP H 61 40.24 25.82 0.53
N LEU H 62 39.27 24.97 0.87
CA LEU H 62 38.27 25.30 1.88
C LEU H 62 38.72 24.99 3.30
N ALA H 63 39.90 24.39 3.47
CA ALA H 63 40.37 24.07 4.82
C ALA H 63 40.68 25.32 5.63
N ILE H 64 40.90 26.46 4.98
CA ILE H 64 41.22 27.70 5.65
C ILE H 64 40.10 28.73 5.50
N CYS H 65 38.92 28.30 5.07
CA CYS H 65 37.78 29.19 4.90
C CYS H 65 36.70 28.98 5.95
N CYS H 66 36.87 28.02 6.85
CA CYS H 66 35.83 27.66 7.80
C CYS H 66 35.99 28.47 9.08
N PHE H 67 34.89 29.05 9.55
CA PHE H 67 34.85 29.80 10.79
C PHE H 67 33.73 29.26 11.67
N THR H 68 33.98 29.21 12.98
CA THR H 68 33.01 28.72 13.94
C THR H 68 32.38 29.90 14.67
N LEU H 69 31.05 29.93 14.71
CA LEU H 69 30.31 30.95 15.44
C LEU H 69 30.38 30.61 16.93
N GLU H 70 31.33 31.20 17.64
CA GLU H 70 31.51 30.86 19.04
C GLU H 70 30.46 31.53 19.93
N GLN H 71 30.25 32.83 19.76
CA GLN H 71 29.32 33.56 20.62
C GLN H 71 28.48 34.50 19.77
N SER H 72 27.30 34.80 20.29
CA SER H 72 26.38 35.75 19.66
C SER H 72 25.66 36.50 20.75
N LEU H 73 25.97 37.79 20.91
CA LEU H 73 25.45 38.59 22.00
C LEU H 73 24.92 39.90 21.46
N SER H 74 23.98 40.49 22.19
CA SER H 74 23.52 41.83 21.88
C SER H 74 24.60 42.84 22.23
N VAL H 75 24.41 44.08 21.77
CA VAL H 75 25.41 45.12 21.99
C VAL H 75 25.60 45.38 23.46
N ARG H 76 24.49 45.45 24.22
CA ARG H 76 24.60 45.67 25.66
C ARG H 76 25.30 44.52 26.37
N ALA H 77 24.97 43.29 25.98
CA ALA H 77 25.64 42.13 26.57
C ALA H 77 27.13 42.13 26.24
N LEU H 78 27.48 42.49 25.00
CA LEU H 78 28.88 42.59 24.64
C LEU H 78 29.60 43.66 25.45
N GLN H 79 28.97 44.81 25.64
CA GLN H 79 29.58 45.87 26.45
C GLN H 79 29.79 45.41 27.88
N GLU H 80 28.81 44.70 28.45
CA GLU H 80 28.94 44.22 29.82
C GLU H 80 30.05 43.20 29.94
N MET H 81 30.16 42.27 28.99
CA MET H 81 31.17 41.23 29.09
C MET H 81 32.57 41.80 28.81
N LEU H 82 32.66 42.84 27.99
CA LEU H 82 33.95 43.49 27.77
C LEU H 82 34.42 44.23 29.01
N ALA H 83 33.48 44.86 29.73
CA ALA H 83 33.84 45.58 30.96
C ALA H 83 34.35 44.60 32.03
N ASN H 84 33.72 43.46 32.16
CA ASN H 84 34.14 42.46 33.15
C ASN H 84 35.39 41.74 32.69
N HIS H 98 23.02 26.22 22.25
CA HIS H 98 23.35 26.83 20.97
C HIS H 98 22.41 28.00 20.66
N ARG H 99 22.91 29.21 20.89
CA ARG H 99 22.08 30.39 20.67
C ARG H 99 21.85 30.61 19.19
N THR H 100 20.63 31.03 18.85
CA THR H 100 20.28 31.36 17.48
C THR H 100 20.72 32.78 17.16
N LEU H 101 21.28 32.97 15.97
CA LEU H 101 21.75 34.29 15.58
C LEU H 101 20.59 35.22 15.27
N LEU H 102 20.65 36.43 15.81
CA LEU H 102 19.64 37.46 15.56
C LEU H 102 20.31 38.68 14.94
N TYR H 103 19.57 39.34 14.04
CA TYR H 103 20.08 40.56 13.44
C TYR H 103 20.28 41.64 14.50
N GLY H 104 21.40 42.34 14.42
CA GLY H 104 21.78 43.31 15.41
C GLY H 104 22.67 42.77 16.51
N HIS H 105 22.84 41.46 16.61
CA HIS H 105 23.74 40.89 17.59
C HIS H 105 25.18 40.95 17.09
N ALA H 106 26.11 40.81 18.04
CA ALA H 106 27.53 40.79 17.75
C ALA H 106 28.04 39.35 17.83
N ILE H 107 28.76 38.91 16.80
CA ILE H 107 29.21 37.53 16.71
C ILE H 107 30.72 37.48 16.84
N LEU H 108 31.21 36.33 17.27
CA LEU H 108 32.64 36.06 17.41
C LEU H 108 32.99 34.89 16.51
N LEU H 109 33.82 35.14 15.50
CA LEU H 109 34.19 34.14 14.51
C LEU H 109 35.60 33.64 14.82
N ARG H 110 35.74 32.33 15.02
CA ARG H 110 37.02 31.70 15.27
C ARG H 110 37.43 30.90 14.05
N HIS H 111 38.66 31.10 13.60
CA HIS H 111 39.17 30.36 12.46
C HIS H 111 39.32 28.88 12.83
N ALA H 112 38.79 28.01 11.98
CA ALA H 112 38.78 26.59 12.29
C ALA H 112 40.18 26.00 12.36
N HIS H 113 41.06 26.40 11.44
CA HIS H 113 42.39 25.82 11.37
C HIS H 113 43.32 26.41 12.42
N SER H 114 43.55 27.73 12.36
CA SER H 114 44.52 28.38 13.22
C SER H 114 44.01 28.67 14.63
N ARG H 115 42.73 28.44 14.88
CA ARG H 115 42.09 28.71 16.17
C ARG H 115 42.16 30.18 16.55
N MET H 116 42.44 31.05 15.58
CA MET H 116 42.45 32.49 15.81
C MET H 116 41.07 33.07 15.53
N TYR H 117 40.92 34.37 15.76
CA TYR H 117 39.63 35.04 15.65
C TYR H 117 39.70 36.11 14.58
N LEU H 118 38.67 36.15 13.73
CA LEU H 118 38.58 37.20 12.73
C LEU H 118 38.47 38.56 13.41
N SER H 119 39.26 39.52 12.94
CA SER H 119 39.37 40.81 13.61
C SER H 119 39.61 41.89 12.58
N CYS H 120 39.34 43.14 12.99
CA CYS H 120 39.62 44.32 12.19
C CYS H 120 40.96 44.88 12.65
N LEU H 121 41.99 44.63 11.87
CA LEU H 121 43.34 45.06 12.24
C LEU H 121 43.46 46.58 12.14
N THR H 122 44.37 47.13 12.94
CA THR H 122 44.61 48.57 12.96
C THR H 122 45.51 49.03 11.83
N THR H 123 46.15 48.11 11.11
CA THR H 123 47.02 48.47 10.01
C THR H 123 46.22 48.58 8.72
N SER H 124 46.90 49.01 7.65
CA SER H 124 46.25 49.17 6.35
C SER H 124 47.32 49.10 5.27
N ARG H 125 47.28 48.06 4.43
CA ARG H 125 48.24 47.89 3.37
C ARG H 125 47.72 48.39 2.02
N SER H 126 46.51 48.90 1.97
CA SER H 126 45.91 49.38 0.73
C SER H 126 46.26 50.85 0.51
N MET H 127 46.51 51.20 -0.74
CA MET H 127 46.84 52.57 -1.11
C MET H 127 45.67 53.35 -1.69
N THR H 128 44.67 52.66 -2.24
CA THR H 128 43.54 53.35 -2.86
C THR H 128 42.63 53.98 -1.80
N ASP H 129 42.31 53.24 -0.74
CA ASP H 129 41.40 53.70 0.30
C ASP H 129 42.22 54.08 1.52
N LYS H 130 42.20 55.37 1.87
CA LYS H 130 42.94 55.85 3.02
C LYS H 130 42.21 55.63 4.34
N LEU H 131 40.91 55.36 4.29
CA LEU H 131 40.11 55.15 5.48
C LEU H 131 39.82 53.68 5.74
N ALA H 132 40.45 52.78 5.01
CA ALA H 132 40.21 51.35 5.14
C ALA H 132 41.19 50.72 6.12
N PHE H 133 40.77 49.61 6.70
CA PHE H 133 41.60 48.83 7.61
C PHE H 133 41.69 47.39 7.11
N ASP H 134 42.82 46.76 7.39
CA ASP H 134 43.02 45.37 7.02
C ASP H 134 42.20 44.46 7.93
N VAL H 135 41.67 43.39 7.34
CA VAL H 135 40.92 42.37 8.06
C VAL H 135 41.80 41.14 8.17
N GLY H 136 42.04 40.70 9.40
CA GLY H 136 42.92 39.56 9.61
C GLY H 136 42.52 38.71 10.80
N LEU H 137 43.45 37.91 11.30
CA LEU H 137 43.20 37.02 12.42
C LEU H 137 43.94 37.51 13.65
N GLN H 138 43.28 37.40 14.80
CA GLN H 138 43.83 37.81 16.08
C GLN H 138 44.02 36.58 16.96
N GLU H 139 45.14 36.54 17.68
CA GLU H 139 45.47 35.36 18.47
C GLU H 139 44.46 35.11 19.59
N ASP H 140 43.99 36.18 20.24
CA ASP H 140 43.08 36.05 21.37
C ASP H 140 41.77 36.76 21.06
N ALA H 141 40.74 36.40 21.82
CA ALA H 141 39.41 36.97 21.66
C ALA H 141 39.20 38.20 22.53
N THR H 142 40.25 38.69 23.19
CA THR H 142 40.12 39.86 24.04
C THR H 142 39.90 41.12 23.20
N GLY H 143 39.30 42.12 23.83
CA GLY H 143 39.03 43.38 23.16
C GLY H 143 37.79 43.31 22.30
N GLU H 144 37.48 44.46 21.69
CA GLU H 144 36.31 44.59 20.83
C GLU H 144 36.66 44.53 19.36
N ALA H 145 37.92 44.28 19.00
CA ALA H 145 38.32 44.26 17.60
C ALA H 145 37.92 42.99 16.89
N CYS H 146 37.46 41.97 17.61
CA CYS H 146 37.10 40.68 17.03
C CYS H 146 35.60 40.42 17.06
N TRP H 147 34.79 41.46 17.18
CA TRP H 147 33.35 41.33 17.23
C TRP H 147 32.71 42.06 16.07
N TRP H 148 31.72 41.43 15.44
CA TRP H 148 31.05 41.96 14.26
C TRP H 148 29.55 41.90 14.47
N THR H 149 28.87 42.99 14.12
CA THR H 149 27.43 43.08 14.25
C THR H 149 26.77 42.77 12.91
N MET H 150 25.78 41.88 12.93
CA MET H 150 25.06 41.49 11.74
C MET H 150 23.88 42.42 11.50
N HIS H 151 23.79 42.95 10.28
CA HIS H 151 22.70 43.84 9.92
C HIS H 151 22.02 43.33 8.65
N PRO H 152 20.71 43.52 8.53
CA PRO H 152 20.02 43.05 7.32
C PRO H 152 20.44 43.85 6.09
N ALA H 153 20.62 43.14 4.98
CA ALA H 153 21.02 43.80 3.73
C ALA H 153 19.86 44.49 3.05
N SER H 154 18.63 44.02 3.25
CA SER H 154 17.47 44.56 2.57
C SER H 154 16.34 44.75 3.55
N LYS H 155 15.25 45.36 3.08
CA LYS H 155 14.09 45.61 3.93
C LYS H 155 13.35 44.33 4.27
N GLN H 156 13.68 43.20 3.62
CA GLN H 156 13.00 41.95 3.91
C GLN H 156 13.21 41.52 5.35
N ARG H 157 14.41 41.69 5.88
CA ARG H 157 14.73 41.35 7.26
C ARG H 157 14.84 42.62 8.09
N SER H 158 14.50 42.51 9.37
CA SER H 158 14.58 43.62 10.30
C SER H 158 15.39 43.18 11.52
N GLU H 159 15.84 44.18 12.28
CA GLU H 159 16.65 43.90 13.46
C GLU H 159 15.85 43.08 14.47
N GLY H 160 16.51 42.09 15.08
CA GLY H 160 15.87 41.20 16.00
C GLY H 160 15.36 39.91 15.39
N GLU H 161 15.22 39.85 14.08
CA GLU H 161 14.79 38.63 13.41
C GLU H 161 15.92 37.61 13.37
N LYS H 162 15.54 36.34 13.26
CA LYS H 162 16.52 35.27 13.15
C LYS H 162 17.24 35.35 11.81
N VAL H 163 18.55 35.08 11.83
CA VAL H 163 19.35 35.05 10.62
C VAL H 163 19.17 33.68 9.97
N ARG H 164 18.73 33.66 8.72
CA ARG H 164 18.43 32.43 8.01
C ARG H 164 19.54 32.10 7.02
N VAL H 165 19.68 30.81 6.71
CA VAL H 165 20.66 30.38 5.74
C VAL H 165 20.32 30.94 4.38
N GLY H 166 21.32 31.50 3.70
CA GLY H 166 21.13 32.12 2.41
C GLY H 166 20.82 33.60 2.43
N ASP H 167 20.65 34.19 3.61
CA ASP H 167 20.41 35.63 3.71
C ASP H 167 21.69 36.40 3.43
N ASP H 168 21.51 37.60 2.88
CA ASP H 168 22.63 38.51 2.70
C ASP H 168 22.82 39.34 3.96
N LEU H 169 24.04 39.37 4.46
CA LEU H 169 24.35 40.01 5.73
C LEU H 169 25.27 41.21 5.51
N ILE H 170 25.21 42.14 6.45
CA ILE H 170 26.11 43.28 6.51
C ILE H 170 26.86 43.21 7.83
N LEU H 171 28.17 43.01 7.77
CA LEU H 171 29.00 42.85 8.96
C LEU H 171 29.72 44.16 9.24
N VAL H 172 29.54 44.67 10.46
CA VAL H 172 30.14 45.94 10.87
C VAL H 172 31.04 45.65 12.07
N SER H 173 32.28 46.12 12.00
CA SER H 173 33.22 45.94 13.10
C SER H 173 32.78 46.79 14.29
N VAL H 174 32.73 46.16 15.47
CA VAL H 174 32.36 46.88 16.68
C VAL H 174 33.40 47.94 17.02
N SER H 175 34.68 47.57 16.91
CA SER H 175 35.75 48.48 17.31
C SER H 175 35.88 49.66 16.34
N SER H 176 35.83 49.40 15.04
CA SER H 176 36.14 50.40 14.05
C SER H 176 34.93 50.99 13.34
N GLU H 177 33.74 50.43 13.55
CA GLU H 177 32.50 50.91 12.91
C GLU H 177 32.64 50.93 11.39
N ARG H 178 33.28 49.89 10.85
CA ARG H 178 33.50 49.77 9.41
C ARG H 178 32.94 48.44 8.92
N TYR H 179 32.50 48.45 7.66
CA TYR H 179 31.92 47.26 7.04
C TYR H 179 33.01 46.31 6.57
N LEU H 180 32.67 45.03 6.55
CA LEU H 180 33.53 44.04 5.90
C LEU H 180 33.38 44.22 4.40
N HIS H 181 34.33 44.90 3.78
CA HIS H 181 34.19 45.41 2.42
C HIS H 181 35.06 44.63 1.45
N LEU H 182 34.52 44.39 0.27
CA LEU H 182 35.27 43.82 -0.85
C LEU H 182 35.70 44.97 -1.76
N SER H 183 37.01 45.13 -1.92
CA SER H 183 37.56 46.25 -2.69
C SER H 183 38.02 45.76 -4.06
N THR H 184 37.54 46.44 -5.10
CA THR H 184 37.93 46.15 -6.48
C THR H 184 38.68 47.31 -7.11
N ALA H 185 39.17 48.25 -6.29
CA ALA H 185 39.86 49.41 -6.82
C ALA H 185 41.15 49.00 -7.55
N SER H 186 41.90 48.07 -6.97
CA SER H 186 43.11 47.58 -7.61
C SER H 186 42.74 46.51 -8.65
N GLY H 187 43.76 45.94 -9.28
CA GLY H 187 43.52 44.90 -10.27
C GLY H 187 43.03 43.60 -9.69
N GLU H 188 43.23 43.38 -8.39
CA GLU H 188 42.83 42.16 -7.72
C GLU H 188 41.62 42.41 -6.83
N LEU H 189 41.11 41.32 -6.26
CA LEU H 189 39.98 41.37 -5.34
C LEU H 189 40.52 41.20 -3.92
N GLN H 190 40.29 42.21 -3.08
CA GLN H 190 40.81 42.22 -1.72
C GLN H 190 39.70 42.61 -0.75
N VAL H 191 39.78 42.06 0.45
CA VAL H 191 38.79 42.32 1.51
C VAL H 191 39.42 43.21 2.56
N ASP H 192 38.70 44.27 2.95
CA ASP H 192 39.18 45.19 3.97
C ASP H 192 37.99 45.74 4.73
N ALA H 193 38.27 46.55 5.74
CA ALA H 193 37.25 47.18 6.56
C ALA H 193 37.15 48.64 6.14
N SER H 194 36.11 48.96 5.38
CA SER H 194 35.89 50.29 4.84
C SER H 194 34.52 50.81 5.24
N PHE H 195 34.23 52.03 4.82
CA PHE H 195 32.93 52.66 5.06
C PHE H 195 31.91 52.34 3.97
N MET H 196 32.29 51.56 2.97
CA MET H 196 31.37 51.11 1.94
C MET H 196 30.94 49.68 2.24
N GLN H 197 29.64 49.44 2.21
CA GLN H 197 29.12 48.14 2.62
C GLN H 197 29.30 47.11 1.51
N THR H 198 29.19 45.84 1.90
CA THR H 198 29.27 44.72 0.98
C THR H 198 28.42 43.59 1.54
N LEU H 199 27.62 42.97 0.67
CA LEU H 199 26.73 41.89 1.08
C LEU H 199 27.51 40.60 1.21
N TRP H 200 27.26 39.88 2.31
CA TRP H 200 27.93 38.61 2.59
C TRP H 200 26.88 37.54 2.88
N ASN H 201 27.24 36.30 2.55
CA ASN H 201 26.42 35.14 2.86
C ASN H 201 27.19 34.22 3.78
N MET H 202 26.56 33.83 4.89
CA MET H 202 27.17 32.89 5.84
C MET H 202 26.63 31.51 5.53
N ASN H 203 27.23 30.86 4.54
CA ASN H 203 26.80 29.51 4.16
C ASN H 203 27.28 28.50 5.19
N PRO H 204 26.38 27.72 5.79
CA PRO H 204 26.81 26.77 6.80
C PRO H 204 27.62 25.63 6.21
N ILE H 205 28.51 25.09 7.03
CA ILE H 205 29.30 23.91 6.68
C ILE H 205 28.82 22.68 7.44
N CYS H 206 28.71 22.81 8.77
CA CYS H 206 28.21 21.73 9.60
C CYS H 206 27.63 22.33 10.87
N SER H 207 26.48 21.81 11.30
CA SER H 207 25.82 22.28 12.51
C SER H 207 26.06 21.36 13.70
N CYS H 208 25.69 20.08 13.56
CA CYS H 208 25.84 19.12 14.64
C CYS H 208 26.21 17.76 14.05
N CYS H 209 27.26 17.15 14.58
CA CYS H 209 27.76 15.87 14.10
C CYS H 209 27.58 14.82 15.19
N GLU H 210 27.02 13.68 14.82
CA GLU H 210 26.88 12.57 15.76
C GLU H 210 28.23 11.94 16.07
N GLU H 211 28.29 11.26 17.21
CA GLU H 211 29.53 10.59 17.61
C GLU H 211 29.94 9.57 16.56
N GLY H 212 31.23 9.52 16.28
CA GLY H 212 31.69 8.79 15.10
C GLY H 212 31.11 9.44 13.87
N TYR H 213 30.60 8.61 12.95
CA TYR H 213 29.76 9.07 11.84
C TYR H 213 30.48 10.12 10.99
N VAL H 214 31.47 9.62 10.26
CA VAL H 214 32.35 10.42 9.39
C VAL H 214 31.56 11.45 8.61
N THR H 215 32.07 12.69 8.59
CA THR H 215 31.47 13.78 7.83
C THR H 215 32.48 14.36 6.87
N GLY H 216 31.99 15.11 5.90
CA GLY H 216 32.87 15.73 4.93
C GLY H 216 33.74 16.80 5.56
N GLY H 217 34.91 17.02 4.95
CA GLY H 217 35.85 18.00 5.44
C GLY H 217 36.75 17.52 6.56
N HIS H 218 36.61 16.27 7.00
CA HIS H 218 37.45 15.74 8.05
C HIS H 218 38.78 15.24 7.49
N VAL H 219 39.80 15.28 8.34
CA VAL H 219 41.11 14.71 8.03
C VAL H 219 41.20 13.37 8.73
N LEU H 220 41.54 12.32 7.97
CA LEU H 220 41.49 10.96 8.50
C LEU H 220 42.52 10.11 7.78
N ARG H 221 42.66 8.87 8.23
CA ARG H 221 43.50 7.88 7.59
C ARG H 221 42.64 6.74 7.08
N LEU H 222 43.06 6.14 5.97
CA LEU H 222 42.35 5.03 5.35
C LEU H 222 43.16 3.77 5.57
N PHE H 223 42.75 2.97 6.54
CA PHE H 223 43.47 1.75 6.90
C PHE H 223 42.96 0.57 6.09
N HIS H 224 43.88 -0.28 5.65
CA HIS H 224 43.52 -1.39 4.77
C HIS H 224 42.95 -2.56 5.56
N GLY H 225 43.74 -3.13 6.47
CA GLY H 225 43.30 -4.30 7.20
C GLY H 225 42.95 -4.03 8.65
N HIS H 226 43.67 -4.70 9.56
CA HIS H 226 43.41 -4.58 11.00
C HIS H 226 44.35 -3.56 11.62
N MET H 227 44.17 -2.30 11.22
CA MET H 227 44.97 -1.17 11.73
C MET H 227 46.46 -1.39 11.51
N ASP H 228 46.82 -2.02 10.38
CA ASP H 228 48.22 -2.31 10.07
C ASP H 228 48.75 -1.49 8.90
N GLU H 229 48.07 -1.50 7.77
CA GLU H 229 48.47 -0.74 6.59
C GLU H 229 47.48 0.39 6.35
N CYS H 230 48.01 1.53 5.91
CA CYS H 230 47.19 2.70 5.63
C CYS H 230 47.58 3.29 4.29
N LEU H 231 46.62 3.96 3.66
CA LEU H 231 46.87 4.59 2.37
C LEU H 231 47.75 5.83 2.56
N THR H 232 48.81 5.92 1.76
CA THR H 232 49.76 7.01 1.91
C THR H 232 50.55 7.18 0.62
N ILE H 233 51.36 8.22 0.58
CA ILE H 233 52.28 8.45 -0.53
C ILE H 233 53.70 8.27 0.00
N SER H 234 54.66 8.35 -0.92
CA SER H 234 56.06 8.16 -0.55
C SER H 234 56.54 9.29 0.35
N ALA H 235 57.63 9.00 1.08
CA ALA H 235 58.19 9.97 1.99
C ALA H 235 58.81 11.14 1.21
N ALA H 236 59.32 12.12 1.96
CA ALA H 236 59.90 13.30 1.35
C ALA H 236 61.15 12.94 0.56
N ASP H 237 61.52 13.84 -0.36
CA ASP H 237 62.63 13.70 -1.29
C ASP H 237 62.74 12.28 -1.85
N SER H 238 61.67 11.78 -2.45
CA SER H 238 61.64 10.47 -3.06
C SER H 238 61.69 10.59 -4.58
N ASP H 239 62.12 9.50 -5.22
CA ASP H 239 62.34 9.54 -6.66
C ASP H 239 61.03 9.65 -7.44
N ASP H 240 59.93 9.16 -6.88
CA ASP H 240 58.64 9.19 -7.56
C ASP H 240 57.94 10.54 -7.46
N GLN H 241 58.63 11.56 -6.94
CA GLN H 241 58.08 12.92 -6.80
C GLN H 241 56.85 12.96 -5.90
N ARG H 242 56.69 11.96 -5.04
CA ARG H 242 55.54 11.86 -4.13
C ARG H 242 54.22 11.93 -4.89
N ARG H 243 54.19 11.29 -6.06
CA ARG H 243 52.99 11.27 -6.90
C ARG H 243 52.42 9.87 -7.09
N LEU H 244 52.80 8.92 -6.25
CA LEU H 244 52.27 7.56 -6.30
C LEU H 244 51.71 7.19 -4.93
N VAL H 245 50.69 6.34 -4.94
CA VAL H 245 49.96 5.97 -3.73
C VAL H 245 50.29 4.52 -3.40
N TYR H 246 50.58 4.26 -2.13
CA TYR H 246 50.96 2.94 -1.68
C TYR H 246 50.18 2.55 -0.43
N TYR H 247 50.04 1.24 -0.22
CA TYR H 247 49.58 0.70 1.04
C TYR H 247 50.79 0.35 1.89
N GLU H 248 51.02 1.12 2.94
CA GLU H 248 52.22 0.98 3.75
C GLU H 248 51.84 0.88 5.22
N GLY H 249 52.60 0.07 5.96
CA GLY H 249 52.39 -0.09 7.39
C GLY H 249 53.63 0.25 8.18
N GLY H 250 53.48 0.28 9.48
CA GLY H 250 54.57 0.58 10.39
C GLY H 250 54.43 1.97 11.00
N ALA H 251 55.52 2.73 10.97
CA ALA H 251 55.51 4.07 11.55
C ALA H 251 54.72 5.07 10.71
N VAL H 252 54.43 4.73 9.44
CA VAL H 252 53.68 5.64 8.58
C VAL H 252 52.27 5.88 9.10
N CYS H 253 51.74 4.94 9.89
CA CYS H 253 50.39 5.08 10.42
C CYS H 253 50.27 6.24 11.41
N THR H 254 51.38 6.77 11.91
CA THR H 254 51.36 7.91 12.81
C THR H 254 52.03 9.14 12.21
N HIS H 255 52.39 9.09 10.93
CA HIS H 255 53.01 10.21 10.25
C HIS H 255 51.98 11.08 9.54
N ALA H 256 52.44 12.23 9.05
CA ALA H 256 51.55 13.20 8.42
C ALA H 256 51.30 12.91 6.95
N ARG H 257 52.08 12.03 6.32
CA ARG H 257 51.89 11.74 4.91
C ARG H 257 50.82 10.70 4.66
N SER H 258 50.20 10.15 5.71
CA SER H 258 49.09 9.22 5.57
C SER H 258 47.75 9.89 5.89
N LEU H 259 47.73 11.21 5.97
CA LEU H 259 46.52 11.96 6.30
C LEU H 259 45.84 12.44 5.04
N TRP H 260 44.53 12.24 4.94
CA TRP H 260 43.74 12.63 3.79
C TRP H 260 42.52 13.42 4.25
N ARG H 261 42.10 14.37 3.43
CA ARG H 261 40.92 15.18 3.70
C ARG H 261 39.86 14.87 2.66
N LEU H 262 38.67 14.53 3.14
CA LEU H 262 37.55 14.18 2.26
C LEU H 262 36.75 15.44 1.94
N GLU H 263 36.72 15.80 0.66
CA GLU H 263 36.08 17.04 0.22
C GLU H 263 34.89 16.73 -0.69
N PRO H 264 33.67 16.86 -0.21
CA PRO H 264 32.50 16.68 -1.08
C PRO H 264 32.45 17.75 -2.16
N LEU H 265 31.74 17.43 -3.24
CA LEU H 265 31.66 18.32 -4.40
C LEU H 265 30.62 19.41 -4.21
N ARG H 266 30.72 20.13 -3.10
CA ARG H 266 29.86 21.28 -2.84
C ARG H 266 30.49 22.11 -1.74
N ILE H 267 30.02 23.36 -1.63
CA ILE H 267 30.54 24.27 -0.61
C ILE H 267 29.58 24.29 0.56
N SER H 268 28.31 24.58 0.29
CA SER H 268 27.30 24.61 1.35
C SER H 268 27.05 23.19 1.87
N TRP H 269 27.06 23.05 3.19
CA TRP H 269 26.87 21.76 3.86
C TRP H 269 27.90 20.74 3.43
N SER H 270 29.11 21.20 3.13
CA SER H 270 30.20 20.27 2.80
C SER H 270 30.64 19.45 4.00
N GLY H 271 30.31 19.89 5.21
CA GLY H 271 30.61 19.17 6.43
C GLY H 271 29.51 18.25 6.90
N SER H 272 28.52 17.96 6.07
CA SER H 272 27.44 17.06 6.44
C SER H 272 27.94 15.63 6.52
N HIS H 273 27.10 14.75 7.06
CA HIS H 273 27.45 13.34 7.17
C HIS H 273 27.68 12.74 5.79
N LEU H 274 28.75 11.97 5.66
CA LEU H 274 29.03 11.28 4.42
C LEU H 274 27.99 10.18 4.17
N ARG H 275 27.66 9.97 2.91
CA ARG H 275 26.69 8.97 2.52
C ARG H 275 27.31 8.06 1.48
N TRP H 276 26.84 6.81 1.46
CA TRP H 276 27.33 5.85 0.48
C TRP H 276 27.01 6.32 -0.93
N GLY H 277 28.01 6.26 -1.81
CA GLY H 277 27.84 6.69 -3.18
C GLY H 277 27.93 8.17 -3.42
N GLN H 278 28.18 8.97 -2.37
CA GLN H 278 28.30 10.40 -2.53
C GLN H 278 29.65 10.75 -3.14
N PRO H 279 29.70 11.43 -4.28
CA PRO H 279 31.00 11.78 -4.87
C PRO H 279 31.75 12.78 -4.00
N LEU H 280 33.07 12.63 -3.98
CA LEU H 280 33.91 13.52 -3.18
C LEU H 280 35.35 13.42 -3.66
N ARG H 281 36.09 14.48 -3.45
CA ARG H 281 37.53 14.49 -3.71
C ARG H 281 38.29 14.05 -2.46
N ILE H 282 39.44 13.44 -2.68
CA ILE H 282 40.32 13.01 -1.60
C ILE H 282 41.63 13.78 -1.76
N ARG H 283 41.96 14.60 -0.75
CA ARG H 283 43.09 15.52 -0.82
C ARG H 283 44.15 15.09 0.18
N HIS H 284 45.40 15.06 -0.28
CA HIS H 284 46.52 14.80 0.61
C HIS H 284 46.89 16.11 1.33
N VAL H 285 46.88 16.06 2.67
CA VAL H 285 46.94 17.29 3.45
C VAL H 285 48.30 17.97 3.32
N THR H 286 49.39 17.20 3.47
CA THR H 286 50.71 17.82 3.51
C THR H 286 51.16 18.31 2.14
N THR H 287 50.81 17.59 1.08
CA THR H 287 51.23 17.97 -0.26
C THR H 287 50.18 18.81 -1.01
N GLY H 288 48.93 18.77 -0.57
CA GLY H 288 47.89 19.54 -1.23
C GLY H 288 47.41 18.96 -2.54
N ARG H 289 47.81 17.74 -2.87
CA ARG H 289 47.42 17.11 -4.12
C ARG H 289 46.19 16.22 -3.90
N TYR H 290 45.49 15.96 -5.00
CA TYR H 290 44.23 15.24 -4.98
C TYR H 290 44.39 13.88 -5.66
N LEU H 291 43.81 12.85 -5.04
CA LEU H 291 43.80 11.52 -5.64
C LEU H 291 43.09 11.57 -6.98
N ALA H 292 43.70 10.98 -8.01
CA ALA H 292 43.20 11.15 -9.36
C ALA H 292 43.46 9.89 -10.17
N LEU H 293 42.69 9.76 -11.25
CA LEU H 293 42.88 8.71 -12.24
C LEU H 293 43.29 9.36 -13.56
N THR H 294 44.52 9.11 -14.00
CA THR H 294 45.03 9.67 -15.23
C THR H 294 45.16 8.58 -16.29
N GLU H 295 44.96 8.97 -17.55
CA GLU H 295 45.07 8.03 -18.65
C GLU H 295 46.48 7.53 -18.84
N ASP H 296 47.48 8.23 -18.31
CA ASP H 296 48.87 7.86 -18.51
C ASP H 296 49.40 6.97 -17.38
N GLN H 297 49.34 7.46 -16.14
CA GLN H 297 49.95 6.79 -15.01
C GLN H 297 48.96 6.02 -14.14
N GLY H 298 47.67 6.07 -14.47
CA GLY H 298 46.68 5.37 -13.66
C GLY H 298 46.32 6.17 -12.43
N LEU H 299 46.48 5.57 -11.26
CA LEU H 299 46.13 6.19 -10.01
C LEU H 299 47.32 6.97 -9.47
N VAL H 300 47.21 8.30 -9.42
CA VAL H 300 48.23 9.18 -8.91
C VAL H 300 47.56 10.29 -8.11
N VAL H 301 48.38 11.20 -7.57
CA VAL H 301 47.90 12.42 -6.94
C VAL H 301 48.36 13.60 -7.79
N VAL H 302 47.43 14.46 -8.16
CA VAL H 302 47.70 15.55 -9.08
C VAL H 302 47.47 16.88 -8.37
N ASP H 303 48.02 17.94 -8.94
CA ASP H 303 47.87 19.28 -8.39
C ASP H 303 46.43 19.75 -8.55
N ALA H 304 46.10 20.82 -7.81
CA ALA H 304 44.74 21.35 -7.84
C ALA H 304 44.33 21.86 -9.21
N CYS H 305 45.30 22.22 -10.05
CA CYS H 305 44.99 22.72 -11.39
C CYS H 305 44.55 21.61 -12.35
N LYS H 306 44.67 20.35 -11.95
CA LYS H 306 44.30 19.23 -12.81
C LYS H 306 43.21 18.35 -12.21
N ALA H 307 42.52 18.82 -11.18
CA ALA H 307 41.44 18.07 -10.53
C ALA H 307 40.11 18.60 -11.05
N HIS H 308 39.61 18.00 -12.12
CA HIS H 308 38.45 18.52 -12.85
C HIS H 308 37.21 17.66 -12.65
N THR H 309 37.03 17.11 -11.45
CA THR H 309 35.78 16.49 -11.01
C THR H 309 35.48 15.21 -11.77
N LYS H 310 36.31 14.86 -12.75
CA LYS H 310 36.18 13.62 -13.49
C LYS H 310 37.28 12.62 -13.14
N ALA H 311 38.52 13.10 -13.02
CA ALA H 311 39.60 12.22 -12.59
C ALA H 311 39.68 12.09 -11.08
N THR H 312 39.11 13.04 -10.34
CA THR H 312 39.28 13.11 -8.90
C THR H 312 37.99 12.88 -8.12
N SER H 313 36.98 12.27 -8.73
CA SER H 313 35.72 12.00 -8.05
C SER H 313 35.69 10.54 -7.60
N PHE H 314 35.59 10.33 -6.29
CA PHE H 314 35.53 9.01 -5.70
C PHE H 314 34.31 8.92 -4.78
N CYS H 315 33.91 7.69 -4.47
CA CYS H 315 32.80 7.47 -3.56
C CYS H 315 33.06 6.20 -2.76
N PHE H 316 32.48 6.16 -1.56
CA PHE H 316 32.55 4.98 -0.70
C PHE H 316 31.30 4.14 -0.89
N ARG H 317 31.48 2.84 -1.08
CA ARG H 317 30.37 1.93 -1.27
C ARG H 317 30.49 0.78 -0.28
N VAL H 318 29.35 0.36 0.26
CA VAL H 318 29.34 -0.72 1.25
C VAL H 318 29.62 -2.07 0.62
N SER H 319 29.44 -2.21 -0.69
CA SER H 319 29.68 -3.47 -1.37
C SER H 319 30.04 -3.19 -2.82
N LYS H 320 30.60 -4.20 -3.48
CA LYS H 320 31.02 -4.08 -4.87
C LYS H 320 29.92 -4.42 -5.85
N GLU H 321 28.72 -4.71 -5.36
CA GLU H 321 27.59 -4.99 -6.25
C GLU H 321 27.24 -3.75 -7.07
N LYS H 322 26.89 -3.99 -8.34
CA LYS H 322 26.58 -2.91 -9.27
C LYS H 322 25.13 -2.48 -9.06
N LEU H 323 24.91 -1.68 -8.02
CA LEU H 323 23.57 -1.17 -7.72
C LEU H 323 23.06 -0.30 -8.86
N ASP H 324 23.72 0.84 -9.08
CA ASP H 324 23.37 1.77 -10.17
C ASP H 324 21.89 2.14 -10.11
N THR H 325 21.39 2.40 -8.90
CA THR H 325 19.96 2.65 -8.72
C THR H 325 19.56 4.01 -9.27
N ALA H 326 20.09 5.08 -8.70
CA ALA H 326 19.73 6.44 -9.08
C ALA H 326 20.69 7.44 -8.45
N PRO H 327 20.96 8.57 -9.11
CA PRO H 327 21.80 9.60 -8.48
C PRO H 327 21.09 10.25 -7.29
N LYS H 328 21.62 10.02 -6.09
CA LYS H 328 21.02 10.57 -4.89
C LYS H 328 21.12 12.09 -4.89
N ARG H 329 20.03 12.74 -4.46
CA ARG H 329 19.99 14.19 -4.40
C ARG H 329 20.38 14.68 -3.00
N ASP H 330 21.32 15.61 -2.96
CA ASP H 330 21.80 16.13 -1.69
C ASP H 330 20.73 16.95 -0.98
N VAL H 331 20.74 16.90 0.34
CA VAL H 331 19.79 17.63 1.16
C VAL H 331 20.50 18.82 1.80
N GLU H 332 19.70 19.81 2.21
CA GLU H 332 20.22 21.03 2.83
C GLU H 332 20.26 20.83 4.33
N GLY H 333 21.26 20.08 4.79
CA GLY H 333 21.42 19.83 6.20
C GLY H 333 22.51 18.80 6.43
N MET H 334 22.63 18.38 7.70
CA MET H 334 23.62 17.38 8.04
C MET H 334 23.31 16.02 7.43
N GLY H 335 22.04 15.70 7.21
CA GLY H 335 21.66 14.45 6.61
C GLY H 335 21.72 13.30 7.60
N PRO H 336 21.31 12.11 7.16
CA PRO H 336 21.33 10.95 8.03
C PRO H 336 22.75 10.39 8.14
N PRO H 337 23.18 10.02 9.35
CA PRO H 337 24.54 9.47 9.52
C PRO H 337 24.60 8.03 9.02
N GLU H 338 25.56 7.76 8.13
CA GLU H 338 25.68 6.45 7.51
C GLU H 338 27.02 5.77 7.81
N ILE H 339 28.14 6.46 7.56
CA ILE H 339 29.46 5.85 7.63
C ILE H 339 30.09 6.18 8.99
N LYS H 340 30.53 5.14 9.70
CA LYS H 340 31.09 5.29 11.03
C LYS H 340 32.62 5.22 10.99
N TYR H 341 33.24 5.74 12.04
CA TYR H 341 34.70 5.69 12.16
C TYR H 341 35.13 4.36 12.76
N GLY H 342 35.89 3.58 11.99
CA GLY H 342 36.48 2.37 12.50
C GLY H 342 35.58 1.15 12.51
N GLU H 343 34.33 1.28 12.10
CA GLU H 343 33.41 0.15 12.02
C GLU H 343 32.95 -0.13 10.59
N SER H 344 32.56 0.90 9.86
CA SER H 344 32.07 0.70 8.50
C SER H 344 33.23 0.31 7.57
N LEU H 345 33.01 -0.72 6.76
CA LEU H 345 33.96 -1.13 5.74
C LEU H 345 33.57 -0.48 4.42
N CYS H 346 34.47 0.31 3.86
CA CYS H 346 34.19 1.14 2.70
C CYS H 346 35.03 0.68 1.52
N PHE H 347 34.38 0.52 0.38
CA PHE H 347 35.07 0.26 -0.89
C PHE H 347 35.14 1.55 -1.67
N VAL H 348 36.35 1.97 -2.01
CA VAL H 348 36.56 3.21 -2.76
C VAL H 348 36.44 2.91 -4.24
N GLN H 349 35.54 3.62 -4.91
CA GLN H 349 35.29 3.45 -6.33
C GLN H 349 35.46 4.78 -7.04
N HIS H 350 36.14 4.75 -8.19
CA HIS H 350 36.23 5.94 -9.03
C HIS H 350 34.90 6.14 -9.75
N VAL H 351 34.30 7.32 -9.59
CA VAL H 351 32.94 7.55 -10.05
C VAL H 351 32.87 7.50 -11.58
N ALA H 352 33.78 8.18 -12.25
CA ALA H 352 33.70 8.30 -13.70
C ALA H 352 33.94 6.96 -14.39
N SER H 353 34.91 6.17 -13.90
CA SER H 353 35.29 4.93 -14.56
C SER H 353 34.69 3.69 -13.94
N GLY H 354 34.28 3.75 -12.67
CA GLY H 354 33.77 2.58 -11.99
C GLY H 354 34.83 1.66 -11.44
N LEU H 355 36.10 2.00 -11.58
CA LEU H 355 37.18 1.15 -11.10
C LEU H 355 37.23 1.16 -9.57
N TRP H 356 37.80 0.10 -9.01
CA TRP H 356 37.89 -0.09 -7.57
C TRP H 356 39.32 0.13 -7.10
N LEU H 357 39.46 0.75 -5.94
CA LEU H 357 40.77 0.99 -5.35
C LEU H 357 41.28 -0.30 -4.70
N THR H 358 42.46 -0.74 -5.12
CA THR H 358 43.04 -1.98 -4.62
C THR H 358 44.55 -1.90 -4.76
N TYR H 359 45.22 -2.97 -4.33
CA TYR H 359 46.67 -3.05 -4.40
C TYR H 359 47.10 -3.74 -5.68
N ALA H 360 48.40 -3.66 -5.97
CA ALA H 360 48.95 -4.07 -7.25
C ALA H 360 49.48 -5.50 -7.26
N ALA H 361 49.34 -6.24 -6.16
CA ALA H 361 49.82 -7.62 -6.09
C ALA H 361 51.32 -7.65 -6.38
N PRO H 362 52.17 -7.19 -5.47
CA PRO H 362 53.57 -6.94 -5.81
C PRO H 362 54.28 -8.18 -6.34
N ASP H 363 55.14 -7.95 -7.33
CA ASP H 363 55.87 -9.03 -7.98
C ASP H 363 56.86 -9.64 -6.99
N PRO H 364 57.07 -10.96 -7.03
CA PRO H 364 58.06 -11.59 -6.15
C PRO H 364 59.47 -11.10 -6.47
N LYS H 365 60.42 -11.57 -5.65
CA LYS H 365 61.84 -11.21 -5.70
C LYS H 365 62.04 -9.79 -5.18
N ALA H 366 60.94 -9.09 -4.90
CA ALA H 366 60.99 -7.77 -4.30
C ALA H 366 60.81 -7.81 -2.79
N LEU H 367 60.36 -8.94 -2.23
CA LEU H 367 60.23 -9.06 -0.79
C LEU H 367 61.58 -9.05 -0.10
N ARG H 368 62.64 -9.53 -0.77
CA ARG H 368 63.97 -9.49 -0.19
C ARG H 368 64.46 -8.06 -0.02
N LEU H 369 63.97 -7.14 -0.85
CA LEU H 369 64.34 -5.72 -0.72
C LEU H 369 63.72 -5.07 0.50
N GLY H 370 62.83 -5.76 1.22
CA GLY H 370 62.16 -5.17 2.37
C GLY H 370 61.01 -4.26 2.03
N VAL H 371 60.54 -4.28 0.78
CA VAL H 371 59.45 -3.41 0.36
C VAL H 371 58.12 -4.02 0.76
N LEU H 372 57.63 -3.67 1.94
CA LEU H 372 56.28 -4.06 2.36
C LEU H 372 55.22 -3.18 1.73
N LYS H 373 55.61 -2.10 1.05
CA LYS H 373 54.64 -1.22 0.40
C LYS H 373 53.99 -1.94 -0.78
N LYS H 374 52.68 -1.81 -0.89
CA LYS H 374 51.93 -2.30 -2.04
C LYS H 374 51.38 -1.10 -2.79
N LYS H 375 51.70 -1.00 -4.08
CA LYS H 375 51.25 0.13 -4.87
C LYS H 375 49.74 0.08 -5.05
N ALA H 376 49.09 1.21 -4.80
CA ALA H 376 47.64 1.30 -4.95
C ALA H 376 47.29 1.57 -6.41
N ILE H 377 46.35 0.79 -6.93
CA ILE H 377 45.92 0.90 -8.31
C ILE H 377 44.40 0.92 -8.36
N LEU H 378 43.87 1.35 -9.50
CA LEU H 378 42.45 1.26 -9.79
C LEU H 378 42.22 0.10 -10.75
N HIS H 379 41.37 -0.83 -10.35
CA HIS H 379 41.13 -2.05 -11.11
C HIS H 379 39.64 -2.28 -11.24
N GLN H 380 39.26 -2.96 -12.33
CA GLN H 380 37.85 -3.22 -12.59
C GLN H 380 37.24 -4.23 -11.62
N GLU H 381 38.02 -5.21 -11.17
CA GLU H 381 37.53 -6.24 -10.27
C GLU H 381 38.02 -6.06 -8.85
N GLY H 382 39.32 -5.89 -8.64
CA GLY H 382 39.84 -5.75 -7.30
C GLY H 382 39.86 -7.08 -6.57
N HIS H 383 39.90 -6.99 -5.24
CA HIS H 383 39.95 -8.15 -4.37
C HIS H 383 38.88 -8.04 -3.30
N MET H 384 38.72 -9.11 -2.53
CA MET H 384 37.70 -9.14 -1.49
C MET H 384 38.09 -8.29 -0.27
N ASP H 385 39.39 -8.08 -0.05
CA ASP H 385 39.87 -7.30 1.09
C ASP H 385 40.14 -5.85 0.74
N ASP H 386 39.47 -5.31 -0.29
CA ASP H 386 39.65 -3.92 -0.67
C ASP H 386 38.96 -2.95 0.27
N ALA H 387 38.15 -3.42 1.19
CA ALA H 387 37.46 -2.54 2.13
C ALA H 387 38.46 -1.80 3.01
N LEU H 388 38.15 -0.54 3.30
CA LEU H 388 39.01 0.32 4.07
C LEU H 388 38.31 0.80 5.33
N PHE H 389 39.08 0.95 6.40
CA PHE H 389 38.60 1.53 7.65
C PHE H 389 38.97 3.01 7.69
N LEU H 390 38.02 3.85 8.07
CA LEU H 390 38.26 5.28 8.25
C LEU H 390 38.49 5.55 9.72
N THR H 391 39.67 6.02 10.06
CA THR H 391 40.05 6.30 11.45
C THR H 391 40.21 7.80 11.65
N ARG H 392 39.65 8.31 12.74
CA ARG H 392 39.72 9.73 13.04
C ARG H 392 41.16 10.15 13.32
N CYS H 393 41.46 11.40 13.00
CA CYS H 393 42.75 12.00 13.26
C CYS H 393 42.61 13.08 14.33
N GLN H 394 43.56 13.13 15.25
CA GLN H 394 43.53 14.14 16.30
C GLN H 394 43.67 15.53 15.71
N GLN H 395 43.02 16.50 16.36
CA GLN H 395 43.08 17.89 15.90
C GLN H 395 44.50 18.41 15.90
N GLU H 396 45.33 17.94 16.82
CA GLU H 396 46.73 18.37 16.86
C GLU H 396 47.47 17.93 15.60
N GLU H 397 47.27 16.67 15.18
CA GLU H 397 47.93 16.18 13.98
C GLU H 397 47.38 16.84 12.72
N SER H 398 46.05 17.03 12.66
CA SER H 398 45.45 17.65 11.50
C SER H 398 45.94 19.08 11.32
N GLN H 399 46.03 19.83 12.41
CA GLN H 399 46.53 21.20 12.33
C GLN H 399 48.01 21.21 11.93
N ALA H 400 48.80 20.29 12.47
CA ALA H 400 50.22 20.24 12.14
C ALA H 400 50.44 19.91 10.67
N ALA H 401 49.65 18.97 10.13
CA ALA H 401 49.81 18.59 8.73
C ALA H 401 49.53 19.76 7.80
N ARG H 402 48.48 20.54 8.09
CA ARG H 402 48.19 21.73 7.30
C ARG H 402 49.30 22.76 7.44
N MET H 403 49.84 22.93 8.65
CA MET H 403 50.94 23.87 8.84
C MET H 403 52.16 23.46 8.06
N ILE H 404 52.45 22.15 8.00
CA ILE H 404 53.56 21.65 7.20
C ILE H 404 53.36 22.01 5.73
N HIS H 405 52.13 21.88 5.24
CA HIS H 405 51.84 22.20 3.85
C HIS H 405 52.12 23.67 3.57
N SER H 406 51.67 24.57 4.45
CA SER H 406 51.88 25.99 4.23
C SER H 406 53.33 26.38 4.47
N THR H 407 53.97 25.80 5.49
CA THR H 407 55.36 26.13 5.77
C THR H 407 56.29 25.68 4.64
N ALA H 408 56.05 24.49 4.09
CA ALA H 408 56.90 23.98 3.02
C ALA H 408 56.80 24.86 1.78
N GLY H 409 55.59 25.30 1.43
CA GLY H 409 55.42 26.14 0.27
C GLY H 409 56.10 27.49 0.41
N LEU H 410 56.05 28.07 1.60
CA LEU H 410 56.65 29.38 1.82
C LEU H 410 58.17 29.32 1.75
N TYR H 411 58.77 28.34 2.43
CA TYR H 411 60.23 28.26 2.48
C TYR H 411 60.81 27.84 1.13
N ASN H 412 60.11 26.96 0.40
CA ASN H 412 60.56 26.61 -0.94
C ASN H 412 60.54 27.82 -1.86
N GLN H 413 59.51 28.67 -1.72
CA GLN H 413 59.51 29.94 -2.45
C GLN H 413 60.67 30.82 -1.99
N PHE H 414 60.94 30.86 -0.69
CA PHE H 414 62.07 31.63 -0.19
C PHE H 414 63.40 31.07 -0.68
N ILE H 415 63.52 29.74 -0.73
CA ILE H 415 64.77 29.11 -1.18
C ILE H 415 65.02 29.41 -2.65
N LYS H 416 64.00 29.23 -3.49
CA LYS H 416 64.19 29.49 -4.92
C LYS H 416 64.41 30.97 -5.20
N GLY H 417 63.89 31.84 -4.33
CA GLY H 417 64.20 33.26 -4.46
C GLY H 417 65.66 33.56 -4.20
N LEU H 418 66.25 32.89 -3.21
CA LEU H 418 67.67 33.06 -2.94
C LEU H 418 68.51 32.55 -4.11
N ASP H 419 68.12 31.42 -4.70
CA ASP H 419 68.84 30.88 -5.84
C ASP H 419 68.71 31.72 -7.09
N SER H 420 67.74 32.65 -7.12
CA SER H 420 67.60 33.52 -8.29
C SER H 420 68.82 34.41 -8.47
N PHE H 421 69.35 34.94 -7.37
CA PHE H 421 70.53 35.79 -7.40
C PHE H 421 71.71 35.11 -6.70
N SER H 422 71.85 33.80 -6.90
CA SER H 422 72.92 33.06 -6.23
C SER H 422 74.29 33.55 -6.67
N GLY H 423 74.46 33.78 -7.97
CA GLY H 423 75.73 34.28 -8.47
C GLY H 423 75.57 35.46 -9.42
N LYS H 424 74.52 36.25 -9.21
CA LYS H 424 74.20 37.39 -10.06
C LYS H 424 74.19 38.65 -9.21
N PRO H 425 75.33 39.34 -9.09
CA PRO H 425 75.35 40.60 -8.35
C PRO H 425 74.42 41.63 -8.99
N ARG H 426 73.70 42.38 -8.14
CA ARG H 426 72.77 43.37 -8.65
C ARG H 426 73.46 44.62 -9.17
N GLY H 427 74.70 44.86 -8.75
CA GLY H 427 75.38 46.08 -9.15
C GLY H 427 74.66 47.30 -8.59
N SER H 428 74.64 48.37 -9.38
CA SER H 428 73.93 49.59 -9.01
C SER H 428 72.50 49.58 -9.54
N GLY H 429 71.75 48.53 -9.22
CA GLY H 429 70.41 48.38 -9.69
C GLY H 429 69.60 47.39 -8.89
N PRO H 430 68.36 47.13 -9.32
CA PRO H 430 67.50 46.20 -8.60
C PRO H 430 68.03 44.78 -8.69
N PRO H 431 67.65 43.90 -7.75
CA PRO H 431 68.09 42.50 -7.82
C PRO H 431 67.58 41.76 -9.04
N ALA H 432 66.71 42.35 -9.84
CA ALA H 432 66.19 41.75 -11.08
C ALA H 432 65.51 40.40 -10.81
N GLY H 433 64.43 40.47 -10.04
CA GLY H 433 63.64 39.30 -9.74
C GLY H 433 62.50 39.63 -8.79
N PRO H 434 61.62 38.66 -8.56
CA PRO H 434 60.53 38.87 -7.61
C PRO H 434 61.05 39.06 -6.20
N ALA H 435 60.35 39.88 -5.43
CA ALA H 435 60.77 40.19 -4.07
C ALA H 435 60.68 38.96 -3.17
N LEU H 436 61.65 38.82 -2.29
CA LEU H 436 61.64 37.72 -1.35
C LEU H 436 60.49 37.89 -0.36
N PRO H 437 59.85 36.80 0.05
CA PRO H 437 58.81 36.90 1.07
C PRO H 437 59.40 37.12 2.46
N ILE H 438 60.06 38.27 2.66
CA ILE H 438 60.78 38.52 3.90
C ILE H 438 59.82 38.59 5.08
N GLU H 439 58.74 39.36 4.93
CA GLU H 439 57.79 39.53 6.03
C GLU H 439 57.07 38.23 6.34
N ALA H 440 56.74 37.45 5.31
CA ALA H 440 56.07 36.17 5.54
C ALA H 440 57.00 35.19 6.25
N VAL H 441 58.26 35.14 5.84
CA VAL H 441 59.20 34.20 6.46
C VAL H 441 59.43 34.54 7.92
N ILE H 442 59.60 35.84 8.23
CA ILE H 442 59.86 36.25 9.61
C ILE H 442 58.68 35.90 10.50
N LEU H 443 57.46 36.20 10.04
CA LEU H 443 56.28 35.88 10.83
C LEU H 443 56.10 34.37 10.97
N SER H 444 56.36 33.62 9.88
CA SER H 444 56.24 32.17 9.95
C SER H 444 57.25 31.57 10.93
N LEU H 445 58.48 32.07 10.91
CA LEU H 445 59.49 31.57 11.84
C LEU H 445 59.10 31.86 13.28
N GLN H 446 58.59 33.05 13.55
CA GLN H 446 58.19 33.40 14.92
C GLN H 446 57.04 32.54 15.39
N ASP H 447 56.07 32.27 14.51
CA ASP H 447 54.95 31.41 14.89
C ASP H 447 55.41 30.00 15.20
N LEU H 448 56.32 29.45 14.39
CA LEU H 448 56.80 28.10 14.62
C LEU H 448 57.64 28.02 15.89
N ILE H 449 58.43 29.06 16.18
CA ILE H 449 59.23 29.08 17.40
C ILE H 449 58.32 29.03 18.63
N GLY H 450 57.25 29.82 18.61
CA GLY H 450 56.26 29.74 19.67
C GLY H 450 55.43 28.48 19.61
N TYR H 451 55.37 27.83 18.45
CA TYR H 451 54.65 26.57 18.32
C TYR H 451 55.41 25.41 18.95
N PHE H 452 56.74 25.47 18.94
CA PHE H 452 57.58 24.42 19.48
C PHE H 452 58.20 24.78 20.82
N GLU H 453 57.67 25.78 21.51
CA GLU H 453 58.26 26.21 22.78
C GLU H 453 58.08 25.11 23.83
N PRO H 454 59.13 24.79 24.59
CA PRO H 454 58.98 23.76 25.61
C PRO H 454 58.06 24.24 26.72
N PRO H 455 57.35 23.33 27.38
CA PRO H 455 56.44 23.75 28.46
C PRO H 455 57.19 24.36 29.62
N SER H 456 56.54 25.30 30.30
CA SER H 456 57.15 25.98 31.43
C SER H 456 57.36 25.01 32.59
N GLU H 457 58.47 25.20 33.30
CA GLU H 457 58.80 24.33 34.43
C GLU H 457 57.89 24.54 35.63
N GLU H 458 57.10 25.62 35.65
CA GLU H 458 56.22 25.89 36.76
C GLU H 458 54.92 25.10 36.71
N LEU H 459 54.65 24.41 35.60
CA LEU H 459 53.43 23.62 35.49
C LEU H 459 53.50 22.39 36.39
N GLN H 460 52.33 21.84 36.70
CA GLN H 460 52.28 20.60 37.46
C GLN H 460 52.81 19.45 36.61
N HIS H 461 53.15 18.35 37.28
CA HIS H 461 53.78 17.23 36.60
C HIS H 461 52.86 16.64 35.53
N GLU H 462 51.56 16.55 35.82
CA GLU H 462 50.66 15.84 34.92
C GLU H 462 50.52 16.55 33.58
N GLU H 463 50.26 17.86 33.60
CA GLU H 463 50.07 18.58 32.34
C GLU H 463 51.41 18.83 31.65
N LYS H 464 52.50 18.93 32.41
CA LYS H 464 53.81 19.11 31.78
C LYS H 464 54.18 17.90 30.93
N GLN H 465 53.93 16.70 31.44
CA GLN H 465 54.20 15.50 30.67
C GLN H 465 53.29 15.41 29.45
N SER H 466 52.04 15.83 29.59
CA SER H 466 51.12 15.85 28.46
C SER H 466 51.61 16.80 27.37
N LYS H 467 52.09 17.98 27.76
CA LYS H 467 52.61 18.92 26.78
C LYS H 467 53.91 18.43 26.17
N LEU H 468 54.74 17.76 26.97
CA LEU H 468 55.97 17.17 26.43
C LEU H 468 55.66 16.10 25.40
N ARG H 469 54.65 15.27 25.66
CA ARG H 469 54.26 14.24 24.71
C ARG H 469 53.77 14.86 23.41
N SER H 470 52.96 15.91 23.49
CA SER H 470 52.50 16.59 22.30
C SER H 470 53.64 17.25 21.56
N LEU H 471 54.58 17.84 22.30
CA LEU H 471 55.71 18.52 21.66
C LEU H 471 56.59 17.53 20.91
N ARG H 472 56.87 16.37 21.51
CA ARG H 472 57.67 15.36 20.83
C ARG H 472 56.97 14.86 19.57
N ASN H 473 55.65 14.68 19.64
CA ASN H 473 54.89 14.22 18.48
C ASN H 473 54.96 15.24 17.35
N ARG H 474 54.82 16.53 17.67
CA ARG H 474 54.86 17.56 16.65
C ARG H 474 56.26 17.71 16.05
N GLN H 475 57.30 17.55 16.87
CA GLN H 475 58.66 17.59 16.34
C GLN H 475 58.90 16.44 15.36
N SER H 476 58.42 15.25 15.70
CA SER H 476 58.57 14.10 14.81
C SER H 476 57.78 14.30 13.52
N LEU H 477 56.58 14.87 13.62
CA LEU H 477 55.75 15.07 12.43
C LEU H 477 56.43 16.02 11.44
N PHE H 478 56.99 17.12 11.94
CA PHE H 478 57.68 18.06 11.06
C PHE H 478 58.95 17.44 10.48
N GLN H 479 59.70 16.70 11.29
CA GLN H 479 60.94 16.10 10.81
C GLN H 479 60.67 15.08 9.71
N GLU H 480 59.63 14.25 9.87
CA GLU H 480 59.34 13.23 8.88
C GLU H 480 58.90 13.80 7.55
N GLU H 481 58.45 15.06 7.52
CA GLU H 481 58.05 15.72 6.29
C GLU H 481 59.16 16.55 5.67
N GLY H 482 60.38 16.47 6.22
CA GLY H 482 61.50 17.20 5.66
C GLY H 482 61.59 18.65 6.08
N MET H 483 60.82 19.06 7.10
CA MET H 483 60.92 20.44 7.56
C MET H 483 62.28 20.75 8.15
N LEU H 484 62.86 19.79 8.88
CA LEU H 484 64.19 19.99 9.45
C LEU H 484 65.22 20.17 8.35
N SER H 485 65.15 19.33 7.30
CA SER H 485 66.05 19.50 6.16
C SER H 485 65.75 20.79 5.40
N LEU H 486 64.47 21.21 5.39
CA LEU H 486 64.12 22.46 4.73
C LEU H 486 64.74 23.65 5.43
N VAL H 487 64.77 23.63 6.76
CA VAL H 487 65.39 24.72 7.51
C VAL H 487 66.88 24.78 7.24
N LEU H 488 67.53 23.62 7.16
CA LEU H 488 68.97 23.59 6.89
C LEU H 488 69.29 24.19 5.54
N ASN H 489 68.46 23.90 4.53
CA ASN H 489 68.69 24.48 3.20
C ASN H 489 68.58 25.99 3.22
N CYS H 490 67.61 26.52 3.98
CA CYS H 490 67.50 27.98 4.12
C CYS H 490 68.73 28.56 4.80
N ILE H 491 69.23 27.89 5.83
CA ILE H 491 70.42 28.37 6.53
C ILE H 491 71.64 28.35 5.60
N ASP H 492 71.80 27.25 4.86
CA ASP H 492 72.99 27.11 4.01
C ASP H 492 73.05 28.20 2.95
N ARG H 493 71.91 28.51 2.32
CA ARG H 493 71.89 29.52 1.27
C ARG H 493 72.10 30.91 1.84
N LEU H 494 71.61 31.16 3.05
CA LEU H 494 71.86 32.43 3.72
C LEU H 494 73.24 32.50 4.35
N ASN H 495 73.91 31.36 4.54
CA ASN H 495 75.21 31.33 5.19
C ASN H 495 76.36 31.62 4.23
N VAL H 496 76.10 31.62 2.92
CA VAL H 496 77.17 31.92 1.95
C VAL H 496 77.50 33.41 1.91
N TYR H 497 76.77 34.24 2.63
CA TYR H 497 77.03 35.67 2.72
C TYR H 497 77.62 35.96 4.09
N THR H 498 78.80 36.59 4.11
CA THR H 498 79.51 36.80 5.37
C THR H 498 78.83 37.84 6.26
N THR H 499 78.07 38.76 5.68
CA THR H 499 77.42 39.81 6.46
C THR H 499 76.21 40.32 5.70
N ALA H 500 75.47 41.21 6.34
CA ALA H 500 74.30 41.82 5.69
C ALA H 500 74.72 42.66 4.50
N ALA H 501 75.83 43.39 4.61
CA ALA H 501 76.31 44.19 3.49
C ALA H 501 76.66 43.33 2.30
N HIS H 502 77.30 42.18 2.55
CA HIS H 502 77.56 41.24 1.47
C HIS H 502 76.26 40.71 0.88
N PHE H 503 75.28 40.44 1.74
CA PHE H 503 73.97 40.00 1.26
C PHE H 503 73.27 41.12 0.50
N ALA H 504 73.56 42.37 0.85
CA ALA H 504 72.96 43.50 0.14
C ALA H 504 73.45 43.60 -1.29
N GLU H 505 74.64 43.07 -1.58
CA GLU H 505 75.20 43.12 -2.92
C GLU H 505 74.43 42.24 -3.91
N TYR H 506 73.55 41.38 -3.43
CA TYR H 506 72.80 40.46 -4.28
C TYR H 506 71.29 40.57 -4.12
N ALA H 507 70.80 41.01 -2.96
CA ALA H 507 69.37 41.07 -2.70
C ALA H 507 68.87 42.49 -2.41
N GLY H 508 69.75 43.49 -2.45
CA GLY H 508 69.34 44.85 -2.18
C GLY H 508 69.38 45.19 -0.70
N GLU H 509 69.25 46.48 -0.41
CA GLU H 509 69.33 46.96 0.97
C GLU H 509 68.07 46.62 1.75
N GLU H 510 66.89 46.70 1.11
CA GLU H 510 65.64 46.46 1.82
C GLU H 510 65.53 45.00 2.27
N ALA H 511 66.16 44.08 1.55
CA ALA H 511 66.15 42.68 1.96
C ALA H 511 67.27 42.36 2.93
N ALA H 512 68.38 43.10 2.86
CA ALA H 512 69.52 42.84 3.72
C ALA H 512 69.29 43.28 5.16
N GLU H 513 68.44 44.27 5.38
CA GLU H 513 68.17 44.75 6.73
C GLU H 513 67.43 43.73 7.59
N SER H 514 66.90 42.67 6.98
CA SER H 514 66.30 41.57 7.73
C SER H 514 67.14 40.30 7.64
N TRP H 515 68.32 40.36 7.02
CA TRP H 515 69.16 39.17 6.88
C TRP H 515 69.59 38.63 8.24
N LYS H 516 70.00 39.52 9.14
CA LYS H 516 70.46 39.08 10.45
C LYS H 516 69.30 38.55 11.29
N GLU H 517 68.12 39.13 11.16
CA GLU H 517 66.98 38.66 11.92
C GLU H 517 66.55 37.27 11.47
N ILE H 518 66.55 37.02 10.16
CA ILE H 518 66.08 35.73 9.65
C ILE H 518 67.00 34.61 10.07
N VAL H 519 68.32 34.81 9.97
CA VAL H 519 69.26 33.74 10.28
C VAL H 519 69.18 33.38 11.77
N ASN H 520 68.99 34.38 12.63
CA ASN H 520 68.83 34.10 14.05
C ASN H 520 67.55 33.30 14.31
N LEU H 521 66.46 33.64 13.63
CA LEU H 521 65.22 32.88 13.78
C LEU H 521 65.37 31.47 13.25
N LEU H 522 66.12 31.28 12.17
CA LEU H 522 66.32 29.96 11.61
C LEU H 522 67.04 29.05 12.59
N TYR H 523 68.08 29.54 13.25
CA TYR H 523 68.77 28.73 14.24
C TYR H 523 67.90 28.51 15.46
N GLU H 524 67.10 29.51 15.84
CA GLU H 524 66.21 29.36 16.98
C GLU H 524 65.15 28.30 16.68
N LEU H 525 64.60 28.29 15.47
CA LEU H 525 63.65 27.25 15.09
C LEU H 525 64.33 25.89 15.01
N LEU H 526 65.56 25.84 14.50
CA LEU H 526 66.28 24.58 14.40
C LEU H 526 66.50 23.96 15.77
N ALA H 527 66.84 24.79 16.77
CA ALA H 527 67.00 24.29 18.12
C ALA H 527 65.68 23.76 18.68
N SER H 528 64.58 24.46 18.40
CA SER H 528 63.28 24.03 18.91
C SER H 528 62.83 22.72 18.28
N LEU H 529 63.22 22.47 17.04
CA LEU H 529 62.81 21.23 16.37
C LEU H 529 63.52 20.02 16.96
N ILE H 530 64.67 20.22 17.59
CA ILE H 530 65.48 19.10 18.08
C ILE H 530 65.63 19.09 19.59
N ARG H 531 65.24 20.14 20.29
CA ARG H 531 65.43 20.21 21.74
C ARG H 531 64.63 19.11 22.43
N GLY H 532 65.34 18.20 23.08
CA GLY H 532 64.71 17.11 23.81
C GLY H 532 64.28 15.93 22.97
N ASN H 533 64.53 15.96 21.66
CA ASN H 533 64.13 14.89 20.76
C ASN H 533 65.40 14.16 20.31
N ARG H 534 65.60 12.95 20.82
CA ARG H 534 66.81 12.20 20.50
C ARG H 534 66.84 11.80 19.03
N ALA H 535 65.68 11.43 18.46
CA ALA H 535 65.64 11.02 17.06
C ALA H 535 66.07 12.15 16.14
N ASN H 536 65.60 13.37 16.41
CA ASN H 536 66.00 14.51 15.59
C ASN H 536 67.47 14.85 15.79
N CYS H 537 67.95 14.77 17.04
CA CYS H 537 69.35 15.09 17.31
C CYS H 537 70.29 14.06 16.69
N ALA H 538 69.86 12.81 16.58
CA ALA H 538 70.71 11.78 15.99
C ALA H 538 70.97 12.02 14.50
N LEU H 539 70.16 12.86 13.86
CA LEU H 539 70.37 13.17 12.45
C LEU H 539 71.69 13.90 12.20
N PHE H 540 72.22 14.58 13.21
CA PHE H 540 73.48 15.31 13.07
C PHE H 540 74.70 14.42 13.24
N SER H 541 74.52 13.13 13.51
CA SER H 541 75.65 12.22 13.59
C SER H 541 76.32 12.00 12.24
N THR H 542 75.68 12.42 11.15
CA THR H 542 76.29 12.36 9.83
C THR H 542 76.84 13.71 9.37
N ASN H 543 76.19 14.80 9.73
CA ASN H 543 76.65 16.14 9.41
C ASN H 543 76.85 16.90 10.72
N LEU H 544 78.03 16.77 11.30
CA LEU H 544 78.40 17.51 12.50
C LEU H 544 79.32 18.68 12.21
N ASP H 545 80.14 18.58 11.16
CA ASP H 545 80.95 19.72 10.75
C ASP H 545 80.07 20.88 10.30
N TRP H 546 78.83 20.60 9.91
CA TRP H 546 77.90 21.66 9.51
C TRP H 546 77.65 22.61 10.67
N VAL H 547 77.42 22.08 11.86
CA VAL H 547 77.20 22.92 13.04
C VAL H 547 78.50 23.54 13.53
N VAL H 548 79.55 22.71 13.60
CA VAL H 548 80.81 23.16 14.21
C VAL H 548 81.45 24.27 13.39
N SER H 549 81.46 24.13 12.06
CA SER H 549 82.13 25.12 11.21
C SER H 549 81.44 26.48 11.26
N LYS H 550 80.20 26.54 11.74
CA LYS H 550 79.48 27.79 11.84
C LYS H 550 79.60 28.44 13.22
N LEU H 551 80.36 27.84 14.14
CA LEU H 551 80.45 28.40 15.49
C LEU H 551 81.12 29.76 15.49
N ASP H 552 82.00 30.03 14.52
CA ASP H 552 82.71 31.30 14.46
C ASP H 552 81.93 32.40 13.77
N ARG H 553 80.75 32.10 13.24
CA ARG H 553 79.92 33.12 12.63
C ARG H 553 79.47 34.14 13.68
N LEU H 554 79.59 35.43 13.34
CA LEU H 554 79.33 36.47 14.31
C LEU H 554 77.86 36.89 14.35
N GLU H 555 77.12 36.69 13.26
CA GLU H 555 75.74 37.18 13.22
C GLU H 555 74.83 36.39 14.14
N ALA H 556 75.08 35.10 14.32
CA ALA H 556 74.23 34.25 15.15
C ALA H 556 75.08 33.35 16.03
N SER H 557 76.05 33.94 16.74
CA SER H 557 76.94 33.16 17.58
C SER H 557 76.17 32.45 18.69
N SER H 558 75.23 33.14 19.33
CA SER H 558 74.49 32.54 20.43
C SER H 558 73.52 31.47 19.94
N GLY H 559 72.87 31.70 18.79
CA GLY H 559 71.91 30.71 18.31
C GLY H 559 72.55 29.42 17.88
N ILE H 560 73.71 29.49 17.21
CA ILE H 560 74.38 28.29 16.75
C ILE H 560 74.91 27.47 17.93
N LEU H 561 75.41 28.17 18.96
CA LEU H 561 75.87 27.46 20.15
C LEU H 561 74.73 26.72 20.84
N GLU H 562 73.55 27.32 20.86
CA GLU H 562 72.39 26.65 21.44
C GLU H 562 72.02 25.40 20.66
N VAL H 563 72.13 25.46 19.32
CA VAL H 563 71.85 24.29 18.50
C VAL H 563 72.82 23.17 18.83
N LEU H 564 74.11 23.50 18.96
CA LEU H 564 75.10 22.49 19.30
C LEU H 564 74.84 21.90 20.68
N TYR H 565 74.44 22.74 21.64
CA TYR H 565 74.18 22.25 22.99
C TYR H 565 73.02 21.26 23.01
N CYS H 566 71.96 21.55 22.24
CA CYS H 566 70.81 20.65 22.22
C CYS H 566 71.17 19.30 21.63
N VAL H 567 72.00 19.28 20.59
CA VAL H 567 72.37 18.02 19.95
C VAL H 567 73.18 17.15 20.91
N LEU H 568 74.15 17.75 21.61
CA LEU H 568 75.07 16.95 22.41
C LEU H 568 74.40 16.36 23.65
N ILE H 569 73.46 17.08 24.26
CA ILE H 569 72.82 16.59 25.48
C ILE H 569 71.80 15.50 25.23
N GLU H 570 71.48 15.21 23.98
CA GLU H 570 70.44 14.23 23.65
C GLU H 570 70.95 13.01 22.92
N SER H 571 71.90 13.18 21.99
CA SER H 571 72.31 12.07 21.13
C SER H 571 73.67 11.54 21.57
N PRO H 572 73.74 10.34 22.16
CA PRO H 572 75.05 9.73 22.40
C PRO H 572 75.79 9.39 21.12
N GLU H 573 75.10 9.25 19.99
CA GLU H 573 75.77 8.93 18.74
C GLU H 573 76.70 10.05 18.31
N VAL H 574 76.30 11.30 18.54
CA VAL H 574 77.13 12.44 18.15
C VAL H 574 78.41 12.47 18.97
N LEU H 575 78.35 12.07 20.24
CA LEU H 575 79.55 12.07 21.07
C LEU H 575 80.58 11.07 20.58
N ASN H 576 80.13 9.98 19.95
CA ASN H 576 81.06 8.97 19.45
C ASN H 576 81.77 9.38 18.17
N ILE H 577 81.29 10.42 17.48
CA ILE H 577 81.94 10.90 16.26
C ILE H 577 82.74 12.17 16.50
N ILE H 578 82.79 12.66 17.74
CA ILE H 578 83.55 13.88 18.04
C ILE H 578 85.03 13.62 17.81
N GLN H 579 85.66 14.50 17.04
CA GLN H 579 87.08 14.41 16.72
C GLN H 579 87.82 15.57 17.38
N GLU H 580 89.14 15.54 17.25
CA GLU H 580 89.97 16.57 17.89
C GLU H 580 89.69 17.95 17.30
N ASN H 581 89.53 18.04 15.98
CA ASN H 581 89.29 19.33 15.36
C ASN H 581 87.96 19.94 15.82
N HIS H 582 86.96 19.09 16.10
CA HIS H 582 85.71 19.60 16.64
C HIS H 582 85.91 20.23 18.01
N ILE H 583 86.67 19.56 18.87
CA ILE H 583 86.87 20.07 20.24
C ILE H 583 87.72 21.33 20.22
N LYS H 584 88.75 21.36 19.37
CA LYS H 584 89.56 22.57 19.26
C LYS H 584 88.76 23.75 18.76
N SER H 585 87.80 23.51 17.86
CA SER H 585 86.92 24.60 17.42
C SER H 585 86.05 25.11 18.56
N ILE H 586 85.52 24.20 19.39
CA ILE H 586 84.71 24.62 20.53
C ILE H 586 85.57 25.35 21.55
N ILE H 587 86.79 24.88 21.79
CA ILE H 587 87.69 25.57 22.70
C ILE H 587 88.07 26.94 22.14
N SER H 588 88.24 27.02 20.82
CA SER H 588 88.54 28.31 20.20
C SER H 588 87.42 29.31 20.40
N LEU H 589 86.19 28.83 20.64
CA LEU H 589 85.09 29.74 20.91
C LEU H 589 85.30 30.52 22.20
N LEU H 590 85.88 29.87 23.22
CA LEU H 590 86.23 30.58 24.44
C LEU H 590 87.28 31.65 24.18
N ASP H 591 88.28 31.33 23.35
CA ASP H 591 89.36 32.27 23.09
C ASP H 591 88.88 33.50 22.34
N LYS H 592 87.93 33.31 21.42
CA LYS H 592 87.50 34.39 20.54
C LYS H 592 86.24 35.10 21.01
N HIS H 593 85.36 34.44 21.74
CA HIS H 593 84.13 35.06 22.20
C HIS H 593 84.10 35.37 23.69
N GLY H 594 85.18 35.08 24.42
CA GLY H 594 85.26 35.41 25.83
C GLY H 594 84.84 34.25 26.70
N ARG H 595 84.81 34.53 28.00
CA ARG H 595 84.49 33.53 29.02
C ARG H 595 82.98 33.39 29.13
N ASN H 596 82.41 32.51 28.32
CA ASN H 596 80.99 32.20 28.35
C ASN H 596 80.80 30.85 29.01
N HIS H 597 79.97 30.81 30.06
CA HIS H 597 79.76 29.56 30.78
C HIS H 597 79.00 28.53 29.96
N LYS H 598 78.28 28.96 28.92
CA LYS H 598 77.56 28.00 28.08
C LYS H 598 78.52 27.13 27.26
N VAL H 599 79.65 27.70 26.85
CA VAL H 599 80.66 26.89 26.16
C VAL H 599 81.20 25.82 27.09
N LEU H 600 81.36 26.14 28.37
CA LEU H 600 81.78 25.15 29.34
C LEU H 600 80.75 24.03 29.47
N ASP H 601 79.46 24.39 29.47
CA ASP H 601 78.42 23.38 29.52
C ASP H 601 78.45 22.48 28.30
N VAL H 602 78.78 23.05 27.14
CA VAL H 602 78.93 22.25 25.92
C VAL H 602 80.07 21.24 26.09
N LEU H 603 81.19 21.69 26.66
CA LEU H 603 82.31 20.78 26.90
C LEU H 603 81.97 19.73 27.94
N CYS H 604 81.18 20.08 28.95
CA CYS H 604 80.76 19.10 29.95
C CYS H 604 79.92 17.99 29.32
N SER H 605 79.03 18.36 28.40
CA SER H 605 78.16 17.38 27.75
C SER H 605 78.92 16.44 26.83
N LEU H 606 80.13 16.82 26.39
CA LEU H 606 80.93 15.94 25.54
C LEU H 606 81.53 14.77 26.30
N CYS H 607 81.62 14.86 27.62
CA CYS H 607 82.31 13.85 28.42
C CYS H 607 81.39 12.68 28.79
N VAL H 608 80.25 12.97 29.38
CA VAL H 608 79.34 11.95 29.89
C VAL H 608 77.96 12.19 29.31
N CYS H 609 77.33 11.12 28.81
CA CYS H 609 75.96 11.16 28.33
C CYS H 609 75.22 9.93 28.84
N ASN H 610 74.12 10.16 29.55
CA ASN H 610 73.28 9.08 30.08
C ASN H 610 74.08 8.12 30.96
N GLY H 611 74.99 8.69 31.76
CA GLY H 611 75.76 7.90 32.69
C GLY H 611 76.89 7.10 32.09
N VAL H 612 77.24 7.35 30.83
CA VAL H 612 78.35 6.68 30.16
C VAL H 612 79.36 7.73 29.73
N ALA H 613 80.62 7.51 30.09
CA ALA H 613 81.69 8.46 29.80
C ALA H 613 82.43 8.07 28.53
N VAL H 614 82.88 9.07 27.79
CA VAL H 614 83.67 8.88 26.58
C VAL H 614 85.11 9.28 26.93
N ARG H 615 86.01 8.31 26.95
CA ARG H 615 87.40 8.59 27.29
C ARG H 615 88.06 9.51 26.28
N SER H 616 87.78 9.30 24.99
CA SER H 616 88.44 10.12 23.96
C SER H 616 88.10 11.59 24.11
N ASN H 617 86.82 11.90 24.37
CA ASN H 617 86.42 13.29 24.56
C ASN H 617 87.06 13.89 25.80
N GLN H 618 87.10 13.12 26.89
CA GLN H 618 87.68 13.63 28.13
C GLN H 618 89.17 13.92 27.97
N ASP H 619 89.90 13.04 27.28
CA ASP H 619 91.33 13.26 27.09
C ASP H 619 91.60 14.44 26.16
N LEU H 620 90.83 14.56 25.08
CA LEU H 620 91.05 15.66 24.14
C LEU H 620 90.76 17.02 24.79
N ILE H 621 89.69 17.10 25.59
CA ILE H 621 89.40 18.35 26.28
C ILE H 621 90.51 18.69 27.26
N THR H 622 90.97 17.68 28.02
CA THR H 622 92.05 17.91 28.96
C THR H 622 93.34 18.33 28.25
N GLU H 623 93.64 17.69 27.12
CA GLU H 623 94.88 17.97 26.42
C GLU H 623 94.90 19.36 25.80
N ASN H 624 93.76 19.81 25.25
CA ASN H 624 93.71 21.03 24.46
C ASN H 624 93.23 22.24 25.24
N LEU H 625 92.93 22.10 26.52
CA LEU H 625 92.39 23.23 27.29
C LEU H 625 93.15 23.51 28.58
N LEU H 626 93.54 22.48 29.33
CA LEU H 626 94.15 22.66 30.63
C LEU H 626 95.59 23.14 30.58
N PRO H 627 96.50 22.46 29.87
CA PRO H 627 97.92 22.80 30.00
C PRO H 627 98.27 24.21 29.55
N GLY H 628 97.45 24.84 28.71
CA GLY H 628 97.71 26.21 28.32
C GLY H 628 97.65 27.17 29.49
N ARG H 629 96.68 26.98 30.38
CA ARG H 629 96.49 27.84 31.55
C ARG H 629 96.30 29.29 31.15
N GLU H 630 95.58 29.51 30.04
CA GLU H 630 95.32 30.85 29.54
C GLU H 630 93.84 31.21 29.51
N LEU H 631 92.95 30.23 29.35
CA LEU H 631 91.52 30.51 29.25
C LEU H 631 90.84 30.40 30.60
N LEU H 632 90.96 29.25 31.25
CA LEU H 632 90.33 29.05 32.55
C LEU H 632 91.07 29.83 33.63
N LEU H 633 90.30 30.31 34.62
CA LEU H 633 90.89 31.03 35.73
C LEU H 633 91.71 30.09 36.60
N GLN H 634 92.85 30.59 37.07
CA GLN H 634 93.80 29.80 37.84
C GLN H 634 93.70 30.14 39.33
N THR H 635 93.87 29.13 40.17
CA THR H 635 93.82 29.28 41.61
C THR H 635 95.07 28.70 42.25
N ASN H 636 95.50 29.32 43.34
CA ASN H 636 96.66 28.86 44.09
C ASN H 636 96.66 29.58 45.43
N LEU H 637 97.33 28.98 46.41
CA LEU H 637 97.48 29.57 47.74
C LEU H 637 98.75 30.40 47.78
N ILE H 638 98.62 31.65 48.25
CA ILE H 638 99.75 32.57 48.32
C ILE H 638 99.80 33.16 49.72
N ASN H 639 101.01 33.60 50.09
CA ASN H 639 101.21 34.23 51.38
C ASN H 639 100.96 35.73 51.29
N TYR H 640 100.49 36.30 52.39
CA TYR H 640 100.36 37.75 52.49
C TYR H 640 101.74 38.38 52.67
N VAL H 641 101.95 39.51 52.02
CA VAL H 641 103.21 40.25 52.09
C VAL H 641 102.90 41.66 52.54
N THR H 642 103.64 42.14 53.52
CA THR H 642 103.48 43.48 54.07
C THR H 642 104.80 44.22 54.01
N SER H 643 104.72 45.53 53.78
CA SER H 643 105.89 46.39 53.70
C SER H 643 105.93 47.32 54.90
N ILE H 644 107.14 47.55 55.41
CA ILE H 644 107.38 48.43 56.54
C ILE H 644 108.47 49.42 56.16
N ARG H 645 108.23 50.70 56.44
CA ARG H 645 109.16 51.76 56.10
C ARG H 645 109.41 52.64 57.29
N PRO H 646 110.59 53.26 57.37
CA PRO H 646 110.77 54.40 58.27
C PRO H 646 110.14 55.64 57.68
N ASN H 647 109.85 56.60 58.55
CA ASN H 647 109.31 57.88 58.09
C ASN H 647 110.44 58.79 57.61
N ILE H 648 111.25 58.28 56.69
CA ILE H 648 112.37 59.00 56.12
C ILE H 648 112.11 59.16 54.62
N PHE H 649 111.98 60.41 54.17
CA PHE H 649 111.63 60.69 52.79
C PHE H 649 112.68 61.62 52.19
N VAL H 650 113.29 61.19 51.09
CA VAL H 650 114.29 61.98 50.38
C VAL H 650 113.92 62.04 48.91
N GLY H 651 114.37 63.11 48.25
CA GLY H 651 114.07 63.29 46.85
C GLY H 651 114.95 64.37 46.25
N ARG H 652 114.81 64.57 44.95
CA ARG H 652 115.60 65.55 44.23
C ARG H 652 114.66 66.49 43.46
N ALA H 653 114.96 67.78 43.52
CA ALA H 653 114.20 68.77 42.78
C ALA H 653 115.09 69.99 42.58
N GLU H 654 114.73 70.81 41.58
CA GLU H 654 115.50 72.00 41.30
C GLU H 654 115.31 73.01 42.42
N GLY H 655 116.40 73.37 43.09
CA GLY H 655 116.33 74.26 44.24
C GLY H 655 115.92 73.60 45.53
N SER H 656 115.83 72.27 45.57
CA SER H 656 115.43 71.57 46.78
C SER H 656 116.53 71.66 47.84
N THR H 657 116.12 71.55 49.09
CA THR H 657 117.03 71.64 50.22
C THR H 657 117.55 70.28 50.69
N GLN H 658 117.15 69.20 50.03
CA GLN H 658 117.52 67.86 50.47
C GLN H 658 118.87 67.45 49.89
N TYR H 659 119.60 66.65 50.67
CA TYR H 659 120.84 66.07 50.21
C TYR H 659 120.58 64.98 49.19
N GLY H 660 121.60 64.65 48.40
CA GLY H 660 121.42 63.77 47.26
C GLY H 660 121.76 62.32 47.46
N LYS H 661 122.68 62.02 48.39
CA LYS H 661 123.18 60.67 48.59
C LYS H 661 122.82 60.19 49.98
N TRP H 662 122.23 59.00 50.06
CA TRP H 662 121.75 58.46 51.33
C TRP H 662 122.13 56.98 51.43
N TYR H 663 122.19 56.50 52.68
CA TYR H 663 122.68 55.16 52.96
C TYR H 663 121.97 54.61 54.20
N PHE H 664 121.62 53.33 54.15
CA PHE H 664 121.06 52.64 55.30
C PHE H 664 121.35 51.16 55.17
N GLU H 665 121.20 50.44 56.27
CA GLU H 665 121.47 49.01 56.33
C GLU H 665 120.30 48.28 56.97
N VAL H 666 120.10 47.04 56.55
CA VAL H 666 119.12 46.14 57.14
C VAL H 666 119.83 44.85 57.50
N MET H 667 119.72 44.44 58.76
CA MET H 667 120.35 43.23 59.25
C MET H 667 119.29 42.17 59.49
N VAL H 668 119.52 40.97 58.97
CA VAL H 668 118.57 39.88 59.08
C VAL H 668 118.93 39.05 60.31
N ASP H 669 117.95 38.85 61.20
CA ASP H 669 118.18 38.10 62.42
C ASP H 669 117.57 36.70 62.40
N GLU H 670 116.41 36.53 61.78
CA GLU H 670 115.74 35.22 61.78
C GLU H 670 114.82 35.14 60.58
N VAL H 671 115.03 34.13 59.74
CA VAL H 671 114.17 33.87 58.59
C VAL H 671 113.88 32.37 58.54
N VAL H 672 112.60 32.02 58.53
CA VAL H 672 112.17 30.64 58.32
C VAL H 672 111.99 30.45 56.81
N PRO H 673 112.82 29.63 56.16
CA PRO H 673 112.74 29.54 54.69
C PRO H 673 111.38 29.12 54.18
N PHE H 674 110.71 28.18 54.85
CA PHE H 674 109.38 27.74 54.45
C PHE H 674 108.50 27.61 55.70
N LEU H 675 107.85 28.72 56.06
CA LEU H 675 106.83 28.66 57.11
C LEU H 675 105.54 28.05 56.58
N THR H 676 105.26 28.26 55.29
CA THR H 676 104.12 27.64 54.63
C THR H 676 104.59 26.91 53.38
N ALA H 677 103.66 26.47 52.53
CA ALA H 677 104.03 25.79 51.30
C ALA H 677 104.77 26.71 50.34
N GLN H 678 104.66 28.03 50.50
CA GLN H 678 105.30 28.99 49.63
C GLN H 678 106.54 29.55 50.32
N ALA H 679 107.57 29.86 49.53
CA ALA H 679 108.81 30.36 50.08
C ALA H 679 108.62 31.70 50.76
N THR H 680 109.36 31.92 51.85
CA THR H 680 109.24 33.15 52.62
C THR H 680 109.72 34.34 51.80
N HIS H 681 108.96 35.42 51.83
CA HIS H 681 109.28 36.64 51.10
C HIS H 681 110.13 37.55 51.98
N LEU H 682 111.20 38.10 51.40
CA LEU H 682 112.03 39.08 52.11
C LEU H 682 112.83 39.85 51.08
N ARG H 683 112.53 41.14 50.93
CA ARG H 683 113.23 42.01 50.00
C ARG H 683 113.54 43.34 50.68
N VAL H 684 114.64 43.97 50.28
CA VAL H 684 115.09 45.24 50.82
C VAL H 684 115.39 46.18 49.66
N GLY H 685 114.99 47.44 49.81
CA GLY H 685 115.28 48.43 48.78
C GLY H 685 114.60 49.75 49.03
N TRP H 686 114.43 50.51 47.96
CA TRP H 686 113.81 51.83 48.01
C TRP H 686 112.50 51.81 47.25
N ALA H 687 111.58 52.70 47.65
CA ALA H 687 110.29 52.84 46.99
C ALA H 687 109.95 54.31 46.88
N LEU H 688 109.10 54.63 45.91
CA LEU H 688 108.67 56.00 45.65
C LEU H 688 107.33 56.26 46.32
N THR H 689 107.19 57.44 46.93
CA THR H 689 105.97 57.76 47.66
C THR H 689 104.76 57.79 46.73
N GLU H 690 104.91 58.38 45.55
CA GLU H 690 103.81 58.54 44.62
C GLU H 690 103.75 57.35 43.67
N GLY H 691 103.05 56.31 44.12
CA GLY H 691 102.82 55.15 43.28
C GLY H 691 102.97 53.81 43.97
N TYR H 692 103.84 53.72 44.97
CA TYR H 692 104.05 52.44 45.66
C TYR H 692 103.00 52.30 46.75
N SER H 693 101.92 51.58 46.43
CA SER H 693 100.83 51.36 47.37
C SER H 693 100.44 49.89 47.32
N PRO H 694 101.24 49.02 47.96
CA PRO H 694 100.92 47.58 47.95
C PRO H 694 99.77 47.28 48.89
N TYR H 695 98.68 46.80 48.34
CA TYR H 695 97.58 46.44 49.22
C TYR H 695 97.65 44.96 49.56
N PRO H 696 97.23 44.58 50.76
CA PRO H 696 97.23 43.16 51.13
C PRO H 696 96.33 42.34 50.22
N GLY H 697 96.77 41.13 49.90
CA GLY H 697 95.97 40.24 49.09
C GLY H 697 96.40 40.16 47.64
N GLY H 698 95.46 40.41 46.73
CA GLY H 698 95.75 40.27 45.32
C GLY H 698 96.54 41.43 44.76
N GLY H 699 96.89 41.31 43.49
CA GLY H 699 97.67 42.34 42.83
C GLY H 699 98.26 41.83 41.53
N GLU H 700 99.41 42.42 41.17
CA GLU H 700 100.10 42.02 39.96
C GLU H 700 100.63 40.60 40.07
N GLY H 701 100.57 39.88 38.95
CA GLY H 701 101.06 38.51 38.93
C GLY H 701 100.22 37.62 39.83
N TRP H 702 100.89 36.90 40.73
CA TRP H 702 100.24 36.00 41.67
C TRP H 702 100.17 36.58 43.08
N GLY H 703 99.98 37.89 43.18
CA GLY H 703 99.86 38.51 44.48
C GLY H 703 101.18 38.52 45.24
N GLY H 704 101.06 38.82 46.54
CA GLY H 704 102.21 38.93 47.39
C GLY H 704 103.17 40.00 46.93
N ASN H 705 102.63 41.15 46.52
CA ASN H 705 103.43 42.21 45.96
C ASN H 705 104.23 42.91 47.05
N GLY H 706 105.52 43.10 46.81
CA GLY H 706 106.40 43.78 47.70
C GLY H 706 107.29 44.75 46.96
N VAL H 707 108.51 44.91 47.46
CA VAL H 707 109.46 45.82 46.83
C VAL H 707 109.92 45.22 45.51
N GLY H 708 109.86 46.02 44.45
CA GLY H 708 110.24 45.56 43.13
C GLY H 708 109.16 44.86 42.36
N ASP H 709 107.94 44.79 42.88
CA ASP H 709 106.82 44.21 42.16
C ASP H 709 106.09 45.24 41.30
N ASP H 710 106.58 46.47 41.27
CA ASP H 710 106.08 47.51 40.39
C ASP H 710 107.26 48.34 39.92
N LEU H 711 106.97 49.41 39.19
CA LEU H 711 108.02 50.31 38.70
C LEU H 711 108.26 51.48 39.65
N TYR H 712 107.65 51.46 40.83
CA TYR H 712 107.88 52.47 41.85
C TYR H 712 108.80 51.99 42.96
N SER H 713 109.24 50.74 42.92
CA SER H 713 110.08 50.18 43.97
C SER H 713 111.23 49.40 43.32
N TYR H 714 112.33 49.27 44.07
CA TYR H 714 113.53 48.62 43.59
C TYR H 714 114.12 47.81 44.73
N GLY H 715 113.99 46.49 44.65
CA GLY H 715 114.32 45.60 45.75
C GLY H 715 115.52 44.70 45.46
N PHE H 716 115.87 43.92 46.46
CA PHE H 716 117.00 42.99 46.40
C PHE H 716 116.79 41.92 47.45
N ASP H 717 116.67 40.67 47.00
CA ASP H 717 116.39 39.55 47.90
C ASP H 717 117.59 38.66 48.14
N GLY H 718 118.79 39.09 47.75
CA GLY H 718 119.97 38.28 47.95
C GLY H 718 120.48 37.63 46.68
N LEU H 719 119.56 37.29 45.78
CA LEU H 719 119.90 36.65 44.52
C LEU H 719 119.46 37.43 43.29
N HIS H 720 118.43 38.25 43.39
CA HIS H 720 117.87 38.94 42.25
C HIS H 720 117.66 40.42 42.57
N LEU H 721 117.66 41.24 41.53
CA LEU H 721 117.24 42.63 41.61
C LEU H 721 115.81 42.71 41.08
N TRP H 722 114.90 43.17 41.94
CA TRP H 722 113.47 43.18 41.61
C TRP H 722 113.04 44.58 41.20
N THR H 723 112.43 44.68 40.03
CA THR H 723 111.78 45.91 39.58
C THR H 723 110.77 45.54 38.51
N GLY H 724 109.59 46.17 38.57
CA GLY H 724 108.55 45.87 37.60
C GLY H 724 108.08 44.44 37.63
N HIS H 725 108.07 43.81 38.81
CA HIS H 725 107.62 42.42 38.98
C HIS H 725 108.45 41.45 38.14
N VAL H 726 109.73 41.78 37.91
CA VAL H 726 110.64 40.94 37.15
C VAL H 726 111.89 40.71 37.99
N ALA H 727 112.29 39.46 38.13
CA ALA H 727 113.47 39.09 38.90
C ALA H 727 114.64 38.90 37.95
N ARG H 728 115.70 39.68 38.17
CA ARG H 728 116.89 39.59 37.34
C ARG H 728 118.06 39.11 38.20
N PRO H 729 118.64 37.95 37.91
CA PRO H 729 119.74 37.44 38.74
C PRO H 729 120.92 38.39 38.76
N VAL H 730 121.55 38.50 39.93
CA VAL H 730 122.70 39.36 40.13
C VAL H 730 123.80 38.56 40.80
N THR H 731 125.04 38.95 40.54
CA THR H 731 126.20 38.20 41.01
C THR H 731 126.84 38.92 42.20
N SER H 732 127.06 38.19 43.28
CA SER H 732 127.75 38.69 44.45
C SER H 732 128.63 37.57 45.00
N PRO H 733 129.72 37.92 45.70
CA PRO H 733 130.55 36.87 46.31
C PRO H 733 129.76 36.05 47.31
N GLY H 734 129.58 34.76 47.00
CA GLY H 734 128.81 33.89 47.84
C GLY H 734 127.32 34.15 47.74
N GLN H 735 126.75 33.95 46.56
CA GLN H 735 125.32 34.20 46.36
C GLN H 735 124.48 33.26 47.20
N HIS H 736 123.50 33.83 47.90
CA HIS H 736 122.52 33.04 48.62
C HIS H 736 121.34 33.94 48.96
N LEU H 737 120.18 33.31 49.14
CA LEU H 737 119.00 34.05 49.55
C LEU H 737 119.20 34.62 50.95
N LEU H 738 118.51 35.72 51.23
CA LEU H 738 118.69 36.44 52.49
C LEU H 738 118.53 35.50 53.68
N ALA H 739 119.57 35.41 54.48
CA ALA H 739 119.69 34.46 55.58
C ALA H 739 119.99 35.22 56.86
N PRO H 740 119.82 34.59 58.02
CA PRO H 740 120.19 35.25 59.27
C PRO H 740 121.66 35.63 59.30
N GLU H 741 121.95 36.73 60.00
CA GLU H 741 123.26 37.36 60.12
C GLU H 741 123.73 38.02 58.82
N ASP H 742 122.83 38.24 57.87
CA ASP H 742 123.18 38.97 56.66
C ASP H 742 122.88 40.46 56.83
N VAL H 743 123.79 41.29 56.34
CA VAL H 743 123.64 42.74 56.41
C VAL H 743 123.56 43.26 54.98
N VAL H 744 122.48 43.96 54.66
CA VAL H 744 122.24 44.50 53.33
C VAL H 744 122.42 46.01 53.39
N SER H 745 123.34 46.53 52.58
CA SER H 745 123.62 47.96 52.51
C SER H 745 123.01 48.52 51.23
N CYS H 746 122.15 49.51 51.36
CA CYS H 746 121.48 50.14 50.22
C CYS H 746 121.96 51.58 50.10
N CYS H 747 122.40 51.95 48.90
CA CYS H 747 122.89 53.29 48.61
C CYS H 747 121.99 53.94 47.56
N LEU H 748 121.59 55.17 47.82
CA LEU H 748 120.74 55.93 46.90
C LEU H 748 121.46 57.22 46.53
N ASP H 749 121.85 57.33 45.27
CA ASP H 749 122.50 58.52 44.73
C ASP H 749 121.55 59.15 43.73
N LEU H 750 120.83 60.18 44.16
CA LEU H 750 119.83 60.81 43.32
C LEU H 750 120.44 61.64 42.20
N SER H 751 121.74 61.91 42.26
CA SER H 751 122.37 62.74 41.23
C SER H 751 122.43 62.04 39.88
N VAL H 752 122.63 60.73 39.87
CA VAL H 752 122.82 59.99 38.63
C VAL H 752 121.49 59.86 37.88
N PRO H 753 120.42 59.29 38.47
CA PRO H 753 120.20 58.63 39.76
C PRO H 753 120.61 57.16 39.72
N SER H 754 120.95 56.58 40.87
CA SER H 754 121.40 55.19 40.90
C SER H 754 121.11 54.60 42.27
N ILE H 755 120.78 53.31 42.29
CA ILE H 755 120.59 52.54 43.51
C ILE H 755 121.53 51.35 43.46
N SER H 756 122.35 51.20 44.49
CA SER H 756 123.33 50.11 44.57
C SER H 756 123.19 49.39 45.90
N PHE H 757 123.59 48.13 45.91
CA PHE H 757 123.46 47.28 47.08
C PHE H 757 124.80 46.66 47.45
N ARG H 758 124.95 46.36 48.73
CA ARG H 758 126.07 45.59 49.25
C ARG H 758 125.54 44.62 50.29
N ILE H 759 125.97 43.37 50.21
CA ILE H 759 125.56 42.33 51.16
C ILE H 759 126.80 41.86 51.92
N ASN H 760 126.76 41.99 53.24
CA ASN H 760 127.87 41.60 54.11
C ASN H 760 129.18 42.27 53.71
N GLY H 761 129.08 43.50 53.18
CA GLY H 761 130.23 44.26 52.80
C GLY H 761 130.72 44.04 51.38
N CYS H 762 130.27 42.99 50.70
CA CYS H 762 130.78 42.87 49.34
C CYS H 762 129.81 43.49 48.36
N PRO H 763 130.33 44.19 47.34
CA PRO H 763 129.45 44.87 46.40
C PRO H 763 128.57 43.90 45.62
N VAL H 764 127.35 44.33 45.32
CA VAL H 764 126.43 43.58 44.49
C VAL H 764 126.55 44.11 43.06
N GLN H 765 126.88 43.22 42.13
CA GLN H 765 127.23 43.62 40.76
C GLN H 765 125.95 43.87 39.95
N GLY H 766 125.21 44.89 40.38
CA GLY H 766 123.99 45.28 39.71
C GLY H 766 123.39 46.54 40.31
N VAL H 767 122.99 47.49 39.48
CA VAL H 767 122.50 48.78 39.95
C VAL H 767 121.28 49.17 39.14
N PHE H 768 120.29 49.75 39.82
CA PHE H 768 119.21 50.46 39.15
C PHE H 768 119.65 51.87 38.85
N GLU H 769 119.26 52.37 37.68
CA GLU H 769 119.65 53.73 37.28
C GLU H 769 118.66 54.26 36.26
N ALA H 770 118.72 55.57 36.06
CA ALA H 770 117.88 56.27 35.08
C ALA H 770 116.39 56.02 35.33
N PHE H 771 115.99 56.08 36.60
CA PHE H 771 114.59 55.92 36.97
C PHE H 771 113.96 57.29 37.23
N ASN H 772 112.66 57.28 37.47
CA ASN H 772 111.91 58.51 37.67
C ASN H 772 112.28 59.17 38.99
N LEU H 773 112.06 60.49 39.06
CA LEU H 773 112.37 61.27 40.25
C LEU H 773 111.21 62.17 40.66
N ASP H 774 109.99 61.85 40.24
CA ASP H 774 108.82 62.66 40.53
C ASP H 774 108.15 62.20 41.84
N GLY H 775 108.92 62.27 42.92
CA GLY H 775 108.41 61.88 44.21
C GLY H 775 109.53 61.80 45.22
N LEU H 776 109.20 61.21 46.38
CA LEU H 776 110.14 61.04 47.47
C LEU H 776 110.46 59.56 47.64
N PHE H 777 111.72 59.26 47.95
CA PHE H 777 112.18 57.90 48.14
C PHE H 777 112.32 57.59 49.62
N PHE H 778 111.87 56.40 50.02
CA PHE H 778 111.99 55.96 51.39
C PHE H 778 112.52 54.54 51.45
N PRO H 779 113.28 54.21 52.49
CA PRO H 779 113.67 52.80 52.69
C PRO H 779 112.43 51.96 52.96
N VAL H 780 112.48 50.71 52.51
CA VAL H 780 111.34 49.82 52.64
C VAL H 780 111.83 48.39 52.64
N VAL H 781 111.18 47.54 53.44
CA VAL H 781 111.41 46.11 53.43
C VAL H 781 110.06 45.43 53.26
N SER H 782 109.99 44.49 52.33
CA SER H 782 108.81 43.67 52.13
C SER H 782 109.08 42.26 52.62
N PHE H 783 108.08 41.67 53.27
CA PHE H 783 108.30 40.38 53.91
C PHE H 783 106.98 39.64 54.06
N SER H 784 107.10 38.32 54.20
CA SER H 784 105.99 37.48 54.60
C SER H 784 106.19 37.10 56.07
N ALA H 785 105.29 36.25 56.57
CA ALA H 785 105.43 35.78 57.95
C ALA H 785 106.64 34.89 58.09
N GLY H 786 107.30 35.00 59.24
CA GLY H 786 108.48 34.23 59.53
C GLY H 786 109.80 34.95 59.35
N VAL H 787 109.83 36.27 59.53
CA VAL H 787 111.04 37.06 59.35
C VAL H 787 111.28 37.88 60.60
N LYS H 788 112.53 38.34 60.75
CA LYS H 788 112.90 39.20 61.86
C LYS H 788 114.12 39.99 61.44
N VAL H 789 113.92 41.26 61.08
CA VAL H 789 114.98 42.11 60.58
C VAL H 789 115.05 43.37 61.42
N ARG H 790 116.19 44.05 61.34
CA ARG H 790 116.42 45.30 62.07
C ARG H 790 116.92 46.36 61.11
N PHE H 791 116.32 47.54 61.19
CA PHE H 791 116.77 48.68 60.41
C PHE H 791 117.95 49.34 61.08
N LEU H 792 119.03 49.54 60.34
CA LEU H 792 120.20 50.28 60.80
C LEU H 792 120.23 51.59 60.03
N LEU H 793 119.95 52.69 60.72
CA LEU H 793 119.84 54.00 60.10
C LEU H 793 120.94 54.96 60.53
N GLY H 794 121.89 54.51 61.34
CA GLY H 794 122.99 55.35 61.78
C GLY H 794 122.65 56.17 63.00
N GLY H 795 123.68 56.81 63.55
CA GLY H 795 123.50 57.61 64.75
C GLY H 795 123.06 56.75 65.91
N ARG H 796 121.98 57.19 66.57
CA ARG H 796 121.41 56.46 67.68
C ARG H 796 120.31 55.50 67.26
N HIS H 797 120.09 55.33 65.97
CA HIS H 797 119.03 54.49 65.45
C HIS H 797 119.59 53.29 64.70
N GLY H 798 120.65 52.69 65.25
CA GLY H 798 121.26 51.53 64.64
C GLY H 798 122.65 51.79 64.10
N GLU H 799 123.66 51.34 64.84
CA GLU H 799 125.04 51.52 64.40
C GLU H 799 125.30 50.71 63.14
N PHE H 800 125.96 51.34 62.16
CA PHE H 800 126.25 50.67 60.91
C PHE H 800 127.31 49.60 61.10
N LYS H 801 127.06 48.43 60.51
CA LYS H 801 128.04 47.36 60.54
C LYS H 801 129.21 47.63 59.60
N PHE H 802 128.96 48.33 58.50
CA PHE H 802 129.99 48.67 57.54
C PHE H 802 129.97 50.18 57.28
N LEU H 803 131.14 50.72 57.00
CA LEU H 803 131.26 52.16 56.76
C LEU H 803 130.56 52.52 55.46
N PRO H 804 129.72 53.55 55.45
CA PRO H 804 129.06 53.94 54.21
C PRO H 804 130.07 54.49 53.22
N PRO H 805 129.79 54.37 51.92
CA PRO H 805 130.71 54.90 50.93
C PRO H 805 130.82 56.40 51.05
N PRO H 806 131.96 56.97 50.68
CA PRO H 806 132.17 58.42 50.89
C PRO H 806 131.12 59.25 50.17
N GLY H 807 130.71 60.33 50.83
CA GLY H 807 129.71 61.23 50.29
C GLY H 807 128.28 60.88 50.63
N TYR H 808 128.02 59.65 51.07
CA TYR H 808 126.67 59.26 51.42
C TYR H 808 126.37 59.58 52.88
N ALA H 809 125.13 59.96 53.14
CA ALA H 809 124.73 60.34 54.48
C ALA H 809 123.82 59.29 55.10
N PRO H 810 123.94 59.04 56.39
CA PRO H 810 123.02 58.10 57.04
C PRO H 810 121.59 58.60 56.96
N CYS H 811 120.65 57.65 56.84
CA CYS H 811 119.25 58.01 56.65
C CYS H 811 118.65 58.69 57.87
N HIS H 812 119.23 58.50 59.06
CA HIS H 812 118.70 59.14 60.25
C HIS H 812 118.82 60.66 60.20
N GLU H 813 119.72 61.18 59.36
CA GLU H 813 119.86 62.62 59.21
C GLU H 813 118.73 63.25 58.40
N ALA H 814 117.90 62.44 57.75
CA ALA H 814 116.83 62.95 56.89
C ALA H 814 115.51 63.10 57.61
N VAL H 815 115.45 62.84 58.92
CA VAL H 815 114.20 62.99 59.65
C VAL H 815 113.88 64.47 59.80
N LEU H 816 112.63 64.83 59.52
CA LEU H 816 112.19 66.21 59.56
C LEU H 816 112.11 66.71 61.01
N PRO H 817 112.28 68.01 61.22
CA PRO H 817 112.25 68.54 62.59
C PRO H 817 110.93 68.31 63.31
N ARG H 818 109.81 68.26 62.59
CA ARG H 818 108.49 68.16 63.20
C ARG H 818 108.08 66.72 63.47
N GLU H 819 108.87 65.74 63.09
CA GLU H 819 108.51 64.33 63.24
C GLU H 819 109.62 63.58 63.96
N ARG H 820 109.22 62.51 64.64
CA ARG H 820 110.17 61.60 65.29
C ARG H 820 110.28 60.33 64.46
N LEU H 821 111.49 59.78 64.41
CA LEU H 821 111.74 58.59 63.61
C LEU H 821 110.93 57.41 64.16
N ARG H 822 110.29 56.68 63.25
CA ARG H 822 109.46 55.54 63.63
C ARG H 822 109.31 54.64 62.42
N LEU H 823 108.81 53.43 62.67
CA LEU H 823 108.50 52.46 61.63
C LEU H 823 106.99 52.36 61.49
N GLU H 824 106.50 52.48 60.26
CA GLU H 824 105.08 52.54 59.99
C GLU H 824 104.78 51.73 58.73
N PRO H 825 103.54 51.25 58.61
CA PRO H 825 103.12 50.65 57.34
C PRO H 825 103.00 51.68 56.23
N ILE H 826 102.61 51.26 55.04
CA ILE H 826 102.55 52.14 53.88
C ILE H 826 101.10 52.21 53.39
N LYS H 827 100.49 53.38 53.52
CA LYS H 827 99.14 53.65 53.01
C LYS H 827 98.14 52.62 53.50
N GLU H 828 98.16 52.37 54.82
CA GLU H 828 97.24 51.42 55.41
C GLU H 828 95.83 52.00 55.44
N TYR H 829 94.84 51.13 55.18
CA TYR H 829 93.43 51.50 55.31
C TYR H 829 92.80 50.89 56.55
N ARG H 830 93.59 50.31 57.44
CA ARG H 830 93.08 49.59 58.59
C ARG H 830 94.21 49.45 59.61
N ARG H 831 93.86 49.55 60.89
CA ARG H 831 94.83 49.36 61.96
C ARG H 831 94.10 48.86 63.19
N GLU H 832 94.85 48.23 64.09
CA GLU H 832 94.29 47.76 65.34
C GLU H 832 94.05 48.91 66.29
N GLY H 833 92.98 48.80 67.08
CA GLY H 833 92.63 49.82 68.04
C GLY H 833 92.27 49.22 69.39
N PRO H 834 91.97 50.08 70.36
CA PRO H 834 91.62 49.57 71.70
C PRO H 834 90.35 48.74 71.70
N ARG H 835 89.25 49.26 71.16
CA ARG H 835 87.98 48.57 71.16
C ARG H 835 87.73 47.77 69.89
N GLY H 836 88.65 47.80 68.94
CA GLY H 836 88.48 47.08 67.69
C GLY H 836 89.28 47.71 66.57
N PRO H 837 89.21 47.12 65.38
CA PRO H 837 89.96 47.67 64.24
C PRO H 837 89.48 49.08 63.88
N HIS H 838 90.43 49.91 63.48
CA HIS H 838 90.17 51.28 63.08
C HIS H 838 90.30 51.41 61.57
N LEU H 839 89.28 51.96 60.93
CA LEU H 839 89.37 52.29 59.51
C LEU H 839 90.16 53.58 59.34
N VAL H 840 91.05 53.59 58.35
CA VAL H 840 91.94 54.71 58.12
C VAL H 840 91.75 55.20 56.69
N GLY H 841 91.58 56.51 56.53
CA GLY H 841 91.49 57.09 55.22
C GLY H 841 92.84 57.33 54.60
N PRO H 842 92.85 58.05 53.48
CA PRO H 842 94.12 58.38 52.83
C PRO H 842 95.01 59.20 53.76
N SER H 843 96.32 59.01 53.59
CA SER H 843 97.31 59.67 54.43
C SER H 843 97.92 60.83 53.65
N ARG H 844 98.03 61.99 54.30
CA ARG H 844 98.66 63.14 53.69
C ARG H 844 100.15 62.85 53.50
N CYS H 845 100.64 63.05 52.29
CA CYS H 845 102.03 62.77 51.95
C CYS H 845 102.69 64.01 51.37
N LEU H 846 103.96 64.20 51.71
CA LEU H 846 104.73 65.32 51.18
C LEU H 846 105.14 65.03 49.74
N SER H 847 105.57 66.09 49.06
CA SER H 847 106.05 65.99 47.69
C SER H 847 107.48 66.51 47.62
N HIS H 848 108.18 66.13 46.54
CA HIS H 848 109.54 66.61 46.36
C HIS H 848 109.59 68.12 46.17
N THR H 849 108.49 68.72 45.72
CA THR H 849 108.41 70.16 45.59
C THR H 849 108.22 70.87 46.93
N ASP H 850 107.77 70.14 47.96
CA ASP H 850 107.57 70.74 49.27
C ASP H 850 108.87 71.12 49.95
N PHE H 851 110.01 70.63 49.46
CA PHE H 851 111.32 70.98 50.01
C PHE H 851 112.01 72.08 49.22
N VAL H 852 111.31 72.70 48.27
CA VAL H 852 111.86 73.78 47.47
C VAL H 852 111.30 75.09 48.02
N PRO H 853 112.11 75.96 48.62
CA PRO H 853 111.60 77.25 49.09
C PRO H 853 111.11 78.09 47.92
N CYS H 854 110.01 78.79 48.14
CA CYS H 854 109.38 79.63 47.11
C CYS H 854 109.08 81.00 47.67
N PRO H 855 110.11 81.84 47.83
CA PRO H 855 109.87 83.20 48.31
C PRO H 855 109.13 84.04 47.28
N VAL H 856 108.40 85.03 47.78
CA VAL H 856 107.66 85.92 46.89
C VAL H 856 108.63 86.72 46.04
N ASP H 857 108.17 87.14 44.86
CA ASP H 857 109.05 87.83 43.92
C ASP H 857 109.35 89.23 44.41
N THR H 858 110.64 89.60 44.38
CA THR H 858 111.09 90.92 44.77
C THR H 858 111.88 91.60 43.65
N VAL H 859 111.62 91.21 42.39
CA VAL H 859 112.29 91.84 41.26
C VAL H 859 111.91 93.30 41.15
N GLN H 860 110.65 93.63 41.43
CA GLN H 860 110.18 95.02 41.37
C GLN H 860 110.79 95.79 42.54
N ILE H 861 112.04 96.21 42.34
CA ILE H 861 112.75 96.93 43.39
C ILE H 861 112.47 98.42 43.24
N VAL H 862 111.30 98.85 43.75
CA VAL H 862 110.93 100.26 43.78
C VAL H 862 110.37 100.59 45.14
N LEU H 863 111.21 101.10 46.04
CA LEU H 863 110.72 101.48 47.35
C LEU H 863 110.46 102.99 47.39
N PRO H 864 109.48 103.45 48.14
CA PRO H 864 109.28 104.89 48.30
C PRO H 864 110.48 105.51 48.98
N PRO H 865 110.79 106.77 48.67
CA PRO H 865 111.98 107.40 49.28
C PRO H 865 111.93 107.45 50.78
N HIS H 866 110.75 107.63 51.37
CA HIS H 866 110.64 107.60 52.82
C HIS H 866 110.86 106.19 53.36
N LEU H 867 110.46 105.17 52.59
CA LEU H 867 110.75 103.81 52.98
C LEU H 867 112.23 103.47 52.76
N GLU H 868 112.83 104.03 51.71
CA GLU H 868 114.24 103.75 51.42
C GLU H 868 115.15 104.23 52.53
N ARG H 869 114.92 105.45 53.02
CA ARG H 869 115.76 105.98 54.10
C ARG H 869 115.55 105.21 55.40
N ILE H 870 114.30 104.84 55.70
CA ILE H 870 114.01 104.14 56.94
C ILE H 870 114.39 102.67 56.83
N ARG H 871 114.68 102.19 55.61
CA ARG H 871 115.09 100.80 55.42
C ARG H 871 116.41 100.53 56.14
N GLU H 872 117.38 101.45 56.01
CA GLU H 872 118.66 101.27 56.69
C GLU H 872 118.49 101.40 58.21
N LYS H 873 117.62 102.30 58.65
CA LYS H 873 117.37 102.46 60.08
C LYS H 873 116.70 101.22 60.66
N LEU H 874 115.91 100.51 59.86
CA LEU H 874 115.31 99.26 60.33
C LEU H 874 116.39 98.23 60.62
N ALA H 875 117.43 98.18 59.79
CA ALA H 875 118.53 97.25 60.03
C ALA H 875 119.25 97.58 61.34
N GLU H 876 119.34 98.86 61.67
CA GLU H 876 119.95 99.25 62.94
C GLU H 876 119.17 98.70 64.12
N ASN H 877 117.84 98.81 64.07
CA ASN H 877 117.02 98.41 65.22
C ASN H 877 117.00 96.90 65.38
N ILE H 878 116.84 96.16 64.28
CA ILE H 878 116.76 94.71 64.38
C ILE H 878 118.08 94.13 64.87
N HIS H 879 119.20 94.75 64.50
CA HIS H 879 120.50 94.31 65.00
C HIS H 879 120.57 94.46 66.52
N GLU H 880 120.09 95.58 67.04
CA GLU H 880 120.06 95.76 68.49
C GLU H 880 119.13 94.74 69.16
N LEU H 881 117.95 94.52 68.57
CA LEU H 881 117.05 93.50 69.10
C LEU H 881 117.69 92.12 69.02
N TRP H 882 118.34 91.81 67.90
CA TRP H 882 119.11 90.57 67.79
C TRP H 882 120.26 90.55 68.78
N ALA H 883 120.93 91.69 68.96
CA ALA H 883 121.97 91.78 69.98
C ALA H 883 121.39 91.67 71.39
N LEU H 884 120.22 92.28 71.61
CA LEU H 884 119.60 92.22 72.93
C LEU H 884 119.23 90.79 73.30
N THR H 885 118.65 90.03 72.35
CA THR H 885 118.30 88.64 72.63
C THR H 885 119.55 87.82 72.92
N ARG H 886 120.66 88.15 72.26
CA ARG H 886 121.92 87.48 72.56
C ARG H 886 122.41 87.83 73.96
N ILE H 887 122.12 89.05 74.42
CA ILE H 887 122.49 89.44 75.78
C ILE H 887 121.72 88.60 76.79
N GLU H 888 120.46 88.26 76.47
CA GLU H 888 119.72 87.33 77.32
C GLU H 888 120.36 85.95 77.30
N GLN H 889 120.87 85.53 76.14
CA GLN H 889 121.59 84.27 76.04
C GLN H 889 122.98 84.32 76.67
N GLY H 890 123.45 85.50 77.05
CA GLY H 890 124.73 85.64 77.69
C GLY H 890 125.84 86.21 76.84
N TRP H 891 125.54 86.68 75.63
CA TRP H 891 126.57 87.24 74.77
C TRP H 891 127.07 88.56 75.34
N THR H 892 128.37 88.80 75.18
CA THR H 892 128.99 90.06 75.57
C THR H 892 129.78 90.61 74.39
N TYR H 893 130.32 91.81 74.58
CA TYR H 893 131.13 92.42 73.53
C TYR H 893 132.43 91.65 73.33
N GLY H 894 132.84 91.51 72.07
CA GLY H 894 134.07 90.83 71.74
C GLY H 894 134.48 91.06 70.31
N PRO H 895 135.80 91.15 70.08
CA PRO H 895 136.29 91.31 68.69
C PRO H 895 135.91 90.15 67.80
N VAL H 896 135.86 88.93 68.35
CA VAL H 896 135.47 87.76 67.58
C VAL H 896 133.99 87.51 67.74
N ARG H 897 133.34 87.04 66.68
CA ARG H 897 131.91 86.79 66.66
C ARG H 897 131.67 85.29 66.70
N ASP H 898 131.49 84.75 67.90
CA ASP H 898 131.29 83.32 68.09
C ASP H 898 130.09 83.09 68.99
N ASP H 899 129.27 82.09 68.65
CA ASP H 899 128.11 81.75 69.46
C ASP H 899 128.52 81.12 70.77
N ASN H 900 129.44 80.14 70.73
CA ASN H 900 129.87 79.47 71.95
C ASN H 900 130.65 80.41 72.86
N LYS H 901 131.52 81.23 72.29
CA LYS H 901 132.28 82.18 73.10
C LYS H 901 131.42 83.33 73.58
N ARG H 902 130.23 83.51 73.00
CA ARG H 902 129.29 84.56 73.41
C ARG H 902 129.94 85.94 73.33
N LEU H 903 130.70 86.17 72.27
CA LEU H 903 131.31 87.47 71.99
C LEU H 903 130.75 88.02 70.69
N HIS H 904 130.33 89.28 70.70
CA HIS H 904 129.71 89.90 69.54
C HIS H 904 130.13 91.36 69.45
N PRO H 905 130.78 91.78 68.36
CA PRO H 905 131.13 93.20 68.21
C PRO H 905 129.93 94.12 68.21
N CYS H 906 128.78 93.65 67.71
CA CYS H 906 127.58 94.48 67.67
C CYS H 906 126.99 94.72 69.06
N LEU H 907 127.41 93.96 70.07
CA LEU H 907 126.81 94.04 71.40
C LEU H 907 127.42 95.22 72.17
N VAL H 908 127.40 96.40 71.53
CA VAL H 908 127.72 97.64 72.21
C VAL H 908 126.62 98.66 71.95
N ASN H 909 126.36 98.94 70.67
CA ASN H 909 125.35 99.91 70.26
C ASN H 909 125.17 99.81 68.76
N PHE H 910 124.03 100.31 68.27
CA PHE H 910 123.76 100.25 66.84
C PHE H 910 124.73 101.12 66.06
N HIS H 911 125.03 102.31 66.57
CA HIS H 911 126.01 103.17 65.90
C HIS H 911 127.43 102.65 66.10
N SER H 912 127.74 102.15 67.29
CA SER H 912 129.06 101.58 67.53
C SER H 912 129.24 100.28 66.77
N LEU H 913 128.14 99.64 66.37
CA LEU H 913 128.20 98.50 65.48
C LEU H 913 128.84 98.92 64.16
N PRO H 914 129.81 98.17 63.63
CA PRO H 914 130.43 98.56 62.37
C PRO H 914 129.42 98.63 61.24
N GLU H 915 129.56 99.65 60.40
CA GLU H 915 128.66 99.82 59.27
C GLU H 915 128.71 98.66 58.28
N PRO H 916 129.87 98.15 57.85
CA PRO H 916 129.85 96.97 56.98
C PRO H 916 129.16 95.77 57.61
N GLU H 917 129.33 95.55 58.91
CA GLU H 917 128.60 94.50 59.60
C GLU H 917 127.11 94.83 59.64
N ARG H 918 126.78 96.12 59.83
CA ARG H 918 125.39 96.54 59.76
C ARG H 918 124.82 96.33 58.35
N ASN H 919 125.65 96.53 57.32
CA ASN H 919 125.21 96.34 55.95
C ASN H 919 125.05 94.87 55.58
N TYR H 920 125.48 93.94 56.44
CA TYR H 920 125.33 92.53 56.14
C TYR H 920 123.86 92.15 56.00
N ASN H 921 123.01 92.65 56.89
CA ASN H 921 121.57 92.41 56.81
C ASN H 921 120.83 93.54 56.10
N LEU H 922 121.56 94.54 55.58
CA LEU H 922 120.90 95.60 54.83
C LEU H 922 120.23 95.05 53.58
N GLN H 923 120.85 94.06 52.94
CA GLN H 923 120.19 93.36 51.85
C GLN H 923 118.90 92.69 52.33
N MET H 924 118.98 91.99 53.47
CA MET H 924 117.77 91.41 54.06
C MET H 924 116.81 92.49 54.52
N SER H 925 117.32 93.56 55.13
CA SER H 925 116.46 94.64 55.59
C SER H 925 115.74 95.31 54.43
N GLY H 926 116.43 95.45 53.28
CA GLY H 926 115.77 95.99 52.11
C GLY H 926 114.62 95.12 51.63
N GLU H 927 114.79 93.79 51.71
CA GLU H 927 113.73 92.88 51.29
C GLU H 927 112.55 92.93 52.25
N THR H 928 112.81 93.18 53.54
CA THR H 928 111.74 93.17 54.53
C THR H 928 110.69 94.24 54.21
N LEU H 929 111.14 95.44 53.88
CA LEU H 929 110.20 96.47 53.43
C LEU H 929 109.68 96.16 52.04
N LYS H 930 110.54 95.61 51.18
CA LYS H 930 110.12 95.27 49.82
C LYS H 930 109.04 94.20 49.82
N THR H 931 109.17 93.21 50.71
CA THR H 931 108.17 92.15 50.77
C THR H 931 106.81 92.69 51.21
N LEU H 932 106.80 93.77 51.99
CA LEU H 932 105.54 94.42 52.32
C LEU H 932 104.84 94.91 51.05
N LEU H 933 105.59 95.56 50.16
CA LEU H 933 105.02 95.94 48.87
C LEU H 933 104.72 94.71 48.02
N ALA H 934 105.61 93.71 48.07
CA ALA H 934 105.42 92.51 47.26
C ALA H 934 104.18 91.75 47.70
N LEU H 935 103.94 91.64 49.01
CA LEU H 935 102.77 90.92 49.50
C LEU H 935 101.47 91.66 49.21
N GLY H 936 101.55 92.92 48.78
CA GLY H 936 100.37 93.71 48.49
C GLY H 936 99.98 94.69 49.57
N CYS H 937 100.74 94.77 50.66
CA CYS H 937 100.42 95.71 51.72
C CYS H 937 100.64 97.14 51.26
N HIS H 938 99.71 98.01 51.62
CA HIS H 938 99.81 99.44 51.33
C HIS H 938 100.52 100.12 52.49
N VAL H 939 101.70 100.67 52.23
CA VAL H 939 102.54 101.28 53.25
C VAL H 939 103.05 102.62 52.75
N GLY H 940 102.99 103.62 53.62
CA GLY H 940 103.50 104.94 53.31
C GLY H 940 103.89 105.66 54.58
N MET H 941 104.53 106.81 54.40
CA MET H 941 104.99 107.64 55.53
C MET H 941 103.79 108.41 56.06
N ALA H 942 102.94 107.70 56.81
CA ALA H 942 101.75 108.32 57.39
C ALA H 942 102.13 109.38 58.41
N ASP H 943 103.12 109.09 59.25
CA ASP H 943 103.55 110.00 60.31
C ASP H 943 105.05 110.24 60.21
N GLU H 944 105.44 111.51 60.23
CA GLU H 944 106.84 111.91 60.31
C GLU H 944 107.23 112.43 61.68
N LYS H 945 106.29 113.07 62.39
CA LYS H 945 106.57 113.52 63.74
C LYS H 945 106.78 112.35 64.68
N ALA H 946 106.12 111.23 64.42
CA ALA H 946 106.30 110.04 65.25
C ALA H 946 107.73 109.53 65.17
N GLU H 947 108.33 109.57 63.97
CA GLU H 947 109.72 109.18 63.83
C GLU H 947 110.64 110.12 64.60
N ASP H 948 110.34 111.43 64.57
CA ASP H 948 111.20 112.41 65.23
C ASP H 948 111.27 112.17 66.73
N ASN H 949 110.13 111.90 67.37
CA ASN H 949 110.06 111.75 68.82
C ASN H 949 109.58 110.34 69.14
N LEU H 950 110.43 109.57 69.82
CA LEU H 950 110.07 108.22 70.25
C LEU H 950 111.03 107.80 71.36
N LYS H 951 110.50 107.03 72.31
CA LYS H 951 111.33 106.55 73.42
C LYS H 951 112.29 105.49 72.93
N LYS H 952 113.42 105.37 73.62
CA LYS H 952 114.46 104.38 73.31
C LYS H 952 114.66 103.47 74.51
N THR H 953 114.32 102.19 74.36
CA THR H 953 114.63 101.20 75.38
C THR H 953 116.13 100.91 75.37
N LYS H 954 116.72 100.87 76.56
CA LYS H 954 118.14 100.59 76.70
C LYS H 954 118.33 99.37 77.60
N LEU H 955 119.40 98.63 77.34
CA LEU H 955 119.71 97.47 78.15
C LEU H 955 120.02 97.91 79.58
N PRO H 956 119.59 97.15 80.59
CA PRO H 956 119.90 97.51 81.97
C PRO H 956 121.41 97.50 82.21
N LYS H 957 121.85 98.40 83.08
CA LYS H 957 123.27 98.46 83.44
C LYS H 957 123.73 97.16 84.08
N THR H 958 122.86 96.51 84.85
CA THR H 958 123.20 95.21 85.41
C THR H 958 123.40 94.17 84.32
N TYR H 959 122.54 94.18 83.29
CA TYR H 959 122.67 93.25 82.17
C TYR H 959 123.52 93.91 81.08
N MET H 960 124.79 94.09 81.39
CA MET H 960 125.74 94.75 80.51
C MET H 960 126.65 93.72 79.84
N MET H 961 127.17 94.09 78.68
CA MET H 961 128.14 93.26 77.97
C MET H 961 129.56 93.59 78.45
N SER H 962 130.55 93.08 77.70
CA SER H 962 131.93 93.40 78.01
C SER H 962 132.23 94.88 77.82
N ASN H 963 131.66 95.48 76.78
CA ASN H 963 131.92 96.90 76.52
C ASN H 963 131.34 97.77 77.63
N GLY H 964 130.17 97.41 78.16
CA GLY H 964 129.54 98.14 79.23
C GLY H 964 128.56 99.21 78.80
N TYR H 965 128.47 99.50 77.50
CA TYR H 965 127.53 100.51 77.03
C TYR H 965 126.11 99.94 77.01
N LYS H 966 125.14 100.85 76.85
CA LYS H 966 123.74 100.46 76.81
C LYS H 966 123.21 100.59 75.39
N PRO H 967 123.01 99.50 74.66
CA PRO H 967 122.37 99.59 73.34
C PRO H 967 120.95 100.14 73.48
N ALA H 968 120.53 100.89 72.46
CA ALA H 968 119.27 101.63 72.49
C ALA H 968 118.40 101.26 71.29
N PRO H 969 117.77 100.09 71.30
CA PRO H 969 116.72 99.82 70.31
C PRO H 969 115.47 100.65 70.58
N LEU H 970 114.67 100.79 69.53
CA LEU H 970 113.46 101.60 69.63
C LEU H 970 112.48 100.99 70.63
N ASP H 971 111.90 101.86 71.47
CA ASP H 971 110.91 101.43 72.45
C ASP H 971 109.52 101.47 71.81
N LEU H 972 108.89 100.30 71.70
CA LEU H 972 107.61 100.16 71.02
C LEU H 972 106.59 99.41 71.88
N SER H 973 106.64 99.63 73.19
CA SER H 973 105.65 99.02 74.08
C SER H 973 104.26 99.57 73.81
N HIS H 974 104.16 100.86 73.52
CA HIS H 974 102.86 101.48 73.23
C HIS H 974 102.29 100.97 71.92
N VAL H 975 103.14 100.38 71.06
CA VAL H 975 102.69 99.91 69.77
C VAL H 975 101.83 98.66 69.93
N ARG H 976 100.69 98.64 69.25
CA ARG H 976 99.81 97.48 69.22
C ARG H 976 99.55 97.08 67.77
N LEU H 977 99.31 95.79 67.56
CA LEU H 977 99.09 95.23 66.23
C LEU H 977 97.71 94.63 66.14
N THR H 978 97.02 94.89 65.03
CA THR H 978 95.72 94.28 64.79
C THR H 978 95.89 92.79 64.50
N PRO H 979 94.83 91.98 64.70
CA PRO H 979 94.93 90.56 64.35
C PRO H 979 95.30 90.32 62.90
N ALA H 980 94.83 91.17 61.98
CA ALA H 980 95.23 91.05 60.59
C ALA H 980 96.72 91.31 60.42
N GLN H 981 97.26 92.28 61.17
CA GLN H 981 98.68 92.57 61.09
C GLN H 981 99.52 91.40 61.61
N THR H 982 99.01 90.69 62.62
CA THR H 982 99.73 89.53 63.13
C THR H 982 99.86 88.45 62.05
N THR H 983 98.83 88.27 61.24
CA THR H 983 98.92 87.34 60.12
C THR H 983 99.98 87.80 59.13
N LEU H 984 100.10 89.10 58.91
CA LEU H 984 101.14 89.63 58.04
C LEU H 984 102.53 89.29 58.56
N VAL H 985 102.72 89.37 59.89
CA VAL H 985 104.01 89.02 60.47
C VAL H 985 104.35 87.57 60.20
N ASP H 986 103.34 86.69 60.27
CA ASP H 986 103.57 85.28 59.96
C ASP H 986 104.00 85.09 58.52
N ARG H 987 103.36 85.80 57.59
CA ARG H 987 103.75 85.72 56.19
C ARG H 987 105.13 86.31 55.96
N LEU H 988 105.45 87.41 56.66
CA LEU H 988 106.79 87.99 56.55
C LEU H 988 107.85 87.05 57.08
N ALA H 989 107.57 86.39 58.21
CA ALA H 989 108.53 85.43 58.76
C ALA H 989 108.74 84.26 57.82
N GLU H 990 107.66 83.76 57.20
CA GLU H 990 107.78 82.64 56.27
C GLU H 990 108.63 83.02 55.07
N ASN H 991 108.41 84.22 54.52
CA ASN H 991 109.19 84.66 53.36
C ASN H 991 110.65 84.86 53.73
N GLY H 992 110.92 85.46 54.89
CA GLY H 992 112.30 85.69 55.28
C GLY H 992 113.10 84.41 55.42
N HIS H 993 112.48 83.37 55.98
CA HIS H 993 113.15 82.08 56.07
C HIS H 993 113.39 81.49 54.68
N ASN H 994 112.41 81.61 53.79
CA ASN H 994 112.55 81.05 52.44
C ASN H 994 113.64 81.77 51.65
N VAL H 995 113.73 83.10 51.82
CA VAL H 995 114.80 83.85 51.14
C VAL H 995 116.15 83.38 51.64
N TRP H 996 116.30 83.20 52.95
CA TRP H 996 117.55 82.68 53.49
C TRP H 996 117.79 81.25 53.04
N ALA H 997 116.72 80.45 52.97
CA ALA H 997 116.87 79.05 52.58
C ALA H 997 117.38 78.91 51.15
N ARG H 998 116.75 79.62 50.22
CA ARG H 998 117.15 79.49 48.82
C ARG H 998 118.53 80.08 48.58
N ASP H 999 118.91 81.10 49.36
CA ASP H 999 120.27 81.63 49.28
C ASP H 999 121.29 80.58 49.70
N ARG H 1000 120.99 79.83 50.76
CA ARG H 1000 121.91 78.79 51.21
C ARG H 1000 121.98 77.64 50.21
N VAL H 1001 120.85 77.30 49.59
CA VAL H 1001 120.84 76.23 48.60
C VAL H 1001 121.75 76.58 47.42
N ALA H 1002 121.69 77.83 46.96
CA ALA H 1002 122.58 78.27 45.89
C ALA H 1002 124.04 78.16 46.31
N GLN H 1003 124.31 78.30 47.61
CA GLN H 1003 125.66 78.16 48.13
C GLN H 1003 126.05 76.70 48.38
N GLY H 1004 125.13 75.76 48.20
CA GLY H 1004 125.44 74.36 48.38
C GLY H 1004 124.99 73.75 49.69
N TRP H 1005 124.28 74.49 50.53
CA TRP H 1005 123.83 73.96 51.81
C TRP H 1005 122.66 73.02 51.62
N SER H 1006 122.56 72.03 52.52
CA SER H 1006 121.50 71.04 52.48
C SER H 1006 121.03 70.74 53.89
N TYR H 1007 119.82 70.23 54.00
CA TYR H 1007 119.23 69.91 55.29
C TYR H 1007 119.87 68.67 55.89
N SER H 1008 120.02 68.66 57.21
CA SER H 1008 120.47 67.50 57.94
C SER H 1008 120.02 67.63 59.39
N ALA H 1009 119.64 66.49 60.00
CA ALA H 1009 119.26 66.51 61.40
C ALA H 1009 120.43 66.92 62.28
N VAL H 1010 121.63 66.47 61.95
CA VAL H 1010 122.84 66.81 62.68
C VAL H 1010 123.57 67.93 61.92
N GLN H 1011 123.87 69.01 62.62
CA GLN H 1011 124.52 70.16 62.01
C GLN H 1011 125.98 69.83 61.71
N ASP H 1012 126.42 70.18 60.51
CA ASP H 1012 127.81 69.96 60.08
C ASP H 1012 128.22 71.17 59.24
N ILE H 1013 128.87 72.14 59.89
CA ILE H 1013 129.26 73.37 59.18
C ILE H 1013 130.26 73.08 58.06
N PRO H 1014 131.34 72.31 58.26
CA PRO H 1014 132.23 72.03 57.12
C PRO H 1014 131.53 71.34 55.96
N ALA H 1015 130.55 70.50 56.24
CA ALA H 1015 129.80 69.82 55.19
C ALA H 1015 128.62 70.64 54.70
N ARG H 1016 128.43 71.85 55.21
CA ARG H 1016 127.32 72.73 54.82
C ARG H 1016 125.97 72.05 55.03
N ARG H 1017 125.81 71.42 56.20
CA ARG H 1017 124.56 70.79 56.59
C ARG H 1017 123.97 71.57 57.75
N ASN H 1018 122.70 71.96 57.63
CA ASN H 1018 122.05 72.80 58.63
C ASN H 1018 120.70 72.23 59.01
N PRO H 1019 120.39 72.14 60.31
CA PRO H 1019 119.08 71.63 60.73
C PRO H 1019 117.91 72.50 60.31
N ARG H 1020 118.12 73.78 60.03
CA ARG H 1020 117.05 74.69 59.65
C ARG H 1020 116.98 74.92 58.15
N LEU H 1021 117.73 74.17 57.35
CA LEU H 1021 117.71 74.30 55.89
C LEU H 1021 116.48 73.58 55.35
N VAL H 1022 115.31 74.07 55.77
CA VAL H 1022 114.04 73.47 55.39
C VAL H 1022 113.05 74.60 55.14
N PRO H 1023 112.04 74.37 54.29
CA PRO H 1023 111.00 75.37 54.10
C PRO H 1023 110.27 75.68 55.40
N TYR H 1024 109.75 76.90 55.48
CA TYR H 1024 109.21 77.42 56.73
C TYR H 1024 108.07 76.55 57.26
N ARG H 1025 107.24 76.03 56.36
CA ARG H 1025 106.10 75.22 56.81
C ARG H 1025 106.57 73.92 57.46
N LEU H 1026 107.69 73.37 57.00
CA LEU H 1026 108.24 72.15 57.59
C LEU H 1026 109.09 72.41 58.81
N LEU H 1027 109.33 73.68 59.16
CA LEU H 1027 110.15 74.00 60.30
C LEU H 1027 109.40 73.73 61.60
N ASP H 1028 110.16 73.38 62.64
CA ASP H 1028 109.56 73.14 63.94
C ASP H 1028 109.05 74.43 64.56
N GLU H 1029 108.08 74.29 65.46
CA GLU H 1029 107.41 75.46 66.02
C GLU H 1029 108.35 76.29 66.88
N ALA H 1030 109.33 75.65 67.52
CA ALA H 1030 110.25 76.37 68.39
C ALA H 1030 111.03 77.42 67.61
N THR H 1031 111.60 77.03 66.46
CA THR H 1031 112.29 78.00 65.62
C THR H 1031 111.30 78.87 64.86
N LYS H 1032 110.13 78.31 64.53
CA LYS H 1032 109.12 79.08 63.82
C LYS H 1032 108.65 80.28 64.63
N ARG H 1033 108.47 80.10 65.94
CA ARG H 1033 108.09 81.21 66.79
C ARG H 1033 109.22 82.23 66.92
N SER H 1034 110.47 81.75 66.93
CA SER H 1034 111.61 82.66 67.07
C SER H 1034 111.70 83.64 65.91
N ASN H 1035 111.51 83.14 64.69
CA ASN H 1035 111.50 84.03 63.53
C ASN H 1035 110.30 84.96 63.55
N ARG H 1036 109.16 84.46 64.04
CA ARG H 1036 107.96 85.28 64.11
C ARG H 1036 108.13 86.45 65.05
N ASP H 1037 108.78 86.22 66.19
CA ASP H 1037 109.02 87.31 67.15
C ASP H 1037 109.91 88.39 66.56
N SER H 1038 110.95 87.98 65.83
CA SER H 1038 111.88 88.95 65.24
C SER H 1038 111.18 89.82 64.22
N LEU H 1039 110.33 89.23 63.37
CA LEU H 1039 109.59 90.02 62.40
C LEU H 1039 108.58 90.94 63.08
N CYS H 1040 108.04 90.51 64.23
CA CYS H 1040 107.10 91.35 64.95
C CYS H 1040 107.76 92.65 65.41
N GLN H 1041 109.00 92.56 65.91
CA GLN H 1041 109.70 93.77 66.32
C GLN H 1041 109.98 94.70 65.14
N ALA H 1042 110.31 94.12 63.98
CA ALA H 1042 110.52 94.94 62.79
C ALA H 1042 109.24 95.66 62.38
N VAL H 1043 108.10 94.97 62.45
CA VAL H 1043 106.82 95.63 62.19
C VAL H 1043 106.54 96.67 63.27
N ARG H 1044 106.85 96.34 64.52
CA ARG H 1044 106.67 97.31 65.60
C ARG H 1044 107.52 98.54 65.38
N THR H 1045 108.73 98.37 64.84
CA THR H 1045 109.59 99.51 64.54
C THR H 1045 108.94 100.42 63.51
N LEU H 1046 108.35 99.84 62.47
CA LEU H 1046 107.64 100.64 61.46
C LEU H 1046 106.44 101.35 62.08
N LEU H 1047 105.67 100.65 62.91
CA LEU H 1047 104.54 101.28 63.58
C LEU H 1047 105.02 102.33 64.58
N GLY H 1048 106.18 102.11 65.20
CA GLY H 1048 106.74 103.12 66.08
C GLY H 1048 107.03 104.41 65.36
N TYR H 1049 107.48 104.33 64.11
CA TYR H 1049 107.66 105.51 63.27
C TYR H 1049 106.33 106.09 62.79
N GLY H 1050 105.22 105.40 63.02
CA GLY H 1050 103.91 105.90 62.62
C GLY H 1050 103.52 105.60 61.20
N TYR H 1051 104.30 104.82 60.47
CA TYR H 1051 103.97 104.50 59.08
C TYR H 1051 102.73 103.61 59.03
N ASN H 1052 101.82 103.95 58.12
CA ASN H 1052 100.60 103.16 57.97
C ASN H 1052 100.91 101.81 57.32
N ILE H 1053 100.34 100.75 57.89
CA ILE H 1053 100.49 99.41 57.37
C ILE H 1053 99.10 98.86 57.09
N GLU H 1054 98.82 98.54 55.83
CA GLU H 1054 97.51 98.05 55.43
C GLU H 1054 97.58 96.56 55.18
N PRO H 1055 96.91 95.73 55.99
CA PRO H 1055 96.92 94.29 55.74
C PRO H 1055 96.22 93.97 54.44
N PRO H 1056 96.88 93.24 53.54
CA PRO H 1056 96.27 92.92 52.25
C PRO H 1056 95.05 92.02 52.42
N ASP H 1057 94.10 92.16 51.50
CA ASP H 1057 92.92 91.30 51.45
C ASP H 1057 93.37 89.91 51.00
N GLN H 1058 93.45 89.01 51.98
CA GLN H 1058 93.98 87.66 51.78
C GLN H 1058 93.24 86.92 50.67
N GLU H 1059 93.99 86.27 49.78
CA GLU H 1059 93.41 85.54 48.66
C GLU H 1059 93.52 84.05 48.96
N PRO H 1060 92.41 83.36 49.20
CA PRO H 1060 92.48 81.92 49.48
C PRO H 1060 92.87 81.13 48.24
N SER H 1061 93.49 79.97 48.49
CA SER H 1061 93.90 79.07 47.43
C SER H 1061 93.82 77.63 47.92
N GLN H 1062 93.63 76.71 46.99
CA GLN H 1062 93.55 75.28 47.29
C GLN H 1062 94.71 74.57 46.62
N VAL H 1063 95.59 73.99 47.42
CA VAL H 1063 96.83 73.42 46.89
C VAL H 1063 96.56 72.17 46.08
N GLU H 1064 95.64 71.32 46.54
CA GLU H 1064 95.36 70.01 45.94
C GLU H 1064 96.65 69.17 45.88
N ASN H 1065 97.17 68.89 47.07
CA ASN H 1065 98.41 68.12 47.18
C ASN H 1065 98.23 66.72 46.62
N GLN H 1066 97.10 66.09 46.89
CA GLN H 1066 96.79 64.76 46.39
C GLN H 1066 95.88 64.84 45.18
N SER H 1067 95.78 63.73 44.46
CA SER H 1067 94.91 63.66 43.28
C SER H 1067 93.45 63.72 43.70
N ARG H 1068 92.55 63.76 42.72
CA ARG H 1068 91.13 63.85 43.03
C ARG H 1068 90.59 62.58 43.67
N TRP H 1069 91.20 61.43 43.37
CA TRP H 1069 90.65 60.16 43.80
C TRP H 1069 91.26 59.65 45.10
N ASP H 1070 92.53 59.93 45.37
CA ASP H 1070 93.12 59.52 46.63
C ASP H 1070 92.84 60.56 47.72
N ARG H 1071 91.56 60.91 47.87
CA ARG H 1071 91.11 61.82 48.91
C ARG H 1071 90.08 61.20 49.83
N VAL H 1072 89.13 60.43 49.30
CA VAL H 1072 88.08 59.82 50.08
C VAL H 1072 88.14 58.31 49.88
N ARG H 1073 88.10 57.57 50.99
CA ARG H 1073 88.11 56.12 50.98
C ARG H 1073 86.79 55.63 51.57
N ILE H 1074 86.03 54.89 50.77
CA ILE H 1074 84.67 54.49 51.14
C ILE H 1074 84.71 53.05 51.62
N PHE H 1075 84.13 52.79 52.79
CA PHE H 1075 84.01 51.46 53.36
C PHE H 1075 82.53 51.09 53.44
N ARG H 1076 82.19 49.90 52.97
CA ARG H 1076 80.82 49.42 53.03
C ARG H 1076 80.81 47.92 53.29
N ALA H 1077 79.68 47.43 53.78
CA ALA H 1077 79.50 46.01 53.98
C ALA H 1077 79.32 45.31 52.64
N GLU H 1078 79.49 43.99 52.65
CA GLU H 1078 79.31 43.20 51.45
C GLU H 1078 77.85 43.19 51.03
N LYS H 1079 77.62 43.07 49.72
CA LYS H 1079 76.27 43.10 49.18
C LYS H 1079 75.40 41.97 49.70
N SER H 1080 76.01 40.87 50.18
CA SER H 1080 75.24 39.77 50.72
C SER H 1080 74.56 40.11 52.04
N TYR H 1081 74.91 41.23 52.67
CA TYR H 1081 74.31 41.67 53.92
C TYR H 1081 73.21 42.70 53.70
N THR H 1082 72.76 42.87 52.46
CA THR H 1082 71.74 43.87 52.16
C THR H 1082 70.46 43.57 52.91
N VAL H 1083 69.89 44.60 53.53
CA VAL H 1083 68.66 44.49 54.31
C VAL H 1083 67.54 45.18 53.55
N GLN H 1084 66.41 44.49 53.43
CA GLN H 1084 65.23 45.05 52.77
C GLN H 1084 64.03 45.14 53.70
N SER H 1085 64.18 44.78 54.97
CA SER H 1085 63.08 44.86 55.93
C SER H 1085 63.67 44.95 57.33
N GLY H 1086 62.84 45.34 58.28
CA GLY H 1086 63.24 45.42 59.66
C GLY H 1086 63.89 46.74 60.02
N ARG H 1087 64.30 46.82 61.28
CA ARG H 1087 64.95 48.01 61.83
C ARG H 1087 66.34 47.63 62.30
N TRP H 1088 67.34 48.41 61.87
CA TRP H 1088 68.73 48.05 62.09
C TRP H 1088 69.50 49.24 62.64
N TYR H 1089 70.57 48.93 63.37
CA TYR H 1089 71.35 49.92 64.10
C TYR H 1089 72.83 49.56 64.04
N PHE H 1090 73.66 50.58 63.89
CA PHE H 1090 75.10 50.41 64.03
C PHE H 1090 75.71 51.75 64.44
N GLU H 1091 76.94 51.69 64.95
CA GLU H 1091 77.62 52.87 65.47
C GLU H 1091 78.88 53.15 64.68
N PHE H 1092 79.23 54.44 64.63
CA PHE H 1092 80.47 54.90 64.00
C PHE H 1092 81.13 55.90 64.93
N GLU H 1093 82.34 55.58 65.38
CA GLU H 1093 83.08 56.45 66.28
C GLU H 1093 84.06 57.31 65.47
N ALA H 1094 84.02 58.62 65.71
CA ALA H 1094 84.88 59.56 65.02
C ALA H 1094 86.13 59.79 65.86
N VAL H 1095 87.19 59.02 65.58
CA VAL H 1095 88.45 59.22 66.28
C VAL H 1095 89.01 60.60 65.96
N THR H 1096 88.96 60.99 64.69
CA THR H 1096 89.32 62.33 64.27
C THR H 1096 88.06 63.17 64.09
N THR H 1097 88.24 64.43 63.69
CA THR H 1097 87.12 65.36 63.55
C THR H 1097 87.01 65.93 62.14
N GLY H 1098 87.75 65.40 61.18
CA GLY H 1098 87.77 65.94 59.83
C GLY H 1098 86.59 65.50 58.99
N GLU H 1099 86.82 65.40 57.69
CA GLU H 1099 85.76 65.08 56.73
C GLU H 1099 85.50 63.58 56.75
N MET H 1100 84.42 63.19 57.40
CA MET H 1100 83.99 61.80 57.42
C MET H 1100 82.47 61.75 57.28
N ARG H 1101 81.99 60.78 56.52
CA ARG H 1101 80.56 60.60 56.29
C ARG H 1101 80.19 59.16 56.64
N VAL H 1102 78.99 59.01 57.20
CA VAL H 1102 78.50 57.69 57.60
C VAL H 1102 77.00 57.66 57.40
N GLY H 1103 76.50 56.51 56.96
CA GLY H 1103 75.07 56.34 56.73
C GLY H 1103 74.74 55.01 56.09
N TRP H 1104 73.75 55.02 55.21
CA TRP H 1104 73.29 53.82 54.52
C TRP H 1104 73.38 54.02 53.02
N ALA H 1105 73.79 52.97 52.31
CA ALA H 1105 73.98 53.05 50.87
C ALA H 1105 73.36 51.83 50.21
N ARG H 1106 72.97 52.01 48.95
CA ARG H 1106 72.42 50.93 48.15
C ARG H 1106 73.53 50.06 47.58
N PRO H 1107 73.22 48.80 47.25
CA PRO H 1107 74.27 47.89 46.77
C PRO H 1107 74.97 48.38 45.51
N GLU H 1108 74.31 49.18 44.68
CA GLU H 1108 74.89 49.67 43.44
C GLU H 1108 75.73 50.92 43.65
N LEU H 1109 76.20 51.16 44.88
CA LEU H 1109 76.99 52.34 45.17
C LEU H 1109 78.27 52.35 44.33
N ARG H 1110 78.58 53.51 43.77
CA ARG H 1110 79.74 53.72 42.91
C ARG H 1110 80.93 54.18 43.72
N PRO H 1111 82.11 53.58 43.53
CA PRO H 1111 83.25 53.85 44.41
C PRO H 1111 83.91 55.19 44.20
N ASP H 1112 83.73 55.84 43.04
CA ASP H 1112 84.43 57.08 42.73
C ASP H 1112 83.57 58.32 42.95
N VAL H 1113 82.40 58.18 43.56
CA VAL H 1113 81.49 59.29 43.80
C VAL H 1113 81.41 59.53 45.30
N GLU H 1114 81.45 60.80 45.70
CA GLU H 1114 81.31 61.15 47.11
C GLU H 1114 79.96 60.69 47.63
N LEU H 1115 79.95 60.18 48.86
CA LEU H 1115 78.72 59.68 49.46
C LEU H 1115 77.70 60.81 49.59
N GLY H 1116 76.47 60.53 49.15
CA GLY H 1116 75.40 61.50 49.21
C GLY H 1116 75.32 62.46 48.04
N ALA H 1117 76.36 62.51 47.19
CA ALA H 1117 76.29 63.35 46.01
C ALA H 1117 75.30 62.82 44.97
N ASP H 1118 74.86 61.57 45.11
CA ASP H 1118 73.87 60.99 44.23
C ASP H 1118 72.77 60.32 45.05
N GLU H 1119 71.89 59.59 44.38
CA GLU H 1119 70.74 58.98 45.04
C GLU H 1119 71.05 57.62 45.65
N LEU H 1120 72.32 57.19 45.62
CA LEU H 1120 72.69 55.85 46.06
C LEU H 1120 73.14 55.78 47.51
N ALA H 1121 73.09 56.88 48.24
CA ALA H 1121 73.55 56.87 49.63
C ALA H 1121 72.82 57.93 50.43
N TYR H 1122 72.54 57.60 51.69
CA TYR H 1122 71.95 58.53 52.66
C TYR H 1122 72.93 58.60 53.83
N VAL H 1123 73.76 59.64 53.85
CA VAL H 1123 74.84 59.73 54.82
C VAL H 1123 74.74 61.04 55.58
N PHE H 1124 75.37 61.06 56.76
CA PHE H 1124 75.47 62.24 57.59
C PHE H 1124 76.93 62.67 57.68
N ASN H 1125 77.20 63.93 57.33
CA ASN H 1125 78.55 64.48 57.35
C ASN H 1125 78.72 65.22 58.67
N GLY H 1126 79.46 64.62 59.59
CA GLY H 1126 79.67 65.19 60.90
C GLY H 1126 80.74 66.24 61.00
N HIS H 1127 81.47 66.52 59.92
CA HIS H 1127 82.49 67.56 59.96
C HIS H 1127 81.86 68.93 60.18
N ARG H 1128 80.74 69.20 59.51
CA ARG H 1128 80.06 70.48 59.63
C ARG H 1128 78.56 70.34 59.82
N GLY H 1129 78.07 69.15 60.17
CA GLY H 1129 76.66 68.95 60.43
C GLY H 1129 75.80 69.04 59.19
N GLN H 1130 75.96 68.09 58.27
CA GLN H 1130 75.18 68.05 57.05
C GLN H 1130 74.69 66.63 56.79
N ARG H 1131 73.54 66.53 56.13
CA ARG H 1131 73.04 65.26 55.62
C ARG H 1131 73.07 65.30 54.09
N TRP H 1132 73.53 64.21 53.49
CA TRP H 1132 73.80 64.18 52.06
C TRP H 1132 72.92 63.14 51.38
N HIS H 1133 72.09 63.60 50.44
CA HIS H 1133 71.40 62.72 49.51
C HIS H 1133 70.99 63.57 48.32
N LEU H 1134 71.61 63.34 47.16
CA LEU H 1134 71.41 64.17 45.98
C LEU H 1134 71.69 65.65 46.28
N GLY H 1135 72.69 65.90 47.12
CA GLY H 1135 73.00 67.24 47.57
C GLY H 1135 73.16 67.30 49.08
N SER H 1136 73.53 68.48 49.55
CA SER H 1136 73.78 68.72 50.96
C SER H 1136 72.80 69.73 51.53
N GLU H 1137 72.35 69.46 52.76
CA GLU H 1137 71.51 70.39 53.49
C GLU H 1137 71.88 70.30 54.96
N PRO H 1138 71.82 71.40 55.72
CA PRO H 1138 72.26 71.36 57.12
C PRO H 1138 71.43 70.39 57.95
N PHE H 1139 72.10 69.72 58.89
CA PHE H 1139 71.45 68.75 59.76
C PHE H 1139 72.32 68.43 60.97
N GLY H 1140 71.77 68.58 62.16
CA GLY H 1140 72.54 68.24 63.35
C GLY H 1140 73.65 69.26 63.63
N ARG H 1141 74.66 68.78 64.33
CA ARG H 1141 75.80 69.58 64.75
C ARG H 1141 77.09 68.85 64.43
N PRO H 1142 78.19 69.58 64.26
CA PRO H 1142 79.48 68.92 64.05
C PRO H 1142 79.90 68.12 65.26
N TRP H 1143 80.63 67.03 65.01
CA TRP H 1143 81.06 66.14 66.07
C TRP H 1143 82.43 66.54 66.61
N GLN H 1144 82.85 65.85 67.66
CA GLN H 1144 84.16 66.05 68.26
C GLN H 1144 84.88 64.71 68.34
N SER H 1145 86.11 64.74 68.82
CA SER H 1145 86.90 63.53 68.93
C SER H 1145 86.27 62.59 69.96
N GLY H 1146 86.06 61.34 69.56
CA GLY H 1146 85.45 60.35 70.43
C GLY H 1146 83.95 60.28 70.36
N ASP H 1147 83.30 61.16 69.60
CA ASP H 1147 81.85 61.12 69.47
C ASP H 1147 81.42 59.88 68.70
N VAL H 1148 80.31 59.30 69.12
CA VAL H 1148 79.77 58.09 68.51
C VAL H 1148 78.48 58.46 67.80
N VAL H 1149 78.39 58.11 66.52
CA VAL H 1149 77.21 58.37 65.71
C VAL H 1149 76.43 57.08 65.55
N GLY H 1150 75.18 57.08 65.97
CA GLY H 1150 74.33 55.92 65.84
C GLY H 1150 73.41 56.00 64.65
N CYS H 1151 73.70 55.24 63.60
CA CYS H 1151 72.91 55.24 62.39
C CYS H 1151 71.80 54.20 62.50
N MET H 1152 70.56 54.66 62.37
CA MET H 1152 69.38 53.82 62.52
C MET H 1152 68.54 53.94 61.27
N ILE H 1153 68.14 52.79 60.72
CA ILE H 1153 67.26 52.74 59.56
C ILE H 1153 66.01 51.96 59.94
N ASP H 1154 64.85 52.49 59.55
CA ASP H 1154 63.57 51.86 59.83
C ASP H 1154 62.89 51.60 58.49
N LEU H 1155 62.95 50.36 58.02
CA LEU H 1155 62.36 49.99 56.74
C LEU H 1155 60.87 49.70 56.83
N THR H 1156 60.30 49.74 58.03
CA THR H 1156 58.85 49.67 58.18
C THR H 1156 58.20 51.05 58.08
N GLU H 1157 58.90 52.09 58.52
CA GLU H 1157 58.43 53.46 58.37
C GLU H 1157 59.19 54.23 57.29
N ASN H 1158 60.18 53.62 56.65
CA ASN H 1158 60.97 54.26 55.59
C ASN H 1158 61.60 55.56 56.08
N THR H 1159 62.31 55.47 57.21
CA THR H 1159 62.98 56.62 57.79
C THR H 1159 64.39 56.23 58.21
N ILE H 1160 65.26 57.24 58.26
CA ILE H 1160 66.64 57.08 58.73
C ILE H 1160 66.88 58.08 59.84
N ILE H 1161 67.40 57.60 60.97
CA ILE H 1161 67.62 58.41 62.15
C ILE H 1161 69.09 58.37 62.51
N PHE H 1162 69.68 59.55 62.74
CA PHE H 1162 71.06 59.66 63.19
C PHE H 1162 71.08 60.21 64.62
N THR H 1163 71.87 59.58 65.48
CA THR H 1163 72.05 60.03 66.84
C THR H 1163 73.52 60.33 67.10
N LEU H 1164 73.77 61.30 67.97
CA LEU H 1164 75.12 61.69 68.35
C LEU H 1164 75.25 61.55 69.86
N ASN H 1165 76.06 60.58 70.29
CA ASN H 1165 76.25 60.29 71.71
C ASN H 1165 74.93 60.01 72.41
N GLY H 1166 74.04 59.30 71.73
CA GLY H 1166 72.75 58.93 72.29
C GLY H 1166 71.66 59.96 72.12
N GLU H 1167 71.98 61.14 71.60
CA GLU H 1167 70.99 62.19 71.39
C GLU H 1167 70.64 62.25 69.91
N VAL H 1168 69.33 62.20 69.61
CA VAL H 1168 68.88 62.19 68.24
C VAL H 1168 69.15 63.53 67.58
N LEU H 1169 69.80 63.52 66.43
CA LEU H 1169 70.06 64.73 65.69
C LEU H 1169 68.79 65.20 64.97
N MET H 1170 68.66 66.51 64.85
CA MET H 1170 67.48 67.13 64.25
C MET H 1170 67.91 68.18 63.24
N SER H 1171 67.04 68.40 62.26
CA SER H 1171 67.27 69.41 61.24
C SER H 1171 66.85 70.78 61.79
N ASP H 1172 66.75 71.78 60.91
CA ASP H 1172 66.31 73.10 61.32
C ASP H 1172 64.79 73.14 61.41
N SER H 1173 64.21 72.19 62.13
CA SER H 1173 62.77 72.05 62.33
C SER H 1173 62.57 70.96 63.37
N GLY H 1174 61.32 70.54 63.56
CA GLY H 1174 61.02 69.46 64.49
C GLY H 1174 61.24 68.07 63.95
N SER H 1175 61.82 67.95 62.76
CA SER H 1175 62.01 66.65 62.13
C SER H 1175 63.02 65.81 62.91
N GLU H 1176 62.54 64.74 63.55
CA GLU H 1176 63.41 63.83 64.28
C GLU H 1176 64.10 62.83 63.38
N THR H 1177 63.73 62.76 62.11
CA THR H 1177 64.32 61.82 61.16
C THR H 1177 65.07 62.57 60.07
N ALA H 1178 66.24 62.06 59.71
CA ALA H 1178 67.04 62.71 58.68
C ALA H 1178 66.40 62.57 57.31
N PHE H 1179 65.87 61.39 56.99
CA PHE H 1179 65.27 61.14 55.69
C PHE H 1179 63.95 60.42 55.88
N ARG H 1180 63.03 60.67 54.95
CA ARG H 1180 61.68 60.11 55.02
C ARG H 1180 61.26 59.63 53.65
N GLU H 1181 60.30 58.71 53.64
CA GLU H 1181 59.72 58.16 52.41
C GLU H 1181 60.78 57.59 51.49
N ILE H 1182 61.73 56.85 52.06
CA ILE H 1182 62.76 56.21 51.27
C ILE H 1182 62.24 54.88 50.75
N GLU H 1183 62.38 54.66 49.44
CA GLU H 1183 61.95 53.41 48.85
C GLU H 1183 62.96 52.31 49.15
N ILE H 1184 62.46 51.11 49.46
CA ILE H 1184 63.33 49.99 49.79
C ILE H 1184 64.12 49.57 48.56
N GLY H 1185 63.43 49.15 47.51
CA GLY H 1185 64.09 48.76 46.28
C GLY H 1185 65.04 47.60 46.51
N ASP H 1186 66.29 47.77 46.07
CA ASP H 1186 67.30 46.74 46.23
C ASP H 1186 67.66 46.51 47.70
N GLY H 1187 67.65 47.55 48.51
CA GLY H 1187 67.99 47.47 49.92
C GLY H 1187 69.03 48.49 50.30
N PHE H 1188 69.59 48.31 51.49
CA PHE H 1188 70.54 49.26 52.05
C PHE H 1188 71.68 48.52 52.72
N LEU H 1189 72.85 49.16 52.77
CA LEU H 1189 74.04 48.65 53.41
C LEU H 1189 74.68 49.76 54.24
N PRO H 1190 75.21 49.43 55.42
CA PRO H 1190 75.99 50.41 56.17
C PRO H 1190 77.22 50.84 55.38
N VAL H 1191 77.54 52.12 55.45
CA VAL H 1191 78.62 52.68 54.65
C VAL H 1191 79.26 53.83 55.41
N CYS H 1192 80.55 54.04 55.17
CA CYS H 1192 81.26 55.17 55.74
C CYS H 1192 82.39 55.56 54.79
N SER H 1193 82.74 56.84 54.83
CA SER H 1193 83.83 57.37 54.02
C SER H 1193 84.73 58.22 54.88
N LEU H 1194 86.03 58.11 54.67
CA LEU H 1194 87.03 58.82 55.45
C LEU H 1194 87.89 59.66 54.52
N GLY H 1195 88.09 60.93 54.89
CA GLY H 1195 88.91 61.83 54.10
C GLY H 1195 90.38 61.65 54.40
N PRO H 1196 91.20 62.56 53.87
CA PRO H 1196 92.66 62.45 54.09
C PRO H 1196 93.00 62.64 55.56
N GLY H 1197 93.77 61.71 56.10
CA GLY H 1197 94.19 61.79 57.49
C GLY H 1197 93.12 61.52 58.51
N GLN H 1198 92.04 60.82 58.13
CA GLN H 1198 90.92 60.59 59.02
C GLN H 1198 90.92 59.15 59.51
N VAL H 1199 90.58 58.98 60.80
CA VAL H 1199 90.49 57.67 61.43
C VAL H 1199 89.12 57.52 62.04
N GLY H 1200 88.46 56.41 61.77
CA GLY H 1200 87.15 56.15 62.32
C GLY H 1200 86.98 54.69 62.67
N HIS H 1201 86.13 54.43 63.65
CA HIS H 1201 85.84 53.09 64.13
C HIS H 1201 84.40 52.75 63.78
N LEU H 1202 84.22 51.66 63.03
CA LEU H 1202 82.90 51.19 62.65
C LEU H 1202 82.52 49.99 63.49
N ASN H 1203 81.37 50.09 64.16
CA ASN H 1203 80.88 49.03 65.03
C ASN H 1203 79.52 48.59 64.50
N LEU H 1204 79.47 47.43 63.87
CA LEU H 1204 78.22 46.90 63.33
C LEU H 1204 77.43 46.11 64.36
N GLY H 1205 77.91 46.01 65.59
CA GLY H 1205 77.13 45.40 66.65
C GLY H 1205 77.13 43.90 66.67
N GLN H 1206 78.23 43.25 66.26
CA GLN H 1206 78.33 41.80 66.41
C GLN H 1206 78.33 41.41 67.88
N ASP H 1207 78.99 42.21 68.72
CA ASP H 1207 78.94 42.06 70.18
C ASP H 1207 78.07 43.20 70.69
N VAL H 1208 76.87 42.86 71.17
CA VAL H 1208 75.91 43.88 71.60
C VAL H 1208 76.43 44.66 72.79
N SER H 1209 77.26 44.05 73.64
CA SER H 1209 77.81 44.76 74.79
C SER H 1209 78.83 45.81 74.39
N SER H 1210 79.43 45.68 73.20
CA SER H 1210 80.42 46.66 72.75
C SER H 1210 79.80 47.98 72.32
N LEU H 1211 78.52 47.99 71.96
CA LEU H 1211 77.86 49.23 71.58
C LEU H 1211 77.74 50.15 72.79
N ARG H 1212 78.02 51.43 72.59
CA ARG H 1212 78.11 52.38 73.69
C ARG H 1212 76.83 53.19 73.91
N PHE H 1213 75.98 53.30 72.90
CA PHE H 1213 74.75 54.08 73.05
C PHE H 1213 73.53 53.35 72.50
N PHE H 1214 73.62 52.06 72.21
CA PHE H 1214 72.47 51.32 71.71
C PHE H 1214 71.37 51.23 72.75
N ALA H 1215 71.73 51.00 74.01
CA ALA H 1215 70.73 50.92 75.07
C ALA H 1215 70.10 52.28 75.33
N ILE H 1216 70.87 53.35 75.24
CA ILE H 1216 70.35 54.69 75.52
C ILE H 1216 69.33 55.10 74.46
N CYS H 1217 69.63 54.85 73.19
CA CYS H 1217 68.73 55.21 72.11
C CYS H 1217 68.84 54.16 71.00
N GLY H 1218 67.80 53.35 70.86
CA GLY H 1218 67.76 52.35 69.80
C GLY H 1218 67.27 51.01 70.26
N LEU H 1219 67.59 50.64 71.50
CA LEU H 1219 67.14 49.35 72.02
C LEU H 1219 65.64 49.34 72.27
N GLN H 1220 65.12 50.39 72.92
CA GLN H 1220 63.71 50.43 73.27
C GLN H 1220 62.83 50.77 72.08
N GLU H 1221 63.41 51.31 71.00
CA GLU H 1221 62.63 51.65 69.82
C GLU H 1221 62.42 50.47 68.89
N GLY H 1222 62.99 49.30 69.21
CA GLY H 1222 62.82 48.12 68.38
C GLY H 1222 63.90 47.87 67.38
N PHE H 1223 64.97 48.66 67.39
CA PHE H 1223 66.08 48.49 66.45
C PHE H 1223 67.01 47.40 66.94
N GLU H 1224 67.60 46.69 65.98
CA GLU H 1224 68.55 45.63 66.28
C GLU H 1224 69.93 45.96 65.72
N PRO H 1225 71.00 45.50 66.34
CA PRO H 1225 72.33 45.67 65.75
C PRO H 1225 72.40 44.99 64.39
N PHE H 1226 73.15 45.59 63.48
CA PHE H 1226 73.19 45.09 62.10
C PHE H 1226 73.72 43.67 62.03
N ALA H 1227 74.58 43.28 62.98
CA ALA H 1227 75.16 41.94 62.95
C ALA H 1227 74.93 41.23 64.28
N ILE H 1228 73.69 41.27 64.77
CA ILE H 1228 73.41 40.79 66.13
C ILE H 1228 73.68 39.29 66.24
N ASN H 1229 73.24 38.50 65.27
CA ASN H 1229 73.46 37.06 65.28
C ASN H 1229 74.29 36.69 64.06
N MET H 1230 75.60 36.83 64.20
CA MET H 1230 76.54 36.47 63.14
C MET H 1230 77.82 35.96 63.77
N GLN H 1231 78.37 34.89 63.21
CA GLN H 1231 79.57 34.28 63.76
CA GLN H 1231 79.57 34.28 63.76
C GLN H 1231 80.82 35.07 63.35
N ARG H 1232 81.07 35.16 62.07
CA ARG H 1232 82.21 35.88 61.56
C ARG H 1232 81.90 37.39 61.50
N PRO H 1233 82.92 38.23 61.63
CA PRO H 1233 82.70 39.66 61.43
C PRO H 1233 82.23 39.94 60.01
N VAL H 1234 81.40 40.98 59.88
CA VAL H 1234 80.84 41.31 58.58
C VAL H 1234 81.95 41.68 57.61
N THR H 1235 81.98 41.03 56.45
CA THR H 1235 82.96 41.34 55.44
C THR H 1235 82.71 42.74 54.89
N THR H 1236 83.78 43.54 54.78
CA THR H 1236 83.69 44.90 54.32
C THR H 1236 84.48 45.07 53.03
N TRP H 1237 83.96 45.91 52.14
CA TRP H 1237 84.62 46.27 50.90
C TRP H 1237 84.99 47.74 50.93
N PHE H 1238 86.17 48.05 50.39
CA PHE H 1238 86.67 49.41 50.37
C PHE H 1238 86.99 49.82 48.95
N SER H 1239 86.91 51.12 48.70
CA SER H 1239 87.21 51.69 47.38
C SER H 1239 88.72 51.82 47.25
N LYS H 1240 89.32 50.96 46.45
CA LYS H 1240 90.77 50.95 46.24
C LYS H 1240 91.12 51.91 45.13
N SER H 1241 91.97 52.89 45.44
CA SER H 1241 92.36 53.92 44.48
C SER H 1241 93.52 53.47 43.60
N LEU H 1242 93.40 52.28 43.03
CA LEU H 1242 94.37 51.76 42.08
C LEU H 1242 93.72 51.69 40.71
N PRO H 1243 94.16 52.52 39.75
CA PRO H 1243 93.49 52.52 38.43
C PRO H 1243 93.56 51.15 37.76
N GLN H 1244 92.46 50.76 37.15
CA GLN H 1244 92.35 49.49 36.45
C GLN H 1244 91.62 49.71 35.13
N PHE H 1245 91.92 48.86 34.16
CA PHE H 1245 91.27 48.91 32.86
C PHE H 1245 89.99 48.07 32.91
N GLU H 1246 88.87 48.69 32.56
CA GLU H 1246 87.57 48.05 32.53
C GLU H 1246 86.90 48.32 31.20
N PRO H 1247 86.00 47.43 30.75
CA PRO H 1247 85.30 47.67 29.49
C PRO H 1247 84.48 48.94 29.54
N VAL H 1248 84.44 49.64 28.41
CA VAL H 1248 83.65 50.87 28.30
C VAL H 1248 82.18 50.48 28.40
N PRO H 1249 81.42 51.06 29.33
CA PRO H 1249 80.01 50.69 29.50
C PRO H 1249 79.23 51.00 28.24
N PRO H 1250 78.29 50.14 27.86
CA PRO H 1250 77.45 50.42 26.68
C PRO H 1250 76.58 51.65 26.85
N GLU H 1251 76.32 52.07 28.08
CA GLU H 1251 75.46 53.22 28.35
C GLU H 1251 76.24 54.39 28.95
N HIS H 1252 77.52 54.49 28.63
CA HIS H 1252 78.34 55.57 29.15
C HIS H 1252 77.83 56.91 28.62
N PRO H 1253 77.62 57.90 29.46
CA PRO H 1253 77.02 59.17 28.99
C PRO H 1253 77.86 59.91 27.97
N HIS H 1254 79.19 59.78 28.02
CA HIS H 1254 80.07 60.60 27.20
C HIS H 1254 80.83 59.84 26.13
N TYR H 1255 81.08 58.55 26.32
CA TYR H 1255 81.94 57.78 25.43
C TYR H 1255 81.15 56.66 24.77
N GLU H 1256 81.30 56.54 23.46
CA GLU H 1256 80.64 55.49 22.68
C GLU H 1256 81.67 54.80 21.81
N VAL H 1257 81.60 53.47 21.75
CA VAL H 1257 82.51 52.66 20.94
C VAL H 1257 81.67 51.92 19.92
N ALA H 1258 82.01 52.08 18.64
CA ALA H 1258 81.31 51.43 17.55
C ALA H 1258 82.22 50.41 16.88
N ARG H 1259 81.72 49.19 16.71
CA ARG H 1259 82.47 48.12 16.06
C ARG H 1259 82.17 48.17 14.57
N MET H 1260 83.17 48.58 13.78
CA MET H 1260 83.00 48.71 12.35
C MET H 1260 83.50 47.45 11.65
N ASP H 1261 82.64 46.87 10.81
CA ASP H 1261 83.03 45.68 10.06
C ASP H 1261 84.00 46.05 8.95
N GLY H 1262 84.83 45.08 8.58
CA GLY H 1262 85.81 45.29 7.53
C GLY H 1262 85.22 45.20 6.14
N THR H 1263 85.34 46.28 5.38
CA THR H 1263 84.83 46.32 4.02
C THR H 1263 85.90 45.81 3.05
N VAL H 1264 85.66 46.00 1.75
CA VAL H 1264 86.62 45.54 0.75
C VAL H 1264 87.92 46.36 0.83
N ASP H 1265 87.81 47.65 1.14
CA ASP H 1265 88.98 48.52 1.18
C ASP H 1265 89.37 48.95 2.58
N THR H 1266 88.62 48.58 3.60
CA THR H 1266 88.94 48.97 4.97
C THR H 1266 88.92 47.74 5.87
N PRO H 1267 89.79 47.72 6.88
CA PRO H 1267 89.80 46.60 7.83
C PRO H 1267 88.76 46.82 8.93
N PRO H 1268 88.47 45.79 9.72
CA PRO H 1268 87.58 46.00 10.87
C PRO H 1268 88.18 47.01 11.84
N CYS H 1269 87.33 47.83 12.43
CA CYS H 1269 87.76 48.95 13.25
C CYS H 1269 86.94 49.03 14.52
N LEU H 1270 87.53 49.66 15.54
CA LEU H 1270 86.85 49.98 16.79
C LEU H 1270 86.96 51.49 16.97
N ARG H 1271 85.89 52.20 16.63
CA ARG H 1271 85.89 53.65 16.57
C ARG H 1271 85.33 54.23 17.87
N LEU H 1272 86.00 55.24 18.40
CA LEU H 1272 85.57 55.94 19.61
C LEU H 1272 84.95 57.28 19.21
N ALA H 1273 83.79 57.57 19.78
CA ALA H 1273 83.10 58.83 19.52
C ALA H 1273 82.68 59.46 20.84
N HIS H 1274 82.72 60.80 20.88
CA HIS H 1274 82.31 61.55 22.05
C HIS H 1274 80.83 61.88 21.92
N ARG H 1275 80.01 61.32 22.82
CA ARG H 1275 78.56 61.47 22.69
C ARG H 1275 78.12 62.92 22.87
N THR H 1276 78.67 63.61 23.86
CA THR H 1276 78.17 64.93 24.26
C THR H 1276 79.13 66.06 23.93
N TRP H 1277 80.00 65.88 22.94
CA TRP H 1277 80.97 66.90 22.61
C TRP H 1277 80.29 68.18 22.14
N GLY H 1278 80.82 69.32 22.58
CA GLY H 1278 80.30 70.61 22.17
C GLY H 1278 79.17 71.11 23.04
N SER H 1279 78.36 70.20 23.56
CA SER H 1279 77.21 70.59 24.36
C SER H 1279 77.63 70.96 25.78
N GLN H 1280 76.70 71.58 26.50
CA GLN H 1280 76.90 71.90 27.91
C GLN H 1280 77.07 70.61 28.70
N ASN H 1281 77.84 70.70 29.79
CA ASN H 1281 78.12 69.63 30.76
C ASN H 1281 78.96 68.52 30.15
N SER H 1282 79.49 68.73 28.95
CA SER H 1282 80.37 67.73 28.34
C SER H 1282 81.62 67.52 29.19
N LEU H 1283 82.04 66.26 29.30
CA LEU H 1283 83.22 65.88 30.06
C LEU H 1283 84.41 65.76 29.12
N VAL H 1284 85.42 66.60 29.33
CA VAL H 1284 86.64 66.58 28.54
C VAL H 1284 87.81 66.37 29.49
N GLU H 1285 88.47 65.22 29.37
CA GLU H 1285 89.61 64.89 30.22
C GLU H 1285 90.43 63.82 29.53
N MET H 1286 91.63 63.59 30.06
CA MET H 1286 92.50 62.56 29.51
C MET H 1286 91.82 61.20 29.56
N LEU H 1287 91.87 60.48 28.45
CA LEU H 1287 91.23 59.18 28.32
C LEU H 1287 92.30 58.14 28.01
N PHE H 1288 92.33 57.08 28.81
CA PHE H 1288 93.32 56.01 28.68
C PHE H 1288 92.59 54.77 28.19
N LEU H 1289 92.83 54.40 26.94
CA LEU H 1289 92.16 53.28 26.30
C LEU H 1289 93.17 52.19 25.96
N ARG H 1290 92.71 50.94 26.02
CA ARG H 1290 93.51 49.81 25.58
C ARG H 1290 92.58 48.72 25.08
N LEU H 1291 93.13 47.83 24.27
CA LEU H 1291 92.37 46.67 23.81
C LEU H 1291 92.37 45.59 24.88
N SER H 1292 91.33 44.75 24.87
CA SER H 1292 91.11 43.81 25.95
C SER H 1292 92.09 42.63 25.91
N LEU H 1293 92.75 42.39 24.79
CA LEU H 1293 93.62 41.23 24.72
C LEU H 1293 95.05 41.63 24.38
N PRO H 1294 96.03 40.99 25.00
CA PRO H 1294 97.43 41.33 24.74
C PRO H 1294 98.06 40.47 23.65
N VAL H 1295 99.24 40.90 23.21
CA VAL H 1295 100.11 40.11 22.36
C VAL H 1295 101.34 39.74 23.18
N GLN H 1296 101.71 38.46 23.15
CA GLN H 1296 102.80 37.95 23.97
C GLN H 1296 103.98 37.60 23.08
N PHE H 1297 105.15 38.12 23.44
CA PHE H 1297 106.36 37.83 22.69
C PHE H 1297 106.80 36.39 22.92
N HIS H 1298 107.57 35.87 21.97
CA HIS H 1298 107.98 34.48 22.01
C HIS H 1298 108.88 34.21 23.21
N GLN H 1299 108.91 32.93 23.61
CA GLN H 1299 109.72 32.54 24.76
C GLN H 1299 111.20 32.77 24.50
N HIS H 1300 111.66 32.46 23.29
CA HIS H 1300 113.05 32.66 22.91
C HIS H 1300 113.11 33.51 21.65
N PHE H 1301 114.07 34.44 21.62
CA PHE H 1301 114.26 35.30 20.47
C PHE H 1301 115.23 34.65 19.49
N ARG H 1302 115.07 34.99 18.21
CA ARG H 1302 115.96 34.46 17.18
C ARG H 1302 117.37 34.99 17.36
N CYS H 1303 118.34 34.15 17.04
CA CYS H 1303 119.74 34.53 17.16
C CYS H 1303 120.08 35.65 16.19
N THR H 1304 120.89 36.61 16.66
CA THR H 1304 121.30 37.77 15.88
C THR H 1304 120.11 38.54 15.32
N ASP H 1419 99.34 43.88 -7.70
CA ASP H 1419 100.44 44.35 -6.88
C ASP H 1419 100.01 44.48 -5.42
N ASN H 1420 100.97 44.73 -4.54
CA ASN H 1420 100.71 44.83 -3.10
C ASN H 1420 100.04 43.56 -2.58
N ARG H 1421 100.53 42.42 -3.04
CA ARG H 1421 100.00 41.11 -2.65
C ARG H 1421 101.03 40.38 -1.82
N ASP H 1422 100.56 39.76 -0.74
CA ASP H 1422 101.46 39.09 0.19
C ASP H 1422 102.08 37.85 -0.45
N ASP H 1423 103.36 37.65 -0.20
CA ASP H 1423 104.04 36.44 -0.62
C ASP H 1423 103.58 35.28 0.27
N PRO H 1424 103.01 34.21 -0.29
CA PRO H 1424 102.48 33.14 0.57
C PRO H 1424 103.50 32.52 1.51
N GLU H 1425 104.74 32.38 1.07
CA GLU H 1425 105.75 31.78 1.94
C GLU H 1425 106.23 32.77 3.01
N ILE H 1426 106.33 34.05 2.66
CA ILE H 1426 106.76 35.04 3.65
C ILE H 1426 105.68 35.26 4.70
N ILE H 1427 104.42 35.39 4.26
CA ILE H 1427 103.34 35.72 5.19
C ILE H 1427 103.08 34.61 6.20
N LEU H 1428 103.38 33.36 5.84
CA LEU H 1428 103.15 32.24 6.75
C LEU H 1428 104.33 31.97 7.67
N ASN H 1429 105.47 32.64 7.47
CA ASN H 1429 106.63 32.47 8.31
C ASN H 1429 107.02 33.72 9.07
N THR H 1430 106.34 34.84 8.84
CA THR H 1430 106.69 36.09 9.50
C THR H 1430 106.19 36.09 10.94
N THR H 1431 106.90 36.83 11.79
CA THR H 1431 106.52 37.03 13.17
C THR H 1431 106.20 38.48 13.48
N THR H 1432 106.02 39.32 12.46
CA THR H 1432 105.73 40.73 12.63
C THR H 1432 104.23 40.96 12.52
N TYR H 1433 103.68 41.71 13.46
CA TYR H 1433 102.25 42.00 13.51
C TYR H 1433 102.03 43.50 13.53
N TYR H 1434 100.91 43.92 12.96
CA TYR H 1434 100.67 45.33 12.69
C TYR H 1434 99.27 45.73 13.16
N TYR H 1435 99.18 46.96 13.64
CA TYR H 1435 97.88 47.61 13.87
C TYR H 1435 98.12 49.11 13.82
N SER H 1436 97.08 49.84 13.44
CA SER H 1436 97.17 51.27 13.24
C SER H 1436 96.01 51.97 13.93
N VAL H 1437 96.24 53.23 14.26
CA VAL H 1437 95.24 54.09 14.90
C VAL H 1437 95.04 55.31 14.01
N ARG H 1438 93.78 55.57 13.65
CA ARG H 1438 93.44 56.70 12.80
C ARG H 1438 92.93 57.83 13.69
N VAL H 1439 93.68 58.93 13.72
CA VAL H 1439 93.26 60.14 14.43
C VAL H 1439 92.46 60.99 13.46
N PHE H 1440 91.16 61.07 13.67
CA PHE H 1440 90.28 61.75 12.74
C PHE H 1440 90.59 63.24 12.68
N ALA H 1441 90.30 63.85 11.53
CA ALA H 1441 90.45 65.29 11.38
C ALA H 1441 89.56 66.01 12.38
N GLY H 1442 90.13 67.01 13.07
CA GLY H 1442 89.48 67.69 14.17
C GLY H 1442 90.06 67.35 15.52
N GLN H 1443 90.54 66.11 15.69
CA GLN H 1443 91.24 65.72 16.89
C GLN H 1443 92.71 66.12 16.77
N GLU H 1444 93.19 66.90 17.73
CA GLU H 1444 94.57 67.39 17.66
C GLU H 1444 95.55 66.24 17.86
N PRO H 1445 96.48 66.04 16.93
CA PRO H 1445 97.51 65.00 17.14
C PRO H 1445 98.36 65.23 18.37
N SER H 1446 98.52 66.48 18.80
CA SER H 1446 99.32 66.77 19.98
C SER H 1446 98.70 66.23 21.26
N CYS H 1447 97.44 65.82 21.23
CA CYS H 1447 96.75 65.28 22.40
C CYS H 1447 96.50 63.78 22.26
N VAL H 1448 97.28 63.10 21.41
CA VAL H 1448 97.12 61.68 21.15
C VAL H 1448 98.45 60.98 21.36
N TRP H 1449 98.43 59.90 22.12
CA TRP H 1449 99.58 59.02 22.29
C TRP H 1449 99.17 57.61 21.88
N VAL H 1450 99.97 57.00 21.00
CA VAL H 1450 99.66 55.69 20.43
C VAL H 1450 100.82 54.76 20.70
N GLY H 1451 100.51 53.54 21.16
CA GLY H 1451 101.55 52.55 21.40
C GLY H 1451 101.05 51.32 22.12
N TRP H 1452 101.81 50.86 23.10
CA TRP H 1452 101.49 49.65 23.84
C TRP H 1452 101.68 49.89 25.33
N VAL H 1453 100.96 49.13 26.15
CA VAL H 1453 101.11 49.16 27.59
C VAL H 1453 101.22 47.74 28.11
N THR H 1454 102.09 47.56 29.10
CA THR H 1454 102.18 46.29 29.80
C THR H 1454 101.01 46.13 30.76
N PRO H 1455 100.70 44.90 31.17
CA PRO H 1455 99.52 44.70 32.03
C PRO H 1455 99.65 45.35 33.41
N ASP H 1456 100.77 45.97 33.75
CA ASP H 1456 100.95 46.61 35.05
C ASP H 1456 101.00 48.13 34.92
N TYR H 1457 100.19 48.69 34.02
CA TYR H 1457 100.08 50.13 33.88
C TYR H 1457 98.88 50.61 34.69
N HIS H 1458 99.13 51.48 35.67
CA HIS H 1458 98.09 52.02 36.53
C HIS H 1458 98.30 53.50 36.77
N GLN H 1459 98.68 54.24 35.72
CA GLN H 1459 99.02 55.65 35.84
C GLN H 1459 97.90 56.48 35.23
N HIS H 1460 97.00 56.95 36.09
CA HIS H 1460 95.84 57.76 35.66
C HIS H 1460 96.14 59.25 35.84
N ASP H 1461 97.05 59.75 35.00
CA ASP H 1461 97.52 61.12 35.10
C ASP H 1461 96.72 62.02 34.18
N MET H 1462 96.12 63.07 34.75
CA MET H 1462 95.33 64.02 33.96
C MET H 1462 96.20 64.99 33.18
N ASN H 1463 97.51 65.00 33.41
CA ASN H 1463 98.43 65.83 32.65
C ASN H 1463 99.49 64.97 32.01
N PHE H 1464 99.07 63.89 31.38
CA PHE H 1464 100.00 62.88 30.88
C PHE H 1464 100.84 63.40 29.72
N ASP H 1465 102.12 63.04 29.75
CA ASP H 1465 103.00 63.17 28.60
C ASP H 1465 104.07 62.09 28.71
N LEU H 1466 104.92 61.99 27.68
CA LEU H 1466 105.90 60.92 27.64
C LEU H 1466 106.93 61.01 28.76
N SER H 1467 107.05 62.16 29.43
CA SER H 1467 107.97 62.27 30.55
C SER H 1467 107.44 61.62 31.82
N LYS H 1468 106.13 61.38 31.92
CA LYS H 1468 105.56 60.71 33.08
C LYS H 1468 105.67 59.19 33.01
N VAL H 1469 106.10 58.65 31.88
CA VAL H 1469 106.16 57.20 31.72
C VAL H 1469 107.20 56.62 32.66
N ARG H 1470 106.82 55.58 33.40
CA ARG H 1470 107.76 54.91 34.29
C ARG H 1470 108.87 54.27 33.49
N ALA H 1471 110.11 54.45 33.96
CA ALA H 1471 111.27 53.88 33.30
C ALA H 1471 112.32 53.56 34.35
N VAL H 1472 113.13 52.54 34.05
CA VAL H 1472 114.24 52.15 34.92
C VAL H 1472 115.19 51.28 34.10
N THR H 1473 116.48 51.46 34.34
CA THR H 1473 117.52 50.69 33.67
C THR H 1473 118.21 49.81 34.70
N VAL H 1474 118.24 48.51 34.44
CA VAL H 1474 118.94 47.55 35.28
C VAL H 1474 120.26 47.21 34.62
N THR H 1475 121.36 47.53 35.28
CA THR H 1475 122.70 47.36 34.73
C THR H 1475 123.46 46.32 35.54
N MET H 1476 124.01 45.34 34.84
CA MET H 1476 124.82 44.29 35.44
C MET H 1476 126.26 44.40 34.93
N GLY H 1477 127.20 44.00 35.78
CA GLY H 1477 128.61 44.06 35.43
C GLY H 1477 129.39 42.98 36.14
N ASP H 1478 130.68 42.91 35.83
CA ASP H 1478 131.57 41.95 36.45
C ASP H 1478 132.12 42.54 37.75
N GLU H 1479 133.16 41.91 38.31
CA GLU H 1479 133.70 42.33 39.59
C GLU H 1479 134.19 43.77 39.56
N GLN H 1480 134.65 44.25 38.40
CA GLN H 1480 135.17 45.62 38.26
C GLN H 1480 134.48 46.30 37.07
N GLY H 1481 133.33 46.91 37.34
CA GLY H 1481 132.62 47.66 36.30
C GLY H 1481 132.27 46.76 35.13
N ASN H 1482 132.69 47.17 33.93
CA ASN H 1482 132.59 46.37 32.72
C ASN H 1482 131.16 45.88 32.50
N VAL H 1483 130.27 46.84 32.27
CA VAL H 1483 128.85 46.57 32.03
C VAL H 1483 128.71 45.58 30.89
N HIS H 1484 128.12 44.42 31.18
CA HIS H 1484 127.85 43.42 30.17
C HIS H 1484 126.36 43.23 29.89
N SER H 1485 125.49 43.93 30.62
CA SER H 1485 124.06 43.84 30.40
C SER H 1485 123.36 45.06 30.96
N SER H 1486 122.59 45.75 30.11
CA SER H 1486 121.88 46.98 30.49
C SER H 1486 120.48 46.91 29.89
N LEU H 1487 119.54 46.40 30.66
CA LEU H 1487 118.17 46.27 30.21
C LEU H 1487 117.36 47.50 30.61
N LYS H 1488 116.38 47.85 29.79
CA LYS H 1488 115.52 49.00 30.00
C LYS H 1488 114.10 48.52 30.20
N CYS H 1489 113.45 48.99 31.26
CA CYS H 1489 112.13 48.52 31.65
C CYS H 1489 111.15 49.67 31.68
N SER H 1490 109.94 49.42 31.19
CA SER H 1490 108.88 50.42 31.21
C SER H 1490 107.54 49.69 31.09
N ASN H 1491 106.48 50.40 31.47
CA ASN H 1491 105.13 49.88 31.37
C ASN H 1491 104.33 50.54 30.25
N CYS H 1492 104.94 51.47 29.52
CA CYS H 1492 104.23 52.19 28.47
C CYS H 1492 105.21 52.49 27.34
N TYR H 1493 104.97 51.90 26.18
CA TYR H 1493 105.78 52.11 24.99
C TYR H 1493 104.90 52.81 23.96
N MET H 1494 104.99 54.13 23.88
CA MET H 1494 104.11 54.92 23.04
C MET H 1494 104.90 55.98 22.31
N VAL H 1495 104.26 56.54 21.29
CA VAL H 1495 104.78 57.68 20.55
C VAL H 1495 103.79 58.83 20.67
N TRP H 1496 104.31 60.05 20.52
CA TRP H 1496 103.48 61.23 20.63
C TRP H 1496 102.99 61.64 19.24
N GLY H 1497 101.69 61.92 19.14
CA GLY H 1497 101.14 62.35 17.87
C GLY H 1497 101.67 63.70 17.43
N GLY H 1498 102.20 64.49 18.37
CA GLY H 1498 102.77 65.78 18.05
C GLY H 1498 104.12 65.72 17.35
N ASP H 1499 104.72 64.54 17.27
CA ASP H 1499 105.98 64.38 16.57
C ASP H 1499 105.80 64.09 15.08
N PHE H 1500 104.57 63.95 14.61
CA PHE H 1500 104.27 63.56 13.23
C PHE H 1500 103.52 64.66 12.50
N VAL H 1501 103.68 65.90 12.94
CA VAL H 1501 103.01 67.04 12.32
C VAL H 1501 104.04 68.09 11.97
N SER H 1502 104.06 68.51 10.70
CA SER H 1502 104.98 69.55 10.28
C SER H 1502 104.58 70.89 10.89
N PRO H 1503 105.55 71.74 11.26
CA PRO H 1503 105.27 73.08 11.79
C PRO H 1503 104.74 74.04 10.73
N GLY H 1504 103.64 73.65 10.09
CA GLY H 1504 103.01 74.55 9.13
C GLY H 1504 102.53 75.81 9.81
N GLN H 1505 102.38 76.88 9.01
CA GLN H 1505 102.00 78.17 9.57
C GLN H 1505 100.73 78.06 10.39
N GLN H 1506 99.70 77.43 9.85
CA GLN H 1506 98.53 76.99 10.61
C GLN H 1506 97.76 76.02 9.73
N GLY H 1507 96.52 75.72 10.15
CA GLY H 1507 95.77 74.65 9.54
C GLY H 1507 96.16 73.33 10.17
N ARG H 1508 96.45 73.37 11.48
CA ARG H 1508 96.93 72.19 12.18
C ARG H 1508 95.88 71.09 12.20
N ILE H 1509 94.59 71.44 12.17
CA ILE H 1509 93.55 70.46 11.95
C ILE H 1509 93.59 70.10 10.48
N SER H 1510 94.23 68.97 10.17
CA SER H 1510 94.55 68.65 8.79
C SER H 1510 93.33 68.09 8.06
N HIS H 1511 93.39 68.20 6.73
CA HIS H 1511 92.41 67.52 5.89
C HIS H 1511 92.54 66.01 6.01
N THR H 1512 93.77 65.51 6.15
CA THR H 1512 94.03 64.09 6.20
C THR H 1512 94.16 63.63 7.64
N ASP H 1513 93.48 62.53 7.96
CA ASP H 1513 93.59 61.93 9.28
C ASP H 1513 94.98 61.34 9.47
N LEU H 1514 95.49 61.45 10.69
CA LEU H 1514 96.78 60.86 11.03
C LEU H 1514 96.60 59.38 11.35
N VAL H 1515 97.32 58.54 10.61
CA VAL H 1515 97.21 57.08 10.76
C VAL H 1515 98.54 56.57 11.27
N ILE H 1516 98.68 56.46 12.58
CA ILE H 1516 99.91 55.97 13.20
C ILE H 1516 99.86 54.46 13.25
N GLY H 1517 100.84 53.82 12.63
CA GLY H 1517 100.93 52.36 12.59
C GLY H 1517 101.97 51.86 13.57
N CYS H 1518 101.72 50.68 14.13
CA CYS H 1518 102.61 50.07 15.11
C CYS H 1518 102.99 48.68 14.63
N LEU H 1519 104.28 48.37 14.65
CA LEU H 1519 104.80 47.08 14.24
C LEU H 1519 105.52 46.44 15.40
N VAL H 1520 105.19 45.18 15.69
CA VAL H 1520 105.86 44.41 16.73
C VAL H 1520 106.33 43.08 16.13
N ASP H 1521 107.59 42.74 16.38
CA ASP H 1521 108.16 41.47 15.96
C ASP H 1521 108.31 40.59 17.19
N LEU H 1522 107.44 39.59 17.32
CA LEU H 1522 107.42 38.76 18.52
C LEU H 1522 108.63 37.85 18.63
N ALA H 1523 109.38 37.64 17.55
CA ALA H 1523 110.55 36.79 17.57
C ALA H 1523 111.84 37.54 17.86
N THR H 1524 111.80 38.87 17.91
CA THR H 1524 112.98 39.66 18.21
C THR H 1524 112.77 40.70 19.30
N GLY H 1525 111.52 40.99 19.66
CA GLY H 1525 111.26 42.00 20.68
C GLY H 1525 111.48 43.42 20.22
N LEU H 1526 111.46 43.66 18.92
CA LEU H 1526 111.67 44.99 18.36
C LEU H 1526 110.34 45.62 17.98
N MET H 1527 110.15 46.88 18.34
CA MET H 1527 108.91 47.60 18.09
C MET H 1527 109.22 48.86 17.31
N THR H 1528 108.46 49.09 16.22
CA THR H 1528 108.67 50.24 15.36
C THR H 1528 107.32 50.90 15.08
N PHE H 1529 107.38 52.15 14.62
CA PHE H 1529 106.18 52.93 14.37
C PHE H 1529 106.30 53.63 13.03
N THR H 1530 105.14 53.91 12.43
CA THR H 1530 105.05 54.63 11.17
C THR H 1530 104.09 55.81 11.32
N ALA H 1531 104.48 56.95 10.76
CA ALA H 1531 103.67 58.16 10.90
C ALA H 1531 102.51 58.19 9.91
N ASN H 1532 102.83 58.23 8.62
CA ASN H 1532 101.84 58.15 7.55
C ASN H 1532 102.37 57.25 6.45
N GLY H 1533 102.94 56.11 6.84
CA GLY H 1533 103.69 55.27 5.94
C GLY H 1533 105.17 55.54 5.93
N LYS H 1534 105.64 56.56 6.64
CA LYS H 1534 107.06 56.85 6.77
C LYS H 1534 107.54 56.33 8.12
N GLU H 1535 108.63 55.57 8.11
CA GLU H 1535 109.15 54.98 9.33
C GLU H 1535 109.62 56.06 10.30
N SER H 1536 109.24 55.93 11.56
CA SER H 1536 109.64 56.88 12.58
C SER H 1536 110.98 56.47 13.19
N ASN H 1537 111.66 57.44 13.79
CA ASN H 1537 112.96 57.19 14.39
C ASN H 1537 112.86 56.45 15.71
N THR H 1538 111.76 56.63 16.44
CA THR H 1538 111.61 55.99 17.74
C THR H 1538 111.37 54.49 17.60
N PHE H 1539 111.94 53.73 18.53
CA PHE H 1539 111.77 52.29 18.56
C PHE H 1539 111.99 51.82 19.99
N PHE H 1540 111.51 50.61 20.27
CA PHE H 1540 111.65 50.01 21.59
C PHE H 1540 112.09 48.56 21.48
N GLN H 1541 112.77 48.09 22.52
CA GLN H 1541 113.21 46.71 22.62
C GLN H 1541 112.69 46.13 23.93
N VAL H 1542 112.09 44.95 23.88
CA VAL H 1542 111.51 44.31 25.04
C VAL H 1542 112.05 42.90 25.17
N GLU H 1543 111.93 42.35 26.38
CA GLU H 1543 112.39 41.02 26.75
C GLU H 1543 111.36 39.98 26.34
N PRO H 1544 111.77 38.71 26.21
CA PRO H 1544 110.81 37.67 25.86
C PRO H 1544 109.75 37.47 26.93
N ASN H 1545 108.61 36.92 26.51
CA ASN H 1545 107.43 36.66 27.33
C ASN H 1545 106.72 37.94 27.75
N THR H 1546 107.07 39.08 27.16
CA THR H 1546 106.40 40.33 27.50
C THR H 1546 105.00 40.38 26.90
N LYS H 1547 104.04 40.83 27.69
CA LYS H 1547 102.68 41.04 27.23
C LYS H 1547 102.45 42.52 26.99
N LEU H 1548 101.94 42.86 25.81
CA LEU H 1548 101.67 44.24 25.45
C LEU H 1548 100.23 44.38 24.98
N PHE H 1549 99.53 45.36 25.51
CA PHE H 1549 98.17 45.68 25.11
C PHE H 1549 98.19 46.88 24.17
N PRO H 1550 97.56 46.79 23.00
CA PRO H 1550 97.44 47.98 22.15
C PRO H 1550 96.63 49.05 22.87
N ALA H 1551 97.24 50.23 23.02
CA ALA H 1551 96.64 51.25 23.85
C ALA H 1551 96.81 52.62 23.20
N VAL H 1552 95.83 53.48 23.42
CA VAL H 1552 95.85 54.86 22.94
C VAL H 1552 95.44 55.77 24.10
N PHE H 1553 96.28 56.77 24.38
CA PHE H 1553 95.96 57.80 25.37
C PHE H 1553 95.65 59.08 24.62
N VAL H 1554 94.44 59.60 24.82
CA VAL H 1554 93.96 60.73 24.02
C VAL H 1554 93.17 61.69 24.91
N LEU H 1555 93.33 62.98 24.64
CA LEU H 1555 92.48 64.01 25.22
C LEU H 1555 91.51 64.46 24.13
N PRO H 1556 90.23 64.15 24.22
CA PRO H 1556 89.32 64.44 23.11
C PRO H 1556 89.22 65.93 22.81
N THR H 1557 89.17 66.24 21.51
CA THR H 1557 88.98 67.61 21.03
C THR H 1557 88.01 67.67 19.88
N HIS H 1558 87.24 66.61 19.64
CA HIS H 1558 86.33 66.53 18.51
C HIS H 1558 85.34 65.41 18.80
N GLN H 1559 84.24 65.40 18.02
CA GLN H 1559 83.25 64.34 18.17
C GLN H 1559 83.86 62.98 17.82
N ASN H 1560 84.61 62.92 16.73
CA ASN H 1560 85.34 61.72 16.34
C ASN H 1560 86.76 61.83 16.88
N VAL H 1561 87.15 60.87 17.71
CA VAL H 1561 88.40 60.99 18.45
C VAL H 1561 89.49 60.14 17.82
N ILE H 1562 89.32 58.82 17.84
CA ILE H 1562 90.31 57.87 17.34
C ILE H 1562 89.58 56.69 16.71
N GLN H 1563 90.36 55.74 16.20
CA GLN H 1563 89.80 54.53 15.60
C GLN H 1563 90.89 53.48 15.56
N PHE H 1564 90.74 52.42 16.35
CA PHE H 1564 91.64 51.29 16.26
C PHE H 1564 91.42 50.56 14.94
N GLU H 1565 92.45 50.50 14.11
CA GLU H 1565 92.38 49.84 12.81
C GLU H 1565 93.14 48.53 12.91
N LEU H 1566 92.40 47.41 12.95
CA LEU H 1566 93.00 46.09 13.10
C LEU H 1566 93.28 45.48 11.72
N GLY H 1567 94.07 46.19 10.94
CA GLY H 1567 94.40 45.80 9.59
C GLY H 1567 95.72 45.08 9.50
N LYS H 1568 96.31 45.15 8.31
CA LYS H 1568 97.59 44.49 8.04
C LYS H 1568 98.32 45.26 6.96
N GLN H 1569 99.62 44.99 6.85
CA GLN H 1569 100.46 45.54 5.81
C GLN H 1569 100.90 44.42 4.88
N LYS H 1570 101.76 44.74 3.92
CA LYS H 1570 102.27 43.73 3.00
C LYS H 1570 103.22 42.81 3.75
N ASN H 1571 102.94 41.49 3.68
CA ASN H 1571 103.74 40.47 4.33
C ASN H 1571 103.81 40.67 5.84
N ILE H 1572 102.75 41.21 6.44
CA ILE H 1572 102.67 41.40 7.88
C ILE H 1572 101.29 40.95 8.35
N MET H 1573 101.26 40.11 9.37
CA MET H 1573 100.01 39.57 9.88
C MET H 1573 99.28 40.61 10.73
N PRO H 1574 97.95 40.51 10.81
CA PRO H 1574 97.19 41.40 11.68
C PRO H 1574 97.29 40.99 13.15
N LEU H 1575 96.68 41.80 14.00
CA LEU H 1575 96.72 41.53 15.43
C LEU H 1575 95.94 40.27 15.78
N SER H 1576 94.85 40.00 15.07
CA SER H 1576 94.05 38.82 15.36
C SER H 1576 94.85 37.54 15.18
N ALA H 1577 95.90 37.58 14.36
CA ALA H 1577 96.77 36.43 14.21
C ALA H 1577 97.65 36.19 15.44
N ALA H 1578 97.92 37.23 16.22
CA ALA H 1578 98.76 37.10 17.40
C ALA H 1578 97.98 36.93 18.69
N MET H 1579 96.75 37.45 18.75
CA MET H 1579 95.95 37.37 19.98
C MET H 1579 95.26 36.03 20.16
N PHE H 1580 95.06 35.28 19.07
CA PHE H 1580 94.29 34.04 19.12
C PHE H 1580 95.12 32.90 18.55
N LEU H 1581 95.14 31.77 19.27
CA LEU H 1581 95.91 30.62 18.81
C LEU H 1581 95.35 30.05 17.51
N SER H 1582 94.02 29.99 17.40
CA SER H 1582 93.40 29.40 16.22
C SER H 1582 93.59 30.23 14.96
N GLU H 1583 94.07 31.47 15.08
CA GLU H 1583 94.22 32.36 13.94
C GLU H 1583 95.69 32.67 13.63
N ARG H 1584 96.61 31.85 14.13
CA ARG H 1584 98.03 32.12 13.95
C ARG H 1584 98.41 32.15 12.48
N LYS H 1585 97.80 31.30 11.65
CA LYS H 1585 98.11 31.23 10.23
C LYS H 1585 97.01 31.85 9.37
N ASN H 1586 96.14 32.68 9.95
CA ASN H 1586 95.07 33.30 9.20
C ASN H 1586 95.44 34.75 8.93
N PRO H 1587 95.77 35.14 7.69
CA PRO H 1587 96.13 36.53 7.41
C PRO H 1587 94.94 37.46 7.29
N ALA H 1588 93.71 36.95 7.28
CA ALA H 1588 92.54 37.81 7.16
C ALA H 1588 92.29 38.53 8.48
N PRO H 1589 92.24 39.87 8.48
CA PRO H 1589 91.98 40.58 9.73
C PRO H 1589 90.63 40.22 10.33
N GLN H 1590 90.59 40.11 11.65
CA GLN H 1590 89.36 39.76 12.35
C GLN H 1590 89.23 40.63 13.60
N CYS H 1591 87.98 40.83 14.02
CA CYS H 1591 87.68 41.54 15.26
C CYS H 1591 86.68 40.71 16.06
N PRO H 1592 87.15 39.66 16.73
CA PRO H 1592 86.24 38.79 17.49
C PRO H 1592 85.60 39.54 18.64
N PRO H 1593 84.44 39.07 19.13
CA PRO H 1593 83.73 39.81 20.18
C PRO H 1593 84.52 39.99 21.46
N ARG H 1594 85.44 39.09 21.78
CA ARG H 1594 86.22 39.23 23.01
C ARG H 1594 87.12 40.46 22.96
N LEU H 1595 87.53 40.86 21.76
CA LEU H 1595 88.39 42.03 21.60
C LEU H 1595 87.53 43.29 21.67
N GLU H 1596 87.76 44.11 22.70
CA GLU H 1596 86.97 45.31 22.91
C GLU H 1596 87.83 46.38 23.53
N VAL H 1597 87.35 47.61 23.47
CA VAL H 1597 88.08 48.76 24.00
C VAL H 1597 87.80 48.88 25.50
N GLN H 1598 88.87 48.99 26.28
CA GLN H 1598 88.77 49.14 27.72
C GLN H 1598 89.36 50.49 28.13
N MET H 1599 88.74 51.11 29.13
CA MET H 1599 89.16 52.39 29.65
C MET H 1599 89.65 52.26 31.09
N LEU H 1600 90.55 53.16 31.47
CA LEU H 1600 91.19 53.12 32.78
C LEU H 1600 90.27 53.78 33.80
N MET H 1601 89.82 53.01 34.79
CA MET H 1601 88.94 53.48 35.85
C MET H 1601 89.75 53.76 37.11
N PRO H 1602 89.75 55.00 37.60
CA PRO H 1602 90.63 55.34 38.74
C PRO H 1602 90.34 54.57 40.01
N VAL H 1603 89.08 54.25 40.30
CA VAL H 1603 88.71 53.64 41.57
C VAL H 1603 87.87 52.40 41.30
N SER H 1604 88.09 51.36 42.12
CA SER H 1604 87.34 50.13 42.03
C SER H 1604 87.12 49.57 43.43
N TRP H 1605 86.10 48.72 43.55
CA TRP H 1605 85.81 48.07 44.82
C TRP H 1605 86.77 46.92 45.06
N SER H 1606 87.25 46.81 46.30
CA SER H 1606 88.13 45.71 46.69
C SER H 1606 87.67 45.17 48.03
N ARG H 1607 87.82 43.86 48.22
CA ARG H 1607 87.38 43.21 49.43
C ARG H 1607 88.48 43.27 50.50
N MET H 1608 88.12 43.72 51.68
CA MET H 1608 89.07 43.76 52.79
C MET H 1608 89.31 42.35 53.31
N PRO H 1609 90.57 41.94 53.50
CA PRO H 1609 90.83 40.62 54.08
C PRO H 1609 90.28 40.51 55.49
N ASN H 1610 89.86 39.30 55.85
CA ASN H 1610 89.32 39.06 57.17
C ASN H 1610 90.39 39.14 58.26
N HIS H 1611 91.64 38.82 57.92
CA HIS H 1611 92.73 38.87 58.86
C HIS H 1611 93.93 39.54 58.22
N PHE H 1612 94.76 40.18 59.05
CA PHE H 1612 95.92 40.92 58.58
C PHE H 1612 97.15 40.46 59.35
N LEU H 1613 98.31 40.55 58.69
CA LEU H 1613 99.56 40.14 59.31
C LEU H 1613 99.84 40.98 60.54
N GLN H 1614 100.21 40.31 61.63
CA GLN H 1614 100.56 40.97 62.88
C GLN H 1614 102.04 41.31 62.85
N VAL H 1615 102.34 42.59 62.66
CA VAL H 1615 103.71 43.07 62.55
C VAL H 1615 104.04 43.86 63.81
N GLU H 1616 105.15 43.49 64.46
CA GLU H 1616 105.60 44.14 65.68
C GLU H 1616 106.84 44.97 65.34
N THR H 1617 106.74 46.28 65.56
CA THR H 1617 107.84 47.20 65.31
C THR H 1617 108.22 47.88 66.61
N ARG H 1618 109.52 47.90 66.91
CA ARG H 1618 110.00 48.49 68.15
C ARG H 1618 111.46 48.89 67.95
N ARG H 1619 111.92 49.80 68.80
CA ARG H 1619 113.32 50.22 68.80
C ARG H 1619 114.10 49.31 69.73
N ALA H 1620 114.91 48.42 69.14
CA ALA H 1620 115.63 47.44 69.95
C ALA H 1620 116.73 48.06 70.79
N GLY H 1621 117.18 49.26 70.46
CA GLY H 1621 118.21 49.92 71.23
C GLY H 1621 118.95 50.93 70.37
N GLU H 1622 119.91 51.59 71.01
CA GLU H 1622 120.71 52.60 70.31
C GLU H 1622 121.56 51.96 69.22
N ARG H 1623 122.15 50.80 69.50
CA ARG H 1623 123.03 50.14 68.54
C ARG H 1623 122.33 49.09 67.69
N LEU H 1624 121.24 48.51 68.19
CA LEU H 1624 120.53 47.48 67.45
C LEU H 1624 119.55 48.05 66.43
N GLY H 1625 119.08 49.27 66.61
CA GLY H 1625 118.19 49.90 65.66
C GLY H 1625 116.73 49.55 65.86
N TRP H 1626 115.95 49.58 64.78
CA TRP H 1626 114.52 49.33 64.83
C TRP H 1626 114.23 47.95 64.25
N ALA H 1627 113.51 47.13 65.01
CA ALA H 1627 113.30 45.74 64.67
C ALA H 1627 111.90 45.54 64.10
N VAL H 1628 111.80 44.73 63.04
CA VAL H 1628 110.53 44.33 62.46
C VAL H 1628 110.37 42.83 62.65
N GLN H 1629 109.16 42.42 63.04
CA GLN H 1629 108.93 41.02 63.36
C GLN H 1629 107.53 40.62 62.92
N CYS H 1630 107.42 39.46 62.28
CA CYS H 1630 106.14 38.89 61.86
C CYS H 1630 106.27 37.38 61.87
N GLN H 1631 105.42 36.71 62.64
CA GLN H 1631 105.58 35.27 62.86
C GLN H 1631 104.37 34.45 62.44
N ASP H 1632 103.16 34.92 62.69
CA ASP H 1632 101.98 34.11 62.41
C ASP H 1632 101.71 34.07 60.91
N PRO H 1633 101.67 32.90 60.29
CA PRO H 1633 101.44 32.83 58.85
C PRO H 1633 100.00 33.18 58.47
N LEU H 1634 99.85 33.73 57.27
CA LEU H 1634 98.55 34.00 56.69
C LEU H 1634 98.58 33.64 55.22
N THR H 1635 97.54 32.96 54.75
CA THR H 1635 97.45 32.50 53.38
C THR H 1635 96.06 32.79 52.83
N MET H 1636 96.01 33.20 51.57
CA MET H 1636 94.74 33.41 50.88
C MET H 1636 94.74 32.63 49.58
N MET H 1637 93.53 32.28 49.13
CA MET H 1637 93.35 31.56 47.88
C MET H 1637 93.16 32.59 46.77
N ALA H 1638 94.14 32.70 45.88
CA ALA H 1638 94.14 33.73 44.85
C ALA H 1638 93.57 33.20 43.55
N LEU H 1639 92.71 34.00 42.93
CA LEU H 1639 92.17 33.72 41.61
C LEU H 1639 92.92 34.58 40.60
N HIS H 1640 93.60 33.93 39.67
CA HIS H 1640 94.49 34.60 38.73
C HIS H 1640 93.83 34.67 37.35
N ILE H 1641 93.81 35.87 36.77
CA ILE H 1641 93.33 36.06 35.40
C ILE H 1641 94.55 36.03 34.48
N PRO H 1642 94.66 35.04 33.59
CA PRO H 1642 95.90 34.87 32.83
C PRO H 1642 96.25 36.02 31.90
N GLU H 1643 95.28 36.47 31.09
CA GLU H 1643 95.58 37.48 30.09
C GLU H 1643 95.90 38.83 30.69
N GLU H 1644 95.37 39.15 31.87
CA GLU H 1644 95.64 40.42 32.52
C GLU H 1644 96.83 40.35 33.47
N ASN H 1645 97.35 39.17 33.74
CA ASN H 1645 98.52 38.97 34.61
C ASN H 1645 98.29 39.62 35.97
N ARG H 1646 97.09 39.43 36.51
CA ARG H 1646 96.74 39.93 37.83
C ARG H 1646 95.88 38.91 38.52
N CYS H 1647 95.86 38.98 39.85
CA CYS H 1647 95.11 38.03 40.66
C CYS H 1647 94.28 38.78 41.70
N MET H 1648 93.19 38.15 42.11
CA MET H 1648 92.32 38.67 43.14
C MET H 1648 91.99 37.55 44.13
N ASP H 1649 91.58 37.94 45.33
CA ASP H 1649 91.12 36.96 46.30
C ASP H 1649 89.89 36.26 45.75
N ILE H 1650 89.87 34.93 45.90
CA ILE H 1650 88.73 34.15 45.40
C ILE H 1650 87.46 34.49 46.15
N LEU H 1651 87.58 35.05 47.35
CA LEU H 1651 86.41 35.47 48.11
C LEU H 1651 85.71 36.67 47.49
N GLU H 1652 86.38 37.38 46.58
CA GLU H 1652 85.75 38.49 45.88
C GLU H 1652 84.69 38.03 44.89
N LEU H 1653 84.62 36.73 44.60
CA LEU H 1653 83.62 36.22 43.67
C LEU H 1653 82.22 36.25 44.25
N SER H 1654 82.07 36.53 45.55
CA SER H 1654 80.74 36.69 46.13
C SER H 1654 80.01 37.89 45.57
N GLU H 1655 80.72 38.90 45.07
CA GLU H 1655 80.10 40.05 44.42
C GLU H 1655 80.33 40.08 42.92
N ARG H 1656 81.38 39.46 42.41
CA ARG H 1656 81.63 39.37 40.98
C ARG H 1656 80.94 38.12 40.46
N LEU H 1657 79.65 38.27 40.14
CA LEU H 1657 78.83 37.12 39.80
C LEU H 1657 79.18 36.55 38.43
N ASP H 1658 79.67 37.38 37.51
CA ASP H 1658 80.04 36.88 36.19
C ASP H 1658 81.20 35.91 36.28
N LEU H 1659 82.20 36.22 37.10
CA LEU H 1659 83.32 35.30 37.28
C LEU H 1659 82.93 34.11 38.17
N GLN H 1660 82.02 34.32 39.12
CA GLN H 1660 81.59 33.23 39.98
C GLN H 1660 80.90 32.13 39.18
N ARG H 1661 80.02 32.52 38.26
CA ARG H 1661 79.34 31.51 37.44
C ARG H 1661 80.32 30.78 36.54
N PHE H 1662 81.24 31.52 35.92
CA PHE H 1662 82.21 30.88 35.03
C PHE H 1662 83.13 29.94 35.78
N HIS H 1663 83.59 30.35 36.97
CA HIS H 1663 84.48 29.48 37.73
C HIS H 1663 83.74 28.28 38.30
N SER H 1664 82.48 28.46 38.68
CA SER H 1664 81.69 27.33 39.16
C SER H 1664 81.49 26.31 38.05
N HIS H 1665 81.22 26.77 36.83
CA HIS H 1665 81.12 25.86 35.70
C HIS H 1665 82.47 25.29 35.31
N THR H 1666 83.55 26.01 35.59
CA THR H 1666 84.88 25.46 35.37
C THR H 1666 85.13 24.27 36.29
N LEU H 1667 84.72 24.36 37.54
CA LEU H 1667 84.82 23.23 38.45
C LEU H 1667 83.94 22.08 37.99
N ARG H 1668 82.77 22.38 37.42
CA ARG H 1668 81.93 21.33 36.86
C ARG H 1668 82.62 20.64 35.69
N LEU H 1669 83.34 21.41 34.88
CA LEU H 1669 84.09 20.80 33.77
C LEU H 1669 85.22 19.93 34.29
N TYR H 1670 85.85 20.32 35.39
CA TYR H 1670 86.89 19.48 35.99
C TYR H 1670 86.33 18.13 36.42
N ARG H 1671 85.13 18.13 37.00
CA ARG H 1671 84.50 16.87 37.39
C ARG H 1671 84.10 16.06 36.18
N ALA H 1672 83.69 16.71 35.09
CA ALA H 1672 83.24 15.98 33.91
C ALA H 1672 84.38 15.22 33.25
N VAL H 1673 85.55 15.85 33.12
CA VAL H 1673 86.66 15.21 32.41
C VAL H 1673 87.22 14.02 33.16
N CYS H 1674 87.16 14.03 34.50
CA CYS H 1674 87.63 12.91 35.31
C CYS H 1674 86.50 12.02 35.78
N ALA H 1675 85.30 12.19 35.24
CA ALA H 1675 84.15 11.44 35.71
C ALA H 1675 84.22 9.99 35.26
N LEU H 1676 83.67 9.10 36.11
CA LEU H 1676 83.49 7.69 35.80
C LEU H 1676 84.82 6.99 35.54
N GLY H 1677 85.72 7.08 36.50
CA GLY H 1677 86.92 6.26 36.50
C GLY H 1677 88.05 6.72 35.62
N ASN H 1678 88.02 7.96 35.13
CA ASN H 1678 89.11 8.48 34.32
C ASN H 1678 90.22 8.96 35.26
N ASN H 1679 90.97 7.99 35.79
CA ASN H 1679 91.98 8.29 36.79
C ASN H 1679 93.17 9.04 36.19
N ARG H 1680 93.47 8.81 34.92
CA ARG H 1680 94.59 9.51 34.29
C ARG H 1680 94.36 11.01 34.26
N VAL H 1681 93.14 11.44 33.91
CA VAL H 1681 92.81 12.85 33.95
C VAL H 1681 92.77 13.35 35.39
N ALA H 1682 92.35 12.50 36.33
CA ALA H 1682 92.29 12.91 37.73
C ALA H 1682 93.67 13.28 38.25
N HIS H 1683 94.71 12.54 37.84
CA HIS H 1683 96.07 12.93 38.19
C HIS H 1683 96.43 14.26 37.57
N ALA H 1684 96.01 14.50 36.34
CA ALA H 1684 96.31 15.78 35.69
C ALA H 1684 95.66 16.94 36.42
N LEU H 1685 94.44 16.75 36.92
CA LEU H 1685 93.76 17.81 37.65
C LEU H 1685 94.47 18.18 38.94
N CYS H 1686 95.24 17.26 39.53
CA CYS H 1686 95.99 17.58 40.73
C CYS H 1686 97.06 18.63 40.48
N SER H 1687 97.51 18.78 39.24
CA SER H 1687 98.45 19.85 38.91
C SER H 1687 97.79 21.21 38.85
N HIS H 1688 96.46 21.26 38.66
CA HIS H 1688 95.73 22.51 38.58
C HIS H 1688 95.04 22.87 39.89
N VAL H 1689 94.43 21.90 40.55
CA VAL H 1689 93.82 22.09 41.87
C VAL H 1689 94.52 21.11 42.80
N ASP H 1690 95.55 21.58 43.49
CA ASP H 1690 96.36 20.71 44.32
C ASP H 1690 95.64 20.36 45.61
N GLN H 1691 96.30 19.50 46.40
CA GLN H 1691 95.72 19.03 47.66
C GLN H 1691 95.52 20.17 48.65
N ALA H 1692 96.49 21.09 48.72
CA ALA H 1692 96.39 22.20 49.67
C ALA H 1692 95.19 23.10 49.37
N GLN H 1693 94.95 23.37 48.08
CA GLN H 1693 93.82 24.20 47.71
C GLN H 1693 92.49 23.54 48.09
N LEU H 1694 92.39 22.24 47.83
CA LEU H 1694 91.15 21.53 48.15
C LEU H 1694 90.89 21.53 49.65
N LEU H 1695 91.92 21.22 50.45
CA LEU H 1695 91.74 21.20 51.90
C LEU H 1695 91.43 22.59 52.44
N HIS H 1696 92.06 23.61 51.87
CA HIS H 1696 91.77 24.99 52.29
C HIS H 1696 90.33 25.36 51.95
N ALA H 1697 89.84 24.94 50.78
CA ALA H 1697 88.49 25.30 50.37
C ALA H 1697 87.43 24.66 51.25
N LEU H 1698 87.71 23.48 51.80
CA LEU H 1698 86.72 22.82 52.65
C LEU H 1698 86.44 23.62 53.92
N GLU H 1699 87.48 24.18 54.53
CA GLU H 1699 87.35 24.90 55.78
C GLU H 1699 87.10 26.39 55.60
N ASP H 1700 87.07 26.89 54.36
CA ASP H 1700 86.86 28.31 54.13
C ASP H 1700 85.39 28.65 54.35
N ALA H 1701 85.12 29.45 55.37
CA ALA H 1701 83.74 29.79 55.73
C ALA H 1701 83.18 30.95 54.92
N HIS H 1702 84.01 31.66 54.17
CA HIS H 1702 83.56 32.81 53.38
C HIS H 1702 83.38 32.48 51.90
N LEU H 1703 83.60 31.24 51.50
CA LEU H 1703 83.44 30.88 50.09
C LEU H 1703 81.97 31.00 49.69
N PRO H 1704 81.68 31.45 48.47
CA PRO H 1704 80.30 31.44 47.98
C PRO H 1704 79.79 30.01 47.87
N GLY H 1705 78.47 29.86 47.99
CA GLY H 1705 77.84 28.56 47.98
C GLY H 1705 78.16 27.71 46.78
N PRO H 1706 77.99 28.26 45.57
CA PRO H 1706 78.36 27.47 44.37
C PRO H 1706 79.82 27.04 44.35
N LEU H 1707 80.73 27.89 44.84
CA LEU H 1707 82.13 27.51 44.86
C LEU H 1707 82.41 26.49 45.97
N ARG H 1708 81.79 26.68 47.14
CA ARG H 1708 81.98 25.72 48.22
C ARG H 1708 81.45 24.35 47.83
N ALA H 1709 80.27 24.29 47.23
CA ALA H 1709 79.74 23.01 46.76
C ALA H 1709 80.60 22.44 45.64
N GLY H 1710 81.11 23.29 44.77
CA GLY H 1710 81.93 22.80 43.66
C GLY H 1710 83.23 22.18 44.11
N TYR H 1711 83.91 22.81 45.08
CA TYR H 1711 85.18 22.29 45.55
C TYR H 1711 85.01 21.01 46.37
N TYR H 1712 83.93 20.91 47.15
CA TYR H 1712 83.66 19.65 47.85
C TYR H 1712 83.41 18.52 46.86
N ASP H 1713 82.65 18.78 45.80
CA ASP H 1713 82.41 17.76 44.80
C ASP H 1713 83.65 17.48 43.96
N LEU H 1714 84.49 18.50 43.74
CA LEU H 1714 85.71 18.29 42.99
C LEU H 1714 86.67 17.36 43.73
N LEU H 1715 86.78 17.53 45.06
CA LEU H 1715 87.63 16.65 45.85
C LEU H 1715 87.15 15.21 45.77
N ILE H 1716 85.84 14.99 45.85
CA ILE H 1716 85.29 13.65 45.77
C ILE H 1716 85.54 13.05 44.39
N SER H 1717 85.35 13.83 43.33
CA SER H 1717 85.53 13.33 41.97
C SER H 1717 86.99 12.94 41.71
N ILE H 1718 87.93 13.78 42.15
CA ILE H 1718 89.33 13.51 41.86
C ILE H 1718 89.85 12.32 42.66
N HIS H 1719 89.51 12.26 43.95
CA HIS H 1719 90.17 11.33 44.86
C HIS H 1719 89.29 10.18 45.33
N LEU H 1720 87.99 10.39 45.50
CA LEU H 1720 87.14 9.42 46.17
C LEU H 1720 86.07 8.79 45.29
N GLU H 1721 85.76 9.37 44.14
CA GLU H 1721 84.64 8.88 43.34
C GLU H 1721 84.89 7.46 42.84
N SER H 1722 86.10 7.18 42.34
CA SER H 1722 86.38 5.86 41.79
C SER H 1722 86.39 4.80 42.88
N ALA H 1723 87.00 5.09 44.03
CA ALA H 1723 87.06 4.11 45.11
C ALA H 1723 85.68 3.85 45.69
N CYS H 1724 84.88 4.90 45.87
CA CYS H 1724 83.55 4.73 46.44
C CYS H 1724 82.65 3.92 45.54
N ARG H 1725 82.69 4.18 44.23
CA ARG H 1725 81.83 3.45 43.30
C ARG H 1725 82.20 1.98 43.24
N SER H 1726 83.49 1.67 43.20
CA SER H 1726 83.91 0.28 43.18
C SER H 1726 83.54 -0.43 44.47
N ARG H 1727 83.71 0.24 45.61
CA ARG H 1727 83.34 -0.35 46.89
C ARG H 1727 81.83 -0.56 46.99
N ARG H 1728 81.04 0.39 46.51
CA ARG H 1728 79.59 0.29 46.61
C ARG H 1728 79.06 -0.91 45.82
N SER H 1729 79.69 -1.24 44.70
CA SER H 1729 79.26 -2.41 43.93
C SER H 1729 79.47 -3.71 44.72
N MET H 1730 80.54 -3.78 45.50
CA MET H 1730 80.84 -4.98 46.29
C MET H 1730 80.02 -5.07 47.57
N LEU H 1731 79.35 -4.00 47.97
CA LEU H 1731 78.59 -4.01 49.22
C LEU H 1731 77.31 -4.83 49.13
N SER H 1732 76.85 -5.16 47.93
CA SER H 1732 75.63 -5.95 47.77
C SER H 1732 75.87 -7.45 47.92
N GLU H 1733 77.13 -7.89 47.99
CA GLU H 1733 77.46 -9.30 48.13
C GLU H 1733 78.13 -9.53 49.47
N TYR H 1734 77.95 -10.73 50.01
CA TYR H 1734 78.46 -11.09 51.33
C TYR H 1734 79.23 -12.41 51.22
N ILE H 1735 80.51 -12.31 50.92
CA ILE H 1735 81.41 -13.46 50.88
C ILE H 1735 82.10 -13.53 52.25
N VAL H 1736 81.70 -14.50 53.05
CA VAL H 1736 82.12 -14.58 54.45
C VAL H 1736 83.08 -15.75 54.59
N PRO H 1737 84.38 -15.52 54.77
CA PRO H 1737 85.30 -16.61 55.06
C PRO H 1737 85.05 -17.19 56.45
N LEU H 1738 85.29 -18.50 56.59
CA LEU H 1738 85.09 -19.18 57.86
C LEU H 1738 86.38 -19.09 58.69
N THR H 1739 86.65 -17.89 59.15
CA THR H 1739 87.80 -17.56 59.97
C THR H 1739 87.41 -17.48 61.44
N PRO H 1740 88.39 -17.56 62.35
CA PRO H 1740 88.06 -17.41 63.77
C PRO H 1740 87.40 -16.09 64.11
N GLU H 1741 87.71 -15.01 63.38
CA GLU H 1741 87.02 -13.74 63.58
C GLU H 1741 85.54 -13.87 63.23
N THR H 1742 85.22 -14.62 62.17
CA THR H 1742 83.84 -14.84 61.79
C THR H 1742 83.09 -15.60 62.88
N ARG H 1743 83.76 -16.58 63.51
CA ARG H 1743 83.11 -17.42 64.51
CA ARG H 1743 83.09 -17.41 64.50
C ARG H 1743 82.60 -16.59 65.68
N ALA H 1744 83.38 -15.59 66.11
CA ALA H 1744 83.01 -14.78 67.26
C ALA H 1744 81.83 -13.85 66.99
N ILE H 1745 81.39 -13.71 65.75
CA ILE H 1745 80.33 -12.77 65.43
C ILE H 1745 78.99 -13.30 65.97
N THR H 1746 78.28 -12.45 66.69
CA THR H 1746 76.97 -12.78 67.24
C THR H 1746 76.00 -11.66 66.92
N LEU H 1747 74.71 -12.01 66.92
CA LEU H 1747 73.67 -11.03 66.59
C LEU H 1747 73.64 -9.91 67.62
N PHE H 1748 73.73 -10.25 68.90
CA PHE H 1748 73.69 -9.23 69.93
C PHE H 1748 74.99 -9.20 70.71
N PRO H 1749 75.41 -8.04 71.20
CA PRO H 1749 76.60 -7.98 72.04
C PRO H 1749 76.38 -8.74 73.33
N PRO H 1750 77.45 -9.29 73.91
CA PRO H 1750 77.29 -10.02 75.17
C PRO H 1750 76.78 -9.13 76.30
N GLY H 1751 75.57 -9.39 76.76
CA GLY H 1751 74.95 -8.58 77.79
C GLY H 1751 73.99 -9.40 78.63
N ARG H 1752 73.30 -8.71 79.53
CA ARG H 1752 72.37 -9.36 80.47
C ARG H 1752 70.97 -8.77 80.40
N LYS H 1753 70.61 -8.17 79.26
CA LYS H 1753 69.28 -7.56 79.14
C LYS H 1753 68.19 -8.62 79.10
N GLY H 1754 68.22 -9.50 78.11
CA GLY H 1754 67.23 -10.54 77.99
C GLY H 1754 67.79 -11.73 77.24
N GLY H 1755 67.29 -12.92 77.59
CA GLY H 1755 67.73 -14.12 76.92
C GLY H 1755 67.33 -14.17 75.46
N ASN H 1756 66.09 -13.78 75.16
CA ASN H 1756 65.64 -13.77 73.78
C ASN H 1756 66.39 -12.72 72.95
N ALA H 1757 66.66 -11.55 73.53
CA ALA H 1757 67.35 -10.50 72.81
C ALA H 1757 67.91 -9.50 73.80
N ARG H 1758 69.20 -9.20 73.69
CA ARG H 1758 69.79 -8.10 74.42
C ARG H 1758 69.49 -6.80 73.66
N ARG H 1759 70.11 -5.70 74.07
CA ARG H 1759 69.93 -4.45 73.36
C ARG H 1759 70.75 -4.44 72.08
N HIS H 1760 70.22 -3.79 71.06
CA HIS H 1760 70.93 -3.69 69.78
C HIS H 1760 72.24 -2.93 69.95
N GLY H 1761 73.28 -3.43 69.31
CA GLY H 1761 74.53 -2.70 69.25
C GLY H 1761 74.46 -1.54 68.29
N LEU H 1762 75.48 -0.69 68.34
CA LEU H 1762 75.53 0.46 67.46
C LEU H 1762 75.74 0.00 66.03
N PRO H 1763 74.91 0.42 65.08
CA PRO H 1763 75.09 0.00 63.69
C PRO H 1763 76.42 0.50 63.14
N GLY H 1764 77.06 -0.34 62.33
CA GLY H 1764 78.36 -0.02 61.77
C GLY H 1764 79.51 -0.16 62.73
N VAL H 1765 79.28 -0.66 63.93
CA VAL H 1765 80.31 -0.83 64.95
C VAL H 1765 80.42 -2.31 65.26
N GLY H 1766 81.63 -2.84 65.18
CA GLY H 1766 81.90 -4.24 65.43
C GLY H 1766 82.85 -4.80 64.40
N VAL H 1767 82.91 -6.12 64.33
CA VAL H 1767 83.80 -6.84 63.42
C VAL H 1767 82.99 -7.36 62.25
N THR H 1768 83.38 -6.97 61.04
CA THR H 1768 82.76 -7.45 59.81
C THR H 1768 83.80 -8.21 58.99
N THR H 1769 83.47 -9.44 58.61
CA THR H 1769 84.40 -10.30 57.92
C THR H 1769 84.09 -10.47 56.44
N SER H 1770 83.06 -9.80 55.92
CA SER H 1770 82.75 -9.90 54.50
C SER H 1770 83.91 -9.36 53.67
N LEU H 1771 84.22 -10.06 52.59
CA LEU H 1771 85.38 -9.70 51.78
C LEU H 1771 85.09 -8.44 50.96
N ARG H 1772 85.98 -7.46 51.09
CA ARG H 1772 85.95 -6.25 50.28
C ARG H 1772 87.36 -5.94 49.81
N PRO H 1773 87.60 -5.86 48.50
CA PRO H 1773 88.95 -5.57 48.04
C PRO H 1773 89.41 -4.21 48.52
N PRO H 1774 90.69 -4.07 48.87
CA PRO H 1774 91.18 -2.79 49.39
C PRO H 1774 91.24 -1.73 48.30
N HIS H 1775 91.19 -0.47 48.74
CA HIS H 1775 91.34 0.65 47.82
C HIS H 1775 92.80 0.77 47.39
N HIS H 1776 93.00 1.21 46.15
CA HIS H 1776 94.33 1.40 45.59
C HIS H 1776 94.46 2.84 45.12
N PHE H 1777 95.52 3.51 45.56
CA PHE H 1777 95.79 4.89 45.20
C PHE H 1777 97.25 5.04 44.80
N SER H 1778 97.52 6.05 43.99
CA SER H 1778 98.88 6.37 43.59
C SER H 1778 99.21 7.81 43.95
N PRO H 1779 100.45 8.07 44.38
CA PRO H 1779 100.84 9.43 44.73
C PRO H 1779 100.88 10.32 43.50
N PRO H 1780 100.27 11.50 43.57
CA PRO H 1780 100.34 12.43 42.42
C PRO H 1780 101.73 13.03 42.30
N CYS H 1781 102.46 12.61 41.28
CA CYS H 1781 103.82 13.08 41.05
C CYS H 1781 103.97 13.44 39.59
N PHE H 1782 104.60 14.59 39.33
CA PHE H 1782 104.77 15.10 37.98
C PHE H 1782 106.24 15.26 37.62
N VAL H 1783 107.14 14.61 38.36
CA VAL H 1783 108.55 14.57 38.03
C VAL H 1783 109.05 13.18 37.71
N ALA H 1784 108.19 12.16 37.85
CA ALA H 1784 108.59 10.80 37.52
C ALA H 1784 108.78 10.65 36.03
N ALA H 1785 109.72 9.79 35.65
CA ALA H 1785 109.99 9.55 34.24
C ALA H 1785 108.77 8.96 33.55
N LEU H 1786 108.44 9.48 32.38
CA LEU H 1786 107.28 9.00 31.65
C LEU H 1786 107.51 7.54 31.24
N PRO H 1787 106.53 6.66 31.46
CA PRO H 1787 106.73 5.25 31.16
C PRO H 1787 107.04 5.02 29.69
N ALA H 1788 107.96 4.09 29.42
CA ALA H 1788 108.32 3.72 28.05
C ALA H 1788 107.22 2.87 27.44
N ALA H 1789 106.31 2.37 28.27
CA ALA H 1789 105.19 1.58 27.77
C ALA H 1789 104.27 2.43 26.91
N GLY H 1790 103.83 1.85 25.79
CA GLY H 1790 102.96 2.58 24.89
C GLY H 1790 101.56 2.72 25.44
N VAL H 1791 100.78 3.60 24.80
CA VAL H 1791 99.39 3.81 25.20
C VAL H 1791 98.60 2.53 24.96
N ALA H 1792 97.61 2.28 25.81
CA ALA H 1792 96.73 1.11 25.85
C ALA H 1792 97.48 -0.14 26.30
N GLU H 1793 98.78 -0.07 26.58
CA GLU H 1793 99.55 -1.20 27.07
C GLU H 1793 100.08 -1.00 28.47
N ALA H 1794 100.27 0.24 28.91
CA ALA H 1794 100.69 0.50 30.28
C ALA H 1794 99.57 0.13 31.26
N PRO H 1795 99.92 -0.21 32.49
CA PRO H 1795 98.88 -0.56 33.48
C PRO H 1795 97.97 0.63 33.76
N ALA H 1796 96.72 0.31 34.10
CA ALA H 1796 95.73 1.34 34.35
C ALA H 1796 96.13 2.21 35.54
N ARG H 1797 95.95 3.52 35.39
CA ARG H 1797 96.30 4.46 36.44
C ARG H 1797 95.32 4.34 37.61
N LEU H 1798 95.86 4.49 38.82
CA LEU H 1798 95.05 4.51 40.02
C LEU H 1798 94.64 5.93 40.37
N SER H 1799 93.66 6.05 41.26
CA SER H 1799 93.20 7.36 41.69
C SER H 1799 94.30 8.07 42.47
N PRO H 1800 94.37 9.41 42.36
CA PRO H 1800 95.37 10.16 43.13
C PRO H 1800 95.17 9.97 44.62
N ALA H 1801 96.28 9.90 45.35
CA ALA H 1801 96.25 9.63 46.77
C ALA H 1801 96.13 10.92 47.57
N ILE H 1802 95.24 10.91 48.56
CA ILE H 1802 95.10 12.00 49.52
C ILE H 1802 95.04 11.39 50.90
N PRO H 1803 95.66 11.99 51.92
CA PRO H 1803 95.64 11.39 53.27
C PRO H 1803 94.22 11.20 53.79
N LEU H 1804 93.79 9.94 53.93
CA LEU H 1804 92.43 9.64 54.34
C LEU H 1804 92.24 9.84 55.84
N GLU H 1805 93.24 9.50 56.65
CA GLU H 1805 93.12 9.65 58.09
C GLU H 1805 92.97 11.12 58.48
N ALA H 1806 93.74 12.00 57.83
CA ALA H 1806 93.57 13.44 58.06
C ALA H 1806 92.25 13.93 57.51
N LEU H 1807 91.84 13.43 56.34
CA LEU H 1807 90.60 13.88 55.73
C LEU H 1807 89.39 13.51 56.56
N ARG H 1808 89.38 12.29 57.12
CA ARG H 1808 88.24 11.85 57.91
C ARG H 1808 88.12 12.64 59.21
N ASP H 1809 89.25 13.03 59.81
CA ASP H 1809 89.21 13.84 61.01
C ASP H 1809 88.66 15.24 60.71
N LYS H 1810 89.07 15.81 59.58
CA LYS H 1810 88.55 17.12 59.19
C LYS H 1810 87.06 17.05 58.91
N ALA H 1811 86.61 16.00 58.21
CA ALA H 1811 85.19 15.86 57.92
C ALA H 1811 84.37 15.71 59.20
N LEU H 1812 84.87 14.93 60.16
CA LEU H 1812 84.18 14.82 61.45
C LEU H 1812 84.14 16.15 62.17
N ARG H 1813 85.26 16.87 62.18
CA ARG H 1813 85.30 18.15 62.87
C ARG H 1813 84.40 19.18 62.21
N MET H 1814 84.41 19.24 60.88
CA MET H 1814 83.55 20.20 60.18
C MET H 1814 82.08 19.88 60.40
N LEU H 1815 81.71 18.60 60.36
CA LEU H 1815 80.32 18.22 60.60
C LEU H 1815 79.90 18.56 62.02
N GLY H 1816 80.78 18.31 63.00
CA GLY H 1816 80.46 18.66 64.37
C GLY H 1816 80.28 20.14 64.57
N GLU H 1817 81.13 20.96 63.93
CA GLU H 1817 81.00 22.40 64.03
C GLU H 1817 79.69 22.87 63.39
N ALA H 1818 79.32 22.27 62.26
CA ALA H 1818 78.08 22.65 61.58
C ALA H 1818 76.86 22.38 62.45
N VAL H 1819 76.87 21.25 63.17
CA VAL H 1819 75.73 20.93 64.05
C VAL H 1819 75.60 21.97 65.14
N ARG H 1820 76.71 22.34 65.79
CA ARG H 1820 76.67 23.39 66.79
C ARG H 1820 76.31 24.73 66.15
N ASP H 1821 76.90 25.04 65.00
CA ASP H 1821 76.59 26.28 64.30
C ASP H 1821 75.13 26.30 63.85
N GLY H 1822 74.63 25.17 63.37
CA GLY H 1822 73.21 25.09 63.02
C GLY H 1822 72.33 25.32 64.23
N GLY H 1823 72.77 24.87 65.40
CA GLY H 1823 72.04 25.15 66.62
C GLY H 1823 71.99 26.61 66.98
N GLN H 1824 73.05 27.35 66.66
CA GLN H 1824 73.12 28.77 67.01
C GLN H 1824 72.19 29.64 66.20
N HIS H 1825 71.65 29.13 65.08
CA HIS H 1825 70.73 29.88 64.22
C HIS H 1825 71.33 31.20 63.77
N ALA H 1826 72.60 31.16 63.37
CA ALA H 1826 73.28 32.36 62.90
C ALA H 1826 72.63 32.87 61.62
N ARG H 1827 72.57 34.20 61.48
CA ARG H 1827 71.99 34.81 60.30
C ARG H 1827 72.91 34.73 59.08
N ASP H 1828 74.15 34.26 59.26
CA ASP H 1828 75.10 34.10 58.16
C ASP H 1828 75.64 32.68 58.19
N PRO H 1829 74.87 31.70 57.74
CA PRO H 1829 75.39 30.33 57.66
C PRO H 1829 76.49 30.21 56.62
N VAL H 1830 77.36 29.23 56.83
CA VAL H 1830 78.48 29.02 55.93
C VAL H 1830 77.96 28.65 54.55
N GLY H 1831 78.46 29.33 53.52
CA GLY H 1831 78.01 29.13 52.17
C GLY H 1831 76.81 29.95 51.75
N GLY H 1832 76.24 30.73 52.66
CA GLY H 1832 75.10 31.56 52.35
C GLY H 1832 73.75 30.94 52.67
N SER H 1833 73.71 29.65 52.98
CA SER H 1833 72.45 29.00 53.30
C SER H 1833 72.75 27.75 54.11
N VAL H 1834 71.72 27.23 54.77
CA VAL H 1834 71.86 25.98 55.52
C VAL H 1834 72.16 24.82 54.57
N GLU H 1835 71.57 24.86 53.37
CA GLU H 1835 71.84 23.82 52.37
C GLU H 1835 73.31 23.80 51.99
N PHE H 1836 73.91 24.97 51.74
CA PHE H 1836 75.30 25.02 51.34
C PHE H 1836 76.25 24.70 52.48
N GLN H 1837 75.76 24.72 53.72
CA GLN H 1837 76.61 24.40 54.87
C GLN H 1837 76.66 22.92 55.18
N PHE H 1838 75.56 22.19 55.01
CA PHE H 1838 75.48 20.78 55.40
C PHE H 1838 75.64 19.82 54.24
N VAL H 1839 75.06 20.10 53.08
CA VAL H 1839 75.05 19.16 51.97
C VAL H 1839 76.47 18.84 51.52
N PRO H 1840 77.36 19.82 51.30
CA PRO H 1840 78.75 19.46 50.93
C PRO H 1840 79.45 18.63 51.98
N VAL H 1841 79.22 18.91 53.27
CA VAL H 1841 79.88 18.15 54.33
C VAL H 1841 79.28 16.74 54.41
N LEU H 1842 77.96 16.63 54.31
CA LEU H 1842 77.33 15.32 54.42
C LEU H 1842 77.69 14.42 53.25
N LYS H 1843 77.88 14.99 52.05
CA LYS H 1843 78.33 14.18 50.92
C LYS H 1843 79.72 13.61 51.18
N LEU H 1844 80.61 14.41 51.76
CA LEU H 1844 81.95 13.92 52.07
C LEU H 1844 81.91 12.84 53.13
N VAL H 1845 81.09 13.02 54.18
CA VAL H 1845 80.99 12.02 55.23
C VAL H 1845 80.37 10.74 54.69
N SER H 1846 79.33 10.87 53.86
CA SER H 1846 78.69 9.69 53.28
C SER H 1846 79.66 8.92 52.39
N THR H 1847 80.46 9.64 51.60
CA THR H 1847 81.42 8.98 50.73
C THR H 1847 82.46 8.22 51.54
N LEU H 1848 82.97 8.82 52.61
CA LEU H 1848 83.97 8.16 53.44
C LEU H 1848 83.39 6.98 54.19
N LEU H 1849 82.12 7.05 54.59
CA LEU H 1849 81.49 5.93 55.29
C LEU H 1849 81.40 4.71 54.37
N VAL H 1850 81.00 4.92 53.11
CA VAL H 1850 80.89 3.82 52.17
C VAL H 1850 82.26 3.19 51.93
N MET H 1851 83.29 4.02 51.78
CA MET H 1851 84.65 3.53 51.58
C MET H 1851 85.20 2.82 52.81
N GLY H 1852 84.54 2.92 53.96
CA GLY H 1852 85.01 2.27 55.15
C GLY H 1852 86.19 2.93 55.81
N ILE H 1853 86.38 4.23 55.59
CA ILE H 1853 87.52 4.92 56.18
C ILE H 1853 87.36 5.08 57.68
N PHE H 1854 86.15 5.39 58.16
CA PHE H 1854 85.93 5.62 59.58
C PHE H 1854 86.08 4.35 60.39
N GLY H 1855 86.68 4.48 61.57
CA GLY H 1855 86.80 3.38 62.50
C GLY H 1855 85.61 3.31 63.44
N ASP H 1856 85.73 2.44 64.44
CA ASP H 1856 84.64 2.26 65.40
C ASP H 1856 84.38 3.54 66.18
N GLU H 1857 85.44 4.20 66.66
CA GLU H 1857 85.26 5.44 67.39
C GLU H 1857 84.67 6.54 66.52
N ASP H 1858 85.12 6.62 65.26
CA ASP H 1858 84.59 7.64 64.36
C ASP H 1858 83.11 7.42 64.07
N VAL H 1859 82.71 6.16 63.89
CA VAL H 1859 81.30 5.86 63.62
C VAL H 1859 80.43 6.25 64.82
N LYS H 1860 80.95 6.03 66.04
CA LYS H 1860 80.20 6.42 67.23
C LYS H 1860 79.97 7.93 67.25
N GLN H 1861 80.98 8.71 66.87
CA GLN H 1861 80.81 10.17 66.84
C GLN H 1861 79.75 10.58 65.82
N ILE H 1862 79.72 9.92 64.66
CA ILE H 1862 78.71 10.24 63.64
C ILE H 1862 77.32 9.93 64.18
N LEU H 1863 77.18 8.79 64.86
CA LEU H 1863 75.87 8.43 65.41
C LEU H 1863 75.41 9.42 66.47
N LYS H 1864 76.35 9.94 67.26
CA LYS H 1864 75.99 10.96 68.24
C LYS H 1864 75.46 12.21 67.56
N MET H 1865 76.07 12.63 66.46
CA MET H 1865 75.59 13.80 65.74
C MET H 1865 74.22 13.56 65.13
N ILE H 1866 73.98 12.35 64.62
CA ILE H 1866 72.68 12.04 64.02
C ILE H 1866 71.60 12.03 65.09
N GLU H 1867 71.84 11.34 66.20
CA GLU H 1867 70.85 11.23 67.27
C GLU H 1867 71.56 10.93 68.58
N PRO H 1868 71.88 11.95 69.38
CA PRO H 1868 72.68 11.72 70.60
C PRO H 1868 71.96 10.91 71.67
N GLU H 1869 70.64 10.79 71.63
CA GLU H 1869 69.93 10.05 72.66
C GLU H 1869 69.78 8.58 72.33
N VAL H 1870 69.44 8.24 71.08
CA VAL H 1870 69.24 6.85 70.71
C VAL H 1870 70.56 6.10 70.69
N PHE H 1871 71.63 6.74 70.24
CA PHE H 1871 72.89 6.07 69.93
C PHE H 1871 73.94 6.28 71.01
N THR H 1872 73.52 6.26 72.28
CA THR H 1872 74.43 6.28 73.41
C THR H 1872 74.63 4.86 73.92
N GLU H 1873 75.88 4.43 73.99
CA GLU H 1873 76.21 3.09 74.47
C GLU H 1873 76.43 3.11 75.97
N GLU H 1874 76.17 1.96 76.59
CA GLU H 1874 76.33 1.81 78.03
C GLU H 1874 76.51 0.35 78.41
N LEU H 1922 73.99 23.46 73.27
CA LEU H 1922 72.90 22.90 72.47
C LEU H 1922 73.39 21.69 71.67
N GLU H 1923 73.40 20.52 72.31
CA GLU H 1923 73.85 19.30 71.67
C GLU H 1923 72.69 18.57 71.00
N GLU H 1924 71.95 19.27 70.14
CA GLU H 1924 70.83 18.66 69.44
C GLU H 1924 71.32 17.93 68.20
N GLY H 1925 70.66 16.81 67.89
CA GLY H 1925 71.05 16.01 66.76
C GLY H 1925 70.60 16.59 65.44
N LEU H 1926 71.11 15.98 64.35
CA LEU H 1926 70.75 16.44 63.02
C LEU H 1926 69.28 16.16 62.71
N LEU H 1927 68.75 15.06 63.24
CA LEU H 1927 67.39 14.66 62.88
C LEU H 1927 66.35 15.65 63.41
N GLN H 1928 66.71 16.45 64.41
CA GLN H 1928 65.79 17.41 65.01
C GLN H 1928 66.16 18.85 64.73
N MET H 1929 66.98 19.12 63.71
CA MET H 1929 67.40 20.49 63.46
C MET H 1929 66.55 21.18 62.41
N LYS H 1930 65.55 20.49 61.87
CA LYS H 1930 64.63 21.07 60.89
C LYS H 1930 65.36 21.58 59.66
N LEU H 1931 66.01 20.69 58.92
CA LEU H 1931 66.79 21.04 57.75
C LEU H 1931 65.91 21.02 56.51
N PRO H 1932 66.35 21.70 55.44
CA PRO H 1932 65.59 21.64 54.18
C PRO H 1932 65.64 20.25 53.55
N GLU H 1933 64.92 20.12 52.44
CA GLU H 1933 64.78 18.82 51.79
C GLU H 1933 66.10 18.31 51.22
N SER H 1934 66.95 19.21 50.71
CA SER H 1934 68.22 18.78 50.16
C SER H 1934 69.09 18.13 51.22
N VAL H 1935 69.11 18.70 52.43
CA VAL H 1935 69.86 18.11 53.52
C VAL H 1935 69.23 16.79 53.95
N LYS H 1936 67.90 16.72 53.95
CA LYS H 1936 67.21 15.48 54.33
C LYS H 1936 67.57 14.34 53.39
N LEU H 1937 67.79 14.65 52.11
CA LEU H 1937 68.21 13.60 51.16
C LEU H 1937 69.57 13.03 51.55
N GLN H 1938 70.49 13.89 51.99
CA GLN H 1938 71.78 13.40 52.45
C GLN H 1938 71.67 12.64 53.76
N MET H 1939 70.72 13.02 54.62
CA MET H 1939 70.51 12.27 55.86
C MET H 1939 69.99 10.87 55.57
N CYS H 1940 69.16 10.71 54.53
CA CYS H 1940 68.71 9.38 54.15
C CYS H 1940 69.87 8.51 53.67
N ASN H 1941 70.83 9.10 52.97
CA ASN H 1941 72.00 8.33 52.54
C ASN H 1941 72.81 7.83 53.73
N LEU H 1942 72.97 8.66 54.76
CA LEU H 1942 73.68 8.22 55.96
C LEU H 1942 72.94 7.07 56.63
N LEU H 1943 71.63 7.22 56.83
CA LEU H 1943 70.86 6.16 57.48
C LEU H 1943 70.78 4.92 56.60
N GLU H 1944 70.82 5.09 55.28
CA GLU H 1944 70.84 3.93 54.39
C GLU H 1944 72.10 3.10 54.61
N TYR H 1945 73.23 3.77 54.82
CA TYR H 1945 74.47 3.04 55.09
C TYR H 1945 74.37 2.22 56.37
N PHE H 1946 73.82 2.82 57.43
CA PHE H 1946 73.73 2.10 58.70
C PHE H 1946 72.69 0.98 58.64
N CYS H 1947 71.62 1.16 57.86
CA CYS H 1947 70.69 0.07 57.63
C CYS H 1947 71.35 -1.07 56.87
N ASP H 1948 72.23 -0.75 55.91
CA ASP H 1948 72.97 -1.79 55.20
C ASP H 1948 73.91 -2.53 56.15
N GLN H 1949 74.55 -1.80 57.08
CA GLN H 1949 75.44 -2.45 58.04
C GLN H 1949 74.69 -3.41 58.94
N GLU H 1950 73.48 -3.04 59.36
CA GLU H 1950 72.66 -3.97 60.14
C GLU H 1950 72.29 -5.21 59.33
N LEU H 1951 71.96 -5.03 58.04
CA LEU H 1951 71.69 -6.17 57.19
C LEU H 1951 72.93 -7.03 57.02
N GLN H 1952 74.09 -6.39 56.82
CA GLN H 1952 75.33 -7.14 56.69
C GLN H 1952 75.67 -7.88 57.97
N HIS H 1953 75.39 -7.26 59.12
CA HIS H 1953 75.65 -7.91 60.40
C HIS H 1953 74.79 -9.16 60.56
N ARG H 1954 73.52 -9.09 60.14
CA ARG H 1954 72.66 -10.25 60.23
C ARG H 1954 73.15 -11.39 59.34
N VAL H 1955 73.61 -11.07 58.13
CA VAL H 1955 74.11 -12.10 57.23
C VAL H 1955 75.37 -12.74 57.81
N GLU H 1956 76.29 -11.93 58.32
CA GLU H 1956 77.50 -12.47 58.90
C GLU H 1956 77.21 -13.28 60.16
N SER H 1957 76.28 -12.80 60.99
CA SER H 1957 75.90 -13.56 62.17
C SER H 1957 75.24 -14.88 61.79
N LEU H 1958 74.39 -14.87 60.77
CA LEU H 1958 73.79 -16.10 60.29
C LEU H 1958 74.85 -17.05 59.74
N ALA H 1959 75.82 -16.51 58.99
CA ALA H 1959 76.94 -17.33 58.52
C ALA H 1959 77.77 -17.83 59.68
N ALA H 1960 77.98 -17.00 60.70
CA ALA H 1960 78.74 -17.43 61.87
C ALA H 1960 78.04 -18.57 62.59
N PHE H 1961 76.72 -18.47 62.74
CA PHE H 1961 75.98 -19.55 63.40
C PHE H 1961 76.01 -20.82 62.56
N ALA H 1962 75.99 -20.68 61.23
CA ALA H 1962 76.05 -21.85 60.36
C ALA H 1962 77.33 -22.64 60.58
N GLU H 1963 78.46 -21.95 60.74
CA GLU H 1963 79.73 -22.63 60.96
C GLU H 1963 79.70 -23.41 62.27
N ARG H 1964 79.14 -22.82 63.33
CA ARG H 1964 79.06 -23.51 64.61
C ARG H 1964 78.05 -24.65 64.55
N TYR H 1965 76.91 -24.43 63.90
CA TYR H 1965 75.85 -25.43 63.92
C TYR H 1965 76.18 -26.61 63.03
N VAL H 1966 76.86 -26.37 61.91
CA VAL H 1966 77.22 -27.46 61.00
C VAL H 1966 78.17 -28.43 61.70
N ASP H 1967 79.11 -27.91 62.49
CA ASP H 1967 80.04 -28.78 63.20
C ASP H 1967 79.30 -29.71 64.14
N LYS H 1968 78.31 -29.20 64.86
CA LYS H 1968 77.51 -30.07 65.72
C LYS H 1968 76.69 -31.06 64.91
N LEU H 1969 76.14 -30.62 63.76
CA LEU H 1969 75.39 -31.53 62.91
C LEU H 1969 76.29 -32.64 62.36
N GLN H 1970 77.48 -32.28 61.90
CA GLN H 1970 78.39 -33.28 61.35
C GLN H 1970 78.89 -34.23 62.43
N ALA H 1971 79.22 -33.70 63.61
CA ALA H 1971 79.67 -34.56 64.70
C ALA H 1971 78.56 -35.49 65.17
N ASN H 1972 77.32 -35.00 65.24
CA ASN H 1972 76.21 -35.84 65.65
C ASN H 1972 75.90 -36.91 64.61
N GLN H 1973 75.91 -36.54 63.34
CA GLN H 1973 75.62 -37.52 62.29
C GLN H 1973 76.69 -38.60 62.23
N ARG H 1974 77.95 -38.24 62.45
CA ARG H 1974 79.01 -39.24 62.50
C ARG H 1974 78.78 -40.21 63.65
N SER H 1975 78.37 -39.70 64.82
CA SER H 1975 78.11 -40.56 65.96
C SER H 1975 76.87 -41.41 65.74
N ARG H 1976 75.82 -40.83 65.12
CA ARG H 1976 74.62 -41.61 64.85
C ARG H 1976 74.89 -42.73 63.85
N TYR H 1977 75.73 -42.46 62.83
CA TYR H 1977 76.07 -43.50 61.88
C TYR H 1977 76.89 -44.61 62.52
N ALA H 1978 77.75 -44.25 63.48
CA ALA H 1978 78.57 -45.24 64.15
C ALA H 1978 77.72 -46.24 64.92
N LEU H 1979 76.72 -45.75 65.66
CA LEU H 1979 75.86 -46.65 66.42
C LEU H 1979 74.85 -47.35 65.52
N LEU H 1980 74.50 -46.75 64.38
CA LEU H 1980 73.55 -47.38 63.46
C LEU H 1980 74.12 -48.61 62.80
N MET H 1981 75.45 -48.73 62.72
CA MET H 1981 76.07 -49.92 62.13
C MET H 1981 75.88 -51.16 62.99
N ARG H 1982 75.46 -51.01 64.25
CA ARG H 1982 75.21 -52.14 65.13
C ARG H 1982 73.71 -52.39 65.32
N ALA H 1983 72.87 -51.79 64.47
CA ALA H 1983 71.42 -51.88 64.66
C ALA H 1983 70.86 -53.25 64.32
N PHE H 1984 71.58 -54.06 63.54
CA PHE H 1984 71.06 -55.37 63.15
C PHE H 1984 70.85 -56.26 64.35
N THR H 1985 71.58 -56.03 65.45
CA THR H 1985 71.43 -56.83 66.65
C THR H 1985 70.14 -56.54 67.40
N MET H 1986 69.47 -55.42 67.11
CA MET H 1986 68.22 -55.10 67.79
C MET H 1986 67.16 -54.53 66.85
N SER H 1987 67.32 -54.71 65.54
CA SER H 1987 66.35 -54.17 64.59
C SER H 1987 66.29 -55.09 63.38
N ALA H 1988 65.57 -54.62 62.36
CA ALA H 1988 65.23 -55.48 61.23
C ALA H 1988 65.21 -54.62 59.97
N ALA H 1989 64.50 -55.10 58.94
CA ALA H 1989 64.50 -54.50 57.60
C ALA H 1989 64.25 -52.99 57.62
N GLU H 1990 63.56 -52.48 58.64
CA GLU H 1990 63.33 -51.04 58.68
C GLU H 1990 64.61 -50.24 58.95
N THR H 1991 65.77 -50.89 59.00
CA THR H 1991 67.04 -50.17 59.03
C THR H 1991 67.21 -49.29 57.80
N ALA H 1992 66.56 -49.64 56.69
CA ALA H 1992 66.59 -48.80 55.50
C ALA H 1992 65.98 -47.43 55.78
N ARG H 1993 64.94 -47.38 56.61
CA ARG H 1993 64.35 -46.10 56.98
C ARG H 1993 65.34 -45.24 57.77
N ARG H 1994 66.08 -45.85 58.68
CA ARG H 1994 67.07 -45.11 59.47
C ARG H 1994 68.29 -44.72 58.64
N THR H 1995 68.72 -45.56 57.70
CA THR H 1995 69.84 -45.23 56.82
C THR H 1995 69.39 -44.51 55.56
N ARG H 1996 68.10 -44.19 55.46
CA ARG H 1996 67.60 -43.39 54.35
C ARG H 1996 68.33 -42.06 54.25
N GLU H 1997 68.73 -41.51 55.40
CA GLU H 1997 69.46 -40.24 55.41
C GLU H 1997 70.79 -40.38 54.67
N PHE H 1998 71.52 -41.46 54.93
CA PHE H 1998 72.84 -41.65 54.37
C PHE H 1998 72.82 -42.09 52.91
N ARG H 1999 71.65 -42.41 52.37
CA ARG H 1999 71.48 -42.78 50.97
C ARG H 1999 70.75 -41.67 50.22
N SER H 2000 70.96 -40.44 50.64
CA SER H 2000 70.31 -39.27 50.07
C SER H 2000 71.35 -38.19 49.84
N PRO H 2001 71.12 -37.28 48.90
CA PRO H 2001 72.11 -36.24 48.62
C PRO H 2001 72.32 -35.36 49.84
N PRO H 2002 73.51 -34.80 50.00
CA PRO H 2002 73.79 -34.00 51.21
C PRO H 2002 72.85 -32.83 51.41
N GLN H 2003 72.39 -32.21 50.32
CA GLN H 2003 71.39 -31.15 50.46
C GLN H 2003 70.10 -31.69 51.06
N GLU H 2004 69.68 -32.88 50.62
CA GLU H 2004 68.48 -33.50 51.18
C GLU H 2004 68.71 -33.95 52.62
N GLN H 2005 69.94 -34.36 52.95
CA GLN H 2005 70.23 -34.77 54.32
C GLN H 2005 70.05 -33.61 55.29
N ILE H 2006 70.53 -32.42 54.91
CA ILE H 2006 70.45 -31.28 55.81
C ILE H 2006 69.04 -30.70 55.81
N ASN H 2007 68.27 -30.94 54.74
CA ASN H 2007 66.87 -30.53 54.73
C ASN H 2007 66.07 -31.31 55.76
N MET H 2008 66.34 -32.62 55.88
CA MET H 2008 65.63 -33.43 56.86
C MET H 2008 66.04 -33.07 58.28
N LEU H 2009 67.31 -32.74 58.49
CA LEU H 2009 67.78 -32.44 59.85
C LEU H 2009 67.16 -31.16 60.40
N LEU H 2010 66.89 -30.19 59.54
CA LEU H 2010 66.34 -28.91 59.97
C LEU H 2010 64.82 -28.89 59.97
N HIS H 2011 64.18 -30.02 59.68
CA HIS H 2011 62.72 -30.09 59.58
C HIS H 2011 62.13 -30.45 60.94
N PHE H 2012 62.27 -29.50 61.88
CA PHE H 2012 61.68 -29.67 63.21
C PHE H 2012 61.09 -28.36 63.73
N LYS H 2013 60.60 -27.50 62.84
CA LYS H 2013 60.11 -26.19 63.27
C LYS H 2013 58.64 -26.22 63.69
N ASP H 2014 57.80 -26.94 62.96
CA ASP H 2014 56.36 -26.88 63.15
C ASP H 2014 55.86 -27.81 64.25
N GLU H 2015 56.74 -28.58 64.89
CA GLU H 2015 56.43 -29.45 66.03
C GLU H 2015 55.55 -30.62 65.60
N ALA H 2016 55.15 -30.65 64.33
CA ALA H 2016 54.47 -31.80 63.75
C ALA H 2016 55.43 -32.70 62.99
N ASP H 2017 56.72 -32.36 62.96
CA ASP H 2017 57.74 -33.13 62.26
C ASP H 2017 58.90 -33.52 63.18
N GLU H 2018 58.60 -33.81 64.44
CA GLU H 2018 59.62 -34.20 65.41
C GLU H 2018 59.92 -35.69 65.38
N GLU H 2019 59.37 -36.42 64.41
CA GLU H 2019 59.58 -37.86 64.29
C GLU H 2019 60.55 -38.24 63.18
N ASP H 2020 60.51 -37.56 62.05
CA ASP H 2020 61.46 -37.85 60.98
C ASP H 2020 62.84 -37.25 61.28
N CYS H 2021 62.89 -36.17 62.03
CA CYS H 2021 64.17 -35.55 62.37
C CYS H 2021 64.87 -36.36 63.44
N PRO H 2022 66.08 -36.86 63.18
CA PRO H 2022 66.80 -37.67 64.18
C PRO H 2022 67.71 -36.87 65.12
N LEU H 2023 67.64 -35.55 65.11
CA LEU H 2023 68.53 -34.77 65.95
C LEU H 2023 68.11 -34.88 67.42
N PRO H 2024 69.08 -34.86 68.34
CA PRO H 2024 68.73 -34.76 69.76
C PRO H 2024 68.14 -33.41 70.10
N GLU H 2025 67.41 -33.37 71.21
CA GLU H 2025 66.68 -32.16 71.58
C GLU H 2025 67.64 -31.01 71.90
N ASP H 2026 68.80 -31.31 72.45
CA ASP H 2026 69.76 -30.26 72.78
C ASP H 2026 70.27 -29.54 71.53
N ILE H 2027 70.53 -30.28 70.45
CA ILE H 2027 70.95 -29.64 69.20
C ILE H 2027 69.79 -28.86 68.60
N ARG H 2028 68.57 -29.38 68.71
CA ARG H 2028 67.41 -28.66 68.19
C ARG H 2028 67.22 -27.32 68.89
N GLN H 2029 67.52 -27.27 70.19
CA GLN H 2029 67.29 -26.05 70.95
C GLN H 2029 68.20 -24.93 70.47
N ASP H 2030 69.43 -25.25 70.06
CA ASP H 2030 70.37 -24.21 69.65
C ASP H 2030 69.86 -23.47 68.41
N LEU H 2031 69.32 -24.21 67.44
CA LEU H 2031 68.76 -23.55 66.26
C LEU H 2031 67.54 -22.72 66.61
N GLN H 2032 66.67 -23.24 67.49
CA GLN H 2032 65.49 -22.48 67.90
C GLN H 2032 65.88 -21.24 68.70
N ASP H 2033 66.92 -21.34 69.53
CA ASP H 2033 67.41 -20.16 70.24
C ASP H 2033 67.92 -19.11 69.27
N PHE H 2034 68.65 -19.53 68.24
CA PHE H 2034 69.14 -18.57 67.25
C PHE H 2034 68.00 -18.04 66.40
N HIS H 2035 66.99 -18.86 66.12
CA HIS H 2035 65.87 -18.37 65.33
C HIS H 2035 65.08 -17.30 66.08
N GLN H 2036 64.99 -17.42 67.40
CA GLN H 2036 64.26 -16.44 68.19
C GLN H 2036 65.00 -15.10 68.22
N ASP H 2037 66.30 -15.13 68.46
CA ASP H 2037 67.05 -13.88 68.52
C ASP H 2037 67.33 -13.29 67.14
N LEU H 2038 67.17 -14.08 66.08
CA LEU H 2038 67.21 -13.51 64.74
C LEU H 2038 65.96 -12.72 64.43
N LEU H 2039 64.78 -13.27 64.78
CA LEU H 2039 63.54 -12.53 64.61
C LEU H 2039 63.53 -11.29 65.48
N ALA H 2040 64.02 -11.40 66.71
CA ALA H 2040 64.09 -10.25 67.59
C ALA H 2040 65.03 -9.19 67.05
N HIS H 2041 66.16 -9.60 66.49
CA HIS H 2041 67.09 -8.64 65.90
C HIS H 2041 66.48 -7.94 64.69
N CYS H 2042 65.51 -8.57 64.04
CA CYS H 2042 64.76 -7.95 62.96
C CYS H 2042 63.54 -7.19 63.45
N GLY H 2043 63.33 -7.12 64.76
CA GLY H 2043 62.18 -6.42 65.31
C GLY H 2043 60.85 -7.07 65.01
N ILE H 2044 60.78 -8.39 65.03
CA ILE H 2044 59.52 -9.08 64.76
C ILE H 2044 58.62 -9.00 65.98
N GLN H 2045 59.05 -9.57 67.09
CA GLN H 2045 58.28 -9.57 68.33
C GLN H 2045 59.22 -9.97 69.46
N LEU H 2046 58.73 -9.81 70.69
CA LEU H 2046 59.52 -10.16 71.88
C LEU H 2046 58.62 -10.71 72.98
N GLU H 2088 57.42 5.04 76.06
CA GLU H 2088 58.22 4.39 75.02
C GLU H 2088 58.47 5.33 73.85
N LYS H 2089 58.52 6.63 74.14
CA LYS H 2089 58.76 7.63 73.09
C LYS H 2089 60.18 7.53 72.53
N LYS H 2090 61.12 7.01 73.29
CA LYS H 2090 62.49 6.86 72.81
C LYS H 2090 62.56 5.71 71.82
N PRO H 2091 63.05 5.93 70.59
CA PRO H 2091 63.12 4.81 69.62
C PRO H 2091 63.95 3.63 70.09
N GLN H 2092 65.04 3.89 70.82
CA GLN H 2092 65.86 2.85 71.43
C GLN H 2092 66.55 1.95 70.41
N SER H 2093 66.32 2.19 69.12
CA SER H 2093 66.94 1.38 68.08
C SER H 2093 66.91 2.14 66.77
N LEU H 2094 67.77 1.70 65.85
CA LEU H 2094 67.81 2.31 64.52
C LEU H 2094 66.51 2.08 63.76
N GLN H 2095 65.94 0.87 63.90
CA GLN H 2095 64.72 0.55 63.17
C GLN H 2095 63.56 1.47 63.59
N GLU H 2096 63.40 1.70 64.89
CA GLU H 2096 62.32 2.57 65.34
C GLU H 2096 62.63 4.04 65.05
N LEU H 2097 63.92 4.42 65.10
CA LEU H 2097 64.29 5.79 64.80
C LEU H 2097 63.99 6.16 63.36
N VAL H 2098 64.37 5.29 62.42
CA VAL H 2098 64.15 5.58 61.01
C VAL H 2098 62.67 5.61 60.68
N SER H 2099 61.91 4.64 61.18
CA SER H 2099 60.48 4.59 60.90
C SER H 2099 59.77 5.83 61.43
N HIS H 2100 60.08 6.23 62.66
CA HIS H 2100 59.47 7.42 63.22
CA HIS H 2100 59.48 7.43 63.23
C HIS H 2100 59.90 8.67 62.46
N MET H 2101 61.17 8.76 62.07
CA MET H 2101 61.65 9.94 61.37
C MET H 2101 61.00 10.11 60.00
N VAL H 2102 60.86 9.03 59.24
CA VAL H 2102 60.29 9.12 57.90
C VAL H 2102 58.83 9.55 57.98
N VAL H 2103 58.07 8.93 58.89
CA VAL H 2103 56.66 9.29 59.05
C VAL H 2103 56.52 10.73 59.50
N ARG H 2104 57.36 11.15 60.45
CA ARG H 2104 57.29 12.52 60.95
C ARG H 2104 57.60 13.53 59.84
N TRP H 2105 58.60 13.24 59.01
CA TRP H 2105 58.94 14.14 57.91
C TRP H 2105 57.78 14.29 56.94
N ALA H 2106 57.11 13.18 56.61
CA ALA H 2106 56.04 13.23 55.62
C ALA H 2106 54.81 13.94 56.14
N GLN H 2107 54.52 13.84 57.43
CA GLN H 2107 53.35 14.47 58.01
C GLN H 2107 53.62 15.87 58.53
N GLU H 2108 54.86 16.34 58.45
CA GLU H 2108 55.17 17.72 58.81
C GLU H 2108 55.06 18.67 57.63
N ASP H 2109 55.33 18.18 56.42
CA ASP H 2109 55.21 19.01 55.23
C ASP H 2109 55.03 18.12 54.01
N TYR H 2110 54.53 18.73 52.94
CA TYR H 2110 54.37 18.04 51.66
C TYR H 2110 55.72 18.04 50.97
N VAL H 2111 56.38 16.88 50.94
CA VAL H 2111 57.71 16.76 50.37
C VAL H 2111 57.63 16.98 48.86
N GLN H 2112 58.46 17.87 48.35
CA GLN H 2112 58.41 18.25 46.94
C GLN H 2112 59.50 17.61 46.10
N SER H 2113 60.52 17.04 46.71
CA SER H 2113 61.61 16.42 45.96
C SER H 2113 61.27 14.96 45.71
N PRO H 2114 61.05 14.55 44.46
CA PRO H 2114 60.76 13.13 44.20
C PRO H 2114 61.89 12.20 44.62
N GLU H 2115 63.14 12.65 44.51
CA GLU H 2115 64.26 11.82 44.96
C GLU H 2115 64.20 11.58 46.46
N LEU H 2116 63.85 12.62 47.23
CA LEU H 2116 63.73 12.45 48.67
C LEU H 2116 62.57 11.54 49.03
N VAL H 2117 61.45 11.67 48.31
CA VAL H 2117 60.28 10.83 48.60
C VAL H 2117 60.62 9.36 48.39
N ARG H 2118 61.29 9.03 47.28
CA ARG H 2118 61.68 7.65 47.05
C ARG H 2118 62.68 7.18 48.10
N ALA H 2119 63.63 8.05 48.47
CA ALA H 2119 64.65 7.65 49.44
C ALA H 2119 64.04 7.35 50.81
N MET H 2120 63.09 8.18 51.26
CA MET H 2120 62.54 7.99 52.59
C MET H 2120 61.58 6.80 52.65
N PHE H 2121 60.83 6.56 51.57
CA PHE H 2121 59.94 5.40 51.56
C PHE H 2121 60.67 4.10 51.32
N SER H 2122 61.77 4.13 50.56
CA SER H 2122 62.62 2.95 50.45
C SER H 2122 63.24 2.60 51.79
N LEU H 2123 63.69 3.62 52.53
CA LEU H 2123 64.23 3.39 53.86
C LEU H 2123 63.15 2.90 54.82
N LEU H 2124 61.94 3.44 54.70
CA LEU H 2124 60.85 3.03 55.59
C LEU H 2124 60.46 1.57 55.38
N HIS H 2125 60.43 1.14 54.12
CA HIS H 2125 60.03 -0.24 53.83
C HIS H 2125 60.99 -1.25 54.44
N ARG H 2126 62.28 -0.91 54.49
CA ARG H 2126 63.26 -1.84 55.05
C ARG H 2126 63.03 -2.05 56.54
N GLN H 2127 62.67 -0.99 57.26
CA GLN H 2127 62.48 -1.12 58.71
C GLN H 2127 61.28 -2.01 59.04
N TYR H 2128 60.18 -1.84 58.31
CA TYR H 2128 58.99 -2.65 58.58
C TYR H 2128 59.18 -4.10 58.17
N ASP H 2129 59.94 -4.36 57.10
CA ASP H 2129 60.19 -5.71 56.62
C ASP H 2129 61.69 -5.97 56.71
N GLY H 2130 62.13 -6.42 57.89
CA GLY H 2130 63.52 -6.75 58.09
C GLY H 2130 63.83 -8.17 57.71
N LEU H 2131 62.91 -9.09 58.06
CA LEU H 2131 63.09 -10.47 57.69
C LEU H 2131 63.06 -10.66 56.18
N GLY H 2132 62.16 -9.95 55.49
CA GLY H 2132 62.12 -10.02 54.04
C GLY H 2132 63.38 -9.43 53.41
N GLU H 2133 63.91 -8.36 54.01
CA GLU H 2133 65.16 -7.80 53.52
C GLU H 2133 66.30 -8.80 53.64
N LEU H 2134 66.38 -9.49 54.78
CA LEU H 2134 67.38 -10.54 54.95
C LEU H 2134 67.13 -11.69 53.97
N LEU H 2135 65.87 -12.01 53.71
CA LEU H 2135 65.55 -13.10 52.80
C LEU H 2135 66.03 -12.81 51.38
N ARG H 2136 65.92 -11.57 50.94
CA ARG H 2136 66.37 -11.20 49.59
C ARG H 2136 67.87 -10.99 49.50
N ALA H 2137 68.58 -10.92 50.63
CA ALA H 2137 70.03 -10.77 50.61
C ALA H 2137 70.78 -12.08 50.73
N LEU H 2138 70.13 -13.12 51.24
CA LEU H 2138 70.78 -14.43 51.34
C LEU H 2138 71.27 -15.00 50.01
N PRO H 2139 70.55 -14.87 48.89
CA PRO H 2139 71.08 -15.40 47.63
C PRO H 2139 72.43 -14.82 47.23
N ARG H 2140 72.78 -13.64 47.72
CA ARG H 2140 74.08 -13.04 47.45
C ARG H 2140 75.08 -13.28 48.58
N ALA H 2141 74.77 -14.20 49.49
CA ALA H 2141 75.67 -14.58 50.58
C ALA H 2141 76.31 -15.92 50.25
N TYR H 2142 77.60 -16.03 50.59
CA TYR H 2142 78.36 -17.23 50.24
C TYR H 2142 79.51 -17.38 51.22
N THR H 2143 79.67 -18.58 51.78
CA THR H 2143 80.74 -18.86 52.71
C THR H 2143 81.85 -19.62 51.99
N ILE H 2144 83.10 -19.23 52.27
CA ILE H 2144 84.26 -19.83 51.62
C ILE H 2144 85.25 -20.26 52.69
N SER H 2145 86.14 -21.17 52.30
CA SER H 2145 87.20 -21.60 53.19
C SER H 2145 88.20 -20.48 53.40
N PRO H 2146 88.79 -20.38 54.60
CA PRO H 2146 89.81 -19.34 54.83
C PRO H 2146 91.05 -19.51 53.97
N SER H 2147 91.31 -20.70 53.44
CA SER H 2147 92.47 -20.92 52.58
C SER H 2147 92.28 -20.40 51.17
N SER H 2148 91.06 -20.05 50.78
CA SER H 2148 90.78 -19.54 49.44
C SER H 2148 90.47 -18.05 49.44
N VAL H 2149 90.86 -17.33 50.49
CA VAL H 2149 90.56 -15.91 50.59
C VAL H 2149 91.39 -15.12 49.58
N GLU H 2150 92.69 -15.43 49.47
CA GLU H 2150 93.56 -14.64 48.62
C GLU H 2150 93.17 -14.78 47.15
N ASP H 2151 92.78 -15.98 46.71
CA ASP H 2151 92.33 -16.15 45.34
C ASP H 2151 90.99 -15.46 45.12
N THR H 2152 90.11 -15.50 46.11
CA THR H 2152 88.82 -14.82 45.98
C THR H 2152 89.00 -13.31 45.90
N MET H 2153 89.92 -12.75 46.69
CA MET H 2153 90.19 -11.32 46.62
C MET H 2153 90.72 -10.93 45.25
N SER H 2154 91.60 -11.75 44.67
CA SER H 2154 92.09 -11.49 43.32
C SER H 2154 90.96 -11.53 42.31
N LEU H 2155 90.04 -12.48 42.45
CA LEU H 2155 88.90 -12.55 41.55
C LEU H 2155 88.00 -11.34 41.70
N LEU H 2156 87.80 -10.87 42.92
CA LEU H 2156 86.98 -9.67 43.14
C LEU H 2156 87.63 -8.44 42.52
N GLU H 2157 88.96 -8.35 42.58
CA GLU H 2157 89.66 -7.24 41.96
C GLU H 2157 89.44 -7.24 40.45
N CYS H 2158 89.53 -8.42 39.82
CA CYS H 2158 89.31 -8.50 38.37
C CYS H 2158 87.85 -8.19 38.03
N LEU H 2159 86.91 -8.67 38.85
CA LEU H 2159 85.51 -8.39 38.60
C LEU H 2159 85.20 -6.90 38.75
N GLY H 2160 85.86 -6.23 39.69
CA GLY H 2160 85.67 -4.79 39.83
C GLY H 2160 86.12 -4.02 38.60
N GLN H 2161 87.20 -4.47 37.96
CA GLN H 2161 87.64 -3.84 36.73
C GLN H 2161 86.62 -3.99 35.62
N ILE H 2162 86.04 -5.19 35.50
CA ILE H 2162 85.03 -5.42 34.46
C ILE H 2162 83.78 -4.59 34.72
N ARG H 2163 83.35 -4.52 35.98
CA ARG H 2163 82.17 -3.72 36.31
C ARG H 2163 82.40 -2.24 36.03
N SER H 2164 83.63 -1.77 36.13
CA SER H 2164 83.93 -0.37 35.84
C SER H 2164 83.80 -0.06 34.35
N LEU H 2165 83.75 -1.08 33.50
CA LEU H 2165 83.63 -0.88 32.06
C LEU H 2165 82.19 -0.76 31.59
N LEU H 2166 81.22 -0.88 32.50
CA LEU H 2166 79.82 -0.73 32.13
C LEU H 2166 79.40 0.73 32.00
N ILE H 2167 80.24 1.67 32.43
CA ILE H 2167 79.91 3.08 32.44
C ILE H 2167 80.83 3.89 31.53
N VAL H 2168 81.58 3.23 30.66
CA VAL H 2168 82.53 3.90 29.78
C VAL H 2168 82.44 3.28 28.40
N GLN H 2169 82.49 4.13 27.37
CA GLN H 2169 82.53 3.64 26.00
C GLN H 2169 83.81 2.84 25.78
N MET H 2170 83.68 1.73 25.05
CA MET H 2170 84.80 0.85 24.82
C MET H 2170 85.85 1.53 23.94
N GLY H 2171 87.12 1.34 24.30
CA GLY H 2171 88.22 1.90 23.55
C GLY H 2171 89.41 0.97 23.54
N PRO H 2172 90.48 1.36 22.86
CA PRO H 2172 91.68 0.50 22.81
C PRO H 2172 92.27 0.22 24.19
N GLN H 2173 92.25 1.20 25.09
CA GLN H 2173 92.78 0.97 26.42
C GLN H 2173 91.86 0.08 27.25
N GLU H 2174 90.55 0.33 27.18
CA GLU H 2174 89.60 -0.49 27.93
C GLU H 2174 89.54 -1.90 27.38
N GLU H 2175 89.80 -2.08 26.08
CA GLU H 2175 89.81 -3.43 25.51
C GLU H 2175 90.89 -4.29 26.14
N ASN H 2176 92.09 -3.73 26.31
CA ASN H 2176 93.18 -4.49 26.92
C ASN H 2176 92.86 -4.83 28.37
N LEU H 2177 92.28 -3.89 29.11
CA LEU H 2177 91.90 -4.15 30.49
C LEU H 2177 90.85 -5.26 30.57
N MET H 2178 89.88 -5.24 29.67
CA MET H 2178 88.85 -6.28 29.65
C MET H 2178 89.44 -7.65 29.35
N ILE H 2179 90.37 -7.70 28.40
CA ILE H 2179 90.95 -8.99 27.99
C ILE H 2179 91.77 -9.59 29.12
N GLN H 2180 92.62 -8.78 29.75
CA GLN H 2180 93.47 -9.31 30.82
C GLN H 2180 92.66 -9.64 32.07
N SER H 2181 91.58 -8.90 32.34
CA SER H 2181 90.73 -9.24 33.46
C SER H 2181 90.05 -10.59 33.26
N ILE H 2182 89.58 -10.86 32.05
CA ILE H 2182 88.98 -12.15 31.75
C ILE H 2182 90.02 -13.26 31.87
N GLY H 2183 91.22 -13.02 31.36
CA GLY H 2183 92.27 -14.01 31.45
C GLY H 2183 92.64 -14.34 32.88
N ASN H 2184 92.71 -13.32 33.74
CA ASN H 2184 93.02 -13.55 35.14
C ASN H 2184 91.91 -14.33 35.84
N ILE H 2185 90.64 -14.02 35.51
CA ILE H 2185 89.53 -14.75 36.11
C ILE H 2185 89.57 -16.22 35.69
N MET H 2186 89.79 -16.48 34.40
CA MET H 2186 89.86 -17.85 33.92
C MET H 2186 91.13 -18.55 34.37
N ASN H 2187 92.10 -17.84 34.92
CA ASN H 2187 93.29 -18.43 35.50
C ASN H 2187 93.16 -18.67 36.99
N ASN H 2188 92.01 -18.34 37.58
CA ASN H 2188 91.79 -18.45 39.01
C ASN H 2188 91.04 -19.74 39.31
N LYS H 2189 91.53 -20.47 40.33
CA LYS H 2189 90.90 -21.74 40.69
C LYS H 2189 89.51 -21.54 41.27
N VAL H 2190 89.25 -20.41 41.91
CA VAL H 2190 87.94 -20.15 42.50
C VAL H 2190 86.87 -20.09 41.43
N PHE H 2191 87.21 -19.56 40.25
CA PHE H 2191 86.24 -19.47 39.16
C PHE H 2191 85.69 -20.84 38.78
N TYR H 2192 86.46 -21.90 38.97
CA TYR H 2192 86.02 -23.24 38.64
C TYR H 2192 85.53 -24.02 39.86
N GLN H 2193 86.07 -23.73 41.04
CA GLN H 2193 85.67 -24.45 42.24
C GLN H 2193 84.31 -24.02 42.75
N HIS H 2194 83.93 -22.76 42.54
CA HIS H 2194 82.69 -22.21 43.06
C HIS H 2194 81.90 -21.55 41.93
N PRO H 2195 81.32 -22.35 41.05
CA PRO H 2195 80.46 -21.76 40.00
C PRO H 2195 79.25 -21.03 40.56
N ASN H 2196 78.71 -21.48 41.69
CA ASN H 2196 77.56 -20.79 42.29
C ASN H 2196 77.94 -19.39 42.74
N LEU H 2197 79.15 -19.22 43.30
CA LEU H 2197 79.58 -17.89 43.71
C LEU H 2197 79.71 -16.96 42.52
N MET H 2198 80.25 -17.46 41.40
CA MET H 2198 80.36 -16.64 40.20
C MET H 2198 78.98 -16.24 39.69
N ARG H 2199 78.02 -17.17 39.74
CA ARG H 2199 76.66 -16.86 39.33
C ARG H 2199 76.02 -15.83 40.25
N ALA H 2200 76.30 -15.93 41.55
CA ALA H 2200 75.75 -14.96 42.50
C ALA H 2200 76.32 -13.57 42.26
N LEU H 2201 77.60 -13.48 41.89
CA LEU H 2201 78.22 -12.19 41.61
C LEU H 2201 77.72 -11.57 40.32
N GLY H 2202 76.97 -12.30 39.52
CA GLY H 2202 76.52 -11.79 38.24
C GLY H 2202 77.64 -11.56 37.26
N MET H 2203 78.66 -12.42 37.29
CA MET H 2203 79.82 -12.24 36.41
C MET H 2203 79.43 -12.41 34.95
N HIS H 2204 78.59 -13.40 34.65
CA HIS H 2204 78.18 -13.63 33.26
C HIS H 2204 77.32 -12.48 32.73
N GLU H 2205 76.46 -11.91 33.59
CA GLU H 2205 75.68 -10.74 33.17
C GLU H 2205 76.58 -9.57 32.84
N THR H 2206 77.59 -9.31 33.68
CA THR H 2206 78.47 -8.16 33.46
C THR H 2206 79.24 -8.30 32.17
N VAL H 2207 79.78 -9.49 31.91
CA VAL H 2207 80.53 -9.72 30.67
C VAL H 2207 79.60 -9.60 29.46
N MET H 2208 78.39 -10.13 29.56
CA MET H 2208 77.45 -10.06 28.44
C MET H 2208 77.08 -8.61 28.12
N GLU H 2209 76.84 -7.80 29.16
CA GLU H 2209 76.47 -6.41 28.93
C GLU H 2209 77.59 -5.63 28.27
N VAL H 2210 78.83 -5.89 28.64
CA VAL H 2210 79.96 -5.24 27.99
C VAL H 2210 80.02 -5.63 26.52
N MET H 2211 79.81 -6.91 26.22
CA MET H 2211 79.90 -7.38 24.84
C MET H 2211 78.84 -6.74 23.97
N VAL H 2212 77.59 -6.69 24.44
CA VAL H 2212 76.50 -6.20 23.61
C VAL H 2212 76.63 -4.69 23.38
N ASN H 2213 77.24 -3.97 24.32
CA ASN H 2213 77.46 -2.54 24.11
C ASN H 2213 78.39 -2.31 22.93
N VAL H 2214 79.45 -3.11 22.82
CA VAL H 2214 80.33 -3.02 21.66
C VAL H 2214 79.58 -3.46 20.40
N LEU H 2215 78.81 -4.54 20.49
CA LEU H 2215 78.04 -5.00 19.34
C LEU H 2215 76.93 -4.02 18.99
N GLY H 2216 76.34 -3.37 20.00
CA GLY H 2216 75.28 -2.41 19.73
C GLY H 2216 75.76 -1.25 18.87
N GLY H 2217 76.90 -0.67 19.23
CA GLY H 2217 77.48 0.38 18.40
C GLY H 2217 78.09 -0.22 17.14
N GLY H 2218 77.78 0.38 16.00
CA GLY H 2218 78.24 -0.17 14.73
C GLY H 2218 77.70 -1.55 14.44
N GLU H 2219 76.40 -1.75 14.69
CA GLU H 2219 75.79 -3.07 14.58
C GLU H 2219 75.67 -3.56 13.13
N THR H 2220 75.89 -2.70 12.15
CA THR H 2220 75.72 -3.15 10.78
C THR H 2220 76.92 -2.86 9.88
N LYS H 2221 77.60 -1.73 10.06
CA LYS H 2221 78.64 -1.35 9.12
C LYS H 2221 80.01 -1.94 9.48
N GLU H 2222 80.36 -1.98 10.76
CA GLU H 2222 81.68 -2.47 11.16
C GLU H 2222 81.71 -2.74 12.67
N ILE H 2223 82.28 -3.88 13.07
CA ILE H 2223 82.46 -4.21 14.47
C ILE H 2223 83.91 -3.94 14.83
N ARG H 2224 84.12 -3.08 15.82
CA ARG H 2224 85.45 -2.72 16.27
C ARG H 2224 85.76 -3.43 17.59
N PHE H 2225 87.04 -3.39 17.96
CA PHE H 2225 87.57 -4.15 19.08
C PHE H 2225 87.20 -5.63 18.98
N PRO H 2226 87.55 -6.30 17.87
CA PRO H 2226 87.16 -7.71 17.72
C PRO H 2226 87.77 -8.62 18.76
N LYS H 2227 88.98 -8.31 19.23
CA LYS H 2227 89.64 -9.18 20.21
C LYS H 2227 88.87 -9.19 21.53
N MET H 2228 88.30 -8.06 21.92
CA MET H 2228 87.48 -8.03 23.13
C MET H 2228 86.24 -8.89 22.97
N VAL H 2229 85.59 -8.83 21.82
CA VAL H 2229 84.36 -9.60 21.61
C VAL H 2229 84.65 -11.10 21.66
N THR H 2230 85.71 -11.55 20.99
CA THR H 2230 86.02 -12.98 21.02
C THR H 2230 86.56 -13.42 22.37
N SER H 2231 87.08 -12.50 23.18
CA SER H 2231 87.49 -12.85 24.53
C SER H 2231 86.28 -13.03 25.44
N CYS H 2232 85.29 -12.14 25.32
CA CYS H 2232 84.08 -12.28 26.11
C CYS H 2232 83.30 -13.52 25.70
N CYS H 2233 83.19 -13.77 24.39
CA CYS H 2233 82.46 -14.94 23.93
C CYS H 2233 83.13 -16.23 24.37
N ARG H 2234 84.46 -16.30 24.28
CA ARG H 2234 85.17 -17.49 24.73
C ARG H 2234 85.01 -17.68 26.23
N PHE H 2235 84.99 -16.58 26.99
CA PHE H 2235 84.77 -16.67 28.43
C PHE H 2235 83.41 -17.26 28.73
N LEU H 2236 82.37 -16.81 28.02
CA LEU H 2236 81.02 -17.32 28.27
C LEU H 2236 80.88 -18.77 27.86
N CYS H 2237 81.57 -19.19 26.80
CA CYS H 2237 81.52 -20.60 26.39
C CYS H 2237 82.11 -21.51 27.46
N TYR H 2238 83.25 -21.12 28.04
CA TYR H 2238 83.82 -21.89 29.14
C TYR H 2238 82.96 -21.77 30.40
N PHE H 2239 82.26 -20.64 30.56
CA PHE H 2239 81.37 -20.48 31.70
C PHE H 2239 80.24 -21.50 31.66
N CYS H 2240 79.70 -21.76 30.46
CA CYS H 2240 78.61 -22.73 30.35
C CYS H 2240 79.07 -24.15 30.63
N ARG H 2241 80.31 -24.48 30.29
CA ARG H 2241 80.80 -25.84 30.43
C ARG H 2241 81.22 -26.19 31.86
N ILE H 2242 81.23 -25.24 32.78
CA ILE H 2242 81.60 -25.53 34.15
C ILE H 2242 80.52 -26.36 34.84
N SER H 2243 79.26 -25.96 34.70
CA SER H 2243 78.16 -26.68 35.33
C SER H 2243 76.89 -26.45 34.53
N ARG H 2244 75.91 -27.34 34.73
CA ARG H 2244 74.63 -27.20 34.07
C ARG H 2244 73.87 -25.97 34.56
N GLN H 2245 74.03 -25.61 35.84
CA GLN H 2245 73.38 -24.42 36.35
C GLN H 2245 73.91 -23.16 35.67
N ASN H 2246 75.21 -23.09 35.42
CA ASN H 2246 75.75 -22.00 34.62
C ASN H 2246 75.21 -22.04 33.20
N GLN H 2247 75.12 -23.24 32.63
CA GLN H 2247 74.59 -23.36 31.27
C GLN H 2247 73.13 -22.94 31.21
N ARG H 2248 72.35 -23.30 32.23
CA ARG H 2248 70.95 -22.86 32.28
C ARG H 2248 70.86 -21.34 32.42
N SER H 2249 71.75 -20.75 33.22
CA SER H 2249 71.72 -19.30 33.40
C SER H 2249 71.95 -18.58 32.09
N MET H 2250 72.91 -19.05 31.28
CA MET H 2250 73.13 -18.47 29.96
C MET H 2250 72.00 -18.81 28.99
N PHE H 2251 71.25 -19.88 29.25
CA PHE H 2251 70.12 -20.21 28.39
C PHE H 2251 69.00 -19.19 28.51
N ASP H 2252 68.90 -18.51 29.65
CA ASP H 2252 67.87 -17.50 29.83
C ASP H 2252 68.08 -16.30 28.92
N HIS H 2253 69.30 -16.10 28.42
CA HIS H 2253 69.61 -15.01 27.50
C HIS H 2253 69.75 -15.51 26.07
N LEU H 2254 69.16 -16.66 25.74
CA LEU H 2254 69.30 -17.22 24.41
C LEU H 2254 68.74 -16.28 23.35
N SER H 2255 67.54 -15.74 23.59
CA SER H 2255 66.97 -14.78 22.66
C SER H 2255 67.80 -13.51 22.60
N TYR H 2256 68.35 -13.08 23.75
CA TYR H 2256 69.20 -11.90 23.78
C TYR H 2256 70.47 -12.10 22.96
N LEU H 2257 71.04 -13.30 23.03
CA LEU H 2257 72.24 -13.59 22.24
C LEU H 2257 71.91 -13.70 20.76
N LEU H 2258 70.77 -14.31 20.42
CA LEU H 2258 70.43 -14.52 19.01
C LEU H 2258 70.22 -13.21 18.27
N GLU H 2259 69.54 -12.24 18.91
CA GLU H 2259 69.29 -10.97 18.24
C GLU H 2259 70.57 -10.17 18.02
N ASN H 2260 71.63 -10.45 18.78
CA ASN H 2260 72.93 -9.85 18.56
C ASN H 2260 73.85 -10.72 17.72
N SER H 2261 73.38 -11.89 17.29
CA SER H 2261 74.19 -12.81 16.50
C SER H 2261 74.05 -12.59 15.00
N GLY H 2262 73.19 -11.65 14.57
CA GLY H 2262 73.03 -11.40 13.15
C GLY H 2262 74.31 -10.87 12.53
N ILE H 2263 75.00 -9.96 13.22
CA ILE H 2263 76.25 -9.40 12.71
C ILE H 2263 77.47 -10.10 13.28
N GLY H 2264 77.29 -11.07 14.18
CA GLY H 2264 78.43 -11.80 14.72
C GLY H 2264 79.16 -12.63 13.69
N LEU H 2265 78.57 -12.82 12.51
CA LEU H 2265 79.24 -13.55 11.45
C LEU H 2265 80.51 -12.84 11.01
N GLY H 2266 80.54 -11.51 11.11
CA GLY H 2266 81.72 -10.77 10.71
C GLY H 2266 82.94 -11.12 11.53
N MET H 2267 82.79 -11.17 12.85
CA MET H 2267 83.89 -11.60 13.71
C MET H 2267 84.09 -13.11 13.59
N GLN H 2268 85.35 -13.52 13.57
CA GLN H 2268 85.73 -14.93 13.45
CA GLN H 2268 85.73 -14.93 13.45
C GLN H 2268 86.40 -15.40 14.74
N GLY H 2269 86.15 -16.65 15.10
CA GLY H 2269 86.66 -17.20 16.34
C GLY H 2269 85.54 -17.63 17.25
N SER H 2270 85.38 -16.96 18.38
CA SER H 2270 84.26 -17.17 19.27
C SER H 2270 83.27 -16.03 19.11
N THR H 2271 82.01 -16.37 18.82
CA THR H 2271 80.99 -15.39 18.49
C THR H 2271 79.79 -15.55 19.42
N PRO H 2272 78.91 -14.55 19.52
CA PRO H 2272 77.70 -14.73 20.32
C PRO H 2272 76.86 -15.90 19.90
N LEU H 2273 76.87 -16.24 18.60
CA LEU H 2273 76.18 -17.44 18.15
C LEU H 2273 76.80 -18.69 18.74
N ASP H 2274 78.13 -18.70 18.87
CA ASP H 2274 78.81 -19.82 19.53
C ASP H 2274 78.42 -19.93 20.99
N VAL H 2275 78.26 -18.78 21.67
CA VAL H 2275 77.83 -18.80 23.06
C VAL H 2275 76.42 -19.39 23.18
N ALA H 2276 75.53 -19.01 22.26
CA ALA H 2276 74.19 -19.57 22.26
C ALA H 2276 74.23 -21.09 22.02
N ALA H 2277 75.08 -21.53 21.10
CA ALA H 2277 75.23 -22.96 20.86
C ALA H 2277 75.81 -23.67 22.08
N ALA H 2278 76.77 -23.04 22.75
CA ALA H 2278 77.37 -23.65 23.93
C ALA H 2278 76.42 -23.73 25.11
N SER H 2279 75.31 -23.00 25.07
CA SER H 2279 74.35 -22.99 26.16
C SER H 2279 73.27 -24.06 26.03
N VAL H 2280 73.28 -24.84 24.94
CA VAL H 2280 72.32 -25.90 24.73
C VAL H 2280 72.97 -27.22 24.33
N ILE H 2281 74.30 -27.27 24.26
CA ILE H 2281 74.97 -28.46 23.76
C ILE H 2281 74.94 -29.56 24.83
N ASP H 2282 74.53 -30.76 24.42
CA ASP H 2282 74.53 -31.94 25.28
C ASP H 2282 73.72 -31.72 26.55
N ASN H 2283 72.55 -31.08 26.41
CA ASN H 2283 71.64 -30.83 27.53
C ASN H 2283 70.22 -31.03 27.00
N ASN H 2284 69.62 -32.17 27.33
CA ASN H 2284 68.27 -32.46 26.87
C ASN H 2284 67.25 -31.52 27.51
N GLU H 2285 67.46 -31.16 28.77
CA GLU H 2285 66.51 -30.30 29.46
C GLU H 2285 66.41 -28.93 28.79
N LEU H 2286 67.56 -28.36 28.42
CA LEU H 2286 67.54 -27.07 27.73
C LEU H 2286 67.12 -27.19 26.28
N ALA H 2287 67.44 -28.32 25.64
CA ALA H 2287 67.00 -28.53 24.25
C ALA H 2287 65.49 -28.61 24.17
N LEU H 2288 64.86 -29.32 25.11
CA LEU H 2288 63.41 -29.42 25.12
C LEU H 2288 62.74 -28.13 25.56
N ALA H 2289 63.48 -27.26 26.25
CA ALA H 2289 62.95 -25.97 26.68
C ALA H 2289 63.20 -24.87 25.66
N LEU H 2290 63.77 -25.20 24.51
CA LEU H 2290 64.07 -24.21 23.48
C LEU H 2290 62.77 -23.75 22.83
N GLN H 2291 62.47 -22.47 22.94
CA GLN H 2291 61.24 -21.93 22.38
C GLN H 2291 61.30 -21.93 20.85
N GLU H 2292 60.11 -22.01 20.24
CA GLU H 2292 60.04 -22.01 18.78
C GLU H 2292 60.44 -20.66 18.20
N GLN H 2293 60.18 -19.56 18.93
CA GLN H 2293 60.53 -18.24 18.44
C GLN H 2293 62.03 -18.12 18.21
N ASP H 2294 62.84 -18.69 19.10
CA ASP H 2294 64.28 -18.68 18.93
C ASP H 2294 64.70 -19.41 17.66
N LEU H 2295 64.09 -20.58 17.40
CA LEU H 2295 64.39 -21.31 16.18
C LEU H 2295 63.91 -20.53 14.96
N GLU H 2296 62.74 -19.89 15.05
CA GLU H 2296 62.27 -19.07 13.95
C GLU H 2296 63.21 -17.91 13.68
N LYS H 2297 63.78 -17.34 14.74
CA LYS H 2297 64.73 -16.24 14.57
C LYS H 2297 65.98 -16.70 13.81
N VAL H 2298 66.46 -17.91 14.11
CA VAL H 2298 67.66 -18.41 13.44
C VAL H 2298 67.36 -18.71 11.97
N VAL H 2299 66.22 -19.33 11.70
CA VAL H 2299 65.87 -19.67 10.32
C VAL H 2299 65.67 -18.41 9.50
N SER H 2300 65.11 -17.35 10.11
CA SER H 2300 65.00 -16.08 9.42
C SER H 2300 66.38 -15.52 9.07
N TYR H 2301 67.34 -15.66 9.98
CA TYR H 2301 68.72 -15.30 9.66
C TYR H 2301 69.27 -16.18 8.54
N LEU H 2302 68.99 -17.49 8.59
CA LEU H 2302 69.47 -18.39 7.56
C LEU H 2302 68.85 -18.07 6.20
N ALA H 2303 67.57 -17.68 6.20
CA ALA H 2303 66.92 -17.30 4.95
C ALA H 2303 67.57 -16.07 4.33
N GLY H 2304 67.96 -15.10 5.16
CA GLY H 2304 68.62 -13.91 4.64
C GLY H 2304 69.96 -14.22 4.02
N CYS H 2305 70.71 -15.14 4.62
CA CYS H 2305 72.02 -15.51 4.07
C CYS H 2305 71.88 -16.21 2.73
N GLY H 2306 70.74 -16.86 2.49
CA GLY H 2306 70.49 -17.52 1.22
C GLY H 2306 69.98 -16.64 0.11
N LEU H 2307 69.83 -15.34 0.35
CA LEU H 2307 69.30 -14.42 -0.65
C LEU H 2307 70.19 -13.23 -0.94
N GLN H 2308 71.16 -12.92 -0.08
CA GLN H 2308 72.03 -11.78 -0.29
C GLN H 2308 73.48 -12.18 -0.06
N SER H 2309 74.37 -11.50 -0.79
CA SER H 2309 75.80 -11.70 -0.61
C SER H 2309 76.26 -11.04 0.68
N CYS H 2310 77.40 -11.49 1.17
CA CYS H 2310 77.98 -10.90 2.37
C CYS H 2310 78.49 -9.49 2.06
N PRO H 2311 77.99 -8.45 2.73
CA PRO H 2311 78.46 -7.10 2.42
C PRO H 2311 79.95 -6.91 2.69
N MET H 2312 80.50 -7.59 3.69
CA MET H 2312 81.92 -7.47 3.97
C MET H 2312 82.76 -8.10 2.85
N LEU H 2313 82.32 -9.24 2.32
CA LEU H 2313 83.05 -9.87 1.23
C LEU H 2313 83.01 -9.04 -0.04
N LEU H 2314 81.86 -8.42 -0.33
CA LEU H 2314 81.75 -7.59 -1.52
C LEU H 2314 82.67 -6.38 -1.44
N ALA H 2315 82.80 -5.78 -0.25
CA ALA H 2315 83.70 -4.67 -0.06
C ALA H 2315 85.17 -5.06 -0.18
N LYS H 2316 85.47 -6.36 -0.18
CA LYS H 2316 86.83 -6.86 -0.31
C LYS H 2316 87.13 -7.38 -1.71
N GLY H 2317 86.30 -7.04 -2.69
CA GLY H 2317 86.55 -7.42 -4.06
C GLY H 2317 86.09 -8.81 -4.44
N TYR H 2318 85.37 -9.50 -3.57
CA TYR H 2318 84.92 -10.84 -3.89
C TYR H 2318 83.85 -10.79 -4.98
N PRO H 2319 83.80 -11.81 -5.84
CA PRO H 2319 82.73 -11.89 -6.84
C PRO H 2319 81.37 -12.02 -6.16
N ASP H 2320 80.35 -11.43 -6.80
CA ASP H 2320 79.02 -11.32 -6.21
C ASP H 2320 78.20 -12.54 -6.61
N ILE H 2321 78.20 -13.56 -5.75
CA ILE H 2321 77.21 -14.61 -5.83
C ILE H 2321 76.00 -14.19 -5.00
N GLY H 2322 74.81 -14.61 -5.43
CA GLY H 2322 73.59 -14.07 -4.86
C GLY H 2322 73.20 -14.62 -3.50
N TRP H 2323 74.17 -15.07 -2.72
CA TRP H 2323 73.89 -15.60 -1.39
C TRP H 2323 75.18 -15.58 -0.58
N ASN H 2324 75.07 -15.96 0.69
CA ASN H 2324 76.17 -15.89 1.66
C ASN H 2324 76.39 -17.27 2.27
N PRO H 2325 77.14 -18.14 1.59
CA PRO H 2325 77.39 -19.47 2.15
C PRO H 2325 78.11 -19.44 3.49
N CYS H 2326 79.00 -18.46 3.71
CA CYS H 2326 79.75 -18.41 4.95
C CYS H 2326 78.85 -18.12 6.13
N GLY H 2327 77.98 -17.11 6.00
CA GLY H 2327 77.07 -16.79 7.08
C GLY H 2327 76.03 -17.88 7.32
N GLY H 2328 75.55 -18.51 6.25
CA GLY H 2328 74.55 -19.54 6.40
C GLY H 2328 75.05 -20.76 7.12
N GLU H 2329 76.33 -21.12 6.92
CA GLU H 2329 76.89 -22.29 7.59
C GLU H 2329 76.91 -22.09 9.10
N ARG H 2330 77.21 -20.87 9.55
CA ARG H 2330 77.29 -20.60 10.98
C ARG H 2330 75.94 -20.80 11.66
N TYR H 2331 74.86 -20.40 11.00
CA TYR H 2331 73.53 -20.64 11.56
C TYR H 2331 73.15 -22.12 11.46
N LEU H 2332 73.65 -22.83 10.46
CA LEU H 2332 73.31 -24.24 10.31
C LEU H 2332 73.85 -25.07 11.46
N ASP H 2333 75.07 -24.79 11.91
CA ASP H 2333 75.65 -25.59 12.99
C ASP H 2333 74.98 -25.32 14.32
N PHE H 2334 74.41 -24.12 14.51
CA PHE H 2334 73.64 -23.85 15.72
C PHE H 2334 72.40 -24.74 15.76
N LEU H 2335 71.69 -24.85 14.64
CA LEU H 2335 70.54 -25.73 14.57
C LEU H 2335 70.96 -27.19 14.72
N ARG H 2336 72.18 -27.52 14.34
CA ARG H 2336 72.69 -28.87 14.51
C ARG H 2336 72.74 -29.26 15.97
N PHE H 2337 73.17 -28.34 16.84
CA PHE H 2337 73.21 -28.60 18.28
C PHE H 2337 71.83 -28.55 18.91
N ALA H 2338 70.87 -27.84 18.32
CA ALA H 2338 69.55 -27.74 18.89
C ALA H 2338 68.72 -28.99 18.68
N VAL H 2339 68.99 -29.75 17.62
CA VAL H 2339 68.18 -30.91 17.26
C VAL H 2339 68.86 -32.24 17.57
N PHE H 2340 70.15 -32.24 17.88
CA PHE H 2340 70.90 -33.47 18.10
C PHE H 2340 71.64 -33.34 19.43
N VAL H 2341 71.22 -34.14 20.41
CA VAL H 2341 71.79 -34.09 21.75
C VAL H 2341 72.18 -35.50 22.17
N ASN H 2342 73.43 -35.66 22.61
CA ASN H 2342 73.94 -36.91 23.18
C ASN H 2342 73.77 -38.09 22.21
N GLY H 2343 73.95 -37.82 20.92
CA GLY H 2343 73.89 -38.88 19.93
C GLY H 2343 72.50 -39.27 19.49
N GLU H 2344 71.45 -38.61 19.98
CA GLU H 2344 70.09 -38.89 19.57
C GLU H 2344 69.44 -37.61 19.07
N SER H 2345 68.46 -37.78 18.18
CA SER H 2345 67.75 -36.64 17.62
C SER H 2345 66.58 -36.24 18.52
N VAL H 2346 66.49 -34.96 18.83
CA VAL H 2346 65.38 -34.42 19.61
C VAL H 2346 64.23 -34.18 18.63
N GLU H 2347 63.22 -35.05 18.67
CA GLU H 2347 62.15 -34.98 17.68
C GLU H 2347 61.33 -33.72 17.81
N GLU H 2348 61.19 -33.18 19.02
CA GLU H 2348 60.43 -31.94 19.19
C GLU H 2348 61.11 -30.79 18.44
N ASN H 2349 62.43 -30.66 18.57
CA ASN H 2349 63.14 -29.63 17.85
C ASN H 2349 63.32 -29.97 16.38
N ALA H 2350 63.53 -31.25 16.07
CA ALA H 2350 63.79 -31.66 14.70
C ALA H 2350 62.57 -31.38 13.81
N ASN H 2351 61.38 -31.69 14.30
CA ASN H 2351 60.17 -31.46 13.51
C ASN H 2351 59.96 -29.97 13.25
N VAL H 2352 60.20 -29.13 14.26
CA VAL H 2352 60.00 -27.69 14.09
C VAL H 2352 60.99 -27.14 13.07
N VAL H 2353 62.26 -27.55 13.16
CA VAL H 2353 63.28 -27.02 12.26
C VAL H 2353 62.97 -27.39 10.81
N VAL H 2354 62.58 -28.64 10.59
CA VAL H 2354 62.28 -29.09 9.22
C VAL H 2354 61.10 -28.31 8.67
N ARG H 2355 60.04 -28.14 9.46
CA ARG H 2355 58.88 -27.39 9.00
C ARG H 2355 59.23 -25.93 8.76
N LEU H 2356 60.06 -25.34 9.62
CA LEU H 2356 60.48 -23.96 9.41
C LEU H 2356 61.33 -23.84 8.14
N LEU H 2357 62.19 -24.83 7.88
CA LEU H 2357 63.07 -24.76 6.71
C LEU H 2357 62.26 -24.84 5.41
N ILE H 2358 61.27 -25.72 5.36
CA ILE H 2358 60.51 -25.89 4.13
C ILE H 2358 59.58 -24.71 3.87
N ARG H 2359 59.15 -24.01 4.92
CA ARG H 2359 58.33 -22.82 4.72
C ARG H 2359 59.14 -21.66 4.15
N LYS H 2360 60.46 -21.71 4.24
CA LYS H 2360 61.35 -20.72 3.63
C LYS H 2360 62.38 -21.50 2.83
N PRO H 2361 62.02 -21.93 1.62
CA PRO H 2361 62.92 -22.82 0.84
C PRO H 2361 64.24 -22.18 0.47
N GLU H 2362 64.37 -20.86 0.53
CA GLU H 2362 65.64 -20.22 0.22
C GLU H 2362 66.73 -20.57 1.22
N CYS H 2363 66.38 -21.15 2.37
CA CYS H 2363 67.38 -21.60 3.33
C CYS H 2363 68.21 -22.76 2.80
N PHE H 2364 67.77 -23.41 1.73
CA PHE H 2364 68.49 -24.55 1.15
C PHE H 2364 69.55 -24.13 0.15
N GLY H 2365 69.70 -22.84 -0.11
CA GLY H 2365 70.69 -22.36 -1.06
C GLY H 2365 70.15 -22.30 -2.46
N PRO H 2366 70.96 -21.79 -3.40
CA PRO H 2366 70.52 -21.76 -4.80
C PRO H 2366 70.24 -23.14 -5.37
N ALA H 2367 70.98 -24.15 -4.95
CA ALA H 2367 70.60 -25.52 -5.26
C ALA H 2367 69.47 -25.95 -4.36
N LEU H 2368 68.78 -27.04 -4.75
CA LEU H 2368 67.59 -27.50 -4.06
C LEU H 2368 66.50 -26.44 -4.04
N ARG H 2369 66.51 -25.56 -5.04
CA ARG H 2369 65.53 -24.49 -5.14
CA ARG H 2369 65.54 -24.48 -5.13
C ARG H 2369 64.23 -24.93 -5.77
N GLY H 2370 64.18 -26.10 -6.39
CA GLY H 2370 62.99 -26.55 -7.07
C GLY H 2370 63.04 -26.19 -8.54
N GLU H 2371 62.39 -25.09 -8.92
CA GLU H 2371 62.41 -24.64 -10.30
C GLU H 2371 63.72 -23.93 -10.62
N GLY H 2372 64.31 -24.27 -11.76
CA GLY H 2372 65.54 -23.61 -12.18
C GLY H 2372 66.72 -23.84 -11.27
N GLY H 2373 66.64 -24.82 -10.38
CA GLY H 2373 67.73 -25.07 -9.45
C GLY H 2373 68.42 -26.39 -9.69
N SER H 2374 69.75 -26.34 -9.84
CA SER H 2374 70.52 -27.56 -10.01
C SER H 2374 70.50 -28.40 -8.75
N GLY H 2375 70.78 -29.69 -8.92
CA GLY H 2375 70.74 -30.62 -7.80
C GLY H 2375 71.92 -30.42 -6.86
N LEU H 2376 71.90 -31.21 -5.78
CA LEU H 2376 72.98 -31.15 -4.81
C LEU H 2376 74.30 -31.57 -5.42
N LEU H 2377 74.29 -32.63 -6.25
CA LEU H 2377 75.52 -33.08 -6.89
C LEU H 2377 76.07 -32.04 -7.85
N ALA H 2378 75.19 -31.41 -8.63
CA ALA H 2378 75.64 -30.40 -9.59
C ALA H 2378 76.25 -29.20 -8.87
N ALA H 2379 75.67 -28.80 -7.74
CA ALA H 2379 76.21 -27.66 -7.00
C ALA H 2379 77.62 -27.94 -6.49
N ILE H 2380 77.84 -29.15 -5.96
CA ILE H 2380 79.17 -29.50 -5.47
C ILE H 2380 80.17 -29.54 -6.61
N GLU H 2381 79.78 -30.13 -7.75
CA GLU H 2381 80.67 -30.14 -8.91
C GLU H 2381 80.97 -28.73 -9.40
N GLU H 2382 79.96 -27.86 -9.40
CA GLU H 2382 80.17 -26.47 -9.76
C GLU H 2382 81.13 -25.79 -8.79
N ALA H 2383 80.99 -26.08 -7.49
CA ALA H 2383 81.86 -25.49 -6.49
C ALA H 2383 83.31 -25.91 -6.69
N ILE H 2384 83.52 -27.17 -7.09
CA ILE H 2384 84.88 -27.65 -7.35
C ILE H 2384 85.51 -26.88 -8.49
N ARG H 2385 84.76 -26.64 -9.56
CA ARG H 2385 85.27 -25.86 -10.67
C ARG H 2385 85.55 -24.43 -10.26
N ILE H 2386 84.73 -23.87 -9.36
CA ILE H 2386 84.99 -22.55 -8.82
C ILE H 2386 86.29 -22.53 -8.03
N SER H 2387 86.51 -23.57 -7.21
CA SER H 2387 87.71 -23.62 -6.39
C SER H 2387 88.97 -23.71 -7.25
N GLU H 2388 88.91 -24.47 -8.34
CA GLU H 2388 90.08 -24.63 -9.20
C GLU H 2388 90.36 -23.37 -10.01
N ASP H 2389 89.38 -22.50 -10.18
CA ASP H 2389 89.55 -21.32 -11.03
C ASP H 2389 89.59 -20.05 -10.19
N PRO H 2390 90.70 -19.33 -10.16
CA PRO H 2390 90.71 -18.02 -9.50
C PRO H 2390 89.87 -17.01 -10.28
N ALA H 2391 89.77 -15.81 -9.70
CA ALA H 2391 88.97 -14.71 -10.25
C ALA H 2391 87.48 -15.05 -10.19
N ARG H 2392 87.16 -16.23 -9.68
CA ARG H 2392 85.79 -16.63 -9.41
C ARG H 2392 85.63 -17.26 -8.03
N ASP H 2393 86.74 -17.64 -7.38
CA ASP H 2393 86.71 -18.18 -6.03
C ASP H 2393 87.08 -17.15 -4.98
N GLY H 2394 87.82 -16.11 -5.35
CA GLY H 2394 88.23 -15.08 -4.42
C GLY H 2394 88.33 -13.72 -5.07
N PRO H 2395 88.85 -12.74 -4.33
CA PRO H 2395 88.95 -11.38 -4.89
C PRO H 2395 89.82 -11.29 -6.13
N GLY H 2396 90.84 -12.13 -6.25
CA GLY H 2396 91.71 -12.11 -7.41
C GLY H 2396 92.48 -10.81 -7.56
N VAL H 2397 93.05 -10.32 -6.46
CA VAL H 2397 93.80 -9.07 -6.47
C VAL H 2397 95.03 -9.18 -7.36
N PRO H 2410 97.21 -18.10 4.33
CA PRO H 2410 96.31 -17.35 3.44
C PRO H 2410 96.78 -15.92 3.20
N PRO H 2411 96.44 -15.35 2.04
CA PRO H 2411 96.85 -13.96 1.78
C PRO H 2411 96.34 -12.98 2.82
N GLU H 2412 95.13 -13.18 3.32
CA GLU H 2412 94.54 -12.34 4.37
C GLU H 2412 94.58 -13.04 5.73
N GLU H 2413 95.25 -14.19 5.78
CA GLU H 2413 95.48 -15.00 6.98
C GLU H 2413 94.20 -15.72 7.40
N ASN H 2414 93.06 -15.33 6.82
CA ASN H 2414 91.81 -16.07 6.94
C ASN H 2414 91.07 -15.95 5.61
N ARG H 2415 91.81 -16.10 4.51
CA ARG H 2415 91.23 -15.92 3.18
C ARG H 2415 90.06 -16.85 2.96
N VAL H 2416 88.95 -16.29 2.52
CA VAL H 2416 87.72 -17.05 2.28
C VAL H 2416 87.71 -17.51 0.84
N HIS H 2417 87.51 -18.80 0.63
CA HIS H 2417 87.41 -19.38 -0.71
C HIS H 2417 85.96 -19.75 -0.97
N LEU H 2418 85.36 -19.15 -1.99
CA LEU H 2418 83.94 -19.36 -2.26
C LEU H 2418 83.66 -20.80 -2.63
N GLY H 2419 84.56 -21.44 -3.37
CA GLY H 2419 84.37 -22.83 -3.71
C GLY H 2419 84.27 -23.71 -2.48
N HIS H 2420 85.20 -23.52 -1.53
CA HIS H 2420 85.13 -24.28 -0.28
C HIS H 2420 83.94 -23.86 0.56
N ALA H 2421 83.61 -22.56 0.54
CA ALA H 2421 82.47 -22.08 1.33
C ALA H 2421 81.17 -22.69 0.86
N ILE H 2422 80.99 -22.83 -0.45
CA ILE H 2422 79.76 -23.40 -0.99
C ILE H 2422 79.62 -24.87 -0.56
N MET H 2423 80.71 -25.63 -0.67
CA MET H 2423 80.67 -27.03 -0.25
C MET H 2423 80.39 -27.14 1.25
N SER H 2424 81.01 -26.27 2.05
CA SER H 2424 80.80 -26.30 3.49
C SER H 2424 79.36 -26.02 3.87
N PHE H 2425 78.70 -25.11 3.15
CA PHE H 2425 77.30 -24.82 3.44
C PHE H 2425 76.42 -26.03 3.20
N TYR H 2426 76.54 -26.66 2.04
CA TYR H 2426 75.70 -27.81 1.72
C TYR H 2426 76.04 -28.99 2.62
N ALA H 2427 77.32 -29.18 2.94
CA ALA H 2427 77.69 -30.22 3.89
C ALA H 2427 77.07 -29.97 5.24
N ALA H 2428 77.07 -28.71 5.70
CA ALA H 2428 76.39 -28.37 6.95
C ALA H 2428 74.89 -28.58 6.83
N LEU H 2429 74.31 -28.19 5.69
CA LEU H 2429 72.88 -28.37 5.49
C LEU H 2429 72.50 -29.85 5.47
N ILE H 2430 73.28 -30.68 4.77
CA ILE H 2430 73.00 -32.10 4.73
C ILE H 2430 73.20 -32.72 6.10
N ASP H 2431 74.21 -32.26 6.83
CA ASP H 2431 74.43 -32.75 8.20
C ASP H 2431 73.25 -32.42 9.09
N LEU H 2432 72.72 -31.20 8.98
CA LEU H 2432 71.58 -30.80 9.80
C LEU H 2432 70.35 -31.63 9.47
N LEU H 2433 70.08 -31.83 8.18
CA LEU H 2433 68.91 -32.63 7.79
C LEU H 2433 69.07 -34.07 8.21
N GLY H 2434 70.29 -34.61 8.13
CA GLY H 2434 70.53 -35.97 8.57
C GLY H 2434 70.28 -36.15 10.06
N ARG H 2435 70.68 -35.18 10.87
CA ARG H 2435 70.45 -35.27 12.30
C ARG H 2435 69.00 -35.01 12.67
N CYS H 2436 68.22 -34.42 11.76
CA CYS H 2436 66.79 -34.25 12.00
C CYS H 2436 65.99 -35.51 11.69
N ALA H 2437 66.63 -36.54 11.12
CA ALA H 2437 65.92 -37.76 10.79
C ALA H 2437 65.47 -38.47 12.05
N PRO H 2438 64.30 -39.09 12.03
CA PRO H 2438 63.81 -39.80 13.22
C PRO H 2438 64.67 -41.00 13.55
N GLU H 2439 64.69 -41.36 14.84
CA GLU H 2439 65.42 -42.54 15.28
C GLU H 2439 64.74 -43.80 14.76
N MET H 2440 65.51 -44.89 14.72
CA MET H 2440 65.01 -46.13 14.16
C MET H 2440 63.83 -46.69 14.97
N HIS H 2441 63.88 -46.56 16.29
CA HIS H 2441 62.81 -47.10 17.12
C HIS H 2441 61.49 -46.41 16.87
N LEU H 2442 61.50 -45.14 16.44
CA LEU H 2442 60.25 -44.47 16.07
C LEU H 2442 59.73 -44.98 14.73
N ILE H 2443 60.63 -45.20 13.77
CA ILE H 2443 60.22 -45.73 12.47
C ILE H 2443 59.69 -47.15 12.63
N GLN H 2444 60.36 -47.98 13.42
CA GLN H 2444 59.88 -49.34 13.65
C GLN H 2444 58.55 -49.35 14.38
N ALA H 2445 58.33 -48.38 15.27
CA ALA H 2445 57.04 -48.26 15.94
C ALA H 2445 55.93 -47.79 15.02
N GLY H 2446 56.27 -47.35 13.81
CA GLY H 2446 55.25 -46.92 12.87
C GLY H 2446 54.60 -45.59 13.18
N LYS H 2447 55.29 -44.72 13.91
CA LYS H 2447 54.74 -43.41 14.23
C LYS H 2447 54.52 -42.61 12.96
N GLY H 2448 53.33 -42.00 12.84
CA GLY H 2448 53.00 -41.28 11.64
C GLY H 2448 53.84 -40.05 11.42
N GLU H 2449 54.11 -39.29 12.49
CA GLU H 2449 54.90 -38.07 12.38
C GLU H 2449 56.32 -38.40 11.95
N ALA H 2450 56.91 -39.47 12.50
CA ALA H 2450 58.27 -39.84 12.15
C ALA H 2450 58.37 -40.24 10.69
N LEU H 2451 57.41 -41.02 10.19
CA LEU H 2451 57.43 -41.43 8.79
C LEU H 2451 57.28 -40.25 7.85
N ARG H 2452 56.42 -39.29 8.21
CA ARG H 2452 56.24 -38.11 7.37
C ARG H 2452 57.51 -37.30 7.27
N ILE H 2453 58.22 -37.13 8.38
CA ILE H 2453 59.46 -36.34 8.36
C ILE H 2453 60.52 -37.00 7.49
N ARG H 2454 60.68 -38.31 7.62
CA ARG H 2454 61.67 -39.01 6.81
C ARG H 2454 61.32 -38.93 5.33
N ALA H 2455 60.03 -39.01 4.99
CA ALA H 2455 59.62 -38.88 3.60
C ALA H 2455 59.96 -37.50 3.04
N ILE H 2456 59.78 -36.45 3.85
CA ILE H 2456 60.14 -35.10 3.41
C ILE H 2456 61.63 -35.00 3.18
N LEU H 2457 62.44 -35.54 4.10
CA LEU H 2457 63.89 -35.49 3.95
C LEU H 2457 64.35 -36.24 2.71
N ARG H 2458 63.75 -37.40 2.44
CA ARG H 2458 64.11 -38.15 1.25
C ARG H 2458 63.78 -37.37 -0.02
N SER H 2459 62.65 -36.66 -0.02
CA SER H 2459 62.28 -35.87 -1.18
C SER H 2459 63.28 -34.73 -1.42
N LEU H 2460 63.77 -34.10 -0.36
CA LEU H 2460 64.71 -33.00 -0.52
C LEU H 2460 66.04 -33.46 -1.09
N VAL H 2461 66.58 -34.56 -0.57
CA VAL H 2461 67.89 -35.04 -0.98
C VAL H 2461 67.75 -36.41 -1.64
N PRO H 2462 67.85 -36.51 -2.96
CA PRO H 2462 67.78 -37.82 -3.61
C PRO H 2462 68.99 -38.68 -3.28
N LEU H 2463 68.77 -40.00 -3.31
CA LEU H 2463 69.83 -40.94 -2.94
C LEU H 2463 70.98 -40.92 -3.93
N ASP H 2464 70.68 -40.74 -5.22
CA ASP H 2464 71.73 -40.77 -6.23
C ASP H 2464 72.71 -39.61 -6.04
N ASP H 2465 72.21 -38.44 -5.63
CA ASP H 2465 73.09 -37.31 -5.39
C ASP H 2465 74.04 -37.58 -4.23
N LEU H 2466 73.56 -38.27 -3.20
CA LEU H 2466 74.43 -38.63 -2.07
C LEU H 2466 75.56 -39.54 -2.54
N VAL H 2467 75.24 -40.54 -3.36
CA VAL H 2467 76.27 -41.45 -3.86
C VAL H 2467 77.23 -40.73 -4.79
N GLY H 2468 76.71 -39.81 -5.60
CA GLY H 2468 77.58 -39.07 -6.51
C GLY H 2468 78.60 -38.23 -5.79
N ILE H 2469 78.18 -37.56 -4.71
CA ILE H 2469 79.11 -36.73 -3.94
C ILE H 2469 80.16 -37.61 -3.26
N ILE H 2470 79.74 -38.74 -2.69
CA ILE H 2470 80.68 -39.65 -2.06
C ILE H 2470 81.65 -40.21 -3.08
N SER H 2471 81.19 -40.44 -4.30
CA SER H 2471 82.03 -40.98 -5.36
C SER H 2471 82.97 -39.95 -5.97
N LEU H 2472 82.84 -38.68 -5.60
CA LEU H 2472 83.70 -37.65 -6.18
C LEU H 2472 85.15 -37.89 -5.79
N PRO H 2473 86.09 -37.70 -6.71
CA PRO H 2473 87.50 -37.91 -6.38
C PRO H 2473 88.01 -36.87 -5.40
N LEU H 2474 88.97 -37.28 -4.58
CA LEU H 2474 89.64 -36.41 -3.63
C LEU H 2474 91.10 -36.23 -4.05
N GLN H 2475 91.56 -34.98 -4.01
CA GLN H 2475 92.95 -34.71 -4.35
C GLN H 2475 93.88 -35.29 -3.29
N ILE H 2476 94.89 -36.03 -3.74
CA ILE H 2476 95.77 -36.79 -2.87
C ILE H 2476 97.14 -36.15 -2.90
N PRO H 2477 97.81 -35.96 -1.75
CA PRO H 2477 99.15 -35.39 -1.75
C PRO H 2477 100.12 -36.30 -2.50
N THR H 2478 100.67 -35.78 -3.59
CA THR H 2478 101.60 -36.52 -4.44
C THR H 2478 103.00 -35.94 -4.30
N LEU H 2479 103.93 -36.51 -5.06
CA LEU H 2479 105.32 -36.11 -5.02
C LEU H 2479 105.80 -35.81 -6.43
N GLY H 2480 106.68 -34.82 -6.55
CA GLY H 2480 107.24 -34.48 -7.85
C GLY H 2480 107.99 -33.17 -7.78
N LYS H 2481 108.68 -32.87 -8.88
CA LYS H 2481 109.41 -31.61 -9.06
C LYS H 2481 110.44 -31.43 -7.94
N ASP H 2482 111.39 -32.36 -7.94
CA ASP H 2482 112.51 -32.52 -6.99
C ASP H 2482 112.09 -33.29 -5.75
N GLY H 2483 110.83 -33.67 -5.65
CA GLY H 2483 110.36 -34.41 -4.49
C GLY H 2483 109.61 -33.58 -3.46
N ALA H 2484 109.23 -32.35 -3.79
CA ALA H 2484 108.37 -31.59 -2.90
C ALA H 2484 106.96 -32.13 -2.91
N LEU H 2485 106.32 -32.13 -1.75
CA LEU H 2485 104.96 -32.64 -1.63
C LEU H 2485 103.98 -31.64 -2.21
N VAL H 2486 103.21 -32.07 -3.21
CA VAL H 2486 102.17 -31.25 -3.82
C VAL H 2486 100.88 -31.56 -3.06
N GLN H 2487 100.58 -30.72 -2.05
CA GLN H 2487 99.45 -30.97 -1.19
C GLN H 2487 98.30 -30.00 -1.51
N PRO H 2488 97.06 -30.45 -1.41
CA PRO H 2488 95.93 -29.54 -1.56
C PRO H 2488 95.83 -28.61 -0.36
N LYS H 2489 95.25 -27.43 -0.60
CA LYS H 2489 94.95 -26.49 0.47
C LYS H 2489 93.57 -26.85 1.03
N MET H 2490 93.55 -27.34 2.26
CA MET H 2490 92.32 -27.86 2.85
C MET H 2490 91.25 -26.79 3.01
N SER H 2491 91.64 -25.52 3.05
CA SER H 2491 90.68 -24.42 3.17
C SER H 2491 90.15 -23.97 1.82
N ALA H 2492 90.58 -24.57 0.71
CA ALA H 2492 90.15 -24.12 -0.60
C ALA H 2492 89.85 -25.29 -1.54
N SER H 2493 89.48 -26.45 -1.01
CA SER H 2493 89.27 -27.61 -1.86
C SER H 2493 88.25 -28.54 -1.22
N PHE H 2494 87.81 -29.51 -2.00
CA PHE H 2494 86.90 -30.53 -1.51
C PHE H 2494 87.62 -31.40 -0.48
N VAL H 2495 87.00 -31.60 0.68
CA VAL H 2495 87.65 -32.26 1.80
C VAL H 2495 86.80 -33.44 2.24
N PRO H 2496 87.41 -34.43 2.90
CA PRO H 2496 86.64 -35.58 3.38
C PRO H 2496 85.53 -35.21 4.36
N ASP H 2497 85.67 -34.09 5.07
CA ASP H 2497 84.62 -33.66 5.98
C ASP H 2497 83.31 -33.39 5.24
N HIS H 2498 83.40 -32.91 4.00
CA HIS H 2498 82.19 -32.75 3.19
C HIS H 2498 81.54 -34.08 2.91
N LYS H 2499 82.33 -35.12 2.64
CA LYS H 2499 81.78 -36.44 2.41
C LYS H 2499 81.19 -37.04 3.68
N ALA H 2500 81.74 -36.68 4.84
CA ALA H 2500 81.26 -37.27 6.09
C ALA H 2500 79.82 -36.89 6.36
N SER H 2501 79.43 -35.66 6.02
CA SER H 2501 78.04 -35.24 6.19
C SER H 2501 77.10 -36.05 5.31
N MET H 2502 77.52 -36.35 4.09
CA MET H 2502 76.68 -37.14 3.19
C MET H 2502 76.48 -38.56 3.73
N VAL H 2503 77.52 -39.15 4.31
CA VAL H 2503 77.40 -40.49 4.86
C VAL H 2503 76.41 -40.51 6.02
N LEU H 2504 76.44 -39.46 6.86
CA LEU H 2504 75.50 -39.40 7.98
C LEU H 2504 74.06 -39.33 7.50
N PHE H 2505 73.80 -38.54 6.46
CA PHE H 2505 72.46 -38.47 5.90
C PHE H 2505 72.05 -39.80 5.30
N LEU H 2506 72.96 -40.45 4.59
CA LEU H 2506 72.63 -41.73 3.96
C LEU H 2506 72.29 -42.79 5.00
N ASP H 2507 73.05 -42.85 6.09
CA ASP H 2507 72.80 -43.83 7.13
C ASP H 2507 71.48 -43.56 7.84
N ARG H 2508 71.26 -42.32 8.29
CA ARG H 2508 70.10 -42.03 9.11
C ARG H 2508 68.82 -41.92 8.31
N VAL H 2509 68.85 -41.36 7.12
CA VAL H 2509 67.64 -41.14 6.34
C VAL H 2509 67.32 -42.33 5.46
N TYR H 2510 68.27 -42.77 4.64
CA TYR H 2510 68.03 -43.90 3.74
C TYR H 2510 68.46 -45.23 4.36
N GLY H 2511 69.70 -45.30 4.83
CA GLY H 2511 70.22 -46.54 5.37
C GLY H 2511 70.65 -47.52 4.29
N ILE H 2512 71.29 -48.58 4.71
CA ILE H 2512 71.74 -49.65 3.84
C ILE H 2512 71.00 -50.91 4.27
N GLU H 2513 70.02 -51.33 3.48
CA GLU H 2513 69.16 -52.45 3.84
C GLU H 2513 69.37 -53.68 2.98
N ASN H 2514 69.97 -53.53 1.80
CA ASN H 2514 70.16 -54.64 0.88
C ASN H 2514 71.63 -54.77 0.50
N GLN H 2515 72.04 -56.00 0.21
CA GLN H 2515 73.44 -56.29 -0.08
C GLN H 2515 73.90 -55.61 -1.36
N ASP H 2516 73.07 -55.63 -2.40
CA ASP H 2516 73.49 -55.10 -3.70
C ASP H 2516 73.78 -53.62 -3.63
N PHE H 2517 72.95 -52.87 -2.90
CA PHE H 2517 73.22 -51.44 -2.72
C PHE H 2517 74.51 -51.21 -1.94
N LEU H 2518 74.75 -52.04 -0.93
CA LEU H 2518 75.97 -51.91 -0.13
C LEU H 2518 77.21 -52.10 -0.99
N LEU H 2519 77.20 -53.10 -1.87
CA LEU H 2519 78.34 -53.32 -2.75
C LEU H 2519 78.50 -52.16 -3.73
N HIS H 2520 77.38 -51.59 -4.20
CA HIS H 2520 77.45 -50.47 -5.13
C HIS H 2520 78.09 -49.24 -4.47
N VAL H 2521 77.77 -49.00 -3.20
CA VAL H 2521 78.36 -47.85 -2.51
C VAL H 2521 79.85 -48.07 -2.28
N LEU H 2522 80.25 -49.30 -1.96
CA LEU H 2522 81.64 -49.57 -1.61
C LEU H 2522 82.58 -49.30 -2.78
N ASP H 2523 82.30 -49.88 -3.95
CA ASP H 2523 83.27 -49.89 -5.03
C ASP H 2523 83.38 -48.55 -5.76
N VAL H 2524 82.47 -47.62 -5.54
CA VAL H 2524 82.54 -46.30 -6.17
C VAL H 2524 82.83 -45.20 -5.16
N GLY H 2525 82.29 -45.31 -3.95
CA GLY H 2525 82.44 -44.23 -2.99
C GLY H 2525 83.37 -44.49 -1.83
N PHE H 2526 83.34 -45.71 -1.29
CA PHE H 2526 84.09 -46.02 -0.08
C PHE H 2526 85.46 -46.64 -0.38
N LEU H 2527 85.49 -47.69 -1.19
CA LEU H 2527 86.75 -48.37 -1.46
C LEU H 2527 87.81 -47.46 -2.07
N PRO H 2528 87.52 -46.60 -3.06
CA PRO H 2528 88.57 -45.68 -3.54
C PRO H 2528 89.12 -44.78 -2.46
N ASP H 2529 88.28 -44.35 -1.51
CA ASP H 2529 88.79 -43.54 -0.40
C ASP H 2529 89.61 -44.37 0.57
N MET H 2530 89.19 -45.61 0.82
CA MET H 2530 89.94 -46.48 1.71
C MET H 2530 91.31 -46.82 1.12
N ARG H 2531 91.37 -47.06 -0.19
CA ARG H 2531 92.66 -47.31 -0.82
C ARG H 2531 93.55 -46.07 -0.77
N ALA H 2532 92.96 -44.88 -0.97
CA ALA H 2532 93.75 -43.66 -0.94
C ALA H 2532 94.38 -43.44 0.43
N ALA H 2533 93.61 -43.68 1.50
CA ALA H 2533 94.15 -43.54 2.84
C ALA H 2533 95.25 -44.57 3.11
N ALA H 2534 95.05 -45.80 2.63
CA ALA H 2534 96.06 -46.83 2.82
C ALA H 2534 97.35 -46.49 2.08
N SER H 2535 97.24 -45.94 0.88
CA SER H 2535 98.42 -45.56 0.12
C SER H 2535 99.16 -44.40 0.77
N LEU H 2536 98.46 -43.54 1.50
CA LEU H 2536 99.09 -42.41 2.17
C LEU H 2536 99.84 -42.80 3.43
N ASP H 2537 99.70 -44.04 3.90
CA ASP H 2537 100.38 -44.49 5.10
C ASP H 2537 101.84 -44.88 4.78
N THR H 2538 102.61 -43.87 4.39
CA THR H 2538 104.02 -44.02 4.08
C THR H 2538 104.84 -43.09 4.96
N ALA H 2539 106.15 -43.04 4.69
CA ALA H 2539 107.02 -42.19 5.50
C ALA H 2539 106.71 -40.72 5.32
N THR H 2540 106.38 -40.31 4.09
CA THR H 2540 106.22 -38.88 3.80
C THR H 2540 104.78 -38.42 3.97
N PHE H 2541 103.82 -39.21 3.50
CA PHE H 2541 102.44 -38.76 3.39
C PHE H 2541 101.59 -39.09 4.61
N SER H 2542 102.16 -39.74 5.63
CA SER H 2542 101.33 -40.19 6.75
C SER H 2542 100.82 -39.02 7.58
N THR H 2543 101.66 -38.00 7.79
CA THR H 2543 101.31 -36.88 8.66
C THR H 2543 100.72 -35.70 7.90
N THR H 2544 100.46 -35.85 6.62
CA THR H 2544 99.88 -34.76 5.85
C THR H 2544 98.45 -34.47 6.30
N GLU H 2545 98.00 -33.24 6.03
CA GLU H 2545 96.68 -32.82 6.46
C GLU H 2545 95.59 -33.66 5.80
N MET H 2546 95.76 -33.96 4.51
CA MET H 2546 94.76 -34.77 3.81
C MET H 2546 94.69 -36.18 4.37
N ALA H 2547 95.84 -36.78 4.69
CA ALA H 2547 95.84 -38.13 5.25
C ALA H 2547 95.15 -38.17 6.60
N LEU H 2548 95.40 -37.18 7.45
CA LEU H 2548 94.72 -37.12 8.75
C LEU H 2548 93.23 -36.92 8.57
N ALA H 2549 92.83 -36.10 7.60
CA ALA H 2549 91.41 -35.90 7.33
C ALA H 2549 90.76 -37.18 6.84
N LEU H 2550 91.46 -37.95 6.01
CA LEU H 2550 90.93 -39.22 5.53
C LEU H 2550 90.72 -40.20 6.69
N ASN H 2551 91.67 -40.24 7.62
CA ASN H 2551 91.54 -41.15 8.76
C ASN H 2551 90.32 -40.80 9.61
N ARG H 2552 90.09 -39.51 9.85
CA ARG H 2552 88.90 -39.10 10.60
C ARG H 2552 87.64 -39.44 9.82
N TYR H 2553 87.65 -39.24 8.51
CA TYR H 2553 86.49 -39.56 7.68
C TYR H 2553 86.17 -41.04 7.72
N LEU H 2554 87.20 -41.89 7.65
CA LEU H 2554 86.96 -43.33 7.64
C LEU H 2554 86.57 -43.85 9.01
N CYS H 2555 87.21 -43.35 10.06
CA CYS H 2555 87.00 -43.86 11.41
C CYS H 2555 85.76 -43.29 12.09
N LEU H 2556 85.08 -42.32 11.46
CA LEU H 2556 83.87 -41.75 12.03
C LEU H 2556 82.64 -41.93 11.16
N ALA H 2557 82.79 -42.10 9.84
CA ALA H 2557 81.66 -42.21 8.95
C ALA H 2557 81.61 -43.54 8.20
N VAL H 2558 82.70 -43.92 7.55
CA VAL H 2558 82.67 -45.07 6.64
C VAL H 2558 82.73 -46.38 7.41
N LEU H 2559 83.82 -46.60 8.15
CA LEU H 2559 84.01 -47.87 8.83
C LEU H 2559 82.92 -48.21 9.83
N PRO H 2560 82.44 -47.29 10.67
CA PRO H 2560 81.28 -47.64 11.52
C PRO H 2560 80.06 -48.08 10.73
N LEU H 2561 79.84 -47.46 9.56
CA LEU H 2561 78.72 -47.87 8.71
C LEU H 2561 78.92 -49.29 8.19
N ILE H 2562 80.16 -49.61 7.77
CA ILE H 2562 80.43 -50.95 7.26
C ILE H 2562 80.28 -51.99 8.36
N THR H 2563 80.66 -51.64 9.59
CA THR H 2563 80.51 -52.56 10.71
C THR H 2563 79.04 -52.91 10.94
N LYS H 2564 78.16 -51.92 10.84
CA LYS H 2564 76.73 -52.19 10.94
C LYS H 2564 76.25 -53.10 9.82
N CYS H 2565 76.75 -52.88 8.60
CA CYS H 2565 76.34 -53.66 7.45
C CYS H 2565 77.17 -54.93 7.27
N ALA H 2566 77.89 -55.36 8.31
CA ALA H 2566 78.66 -56.59 8.22
C ALA H 2566 77.81 -57.83 7.91
N PRO H 2567 76.63 -58.03 8.50
CA PRO H 2567 75.86 -59.24 8.18
C PRO H 2567 75.46 -59.34 6.72
N LEU H 2568 75.47 -58.24 5.97
CA LEU H 2568 75.09 -58.24 4.57
C LEU H 2568 76.17 -58.81 3.66
N PHE H 2569 77.32 -59.20 4.21
CA PHE H 2569 78.42 -59.77 3.44
C PHE H 2569 78.38 -61.29 3.40
N ALA H 2570 77.26 -61.89 3.83
CA ALA H 2570 77.19 -63.34 3.97
C ALA H 2570 77.23 -64.04 2.62
N GLY H 2571 76.54 -63.51 1.63
CA GLY H 2571 76.43 -64.15 0.33
C GLY H 2571 77.06 -63.35 -0.79
N THR H 2572 78.25 -62.79 -0.54
CA THR H 2572 78.96 -61.99 -1.53
C THR H 2572 79.96 -62.83 -2.30
N GLU H 2573 79.59 -64.06 -2.65
CA GLU H 2573 80.45 -64.90 -3.47
C GLU H 2573 80.61 -64.34 -4.87
N HIS H 2574 79.56 -63.73 -5.42
CA HIS H 2574 79.60 -63.23 -6.80
C HIS H 2574 80.53 -62.04 -6.92
N ARG H 2575 80.79 -61.33 -5.81
CA ARG H 2575 81.68 -60.18 -5.82
C ARG H 2575 82.89 -60.44 -4.94
N ALA H 2576 83.46 -61.64 -5.03
CA ALA H 2576 84.55 -62.02 -4.15
C ALA H 2576 85.80 -61.17 -4.38
N ILE H 2577 86.02 -60.72 -5.63
CA ILE H 2577 87.20 -59.92 -5.91
C ILE H 2577 87.15 -58.59 -5.16
N MET H 2578 86.00 -57.91 -5.19
CA MET H 2578 85.89 -56.64 -4.48
C MET H 2578 85.93 -56.83 -2.97
N VAL H 2579 85.28 -57.88 -2.46
CA VAL H 2579 85.27 -58.13 -1.02
C VAL H 2579 86.67 -58.41 -0.52
N ASP H 2580 87.45 -59.20 -1.27
CA ASP H 2580 88.81 -59.50 -0.87
C ASP H 2580 89.66 -58.23 -0.85
N SER H 2581 89.48 -57.35 -1.84
CA SER H 2581 90.20 -56.08 -1.85
C SER H 2581 89.81 -55.23 -0.65
N MET H 2582 88.52 -55.24 -0.28
CA MET H 2582 88.08 -54.48 0.88
C MET H 2582 88.76 -54.99 2.15
N LEU H 2583 88.86 -56.31 2.31
CA LEU H 2583 89.47 -56.88 3.49
C LEU H 2583 90.95 -56.51 3.59
N HIS H 2584 91.66 -56.54 2.46
CA HIS H 2584 93.08 -56.18 2.49
CA HIS H 2584 93.08 -56.18 2.49
C HIS H 2584 93.27 -54.70 2.82
N THR H 2585 92.42 -53.84 2.26
CA THR H 2585 92.56 -52.40 2.53
C THR H 2585 92.31 -52.07 3.99
N VAL H 2586 91.25 -52.63 4.58
CA VAL H 2586 90.97 -52.33 5.98
C VAL H 2586 92.05 -52.93 6.87
N TYR H 2587 92.56 -54.10 6.50
CA TYR H 2587 93.68 -54.67 7.24
C TYR H 2587 94.94 -53.82 7.11
N ARG H 2588 95.20 -53.31 5.90
CA ARG H 2588 96.36 -52.46 5.70
C ARG H 2588 96.20 -51.13 6.44
N LEU H 2589 94.96 -50.66 6.59
CA LEU H 2589 94.71 -49.46 7.39
C LEU H 2589 95.02 -49.71 8.86
N SER H 2590 94.74 -50.92 9.35
CA SER H 2590 95.00 -51.22 10.76
C SER H 2590 96.48 -51.13 11.06
N ARG H 2591 97.33 -51.62 10.16
CA ARG H 2591 98.78 -51.53 10.31
C ARG H 2591 99.28 -50.17 9.81
N GLY H 2592 98.68 -49.10 10.31
CA GLY H 2592 98.96 -47.76 9.83
C GLY H 2592 99.56 -46.89 10.93
N ARG H 2593 100.67 -46.25 10.60
CA ARG H 2593 101.26 -45.28 11.50
C ARG H 2593 100.43 -43.99 11.51
N SER H 2594 100.71 -43.13 12.49
CA SER H 2594 100.01 -41.86 12.67
C SER H 2594 98.50 -42.05 12.84
N LEU H 2595 98.12 -43.14 13.49
CA LEU H 2595 96.72 -43.41 13.83
C LEU H 2595 96.56 -43.38 15.34
N THR H 2596 95.55 -42.65 15.81
CA THR H 2596 95.29 -42.59 17.23
C THR H 2596 94.74 -43.93 17.72
N LYS H 2597 94.84 -44.13 19.04
CA LYS H 2597 94.35 -45.37 19.63
C LYS H 2597 92.86 -45.54 19.39
N ALA H 2598 92.10 -44.45 19.53
CA ALA H 2598 90.66 -44.51 19.29
C ALA H 2598 90.36 -44.88 17.85
N GLN H 2599 91.09 -44.29 16.90
CA GLN H 2599 90.89 -44.62 15.49
C GLN H 2599 91.27 -46.06 15.19
N ARG H 2600 92.34 -46.56 15.81
CA ARG H 2600 92.84 -47.88 15.48
C ARG H 2600 91.83 -48.97 15.86
N ASP H 2601 91.19 -48.84 17.01
CA ASP H 2601 90.24 -49.86 17.44
C ASP H 2601 89.00 -49.88 16.54
N VAL H 2602 88.61 -48.73 16.01
CA VAL H 2602 87.49 -48.69 15.07
C VAL H 2602 87.81 -49.49 13.82
N ILE H 2603 89.03 -49.35 13.31
CA ILE H 2603 89.46 -50.14 12.15
C ILE H 2603 89.50 -51.62 12.52
N GLU H 2604 90.03 -51.94 13.70
CA GLU H 2604 90.10 -53.33 14.13
C GLU H 2604 88.71 -53.92 14.31
N ASP H 2605 87.79 -53.15 14.90
CA ASP H 2605 86.43 -53.64 15.09
C ASP H 2605 85.74 -53.92 13.75
N CYS H 2606 85.98 -53.05 12.77
CA CYS H 2606 85.41 -53.29 11.44
C CYS H 2606 85.95 -54.58 10.83
N LEU H 2607 87.26 -54.81 10.95
CA LEU H 2607 87.85 -56.02 10.40
C LEU H 2607 87.32 -57.26 11.11
N MET H 2608 87.17 -57.20 12.44
CA MET H 2608 86.61 -58.33 13.18
C MET H 2608 85.18 -58.61 12.74
N ALA H 2609 84.37 -57.57 12.56
CA ALA H 2609 82.97 -57.76 12.18
C ALA H 2609 82.87 -58.36 10.79
N LEU H 2610 83.70 -57.92 9.85
CA LEU H 2610 83.63 -58.42 8.48
C LEU H 2610 83.94 -59.91 8.43
N CYS H 2611 84.99 -60.34 9.12
CA CYS H 2611 85.40 -61.73 9.09
C CYS H 2611 84.42 -62.66 9.79
N ARG H 2612 83.52 -62.12 10.61
CA ARG H 2612 82.55 -62.95 11.30
CA ARG H 2612 82.54 -62.96 11.30
C ARG H 2612 81.42 -63.43 10.38
N TYR H 2613 81.12 -62.68 9.33
CA TYR H 2613 80.03 -63.04 8.43
C TYR H 2613 80.50 -63.47 7.04
N ILE H 2614 81.71 -63.10 6.62
CA ILE H 2614 82.20 -63.51 5.32
C ILE H 2614 82.49 -65.00 5.33
N ARG H 2615 82.16 -65.68 4.23
CA ARG H 2615 82.36 -67.12 4.13
C ARG H 2615 83.84 -67.47 4.27
N PRO H 2616 84.15 -68.64 4.85
CA PRO H 2616 85.56 -69.00 5.03
C PRO H 2616 86.34 -69.09 3.72
N SER H 2617 85.70 -69.45 2.62
CA SER H 2617 86.40 -69.58 1.36
C SER H 2617 86.90 -68.24 0.85
N MET H 2618 86.21 -67.16 1.19
CA MET H 2618 86.60 -65.82 0.73
C MET H 2618 87.65 -65.16 1.62
N LEU H 2619 88.02 -65.80 2.73
CA LEU H 2619 89.05 -65.28 3.62
C LEU H 2619 90.42 -65.84 3.33
N GLN H 2620 90.57 -66.62 2.26
CA GLN H 2620 91.83 -67.30 1.99
C GLN H 2620 92.97 -66.32 1.75
N HIS H 2621 92.72 -65.29 0.95
CA HIS H 2621 93.78 -64.33 0.64
C HIS H 2621 94.18 -63.53 1.87
N LEU H 2622 93.21 -63.15 2.70
CA LEU H 2622 93.54 -62.44 3.94
C LEU H 2622 94.38 -63.30 4.87
N LEU H 2623 94.05 -64.60 4.95
CA LEU H 2623 94.86 -65.50 5.77
C LEU H 2623 96.28 -65.60 5.23
N ARG H 2624 96.44 -65.58 3.92
CA ARG H 2624 97.77 -65.66 3.33
C ARG H 2624 98.64 -64.49 3.77
N ARG H 2625 98.07 -63.29 3.80
CA ARG H 2625 98.81 -62.13 4.31
C ARG H 2625 99.14 -62.29 5.79
N LEU H 2626 98.20 -62.83 6.57
CA LEU H 2626 98.42 -63.02 8.00
C LEU H 2626 99.51 -64.04 8.28
N VAL H 2627 99.67 -65.02 7.39
CA VAL H 2627 100.73 -66.02 7.57
C VAL H 2627 102.10 -65.37 7.55
N PHE H 2628 102.27 -64.32 6.74
CA PHE H 2628 103.55 -63.63 6.66
C PHE H 2628 103.79 -62.71 7.85
N ASP H 2629 102.74 -62.20 8.47
CA ASP H 2629 102.86 -61.15 9.48
C ASP H 2629 102.78 -61.67 10.91
N VAL H 2630 101.84 -62.57 11.20
CA VAL H 2630 101.62 -62.99 12.59
C VAL H 2630 102.85 -63.63 13.22
N PRO H 2631 103.59 -64.53 12.55
CA PRO H 2631 104.74 -65.15 13.21
C PRO H 2631 105.82 -64.16 13.67
N ILE H 2632 105.82 -62.93 13.18
CA ILE H 2632 106.76 -61.94 13.69
C ILE H 2632 106.46 -61.66 15.16
N LEU H 2633 105.19 -61.65 15.54
CA LEU H 2633 104.76 -61.45 16.93
C LEU H 2633 105.28 -60.13 17.50
N ASN H 2634 105.14 -59.07 16.71
CA ASN H 2634 105.48 -57.73 17.14
C ASN H 2634 104.26 -57.10 17.82
N GLU H 2635 104.29 -55.80 18.09
CA GLU H 2635 103.16 -55.15 18.75
C GLU H 2635 101.94 -55.08 17.83
N PHE H 2636 102.12 -55.19 16.52
CA PHE H 2636 101.00 -55.16 15.59
C PHE H 2636 100.31 -56.51 15.47
N ALA H 2637 100.85 -57.56 16.08
CA ALA H 2637 100.30 -58.90 15.96
C ALA H 2637 99.18 -59.20 16.93
N LYS H 2638 98.84 -58.26 17.82
CA LYS H 2638 97.81 -58.54 18.81
C LYS H 2638 96.44 -58.70 18.16
N MET H 2639 96.07 -57.77 17.28
CA MET H 2639 94.77 -57.87 16.61
C MET H 2639 94.67 -59.09 15.71
N PRO H 2640 95.65 -59.40 14.85
CA PRO H 2640 95.51 -60.61 14.02
C PRO H 2640 95.38 -61.88 14.83
N LEU H 2641 96.03 -61.98 15.99
CA LEU H 2641 95.89 -63.17 16.83
C LEU H 2641 94.45 -63.36 17.27
N LYS H 2642 93.79 -62.28 17.69
CA LYS H 2642 92.39 -62.38 18.07
C LYS H 2642 91.52 -62.67 16.85
N LEU H 2643 91.86 -62.09 15.69
CA LEU H 2643 91.09 -62.35 14.48
C LEU H 2643 91.19 -63.81 14.07
N LEU H 2644 92.39 -64.38 14.14
CA LEU H 2644 92.58 -65.78 13.78
C LEU H 2644 91.88 -66.70 14.77
N THR H 2645 91.89 -66.34 16.06
CA THR H 2645 91.25 -67.16 17.07
C THR H 2645 89.74 -67.27 16.82
N ASN H 2646 89.10 -66.14 16.51
CA ASN H 2646 87.67 -66.16 16.24
C ASN H 2646 87.35 -66.89 14.95
N HIS H 2647 88.21 -66.75 13.94
CA HIS H 2647 87.95 -67.35 12.64
C HIS H 2647 87.95 -68.87 12.73
N TYR H 2648 88.98 -69.44 13.35
CA TYR H 2648 89.10 -70.89 13.40
C TYR H 2648 88.13 -71.52 14.39
N GLU H 2649 87.82 -70.82 15.48
CA GLU H 2649 86.81 -71.33 16.41
C GLU H 2649 85.43 -71.38 15.75
N ARG H 2650 85.11 -70.36 14.95
CA ARG H 2650 83.82 -70.32 14.28
C ARG H 2650 83.75 -71.30 13.11
N CYS H 2651 84.84 -71.43 12.36
CA CYS H 2651 84.84 -72.21 11.13
C CYS H 2651 85.70 -73.46 11.24
N TRP H 2652 85.69 -74.13 12.40
CA TRP H 2652 86.52 -75.31 12.57
C TRP H 2652 86.02 -76.49 11.76
N LYS H 2653 84.69 -76.59 11.57
CA LYS H 2653 84.16 -77.68 10.75
C LYS H 2653 84.58 -77.54 9.30
N TYR H 2654 84.82 -76.31 8.83
CA TYR H 2654 85.22 -76.10 7.46
C TYR H 2654 86.58 -76.71 7.16
N TYR H 2655 87.46 -76.79 8.15
CA TYR H 2655 88.81 -77.31 7.95
C TYR H 2655 89.00 -78.73 8.43
N CYS H 2656 88.26 -79.16 9.45
CA CYS H 2656 88.51 -80.45 10.09
C CYS H 2656 87.68 -81.57 9.49
N LEU H 2657 86.36 -81.39 9.42
CA LEU H 2657 85.48 -82.45 8.97
C LEU H 2657 85.72 -82.76 7.49
N PRO H 2658 85.81 -84.04 7.11
CA PRO H 2658 85.99 -84.36 5.68
C PRO H 2658 84.86 -83.85 4.80
N THR H 2659 83.63 -83.86 5.31
CA THR H 2659 82.50 -83.31 4.55
C THR H 2659 82.45 -81.79 4.59
N GLY H 2660 83.21 -81.16 5.48
CA GLY H 2660 83.22 -79.72 5.58
C GLY H 2660 82.04 -79.18 6.34
N TRP H 2661 82.02 -77.85 6.47
CA TRP H 2661 80.92 -77.18 7.14
C TRP H 2661 79.67 -77.23 6.26
N ALA H 2662 78.51 -77.28 6.91
CA ALA H 2662 77.24 -77.36 6.18
C ALA H 2662 77.05 -76.11 5.34
N ASN H 2663 76.69 -76.32 4.06
CA ASN H 2663 76.40 -75.29 3.06
C ASN H 2663 77.50 -74.25 2.94
N PHE H 2664 78.70 -74.52 3.45
CA PHE H 2664 79.84 -73.63 3.31
C PHE H 2664 81.00 -74.21 2.52
N GLY H 2665 80.97 -75.51 2.24
CA GLY H 2665 82.04 -76.15 1.50
C GLY H 2665 83.11 -76.74 2.40
N VAL H 2666 84.19 -77.16 1.77
CA VAL H 2666 85.32 -77.77 2.46
C VAL H 2666 86.58 -77.03 2.05
N THR H 2667 87.63 -77.17 2.86
CA THR H 2667 88.91 -76.55 2.56
C THR H 2667 89.49 -77.11 1.27
N SER H 2668 90.35 -76.32 0.64
CA SER H 2668 90.85 -76.61 -0.70
C SER H 2668 92.28 -77.13 -0.70
N GLU H 2669 92.77 -77.65 0.42
CA GLU H 2669 94.08 -78.29 0.53
C GLU H 2669 95.18 -77.24 0.45
N GLU H 2670 94.82 -75.99 0.17
CA GLU H 2670 95.74 -74.87 0.23
C GLU H 2670 95.55 -74.03 1.47
N GLU H 2671 94.31 -73.87 1.93
CA GLU H 2671 94.07 -73.20 3.20
C GLU H 2671 94.66 -74.01 4.36
N LEU H 2672 94.58 -75.34 4.26
CA LEU H 2672 95.20 -76.18 5.28
C LEU H 2672 96.71 -75.99 5.31
N HIS H 2673 97.34 -75.88 4.14
CA HIS H 2673 98.76 -75.61 4.09
C HIS H 2673 99.09 -74.26 4.73
N LEU H 2674 98.28 -73.24 4.45
CA LEU H 2674 98.46 -71.96 5.11
C LEU H 2674 98.22 -72.07 6.61
N THR H 2675 97.20 -72.83 7.01
CA THR H 2675 96.92 -73.01 8.43
C THR H 2675 98.06 -73.76 9.12
N ARG H 2676 98.62 -74.78 8.46
CA ARG H 2676 99.73 -75.53 9.05
C ARG H 2676 100.95 -74.64 9.24
N LYS H 2677 101.27 -73.82 8.23
CA LYS H 2677 102.38 -72.89 8.38
C LYS H 2677 102.10 -71.85 9.45
N LEU H 2678 100.84 -71.41 9.55
CA LEU H 2678 100.47 -70.43 10.57
C LEU H 2678 100.67 -70.99 11.97
N PHE H 2679 100.33 -72.25 12.18
CA PHE H 2679 100.51 -72.87 13.49
C PHE H 2679 101.99 -72.93 13.86
N TRP H 2680 102.82 -73.48 12.97
CA TRP H 2680 104.23 -73.65 13.31
C TRP H 2680 104.97 -72.32 13.32
N GLY H 2681 104.52 -71.35 12.52
CA GLY H 2681 105.13 -70.04 12.57
C GLY H 2681 104.96 -69.37 13.93
N ILE H 2682 103.75 -69.45 14.49
CA ILE H 2682 103.52 -68.91 15.83
C ILE H 2682 104.24 -69.77 16.87
N PHE H 2683 104.16 -71.09 16.73
CA PHE H 2683 104.72 -71.98 17.74
C PHE H 2683 106.23 -71.81 17.84
N ASP H 2684 106.93 -71.75 16.70
CA ASP H 2684 108.37 -71.59 16.72
C ASP H 2684 108.78 -70.22 17.24
N SER H 2685 108.08 -69.17 16.81
CA SER H 2685 108.40 -67.83 17.28
C SER H 2685 108.13 -67.68 18.77
N LEU H 2686 107.01 -68.21 19.24
CA LEU H 2686 106.67 -68.11 20.66
C LEU H 2686 107.64 -68.93 21.52
N ALA H 2687 108.20 -70.00 20.96
CA ALA H 2687 109.16 -70.82 21.70
C ALA H 2687 110.47 -70.10 21.97
N HIS H 2688 110.78 -69.05 21.21
CA HIS H 2688 111.99 -68.27 21.42
C HIS H 2688 111.76 -66.88 21.99
N LYS H 2689 110.54 -66.36 21.90
CA LYS H 2689 110.23 -65.07 22.49
C LYS H 2689 110.36 -65.14 24.00
N LYS H 2690 110.92 -64.08 24.59
CA LYS H 2690 110.96 -63.98 26.04
C LYS H 2690 109.55 -63.86 26.60
N TYR H 2691 109.35 -64.34 27.82
CA TYR H 2691 108.01 -64.45 28.38
C TYR H 2691 107.38 -63.07 28.54
N ASP H 2692 106.28 -62.86 27.81
CA ASP H 2692 105.45 -61.66 27.96
C ASP H 2692 104.04 -62.14 28.27
N GLN H 2693 103.49 -61.69 29.40
CA GLN H 2693 102.19 -62.17 29.82
C GLN H 2693 101.10 -61.79 28.83
N GLU H 2694 101.14 -60.56 28.31
CA GLU H 2694 100.13 -60.13 27.34
C GLU H 2694 100.22 -60.94 26.05
N LEU H 2695 101.45 -61.19 25.57
CA LEU H 2695 101.62 -61.96 24.35
C LEU H 2695 101.14 -63.40 24.54
N TYR H 2696 101.53 -64.01 25.66
CA TYR H 2696 101.15 -65.40 25.92
C TYR H 2696 99.65 -65.55 26.15
N ARG H 2697 99.00 -64.51 26.68
CA ARG H 2697 97.59 -64.62 27.02
C ARG H 2697 96.72 -64.81 25.79
N MET H 2698 97.11 -64.21 24.66
CA MET H 2698 96.31 -64.28 23.45
C MET H 2698 96.92 -65.13 22.35
N ALA H 2699 98.21 -65.47 22.45
CA ALA H 2699 98.80 -66.38 21.48
C ALA H 2699 98.35 -67.82 21.72
N MET H 2700 98.21 -68.20 22.99
CA MET H 2700 97.79 -69.58 23.31
C MET H 2700 96.41 -69.91 22.77
N PRO H 2701 95.38 -69.08 22.94
CA PRO H 2701 94.08 -69.42 22.31
C PRO H 2701 94.16 -69.54 20.81
N CYS H 2702 95.02 -68.74 20.15
CA CYS H 2702 95.18 -68.85 18.71
C CYS H 2702 95.72 -70.21 18.32
N LEU H 2703 96.74 -70.69 19.06
CA LEU H 2703 97.30 -72.01 18.76
C LEU H 2703 96.27 -73.11 18.99
N CYS H 2704 95.49 -73.02 20.06
CA CYS H 2704 94.47 -74.02 20.33
C CYS H 2704 93.41 -74.03 19.24
N ALA H 2705 92.97 -72.85 18.79
CA ALA H 2705 91.98 -72.79 17.74
C ALA H 2705 92.52 -73.34 16.42
N ILE H 2706 93.76 -72.99 16.08
CA ILE H 2706 94.36 -73.47 14.84
C ILE H 2706 94.54 -74.98 14.88
N ALA H 2707 95.04 -75.49 16.00
CA ALA H 2707 95.25 -76.93 16.13
C ALA H 2707 93.93 -77.69 16.09
N GLY H 2708 92.88 -77.10 16.65
CA GLY H 2708 91.58 -77.74 16.64
C GLY H 2708 90.88 -77.72 15.29
N ALA H 2709 91.40 -76.96 14.33
CA ALA H 2709 90.84 -76.91 12.98
C ALA H 2709 91.54 -77.82 12.00
N LEU H 2710 92.86 -77.96 12.10
CA LEU H 2710 93.59 -78.84 11.21
C LEU H 2710 93.22 -80.30 11.50
N PRO H 2711 92.93 -81.09 10.47
CA PRO H 2711 92.74 -82.52 10.67
C PRO H 2711 94.02 -83.15 11.21
N PRO H 2712 93.91 -84.07 12.17
CA PRO H 2712 95.11 -84.70 12.72
C PRO H 2712 95.92 -85.46 11.69
N ASP H 2713 95.27 -86.04 10.68
CA ASP H 2713 95.93 -86.84 9.67
C ASP H 2713 96.25 -86.06 8.41
N TYR H 2714 96.12 -84.73 8.44
CA TYR H 2714 96.41 -83.93 7.26
C TYR H 2714 97.88 -84.05 6.88
N VAL H 2715 98.12 -84.26 5.59
CA VAL H 2715 99.47 -84.35 5.04
C VAL H 2715 99.60 -83.31 3.94
N ASP H 2716 100.57 -82.40 4.09
CA ASP H 2716 100.80 -81.37 3.10
C ASP H 2716 101.53 -81.96 1.89
N ALA H 2717 101.04 -81.64 0.69
CA ALA H 2717 101.67 -82.16 -0.52
C ALA H 2717 103.09 -81.64 -0.67
N SER H 2718 103.31 -80.36 -0.38
CA SER H 2718 104.64 -79.76 -0.46
C SER H 2718 105.25 -79.80 0.94
N TYR H 2719 105.85 -80.93 1.29
CA TYR H 2719 106.46 -81.12 2.61
C TYR H 2719 107.91 -80.65 2.55
N SER H 2720 108.08 -79.34 2.45
CA SER H 2720 109.38 -78.70 2.39
C SER H 2720 109.20 -77.22 2.68
N SER H 2721 110.28 -76.58 3.13
CA SER H 2721 110.23 -75.16 3.47
C SER H 2721 111.60 -74.55 3.24
N LYS H 2722 111.62 -73.23 3.03
CA LYS H 2722 112.88 -72.51 2.88
C LYS H 2722 113.59 -72.36 4.21
N ALA H 2723 112.84 -72.33 5.32
CA ALA H 2723 113.40 -72.13 6.65
C ALA H 2723 114.18 -70.83 6.74
N GLU H 2724 113.67 -69.79 6.09
CA GLU H 2724 114.30 -68.48 6.10
C GLU H 2724 113.66 -67.59 7.17
N LYS H 2725 114.35 -66.50 7.49
CA LYS H 2725 113.89 -65.53 8.48
C LYS H 2725 113.63 -66.19 9.84
N ASN H 2734 107.74 -55.31 5.37
CA ASN H 2734 106.98 -56.02 4.34
C ASN H 2734 107.76 -57.22 3.83
N PHE H 2735 107.44 -57.63 2.61
CA PHE H 2735 108.07 -58.80 1.98
C PHE H 2735 109.07 -58.35 0.93
N ASP H 2736 110.32 -58.78 1.09
CA ASP H 2736 111.39 -58.48 0.15
C ASP H 2736 111.96 -59.76 -0.42
N PRO H 2737 111.59 -60.14 -1.65
CA PRO H 2737 112.14 -61.38 -2.23
C PRO H 2737 113.58 -61.23 -2.66
N ARG H 2738 114.49 -61.88 -1.94
CA ARG H 2738 115.91 -61.82 -2.29
C ARG H 2738 116.20 -62.76 -3.44
N PRO H 2739 116.75 -62.28 -4.56
CA PRO H 2739 117.13 -63.19 -5.64
C PRO H 2739 118.41 -63.95 -5.32
N VAL H 2740 118.90 -64.72 -6.29
CA VAL H 2740 120.11 -65.52 -6.12
C VAL H 2740 121.25 -64.84 -6.87
N GLU H 2741 122.36 -64.61 -6.18
CA GLU H 2741 123.51 -63.93 -6.76
C GLU H 2741 124.34 -64.93 -7.56
N THR H 2742 124.36 -64.77 -8.88
CA THR H 2742 125.16 -65.63 -9.75
C THR H 2742 126.00 -64.87 -10.76
N LEU H 2743 125.72 -63.59 -11.02
CA LEU H 2743 126.55 -62.83 -11.94
C LEU H 2743 127.96 -62.67 -11.41
N ASN H 2744 128.13 -62.61 -10.08
CA ASN H 2744 129.46 -62.47 -9.50
C ASN H 2744 130.32 -63.69 -9.79
N VAL H 2745 129.75 -64.88 -9.67
CA VAL H 2745 130.50 -66.11 -9.89
C VAL H 2745 130.53 -66.43 -11.38
N ILE H 2746 131.64 -67.03 -11.83
CA ILE H 2746 131.80 -67.35 -13.25
C ILE H 2746 130.88 -68.52 -13.61
N ILE H 2747 130.26 -68.41 -14.78
CA ILE H 2747 129.36 -69.44 -15.28
C ILE H 2747 130.19 -70.51 -16.00
N PRO H 2748 130.16 -71.76 -15.57
CA PRO H 2748 130.87 -72.82 -16.32
C PRO H 2748 130.27 -72.99 -17.71
N GLU H 2749 131.13 -73.04 -18.72
CA GLU H 2749 130.69 -73.17 -20.11
C GLU H 2749 131.11 -74.50 -20.72
N LYS H 2750 131.48 -75.48 -19.89
CA LYS H 2750 131.85 -76.79 -20.41
C LYS H 2750 130.67 -77.51 -21.04
N LEU H 2751 129.44 -77.13 -20.68
CA LEU H 2751 128.23 -77.74 -21.23
C LEU H 2751 127.54 -76.80 -22.22
N ASP H 2752 128.31 -76.01 -22.95
CA ASP H 2752 127.74 -75.03 -23.87
C ASP H 2752 126.95 -75.68 -25.01
N SER H 2753 127.16 -76.98 -25.24
CA SER H 2753 126.35 -77.68 -26.25
C SER H 2753 124.87 -77.67 -25.88
N PHE H 2754 124.56 -77.60 -24.59
CA PHE H 2754 123.18 -77.49 -24.13
C PHE H 2754 122.76 -76.05 -23.88
N ILE H 2755 123.70 -75.19 -23.45
CA ILE H 2755 123.34 -73.83 -23.06
C ILE H 2755 122.79 -73.06 -24.25
N ASN H 2756 123.50 -73.10 -25.38
CA ASN H 2756 123.05 -72.37 -26.56
C ASN H 2756 121.89 -73.08 -27.25
N LYS H 2757 121.92 -74.43 -27.28
CA LYS H 2757 120.90 -75.17 -28.00
C LYS H 2757 119.52 -74.99 -27.36
N PHE H 2758 119.44 -75.19 -26.04
CA PHE H 2758 118.15 -75.06 -25.36
C PHE H 2758 117.71 -73.62 -25.23
N ALA H 2759 118.65 -72.66 -25.32
CA ALA H 2759 118.27 -71.26 -25.26
C ALA H 2759 117.39 -70.87 -26.45
N GLU H 2760 117.75 -71.33 -27.64
CA GLU H 2760 116.93 -71.12 -28.83
C GLU H 2760 115.86 -72.18 -28.99
N TYR H 2761 115.95 -73.29 -28.24
CA TYR H 2761 114.92 -74.33 -28.33
C TYR H 2761 113.63 -73.89 -27.65
N THR H 2762 113.73 -73.10 -26.58
CA THR H 2762 112.53 -72.59 -25.93
C THR H 2762 111.75 -71.67 -26.87
N HIS H 2763 112.46 -70.80 -27.60
CA HIS H 2763 111.80 -69.99 -28.61
C HIS H 2763 111.37 -70.83 -29.80
N GLU H 2764 112.08 -71.93 -30.07
CA GLU H 2764 111.64 -72.86 -31.11
C GLU H 2764 110.33 -73.52 -30.72
N LYS H 2765 110.13 -73.79 -29.42
CA LYS H 2765 108.84 -74.31 -28.96
C LYS H 2765 107.73 -73.29 -29.14
N TRP H 2766 108.06 -71.99 -29.13
CA TRP H 2766 107.04 -70.98 -29.38
C TRP H 2766 106.52 -71.05 -30.80
N ALA H 2767 107.35 -71.50 -31.75
CA ALA H 2767 106.87 -71.75 -33.10
C ALA H 2767 105.81 -72.83 -33.12
N PHE H 2768 106.02 -73.90 -32.36
CA PHE H 2768 104.99 -74.93 -32.22
C PHE H 2768 103.76 -74.40 -31.52
N ASP H 2769 103.92 -73.43 -30.62
CA ASP H 2769 102.77 -72.82 -29.97
C ASP H 2769 101.92 -72.00 -30.94
N LYS H 2770 102.52 -71.51 -32.03
CA LYS H 2770 101.76 -70.75 -33.01
C LYS H 2770 100.82 -71.63 -33.81
N ILE H 2771 101.28 -72.81 -34.24
CA ILE H 2771 100.42 -73.71 -35.00
C ILE H 2771 99.27 -74.24 -34.13
N GLN H 2772 99.47 -74.29 -32.81
CA GLN H 2772 98.37 -74.61 -31.90
C GLN H 2772 97.44 -73.42 -31.70
N ASN H 2773 97.97 -72.19 -31.82
CA ASN H 2773 97.13 -71.00 -31.79
C ASN H 2773 96.28 -70.89 -33.05
N ASN H 2774 96.52 -71.74 -34.05
CA ASN H 2774 95.76 -71.81 -35.29
C ASN H 2774 96.07 -70.62 -36.19
N TRP H 2775 96.93 -69.72 -35.72
CA TRP H 2775 97.45 -68.62 -36.51
C TRP H 2775 98.95 -68.82 -36.69
N SER H 2776 99.42 -68.84 -37.93
CA SER H 2776 100.79 -69.21 -38.24
C SER H 2776 101.73 -68.02 -37.96
N TYR H 2777 103.01 -68.22 -38.24
CA TYR H 2777 104.02 -67.19 -38.03
C TYR H 2777 104.11 -66.27 -39.23
N GLY H 2778 104.49 -65.02 -38.97
CA GLY H 2778 104.62 -64.03 -40.00
C GLY H 2778 105.91 -63.26 -39.89
N GLU H 2779 106.31 -62.65 -41.00
CA GLU H 2779 107.55 -61.87 -41.05
C GLU H 2779 107.33 -60.41 -40.71
N ASN H 2780 106.30 -59.79 -41.28
CA ASN H 2780 106.05 -58.37 -41.05
C ASN H 2780 105.59 -58.12 -39.63
N VAL H 2781 106.00 -56.98 -39.07
CA VAL H 2781 105.56 -56.59 -37.74
C VAL H 2781 104.12 -56.09 -37.83
N ASP H 2782 103.24 -56.68 -37.02
CA ASP H 2782 101.82 -56.34 -37.06
C ASP H 2782 101.17 -56.68 -35.73
N GLU H 2783 100.16 -55.89 -35.37
CA GLU H 2783 99.39 -56.12 -34.15
C GLU H 2783 98.06 -56.81 -34.43
N GLU H 2784 97.78 -57.15 -35.69
CA GLU H 2784 96.52 -57.81 -36.04
C GLU H 2784 96.59 -59.32 -35.93
N LEU H 2785 97.78 -59.90 -36.03
CA LEU H 2785 97.93 -61.35 -35.94
C LEU H 2785 97.91 -61.85 -34.51
N LYS H 2786 97.91 -60.96 -33.51
CA LYS H 2786 97.87 -61.28 -32.08
C LYS H 2786 98.84 -62.41 -31.71
N THR H 2787 99.93 -62.51 -32.45
CA THR H 2787 100.98 -63.48 -32.17
C THR H 2787 102.34 -62.80 -32.27
N HIS H 2788 103.42 -63.56 -32.25
CA HIS H 2788 104.75 -62.98 -32.41
C HIS H 2788 104.90 -62.47 -33.84
N PRO H 2789 105.14 -61.18 -34.06
CA PRO H 2789 105.16 -60.65 -35.42
C PRO H 2789 106.47 -60.86 -36.15
N MET H 2790 107.55 -61.18 -35.45
CA MET H 2790 108.87 -61.33 -36.06
C MET H 2790 109.33 -62.78 -36.12
N LEU H 2791 108.42 -63.73 -35.90
CA LEU H 2791 108.77 -65.14 -35.94
C LEU H 2791 108.93 -65.58 -37.39
N ARG H 2792 110.13 -66.01 -37.74
CA ARG H 2792 110.47 -66.32 -39.13
C ARG H 2792 111.11 -67.69 -39.22
N PRO H 2793 110.99 -68.35 -40.38
CA PRO H 2793 111.69 -69.63 -40.57
C PRO H 2793 113.19 -69.43 -40.53
N TYR H 2794 113.90 -70.46 -40.08
CA TYR H 2794 115.34 -70.36 -39.85
C TYR H 2794 116.11 -69.95 -41.09
N LYS H 2795 115.57 -70.23 -42.28
CA LYS H 2795 116.23 -69.77 -43.51
C LYS H 2795 116.29 -68.25 -43.56
N THR H 2796 115.22 -67.57 -43.15
CA THR H 2796 115.17 -66.11 -43.12
C THR H 2796 114.97 -65.56 -41.71
N PHE H 2797 115.32 -66.32 -40.68
CA PHE H 2797 115.21 -65.87 -39.30
C PHE H 2797 116.49 -65.16 -38.92
N SER H 2798 116.39 -63.85 -38.64
CA SER H 2798 117.55 -63.08 -38.23
C SER H 2798 117.99 -63.52 -36.84
N GLU H 2799 119.31 -63.56 -36.62
CA GLU H 2799 119.87 -63.97 -35.34
C GLU H 2799 119.90 -62.84 -34.32
N LYS H 2800 119.47 -61.64 -34.68
CA LYS H 2800 119.42 -60.55 -33.70
C LYS H 2800 118.47 -60.89 -32.56
N ASP H 2801 117.31 -61.45 -32.87
CA ASP H 2801 116.39 -61.92 -31.84
C ASP H 2801 116.85 -63.23 -31.21
N LYS H 2802 117.54 -64.08 -31.99
CA LYS H 2802 118.07 -65.32 -31.45
C LYS H 2802 119.15 -65.04 -30.41
N GLU H 2803 119.93 -63.97 -30.61
CA GLU H 2803 121.01 -63.62 -29.71
C GLU H 2803 120.55 -62.76 -28.54
N ILE H 2804 119.25 -62.51 -28.40
CA ILE H 2804 118.73 -61.82 -27.23
C ILE H 2804 117.72 -62.67 -26.46
N TYR H 2805 117.13 -63.70 -27.07
CA TYR H 2805 116.21 -64.58 -26.37
C TYR H 2805 116.93 -65.58 -25.47
N ARG H 2806 118.26 -65.71 -25.62
CA ARG H 2806 119.01 -66.67 -24.82
C ARG H 2806 119.28 -66.19 -23.41
N TRP H 2807 119.12 -64.89 -23.15
CA TRP H 2807 119.44 -64.35 -21.82
C TRP H 2807 118.60 -64.97 -20.71
N PRO H 2808 117.27 -65.12 -20.82
CA PRO H 2808 116.54 -65.80 -19.73
C PRO H 2808 117.02 -67.21 -19.47
N ILE H 2809 117.41 -67.94 -20.52
CA ILE H 2809 117.95 -69.28 -20.35
C ILE H 2809 119.33 -69.22 -19.69
N LYS H 2810 120.13 -68.22 -20.05
CA LYS H 2810 121.48 -68.09 -19.48
C LYS H 2810 121.43 -67.97 -17.97
N GLU H 2811 120.60 -67.07 -17.45
CA GLU H 2811 120.45 -66.94 -16.01
C GLU H 2811 119.70 -68.12 -15.41
N SER H 2812 118.82 -68.77 -16.18
CA SER H 2812 118.14 -69.96 -15.68
C SER H 2812 119.14 -71.07 -15.38
N LEU H 2813 120.12 -71.27 -16.27
CA LEU H 2813 121.18 -72.23 -16.00
C LEU H 2813 122.11 -71.75 -14.91
N LYS H 2814 122.34 -70.43 -14.84
CA LYS H 2814 123.12 -69.87 -13.73
C LYS H 2814 122.41 -70.11 -12.40
N ALA H 2815 121.08 -69.95 -12.38
CA ALA H 2815 120.33 -70.09 -11.15
C ALA H 2815 120.39 -71.51 -10.60
N MET H 2816 120.19 -72.50 -11.47
CA MET H 2816 120.14 -73.88 -10.99
C MET H 2816 121.53 -74.43 -10.67
N ILE H 2817 122.58 -73.81 -11.17
CA ILE H 2817 123.94 -74.24 -10.84
C ILE H 2817 124.50 -73.49 -9.63
N ALA H 2818 123.94 -72.34 -9.29
CA ALA H 2818 124.42 -71.58 -8.13
C ALA H 2818 124.03 -72.21 -6.81
N TRP H 2819 122.92 -72.94 -6.77
CA TRP H 2819 122.47 -73.56 -5.53
C TRP H 2819 123.18 -74.89 -5.28
N GLU H 2820 124.51 -74.86 -5.31
CA GLU H 2820 125.39 -76.02 -5.06
C GLU H 2820 124.88 -77.29 -5.74
N TRP H 2821 124.27 -77.14 -6.92
CA TRP H 2821 123.74 -78.26 -7.69
C TRP H 2821 124.63 -78.45 -8.91
N THR H 2822 125.58 -79.37 -8.81
CA THR H 2822 126.45 -79.69 -9.93
C THR H 2822 125.68 -80.51 -10.97
N ILE H 2823 125.97 -80.24 -12.25
CA ILE H 2823 125.33 -80.92 -13.36
C ILE H 2823 126.42 -81.64 -14.16
N GLU H 2824 126.20 -82.93 -14.42
CA GLU H 2824 127.13 -83.76 -15.16
C GLU H 2824 126.44 -84.35 -16.37
N LYS H 2825 127.14 -84.33 -17.51
CA LYS H 2825 126.61 -84.90 -18.75
C LYS H 2825 126.98 -86.38 -18.78
N ALA H 2826 126.06 -87.22 -18.31
CA ALA H 2826 126.30 -88.65 -18.32
C ALA H 2826 126.43 -89.18 -19.75
N ARG H 2827 125.57 -88.72 -20.65
CA ARG H 2827 125.63 -89.14 -22.03
C ARG H 2827 126.67 -88.32 -22.80
N GLU H 2828 127.05 -88.82 -23.97
CA GLU H 2828 128.00 -88.12 -24.83
C GLU H 2828 127.58 -88.37 -26.27
N GLY H 2829 126.94 -87.39 -26.89
CA GLY H 2829 126.48 -87.52 -28.25
C GLY H 2829 126.28 -86.17 -28.89
N GLU H 2830 125.50 -86.18 -29.98
CA GLU H 2830 125.19 -84.96 -30.73
C GLU H 2830 126.45 -84.25 -31.21
N TYR H 2855 111.31 -76.12 -40.89
CA TYR H 2855 111.12 -75.24 -39.76
C TYR H 2855 110.01 -75.76 -38.84
N ASN H 2856 110.36 -76.75 -38.01
CA ASN H 2856 109.39 -77.36 -37.10
C ASN H 2856 110.13 -78.10 -35.99
N PRO H 2857 109.85 -77.80 -34.72
CA PRO H 2857 110.46 -78.55 -33.62
C PRO H 2857 109.88 -79.95 -33.49
N GLN H 2858 110.39 -80.89 -34.30
CA GLN H 2858 109.87 -82.25 -34.30
C GLN H 2858 109.88 -82.92 -32.92
N PRO H 2859 110.94 -82.85 -32.11
CA PRO H 2859 110.86 -83.39 -30.75
C PRO H 2859 109.96 -82.53 -29.89
N PRO H 2860 108.82 -83.06 -29.43
CA PRO H 2860 107.89 -82.23 -28.64
C PRO H 2860 108.21 -82.24 -27.16
N ASP H 2861 108.40 -81.05 -26.59
CA ASP H 2861 108.66 -80.90 -25.16
C ASP H 2861 107.33 -80.71 -24.45
N LEU H 2862 106.95 -81.67 -23.63
CA LEU H 2862 105.70 -81.65 -22.89
C LEU H 2862 105.96 -81.50 -21.39
N SER H 2863 104.87 -81.39 -20.63
CA SER H 2863 104.97 -81.25 -19.19
C SER H 2863 103.95 -82.10 -18.44
N GLY H 2864 103.20 -82.96 -19.13
CA GLY H 2864 102.20 -83.79 -18.48
C GLY H 2864 102.72 -85.07 -17.85
N VAL H 2865 104.00 -85.38 -18.05
CA VAL H 2865 104.56 -86.60 -17.48
C VAL H 2865 105.07 -86.34 -16.07
N THR H 2866 105.20 -87.42 -15.30
CA THR H 2866 105.64 -87.33 -13.91
C THR H 2866 107.16 -87.41 -13.82
N LEU H 2867 107.68 -87.21 -12.61
CA LEU H 2867 109.11 -87.19 -12.38
C LEU H 2867 109.39 -87.52 -10.92
N SER H 2868 110.64 -87.89 -10.63
CA SER H 2868 111.03 -88.28 -9.28
C SER H 2868 110.92 -87.09 -8.34
N ARG H 2869 110.77 -87.40 -7.05
CA ARG H 2869 110.52 -86.37 -6.05
C ARG H 2869 111.76 -85.53 -5.77
N GLU H 2870 112.93 -86.17 -5.64
CA GLU H 2870 114.15 -85.43 -5.33
CA GLU H 2870 114.14 -85.42 -5.33
C GLU H 2870 114.48 -84.43 -6.44
N LEU H 2871 114.38 -84.85 -7.70
CA LEU H 2871 114.73 -83.97 -8.80
C LEU H 2871 113.65 -82.92 -9.04
N GLN H 2872 112.38 -83.28 -8.83
CA GLN H 2872 111.31 -82.30 -8.99
C GLN H 2872 111.34 -81.24 -7.91
N ALA H 2873 111.85 -81.58 -6.71
CA ALA H 2873 111.95 -80.59 -5.65
C ALA H 2873 112.90 -79.46 -6.04
N MET H 2874 113.99 -79.80 -6.73
CA MET H 2874 114.90 -78.77 -7.22
C MET H 2874 114.22 -77.87 -8.25
N ALA H 2875 113.40 -78.45 -9.12
CA ALA H 2875 112.68 -77.66 -10.12
C ALA H 2875 111.72 -76.68 -9.46
N GLU H 2876 111.00 -77.13 -8.43
CA GLU H 2876 110.12 -76.22 -7.70
C GLU H 2876 110.91 -75.16 -6.97
N GLN H 2877 112.08 -75.50 -6.44
CA GLN H 2877 112.96 -74.49 -5.85
C GLN H 2877 113.41 -73.50 -6.90
N LEU H 2878 113.74 -73.98 -8.09
CA LEU H 2878 114.08 -73.08 -9.20
C LEU H 2878 112.88 -72.24 -9.59
N ALA H 2879 111.68 -72.84 -9.61
CA ALA H 2879 110.47 -72.07 -9.88
C ALA H 2879 110.25 -71.01 -8.81
N GLU H 2880 110.64 -71.28 -7.57
CA GLU H 2880 110.61 -70.25 -6.54
C GLU H 2880 111.56 -69.11 -6.90
N ASN H 2881 112.75 -69.44 -7.41
CA ASN H 2881 113.69 -68.40 -7.83
C ASN H 2881 113.16 -67.62 -9.02
N TYR H 2882 112.33 -68.25 -9.86
CA TYR H 2882 111.66 -67.50 -10.92
C TYR H 2882 110.72 -66.45 -10.34
N HIS H 2883 109.99 -66.82 -9.28
CA HIS H 2883 108.99 -65.91 -8.73
C HIS H 2883 109.64 -64.75 -7.97
N ASN H 2884 110.65 -65.03 -7.14
CA ASN H 2884 111.25 -63.97 -6.35
C ASN H 2884 111.99 -62.97 -7.22
N THR H 2885 112.69 -63.46 -8.25
CA THR H 2885 113.27 -62.55 -9.24
C THR H 2885 112.18 -61.77 -9.98
N TRP H 2886 111.09 -62.44 -10.33
CA TRP H 2886 109.93 -61.75 -10.89
C TRP H 2886 109.35 -60.76 -9.89
N GLY H 2887 109.26 -61.18 -8.63
CA GLY H 2887 108.79 -60.27 -7.60
C GLY H 2887 109.75 -59.13 -7.33
N ARG H 2888 111.05 -59.39 -7.43
CA ARG H 2888 112.04 -58.34 -7.17
C ARG H 2888 111.90 -57.20 -8.17
N LYS H 2889 111.91 -57.51 -9.47
CA LYS H 2889 111.80 -56.46 -10.47
C LYS H 2889 110.43 -55.81 -10.45
N LYS H 2890 109.38 -56.57 -10.13
CA LYS H 2890 108.05 -55.98 -10.03
C LYS H 2890 107.96 -54.99 -8.88
N LYS H 2891 108.55 -55.33 -7.73
CA LYS H 2891 108.47 -54.44 -6.57
C LYS H 2891 109.39 -53.23 -6.70
N GLN H 2892 110.44 -53.31 -7.51
CA GLN H 2892 111.31 -52.15 -7.70
C GLN H 2892 110.55 -51.01 -8.35
N GLU H 2893 109.70 -51.30 -9.33
CA GLU H 2893 108.85 -50.27 -9.91
C GLU H 2893 107.78 -49.82 -8.93
N LEU H 2894 107.26 -50.75 -8.13
CA LEU H 2894 106.17 -50.43 -7.20
C LEU H 2894 106.66 -49.69 -5.97
N GLU H 2895 107.91 -49.94 -5.53
CA GLU H 2895 108.40 -49.35 -4.29
C GLU H 2895 108.59 -47.84 -4.39
N ALA H 2896 108.53 -47.26 -5.59
CA ALA H 2896 108.67 -45.81 -5.74
C ALA H 2896 107.51 -45.04 -5.13
N LYS H 2897 106.38 -45.69 -4.85
CA LYS H 2897 105.21 -45.05 -4.27
C LYS H 2897 105.17 -45.17 -2.75
N GLY H 2898 105.47 -46.34 -2.22
CA GLY H 2898 105.40 -46.57 -0.78
C GLY H 2898 104.04 -46.95 -0.25
N GLY H 2899 103.02 -47.01 -1.09
CA GLY H 2899 101.70 -47.39 -0.66
C GLY H 2899 101.09 -48.48 -1.52
N GLY H 2900 100.64 -49.56 -0.90
CA GLY H 2900 100.09 -50.70 -1.60
C GLY H 2900 101.16 -51.66 -2.08
N THR H 2901 100.71 -52.78 -2.61
CA THR H 2901 101.62 -53.81 -3.09
C THR H 2901 100.91 -54.67 -4.13
N HIS H 2902 101.71 -55.35 -4.94
CA HIS H 2902 101.16 -56.26 -5.93
C HIS H 2902 100.52 -57.46 -5.25
N PRO H 2903 99.37 -57.94 -5.74
CA PRO H 2903 98.71 -59.07 -5.08
C PRO H 2903 99.52 -60.35 -5.08
N LEU H 2904 100.49 -60.50 -5.99
CA LEU H 2904 101.31 -61.70 -6.06
C LEU H 2904 102.68 -61.53 -5.43
N LEU H 2905 102.91 -60.43 -4.70
CA LEU H 2905 104.16 -60.24 -3.97
C LEU H 2905 104.13 -61.01 -2.65
N VAL H 2906 104.04 -62.33 -2.78
CA VAL H 2906 103.94 -63.23 -1.64
C VAL H 2906 104.97 -64.34 -1.82
N PRO H 2907 105.35 -65.01 -0.73
CA PRO H 2907 106.30 -66.12 -0.86
C PRO H 2907 105.75 -67.23 -1.75
N TYR H 2908 106.67 -67.93 -2.41
CA TYR H 2908 106.29 -68.92 -3.42
C TYR H 2908 105.44 -70.03 -2.82
N ASP H 2909 105.71 -70.42 -1.57
CA ASP H 2909 104.93 -71.47 -0.95
C ASP H 2909 103.53 -70.98 -0.57
N THR H 2910 103.37 -69.68 -0.33
CA THR H 2910 102.08 -69.16 0.09
C THR H 2910 101.06 -69.14 -1.04
N LEU H 2911 101.49 -68.79 -2.25
CA LEU H 2911 100.56 -68.70 -3.37
C LEU H 2911 100.06 -70.07 -3.78
N THR H 2912 98.81 -70.12 -4.25
CA THR H 2912 98.17 -71.38 -4.60
C THR H 2912 98.72 -71.90 -5.93
N ALA H 2913 98.18 -73.06 -6.34
CA ALA H 2913 98.72 -73.73 -7.52
C ALA H 2913 98.33 -73.02 -8.81
N LYS H 2914 97.13 -72.42 -8.86
CA LYS H 2914 96.66 -71.80 -10.10
C LYS H 2914 97.57 -70.64 -10.50
N GLU H 2915 98.04 -69.86 -9.53
CA GLU H 2915 99.00 -68.80 -9.81
C GLU H 2915 100.44 -69.30 -9.80
N LYS H 2916 100.66 -70.59 -9.51
CA LYS H 2916 101.98 -71.17 -9.50
C LYS H 2916 102.34 -71.81 -10.84
N ALA H 2917 101.34 -72.20 -11.64
CA ALA H 2917 101.59 -72.96 -12.86
C ALA H 2917 102.45 -72.20 -13.84
N ARG H 2918 102.49 -70.87 -13.75
CA ARG H 2918 103.34 -70.08 -14.64
C ARG H 2918 104.81 -70.43 -14.44
N ASP H 2919 105.30 -70.30 -13.21
CA ASP H 2919 106.69 -70.65 -12.94
C ASP H 2919 106.86 -72.17 -12.79
N ARG H 2920 105.81 -72.87 -12.37
CA ARG H 2920 105.90 -74.32 -12.22
C ARG H 2920 106.17 -75.00 -13.56
N GLU H 2921 105.37 -74.68 -14.57
CA GLU H 2921 105.55 -75.31 -15.88
C GLU H 2921 106.86 -74.91 -16.52
N LYS H 2922 107.28 -73.65 -16.35
CA LYS H 2922 108.53 -73.19 -16.94
C LYS H 2922 109.72 -73.94 -16.36
N ALA H 2923 109.73 -74.14 -15.04
CA ALA H 2923 110.81 -74.91 -14.42
C ALA H 2923 110.73 -76.39 -14.80
N GLN H 2924 109.51 -76.94 -14.84
CA GLN H 2924 109.35 -78.34 -15.22
C GLN H 2924 109.77 -78.58 -16.66
N GLU H 2925 109.42 -77.65 -17.56
CA GLU H 2925 109.76 -77.83 -18.97
C GLU H 2925 111.27 -77.89 -19.18
N LEU H 2926 112.01 -77.04 -18.47
CA LEU H 2926 113.47 -77.12 -18.52
C LEU H 2926 113.96 -78.46 -17.98
N LEU H 2927 113.35 -78.95 -16.90
CA LEU H 2927 113.73 -80.24 -16.35
C LEU H 2927 113.36 -81.38 -17.29
N LYS H 2928 112.24 -81.27 -17.99
CA LYS H 2928 111.85 -82.31 -18.95
C LYS H 2928 112.86 -82.41 -20.09
N PHE H 2929 113.37 -81.26 -20.56
CA PHE H 2929 114.41 -81.28 -21.58
C PHE H 2929 115.68 -81.95 -21.05
N LEU H 2930 116.02 -81.70 -19.79
CA LEU H 2930 117.16 -82.37 -19.18
C LEU H 2930 116.89 -83.85 -18.91
N GLN H 2931 115.62 -84.28 -18.96
CA GLN H 2931 115.29 -85.64 -18.60
C GLN H 2931 115.58 -86.63 -19.72
N MET H 2932 115.02 -86.38 -20.91
CA MET H 2932 115.19 -87.32 -22.02
C MET H 2932 116.63 -87.34 -22.53
N ASN H 2933 117.41 -86.29 -22.29
CA ASN H 2933 118.79 -86.27 -22.73
C ASN H 2933 119.71 -86.92 -21.70
N GLY H 2934 119.36 -86.87 -20.42
CA GLY H 2934 120.16 -87.52 -19.40
C GLY H 2934 121.15 -86.61 -18.70
N TYR H 2935 120.69 -85.46 -18.22
CA TYR H 2935 121.52 -84.55 -17.44
C TYR H 2935 121.29 -84.82 -15.96
N ALA H 2936 122.36 -85.19 -15.25
CA ALA H 2936 122.28 -85.56 -13.84
C ALA H 2936 122.69 -84.37 -13.00
N VAL H 2937 121.73 -83.78 -12.28
CA VAL H 2937 121.98 -82.70 -11.35
C VAL H 2937 121.56 -83.14 -9.96
N THR H 2938 122.49 -83.06 -9.01
CA THR H 2938 122.25 -83.51 -7.65
C THR H 2938 122.92 -82.55 -6.68
N ARG H 2939 122.32 -82.41 -5.50
CA ARG H 2939 122.87 -81.54 -4.46
C ARG H 2939 124.21 -82.05 -3.96
N LEU H 2946 113.28 -85.97 4.10
CA LEU H 2946 113.71 -86.72 2.93
C LEU H 2946 113.33 -88.19 3.07
N ASP H 2947 112.70 -88.74 2.02
CA ASP H 2947 112.19 -90.11 2.04
C ASP H 2947 111.24 -90.34 3.21
N THR H 2948 110.39 -89.35 3.49
CA THR H 2948 109.47 -89.41 4.61
C THR H 2948 108.16 -90.05 4.17
N SER H 2949 107.68 -91.01 4.97
CA SER H 2949 106.43 -91.68 4.66
C SER H 2949 105.24 -90.76 4.95
N SER H 2950 104.08 -91.13 4.42
CA SER H 2950 102.88 -90.33 4.61
C SER H 2950 102.46 -90.26 6.07
N ILE H 2951 102.70 -91.33 6.83
CA ILE H 2951 102.33 -91.34 8.24
C ILE H 2951 103.14 -90.29 9.00
N GLU H 2952 104.44 -90.21 8.73
CA GLU H 2952 105.30 -89.25 9.43
C GLU H 2952 105.05 -87.81 9.00
N LYS H 2953 104.34 -87.59 7.90
CA LYS H 2953 104.03 -86.25 7.44
C LYS H 2953 102.73 -85.70 8.00
N ARG H 2954 102.00 -86.50 8.77
CA ARG H 2954 100.75 -86.04 9.34
C ARG H 2954 100.99 -84.93 10.37
N PHE H 2955 100.01 -84.04 10.51
CA PHE H 2955 100.14 -82.93 11.44
C PHE H 2955 100.25 -83.43 12.87
N ALA H 2956 99.47 -84.44 13.24
CA ALA H 2956 99.53 -84.98 14.59
C ALA H 2956 100.88 -85.62 14.87
N PHE H 2957 101.46 -86.29 13.88
CA PHE H 2957 102.77 -86.92 14.06
C PHE H 2957 103.83 -85.87 14.36
N GLY H 2958 103.85 -84.78 13.60
CA GLY H 2958 104.80 -83.72 13.85
C GLY H 2958 104.51 -82.99 15.16
N PHE H 2959 103.23 -82.76 15.46
CA PHE H 2959 102.87 -82.08 16.70
C PHE H 2959 103.26 -82.91 17.91
N LEU H 2960 102.97 -84.21 17.87
CA LEU H 2960 103.36 -85.09 18.98
C LEU H 2960 104.88 -85.19 19.11
N GLN H 2961 105.59 -85.23 17.98
CA GLN H 2961 107.04 -85.33 18.04
C GLN H 2961 107.67 -84.12 18.72
N GLN H 2962 107.13 -82.94 18.45
CA GLN H 2962 107.61 -81.73 19.14
C GLN H 2962 107.29 -81.77 20.62
N LEU H 2963 106.11 -82.28 20.98
CA LEU H 2963 105.77 -82.40 22.40
C LEU H 2963 106.72 -83.33 23.12
N LEU H 2964 107.05 -84.47 22.49
CA LEU H 2964 108.04 -85.37 23.08
C LEU H 2964 109.41 -84.71 23.14
N ARG H 2965 109.73 -83.86 22.15
CA ARG H 2965 110.97 -83.12 22.19
C ARG H 2965 111.04 -82.17 23.38
N TRP H 2966 109.92 -81.54 23.72
CA TRP H 2966 109.90 -80.69 24.90
C TRP H 2966 109.87 -81.47 26.19
N MET H 2967 109.47 -82.74 26.14
CA MET H 2967 109.44 -83.55 27.35
C MET H 2967 110.85 -83.77 27.90
N ASP H 2968 111.81 -84.08 27.02
CA ASP H 2968 113.19 -84.21 27.47
C ASP H 2968 113.75 -82.87 27.91
N ILE H 2969 113.27 -81.78 27.32
CA ILE H 2969 113.63 -80.45 27.80
C ILE H 2969 113.01 -80.19 29.17
N SER H 2970 111.77 -80.65 29.37
CA SER H 2970 111.11 -80.48 30.66
C SER H 2970 111.86 -81.22 31.76
N GLN H 2971 112.33 -82.44 31.46
CA GLN H 2971 113.13 -83.19 32.42
C GLN H 2971 114.45 -82.51 32.73
N GLU H 2972 114.93 -81.64 31.84
CA GLU H 2972 116.23 -81.02 32.06
C GLU H 2972 116.18 -79.95 33.14
N PHE H 2973 115.15 -79.12 33.15
CA PHE H 2973 115.14 -78.01 34.12
C PHE H 2973 114.47 -78.38 35.43
N ILE H 2974 113.60 -79.39 35.46
CA ILE H 2974 113.04 -79.83 36.74
C ILE H 2974 114.15 -80.42 37.61
N ALA H 2975 115.09 -81.14 37.00
CA ALA H 2975 116.24 -81.63 37.74
C ALA H 2975 117.07 -80.46 38.26
N HIS H 2976 117.21 -79.42 37.44
CA HIS H 2976 117.89 -78.20 37.91
C HIS H 2976 117.12 -77.56 39.06
N LEU H 2977 115.79 -77.50 38.94
CA LEU H 2977 114.98 -76.98 40.03
C LEU H 2977 115.09 -77.86 41.28
N GLU H 2978 115.10 -79.18 41.09
CA GLU H 2978 115.30 -80.07 42.23
C GLU H 2978 116.68 -79.91 42.84
N ALA H 2979 117.70 -79.68 41.99
CA ALA H 2979 119.05 -79.49 42.50
C ALA H 2979 119.15 -78.21 43.32
N VAL H 2980 118.64 -77.10 42.79
CA VAL H 2980 118.76 -75.82 43.49
C VAL H 2980 117.91 -75.81 44.74
N VAL H 2981 116.73 -76.45 44.72
CA VAL H 2981 115.88 -76.49 45.90
C VAL H 2981 116.46 -77.38 46.99
N SER H 2982 117.45 -78.21 46.67
CA SER H 2982 118.12 -79.05 47.65
C SER H 2982 119.42 -78.44 48.14
N SER H 2983 120.26 -77.94 47.23
CA SER H 2983 121.51 -77.30 47.61
C SER H 2983 121.88 -76.26 46.56
N GLY H 2984 122.67 -75.28 46.99
CA GLY H 2984 123.11 -74.22 46.10
C GLY H 2984 121.97 -73.37 45.57
N ARG H 2985 121.32 -72.61 46.46
CA ARG H 2985 120.19 -71.80 46.07
C ARG H 2985 120.63 -70.70 45.11
N VAL H 2986 119.88 -70.53 44.02
CA VAL H 2986 120.13 -69.48 43.04
C VAL H 2986 118.82 -69.19 42.32
N GLU H 2987 118.52 -67.90 42.16
CA GLU H 2987 117.28 -67.46 41.53
C GLU H 2987 117.50 -66.98 40.10
N LYS H 2988 118.62 -67.34 39.48
CA LYS H 2988 118.86 -66.95 38.09
C LYS H 2988 117.84 -67.57 37.16
N SER H 2989 117.50 -68.85 37.39
CA SER H 2989 116.55 -69.59 36.56
C SER H 2989 116.95 -69.54 35.09
N PRO H 2990 118.01 -70.24 34.69
CA PRO H 2990 118.44 -70.19 33.29
C PRO H 2990 117.40 -70.71 32.31
N HIS H 2991 116.43 -71.51 32.77
CA HIS H 2991 115.39 -72.04 31.90
C HIS H 2991 114.04 -71.36 32.15
N GLU H 2992 114.05 -70.09 32.55
CA GLU H 2992 112.81 -69.40 32.86
C GLU H 2992 111.88 -69.33 31.64
N GLN H 2993 112.45 -69.07 30.47
CA GLN H 2993 111.65 -69.09 29.25
C GLN H 2993 111.06 -70.47 28.99
N GLU H 2994 111.86 -71.51 29.20
CA GLU H 2994 111.38 -72.87 28.97
C GLU H 2994 110.27 -73.23 29.95
N ILE H 2995 110.42 -72.84 31.22
CA ILE H 2995 109.40 -73.15 32.22
C ILE H 2995 108.09 -72.47 31.89
N LYS H 2996 108.13 -71.18 31.54
CA LYS H 2996 106.90 -70.46 31.24
C LYS H 2996 106.24 -70.99 29.98
N PHE H 2997 107.02 -71.29 28.95
CA PHE H 2997 106.45 -71.80 27.71
C PHE H 2997 105.80 -73.17 27.93
N PHE H 2998 106.46 -74.03 28.70
CA PHE H 2998 105.90 -75.36 28.97
C PHE H 2998 104.62 -75.25 29.78
N ALA H 2999 104.61 -74.41 30.82
CA ALA H 2999 103.46 -74.33 31.71
C ALA H 2999 102.31 -73.54 31.11
N LYS H 3000 102.60 -72.44 30.40
CA LYS H 3000 101.55 -71.54 29.95
C LYS H 3000 101.08 -71.81 28.53
N ILE H 3001 101.84 -72.56 27.73
CA ILE H 3001 101.47 -72.79 26.35
C ILE H 3001 101.21 -74.27 26.11
N LEU H 3002 102.19 -75.10 26.45
CA LEU H 3002 102.10 -76.52 26.13
C LEU H 3002 100.95 -77.18 26.88
N LEU H 3003 100.86 -76.95 28.19
CA LEU H 3003 99.80 -77.59 28.97
C LEU H 3003 98.40 -77.19 28.51
N PRO H 3004 98.08 -75.92 28.30
CA PRO H 3004 96.77 -75.60 27.70
C PRO H 3004 96.61 -76.17 26.31
N LEU H 3005 97.69 -76.27 25.53
CA LEU H 3005 97.58 -76.80 24.18
C LEU H 3005 97.31 -78.29 24.20
N ILE H 3006 98.04 -79.03 25.05
CA ILE H 3006 97.78 -80.47 25.19
C ILE H 3006 96.39 -80.71 25.73
N ASN H 3007 95.94 -79.85 26.66
CA ASN H 3007 94.62 -80.01 27.25
C ASN H 3007 93.52 -79.93 26.21
N GLN H 3008 93.62 -78.97 25.29
CA GLN H 3008 92.52 -78.75 24.36
C GLN H 3008 92.66 -79.59 23.09
N TYR H 3009 93.89 -79.86 22.65
CA TYR H 3009 94.10 -80.60 21.41
C TYR H 3009 93.56 -82.02 21.51
N PHE H 3010 93.92 -82.73 22.58
CA PHE H 3010 93.49 -84.10 22.74
C PHE H 3010 92.05 -84.22 23.23
N THR H 3011 91.47 -83.14 23.74
CA THR H 3011 90.04 -83.15 24.03
C THR H 3011 89.24 -83.16 22.73
N ASN H 3012 89.66 -82.37 21.74
CA ASN H 3012 88.93 -82.31 20.48
C ASN H 3012 89.16 -83.56 19.64
N HIS H 3013 90.40 -84.07 19.62
CA HIS H 3013 90.78 -85.19 18.77
C HIS H 3013 90.95 -86.48 19.56
N CYS H 3014 90.14 -86.66 20.60
CA CYS H 3014 90.21 -87.88 21.40
C CYS H 3014 89.83 -89.10 20.58
N LEU H 3015 88.78 -88.98 19.76
CA LEU H 3015 88.31 -90.13 18.98
C LEU H 3015 89.29 -90.52 17.90
N TYR H 3016 90.08 -89.58 17.39
CA TYR H 3016 91.04 -89.90 16.35
C TYR H 3016 92.09 -90.89 16.84
N PHE H 3017 92.61 -90.68 18.06
CA PHE H 3017 93.63 -91.57 18.59
C PHE H 3017 93.06 -92.88 19.09
N LEU H 3018 91.81 -92.89 19.55
CA LEU H 3018 91.18 -94.12 20.00
C LEU H 3018 90.66 -94.97 18.86
N SER H 3019 90.55 -94.41 17.66
CA SER H 3019 90.01 -95.15 16.53
C SER H 3019 91.04 -96.15 16.01
N THR H 3020 90.51 -97.21 15.40
CA THR H 3020 91.29 -98.27 14.79
C THR H 3020 90.65 -98.62 13.46
N PRO H 3021 91.43 -99.14 12.51
CA PRO H 3021 90.82 -99.53 11.22
C PRO H 3021 89.69 -100.54 11.37
N ALA H 3022 89.76 -101.43 12.37
CA ALA H 3022 88.67 -102.36 12.61
C ALA H 3022 87.40 -101.63 13.05
N LYS H 3023 87.54 -100.64 13.93
CA LYS H 3023 86.39 -99.92 14.48
C LYS H 3023 86.73 -98.44 14.53
N VAL H 3024 86.07 -97.65 13.68
CA VAL H 3024 86.29 -96.21 13.59
C VAL H 3024 85.29 -95.51 14.48
N LEU H 3025 85.79 -94.66 15.37
CA LEU H 3025 84.94 -93.94 16.33
C LEU H 3025 84.66 -92.50 15.93
N GLY H 3026 85.63 -91.81 15.34
CA GLY H 3026 85.48 -90.43 14.97
C GLY H 3026 84.78 -90.25 13.63
N SER H 3027 84.74 -89.01 13.17
CA SER H 3027 84.12 -88.70 11.89
C SER H 3027 84.87 -89.38 10.75
N GLY H 3028 86.20 -89.33 10.79
CA GLY H 3028 86.99 -89.99 9.77
C GLY H 3028 88.45 -90.01 10.18
N GLY H 3029 89.17 -90.99 9.62
CA GLY H 3029 90.57 -91.15 9.89
C GLY H 3029 90.82 -91.76 11.26
N HIS H 3030 91.97 -92.43 11.38
CA HIS H 3030 92.38 -93.04 12.62
C HIS H 3030 93.89 -92.89 12.78
N ALA H 3031 94.32 -92.80 14.02
CA ALA H 3031 95.75 -92.62 14.30
C ALA H 3031 96.53 -93.86 13.92
N SER H 3032 97.74 -93.65 13.40
CA SER H 3032 98.62 -94.76 13.10
C SER H 3032 99.19 -95.34 14.39
N ASN H 3033 99.88 -96.48 14.26
CA ASN H 3033 100.48 -97.12 15.42
C ASN H 3033 101.53 -96.22 16.06
N LYS H 3034 102.35 -95.58 15.24
CA LYS H 3034 103.39 -94.70 15.78
C LYS H 3034 102.79 -93.53 16.55
N GLU H 3035 101.70 -92.96 16.04
CA GLU H 3035 101.02 -91.89 16.77
C GLU H 3035 100.47 -92.39 18.09
N LYS H 3036 99.91 -93.60 18.10
CA LYS H 3036 99.45 -94.19 19.36
C LYS H 3036 100.62 -94.46 20.31
N GLU H 3037 101.77 -94.87 19.76
CA GLU H 3037 102.95 -95.07 20.60
C GLU H 3037 103.43 -93.76 21.21
N MET H 3038 103.44 -92.68 20.41
CA MET H 3038 103.95 -91.41 20.90
C MET H 3038 103.06 -90.83 21.99
N ILE H 3039 101.75 -90.93 21.82
CA ILE H 3039 100.85 -90.40 22.84
C ILE H 3039 100.95 -91.20 24.12
N THR H 3040 101.27 -92.50 24.02
CA THR H 3040 101.50 -93.29 25.21
C THR H 3040 102.78 -92.86 25.92
N SER H 3041 103.86 -92.65 25.16
CA SER H 3041 105.10 -92.19 25.75
C SER H 3041 104.96 -90.77 26.32
N LEU H 3042 104.13 -89.94 25.70
CA LEU H 3042 103.87 -88.62 26.23
C LEU H 3042 103.21 -88.69 27.60
N PHE H 3043 102.25 -89.60 27.76
CA PHE H 3043 101.59 -89.78 29.06
C PHE H 3043 102.59 -90.28 30.10
N CYS H 3044 103.41 -91.27 29.74
CA CYS H 3044 104.35 -91.83 30.70
C CYS H 3044 105.39 -90.81 31.12
N LYS H 3045 105.93 -90.06 30.16
CA LYS H 3045 106.94 -89.05 30.49
C LYS H 3045 106.33 -87.93 31.34
N LEU H 3046 105.12 -87.49 31.00
CA LEU H 3046 104.48 -86.45 31.80
C LEU H 3046 104.17 -86.93 33.21
N ALA H 3047 103.71 -88.17 33.34
CA ALA H 3047 103.42 -88.71 34.67
C ALA H 3047 104.68 -88.81 35.51
N ALA H 3048 105.79 -89.29 34.91
CA ALA H 3048 107.04 -89.35 35.63
C ALA H 3048 107.59 -87.97 35.93
N LEU H 3049 107.25 -86.97 35.11
CA LEU H 3049 107.70 -85.61 35.35
C LEU H 3049 107.12 -85.06 36.64
N VAL H 3050 105.83 -85.31 36.88
CA VAL H 3050 105.16 -84.76 38.06
C VAL H 3050 105.28 -85.66 39.28
N ARG H 3051 105.88 -86.84 39.13
CA ARG H 3051 105.97 -87.78 40.25
C ARG H 3051 106.86 -87.21 41.35
N HIS H 3052 106.24 -86.96 42.51
CA HIS H 3052 106.91 -86.42 43.69
C HIS H 3052 107.45 -85.00 43.45
N ARG H 3053 106.91 -84.29 42.47
CA ARG H 3053 107.30 -82.91 42.20
C ARG H 3053 106.07 -82.04 42.01
N VAL H 3054 104.96 -82.37 42.66
CA VAL H 3054 103.75 -81.59 42.53
C VAL H 3054 103.94 -80.19 43.10
N SER H 3055 104.70 -80.08 44.19
CA SER H 3055 104.93 -78.77 44.80
C SER H 3055 105.79 -77.87 43.91
N LEU H 3056 106.75 -78.47 43.17
CA LEU H 3056 107.65 -77.67 42.36
C LEU H 3056 106.94 -76.99 41.19
N PHE H 3057 105.77 -77.48 40.80
CA PHE H 3057 105.01 -76.84 39.73
C PHE H 3057 104.16 -75.67 40.22
N GLY H 3058 104.04 -75.49 41.53
CA GLY H 3058 103.28 -74.37 42.05
C GLY H 3058 101.83 -74.43 41.62
N THR H 3059 101.34 -73.32 41.06
CA THR H 3059 99.96 -73.25 40.58
C THR H 3059 99.74 -73.98 39.27
N ASP H 3060 100.80 -74.47 38.63
CA ASP H 3060 100.69 -75.21 37.39
C ASP H 3060 100.37 -76.69 37.61
N ALA H 3061 100.41 -77.16 38.85
CA ALA H 3061 100.09 -78.55 39.12
C ALA H 3061 98.67 -78.94 38.69
N PRO H 3062 97.62 -78.15 38.94
CA PRO H 3062 96.31 -78.51 38.39
C PRO H 3062 96.30 -78.64 36.88
N ALA H 3063 97.10 -77.84 36.18
CA ALA H 3063 97.18 -77.97 34.73
C ALA H 3063 97.81 -79.29 34.33
N VAL H 3064 98.84 -79.73 35.06
CA VAL H 3064 99.53 -80.97 34.72
C VAL H 3064 98.60 -82.17 34.88
N VAL H 3065 97.87 -82.22 36.00
CA VAL H 3065 96.99 -83.36 36.25
C VAL H 3065 95.84 -83.39 35.26
N ASN H 3066 95.32 -82.21 34.87
CA ASN H 3066 94.26 -82.17 33.87
C ASN H 3066 94.74 -82.71 32.53
N CYS H 3067 95.98 -82.40 32.15
CA CYS H 3067 96.54 -82.99 30.94
C CYS H 3067 96.67 -84.50 31.06
N LEU H 3068 97.06 -84.98 32.25
CA LEU H 3068 97.16 -86.42 32.46
C LEU H 3068 95.79 -87.10 32.34
N HIS H 3069 94.74 -86.45 32.84
CA HIS H 3069 93.40 -87.00 32.68
C HIS H 3069 93.02 -87.14 31.21
N ILE H 3070 93.28 -86.10 30.43
CA ILE H 3070 92.88 -86.11 29.03
C ILE H 3070 93.74 -87.07 28.22
N LEU H 3071 95.04 -87.11 28.52
CA LEU H 3071 95.91 -88.08 27.85
C LEU H 3071 95.49 -89.50 28.16
N ALA H 3072 95.09 -89.76 29.41
CA ALA H 3072 94.64 -91.10 29.79
C ALA H 3072 93.39 -91.51 29.01
N ARG H 3073 92.46 -90.58 28.81
CA ARG H 3073 91.24 -90.88 28.07
C ARG H 3073 91.48 -91.08 26.57
N SER H 3074 92.69 -90.78 26.08
CA SER H 3074 93.02 -90.92 24.67
C SER H 3074 94.13 -91.94 24.46
N LEU H 3075 94.26 -92.91 25.36
CA LEU H 3075 95.27 -93.95 25.26
C LEU H 3075 94.64 -95.21 24.67
N ASP H 3076 95.05 -95.56 23.45
CA ASP H 3076 94.67 -96.83 22.84
C ASP H 3076 95.69 -97.89 23.25
N ALA H 3077 95.65 -98.24 24.54
CA ALA H 3077 96.64 -99.12 25.12
C ALA H 3077 96.55 -100.55 24.59
N ARG H 3078 95.41 -100.91 23.97
CA ARG H 3078 95.29 -102.26 23.41
C ARG H 3078 96.29 -102.47 22.29
N THR H 3079 96.36 -101.54 21.34
CA THR H 3079 97.29 -101.68 20.22
C THR H 3079 98.73 -101.53 20.68
N VAL H 3080 98.99 -100.61 21.62
CA VAL H 3080 100.36 -100.37 22.06
C VAL H 3080 100.93 -101.60 22.75
N MET H 3081 100.16 -102.22 23.64
CA MET H 3081 100.67 -103.36 24.38
C MET H 3081 100.75 -104.61 23.51
N LYS H 3082 99.87 -104.73 22.52
CA LYS H 3082 99.90 -105.90 21.64
C LYS H 3082 101.01 -105.79 20.60
N SER H 3083 100.97 -104.75 19.78
CA SER H 3083 101.95 -104.52 18.72
C SER H 3083 102.58 -103.15 18.93
N GLY H 3084 103.64 -103.11 19.72
CA GLY H 3084 104.34 -101.88 20.00
C GLY H 3084 105.79 -102.11 20.38
N PRO H 3085 106.58 -101.05 20.35
CA PRO H 3085 108.00 -101.19 20.72
C PRO H 3085 108.15 -101.51 22.20
N GLU H 3086 109.26 -102.19 22.52
CA GLU H 3086 109.53 -102.55 23.90
C GLU H 3086 109.71 -101.31 24.77
N ILE H 3087 110.36 -100.29 24.24
CA ILE H 3087 110.62 -99.07 25.02
C ILE H 3087 109.31 -98.40 25.41
N VAL H 3088 108.38 -98.28 24.45
CA VAL H 3088 107.10 -97.66 24.75
C VAL H 3088 106.30 -98.51 25.73
N LYS H 3089 106.28 -99.82 25.53
CA LYS H 3089 105.55 -100.71 26.44
C LYS H 3089 106.16 -100.69 27.84
N ALA H 3090 107.50 -100.66 27.93
CA ALA H 3090 108.15 -100.63 29.23
C ALA H 3090 107.81 -99.35 29.99
N GLY H 3091 107.58 -98.25 29.28
CA GLY H 3091 107.18 -97.02 29.95
C GLY H 3091 105.82 -97.13 30.62
N LEU H 3092 104.86 -97.74 29.92
CA LEU H 3092 103.54 -97.93 30.51
C LEU H 3092 103.58 -98.90 31.68
N ARG H 3093 104.38 -99.97 31.56
CA ARG H 3093 104.54 -100.89 32.67
C ARG H 3093 105.18 -100.22 33.88
N SER H 3094 106.16 -99.35 33.64
CA SER H 3094 106.83 -98.65 34.74
C SER H 3094 105.87 -97.71 35.44
N PHE H 3095 104.90 -97.15 34.72
CA PHE H 3095 103.93 -96.26 35.35
C PHE H 3095 103.09 -97.00 36.38
N PHE H 3096 102.56 -98.17 36.02
CA PHE H 3096 101.78 -98.95 36.97
C PHE H 3096 102.62 -99.44 38.14
N GLU H 3097 103.86 -99.87 37.86
CA GLU H 3097 104.74 -100.31 38.93
C GLU H 3097 105.07 -99.16 39.88
N SER H 3098 105.36 -97.98 39.33
CA SER H 3098 105.62 -96.82 40.18
C SER H 3098 104.38 -96.43 40.97
N ALA H 3099 103.21 -96.52 40.35
CA ALA H 3099 101.97 -96.19 41.06
C ALA H 3099 101.73 -97.12 42.23
N SER H 3100 102.01 -98.41 42.04
CA SER H 3100 101.83 -99.37 43.13
C SER H 3100 102.76 -99.06 44.30
N GLU H 3101 104.02 -98.72 43.99
CA GLU H 3101 104.98 -98.42 45.05
C GLU H 3101 104.58 -97.18 45.82
N ASP H 3102 104.10 -96.14 45.11
CA ASP H 3102 103.70 -94.92 45.79
C ASP H 3102 102.49 -95.15 46.69
N ILE H 3103 101.53 -95.96 46.23
CA ILE H 3103 100.36 -96.26 47.05
C ILE H 3103 100.76 -97.09 48.27
N GLU H 3104 101.68 -98.04 48.09
CA GLU H 3104 102.14 -98.83 49.23
C GLU H 3104 102.80 -97.96 50.28
N LYS H 3105 103.61 -96.97 49.85
CA LYS H 3105 104.19 -96.04 50.81
C LYS H 3105 103.12 -95.17 51.45
N MET H 3106 102.07 -94.82 50.69
CA MET H 3106 101.00 -94.00 51.24
C MET H 3106 100.23 -94.76 52.32
N VAL H 3107 99.86 -96.01 52.03
CA VAL H 3107 99.03 -96.75 52.97
C VAL H 3107 99.80 -97.10 54.23
N GLU H 3108 101.10 -97.39 54.11
CA GLU H 3108 101.90 -97.70 55.30
C GLU H 3108 102.12 -96.47 56.16
N ASN H 3109 102.09 -95.28 55.57
CA ASN H 3109 102.12 -94.05 56.35
C ASN H 3109 100.77 -93.76 57.00
N LEU H 3110 99.68 -94.05 56.29
CA LEU H 3110 98.36 -93.97 56.89
C LEU H 3110 98.18 -95.00 58.01
N ARG H 3111 98.99 -96.06 58.01
CA ARG H 3111 99.04 -97.01 59.11
C ARG H 3111 99.71 -96.44 60.34
N LEU H 3112 100.02 -95.14 60.33
CA LEU H 3112 100.69 -94.45 61.44
C LEU H 3112 102.06 -95.04 61.72
N GLY H 3113 102.71 -95.56 60.68
CA GLY H 3113 104.13 -95.81 60.78
C GLY H 3113 104.92 -94.53 60.93
N LYS H 3114 104.44 -93.46 60.31
CA LYS H 3114 104.99 -92.12 60.48
C LYS H 3114 103.85 -91.18 60.83
N VAL H 3115 104.17 -90.12 61.59
CA VAL H 3115 103.13 -89.22 62.10
C VAL H 3115 102.37 -88.56 60.96
N SER H 3116 103.09 -88.09 59.94
CA SER H 3116 102.51 -87.46 58.76
C SER H 3116 101.65 -86.26 59.15
N LYS H 3123 109.78 -84.26 55.24
CA LYS H 3123 110.54 -85.27 54.54
C LYS H 3123 109.78 -85.75 53.30
N GLY H 3124 110.13 -86.95 52.82
CA GLY H 3124 109.47 -87.51 51.66
C GLY H 3124 108.06 -88.01 51.93
N VAL H 3125 107.70 -88.17 53.20
CA VAL H 3125 106.34 -88.60 53.53
C VAL H 3125 105.33 -87.54 53.08
N GLY H 3126 105.63 -86.27 53.35
CA GLY H 3126 104.74 -85.21 52.92
C GLY H 3126 104.65 -85.11 51.41
N GLN H 3127 105.79 -85.25 50.72
CA GLN H 3127 105.79 -85.18 49.27
C GLN H 3127 105.01 -86.34 48.66
N ASN H 3128 105.21 -87.55 49.19
CA ASN H 3128 104.48 -88.71 48.68
C ASN H 3128 102.99 -88.60 48.95
N LEU H 3129 102.61 -88.13 50.13
CA LEU H 3129 101.19 -88.05 50.47
C LEU H 3129 100.46 -87.04 49.60
N THR H 3130 101.06 -85.87 49.37
CA THR H 3130 100.38 -84.86 48.56
C THR H 3130 100.41 -85.21 47.08
N TYR H 3131 101.41 -85.97 46.64
CA TYR H 3131 101.45 -86.39 45.24
C TYR H 3131 100.38 -87.43 44.95
N THR H 3132 100.17 -88.38 45.87
CA THR H 3132 99.23 -89.45 45.61
C THR H 3132 97.79 -88.96 45.65
N THR H 3133 97.44 -88.12 46.64
CA THR H 3133 96.06 -87.70 46.81
C THR H 3133 95.64 -86.63 45.80
N VAL H 3134 96.59 -85.96 45.16
CA VAL H 3134 96.27 -84.89 44.22
C VAL H 3134 96.49 -85.31 42.78
N ALA H 3135 97.55 -86.07 42.51
CA ALA H 3135 97.91 -86.45 41.15
C ALA H 3135 97.71 -87.93 40.87
N LEU H 3136 98.31 -88.81 41.67
CA LEU H 3136 98.33 -90.23 41.32
C LEU H 3136 96.94 -90.84 41.37
N LEU H 3137 96.21 -90.63 42.46
CA LEU H 3137 94.90 -91.27 42.60
C LEU H 3137 93.90 -90.80 41.55
N PRO H 3138 93.69 -89.50 41.31
CA PRO H 3138 92.74 -89.12 40.25
C PRO H 3138 93.14 -89.63 38.87
N VAL H 3139 94.43 -89.63 38.55
CA VAL H 3139 94.86 -90.09 37.24
C VAL H 3139 94.69 -91.60 37.13
N LEU H 3140 95.07 -92.34 38.17
CA LEU H 3140 94.93 -93.79 38.13
C LEU H 3140 93.46 -94.19 38.04
N THR H 3141 92.58 -93.45 38.72
CA THR H 3141 91.15 -93.71 38.61
C THR H 3141 90.66 -93.48 37.19
N THR H 3142 91.10 -92.39 36.55
CA THR H 3142 90.69 -92.11 35.18
C THR H 3142 91.21 -93.16 34.22
N LEU H 3143 92.46 -93.58 34.38
CA LEU H 3143 93.04 -94.57 33.47
C LEU H 3143 92.31 -95.90 33.58
N PHE H 3144 92.00 -96.34 34.79
CA PHE H 3144 91.26 -97.59 34.96
C PHE H 3144 89.85 -97.48 34.37
N GLN H 3145 89.19 -96.34 34.57
CA GLN H 3145 87.87 -96.14 33.98
C GLN H 3145 87.95 -96.17 32.46
N HIS H 3146 89.00 -95.56 31.89
CA HIS H 3146 89.18 -95.60 30.44
C HIS H 3146 89.38 -97.02 29.95
N ILE H 3147 90.15 -97.81 30.67
CA ILE H 3147 90.38 -99.21 30.28
C ILE H 3147 89.07 -99.99 30.35
N ALA H 3148 88.29 -99.79 31.41
CA ALA H 3148 87.06 -100.54 31.59
C ALA H 3148 86.05 -100.24 30.50
N GLN H 3149 85.92 -98.97 30.11
CA GLN H 3149 84.91 -98.60 29.11
C GLN H 3149 85.22 -99.22 27.76
N HIS H 3150 86.49 -99.27 27.38
CA HIS H 3150 86.89 -99.77 26.08
C HIS H 3150 87.31 -101.23 26.10
N GLN H 3151 87.08 -101.93 27.20
CA GLN H 3151 87.35 -103.37 27.31
C GLN H 3151 88.82 -103.68 27.04
N PHE H 3152 89.70 -102.81 27.52
CA PHE H 3152 91.14 -103.02 27.34
C PHE H 3152 91.76 -103.85 28.45
N GLY H 3153 90.98 -104.27 29.44
CA GLY H 3153 91.55 -104.99 30.58
C GLY H 3153 92.19 -106.31 30.18
N ASP H 3154 91.54 -107.04 29.27
CA ASP H 3154 92.05 -108.34 28.86
C ASP H 3154 93.30 -108.24 27.98
N ASP H 3155 93.67 -107.04 27.55
CA ASP H 3155 94.83 -106.86 26.67
C ASP H 3155 95.97 -106.10 27.31
N VAL H 3156 95.70 -105.27 28.32
CA VAL H 3156 96.73 -104.42 28.93
C VAL H 3156 97.24 -105.03 30.23
N ILE H 3157 96.34 -105.41 31.13
CA ILE H 3157 96.73 -105.91 32.45
C ILE H 3157 96.91 -107.41 32.30
N LEU H 3158 98.09 -107.81 31.84
CA LEU H 3158 98.32 -109.22 31.51
C LEU H 3158 99.39 -109.87 32.37
N ASP H 3159 100.62 -109.36 32.40
CA ASP H 3159 101.72 -110.09 33.02
C ASP H 3159 102.30 -109.36 34.22
N ASP H 3160 102.81 -108.14 34.05
CA ASP H 3160 103.36 -107.37 35.16
C ASP H 3160 102.45 -106.25 35.62
N VAL H 3161 101.54 -105.78 34.76
CA VAL H 3161 100.52 -104.85 35.21
C VAL H 3161 99.60 -105.52 36.22
N GLN H 3162 99.32 -106.82 36.02
CA GLN H 3162 98.51 -107.56 36.98
C GLN H 3162 99.19 -107.58 38.36
N VAL H 3163 100.50 -107.84 38.38
CA VAL H 3163 101.22 -107.81 39.65
C VAL H 3163 101.17 -106.42 40.26
N SER H 3164 101.35 -105.39 39.45
CA SER H 3164 101.23 -104.02 39.95
C SER H 3164 99.80 -103.73 40.40
N CYS H 3165 98.81 -104.17 39.62
CA CYS H 3165 97.42 -103.94 40.00
C CYS H 3165 97.03 -104.76 41.23
N TYR H 3166 97.60 -105.96 41.38
CA TYR H 3166 97.33 -106.75 42.58
C TYR H 3166 97.83 -106.04 43.83
N ARG H 3167 99.04 -105.49 43.77
CA ARG H 3167 99.57 -104.78 44.92
C ARG H 3167 98.75 -103.54 45.24
N THR H 3168 98.30 -102.83 44.21
CA THR H 3168 97.37 -101.72 44.44
C THR H 3168 96.07 -102.21 45.05
N LEU H 3169 95.54 -103.32 44.52
CA LEU H 3169 94.35 -103.93 45.11
C LEU H 3169 94.61 -104.43 46.51
N CYS H 3170 95.78 -105.04 46.74
CA CYS H 3170 96.16 -105.48 48.07
C CYS H 3170 96.19 -104.32 49.06
N SER H 3171 96.85 -103.22 48.68
CA SER H 3171 97.13 -102.16 49.62
C SER H 3171 95.90 -101.32 49.94
N ILE H 3172 95.09 -101.00 48.93
CA ILE H 3172 93.95 -100.11 49.13
C ILE H 3172 92.95 -100.74 50.10
N TYR H 3173 92.65 -102.03 49.92
CA TYR H 3173 91.71 -102.70 50.80
C TYR H 3173 92.25 -102.87 52.21
N SER H 3174 93.58 -102.79 52.40
CA SER H 3174 94.18 -102.97 53.71
C SER H 3174 93.90 -101.83 54.66
N LEU H 3175 93.10 -100.84 54.26
CA LEU H 3175 92.75 -99.73 55.14
C LEU H 3175 91.57 -100.05 56.04
N GLY H 3176 90.98 -101.24 55.93
CA GLY H 3176 89.84 -101.58 56.76
C GLY H 3176 90.18 -101.62 58.24
N THR H 3177 91.38 -102.07 58.57
CA THR H 3177 91.84 -102.16 59.95
C THR H 3177 92.58 -100.91 60.41
N THR H 3178 92.31 -99.76 59.77
CA THR H 3178 92.96 -98.51 60.10
C THR H 3178 91.92 -97.46 60.47
N LYS H 3179 92.16 -96.75 61.57
CA LYS H 3179 91.26 -95.72 62.05
C LYS H 3179 92.07 -94.46 62.34
N ASN H 3180 91.97 -93.48 61.44
CA ASN H 3180 92.69 -92.21 61.59
C ASN H 3180 91.83 -91.11 60.99
N THR H 3181 92.34 -89.88 61.07
CA THR H 3181 91.66 -88.74 60.46
C THR H 3181 91.99 -88.62 58.97
N TYR H 3182 93.24 -88.89 58.60
CA TYR H 3182 93.62 -88.86 57.19
C TYR H 3182 92.88 -89.93 56.40
N VAL H 3183 92.75 -91.13 56.98
CA VAL H 3183 92.07 -92.22 56.29
C VAL H 3183 90.60 -91.88 56.07
N GLU H 3184 89.99 -91.18 57.02
CA GLU H 3184 88.57 -90.86 56.92
C GLU H 3184 88.28 -90.00 55.70
N LYS H 3185 89.12 -89.00 55.44
CA LYS H 3185 88.89 -88.11 54.30
C LYS H 3185 89.38 -88.70 52.98
N LEU H 3186 90.18 -89.77 53.02
CA LEU H 3186 90.70 -90.37 51.81
C LEU H 3186 89.90 -91.57 51.33
N ARG H 3187 88.91 -92.02 52.10
CA ARG H 3187 88.11 -93.16 51.67
C ARG H 3187 87.35 -92.92 50.36
N PRO H 3188 86.69 -91.78 50.14
CA PRO H 3188 86.00 -91.59 48.85
C PRO H 3188 86.95 -91.68 47.66
N ALA H 3189 88.17 -91.17 47.78
CA ALA H 3189 89.12 -91.27 46.68
C ALA H 3189 89.63 -92.69 46.52
N LEU H 3190 89.96 -93.36 47.63
CA LEU H 3190 90.42 -94.74 47.55
C LEU H 3190 89.32 -95.67 47.05
N GLY H 3191 88.10 -95.46 47.51
CA GLY H 3191 87.00 -96.32 47.08
C GLY H 3191 86.71 -96.20 45.61
N GLU H 3192 86.72 -94.97 45.09
CA GLU H 3192 86.46 -94.76 43.67
C GLU H 3192 87.55 -95.39 42.81
N CYS H 3193 88.82 -95.26 43.25
CA CYS H 3193 89.92 -95.88 42.51
C CYS H 3193 89.81 -97.39 42.51
N LEU H 3194 89.44 -97.98 43.65
CA LEU H 3194 89.31 -99.43 43.74
C LEU H 3194 88.16 -99.94 42.88
N ALA H 3195 87.06 -99.19 42.83
CA ALA H 3195 85.93 -99.60 42.01
C ALA H 3195 86.30 -99.64 40.54
N ARG H 3196 87.03 -98.63 40.08
CA ARG H 3196 87.46 -98.62 38.67
C ARG H 3196 88.46 -99.72 38.39
N LEU H 3197 89.31 -100.05 39.37
CA LEU H 3197 90.25 -101.14 39.18
C LEU H 3197 89.52 -102.47 39.03
N ALA H 3198 88.45 -102.67 39.80
CA ALA H 3198 87.70 -103.92 39.70
C ALA H 3198 87.06 -104.07 38.32
N ALA H 3199 86.58 -102.97 37.74
CA ALA H 3199 85.98 -103.03 36.41
C ALA H 3199 87.01 -103.37 35.35
N ALA H 3200 88.25 -102.94 35.53
CA ALA H 3200 89.29 -103.18 34.53
C ALA H 3200 90.14 -104.41 34.82
N MET H 3201 90.04 -104.98 36.01
CA MET H 3201 90.86 -106.14 36.35
C MET H 3201 90.36 -107.37 35.60
N PRO H 3202 91.20 -108.02 34.81
CA PRO H 3202 90.76 -109.19 34.03
C PRO H 3202 90.73 -110.50 34.81
N VAL H 3203 91.10 -110.49 36.08
CA VAL H 3203 91.10 -111.70 36.90
C VAL H 3203 90.03 -111.57 37.98
N ALA H 3204 89.41 -112.70 38.31
CA ALA H 3204 88.41 -112.75 39.37
C ALA H 3204 89.13 -112.93 40.70
N PHE H 3205 89.66 -111.82 41.21
CA PHE H 3205 90.45 -111.86 42.43
C PHE H 3205 89.63 -112.24 43.66
N LEU H 3206 88.30 -112.11 43.59
CA LEU H 3206 87.43 -112.51 44.67
C LEU H 3206 87.04 -113.98 44.59
N GLU H 3207 87.39 -114.67 43.50
CA GLU H 3207 87.07 -116.08 43.31
C GLU H 3207 88.33 -116.81 42.84
N PRO H 3208 89.32 -116.96 43.72
CA PRO H 3208 90.56 -117.64 43.31
C PRO H 3208 90.37 -119.12 43.03
N GLN H 3209 89.30 -119.74 43.51
CA GLN H 3209 89.12 -121.18 43.29
C GLN H 3209 88.84 -121.52 41.83
N LEU H 3210 88.40 -120.55 41.04
CA LEU H 3210 88.12 -120.76 39.62
C LEU H 3210 89.13 -120.08 38.72
N ASN H 3211 90.29 -119.69 39.26
CA ASN H 3211 91.28 -118.98 38.46
C ASN H 3211 91.90 -119.85 37.37
N GLU H 3212 91.87 -121.18 37.53
CA GLU H 3212 92.46 -122.07 36.54
C GLU H 3212 91.75 -122.02 35.20
N TYR H 3213 90.54 -121.46 35.13
CA TYR H 3213 89.79 -121.36 33.90
C TYR H 3213 89.88 -119.98 33.26
N ASN H 3214 90.75 -119.11 33.78
CA ASN H 3214 90.90 -117.75 33.26
C ASN H 3214 92.17 -117.68 32.43
N ALA H 3215 92.02 -117.36 31.14
CA ALA H 3215 93.17 -117.29 30.26
C ALA H 3215 94.01 -116.04 30.51
N CYS H 3216 93.39 -114.96 30.97
CA CYS H 3216 94.08 -113.70 31.22
C CYS H 3216 94.61 -113.62 32.64
N SER H 3217 95.37 -114.63 33.05
CA SER H 3217 95.95 -114.70 34.39
C SER H 3217 97.42 -115.07 34.28
N VAL H 3218 98.23 -114.51 35.19
CA VAL H 3218 99.66 -114.79 35.18
C VAL H 3218 99.96 -116.25 35.47
N TYR H 3219 99.11 -116.92 36.24
CA TYR H 3219 99.33 -118.32 36.57
C TYR H 3219 99.03 -119.26 35.42
N THR H 3220 98.40 -118.77 34.35
CA THR H 3220 98.17 -119.55 33.15
C THR H 3220 99.03 -119.10 31.98
N THR H 3221 99.26 -117.79 31.84
CA THR H 3221 100.11 -117.29 30.76
C THR H 3221 101.56 -117.67 30.98
N LYS H 3222 102.03 -117.62 32.21
CA LYS H 3222 103.44 -117.88 32.52
C LYS H 3222 103.63 -119.27 33.09
N SER H 3223 104.78 -119.86 32.80
CA SER H 3223 105.14 -121.21 33.22
C SER H 3223 105.47 -121.24 34.71
N PRO H 3224 105.31 -122.39 35.36
CA PRO H 3224 105.80 -122.54 36.74
C PRO H 3224 107.30 -122.35 36.86
N ARG H 3225 108.07 -122.58 35.79
CA ARG H 3225 109.49 -122.28 35.83
C ARG H 3225 109.75 -120.80 36.07
N GLU H 3226 109.02 -119.94 35.36
CA GLU H 3226 109.00 -118.52 35.68
C GLU H 3226 107.98 -118.30 36.81
N ARG H 3227 107.64 -117.04 37.09
CA ARG H 3227 106.84 -116.66 38.24
C ARG H 3227 107.59 -116.96 39.54
N ALA H 3228 108.81 -117.47 39.41
CA ALA H 3228 109.74 -117.64 40.52
C ALA H 3228 110.97 -116.76 40.40
N ILE H 3229 111.41 -116.45 39.18
CA ILE H 3229 112.44 -115.44 38.98
C ILE H 3229 111.91 -114.09 39.44
N LEU H 3230 110.64 -113.82 39.20
CA LEU H 3230 109.94 -112.67 39.80
C LEU H 3230 109.09 -113.17 40.95
N GLY H 3231 109.19 -112.50 42.09
CA GLY H 3231 108.55 -112.96 43.30
C GLY H 3231 107.05 -113.08 43.21
N LEU H 3232 106.55 -114.32 43.20
CA LEU H 3232 105.13 -114.60 43.26
C LEU H 3232 104.87 -115.66 44.31
N PRO H 3233 103.71 -115.62 44.96
CA PRO H 3233 103.48 -116.48 46.14
C PRO H 3233 103.17 -117.93 45.81
N ASN H 3234 103.40 -118.35 44.57
CA ASN H 3234 103.26 -119.73 44.10
C ASN H 3234 101.80 -120.19 44.05
N SER H 3235 100.85 -119.36 44.46
CA SER H 3235 99.44 -119.72 44.42
C SER H 3235 98.61 -118.48 44.18
N VAL H 3236 97.53 -118.62 43.41
CA VAL H 3236 96.68 -117.48 43.12
C VAL H 3236 95.98 -116.99 44.37
N GLU H 3237 95.63 -117.90 45.28
CA GLU H 3237 94.95 -117.52 46.51
C GLU H 3237 95.81 -116.65 47.41
N GLU H 3238 97.13 -116.66 47.22
CA GLU H 3238 98.05 -115.92 48.07
C GLU H 3238 98.48 -114.59 47.48
N MET H 3239 97.94 -114.20 46.31
CA MET H 3239 98.29 -112.92 45.73
C MET H 3239 97.86 -111.76 46.63
N CYS H 3240 96.59 -111.74 47.03
CA CYS H 3240 96.08 -110.80 48.03
C CYS H 3240 95.26 -111.60 49.04
N PRO H 3241 95.94 -112.28 49.97
CA PRO H 3241 95.24 -113.20 50.88
C PRO H 3241 94.34 -112.50 51.90
N ASP H 3242 94.47 -111.20 52.09
CA ASP H 3242 93.65 -110.46 53.04
C ASP H 3242 92.33 -109.99 52.45
N ILE H 3243 92.06 -110.30 51.19
CA ILE H 3243 90.80 -109.96 50.56
C ILE H 3243 89.84 -111.14 50.76
N PRO H 3244 88.71 -110.96 51.43
CA PRO H 3244 87.76 -112.07 51.58
C PRO H 3244 87.21 -112.49 50.23
N VAL H 3245 86.86 -113.77 50.13
CA VAL H 3245 86.29 -114.32 48.90
C VAL H 3245 84.90 -113.74 48.69
N LEU H 3246 84.34 -113.93 47.50
CA LEU H 3246 83.06 -113.33 47.17
C LEU H 3246 81.96 -113.84 48.09
N ASP H 3247 81.95 -115.15 48.37
CA ASP H 3247 80.93 -115.71 49.24
C ASP H 3247 81.03 -115.12 50.65
N ARG H 3248 82.25 -115.01 51.18
CA ARG H 3248 82.44 -114.42 52.50
C ARG H 3248 82.06 -112.94 52.49
N LEU H 3249 82.46 -112.21 51.45
CA LEU H 3249 82.20 -110.78 51.41
C LEU H 3249 80.70 -110.48 51.35
N MET H 3250 79.96 -111.26 50.57
CA MET H 3250 78.52 -111.07 50.50
C MET H 3250 77.85 -111.37 51.83
N ALA H 3251 78.30 -112.40 52.54
CA ALA H 3251 77.71 -112.73 53.84
C ALA H 3251 77.93 -111.62 54.85
N ASP H 3252 79.14 -111.03 54.85
CA ASP H 3252 79.43 -109.97 55.80
C ASP H 3252 78.54 -108.75 55.57
N ILE H 3253 78.34 -108.37 54.31
CA ILE H 3253 77.48 -107.23 54.01
C ILE H 3253 76.04 -107.53 54.38
N GLY H 3254 75.58 -108.75 54.08
CA GLY H 3254 74.23 -109.13 54.45
C GLY H 3254 74.01 -109.11 55.95
N GLY H 3255 74.99 -109.58 56.72
CA GLY H 3255 74.87 -109.55 58.16
C GLY H 3255 74.81 -108.13 58.71
N LEU H 3256 75.64 -107.24 58.16
CA LEU H 3256 75.62 -105.84 58.59
C LEU H 3256 74.29 -105.19 58.24
N ALA H 3257 73.76 -105.47 57.05
CA ALA H 3257 72.52 -104.86 56.62
C ALA H 3257 71.34 -105.27 57.51
N GLU H 3258 71.27 -106.56 57.85
CA GLU H 3258 70.17 -107.03 58.67
C GLU H 3258 70.32 -106.63 60.13
N SER H 3259 71.55 -106.44 60.59
CA SER H 3259 71.79 -106.04 61.98
C SER H 3259 71.42 -104.60 62.25
N GLY H 3260 71.13 -103.80 61.23
CA GLY H 3260 70.79 -102.41 61.43
C GLY H 3260 71.96 -101.53 61.80
N ALA H 3261 73.17 -101.94 61.48
CA ALA H 3261 74.36 -101.17 61.84
C ALA H 3261 74.36 -99.84 61.09
N ARG H 3262 74.79 -98.79 61.78
CA ARG H 3262 74.88 -97.46 61.21
C ARG H 3262 76.17 -97.32 60.39
N TYR H 3263 76.33 -96.17 59.75
CA TYR H 3263 77.53 -95.92 58.95
C TYR H 3263 78.77 -95.83 59.83
N THR H 3264 78.62 -95.38 61.07
CA THR H 3264 79.79 -95.15 61.93
C THR H 3264 80.51 -96.45 62.27
N GLU H 3265 79.77 -97.56 62.38
CA GLU H 3265 80.39 -98.84 62.74
C GLU H 3265 80.80 -99.66 61.52
N MET H 3266 80.61 -99.15 60.31
CA MET H 3266 81.09 -99.84 59.12
C MET H 3266 81.45 -98.85 58.02
N PRO H 3267 82.40 -97.94 58.24
CA PRO H 3267 82.73 -96.96 57.20
C PRO H 3267 83.51 -97.58 56.06
N HIS H 3268 84.31 -98.61 56.36
CA HIS H 3268 85.12 -99.26 55.34
C HIS H 3268 84.25 -99.99 54.32
N VAL H 3269 83.21 -100.68 54.79
CA VAL H 3269 82.36 -101.46 53.89
C VAL H 3269 81.63 -100.54 52.92
N ILE H 3270 81.06 -99.45 53.43
CA ILE H 3270 80.26 -98.58 52.59
C ILE H 3270 81.15 -97.81 51.62
N GLU H 3271 82.28 -97.30 52.09
CA GLU H 3271 83.13 -96.45 51.26
C GLU H 3271 84.03 -97.24 50.31
N ILE H 3272 84.38 -98.48 50.64
CA ILE H 3272 85.37 -99.21 49.86
C ILE H 3272 84.82 -100.53 49.36
N THR H 3273 84.32 -101.36 50.27
CA THR H 3273 83.89 -102.71 49.89
C THR H 3273 82.68 -102.66 48.96
N LEU H 3274 81.68 -101.85 49.29
CA LEU H 3274 80.50 -101.76 48.44
C LEU H 3274 80.81 -101.26 47.04
N PRO H 3275 81.56 -100.17 46.84
CA PRO H 3275 81.89 -99.78 45.46
C PRO H 3275 82.66 -100.85 44.69
N MET H 3276 83.49 -101.64 45.37
CA MET H 3276 84.19 -102.73 44.70
C MET H 3276 83.22 -103.76 44.15
N LEU H 3277 82.27 -104.19 44.98
CA LEU H 3277 81.30 -105.20 44.53
C LEU H 3277 80.34 -104.64 43.51
N CYS H 3278 79.97 -103.37 43.64
CA CYS H 3278 79.06 -102.75 42.67
C CYS H 3278 79.67 -102.68 41.28
N SER H 3279 81.00 -102.83 41.17
CA SER H 3279 81.67 -102.86 39.89
C SER H 3279 82.21 -104.23 39.53
N TYR H 3280 82.54 -105.06 40.53
CA TYR H 3280 83.06 -106.40 40.26
C TYR H 3280 81.96 -107.30 39.72
N LEU H 3281 80.79 -107.31 40.35
CA LEU H 3281 79.72 -108.21 39.94
C LEU H 3281 79.22 -107.95 38.53
N PRO H 3282 78.93 -106.71 38.11
CA PRO H 3282 78.46 -106.51 36.72
C PRO H 3282 79.45 -106.96 35.68
N ARG H 3283 80.75 -106.83 35.94
CA ARG H 3283 81.75 -107.23 34.96
C ARG H 3283 81.74 -108.75 34.76
N TRP H 3284 81.65 -109.50 35.85
CA TRP H 3284 81.75 -110.96 35.78
C TRP H 3284 80.40 -111.64 35.60
N TRP H 3285 79.30 -110.89 35.68
CA TRP H 3285 78.02 -111.48 35.31
C TRP H 3285 77.94 -111.77 33.82
N GLU H 3286 78.61 -110.95 33.01
CA GLU H 3286 78.63 -111.14 31.56
C GLU H 3286 79.61 -112.20 31.10
N ARG H 3287 80.50 -112.67 31.99
CA ARG H 3287 81.53 -113.63 31.61
C ARG H 3287 81.38 -114.96 32.33
N GLY H 3288 80.30 -115.15 33.09
CA GLY H 3288 80.08 -116.38 33.79
C GLY H 3288 78.77 -117.04 33.42
N PRO H 3289 78.24 -117.87 34.32
CA PRO H 3289 76.93 -118.48 34.07
C PRO H 3289 75.84 -117.42 34.06
N GLU H 3290 74.74 -117.76 33.38
CA GLU H 3290 73.56 -116.92 33.18
C GLU H 3290 73.83 -115.78 32.19
N ALA H 3291 75.06 -115.65 31.70
CA ALA H 3291 75.32 -114.67 30.65
C ALA H 3291 74.64 -115.13 29.35
N PRO H 3292 74.35 -114.19 28.46
CA PRO H 3292 73.81 -114.56 27.12
C PRO H 3292 74.93 -115.05 26.22
N PRO H 3293 75.25 -116.34 26.25
CA PRO H 3293 76.53 -116.80 25.73
C PRO H 3293 76.48 -117.07 24.24
N PRO H 3294 77.34 -116.40 23.46
CA PRO H 3294 77.60 -116.83 22.07
C PRO H 3294 78.71 -117.88 22.01
N ALA H 3295 78.64 -118.86 22.91
CA ALA H 3295 79.75 -119.77 23.18
C ALA H 3295 79.52 -121.16 22.59
N LEU H 3296 78.96 -121.24 21.39
CA LEU H 3296 78.92 -122.52 20.71
C LEU H 3296 80.34 -122.98 20.37
N PRO H 3297 81.22 -122.11 19.80
CA PRO H 3297 82.59 -122.56 19.53
C PRO H 3297 83.49 -122.48 20.75
N ALA H 3298 83.27 -121.49 21.62
CA ALA H 3298 84.17 -121.20 22.73
C ALA H 3298 83.57 -121.57 24.09
N GLY H 3299 82.58 -122.46 24.11
CA GLY H 3299 82.00 -122.90 25.37
C GLY H 3299 82.74 -124.00 26.08
N ALA H 3300 83.81 -124.53 25.49
CA ALA H 3300 84.57 -125.59 26.14
C ALA H 3300 85.18 -125.15 27.47
N PRO H 3301 85.84 -124.00 27.58
CA PRO H 3301 86.37 -123.58 28.89
C PRO H 3301 85.25 -123.21 29.83
N PRO H 3302 85.22 -123.80 31.02
CA PRO H 3302 84.22 -123.40 32.01
C PRO H 3302 84.44 -121.96 32.43
N PRO H 3303 83.37 -121.26 32.82
CA PRO H 3303 83.53 -119.87 33.27
C PRO H 3303 84.44 -119.78 34.49
N CYS H 3304 85.24 -118.72 34.53
CA CYS H 3304 86.16 -118.50 35.63
C CYS H 3304 85.51 -117.78 36.82
N THR H 3305 84.21 -117.53 36.75
CA THR H 3305 83.49 -116.87 37.84
C THR H 3305 82.16 -117.58 38.05
N ALA H 3306 81.57 -117.36 39.22
CA ALA H 3306 80.28 -117.95 39.57
C ALA H 3306 79.23 -116.88 39.86
N VAL H 3307 79.37 -115.70 39.27
CA VAL H 3307 78.46 -114.60 39.53
C VAL H 3307 77.20 -114.79 38.68
N THR H 3308 76.05 -114.83 39.35
CA THR H 3308 74.75 -114.92 38.70
C THR H 3308 73.92 -113.70 39.09
N SER H 3309 72.67 -113.67 38.61
CA SER H 3309 71.77 -112.59 38.97
C SER H 3309 71.39 -112.62 40.45
N ASP H 3310 71.56 -113.76 41.12
CA ASP H 3310 71.30 -113.82 42.55
C ASP H 3310 72.26 -112.92 43.32
N HIS H 3311 73.53 -112.90 42.95
CA HIS H 3311 74.50 -112.08 43.65
C HIS H 3311 74.17 -110.60 43.52
N LEU H 3312 73.84 -110.15 42.30
CA LEU H 3312 73.48 -108.76 42.09
C LEU H 3312 72.19 -108.40 42.81
N ASN H 3313 71.20 -109.31 42.76
CA ASN H 3313 69.94 -109.06 43.45
C ASN H 3313 70.14 -109.02 44.96
N SER H 3314 70.95 -109.93 45.49
CA SER H 3314 71.20 -109.95 46.93
C SER H 3314 71.95 -108.70 47.37
N LEU H 3315 72.94 -108.28 46.60
CA LEU H 3315 73.70 -107.09 46.96
C LEU H 3315 72.83 -105.84 46.93
N LEU H 3316 71.97 -105.72 45.93
CA LEU H 3316 71.11 -104.54 45.82
C LEU H 3316 70.14 -104.46 47.00
N GLY H 3317 69.58 -105.61 47.40
CA GLY H 3317 68.70 -105.61 48.57
C GLY H 3317 69.42 -105.20 49.84
N ASN H 3318 70.65 -105.66 50.01
CA ASN H 3318 71.43 -105.26 51.18
C ASN H 3318 71.74 -103.76 51.15
N ILE H 3319 72.04 -103.23 49.97
CA ILE H 3319 72.33 -101.79 49.86
C ILE H 3319 71.12 -100.97 50.26
N LEU H 3320 69.93 -101.38 49.82
CA LEU H 3320 68.72 -100.66 50.20
C LEU H 3320 68.49 -100.72 51.70
N ARG H 3321 68.74 -101.86 52.33
CA ARG H 3321 68.57 -101.97 53.77
C ARG H 3321 69.63 -101.14 54.51
N ILE H 3322 70.82 -101.02 53.94
CA ILE H 3322 71.86 -100.18 54.55
C ILE H 3322 71.42 -98.72 54.55
N ILE H 3323 70.83 -98.25 53.45
CA ILE H 3323 70.43 -96.85 53.36
C ILE H 3323 69.35 -96.52 54.39
N VAL H 3324 68.35 -97.40 54.53
CA VAL H 3324 67.25 -97.11 55.44
C VAL H 3324 67.69 -97.20 56.90
N ASN H 3325 68.76 -97.94 57.19
CA ASN H 3325 69.28 -97.94 58.56
C ASN H 3325 69.85 -96.58 58.93
N ASN H 3326 70.36 -95.83 57.96
CA ASN H 3326 70.88 -94.49 58.17
C ASN H 3326 69.95 -93.43 57.60
N LEU H 3327 68.66 -93.75 57.51
CA LEU H 3327 67.72 -92.88 56.81
C LEU H 3327 67.55 -91.54 57.54
N GLY H 3328 67.41 -91.58 58.86
CA GLY H 3328 67.11 -90.40 59.64
C GLY H 3328 68.30 -89.72 60.29
N ILE H 3329 69.52 -90.13 59.98
CA ILE H 3329 70.68 -89.52 60.65
C ILE H 3329 70.89 -88.11 60.11
N ASP H 3330 71.60 -87.30 60.91
CA ASP H 3330 71.73 -85.88 60.61
C ASP H 3330 72.61 -85.64 59.39
N GLU H 3331 73.77 -86.29 59.32
CA GLU H 3331 74.74 -86.05 58.25
C GLU H 3331 75.17 -87.38 57.66
N ALA H 3332 75.05 -87.49 56.33
CA ALA H 3332 75.57 -88.66 55.61
C ALA H 3332 75.87 -88.21 54.17
N THR H 3333 77.14 -87.93 53.90
CA THR H 3333 77.56 -87.53 52.57
C THR H 3333 77.90 -88.73 51.69
N TRP H 3334 77.91 -89.94 52.25
CA TRP H 3334 78.23 -91.13 51.47
C TRP H 3334 77.06 -91.65 50.65
N MET H 3335 75.84 -91.16 50.93
CA MET H 3335 74.67 -91.67 50.23
C MET H 3335 74.73 -91.34 48.74
N LYS H 3336 75.14 -90.12 48.39
CA LYS H 3336 75.24 -89.76 46.97
C LYS H 3336 76.30 -90.59 46.26
N ARG H 3337 77.43 -90.85 46.93
CA ARG H 3337 78.46 -91.68 46.33
C ARG H 3337 78.00 -93.13 46.19
N LEU H 3338 77.25 -93.63 47.18
CA LEU H 3338 76.76 -95.00 47.10
C LEU H 3338 75.70 -95.14 46.01
N ALA H 3339 74.89 -94.10 45.80
CA ALA H 3339 73.82 -94.18 44.81
C ALA H 3339 74.38 -94.33 43.40
N VAL H 3340 75.43 -93.57 43.07
CA VAL H 3340 75.98 -93.63 41.73
C VAL H 3340 76.69 -94.96 41.49
N PHE H 3341 77.25 -95.56 42.54
CA PHE H 3341 77.94 -96.83 42.39
C PHE H 3341 76.97 -98.00 42.25
N ALA H 3342 75.80 -97.93 42.89
CA ALA H 3342 74.86 -99.04 42.87
C ALA H 3342 73.99 -99.07 41.63
N GLN H 3343 74.03 -98.03 40.79
CA GLN H 3343 73.22 -98.03 39.58
C GLN H 3343 73.54 -99.16 38.61
N PRO H 3344 74.81 -99.50 38.33
CA PRO H 3344 75.05 -100.60 37.37
C PRO H 3344 74.44 -101.94 37.77
N ILE H 3345 74.31 -102.22 39.08
CA ILE H 3345 73.85 -103.54 39.50
C ILE H 3345 72.33 -103.67 39.53
N VAL H 3346 71.60 -102.56 39.38
CA VAL H 3346 70.14 -102.62 39.44
C VAL H 3346 69.55 -103.21 38.17
N SER H 3347 70.33 -103.28 37.08
CA SER H 3347 69.80 -103.79 35.82
C SER H 3347 69.38 -105.25 35.90
N ARG H 3348 69.93 -106.01 36.84
CA ARG H 3348 69.60 -107.41 37.02
C ARG H 3348 68.67 -107.65 38.21
N ALA H 3349 68.05 -106.59 38.73
CA ALA H 3349 67.15 -106.75 39.86
C ALA H 3349 65.91 -107.54 39.47
N ARG H 3350 65.43 -108.35 40.40
CA ARG H 3350 64.26 -109.20 40.20
C ARG H 3350 62.99 -108.46 40.61
N PRO H 3351 61.83 -108.87 40.08
CA PRO H 3351 60.58 -108.17 40.42
C PRO H 3351 60.22 -108.22 41.90
N GLU H 3352 60.77 -109.17 42.66
CA GLU H 3352 60.42 -109.28 44.08
C GLU H 3352 60.91 -108.08 44.88
N LEU H 3353 61.90 -107.34 44.39
CA LEU H 3353 62.42 -106.20 45.14
C LEU H 3353 61.41 -105.06 45.19
N LEU H 3354 60.46 -105.03 44.26
CA LEU H 3354 59.44 -103.98 44.28
C LEU H 3354 58.60 -104.05 45.54
N HIS H 3355 58.20 -105.26 45.94
CA HIS H 3355 57.36 -105.43 47.12
C HIS H 3355 58.18 -105.60 48.40
N SER H 3356 59.30 -106.32 48.32
CA SER H 3356 60.07 -106.61 49.52
C SER H 3356 60.82 -105.38 50.03
N HIS H 3357 61.40 -104.60 49.11
CA HIS H 3357 62.27 -103.49 49.51
C HIS H 3357 61.70 -102.13 49.11
N PHE H 3358 61.42 -101.91 47.83
CA PHE H 3358 61.16 -100.55 47.36
C PHE H 3358 59.89 -99.96 47.99
N ILE H 3359 58.81 -100.75 48.04
CA ILE H 3359 57.55 -100.23 48.58
C ILE H 3359 57.67 -99.84 50.06
N PRO H 3360 58.22 -100.67 50.94
CA PRO H 3360 58.39 -100.22 52.34
C PRO H 3360 59.28 -98.99 52.48
N THR H 3361 60.32 -98.88 51.66
CA THR H 3361 61.25 -97.75 51.81
C THR H 3361 60.60 -96.44 51.37
N ILE H 3362 59.94 -96.45 50.21
CA ILE H 3362 59.29 -95.23 49.73
C ILE H 3362 58.15 -94.83 50.64
N GLY H 3363 57.44 -95.81 51.21
CA GLY H 3363 56.38 -95.49 52.15
C GLY H 3363 56.88 -94.75 53.37
N ARG H 3364 58.06 -95.12 53.88
CA ARG H 3364 58.66 -94.38 54.98
C ARG H 3364 58.99 -92.95 54.56
N LEU H 3365 59.52 -92.78 53.35
CA LEU H 3365 59.80 -91.44 52.85
C LEU H 3365 58.51 -90.65 52.65
N ARG H 3366 57.45 -91.32 52.20
CA ARG H 3366 56.19 -90.63 51.95
C ARG H 3366 55.59 -90.10 53.25
N LYS H 3367 55.59 -90.91 54.30
CA LYS H 3367 55.04 -90.44 55.57
C LYS H 3367 55.94 -89.41 56.23
N ARG H 3368 57.26 -89.52 56.04
CA ARG H 3368 58.16 -88.48 56.52
C ARG H 3368 57.88 -87.15 55.82
N ALA H 3369 57.66 -87.19 54.51
CA ALA H 3369 57.33 -85.97 53.78
C ALA H 3369 56.02 -85.36 54.27
N GLY H 3370 55.02 -86.20 54.50
CA GLY H 3370 53.76 -85.71 55.02
C GLY H 3370 53.87 -85.13 56.42
N LYS H 3371 54.74 -85.73 57.24
CA LYS H 3371 54.93 -85.23 58.60
C LYS H 3371 55.58 -83.85 58.59
N VAL H 3372 56.56 -83.64 57.72
CA VAL H 3372 57.27 -82.36 57.69
C VAL H 3372 56.35 -81.26 57.19
N VAL H 3373 55.62 -81.52 56.10
CA VAL H 3373 54.72 -80.49 55.56
C VAL H 3373 53.59 -80.20 56.53
N ALA H 3374 53.20 -81.19 57.35
CA ALA H 3374 52.24 -80.91 58.41
C ALA H 3374 52.80 -79.92 59.42
N GLU H 3375 54.08 -80.05 59.74
CA GLU H 3375 54.74 -79.07 60.60
C GLU H 3375 54.84 -77.72 59.92
N GLU H 3376 55.12 -77.71 58.60
CA GLU H 3376 55.27 -76.46 57.87
C GLU H 3376 53.96 -75.67 57.85
N GLU H 3377 52.83 -76.35 57.62
CA GLU H 3377 51.56 -75.64 57.60
C GLU H 3377 51.14 -75.21 59.00
N GLN H 3378 51.60 -75.91 60.04
CA GLN H 3378 51.34 -75.49 61.40
C GLN H 3378 51.99 -74.14 61.69
N LEU H 3379 53.20 -73.93 61.17
CA LEU H 3379 53.89 -72.66 61.39
C LEU H 3379 53.14 -71.50 60.75
N ARG H 3380 52.65 -71.69 59.53
CA ARG H 3380 52.09 -70.56 58.79
C ARG H 3380 50.71 -70.17 59.29
N LEU H 3381 49.95 -71.11 59.88
CA LEU H 3381 48.62 -70.77 60.34
C LEU H 3381 48.65 -69.83 61.53
N GLU H 3382 49.73 -69.86 62.31
CA GLU H 3382 49.92 -68.95 63.45
C GLU H 3382 51.15 -68.10 63.13
N ALA H 3383 50.93 -66.98 62.44
CA ALA H 3383 52.03 -66.09 62.12
C ALA H 3383 52.57 -65.44 63.39
N LYS H 3384 53.90 -65.44 63.52
CA LYS H 3384 54.53 -64.95 64.72
C LYS H 3384 55.98 -64.60 64.40
N ALA H 3385 56.58 -63.75 65.24
CA ALA H 3385 58.01 -63.49 65.13
C ALA H 3385 58.83 -64.71 65.51
N GLU H 3386 58.25 -65.66 66.25
CA GLU H 3386 58.90 -66.91 66.59
C GLU H 3386 58.84 -67.94 65.45
N ALA H 3387 57.98 -67.71 64.46
CA ALA H 3387 57.88 -68.65 63.35
C ALA H 3387 59.20 -68.80 62.60
N GLU H 3388 60.02 -67.74 62.58
CA GLU H 3388 61.35 -67.86 61.99
C GLU H 3388 62.20 -68.86 62.77
N GLU H 3389 62.11 -68.84 64.10
CA GLU H 3389 62.77 -69.84 64.94
C GLU H 3389 61.91 -71.10 64.91
N GLY H 3390 62.17 -71.94 63.91
CA GLY H 3390 61.32 -73.09 63.63
C GLY H 3390 61.14 -73.24 62.13
N GLU H 3391 61.18 -72.12 61.42
CA GLU H 3391 61.29 -72.18 59.96
C GLU H 3391 62.60 -72.80 59.54
N LEU H 3392 63.68 -72.53 60.27
CA LEU H 3392 64.95 -73.19 60.01
C LEU H 3392 64.87 -74.68 60.33
N LEU H 3393 64.07 -75.05 61.34
CA LEU H 3393 63.94 -76.46 61.71
C LEU H 3393 63.33 -77.27 60.57
N VAL H 3394 62.27 -76.76 59.96
CA VAL H 3394 61.65 -77.49 58.86
C VAL H 3394 62.55 -77.46 57.63
N ARG H 3395 63.35 -76.41 57.46
CA ARG H 3395 64.35 -76.40 56.38
C ARG H 3395 65.37 -77.50 56.58
N ASP H 3396 65.82 -77.72 57.82
CA ASP H 3396 66.71 -78.82 58.10
C ASP H 3396 66.02 -80.16 57.86
N GLU H 3397 64.76 -80.27 58.26
CA GLU H 3397 64.00 -81.50 58.02
C GLU H 3397 63.79 -81.74 56.54
N PHE H 3398 63.56 -80.68 55.77
CA PHE H 3398 63.44 -80.84 54.32
C PHE H 3398 64.79 -81.20 53.70
N SER H 3399 65.87 -80.62 54.20
CA SER H 3399 67.19 -80.90 53.64
C SER H 3399 67.58 -82.35 53.83
N VAL H 3400 67.37 -82.89 55.03
CA VAL H 3400 67.68 -84.30 55.27
C VAL H 3400 66.73 -85.19 54.47
N LEU H 3401 65.47 -84.77 54.32
CA LEU H 3401 64.52 -85.54 53.53
C LEU H 3401 64.95 -85.61 52.07
N CYS H 3402 65.38 -84.48 51.50
CA CYS H 3402 65.85 -84.46 50.12
C CYS H 3402 67.07 -85.34 49.93
N ARG H 3403 67.93 -85.42 50.95
CA ARG H 3403 69.08 -86.32 50.88
C ARG H 3403 68.64 -87.76 50.79
N ASP H 3404 67.63 -88.16 51.57
CA ASP H 3404 67.14 -89.53 51.53
C ASP H 3404 66.49 -89.84 50.18
N LEU H 3405 65.73 -88.90 49.63
CA LEU H 3405 65.09 -89.13 48.34
C LEU H 3405 66.13 -89.34 47.24
N TYR H 3406 67.19 -88.53 47.24
CA TYR H 3406 68.24 -88.66 46.24
C TYR H 3406 69.16 -89.85 46.49
N ALA H 3407 69.02 -90.53 47.62
CA ALA H 3407 69.76 -91.76 47.85
C ALA H 3407 69.00 -92.99 47.40
N LEU H 3408 67.71 -92.85 47.06
CA LEU H 3408 66.87 -93.96 46.64
C LEU H 3408 66.27 -93.78 45.26
N TYR H 3409 65.90 -92.57 44.88
CA TYR H 3409 65.30 -92.34 43.57
C TYR H 3409 66.19 -92.75 42.41
N PRO H 3410 67.50 -92.44 42.37
CA PRO H 3410 68.31 -92.91 41.25
C PRO H 3410 68.31 -94.42 41.10
N LEU H 3411 68.27 -95.15 42.22
CA LEU H 3411 68.10 -96.60 42.13
C LEU H 3411 66.69 -96.96 41.69
N LEU H 3412 65.69 -96.23 42.18
CA LEU H 3412 64.31 -96.51 41.82
C LEU H 3412 64.05 -96.20 40.34
N ILE H 3413 64.61 -95.10 39.84
CA ILE H 3413 64.36 -94.71 38.45
C ILE H 3413 64.86 -95.78 37.50
N ARG H 3414 66.07 -96.29 37.74
CA ARG H 3414 66.60 -97.35 36.89
C ARG H 3414 65.79 -98.63 37.01
N TYR H 3415 65.32 -98.95 38.21
CA TYR H 3415 64.49 -100.13 38.41
C TYR H 3415 63.16 -100.00 37.67
N VAL H 3416 62.58 -98.79 37.69
CA VAL H 3416 61.32 -98.57 37.00
C VAL H 3416 61.48 -98.74 35.50
N ASP H 3417 62.58 -98.23 34.95
CA ASP H 3417 62.79 -98.29 33.51
C ASP H 3417 62.88 -99.73 33.02
N ASN H 3418 63.53 -100.60 33.79
CA ASN H 3418 63.69 -101.99 33.39
C ASN H 3418 62.46 -102.84 33.67
N ASN H 3419 61.45 -102.29 34.35
CA ASN H 3419 60.25 -103.06 34.70
C ASN H 3419 58.95 -102.38 34.33
N ARG H 3420 59.00 -101.17 33.75
CA ARG H 3420 57.76 -100.48 33.40
C ARG H 3420 57.02 -101.22 32.29
N ALA H 3421 57.76 -101.82 31.35
CA ALA H 3421 57.13 -102.54 30.25
C ALA H 3421 56.31 -103.71 30.77
N HIS H 3422 56.85 -104.47 31.72
CA HIS H 3422 56.11 -105.59 32.27
CA HIS H 3422 56.12 -105.60 32.28
C HIS H 3422 54.87 -105.13 33.02
N TRP H 3423 54.99 -104.04 33.78
CA TRP H 3423 53.85 -103.55 34.55
C TRP H 3423 52.74 -103.05 33.63
N LEU H 3424 53.09 -102.42 32.51
CA LEU H 3424 52.07 -101.98 31.57
C LEU H 3424 51.49 -103.16 30.79
N THR H 3425 52.32 -104.14 30.44
CA THR H 3425 51.81 -105.32 29.74
C THR H 3425 50.85 -106.11 30.61
N GLU H 3426 51.20 -106.32 31.88
CA GLU H 3426 50.35 -107.01 32.83
C GLU H 3426 50.19 -106.13 34.07
N PRO H 3427 48.98 -105.65 34.36
CA PRO H 3427 48.81 -104.74 35.50
C PRO H 3427 49.27 -105.37 36.80
N ASN H 3428 49.92 -104.56 37.64
CA ASN H 3428 50.50 -105.01 38.89
C ASN H 3428 49.97 -104.13 40.02
N ALA H 3429 49.44 -104.77 41.07
CA ALA H 3429 48.95 -104.02 42.21
C ALA H 3429 50.08 -103.27 42.92
N ASN H 3430 51.25 -103.91 43.05
CA ASN H 3430 52.37 -103.27 43.71
C ASN H 3430 52.86 -102.05 42.92
N ALA H 3431 52.91 -102.17 41.59
CA ALA H 3431 53.33 -101.05 40.76
C ALA H 3431 52.38 -99.88 40.89
N GLU H 3432 51.08 -100.16 40.95
CA GLU H 3432 50.10 -99.09 41.16
C GLU H 3432 50.27 -98.44 42.53
N GLU H 3433 50.58 -99.24 43.55
CA GLU H 3433 50.81 -98.70 44.88
C GLU H 3433 52.04 -97.78 44.89
N LEU H 3434 53.09 -98.17 44.17
CA LEU H 3434 54.28 -97.33 44.09
C LEU H 3434 53.98 -96.01 43.42
N PHE H 3435 53.06 -96.00 42.45
CA PHE H 3435 52.68 -94.75 41.80
C PHE H 3435 52.04 -93.78 42.77
N ARG H 3436 51.19 -94.28 43.68
CA ARG H 3436 50.57 -93.42 44.67
C ARG H 3436 51.62 -92.82 45.61
N MET H 3437 52.62 -93.61 45.99
CA MET H 3437 53.66 -93.11 46.89
C MET H 3437 54.49 -92.02 46.23
N VAL H 3438 54.95 -92.25 45.00
CA VAL H 3438 55.73 -91.22 44.32
C VAL H 3438 54.84 -90.05 43.93
N GLY H 3439 53.56 -90.29 43.66
CA GLY H 3439 52.66 -89.20 43.35
C GLY H 3439 52.43 -88.28 44.53
N GLU H 3440 52.23 -88.84 45.71
CA GLU H 3440 51.98 -88.02 46.90
C GLU H 3440 53.22 -87.24 47.29
N ILE H 3441 54.41 -87.82 47.11
CA ILE H 3441 55.65 -87.08 47.35
C ILE H 3441 55.75 -85.91 46.39
N PHE H 3442 55.40 -86.13 45.12
CA PHE H 3442 55.42 -85.04 44.14
C PHE H 3442 54.43 -83.95 44.52
N ILE H 3443 53.24 -84.33 44.99
CA ILE H 3443 52.24 -83.34 45.40
C ILE H 3443 52.77 -82.54 46.59
N TYR H 3444 53.40 -83.21 47.55
CA TYR H 3444 54.02 -82.51 48.66
C TYR H 3444 55.10 -81.55 48.17
N TRP H 3445 55.92 -82.02 47.21
CA TRP H 3445 56.97 -81.17 46.66
C TRP H 3445 56.40 -79.96 45.93
N SER H 3446 55.32 -80.17 45.18
CA SER H 3446 54.74 -79.07 44.42
C SER H 3446 54.07 -78.05 45.34
N LYS H 3447 53.39 -78.52 46.38
CA LYS H 3447 52.69 -77.59 47.28
C LYS H 3447 53.67 -76.83 48.17
N SER H 3448 54.65 -77.52 48.74
CA SER H 3448 55.55 -76.90 49.71
C SER H 3448 56.59 -76.04 49.00
N HIS H 3449 56.72 -74.79 49.45
CA HIS H 3449 57.73 -73.90 48.89
C HIS H 3449 59.12 -74.25 49.38
N ASN H 3450 59.25 -74.63 50.66
CA ASN H 3450 60.56 -74.98 51.20
C ASN H 3450 61.08 -76.27 50.58
N PHE H 3451 60.20 -77.20 50.23
CA PHE H 3451 60.61 -78.46 49.63
C PHE H 3451 61.38 -78.22 48.32
N LYS H 3452 60.85 -77.32 47.47
CA LYS H 3452 61.56 -76.98 46.24
C LYS H 3452 62.89 -76.30 46.54
N ARG H 3453 62.90 -75.40 47.52
CA ARG H 3453 64.13 -74.67 47.85
C ARG H 3453 65.21 -75.60 48.38
N GLU H 3454 64.85 -76.48 49.32
CA GLU H 3454 65.84 -77.39 49.90
C GLU H 3454 66.37 -78.38 48.86
N GLU H 3455 65.50 -78.87 47.99
CA GLU H 3455 65.96 -79.79 46.94
C GLU H 3455 66.94 -79.10 46.01
N GLN H 3456 66.64 -77.86 45.62
CA GLN H 3456 67.56 -77.12 44.76
C GLN H 3456 68.89 -76.87 45.46
N ASN H 3457 68.84 -76.52 46.75
CA ASN H 3457 70.07 -76.31 47.51
C ASN H 3457 70.88 -77.60 47.61
N PHE H 3458 70.19 -78.73 47.84
CA PHE H 3458 70.91 -80.00 47.99
C PHE H 3458 71.65 -80.38 46.72
N VAL H 3459 71.03 -80.18 45.56
CA VAL H 3459 71.65 -80.58 44.31
C VAL H 3459 72.88 -79.72 44.02
N VAL H 3460 72.76 -78.41 44.16
CA VAL H 3460 73.85 -77.51 43.79
C VAL H 3460 75.01 -77.63 44.78
N GLN H 3461 74.71 -77.78 46.07
CA GLN H 3461 75.77 -77.82 47.07
C GLN H 3461 76.51 -79.15 47.05
N ASN H 3462 75.83 -80.23 46.70
CA ASN H 3462 76.45 -81.55 46.61
C ASN H 3462 76.88 -81.90 45.20
N GLU H 3463 76.72 -80.98 44.25
CA GLU H 3463 77.13 -81.19 42.86
C GLU H 3463 76.48 -82.45 42.27
N ILE H 3464 75.21 -82.66 42.59
CA ILE H 3464 74.47 -83.79 42.01
C ILE H 3464 74.26 -83.53 40.52
N ASN H 3465 74.65 -84.49 39.69
CA ASN H 3465 74.56 -84.30 38.25
C ASN H 3465 73.13 -84.15 37.79
N ASN H 3466 72.24 -85.05 38.26
CA ASN H 3466 70.82 -85.05 37.92
C ASN H 3466 70.60 -85.30 36.43
N MET H 3467 71.66 -85.51 35.68
CA MET H 3467 71.59 -85.85 34.27
C MET H 3467 72.12 -87.23 33.96
N SER H 3468 73.19 -87.65 34.63
CA SER H 3468 73.64 -89.04 34.50
C SER H 3468 72.63 -90.01 35.08
N PHE H 3469 71.88 -89.58 36.10
CA PHE H 3469 70.83 -90.42 36.67
C PHE H 3469 69.73 -90.71 35.66
N LEU H 3470 69.58 -89.88 34.63
CA LEU H 3470 68.55 -90.08 33.62
C LEU H 3470 69.11 -90.57 32.29
N THR H 3471 70.41 -90.45 32.06
CA THR H 3471 71.03 -90.86 30.81
C THR H 3471 71.94 -92.07 30.96
N ALA H 3472 72.03 -92.66 32.15
CA ALA H 3472 72.91 -93.81 32.34
C ALA H 3472 72.45 -95.00 31.52
N ASP H 3473 71.13 -95.22 31.42
CA ASP H 3473 70.62 -96.32 30.62
C ASP H 3473 71.00 -96.14 29.15
N SER H 3474 70.92 -94.92 28.63
CA SER H 3474 71.35 -94.67 27.27
C SER H 3474 72.83 -94.98 27.09
N LYS H 3475 73.66 -94.58 28.06
CA LYS H 3475 75.07 -94.93 28.00
C LYS H 3475 75.28 -96.42 28.22
N SER H 3476 74.43 -97.03 29.05
CA SER H 3476 74.53 -98.48 29.29
C SER H 3476 74.26 -99.25 28.00
N LYS H 3477 73.30 -98.79 27.21
CA LYS H 3477 72.96 -99.43 25.94
C LYS H 3477 73.96 -99.11 24.83
N MET H 3478 75.05 -98.39 25.15
CA MET H 3478 76.08 -98.00 24.20
C MET H 3478 75.48 -97.20 23.04
N ALA H 3479 74.95 -96.04 23.40
CA ALA H 3479 74.34 -95.14 22.44
C ALA H 3479 75.40 -94.54 21.51
N ARG H 3498 73.77 -77.59 29.74
CA ARG H 3498 74.03 -76.23 29.29
C ARG H 3498 73.04 -75.25 29.91
N ARG H 3499 71.76 -75.39 29.54
CA ARG H 3499 70.73 -74.50 30.05
C ARG H 3499 70.60 -74.63 31.57
N GLY H 3500 70.22 -75.81 32.05
CA GLY H 3500 70.03 -76.03 33.47
C GLY H 3500 70.98 -77.05 34.05
N ASP H 3501 72.26 -76.97 33.66
CA ASP H 3501 73.22 -78.00 34.03
C ASP H 3501 73.37 -78.10 35.55
N ARG H 3502 73.46 -76.95 36.24
CA ARG H 3502 73.58 -76.99 37.69
C ARG H 3502 72.33 -77.56 38.34
N TYR H 3503 71.16 -77.06 37.94
CA TYR H 3503 69.88 -77.56 38.45
C TYR H 3503 68.78 -77.08 37.53
N SER H 3504 67.80 -77.94 37.28
CA SER H 3504 66.63 -77.57 36.51
C SER H 3504 65.44 -78.36 37.04
N VAL H 3505 64.27 -77.72 37.02
CA VAL H 3505 63.06 -78.39 37.50
C VAL H 3505 62.72 -79.56 36.60
N GLN H 3506 63.04 -79.48 35.31
CA GLN H 3506 62.75 -80.57 34.39
C GLN H 3506 63.55 -81.82 34.74
N THR H 3507 64.80 -81.65 35.16
CA THR H 3507 65.67 -82.77 35.47
C THR H 3507 65.64 -83.16 36.94
N SER H 3508 64.76 -82.54 37.73
CA SER H 3508 64.62 -82.92 39.13
C SER H 3508 64.16 -84.36 39.25
N LEU H 3509 64.82 -85.12 40.12
CA LEU H 3509 64.47 -86.53 40.28
C LEU H 3509 63.10 -86.72 40.89
N ILE H 3510 62.63 -85.76 41.68
CA ILE H 3510 61.30 -85.87 42.28
C ILE H 3510 60.23 -85.85 41.19
N VAL H 3511 60.40 -85.02 40.17
CA VAL H 3511 59.43 -84.96 39.09
C VAL H 3511 59.78 -85.93 37.95
N ALA H 3512 61.07 -86.28 37.81
CA ALA H 3512 61.44 -87.24 36.78
C ALA H 3512 60.94 -88.64 37.11
N THR H 3513 60.99 -89.02 38.39
CA THR H 3513 60.48 -90.32 38.79
C THR H 3513 58.97 -90.42 38.57
N LEU H 3514 58.24 -89.35 38.87
CA LEU H 3514 56.80 -89.35 38.67
C LEU H 3514 56.44 -89.51 37.19
N LYS H 3515 57.13 -88.79 36.31
CA LYS H 3515 56.83 -88.88 34.89
C LYS H 3515 57.11 -90.28 34.35
N LYS H 3516 58.10 -90.97 34.90
CA LYS H 3516 58.33 -92.35 34.51
C LYS H 3516 57.29 -93.30 35.11
N MET H 3517 56.73 -92.96 36.26
CA MET H 3517 55.65 -93.74 36.86
C MET H 3517 54.27 -93.29 36.43
N LEU H 3518 54.17 -92.19 35.69
CA LEU H 3518 52.87 -91.70 35.25
C LEU H 3518 52.11 -92.69 34.37
N PRO H 3519 52.72 -93.36 33.39
CA PRO H 3519 51.94 -94.35 32.61
C PRO H 3519 51.32 -95.45 33.46
N ILE H 3520 51.97 -95.82 34.56
CA ILE H 3520 51.40 -96.83 35.45
C ILE H 3520 50.09 -96.31 36.05
N GLY H 3521 50.08 -95.05 36.49
CA GLY H 3521 48.87 -94.47 37.04
C GLY H 3521 47.78 -94.32 36.00
N LEU H 3522 48.14 -93.85 34.81
CA LEU H 3522 47.15 -93.71 33.74
C LEU H 3522 46.60 -95.06 33.30
N ASN H 3523 47.39 -96.12 33.45
CA ASN H 3523 46.93 -97.45 33.07
C ASN H 3523 45.78 -97.94 33.96
N MET H 3524 45.72 -97.47 35.21
CA MET H 3524 44.61 -97.86 36.08
C MET H 3524 43.28 -97.33 35.55
N CYS H 3525 43.26 -96.08 35.10
CA CYS H 3525 42.03 -95.45 34.67
C CYS H 3525 41.57 -96.00 33.32
N ALA H 3526 40.27 -96.26 33.23
CA ALA H 3526 39.67 -96.70 31.98
C ALA H 3526 39.53 -95.50 31.03
N PRO H 3527 39.46 -95.75 29.73
CA PRO H 3527 39.26 -94.64 28.78
C PRO H 3527 37.99 -93.87 29.02
N THR H 3528 36.96 -94.50 29.59
CA THR H 3528 35.72 -93.80 29.90
C THR H 3528 35.90 -92.77 31.01
N ASP H 3529 37.01 -92.84 31.74
CA ASP H 3529 37.27 -91.93 32.86
C ASP H 3529 37.95 -90.65 32.43
N GLN H 3530 38.22 -90.46 31.14
CA GLN H 3530 38.89 -89.25 30.69
C GLN H 3530 38.06 -88.00 30.98
N ASP H 3531 36.74 -88.08 30.79
CA ASP H 3531 35.89 -86.95 31.11
C ASP H 3531 35.91 -86.64 32.60
N LEU H 3532 35.90 -87.67 33.44
CA LEU H 3532 35.94 -87.46 34.89
C LEU H 3532 37.26 -86.82 35.30
N ILE H 3533 38.36 -87.20 34.65
CA ILE H 3533 39.66 -86.64 34.99
C ILE H 3533 39.67 -85.14 34.70
N MET H 3534 39.12 -84.73 33.56
CA MET H 3534 39.07 -83.31 33.23
C MET H 3534 38.23 -82.54 34.24
N LEU H 3535 37.10 -83.10 34.67
CA LEU H 3535 36.27 -82.44 35.67
C LEU H 3535 37.02 -82.30 36.99
N ALA H 3536 37.73 -83.34 37.40
CA ALA H 3536 38.46 -83.29 38.66
C ALA H 3536 39.61 -82.30 38.60
N LYS H 3537 40.28 -82.20 37.45
CA LYS H 3537 41.37 -81.24 37.31
C LYS H 3537 40.88 -79.81 37.46
N THR H 3538 39.68 -79.52 36.97
CA THR H 3538 39.11 -78.19 37.17
C THR H 3538 38.86 -77.89 38.63
N ARG H 3539 38.38 -78.87 39.41
CA ARG H 3539 38.18 -78.66 40.83
C ARG H 3539 39.50 -78.40 41.56
N TYR H 3540 40.57 -79.10 41.16
CA TYR H 3540 41.88 -78.83 41.74
C TYR H 3540 42.37 -77.44 41.39
N ALA H 3541 42.02 -76.94 40.20
CA ALA H 3541 42.35 -75.56 39.85
C ALA H 3541 41.61 -74.57 40.73
N LEU H 3542 40.50 -75.00 41.33
CA LEU H 3542 39.73 -74.17 42.24
C LEU H 3542 40.10 -74.40 43.71
N LYS H 3543 41.27 -75.00 43.96
CA LYS H 3543 41.81 -75.18 45.31
C LYS H 3543 40.85 -75.97 46.20
N ASP H 3544 40.63 -77.22 45.80
CA ASP H 3544 39.80 -78.14 46.56
C ASP H 3544 40.66 -79.26 47.14
N THR H 3545 40.30 -79.71 48.34
CA THR H 3545 41.03 -80.78 48.97
C THR H 3545 40.66 -82.13 48.36
N ASP H 3546 41.35 -83.18 48.81
CA ASP H 3546 41.09 -84.51 48.28
C ASP H 3546 39.71 -85.01 48.63
N GLU H 3547 39.12 -84.53 49.72
CA GLU H 3547 37.76 -84.94 50.05
C GLU H 3547 36.74 -84.25 49.16
N GLU H 3548 36.97 -82.97 48.83
CA GLU H 3548 36.01 -82.23 48.02
C GLU H 3548 35.93 -82.80 46.61
N VAL H 3549 37.05 -83.20 46.02
CA VAL H 3549 37.02 -83.77 44.68
C VAL H 3549 36.34 -85.14 44.68
N ARG H 3550 36.56 -85.93 45.74
CA ARG H 3550 35.95 -87.25 45.80
C ARG H 3550 34.42 -87.16 45.85
N GLU H 3551 33.88 -86.27 46.68
CA GLU H 3551 32.43 -86.12 46.74
C GLU H 3551 31.89 -85.48 45.46
N PHE H 3552 32.69 -84.62 44.83
CA PHE H 3552 32.31 -84.08 43.53
C PHE H 3552 32.22 -85.18 42.49
N LEU H 3553 33.17 -86.12 42.51
CA LEU H 3553 33.12 -87.24 41.58
C LEU H 3553 32.00 -88.21 41.92
N GLN H 3554 31.66 -88.34 43.21
CA GLN H 3554 30.58 -89.24 43.60
C GLN H 3554 29.25 -88.80 43.01
N ASN H 3555 28.98 -87.50 43.03
CA ASN H 3555 27.73 -86.97 42.48
C ASN H 3555 27.78 -86.81 40.98
N ASN H 3556 28.94 -86.99 40.34
CA ASN H 3556 29.10 -86.81 38.91
C ASN H 3556 29.60 -88.08 38.22
N LEU H 3557 29.23 -89.25 38.74
CA LEU H 3557 29.67 -90.50 38.15
C LEU H 3557 29.02 -90.77 36.81
N HIS H 3558 27.93 -90.08 36.47
CA HIS H 3558 27.24 -90.32 35.22
C HIS H 3558 27.82 -89.53 34.06
N LEU H 3559 28.81 -88.68 34.30
CA LEU H 3559 29.42 -87.89 33.23
C LEU H 3559 30.57 -88.59 32.53
N GLN H 3560 30.88 -89.82 32.93
CA GLN H 3560 31.91 -90.58 32.21
C GLN H 3560 31.46 -90.87 30.79
N GLY H 3561 32.42 -90.90 29.88
CA GLY H 3561 32.11 -90.99 28.46
C GLY H 3561 31.46 -92.32 28.10
N LYS H 3562 30.70 -92.28 27.01
CA LYS H 3562 30.04 -93.46 26.47
C LYS H 3562 30.81 -93.93 25.24
N VAL H 3563 31.02 -95.25 25.16
CA VAL H 3563 31.78 -95.81 24.04
C VAL H 3563 31.07 -95.60 22.72
N GLU H 3564 29.74 -95.67 22.72
CA GLU H 3564 28.99 -95.52 21.47
C GLU H 3564 29.11 -94.12 20.89
N GLY H 3565 29.19 -93.11 21.76
CA GLY H 3565 29.22 -91.73 21.30
C GLY H 3565 30.56 -91.25 20.81
N SER H 3566 31.62 -92.02 21.00
CA SER H 3566 32.95 -91.61 20.60
C SER H 3566 33.65 -92.72 19.83
N PRO H 3567 34.23 -92.42 18.67
CA PRO H 3567 34.94 -93.46 17.91
C PRO H 3567 36.29 -93.79 18.54
N SER H 3568 36.90 -92.81 19.20
CA SER H 3568 38.19 -93.04 19.84
C SER H 3568 38.06 -94.04 20.99
N LEU H 3569 36.99 -93.93 21.78
CA LEU H 3569 36.80 -94.84 22.90
C LEU H 3569 36.47 -96.25 22.46
N ARG H 3570 36.08 -96.44 21.20
CA ARG H 3570 35.74 -97.78 20.72
C ARG H 3570 36.93 -98.71 20.78
N TRP H 3571 38.06 -98.28 20.20
CA TRP H 3571 39.25 -99.14 20.19
C TRP H 3571 40.01 -99.07 21.51
N GLN H 3572 39.98 -97.91 22.19
CA GLN H 3572 40.66 -97.81 23.47
C GLN H 3572 40.04 -98.73 24.50
N MET H 3573 38.71 -98.78 24.57
CA MET H 3573 38.05 -99.68 25.50
C MET H 3573 38.32 -101.14 25.17
N ALA H 3574 38.30 -101.48 23.87
CA ALA H 3574 38.62 -102.85 23.47
C ALA H 3574 40.05 -103.20 23.85
N LEU H 3575 40.98 -102.28 23.65
CA LEU H 3575 42.36 -102.52 24.06
C LEU H 3575 42.49 -102.55 25.58
N TYR H 3576 41.74 -101.69 26.27
CA TYR H 3576 41.79 -101.66 27.73
C TYR H 3576 41.27 -102.96 28.34
N ARG H 3577 40.16 -103.48 27.80
CA ARG H 3577 39.56 -104.69 28.35
C ARG H 3577 40.34 -105.96 28.02
N GLY H 3578 41.32 -105.88 27.12
CA GLY H 3578 42.11 -107.04 26.78
C GLY H 3578 43.23 -107.38 27.73
N LEU H 3579 43.48 -106.54 28.74
CA LEU H 3579 44.54 -106.80 29.68
C LEU H 3579 44.19 -108.01 30.56
N PRO H 3580 45.19 -108.80 30.96
CA PRO H 3580 44.91 -110.04 31.71
C PRO H 3580 44.19 -109.82 33.03
N GLY H 3581 44.57 -108.78 33.77
CA GLY H 3581 44.08 -108.58 35.11
C GLY H 3581 42.87 -107.67 35.24
N ARG H 3582 42.17 -107.42 34.14
CA ARG H 3582 41.02 -106.52 34.16
C ARG H 3582 39.77 -107.31 34.53
N GLU H 3583 39.21 -107.01 35.70
CA GLU H 3583 37.95 -107.58 36.13
C GLU H 3583 36.87 -106.50 36.15
N GLU H 3584 35.68 -106.85 35.66
CA GLU H 3584 34.56 -105.91 35.67
C GLU H 3584 34.11 -105.54 37.08
N ASP H 3585 34.42 -106.37 38.08
CA ASP H 3585 34.09 -106.03 39.45
C ASP H 3585 34.92 -104.87 39.99
N ALA H 3586 36.08 -104.59 39.37
CA ALA H 3586 36.93 -103.49 39.80
C ALA H 3586 36.34 -102.13 39.47
N ASP H 3587 35.28 -102.08 38.67
CA ASP H 3587 34.63 -100.81 38.32
C ASP H 3587 33.54 -100.45 39.33
N ASP H 3588 33.90 -100.48 40.60
CA ASP H 3588 33.00 -100.05 41.66
C ASP H 3588 32.96 -98.52 41.73
N PRO H 3589 31.85 -97.94 42.20
CA PRO H 3589 31.80 -96.48 42.31
C PRO H 3589 32.90 -95.90 43.17
N GLU H 3590 33.28 -96.61 44.24
CA GLU H 3590 34.37 -96.13 45.09
C GLU H 3590 35.72 -96.31 44.40
N LYS H 3591 35.92 -97.44 43.72
CA LYS H 3591 37.21 -97.67 43.06
C LYS H 3591 37.44 -96.69 41.92
N ILE H 3592 36.38 -96.28 41.23
CA ILE H 3592 36.52 -95.34 40.12
C ILE H 3592 36.94 -93.97 40.64
N VAL H 3593 36.26 -93.48 41.69
CA VAL H 3593 36.55 -92.14 42.18
C VAL H 3593 37.93 -92.06 42.81
N ARG H 3594 38.41 -93.15 43.43
CA ARG H 3594 39.72 -93.13 44.04
C ARG H 3594 40.81 -92.95 42.98
N ARG H 3595 40.77 -93.75 41.92
CA ARG H 3595 41.82 -93.69 40.91
C ARG H 3595 41.78 -92.40 40.12
N VAL H 3596 40.56 -91.91 39.82
CA VAL H 3596 40.45 -90.65 39.08
C VAL H 3596 40.97 -89.49 39.91
N GLN H 3597 40.64 -89.47 41.21
CA GLN H 3597 41.12 -88.40 42.07
C GLN H 3597 42.64 -88.42 42.20
N GLU H 3598 43.22 -89.62 42.36
CA GLU H 3598 44.67 -89.72 42.51
C GLU H 3598 45.39 -89.27 41.24
N VAL H 3599 44.90 -89.72 40.07
CA VAL H 3599 45.55 -89.36 38.82
C VAL H 3599 45.35 -87.89 38.51
N SER H 3600 44.15 -87.36 38.75
CA SER H 3600 43.88 -85.96 38.44
C SER H 3600 44.76 -85.03 39.26
N ALA H 3601 44.96 -85.34 40.54
CA ALA H 3601 45.83 -84.53 41.37
C ALA H 3601 47.26 -84.52 40.83
N VAL H 3602 47.75 -85.70 40.42
CA VAL H 3602 49.08 -85.78 39.82
C VAL H 3602 49.13 -85.01 38.51
N LEU H 3603 48.10 -85.19 37.66
CA LEU H 3603 48.09 -84.51 36.37
C LEU H 3603 48.00 -83.00 36.55
N TYR H 3604 47.17 -82.54 37.50
CA TYR H 3604 47.03 -81.10 37.71
C TYR H 3604 48.34 -80.47 38.15
N HIS H 3605 48.98 -81.03 39.18
CA HIS H 3605 50.24 -80.48 39.66
C HIS H 3605 51.37 -80.67 38.67
N LEU H 3606 51.27 -81.64 37.78
CA LEU H 3606 52.35 -81.86 36.80
C LEU H 3606 52.40 -80.73 35.79
N GLU H 3607 51.25 -80.27 35.31
CA GLU H 3607 51.23 -79.16 34.36
C GLU H 3607 51.48 -77.81 35.02
N GLN H 3608 51.32 -77.72 36.35
CA GLN H 3608 51.75 -76.52 37.06
C GLN H 3608 53.26 -76.38 37.03
N THR H 3609 53.97 -77.50 36.87
CA THR H 3609 55.43 -77.52 36.87
C THR H 3609 56.01 -77.30 35.47
N GLU H 3610 55.57 -78.10 34.50
CA GLU H 3610 56.06 -77.95 33.14
C GLU H 3610 55.68 -76.60 32.56
N HIS H 3611 54.45 -76.15 32.83
CA HIS H 3611 53.97 -74.83 32.41
C HIS H 3611 53.75 -73.99 33.66
N PRO H 3612 54.78 -73.30 34.15
CA PRO H 3612 54.62 -72.56 35.42
C PRO H 3612 53.57 -71.46 35.36
N TYR H 3613 53.23 -70.99 34.15
CA TYR H 3613 52.23 -69.94 33.93
C TYR H 3613 52.47 -68.70 34.80
N LYS H 3614 53.69 -68.54 35.31
CA LYS H 3614 54.05 -67.34 36.06
C LYS H 3614 54.43 -66.18 35.14
N SER H 3615 54.47 -66.42 33.83
CA SER H 3615 54.68 -65.33 32.88
C SER H 3615 53.47 -64.42 32.85
N LYS H 3616 53.65 -63.25 32.25
CA LYS H 3616 52.66 -62.18 32.16
C LYS H 3616 52.34 -61.59 33.53
N LYS H 3617 53.01 -62.05 34.59
CA LYS H 3617 52.93 -61.44 35.91
C LYS H 3617 54.06 -60.44 36.11
N ALA H 3618 55.32 -60.88 35.95
CA ALA H 3618 56.50 -60.00 35.99
C ALA H 3618 57.33 -60.29 34.74
N VAL H 3619 56.90 -59.71 33.61
CA VAL H 3619 57.67 -59.79 32.38
C VAL H 3619 58.81 -58.78 32.44
N TRP H 3620 59.75 -58.90 31.50
CA TRP H 3620 60.83 -57.93 31.39
C TRP H 3620 60.24 -56.53 31.28
N HIS H 3621 60.39 -55.73 32.34
CA HIS H 3621 59.57 -54.55 32.54
C HIS H 3621 60.33 -53.24 32.49
N LYS H 3622 61.65 -53.24 32.73
CA LYS H 3622 62.48 -52.04 32.74
C LYS H 3622 61.75 -50.88 33.42
N LEU H 3623 61.37 -51.09 34.69
CA LEU H 3623 60.59 -50.11 35.43
C LEU H 3623 61.13 -48.70 35.23
N LEU H 3624 62.39 -48.47 35.63
CA LEU H 3624 63.11 -47.26 35.27
C LEU H 3624 64.60 -47.51 35.08
N SER H 3625 65.03 -48.79 35.10
CA SER H 3625 66.44 -49.10 35.27
C SER H 3625 67.28 -48.60 34.11
N LYS H 3626 66.82 -48.84 32.88
CA LYS H 3626 67.65 -48.62 31.70
C LYS H 3626 68.15 -47.18 31.60
N GLN H 3627 67.43 -46.23 32.20
CA GLN H 3627 67.90 -44.85 32.25
C GLN H 3627 68.25 -44.38 33.66
N ARG H 3628 67.72 -45.02 34.70
CA ARG H 3628 67.95 -44.61 36.07
C ARG H 3628 68.87 -45.55 36.83
N ARG H 3629 69.51 -46.50 36.14
CA ARG H 3629 70.46 -47.39 36.83
C ARG H 3629 71.64 -46.61 37.38
N ARG H 3630 72.01 -45.50 36.75
CA ARG H 3630 73.09 -44.68 37.29
C ARG H 3630 72.70 -44.03 38.60
N ALA H 3631 71.41 -43.71 38.77
CA ALA H 3631 70.97 -43.05 39.99
C ALA H 3631 71.00 -44.00 41.19
N VAL H 3632 70.48 -45.22 41.01
CA VAL H 3632 70.47 -46.18 42.12
C VAL H 3632 71.89 -46.57 42.51
N VAL H 3633 72.80 -46.66 41.54
CA VAL H 3633 74.21 -46.88 41.86
C VAL H 3633 74.76 -45.67 42.60
N ALA H 3634 74.39 -44.46 42.18
CA ALA H 3634 74.87 -43.26 42.85
C ALA H 3634 74.31 -43.14 44.27
N CYS H 3635 73.13 -43.72 44.52
CA CYS H 3635 72.55 -43.65 45.86
C CYS H 3635 73.42 -44.35 46.89
N PHE H 3636 73.96 -45.52 46.54
CA PHE H 3636 74.79 -46.29 47.46
C PHE H 3636 76.18 -45.71 47.64
N ARG H 3637 76.57 -44.75 46.81
CA ARG H 3637 77.87 -44.08 46.94
C ARG H 3637 77.71 -42.59 47.23
N MET H 3638 76.54 -42.18 47.71
CA MET H 3638 76.31 -40.78 48.04
C MET H 3638 77.16 -40.38 49.25
N THR H 3639 77.75 -39.20 49.17
CA THR H 3639 78.64 -38.74 50.23
C THR H 3639 77.83 -38.33 51.46
N PRO H 3640 78.15 -38.83 52.64
CA PRO H 3640 77.47 -38.38 53.86
C PRO H 3640 77.83 -36.93 54.18
N LEU H 3641 76.95 -36.28 54.94
CA LEU H 3641 77.11 -34.86 55.22
C LEU H 3641 78.37 -34.57 56.03
N TYR H 3642 78.77 -35.48 56.92
CA TYR H 3642 79.93 -35.21 57.76
C TYR H 3642 81.25 -35.29 57.01
N ASN H 3643 81.25 -35.81 55.78
CA ASN H 3643 82.46 -35.83 54.96
C ASN H 3643 82.61 -34.60 54.08
N LEU H 3644 81.61 -33.73 54.04
CA LEU H 3644 81.71 -32.52 53.24
C LEU H 3644 82.60 -31.48 53.92
N PRO H 3645 83.23 -30.61 53.15
CA PRO H 3645 83.95 -29.49 53.74
C PRO H 3645 82.99 -28.55 54.45
N THR H 3646 83.53 -27.82 55.44
CA THR H 3646 82.69 -26.97 56.26
C THR H 3646 82.00 -25.88 55.45
N HIS H 3647 82.75 -25.25 54.53
CA HIS H 3647 82.17 -24.16 53.76
C HIS H 3647 81.06 -24.64 52.84
N ARG H 3648 81.22 -25.82 52.24
CA ARG H 3648 80.15 -26.38 51.41
C ARG H 3648 78.92 -26.70 52.24
N ALA H 3649 79.13 -27.26 53.44
CA ALA H 3649 77.99 -27.61 54.30
C ALA H 3649 77.28 -26.35 54.79
N CYS H 3650 78.03 -25.29 55.07
CA CYS H 3650 77.41 -24.04 55.50
C CYS H 3650 76.54 -23.44 54.40
N ASN H 3651 77.00 -23.50 53.15
CA ASN H 3651 76.19 -23.00 52.04
C ASN H 3651 74.90 -23.79 51.90
N MET H 3652 74.97 -25.12 52.08
CA MET H 3652 73.76 -25.92 52.04
C MET H 3652 72.85 -25.60 53.22
N PHE H 3653 73.43 -25.32 54.38
CA PHE H 3653 72.63 -24.96 55.55
C PHE H 3653 71.85 -23.67 55.31
N LEU H 3654 72.49 -22.67 54.70
CA LEU H 3654 71.82 -21.40 54.48
C LEU H 3654 70.62 -21.56 53.55
N GLU H 3655 70.78 -22.36 52.49
CA GLU H 3655 69.65 -22.60 51.58
C GLU H 3655 68.54 -23.35 52.29
N SER H 3656 68.88 -24.36 53.10
CA SER H 3656 67.86 -25.10 53.83
C SER H 3656 67.20 -24.25 54.89
N TYR H 3657 67.98 -23.43 55.60
CA TYR H 3657 67.43 -22.63 56.70
C TYR H 3657 66.43 -21.60 56.19
N LYS H 3658 66.75 -20.91 55.09
CA LYS H 3658 65.86 -19.87 54.60
C LYS H 3658 64.56 -20.45 54.06
N ALA H 3659 64.61 -21.63 53.44
CA ALA H 3659 63.41 -22.22 52.87
C ALA H 3659 62.50 -22.80 53.95
N ALA H 3660 63.07 -23.35 55.01
CA ALA H 3660 62.29 -24.05 56.02
C ALA H 3660 61.99 -23.20 57.25
N TRP H 3661 62.77 -22.16 57.51
CA TRP H 3661 62.60 -21.36 58.72
C TRP H 3661 62.33 -19.89 58.47
N ILE H 3662 62.93 -19.30 57.44
CA ILE H 3662 62.70 -17.88 57.15
C ILE H 3662 61.50 -17.68 56.24
N LEU H 3663 61.41 -18.46 55.16
CA LEU H 3663 60.26 -18.38 54.27
C LEU H 3663 58.98 -18.77 54.99
N THR H 3664 59.04 -19.85 55.79
CA THR H 3664 57.86 -20.31 56.50
C THR H 3664 57.42 -19.36 57.60
N GLU H 3665 58.28 -18.44 58.03
CA GLU H 3665 57.92 -17.50 59.07
C GLU H 3665 56.84 -16.54 58.57
N ASP H 3666 55.85 -16.27 59.42
CA ASP H 3666 54.73 -15.40 59.09
C ASP H 3666 54.89 -14.12 59.88
N HIS H 3667 54.94 -12.98 59.16
CA HIS H 3667 55.04 -11.67 59.76
C HIS H 3667 54.06 -10.74 59.04
N SER H 3668 52.97 -10.41 59.69
CA SER H 3668 51.95 -9.52 59.12
C SER H 3668 52.23 -8.10 59.57
N PHE H 3669 52.71 -7.26 58.65
CA PHE H 3669 52.98 -5.87 58.93
C PHE H 3669 52.25 -4.91 58.01
N GLU H 3670 51.52 -5.42 57.01
CA GLU H 3670 50.86 -4.54 56.04
C GLU H 3670 49.78 -3.71 56.71
N ASP H 3671 48.97 -4.32 57.58
CA ASP H 3671 47.92 -3.57 58.27
C ASP H 3671 48.52 -2.50 59.17
N ARG H 3672 49.58 -2.84 59.90
CA ARG H 3672 50.20 -1.88 60.81
C ARG H 3672 50.87 -0.75 60.03
N MET H 3673 51.50 -1.08 58.90
CA MET H 3673 52.21 -0.05 58.13
C MET H 3673 51.23 0.93 57.49
N ILE H 3674 50.14 0.42 56.93
CA ILE H 3674 49.15 1.29 56.30
C ILE H 3674 48.48 2.18 57.34
N ASP H 3675 48.21 1.62 58.52
CA ASP H 3675 47.61 2.42 59.59
C ASP H 3675 48.53 3.56 60.02
N ASP H 3676 49.82 3.28 60.13
CA ASP H 3676 50.77 4.31 60.53
C ASP H 3676 50.88 5.42 59.49
N LEU H 3677 50.87 5.06 58.21
CA LEU H 3677 51.01 6.05 57.15
C LEU H 3677 49.74 6.84 56.90
N SER H 3678 48.60 6.39 57.42
CA SER H 3678 47.33 7.05 57.19
C SER H 3678 46.99 8.08 58.26
N LYS H 3679 47.90 8.34 59.20
CA LYS H 3679 47.64 9.25 60.31
C LYS H 3679 48.28 10.60 60.02
N ALA H 3680 47.50 11.67 60.20
CA ALA H 3680 48.04 13.02 60.15
C ALA H 3680 48.65 13.36 61.50
N GLY H 3681 49.86 13.93 61.47
CA GLY H 3681 50.62 14.10 62.70
C GLY H 3681 50.43 15.42 63.43
N GLU H 3682 49.50 15.42 64.39
CA GLU H 3682 49.32 16.48 65.38
C GLU H 3682 49.52 17.88 64.80
N GLN H 3683 48.84 18.15 63.68
CA GLN H 3683 48.86 19.47 63.06
C GLN H 3683 47.54 20.21 63.23
N GLU H 3684 46.66 19.71 64.11
CA GLU H 3684 45.32 20.26 64.27
C GLU H 3684 45.22 21.28 65.39
N GLU H 3685 46.30 22.01 65.67
CA GLU H 3685 46.28 23.05 66.70
C GLU H 3685 46.10 24.45 66.11
N GLU H 3686 45.85 24.56 64.81
CA GLU H 3686 45.68 25.84 64.15
C GLU H 3686 44.31 25.99 63.50
N GLU H 3687 43.80 24.92 62.87
CA GLU H 3687 42.49 24.85 62.22
C GLU H 3687 42.12 26.12 61.46
N GLU H 3688 43.05 26.64 60.67
CA GLU H 3688 42.85 27.84 59.87
C GLU H 3688 42.36 27.43 58.48
N GLU H 3689 42.49 28.32 57.50
CA GLU H 3689 42.06 28.07 56.13
C GLU H 3689 43.02 27.13 55.42
N VAL H 3690 43.86 26.43 56.19
CA VAL H 3690 44.82 25.45 55.68
C VAL H 3690 44.08 24.19 55.24
N GLU H 3691 42.74 24.26 55.24
CA GLU H 3691 41.86 23.12 54.98
C GLU H 3691 42.14 22.44 53.65
N GLU H 3692 43.05 23.01 52.85
CA GLU H 3692 43.62 22.31 51.71
C GLU H 3692 44.07 20.91 52.11
N LYS H 3693 44.55 20.77 53.35
CA LYS H 3693 44.85 19.46 53.95
C LYS H 3693 45.89 18.70 53.14
N LYS H 3694 47.12 19.22 53.20
CA LYS H 3694 48.30 18.62 52.58
C LYS H 3694 48.30 17.10 52.78
N PRO H 3695 48.74 16.34 51.79
CA PRO H 3695 48.57 14.88 51.84
C PRO H 3695 49.27 14.26 53.03
N ASP H 3696 48.62 13.24 53.61
CA ASP H 3696 49.20 12.44 54.65
C ASP H 3696 50.28 11.53 54.05
N PRO H 3697 51.15 10.94 54.88
CA PRO H 3697 52.24 10.12 54.33
C PRO H 3697 51.80 9.03 53.36
N LEU H 3698 50.68 8.37 53.64
CA LEU H 3698 50.17 7.38 52.70
C LEU H 3698 49.75 8.03 51.39
N HIS H 3699 49.11 9.20 51.46
CA HIS H 3699 48.69 9.89 50.26
C HIS H 3699 49.88 10.32 49.41
N GLN H 3700 50.95 10.81 50.06
CA GLN H 3700 52.13 11.21 49.32
C GLN H 3700 52.80 10.02 48.63
N LEU H 3701 52.73 8.83 49.25
CA LEU H 3701 53.29 7.65 48.62
C LEU H 3701 52.57 7.32 47.32
N VAL H 3702 51.25 7.40 47.33
CA VAL H 3702 50.48 7.10 46.13
C VAL H 3702 50.75 8.16 45.05
N LEU H 3703 50.84 9.43 45.44
CA LEU H 3703 51.12 10.49 44.47
C LEU H 3703 52.49 10.29 43.84
N HIS H 3704 53.47 9.82 44.61
CA HIS H 3704 54.80 9.58 44.06
C HIS H 3704 54.77 8.51 42.98
N PHE H 3705 54.05 7.40 43.25
CA PHE H 3705 53.94 6.36 42.24
C PHE H 3705 53.07 6.79 41.08
N SER H 3706 52.06 7.62 41.36
CA SER H 3706 51.28 8.21 40.27
C SER H 3706 52.14 9.15 39.44
N ARG H 3707 53.12 9.80 40.06
CA ARG H 3707 54.00 10.71 39.33
C ARG H 3707 54.86 9.96 38.32
N THR H 3708 55.46 8.83 38.73
CA THR H 3708 56.32 8.09 37.82
C THR H 3708 55.54 7.31 36.77
N ALA H 3709 54.25 7.08 37.00
CA ALA H 3709 53.43 6.44 35.98
C ALA H 3709 53.05 7.41 34.87
N LEU H 3710 52.87 8.69 35.20
CA LEU H 3710 52.53 9.70 34.22
C LEU H 3710 53.73 10.26 33.49
N THR H 3711 54.95 9.87 33.88
CA THR H 3711 56.15 10.36 33.22
C THR H 3711 56.22 9.82 31.81
N GLU H 3712 56.51 10.70 30.85
CA GLU H 3712 56.60 10.32 29.44
C GLU H 3712 57.85 9.47 29.24
N LYS H 3713 57.66 8.16 29.11
CA LYS H 3713 58.76 7.24 28.90
C LYS H 3713 58.36 6.21 27.86
N SER H 3714 59.37 5.65 27.19
CA SER H 3714 59.10 4.63 26.17
C SER H 3714 58.63 3.34 26.80
N LYS H 3715 59.24 2.93 27.91
CA LYS H 3715 58.91 1.69 28.58
C LYS H 3715 58.84 1.91 30.07
N LEU H 3716 57.88 1.25 30.72
CA LEU H 3716 57.74 1.30 32.17
C LEU H 3716 58.80 0.38 32.77
N ASP H 3717 59.87 0.98 33.28
CA ASP H 3717 60.97 0.21 33.84
C ASP H 3717 60.54 -0.48 35.13
N GLU H 3718 61.19 -1.60 35.42
CA GLU H 3718 60.86 -2.39 36.60
C GLU H 3718 61.24 -1.62 37.86
N ASP H 3719 60.31 -1.55 38.82
CA ASP H 3719 60.52 -0.85 40.07
C ASP H 3719 60.13 -1.78 41.21
N TYR H 3720 61.12 -2.24 41.97
CA TYR H 3720 60.83 -3.12 43.10
C TYR H 3720 60.12 -2.38 44.22
N LEU H 3721 60.38 -1.07 44.37
CA LEU H 3721 59.74 -0.30 45.42
C LEU H 3721 58.24 -0.22 45.21
N TYR H 3722 57.80 0.03 43.96
CA TYR H 3722 56.38 0.06 43.67
C TYR H 3722 55.75 -1.32 43.89
N MET H 3723 56.44 -2.37 43.46
CA MET H 3723 55.92 -3.72 43.63
C MET H 3723 55.76 -4.07 45.11
N ALA H 3724 56.74 -3.67 45.93
CA ALA H 3724 56.67 -3.96 47.35
C ALA H 3724 55.49 -3.24 48.01
N TYR H 3725 55.30 -1.96 47.68
CA TYR H 3725 54.22 -1.20 48.28
C TYR H 3725 52.86 -1.55 47.70
N ALA H 3726 52.80 -1.94 46.43
CA ALA H 3726 51.54 -2.38 45.85
C ALA H 3726 51.03 -3.63 46.56
N ASP H 3727 51.93 -4.57 46.86
CA ASP H 3727 51.54 -5.74 47.62
C ASP H 3727 51.10 -5.38 49.03
N ILE H 3728 51.79 -4.43 49.67
CA ILE H 3728 51.43 -4.02 51.02
C ILE H 3728 50.04 -3.41 51.03
N MET H 3729 49.76 -2.52 50.07
CA MET H 3729 48.44 -1.91 50.00
C MET H 3729 47.37 -2.94 49.67
N ALA H 3730 47.68 -3.87 48.77
CA ALA H 3730 46.71 -4.90 48.41
C ALA H 3730 46.43 -5.83 49.59
N LYS H 3731 47.47 -6.21 50.33
CA LYS H 3731 47.28 -7.14 51.44
C LYS H 3731 46.57 -6.50 52.62
N SER H 3732 46.50 -5.17 52.68
CA SER H 3732 45.84 -4.51 53.80
C SER H 3732 44.36 -4.27 53.58
N CYS H 3733 43.81 -4.64 52.42
CA CYS H 3733 42.43 -4.34 52.11
C CYS H 3733 41.48 -5.52 52.23
N HIS H 3734 41.97 -6.76 52.11
CA HIS H 3734 41.06 -7.90 52.18
C HIS H 3734 40.94 -8.45 53.60
N LEU H 3735 42.05 -8.90 54.17
CA LEU H 3735 42.07 -9.48 55.52
C LEU H 3735 41.01 -10.58 55.68
N GLU H 3736 40.89 -11.43 54.66
CA GLU H 3736 39.93 -12.52 54.67
C GLU H 3736 40.36 -13.64 53.72
N VAL H 3749 30.00 -22.48 60.33
CA VAL H 3749 30.09 -22.19 58.91
C VAL H 3749 28.85 -21.45 58.44
N GLU H 3750 28.11 -20.86 59.39
CA GLU H 3750 26.88 -20.13 59.11
C GLU H 3750 27.03 -18.70 59.62
N VAL H 3751 27.57 -17.83 58.76
CA VAL H 3751 27.73 -16.43 59.12
C VAL H 3751 26.38 -15.74 59.14
N SER H 3752 26.08 -15.06 60.24
CA SER H 3752 24.79 -14.42 60.40
C SER H 3752 24.72 -13.13 59.60
N PHE H 3753 23.51 -12.57 59.52
CA PHE H 3753 23.30 -11.36 58.73
C PHE H 3753 24.06 -10.17 59.31
N GLU H 3754 24.12 -10.07 60.64
CA GLU H 3754 24.70 -8.88 61.25
C GLU H 3754 26.18 -8.74 60.94
N GLU H 3755 26.97 -9.79 61.18
CA GLU H 3755 28.40 -9.70 60.94
C GLU H 3755 28.74 -9.81 59.46
N LYS H 3756 27.85 -10.34 58.63
CA LYS H 3756 28.07 -10.32 57.20
C LYS H 3756 28.16 -8.90 56.68
N GLU H 3757 27.28 -8.03 57.15
CA GLU H 3757 27.35 -6.62 56.79
C GLU H 3757 28.57 -5.96 57.43
N MET H 3758 28.94 -6.39 58.65
CA MET H 3758 30.11 -5.82 59.30
C MET H 3758 31.38 -6.11 58.51
N GLU H 3759 31.50 -7.32 57.97
CA GLU H 3759 32.65 -7.64 57.13
C GLU H 3759 32.68 -6.77 55.89
N LYS H 3760 31.52 -6.54 55.27
CA LYS H 3760 31.46 -5.68 54.10
C LYS H 3760 31.86 -4.24 54.44
N GLN H 3761 31.34 -3.72 55.55
CA GLN H 3761 31.71 -2.36 55.95
C GLN H 3761 33.18 -2.25 56.34
N ARG H 3762 33.70 -3.27 57.04
CA ARG H 3762 35.12 -3.29 57.35
C ARG H 3762 35.96 -3.39 56.09
N LEU H 3763 35.50 -4.17 55.11
CA LEU H 3763 36.17 -4.23 53.81
C LEU H 3763 36.13 -2.88 53.12
N LEU H 3764 34.98 -2.19 53.18
CA LEU H 3764 34.86 -0.89 52.53
C LEU H 3764 35.79 0.14 53.16
N TYR H 3765 35.91 0.12 54.49
CA TYR H 3765 36.79 1.07 55.17
C TYR H 3765 38.24 0.87 54.77
N GLN H 3766 38.69 -0.39 54.71
CA GLN H 3766 40.07 -0.65 54.31
C GLN H 3766 40.32 -0.21 52.88
N GLN H 3767 39.36 -0.45 51.99
CA GLN H 3767 39.47 0.06 50.63
C GLN H 3767 39.38 1.58 50.59
N SER H 3768 38.63 2.18 51.52
CA SER H 3768 38.50 3.63 51.53
C SER H 3768 39.81 4.32 51.87
N ARG H 3769 40.68 3.65 52.64
CA ARG H 3769 41.97 4.26 52.98
C ARG H 3769 42.83 4.45 51.74
N LEU H 3770 42.57 3.70 50.67
CA LEU H 3770 43.38 3.80 49.47
C LEU H 3770 42.73 4.69 48.41
N HIS H 3771 41.50 4.40 48.00
CA HIS H 3771 40.88 5.12 46.90
C HIS H 3771 40.56 6.57 47.24
N THR H 3772 40.55 6.93 48.52
CA THR H 3772 40.44 8.34 48.89
C THR H 3772 41.78 9.05 48.87
N ARG H 3773 42.86 8.34 48.57
CA ARG H 3773 44.19 8.92 48.48
C ARG H 3773 44.78 8.72 47.09
N GLY H 3774 43.93 8.58 46.08
CA GLY H 3774 44.36 8.49 44.70
C GLY H 3774 44.83 7.14 44.25
N ALA H 3775 44.59 6.08 45.03
CA ALA H 3775 45.05 4.76 44.62
C ALA H 3775 44.30 4.24 43.41
N ALA H 3776 43.02 4.57 43.28
CA ALA H 3776 42.23 4.10 42.14
C ALA H 3776 42.78 4.66 40.83
N GLU H 3777 43.11 5.95 40.83
CA GLU H 3777 43.69 6.55 39.63
C GLU H 3777 45.08 6.00 39.33
N MET H 3778 45.86 5.69 40.38
CA MET H 3778 47.20 5.17 40.18
C MET H 3778 47.18 3.83 39.46
N VAL H 3779 46.21 2.98 39.80
CA VAL H 3779 46.11 1.67 39.16
C VAL H 3779 45.89 1.82 37.66
N LEU H 3780 44.99 2.72 37.26
CA LEU H 3780 44.74 2.96 35.85
C LEU H 3780 45.97 3.51 35.15
N GLN H 3781 46.68 4.43 35.80
CA GLN H 3781 47.87 5.02 35.20
C GLN H 3781 48.96 3.98 35.00
N MET H 3782 49.16 3.10 35.99
CA MET H 3782 50.18 2.07 35.87
C MET H 3782 49.84 1.08 34.76
N ILE H 3783 48.56 0.71 34.63
CA ILE H 3783 48.14 -0.16 33.54
C ILE H 3783 48.39 0.50 32.20
N SER H 3784 48.05 1.80 32.09
CA SER H 3784 48.31 2.52 30.84
C SER H 3784 49.81 2.69 30.61
N ALA H 3785 50.61 2.73 31.67
CA ALA H 3785 52.04 2.95 31.51
C ALA H 3785 52.75 1.72 30.98
N CYS H 3786 52.29 0.52 31.34
CA CYS H 3786 52.95 -0.70 30.90
C CYS H 3786 52.82 -0.92 29.40
N LYS H 3787 51.82 -0.30 28.76
CA LYS H 3787 51.62 -0.36 27.32
C LYS H 3787 51.45 -1.80 26.82
N GLY H 3788 50.84 -2.65 27.64
CA GLY H 3788 50.56 -4.01 27.22
C GLY H 3788 51.72 -4.97 27.34
N GLU H 3789 52.74 -4.65 28.14
CA GLU H 3789 53.86 -5.54 28.37
C GLU H 3789 53.65 -6.28 29.68
N THR H 3790 53.61 -7.61 29.60
CA THR H 3790 53.43 -8.42 30.80
C THR H 3790 54.68 -8.38 31.67
N GLY H 3791 54.49 -8.57 32.96
CA GLY H 3791 55.59 -8.54 33.89
C GLY H 3791 55.08 -8.43 35.32
N ALA H 3792 56.04 -8.29 36.24
CA ALA H 3792 55.69 -8.17 37.64
C ALA H 3792 55.03 -6.84 37.96
N MET H 3793 55.37 -5.79 37.20
CA MET H 3793 54.78 -4.48 37.46
C MET H 3793 53.28 -4.48 37.19
N VAL H 3794 52.87 -5.00 36.04
CA VAL H 3794 51.45 -5.02 35.71
C VAL H 3794 50.69 -6.00 36.60
N SER H 3795 51.30 -7.14 36.93
CA SER H 3795 50.63 -8.11 37.78
C SER H 3795 50.38 -7.54 39.18
N SER H 3796 51.36 -6.82 39.73
CA SER H 3796 51.15 -6.18 41.02
C SER H 3796 50.07 -5.12 40.95
N THR H 3797 50.02 -4.36 39.85
CA THR H 3797 48.99 -3.34 39.69
C THR H 3797 47.60 -3.97 39.63
N LEU H 3798 47.46 -5.07 38.88
CA LEU H 3798 46.16 -5.72 38.77
C LEU H 3798 45.68 -6.26 40.10
N LYS H 3799 46.59 -6.86 40.87
CA LYS H 3799 46.22 -7.38 42.19
C LYS H 3799 45.76 -6.25 43.11
N LEU H 3800 46.45 -5.11 43.06
CA LEU H 3800 46.02 -3.96 43.86
C LEU H 3800 44.66 -3.45 43.42
N GLY H 3801 44.43 -3.39 42.11
CA GLY H 3801 43.13 -2.96 41.62
C GLY H 3801 42.01 -3.88 42.05
N ILE H 3802 42.28 -5.19 42.03
CA ILE H 3802 41.29 -6.17 42.51
C ILE H 3802 41.04 -5.97 43.99
N SER H 3803 42.10 -5.69 44.76
CA SER H 3803 41.96 -5.58 46.21
C SER H 3803 41.03 -4.45 46.59
N ILE H 3804 41.11 -3.32 45.88
CA ILE H 3804 40.24 -2.18 46.18
C ILE H 3804 38.90 -2.27 45.48
N LEU H 3805 38.70 -3.26 44.59
CA LEU H 3805 37.44 -3.43 43.88
C LEU H 3805 36.66 -4.65 44.34
N ASN H 3806 37.17 -5.41 45.31
CA ASN H 3806 36.47 -6.60 45.76
C ASN H 3806 35.11 -6.23 46.36
N GLY H 3807 34.12 -7.07 46.08
CA GLY H 3807 32.77 -6.80 46.52
C GLY H 3807 31.98 -5.83 45.67
N GLY H 3808 32.56 -5.35 44.57
CA GLY H 3808 31.88 -4.39 43.73
C GLY H 3808 31.79 -3.02 44.37
N ASN H 3809 32.94 -2.43 44.71
CA ASN H 3809 32.97 -1.12 45.34
C ASN H 3809 32.51 -0.07 44.34
N ALA H 3810 31.30 0.44 44.52
CA ALA H 3810 30.75 1.42 43.59
C ALA H 3810 31.53 2.72 43.61
N GLU H 3811 32.02 3.12 44.79
CA GLU H 3811 32.75 4.37 44.90
C GLU H 3811 34.06 4.31 44.11
N VAL H 3812 34.77 3.19 44.18
CA VAL H 3812 36.00 3.04 43.40
C VAL H 3812 35.69 2.98 41.92
N GLN H 3813 34.60 2.30 41.55
CA GLN H 3813 34.23 2.22 40.14
C GLN H 3813 33.90 3.60 39.58
N GLN H 3814 33.22 4.43 40.36
CA GLN H 3814 32.91 5.78 39.90
C GLN H 3814 34.17 6.61 39.71
N LYS H 3815 35.11 6.50 40.65
CA LYS H 3815 36.36 7.26 40.52
C LYS H 3815 37.17 6.79 39.31
N MET H 3816 37.25 5.49 39.09
CA MET H 3816 37.96 4.98 37.92
C MET H 3816 37.28 5.41 36.63
N LEU H 3817 35.95 5.33 36.58
CA LEU H 3817 35.23 5.71 35.37
C LEU H 3817 35.35 7.20 35.10
N ASP H 3818 35.28 8.03 36.15
CA ASP H 3818 35.41 9.47 35.96
C ASP H 3818 36.80 9.83 35.44
N TYR H 3819 37.84 9.21 36.00
CA TYR H 3819 39.21 9.53 35.58
C TYR H 3819 39.43 9.19 34.11
N LEU H 3820 38.93 8.04 33.67
CA LEU H 3820 39.10 7.64 32.28
C LEU H 3820 38.38 8.60 31.34
N LYS H 3821 37.19 9.06 31.73
CA LYS H 3821 36.40 9.88 30.83
C LYS H 3821 36.95 11.30 30.72
N ASP H 3822 37.52 11.85 31.78
CA ASP H 3822 38.05 13.21 31.68
C ASP H 3822 39.39 13.23 30.94
N LYS H 3823 40.23 12.21 31.14
CA LYS H 3823 41.51 12.18 30.45
C LYS H 3823 41.35 11.86 28.96
N LYS H 3824 40.39 11.01 28.61
CA LYS H 3824 40.13 10.62 27.23
C LYS H 3824 41.37 10.02 26.58
N GLU H 3825 42.15 9.25 27.33
CA GLU H 3825 43.34 8.61 26.80
C GLU H 3825 43.00 7.24 26.26
N VAL H 3826 43.66 6.86 25.16
CA VAL H 3826 43.45 5.55 24.57
C VAL H 3826 44.46 4.52 25.05
N GLY H 3827 45.47 4.94 25.81
CA GLY H 3827 46.50 4.01 26.24
C GLY H 3827 45.99 2.94 27.18
N PHE H 3828 44.99 3.26 28.01
CA PHE H 3828 44.51 2.29 28.99
C PHE H 3828 43.92 1.06 28.32
N PHE H 3829 43.01 1.26 27.37
CA PHE H 3829 42.38 0.13 26.70
C PHE H 3829 43.30 -0.51 25.67
N GLN H 3830 44.22 0.25 25.08
CA GLN H 3830 45.22 -0.35 24.22
C GLN H 3830 46.12 -1.29 25.02
N SER H 3831 46.49 -0.88 26.24
CA SER H 3831 47.28 -1.76 27.10
C SER H 3831 46.48 -3.00 27.50
N ILE H 3832 45.20 -2.82 27.84
CA ILE H 3832 44.37 -3.96 28.23
C ILE H 3832 44.22 -4.94 27.07
N GLN H 3833 43.96 -4.41 25.86
CA GLN H 3833 43.81 -5.28 24.70
C GLN H 3833 45.09 -6.04 24.40
N ALA H 3834 46.23 -5.37 24.50
CA ALA H 3834 47.51 -6.03 24.25
C ALA H 3834 47.78 -7.12 25.27
N LEU H 3835 47.47 -6.87 26.54
CA LEU H 3835 47.67 -7.87 27.57
C LEU H 3835 46.82 -9.12 27.32
N MET H 3836 45.58 -8.92 26.91
CA MET H 3836 44.69 -10.04 26.64
C MET H 3836 45.15 -10.87 25.45
N GLN H 3837 45.79 -10.25 24.46
CA GLN H 3837 46.30 -10.99 23.31
C GLN H 3837 47.56 -11.78 23.64
N THR H 3838 48.26 -11.44 24.72
CA THR H 3838 49.44 -12.16 25.15
C THR H 3838 49.13 -13.25 26.17
N CYS H 3839 47.88 -13.39 26.59
CA CYS H 3839 47.52 -14.44 27.52
C CYS H 3839 47.65 -15.79 26.84
N SER H 3840 48.24 -16.75 27.54
CA SER H 3840 48.53 -18.06 26.98
C SER H 3840 47.36 -19.02 27.17
N VAL H 3841 47.28 -20.00 26.29
CA VAL H 3841 46.29 -21.06 26.38
C VAL H 3841 47.02 -22.39 26.44
N LEU H 3842 46.26 -23.49 26.47
CA LEU H 3842 46.88 -24.81 26.49
C LEU H 3842 47.65 -25.06 25.20
N ASP H 3843 48.94 -25.35 25.32
CA ASP H 3843 49.79 -25.65 24.18
C ASP H 3843 50.24 -27.09 24.28
N LEU H 3844 49.84 -27.91 23.30
CA LEU H 3844 50.21 -29.32 23.32
C LEU H 3844 51.69 -29.52 23.03
N ASN H 3845 52.27 -28.68 22.17
CA ASN H 3845 53.70 -28.78 21.90
C ASN H 3845 54.52 -28.53 23.16
N ALA H 3846 54.14 -27.53 23.94
CA ALA H 3846 54.80 -27.31 25.23
C ALA H 3846 54.54 -28.46 26.18
N PHE H 3847 53.32 -29.00 26.18
CA PHE H 3847 52.99 -30.11 27.06
C PHE H 3847 53.77 -31.36 26.69
N GLU H 3848 53.93 -31.63 25.39
CA GLU H 3848 54.69 -32.80 24.97
C GLU H 3848 56.16 -32.68 25.38
N ARG H 3849 56.72 -31.48 25.27
CA ARG H 3849 58.12 -31.27 25.66
C ARG H 3849 58.32 -31.52 27.15
N GLN H 3850 57.37 -31.07 27.97
CA GLN H 3850 57.51 -31.24 29.42
C GLN H 3850 57.46 -32.72 29.81
N ASN H 3851 56.61 -33.50 29.14
CA ASN H 3851 56.51 -34.92 29.47
C ASN H 3851 57.83 -35.64 29.21
N LYS H 3852 58.50 -35.32 28.11
CA LYS H 3852 59.81 -35.89 27.86
C LYS H 3852 60.84 -35.36 28.87
N ALA H 3853 60.75 -34.07 29.21
CA ALA H 3853 61.71 -33.48 30.13
C ALA H 3853 61.63 -34.13 31.51
N GLU H 3854 60.42 -34.37 32.00
CA GLU H 3854 60.26 -35.00 33.31
C GLU H 3854 60.64 -36.48 33.28
N GLY H 3855 60.68 -37.09 32.09
CA GLY H 3855 61.10 -38.47 31.98
C GLY H 3855 62.59 -38.69 31.97
N LEU H 3856 63.38 -37.64 31.78
CA LEU H 3856 64.83 -37.78 31.80
C LEU H 3856 65.36 -37.96 33.21
N GLY H 3857 64.83 -37.19 34.16
CA GLY H 3857 65.31 -37.27 35.54
C GLY H 3857 66.66 -36.62 35.72
N MET H 3858 66.74 -35.31 35.53
CA MET H 3858 67.99 -34.58 35.61
C MET H 3858 68.40 -34.34 37.07
N VAL H 3859 69.70 -34.12 37.27
CA VAL H 3859 70.27 -33.82 38.57
C VAL H 3859 71.28 -32.69 38.39
N ASN H 3860 71.68 -32.09 39.52
CA ASN H 3860 72.67 -31.03 39.51
C ASN H 3860 74.06 -31.57 39.86
N GLU H 3861 75.05 -30.68 39.77
CA GLU H 3861 76.43 -31.08 40.05
C GLU H 3861 76.71 -31.15 41.54
N ASP H 3862 76.54 -30.02 42.24
CA ASP H 3862 76.82 -29.97 43.67
C ASP H 3862 75.73 -30.67 44.45
N GLY H 3863 75.87 -31.98 44.62
CA GLY H 3863 74.84 -32.79 45.24
C GLY H 3863 73.97 -33.47 44.22
N THR H 3864 72.66 -33.52 44.46
CA THR H 3864 71.73 -34.15 43.53
C THR H 3864 70.33 -33.63 43.83
N VAL H 3865 69.70 -33.01 42.84
CA VAL H 3865 68.34 -32.51 42.97
C VAL H 3865 67.38 -33.60 42.50
N ILE H 3866 66.28 -33.76 43.23
CA ILE H 3866 65.31 -34.81 42.95
C ILE H 3866 64.24 -34.21 42.07
N ASN H 3867 64.45 -34.29 40.76
CA ASN H 3867 63.47 -33.87 39.75
C ASN H 3867 63.05 -32.42 39.98
N ARG H 3868 64.03 -31.52 39.76
CA ARG H 3868 63.85 -30.10 39.96
C ARG H 3868 62.55 -29.61 39.32
N GLN H 3869 61.86 -28.72 40.02
CA GLN H 3869 60.50 -28.29 39.68
C GLN H 3869 60.50 -26.90 39.04
N ASN H 3870 61.44 -26.63 38.14
CA ASN H 3870 61.53 -25.36 37.44
C ASN H 3870 60.19 -24.97 36.79
N GLY H 3871 60.02 -23.68 36.52
CA GLY H 3871 58.76 -23.11 36.07
C GLY H 3871 57.98 -23.88 35.04
N GLU H 3872 56.68 -24.06 35.30
CA GLU H 3872 55.79 -24.71 34.34
C GLU H 3872 55.69 -23.89 33.06
N LYS H 3873 55.74 -24.56 31.93
CA LYS H 3873 55.69 -23.90 30.62
C LYS H 3873 54.36 -24.10 29.91
N VAL H 3874 53.37 -24.68 30.56
CA VAL H 3874 52.03 -24.83 30.01
C VAL H 3874 51.10 -23.93 30.82
N MET H 3875 50.62 -22.86 30.19
CA MET H 3875 49.82 -21.83 30.86
C MET H 3875 50.53 -21.31 32.11
N ALA H 3876 51.75 -20.81 31.87
CA ALA H 3876 52.56 -20.30 32.97
C ALA H 3876 51.93 -19.08 33.62
N ASP H 3877 51.28 -18.22 32.84
CA ASP H 3877 50.66 -17.00 33.34
C ASP H 3877 49.17 -17.17 33.60
N ASP H 3878 48.76 -18.37 34.01
CA ASP H 3878 47.34 -18.61 34.28
C ASP H 3878 46.84 -17.73 35.42
N GLU H 3879 47.67 -17.53 36.45
CA GLU H 3879 47.28 -16.65 37.54
C GLU H 3879 47.14 -15.21 37.05
N PHE H 3880 48.02 -14.77 36.14
CA PHE H 3880 47.90 -13.43 35.58
C PHE H 3880 46.65 -13.30 34.72
N THR H 3881 46.31 -14.34 33.95
CA THR H 3881 45.11 -14.29 33.13
C THR H 3881 43.87 -14.18 33.99
N GLN H 3882 43.82 -14.91 35.10
CA GLN H 3882 42.64 -14.87 35.97
C GLN H 3882 42.44 -13.49 36.58
N ASP H 3883 43.51 -12.87 37.06
CA ASP H 3883 43.36 -11.57 37.69
C ASP H 3883 43.09 -10.47 36.65
N LEU H 3884 43.57 -10.65 35.42
CA LEU H 3884 43.27 -9.69 34.38
C LEU H 3884 41.77 -9.64 34.09
N PHE H 3885 41.14 -10.82 34.00
CA PHE H 3885 39.69 -10.86 33.78
C PHE H 3885 38.92 -10.63 35.06
N ARG H 3886 39.50 -10.97 36.22
CA ARG H 3886 38.87 -10.62 37.49
C ARG H 3886 38.78 -9.11 37.64
N PHE H 3887 39.83 -8.39 37.24
CA PHE H 3887 39.82 -6.93 37.31
C PHE H 3887 38.74 -6.36 36.41
N LEU H 3888 38.60 -6.90 35.20
CA LEU H 3888 37.57 -6.42 34.28
C LEU H 3888 36.18 -6.74 34.82
N GLN H 3889 36.02 -7.91 35.45
CA GLN H 3889 34.73 -8.25 36.04
C GLN H 3889 34.35 -7.29 37.16
N LEU H 3890 35.32 -6.92 38.00
CA LEU H 3890 35.04 -6.02 39.11
C LEU H 3890 34.70 -4.62 38.65
N LEU H 3891 35.12 -4.23 37.44
CA LEU H 3891 34.72 -2.93 36.90
C LEU H 3891 33.22 -2.89 36.59
N CYS H 3892 32.61 -4.04 36.32
CA CYS H 3892 31.19 -4.11 36.03
C CYS H 3892 30.40 -4.77 37.16
N GLU H 3893 31.05 -5.12 38.27
CA GLU H 3893 30.34 -5.76 39.38
C GLU H 3893 29.30 -4.82 39.95
N GLY H 3894 28.19 -5.40 40.39
CA GLY H 3894 27.07 -4.60 40.86
C GLY H 3894 26.20 -4.04 39.77
N HIS H 3895 26.32 -4.55 38.54
CA HIS H 3895 25.53 -4.09 37.39
C HIS H 3895 25.75 -2.59 37.13
N ASN H 3896 27.03 -2.20 37.09
CA ASN H 3896 27.39 -0.83 36.77
C ASN H 3896 27.18 -0.59 35.28
N ASN H 3897 26.01 -0.08 34.91
CA ASN H 3897 25.66 0.05 33.49
C ASN H 3897 26.58 1.03 32.79
N ASP H 3898 26.98 2.10 33.48
CA ASP H 3898 27.86 3.09 32.87
C ASP H 3898 29.20 2.49 32.49
N PHE H 3899 29.76 1.66 33.36
CA PHE H 3899 31.05 1.04 33.05
C PHE H 3899 30.88 -0.10 32.05
N GLN H 3900 29.73 -0.77 32.09
CA GLN H 3900 29.47 -1.83 31.11
C GLN H 3900 29.42 -1.26 29.69
N ASN H 3901 28.77 -0.11 29.52
CA ASN H 3901 28.73 0.52 28.21
C ASN H 3901 30.10 1.06 27.82
N TYR H 3902 30.87 1.55 28.79
CA TYR H 3902 32.16 2.15 28.49
C TYR H 3902 33.16 1.12 27.97
N LEU H 3903 33.09 -0.11 28.47
CA LEU H 3903 33.98 -1.15 27.97
C LEU H 3903 33.71 -1.46 26.51
N ARG H 3904 32.42 -1.50 26.13
CA ARG H 3904 32.08 -1.78 24.74
C ARG H 3904 32.53 -0.65 23.82
N THR H 3905 32.31 0.60 24.25
CA THR H 3905 32.65 1.74 23.41
C THR H 3905 33.05 2.92 24.30
N GLN H 3906 34.08 3.64 23.87
CA GLN H 3906 34.54 4.85 24.55
C GLN H 3906 34.22 6.03 23.65
N THR H 3907 33.16 6.76 23.99
CA THR H 3907 32.67 7.82 23.11
C THR H 3907 33.66 8.97 23.00
N GLY H 3908 34.25 9.40 24.13
CA GLY H 3908 35.11 10.56 24.11
C GLY H 3908 36.46 10.34 23.46
N ASN H 3909 36.93 9.10 23.41
CA ASN H 3909 38.25 8.82 22.87
C ASN H 3909 38.24 8.93 21.35
N THR H 3910 39.41 9.22 20.79
CA THR H 3910 39.55 9.29 19.34
C THR H 3910 39.42 7.92 18.69
N THR H 3911 39.84 6.87 19.39
CA THR H 3911 39.69 5.50 18.91
C THR H 3911 39.00 4.67 19.98
N THR H 3912 38.27 3.65 19.53
CA THR H 3912 37.46 2.82 20.40
C THR H 3912 37.92 1.38 20.31
N ILE H 3913 38.05 0.73 21.47
CA ILE H 3913 38.39 -0.68 21.57
C ILE H 3913 37.25 -1.39 22.30
N ASN H 3914 36.72 -2.44 21.68
CA ASN H 3914 35.61 -3.19 22.25
C ASN H 3914 36.19 -4.30 23.12
N ILE H 3915 36.26 -4.05 24.43
CA ILE H 3915 36.78 -5.06 25.35
C ILE H 3915 35.88 -6.28 25.39
N ILE H 3916 34.56 -6.08 25.22
CA ILE H 3916 33.62 -7.20 25.25
C ILE H 3916 33.96 -8.20 24.14
N ILE H 3917 34.23 -7.69 22.94
CA ILE H 3917 34.61 -8.56 21.83
C ILE H 3917 35.98 -9.19 22.08
N CYS H 3918 36.90 -8.41 22.67
CA CYS H 3918 38.22 -8.95 22.96
C CYS H 3918 38.16 -10.12 23.92
N THR H 3919 37.24 -10.08 24.88
CA THR H 3919 37.08 -11.21 25.81
C THR H 3919 36.63 -12.46 25.07
N VAL H 3920 35.72 -12.32 24.11
CA VAL H 3920 35.27 -13.46 23.33
C VAL H 3920 36.40 -14.03 22.49
N ASP H 3921 37.28 -13.16 21.98
CA ASP H 3921 38.39 -13.63 21.17
C ASP H 3921 39.32 -14.54 21.97
N TYR H 3922 39.60 -14.17 23.23
CA TYR H 3922 40.41 -15.06 24.07
C TYR H 3922 39.65 -16.33 24.41
N LEU H 3923 38.34 -16.23 24.61
CA LEU H 3923 37.55 -17.41 24.94
C LEU H 3923 37.60 -18.43 23.80
N LEU H 3924 37.56 -17.96 22.55
CA LEU H 3924 37.69 -18.86 21.42
C LEU H 3924 39.05 -19.55 21.41
N ARG H 3925 40.12 -18.79 21.66
CA ARG H 3925 41.45 -19.39 21.67
C ARG H 3925 41.58 -20.40 22.81
N LEU H 3926 41.02 -20.07 23.98
CA LEU H 3926 41.04 -21.01 25.09
C LEU H 3926 40.20 -22.25 24.78
N GLN H 3927 39.03 -22.06 24.16
CA GLN H 3927 38.18 -23.20 23.82
C GLN H 3927 38.86 -24.11 22.81
N GLU H 3928 39.51 -23.55 21.79
CA GLU H 3928 40.20 -24.37 20.81
C GLU H 3928 41.33 -25.16 21.44
N SER H 3929 42.07 -24.54 22.37
CA SER H 3929 43.12 -25.25 23.06
C SER H 3929 42.57 -26.41 23.89
N ILE H 3930 41.44 -26.19 24.57
CA ILE H 3930 40.83 -27.26 25.35
C ILE H 3930 40.34 -28.38 24.44
N SER H 3931 39.78 -28.02 23.28
CA SER H 3931 39.35 -29.03 22.32
C SER H 3931 40.53 -29.87 21.84
N ASP H 3932 41.65 -29.21 21.54
CA ASP H 3932 42.84 -29.94 21.12
C ASP H 3932 43.35 -30.84 22.23
N PHE H 3933 43.29 -30.37 23.48
CA PHE H 3933 43.73 -31.19 24.61
C PHE H 3933 42.87 -32.43 24.76
N TYR H 3934 41.55 -32.30 24.54
CA TYR H 3934 40.68 -33.46 24.62
C TYR H 3934 41.03 -34.51 23.57
N TRP H 3935 41.30 -34.06 22.33
CA TRP H 3935 41.65 -35.01 21.29
C TRP H 3935 42.95 -35.73 21.60
N TYR H 3936 43.89 -35.04 22.26
CA TYR H 3936 45.14 -35.69 22.63
C TYR H 3936 44.91 -36.86 23.57
N TYR H 3937 43.98 -36.70 24.52
CA TYR H 3937 43.65 -37.77 25.46
C TYR H 3937 42.45 -38.59 25.03
N SER H 3938 41.85 -38.28 23.88
CA SER H 3938 40.67 -39.03 23.45
C SER H 3938 41.01 -40.49 23.21
N GLY H 3939 42.14 -40.78 22.57
CA GLY H 3939 42.54 -42.15 22.36
C GLY H 3939 42.93 -42.85 23.66
N LYS H 3940 43.61 -42.14 24.55
CA LYS H 3940 44.08 -42.73 25.79
C LYS H 3940 42.91 -43.08 26.71
N ASP H 3941 43.06 -44.19 27.43
CA ASP H 3941 41.99 -44.66 28.30
C ASP H 3941 41.85 -43.82 29.56
N VAL H 3942 42.97 -43.41 30.16
CA VAL H 3942 42.97 -42.67 31.41
C VAL H 3942 43.86 -41.45 31.26
N ILE H 3943 43.39 -40.32 31.76
CA ILE H 3943 44.16 -39.08 31.76
C ILE H 3943 45.10 -39.11 32.97
N GLU H 3944 46.39 -38.93 32.71
CA GLU H 3944 47.38 -39.01 33.77
C GLU H 3944 47.38 -37.73 34.60
N GLU H 3945 48.23 -37.70 35.62
CA GLU H 3945 48.18 -36.61 36.61
C GLU H 3945 48.52 -35.26 35.99
N GLN H 3946 49.56 -35.21 35.15
CA GLN H 3946 49.97 -33.94 34.57
C GLN H 3946 48.87 -33.37 33.67
N GLY H 3947 48.21 -34.23 32.91
CA GLY H 3947 47.11 -33.77 32.07
C GLY H 3947 45.94 -33.24 32.87
N LYS H 3948 45.62 -33.89 33.99
CA LYS H 3948 44.53 -33.42 34.83
C LYS H 3948 44.83 -32.06 35.44
N ARG H 3949 46.07 -31.83 35.86
CA ARG H 3949 46.43 -30.55 36.43
C ARG H 3949 46.33 -29.43 35.40
N ASN H 3950 46.76 -29.69 34.16
CA ASN H 3950 46.63 -28.69 33.10
C ASN H 3950 45.16 -28.46 32.73
N PHE H 3951 44.36 -29.52 32.78
CA PHE H 3951 42.92 -29.34 32.57
C PHE H 3951 42.31 -28.47 33.65
N SER H 3952 42.74 -28.68 34.91
CA SER H 3952 42.14 -27.93 36.02
C SER H 3952 42.42 -26.44 35.91
N LYS H 3953 43.65 -26.07 35.56
CA LYS H 3953 43.96 -24.65 35.44
C LYS H 3953 43.29 -24.02 34.23
N ALA H 3954 43.13 -24.77 33.15
CA ALA H 3954 42.41 -24.26 31.99
C ALA H 3954 40.93 -24.01 32.32
N MET H 3955 40.32 -24.93 33.08
CA MET H 3955 38.94 -24.74 33.50
C MET H 3955 38.80 -23.55 34.44
N SER H 3956 39.78 -23.35 35.32
CA SER H 3956 39.73 -22.21 36.22
C SER H 3956 39.78 -20.89 35.46
N VAL H 3957 40.62 -20.80 34.44
CA VAL H 3957 40.64 -19.61 33.60
C VAL H 3957 39.33 -19.46 32.84
N ALA H 3958 38.80 -20.57 32.33
CA ALA H 3958 37.53 -20.53 31.59
C ALA H 3958 36.39 -20.06 32.50
N LYS H 3959 36.42 -20.44 33.77
CA LYS H 3959 35.40 -19.97 34.71
C LYS H 3959 35.45 -18.45 34.85
N GLN H 3960 36.66 -17.88 34.96
CA GLN H 3960 36.78 -16.44 35.12
C GLN H 3960 36.30 -15.70 33.87
N VAL H 3961 36.63 -16.22 32.69
CA VAL H 3961 36.19 -15.58 31.46
C VAL H 3961 34.66 -15.62 31.34
N PHE H 3962 34.05 -16.76 31.68
CA PHE H 3962 32.60 -16.85 31.67
C PHE H 3962 31.99 -15.91 32.70
N ASN H 3963 32.59 -15.81 33.88
CA ASN H 3963 32.10 -14.88 34.89
C ASN H 3963 32.25 -13.44 34.41
N SER H 3964 33.37 -13.12 33.76
CA SER H 3964 33.55 -11.77 33.23
C SER H 3964 32.52 -11.45 32.16
N LEU H 3965 32.26 -12.40 31.26
CA LEU H 3965 31.24 -12.17 30.24
C LEU H 3965 29.86 -12.03 30.87
N THR H 3966 29.57 -12.81 31.90
CA THR H 3966 28.30 -12.69 32.59
C THR H 3966 28.14 -11.32 33.23
N GLU H 3967 29.21 -10.80 33.82
CA GLU H 3967 29.13 -9.49 34.47
C GLU H 3967 28.96 -8.36 33.46
N TYR H 3968 29.43 -8.57 32.22
CA TYR H 3968 29.28 -7.54 31.19
C TYR H 3968 27.83 -7.31 30.84
N ILE H 3969 27.05 -8.38 30.75
CA ILE H 3969 25.70 -8.29 30.19
C ILE H 3969 24.60 -8.25 31.24
N GLN H 3970 24.89 -8.60 32.49
CA GLN H 3970 23.86 -8.57 33.52
C GLN H 3970 23.45 -7.14 33.84
N GLY H 3971 22.23 -7.00 34.35
CA GLY H 3971 21.69 -5.71 34.69
C GLY H 3971 20.28 -5.43 34.17
N PRO H 3972 19.98 -5.81 32.91
CA PRO H 3972 20.82 -6.23 31.79
C PRO H 3972 21.42 -5.06 31.03
N CYS H 3973 22.54 -5.29 30.35
CA CYS H 3973 23.15 -4.31 29.46
C CYS H 3973 22.79 -4.70 28.05
N THR H 3974 21.82 -4.00 27.46
CA THR H 3974 21.33 -4.36 26.14
C THR H 3974 22.42 -4.22 25.08
N GLY H 3975 23.24 -3.18 25.18
CA GLY H 3975 24.30 -2.99 24.21
C GLY H 3975 25.30 -4.14 24.20
N ASN H 3976 25.68 -4.61 25.39
CA ASN H 3976 26.61 -5.74 25.46
C ASN H 3976 25.96 -7.03 25.00
N GLN H 3977 24.66 -7.21 25.28
CA GLN H 3977 23.96 -8.40 24.82
C GLN H 3977 23.92 -8.46 23.30
N GLN H 3978 23.64 -7.33 22.65
CA GLN H 3978 23.65 -7.30 21.19
C GLN H 3978 25.05 -7.54 20.65
N SER H 3979 26.07 -6.99 21.33
CA SER H 3979 27.44 -7.20 20.88
C SER H 3979 27.84 -8.67 20.98
N LEU H 3980 27.44 -9.34 22.05
CA LEU H 3980 27.75 -10.76 22.18
C LEU H 3980 26.96 -11.60 21.19
N ALA H 3981 25.72 -11.19 20.91
CA ALA H 3981 24.88 -11.96 19.99
C ALA H 3981 25.48 -11.99 18.59
N HIS H 3982 26.05 -10.88 18.14
CA HIS H 3982 26.63 -10.77 16.81
C HIS H 3982 28.10 -11.16 16.80
N SER H 3983 28.67 -11.55 17.93
CA SER H 3983 30.06 -11.94 18.00
C SER H 3983 30.21 -13.44 17.74
N ARG H 3984 31.43 -13.94 17.93
CA ARG H 3984 31.72 -15.36 17.77
C ARG H 3984 31.51 -16.14 19.06
N LEU H 3985 30.70 -15.62 19.99
CA LEU H 3985 30.45 -16.32 21.24
C LEU H 3985 29.74 -17.65 20.99
N TRP H 3986 28.83 -17.67 20.02
CA TRP H 3986 28.10 -18.91 19.73
C TRP H 3986 29.03 -20.01 19.27
N ASP H 3987 30.06 -19.67 18.49
CA ASP H 3987 31.04 -20.66 18.06
C ASP H 3987 31.77 -21.25 19.26
N ALA H 3988 32.14 -20.40 20.23
CA ALA H 3988 32.81 -20.90 21.43
C ALA H 3988 31.89 -21.80 22.24
N VAL H 3989 30.61 -21.43 22.38
CA VAL H 3989 29.67 -22.24 23.15
C VAL H 3989 29.46 -23.59 22.49
N VAL H 3990 29.37 -23.61 21.15
CA VAL H 3990 29.23 -24.87 20.43
C VAL H 3990 30.44 -25.76 20.67
N GLY H 3991 31.64 -25.17 20.63
CA GLY H 3991 32.84 -25.94 20.88
C GLY H 3991 32.92 -26.46 22.30
N PHE H 3992 32.52 -25.64 23.28
CA PHE H 3992 32.53 -26.08 24.67
C PHE H 3992 31.56 -27.23 24.89
N LEU H 3993 30.37 -27.17 24.26
CA LEU H 3993 29.41 -28.25 24.41
C LEU H 3993 29.95 -29.57 23.89
N HIS H 3994 30.72 -29.54 22.78
CA HIS H 3994 31.34 -30.76 22.29
C HIS H 3994 32.35 -31.31 23.28
N VAL H 3995 33.16 -30.44 23.87
CA VAL H 3995 34.13 -30.90 24.86
C VAL H 3995 33.43 -31.36 26.14
N PHE H 3996 32.40 -30.61 26.56
CA PHE H 3996 31.68 -30.99 27.78
C PHE H 3996 31.03 -32.36 27.65
N ALA H 3997 30.38 -32.61 26.50
CA ALA H 3997 29.67 -33.87 26.32
C ALA H 3997 30.63 -35.06 26.33
N HIS H 3998 31.74 -34.95 25.62
CA HIS H 3998 32.66 -36.08 25.51
C HIS H 3998 33.50 -36.26 26.77
N MET H 3999 33.92 -35.17 27.40
CA MET H 3999 34.69 -35.30 28.64
C MET H 3999 33.85 -35.89 29.77
N MET H 4000 32.58 -35.53 29.85
CA MET H 4000 31.70 -36.10 30.88
C MET H 4000 31.61 -37.61 30.74
N MET H 4001 31.44 -38.09 29.51
CA MET H 4001 31.39 -39.53 29.28
C MET H 4001 32.72 -40.20 29.59
N LYS H 4002 33.83 -39.56 29.22
CA LYS H 4002 35.15 -40.14 29.45
C LYS H 4002 35.53 -40.13 30.92
N LEU H 4003 35.31 -39.01 31.60
CA LEU H 4003 35.72 -38.90 33.01
C LEU H 4003 34.89 -39.79 33.92
N ALA H 4004 33.64 -40.06 33.55
CA ALA H 4004 32.76 -40.86 34.40
C ALA H 4004 33.13 -42.34 34.40
N GLN H 4005 34.03 -42.78 33.53
CA GLN H 4005 34.38 -44.19 33.41
C GLN H 4005 35.46 -44.62 34.40
N ASP H 4006 35.97 -43.71 35.22
CA ASP H 4006 36.95 -44.07 36.24
C ASP H 4006 36.81 -43.11 37.42
N SER H 4007 36.77 -43.67 38.63
CA SER H 4007 36.58 -42.87 39.83
C SER H 4007 37.82 -42.07 40.22
N SER H 4008 38.97 -42.37 39.64
CA SER H 4008 40.17 -41.60 39.95
C SER H 4008 40.11 -40.18 39.41
N GLN H 4009 39.19 -39.91 38.49
CA GLN H 4009 39.04 -38.60 37.87
C GLN H 4009 37.74 -37.92 38.28
N ILE H 4010 37.19 -38.29 39.44
CA ILE H 4010 35.93 -37.73 39.88
C ILE H 4010 36.08 -36.25 40.24
N GLU H 4011 37.23 -35.88 40.82
CA GLU H 4011 37.46 -34.48 41.18
C GLU H 4011 37.54 -33.61 39.93
N LEU H 4012 38.19 -34.10 38.88
CA LEU H 4012 38.23 -33.36 37.63
C LEU H 4012 36.83 -33.25 37.01
N LEU H 4013 36.03 -34.31 37.15
CA LEU H 4013 34.67 -34.27 36.64
C LEU H 4013 33.82 -33.24 37.39
N LYS H 4014 34.01 -33.14 38.70
CA LYS H 4014 33.28 -32.13 39.48
C LYS H 4014 33.63 -30.73 38.99
N GLU H 4015 34.91 -30.47 38.74
CA GLU H 4015 35.33 -29.17 38.23
C GLU H 4015 34.74 -28.91 36.84
N LEU H 4016 34.69 -29.95 36.01
CA LEU H 4016 34.10 -29.79 34.69
C LEU H 4016 32.62 -29.43 34.76
N LEU H 4017 31.89 -30.06 35.70
CA LEU H 4017 30.45 -29.85 35.78
C LEU H 4017 30.12 -28.41 36.17
N ASP H 4018 30.85 -27.85 37.14
CA ASP H 4018 30.57 -26.47 37.53
C ASP H 4018 31.01 -25.47 36.47
N LEU H 4019 32.00 -25.84 35.64
CA LEU H 4019 32.35 -25.00 34.49
C LEU H 4019 31.18 -24.92 33.51
N GLN H 4020 30.49 -26.03 33.30
CA GLN H 4020 29.30 -26.02 32.45
C GLN H 4020 28.22 -25.12 33.04
N LYS H 4021 28.07 -25.14 34.36
CA LYS H 4021 27.08 -24.28 35.01
C LYS H 4021 27.37 -22.81 34.74
N ASP H 4022 28.63 -22.41 34.82
CA ASP H 4022 28.99 -21.02 34.55
C ASP H 4022 28.68 -20.62 33.12
N MET H 4023 28.89 -21.54 32.16
CA MET H 4023 28.51 -21.25 30.78
C MET H 4023 27.01 -21.08 30.64
N VAL H 4024 26.23 -21.92 31.31
CA VAL H 4024 24.78 -21.81 31.24
C VAL H 4024 24.31 -20.52 31.90
N VAL H 4025 24.93 -20.14 33.02
CA VAL H 4025 24.59 -18.88 33.67
C VAL H 4025 24.83 -17.70 32.72
N MET H 4026 25.92 -17.77 31.95
CA MET H 4026 26.16 -16.75 30.94
C MET H 4026 25.06 -16.76 29.88
N LEU H 4027 24.62 -17.95 29.46
CA LEU H 4027 23.54 -18.04 28.49
C LEU H 4027 22.25 -17.50 29.06
N LEU H 4028 21.96 -17.78 30.33
CA LEU H 4028 20.76 -17.24 30.96
C LEU H 4028 20.83 -15.72 31.07
N SER H 4029 22.04 -15.17 31.23
CA SER H 4029 22.19 -13.72 31.28
C SER H 4029 21.86 -13.08 29.94
N LEU H 4030 22.15 -13.76 28.83
CA LEU H 4030 21.78 -13.25 27.52
C LEU H 4030 20.27 -13.22 27.32
N LEU H 4031 19.52 -13.97 28.13
CA LEU H 4031 18.07 -14.02 28.03
C LEU H 4031 17.38 -13.05 28.98
N GLU H 4032 18.14 -12.23 29.70
CA GLU H 4032 17.54 -11.23 30.58
C GLU H 4032 16.85 -10.17 29.75
N GLY H 4033 15.60 -9.86 30.11
CA GLY H 4033 14.83 -8.89 29.35
C GLY H 4033 14.56 -9.31 27.93
N ASN H 4034 14.35 -10.60 27.69
CA ASN H 4034 14.13 -11.11 26.35
C ASN H 4034 12.64 -11.29 26.11
N VAL H 4035 12.15 -10.69 25.02
CA VAL H 4035 10.73 -10.80 24.68
C VAL H 4035 10.47 -12.11 23.97
N VAL H 4036 9.18 -12.45 23.85
CA VAL H 4036 8.81 -13.67 23.14
C VAL H 4036 9.24 -13.56 21.68
N ASN H 4037 9.84 -14.64 21.17
CA ASN H 4037 10.39 -14.68 19.83
C ASN H 4037 11.48 -13.63 19.64
N GLY H 4038 12.26 -13.38 20.70
CA GLY H 4038 13.37 -12.46 20.58
C GLY H 4038 14.49 -13.02 19.72
N MET H 4039 15.30 -12.11 19.16
CA MET H 4039 16.36 -12.54 18.26
C MET H 4039 17.46 -13.29 19.00
N ILE H 4040 17.76 -12.88 20.23
CA ILE H 4040 18.76 -13.59 21.03
C ILE H 4040 18.26 -14.99 21.36
N ALA H 4041 16.99 -15.11 21.76
CA ALA H 4041 16.43 -16.41 22.09
C ALA H 4041 16.44 -17.34 20.88
N ARG H 4042 16.04 -16.81 19.71
CA ARG H 4042 16.03 -17.64 18.50
C ARG H 4042 17.44 -18.02 18.08
N GLN H 4043 18.41 -17.12 18.27
CA GLN H 4043 19.80 -17.46 17.98
C GLN H 4043 20.29 -18.57 18.90
N MET H 4044 19.91 -18.52 20.18
CA MET H 4044 20.35 -19.55 21.12
C MET H 4044 19.77 -20.91 20.75
N VAL H 4045 18.52 -20.94 20.28
CA VAL H 4045 17.93 -22.18 19.80
C VAL H 4045 18.71 -22.71 18.60
N ASP H 4046 19.08 -21.83 17.68
CA ASP H 4046 19.89 -22.25 16.54
C ASP H 4046 21.23 -22.81 16.99
N MET H 4047 21.82 -22.19 18.03
CA MET H 4047 23.08 -22.69 18.56
C MET H 4047 22.92 -24.10 19.12
N LEU H 4048 21.82 -24.36 19.83
CA LEU H 4048 21.57 -25.69 20.36
C LEU H 4048 21.34 -26.70 19.24
N VAL H 4049 20.62 -26.31 18.20
CA VAL H 4049 20.40 -27.19 17.06
C VAL H 4049 21.71 -27.49 16.35
N GLU H 4050 22.56 -26.47 16.20
CA GLU H 4050 23.85 -26.67 15.54
C GLU H 4050 24.72 -27.67 16.29
N SER H 4051 24.55 -27.76 17.61
CA SER H 4051 25.25 -28.73 18.45
C SER H 4051 24.28 -29.72 19.08
N SER H 4052 23.30 -30.19 18.29
CA SER H 4052 22.26 -31.05 18.83
C SER H 4052 22.83 -32.37 19.36
N SER H 4053 23.79 -32.95 18.65
CA SER H 4053 24.36 -34.22 19.08
C SER H 4053 25.03 -34.10 20.44
N ASN H 4054 25.76 -33.01 20.66
CA ASN H 4054 26.40 -32.81 21.96
C ASN H 4054 25.38 -32.54 23.05
N VAL H 4055 24.33 -31.76 22.74
CA VAL H 4055 23.29 -31.48 23.72
C VAL H 4055 22.56 -32.76 24.11
N GLU H 4056 22.24 -33.61 23.12
CA GLU H 4056 21.59 -34.88 23.42
C GLU H 4056 22.49 -35.75 24.30
N MET H 4057 23.79 -35.76 24.02
CA MET H 4057 24.72 -36.54 24.83
C MET H 4057 24.75 -36.03 26.27
N ILE H 4058 24.74 -34.72 26.46
CA ILE H 4058 24.71 -34.15 27.80
C ILE H 4058 23.42 -34.51 28.51
N LEU H 4059 22.29 -34.37 27.81
CA LEU H 4059 21.01 -34.76 28.40
C LEU H 4059 20.94 -36.24 28.66
N LYS H 4060 21.53 -37.06 27.80
CA LYS H 4060 21.54 -38.50 28.03
C LYS H 4060 22.42 -38.88 29.21
N PHE H 4061 23.33 -37.98 29.61
CA PHE H 4061 24.14 -38.24 30.80
C PHE H 4061 23.31 -38.08 32.07
N PHE H 4062 22.46 -37.05 32.12
CA PHE H 4062 21.72 -36.77 33.34
C PHE H 4062 20.61 -37.79 33.58
N ASP H 4063 19.85 -38.14 32.54
CA ASP H 4063 18.72 -39.02 32.74
C ASP H 4063 19.15 -40.45 33.04
N MET H 4064 20.28 -40.89 32.50
CA MET H 4064 20.74 -42.26 32.74
C MET H 4064 21.01 -42.49 34.22
N PHE H 4065 21.67 -41.53 34.88
CA PHE H 4065 21.95 -41.67 36.31
C PHE H 4065 20.76 -41.31 37.18
N LEU H 4066 19.88 -40.42 36.73
CA LEU H 4066 18.62 -40.22 37.44
C LEU H 4066 17.77 -41.47 37.40
N LYS H 4067 17.69 -42.13 36.23
CA LYS H 4067 16.99 -43.40 36.14
C LYS H 4067 17.69 -44.49 36.95
N LEU H 4068 19.02 -44.50 36.93
CA LEU H 4068 19.77 -45.49 37.70
C LEU H 4068 19.52 -45.32 39.19
N LYS H 4069 19.33 -44.09 39.65
CA LYS H 4069 19.11 -43.85 41.07
C LYS H 4069 17.83 -44.52 41.56
N ASP H 4070 16.76 -44.43 40.77
CA ASP H 4070 15.49 -45.05 41.16
C ASP H 4070 15.44 -46.53 40.85
N ILE H 4071 16.24 -47.02 39.90
CA ILE H 4071 16.22 -48.44 39.57
C ILE H 4071 16.83 -49.26 40.70
N VAL H 4072 17.97 -48.82 41.24
CA VAL H 4072 18.62 -49.57 42.31
C VAL H 4072 17.76 -49.64 43.56
N GLY H 4073 16.89 -48.66 43.77
CA GLY H 4073 15.95 -48.71 44.88
C GLY H 4073 14.68 -49.46 44.61
N SER H 4074 14.49 -49.94 43.38
CA SER H 4074 13.27 -50.67 43.04
C SER H 4074 13.30 -52.07 43.64
N GLU H 4075 12.11 -52.65 43.80
CA GLU H 4075 12.00 -54.00 44.34
C GLU H 4075 12.52 -55.04 43.38
N ALA H 4076 12.31 -54.82 42.07
CA ALA H 4076 12.77 -55.79 41.07
C ALA H 4076 14.29 -55.91 41.07
N PHE H 4077 14.99 -54.78 41.21
CA PHE H 4077 16.45 -54.82 41.24
C PHE H 4077 16.95 -55.57 42.47
N GLN H 4078 16.31 -55.35 43.62
CA GLN H 4078 16.74 -56.01 44.84
C GLN H 4078 16.57 -57.54 44.76
N ASP H 4079 15.66 -58.03 43.92
CA ASP H 4079 15.52 -59.46 43.73
C ASP H 4079 16.78 -60.09 43.16
N TYR H 4080 17.51 -59.37 42.31
CA TYR H 4080 18.75 -59.88 41.75
C TYR H 4080 19.90 -59.83 42.74
N VAL H 4081 19.91 -58.85 43.64
CA VAL H 4081 21.00 -58.72 44.61
C VAL H 4081 20.91 -59.89 45.59
N THR H 4082 21.89 -60.80 45.51
CA THR H 4082 21.94 -61.96 46.39
C THR H 4082 23.12 -61.95 47.35
N ASP H 4083 24.14 -61.15 47.08
CA ASP H 4083 25.30 -61.10 47.96
C ASP H 4083 24.91 -60.46 49.28
N PRO H 4084 25.20 -61.11 50.42
CA PRO H 4084 24.86 -60.49 51.71
C PRO H 4084 25.58 -59.18 51.97
N ARG H 4085 26.76 -58.98 51.37
CA ARG H 4085 27.50 -57.75 51.58
C ARG H 4085 26.82 -56.54 50.95
N GLY H 4086 25.85 -56.74 50.07
CA GLY H 4086 25.20 -55.67 49.37
C GLY H 4086 25.79 -55.31 48.03
N LEU H 4087 26.51 -56.23 47.40
CA LEU H 4087 27.12 -56.01 46.09
C LEU H 4087 26.36 -56.79 45.04
N ILE H 4088 26.75 -56.60 43.78
CA ILE H 4088 26.12 -57.27 42.65
C ILE H 4088 27.15 -57.43 41.55
N SER H 4089 27.16 -58.61 40.93
CA SER H 4089 28.12 -58.89 39.87
C SER H 4089 27.70 -58.19 38.59
N LYS H 4090 28.67 -58.00 37.70
CA LYS H 4090 28.41 -57.33 36.43
C LYS H 4090 27.42 -58.11 35.59
N LYS H 4091 27.55 -59.45 35.55
CA LYS H 4091 26.59 -60.28 34.83
C LYS H 4091 25.21 -60.15 35.45
N ASP H 4092 25.13 -60.17 36.78
CA ASP H 4092 23.85 -59.94 37.45
C ASP H 4092 23.35 -58.53 37.19
N PHE H 4093 24.25 -57.55 37.20
CA PHE H 4093 23.86 -56.18 36.88
C PHE H 4093 23.36 -56.08 35.44
N GLN H 4094 24.01 -56.80 34.52
CA GLN H 4094 23.59 -56.78 33.12
C GLN H 4094 22.17 -57.29 32.96
N LYS H 4095 21.84 -58.40 33.62
CA LYS H 4095 20.50 -58.95 33.49
C LYS H 4095 19.48 -58.18 34.33
N ALA H 4096 19.95 -57.38 35.29
CA ALA H 4096 19.02 -56.57 36.07
C ALA H 4096 18.54 -55.36 35.26
N MET H 4097 19.44 -54.71 34.53
CA MET H 4097 19.09 -53.47 33.87
C MET H 4097 18.18 -53.70 32.66
N ASP H 4098 18.51 -54.70 31.84
CA ASP H 4098 17.68 -54.95 30.67
C ASP H 4098 16.32 -55.53 31.02
N SER H 4099 16.16 -56.07 32.24
CA SER H 4099 14.84 -56.49 32.70
C SER H 4099 13.95 -55.30 33.01
N GLN H 4100 14.53 -54.13 33.28
CA GLN H 4100 13.75 -52.92 33.50
C GLN H 4100 13.23 -52.32 32.20
N LYS H 4101 13.83 -52.68 31.06
CA LYS H 4101 13.42 -52.19 29.75
C LYS H 4101 13.46 -50.66 29.68
N GLN H 4102 14.46 -50.05 30.31
CA GLN H 4102 14.63 -48.60 30.27
C GLN H 4102 15.91 -48.16 29.58
N PHE H 4103 16.94 -49.00 29.57
CA PHE H 4103 18.19 -48.69 28.89
C PHE H 4103 18.36 -49.60 27.68
N THR H 4104 19.22 -49.17 26.76
CA THR H 4104 19.53 -49.93 25.57
C THR H 4104 20.82 -50.72 25.79
N GLY H 4105 21.28 -51.38 24.72
CA GLY H 4105 22.50 -52.15 24.77
C GLY H 4105 23.72 -51.34 25.15
N PRO H 4106 24.07 -50.35 24.33
CA PRO H 4106 25.25 -49.52 24.65
C PRO H 4106 25.13 -48.79 25.98
N GLU H 4107 23.92 -48.38 26.37
CA GLU H 4107 23.75 -47.65 27.63
C GLU H 4107 24.11 -48.53 28.82
N ILE H 4108 23.69 -49.79 28.80
CA ILE H 4108 24.04 -50.70 29.89
C ILE H 4108 25.54 -50.93 29.92
N GLN H 4109 26.16 -51.10 28.75
CA GLN H 4109 27.61 -51.29 28.69
C GLN H 4109 28.35 -50.08 29.24
N PHE H 4110 27.87 -48.87 28.91
CA PHE H 4110 28.48 -47.66 29.45
C PHE H 4110 28.37 -47.61 30.97
N LEU H 4111 27.20 -47.99 31.50
CA LEU H 4111 27.02 -48.02 32.95
C LEU H 4111 27.96 -49.01 33.61
N LEU H 4112 28.19 -50.16 32.96
CA LEU H 4112 29.14 -51.12 33.48
C LEU H 4112 30.55 -50.56 33.55
N SER H 4113 30.95 -49.81 32.51
CA SER H 4113 32.27 -49.18 32.52
C SER H 4113 32.38 -48.13 33.63
N CYS H 4114 31.32 -47.35 33.84
CA CYS H 4114 31.35 -46.34 34.89
C CYS H 4114 31.35 -46.98 36.28
N SER H 4115 30.72 -48.13 36.43
CA SER H 4115 30.72 -48.82 37.72
C SER H 4115 32.12 -49.28 38.07
N GLU H 4116 32.55 -49.00 39.30
CA GLU H 4116 33.90 -49.34 39.74
C GLU H 4116 33.93 -50.78 40.26
N ALA H 4117 33.76 -51.71 39.32
CA ALA H 4117 33.80 -53.13 39.66
C ALA H 4117 35.20 -53.53 40.10
N ASP H 4118 35.27 -54.34 41.15
CA ASP H 4118 36.54 -54.79 41.70
C ASP H 4118 37.07 -55.95 40.85
N GLU H 4119 38.12 -56.62 41.36
CA GLU H 4119 38.68 -57.76 40.64
C GLU H 4119 37.71 -58.93 40.58
N ASN H 4120 36.71 -58.96 41.46
CA ASN H 4120 35.69 -60.00 41.48
C ASN H 4120 34.44 -59.59 40.72
N GLU H 4121 34.51 -58.50 39.95
CA GLU H 4121 33.38 -57.99 39.17
C GLU H 4121 32.18 -57.65 40.05
N MET H 4122 32.44 -57.26 41.29
CA MET H 4122 31.37 -56.88 42.22
C MET H 4122 31.19 -55.37 42.19
N ILE H 4123 29.94 -54.93 42.14
CA ILE H 4123 29.60 -53.53 41.99
C ILE H 4123 28.87 -53.07 43.25
N ASN H 4124 29.35 -51.99 43.86
CA ASN H 4124 28.67 -51.36 44.99
C ASN H 4124 27.67 -50.36 44.40
N PHE H 4125 26.46 -50.86 44.11
CA PHE H 4125 25.47 -50.03 43.44
C PHE H 4125 24.94 -48.91 44.33
N GLU H 4126 25.12 -49.01 45.65
CA GLU H 4126 24.68 -47.94 46.54
C GLU H 4126 25.46 -46.66 46.28
N GLU H 4127 26.79 -46.76 46.26
CA GLU H 4127 27.62 -45.60 45.97
C GLU H 4127 27.63 -45.25 44.49
N PHE H 4128 27.42 -46.24 43.62
CA PHE H 4128 27.38 -45.98 42.18
C PHE H 4128 26.23 -45.05 41.81
N ALA H 4129 25.06 -45.28 42.40
CA ALA H 4129 23.90 -44.44 42.08
C ALA H 4129 24.08 -43.02 42.60
N ASN H 4130 24.69 -42.87 43.78
CA ASN H 4130 24.84 -41.58 44.42
C ASN H 4130 26.14 -40.87 44.04
N ARG H 4131 26.94 -41.45 43.15
CA ARG H 4131 28.23 -40.86 42.82
C ARG H 4131 28.07 -39.52 42.10
N PHE H 4132 27.14 -39.44 41.15
CA PHE H 4132 26.99 -38.25 40.32
C PHE H 4132 25.76 -37.42 40.65
N GLN H 4133 24.96 -37.83 41.64
CA GLN H 4133 23.74 -37.10 41.94
C GLN H 4133 24.04 -35.70 42.46
N GLU H 4134 25.02 -35.56 43.34
CA GLU H 4134 25.35 -34.26 43.91
C GLU H 4134 26.19 -33.41 42.97
N PRO H 4135 27.27 -33.93 42.37
CA PRO H 4135 28.08 -33.07 41.49
C PRO H 4135 27.30 -32.53 40.29
N ALA H 4136 26.34 -33.28 39.76
CA ALA H 4136 25.63 -32.90 38.56
C ALA H 4136 24.29 -32.23 38.83
N ARG H 4137 23.97 -31.95 40.10
CA ARG H 4137 22.67 -31.35 40.41
C ARG H 4137 22.62 -29.90 39.97
N ASP H 4138 23.68 -29.13 40.23
CA ASP H 4138 23.67 -27.71 39.90
C ASP H 4138 23.59 -27.48 38.40
N ILE H 4139 24.36 -28.24 37.63
CA ILE H 4139 24.32 -28.09 36.17
C ILE H 4139 22.99 -28.60 35.62
N GLY H 4140 22.47 -29.70 36.19
CA GLY H 4140 21.22 -30.25 35.72
C GLY H 4140 20.06 -29.28 35.91
N PHE H 4141 20.03 -28.60 37.05
CA PHE H 4141 18.97 -27.62 37.29
C PHE H 4141 19.05 -26.46 36.31
N ASN H 4142 20.26 -25.96 36.05
CA ASN H 4142 20.41 -24.83 35.13
C ASN H 4142 20.05 -25.21 33.70
N VAL H 4143 20.36 -26.43 33.28
CA VAL H 4143 19.93 -26.89 31.96
C VAL H 4143 18.41 -26.94 31.89
N ALA H 4144 17.77 -27.41 32.96
CA ALA H 4144 16.31 -27.42 33.00
C ALA H 4144 15.75 -26.01 32.93
N VAL H 4145 16.39 -25.07 33.64
CA VAL H 4145 15.95 -23.67 33.58
C VAL H 4145 16.16 -23.11 32.17
N LEU H 4146 17.30 -23.42 31.56
CA LEU H 4146 17.57 -22.91 30.22
C LEU H 4146 16.55 -23.40 29.20
N LEU H 4147 16.22 -24.69 29.25
CA LEU H 4147 15.23 -25.23 28.33
C LEU H 4147 13.84 -24.67 28.61
N THR H 4148 13.50 -24.53 29.90
CA THR H 4148 12.21 -23.95 30.26
C THR H 4148 12.11 -22.50 29.80
N ASN H 4149 13.18 -21.73 29.98
CA ASN H 4149 13.17 -20.33 29.56
C ASN H 4149 13.01 -20.22 28.06
N LEU H 4150 13.73 -21.03 27.30
CA LEU H 4150 13.64 -20.98 25.84
C LEU H 4150 12.28 -21.46 25.35
N SER H 4151 11.73 -22.49 25.98
CA SER H 4151 10.44 -23.03 25.55
C SER H 4151 9.32 -22.01 25.72
N GLU H 4152 9.33 -21.28 26.84
CA GLU H 4152 8.27 -20.33 27.12
C GLU H 4152 8.44 -19.00 26.39
N HIS H 4153 9.61 -18.75 25.81
CA HIS H 4153 9.84 -17.55 25.02
C HIS H 4153 9.92 -17.82 23.53
N VAL H 4154 10.13 -19.06 23.11
CA VAL H 4154 10.05 -19.45 21.71
C VAL H 4154 9.10 -20.64 21.63
N PRO H 4155 7.80 -20.44 21.80
CA PRO H 4155 6.87 -21.57 21.90
C PRO H 4155 6.50 -22.21 20.57
N HIS H 4156 6.87 -21.61 19.44
CA HIS H 4156 6.48 -22.12 18.13
C HIS H 4156 7.69 -22.59 17.33
N ASP H 4157 8.70 -23.13 18.00
CA ASP H 4157 9.87 -23.66 17.33
C ASP H 4157 9.83 -25.17 17.40
N PRO H 4158 9.58 -25.88 16.29
CA PRO H 4158 9.51 -27.35 16.34
C PRO H 4158 10.83 -28.00 16.76
N ARG H 4159 11.96 -27.34 16.53
CA ARG H 4159 13.25 -27.94 16.86
C ARG H 4159 13.50 -28.01 18.36
N LEU H 4160 12.76 -27.24 19.16
CA LEU H 4160 13.02 -27.18 20.59
C LEU H 4160 12.27 -28.26 21.37
N ARG H 4161 11.15 -28.77 20.84
CA ARG H 4161 10.42 -29.81 21.55
C ARG H 4161 11.22 -31.10 21.66
N ASN H 4162 12.09 -31.36 20.68
CA ASN H 4162 12.93 -32.56 20.74
C ASN H 4162 13.81 -32.55 21.97
N PHE H 4163 14.42 -31.40 22.28
CA PHE H 4163 15.23 -31.29 23.48
C PHE H 4163 14.39 -31.44 24.75
N LEU H 4164 13.18 -30.86 24.74
CA LEU H 4164 12.31 -30.97 25.90
C LEU H 4164 11.89 -32.42 26.15
N GLU H 4165 11.59 -33.16 25.09
CA GLU H 4165 11.23 -34.57 25.25
C GLU H 4165 12.41 -35.38 25.76
N LEU H 4166 13.62 -35.11 25.25
CA LEU H 4166 14.80 -35.81 25.73
C LEU H 4166 15.17 -35.43 27.16
N ALA H 4167 14.70 -34.28 27.64
CA ALA H 4167 14.96 -33.84 29.00
C ALA H 4167 13.72 -33.91 29.88
N GLU H 4168 12.77 -34.79 29.54
CA GLU H 4168 11.53 -34.89 30.31
C GLU H 4168 11.82 -35.33 31.75
N SER H 4169 12.70 -36.31 31.93
CA SER H 4169 13.03 -36.76 33.28
C SER H 4169 13.74 -35.67 34.07
N ILE H 4170 14.65 -34.93 33.43
CA ILE H 4170 15.33 -33.84 34.12
C ILE H 4170 14.33 -32.77 34.52
N LEU H 4171 13.44 -32.40 33.61
CA LEU H 4171 12.42 -31.41 33.93
C LEU H 4171 11.49 -31.91 35.03
N GLU H 4172 11.11 -33.19 34.97
CA GLU H 4172 10.24 -33.75 36.00
C GLU H 4172 10.92 -33.77 37.35
N TYR H 4173 12.21 -34.11 37.38
CA TYR H 4173 12.92 -34.18 38.65
C TYR H 4173 13.02 -32.81 39.32
N PHE H 4174 13.31 -31.78 38.54
CA PHE H 4174 13.50 -30.43 39.07
C PHE H 4174 12.24 -29.59 39.07
N ARG H 4175 11.09 -30.18 38.70
CA ARG H 4175 9.84 -29.42 38.72
C ARG H 4175 9.50 -28.89 40.10
N PRO H 4176 9.56 -29.67 41.19
CA PRO H 4176 9.25 -29.08 42.51
C PRO H 4176 10.23 -28.00 42.94
N TYR H 4177 11.43 -27.94 42.36
CA TYR H 4177 12.42 -26.96 42.76
C TYR H 4177 12.57 -25.81 41.78
N LEU H 4178 11.94 -25.87 40.61
CA LEU H 4178 12.04 -24.82 39.61
C LEU H 4178 10.92 -23.82 39.88
N GLY H 4179 11.25 -22.77 40.63
CA GLY H 4179 10.29 -21.72 40.94
C GLY H 4179 10.32 -20.62 39.89
N ARG H 4180 9.13 -20.18 39.49
CA ARG H 4180 9.00 -19.12 38.50
C ARG H 4180 8.00 -18.08 39.00
N ILE H 4181 8.36 -16.81 38.86
CA ILE H 4181 7.50 -15.70 39.21
C ILE H 4181 7.52 -14.70 38.05
N GLU H 4182 6.53 -13.81 38.05
CA GLU H 4182 6.45 -12.73 37.08
C GLU H 4182 6.54 -11.40 37.82
N ILE H 4183 7.38 -10.50 37.32
CA ILE H 4183 7.57 -9.19 37.92
C ILE H 4183 7.44 -8.13 36.84
N MET H 4184 7.18 -6.90 37.28
CA MET H 4184 7.21 -5.73 36.41
C MET H 4184 8.62 -5.17 36.45
N GLY H 4185 9.40 -5.42 35.40
CA GLY H 4185 10.79 -5.05 35.36
C GLY H 4185 11.01 -3.56 35.14
N ALA H 4186 12.27 -3.16 35.19
CA ALA H 4186 12.63 -1.78 34.96
C ALA H 4186 12.35 -1.33 33.53
N SER H 4187 12.25 -2.27 32.59
CA SER H 4187 11.93 -1.96 31.20
C SER H 4187 10.44 -1.75 30.97
N ARG H 4188 9.67 -1.55 32.04
CA ARG H 4188 8.23 -1.33 31.97
C ARG H 4188 7.48 -2.50 31.32
N ARG H 4189 8.01 -3.71 31.46
CA ARG H 4189 7.38 -4.89 30.89
C ARG H 4189 7.37 -6.00 31.92
N ILE H 4190 6.41 -6.92 31.78
CA ILE H 4190 6.33 -8.08 32.66
C ILE H 4190 7.41 -9.07 32.25
N GLU H 4191 8.24 -9.46 33.21
CA GLU H 4191 9.32 -10.40 33.00
C GLU H 4191 9.13 -11.61 33.89
N ARG H 4192 9.53 -12.78 33.39
CA ARG H 4192 9.42 -14.03 34.13
C ARG H 4192 10.79 -14.42 34.67
N ILE H 4193 10.85 -14.70 35.97
CA ILE H 4193 12.11 -15.00 36.66
C ILE H 4193 12.08 -16.45 37.10
N TYR H 4194 13.14 -17.18 36.77
CA TYR H 4194 13.30 -18.57 37.17
C TYR H 4194 14.38 -18.65 38.25
N PHE H 4195 14.08 -19.34 39.35
CA PHE H 4195 15.01 -19.47 40.45
C PHE H 4195 14.87 -20.87 41.03
N GLU H 4196 15.69 -21.15 42.05
CA GLU H 4196 15.74 -22.47 42.66
C GLU H 4196 15.08 -22.43 44.03
N ILE H 4197 14.20 -23.39 44.29
CA ILE H 4197 13.57 -23.57 45.58
C ILE H 4197 14.24 -24.74 46.28
N SER H 4198 14.86 -24.48 47.42
CA SER H 4198 15.54 -25.53 48.15
C SER H 4198 14.54 -26.49 48.78
N GLU H 4199 15.03 -27.69 49.09
CA GLU H 4199 14.17 -28.71 49.68
C GLU H 4199 13.65 -28.28 51.05
N THR H 4200 14.52 -27.65 51.85
CA THR H 4200 14.12 -27.25 53.20
C THR H 4200 13.03 -26.18 53.15
N ASN H 4201 13.15 -25.22 52.24
CA ASN H 4201 12.16 -24.14 52.16
C ASN H 4201 10.78 -24.69 51.81
N ARG H 4202 10.72 -25.61 50.84
CA ARG H 4202 9.44 -26.20 50.47
C ARG H 4202 8.89 -27.08 51.59
N ALA H 4203 9.77 -27.83 52.27
CA ALA H 4203 9.33 -28.67 53.36
C ALA H 4203 8.76 -27.84 54.51
N GLN H 4204 9.42 -26.74 54.84
CA GLN H 4204 8.93 -25.87 55.90
C GLN H 4204 7.63 -25.19 55.50
N TRP H 4205 7.49 -24.85 54.22
CA TRP H 4205 6.27 -24.19 53.74
C TRP H 4205 5.07 -25.11 53.82
N GLU H 4206 5.28 -26.43 53.73
CA GLU H 4206 4.19 -27.39 53.74
C GLU H 4206 3.82 -27.87 55.13
N MET H 4207 4.44 -27.34 56.18
CA MET H 4207 4.08 -27.73 57.53
C MET H 4207 2.65 -27.27 57.84
N PRO H 4208 1.89 -28.06 58.60
CA PRO H 4208 0.49 -27.69 58.84
C PRO H 4208 0.32 -26.34 59.54
N GLN H 4209 1.22 -25.99 60.45
CA GLN H 4209 1.11 -24.69 61.12
C GLN H 4209 1.32 -23.53 60.15
N VAL H 4210 2.25 -23.68 59.22
CA VAL H 4210 2.46 -22.63 58.22
C VAL H 4210 1.24 -22.53 57.29
N LYS H 4211 0.69 -23.67 56.89
CA LYS H 4211 -0.49 -23.66 56.02
C LYS H 4211 -1.69 -23.03 56.73
N GLU H 4212 -1.85 -23.29 58.03
CA GLU H 4212 -2.93 -22.67 58.77
C GLU H 4212 -2.75 -21.15 58.84
N SER H 4213 -1.50 -20.69 59.03
CA SER H 4213 -1.23 -19.27 59.04
C SER H 4213 -1.56 -18.64 57.69
N LYS H 4214 -1.26 -19.34 56.59
CA LYS H 4214 -1.58 -18.83 55.27
C LYS H 4214 -3.08 -18.66 55.10
N ARG H 4215 -3.87 -19.65 55.54
CA ARG H 4215 -5.32 -19.55 55.41
C ARG H 4215 -5.86 -18.38 56.21
N GLN H 4216 -5.36 -18.18 57.43
CA GLN H 4216 -5.78 -17.04 58.23
C GLN H 4216 -5.40 -15.72 57.56
N PHE H 4217 -4.19 -15.66 57.00
CA PHE H 4217 -3.76 -14.43 56.32
C PHE H 4217 -4.62 -14.15 55.09
N ILE H 4218 -4.92 -15.18 54.30
CA ILE H 4218 -5.72 -14.99 53.10
C ILE H 4218 -7.11 -14.49 53.46
N PHE H 4219 -7.69 -15.06 54.53
CA PHE H 4219 -9.02 -14.64 54.95
C PHE H 4219 -9.03 -13.17 55.36
N ASP H 4220 -7.99 -12.73 56.07
CA ASP H 4220 -7.98 -11.37 56.60
C ASP H 4220 -7.89 -10.33 55.47
N VAL H 4221 -6.96 -10.53 54.53
CA VAL H 4221 -6.75 -9.52 53.50
C VAL H 4221 -7.93 -9.47 52.54
N VAL H 4222 -8.52 -10.63 52.23
CA VAL H 4222 -9.65 -10.64 51.31
C VAL H 4222 -10.88 -10.03 51.97
N ASN H 4223 -11.10 -10.31 53.25
CA ASN H 4223 -12.32 -9.86 53.91
C ASN H 4223 -12.21 -8.38 54.33
N GLU H 4224 -11.24 -8.06 55.17
CA GLU H 4224 -11.09 -6.72 55.72
C GLU H 4224 -9.80 -6.05 55.28
N GLY H 4225 -9.44 -6.18 54.00
CA GLY H 4225 -8.25 -5.58 53.47
C GLY H 4225 -8.55 -4.76 52.24
N GLY H 4226 -7.61 -3.85 51.93
CA GLY H 4226 -7.71 -2.99 50.77
C GLY H 4226 -6.72 -3.39 49.68
N GLU H 4227 -6.96 -2.83 48.49
CA GLU H 4227 -6.11 -3.14 47.35
C GLU H 4227 -4.76 -2.44 47.42
N ALA H 4228 -4.71 -1.23 48.00
CA ALA H 4228 -3.45 -0.49 48.08
C ALA H 4228 -2.51 -1.07 49.13
N GLU H 4229 -3.05 -1.71 50.17
CA GLU H 4229 -2.25 -2.31 51.22
C GLU H 4229 -2.08 -3.81 51.05
N LYS H 4230 -2.62 -4.38 49.97
CA LYS H 4230 -2.63 -5.83 49.82
C LYS H 4230 -1.21 -6.39 49.71
N MET H 4231 -0.37 -5.74 48.91
CA MET H 4231 0.99 -6.25 48.73
C MET H 4231 1.87 -5.98 49.93
N GLU H 4232 1.71 -4.83 50.59
CA GLU H 4232 2.48 -4.57 51.80
C GLU H 4232 2.14 -5.55 52.90
N LEU H 4233 0.86 -5.89 53.05
CA LEU H 4233 0.47 -6.91 54.01
C LEU H 4233 1.04 -8.27 53.64
N PHE H 4234 1.06 -8.59 52.34
CA PHE H 4234 1.59 -9.87 51.89
C PHE H 4234 3.08 -9.99 52.23
N VAL H 4235 3.85 -8.92 52.00
CA VAL H 4235 5.27 -8.96 52.33
C VAL H 4235 5.47 -9.10 53.83
N SER H 4236 4.66 -8.39 54.62
CA SER H 4236 4.75 -8.53 56.07
C SER H 4236 4.42 -9.95 56.50
N PHE H 4237 3.46 -10.59 55.82
CA PHE H 4237 3.19 -12.00 56.08
C PHE H 4237 4.39 -12.87 55.73
N CYS H 4238 5.08 -12.57 54.63
CA CYS H 4238 6.27 -13.33 54.26
C CYS H 4238 7.36 -13.19 55.31
N GLU H 4239 7.58 -11.96 55.81
CA GLU H 4239 8.61 -11.75 56.82
C GLU H 4239 8.28 -12.50 58.11
N ASP H 4240 7.01 -12.47 58.52
CA ASP H 4240 6.60 -13.21 59.71
C ASP H 4240 6.75 -14.71 59.50
N THR H 4241 6.38 -15.19 58.31
CA THR H 4241 6.46 -16.63 58.03
C THR H 4241 7.91 -17.10 58.06
N ILE H 4242 8.84 -16.31 57.50
CA ILE H 4242 10.24 -16.68 57.54
C ILE H 4242 10.74 -16.78 58.97
N PHE H 4243 10.35 -15.83 59.81
CA PHE H 4243 10.75 -15.86 61.21
C PHE H 4243 10.19 -17.08 61.93
N GLU H 4244 8.93 -17.44 61.62
CA GLU H 4244 8.34 -18.62 62.25
C GLU H 4244 9.03 -19.89 61.80
N MET H 4245 9.50 -19.94 60.56
CA MET H 4245 10.24 -21.11 60.10
C MET H 4245 11.53 -21.28 60.90
N GLN H 4246 12.20 -20.18 61.24
CA GLN H 4246 13.39 -20.27 62.06
C GLN H 4246 13.08 -20.82 63.44
N ILE H 4247 11.97 -20.38 64.04
CA ILE H 4247 11.59 -20.88 65.36
C ILE H 4247 11.31 -22.38 65.30
N ALA H 4248 10.59 -22.82 64.27
CA ALA H 4248 10.30 -24.24 64.14
C ALA H 4248 11.58 -25.05 63.95
N ALA H 4249 12.53 -24.51 63.18
CA ALA H 4249 13.81 -25.20 63.00
C ALA H 4249 14.58 -25.29 64.30
N GLN H 4250 14.57 -24.21 65.10
CA GLN H 4250 15.32 -24.22 66.36
C GLN H 4250 14.75 -25.24 67.33
N ILE H 4251 13.42 -25.28 67.47
CA ILE H 4251 12.80 -26.20 68.43
C ILE H 4251 12.77 -27.63 67.94
N SER H 4252 12.99 -27.87 66.65
CA SER H 4252 12.97 -29.22 66.12
C SER H 4252 14.14 -30.04 66.67
N GLU H 4253 13.92 -31.35 66.79
CA GLU H 4253 14.92 -32.25 67.31
C GLU H 4253 15.34 -33.25 66.24
N PRO H 4254 16.63 -33.62 66.18
CA PRO H 4254 17.13 -34.59 65.20
C PRO H 4254 16.66 -36.01 65.50
N PHE H 4540 29.32 -27.88 85.20
CA PHE H 4540 27.98 -28.45 85.13
C PHE H 4540 27.02 -27.50 84.42
N TRP H 4541 27.49 -26.27 84.17
CA TRP H 4541 26.65 -25.30 83.47
C TRP H 4541 26.31 -25.76 82.06
N GLY H 4542 27.29 -26.35 81.36
CA GLY H 4542 27.01 -26.88 80.04
C GLY H 4542 26.02 -28.02 80.07
N GLU H 4543 26.09 -28.87 81.09
CA GLU H 4543 25.17 -29.99 81.19
C GLU H 4543 23.73 -29.53 81.39
N LEU H 4544 23.53 -28.50 82.23
CA LEU H 4544 22.17 -28.03 82.48
C LEU H 4544 21.63 -27.22 81.31
N GLU H 4545 22.50 -26.46 80.64
CA GLU H 4545 22.05 -25.61 79.54
C GLU H 4545 21.53 -26.44 78.37
N VAL H 4546 22.24 -27.53 78.03
CA VAL H 4546 21.78 -28.38 76.93
C VAL H 4546 20.48 -29.06 77.29
N GLN H 4547 20.30 -29.43 78.56
CA GLN H 4547 19.03 -30.02 78.98
C GLN H 4547 17.94 -28.97 79.09
N ARG H 4548 18.30 -27.74 79.47
CA ARG H 4548 17.30 -26.68 79.60
C ARG H 4548 16.70 -26.33 78.24
N VAL H 4549 17.54 -26.19 77.22
CA VAL H 4549 17.02 -25.87 75.89
C VAL H 4549 16.24 -27.05 75.33
N LYS H 4550 16.69 -28.28 75.60
CA LYS H 4550 15.95 -29.46 75.17
C LYS H 4550 14.58 -29.51 75.84
N PHE H 4551 14.53 -29.20 77.14
CA PHE H 4551 13.24 -29.16 77.84
C PHE H 4551 12.35 -28.06 77.29
N LEU H 4552 12.92 -26.88 77.04
CA LEU H 4552 12.13 -25.79 76.48
C LEU H 4552 11.64 -26.11 75.08
N ASN H 4553 12.50 -26.73 74.25
CA ASN H 4553 12.08 -27.12 72.91
C ASN H 4553 10.99 -28.18 72.96
N TYR H 4554 11.06 -29.09 73.92
CA TYR H 4554 10.02 -30.11 74.07
C TYR H 4554 8.67 -29.46 74.39
N LEU H 4555 8.66 -28.48 75.28
CA LEU H 4555 7.43 -27.76 75.59
C LEU H 4555 6.93 -26.98 74.37
N SER H 4556 7.85 -26.34 73.64
CA SER H 4556 7.45 -25.58 72.46
C SER H 4556 6.88 -26.48 71.38
N ARG H 4557 7.51 -27.64 71.15
CA ARG H 4557 7.00 -28.56 70.13
C ARG H 4557 5.64 -29.11 70.52
N ASN H 4558 5.44 -29.42 71.80
CA ASN H 4558 4.22 -30.05 72.29
C ASN H 4558 3.32 -29.06 73.02
N PHE H 4559 3.30 -27.81 72.58
CA PHE H 4559 2.48 -26.79 73.24
C PHE H 4559 0.99 -27.12 73.11
N TYR H 4560 0.56 -27.53 71.92
CA TYR H 4560 -0.86 -27.79 71.71
C TYR H 4560 -1.31 -29.08 72.39
N THR H 4561 -0.45 -30.09 72.47
CA THR H 4561 -0.79 -31.30 73.21
C THR H 4561 -0.96 -31.00 74.69
N LEU H 4562 -0.11 -30.14 75.25
CA LEU H 4562 -0.28 -29.73 76.64
C LEU H 4562 -1.59 -28.97 76.83
N ARG H 4563 -1.95 -28.12 75.85
CA ARG H 4563 -3.22 -27.43 75.92
C ARG H 4563 -4.39 -28.41 75.89
N PHE H 4564 -4.30 -29.42 75.03
CA PHE H 4564 -5.33 -30.47 75.03
C PHE H 4564 -5.30 -31.27 76.33
N LEU H 4565 -4.12 -31.55 76.85
CA LEU H 4565 -4.01 -32.31 78.09
C LEU H 4565 -4.64 -31.55 79.26
N ALA H 4566 -4.43 -30.25 79.33
CA ALA H 4566 -5.03 -29.45 80.39
C ALA H 4566 -6.55 -29.47 80.29
N LEU H 4567 -7.09 -29.39 79.08
CA LEU H 4567 -8.53 -29.48 78.90
C LEU H 4567 -9.06 -30.84 79.32
N PHE H 4568 -8.33 -31.90 78.97
CA PHE H 4568 -8.74 -33.25 79.38
C PHE H 4568 -8.72 -33.39 80.89
N LEU H 4569 -7.70 -32.86 81.55
CA LEU H 4569 -7.61 -32.95 83.00
C LEU H 4569 -8.74 -32.15 83.66
N ALA H 4570 -9.14 -31.03 83.05
CA ALA H 4570 -10.23 -30.24 83.59
C ALA H 4570 -11.53 -31.03 83.63
N PHE H 4571 -11.83 -31.76 82.56
CA PHE H 4571 -13.03 -32.59 82.54
C PHE H 4571 -12.93 -33.71 83.56
N ALA H 4572 -11.75 -34.31 83.69
CA ALA H 4572 -11.57 -35.38 84.68
C ALA H 4572 -11.79 -34.88 86.10
N ILE H 4573 -11.28 -33.68 86.41
CA ILE H 4573 -11.49 -33.12 87.73
C ILE H 4573 -12.96 -32.82 87.95
N ASN H 4574 -13.62 -32.21 86.97
CA ASN H 4574 -15.01 -31.84 87.11
C ASN H 4574 -15.93 -33.06 87.15
N PHE H 4575 -15.53 -34.15 86.49
CA PHE H 4575 -16.29 -35.40 86.61
C PHE H 4575 -16.28 -35.91 88.04
N ILE H 4576 -15.13 -35.80 88.71
CA ILE H 4576 -15.04 -36.20 90.12
C ILE H 4576 -15.87 -35.27 90.99
N LEU H 4577 -15.89 -33.98 90.65
CA LEU H 4577 -16.62 -33.01 91.46
C LEU H 4577 -18.13 -33.24 91.43
N LEU H 4578 -18.63 -33.99 90.45
CA LEU H 4578 -20.05 -34.32 90.42
C LEU H 4578 -20.45 -35.22 91.58
N PHE H 4579 -19.50 -35.87 92.23
CA PHE H 4579 -19.76 -36.76 93.34
C PHE H 4579 -19.68 -36.07 94.70
N TYR H 4580 -19.48 -34.75 94.72
CA TYR H 4580 -19.44 -34.02 95.97
C TYR H 4580 -20.81 -34.05 96.65
N LYS H 4581 -20.78 -34.08 97.98
CA LYS H 4581 -22.00 -34.16 98.77
C LYS H 4581 -21.81 -33.35 100.04
N VAL H 4582 -22.79 -32.52 100.36
CA VAL H 4582 -22.74 -31.70 101.57
C VAL H 4582 -23.59 -32.37 102.65
N SER H 4583 -23.03 -32.46 103.85
CA SER H 4583 -23.72 -33.09 104.96
C SER H 4583 -23.34 -32.40 106.26
N ASP H 4584 -24.31 -32.29 107.17
CA ASP H 4584 -24.04 -31.69 108.47
C ASP H 4584 -23.08 -32.57 109.28
N SER H 4585 -23.24 -33.88 109.21
CA SER H 4585 -22.34 -34.77 109.92
C SER H 4585 -20.96 -34.76 109.26
N PRO H 4586 -19.88 -34.75 110.04
CA PRO H 4586 -18.55 -34.82 109.45
C PRO H 4586 -18.34 -36.14 108.71
N PRO H 4587 -17.57 -36.14 107.63
CA PRO H 4587 -17.30 -37.34 106.84
C PRO H 4587 -16.44 -38.36 107.60
N ASN H 4626 -22.98 -25.12 113.79
CA ASN H 4626 -23.97 -25.62 112.84
C ASN H 4626 -23.49 -25.47 111.40
N MET H 4627 -22.21 -25.77 111.17
CA MET H 4627 -21.60 -25.66 109.86
C MET H 4627 -21.61 -27.03 109.17
N VAL H 4628 -21.70 -27.01 107.85
CA VAL H 4628 -21.80 -28.23 107.05
C VAL H 4628 -20.43 -28.59 106.51
N TYR H 4629 -20.34 -29.82 106.01
CA TYR H 4629 -19.06 -30.34 105.48
C TYR H 4629 -19.26 -30.81 104.04
N TYR H 4630 -18.33 -30.50 103.16
CA TYR H 4630 -18.42 -30.90 101.74
C TYR H 4630 -17.43 -32.03 101.52
N PHE H 4631 -17.89 -33.18 101.04
CA PHE H 4631 -17.01 -34.36 100.88
C PHE H 4631 -17.40 -35.19 99.68
N LEU H 4632 -16.47 -35.92 99.08
CA LEU H 4632 -16.87 -36.83 98.01
C LEU H 4632 -17.66 -38.00 98.57
N GLU H 4633 -18.65 -38.45 97.80
CA GLU H 4633 -19.50 -39.56 98.17
C GLU H 4633 -19.32 -40.65 97.11
N GLU H 4634 -18.42 -41.59 97.38
CA GLU H 4634 -18.17 -42.69 96.47
C GLU H 4634 -17.72 -43.91 97.28
N SER H 4635 -17.94 -45.09 96.69
CA SER H 4635 -17.62 -46.34 97.37
C SER H 4635 -16.27 -46.93 96.95
N THR H 4636 -15.72 -46.51 95.81
CA THR H 4636 -14.46 -47.05 95.35
C THR H 4636 -13.33 -46.68 96.31
N GLY H 4637 -13.31 -45.44 96.79
CA GLY H 4637 -12.27 -44.97 97.67
C GLY H 4637 -11.03 -44.46 96.97
N TYR H 4638 -10.96 -44.56 95.65
CA TYR H 4638 -9.82 -44.06 94.90
C TYR H 4638 -10.02 -42.68 94.32
N MET H 4639 -11.27 -42.19 94.27
CA MET H 4639 -11.55 -40.89 93.69
C MET H 4639 -10.95 -39.75 94.51
N GLU H 4640 -11.02 -39.84 95.84
CA GLU H 4640 -10.46 -38.79 96.68
C GLU H 4640 -8.95 -38.62 96.47
N PRO H 4641 -8.13 -39.67 96.49
CA PRO H 4641 -6.72 -39.49 96.12
C PRO H 4641 -6.54 -39.06 94.68
N ALA H 4642 -7.40 -39.52 93.77
CA ALA H 4642 -7.25 -39.17 92.37
C ALA H 4642 -7.48 -37.68 92.14
N LEU H 4643 -8.44 -37.09 92.85
CA LEU H 4643 -8.71 -35.66 92.71
C LEU H 4643 -7.49 -34.84 93.11
N TRP H 4644 -6.82 -35.23 94.20
CA TRP H 4644 -5.62 -34.51 94.62
C TRP H 4644 -4.51 -34.66 93.59
N CYS H 4645 -4.32 -35.87 93.05
CA CYS H 4645 -3.29 -36.07 92.04
C CYS H 4645 -3.58 -35.29 90.77
N LEU H 4646 -4.84 -35.31 90.32
CA LEU H 4646 -5.20 -34.58 89.09
C LEU H 4646 -5.08 -33.07 89.29
N SER H 4647 -5.45 -32.57 90.48
CA SER H 4647 -5.36 -31.14 90.74
C SER H 4647 -3.91 -30.67 90.66
N LEU H 4648 -2.98 -31.43 91.25
CA LEU H 4648 -1.57 -31.06 91.16
C LEU H 4648 -1.06 -31.20 89.73
N LEU H 4649 -1.47 -32.27 89.03
CA LEU H 4649 -1.02 -32.46 87.66
C LEU H 4649 -1.56 -31.36 86.75
N HIS H 4650 -2.82 -30.96 86.94
CA HIS H 4650 -3.39 -29.88 86.13
C HIS H 4650 -2.65 -28.58 86.36
N THR H 4651 -2.28 -28.29 87.61
CA THR H 4651 -1.51 -27.08 87.89
C THR H 4651 -0.16 -27.11 87.20
N LEU H 4652 0.50 -28.27 87.19
CA LEU H 4652 1.79 -28.40 86.52
C LEU H 4652 1.64 -28.18 85.01
N VAL H 4653 0.62 -28.77 84.40
CA VAL H 4653 0.44 -28.64 82.96
C VAL H 4653 0.15 -27.20 82.58
N ALA H 4654 -0.68 -26.51 83.37
CA ALA H 4654 -0.98 -25.11 83.09
C ALA H 4654 0.28 -24.25 83.15
N PHE H 4655 1.15 -24.53 84.13
CA PHE H 4655 2.40 -23.79 84.24
C PHE H 4655 3.30 -24.06 83.04
N LEU H 4656 3.34 -25.29 82.57
CA LEU H 4656 4.16 -25.63 81.40
C LEU H 4656 3.62 -24.97 80.14
N CYS H 4657 2.30 -24.72 80.06
CA CYS H 4657 1.74 -24.05 78.90
C CYS H 4657 2.26 -22.62 78.78
N ILE H 4658 2.40 -21.92 79.90
CA ILE H 4658 2.93 -20.56 79.89
C ILE H 4658 4.37 -20.57 79.39
N ILE H 4659 5.18 -21.51 79.88
CA ILE H 4659 6.54 -21.64 79.40
C ILE H 4659 6.55 -22.05 77.94
N GLY H 4660 5.67 -22.97 77.55
CA GLY H 4660 5.58 -23.35 76.16
C GLY H 4660 5.14 -22.19 75.27
N TYR H 4661 4.26 -21.34 75.79
CA TYR H 4661 3.78 -20.21 75.00
C TYR H 4661 4.87 -19.17 74.80
N ASN H 4662 5.56 -18.80 75.87
CA ASN H 4662 6.54 -17.72 75.77
C ASN H 4662 7.80 -18.13 75.02
N CYS H 4663 7.98 -19.42 74.75
CA CYS H 4663 9.09 -19.89 73.93
C CYS H 4663 8.67 -20.21 72.50
N LEU H 4664 7.38 -20.16 72.19
CA LEU H 4664 6.89 -20.48 70.85
C LEU H 4664 6.18 -19.32 70.20
N LYS H 4665 5.26 -18.66 70.90
CA LYS H 4665 4.46 -17.58 70.32
C LYS H 4665 4.94 -16.19 70.68
N VAL H 4666 5.51 -16.01 71.87
CA VAL H 4666 5.99 -14.68 72.26
C VAL H 4666 7.04 -14.13 71.31
N PRO H 4667 8.04 -14.91 70.84
CA PRO H 4667 9.02 -14.33 69.91
C PRO H 4667 8.41 -13.71 68.67
N LEU H 4668 7.32 -14.28 68.15
CA LEU H 4668 6.64 -13.66 67.02
C LEU H 4668 6.02 -12.32 67.42
N VAL H 4669 5.44 -12.25 68.62
CA VAL H 4669 4.82 -11.02 69.09
C VAL H 4669 5.86 -9.91 69.19
N ILE H 4670 7.02 -10.24 69.77
CA ILE H 4670 8.10 -9.25 69.88
C ILE H 4670 8.64 -8.90 68.50
N PHE H 4671 8.75 -9.90 67.62
CA PHE H 4671 9.25 -9.65 66.28
C PHE H 4671 8.35 -8.69 65.52
N LYS H 4672 7.04 -8.90 65.59
CA LYS H 4672 6.11 -8.05 64.87
C LYS H 4672 6.14 -6.62 65.42
N ARG H 4673 6.18 -6.47 66.74
CA ARG H 4673 6.17 -5.14 67.34
C ARG H 4673 7.47 -4.40 67.04
N GLU H 4674 8.61 -5.09 67.11
CA GLU H 4674 9.87 -4.46 66.75
C GLU H 4674 9.90 -4.09 65.27
N LYS H 4675 9.30 -4.94 64.42
CA LYS H 4675 9.28 -4.67 62.99
C LYS H 4675 8.53 -3.38 62.67
N GLU H 4676 7.31 -3.25 63.20
CA GLU H 4676 6.51 -2.07 62.89
C GLU H 4676 7.10 -0.82 63.52
N LEU H 4677 7.69 -0.95 64.71
CA LEU H 4677 8.30 0.21 65.37
C LEU H 4677 9.50 0.72 64.57
N ALA H 4678 10.32 -0.19 64.05
CA ALA H 4678 11.50 0.21 63.31
C ALA H 4678 11.12 0.97 62.04
N ARG H 4679 10.09 0.52 61.33
CA ARG H 4679 9.69 1.18 60.10
C ARG H 4679 9.10 2.55 60.37
N LYS H 4680 8.36 2.70 61.46
CA LYS H 4680 7.81 4.01 61.81
C LYS H 4680 8.91 4.98 62.22
N LEU H 4681 9.98 4.46 62.83
CA LEU H 4681 11.12 5.32 63.16
C LEU H 4681 11.78 5.84 61.89
N GLU H 4682 11.92 4.99 60.88
CA GLU H 4682 12.65 5.38 59.68
C GLU H 4682 11.74 6.04 58.66
N PHE H 4683 10.70 5.34 58.23
CA PHE H 4683 9.84 5.82 57.16
C PHE H 4683 8.78 6.81 57.62
N ASP H 4684 8.65 7.05 58.93
CA ASP H 4684 7.69 8.01 59.45
C ASP H 4684 8.26 8.97 60.48
N GLY H 4685 9.35 8.63 61.15
CA GLY H 4685 9.88 9.48 62.20
C GLY H 4685 8.90 9.64 63.35
N LEU H 4686 8.41 8.52 63.88
CA LEU H 4686 7.36 8.56 64.87
C LEU H 4686 7.78 9.34 66.11
N TYR H 4687 8.99 9.09 66.60
CA TYR H 4687 9.51 9.79 67.77
C TYR H 4687 10.48 10.89 67.39
N ILE H 4688 10.60 11.20 66.11
CA ILE H 4688 11.43 12.29 65.64
C ILE H 4688 10.59 13.51 65.25
N THR H 4689 9.47 13.28 64.58
CA THR H 4689 8.64 14.36 64.06
C THR H 4689 7.28 14.45 64.73
N GLU H 4690 6.47 13.39 64.67
CA GLU H 4690 5.08 13.50 65.09
C GLU H 4690 4.89 13.43 66.60
N GLN H 4691 5.62 12.55 67.30
CA GLN H 4691 5.54 12.47 68.75
C GLN H 4691 4.11 12.17 69.21
N PRO H 4692 3.63 10.91 69.07
CA PRO H 4692 2.23 10.58 69.36
C PRO H 4692 1.62 11.29 70.57
N GLY H 4693 0.36 11.70 70.43
CA GLY H 4693 -0.27 12.58 71.39
C GLY H 4693 -0.84 11.93 72.64
N ASP H 4694 -0.10 10.98 73.22
CA ASP H 4694 -0.36 10.47 74.56
C ASP H 4694 -1.65 9.65 74.64
N ASP H 4695 -2.39 9.55 73.52
CA ASP H 4695 -3.59 8.73 73.47
C ASP H 4695 -3.32 7.34 72.92
N ASP H 4696 -2.10 7.05 72.51
CA ASP H 4696 -1.71 5.73 72.01
C ASP H 4696 -0.78 5.11 73.05
N VAL H 4697 -1.33 4.22 73.87
CA VAL H 4697 -0.54 3.55 74.89
C VAL H 4697 0.55 2.69 74.25
N LYS H 4698 0.26 2.10 73.09
CA LYS H 4698 1.25 1.30 72.38
C LYS H 4698 2.44 2.17 71.97
N GLY H 4699 2.16 3.36 71.44
CA GLY H 4699 3.24 4.26 71.04
C GLY H 4699 4.01 4.79 72.23
N GLN H 4700 3.31 5.12 73.33
CA GLN H 4700 3.99 5.67 74.49
C GLN H 4700 4.84 4.61 75.20
N TRP H 4701 4.43 3.34 75.13
CA TRP H 4701 5.20 2.30 75.80
C TRP H 4701 6.48 1.96 75.05
N ASP H 4702 6.51 2.19 73.74
CA ASP H 4702 7.68 1.84 72.93
C ASP H 4702 8.84 2.81 73.14
N ARG H 4703 8.64 3.92 73.84
CA ARG H 4703 9.73 4.85 74.09
C ARG H 4703 10.81 4.24 74.97
N LEU H 4704 10.48 3.22 75.76
CA LEU H 4704 11.46 2.62 76.67
C LEU H 4704 12.51 1.81 75.90
N VAL H 4705 12.19 1.37 74.69
CA VAL H 4705 13.09 0.48 73.95
C VAL H 4705 13.94 1.20 72.93
N LEU H 4706 13.70 2.50 72.71
CA LEU H 4706 14.43 3.22 71.67
C LEU H 4706 15.92 3.28 71.96
N ASN H 4707 16.29 3.55 73.21
CA ASN H 4707 17.69 3.72 73.59
C ASN H 4707 18.30 2.44 74.15
N THR H 4708 17.56 1.34 74.15
CA THR H 4708 18.09 0.08 74.66
C THR H 4708 19.16 -0.45 73.72
N PRO H 4709 20.27 -0.98 74.26
CA PRO H 4709 21.32 -1.52 73.39
C PRO H 4709 20.88 -2.70 72.55
N SER H 4710 19.82 -3.41 72.95
CA SER H 4710 19.37 -4.60 72.24
C SER H 4710 17.95 -4.41 71.72
N PHE H 4711 17.65 -3.25 71.12
CA PHE H 4711 16.30 -3.02 70.62
C PHE H 4711 15.90 -3.99 69.52
N PRO H 4712 16.71 -4.20 68.47
CA PRO H 4712 16.27 -5.18 67.45
C PRO H 4712 16.73 -6.59 67.80
N SER H 4713 16.20 -7.12 68.90
CA SER H 4713 16.59 -8.46 69.34
C SER H 4713 16.01 -9.54 68.45
N ASN H 4714 14.73 -9.43 68.09
CA ASN H 4714 14.08 -10.41 67.23
C ASN H 4714 13.99 -9.96 65.78
N TYR H 4715 13.87 -8.66 65.54
CA TYR H 4715 13.83 -8.16 64.17
C TYR H 4715 15.17 -8.38 63.49
N TRP H 4716 15.12 -8.78 62.22
CA TRP H 4716 16.34 -9.17 61.52
C TRP H 4716 17.26 -7.99 61.25
N ASP H 4717 16.71 -6.81 61.02
CA ASP H 4717 17.51 -5.62 60.70
C ASP H 4717 18.16 -5.13 61.97
N LYS H 4718 19.45 -5.40 62.12
CA LYS H 4718 20.22 -4.96 63.28
C LYS H 4718 20.82 -3.59 63.11
N PHE H 4719 20.66 -2.96 61.94
CA PHE H 4719 21.24 -1.66 61.65
C PHE H 4719 20.16 -0.61 61.45
N VAL H 4720 19.01 -0.78 62.11
CA VAL H 4720 17.92 0.18 61.97
C VAL H 4720 18.34 1.53 62.53
N LYS H 4721 19.02 1.54 63.68
CA LYS H 4721 19.45 2.79 64.30
C LYS H 4721 20.42 3.54 63.37
N ARG H 4722 21.32 2.80 62.73
CA ARG H 4722 22.25 3.39 61.78
C ARG H 4722 21.52 4.04 60.62
N LYS H 4723 20.49 3.35 60.11
CA LYS H 4723 19.71 3.87 58.99
C LYS H 4723 18.90 5.09 59.40
N VAL H 4724 18.31 5.08 60.60
CA VAL H 4724 17.52 6.22 61.06
C VAL H 4724 18.41 7.44 61.25
N LEU H 4725 19.62 7.23 61.78
CA LEU H 4725 20.54 8.34 61.98
C LEU H 4725 20.92 9.00 60.67
N ASP H 4726 21.16 8.20 59.63
CA ASP H 4726 21.55 8.77 58.34
C ASP H 4726 20.38 9.47 57.66
N LYS H 4727 19.14 9.10 57.98
CA LYS H 4727 17.98 9.67 57.33
C LYS H 4727 17.48 10.94 58.01
N HIS H 4728 17.50 10.99 59.34
CA HIS H 4728 16.97 12.13 60.08
C HIS H 4728 18.03 12.91 60.84
N GLY H 4729 19.30 12.52 60.75
CA GLY H 4729 20.33 13.21 61.51
C GLY H 4729 20.54 14.64 61.04
N ASP H 4730 20.49 14.88 59.72
CA ASP H 4730 20.76 16.20 59.20
C ASP H 4730 19.66 17.20 59.54
N ILE H 4731 18.40 16.74 59.58
CA ILE H 4731 17.27 17.64 59.81
C ILE H 4731 16.90 17.73 61.29
N PHE H 4732 17.27 16.75 62.11
CA PHE H 4732 16.90 16.74 63.52
C PHE H 4732 18.09 16.81 64.46
N GLY H 4733 19.31 16.65 63.98
CA GLY H 4733 20.47 16.68 64.83
C GLY H 4733 21.04 15.31 65.10
N ARG H 4734 22.28 15.07 64.66
CA ARG H 4734 22.89 13.76 64.84
C ARG H 4734 23.06 13.42 66.31
N GLU H 4735 23.52 14.39 67.13
CA GLU H 4735 23.70 14.13 68.55
C GLU H 4735 22.37 13.91 69.25
N ARG H 4736 21.30 14.57 68.81
CA ARG H 4736 19.99 14.36 69.42
C ARG H 4736 19.41 13.02 69.01
N ILE H 4737 19.62 12.61 67.76
CA ILE H 4737 19.17 11.30 67.32
C ILE H 4737 19.91 10.20 68.07
N ALA H 4738 21.23 10.37 68.23
CA ALA H 4738 22.01 9.38 68.96
C ALA H 4738 21.56 9.26 70.41
N GLU H 4739 21.25 10.40 71.04
CA GLU H 4739 20.72 10.36 72.40
C GLU H 4739 19.38 9.66 72.45
N LEU H 4740 18.51 9.92 71.47
CA LEU H 4740 17.21 9.28 71.44
C LEU H 4740 17.33 7.77 71.27
N LEU H 4741 18.23 7.33 70.39
CA LEU H 4741 18.41 5.91 70.11
C LEU H 4741 19.51 5.26 70.94
N GLY H 4742 20.13 6.01 71.85
CA GLY H 4742 21.18 5.44 72.67
C GLY H 4742 22.39 4.98 71.89
N MET H 4743 22.82 5.78 70.91
CA MET H 4743 23.93 5.42 70.05
C MET H 4743 25.17 6.20 70.44
N ASP H 4744 26.32 5.53 70.42
CA ASP H 4744 27.61 6.18 70.66
C ASP H 4744 28.19 6.55 69.31
N LEU H 4745 28.22 7.86 69.01
CA LEU H 4745 28.73 8.31 67.73
C LEU H 4745 30.22 8.01 67.58
N ALA H 4746 30.99 8.11 68.66
CA ALA H 4746 32.41 7.81 68.60
C ALA H 4746 32.67 6.32 68.36
N SER H 4747 31.70 5.45 68.65
CA SER H 4747 31.85 4.02 68.45
C SER H 4747 31.49 3.58 67.03
N LEU H 4748 30.90 4.46 66.23
CA LEU H 4748 30.53 4.09 64.87
C LEU H 4748 31.77 3.82 64.02
N GLU H 4749 32.80 4.67 64.16
CA GLU H 4749 33.97 4.55 63.30
C GLU H 4749 34.83 3.34 63.71
N ILE H 4750 35.03 3.14 65.01
CA ILE H 4750 35.94 2.10 65.47
C ILE H 4750 35.43 0.72 65.07
N THR H 4751 34.10 0.53 65.10
CA THR H 4751 33.53 -0.73 64.64
C THR H 4751 33.78 -0.92 63.15
N ALA H 4752 33.69 0.15 62.36
CA ALA H 4752 33.96 0.07 60.93
C ALA H 4752 35.44 -0.05 60.64
N HIS H 4753 36.30 0.35 61.58
CA HIS H 4753 37.75 0.26 61.35
C HIS H 4753 38.22 -1.19 61.47
N ASN H 4754 37.97 -1.82 62.61
CA ASN H 4754 38.36 -3.21 62.83
C ASN H 4754 37.34 -3.84 63.77
N GLU H 4755 37.61 -5.07 64.19
CA GLU H 4755 36.71 -5.81 65.07
C GLU H 4755 37.44 -6.24 66.32
N ARG H 4756 36.76 -6.14 67.46
CA ARG H 4756 37.32 -6.52 68.74
C ARG H 4756 36.80 -7.89 69.17
N LYS H 4757 37.68 -8.71 69.74
CA LYS H 4757 37.32 -10.01 70.26
C LYS H 4757 37.58 -10.04 71.76
N PRO H 4758 36.58 -9.71 72.59
CA PRO H 4758 36.79 -9.73 74.04
C PRO H 4758 36.68 -11.12 74.63
N ASP H 4759 36.78 -11.22 75.95
CA ASP H 4759 36.62 -12.49 76.65
C ASP H 4759 35.17 -12.62 77.09
N PRO H 4760 34.42 -13.59 76.58
CA PRO H 4760 33.07 -13.86 77.08
C PRO H 4760 33.07 -14.89 78.20
N PRO H 4761 33.32 -14.48 79.44
CA PRO H 4761 33.44 -15.47 80.52
C PRO H 4761 32.11 -16.15 80.79
N PRO H 4762 32.07 -17.48 80.76
CA PRO H 4762 30.83 -18.24 80.97
C PRO H 4762 30.42 -18.35 82.44
N GLY H 4763 30.40 -17.22 83.14
CA GLY H 4763 30.02 -17.17 84.53
C GLY H 4763 28.64 -16.55 84.71
N LEU H 4764 27.90 -17.07 85.70
CA LEU H 4764 26.57 -16.53 85.97
C LEU H 4764 26.63 -15.12 86.54
N LEU H 4765 27.68 -14.81 87.32
CA LEU H 4765 27.82 -13.46 87.85
C LEU H 4765 27.97 -12.43 86.73
N THR H 4766 28.79 -12.74 85.73
CA THR H 4766 28.94 -11.86 84.58
C THR H 4766 27.64 -11.76 83.78
N TRP H 4767 26.83 -12.81 83.80
CA TRP H 4767 25.54 -12.80 83.12
C TRP H 4767 24.52 -11.89 83.81
N LEU H 4768 24.75 -11.52 85.07
CA LEU H 4768 23.77 -10.72 85.80
C LEU H 4768 23.68 -9.31 85.25
N MET H 4769 24.82 -8.64 85.09
CA MET H 4769 24.84 -7.26 84.63
C MET H 4769 24.83 -7.14 83.12
N SER H 4770 24.84 -8.26 82.40
CA SER H 4770 24.72 -8.26 80.95
C SER H 4770 23.27 -8.22 80.50
N ILE H 4771 22.32 -8.22 81.43
CA ILE H 4771 20.90 -8.19 81.11
C ILE H 4771 20.46 -6.75 80.92
N ASP H 4772 19.84 -6.47 79.78
CA ASP H 4772 19.31 -5.14 79.48
C ASP H 4772 17.99 -5.01 80.24
N VAL H 4773 18.05 -4.41 81.43
CA VAL H 4773 16.89 -4.36 82.31
C VAL H 4773 15.77 -3.55 81.66
N LYS H 4774 16.10 -2.43 81.02
CA LYS H 4774 15.07 -1.60 80.42
C LYS H 4774 14.37 -2.33 79.28
N TYR H 4775 15.11 -3.11 78.48
CA TYR H 4775 14.50 -3.89 77.43
C TYR H 4775 13.58 -4.96 78.00
N GLN H 4776 14.00 -5.62 79.07
CA GLN H 4776 13.18 -6.66 79.68
C GLN H 4776 11.87 -6.10 80.22
N ILE H 4777 11.92 -4.90 80.81
CA ILE H 4777 10.70 -4.25 81.28
C ILE H 4777 9.77 -3.97 80.11
N TRP H 4778 10.32 -3.46 79.00
CA TRP H 4778 9.50 -3.22 77.82
C TRP H 4778 8.94 -4.51 77.26
N LYS H 4779 9.76 -5.56 77.19
CA LYS H 4779 9.30 -6.82 76.63
C LYS H 4779 8.20 -7.44 77.48
N PHE H 4780 8.34 -7.40 78.80
CA PHE H 4780 7.32 -7.97 79.67
C PHE H 4780 6.01 -7.20 79.58
N GLY H 4781 6.07 -5.88 79.39
CA GLY H 4781 4.86 -5.12 79.21
C GLY H 4781 4.10 -5.53 77.97
N VAL H 4782 4.82 -5.85 76.89
CA VAL H 4782 4.19 -6.34 75.67
C VAL H 4782 3.53 -7.70 75.92
N ILE H 4783 4.23 -8.58 76.62
CA ILE H 4783 3.70 -9.91 76.90
C ILE H 4783 2.46 -9.81 77.77
N PHE H 4784 2.51 -8.98 78.81
CA PHE H 4784 1.38 -8.82 79.72
C PHE H 4784 0.17 -8.17 79.06
N THR H 4785 0.34 -7.54 77.90
CA THR H 4785 -0.77 -6.97 77.15
C THR H 4785 -1.24 -7.87 76.02
N ASP H 4786 -0.71 -9.08 75.93
CA ASP H 4786 -1.11 -10.03 74.91
C ASP H 4786 -2.33 -10.81 75.40
N ASN H 4787 -3.36 -10.87 74.55
CA ASN H 4787 -4.60 -11.54 74.94
C ASN H 4787 -4.38 -13.02 75.20
N SER H 4788 -3.61 -13.68 74.34
CA SER H 4788 -3.37 -15.11 74.52
C SER H 4788 -2.58 -15.39 75.79
N PHE H 4789 -1.64 -14.53 76.15
CA PHE H 4789 -0.82 -14.80 77.35
C PHE H 4789 -1.67 -14.57 78.57
N LEU H 4790 -2.50 -13.53 78.56
CA LEU H 4790 -3.35 -13.21 79.71
C LEU H 4790 -4.34 -14.35 79.94
N TYR H 4791 -4.86 -14.95 78.88
CA TYR H 4791 -5.76 -16.12 79.04
C TYR H 4791 -5.02 -17.25 79.72
N LEU H 4792 -3.81 -17.53 79.29
CA LEU H 4792 -3.02 -18.63 79.88
C LEU H 4792 -2.71 -18.30 81.33
N GLY H 4793 -2.42 -17.04 81.63
CA GLY H 4793 -2.17 -16.61 83.01
C GLY H 4793 -3.39 -16.76 83.88
N TRP H 4794 -4.56 -16.43 83.36
CA TRP H 4794 -5.82 -16.63 84.11
C TRP H 4794 -6.01 -18.11 84.37
N TYR H 4795 -5.73 -18.96 83.38
CA TYR H 4795 -5.93 -20.42 83.54
C TYR H 4795 -5.05 -20.89 84.68
N MET H 4796 -3.82 -20.41 84.74
CA MET H 4796 -2.88 -20.82 85.81
C MET H 4796 -3.35 -20.31 87.18
N VAL H 4797 -3.81 -19.07 87.24
CA VAL H 4797 -4.25 -18.49 88.54
C VAL H 4797 -5.44 -19.30 89.03
N MET H 4798 -6.35 -19.63 88.14
CA MET H 4798 -7.55 -20.40 88.53
C MET H 4798 -7.14 -21.78 89.01
N SER H 4799 -6.12 -22.37 88.39
CA SER H 4799 -5.62 -23.70 88.81
C SER H 4799 -5.09 -23.63 90.23
N LEU H 4800 -4.38 -22.57 90.56
CA LEU H 4800 -3.86 -22.38 91.94
C LEU H 4800 -5.02 -22.16 92.91
N LEU H 4801 -6.02 -21.39 92.52
CA LEU H 4801 -7.20 -21.15 93.38
C LEU H 4801 -7.92 -22.47 93.56
N GLY H 4802 -7.77 -23.37 92.61
CA GLY H 4802 -8.37 -24.70 92.68
C GLY H 4802 -7.86 -25.44 93.88
N HIS H 4803 -6.61 -25.21 94.24
CA HIS H 4803 -6.06 -25.81 95.48
C HIS H 4803 -6.77 -25.27 96.71
N TYR H 4804 -7.14 -23.99 96.74
CA TYR H 4804 -7.93 -23.47 97.89
C TYR H 4804 -9.31 -24.13 97.89
N ASN H 4805 -10.12 -23.98 96.83
CA ASN H 4805 -11.39 -24.74 96.73
C ASN H 4805 -11.38 -25.45 95.37
N ASN H 4806 -11.62 -26.75 95.35
CA ASN H 4806 -11.51 -27.52 94.09
C ASN H 4806 -12.53 -27.04 93.08
N PHE H 4807 -13.62 -26.44 93.53
CA PHE H 4807 -14.73 -26.03 92.63
C PHE H 4807 -14.26 -24.98 91.64
N PHE H 4808 -13.16 -24.30 91.93
CA PHE H 4808 -12.61 -23.28 91.00
C PHE H 4808 -12.13 -23.97 89.72
N PHE H 4809 -11.83 -25.26 89.80
CA PHE H 4809 -11.41 -26.00 88.60
C PHE H 4809 -12.54 -26.04 87.57
N ALA H 4810 -13.74 -25.61 87.94
CA ALA H 4810 -14.87 -25.55 87.01
C ALA H 4810 -14.60 -24.51 85.93
N ALA H 4811 -13.96 -23.41 86.28
CA ALA H 4811 -13.74 -22.31 85.34
C ALA H 4811 -12.98 -22.82 84.12
N HIS H 4812 -12.10 -23.79 84.32
CA HIS H 4812 -11.25 -24.31 83.22
C HIS H 4812 -12.10 -24.95 82.13
N LEU H 4813 -13.32 -25.38 82.44
CA LEU H 4813 -14.17 -26.08 81.44
C LEU H 4813 -14.61 -25.06 80.40
N LEU H 4814 -14.46 -23.77 80.69
CA LEU H 4814 -14.79 -22.73 79.70
C LEU H 4814 -13.82 -22.84 78.52
N ASP H 4815 -12.58 -23.23 78.75
CA ASP H 4815 -11.57 -23.40 77.68
C ASP H 4815 -12.13 -24.05 76.42
N ILE H 4816 -13.16 -24.87 76.49
CA ILE H 4816 -13.73 -25.41 75.28
C ILE H 4816 -14.17 -24.33 74.31
N ALA H 4817 -14.26 -23.08 74.76
CA ALA H 4817 -14.60 -21.99 73.86
C ALA H 4817 -13.54 -21.82 72.77
N MET H 4818 -12.27 -21.91 73.14
CA MET H 4818 -11.18 -21.85 72.18
C MET H 4818 -10.47 -23.18 71.99
N GLY H 4819 -10.73 -24.16 72.86
CA GLY H 4819 -10.16 -25.48 72.64
C GLY H 4819 -10.72 -26.15 71.39
N VAL H 4820 -12.00 -25.96 71.13
CA VAL H 4820 -12.67 -26.50 69.96
C VAL H 4820 -13.03 -25.35 69.04
N LYS H 4821 -12.57 -25.42 67.79
CA LYS H 4821 -12.84 -24.33 66.84
C LYS H 4821 -14.31 -24.25 66.45
N THR H 4822 -15.04 -25.37 66.54
CA THR H 4822 -16.46 -25.33 66.21
C THR H 4822 -17.24 -24.46 67.18
N LEU H 4823 -16.94 -24.57 68.48
CA LEU H 4823 -17.61 -23.73 69.46
C LEU H 4823 -17.22 -22.26 69.29
N ARG H 4824 -15.95 -22.01 68.94
CA ARG H 4824 -15.50 -20.64 68.77
C ARG H 4824 -16.25 -19.95 67.62
N THR H 4825 -16.50 -20.68 66.54
CA THR H 4825 -17.32 -20.12 65.46
C THR H 4825 -18.75 -19.86 65.93
N ILE H 4826 -19.31 -20.77 66.72
CA ILE H 4826 -20.65 -20.57 67.25
C ILE H 4826 -20.67 -19.38 68.20
N LEU H 4827 -19.68 -19.28 69.08
CA LEU H 4827 -19.63 -18.15 70.01
C LEU H 4827 -19.33 -16.84 69.28
N SER H 4828 -18.66 -16.92 68.13
CA SER H 4828 -18.44 -15.71 67.34
C SER H 4828 -19.74 -15.14 66.82
N SER H 4829 -20.76 -15.99 66.62
CA SER H 4829 -22.07 -15.52 66.21
C SER H 4829 -22.77 -14.75 67.33
N VAL H 4830 -22.29 -14.81 68.56
CA VAL H 4830 -22.82 -14.02 69.66
C VAL H 4830 -22.02 -12.75 69.87
N THR H 4831 -20.69 -12.83 69.77
CA THR H 4831 -19.83 -11.67 69.94
C THR H 4831 -19.76 -10.78 68.71
N HIS H 4832 -20.25 -11.25 67.56
CA HIS H 4832 -20.21 -10.42 66.35
C HIS H 4832 -21.07 -9.18 66.52
N ASN H 4833 -22.26 -9.33 67.09
CA ASN H 4833 -23.15 -8.23 67.40
C ASN H 4833 -23.25 -8.01 68.91
N GLY H 4834 -22.13 -8.20 69.61
CA GLY H 4834 -22.13 -8.06 71.05
C GLY H 4834 -22.50 -6.67 71.52
N LYS H 4835 -21.98 -5.65 70.82
CA LYS H 4835 -22.31 -4.28 71.18
C LYS H 4835 -23.79 -4.00 71.01
N GLN H 4836 -24.39 -4.51 69.93
CA GLN H 4836 -25.83 -4.37 69.76
C GLN H 4836 -26.59 -5.14 70.83
N LEU H 4837 -26.10 -6.31 71.22
CA LEU H 4837 -26.76 -7.08 72.27
C LEU H 4837 -26.74 -6.33 73.61
N VAL H 4838 -25.64 -5.66 73.92
CA VAL H 4838 -25.58 -4.88 75.15
C VAL H 4838 -26.56 -3.72 75.09
N MET H 4839 -26.63 -3.03 73.95
CA MET H 4839 -27.49 -1.86 73.84
C MET H 4839 -28.96 -2.25 73.94
N THR H 4840 -29.36 -3.35 73.31
CA THR H 4840 -30.77 -3.74 73.36
C THR H 4840 -31.17 -4.20 74.75
N VAL H 4841 -30.24 -4.75 75.52
CA VAL H 4841 -30.52 -5.05 76.92
C VAL H 4841 -30.66 -3.76 77.71
N GLY H 4842 -29.80 -2.78 77.44
CA GLY H 4842 -29.96 -1.46 78.05
C GLY H 4842 -31.26 -0.80 77.66
N LEU H 4843 -31.66 -0.94 76.39
CA LEU H 4843 -32.96 -0.45 75.97
C LEU H 4843 -34.08 -1.18 76.67
N LEU H 4844 -33.89 -2.48 76.92
CA LEU H 4844 -34.88 -3.25 77.67
C LEU H 4844 -35.04 -2.71 79.09
N ALA H 4845 -33.93 -2.34 79.73
CA ALA H 4845 -34.01 -1.80 81.08
C ALA H 4845 -34.75 -0.47 81.09
N VAL H 4846 -34.55 0.36 80.08
CA VAL H 4846 -35.22 1.69 80.03
C VAL H 4846 -36.71 1.50 79.81
N VAL H 4847 -37.13 0.63 78.89
CA VAL H 4847 -38.58 0.45 78.61
C VAL H 4847 -39.26 -0.10 79.86
N VAL H 4848 -38.62 -1.00 80.58
CA VAL H 4848 -39.17 -1.57 81.84
C VAL H 4848 -39.28 -0.47 82.90
N TYR H 4849 -38.33 0.46 82.96
CA TYR H 4849 -38.40 1.58 83.93
C TYR H 4849 -39.61 2.43 83.66
N LEU H 4850 -39.90 2.67 82.39
CA LEU H 4850 -41.08 3.49 82.03
C LEU H 4850 -42.34 2.78 82.49
N TYR H 4851 -42.40 1.46 82.35
CA TYR H 4851 -43.55 0.67 82.85
C TYR H 4851 -43.63 0.77 84.37
N THR H 4852 -42.49 0.74 85.05
CA THR H 4852 -42.45 0.85 86.53
C THR H 4852 -42.99 2.21 86.96
N VAL H 4853 -42.63 3.29 86.27
CA VAL H 4853 -43.09 4.63 86.65
C VAL H 4853 -44.61 4.67 86.54
N VAL H 4854 -45.16 4.11 85.49
CA VAL H 4854 -46.64 4.10 85.29
C VAL H 4854 -47.26 3.28 86.41
N ALA H 4855 -46.67 2.14 86.75
CA ALA H 4855 -47.23 1.27 87.79
C ALA H 4855 -47.20 1.93 89.15
N PHE H 4856 -46.08 2.56 89.49
CA PHE H 4856 -45.95 3.18 90.83
C PHE H 4856 -46.98 4.27 90.94
N ASN H 4857 -47.10 5.05 89.87
CA ASN H 4857 -48.05 6.17 89.88
C ASN H 4857 -49.52 5.71 89.84
N PHE H 4858 -49.89 4.74 89.02
CA PHE H 4858 -51.33 4.43 88.85
C PHE H 4858 -51.81 3.02 89.22
N PHE H 4859 -50.98 1.98 89.15
CA PHE H 4859 -51.47 0.59 89.32
C PHE H 4859 -50.90 -0.14 90.53
N ARG H 4860 -50.55 0.55 91.60
CA ARG H 4860 -49.87 -0.07 92.77
C ARG H 4860 -50.71 -1.11 93.49
N LYS H 4861 -52.03 -0.96 93.55
CA LYS H 4861 -52.89 -1.87 94.34
C LYS H 4861 -52.79 -3.29 93.82
N PHE H 4862 -52.45 -3.48 92.57
CA PHE H 4862 -52.46 -4.81 91.94
C PHE H 4862 -51.15 -5.55 92.19
N TYR H 4863 -50.23 -4.99 92.97
CA TYR H 4863 -48.89 -5.59 93.16
C TYR H 4863 -48.75 -6.23 94.54
N ASN H 4864 -49.83 -6.77 95.11
CA ASN H 4864 -49.81 -7.48 96.37
C ASN H 4864 -49.52 -8.96 96.08
N LYS H 4865 -48.31 -9.39 96.39
CA LYS H 4865 -47.86 -10.75 96.10
C LYS H 4865 -47.86 -11.63 97.35
N SER H 4866 -48.82 -11.42 98.24
CA SER H 4866 -48.93 -12.20 99.47
C SER H 4866 -50.31 -12.81 99.54
N GLU H 4867 -50.38 -14.14 99.63
CA GLU H 4867 -51.65 -14.81 99.87
C GLU H 4867 -52.19 -14.53 101.27
N ASP H 4868 -51.34 -14.08 102.18
CA ASP H 4868 -51.78 -13.69 103.50
C ASP H 4868 -52.66 -12.46 103.42
N GLU H 4869 -53.55 -12.31 104.42
CA GLU H 4869 -54.53 -11.24 104.41
C GLU H 4869 -54.25 -10.11 105.38
N ASP H 4870 -53.46 -10.34 106.43
CA ASP H 4870 -53.20 -9.28 107.40
C ASP H 4870 -51.85 -8.62 107.24
N GLU H 4871 -50.89 -9.27 106.60
CA GLU H 4871 -49.60 -8.65 106.28
C GLU H 4871 -49.38 -8.69 104.77
N PRO H 4872 -49.61 -7.59 104.06
CA PRO H 4872 -49.45 -7.60 102.60
C PRO H 4872 -48.00 -7.37 102.17
N ASP H 4873 -47.60 -8.11 101.14
CA ASP H 4873 -46.26 -7.97 100.55
C ASP H 4873 -46.40 -7.12 99.28
N MET H 4874 -46.51 -5.81 99.49
CA MET H 4874 -46.65 -4.89 98.37
C MET H 4874 -45.32 -4.75 97.64
N LYS H 4875 -45.31 -5.09 96.35
CA LYS H 4875 -44.09 -5.07 95.56
C LYS H 4875 -43.85 -3.74 94.85
N CYS H 4876 -44.80 -2.81 94.90
CA CYS H 4876 -44.66 -1.55 94.17
C CYS H 4876 -44.91 -0.34 95.09
N ASP H 4877 -44.59 -0.47 96.37
CA ASP H 4877 -44.61 0.66 97.28
C ASP H 4877 -43.33 1.47 97.23
N ASP H 4878 -42.30 0.98 96.54
CA ASP H 4878 -41.06 1.71 96.33
C ASP H 4878 -40.66 1.56 94.87
N MET H 4879 -40.07 2.61 94.32
CA MET H 4879 -39.63 2.58 92.92
C MET H 4879 -38.55 1.53 92.71
N MET H 4880 -37.58 1.45 93.62
CA MET H 4880 -36.50 0.49 93.47
C MET H 4880 -37.03 -0.94 93.55
N THR H 4881 -37.92 -1.21 94.51
CA THR H 4881 -38.51 -2.53 94.62
C THR H 4881 -39.38 -2.87 93.40
N CYS H 4882 -40.19 -1.91 92.96
CA CYS H 4882 -41.07 -2.16 91.83
C CYS H 4882 -40.27 -2.36 90.54
N TYR H 4883 -39.20 -1.58 90.36
CA TYR H 4883 -38.36 -1.75 89.19
C TYR H 4883 -37.68 -3.13 89.19
N LEU H 4884 -37.22 -3.57 90.35
CA LEU H 4884 -36.65 -4.92 90.45
C LEU H 4884 -37.70 -5.98 90.14
N PHE H 4885 -38.93 -5.77 90.60
CA PHE H 4885 -40.00 -6.73 90.35
C PHE H 4885 -40.26 -6.89 88.86
N HIS H 4886 -40.34 -5.78 88.13
CA HIS H 4886 -40.57 -5.85 86.69
C HIS H 4886 -39.40 -6.51 85.97
N MET H 4887 -38.17 -6.19 86.38
CA MET H 4887 -37.00 -6.74 85.71
C MET H 4887 -36.79 -8.21 86.06
N TYR H 4888 -37.26 -8.66 87.22
CA TYR H 4888 -36.98 -10.02 87.66
C TYR H 4888 -38.07 -10.99 87.21
N VAL H 4889 -39.32 -10.72 87.56
CA VAL H 4889 -40.40 -11.66 87.26
C VAL H 4889 -41.15 -11.23 86.00
N GLY H 4890 -41.14 -9.93 85.71
CA GLY H 4890 -41.89 -9.45 84.56
C GLY H 4890 -41.28 -9.86 83.24
N VAL H 4891 -39.95 -9.74 83.11
CA VAL H 4891 -39.29 -10.08 81.87
C VAL H 4891 -39.29 -11.60 81.66
N ARG H 4892 -39.04 -12.35 82.72
CA ARG H 4892 -38.95 -13.81 82.60
C ARG H 4892 -40.31 -14.47 82.46
N ALA H 4893 -41.40 -13.77 82.75
CA ALA H 4893 -42.72 -14.37 82.61
C ALA H 4893 -43.07 -14.53 81.14
N GLY H 4894 -43.80 -15.61 80.84
CA GLY H 4894 -44.18 -15.87 79.45
C GLY H 4894 -45.14 -14.83 78.91
N GLY H 4895 -46.13 -14.44 79.71
CA GLY H 4895 -47.13 -13.49 79.27
C GLY H 4895 -46.88 -12.07 79.75
N GLY H 4896 -45.64 -11.79 80.16
CA GLY H 4896 -45.30 -10.46 80.62
C GLY H 4896 -45.68 -10.24 82.07
N ILE H 4897 -45.80 -8.97 82.46
CA ILE H 4897 -46.13 -8.58 83.86
C ILE H 4897 -47.55 -9.01 84.24
N GLY H 4898 -48.45 -9.10 83.27
CA GLY H 4898 -49.85 -9.40 83.60
C GLY H 4898 -50.00 -10.70 84.32
N ASP H 4899 -49.18 -11.66 83.96
CA ASP H 4899 -49.28 -13.01 84.58
C ASP H 4899 -49.02 -12.91 86.08
N GLU H 4900 -47.99 -12.18 86.48
CA GLU H 4900 -47.61 -12.03 87.90
C GLU H 4900 -48.56 -11.17 88.73
N ILE H 4901 -49.04 -10.05 88.20
CA ILE H 4901 -49.87 -9.09 88.99
C ILE H 4901 -51.32 -9.55 89.12
N GLU H 4902 -52.08 -8.96 90.04
CA GLU H 4902 -53.49 -9.38 90.31
C GLU H 4902 -54.39 -9.07 89.12
N ASP H 4903 -55.49 -9.79 88.99
CA ASP H 4903 -56.40 -9.62 87.83
C ASP H 4903 -56.99 -8.23 87.81
N PRO H 4904 -57.16 -7.61 86.63
CA PRO H 4904 -57.66 -6.27 86.53
C PRO H 4904 -59.17 -6.23 86.36
N ALA H 4905 -59.88 -7.32 86.62
CA ALA H 4905 -61.32 -7.37 86.29
C ALA H 4905 -62.18 -6.67 87.34
N GLY H 4906 -63.35 -6.19 86.93
CA GLY H 4906 -64.20 -5.41 87.82
C GLY H 4906 -63.49 -4.27 88.51
N ASP H 4907 -62.67 -3.52 87.79
CA ASP H 4907 -61.94 -2.38 88.34
C ASP H 4907 -62.10 -1.18 87.43
N GLU H 4908 -61.93 0.01 88.00
CA GLU H 4908 -62.07 1.27 87.23
C GLU H 4908 -60.98 1.36 86.18
N TYR H 4909 -59.79 0.86 86.46
CA TYR H 4909 -58.64 1.01 85.54
C TYR H 4909 -58.44 -0.26 84.72
N GLU H 4910 -59.47 -1.08 84.58
CA GLU H 4910 -59.28 -2.38 83.90
C GLU H 4910 -58.79 -2.17 82.48
N LEU H 4911 -59.38 -1.26 81.73
CA LEU H 4911 -58.97 -1.11 80.32
C LEU H 4911 -57.54 -0.59 80.30
N TYR H 4912 -57.21 0.31 81.20
CA TYR H 4912 -55.85 0.90 81.22
C TYR H 4912 -54.88 -0.22 81.53
N ARG H 4913 -55.27 -1.12 82.43
CA ARG H 4913 -54.34 -2.21 82.83
C ARG H 4913 -54.21 -3.22 81.69
N VAL H 4914 -55.29 -3.49 80.94
CA VAL H 4914 -55.15 -4.38 79.77
C VAL H 4914 -54.18 -3.79 78.75
N VAL H 4915 -54.22 -2.48 78.50
CA VAL H 4915 -53.24 -1.86 77.58
C VAL H 4915 -51.84 -2.00 78.17
N PHE H 4916 -51.67 -1.80 79.46
CA PHE H 4916 -50.33 -1.91 80.11
C PHE H 4916 -49.82 -3.33 79.94
N ASP H 4917 -50.66 -4.32 80.18
CA ASP H 4917 -50.25 -5.74 80.09
C ASP H 4917 -50.00 -6.20 78.67
N ILE H 4918 -50.77 -5.72 77.70
CA ILE H 4918 -50.65 -6.23 76.31
C ILE H 4918 -49.45 -5.55 75.68
N THR H 4919 -49.28 -4.27 75.94
CA THR H 4919 -48.15 -3.50 75.39
C THR H 4919 -46.84 -4.00 75.97
N PHE H 4920 -46.84 -4.46 77.21
CA PHE H 4920 -45.58 -4.91 77.85
C PHE H 4920 -45.31 -6.28 77.27
N PHE H 4921 -46.37 -7.01 76.94
CA PHE H 4921 -46.12 -8.30 76.32
C PHE H 4921 -45.54 -8.14 74.93
N PHE H 4922 -46.08 -7.23 74.15
CA PHE H 4922 -45.63 -6.98 72.76
C PHE H 4922 -44.23 -6.35 72.73
N PHE H 4923 -44.06 -5.23 73.39
CA PHE H 4923 -42.78 -4.50 73.32
C PHE H 4923 -41.64 -5.27 73.98
N VAL H 4924 -41.87 -5.88 75.13
CA VAL H 4924 -40.74 -6.53 75.85
C VAL H 4924 -40.64 -8.00 75.50
N ILE H 4925 -41.69 -8.78 75.70
CA ILE H 4925 -41.58 -10.23 75.50
C ILE H 4925 -41.45 -10.56 74.03
N VAL H 4926 -42.22 -9.89 73.17
CA VAL H 4926 -42.29 -10.26 71.76
C VAL H 4926 -41.22 -9.53 70.94
N ILE H 4927 -41.24 -8.19 70.97
CA ILE H 4927 -40.40 -7.43 70.05
C ILE H 4927 -38.94 -7.44 70.51
N LEU H 4928 -38.69 -7.04 71.76
CA LEU H 4928 -37.32 -6.89 72.24
C LEU H 4928 -36.59 -8.22 72.33
N LEU H 4929 -37.27 -9.31 72.66
CA LEU H 4929 -36.61 -10.61 72.66
C LEU H 4929 -36.39 -11.12 71.24
N ALA H 4930 -37.22 -10.70 70.28
CA ALA H 4930 -36.98 -11.03 68.89
C ALA H 4930 -35.73 -10.33 68.36
N ILE H 4931 -35.49 -9.10 68.83
CA ILE H 4931 -34.29 -8.37 68.42
C ILE H 4931 -33.04 -9.10 68.89
N ILE H 4932 -33.04 -9.57 70.15
CA ILE H 4932 -31.90 -10.30 70.67
C ILE H 4932 -31.68 -11.58 69.86
N GLN H 4933 -32.75 -12.31 69.57
CA GLN H 4933 -32.63 -13.50 68.75
C GLN H 4933 -32.34 -13.14 67.30
N GLY H 4934 -32.89 -12.03 66.81
CA GLY H 4934 -32.62 -11.62 65.43
C GLY H 4934 -31.16 -11.25 65.20
N LEU H 4935 -30.53 -10.62 66.20
CA LEU H 4935 -29.12 -10.27 66.07
C LEU H 4935 -28.25 -11.52 65.97
N ILE H 4936 -28.56 -12.55 66.76
CA ILE H 4936 -27.78 -13.79 66.71
C ILE H 4936 -27.97 -14.48 65.37
N ILE H 4937 -29.21 -14.54 64.88
CA ILE H 4937 -29.48 -15.19 63.59
C ILE H 4937 -28.81 -14.44 62.46
N ASP H 4938 -28.89 -13.11 62.48
CA ASP H 4938 -28.25 -12.32 61.44
C ASP H 4938 -26.74 -12.50 61.45
N ALA H 4939 -26.16 -12.71 62.63
CA ALA H 4939 -24.72 -12.92 62.73
C ALA H 4939 -24.29 -14.20 62.03
N PHE H 4940 -25.12 -15.25 62.12
CA PHE H 4940 -24.81 -16.50 61.43
C PHE H 4940 -24.74 -16.27 59.93
N GLY H 4941 -25.69 -15.52 59.37
CA GLY H 4941 -25.64 -15.22 57.95
C GLY H 4941 -24.47 -14.34 57.57
N GLU H 4942 -24.17 -13.34 58.40
CA GLU H 4942 -23.06 -12.44 58.09
C GLU H 4942 -21.73 -13.16 58.10
N LEU H 4943 -21.50 -14.03 59.09
CA LEU H 4943 -20.26 -14.78 59.15
C LEU H 4943 -20.18 -15.79 58.00
N ARG H 4944 -21.32 -16.39 57.63
CA ARG H 4944 -21.31 -17.40 56.57
C ARG H 4944 -20.92 -16.78 55.23
N ASP H 4945 -21.46 -15.60 54.90
CA ASP H 4945 -21.15 -15.01 53.61
C ASP H 4945 -19.71 -14.53 53.54
N GLN H 4946 -19.10 -14.18 54.68
CA GLN H 4946 -17.69 -13.81 54.68
C GLN H 4946 -16.82 -14.96 54.22
N GLN H 4947 -17.11 -16.17 54.70
CA GLN H 4947 -16.38 -17.35 54.22
C GLN H 4947 -16.64 -17.58 52.74
N GLU H 4948 -17.90 -17.43 52.31
CA GLU H 4948 -18.23 -17.60 50.90
C GLU H 4948 -17.56 -16.53 50.05
N GLN H 4949 -17.55 -15.28 50.52
CA GLN H 4949 -16.94 -14.20 49.74
C GLN H 4949 -15.43 -14.42 49.59
N VAL H 4950 -14.76 -14.84 50.66
CA VAL H 4950 -13.32 -15.10 50.58
C VAL H 4950 -13.05 -16.25 49.63
N LYS H 4951 -13.84 -17.33 49.73
CA LYS H 4951 -13.65 -18.47 48.84
C LYS H 4951 -13.96 -18.09 47.40
N GLU H 4952 -15.00 -17.30 47.18
CA GLU H 4952 -15.36 -16.89 45.82
C GLU H 4952 -14.27 -16.02 45.20
N ASP H 4953 -13.71 -15.09 45.98
CA ASP H 4953 -12.69 -14.19 45.44
C ASP H 4953 -11.43 -14.95 45.05
N MET H 4954 -11.03 -15.93 45.86
CA MET H 4954 -9.82 -16.70 45.55
C MET H 4954 -9.98 -17.54 44.30
N GLU H 4955 -11.19 -18.04 44.03
CA GLU H 4955 -11.43 -18.89 42.88
C GLU H 4955 -11.87 -18.11 41.65
N THR H 4956 -12.00 -16.78 41.75
CA THR H 4956 -12.40 -15.96 40.61
C THR H 4956 -11.37 -14.90 40.22
N LYS H 4957 -10.42 -14.59 41.10
CA LYS H 4957 -9.40 -13.60 40.80
C LYS H 4957 -8.05 -14.11 41.28
N CYS H 4958 -6.99 -13.64 40.63
CA CYS H 4958 -5.65 -13.97 41.08
C CYS H 4958 -5.26 -13.10 42.27
N PHE H 4959 -4.63 -13.71 43.27
CA PHE H 4959 -4.27 -12.97 44.47
C PHE H 4959 -3.20 -11.92 44.18
N ILE H 4960 -2.40 -12.11 43.13
CA ILE H 4960 -1.29 -11.21 42.86
C ILE H 4960 -1.71 -10.12 41.89
N CYS H 4961 -2.11 -10.49 40.68
CA CYS H 4961 -2.39 -9.51 39.64
C CYS H 4961 -3.83 -8.99 39.70
N GLY H 4962 -4.76 -9.76 40.27
CA GLY H 4962 -6.14 -9.34 40.36
C GLY H 4962 -6.97 -9.57 39.12
N ILE H 4963 -6.40 -10.15 38.07
CA ILE H 4963 -7.16 -10.42 36.86
C ILE H 4963 -8.11 -11.59 37.11
N GLY H 4964 -9.33 -11.46 36.58
CA GLY H 4964 -10.35 -12.47 36.83
C GLY H 4964 -10.07 -13.78 36.12
N SER H 4965 -10.72 -14.83 36.62
CA SER H 4965 -10.55 -16.16 36.04
C SER H 4965 -11.13 -16.24 34.64
N ASP H 4966 -12.08 -15.36 34.31
CA ASP H 4966 -12.71 -15.42 32.99
C ASP H 4966 -11.70 -15.16 31.88
N TYR H 4967 -10.78 -14.21 32.10
CA TYR H 4967 -9.76 -13.94 31.10
C TYR H 4967 -8.83 -15.13 30.92
N PHE H 4968 -8.38 -15.73 32.01
CA PHE H 4968 -7.44 -16.84 31.91
C PHE H 4968 -8.08 -18.09 31.34
N ASP H 4969 -9.39 -18.26 31.53
CA ASP H 4969 -10.08 -19.45 31.05
C ASP H 4969 -10.26 -19.48 29.54
N THR H 4970 -9.73 -18.49 28.80
CA THR H 4970 -9.73 -18.59 27.36
C THR H 4970 -8.94 -19.80 26.88
N THR H 4971 -7.79 -20.03 27.49
CA THR H 4971 -6.90 -21.19 27.43
C THR H 4971 -7.41 -22.26 28.40
N PRO H 4972 -7.53 -23.51 27.94
CA PRO H 4972 -8.04 -24.57 28.82
C PRO H 4972 -7.21 -24.69 30.09
N HIS H 4973 -7.90 -24.67 31.23
CA HIS H 4973 -7.28 -24.69 32.56
C HIS H 4973 -6.30 -23.53 32.72
N GLY H 4974 -6.61 -22.38 32.12
CA GLY H 4974 -5.71 -21.24 32.17
C GLY H 4974 -5.55 -20.68 33.56
N PHE H 4975 -6.66 -20.52 34.29
CA PHE H 4975 -6.58 -19.94 35.63
C PHE H 4975 -5.87 -20.89 36.60
N GLU H 4976 -6.08 -22.19 36.44
CA GLU H 4976 -5.40 -23.15 37.30
C GLU H 4976 -3.90 -23.10 37.10
N THR H 4977 -3.44 -23.02 35.85
CA THR H 4977 -2.01 -22.92 35.59
C THR H 4977 -1.46 -21.57 36.01
N HIS H 4978 -2.24 -20.50 35.86
CA HIS H 4978 -1.77 -19.17 36.23
C HIS H 4978 -1.52 -19.08 37.73
N THR H 4979 -2.41 -19.64 38.54
CA THR H 4979 -2.29 -19.58 39.99
C THR H 4979 -1.32 -20.60 40.57
N LEU H 4980 -0.87 -21.57 39.77
CA LEU H 4980 0.09 -22.57 40.23
C LEU H 4980 1.47 -22.42 39.64
N GLU H 4981 1.60 -21.79 38.47
CA GLU H 4981 2.89 -21.61 37.82
C GLU H 4981 3.27 -20.16 37.62
N GLU H 4982 2.36 -19.33 37.12
CA GLU H 4982 2.70 -17.96 36.75
C GLU H 4982 2.75 -17.02 37.95
N HIS H 4983 1.65 -16.88 38.67
CA HIS H 4983 1.54 -15.96 39.79
C HIS H 4983 1.24 -16.68 41.09
N ASN H 4984 1.92 -17.80 41.34
CA ASN H 4984 1.72 -18.52 42.59
C ASN H 4984 2.30 -17.70 43.74
N LEU H 4985 1.47 -17.45 44.76
CA LEU H 4985 1.91 -16.64 45.88
C LEU H 4985 2.99 -17.33 46.70
N ALA H 4986 3.01 -18.67 46.71
CA ALA H 4986 4.05 -19.41 47.40
C ALA H 4986 5.43 -19.18 46.78
N ASN H 4987 5.50 -19.05 45.45
CA ASN H 4987 6.77 -18.81 44.80
C ASN H 4987 7.35 -17.45 45.17
N TYR H 4988 6.50 -16.43 45.34
CA TYR H 4988 6.98 -15.14 45.81
C TYR H 4988 7.56 -15.23 47.22
N MET H 4989 6.97 -16.05 48.08
CA MET H 4989 7.56 -16.35 49.38
C MET H 4989 8.93 -16.98 49.22
N PHE H 4990 9.03 -17.96 48.32
CA PHE H 4990 10.30 -18.64 48.09
C PHE H 4990 11.33 -17.72 47.46
N PHE H 4991 10.90 -16.83 46.57
CA PHE H 4991 11.85 -15.93 45.91
C PHE H 4991 12.49 -14.97 46.93
N LEU H 4992 11.70 -14.50 47.89
CA LEU H 4992 12.26 -13.65 48.94
C LEU H 4992 13.30 -14.41 49.75
N MET H 4993 13.00 -15.66 50.12
CA MET H 4993 13.97 -16.47 50.83
C MET H 4993 15.19 -16.78 49.96
N TYR H 4994 14.97 -16.93 48.65
CA TYR H 4994 16.08 -17.17 47.74
C TYR H 4994 17.03 -15.98 47.69
N LEU H 4995 16.49 -14.76 47.66
CA LEU H 4995 17.33 -13.57 47.61
C LEU H 4995 18.13 -13.39 48.89
N ILE H 4996 17.52 -13.66 50.04
CA ILE H 4996 18.21 -13.49 51.32
C ILE H 4996 19.40 -14.42 51.42
N ASN H 4997 19.21 -15.69 51.06
CA ASN H 4997 20.30 -16.65 51.15
C ASN H 4997 21.38 -16.39 50.10
N LYS H 4998 21.00 -15.98 48.90
CA LYS H 4998 21.96 -15.78 47.83
C LYS H 4998 22.84 -14.56 48.09
N ASP H 4999 24.10 -14.69 47.72
CA ASP H 4999 25.04 -13.57 47.86
C ASP H 4999 24.65 -12.45 46.91
N GLU H 5000 24.83 -11.21 47.38
CA GLU H 5000 24.47 -10.05 46.56
C GLU H 5000 25.32 -9.97 45.31
N THR H 5001 26.61 -10.31 45.41
CA THR H 5001 27.49 -10.29 44.25
C THR H 5001 27.06 -11.30 43.20
N GLU H 5002 26.34 -12.35 43.58
CA GLU H 5002 25.86 -13.35 42.64
C GLU H 5002 24.47 -13.06 42.11
N HIS H 5003 23.82 -11.99 42.58
CA HIS H 5003 22.49 -11.65 42.10
C HIS H 5003 22.56 -11.26 40.62
N THR H 5004 21.56 -11.71 39.86
CA THR H 5004 21.45 -11.32 38.47
C THR H 5004 20.84 -9.92 38.37
N GLY H 5005 20.66 -9.44 37.14
CA GLY H 5005 20.07 -8.13 36.95
C GLY H 5005 18.63 -8.07 37.45
N GLN H 5006 17.85 -9.12 37.18
CA GLN H 5006 16.48 -9.16 37.65
C GLN H 5006 16.43 -9.32 39.17
N GLU H 5007 17.29 -10.18 39.72
CA GLU H 5007 17.31 -10.39 41.16
C GLU H 5007 17.73 -9.13 41.90
N SER H 5008 18.73 -8.42 41.39
CA SER H 5008 19.17 -7.19 42.03
C SER H 5008 18.08 -6.14 41.99
N TYR H 5009 17.31 -6.08 40.90
CA TYR H 5009 16.24 -5.10 40.80
C TYR H 5009 15.17 -5.34 41.87
N VAL H 5010 14.78 -6.59 42.06
CA VAL H 5010 13.79 -6.91 43.08
C VAL H 5010 14.37 -6.73 44.47
N TRP H 5011 15.61 -7.14 44.67
CA TRP H 5011 16.23 -7.05 46.00
C TRP H 5011 16.38 -5.59 46.43
N LYS H 5012 16.73 -4.71 45.49
CA LYS H 5012 16.86 -3.30 45.81
C LYS H 5012 15.53 -2.71 46.24
N MET H 5013 14.45 -3.08 45.56
CA MET H 5013 13.13 -2.56 45.90
C MET H 5013 12.57 -3.17 47.18
N TYR H 5014 12.99 -4.38 47.54
CA TYR H 5014 12.62 -4.93 48.84
C TYR H 5014 13.20 -4.08 49.97
N GLN H 5015 14.45 -3.65 49.83
CA GLN H 5015 15.08 -2.84 50.87
C GLN H 5015 14.50 -1.44 50.91
N GLU H 5016 14.00 -0.94 49.78
CA GLU H 5016 13.39 0.38 49.71
C GLU H 5016 11.89 0.35 49.97
N ARG H 5017 11.33 -0.82 50.28
CA ARG H 5017 9.90 -0.97 50.57
C ARG H 5017 9.03 -0.48 49.42
N CYS H 5018 9.46 -0.76 48.20
CA CYS H 5018 8.71 -0.41 46.99
C CYS H 5018 8.19 -1.70 46.36
N TRP H 5019 6.87 -1.81 46.25
CA TRP H 5019 6.23 -3.03 45.76
C TRP H 5019 5.74 -2.88 44.33
N ASP H 5020 6.43 -2.10 43.51
CA ASP H 5020 6.06 -1.93 42.11
C ASP H 5020 6.42 -3.12 41.25
N PHE H 5021 7.30 -4.01 41.73
CA PHE H 5021 7.65 -5.19 40.94
C PHE H 5021 6.55 -6.24 40.93
N PHE H 5022 5.64 -6.21 41.89
CA PHE H 5022 4.50 -7.11 41.86
C PHE H 5022 3.60 -6.74 40.68
N PRO H 5023 3.26 -7.70 39.83
CA PRO H 5023 2.37 -7.39 38.69
C PRO H 5023 0.97 -7.07 39.19
N ALA H 5024 0.45 -5.91 38.78
CA ALA H 5024 -0.87 -5.45 39.17
C ALA H 5024 -1.66 -5.14 37.91
N GLY H 5025 -2.67 -5.98 37.62
CA GLY H 5025 -3.48 -5.79 36.44
C GLY H 5025 -2.84 -6.21 35.15
N ASP H 5026 -1.67 -6.84 35.19
CA ASP H 5026 -0.98 -7.29 33.98
C ASP H 5026 -0.26 -8.59 34.29
N CYS H 5027 0.00 -9.36 33.23
CA CYS H 5027 0.67 -10.64 33.35
C CYS H 5027 1.43 -10.92 32.07
N PHE H 5028 2.27 -11.96 32.13
CA PHE H 5028 3.06 -12.35 30.96
C PHE H 5028 2.17 -12.76 29.80
N ARG H 5029 1.10 -13.50 30.09
CA ARG H 5029 0.19 -13.93 29.03
C ARG H 5029 -0.48 -12.75 28.35
N LYS H 5030 -0.91 -11.75 29.13
CA LYS H 5030 -1.60 -10.61 28.56
C LYS H 5030 -0.66 -9.72 27.76
N GLN H 5031 0.60 -9.60 28.19
CA GLN H 5031 1.53 -8.72 27.50
C GLN H 5031 1.89 -9.24 26.11
N TYR H 5032 1.94 -10.56 25.95
CA TYR H 5032 2.33 -11.20 24.70
C TYR H 5032 1.17 -11.99 24.10
N GLU H 5033 -0.04 -11.41 24.12
CA GLU H 5033 -1.21 -12.10 23.57
C GLU H 5033 -1.03 -12.38 22.08
N ASP H 5034 -0.53 -11.40 21.34
CA ASP H 5034 -0.34 -11.58 19.90
C ASP H 5034 0.71 -12.65 19.62
N GLN H 5035 1.83 -12.60 20.33
CA GLN H 5035 2.91 -13.54 20.05
C GLN H 5035 2.59 -14.95 20.54
N LEU H 5036 2.04 -15.08 21.75
CA LEU H 5036 1.76 -16.40 22.30
C LEU H 5036 0.64 -17.09 21.50
N SER H 5037 -0.39 -16.34 21.13
CA SER H 5037 -1.50 -16.91 20.37
C SER H 5037 -1.28 -16.75 18.88
N GLU I 10 -18.97 13.08 -13.31
CA GLU I 10 -19.70 14.28 -12.91
C GLU I 10 -19.97 15.18 -14.11
N VAL I 11 -21.21 15.67 -14.21
CA VAL I 11 -21.63 16.56 -15.28
C VAL I 11 -21.84 17.95 -14.69
N GLN I 12 -21.20 18.95 -15.30
CA GLN I 12 -21.29 20.33 -14.83
C GLN I 12 -22.58 20.96 -15.32
N PHE I 13 -23.24 21.70 -14.43
CA PHE I 13 -24.45 22.43 -14.76
C PHE I 13 -24.24 23.92 -14.50
N LEU I 14 -24.71 24.73 -15.42
CA LEU I 14 -24.60 26.18 -15.29
C LEU I 14 -25.60 26.68 -14.25
N ARG I 15 -25.12 27.53 -13.35
CA ARG I 15 -25.94 28.11 -12.29
C ARG I 15 -25.83 29.62 -12.31
N THR I 16 -26.71 30.28 -11.56
CA THR I 16 -26.69 31.73 -11.49
C THR I 16 -25.45 32.20 -10.73
N ASP I 17 -25.11 33.47 -10.93
CA ASP I 17 -23.92 34.13 -10.38
C ASP I 17 -22.63 33.57 -10.94
N ASP I 18 -22.70 32.74 -11.97
CA ASP I 18 -21.50 32.23 -12.62
C ASP I 18 -21.15 33.09 -13.84
N GLU I 19 -19.85 33.28 -14.05
CA GLU I 19 -19.36 34.03 -15.20
C GLU I 19 -19.20 33.08 -16.38
N VAL I 20 -19.77 33.45 -17.52
CA VAL I 20 -19.73 32.65 -18.73
C VAL I 20 -19.35 33.54 -19.89
N VAL I 21 -18.96 32.89 -21.00
CA VAL I 21 -18.69 33.57 -22.25
C VAL I 21 -19.56 32.96 -23.34
N LEU I 22 -20.22 33.82 -24.11
CA LEU I 22 -21.04 33.38 -25.23
C LEU I 22 -20.12 33.15 -26.43
N GLN I 23 -19.99 31.90 -26.85
CA GLN I 23 -19.03 31.52 -27.87
C GLN I 23 -19.75 30.82 -29.02
N CYS I 24 -19.47 31.25 -30.24
CA CYS I 24 -19.99 30.65 -31.46
C CYS I 24 -18.84 30.24 -32.36
N SER I 25 -19.18 29.58 -33.46
CA SER I 25 -18.20 29.08 -34.41
C SER I 25 -18.57 29.53 -35.82
N ALA I 26 -17.55 29.80 -36.62
CA ALA I 26 -17.74 30.22 -38.01
C ALA I 26 -16.70 29.52 -38.88
N THR I 27 -16.94 29.55 -40.19
CA THR I 27 -16.03 28.96 -41.16
C THR I 27 -15.36 30.08 -41.95
N VAL I 28 -14.03 30.13 -41.87
CA VAL I 28 -13.22 31.13 -42.57
C VAL I 28 -12.13 30.39 -43.33
N LEU I 29 -12.25 30.33 -44.65
CA LEU I 29 -11.28 29.66 -45.52
C LEU I 29 -10.99 28.24 -45.04
N LYS I 30 -12.07 27.47 -44.90
CA LYS I 30 -12.07 26.08 -44.45
C LYS I 30 -11.57 25.91 -43.03
N GLU I 31 -11.42 26.99 -42.27
CA GLU I 31 -10.92 26.94 -40.90
C GLU I 31 -12.06 27.24 -39.92
N GLN I 32 -12.15 26.43 -38.87
CA GLN I 32 -13.14 26.65 -37.83
C GLN I 32 -12.63 27.70 -36.86
N LEU I 33 -13.25 28.87 -36.86
CA LEU I 33 -12.86 29.99 -36.01
C LEU I 33 -13.89 30.17 -34.91
N LYS I 34 -13.43 30.16 -33.66
CA LYS I 34 -14.28 30.33 -32.50
C LYS I 34 -14.25 31.79 -32.04
N LEU I 35 -15.43 32.35 -31.83
CA LEU I 35 -15.59 33.76 -31.51
C LEU I 35 -16.37 33.91 -30.21
N CYS I 36 -16.01 34.91 -29.42
CA CYS I 36 -16.70 35.21 -28.19
C CYS I 36 -17.38 36.57 -28.30
N LEU I 37 -18.63 36.64 -27.84
CA LEU I 37 -19.35 37.90 -27.85
C LEU I 37 -18.73 38.85 -26.83
N ALA I 38 -18.41 40.06 -27.26
CA ALA I 38 -17.74 41.04 -26.43
C ALA I 38 -18.39 42.40 -26.59
N ALA I 39 -18.21 43.25 -25.58
CA ALA I 39 -18.71 44.62 -25.64
C ALA I 39 -17.88 45.46 -24.68
N GLU I 40 -17.56 46.68 -25.11
CA GLU I 40 -16.79 47.59 -24.27
C GLU I 40 -17.65 48.23 -23.19
N GLY I 41 -18.91 48.54 -23.50
CA GLY I 41 -19.79 49.17 -22.54
C GLY I 41 -19.71 50.67 -22.55
N PHE I 42 -18.60 51.21 -22.03
CA PHE I 42 -18.42 52.65 -21.98
C PHE I 42 -17.90 53.16 -23.32
N GLY I 43 -18.65 54.06 -23.95
CA GLY I 43 -18.28 54.63 -25.22
C GLY I 43 -18.78 53.88 -26.42
N ASN I 44 -19.20 52.63 -26.26
CA ASN I 44 -19.72 51.83 -27.37
C ASN I 44 -20.60 50.74 -26.80
N ARG I 45 -21.92 50.89 -26.94
CA ARG I 45 -22.85 49.89 -26.43
C ARG I 45 -22.91 48.64 -27.30
N LEU I 46 -22.65 48.76 -28.59
CA LEU I 46 -22.83 47.64 -29.51
C LEU I 46 -21.84 46.52 -29.21
N CYS I 47 -22.29 45.29 -29.46
CA CYS I 47 -21.47 44.12 -29.22
C CYS I 47 -20.79 43.67 -30.51
N PHE I 48 -19.56 43.19 -30.37
CA PHE I 48 -18.80 42.64 -31.48
C PHE I 48 -18.31 41.25 -31.13
N LEU I 49 -17.46 40.67 -31.98
CA LEU I 49 -16.96 39.32 -31.79
C LEU I 49 -15.44 39.35 -31.67
N GLU I 50 -14.92 38.76 -30.61
CA GLU I 50 -13.50 38.64 -30.39
C GLU I 50 -13.06 37.23 -30.76
N PRO I 51 -12.19 37.05 -31.75
CA PRO I 51 -11.72 35.71 -32.07
C PRO I 51 -10.86 35.15 -30.95
N THR I 52 -10.94 33.83 -30.76
CA THR I 52 -10.19 33.15 -29.71
C THR I 52 -9.45 31.91 -30.19
N SER I 53 -9.60 31.52 -31.46
CA SER I 53 -8.92 30.33 -31.95
C SER I 53 -7.42 30.52 -32.08
N ASN I 54 -6.96 31.76 -32.21
CA ASN I 54 -5.54 32.07 -32.34
C ASN I 54 -4.93 32.55 -31.03
N ALA I 55 -5.45 32.06 -29.90
CA ALA I 55 -4.94 32.46 -28.60
C ALA I 55 -3.50 32.01 -28.38
N GLN I 56 -3.03 31.03 -29.14
CA GLN I 56 -1.65 30.57 -29.01
C GLN I 56 -0.67 31.65 -29.45
N ASN I 57 -1.02 32.40 -30.50
CA ASN I 57 -0.14 33.43 -31.04
C ASN I 57 -0.57 34.85 -30.68
N VAL I 58 -1.87 35.10 -30.56
CA VAL I 58 -2.37 36.41 -30.16
C VAL I 58 -3.40 36.23 -29.06
N PRO I 59 -3.12 36.67 -27.84
CA PRO I 59 -4.07 36.50 -26.74
C PRO I 59 -5.32 37.32 -26.96
N PRO I 60 -6.50 36.74 -26.75
CA PRO I 60 -7.73 37.49 -26.88
C PRO I 60 -7.97 38.42 -25.70
N ASP I 61 -8.80 39.43 -25.95
CA ASP I 61 -9.17 40.40 -24.92
C ASP I 61 -10.42 39.89 -24.23
N LEU I 62 -10.22 39.02 -23.23
CA LEU I 62 -11.32 38.37 -22.54
C LEU I 62 -11.88 39.20 -21.39
N ALA I 63 -11.27 40.34 -21.07
CA ALA I 63 -11.77 41.17 -19.99
C ALA I 63 -13.15 41.75 -20.29
N ILE I 64 -13.54 41.83 -21.55
CA ILE I 64 -14.82 42.39 -21.95
C ILE I 64 -15.73 41.33 -22.54
N CYS I 65 -15.41 40.05 -22.35
CA CYS I 65 -16.23 38.96 -22.85
C CYS I 65 -16.97 38.22 -21.75
N CYS I 66 -16.78 38.60 -20.49
CA CYS I 66 -17.35 37.86 -19.36
C CYS I 66 -18.72 38.42 -19.01
N PHE I 67 -19.70 37.53 -18.85
CA PHE I 67 -21.04 37.89 -18.44
C PHE I 67 -21.45 37.05 -17.24
N THR I 68 -22.17 37.66 -16.31
CA THR I 68 -22.64 36.98 -15.12
C THR I 68 -24.10 36.65 -15.25
N LEU I 69 -24.45 35.39 -15.01
CA LEU I 69 -25.85 34.95 -15.01
C LEU I 69 -26.51 35.41 -13.72
N GLU I 70 -27.17 36.56 -13.77
CA GLU I 70 -27.76 37.12 -12.57
C GLU I 70 -29.05 36.40 -12.17
N GLN I 71 -29.97 36.22 -13.12
CA GLN I 71 -31.26 35.62 -12.82
C GLN I 71 -31.62 34.60 -13.89
N SER I 72 -32.44 33.63 -13.51
CA SER I 72 -32.96 32.63 -14.43
C SER I 72 -34.37 32.30 -14.00
N LEU I 73 -35.35 32.70 -14.80
CA LEU I 73 -36.75 32.55 -14.45
C LEU I 73 -37.52 31.95 -15.62
N SER I 74 -38.63 31.29 -15.30
CA SER I 74 -39.54 30.83 -16.33
C SER I 74 -40.26 32.02 -16.95
N VAL I 75 -40.94 31.76 -18.07
CA VAL I 75 -41.61 32.83 -18.80
C VAL I 75 -42.71 33.45 -17.93
N ARG I 76 -43.48 32.62 -17.23
CA ARG I 76 -44.53 33.14 -16.35
C ARG I 76 -43.94 33.96 -15.21
N ALA I 77 -42.86 33.47 -14.60
CA ALA I 77 -42.21 34.23 -13.52
C ALA I 77 -41.67 35.56 -14.04
N LEU I 78 -41.10 35.56 -15.25
CA LEU I 78 -40.61 36.80 -15.83
C LEU I 78 -41.75 37.77 -16.08
N GLN I 79 -42.88 37.27 -16.60
CA GLN I 79 -44.02 38.14 -16.83
C GLN I 79 -44.54 38.73 -15.53
N GLU I 80 -44.59 37.92 -14.47
CA GLU I 80 -45.06 38.42 -13.17
C GLU I 80 -44.12 39.48 -12.62
N MET I 81 -42.81 39.25 -12.71
CA MET I 81 -41.86 40.20 -12.14
C MET I 81 -41.80 41.47 -12.96
N LEU I 82 -42.04 41.38 -14.27
CA LEU I 82 -42.10 42.59 -15.09
C LEU I 82 -43.32 43.42 -14.78
N ALA I 83 -44.46 42.77 -14.50
CA ALA I 83 -45.67 43.50 -14.15
C ALA I 83 -45.51 44.25 -12.83
N ASN I 84 -44.87 43.63 -11.85
CA ASN I 84 -44.65 44.26 -10.57
C ASN I 84 -43.54 45.30 -10.65
N HIS I 98 -28.24 29.70 -5.59
CA HIS I 98 -27.82 29.68 -6.99
C HIS I 98 -28.70 28.76 -7.81
N ARG I 99 -29.64 29.35 -8.54
CA ARG I 99 -30.58 28.56 -9.33
C ARG I 99 -29.85 27.91 -10.51
N THR I 100 -30.24 26.68 -10.81
CA THR I 100 -29.70 25.95 -11.96
C THR I 100 -30.46 26.36 -13.21
N LEU I 101 -29.73 26.55 -14.31
CA LEU I 101 -30.36 26.96 -15.56
C LEU I 101 -31.12 25.80 -16.18
N LEU I 102 -32.35 26.07 -16.61
CA LEU I 102 -33.19 25.09 -17.28
C LEU I 102 -33.56 25.60 -18.67
N TYR I 103 -33.66 24.68 -19.62
CA TYR I 103 -34.07 25.05 -20.96
C TYR I 103 -35.50 25.60 -20.94
N GLY I 104 -35.71 26.67 -21.68
CA GLY I 104 -36.98 27.38 -21.68
C GLY I 104 -37.06 28.51 -20.70
N HIS I 105 -36.10 28.64 -19.78
CA HIS I 105 -36.08 29.76 -18.86
C HIS I 105 -35.49 30.99 -19.52
N ALA I 106 -35.77 32.14 -18.92
CA ALA I 106 -35.25 33.43 -19.37
C ALA I 106 -34.12 33.85 -18.44
N ILE I 107 -32.99 34.23 -19.03
CA ILE I 107 -31.80 34.57 -18.27
C ILE I 107 -31.51 36.05 -18.42
N LEU I 108 -30.79 36.59 -17.43
CA LEU I 108 -30.36 37.98 -17.42
C LEU I 108 -28.84 38.00 -17.35
N LEU I 109 -28.21 38.51 -18.41
CA LEU I 109 -26.76 38.55 -18.52
C LEU I 109 -26.26 39.95 -18.22
N ARG I 110 -25.38 40.07 -17.24
CA ARG I 110 -24.78 41.34 -16.87
C ARG I 110 -23.31 41.34 -17.30
N HIS I 111 -22.91 42.40 -17.99
CA HIS I 111 -21.52 42.53 -18.41
C HIS I 111 -20.63 42.70 -17.19
N ALA I 112 -19.56 41.91 -17.13
CA ALA I 112 -18.70 41.93 -15.95
C ALA I 112 -17.99 43.25 -15.78
N HIS I 113 -17.51 43.84 -16.87
CA HIS I 113 -16.73 45.07 -16.78
C HIS I 113 -17.62 46.29 -16.58
N SER I 114 -18.50 46.56 -17.54
CA SER I 114 -19.31 47.77 -17.53
C SER I 114 -20.52 47.69 -16.61
N ARG I 115 -20.81 46.53 -16.04
CA ARG I 115 -21.96 46.31 -15.17
C ARG I 115 -23.28 46.56 -15.89
N MET I 116 -23.26 46.58 -17.22
CA MET I 116 -24.47 46.74 -18.01
C MET I 116 -25.04 45.36 -18.34
N TYR I 117 -26.19 45.35 -19.01
CA TYR I 117 -26.92 44.12 -19.29
C TYR I 117 -27.02 43.92 -20.80
N LEU I 118 -26.75 42.70 -21.25
CA LEU I 118 -26.93 42.36 -22.66
C LEU I 118 -28.39 42.53 -23.05
N SER I 119 -28.63 43.20 -24.17
CA SER I 119 -29.99 43.55 -24.57
C SER I 119 -30.10 43.55 -26.08
N CYS I 120 -31.34 43.46 -26.55
CA CYS I 120 -31.66 43.55 -27.98
C CYS I 120 -32.06 44.99 -28.26
N LEU I 121 -31.15 45.75 -28.86
CA LEU I 121 -31.39 47.16 -29.12
C LEU I 121 -32.43 47.32 -30.23
N THR I 122 -33.15 48.44 -30.17
CA THR I 122 -34.17 48.75 -31.16
C THR I 122 -33.61 49.31 -32.45
N THR I 123 -32.33 49.67 -32.48
CA THR I 123 -31.71 50.20 -33.68
C THR I 123 -31.16 49.07 -34.55
N SER I 124 -30.66 49.43 -35.73
CA SER I 124 -30.10 48.44 -36.65
C SER I 124 -29.14 49.15 -37.58
N ARG I 125 -27.85 48.82 -37.49
CA ARG I 125 -26.83 49.43 -38.33
C ARG I 125 -26.47 48.57 -39.53
N SER I 126 -27.11 47.41 -39.68
CA SER I 126 -26.82 46.50 -40.79
C SER I 126 -27.69 46.85 -41.99
N MET I 127 -27.12 46.74 -43.19
CA MET I 127 -27.83 47.02 -44.42
C MET I 127 -28.32 45.77 -45.13
N THR I 128 -27.68 44.63 -44.90
CA THR I 128 -28.07 43.39 -45.59
C THR I 128 -29.41 42.86 -45.08
N ASP I 129 -29.59 42.83 -43.77
CA ASP I 129 -30.79 42.28 -43.14
C ASP I 129 -31.66 43.44 -42.66
N LYS I 130 -32.84 43.58 -43.27
CA LYS I 130 -33.76 44.65 -42.89
C LYS I 130 -34.58 44.31 -41.66
N LEU I 131 -34.65 43.04 -41.27
CA LEU I 131 -35.42 42.60 -40.12
C LEU I 131 -34.55 42.33 -38.90
N ALA I 132 -33.27 42.69 -38.95
CA ALA I 132 -32.35 42.42 -37.86
C ALA I 132 -32.27 43.61 -36.91
N PHE I 133 -31.89 43.33 -35.68
CA PHE I 133 -31.69 44.34 -34.65
C PHE I 133 -30.29 44.21 -34.07
N ASP I 134 -29.75 45.35 -33.67
CA ASP I 134 -28.44 45.37 -33.03
C ASP I 134 -28.51 44.79 -31.63
N VAL I 135 -27.46 44.08 -31.24
CA VAL I 135 -27.33 43.51 -29.91
C VAL I 135 -26.27 44.31 -29.16
N GLY I 136 -26.65 44.89 -28.03
CA GLY I 136 -25.75 45.73 -27.28
C GLY I 136 -25.95 45.65 -25.79
N LEU I 137 -25.45 46.64 -25.07
CA LEU I 137 -25.54 46.69 -23.61
C LEU I 137 -26.52 47.77 -23.18
N GLN I 138 -27.31 47.47 -22.17
CA GLN I 138 -28.29 48.39 -21.61
C GLN I 138 -27.88 48.76 -20.19
N GLU I 139 -28.05 50.04 -19.85
CA GLU I 139 -27.59 50.52 -18.55
C GLU I 139 -28.33 49.87 -17.39
N ASP I 140 -29.65 49.66 -17.54
CA ASP I 140 -30.46 49.11 -16.47
C ASP I 140 -31.09 47.80 -16.92
N ALA I 141 -31.54 47.02 -15.94
CA ALA I 141 -32.17 45.73 -16.19
C ALA I 141 -33.68 45.83 -16.34
N THR I 142 -34.22 47.05 -16.39
CA THR I 142 -35.65 47.23 -16.52
C THR I 142 -36.11 46.84 -17.93
N GLY I 143 -37.39 46.50 -18.03
CA GLY I 143 -37.97 46.11 -19.29
C GLY I 143 -37.66 44.67 -19.66
N GLU I 144 -38.21 44.25 -20.79
CA GLU I 144 -38.03 42.90 -21.29
C GLU I 144 -36.97 42.79 -22.38
N ALA I 145 -36.29 43.89 -22.70
CA ALA I 145 -35.31 43.87 -23.78
C ALA I 145 -34.00 43.21 -23.37
N CYS I 146 -33.80 42.93 -22.08
CA CYS I 146 -32.56 42.36 -21.59
C CYS I 146 -32.72 40.93 -21.12
N TRP I 147 -33.75 40.23 -21.57
CA TRP I 147 -34.01 38.86 -21.17
C TRP I 147 -33.97 37.95 -22.40
N TRP I 148 -33.33 36.80 -22.24
CA TRP I 148 -33.15 35.85 -23.33
C TRP I 148 -33.57 34.46 -22.87
N THR I 149 -34.31 33.77 -23.71
CA THR I 149 -34.79 32.42 -23.41
C THR I 149 -33.87 31.39 -24.06
N MET I 150 -33.45 30.42 -23.26
CA MET I 150 -32.56 29.36 -23.74
C MET I 150 -33.38 28.21 -24.31
N HIS I 151 -33.04 27.79 -25.51
CA HIS I 151 -33.72 26.69 -26.18
C HIS I 151 -32.70 25.66 -26.63
N PRO I 152 -33.05 24.37 -26.60
CA PRO I 152 -32.10 23.35 -27.04
C PRO I 152 -31.84 23.43 -28.53
N ALA I 153 -30.57 23.25 -28.90
CA ALA I 153 -30.19 23.31 -30.31
C ALA I 153 -30.54 22.04 -31.06
N SER I 154 -30.59 20.89 -30.37
CA SER I 154 -30.83 19.61 -31.01
C SER I 154 -31.86 18.82 -30.21
N LYS I 155 -32.26 17.68 -30.77
CA LYS I 155 -33.23 16.82 -30.10
C LYS I 155 -32.65 16.14 -28.86
N GLN I 156 -31.34 16.22 -28.64
CA GLN I 156 -30.74 15.59 -27.47
C GLN I 156 -31.28 16.19 -26.18
N ARG I 157 -31.47 17.50 -26.14
CA ARG I 157 -32.00 18.18 -24.97
C ARG I 157 -33.44 18.60 -25.24
N SER I 158 -34.23 18.63 -24.17
CA SER I 158 -35.63 19.03 -24.25
C SER I 158 -35.88 20.13 -23.24
N GLU I 159 -37.00 20.83 -23.42
CA GLU I 159 -37.35 21.93 -22.53
C GLU I 159 -37.56 21.42 -21.11
N GLY I 160 -37.05 22.17 -20.14
CA GLY I 160 -37.10 21.79 -18.75
C GLY I 160 -35.88 21.06 -18.24
N GLU I 161 -35.04 20.55 -19.13
CA GLU I 161 -33.82 19.88 -18.72
C GLU I 161 -32.78 20.91 -18.28
N LYS I 162 -31.84 20.45 -17.45
CA LYS I 162 -30.76 21.31 -17.00
C LYS I 162 -29.81 21.62 -18.15
N VAL I 163 -29.33 22.85 -18.20
CA VAL I 163 -28.35 23.26 -19.20
C VAL I 163 -26.97 22.85 -18.72
N ARG I 164 -26.28 22.06 -19.54
CA ARG I 164 -24.98 21.51 -19.17
C ARG I 164 -23.87 22.27 -19.88
N VAL I 165 -22.69 22.25 -19.27
CA VAL I 165 -21.52 22.89 -19.87
C VAL I 165 -21.16 22.20 -21.17
N GLY I 166 -20.94 22.99 -22.21
CA GLY I 166 -20.63 22.46 -23.53
C GLY I 166 -21.81 22.24 -24.44
N ASP I 167 -23.03 22.44 -23.94
CA ASP I 167 -24.21 22.31 -24.78
C ASP I 167 -24.33 23.49 -25.74
N ASP I 168 -24.92 23.22 -26.90
CA ASP I 168 -25.23 24.29 -27.84
C ASP I 168 -26.60 24.87 -27.52
N LEU I 169 -26.66 26.19 -27.40
CA LEU I 169 -27.86 26.88 -26.96
C LEU I 169 -28.41 27.75 -28.09
N ILE I 170 -29.71 28.01 -28.01
CA ILE I 170 -30.38 28.95 -28.90
C ILE I 170 -30.99 30.03 -28.03
N LEU I 171 -30.51 31.26 -28.19
CA LEU I 171 -30.95 32.39 -27.38
C LEU I 171 -31.93 33.23 -28.17
N VAL I 172 -33.12 33.44 -27.61
CA VAL I 172 -34.19 34.19 -28.25
C VAL I 172 -34.52 35.38 -27.36
N SER I 173 -34.54 36.56 -27.96
CA SER I 173 -34.89 37.76 -27.20
C SER I 173 -36.37 37.73 -26.83
N VAL I 174 -36.66 38.00 -25.55
CA VAL I 174 -38.04 38.03 -25.09
C VAL I 174 -38.80 39.17 -25.73
N SER I 175 -38.16 40.35 -25.81
CA SER I 175 -38.85 41.53 -26.32
C SER I 175 -39.09 41.44 -27.83
N SER I 176 -38.09 40.99 -28.58
CA SER I 176 -38.14 41.05 -30.03
C SER I 176 -38.42 39.72 -30.71
N GLU I 177 -38.40 38.61 -29.97
CA GLU I 177 -38.63 37.28 -30.52
C GLU I 177 -37.66 36.97 -31.65
N ARG I 178 -36.41 37.37 -31.48
CA ARG I 178 -35.37 37.16 -32.47
C ARG I 178 -34.20 36.42 -31.85
N TYR I 179 -33.52 35.64 -32.68
CA TYR I 179 -32.38 34.85 -32.23
C TYR I 179 -31.13 35.71 -32.14
N LEU I 180 -30.23 35.32 -31.24
CA LEU I 180 -28.89 35.90 -31.21
C LEU I 180 -28.11 35.34 -32.39
N HIS I 181 -28.01 36.10 -33.46
CA HIS I 181 -27.58 35.60 -34.76
C HIS I 181 -26.19 36.10 -35.10
N LEU I 182 -25.39 35.24 -35.71
CA LEU I 182 -24.10 35.61 -36.28
C LEU I 182 -24.29 35.82 -37.78
N SER I 183 -24.01 37.03 -38.25
CA SER I 183 -24.24 37.39 -39.64
C SER I 183 -22.92 37.39 -40.39
N THR I 184 -22.87 36.67 -41.51
CA THR I 184 -21.70 36.64 -42.38
C THR I 184 -22.00 37.24 -43.76
N ALA I 185 -23.10 37.98 -43.87
CA ALA I 185 -23.47 38.55 -45.17
C ALA I 185 -22.43 39.54 -45.65
N SER I 186 -21.93 40.39 -44.76
CA SER I 186 -20.88 41.33 -45.12
C SER I 186 -19.52 40.62 -45.08
N GLY I 187 -18.46 41.39 -45.36
CA GLY I 187 -17.13 40.83 -45.34
C GLY I 187 -16.63 40.47 -43.96
N GLU I 188 -17.25 41.02 -42.91
CA GLU I 188 -16.84 40.78 -41.54
C GLU I 188 -17.85 39.89 -40.83
N LEU I 189 -17.52 39.52 -39.60
CA LEU I 189 -18.39 38.70 -38.76
C LEU I 189 -19.03 39.61 -37.72
N GLN I 190 -20.36 39.69 -37.75
CA GLN I 190 -21.10 40.57 -36.86
C GLN I 190 -22.25 39.81 -36.22
N VAL I 191 -22.59 40.21 -34.99
CA VAL I 191 -23.66 39.57 -34.22
C VAL I 191 -24.85 40.53 -34.17
N ASP I 192 -26.04 40.01 -34.46
CA ASP I 192 -27.25 40.80 -34.43
C ASP I 192 -28.41 39.91 -34.02
N ALA I 193 -29.58 40.51 -33.87
CA ALA I 193 -30.80 39.80 -33.51
C ALA I 193 -31.65 39.65 -34.77
N SER I 194 -31.65 38.45 -35.34
CA SER I 194 -32.34 38.16 -36.57
C SER I 194 -33.30 36.98 -36.38
N PHE I 195 -34.01 36.63 -37.44
CA PHE I 195 -34.92 35.50 -37.45
C PHE I 195 -34.24 34.20 -37.83
N MET I 196 -32.94 34.23 -38.10
CA MET I 196 -32.15 33.03 -38.39
C MET I 196 -31.39 32.64 -37.14
N GLN I 197 -31.48 31.37 -36.76
CA GLN I 197 -30.89 30.94 -35.51
C GLN I 197 -29.39 30.74 -35.65
N THR I 198 -28.71 30.68 -34.50
CA THR I 198 -27.27 30.44 -34.44
C THR I 198 -26.98 29.73 -33.13
N LEU I 199 -26.16 28.69 -33.19
CA LEU I 199 -25.81 27.91 -32.01
C LEU I 199 -24.75 28.62 -31.20
N TRP I 200 -24.96 28.68 -29.89
CA TRP I 200 -24.04 29.32 -28.97
C TRP I 200 -23.65 28.36 -27.85
N ASN I 201 -22.45 28.54 -27.33
CA ASN I 201 -21.97 27.78 -26.19
C ASN I 201 -21.68 28.75 -25.04
N MET I 202 -22.22 28.45 -23.86
CA MET I 202 -21.98 29.26 -22.67
C MET I 202 -20.87 28.59 -21.87
N ASN I 203 -19.64 28.84 -22.27
CA ASN I 203 -18.49 28.26 -21.57
C ASN I 203 -18.28 28.97 -20.25
N PRO I 204 -18.28 28.25 -19.13
CA PRO I 204 -18.11 28.90 -17.83
C PRO I 204 -16.70 29.45 -17.65
N ILE I 205 -16.61 30.52 -16.87
CA ILE I 205 -15.33 31.11 -16.49
C ILE I 205 -15.01 30.81 -15.03
N CYS I 206 -15.95 31.10 -14.13
CA CYS I 206 -15.79 30.81 -12.72
C CYS I 206 -17.17 30.64 -12.09
N SER I 207 -17.30 29.64 -11.22
CA SER I 207 -18.57 29.38 -10.54
C SER I 207 -18.56 29.91 -9.11
N CYS I 208 -17.61 29.45 -8.30
CA CYS I 208 -17.54 29.86 -6.90
C CYS I 208 -16.08 29.98 -6.50
N CYS I 209 -15.72 31.11 -5.89
CA CYS I 209 -14.35 31.38 -5.47
C CYS I 209 -14.28 31.49 -3.96
N GLU I 210 -13.33 30.78 -3.36
CA GLU I 210 -13.13 30.85 -1.93
C GLU I 210 -12.55 32.21 -1.53
N GLU I 211 -12.74 32.57 -0.26
CA GLU I 211 -12.21 33.84 0.25
C GLU I 211 -10.70 33.87 0.08
N GLY I 212 -10.19 35.02 -0.33
CA GLY I 212 -8.81 35.09 -0.78
C GLY I 212 -8.64 34.21 -1.99
N TYR I 213 -7.57 33.43 -2.01
CA TYR I 213 -7.41 32.32 -2.96
C TYR I 213 -7.49 32.81 -4.40
N VAL I 214 -6.44 33.52 -4.79
CA VAL I 214 -6.29 34.15 -6.11
C VAL I 214 -6.75 33.22 -7.22
N THR I 215 -7.54 33.76 -8.15
CA THR I 215 -8.02 33.02 -9.31
C THR I 215 -7.62 33.75 -10.58
N GLY I 216 -7.67 33.02 -11.69
CA GLY I 216 -7.33 33.62 -12.98
C GLY I 216 -8.32 34.68 -13.39
N GLY I 217 -7.84 35.64 -14.19
CA GLY I 217 -8.67 36.73 -14.65
C GLY I 217 -8.80 37.89 -13.70
N HIS I 218 -8.18 37.81 -12.52
CA HIS I 218 -8.26 38.91 -11.56
C HIS I 218 -7.23 39.98 -11.87
N VAL I 219 -7.56 41.21 -11.49
CA VAL I 219 -6.64 42.34 -11.57
C VAL I 219 -6.06 42.57 -10.19
N LEU I 220 -4.74 42.61 -10.10
CA LEU I 220 -4.06 42.67 -8.81
C LEU I 220 -2.74 43.40 -8.95
N ARG I 221 -2.08 43.60 -7.83
CA ARG I 221 -0.74 44.17 -7.78
C ARG I 221 0.24 43.15 -7.23
N LEU I 222 1.47 43.20 -7.71
CA LEU I 222 2.53 42.29 -7.30
C LEU I 222 3.52 43.07 -6.46
N PHE I 223 3.40 42.93 -5.14
CA PHE I 223 4.26 43.65 -4.21
C PHE I 223 5.52 42.86 -3.91
N HIS I 224 6.65 43.58 -3.84
CA HIS I 224 7.95 42.94 -3.67
C HIS I 224 8.19 42.56 -2.22
N GLY I 225 8.22 43.54 -1.32
CA GLY I 225 8.54 43.27 0.06
C GLY I 225 7.35 43.39 1.00
N HIS I 226 7.45 44.29 1.97
CA HIS I 226 6.39 44.46 2.98
C HIS I 226 5.45 45.60 2.58
N MET I 227 4.73 45.37 1.48
CA MET I 227 3.75 46.33 0.95
C MET I 227 4.40 47.68 0.66
N ASP I 228 5.64 47.68 0.21
CA ASP I 228 6.36 48.91 -0.09
C ASP I 228 6.62 49.12 -1.57
N GLU I 229 7.17 48.13 -2.27
CA GLU I 229 7.44 48.22 -3.70
C GLU I 229 6.53 47.26 -4.44
N CYS I 230 6.07 47.69 -5.61
CA CYS I 230 5.19 46.89 -6.45
C CYS I 230 5.68 46.90 -7.88
N LEU I 231 5.35 45.83 -8.61
CA LEU I 231 5.74 45.72 -10.00
C LEU I 231 4.91 46.68 -10.84
N THR I 232 5.58 47.47 -11.68
CA THR I 232 4.89 48.48 -12.47
C THR I 232 5.76 48.86 -13.66
N ILE I 233 5.19 49.68 -14.54
CA ILE I 233 5.91 50.26 -15.66
C ILE I 233 6.05 51.76 -15.42
N SER I 234 6.78 52.42 -16.32
CA SER I 234 7.01 53.84 -16.18
C SER I 234 5.71 54.62 -16.37
N ALA I 235 5.72 55.85 -15.86
CA ALA I 235 4.54 56.71 -15.95
C ALA I 235 4.30 57.14 -17.40
N ALA I 236 3.23 57.89 -17.59
CA ALA I 236 2.85 58.32 -18.94
C ALA I 236 3.90 59.27 -19.50
N ASP I 237 3.89 59.40 -20.84
CA ASP I 237 4.84 60.19 -21.62
C ASP I 237 6.27 60.06 -21.10
N SER I 238 6.76 58.84 -21.01
CA SER I 238 8.12 58.57 -20.56
C SER I 238 8.99 58.19 -21.76
N ASP I 239 10.30 58.37 -21.59
CA ASP I 239 11.23 58.16 -22.68
C ASP I 239 11.34 56.69 -23.07
N ASP I 240 11.11 55.77 -22.14
CA ASP I 240 11.22 54.35 -22.41
C ASP I 240 9.99 53.77 -23.11
N GLN I 241 9.05 54.62 -23.55
CA GLN I 241 7.84 54.21 -24.24
C GLN I 241 6.97 53.29 -23.39
N ARG I 242 7.14 53.34 -22.07
CA ARG I 242 6.38 52.51 -21.14
C ARG I 242 6.51 51.03 -21.49
N ARG I 243 7.71 50.62 -21.90
CA ARG I 243 7.96 49.23 -22.28
C ARG I 243 9.00 48.57 -21.38
N LEU I 244 9.27 49.13 -20.21
CA LEU I 244 10.19 48.54 -19.25
C LEU I 244 9.49 48.38 -17.91
N VAL I 245 9.89 47.36 -17.16
CA VAL I 245 9.25 47.00 -15.90
C VAL I 245 10.19 47.34 -14.76
N TYR I 246 9.65 47.96 -13.71
CA TYR I 246 10.45 48.40 -12.58
C TYR I 246 9.77 47.99 -11.28
N TYR I 247 10.59 47.86 -10.24
CA TYR I 247 10.10 47.74 -8.88
C TYR I 247 10.10 49.14 -8.26
N GLU I 248 8.92 49.70 -8.05
CA GLU I 248 8.79 51.08 -7.59
C GLU I 248 7.86 51.13 -6.40
N GLY I 249 8.16 52.03 -5.45
CA GLY I 249 7.35 52.22 -4.28
C GLY I 249 6.88 53.67 -4.17
N GLY I 250 6.00 53.90 -3.20
CA GLY I 250 5.47 55.22 -2.96
C GLY I 250 4.01 55.32 -3.41
N ALA I 251 3.70 56.40 -4.15
CA ALA I 251 2.34 56.61 -4.61
C ALA I 251 1.95 55.66 -5.74
N VAL I 252 2.92 55.01 -6.37
CA VAL I 252 2.62 54.09 -7.46
C VAL I 252 1.80 52.90 -6.98
N CYS I 253 1.88 52.57 -5.69
CA CYS I 253 1.13 51.44 -5.15
C CYS I 253 -0.37 51.67 -5.18
N THR I 254 -0.82 52.90 -5.37
CA THR I 254 -2.24 53.20 -5.48
C THR I 254 -2.63 53.72 -6.86
N HIS I 255 -1.72 53.69 -7.82
CA HIS I 255 -1.99 54.16 -9.17
C HIS I 255 -2.41 53.01 -10.07
N ALA I 256 -2.87 53.35 -11.26
CA ALA I 256 -3.40 52.37 -12.21
C ALA I 256 -2.31 51.70 -13.03
N ARG I 257 -1.09 52.21 -13.05
CA ARG I 257 -0.03 51.62 -13.84
C ARG I 257 0.66 50.46 -13.13
N SER I 258 0.27 50.15 -11.90
CA SER I 258 0.79 49.00 -11.17
C SER I 258 -0.20 47.84 -11.14
N LEU I 259 -1.25 47.91 -11.96
CA LEU I 259 -2.28 46.88 -11.99
C LEU I 259 -2.00 45.90 -13.10
N TRP I 260 -2.09 44.60 -12.78
CA TRP I 260 -1.85 43.54 -13.74
C TRP I 260 -2.99 42.55 -13.70
N ARG I 261 -3.28 41.96 -14.85
CA ARG I 261 -4.32 40.94 -14.98
C ARG I 261 -3.68 39.61 -15.32
N LEU I 262 -4.01 38.58 -14.54
CA LEU I 262 -3.44 37.26 -14.73
C LEU I 262 -4.35 36.45 -15.65
N GLU I 263 -3.84 36.07 -16.81
CA GLU I 263 -4.63 35.40 -17.84
C GLU I 263 -4.10 33.99 -18.08
N PRO I 264 -4.78 32.96 -17.59
CA PRO I 264 -4.36 31.59 -17.88
C PRO I 264 -4.49 31.27 -19.36
N LEU I 265 -3.74 30.27 -19.81
CA LEU I 265 -3.68 29.90 -21.22
C LEU I 265 -4.85 29.01 -21.62
N ARG I 266 -6.07 29.46 -21.31
CA ARG I 266 -7.28 28.77 -21.72
C ARG I 266 -8.45 29.73 -21.60
N ILE I 267 -9.54 29.38 -22.26
CA ILE I 267 -10.75 30.21 -22.23
C ILE I 267 -11.73 29.62 -21.21
N SER I 268 -12.05 28.34 -21.36
CA SER I 268 -12.96 27.69 -20.43
C SER I 268 -12.29 27.53 -19.08
N TRP I 269 -13.02 27.91 -18.02
CA TRP I 269 -12.52 27.86 -16.65
C TRP I 269 -11.25 28.68 -16.47
N SER I 270 -11.12 29.78 -17.21
CA SER I 270 -9.99 30.67 -17.04
C SER I 270 -10.02 31.40 -15.70
N GLY I 271 -11.19 31.45 -15.06
CA GLY I 271 -11.35 32.06 -13.76
C GLY I 271 -11.20 31.10 -12.59
N SER I 272 -10.70 29.90 -12.83
CA SER I 272 -10.51 28.93 -11.76
C SER I 272 -9.37 29.36 -10.85
N HIS I 273 -9.25 28.67 -9.71
CA HIS I 273 -8.18 28.97 -8.77
C HIS I 273 -6.82 28.75 -9.40
N LEU I 274 -5.93 29.71 -9.18
CA LEU I 274 -4.56 29.58 -9.67
C LEU I 274 -3.84 28.47 -8.93
N ARG I 275 -2.96 27.78 -9.64
CA ARG I 275 -2.19 26.68 -9.08
C ARG I 275 -0.70 26.93 -9.33
N TRP I 276 0.13 26.42 -8.44
CA TRP I 276 1.57 26.56 -8.59
C TRP I 276 2.03 25.87 -9.88
N GLY I 277 2.85 26.56 -10.66
CA GLY I 277 3.36 26.02 -11.89
C GLY I 277 2.42 26.13 -13.07
N GLN I 278 1.23 26.70 -12.89
CA GLN I 278 0.28 26.84 -13.98
C GLN I 278 0.71 27.98 -14.90
N PRO I 279 0.93 27.72 -16.20
CA PRO I 279 1.33 28.81 -17.09
C PRO I 279 0.22 29.82 -17.26
N LEU I 280 0.61 31.10 -17.39
CA LEU I 280 -0.36 32.17 -17.56
C LEU I 280 0.34 33.40 -18.11
N ARG I 281 -0.42 34.23 -18.80
CA ARG I 281 0.07 35.52 -19.26
C ARG I 281 -0.22 36.59 -18.20
N ILE I 282 0.64 37.60 -18.16
CA ILE I 282 0.48 38.73 -17.26
C ILE I 282 0.30 39.97 -18.13
N ARG I 283 -0.86 40.62 -18.01
CA ARG I 283 -1.25 41.72 -18.88
C ARG I 283 -1.32 43.01 -18.06
N HIS I 284 -0.73 44.07 -18.61
CA HIS I 284 -0.84 45.38 -18.00
C HIS I 284 -2.17 46.01 -18.41
N VAL I 285 -2.98 46.39 -17.41
CA VAL I 285 -4.37 46.73 -17.68
C VAL I 285 -4.48 48.02 -18.47
N THR I 286 -3.77 49.07 -18.05
CA THR I 286 -3.95 50.37 -18.68
C THR I 286 -3.35 50.43 -20.08
N THR I 287 -2.23 49.76 -20.31
CA THR I 287 -1.58 49.79 -21.61
C THR I 287 -1.97 48.61 -22.51
N GLY I 288 -2.51 47.54 -21.94
CA GLY I 288 -2.90 46.39 -22.74
C GLY I 288 -1.76 45.52 -23.20
N ARG I 289 -0.55 45.75 -22.71
CA ARG I 289 0.62 44.99 -23.11
C ARG I 289 0.86 43.83 -22.15
N TYR I 290 1.60 42.84 -22.63
CA TYR I 290 1.83 41.60 -21.91
C TYR I 290 3.29 41.49 -21.53
N LEU I 291 3.54 41.08 -20.28
CA LEU I 291 4.90 40.82 -19.83
C LEU I 291 5.56 39.76 -20.71
N ALA I 292 6.77 40.02 -21.17
CA ALA I 292 7.39 39.16 -22.17
C ALA I 292 8.89 39.11 -21.97
N LEU I 293 9.49 38.06 -22.52
CA LEU I 293 10.94 37.91 -22.58
C LEU I 293 11.37 37.94 -24.04
N THR I 294 12.11 38.98 -24.41
CA THR I 294 12.59 39.15 -25.78
C THR I 294 14.08 38.91 -25.84
N GLU I 295 14.54 38.37 -26.97
CA GLU I 295 15.95 38.11 -27.16
C GLU I 295 16.78 39.39 -27.23
N ASP I 296 16.14 40.53 -27.49
CA ASP I 296 16.87 41.79 -27.65
C ASP I 296 16.93 42.57 -26.34
N GLN I 297 15.78 42.89 -25.76
CA GLN I 297 15.71 43.77 -24.61
C GLN I 297 15.51 43.03 -23.29
N GLY I 298 15.38 41.71 -23.32
CA GLY I 298 15.18 40.96 -22.09
C GLY I 298 13.74 41.01 -21.66
N LEU I 299 13.49 41.48 -20.45
CA LEU I 299 12.14 41.53 -19.88
C LEU I 299 11.50 42.87 -20.23
N VAL I 300 10.46 42.83 -21.05
CA VAL I 300 9.71 44.00 -21.46
C VAL I 300 8.23 43.65 -21.50
N VAL I 301 7.41 44.62 -21.86
CA VAL I 301 5.98 44.41 -22.13
C VAL I 301 5.75 44.66 -23.61
N VAL I 302 5.12 43.70 -24.29
CA VAL I 302 4.94 43.75 -25.73
C VAL I 302 3.46 43.80 -26.05
N ASP I 303 3.16 44.22 -27.28
CA ASP I 303 1.78 44.29 -27.74
C ASP I 303 1.20 42.90 -27.90
N ALA I 304 -0.13 42.85 -28.02
CA ALA I 304 -0.83 41.56 -28.13
C ALA I 304 -0.44 40.80 -29.40
N CYS I 305 0.05 41.50 -30.42
CA CYS I 305 0.44 40.84 -31.66
C CYS I 305 1.76 40.09 -31.54
N LYS I 306 2.48 40.26 -30.44
CA LYS I 306 3.78 39.60 -30.25
C LYS I 306 3.81 38.70 -29.03
N ALA I 307 2.65 38.35 -28.47
CA ALA I 307 2.57 37.47 -27.29
C ALA I 307 2.19 36.08 -27.78
N HIS I 308 3.19 35.26 -28.06
CA HIS I 308 3.01 33.97 -28.71
C HIS I 308 3.24 32.79 -27.77
N THR I 309 2.85 32.94 -26.50
CA THR I 309 2.76 31.84 -25.55
C THR I 309 4.12 31.28 -25.19
N LYS I 310 5.18 31.76 -25.82
CA LYS I 310 6.54 31.37 -25.50
C LYS I 310 7.31 32.48 -24.79
N ALA I 311 7.17 33.71 -25.25
CA ALA I 311 7.80 34.84 -24.56
C ALA I 311 6.97 35.34 -23.40
N THR I 312 5.66 35.05 -23.38
CA THR I 312 4.74 35.64 -22.41
C THR I 312 4.14 34.61 -21.46
N SER I 313 4.74 33.44 -21.31
CA SER I 313 4.23 32.42 -20.40
C SER I 313 5.03 32.46 -19.11
N PHE I 314 4.35 32.73 -18.01
CA PHE I 314 4.94 32.77 -16.68
C PHE I 314 4.16 31.87 -15.74
N CYS I 315 4.79 31.52 -14.62
CA CYS I 315 4.13 30.71 -13.61
C CYS I 315 4.62 31.12 -12.23
N PHE I 316 3.78 30.91 -11.23
CA PHE I 316 4.14 31.17 -9.85
C PHE I 316 4.60 29.87 -9.19
N ARG I 317 5.73 29.93 -8.50
CA ARG I 317 6.27 28.78 -7.81
C ARG I 317 6.54 29.11 -6.35
N VAL I 318 6.25 28.16 -5.47
CA VAL I 318 6.43 28.39 -4.04
C VAL I 318 7.90 28.41 -3.64
N SER I 319 8.78 27.85 -4.47
CA SER I 319 10.20 27.83 -4.17
C SER I 319 10.99 27.77 -5.48
N LYS I 320 12.28 28.06 -5.38
CA LYS I 320 13.16 28.08 -6.54
C LYS I 320 13.78 26.71 -6.83
N GLU I 321 13.42 25.69 -6.06
CA GLU I 321 13.92 24.35 -6.31
C GLU I 321 13.44 23.83 -7.66
N LYS I 322 14.33 23.12 -8.35
CA LYS I 322 14.03 22.60 -9.69
C LYS I 322 13.26 21.30 -9.55
N LEU I 323 11.96 21.43 -9.30
CA LEU I 323 11.10 20.27 -9.17
C LEU I 323 11.03 19.49 -10.49
N ASP I 324 10.47 20.11 -11.52
CA ASP I 324 10.38 19.50 -12.86
C ASP I 324 9.74 18.12 -12.78
N THR I 325 8.67 18.01 -12.00
CA THR I 325 8.06 16.70 -11.76
C THR I 325 7.30 16.22 -12.99
N ALA I 326 6.24 16.96 -13.38
CA ALA I 326 5.40 16.57 -14.51
C ALA I 326 4.49 17.71 -14.89
N PRO I 327 4.10 17.84 -16.17
CA PRO I 327 3.13 18.87 -16.55
C PRO I 327 1.75 18.58 -16.00
N LYS I 328 1.29 19.41 -15.08
CA LYS I 328 -0.02 19.20 -14.45
C LYS I 328 -1.13 19.37 -15.48
N ARG I 329 -2.12 18.49 -15.41
CA ARG I 329 -3.26 18.54 -16.31
C ARG I 329 -4.40 19.34 -15.70
N ASP I 330 -4.91 20.29 -16.47
CA ASP I 330 -5.99 21.15 -15.99
C ASP I 330 -7.28 20.36 -15.83
N VAL I 331 -8.08 20.76 -14.83
CA VAL I 331 -9.35 20.12 -14.54
C VAL I 331 -10.48 21.04 -15.01
N GLU I 332 -11.65 20.44 -15.22
CA GLU I 332 -12.83 21.18 -15.68
C GLU I 332 -13.62 21.64 -14.45
N GLY I 333 -13.12 22.68 -13.82
CA GLY I 333 -13.78 23.23 -12.66
C GLY I 333 -12.91 24.30 -12.01
N MET I 334 -13.37 24.76 -10.84
CA MET I 334 -12.60 25.76 -10.11
C MET I 334 -11.28 25.22 -9.60
N GLY I 335 -11.20 23.92 -9.30
CA GLY I 335 -9.98 23.33 -8.83
C GLY I 335 -9.72 23.61 -7.36
N PRO I 336 -8.66 23.03 -6.81
CA PRO I 336 -8.33 23.25 -5.41
C PRO I 336 -7.66 24.61 -5.22
N PRO I 337 -8.04 25.36 -4.19
CA PRO I 337 -7.44 26.67 -3.95
C PRO I 337 -6.03 26.53 -3.36
N GLU I 338 -5.05 27.17 -4.01
CA GLU I 338 -3.66 27.05 -3.60
C GLU I 338 -3.05 28.37 -3.19
N ILE I 339 -3.15 29.41 -4.02
CA ILE I 339 -2.43 30.66 -3.81
C ILE I 339 -3.38 31.67 -3.16
N LYS I 340 -2.96 32.24 -2.05
CA LYS I 340 -3.77 33.17 -1.28
C LYS I 340 -3.36 34.61 -1.55
N TYR I 341 -4.26 35.54 -1.25
CA TYR I 341 -3.97 36.96 -1.40
C TYR I 341 -3.25 37.49 -0.16
N GLY I 342 -2.02 37.96 -0.34
CA GLY I 342 -1.29 38.61 0.73
C GLY I 342 -0.60 37.70 1.70
N GLU I 343 -0.72 36.38 1.55
CA GLU I 343 -0.05 35.43 2.42
C GLU I 343 0.95 34.56 1.67
N SER I 344 0.57 34.02 0.51
CA SER I 344 1.46 33.16 -0.25
C SER I 344 2.58 33.98 -0.87
N LEU I 345 3.80 33.48 -0.73
CA LEU I 345 4.97 34.08 -1.37
C LEU I 345 5.22 33.35 -2.69
N CYS I 346 5.19 34.11 -3.79
CA CYS I 346 5.24 33.53 -5.12
C CYS I 346 6.51 33.98 -5.82
N PHE I 347 7.21 33.02 -6.43
CA PHE I 347 8.34 33.29 -7.30
C PHE I 347 7.88 33.20 -8.74
N VAL I 348 8.07 34.28 -9.49
CA VAL I 348 7.65 34.32 -10.89
C VAL I 348 8.77 33.77 -11.74
N GLN I 349 8.47 32.75 -12.53
CA GLN I 349 9.44 32.10 -13.40
C GLN I 349 8.93 32.12 -14.83
N HIS I 350 9.82 32.43 -15.77
CA HIS I 350 9.47 32.33 -17.18
C HIS I 350 9.47 30.86 -17.58
N VAL I 351 8.36 30.40 -18.15
CA VAL I 351 8.18 28.97 -18.38
C VAL I 351 9.16 28.46 -19.43
N ALA I 352 9.27 29.17 -20.56
CA ALA I 352 10.09 28.68 -21.66
C ALA I 352 11.57 28.65 -21.31
N SER I 353 12.07 29.68 -20.62
CA SER I 353 13.49 29.79 -20.35
C SER I 353 13.88 29.33 -18.95
N GLY I 354 12.95 29.30 -18.00
CA GLY I 354 13.28 28.96 -16.64
C GLY I 354 13.87 30.09 -15.82
N LEU I 355 13.99 31.29 -16.39
CA LEU I 355 14.56 32.41 -15.67
C LEU I 355 13.61 32.90 -14.58
N TRP I 356 14.18 33.55 -13.57
CA TRP I 356 13.44 34.04 -12.43
C TRP I 356 13.30 35.56 -12.50
N LEU I 357 12.14 36.06 -12.09
CA LEU I 357 11.89 37.50 -12.06
C LEU I 357 12.56 38.11 -10.84
N THR I 358 13.43 39.08 -11.06
CA THR I 358 14.17 39.73 -9.98
C THR I 358 14.53 41.15 -10.41
N TYR I 359 15.21 41.86 -9.52
CA TYR I 359 15.65 43.22 -9.78
C TYR I 359 17.06 43.23 -10.33
N ALA I 360 17.48 44.39 -10.83
CA ALA I 360 18.71 44.53 -11.59
C ALA I 360 19.91 44.96 -10.74
N ALA I 361 19.73 45.12 -9.43
CA ALA I 361 20.82 45.53 -8.54
C ALA I 361 21.38 46.87 -9.01
N PRO I 362 20.65 47.96 -8.82
CA PRO I 362 20.99 49.23 -9.49
C PRO I 362 22.41 49.69 -9.18
N ASP I 363 23.06 50.22 -10.21
CA ASP I 363 24.43 50.69 -10.09
C ASP I 363 24.50 51.90 -9.16
N PRO I 364 25.55 52.01 -8.35
CA PRO I 364 25.69 53.19 -7.49
C PRO I 364 25.84 54.47 -8.29
N LYS I 365 25.90 55.59 -7.56
CA LYS I 365 25.99 56.95 -8.10
C LYS I 365 24.65 57.36 -8.70
N ALA I 366 23.70 56.43 -8.76
CA ALA I 366 22.35 56.72 -9.21
C ALA I 366 21.39 56.98 -8.05
N LEU I 367 21.78 56.65 -6.83
CA LEU I 367 20.94 56.94 -5.68
C LEU I 367 20.80 58.43 -5.44
N ARG I 368 21.82 59.21 -5.79
CA ARG I 368 21.73 60.66 -5.65
C ARG I 368 20.66 61.25 -6.56
N LEU I 369 20.39 60.59 -7.69
CA LEU I 369 19.34 61.04 -8.60
C LEU I 369 17.95 60.84 -8.04
N GLY I 370 17.80 60.17 -6.90
CA GLY I 370 16.50 59.89 -6.34
C GLY I 370 15.77 58.73 -6.97
N VAL I 371 16.46 57.92 -7.77
CA VAL I 371 15.83 56.80 -8.46
C VAL I 371 15.73 55.60 -7.51
N LEU I 372 14.61 55.50 -6.80
CA LEU I 372 14.34 54.32 -6.00
C LEU I 372 13.84 53.15 -6.84
N LYS I 373 13.54 53.38 -8.11
CA LYS I 373 13.09 52.32 -9.00
C LYS I 373 14.21 51.32 -9.25
N LYS I 374 13.89 50.03 -9.18
CA LYS I 374 14.80 48.96 -9.53
C LYS I 374 14.25 48.27 -10.78
N LYS I 375 15.06 48.22 -11.84
CA LYS I 375 14.61 47.62 -13.08
C LYS I 375 14.42 46.12 -12.89
N ALA I 376 13.27 45.62 -13.34
CA ALA I 376 12.96 44.20 -13.26
C ALA I 376 13.59 43.46 -14.42
N ILE I 377 14.29 42.36 -14.11
CA ILE I 377 14.99 41.56 -15.10
C ILE I 377 14.66 40.10 -14.87
N LEU I 378 14.93 39.28 -15.88
CA LEU I 378 14.85 37.83 -15.78
C LEU I 378 16.27 37.28 -15.65
N HIS I 379 16.52 36.54 -14.59
CA HIS I 379 17.85 36.03 -14.29
C HIS I 379 17.77 34.57 -13.94
N GLN I 380 18.86 33.84 -14.20
CA GLN I 380 18.90 32.41 -13.96
C GLN I 380 18.93 32.06 -12.48
N GLU I 381 19.54 32.89 -11.64
CA GLU I 381 19.63 32.62 -10.22
C GLU I 381 18.71 33.51 -9.40
N GLY I 382 18.75 34.83 -9.61
CA GLY I 382 17.93 35.71 -8.82
C GLY I 382 18.47 35.89 -7.41
N HIS I 383 17.57 36.31 -6.52
CA HIS I 383 17.91 36.56 -5.13
C HIS I 383 16.91 35.84 -4.23
N MET I 384 17.18 35.86 -2.93
CA MET I 384 16.32 35.19 -1.97
C MET I 384 15.02 35.95 -1.74
N ASP I 385 15.02 37.27 -1.95
CA ASP I 385 13.84 38.09 -1.72
C ASP I 385 13.02 38.32 -3.00
N ASP I 386 13.12 37.41 -3.97
CA ASP I 386 12.37 37.53 -5.20
C ASP I 386 10.89 37.20 -5.05
N ALA I 387 10.48 36.66 -3.91
CA ALA I 387 9.08 36.32 -3.70
C ALA I 387 8.22 37.56 -3.73
N LEU I 388 7.02 37.41 -4.30
CA LEU I 388 6.09 38.51 -4.48
C LEU I 388 4.77 38.21 -3.75
N PHE I 389 4.17 39.27 -3.22
CA PHE I 389 2.85 39.20 -2.62
C PHE I 389 1.81 39.64 -3.64
N LEU I 390 0.73 38.88 -3.74
CA LEU I 390 -0.40 39.22 -4.61
C LEU I 390 -1.48 39.88 -3.77
N THR I 391 -1.77 41.14 -4.05
CA THR I 391 -2.76 41.90 -3.31
C THR I 391 -3.97 42.20 -4.19
N ARG I 392 -5.16 42.00 -3.63
CA ARG I 392 -6.39 42.22 -4.37
C ARG I 392 -6.55 43.69 -4.71
N CYS I 393 -7.23 43.95 -5.83
CA CYS I 393 -7.54 45.29 -6.28
C CYS I 393 -9.05 45.51 -6.20
N GLN I 394 -9.44 46.70 -5.75
CA GLN I 394 -10.86 47.02 -5.65
C GLN I 394 -11.49 47.04 -7.04
N GLN I 395 -12.78 46.66 -7.08
CA GLN I 395 -13.50 46.65 -8.34
C GLN I 395 -13.58 48.04 -8.97
N GLU I 396 -13.62 49.08 -8.13
CA GLU I 396 -13.63 50.44 -8.66
C GLU I 396 -12.34 50.76 -9.40
N GLU I 397 -11.19 50.39 -8.84
CA GLU I 397 -9.92 50.66 -9.50
C GLU I 397 -9.75 49.79 -10.74
N SER I 398 -10.15 48.52 -10.66
CA SER I 398 -10.02 47.63 -11.82
C SER I 398 -10.87 48.12 -12.99
N GLN I 399 -12.10 48.55 -12.71
CA GLN I 399 -12.94 49.10 -13.77
C GLN I 399 -12.36 50.37 -14.35
N ALA I 400 -11.84 51.24 -13.48
CA ALA I 400 -11.28 52.50 -13.95
C ALA I 400 -10.06 52.28 -14.83
N ALA I 401 -9.20 51.32 -14.46
CA ALA I 401 -8.00 51.06 -15.25
C ALA I 401 -8.36 50.58 -16.65
N ARG I 402 -9.36 49.70 -16.75
CA ARG I 402 -9.81 49.25 -18.08
C ARG I 402 -10.42 50.40 -18.87
N MET I 403 -11.18 51.26 -18.20
CA MET I 403 -11.75 52.41 -18.88
C MET I 403 -10.67 53.34 -19.41
N ILE I 404 -9.60 53.53 -18.63
CA ILE I 404 -8.48 54.34 -19.09
C ILE I 404 -7.87 53.75 -20.34
N HIS I 405 -7.74 52.42 -20.38
CA HIS I 405 -7.18 51.76 -21.55
C HIS I 405 -8.03 52.01 -22.79
N SER I 406 -9.35 51.89 -22.66
CA SER I 406 -10.23 52.09 -23.80
C SER I 406 -10.33 53.57 -24.17
N THR I 407 -10.39 54.45 -23.16
CA THR I 407 -10.50 55.88 -23.43
C THR I 407 -9.25 56.40 -24.12
N ALA I 408 -8.07 55.97 -23.68
CA ALA I 408 -6.83 56.45 -24.28
C ALA I 408 -6.73 56.04 -25.74
N GLY I 409 -7.13 54.80 -26.06
CA GLY I 409 -7.04 54.35 -27.44
C GLY I 409 -7.99 55.10 -28.36
N LEU I 410 -9.18 55.43 -27.86
CA LEU I 410 -10.16 56.12 -28.69
C LEU I 410 -9.73 57.56 -28.98
N TYR I 411 -9.29 58.28 -27.94
CA TYR I 411 -8.92 59.68 -28.14
C TYR I 411 -7.64 59.83 -28.93
N ASN I 412 -6.69 58.90 -28.74
CA ASN I 412 -5.48 58.94 -29.56
C ASN I 412 -5.81 58.71 -31.03
N GLN I 413 -6.77 57.82 -31.31
CA GLN I 413 -7.25 57.66 -32.67
C GLN I 413 -7.93 58.94 -33.16
N PHE I 414 -8.71 59.58 -32.29
CA PHE I 414 -9.35 60.84 -32.64
C PHE I 414 -8.32 61.94 -32.86
N ILE I 415 -7.27 61.97 -32.04
CA ILE I 415 -6.24 63.01 -32.17
C ILE I 415 -5.48 62.84 -33.48
N LYS I 416 -5.05 61.61 -33.79
CA LYS I 416 -4.30 61.40 -35.02
C LYS I 416 -5.19 61.60 -36.25
N GLY I 417 -6.50 61.40 -36.11
CA GLY I 417 -7.40 61.72 -37.20
C GLY I 417 -7.46 63.21 -37.48
N LEU I 418 -7.46 64.03 -36.43
CA LEU I 418 -7.42 65.47 -36.61
C LEU I 418 -6.12 65.92 -37.27
N ASP I 419 -4.99 65.31 -36.88
CA ASP I 419 -3.70 65.65 -37.47
C ASP I 419 -3.58 65.19 -38.92
N SER I 420 -4.47 64.30 -39.38
CA SER I 420 -4.41 63.87 -40.78
C SER I 420 -4.70 65.03 -41.73
N PHE I 421 -5.67 65.88 -41.38
CA PHE I 421 -6.01 67.06 -42.18
C PHE I 421 -5.67 68.34 -41.45
N SER I 422 -4.54 68.36 -40.74
CA SER I 422 -4.16 69.54 -39.96
C SER I 422 -3.94 70.75 -40.86
N GLY I 423 -3.26 70.55 -41.99
CA GLY I 423 -3.03 71.64 -42.92
C GLY I 423 -3.35 71.27 -44.36
N LYS I 424 -4.31 70.36 -44.53
CA LYS I 424 -4.70 69.87 -45.85
C LYS I 424 -6.18 70.17 -46.08
N PRO I 425 -6.51 71.33 -46.65
CA PRO I 425 -7.92 71.61 -46.96
C PRO I 425 -8.48 70.59 -47.93
N ARG I 426 -9.73 70.19 -47.69
CA ARG I 426 -10.36 69.20 -48.55
C ARG I 426 -10.81 69.77 -49.88
N GLY I 427 -10.98 71.09 -49.97
CA GLY I 427 -11.49 71.68 -51.19
C GLY I 427 -12.90 71.22 -51.47
N SER I 428 -13.21 71.02 -52.75
CA SER I 428 -14.51 70.51 -53.15
C SER I 428 -14.50 68.99 -53.27
N GLY I 429 -14.09 68.31 -52.19
CA GLY I 429 -14.00 66.88 -52.20
C GLY I 429 -13.93 66.29 -50.80
N PRO I 430 -13.75 64.97 -50.71
CA PRO I 430 -13.70 64.30 -49.41
C PRO I 430 -12.47 64.71 -48.64
N PRO I 431 -12.49 64.58 -47.31
CA PRO I 431 -11.30 64.92 -46.51
C PRO I 431 -10.09 64.05 -46.79
N ALA I 432 -10.23 63.00 -47.61
CA ALA I 432 -9.13 62.13 -48.01
C ALA I 432 -8.45 61.48 -46.80
N GLY I 433 -9.22 60.68 -46.08
CA GLY I 433 -8.72 59.96 -44.94
C GLY I 433 -9.82 59.16 -44.26
N PRO I 434 -9.44 58.33 -43.28
CA PRO I 434 -10.45 57.57 -42.54
C PRO I 434 -11.35 58.49 -41.74
N ALA I 435 -12.61 58.07 -41.60
CA ALA I 435 -13.59 58.89 -40.90
C ALA I 435 -13.26 58.99 -39.42
N LEU I 436 -13.48 60.18 -38.86
CA LEU I 436 -13.26 60.39 -37.45
C LEU I 436 -14.26 59.59 -36.63
N PRO I 437 -13.86 59.04 -35.49
CA PRO I 437 -14.81 58.34 -34.62
C PRO I 437 -15.70 59.31 -33.88
N ILE I 438 -16.53 60.05 -34.62
CA ILE I 438 -17.33 61.11 -34.02
C ILE I 438 -18.35 60.53 -33.05
N GLU I 439 -19.08 59.50 -33.47
CA GLU I 439 -20.11 58.92 -32.61
C GLU I 439 -19.50 58.26 -31.38
N ALA I 440 -18.34 57.61 -31.55
CA ALA I 440 -17.69 56.97 -30.41
C ALA I 440 -17.19 58.01 -29.41
N VAL I 441 -16.61 59.11 -29.90
CA VAL I 441 -16.08 60.14 -29.01
C VAL I 441 -17.21 60.80 -28.22
N ILE I 442 -18.32 61.11 -28.89
CA ILE I 442 -19.44 61.77 -28.22
C ILE I 442 -19.99 60.88 -27.12
N LEU I 443 -20.21 59.60 -27.42
CA LEU I 443 -20.74 58.68 -26.42
C LEU I 443 -19.74 58.48 -25.28
N SER I 444 -18.44 58.37 -25.62
CA SER I 444 -17.43 58.22 -24.59
C SER I 444 -17.37 59.42 -23.66
N LEU I 445 -17.45 60.63 -24.24
CA LEU I 445 -17.43 61.84 -23.42
C LEU I 445 -18.64 61.89 -22.49
N GLN I 446 -19.82 61.55 -22.99
CA GLN I 446 -21.02 61.58 -22.17
C GLN I 446 -20.94 60.56 -21.03
N ASP I 447 -20.41 59.37 -21.31
CA ASP I 447 -20.25 58.36 -20.27
C ASP I 447 -19.29 58.83 -19.18
N LEU I 448 -18.17 59.43 -19.58
CA LEU I 448 -17.19 59.90 -18.60
C LEU I 448 -17.75 61.06 -17.78
N ILE I 449 -18.53 61.95 -18.41
CA ILE I 449 -19.12 63.06 -17.68
C ILE I 449 -20.06 62.54 -16.60
N GLY I 450 -20.89 61.57 -16.94
CA GLY I 450 -21.71 60.92 -15.93
C GLY I 450 -20.92 60.04 -14.99
N TYR I 451 -19.73 59.63 -15.39
CA TYR I 451 -18.87 58.83 -14.51
C TYR I 451 -18.23 59.69 -13.43
N PHE I 452 -17.97 60.96 -13.71
CA PHE I 452 -17.32 61.87 -12.77
C PHE I 452 -18.30 62.87 -12.17
N GLU I 453 -19.59 62.60 -12.23
CA GLU I 453 -20.57 63.55 -11.71
C GLU I 453 -20.45 63.63 -10.19
N PRO I 454 -20.45 64.83 -9.62
CA PRO I 454 -20.37 64.95 -8.16
C PRO I 454 -21.63 64.41 -7.52
N PRO I 455 -21.53 63.87 -6.30
CA PRO I 455 -22.72 63.33 -5.64
C PRO I 455 -23.72 64.42 -5.33
N SER I 456 -25.00 64.03 -5.34
CA SER I 456 -26.08 64.97 -5.09
C SER I 456 -26.04 65.47 -3.65
N GLU I 457 -26.36 66.74 -3.45
CA GLU I 457 -26.35 67.34 -2.13
C GLU I 457 -27.47 66.83 -1.23
N GLU I 458 -28.46 66.13 -1.79
CA GLU I 458 -29.57 65.62 -1.00
C GLU I 458 -29.24 64.33 -0.28
N LEU I 459 -28.10 63.71 -0.56
CA LEU I 459 -27.72 62.47 0.11
C LEU I 459 -27.33 62.75 1.56
N GLN I 460 -27.39 61.69 2.37
CA GLN I 460 -26.95 61.79 3.75
C GLN I 460 -25.44 62.01 3.80
N HIS I 461 -24.97 62.47 4.95
CA HIS I 461 -23.56 62.82 5.08
C HIS I 461 -22.66 61.61 4.88
N GLU I 462 -23.07 60.45 5.39
CA GLU I 462 -22.19 59.29 5.38
C GLU I 462 -21.90 58.82 3.95
N GLU I 463 -22.95 58.62 3.15
CA GLU I 463 -22.74 58.12 1.80
C GLU I 463 -22.20 59.20 0.87
N LYS I 464 -22.49 60.47 1.16
CA LYS I 464 -21.93 61.55 0.35
C LYS I 464 -20.43 61.61 0.47
N GLN I 465 -19.90 61.45 1.69
CA GLN I 465 -18.45 61.43 1.87
C GLN I 465 -17.83 60.21 1.22
N SER I 466 -18.53 59.06 1.27
CA SER I 466 -18.02 57.86 0.60
C SER I 466 -17.94 58.06 -0.90
N LYS I 467 -18.96 58.69 -1.49
CA LYS I 467 -18.93 58.95 -2.92
C LYS I 467 -17.88 60.00 -3.28
N LEU I 468 -17.70 61.00 -2.41
CA LEU I 468 -16.64 61.98 -2.64
C LEU I 468 -15.27 61.33 -2.62
N ARG I 469 -15.05 60.40 -1.67
CA ARG I 469 -13.77 59.71 -1.61
C ARG I 469 -13.53 58.89 -2.87
N SER I 470 -14.55 58.20 -3.36
CA SER I 470 -14.40 57.43 -4.59
C SER I 470 -14.17 58.35 -5.78
N LEU I 471 -14.87 59.49 -5.82
CA LEU I 471 -14.72 60.42 -6.93
C LEU I 471 -13.31 61.00 -6.99
N ARG I 472 -12.76 61.38 -5.83
CA ARG I 472 -11.40 61.91 -5.81
C ARG I 472 -10.39 60.85 -6.25
N ASN I 473 -10.60 59.60 -5.82
CA ASN I 473 -9.70 58.52 -6.23
C ASN I 473 -9.74 58.31 -7.73
N ARG I 474 -10.94 58.32 -8.33
CA ARG I 474 -11.05 58.12 -9.77
C ARG I 474 -10.48 59.29 -10.56
N GLN I 475 -10.63 60.51 -10.05
CA GLN I 475 -10.01 61.66 -10.72
C GLN I 475 -8.50 61.55 -10.69
N SER I 476 -7.93 61.13 -9.56
CA SER I 476 -6.48 60.97 -9.49
C SER I 476 -5.99 59.85 -10.40
N LEU I 477 -6.76 58.75 -10.48
CA LEU I 477 -6.35 57.64 -11.33
C LEU I 477 -6.28 58.04 -12.80
N PHE I 478 -7.29 58.78 -13.28
CA PHE I 478 -7.28 59.23 -14.66
C PHE I 478 -6.17 60.24 -14.91
N GLN I 479 -5.95 61.15 -13.97
CA GLN I 479 -4.93 62.17 -14.15
C GLN I 479 -3.53 61.55 -14.21
N GLU I 480 -3.27 60.57 -13.35
CA GLU I 480 -1.94 59.95 -13.32
C GLU I 480 -1.64 59.16 -14.60
N GLU I 481 -2.66 58.80 -15.37
CA GLU I 481 -2.47 58.09 -16.62
C GLU I 481 -2.44 59.03 -17.83
N GLY I 482 -2.44 60.33 -17.61
CA GLY I 482 -2.40 61.27 -18.70
C GLY I 482 -3.71 61.55 -19.38
N MET I 483 -4.84 61.14 -18.79
CA MET I 483 -6.13 61.43 -19.38
C MET I 483 -6.42 62.92 -19.41
N LEU I 484 -6.03 63.63 -18.34
CA LEU I 484 -6.24 65.08 -18.31
C LEU I 484 -5.43 65.76 -19.41
N SER I 485 -4.18 65.35 -19.61
CA SER I 485 -3.39 65.89 -20.70
C SER I 485 -3.94 65.43 -22.06
N LEU I 486 -4.54 64.24 -22.11
CA LEU I 486 -5.13 63.77 -23.36
C LEU I 486 -6.32 64.63 -23.77
N VAL I 487 -7.14 65.04 -22.79
CA VAL I 487 -8.27 65.89 -23.09
C VAL I 487 -7.81 67.26 -23.59
N LEU I 488 -6.74 67.79 -22.99
CA LEU I 488 -6.23 69.09 -23.44
C LEU I 488 -5.76 69.03 -24.88
N ASN I 489 -5.10 67.94 -25.28
CA ASN I 489 -4.64 67.81 -26.65
C ASN I 489 -5.81 67.77 -27.62
N CYS I 490 -6.90 67.09 -27.25
CA CYS I 490 -8.09 67.09 -28.09
C CYS I 490 -8.67 68.50 -28.22
N ILE I 491 -8.71 69.24 -27.11
CA ILE I 491 -9.24 70.60 -27.15
C ILE I 491 -8.37 71.49 -28.03
N ASP I 492 -7.05 71.39 -27.87
CA ASP I 492 -6.14 72.27 -28.61
C ASP I 492 -6.27 72.07 -30.12
N ARG I 493 -6.37 70.82 -30.57
CA ARG I 493 -6.46 70.56 -31.99
C ARG I 493 -7.82 70.98 -32.55
N LEU I 494 -8.87 70.87 -31.74
CA LEU I 494 -10.17 71.37 -32.15
C LEU I 494 -10.30 72.87 -31.99
N ASN I 495 -9.42 73.51 -31.21
CA ASN I 495 -9.51 74.94 -30.97
C ASN I 495 -8.87 75.77 -32.07
N VAL I 496 -8.11 75.15 -32.98
CA VAL I 496 -7.49 75.90 -34.07
C VAL I 496 -8.49 76.28 -35.15
N TYR I 497 -9.73 75.83 -35.04
CA TYR I 497 -10.79 76.19 -35.98
C TYR I 497 -11.74 77.16 -35.29
N THR I 498 -11.95 78.32 -35.92
CA THR I 498 -12.73 79.37 -35.29
C THR I 498 -14.21 79.03 -35.20
N THR I 499 -14.71 78.17 -36.08
CA THR I 499 -16.13 77.83 -36.10
C THR I 499 -16.31 76.48 -36.77
N ALA I 500 -17.55 76.00 -36.76
CA ALA I 500 -17.86 74.73 -37.41
C ALA I 500 -17.64 74.82 -38.92
N ALA I 501 -18.01 75.94 -39.52
CA ALA I 501 -17.80 76.12 -40.96
C ALA I 501 -16.32 76.07 -41.30
N HIS I 502 -15.47 76.70 -40.49
CA HIS I 502 -14.03 76.59 -40.69
C HIS I 502 -13.57 75.15 -40.52
N PHE I 503 -14.12 74.45 -39.54
CA PHE I 503 -13.79 73.04 -39.35
C PHE I 503 -14.31 72.20 -40.51
N ALA I 504 -15.40 72.64 -41.15
CA ALA I 504 -15.94 71.93 -42.30
C ALA I 504 -15.00 71.98 -43.50
N GLU I 505 -14.16 73.01 -43.57
CA GLU I 505 -13.22 73.15 -44.68
C GLU I 505 -12.12 72.10 -44.66
N TYR I 506 -11.98 71.35 -43.58
CA TYR I 506 -10.94 70.35 -43.45
C TYR I 506 -11.45 68.95 -43.13
N ALA I 507 -12.62 68.84 -42.49
CA ALA I 507 -13.16 67.55 -42.09
C ALA I 507 -14.50 67.23 -42.73
N GLY I 508 -15.03 68.09 -43.57
CA GLY I 508 -16.31 67.86 -44.21
C GLY I 508 -17.48 68.34 -43.37
N GLU I 509 -18.65 68.36 -44.00
CA GLU I 509 -19.85 68.85 -43.33
C GLU I 509 -20.38 67.85 -42.31
N GLU I 510 -20.30 66.56 -42.62
CA GLU I 510 -20.84 65.55 -41.70
C GLU I 510 -20.07 65.50 -40.40
N ALA I 511 -18.78 65.85 -40.42
CA ALA I 511 -18.01 65.88 -39.18
C ALA I 511 -18.12 67.23 -38.48
N ALA I 512 -18.38 68.31 -39.23
CA ALA I 512 -18.46 69.64 -38.64
C ALA I 512 -19.75 69.86 -37.86
N GLU I 513 -20.82 69.14 -38.19
CA GLU I 513 -22.08 69.30 -37.48
C GLU I 513 -22.03 68.79 -36.05
N SER I 514 -20.98 68.05 -35.68
CA SER I 514 -20.76 67.65 -34.30
C SER I 514 -19.58 68.36 -33.67
N TRP I 515 -18.96 69.32 -34.37
CA TRP I 515 -17.80 70.01 -33.85
C TRP I 515 -18.15 70.80 -32.59
N LYS I 516 -19.28 71.49 -32.60
CA LYS I 516 -19.67 72.29 -31.45
C LYS I 516 -20.05 71.41 -30.27
N GLU I 517 -20.69 70.26 -30.53
CA GLU I 517 -21.07 69.35 -29.46
C GLU I 517 -19.84 68.75 -28.78
N ILE I 518 -18.83 68.36 -29.56
CA ILE I 518 -17.67 67.70 -28.99
C ILE I 518 -16.88 68.66 -28.10
N VAL I 519 -16.67 69.90 -28.56
CA VAL I 519 -15.86 70.83 -27.78
C VAL I 519 -16.53 71.17 -26.46
N ASN I 520 -17.87 71.28 -26.47
CA ASN I 520 -18.59 71.52 -25.22
C ASN I 520 -18.44 70.35 -24.27
N LEU I 521 -18.51 69.12 -24.79
CA LEU I 521 -18.33 67.95 -23.95
C LEU I 521 -16.91 67.86 -23.41
N LEU I 522 -15.92 68.26 -24.22
CA LEU I 522 -14.53 68.22 -23.77
C LEU I 522 -14.31 69.15 -22.58
N TYR I 523 -14.85 70.36 -22.64
CA TYR I 523 -14.72 71.27 -21.51
C TYR I 523 -15.52 70.78 -20.31
N GLU I 524 -16.68 70.17 -20.55
CA GLU I 524 -17.48 69.63 -19.46
C GLU I 524 -16.75 68.49 -18.77
N LEU I 525 -16.10 67.61 -19.55
CA LEU I 525 -15.31 66.54 -18.96
C LEU I 525 -14.09 67.10 -18.24
N LEU I 526 -13.45 68.13 -18.80
CA LEU I 526 -12.28 68.72 -18.17
C LEU I 526 -12.63 69.31 -16.80
N ALA I 527 -13.80 69.96 -16.70
CA ALA I 527 -14.24 70.48 -15.41
C ALA I 527 -14.50 69.35 -14.42
N SER I 528 -15.09 68.25 -14.88
CA SER I 528 -15.39 67.14 -13.98
C SER I 528 -14.12 66.46 -13.49
N LEU I 529 -13.06 66.45 -14.29
CA LEU I 529 -11.81 65.81 -13.88
C LEU I 529 -11.11 66.61 -12.78
N ILE I 530 -11.40 67.90 -12.66
CA ILE I 530 -10.69 68.76 -11.72
C ILE I 530 -11.59 69.34 -10.64
N ARG I 531 -12.91 69.22 -10.76
CA ARG I 531 -13.81 69.83 -9.79
C ARG I 531 -13.62 69.21 -8.42
N GLY I 532 -13.19 70.02 -7.46
CA GLY I 532 -12.98 69.58 -6.10
C GLY I 532 -11.67 68.87 -5.85
N ASN I 533 -10.81 68.73 -6.86
CA ASN I 533 -9.54 68.04 -6.73
C ASN I 533 -8.43 69.08 -6.80
N ARG I 534 -7.80 69.36 -5.66
CA ARG I 534 -6.76 70.39 -5.62
C ARG I 534 -5.54 69.98 -6.42
N ALA I 535 -5.18 68.70 -6.37
CA ALA I 535 -4.00 68.24 -7.10
C ALA I 535 -4.16 68.43 -8.61
N ASN I 536 -5.35 68.12 -9.15
CA ASN I 536 -5.58 68.31 -10.57
C ASN I 536 -5.64 69.80 -10.92
N CYS I 537 -6.25 70.61 -10.05
CA CYS I 537 -6.34 72.04 -10.33
C CYS I 537 -4.97 72.72 -10.26
N ALA I 538 -4.06 72.21 -9.43
CA ALA I 538 -2.73 72.80 -9.33
C ALA I 538 -1.93 72.63 -10.60
N LEU I 539 -2.33 71.72 -11.49
CA LEU I 539 -1.63 71.53 -12.76
C LEU I 539 -1.72 72.74 -13.66
N PHE I 540 -2.74 73.59 -13.48
CA PHE I 540 -2.90 74.78 -14.30
C PHE I 540 -2.08 75.95 -13.81
N SER I 541 -1.33 75.80 -12.71
CA SER I 541 -0.44 76.86 -12.26
C SER I 541 0.72 77.09 -13.22
N THR I 542 0.95 76.19 -14.17
CA THR I 542 1.96 76.39 -15.19
C THR I 542 1.37 76.85 -16.52
N ASN I 543 0.17 76.38 -16.87
CA ASN I 543 -0.53 76.80 -18.08
C ASN I 543 -1.87 77.40 -17.68
N LEU I 544 -1.85 78.70 -17.38
CA LEU I 544 -3.07 79.43 -17.07
C LEU I 544 -3.55 80.28 -18.24
N ASP I 545 -2.64 80.76 -19.08
CA ASP I 545 -3.05 81.47 -20.29
C ASP I 545 -3.83 80.55 -21.22
N TRP I 546 -3.66 79.24 -21.09
CA TRP I 546 -4.40 78.30 -21.91
C TRP I 546 -5.90 78.43 -21.67
N VAL I 547 -6.31 78.53 -20.40
CA VAL I 547 -7.72 78.69 -20.07
C VAL I 547 -8.18 80.12 -20.36
N VAL I 548 -7.39 81.10 -19.96
CA VAL I 548 -7.82 82.50 -20.05
C VAL I 548 -7.98 82.93 -21.50
N SER I 549 -7.04 82.56 -22.36
CA SER I 549 -7.09 82.98 -23.76
C SER I 549 -8.29 82.41 -24.50
N LYS I 550 -8.92 81.37 -23.97
CA LYS I 550 -10.08 80.77 -24.59
C LYS I 550 -11.40 81.30 -24.05
N LEU I 551 -11.36 82.27 -23.12
CA LEU I 551 -12.59 82.78 -22.54
C LEU I 551 -13.47 83.49 -23.57
N ASP I 552 -12.87 84.06 -24.61
CA ASP I 552 -13.60 84.79 -25.63
C ASP I 552 -14.18 83.88 -26.71
N ARG I 553 -13.88 82.59 -26.67
CA ARG I 553 -14.45 81.67 -27.66
C ARG I 553 -15.96 81.59 -27.49
N LEU I 554 -16.68 81.67 -28.61
CA LEU I 554 -18.14 81.76 -28.55
C LEU I 554 -18.80 80.39 -28.52
N GLU I 555 -18.14 79.36 -29.04
CA GLU I 555 -18.78 78.05 -29.16
C GLU I 555 -18.98 77.40 -27.79
N ALA I 556 -18.08 77.63 -26.85
CA ALA I 556 -18.16 77.02 -25.53
C ALA I 556 -17.85 78.04 -24.45
N SER I 557 -18.51 79.20 -24.51
CA SER I 557 -18.26 80.26 -23.54
C SER I 557 -18.59 79.81 -22.13
N SER I 558 -19.73 79.12 -21.95
CA SER I 558 -20.14 78.70 -20.61
C SER I 558 -19.25 77.58 -20.07
N GLY I 559 -18.85 76.63 -20.93
CA GLY I 559 -18.03 75.53 -20.47
C GLY I 559 -16.64 75.97 -20.02
N ILE I 560 -16.03 76.88 -20.77
CA ILE I 560 -14.68 77.33 -20.42
C ILE I 560 -14.71 78.15 -19.13
N LEU I 561 -15.75 78.95 -18.94
CA LEU I 561 -15.87 79.71 -17.70
C LEU I 561 -16.01 78.77 -16.50
N GLU I 562 -16.74 77.67 -16.66
CA GLU I 562 -16.86 76.70 -15.58
C GLU I 562 -15.52 76.06 -15.25
N VAL I 563 -14.71 75.79 -16.28
CA VAL I 563 -13.38 75.22 -16.05
C VAL I 563 -12.53 76.19 -15.23
N LEU I 564 -12.57 77.47 -15.60
CA LEU I 564 -11.80 78.47 -14.87
C LEU I 564 -12.28 78.59 -13.43
N TYR I 565 -13.60 78.53 -13.22
CA TYR I 565 -14.14 78.65 -11.87
C TYR I 565 -13.68 77.50 -10.98
N CYS I 566 -13.66 76.28 -11.53
CA CYS I 566 -13.23 75.12 -10.73
C CYS I 566 -11.77 75.23 -10.32
N VAL I 567 -10.92 75.72 -11.22
CA VAL I 567 -9.50 75.84 -10.91
C VAL I 567 -9.26 76.85 -9.80
N LEU I 568 -9.93 78.01 -9.86
CA LEU I 568 -9.64 79.08 -8.93
C LEU I 568 -10.12 78.76 -7.51
N ILE I 569 -11.25 78.07 -7.38
CA ILE I 569 -11.80 77.80 -6.05
C ILE I 569 -11.06 76.69 -5.31
N GLU I 570 -10.12 76.00 -5.96
CA GLU I 570 -9.43 74.87 -5.36
C GLU I 570 -7.94 75.10 -5.18
N SER I 571 -7.27 75.74 -6.13
CA SER I 571 -5.82 75.83 -6.09
C SER I 571 -5.38 77.22 -5.67
N PRO I 572 -4.85 77.41 -4.46
CA PRO I 572 -4.24 78.70 -4.11
C PRO I 572 -3.02 79.03 -4.95
N GLU I 573 -2.37 78.03 -5.56
CA GLU I 573 -1.19 78.30 -6.38
C GLU I 573 -1.54 79.12 -7.60
N VAL I 574 -2.72 78.86 -8.19
CA VAL I 574 -3.12 79.60 -9.38
C VAL I 574 -3.36 81.07 -9.05
N LEU I 575 -3.88 81.35 -7.86
CA LEU I 575 -4.14 82.73 -7.48
C LEU I 575 -2.85 83.53 -7.36
N ASN I 576 -1.74 82.87 -7.01
CA ASN I 576 -0.46 83.57 -6.87
C ASN I 576 0.18 83.89 -8.19
N ILE I 577 -0.26 83.29 -9.29
CA ILE I 577 0.29 83.58 -10.62
C ILE I 577 -0.62 84.48 -11.43
N ILE I 578 -1.76 84.91 -10.87
CA ILE I 578 -2.67 85.78 -11.61
C ILE I 578 -2.00 87.10 -11.88
N GLN I 579 -2.03 87.53 -13.13
CA GLN I 579 -1.44 88.79 -13.57
C GLN I 579 -2.55 89.75 -14.00
N GLU I 580 -2.15 90.99 -14.32
CA GLU I 580 -3.12 92.00 -14.69
C GLU I 580 -3.85 91.63 -15.98
N ASN I 581 -3.12 91.10 -16.97
CA ASN I 581 -3.75 90.75 -18.23
C ASN I 581 -4.80 89.65 -18.06
N HIS I 582 -4.57 88.74 -17.11
CA HIS I 582 -5.57 87.71 -16.82
C HIS I 582 -6.86 88.33 -16.29
N ILE I 583 -6.72 89.27 -15.36
CA ILE I 583 -7.91 89.89 -14.75
C ILE I 583 -8.65 90.75 -15.76
N LYS I 584 -7.91 91.49 -16.59
CA LYS I 584 -8.55 92.30 -17.62
C LYS I 584 -9.31 91.43 -18.61
N SER I 585 -8.79 90.25 -18.93
CA SER I 585 -9.50 89.33 -19.81
C SER I 585 -10.81 88.86 -19.16
N ILE I 586 -10.77 88.56 -17.86
CA ILE I 586 -11.97 88.13 -17.17
C ILE I 586 -12.97 89.28 -17.07
N ILE I 587 -12.49 90.49 -16.81
CA ILE I 587 -13.38 91.64 -16.78
C ILE I 587 -13.95 91.92 -18.16
N SER I 588 -13.15 91.70 -19.20
CA SER I 588 -13.65 91.88 -20.56
C SER I 588 -14.77 90.91 -20.88
N LEU I 589 -14.85 89.79 -20.16
CA LEU I 589 -15.95 88.84 -20.36
C LEU I 589 -17.29 89.47 -19.99
N LEU I 590 -17.31 90.27 -18.92
CA LEU I 590 -18.53 91.00 -18.57
C LEU I 590 -18.92 91.97 -19.67
N ASP I 591 -17.93 92.67 -20.24
CA ASP I 591 -18.24 93.69 -21.25
C ASP I 591 -18.78 93.05 -22.53
N LYS I 592 -18.28 91.87 -22.89
CA LYS I 592 -18.63 91.27 -24.17
C LYS I 592 -19.74 90.23 -24.08
N HIS I 593 -19.90 89.57 -22.93
CA HIS I 593 -20.93 88.55 -22.78
C HIS I 593 -22.10 88.98 -21.92
N GLY I 594 -22.11 90.20 -21.40
CA GLY I 594 -23.22 90.70 -20.60
C GLY I 594 -23.00 90.49 -19.12
N ARG I 595 -24.03 90.85 -18.37
CA ARG I 595 -23.99 90.80 -16.90
C ARG I 595 -24.31 89.37 -16.46
N ASN I 596 -23.26 88.56 -16.34
CA ASN I 596 -23.37 87.19 -15.87
C ASN I 596 -22.83 87.13 -14.45
N HIS I 597 -23.63 86.64 -13.51
CA HIS I 597 -23.22 86.58 -12.12
C HIS I 597 -22.10 85.57 -11.89
N LYS I 598 -21.93 84.60 -12.79
CA LYS I 598 -20.86 83.63 -12.63
C LYS I 598 -19.48 84.26 -12.81
N VAL I 599 -19.39 85.26 -13.70
CA VAL I 599 -18.12 85.98 -13.86
C VAL I 599 -17.78 86.71 -12.57
N LEU I 600 -18.79 87.26 -11.89
CA LEU I 600 -18.56 87.89 -10.60
C LEU I 600 -18.05 86.89 -9.57
N ASP I 601 -18.60 85.67 -9.58
CA ASP I 601 -18.12 84.64 -8.67
C ASP I 601 -16.68 84.27 -8.97
N VAL I 602 -16.29 84.28 -10.25
CA VAL I 602 -14.90 84.04 -10.62
C VAL I 602 -14.01 85.13 -10.03
N LEU I 603 -14.44 86.39 -10.13
CA LEU I 603 -13.66 87.48 -9.56
C LEU I 603 -13.60 87.40 -8.04
N CYS I 604 -14.68 86.96 -7.40
CA CYS I 604 -14.66 86.80 -5.95
C CYS I 604 -13.64 85.75 -5.51
N SER I 605 -13.54 84.65 -6.25
CA SER I 605 -12.60 83.59 -5.92
C SER I 605 -11.15 84.01 -6.10
N LEU I 606 -10.87 85.05 -6.88
CA LEU I 606 -9.51 85.53 -7.07
C LEU I 606 -8.98 86.27 -5.85
N CYS I 607 -9.85 86.75 -4.97
CA CYS I 607 -9.44 87.58 -3.85
C CYS I 607 -9.01 86.76 -2.63
N VAL I 608 -9.86 85.84 -2.19
CA VAL I 608 -9.62 85.08 -0.97
C VAL I 608 -9.74 83.59 -1.30
N CYS I 609 -8.78 82.80 -0.83
CA CYS I 609 -8.83 81.35 -0.95
C CYS I 609 -8.39 80.74 0.37
N ASN I 610 -9.26 79.89 0.94
CA ASN I 610 -8.97 79.19 2.19
C ASN I 610 -8.64 80.17 3.32
N GLY I 611 -9.35 81.29 3.36
CA GLY I 611 -9.17 82.26 4.42
C GLY I 611 -7.95 83.13 4.29
N VAL I 612 -7.26 83.12 3.15
CA VAL I 612 -6.09 83.94 2.92
C VAL I 612 -6.37 84.85 1.72
N ALA I 613 -6.14 86.14 1.88
CA ALA I 613 -6.44 87.12 0.85
C ALA I 613 -5.18 87.45 0.06
N VAL I 614 -5.36 87.71 -1.23
CA VAL I 614 -4.28 88.11 -2.12
C VAL I 614 -4.47 89.60 -2.41
N ARG I 615 -3.54 90.43 -1.91
CA ARG I 615 -3.67 91.87 -2.11
C ARG I 615 -3.55 92.26 -3.57
N SER I 616 -2.66 91.61 -4.33
CA SER I 616 -2.47 91.97 -5.72
C SER I 616 -3.75 91.76 -6.53
N ASN I 617 -4.43 90.63 -6.31
CA ASN I 617 -5.67 90.37 -7.03
C ASN I 617 -6.75 91.37 -6.65
N GLN I 618 -6.85 91.69 -5.35
CA GLN I 618 -7.88 92.63 -4.91
C GLN I 618 -7.66 94.01 -5.49
N ASP I 619 -6.41 94.47 -5.54
CA ASP I 619 -6.12 95.79 -6.08
C ASP I 619 -6.36 95.85 -7.59
N LEU I 620 -5.95 94.80 -8.32
CA LEU I 620 -6.13 94.79 -9.76
C LEU I 620 -7.61 94.77 -10.14
N ILE I 621 -8.41 93.98 -9.43
CA ILE I 621 -9.85 93.96 -9.70
C ILE I 621 -10.46 95.33 -9.41
N THR I 622 -10.08 95.94 -8.29
CA THR I 622 -10.59 97.26 -7.95
C THR I 622 -10.18 98.29 -8.99
N GLU I 623 -8.92 98.22 -9.44
CA GLU I 623 -8.40 99.24 -10.36
C GLU I 623 -9.06 99.13 -11.74
N ASN I 624 -9.29 97.91 -12.21
CA ASN I 624 -9.72 97.70 -13.59
C ASN I 624 -11.23 97.51 -13.74
N LEU I 625 -12.00 97.58 -12.67
CA LEU I 625 -13.43 97.35 -12.76
C LEU I 625 -14.29 98.46 -12.16
N LEU I 626 -13.90 99.00 -11.01
CA LEU I 626 -14.72 99.97 -10.29
C LEU I 626 -14.71 101.36 -10.91
N PRO I 627 -13.54 101.99 -11.15
CA PRO I 627 -13.56 103.40 -11.54
C PRO I 627 -14.25 103.67 -12.86
N GLY I 628 -14.39 102.68 -13.73
CA GLY I 628 -15.10 102.88 -14.98
C GLY I 628 -16.56 103.21 -14.76
N ARG I 629 -17.20 102.53 -13.81
CA ARG I 629 -18.62 102.71 -13.50
C ARG I 629 -19.49 102.49 -14.73
N GLU I 630 -19.12 101.50 -15.53
CA GLU I 630 -19.87 101.16 -16.74
C GLU I 630 -20.46 99.77 -16.73
N LEU I 631 -19.83 98.82 -16.04
CA LEU I 631 -20.28 97.44 -16.03
C LEU I 631 -21.22 97.16 -14.85
N LEU I 632 -20.73 97.41 -13.63
CA LEU I 632 -21.54 97.18 -12.44
C LEU I 632 -22.63 98.23 -12.32
N LEU I 633 -23.78 97.81 -11.78
CA LEU I 633 -24.89 98.72 -11.57
C LEU I 633 -24.54 99.73 -10.46
N GLN I 634 -24.96 100.97 -10.67
CA GLN I 634 -24.63 102.06 -9.75
C GLN I 634 -25.84 102.40 -8.89
N THR I 635 -25.57 102.77 -7.64
CA THR I 635 -26.60 103.14 -6.69
C THR I 635 -26.28 104.49 -6.07
N ASN I 636 -27.34 105.24 -5.77
CA ASN I 636 -27.20 106.55 -5.14
C ASN I 636 -28.58 106.98 -4.64
N LEU I 637 -28.59 107.86 -3.66
CA LEU I 637 -29.82 108.42 -3.12
C LEU I 637 -30.19 109.69 -3.88
N ILE I 638 -31.44 109.76 -4.35
CA ILE I 638 -31.91 110.90 -5.11
C ILE I 638 -33.22 111.39 -4.51
N ASN I 639 -33.51 112.67 -4.74
CA ASN I 639 -34.74 113.27 -4.28
C ASN I 639 -35.86 113.07 -5.30
N TYR I 640 -37.09 112.96 -4.79
CA TYR I 640 -38.25 112.94 -5.65
C TYR I 640 -38.53 114.34 -6.19
N VAL I 641 -38.91 114.41 -7.47
CA VAL I 641 -39.22 115.67 -8.12
C VAL I 641 -40.63 115.57 -8.69
N THR I 642 -41.43 116.60 -8.43
CA THR I 642 -42.81 116.65 -8.90
C THR I 642 -43.02 117.94 -9.68
N SER I 643 -43.89 117.86 -10.69
CA SER I 643 -44.20 118.99 -11.55
C SER I 643 -45.64 119.43 -11.31
N ILE I 644 -45.84 120.74 -11.31
CA ILE I 644 -47.16 121.33 -11.12
C ILE I 644 -47.41 122.31 -12.26
N ARG I 645 -48.60 122.24 -12.85
CA ARG I 645 -48.95 123.07 -13.98
C ARG I 645 -50.32 123.71 -13.75
N PRO I 646 -50.55 124.88 -14.33
CA PRO I 646 -51.92 125.37 -14.47
C PRO I 646 -52.63 124.65 -15.60
N ASN I 647 -53.96 124.67 -15.55
CA ASN I 647 -54.73 124.08 -16.65
C ASN I 647 -54.86 125.07 -17.80
N ILE I 648 -53.72 125.56 -18.28
CA ILE I 648 -53.65 126.51 -19.38
C ILE I 648 -52.89 125.84 -20.52
N PHE I 649 -53.56 125.64 -21.65
CA PHE I 649 -52.98 124.92 -22.78
C PHE I 649 -53.06 125.79 -24.02
N VAL I 650 -51.91 126.03 -24.65
CA VAL I 650 -51.83 126.83 -25.86
C VAL I 650 -51.04 126.05 -26.90
N GLY I 651 -51.32 126.34 -28.17
CA GLY I 651 -50.64 125.66 -29.26
C GLY I 651 -50.87 126.39 -30.56
N ARG I 652 -50.23 125.88 -31.61
CA ARG I 652 -50.34 126.48 -32.93
C ARG I 652 -50.77 125.41 -33.93
N ALA I 653 -51.69 125.76 -34.81
CA ALA I 653 -52.15 124.87 -35.87
C ALA I 653 -52.73 125.72 -36.99
N GLU I 654 -52.79 125.14 -38.18
CA GLU I 654 -53.33 125.86 -39.32
C GLU I 654 -54.83 126.04 -39.15
N GLY I 655 -55.27 127.30 -39.09
CA GLY I 655 -56.67 127.60 -38.85
C GLY I 655 -57.09 127.56 -37.40
N SER I 656 -56.14 127.41 -36.48
CA SER I 656 -56.47 127.34 -35.06
C SER I 656 -56.94 128.71 -34.56
N THR I 657 -57.74 128.68 -33.50
CA THR I 657 -58.31 129.88 -32.91
C THR I 657 -57.48 130.44 -31.77
N GLN I 658 -56.34 129.81 -31.45
CA GLN I 658 -55.53 130.23 -30.31
C GLN I 658 -54.56 131.33 -30.70
N TYR I 659 -54.29 132.21 -29.74
CA TYR I 659 -53.29 133.25 -29.92
C TYR I 659 -51.89 132.63 -29.89
N GLY I 660 -50.92 133.38 -30.43
CA GLY I 660 -49.60 132.82 -30.63
C GLY I 660 -48.55 133.15 -29.58
N LYS I 661 -48.71 134.28 -28.89
CA LYS I 661 -47.71 134.75 -27.93
C LYS I 661 -48.32 134.78 -26.54
N TRP I 662 -47.60 134.19 -25.57
CA TRP I 662 -48.10 134.06 -24.21
C TRP I 662 -46.99 134.38 -23.23
N TYR I 663 -47.39 134.78 -22.02
CA TYR I 663 -46.46 135.26 -21.01
C TYR I 663 -47.00 134.92 -19.62
N PHE I 664 -46.08 134.50 -18.74
CA PHE I 664 -46.42 134.27 -17.34
C PHE I 664 -45.16 134.44 -16.51
N GLU I 665 -45.36 134.57 -15.20
CA GLU I 665 -44.27 134.78 -14.26
C GLU I 665 -44.39 133.81 -13.10
N VAL I 666 -43.24 133.43 -12.54
CA VAL I 666 -43.17 132.62 -11.34
C VAL I 666 -42.27 133.35 -10.34
N MET I 667 -42.79 133.60 -9.14
CA MET I 667 -42.04 134.28 -8.10
C MET I 667 -41.64 133.27 -7.02
N VAL I 668 -40.37 133.29 -6.65
CA VAL I 668 -39.84 132.36 -5.66
C VAL I 668 -39.91 133.02 -4.29
N ASP I 669 -40.54 132.33 -3.33
CA ASP I 669 -40.71 132.86 -1.98
C ASP I 669 -39.78 132.21 -0.96
N GLU I 670 -39.53 130.91 -1.08
CA GLU I 670 -38.71 130.21 -0.10
C GLU I 670 -38.11 128.97 -0.74
N VAL I 671 -36.78 128.88 -0.71
CA VAL I 671 -36.05 127.72 -1.21
C VAL I 671 -34.98 127.36 -0.19
N VAL I 672 -35.00 126.12 0.27
CA VAL I 672 -33.93 125.58 1.11
C VAL I 672 -32.89 124.96 0.18
N PRO I 673 -31.68 125.52 0.10
CA PRO I 673 -30.71 125.01 -0.89
C PRO I 673 -30.38 123.54 -0.72
N PHE I 674 -30.26 123.06 0.50
CA PHE I 674 -29.97 121.65 0.77
C PHE I 674 -30.87 121.17 1.90
N LEU I 675 -32.07 120.70 1.56
CA LEU I 675 -32.90 120.03 2.53
C LEU I 675 -32.41 118.61 2.80
N THR I 676 -31.82 117.97 1.78
CA THR I 676 -31.21 116.66 1.93
C THR I 676 -29.77 116.73 1.42
N ALA I 677 -29.13 115.57 1.27
CA ALA I 677 -27.77 115.53 0.75
C ALA I 677 -27.68 116.00 -0.68
N GLN I 678 -28.79 116.00 -1.41
CA GLN I 678 -28.81 116.43 -2.81
C GLN I 678 -29.38 117.83 -2.92
N ALA I 679 -28.88 118.60 -3.89
CA ALA I 679 -29.32 119.98 -4.05
C ALA I 679 -30.79 120.04 -4.40
N THR I 680 -31.46 121.08 -3.91
CA THR I 680 -32.89 121.25 -4.15
C THR I 680 -33.15 121.54 -5.62
N HIS I 681 -34.16 120.86 -6.17
CA HIS I 681 -34.54 121.02 -7.57
C HIS I 681 -35.57 122.13 -7.70
N LEU I 682 -35.37 123.01 -8.68
CA LEU I 682 -36.35 124.06 -8.97
C LEU I 682 -36.11 124.56 -10.38
N ARG I 683 -37.05 124.29 -11.29
CA ARG I 683 -36.96 124.75 -12.67
C ARG I 683 -38.30 125.29 -13.11
N VAL I 684 -38.26 126.25 -14.03
CA VAL I 684 -39.45 126.91 -14.56
C VAL I 684 -39.36 126.91 -16.08
N GLY I 685 -40.48 126.62 -16.74
CA GLY I 685 -40.49 126.66 -18.20
C GLY I 685 -41.80 126.14 -18.76
N TRP I 686 -41.74 125.71 -20.01
CA TRP I 686 -42.89 125.20 -20.74
C TRP I 686 -42.70 123.72 -21.04
N ALA I 687 -43.82 123.00 -21.16
CA ALA I 687 -43.80 121.59 -21.51
C ALA I 687 -44.91 121.30 -22.50
N LEU I 688 -44.74 120.21 -23.25
CA LEU I 688 -45.69 119.79 -24.27
C LEU I 688 -46.60 118.72 -23.71
N THR I 689 -47.89 118.83 -24.02
CA THR I 689 -48.87 117.88 -23.49
C THR I 689 -48.58 116.46 -23.96
N GLU I 690 -48.24 116.30 -25.24
CA GLU I 690 -48.03 114.97 -25.82
C GLU I 690 -46.56 114.58 -25.69
N GLY I 691 -46.22 114.00 -24.55
CA GLY I 691 -44.89 113.49 -24.35
C GLY I 691 -44.28 113.76 -22.98
N TYR I 692 -44.65 114.87 -22.35
CA TYR I 692 -44.09 115.22 -21.05
C TYR I 692 -44.89 114.51 -19.97
N SER I 693 -44.41 113.36 -19.53
CA SER I 693 -45.08 112.57 -18.49
C SER I 693 -44.05 112.12 -17.48
N PRO I 694 -43.61 113.01 -16.59
CA PRO I 694 -42.61 112.65 -15.59
C PRO I 694 -43.23 111.80 -14.48
N TYR I 695 -42.79 110.58 -14.37
CA TYR I 695 -43.31 109.76 -13.29
C TYR I 695 -42.39 109.86 -12.07
N PRO I 696 -42.97 109.79 -10.87
CA PRO I 696 -42.14 109.82 -9.65
C PRO I 696 -41.17 108.65 -9.61
N GLY I 697 -39.96 108.93 -9.11
CA GLY I 697 -38.97 107.89 -8.95
C GLY I 697 -37.91 107.88 -10.04
N GLY I 698 -37.73 106.73 -10.69
CA GLY I 698 -36.68 106.59 -11.66
C GLY I 698 -37.02 107.24 -12.99
N GLY I 699 -36.05 107.20 -13.89
CA GLY I 699 -36.23 107.80 -15.21
C GLY I 699 -34.90 107.98 -15.91
N GLU I 700 -34.85 108.99 -16.77
CA GLU I 700 -33.64 109.28 -17.52
C GLU I 700 -32.53 109.75 -16.59
N GLY I 701 -31.30 109.35 -16.90
CA GLY I 701 -30.16 109.74 -16.10
C GLY I 701 -30.25 109.15 -14.70
N TRP I 702 -30.13 110.02 -13.70
CA TRP I 702 -30.19 109.62 -12.30
C TRP I 702 -31.52 109.99 -11.66
N GLY I 703 -32.60 109.91 -12.42
CA GLY I 703 -33.91 110.20 -11.86
C GLY I 703 -34.10 111.67 -11.56
N GLY I 704 -35.16 111.95 -10.80
CA GLY I 704 -35.51 113.30 -10.46
C GLY I 704 -35.81 114.13 -11.69
N ASN I 705 -36.53 113.55 -12.65
CA ASN I 705 -36.79 114.21 -13.92
C ASN I 705 -37.81 115.32 -13.74
N GLY I 706 -37.51 116.49 -14.28
CA GLY I 706 -38.38 117.63 -14.24
C GLY I 706 -38.44 118.31 -15.60
N VAL I 707 -38.59 119.64 -15.56
CA VAL I 707 -38.65 120.41 -16.79
C VAL I 707 -37.28 120.44 -17.44
N GLY I 708 -37.22 120.11 -18.72
CA GLY I 708 -35.97 120.08 -19.44
C GLY I 708 -35.20 118.78 -19.34
N ASP I 709 -35.76 117.76 -18.69
CA ASP I 709 -35.13 116.45 -18.62
C ASP I 709 -35.52 115.55 -19.79
N ASP I 710 -36.31 116.07 -20.72
CA ASP I 710 -36.65 115.39 -21.96
C ASP I 710 -36.70 116.42 -23.07
N LEU I 711 -37.11 115.99 -24.26
CA LEU I 711 -37.23 116.89 -25.40
C LEU I 711 -38.64 117.46 -25.54
N TYR I 712 -39.51 117.21 -24.56
CA TYR I 712 -40.84 117.78 -24.54
C TYR I 712 -40.98 118.95 -23.58
N SER I 713 -39.92 119.31 -22.86
CA SER I 713 -39.97 120.38 -21.89
C SER I 713 -38.72 121.25 -22.04
N TYR I 714 -38.86 122.51 -21.61
CA TYR I 714 -37.79 123.50 -21.76
C TYR I 714 -37.77 124.34 -20.50
N GLY I 715 -36.75 124.14 -19.65
CA GLY I 715 -36.72 124.73 -18.33
C GLY I 715 -35.59 125.74 -18.17
N PHE I 716 -35.56 126.34 -16.98
CA PHE I 716 -34.57 127.34 -16.62
C PHE I 716 -34.46 127.41 -15.11
N ASP I 717 -33.30 127.10 -14.58
CA ASP I 717 -33.08 127.03 -13.13
C ASP I 717 -32.29 128.21 -12.58
N GLY I 718 -32.10 129.25 -13.38
CA GLY I 718 -31.36 130.42 -12.92
C GLY I 718 -29.96 130.50 -13.50
N LEU I 719 -29.35 129.35 -13.75
CA LEU I 719 -28.01 129.28 -14.30
C LEU I 719 -27.92 128.55 -15.63
N HIS I 720 -28.83 127.62 -15.91
CA HIS I 720 -28.75 126.79 -17.10
C HIS I 720 -30.10 126.75 -17.80
N LEU I 721 -30.05 126.50 -19.11
CA LEU I 721 -31.24 126.18 -19.89
C LEU I 721 -31.30 124.67 -20.06
N TRP I 722 -32.37 124.06 -19.57
CA TRP I 722 -32.51 122.61 -19.56
C TRP I 722 -33.39 122.14 -20.71
N THR I 723 -32.87 121.22 -21.51
CA THR I 723 -33.65 120.53 -22.52
C THR I 723 -32.93 119.24 -22.87
N GLY I 724 -33.70 118.17 -23.04
CA GLY I 724 -33.11 116.87 -23.34
C GLY I 724 -32.17 116.36 -22.28
N HIS I 725 -32.44 116.66 -21.01
CA HIS I 725 -31.62 116.23 -19.88
C HIS I 725 -30.18 116.73 -20.00
N VAL I 726 -30.00 117.88 -20.61
CA VAL I 726 -28.68 118.50 -20.77
C VAL I 726 -28.76 119.93 -20.26
N ALA I 727 -27.82 120.29 -19.38
CA ALA I 727 -27.76 121.63 -18.80
C ALA I 727 -26.76 122.46 -19.58
N ARG I 728 -27.23 123.57 -20.14
CA ARG I 728 -26.37 124.48 -20.89
C ARG I 728 -26.30 125.81 -20.17
N PRO I 729 -25.11 126.23 -19.72
CA PRO I 729 -25.01 127.49 -18.97
C PRO I 729 -25.46 128.68 -19.81
N VAL I 730 -26.12 129.62 -19.15
CA VAL I 730 -26.64 130.81 -19.80
C VAL I 730 -26.21 132.03 -18.98
N THR I 731 -26.06 133.15 -19.65
CA THR I 731 -25.53 134.36 -19.03
C THR I 731 -26.66 135.36 -18.78
N SER I 732 -26.76 135.84 -17.54
CA SER I 732 -27.70 136.87 -17.15
C SER I 732 -27.01 137.81 -16.18
N PRO I 733 -27.46 139.06 -16.10
CA PRO I 733 -26.88 139.99 -15.11
C PRO I 733 -27.08 139.47 -13.70
N GLY I 734 -25.97 139.16 -13.04
CA GLY I 734 -26.00 138.62 -11.70
C GLY I 734 -26.48 137.18 -11.67
N GLN I 735 -25.72 136.28 -12.30
CA GLN I 735 -26.11 134.88 -12.34
C GLN I 735 -26.13 134.27 -10.95
N HIS I 736 -27.20 133.56 -10.64
CA HIS I 736 -27.30 132.79 -9.41
C HIS I 736 -28.45 131.80 -9.55
N LEU I 737 -28.36 130.71 -8.79
CA LEU I 737 -29.43 129.73 -8.76
C LEU I 737 -30.68 130.37 -8.18
N LEU I 738 -31.84 129.84 -8.58
CA LEU I 738 -33.12 130.41 -8.16
C LEU I 738 -33.19 130.54 -6.65
N ALA I 739 -33.40 131.77 -6.20
CA ALA I 739 -33.36 132.16 -4.81
C ALA I 739 -34.66 132.86 -4.44
N PRO I 740 -34.96 133.00 -3.14
CA PRO I 740 -36.15 133.74 -2.75
C PRO I 740 -36.11 135.18 -3.26
N GLU I 741 -37.31 135.71 -3.53
CA GLU I 741 -37.55 137.03 -4.10
C GLU I 741 -37.13 137.13 -5.57
N ASP I 742 -36.90 136.01 -6.23
CA ASP I 742 -36.60 136.02 -7.66
C ASP I 742 -37.89 135.86 -8.47
N VAL I 743 -38.00 136.63 -9.55
CA VAL I 743 -39.15 136.58 -10.44
C VAL I 743 -38.65 136.11 -11.80
N VAL I 744 -39.23 135.02 -12.30
CA VAL I 744 -38.85 134.44 -13.58
C VAL I 744 -39.96 134.70 -14.57
N SER I 745 -39.64 135.36 -15.68
CA SER I 745 -40.60 135.68 -16.72
C SER I 745 -40.35 134.76 -17.91
N CYS I 746 -41.38 134.02 -18.32
CA CYS I 746 -41.28 133.09 -19.43
C CYS I 746 -42.16 133.58 -20.58
N CYS I 747 -41.59 133.67 -21.77
CA CYS I 747 -42.30 134.12 -22.96
C CYS I 747 -42.32 132.99 -23.97
N LEU I 748 -43.50 132.73 -24.54
CA LEU I 748 -43.68 131.70 -25.55
C LEU I 748 -44.25 132.34 -26.81
N ASP I 749 -43.44 132.36 -27.87
CA ASP I 749 -43.85 132.89 -29.17
C ASP I 749 -43.91 131.71 -30.13
N LEU I 750 -45.12 131.19 -30.38
CA LEU I 750 -45.28 130.03 -31.23
C LEU I 750 -45.05 130.33 -32.70
N SER I 751 -45.00 131.61 -33.08
CA SER I 751 -44.83 131.95 -34.49
C SER I 751 -43.45 131.58 -35.01
N VAL I 752 -42.41 131.71 -34.17
CA VAL I 752 -41.04 131.50 -34.62
C VAL I 752 -40.78 130.00 -34.83
N PRO I 753 -40.98 129.12 -33.83
CA PRO I 753 -41.33 129.25 -32.41
C PRO I 753 -40.12 129.56 -31.54
N SER I 754 -40.34 130.18 -30.38
CA SER I 754 -39.23 130.56 -29.52
C SER I 754 -39.70 130.65 -28.08
N ILE I 755 -38.82 130.29 -27.16
CA ILE I 755 -39.06 130.41 -25.73
C ILE I 755 -37.93 131.25 -25.15
N SER I 756 -38.27 132.32 -24.45
CA SER I 756 -37.30 133.21 -23.86
C SER I 756 -37.62 133.43 -22.39
N PHE I 757 -36.60 133.76 -21.61
CA PHE I 757 -36.72 133.93 -20.17
C PHE I 757 -36.18 135.29 -19.74
N ARG I 758 -36.74 135.79 -18.64
CA ARG I 758 -36.23 136.96 -17.96
C ARG I 758 -36.29 136.73 -16.46
N ILE I 759 -35.20 137.06 -15.77
CA ILE I 759 -35.12 136.89 -14.32
C ILE I 759 -34.96 138.26 -13.69
N ASN I 760 -35.90 138.61 -12.82
CA ASN I 760 -35.89 139.90 -12.12
C ASN I 760 -35.86 141.07 -13.11
N GLY I 761 -36.45 140.88 -14.28
CA GLY I 761 -36.52 141.92 -15.28
C GLY I 761 -35.36 141.96 -16.25
N CYS I 762 -34.26 141.29 -15.95
CA CYS I 762 -33.19 141.38 -16.95
C CYS I 762 -33.27 140.19 -17.90
N PRO I 763 -33.03 140.43 -19.18
CA PRO I 763 -33.15 139.34 -20.17
C PRO I 763 -32.13 138.24 -19.92
N VAL I 764 -32.54 137.01 -20.20
CA VAL I 764 -31.67 135.85 -20.13
C VAL I 764 -31.14 135.58 -21.54
N GLN I 765 -29.82 135.58 -21.70
CA GLN I 765 -29.19 135.53 -23.01
C GLN I 765 -29.15 134.09 -23.53
N GLY I 766 -30.34 133.56 -23.76
CA GLY I 766 -30.50 132.22 -24.28
C GLY I 766 -31.94 131.88 -24.56
N VAL I 767 -32.22 131.31 -25.73
CA VAL I 767 -33.59 131.03 -26.15
C VAL I 767 -33.65 129.64 -26.77
N PHE I 768 -34.74 128.93 -26.49
CA PHE I 768 -35.09 127.73 -27.23
C PHE I 768 -35.85 128.13 -28.49
N GLU I 769 -35.58 127.45 -29.59
CA GLU I 769 -36.26 127.78 -30.84
C GLU I 769 -36.23 126.56 -31.75
N ALA I 770 -37.08 126.61 -32.79
CA ALA I 770 -37.16 125.57 -33.80
C ALA I 770 -37.48 124.21 -33.18
N PHE I 771 -38.41 124.19 -32.24
CA PHE I 771 -38.84 122.95 -31.60
C PHE I 771 -40.16 122.49 -32.20
N ASN I 772 -40.61 121.31 -31.77
CA ASN I 772 -41.81 120.72 -32.32
C ASN I 772 -43.06 121.48 -31.87
N LEU I 773 -44.13 121.36 -32.65
CA LEU I 773 -45.38 122.04 -32.38
C LEU I 773 -46.58 121.09 -32.45
N ASP I 774 -46.35 119.78 -32.32
CA ASP I 774 -47.41 118.79 -32.43
C ASP I 774 -48.03 118.50 -31.07
N GLY I 775 -48.59 119.56 -30.48
CA GLY I 775 -49.22 119.42 -29.17
C GLY I 775 -49.54 120.78 -28.60
N LEU I 776 -49.90 120.77 -27.32
CA LEU I 776 -50.24 121.98 -26.58
C LEU I 776 -49.17 122.26 -25.54
N PHE I 777 -48.87 123.54 -25.34
CA PHE I 777 -47.86 123.97 -24.38
C PHE I 777 -48.53 124.51 -23.13
N PHE I 778 -48.00 124.14 -21.98
CA PHE I 778 -48.50 124.62 -20.70
C PHE I 778 -47.36 125.08 -19.81
N PRO I 779 -47.58 126.10 -18.99
CA PRO I 779 -46.58 126.45 -17.97
C PRO I 779 -46.40 125.31 -16.98
N VAL I 780 -45.18 125.17 -16.50
CA VAL I 780 -44.86 124.06 -15.59
C VAL I 780 -43.67 124.47 -14.74
N VAL I 781 -43.70 124.04 -13.48
CA VAL I 781 -42.57 124.18 -12.57
C VAL I 781 -42.26 122.81 -11.99
N SER I 782 -40.99 122.43 -12.03
CA SER I 782 -40.52 121.19 -11.41
C SER I 782 -39.72 121.54 -10.17
N PHE I 783 -39.91 120.74 -9.12
CA PHE I 783 -39.31 121.07 -7.84
C PHE I 783 -39.14 119.82 -7.00
N SER I 784 -38.22 119.90 -6.04
CA SER I 784 -38.10 118.92 -4.98
C SER I 784 -38.69 119.51 -3.70
N ALA I 785 -38.59 118.77 -2.62
CA ALA I 785 -39.06 119.26 -1.33
C ALA I 785 -38.21 120.43 -0.86
N GLY I 786 -38.86 121.39 -0.23
CA GLY I 786 -38.20 122.57 0.28
C GLY I 786 -38.32 123.81 -0.58
N VAL I 787 -39.41 123.96 -1.33
CA VAL I 787 -39.61 125.10 -2.20
C VAL I 787 -40.96 125.74 -1.89
N LYS I 788 -41.11 126.98 -2.32
CA LYS I 788 -42.37 127.71 -2.15
C LYS I 788 -42.42 128.79 -3.21
N VAL I 789 -43.18 128.56 -4.27
CA VAL I 789 -43.26 129.47 -5.40
C VAL I 789 -44.72 129.83 -5.64
N ARG I 790 -44.91 130.94 -6.36
CA ARG I 790 -46.24 131.44 -6.70
C ARG I 790 -46.32 131.68 -8.19
N PHE I 791 -47.39 131.18 -8.81
CA PHE I 791 -47.65 131.45 -10.23
C PHE I 791 -48.30 132.81 -10.39
N LEU I 792 -47.72 133.64 -11.26
CA LEU I 792 -48.31 134.91 -11.64
C LEU I 792 -48.79 134.79 -13.08
N LEU I 793 -50.11 134.77 -13.25
CA LEU I 793 -50.71 134.56 -14.56
C LEU I 793 -51.46 135.77 -15.08
N GLY I 794 -51.42 136.90 -14.37
CA GLY I 794 -52.06 138.11 -14.81
C GLY I 794 -53.52 138.18 -14.41
N GLY I 795 -54.10 139.35 -14.63
CA GLY I 795 -55.49 139.58 -14.26
C GLY I 795 -55.69 139.44 -12.77
N ARG I 796 -56.66 138.62 -12.38
CA ARG I 796 -56.95 138.36 -10.99
C ARG I 796 -56.22 137.14 -10.45
N HIS I 797 -55.33 136.55 -11.23
CA HIS I 797 -54.61 135.34 -10.85
C HIS I 797 -53.13 135.61 -10.70
N GLY I 798 -52.78 136.75 -10.11
CA GLY I 798 -51.40 137.10 -9.88
C GLY I 798 -50.95 138.29 -10.70
N GLU I 799 -50.83 139.45 -10.06
CA GLU I 799 -50.38 140.64 -10.75
C GLU I 799 -48.94 140.49 -11.18
N PHE I 800 -48.64 140.87 -12.43
CA PHE I 800 -47.29 140.76 -12.94
C PHE I 800 -46.36 141.77 -12.28
N LYS I 801 -45.19 141.30 -11.88
CA LYS I 801 -44.18 142.20 -11.33
C LYS I 801 -43.53 143.05 -12.41
N PHE I 802 -43.42 142.53 -13.63
CA PHE I 802 -42.84 143.26 -14.74
C PHE I 802 -43.80 143.24 -15.91
N LEU I 803 -43.76 144.30 -16.71
CA LEU I 803 -44.66 144.42 -17.85
C LEU I 803 -44.27 143.40 -18.91
N PRO I 804 -45.23 142.63 -19.44
CA PRO I 804 -44.89 141.67 -20.48
C PRO I 804 -44.44 142.37 -21.74
N PRO I 805 -43.60 141.72 -22.54
CA PRO I 805 -43.17 142.34 -23.80
C PRO I 805 -44.35 142.56 -24.72
N PRO I 806 -44.28 143.57 -25.58
CA PRO I 806 -45.44 143.90 -26.43
C PRO I 806 -45.85 142.74 -27.31
N GLY I 807 -47.16 142.57 -27.48
CA GLY I 807 -47.72 141.51 -28.28
C GLY I 807 -48.00 140.22 -27.54
N TYR I 808 -47.42 140.05 -26.35
CA TYR I 808 -47.64 138.83 -25.58
C TYR I 808 -48.87 138.98 -24.69
N ALA I 809 -49.60 137.89 -24.53
CA ALA I 809 -50.81 137.92 -23.73
C ALA I 809 -50.62 137.17 -22.43
N PRO I 810 -51.21 137.65 -21.34
CA PRO I 810 -51.14 136.91 -20.07
C PRO I 810 -51.78 135.54 -20.21
N CYS I 811 -51.21 134.56 -19.49
CA CYS I 811 -51.68 133.19 -19.61
C CYS I 811 -53.09 133.00 -19.06
N HIS I 812 -53.55 133.89 -18.18
CA HIS I 812 -54.90 133.75 -17.65
C HIS I 812 -55.97 133.92 -18.72
N GLU I 813 -55.63 134.56 -19.84
CA GLU I 813 -56.58 134.73 -20.93
C GLU I 813 -56.79 133.45 -21.73
N ALA I 814 -55.98 132.43 -21.50
CA ALA I 814 -56.06 131.19 -22.27
C ALA I 814 -56.92 130.13 -21.60
N VAL I 815 -57.56 130.44 -20.47
CA VAL I 815 -58.42 129.47 -19.82
C VAL I 815 -59.68 129.27 -20.63
N LEU I 816 -60.06 128.01 -20.84
CA LEU I 816 -61.22 127.68 -21.65
C LEU I 816 -62.51 128.03 -20.92
N PRO I 817 -63.57 128.32 -21.66
CA PRO I 817 -64.84 128.71 -21.02
C PRO I 817 -65.41 127.64 -20.10
N ARG I 818 -65.18 126.37 -20.38
CA ARG I 818 -65.79 125.28 -19.63
C ARG I 818 -64.98 124.89 -18.40
N GLU I 819 -63.83 125.50 -18.17
CA GLU I 819 -62.96 125.12 -17.06
C GLU I 819 -62.60 126.36 -16.24
N ARG I 820 -62.32 126.12 -14.96
CA ARG I 820 -61.83 127.16 -14.06
C ARG I 820 -60.34 126.97 -13.84
N LEU I 821 -59.62 128.09 -13.74
CA LEU I 821 -58.18 128.04 -13.56
C LEU I 821 -57.82 127.37 -12.24
N ARG I 822 -56.86 126.45 -12.29
CA ARG I 822 -56.43 125.72 -11.10
C ARG I 822 -55.04 125.18 -11.36
N LEU I 823 -54.40 124.73 -10.28
CA LEU I 823 -53.10 124.07 -10.32
C LEU I 823 -53.28 122.59 -10.08
N GLU I 824 -52.71 121.78 -10.96
CA GLU I 824 -52.90 120.34 -10.94
C GLU I 824 -51.59 119.64 -11.24
N PRO I 825 -51.42 118.40 -10.79
CA PRO I 825 -50.27 117.60 -11.24
C PRO I 825 -50.38 117.22 -12.70
N ILE I 826 -49.41 116.48 -13.21
CA ILE I 826 -49.35 116.13 -14.63
C ILE I 826 -49.43 114.62 -14.76
N LYS I 827 -50.52 114.12 -15.33
CA LYS I 827 -50.70 112.69 -15.63
C LYS I 827 -50.47 111.83 -14.40
N GLU I 828 -51.11 112.22 -13.29
CA GLU I 828 -50.98 111.46 -12.06
C GLU I 828 -51.75 110.15 -12.15
N TYR I 829 -51.18 109.09 -11.58
CA TYR I 829 -51.84 107.80 -11.48
C TYR I 829 -52.30 107.51 -10.06
N ARG I 830 -52.26 108.51 -9.18
CA ARG I 830 -52.56 108.31 -7.76
C ARG I 830 -52.83 109.66 -7.14
N ARG I 831 -53.79 109.72 -6.23
CA ARG I 831 -54.09 110.94 -5.50
C ARG I 831 -54.67 110.58 -4.15
N GLU I 832 -54.59 111.53 -3.22
CA GLU I 832 -55.14 111.33 -1.89
C GLU I 832 -56.66 111.43 -1.93
N GLY I 833 -57.31 110.63 -1.09
CA GLY I 833 -58.75 110.63 -1.00
C GLY I 833 -59.23 110.63 0.43
N PRO I 834 -60.55 110.67 0.62
CA PRO I 834 -61.08 110.70 2.00
C PRO I 834 -60.76 109.44 2.79
N ARG I 835 -61.05 108.27 2.25
CA ARG I 835 -60.83 107.01 2.96
C ARG I 835 -59.49 106.37 2.61
N GLY I 836 -58.71 106.97 1.73
CA GLY I 836 -57.43 106.42 1.33
C GLY I 836 -57.02 106.89 -0.04
N PRO I 837 -55.85 106.46 -0.50
CA PRO I 837 -55.38 106.87 -1.83
C PRO I 837 -56.31 106.38 -2.93
N HIS I 838 -56.46 107.21 -3.95
CA HIS I 838 -57.29 106.90 -5.11
C HIS I 838 -56.40 106.60 -6.31
N LEU I 839 -56.65 105.47 -6.95
CA LEU I 839 -55.99 105.16 -8.21
C LEU I 839 -56.66 105.93 -9.34
N VAL I 840 -55.85 106.48 -10.23
CA VAL I 840 -56.33 107.34 -11.31
C VAL I 840 -55.84 106.77 -12.63
N GLY I 841 -56.76 106.62 -13.58
CA GLY I 841 -56.40 106.17 -14.90
C GLY I 841 -55.88 107.31 -15.75
N PRO I 842 -55.71 107.03 -17.05
CA PRO I 842 -55.27 108.08 -17.97
C PRO I 842 -56.25 109.24 -18.01
N SER I 843 -55.71 110.42 -18.24
CA SER I 843 -56.50 111.65 -18.27
C SER I 843 -56.74 112.06 -19.71
N ARG I 844 -57.98 112.40 -20.03
CA ARG I 844 -58.31 112.90 -21.36
C ARG I 844 -57.64 114.25 -21.58
N CYS I 845 -56.92 114.38 -22.68
CA CYS I 845 -56.18 115.60 -22.98
C CYS I 845 -56.59 116.11 -24.36
N LEU I 846 -56.66 117.44 -24.47
CA LEU I 846 -56.98 118.07 -25.74
C LEU I 846 -55.77 118.04 -26.67
N SER I 847 -56.03 118.31 -27.94
CA SER I 847 -55.00 118.36 -28.96
C SER I 847 -55.02 119.74 -29.63
N HIS I 848 -53.91 120.07 -30.28
CA HIS I 848 -53.84 121.35 -30.97
C HIS I 848 -54.83 121.41 -32.13
N THR I 849 -55.24 120.26 -32.65
CA THR I 849 -56.26 120.21 -33.69
C THR I 849 -57.66 120.46 -33.15
N ASP I 850 -57.88 120.29 -31.85
CA ASP I 850 -59.19 120.50 -31.26
C ASP I 850 -59.60 121.97 -31.26
N PHE I 851 -58.68 122.89 -31.50
CA PHE I 851 -58.98 124.31 -31.57
C PHE I 851 -59.14 124.80 -33.00
N VAL I 852 -59.17 123.89 -33.96
CA VAL I 852 -59.35 124.24 -35.37
C VAL I 852 -60.80 123.92 -35.75
N PRO I 853 -61.63 124.92 -36.03
CA PRO I 853 -63.01 124.62 -36.47
C PRO I 853 -63.01 123.86 -37.77
N CYS I 854 -63.93 122.90 -37.88
CA CYS I 854 -64.04 122.03 -39.06
C CYS I 854 -65.49 121.99 -39.51
N PRO I 855 -65.98 123.05 -40.14
CA PRO I 855 -67.36 123.04 -40.66
C PRO I 855 -67.49 122.07 -41.82
N VAL I 856 -68.72 121.56 -41.99
CA VAL I 856 -68.99 120.63 -43.09
C VAL I 856 -68.84 121.36 -44.42
N ASP I 857 -68.50 120.61 -45.46
CA ASP I 857 -68.22 121.20 -46.76
C ASP I 857 -69.52 121.71 -47.40
N THR I 858 -69.48 122.94 -47.90
CA THR I 858 -70.61 123.55 -48.59
C THR I 858 -70.23 124.01 -49.99
N VAL I 859 -69.21 123.38 -50.59
CA VAL I 859 -68.81 123.73 -51.94
C VAL I 859 -69.92 123.40 -52.94
N GLN I 860 -70.64 122.30 -52.72
CA GLN I 860 -71.74 121.89 -53.60
C GLN I 860 -72.90 122.86 -53.38
N ILE I 861 -72.81 124.01 -54.03
CA ILE I 861 -73.84 125.03 -53.89
C ILE I 861 -74.93 124.79 -54.92
N VAL I 862 -75.83 123.84 -54.64
CA VAL I 862 -76.98 123.57 -55.48
C VAL I 862 -78.21 123.43 -54.60
N LEU I 863 -78.96 124.51 -54.45
CA LEU I 863 -80.18 124.44 -53.67
C LEU I 863 -81.38 124.29 -54.60
N PRO I 864 -82.42 123.58 -54.17
CA PRO I 864 -83.63 123.51 -54.99
C PRO I 864 -84.26 124.88 -55.12
N PRO I 865 -84.94 125.15 -56.25
CA PRO I 865 -85.50 126.49 -56.45
C PRO I 865 -86.50 126.89 -55.37
N HIS I 866 -87.29 125.94 -54.86
CA HIS I 866 -88.19 126.25 -53.76
C HIS I 866 -87.42 126.56 -52.49
N LEU I 867 -86.28 125.89 -52.29
CA LEU I 867 -85.43 126.22 -51.14
C LEU I 867 -84.71 127.55 -51.35
N GLU I 868 -84.34 127.86 -52.59
CA GLU I 868 -83.62 129.09 -52.88
C GLU I 868 -84.47 130.31 -52.56
N ARG I 869 -85.74 130.30 -52.98
CA ARG I 869 -86.61 131.43 -52.70
C ARG I 869 -86.90 131.57 -51.22
N ILE I 870 -87.09 130.45 -50.53
CA ILE I 870 -87.42 130.50 -49.11
C ILE I 870 -86.17 130.75 -48.27
N ARG I 871 -84.99 130.64 -48.90
CA ARG I 871 -83.74 130.93 -48.18
C ARG I 871 -83.69 132.38 -47.73
N GLU I 872 -84.08 133.31 -48.61
CA GLU I 872 -84.08 134.72 -48.23
C GLU I 872 -85.16 135.00 -47.19
N LYS I 873 -86.31 134.34 -47.31
CA LYS I 873 -87.38 134.53 -46.33
C LYS I 873 -86.97 134.00 -44.96
N LEU I 874 -86.12 132.97 -44.93
CA LEU I 874 -85.62 132.48 -43.66
C LEU I 874 -84.78 133.53 -42.95
N ALA I 875 -83.99 134.29 -43.70
CA ALA I 875 -83.20 135.37 -43.11
C ALA I 875 -84.11 136.45 -42.52
N GLU I 876 -85.26 136.70 -43.16
CA GLU I 876 -86.20 137.67 -42.61
C GLU I 876 -86.71 137.24 -41.24
N ASN I 877 -87.06 135.96 -41.10
CA ASN I 877 -87.67 135.49 -39.86
C ASN I 877 -86.65 135.43 -38.73
N ILE I 878 -85.44 134.93 -39.00
CA ILE I 878 -84.43 134.82 -37.96
C ILE I 878 -84.02 136.19 -37.46
N HIS I 879 -83.99 137.18 -38.36
CA HIS I 879 -83.68 138.55 -37.92
C HIS I 879 -84.72 139.07 -36.95
N GLU I 880 -86.01 138.80 -37.22
CA GLU I 880 -87.05 139.20 -36.28
C GLU I 880 -86.93 138.46 -34.97
N LEU I 881 -86.66 137.15 -35.02
CA LEU I 881 -86.43 136.39 -33.79
C LEU I 881 -85.20 136.92 -33.05
N TRP I 882 -84.12 137.20 -33.78
CA TRP I 882 -82.96 137.84 -33.17
C TRP I 882 -83.32 139.22 -32.65
N ALA I 883 -84.12 139.97 -33.40
CA ALA I 883 -84.59 141.27 -32.91
C ALA I 883 -85.51 141.10 -31.73
N LEU I 884 -86.39 140.09 -31.75
CA LEU I 884 -87.30 139.86 -30.64
C LEU I 884 -86.55 139.56 -29.35
N THR I 885 -85.54 138.69 -29.43
CA THR I 885 -84.74 138.38 -28.24
C THR I 885 -84.02 139.61 -27.72
N ARG I 886 -83.60 140.50 -28.61
CA ARG I 886 -83.01 141.76 -28.18
C ARG I 886 -84.04 142.64 -27.50
N ILE I 887 -85.31 142.56 -27.92
CA ILE I 887 -86.36 143.32 -27.26
C ILE I 887 -86.55 142.83 -25.83
N GLU I 888 -86.37 141.53 -25.60
CA GLU I 888 -86.38 141.02 -24.23
C GLU I 888 -85.20 141.56 -23.45
N GLN I 889 -84.04 141.69 -24.10
CA GLN I 889 -82.87 142.29 -23.47
C GLN I 889 -83.00 143.80 -23.30
N GLY I 890 -84.01 144.41 -23.90
CA GLY I 890 -84.23 145.83 -23.76
C GLY I 890 -83.87 146.67 -24.97
N TRP I 891 -83.52 146.06 -26.09
CA TRP I 891 -83.17 146.82 -27.29
C TRP I 891 -84.39 147.53 -27.85
N THR I 892 -84.18 148.75 -28.35
CA THR I 892 -85.22 149.52 -29.02
C THR I 892 -84.71 149.96 -30.38
N TYR I 893 -85.60 150.59 -31.15
CA TYR I 893 -85.22 151.09 -32.47
C TYR I 893 -84.22 152.23 -32.34
N GLY I 894 -83.24 152.25 -33.23
CA GLY I 894 -82.24 153.29 -33.24
C GLY I 894 -81.42 153.30 -34.51
N PRO I 895 -81.05 154.48 -34.99
CA PRO I 895 -80.18 154.57 -36.18
C PRO I 895 -78.83 153.89 -35.99
N VAL I 896 -78.29 153.95 -34.77
CA VAL I 896 -77.02 153.30 -34.47
C VAL I 896 -77.28 151.91 -33.91
N ARG I 897 -76.40 150.97 -34.25
CA ARG I 897 -76.53 149.57 -33.83
C ARG I 897 -75.49 149.28 -32.76
N ASP I 898 -75.89 149.43 -31.50
CA ASP I 898 -74.99 149.22 -30.37
C ASP I 898 -75.65 148.32 -29.35
N ASP I 899 -74.87 147.39 -28.79
CA ASP I 899 -75.39 146.50 -27.76
C ASP I 899 -75.66 147.25 -26.46
N ASN I 900 -74.69 148.06 -26.02
CA ASN I 900 -74.85 148.80 -24.77
C ASN I 900 -75.95 149.84 -24.87
N LYS I 901 -76.01 150.56 -25.99
CA LYS I 901 -77.05 151.56 -26.18
C LYS I 901 -78.41 150.93 -26.43
N ARG I 902 -78.45 149.64 -26.76
CA ARG I 902 -79.69 148.90 -26.98
C ARG I 902 -80.52 149.57 -28.09
N LEU I 903 -79.86 150.01 -29.15
CA LEU I 903 -80.52 150.57 -30.32
C LEU I 903 -80.23 149.69 -31.52
N HIS I 904 -81.29 149.35 -32.28
CA HIS I 904 -81.15 148.45 -33.41
C HIS I 904 -82.10 148.91 -34.53
N PRO I 905 -81.57 149.21 -35.71
CA PRO I 905 -82.46 149.59 -36.83
C PRO I 905 -83.42 148.48 -37.22
N CYS I 906 -83.01 147.22 -37.07
CA CYS I 906 -83.88 146.10 -37.42
C CYS I 906 -85.06 145.95 -36.47
N LEU I 907 -85.03 146.60 -35.31
CA LEU I 907 -86.06 146.41 -34.30
C LEU I 907 -87.29 147.27 -34.63
N VAL I 908 -87.77 147.12 -35.87
CA VAL I 908 -89.05 147.69 -36.26
C VAL I 908 -89.89 146.62 -36.93
N ASN I 909 -89.36 146.01 -37.99
CA ASN I 909 -90.06 144.98 -38.75
C ASN I 909 -89.07 144.37 -39.73
N PHE I 910 -89.40 143.16 -40.20
CA PHE I 910 -88.52 142.48 -41.15
C PHE I 910 -88.46 143.23 -42.48
N HIS I 911 -89.60 143.72 -42.95
CA HIS I 911 -89.60 144.50 -44.19
C HIS I 911 -89.01 145.89 -43.96
N SER I 912 -89.32 146.51 -42.82
CA SER I 912 -88.75 147.82 -42.51
C SER I 912 -87.25 147.70 -42.23
N LEU I 913 -86.79 146.50 -41.90
CA LEU I 913 -85.36 146.25 -41.79
C LEU I 913 -84.70 146.50 -43.15
N PRO I 914 -83.60 147.23 -43.21
CA PRO I 914 -82.94 147.49 -44.49
C PRO I 914 -82.52 146.20 -45.17
N GLU I 915 -82.73 146.15 -46.48
CA GLU I 915 -82.35 144.96 -47.25
C GLU I 915 -80.85 144.66 -47.20
N PRO I 916 -79.94 145.64 -47.39
CA PRO I 916 -78.51 145.30 -47.23
C PRO I 916 -78.18 144.76 -45.86
N GLU I 917 -78.79 145.31 -44.80
CA GLU I 917 -78.60 144.74 -43.47
C GLU I 917 -79.22 143.35 -43.38
N ARG I 918 -80.37 143.15 -44.04
CA ARG I 918 -80.95 141.82 -44.12
C ARG I 918 -80.04 140.86 -44.88
N ASN I 919 -79.35 141.36 -45.91
CA ASN I 919 -78.45 140.53 -46.70
C ASN I 919 -77.16 140.20 -45.97
N TYR I 920 -76.92 140.83 -44.81
CA TYR I 920 -75.71 140.52 -44.05
C TYR I 920 -75.66 139.06 -43.63
N ASN I 921 -76.79 138.53 -43.16
CA ASN I 921 -76.90 137.12 -42.79
C ASN I 921 -77.45 136.26 -43.92
N LEU I 922 -77.72 136.85 -45.09
CA LEU I 922 -78.18 136.06 -46.23
C LEU I 922 -77.14 135.03 -46.64
N GLN I 923 -75.86 135.39 -46.55
CA GLN I 923 -74.81 134.40 -46.76
C GLN I 923 -74.90 133.30 -45.73
N MET I 924 -75.08 133.65 -44.46
CA MET I 924 -75.27 132.64 -43.42
C MET I 924 -76.60 131.90 -43.63
N SER I 925 -77.65 132.62 -43.99
CA SER I 925 -78.95 131.98 -44.22
C SER I 925 -78.88 131.00 -45.37
N GLY I 926 -78.11 131.33 -46.41
CA GLY I 926 -77.92 130.39 -47.50
C GLY I 926 -77.23 129.11 -47.06
N GLU I 927 -76.26 129.23 -46.16
CA GLU I 927 -75.56 128.05 -45.66
C GLU I 927 -76.47 127.20 -44.78
N THR I 928 -77.40 127.83 -44.05
CA THR I 928 -78.26 127.09 -43.14
C THR I 928 -79.09 126.05 -43.88
N LEU I 929 -79.68 126.44 -45.00
CA LEU I 929 -80.38 125.46 -45.84
C LEU I 929 -79.39 124.55 -46.55
N LYS I 930 -78.25 125.10 -46.95
CA LYS I 930 -77.24 124.29 -47.64
C LYS I 930 -76.68 123.21 -46.73
N THR I 931 -76.47 123.53 -45.45
CA THR I 931 -75.94 122.55 -44.52
C THR I 931 -76.93 121.40 -44.31
N LEU I 932 -78.23 121.67 -44.46
CA LEU I 932 -79.21 120.58 -44.43
C LEU I 932 -78.95 119.58 -45.53
N LEU I 933 -78.70 120.06 -46.75
CA LEU I 933 -78.30 119.17 -47.83
C LEU I 933 -76.91 118.59 -47.57
N ALA I 934 -76.00 119.40 -47.04
CA ALA I 934 -74.64 118.92 -46.79
C ALA I 934 -74.62 117.82 -45.74
N LEU I 935 -75.41 117.97 -44.67
CA LEU I 935 -75.46 116.96 -43.62
C LEU I 935 -76.12 115.67 -44.08
N GLY I 936 -76.77 115.67 -45.24
CA GLY I 936 -77.45 114.50 -45.76
C GLY I 936 -78.95 114.49 -45.56
N CYS I 937 -79.51 115.54 -44.97
CA CYS I 937 -80.95 115.59 -44.76
C CYS I 937 -81.69 115.72 -46.09
N HIS I 938 -82.77 114.98 -46.24
CA HIS I 938 -83.63 115.08 -47.41
C HIS I 938 -84.71 116.11 -47.16
N VAL I 939 -84.67 117.19 -47.94
CA VAL I 939 -85.59 118.31 -47.75
C VAL I 939 -86.16 118.72 -49.10
N GLY I 940 -87.46 118.97 -49.12
CA GLY I 940 -88.13 119.43 -50.33
C GLY I 940 -89.38 120.21 -49.96
N MET I 941 -89.98 120.84 -50.98
CA MET I 941 -91.20 121.62 -50.78
C MET I 941 -92.38 120.67 -50.70
N ALA I 942 -92.51 120.04 -49.52
CA ALA I 942 -93.60 119.10 -49.30
C ALA I 942 -94.95 119.81 -49.33
N ASP I 943 -95.03 120.99 -48.71
CA ASP I 943 -96.28 121.74 -48.63
C ASP I 943 -96.06 123.16 -49.14
N GLU I 944 -96.93 123.59 -50.04
CA GLU I 944 -96.95 124.97 -50.51
C GLU I 944 -98.11 125.78 -49.94
N LYS I 945 -99.25 125.12 -49.68
CA LYS I 945 -100.38 125.79 -49.05
C LYS I 945 -100.06 126.20 -47.62
N ALA I 946 -99.19 125.44 -46.94
CA ALA I 946 -98.78 125.80 -45.58
C ALA I 946 -98.02 127.13 -45.57
N GLU I 947 -97.18 127.35 -46.58
CA GLU I 947 -96.47 128.62 -46.68
C GLU I 947 -97.45 129.77 -46.92
N ASP I 948 -98.48 129.53 -47.74
CA ASP I 948 -99.41 130.59 -48.09
C ASP I 948 -100.18 131.08 -46.86
N ASN I 949 -100.64 130.17 -46.01
CA ASN I 949 -101.43 130.51 -44.84
C ASN I 949 -100.71 130.07 -43.57
N LEU I 950 -100.37 131.04 -42.73
CA LEU I 950 -99.72 130.76 -41.46
C LEU I 950 -99.87 131.98 -40.55
N LYS I 951 -100.02 131.72 -39.25
CA LYS I 951 -100.16 132.80 -38.29
C LYS I 951 -98.84 133.53 -38.11
N LYS I 952 -98.93 134.80 -37.74
CA LYS I 952 -97.76 135.65 -37.50
C LYS I 952 -97.80 136.15 -36.06
N THR I 953 -96.83 135.71 -35.26
CA THR I 953 -96.66 136.25 -33.92
C THR I 953 -96.09 137.67 -34.00
N LYS I 954 -96.68 138.58 -33.23
CA LYS I 954 -96.23 139.97 -33.20
C LYS I 954 -95.86 140.36 -31.78
N LEU I 955 -94.88 141.26 -31.67
CA LEU I 955 -94.46 141.74 -30.37
C LEU I 955 -95.62 142.47 -29.69
N PRO I 956 -95.79 142.30 -28.37
CA PRO I 956 -96.84 143.03 -27.67
C PRO I 956 -96.64 144.53 -27.76
N LYS I 957 -97.76 145.26 -27.81
CA LYS I 957 -97.71 146.71 -27.86
C LYS I 957 -97.03 147.27 -26.62
N THR I 958 -97.23 146.64 -25.46
CA THR I 958 -96.54 147.06 -24.25
C THR I 958 -95.03 146.88 -24.39
N TYR I 959 -94.59 145.78 -24.98
CA TYR I 959 -93.17 145.53 -25.20
C TYR I 959 -92.77 146.05 -26.58
N MET I 960 -92.83 147.37 -26.72
CA MET I 960 -92.54 148.06 -27.97
C MET I 960 -91.15 148.68 -27.93
N MET I 961 -90.58 148.87 -29.12
CA MET I 961 -89.30 149.54 -29.25
C MET I 961 -89.52 151.06 -29.39
N SER I 962 -88.45 151.76 -29.78
CA SER I 962 -88.56 153.18 -30.02
C SER I 962 -89.48 153.49 -31.20
N ASN I 963 -89.42 152.68 -32.26
CA ASN I 963 -90.25 152.91 -33.43
C ASN I 963 -91.72 152.72 -33.10
N GLY I 964 -92.05 151.74 -32.26
CA GLY I 964 -93.41 151.48 -31.85
C GLY I 964 -94.16 150.47 -32.69
N TYR I 965 -93.58 150.03 -33.81
CA TYR I 965 -94.25 149.04 -34.65
C TYR I 965 -94.14 147.65 -34.02
N LYS I 966 -94.93 146.71 -34.56
CA LYS I 966 -94.93 145.35 -34.08
C LYS I 966 -94.26 144.44 -35.09
N PRO I 967 -93.03 143.98 -34.85
CA PRO I 967 -92.43 143.00 -35.75
C PRO I 967 -93.24 141.71 -35.76
N ALA I 968 -93.26 141.04 -36.92
CA ALA I 968 -94.11 139.88 -37.15
C ALA I 968 -93.29 138.69 -37.62
N PRO I 969 -92.57 138.03 -36.71
CA PRO I 969 -91.98 136.74 -37.05
C PRO I 969 -93.04 135.66 -37.19
N LEU I 970 -92.68 134.59 -37.89
CA LEU I 970 -93.62 133.50 -38.13
C LEU I 970 -94.01 132.82 -36.82
N ASP I 971 -95.31 132.56 -36.68
CA ASP I 971 -95.83 131.86 -35.51
C ASP I 971 -95.78 130.36 -35.74
N LEU I 972 -94.99 129.67 -34.92
CA LEU I 972 -94.74 128.24 -35.08
C LEU I 972 -94.96 127.48 -33.78
N SER I 973 -95.93 127.91 -32.98
CA SER I 973 -96.25 127.20 -31.75
C SER I 973 -96.81 125.81 -32.06
N HIS I 974 -97.62 125.70 -33.11
CA HIS I 974 -98.18 124.41 -33.49
C HIS I 974 -97.11 123.46 -34.00
N VAL I 975 -95.95 123.99 -34.38
CA VAL I 975 -94.89 123.16 -34.92
C VAL I 975 -94.25 122.33 -33.81
N ARG I 976 -94.06 121.04 -34.08
CA ARG I 976 -93.38 120.13 -33.17
C ARG I 976 -92.24 119.45 -33.90
N LEU I 977 -91.20 119.09 -33.15
CA LEU I 977 -90.00 118.48 -33.71
C LEU I 977 -89.81 117.09 -33.10
N THR I 978 -89.46 116.13 -33.95
CA THR I 978 -89.15 114.79 -33.48
C THR I 978 -87.82 114.80 -32.74
N PRO I 979 -87.59 113.80 -31.87
CA PRO I 979 -86.28 113.73 -31.19
C PRO I 979 -85.10 113.65 -32.14
N ALA I 980 -85.28 112.97 -33.28
CA ALA I 980 -84.22 112.95 -34.29
C ALA I 980 -83.97 114.34 -34.86
N GLN I 981 -85.04 115.12 -35.07
CA GLN I 981 -84.88 116.47 -35.58
C GLN I 981 -84.15 117.36 -34.58
N THR I 982 -84.36 117.14 -33.28
CA THR I 982 -83.66 117.91 -32.27
C THR I 982 -82.15 117.68 -32.36
N THR I 983 -81.74 116.44 -32.64
CA THR I 983 -80.33 116.16 -32.85
C THR I 983 -79.80 116.91 -34.06
N LEU I 984 -80.63 117.04 -35.10
CA LEU I 984 -80.22 117.80 -36.29
C LEU I 984 -79.98 119.26 -35.93
N VAL I 985 -80.83 119.83 -35.07
CA VAL I 985 -80.65 121.22 -34.65
C VAL I 985 -79.31 121.38 -33.94
N ASP I 986 -78.93 120.41 -33.12
CA ASP I 986 -77.63 120.47 -32.45
C ASP I 986 -76.49 120.46 -33.45
N ARG I 987 -76.58 119.60 -34.48
CA ARG I 987 -75.55 119.57 -35.50
C ARG I 987 -75.53 120.86 -36.32
N LEU I 988 -76.72 121.42 -36.59
CA LEU I 988 -76.79 122.68 -37.31
C LEU I 988 -76.17 123.82 -36.50
N ALA I 989 -76.45 123.85 -35.19
CA ALA I 989 -75.87 124.87 -34.33
C ALA I 989 -74.35 124.74 -34.27
N GLU I 990 -73.85 123.51 -34.19
CA GLU I 990 -72.41 123.29 -34.15
C GLU I 990 -71.74 123.78 -35.43
N ASN I 991 -72.34 123.47 -36.58
CA ASN I 991 -71.76 123.90 -37.85
C ASN I 991 -71.81 125.42 -37.98
N GLY I 992 -72.91 126.04 -37.59
CA GLY I 992 -73.03 127.49 -37.72
C GLY I 992 -71.98 128.22 -36.91
N HIS I 993 -71.70 127.74 -35.71
CA HIS I 993 -70.63 128.35 -34.91
C HIS I 993 -69.27 128.16 -35.55
N ASN I 994 -69.02 126.96 -36.11
CA ASN I 994 -67.73 126.69 -36.73
C ASN I 994 -67.53 127.53 -37.99
N VAL I 995 -68.59 127.73 -38.77
CA VAL I 995 -68.49 128.59 -39.95
C VAL I 995 -68.15 130.01 -39.53
N TRP I 996 -68.81 130.52 -38.49
CA TRP I 996 -68.47 131.84 -37.98
C TRP I 996 -67.07 131.87 -37.40
N ALA I 997 -66.67 130.79 -36.72
CA ALA I 997 -65.35 130.76 -36.10
C ALA I 997 -64.23 130.83 -37.14
N ARG I 998 -64.31 129.99 -38.17
CA ARG I 998 -63.25 129.95 -39.17
C ARG I 998 -63.23 131.24 -39.99
N ASP I 999 -64.40 131.87 -40.17
CA ASP I 999 -64.43 133.18 -40.83
C ASP I 999 -63.68 134.22 -40.02
N ARG I 1000 -63.85 134.21 -38.70
CA ARG I 1000 -63.15 135.17 -37.86
C ARG I 1000 -61.65 134.89 -37.82
N VAL I 1001 -61.26 133.62 -37.85
CA VAL I 1001 -59.84 133.27 -37.85
C VAL I 1001 -59.16 133.81 -39.10
N ALA I 1002 -59.82 133.68 -40.25
CA ALA I 1002 -59.27 134.25 -41.48
C ALA I 1002 -59.13 135.77 -41.37
N GLN I 1003 -59.98 136.40 -40.58
CA GLN I 1003 -59.89 137.84 -40.35
C GLN I 1003 -58.88 138.22 -39.28
N GLY I 1004 -58.28 137.24 -38.61
CA GLY I 1004 -57.27 137.50 -37.60
C GLY I 1004 -57.74 137.43 -36.16
N TRP I 1005 -58.99 137.03 -35.92
CA TRP I 1005 -59.49 136.94 -34.56
C TRP I 1005 -58.94 135.72 -33.85
N SER I 1006 -58.79 135.84 -32.53
CA SER I 1006 -58.26 134.77 -31.71
C SER I 1006 -59.04 134.72 -30.40
N TYR I 1007 -59.00 133.55 -29.75
CA TYR I 1007 -59.70 133.35 -28.50
C TYR I 1007 -58.99 134.07 -27.36
N SER I 1008 -59.78 134.60 -26.43
CA SER I 1008 -59.28 135.19 -25.19
C SER I 1008 -60.38 135.18 -24.16
N ALA I 1009 -60.02 134.94 -22.90
CA ALA I 1009 -60.99 134.98 -21.82
C ALA I 1009 -61.58 136.37 -21.67
N VAL I 1010 -60.76 137.40 -21.84
CA VAL I 1010 -61.21 138.79 -21.76
C VAL I 1010 -61.39 139.31 -23.18
N GLN I 1011 -62.57 139.85 -23.45
CA GLN I 1011 -62.90 140.36 -24.78
C GLN I 1011 -62.13 141.65 -25.04
N ASP I 1012 -61.53 141.75 -26.23
CA ASP I 1012 -60.79 142.93 -26.66
C ASP I 1012 -61.08 143.16 -28.14
N ILE I 1013 -62.07 144.00 -28.44
CA ILE I 1013 -62.44 144.24 -29.83
C ILE I 1013 -61.30 144.85 -30.65
N PRO I 1014 -60.60 145.90 -30.18
CA PRO I 1014 -59.47 146.41 -30.98
C PRO I 1014 -58.39 145.39 -31.23
N ALA I 1015 -58.17 144.47 -30.29
CA ALA I 1015 -57.17 143.42 -30.45
C ALA I 1015 -57.74 142.18 -31.15
N ARG I 1016 -59.01 142.22 -31.55
CA ARG I 1016 -59.67 141.09 -32.21
C ARG I 1016 -59.60 139.82 -31.35
N ARG I 1017 -59.90 139.97 -30.07
CA ARG I 1017 -59.96 138.87 -29.13
C ARG I 1017 -61.41 138.67 -28.69
N ASN I 1018 -61.90 137.44 -28.81
CA ASN I 1018 -63.30 137.16 -28.52
C ASN I 1018 -63.43 135.93 -27.62
N PRO I 1019 -64.25 136.02 -26.57
CA PRO I 1019 -64.42 134.86 -25.68
C PRO I 1019 -65.08 133.66 -26.34
N ARG I 1020 -65.81 133.85 -27.44
CA ARG I 1020 -66.49 132.76 -28.12
C ARG I 1020 -65.73 132.26 -29.34
N LEU I 1021 -64.50 132.72 -29.56
CA LEU I 1021 -63.69 132.28 -30.71
C LEU I 1021 -63.10 130.91 -30.40
N VAL I 1022 -63.98 129.95 -30.20
CA VAL I 1022 -63.60 128.59 -29.84
C VAL I 1022 -64.50 127.62 -30.59
N PRO I 1023 -64.02 126.41 -30.86
CA PRO I 1023 -64.89 125.39 -31.48
C PRO I 1023 -66.10 125.09 -30.60
N TYR I 1024 -67.18 124.69 -31.27
CA TYR I 1024 -68.48 124.55 -30.59
C TYR I 1024 -68.42 123.56 -29.43
N ARG I 1025 -67.65 122.48 -29.57
CA ARG I 1025 -67.58 121.49 -28.51
C ARG I 1025 -66.92 122.06 -27.25
N LEU I 1026 -65.97 122.97 -27.42
CA LEU I 1026 -65.30 123.61 -26.29
C LEU I 1026 -66.07 124.80 -25.75
N LEU I 1027 -67.17 125.18 -26.37
CA LEU I 1027 -67.95 126.32 -25.92
C LEU I 1027 -68.73 125.96 -24.65
N ASP I 1028 -68.96 126.97 -23.81
CA ASP I 1028 -69.72 126.77 -22.60
C ASP I 1028 -71.19 126.51 -22.91
N GLU I 1029 -71.87 125.83 -21.99
CA GLU I 1029 -73.24 125.41 -22.24
C GLU I 1029 -74.19 126.60 -22.34
N ALA I 1030 -73.89 127.69 -21.63
CA ALA I 1030 -74.76 128.86 -21.65
C ALA I 1030 -74.88 129.44 -23.06
N THR I 1031 -73.74 129.61 -23.74
CA THR I 1031 -73.77 130.08 -25.12
C THR I 1031 -74.17 128.96 -26.07
N LYS I 1032 -73.82 127.72 -25.72
CA LYS I 1032 -74.17 126.58 -26.56
C LYS I 1032 -75.68 126.43 -26.69
N ARG I 1033 -76.41 126.63 -25.58
CA ARG I 1033 -77.86 126.56 -25.63
C ARG I 1033 -78.44 127.73 -26.43
N SER I 1034 -77.81 128.91 -26.34
CA SER I 1034 -78.32 130.08 -27.04
C SER I 1034 -78.30 129.87 -28.55
N ASN I 1035 -77.21 129.32 -29.07
CA ASN I 1035 -77.14 129.02 -30.50
C ASN I 1035 -78.12 127.92 -30.88
N ARG I 1036 -78.32 126.95 -29.98
CA ARG I 1036 -79.24 125.85 -30.26
C ARG I 1036 -80.67 126.35 -30.39
N ASP I 1037 -81.07 127.29 -29.53
CA ASP I 1037 -82.42 127.84 -29.60
C ASP I 1037 -82.64 128.59 -30.91
N SER I 1038 -81.65 129.36 -31.35
CA SER I 1038 -81.79 130.12 -32.60
C SER I 1038 -81.97 129.19 -33.79
N LEU I 1039 -81.19 128.11 -33.85
CA LEU I 1039 -81.33 127.15 -34.95
C LEU I 1039 -82.67 126.43 -34.88
N CYS I 1040 -83.19 126.22 -33.67
CA CYS I 1040 -84.49 125.58 -33.53
C CYS I 1040 -85.60 126.40 -34.18
N GLN I 1041 -85.56 127.73 -34.00
CA GLN I 1041 -86.56 128.58 -34.62
C GLN I 1041 -86.45 128.54 -36.14
N ALA I 1042 -85.22 128.50 -36.66
CA ALA I 1042 -85.03 128.40 -38.11
C ALA I 1042 -85.61 127.10 -38.64
N VAL I 1043 -85.39 125.98 -37.94
CA VAL I 1043 -86.00 124.72 -38.32
C VAL I 1043 -87.52 124.81 -38.18
N ARG I 1044 -87.99 125.44 -37.11
CA ARG I 1044 -89.43 125.64 -36.93
C ARG I 1044 -90.02 126.46 -38.08
N THR I 1045 -89.27 127.44 -38.57
CA THR I 1045 -89.75 128.23 -39.71
C THR I 1045 -89.93 127.35 -40.94
N LEU I 1046 -88.98 126.46 -41.20
CA LEU I 1046 -89.10 125.54 -42.32
C LEU I 1046 -90.29 124.60 -42.13
N LEU I 1047 -90.46 124.07 -40.91
CA LEU I 1047 -91.61 123.21 -40.65
C LEU I 1047 -92.91 124.01 -40.71
N GLY I 1048 -92.87 125.29 -40.33
CA GLY I 1048 -94.04 126.12 -40.46
C GLY I 1048 -94.49 126.27 -41.91
N TYR I 1049 -93.54 126.31 -42.84
CA TYR I 1049 -93.86 126.31 -44.26
C TYR I 1049 -94.30 124.93 -44.75
N GLY I 1050 -94.17 123.90 -43.92
CA GLY I 1050 -94.58 122.56 -44.29
C GLY I 1050 -93.56 121.75 -45.06
N TYR I 1051 -92.34 122.26 -45.21
CA TYR I 1051 -91.31 121.52 -45.94
C TYR I 1051 -90.90 120.28 -45.16
N ASN I 1052 -90.79 119.16 -45.87
CA ASN I 1052 -90.38 117.92 -45.24
C ASN I 1052 -88.91 117.96 -44.86
N ILE I 1053 -88.60 117.52 -43.65
CA ILE I 1053 -87.23 117.46 -43.14
C ILE I 1053 -86.97 116.02 -42.73
N GLU I 1054 -86.00 115.37 -43.38
CA GLU I 1054 -85.69 113.98 -43.10
C GLU I 1054 -84.40 113.90 -42.29
N PRO I 1055 -84.44 113.46 -41.05
CA PRO I 1055 -83.21 113.33 -40.26
C PRO I 1055 -82.31 112.27 -40.87
N PRO I 1056 -81.06 112.60 -41.15
CA PRO I 1056 -80.15 111.62 -41.76
C PRO I 1056 -79.86 110.47 -40.81
N ASP I 1057 -79.61 109.31 -41.40
CA ASP I 1057 -79.20 108.12 -40.64
C ASP I 1057 -77.77 108.35 -40.13
N GLN I 1058 -77.69 108.67 -38.84
CA GLN I 1058 -76.46 109.05 -38.18
C GLN I 1058 -75.38 107.99 -38.36
N GLU I 1059 -74.16 108.42 -38.71
CA GLU I 1059 -73.04 107.51 -38.92
C GLU I 1059 -72.09 107.62 -37.74
N PRO I 1060 -71.98 106.59 -36.90
CA PRO I 1060 -71.07 106.68 -35.75
C PRO I 1060 -69.62 106.65 -36.18
N SER I 1061 -68.77 107.26 -35.36
CA SER I 1061 -67.34 107.31 -35.60
C SER I 1061 -66.60 107.30 -34.28
N GLN I 1062 -65.36 106.81 -34.30
CA GLN I 1062 -64.52 106.74 -33.11
C GLN I 1062 -63.29 107.62 -33.35
N VAL I 1063 -63.16 108.68 -32.54
CA VAL I 1063 -62.13 109.67 -32.79
C VAL I 1063 -60.74 109.12 -32.48
N GLU I 1064 -60.61 108.33 -31.41
CA GLU I 1064 -59.33 107.84 -30.93
C GLU I 1064 -58.37 109.01 -30.66
N ASN I 1065 -58.79 109.84 -29.69
CA ASN I 1065 -58.00 111.02 -29.33
C ASN I 1065 -56.64 110.62 -28.78
N GLN I 1066 -56.60 109.57 -27.96
CA GLN I 1066 -55.37 109.08 -27.36
C GLN I 1066 -54.88 107.86 -28.13
N SER I 1067 -53.62 107.50 -27.90
CA SER I 1067 -53.03 106.33 -28.54
C SER I 1067 -53.67 105.06 -28.02
N ARG I 1068 -53.28 103.91 -28.58
CA ARG I 1068 -53.87 102.64 -28.16
C ARG I 1068 -53.44 102.25 -26.75
N TRP I 1069 -52.26 102.69 -26.32
CA TRP I 1069 -51.70 102.24 -25.05
C TRP I 1069 -52.02 103.17 -23.88
N ASP I 1070 -52.10 104.48 -24.12
CA ASP I 1070 -52.45 105.39 -23.03
C ASP I 1070 -53.97 105.48 -22.89
N ARG I 1071 -54.61 104.32 -22.78
CA ARG I 1071 -56.05 104.23 -22.55
C ARG I 1071 -56.39 103.49 -21.27
N VAL I 1072 -55.71 102.39 -20.98
CA VAL I 1072 -55.98 101.56 -19.81
C VAL I 1072 -54.72 101.50 -18.96
N ARG I 1073 -54.88 101.74 -17.66
CA ARG I 1073 -53.77 101.67 -16.70
C ARG I 1073 -54.09 100.56 -15.72
N ILE I 1074 -53.21 99.57 -15.65
CA ILE I 1074 -53.44 98.37 -14.87
C ILE I 1074 -52.66 98.47 -13.57
N PHE I 1075 -53.33 98.23 -12.44
CA PHE I 1075 -52.72 98.22 -11.13
C PHE I 1075 -52.85 96.82 -10.54
N ARG I 1076 -51.73 96.30 -10.02
CA ARG I 1076 -51.72 94.97 -9.42
C ARG I 1076 -50.77 94.97 -8.23
N ALA I 1077 -50.98 94.01 -7.34
CA ALA I 1077 -50.08 93.83 -6.21
C ALA I 1077 -48.75 93.22 -6.69
N GLU I 1078 -47.74 93.34 -5.83
CA GLU I 1078 -46.43 92.78 -6.15
C GLU I 1078 -46.50 91.26 -6.18
N LYS I 1079 -45.63 90.66 -7.00
CA LYS I 1079 -45.64 89.20 -7.16
C LYS I 1079 -45.31 88.48 -5.86
N SER I 1080 -44.66 89.14 -4.91
CA SER I 1080 -44.35 88.52 -3.63
C SER I 1080 -45.59 88.25 -2.78
N TYR I 1081 -46.73 88.84 -3.14
CA TYR I 1081 -47.98 88.63 -2.42
C TYR I 1081 -48.86 87.57 -3.06
N THR I 1082 -48.32 86.79 -3.99
CA THR I 1082 -49.09 85.77 -4.69
C THR I 1082 -49.64 84.75 -3.70
N VAL I 1083 -50.92 84.43 -3.83
CA VAL I 1083 -51.60 83.48 -2.96
C VAL I 1083 -51.90 82.22 -3.76
N GLN I 1084 -51.57 81.07 -3.20
CA GLN I 1084 -51.83 79.78 -3.81
C GLN I 1084 -52.76 78.90 -2.98
N SER I 1085 -53.26 79.39 -1.85
CA SER I 1085 -54.17 78.63 -1.02
C SER I 1085 -54.97 79.60 -0.17
N GLY I 1086 -56.05 79.09 0.42
CA GLY I 1086 -56.89 79.88 1.29
C GLY I 1086 -57.94 80.68 0.55
N ARG I 1087 -58.70 81.43 1.32
CA ARG I 1087 -59.78 82.26 0.82
C ARG I 1087 -59.48 83.71 1.15
N TRP I 1088 -59.57 84.58 0.14
CA TRP I 1088 -59.12 85.96 0.28
C TRP I 1088 -60.18 86.91 -0.25
N TYR I 1089 -60.16 88.14 0.29
CA TYR I 1089 -61.19 89.14 0.02
C TYR I 1089 -60.54 90.51 -0.07
N PHE I 1090 -61.02 91.33 -1.01
CA PHE I 1090 -60.66 92.73 -1.06
C PHE I 1090 -61.77 93.49 -1.76
N GLU I 1091 -61.76 94.81 -1.59
CA GLU I 1091 -62.82 95.67 -2.11
C GLU I 1091 -62.25 96.66 -3.12
N PHE I 1092 -63.09 97.04 -4.07
CA PHE I 1092 -62.76 98.07 -5.05
C PHE I 1092 -63.95 99.02 -5.16
N GLU I 1093 -63.71 100.29 -4.86
CA GLU I 1093 -64.75 101.30 -4.93
C GLU I 1093 -64.67 102.04 -6.25
N ALA I 1094 -65.80 102.13 -6.94
CA ALA I 1094 -65.87 102.81 -8.24
C ALA I 1094 -66.29 104.26 -8.01
N VAL I 1095 -65.31 105.15 -7.89
CA VAL I 1095 -65.60 106.57 -7.76
C VAL I 1095 -66.31 107.08 -9.01
N THR I 1096 -65.81 106.69 -10.17
CA THR I 1096 -66.47 106.97 -11.44
C THR I 1096 -67.27 105.75 -11.89
N THR I 1097 -67.91 105.87 -13.06
CA THR I 1097 -68.76 104.81 -13.56
C THR I 1097 -68.34 104.32 -14.95
N GLY I 1098 -67.17 104.73 -15.43
CA GLY I 1098 -66.73 104.39 -16.76
C GLY I 1098 -66.14 102.99 -16.86
N GLU I 1099 -65.20 102.83 -17.78
CA GLU I 1099 -64.60 101.53 -18.07
C GLU I 1099 -63.55 101.21 -17.01
N MET I 1100 -63.90 100.35 -16.07
CA MET I 1100 -62.98 99.87 -15.05
C MET I 1100 -63.20 98.38 -14.84
N ARG I 1101 -62.10 97.65 -14.67
CA ARG I 1101 -62.16 96.21 -14.44
C ARG I 1101 -61.40 95.89 -13.16
N VAL I 1102 -61.90 94.89 -12.44
CA VAL I 1102 -61.29 94.48 -11.18
C VAL I 1102 -61.46 92.98 -11.03
N GLY I 1103 -60.44 92.32 -10.48
CA GLY I 1103 -60.50 90.89 -10.28
C GLY I 1103 -59.19 90.31 -9.79
N TRP I 1104 -58.87 89.11 -10.25
CA TRP I 1104 -57.65 88.42 -9.87
C TRP I 1104 -56.83 88.08 -11.11
N ALA I 1105 -55.52 88.21 -11.01
CA ALA I 1105 -54.62 87.99 -12.12
C ALA I 1105 -53.44 87.14 -11.69
N ARG I 1106 -52.87 86.42 -12.65
CA ARG I 1106 -51.70 85.60 -12.40
C ARG I 1106 -50.43 86.46 -12.43
N PRO I 1107 -49.35 86.01 -11.78
CA PRO I 1107 -48.14 86.83 -11.72
C PRO I 1107 -47.56 87.17 -13.08
N GLU I 1108 -47.78 86.33 -14.09
CA GLU I 1108 -47.24 86.56 -15.43
C GLU I 1108 -48.12 87.49 -16.26
N LEU I 1109 -48.96 88.29 -15.62
CA LEU I 1109 -49.84 89.20 -16.34
C LEU I 1109 -49.03 90.17 -17.19
N ARG I 1110 -49.47 90.36 -18.43
CA ARG I 1110 -48.82 91.23 -19.40
C ARG I 1110 -49.41 92.63 -19.34
N PRO I 1111 -48.56 93.67 -19.29
CA PRO I 1111 -49.07 95.03 -19.05
C PRO I 1111 -49.79 95.67 -20.22
N ASP I 1112 -49.58 95.20 -21.45
CA ASP I 1112 -50.15 95.83 -22.63
C ASP I 1112 -51.41 95.14 -23.14
N VAL I 1113 -51.95 94.18 -22.39
CA VAL I 1113 -53.14 93.44 -22.79
C VAL I 1113 -54.28 93.79 -21.84
N GLU I 1114 -55.47 94.01 -22.41
CA GLU I 1114 -56.64 94.30 -21.60
C GLU I 1114 -56.94 93.14 -20.66
N LEU I 1115 -57.33 93.46 -19.43
CA LEU I 1115 -57.61 92.44 -18.44
C LEU I 1115 -58.76 91.55 -18.90
N GLY I 1116 -58.56 90.23 -18.82
CA GLY I 1116 -59.55 89.27 -19.21
C GLY I 1116 -59.55 88.92 -20.68
N ALA I 1117 -58.84 89.66 -21.52
CA ALA I 1117 -58.73 89.30 -22.93
C ALA I 1117 -57.91 88.02 -23.14
N ASP I 1118 -57.16 87.59 -22.13
CA ASP I 1118 -56.41 86.35 -22.21
C ASP I 1118 -56.67 85.51 -20.96
N GLU I 1119 -55.90 84.43 -20.79
CA GLU I 1119 -56.12 83.50 -19.70
C GLU I 1119 -55.41 83.91 -18.41
N LEU I 1120 -54.79 85.09 -18.37
CA LEU I 1120 -53.98 85.50 -17.24
C LEU I 1120 -54.74 86.35 -16.23
N ALA I 1121 -56.03 86.57 -16.41
CA ALA I 1121 -56.78 87.41 -15.49
C ALA I 1121 -58.25 86.99 -15.48
N TYR I 1122 -58.85 87.06 -14.29
CA TYR I 1122 -60.29 86.83 -14.10
C TYR I 1122 -60.86 88.10 -13.49
N VAL I 1123 -61.45 88.96 -14.32
CA VAL I 1123 -61.89 90.28 -13.87
C VAL I 1123 -63.37 90.46 -14.18
N PHE I 1124 -63.97 91.41 -13.46
CA PHE I 1124 -65.35 91.80 -13.66
C PHE I 1124 -65.40 93.24 -14.15
N ASN I 1125 -66.06 93.46 -15.28
CA ASN I 1125 -66.18 94.79 -15.88
C ASN I 1125 -67.51 95.36 -15.45
N GLY I 1126 -67.47 96.31 -14.52
CA GLY I 1126 -68.67 96.91 -13.99
C GLY I 1126 -69.27 98.02 -14.82
N HIS I 1127 -68.63 98.41 -15.92
CA HIS I 1127 -69.20 99.44 -16.77
C HIS I 1127 -70.50 98.98 -17.41
N ARG I 1128 -70.55 97.73 -17.87
CA ARG I 1128 -71.73 97.18 -18.51
C ARG I 1128 -72.09 95.79 -18.00
N GLY I 1129 -71.52 95.36 -16.86
CA GLY I 1129 -71.87 94.08 -16.29
C GLY I 1129 -71.36 92.90 -17.08
N GLN I 1130 -70.03 92.74 -17.14
CA GLN I 1130 -69.40 91.64 -17.86
C GLN I 1130 -68.30 91.04 -17.01
N ARG I 1131 -68.06 89.74 -17.21
CA ARG I 1131 -66.91 89.06 -16.64
C ARG I 1131 -65.99 88.65 -17.78
N TRP I 1132 -64.69 88.85 -17.58
CA TRP I 1132 -63.70 88.69 -18.65
C TRP I 1132 -62.70 87.62 -18.28
N HIS I 1133 -62.66 86.57 -19.11
CA HIS I 1133 -61.56 85.60 -19.07
C HIS I 1133 -61.55 84.90 -20.42
N LEU I 1134 -60.51 85.15 -21.22
CA LEU I 1134 -60.43 84.66 -22.60
C LEU I 1134 -61.65 85.08 -23.40
N GLY I 1135 -62.15 86.29 -23.15
CA GLY I 1135 -63.35 86.79 -23.78
C GLY I 1135 -64.31 87.37 -22.75
N SER I 1136 -65.40 87.92 -23.27
CA SER I 1136 -66.41 88.58 -22.45
C SER I 1136 -67.74 87.85 -22.53
N GLU I 1137 -68.42 87.77 -21.38
CA GLU I 1137 -69.75 87.22 -21.31
C GLU I 1137 -70.52 88.00 -20.25
N PRO I 1138 -71.83 88.21 -20.42
CA PRO I 1138 -72.57 89.03 -19.46
C PRO I 1138 -72.56 88.43 -18.07
N PHE I 1139 -72.51 89.31 -17.06
CA PHE I 1139 -72.47 88.89 -15.67
C PHE I 1139 -72.80 90.06 -14.75
N GLY I 1140 -73.78 89.88 -13.88
CA GLY I 1140 -74.10 90.94 -12.93
C GLY I 1140 -74.78 92.13 -13.62
N ARG I 1141 -74.63 93.28 -12.98
CA ARG I 1141 -75.24 94.53 -13.42
C ARG I 1141 -74.20 95.64 -13.40
N PRO I 1142 -74.38 96.68 -14.21
CA PRO I 1142 -73.47 97.82 -14.17
C PRO I 1142 -73.53 98.54 -12.83
N TRP I 1143 -72.41 99.10 -12.43
CA TRP I 1143 -72.30 99.78 -11.14
C TRP I 1143 -72.64 101.25 -11.28
N GLN I 1144 -72.68 101.93 -10.13
CA GLN I 1144 -72.91 103.37 -10.07
C GLN I 1144 -71.80 104.01 -9.26
N SER I 1145 -71.85 105.34 -9.16
CA SER I 1145 -70.82 106.06 -8.41
C SER I 1145 -70.91 105.71 -6.93
N GLY I 1146 -69.78 105.34 -6.34
CA GLY I 1146 -69.73 104.96 -4.95
C GLY I 1146 -69.97 103.49 -4.67
N ASP I 1147 -70.30 102.70 -5.69
CA ASP I 1147 -70.52 101.28 -5.49
C ASP I 1147 -69.21 100.58 -5.15
N VAL I 1148 -69.29 99.61 -4.24
CA VAL I 1148 -68.13 98.85 -3.78
C VAL I 1148 -68.25 97.43 -4.31
N VAL I 1149 -67.21 96.97 -4.99
CA VAL I 1149 -67.16 95.62 -5.54
C VAL I 1149 -66.27 94.77 -4.63
N GLY I 1150 -66.83 93.68 -4.11
CA GLY I 1150 -66.07 92.78 -3.26
C GLY I 1150 -65.60 91.56 -4.02
N CYS I 1151 -64.30 91.50 -4.31
CA CYS I 1151 -63.71 90.40 -5.05
C CYS I 1151 -63.27 89.32 -4.08
N MET I 1152 -63.81 88.12 -4.26
CA MET I 1152 -63.55 87.00 -3.36
C MET I 1152 -63.03 85.82 -4.19
N ILE I 1153 -61.93 85.23 -3.75
CA ILE I 1153 -61.36 84.05 -4.40
C ILE I 1153 -61.30 82.93 -3.38
N ASP I 1154 -61.72 81.74 -3.79
CA ASP I 1154 -61.72 80.55 -2.94
C ASP I 1154 -60.84 79.51 -3.61
N LEU I 1155 -59.62 79.37 -3.13
CA LEU I 1155 -58.67 78.43 -3.70
C LEU I 1155 -58.84 77.02 -3.17
N THR I 1156 -59.75 76.81 -2.22
CA THR I 1156 -60.12 75.46 -1.80
C THR I 1156 -61.23 74.88 -2.66
N GLU I 1157 -62.12 75.73 -3.17
CA GLU I 1157 -63.16 75.30 -4.11
C GLU I 1157 -62.88 75.74 -5.54
N ASN I 1158 -61.80 76.49 -5.78
CA ASN I 1158 -61.44 76.97 -7.11
C ASN I 1158 -62.57 77.78 -7.74
N THR I 1159 -63.05 78.77 -7.00
CA THR I 1159 -64.12 79.63 -7.46
C THR I 1159 -63.78 81.09 -7.16
N ILE I 1160 -64.36 81.99 -7.96
CA ILE I 1160 -64.22 83.42 -7.77
C ILE I 1160 -65.61 84.03 -7.68
N ILE I 1161 -65.84 84.83 -6.63
CA ILE I 1161 -67.14 85.42 -6.37
C ILE I 1161 -66.99 86.94 -6.35
N PHE I 1162 -67.88 87.62 -7.07
CA PHE I 1162 -67.95 89.06 -7.07
C PHE I 1162 -69.24 89.52 -6.42
N THR I 1163 -69.13 90.50 -5.51
CA THR I 1163 -70.27 91.09 -4.85
C THR I 1163 -70.32 92.58 -5.14
N LEU I 1164 -71.54 93.12 -5.20
CA LEU I 1164 -71.76 94.54 -5.43
C LEU I 1164 -72.57 95.10 -4.27
N ASN I 1165 -71.95 95.95 -3.47
CA ASN I 1165 -72.58 96.53 -2.28
C ASN I 1165 -73.11 95.45 -1.34
N GLY I 1166 -72.35 94.36 -1.20
CA GLY I 1166 -72.71 93.28 -0.31
C GLY I 1166 -73.63 92.24 -0.92
N GLU I 1167 -74.10 92.44 -2.14
CA GLU I 1167 -74.98 91.49 -2.81
C GLU I 1167 -74.18 90.72 -3.86
N VAL I 1168 -74.25 89.39 -3.79
CA VAL I 1168 -73.48 88.56 -4.69
C VAL I 1168 -74.02 88.69 -6.11
N LEU I 1169 -73.13 88.99 -7.06
CA LEU I 1169 -73.51 89.08 -8.46
C LEU I 1169 -73.70 87.68 -9.04
N MET I 1170 -74.64 87.58 -9.98
CA MET I 1170 -74.97 86.32 -10.61
C MET I 1170 -75.04 86.48 -12.12
N SER I 1171 -74.78 85.38 -12.81
CA SER I 1171 -74.85 85.35 -14.27
C SER I 1171 -76.30 85.18 -14.70
N ASP I 1172 -76.51 84.87 -15.98
CA ASP I 1172 -77.86 84.64 -16.49
C ASP I 1172 -78.29 83.21 -16.17
N SER I 1173 -78.16 82.82 -14.90
CA SER I 1173 -78.51 81.50 -14.41
C SER I 1173 -78.40 81.55 -12.89
N GLY I 1174 -78.49 80.40 -12.24
CA GLY I 1174 -78.34 80.32 -10.81
C GLY I 1174 -76.91 80.30 -10.30
N SER I 1175 -75.93 80.50 -11.19
CA SER I 1175 -74.53 80.45 -10.82
C SER I 1175 -74.17 81.60 -9.88
N GLU I 1176 -73.88 81.27 -8.62
CA GLU I 1176 -73.47 82.27 -7.64
C GLU I 1176 -71.99 82.63 -7.76
N THR I 1177 -71.22 81.90 -8.56
CA THR I 1177 -69.81 82.14 -8.72
C THR I 1177 -69.52 82.58 -10.15
N ALA I 1178 -68.64 83.57 -10.30
CA ALA I 1178 -68.29 84.07 -11.62
C ALA I 1178 -67.48 83.06 -12.41
N PHE I 1179 -66.52 82.41 -11.75
CA PHE I 1179 -65.65 81.45 -12.42
C PHE I 1179 -65.53 80.19 -11.56
N ARG I 1180 -65.34 79.06 -12.22
CA ARG I 1180 -65.28 77.76 -11.56
C ARG I 1180 -64.15 76.94 -12.15
N GLU I 1181 -63.68 75.98 -11.36
CA GLU I 1181 -62.64 75.04 -11.77
C GLU I 1181 -61.38 75.76 -12.26
N ILE I 1182 -60.98 76.81 -11.54
CA ILE I 1182 -59.78 77.54 -11.87
C ILE I 1182 -58.58 76.81 -11.27
N GLU I 1183 -57.57 76.57 -12.09
CA GLU I 1183 -56.35 75.93 -11.60
C GLU I 1183 -55.49 76.93 -10.85
N ILE I 1184 -54.91 76.46 -9.74
CA ILE I 1184 -54.08 77.35 -8.93
C ILE I 1184 -52.81 77.73 -9.68
N GLY I 1185 -52.00 76.74 -10.02
CA GLY I 1185 -50.78 77.00 -10.77
C GLY I 1185 -49.85 77.92 -10.01
N ASP I 1186 -49.42 79.00 -10.68
CA ASP I 1186 -48.53 79.96 -10.06
C ASP I 1186 -49.19 80.71 -8.92
N GLY I 1187 -50.48 81.00 -9.03
CA GLY I 1187 -51.22 81.71 -8.01
C GLY I 1187 -51.99 82.87 -8.59
N PHE I 1188 -52.48 83.74 -7.72
CA PHE I 1188 -53.32 84.85 -8.12
C PHE I 1188 -52.93 86.11 -7.35
N LEU I 1189 -53.18 87.26 -7.97
CA LEU I 1189 -52.93 88.57 -7.38
C LEU I 1189 -54.12 89.47 -7.63
N PRO I 1190 -54.49 90.30 -6.66
CA PRO I 1190 -55.52 91.31 -6.91
C PRO I 1190 -55.06 92.28 -7.99
N VAL I 1191 -55.99 92.68 -8.85
CA VAL I 1191 -55.67 93.50 -10.01
C VAL I 1191 -56.86 94.39 -10.33
N CYS I 1192 -56.57 95.55 -10.90
CA CYS I 1192 -57.60 96.45 -11.36
C CYS I 1192 -57.05 97.29 -12.51
N SER I 1193 -57.95 97.69 -13.41
CA SER I 1193 -57.58 98.52 -14.55
C SER I 1193 -58.56 99.68 -14.65
N LEU I 1194 -58.04 100.85 -14.96
CA LEU I 1194 -58.84 102.06 -15.06
C LEU I 1194 -58.69 102.66 -16.46
N GLY I 1195 -59.81 103.03 -17.07
CA GLY I 1195 -59.80 103.62 -18.38
C GLY I 1195 -59.52 105.10 -18.33
N PRO I 1196 -59.69 105.79 -19.46
CA PRO I 1196 -59.41 107.23 -19.49
C PRO I 1196 -60.40 107.99 -18.63
N GLY I 1197 -59.87 108.84 -17.76
CA GLY I 1197 -60.71 109.65 -16.89
C GLY I 1197 -61.38 108.90 -15.77
N GLN I 1198 -60.87 107.74 -15.38
CA GLN I 1198 -61.51 106.90 -14.37
C GLN I 1198 -60.75 106.97 -13.06
N VAL I 1199 -61.50 107.01 -11.96
CA VAL I 1199 -60.94 107.06 -10.62
C VAL I 1199 -61.54 105.90 -9.82
N GLY I 1200 -60.68 105.14 -9.14
CA GLY I 1200 -61.13 104.03 -8.33
C GLY I 1200 -60.29 103.91 -7.08
N HIS I 1201 -60.92 103.37 -6.04
CA HIS I 1201 -60.28 103.16 -4.75
C HIS I 1201 -60.12 101.66 -4.52
N LEU I 1202 -58.89 101.23 -4.29
CA LEU I 1202 -58.60 99.82 -4.02
C LEU I 1202 -58.32 99.64 -2.54
N ASN I 1203 -59.07 98.75 -1.91
CA ASN I 1203 -58.94 98.47 -0.48
C ASN I 1203 -58.60 97.00 -0.33
N LEU I 1204 -57.34 96.71 0.00
CA LEU I 1204 -56.89 95.34 0.19
C LEU I 1204 -57.13 94.84 1.60
N GLY I 1205 -57.72 95.65 2.47
CA GLY I 1205 -58.10 95.18 3.79
C GLY I 1205 -56.99 95.12 4.81
N GLN I 1206 -56.01 96.02 4.73
CA GLN I 1206 -55.01 96.09 5.79
C GLN I 1206 -55.64 96.49 7.11
N ASP I 1207 -56.60 97.41 7.07
CA ASP I 1207 -57.42 97.76 8.24
C ASP I 1207 -58.78 97.14 8.01
N VAL I 1208 -59.10 96.11 8.80
CA VAL I 1208 -60.35 95.37 8.62
C VAL I 1208 -61.56 96.25 8.86
N SER I 1209 -61.44 97.26 9.73
CA SER I 1209 -62.57 98.15 9.99
C SER I 1209 -62.87 99.06 8.81
N SER I 1210 -61.90 99.29 7.91
CA SER I 1210 -62.11 100.15 6.76
C SER I 1210 -62.97 99.50 5.69
N LEU I 1211 -63.05 98.17 5.65
CA LEU I 1211 -63.88 97.49 4.68
C LEU I 1211 -65.35 97.78 4.97
N ARG I 1212 -66.12 98.04 3.91
CA ARG I 1212 -67.50 98.49 4.07
C ARG I 1212 -68.52 97.38 3.92
N PHE I 1213 -68.16 96.26 3.28
CA PHE I 1213 -69.11 95.17 3.10
C PHE I 1213 -68.52 93.81 3.40
N PHE I 1214 -67.35 93.76 4.04
CA PHE I 1214 -66.74 92.47 4.38
C PHE I 1214 -67.58 91.71 5.39
N ALA I 1215 -68.11 92.42 6.39
CA ALA I 1215 -68.94 91.75 7.40
C ALA I 1215 -70.27 91.29 6.81
N ILE I 1216 -70.83 92.06 5.87
CA ILE I 1216 -72.12 91.71 5.28
C ILE I 1216 -72.00 90.45 4.44
N CYS I 1217 -70.95 90.35 3.63
CA CYS I 1217 -70.74 89.20 2.77
C CYS I 1217 -69.25 88.94 2.66
N GLY I 1218 -68.78 87.86 3.27
CA GLY I 1218 -67.39 87.47 3.18
C GLY I 1218 -66.78 87.06 4.50
N LEU I 1219 -67.21 87.71 5.58
CA LEU I 1219 -66.68 87.37 6.90
C LEU I 1219 -67.17 86.01 7.36
N GLN I 1220 -68.47 85.75 7.23
CA GLN I 1220 -69.04 84.50 7.72
C GLN I 1220 -68.76 83.33 6.79
N GLU I 1221 -68.35 83.60 5.55
CA GLU I 1221 -68.04 82.53 4.61
C GLU I 1221 -66.61 82.00 4.76
N GLY I 1222 -65.83 82.58 5.66
CA GLY I 1222 -64.47 82.13 5.88
C GLY I 1222 -63.41 82.86 5.11
N PHE I 1223 -63.75 83.93 4.40
CA PHE I 1223 -62.78 84.70 3.64
C PHE I 1223 -62.06 85.69 4.55
N GLU I 1224 -60.81 85.94 4.21
CA GLU I 1224 -59.99 86.89 4.96
C GLU I 1224 -59.57 88.06 4.07
N PRO I 1225 -59.38 89.24 4.64
CA PRO I 1225 -58.83 90.34 3.86
C PRO I 1225 -57.45 89.98 3.31
N PHE I 1226 -57.16 90.47 2.11
CA PHE I 1226 -55.92 90.09 1.43
C PHE I 1226 -54.69 90.51 2.22
N ALA I 1227 -54.79 91.58 3.02
CA ALA I 1227 -53.66 92.06 3.78
C ALA I 1227 -54.01 92.19 5.26
N ILE I 1228 -54.63 91.15 5.82
CA ILE I 1228 -55.18 91.25 7.17
C ILE I 1228 -54.08 91.48 8.19
N ASN I 1229 -52.98 90.74 8.09
CA ASN I 1229 -51.86 90.87 9.03
C ASN I 1229 -50.63 91.30 8.23
N MET I 1230 -50.53 92.60 8.01
CA MET I 1230 -49.39 93.18 7.29
C MET I 1230 -49.10 94.56 7.87
N GLN I 1231 -47.83 94.87 8.06
CA GLN I 1231 -47.45 96.15 8.64
CA GLN I 1231 -47.45 96.15 8.64
C GLN I 1231 -47.50 97.25 7.60
N ARG I 1232 -46.70 97.13 6.56
CA ARG I 1232 -46.67 98.11 5.49
C ARG I 1232 -47.81 97.88 4.51
N PRO I 1233 -48.30 98.92 3.86
CA PRO I 1233 -49.29 98.72 2.80
C PRO I 1233 -48.72 97.88 1.68
N VAL I 1234 -49.59 97.10 1.04
CA VAL I 1234 -49.14 96.20 -0.02
C VAL I 1234 -48.57 97.01 -1.17
N THR I 1235 -47.35 96.66 -1.57
CA THR I 1235 -46.73 97.32 -2.71
C THR I 1235 -47.48 97.00 -3.98
N THR I 1236 -47.76 98.03 -4.77
CA THR I 1236 -48.51 97.87 -6.01
C THR I 1236 -47.64 98.27 -7.20
N TRP I 1237 -47.84 97.56 -8.30
CA TRP I 1237 -47.17 97.84 -9.56
C TRP I 1237 -48.21 98.28 -10.59
N PHE I 1238 -47.84 99.27 -11.41
CA PHE I 1238 -48.73 99.80 -12.41
C PHE I 1238 -48.06 99.72 -13.78
N SER I 1239 -48.89 99.64 -14.81
CA SER I 1239 -48.42 99.57 -16.19
C SER I 1239 -48.10 100.98 -16.66
N LYS I 1240 -46.81 101.29 -16.77
CA LYS I 1240 -46.35 102.61 -17.18
C LYS I 1240 -46.29 102.67 -18.70
N SER I 1241 -47.02 103.62 -19.28
CA SER I 1241 -47.09 103.76 -20.73
C SER I 1241 -45.94 104.60 -21.28
N LEU I 1242 -44.73 104.26 -20.87
CA LEU I 1242 -43.52 104.89 -21.40
C LEU I 1242 -42.77 103.88 -22.23
N PRO I 1243 -42.67 104.05 -23.55
CA PRO I 1243 -42.00 103.05 -24.38
C PRO I 1243 -40.55 102.85 -23.97
N GLN I 1244 -40.13 101.58 -23.95
CA GLN I 1244 -38.77 101.22 -23.59
C GLN I 1244 -38.27 100.15 -24.55
N PHE I 1245 -36.95 100.12 -24.75
CA PHE I 1245 -36.33 99.12 -25.60
C PHE I 1245 -36.03 97.88 -24.78
N GLU I 1246 -36.51 96.74 -25.24
CA GLU I 1246 -36.31 95.45 -24.58
C GLU I 1246 -35.84 94.43 -25.60
N PRO I 1247 -35.10 93.42 -25.17
CA PRO I 1247 -34.64 92.39 -26.11
C PRO I 1247 -35.81 91.68 -26.77
N VAL I 1248 -35.63 91.34 -28.05
CA VAL I 1248 -36.65 90.61 -28.80
C VAL I 1248 -36.76 89.22 -28.20
N PRO I 1249 -37.95 88.80 -27.76
CA PRO I 1249 -38.10 87.48 -27.15
C PRO I 1249 -37.72 86.38 -28.12
N PRO I 1250 -37.05 85.33 -27.64
CA PRO I 1250 -36.71 84.20 -28.53
C PRO I 1250 -37.93 83.48 -29.07
N GLU I 1251 -39.08 83.60 -28.41
CA GLU I 1251 -40.30 82.92 -28.81
C GLU I 1251 -41.37 83.89 -29.30
N HIS I 1252 -40.94 85.03 -29.84
CA HIS I 1252 -41.89 86.02 -30.33
C HIS I 1252 -42.66 85.43 -31.51
N PRO I 1253 -44.00 85.53 -31.52
CA PRO I 1253 -44.78 84.89 -32.60
C PRO I 1253 -44.50 85.43 -33.98
N HIS I 1254 -44.14 86.71 -34.10
CA HIS I 1254 -44.03 87.35 -35.40
C HIS I 1254 -42.62 87.73 -35.82
N TYR I 1255 -41.72 87.96 -34.86
CA TYR I 1255 -40.39 88.49 -35.16
C TYR I 1255 -39.32 87.50 -34.75
N GLU I 1256 -38.37 87.25 -35.64
CA GLU I 1256 -37.27 86.35 -35.39
C GLU I 1256 -35.96 87.04 -35.75
N VAL I 1257 -34.96 86.90 -34.89
CA VAL I 1257 -33.64 87.49 -35.10
C VAL I 1257 -32.63 86.36 -35.20
N ALA I 1258 -31.87 86.32 -36.28
CA ALA I 1258 -30.86 85.30 -36.53
C ALA I 1258 -29.48 85.94 -36.49
N ARG I 1259 -28.58 85.36 -35.71
CA ARG I 1259 -27.20 85.83 -35.61
C ARG I 1259 -26.37 85.12 -36.67
N MET I 1260 -25.95 85.86 -37.69
CA MET I 1260 -25.20 85.29 -38.79
C MET I 1260 -23.70 85.51 -38.55
N ASP I 1261 -22.93 84.42 -38.61
CA ASP I 1261 -21.50 84.52 -38.44
C ASP I 1261 -20.85 85.14 -39.66
N GLY I 1262 -19.71 85.78 -39.44
CA GLY I 1262 -18.99 86.42 -40.52
C GLY I 1262 -18.19 85.45 -41.36
N THR I 1263 -18.48 85.41 -42.65
CA THR I 1263 -17.78 84.53 -43.57
C THR I 1263 -16.55 85.24 -44.12
N VAL I 1264 -15.92 84.65 -45.15
CA VAL I 1264 -14.74 85.26 -45.74
C VAL I 1264 -15.10 86.56 -46.46
N ASP I 1265 -16.28 86.62 -47.08
CA ASP I 1265 -16.70 87.78 -47.85
C ASP I 1265 -17.80 88.59 -47.19
N THR I 1266 -18.34 88.13 -46.07
CA THR I 1266 -19.41 88.85 -45.39
C THR I 1266 -19.06 89.05 -43.92
N PRO I 1267 -19.49 90.16 -43.33
CA PRO I 1267 -19.25 90.38 -41.92
C PRO I 1267 -20.33 89.72 -41.07
N PRO I 1268 -20.13 89.62 -39.76
CA PRO I 1268 -21.21 89.12 -38.90
C PRO I 1268 -22.43 90.02 -38.98
N CYS I 1269 -23.61 89.41 -38.95
CA CYS I 1269 -24.86 90.12 -39.17
C CYS I 1269 -25.91 89.70 -38.15
N LEU I 1270 -26.87 90.59 -37.94
CA LEU I 1270 -28.05 90.32 -37.12
C LEU I 1270 -29.26 90.54 -38.02
N ARG I 1271 -29.82 89.46 -38.55
CA ARG I 1271 -30.87 89.52 -39.56
C ARG I 1271 -32.23 89.37 -38.89
N LEU I 1272 -33.17 90.22 -39.30
CA LEU I 1272 -34.54 90.19 -38.82
C LEU I 1272 -35.44 89.56 -39.87
N ALA I 1273 -36.28 88.62 -39.45
CA ALA I 1273 -37.21 87.94 -40.35
C ALA I 1273 -38.60 87.96 -39.74
N HIS I 1274 -39.61 88.08 -40.60
CA HIS I 1274 -41.00 88.06 -40.17
C HIS I 1274 -41.51 86.62 -40.21
N ARG I 1275 -41.83 86.07 -39.04
CA ARG I 1275 -42.19 84.65 -38.97
C ARG I 1275 -43.48 84.35 -39.72
N THR I 1276 -44.50 85.20 -39.57
CA THR I 1276 -45.84 84.89 -40.06
C THR I 1276 -46.26 85.77 -41.23
N TRP I 1277 -45.30 86.30 -41.99
CA TRP I 1277 -45.64 87.20 -43.08
C TRP I 1277 -46.46 86.46 -44.14
N GLY I 1278 -47.46 87.15 -44.69
CA GLY I 1278 -48.28 86.60 -45.74
C GLY I 1278 -49.46 85.79 -45.25
N SER I 1279 -49.29 85.13 -44.10
CA SER I 1279 -50.34 84.28 -43.57
C SER I 1279 -51.42 85.10 -42.87
N GLN I 1280 -52.54 84.45 -42.60
CA GLN I 1280 -53.61 85.07 -41.82
C GLN I 1280 -53.11 85.40 -40.42
N ASN I 1281 -53.68 86.45 -39.83
CA ASN I 1281 -53.43 86.94 -38.47
C ASN I 1281 -52.04 87.53 -38.33
N SER I 1282 -51.31 87.69 -39.43
CA SER I 1282 -49.99 88.31 -39.38
C SER I 1282 -50.08 89.74 -38.85
N LEU I 1283 -49.11 90.11 -38.02
CA LEU I 1283 -49.04 91.45 -37.43
C LEU I 1283 -48.10 92.30 -38.25
N VAL I 1284 -48.62 93.37 -38.83
CA VAL I 1284 -47.84 94.31 -39.63
C VAL I 1284 -48.01 95.69 -39.01
N GLU I 1285 -46.93 96.24 -38.47
CA GLU I 1285 -46.96 97.54 -37.83
C GLU I 1285 -45.54 98.09 -37.77
N MET I 1286 -45.43 99.37 -37.46
CA MET I 1286 -44.11 100.00 -37.33
C MET I 1286 -43.30 99.29 -36.26
N LEU I 1287 -42.05 98.99 -36.60
CA LEU I 1287 -41.14 98.28 -35.71
C LEU I 1287 -39.93 99.17 -35.44
N PHE I 1288 -39.64 99.38 -34.16
CA PHE I 1288 -38.54 100.23 -33.73
C PHE I 1288 -37.47 99.33 -33.12
N LEU I 1289 -36.35 99.18 -33.83
CA LEU I 1289 -35.27 98.31 -33.42
C LEU I 1289 -34.02 99.11 -33.14
N ARG I 1290 -33.22 98.63 -32.18
CA ARG I 1290 -31.93 99.21 -31.88
C ARG I 1290 -31.00 98.12 -31.35
N LEU I 1291 -29.71 98.38 -31.44
CA LEU I 1291 -28.73 97.46 -30.86
C LEU I 1291 -28.59 97.72 -29.37
N SER I 1292 -28.21 96.68 -28.64
CA SER I 1292 -28.23 96.74 -27.18
C SER I 1292 -27.11 97.61 -26.61
N LEU I 1293 -26.07 97.90 -27.38
CA LEU I 1293 -24.96 98.66 -26.83
C LEU I 1293 -24.73 99.95 -27.60
N PRO I 1294 -24.41 101.03 -26.91
CA PRO I 1294 -24.19 102.31 -27.58
C PRO I 1294 -22.72 102.55 -27.92
N VAL I 1295 -22.50 103.57 -28.74
CA VAL I 1295 -21.17 104.13 -28.98
C VAL I 1295 -21.13 105.52 -28.37
N GLN I 1296 -20.08 105.80 -27.61
CA GLN I 1296 -19.96 107.05 -26.87
C GLN I 1296 -18.89 107.92 -27.50
N PHE I 1297 -19.23 109.16 -27.80
CA PHE I 1297 -18.27 110.08 -28.38
C PHE I 1297 -17.24 110.50 -27.33
N HIS I 1298 -16.08 110.94 -27.82
CA HIS I 1298 -14.97 111.28 -26.94
C HIS I 1298 -15.32 112.47 -26.06
N GLN I 1299 -14.61 112.55 -24.93
CA GLN I 1299 -14.86 113.64 -23.99
C GLN I 1299 -14.53 114.99 -24.60
N HIS I 1300 -13.45 115.07 -25.36
CA HIS I 1300 -13.03 116.30 -26.02
C HIS I 1300 -12.87 116.04 -27.51
N PHE I 1301 -13.32 116.98 -28.32
CA PHE I 1301 -13.19 116.88 -29.77
C PHE I 1301 -11.88 117.49 -30.22
N ARG I 1302 -11.37 116.99 -31.35
CA ARG I 1302 -10.13 117.51 -31.91
C ARG I 1302 -10.32 118.95 -32.39
N CYS I 1303 -9.26 119.74 -32.24
CA CYS I 1303 -9.31 121.13 -32.67
C CYS I 1303 -9.46 121.23 -34.17
N THR I 1304 -10.28 122.19 -34.61
CA THR I 1304 -10.56 122.40 -36.03
C THR I 1304 -11.05 121.14 -36.71
N ASP I 1419 -5.31 94.90 -53.10
CA ASP I 1419 -5.94 96.22 -53.02
C ASP I 1419 -7.04 96.22 -51.97
N ASN I 1420 -7.56 97.41 -51.69
CA ASN I 1420 -8.60 97.60 -50.66
C ASN I 1420 -8.13 97.03 -49.31
N ARG I 1421 -6.88 97.31 -48.98
CA ARG I 1421 -6.27 96.85 -47.74
C ARG I 1421 -6.01 98.05 -46.83
N ASP I 1422 -6.33 97.88 -45.55
CA ASP I 1422 -6.21 98.97 -44.60
C ASP I 1422 -4.75 99.33 -44.34
N ASP I 1423 -4.47 100.61 -44.27
CA ASP I 1423 -3.14 101.08 -43.89
C ASP I 1423 -2.95 100.85 -42.41
N PRO I 1424 -1.93 100.08 -41.99
CA PRO I 1424 -1.79 99.76 -40.56
C PRO I 1424 -1.69 100.99 -39.65
N GLU I 1425 -1.01 102.05 -40.11
CA GLU I 1425 -0.89 103.23 -39.26
C GLU I 1425 -2.19 104.04 -39.23
N ILE I 1426 -2.91 104.10 -40.35
CA ILE I 1426 -4.16 104.84 -40.38
C ILE I 1426 -5.23 104.12 -39.57
N ILE I 1427 -5.33 102.80 -39.74
CA ILE I 1427 -6.40 102.05 -39.09
C ILE I 1427 -6.26 102.04 -37.57
N LEU I 1428 -5.05 102.16 -37.05
CA LEU I 1428 -4.83 102.15 -35.61
C LEU I 1428 -4.94 103.53 -34.97
N ASN I 1429 -5.06 104.59 -35.79
CA ASN I 1429 -5.19 105.94 -35.28
C ASN I 1429 -6.52 106.60 -35.63
N THR I 1430 -7.36 105.93 -36.41
CA THR I 1430 -8.63 106.51 -36.83
C THR I 1430 -9.64 106.46 -35.70
N THR I 1431 -10.57 107.42 -35.71
CA THR I 1431 -11.67 107.45 -34.77
C THR I 1431 -13.03 107.31 -35.46
N THR I 1432 -13.04 106.89 -36.72
CA THR I 1432 -14.27 106.72 -37.47
C THR I 1432 -14.70 105.27 -37.42
N TYR I 1433 -15.98 105.05 -37.15
CA TYR I 1433 -16.55 103.72 -37.04
C TYR I 1433 -17.74 103.59 -37.99
N TYR I 1434 -17.94 102.36 -38.47
CA TYR I 1434 -18.88 102.12 -39.55
C TYR I 1434 -19.79 100.95 -39.22
N TYR I 1435 -21.03 101.05 -39.67
CA TYR I 1435 -21.95 99.92 -39.70
C TYR I 1435 -22.98 100.19 -40.78
N SER I 1436 -23.52 99.12 -41.35
CA SER I 1436 -24.45 99.22 -42.46
C SER I 1436 -25.66 98.35 -42.21
N VAL I 1437 -26.77 98.73 -42.85
CA VAL I 1437 -28.02 97.99 -42.78
C VAL I 1437 -28.42 97.60 -44.19
N ARG I 1438 -28.68 96.31 -44.40
CA ARG I 1438 -29.07 95.79 -45.70
C ARG I 1438 -30.58 95.62 -45.72
N VAL I 1439 -31.25 96.39 -46.56
CA VAL I 1439 -32.69 96.27 -46.78
C VAL I 1439 -32.90 95.26 -47.90
N PHE I 1440 -33.39 94.08 -47.56
CA PHE I 1440 -33.50 93.00 -48.52
C PHE I 1440 -34.51 93.36 -49.62
N ALA I 1441 -34.31 92.77 -50.80
CA ALA I 1441 -35.26 92.94 -51.88
C ALA I 1441 -36.62 92.41 -51.47
N GLY I 1442 -37.65 93.21 -51.75
CA GLY I 1442 -39.01 92.94 -51.30
C GLY I 1442 -39.46 93.88 -50.19
N GLN I 1443 -38.54 94.31 -49.34
CA GLN I 1443 -38.85 95.31 -48.33
C GLN I 1443 -38.74 96.69 -48.96
N GLU I 1444 -39.80 97.47 -48.87
CA GLU I 1444 -39.83 98.78 -49.50
C GLU I 1444 -38.87 99.72 -48.78
N PRO I 1445 -37.92 100.34 -49.49
CA PRO I 1445 -37.05 101.33 -48.84
C PRO I 1445 -37.79 102.51 -48.25
N SER I 1446 -38.96 102.86 -48.80
CA SER I 1446 -39.73 103.99 -48.29
C SER I 1446 -40.28 103.73 -46.88
N CYS I 1447 -40.25 102.49 -46.40
CA CYS I 1447 -40.72 102.15 -45.07
C CYS I 1447 -39.57 101.79 -44.13
N VAL I 1448 -38.37 102.26 -44.44
CA VAL I 1448 -37.18 101.95 -43.66
C VAL I 1448 -36.49 103.26 -43.28
N TRP I 1449 -36.16 103.41 -42.00
CA TRP I 1449 -35.34 104.52 -41.51
C TRP I 1449 -34.13 103.94 -40.80
N VAL I 1450 -32.94 104.42 -41.17
CA VAL I 1450 -31.69 103.89 -40.66
C VAL I 1450 -30.89 105.04 -40.06
N GLY I 1451 -30.35 104.82 -38.86
CA GLY I 1451 -29.52 105.82 -38.21
C GLY I 1451 -29.16 105.50 -36.78
N TRP I 1452 -29.28 106.49 -35.90
CA TRP I 1452 -28.91 106.33 -34.51
C TRP I 1452 -29.98 106.96 -33.63
N VAL I 1453 -30.08 106.47 -32.40
CA VAL I 1453 -30.98 107.02 -31.40
C VAL I 1453 -30.22 107.22 -30.10
N THR I 1454 -30.51 108.32 -29.42
CA THR I 1454 -29.97 108.56 -28.09
C THR I 1454 -30.73 107.71 -27.08
N PRO I 1455 -30.15 107.46 -25.90
CA PRO I 1455 -30.80 106.57 -24.92
C PRO I 1455 -32.12 107.12 -24.38
N ASP I 1456 -32.54 108.32 -24.76
CA ASP I 1456 -33.79 108.90 -24.27
C ASP I 1456 -34.83 108.99 -25.39
N TYR I 1457 -34.87 107.98 -26.26
CA TYR I 1457 -35.88 107.91 -27.30
C TYR I 1457 -37.02 107.01 -26.82
N HIS I 1458 -38.22 107.59 -26.73
CA HIS I 1458 -39.39 106.86 -26.27
C HIS I 1458 -40.61 107.21 -27.13
N GLN I 1459 -40.42 107.30 -28.44
CA GLN I 1459 -41.45 107.72 -29.36
C GLN I 1459 -41.95 106.51 -30.14
N HIS I 1460 -43.04 105.93 -29.68
CA HIS I 1460 -43.63 104.75 -30.30
C HIS I 1460 -44.78 105.15 -31.22
N ASP I 1461 -44.43 105.80 -32.32
CA ASP I 1461 -45.41 106.35 -33.26
C ASP I 1461 -45.69 105.35 -34.37
N MET I 1462 -46.96 104.99 -34.54
CA MET I 1462 -47.35 104.06 -35.60
C MET I 1462 -47.39 104.72 -36.98
N ASN I 1463 -47.24 106.03 -37.06
CA ASN I 1463 -47.19 106.72 -38.33
C ASN I 1463 -45.89 107.53 -38.42
N PHE I 1464 -44.78 106.88 -38.08
CA PHE I 1464 -43.52 107.59 -37.93
C PHE I 1464 -42.99 108.08 -39.27
N ASP I 1465 -42.44 109.29 -39.25
CA ASP I 1465 -41.62 109.80 -40.33
C ASP I 1465 -40.64 110.80 -39.73
N LEU I 1466 -39.74 111.32 -40.57
CA LEU I 1466 -38.69 112.19 -40.07
C LEU I 1466 -39.22 113.50 -39.51
N SER I 1467 -40.47 113.87 -39.80
CA SER I 1467 -41.06 115.08 -39.24
C SER I 1467 -41.49 114.91 -37.79
N LYS I 1468 -41.65 113.67 -37.32
CA LYS I 1468 -42.02 113.43 -35.93
C LYS I 1468 -40.82 113.43 -34.99
N VAL I 1469 -39.60 113.50 -35.52
CA VAL I 1469 -38.41 113.43 -34.69
C VAL I 1469 -38.33 114.68 -33.82
N ARG I 1470 -38.11 114.48 -32.53
CA ARG I 1470 -37.96 115.60 -31.61
C ARG I 1470 -36.72 116.41 -31.96
N ALA I 1471 -36.87 117.73 -31.97
CA ALA I 1471 -35.77 118.62 -32.29
C ALA I 1471 -35.94 119.92 -31.51
N VAL I 1472 -34.82 120.56 -31.19
CA VAL I 1472 -34.83 121.84 -30.51
C VAL I 1472 -33.45 122.48 -30.70
N THR I 1473 -33.44 123.79 -30.88
CA THR I 1473 -32.20 124.54 -31.05
C THR I 1473 -32.04 125.46 -29.85
N VAL I 1474 -30.89 125.35 -29.18
CA VAL I 1474 -30.55 126.22 -28.06
C VAL I 1474 -29.58 127.28 -28.56
N THR I 1475 -29.99 128.54 -28.49
CA THR I 1475 -29.22 129.64 -29.03
C THR I 1475 -28.77 130.56 -27.89
N MET I 1476 -27.48 130.84 -27.84
CA MET I 1476 -26.89 131.73 -26.86
C MET I 1476 -26.32 132.96 -27.56
N GLY I 1477 -26.34 134.09 -26.85
CA GLY I 1477 -25.85 135.34 -27.41
C GLY I 1477 -25.32 136.25 -26.32
N ASP I 1478 -24.78 137.38 -26.75
CA ASP I 1478 -24.25 138.37 -25.82
C ASP I 1478 -25.38 139.30 -25.37
N GLU I 1479 -25.02 140.42 -24.75
CA GLU I 1479 -26.02 141.32 -24.19
C GLU I 1479 -26.97 141.86 -25.26
N GLN I 1480 -26.49 141.98 -26.51
CA GLN I 1480 -27.30 142.50 -27.62
C GLN I 1480 -27.22 141.53 -28.80
N GLY I 1481 -28.11 140.54 -28.80
CA GLY I 1481 -28.17 139.61 -29.91
C GLY I 1481 -26.85 138.88 -30.10
N ASN I 1482 -26.31 138.97 -31.32
CA ASN I 1482 -24.97 138.47 -31.65
C ASN I 1482 -24.79 137.02 -31.21
N VAL I 1483 -25.57 136.16 -31.86
CA VAL I 1483 -25.54 134.72 -31.59
C VAL I 1483 -24.11 134.20 -31.73
N HIS I 1484 -23.57 133.66 -30.64
CA HIS I 1484 -22.25 133.06 -30.65
C HIS I 1484 -22.28 131.56 -30.46
N SER I 1485 -23.45 130.97 -30.23
CA SER I 1485 -23.56 129.53 -30.06
C SER I 1485 -24.99 129.08 -30.35
N SER I 1486 -25.14 128.14 -31.28
CA SER I 1486 -26.46 127.63 -31.69
C SER I 1486 -26.34 126.11 -31.82
N LEU I 1487 -26.66 125.41 -30.74
CA LEU I 1487 -26.60 123.96 -30.73
C LEU I 1487 -27.95 123.37 -31.11
N LYS I 1488 -27.91 122.20 -31.76
CA LYS I 1488 -29.10 121.50 -32.21
C LYS I 1488 -29.19 120.17 -31.49
N CYS I 1489 -30.35 119.88 -30.90
CA CYS I 1489 -30.54 118.72 -30.07
C CYS I 1489 -31.65 117.83 -30.64
N SER I 1490 -31.43 116.52 -30.60
CA SER I 1490 -32.41 115.56 -31.06
C SER I 1490 -32.11 114.21 -30.41
N ASN I 1491 -33.12 113.34 -30.41
CA ASN I 1491 -32.97 112.00 -29.88
C ASN I 1491 -32.94 110.94 -30.98
N CYS I 1492 -33.03 111.36 -32.24
CA CYS I 1492 -33.08 110.42 -33.36
C CYS I 1492 -32.37 111.04 -34.55
N TYR I 1493 -31.26 110.44 -34.96
CA TYR I 1493 -30.49 110.89 -36.11
C TYR I 1493 -30.55 109.79 -37.15
N MET I 1494 -31.47 109.91 -38.10
CA MET I 1494 -31.73 108.86 -39.07
C MET I 1494 -31.89 109.45 -40.46
N VAL I 1495 -31.81 108.57 -41.45
CA VAL I 1495 -32.08 108.92 -42.84
C VAL I 1495 -33.23 108.07 -43.33
N TRP I 1496 -33.93 108.58 -44.33
CA TRP I 1496 -35.07 107.87 -44.91
C TRP I 1496 -34.61 107.02 -46.08
N GLY I 1497 -35.05 105.77 -46.10
CA GLY I 1497 -34.71 104.90 -47.22
C GLY I 1497 -35.32 105.34 -48.53
N GLY I 1498 -36.37 106.15 -48.46
CA GLY I 1498 -37.00 106.67 -49.66
C GLY I 1498 -36.22 107.75 -50.37
N ASP I 1499 -35.14 108.25 -49.75
CA ASP I 1499 -34.29 109.25 -50.39
C ASP I 1499 -33.19 108.63 -51.24
N PHE I 1500 -33.07 107.31 -51.26
CA PHE I 1500 -31.99 106.61 -51.95
C PHE I 1500 -32.52 105.73 -53.08
N VAL I 1501 -33.68 106.07 -53.61
CA VAL I 1501 -34.30 105.30 -54.69
C VAL I 1501 -34.62 106.25 -55.84
N SER I 1502 -34.13 105.92 -57.04
CA SER I 1502 -34.44 106.72 -58.20
C SER I 1502 -35.92 106.58 -58.57
N PRO I 1503 -36.55 107.66 -59.06
CA PRO I 1503 -37.95 107.60 -59.50
C PRO I 1503 -38.12 106.85 -60.82
N GLY I 1504 -37.68 105.59 -60.83
CA GLY I 1504 -37.89 104.75 -62.00
C GLY I 1504 -39.37 104.55 -62.26
N GLN I 1505 -39.70 104.22 -63.51
CA GLN I 1505 -41.09 104.08 -63.90
C GLN I 1505 -41.82 103.10 -63.00
N GLN I 1506 -41.23 101.93 -62.77
CA GLN I 1506 -41.66 101.01 -61.72
C GLN I 1506 -40.56 99.97 -61.56
N GLY I 1507 -40.88 98.90 -60.84
CA GLY I 1507 -39.87 97.94 -60.42
C GLY I 1507 -39.19 98.44 -59.16
N ARG I 1508 -39.97 99.10 -58.30
CA ARG I 1508 -39.43 99.69 -57.09
C ARG I 1508 -38.86 98.64 -56.15
N ILE I 1509 -39.40 97.43 -56.18
CA ILE I 1509 -38.77 96.31 -55.49
C ILE I 1509 -37.55 95.92 -56.32
N SER I 1510 -36.38 96.37 -55.91
CA SER I 1510 -35.21 96.28 -56.76
C SER I 1510 -34.61 94.88 -56.70
N HIS I 1511 -33.84 94.56 -57.73
CA HIS I 1511 -33.03 93.34 -57.71
C HIS I 1511 -31.95 93.42 -56.64
N THR I 1512 -31.38 94.61 -56.44
CA THR I 1512 -30.29 94.81 -55.50
C THR I 1512 -30.82 95.32 -54.17
N ASP I 1513 -30.36 94.71 -53.09
CA ASP I 1513 -30.72 95.17 -51.76
C ASP I 1513 -30.08 96.53 -51.48
N LEU I 1514 -30.81 97.38 -50.76
CA LEU I 1514 -30.30 98.68 -50.37
C LEU I 1514 -29.43 98.53 -49.12
N VAL I 1515 -28.18 98.96 -49.22
CA VAL I 1515 -27.22 98.83 -48.12
C VAL I 1515 -26.85 100.23 -47.67
N ILE I 1516 -27.55 100.73 -46.67
CA ILE I 1516 -27.31 102.07 -46.12
C ILE I 1516 -26.22 101.96 -45.07
N GLY I 1517 -25.13 102.69 -45.28
CA GLY I 1517 -24.00 102.69 -44.35
C GLY I 1517 -24.00 103.95 -43.51
N CYS I 1518 -23.53 103.81 -42.27
CA CYS I 1518 -23.48 104.91 -41.32
C CYS I 1518 -22.06 105.06 -40.80
N LEU I 1519 -21.56 106.29 -40.83
CA LEU I 1519 -20.21 106.61 -40.36
C LEU I 1519 -20.30 107.61 -39.22
N VAL I 1520 -19.62 107.32 -38.12
CA VAL I 1520 -19.55 108.21 -36.97
C VAL I 1520 -18.08 108.42 -36.61
N ASP I 1521 -17.69 109.68 -36.43
CA ASP I 1521 -16.35 110.04 -36.01
C ASP I 1521 -16.44 110.50 -34.55
N LEU I 1522 -15.97 109.65 -33.64
CA LEU I 1522 -16.10 109.94 -32.22
C LEU I 1522 -15.22 111.09 -31.75
N ALA I 1523 -14.23 111.48 -32.54
CA ALA I 1523 -13.33 112.57 -32.17
C ALA I 1523 -13.78 113.92 -32.69
N THR I 1524 -14.81 113.97 -33.54
CA THR I 1524 -15.33 115.23 -34.06
C THR I 1524 -16.83 115.37 -33.93
N GLY I 1525 -17.57 114.30 -33.62
CA GLY I 1525 -19.00 114.40 -33.51
C GLY I 1525 -19.72 114.54 -34.83
N LEU I 1526 -19.09 114.16 -35.93
CA LEU I 1526 -19.69 114.26 -37.26
C LEU I 1526 -20.21 112.90 -37.70
N MET I 1527 -21.43 112.90 -38.25
CA MET I 1527 -22.08 111.67 -38.68
C MET I 1527 -22.47 111.80 -40.14
N THR I 1528 -22.12 110.78 -40.94
CA THR I 1528 -22.40 110.77 -42.36
C THR I 1528 -23.03 109.45 -42.75
N PHE I 1529 -23.65 109.43 -43.93
CA PHE I 1529 -24.35 108.26 -44.41
C PHE I 1529 -24.01 108.00 -45.88
N THR I 1530 -24.10 106.74 -46.28
CA THR I 1530 -23.87 106.33 -47.66
C THR I 1530 -25.05 105.52 -48.14
N ALA I 1531 -25.47 105.77 -49.38
CA ALA I 1531 -26.64 105.09 -49.94
C ALA I 1531 -26.30 103.71 -50.46
N ASN I 1532 -25.45 103.64 -51.48
CA ASN I 1532 -24.95 102.38 -52.02
C ASN I 1532 -23.46 102.52 -52.31
N GLY I 1533 -22.73 103.14 -51.38
CA GLY I 1533 -21.37 103.54 -51.62
C GLY I 1533 -21.22 104.97 -52.07
N LYS I 1534 -22.32 105.68 -52.31
CA LYS I 1534 -22.31 107.09 -52.67
C LYS I 1534 -22.66 107.92 -51.44
N GLU I 1535 -21.83 108.92 -51.15
CA GLU I 1535 -22.04 109.73 -49.97
C GLU I 1535 -23.34 110.52 -50.08
N SER I 1536 -24.12 110.51 -49.00
CA SER I 1536 -25.38 111.24 -48.97
C SER I 1536 -25.16 112.67 -48.51
N ASN I 1537 -26.11 113.54 -48.85
CA ASN I 1537 -26.00 114.95 -48.48
C ASN I 1537 -26.30 115.19 -47.01
N THR I 1538 -27.13 114.36 -46.40
CA THR I 1538 -27.51 114.57 -45.01
C THR I 1538 -26.37 114.22 -44.07
N PHE I 1539 -26.25 115.00 -43.00
CA PHE I 1539 -25.23 114.77 -41.98
C PHE I 1539 -25.72 115.37 -40.68
N PHE I 1540 -25.10 114.94 -39.57
CA PHE I 1540 -25.46 115.42 -38.25
C PHE I 1540 -24.21 115.74 -37.46
N GLN I 1541 -24.36 116.66 -36.51
CA GLN I 1541 -23.29 117.05 -35.60
C GLN I 1541 -23.79 116.91 -34.18
N VAL I 1542 -23.02 116.26 -33.32
CA VAL I 1542 -23.41 116.00 -31.94
C VAL I 1542 -22.31 116.49 -31.01
N GLU I 1543 -22.69 116.69 -29.75
CA GLU I 1543 -21.83 117.18 -28.69
C GLU I 1543 -21.03 116.02 -28.09
N PRO I 1544 -19.91 116.31 -27.43
CA PRO I 1544 -19.12 115.25 -26.80
C PRO I 1544 -19.89 114.54 -25.70
N ASN I 1545 -19.47 113.30 -25.43
CA ASN I 1545 -20.07 112.39 -24.44
C ASN I 1545 -21.44 111.90 -24.86
N THR I 1546 -21.84 112.12 -26.11
CA THR I 1546 -23.14 111.64 -26.57
C THR I 1546 -23.12 110.13 -26.78
N LYS I 1547 -24.16 109.47 -26.33
CA LYS I 1547 -24.34 108.04 -26.54
C LYS I 1547 -25.35 107.81 -27.66
N LEU I 1548 -24.99 107.01 -28.65
CA LEU I 1548 -25.85 106.72 -29.78
C LEU I 1548 -25.97 105.21 -29.94
N PHE I 1549 -27.20 104.74 -30.08
CA PHE I 1549 -27.49 103.33 -30.34
C PHE I 1549 -27.80 103.13 -31.81
N PRO I 1550 -27.13 102.20 -32.49
CA PRO I 1550 -27.52 101.89 -33.87
C PRO I 1550 -28.94 101.38 -33.92
N ALA I 1551 -29.78 102.06 -34.69
CA ALA I 1551 -31.21 101.78 -34.68
C ALA I 1551 -31.78 101.82 -36.08
N VAL I 1552 -32.78 100.98 -36.32
CA VAL I 1552 -33.50 100.94 -37.58
C VAL I 1552 -35.00 100.93 -37.27
N PHE I 1553 -35.73 101.85 -37.89
CA PHE I 1553 -37.19 101.89 -37.80
C PHE I 1553 -37.75 101.43 -39.14
N VAL I 1554 -38.54 100.36 -39.12
CA VAL I 1554 -38.98 99.73 -40.35
C VAL I 1554 -40.43 99.28 -40.20
N LEU I 1555 -41.19 99.42 -41.29
CA LEU I 1555 -42.51 98.81 -41.40
C LEU I 1555 -42.39 97.60 -42.31
N PRO I 1556 -42.51 96.38 -41.79
CA PRO I 1556 -42.23 95.20 -42.63
C PRO I 1556 -43.17 95.10 -43.82
N THR I 1557 -42.60 94.69 -44.96
CA THR I 1557 -43.37 94.43 -46.17
C THR I 1557 -42.91 93.16 -46.88
N HIS I 1558 -42.14 92.32 -46.18
CA HIS I 1558 -41.58 91.12 -46.79
C HIS I 1558 -41.15 90.19 -45.66
N GLN I 1559 -40.90 88.93 -46.01
CA GLN I 1559 -40.43 87.97 -45.02
C GLN I 1559 -39.07 88.38 -44.48
N ASN I 1560 -38.17 88.78 -45.37
CA ASN I 1560 -36.86 89.31 -44.98
C ASN I 1560 -36.96 90.83 -44.92
N VAL I 1561 -36.67 91.40 -43.75
CA VAL I 1561 -36.95 92.82 -43.53
C VAL I 1561 -35.67 93.64 -43.62
N ILE I 1562 -34.74 93.41 -42.70
CA ILE I 1562 -33.49 94.16 -42.62
C ILE I 1562 -32.38 93.23 -42.14
N GLN I 1563 -31.18 93.78 -42.03
CA GLN I 1563 -30.03 93.01 -41.56
C GLN I 1563 -28.97 94.00 -41.10
N PHE I 1564 -28.71 94.03 -39.79
CA PHE I 1564 -27.60 94.81 -39.26
C PHE I 1564 -26.29 94.18 -39.70
N GLU I 1565 -25.49 94.93 -40.46
CA GLU I 1565 -24.19 94.45 -40.94
C GLU I 1565 -23.11 95.14 -40.12
N LEU I 1566 -22.47 94.40 -39.23
CA LEU I 1566 -21.44 94.94 -38.35
C LEU I 1566 -20.06 94.80 -38.98
N GLY I 1567 -19.93 95.35 -40.18
CA GLY I 1567 -18.71 95.26 -40.96
C GLY I 1567 -17.82 96.46 -40.79
N LYS I 1568 -16.98 96.69 -41.80
CA LYS I 1568 -16.04 97.80 -41.79
C LYS I 1568 -15.75 98.22 -43.22
N GLN I 1569 -15.21 99.41 -43.35
CA GLN I 1569 -14.77 99.95 -44.64
C GLN I 1569 -13.24 100.05 -44.64
N LYS I 1570 -12.69 100.61 -45.71
CA LYS I 1570 -11.25 100.79 -45.80
C LYS I 1570 -10.82 101.86 -44.82
N ASN I 1571 -9.86 101.52 -43.96
CA ASN I 1571 -9.32 102.43 -42.94
C ASN I 1571 -10.39 102.93 -41.98
N ILE I 1572 -11.42 102.11 -41.73
CA ILE I 1572 -12.48 102.46 -40.80
C ILE I 1572 -12.75 101.26 -39.90
N MET I 1573 -12.77 101.48 -38.59
CA MET I 1573 -12.97 100.41 -37.63
C MET I 1573 -14.45 100.00 -37.58
N PRO I 1574 -14.72 98.75 -37.21
CA PRO I 1574 -16.11 98.31 -37.03
C PRO I 1574 -16.69 98.81 -35.71
N LEU I 1575 -17.98 98.51 -35.53
CA LEU I 1575 -18.67 98.95 -34.32
C LEU I 1575 -18.13 98.25 -33.08
N SER I 1576 -17.72 96.98 -33.22
CA SER I 1576 -17.20 96.25 -32.07
C SER I 1576 -15.96 96.91 -31.49
N ALA I 1577 -15.24 97.67 -32.32
CA ALA I 1577 -14.09 98.41 -31.82
C ALA I 1577 -14.48 99.58 -30.94
N ALA I 1578 -15.68 100.13 -31.10
CA ALA I 1578 -16.13 101.26 -30.32
C ALA I 1578 -16.99 100.87 -29.13
N MET I 1579 -17.70 99.75 -29.20
CA MET I 1579 -18.58 99.33 -28.12
C MET I 1579 -17.86 98.66 -26.96
N PHE I 1580 -16.67 98.12 -27.22
CA PHE I 1580 -15.95 97.34 -26.22
C PHE I 1580 -14.55 97.91 -26.02
N LEU I 1581 -14.15 98.08 -24.77
CA LEU I 1581 -12.83 98.63 -24.46
C LEU I 1581 -11.72 97.69 -24.92
N SER I 1582 -11.90 96.39 -24.72
CA SER I 1582 -10.87 95.42 -25.06
C SER I 1582 -10.66 95.28 -26.57
N GLU I 1583 -11.55 95.83 -27.38
CA GLU I 1583 -11.46 95.69 -28.84
C GLU I 1583 -11.17 97.02 -29.53
N ARG I 1584 -10.65 98.01 -28.80
CA ARG I 1584 -10.43 99.33 -29.37
C ARG I 1584 -9.44 99.28 -30.54
N LYS I 1585 -8.42 98.41 -30.45
CA LYS I 1585 -7.42 98.28 -31.50
C LYS I 1585 -7.58 97.02 -32.32
N ASN I 1586 -8.75 96.40 -32.29
CA ASN I 1586 -8.99 95.18 -33.06
C ASN I 1586 -9.82 95.53 -34.28
N PRO I 1587 -9.26 95.51 -35.49
CA PRO I 1587 -10.04 95.83 -36.69
C PRO I 1587 -10.94 94.70 -37.18
N ALA I 1588 -10.82 93.51 -36.61
CA ALA I 1588 -11.65 92.40 -37.05
C ALA I 1588 -13.08 92.57 -36.54
N PRO I 1589 -14.08 92.58 -37.41
CA PRO I 1589 -15.46 92.73 -36.93
C PRO I 1589 -15.86 91.59 -36.01
N GLN I 1590 -16.62 91.93 -34.97
CA GLN I 1590 -17.09 90.95 -34.01
C GLN I 1590 -18.54 91.22 -33.66
N CYS I 1591 -19.24 90.16 -33.26
CA CYS I 1591 -20.61 90.27 -32.77
C CYS I 1591 -20.72 89.49 -31.46
N PRO I 1592 -20.26 90.09 -30.37
CA PRO I 1592 -20.29 89.39 -29.07
C PRO I 1592 -21.71 89.15 -28.62
N PRO I 1593 -21.93 88.16 -27.74
CA PRO I 1593 -23.31 87.82 -27.34
C PRO I 1593 -24.06 88.96 -26.68
N ARG I 1594 -23.37 89.88 -26.01
CA ARG I 1594 -24.08 90.99 -25.36
C ARG I 1594 -24.76 91.90 -26.39
N LEU I 1595 -24.22 91.96 -27.60
CA LEU I 1595 -24.79 92.79 -28.64
C LEU I 1595 -25.97 92.05 -29.27
N GLU I 1596 -27.17 92.61 -29.12
CA GLU I 1596 -28.38 91.96 -29.62
C GLU I 1596 -29.37 93.03 -30.04
N VAL I 1597 -30.36 92.61 -30.82
CA VAL I 1597 -31.39 93.51 -31.32
C VAL I 1597 -32.47 93.68 -30.27
N GLN I 1598 -32.81 94.94 -29.97
CA GLN I 1598 -33.86 95.27 -29.01
C GLN I 1598 -34.98 96.00 -29.72
N MET I 1599 -36.21 95.74 -29.29
CA MET I 1599 -37.39 96.36 -29.86
C MET I 1599 -38.07 97.23 -28.81
N LEU I 1600 -38.79 98.24 -29.30
CA LEU I 1600 -39.43 99.23 -28.45
C LEU I 1600 -40.78 98.67 -27.98
N MET I 1601 -40.91 98.50 -26.66
CA MET I 1601 -42.13 97.98 -26.05
C MET I 1601 -42.95 99.13 -25.48
N PRO I 1602 -44.19 99.33 -25.93
CA PRO I 1602 -44.95 100.52 -25.51
C PRO I 1602 -45.23 100.58 -24.02
N VAL I 1603 -45.47 99.44 -23.36
CA VAL I 1603 -45.89 99.42 -21.98
C VAL I 1603 -44.99 98.48 -21.18
N SER I 1604 -44.68 98.88 -19.94
CA SER I 1604 -43.87 98.08 -19.05
C SER I 1604 -44.38 98.24 -17.63
N TRP I 1605 -44.06 97.27 -16.79
CA TRP I 1605 -44.44 97.32 -15.38
C TRP I 1605 -43.51 98.24 -14.62
N SER I 1606 -44.10 99.06 -13.74
CA SER I 1606 -43.33 99.96 -12.89
C SER I 1606 -43.87 99.88 -11.47
N ARG I 1607 -42.98 100.02 -10.49
CA ARG I 1607 -43.35 99.91 -9.10
C ARG I 1607 -43.81 101.27 -8.57
N MET I 1608 -44.98 101.29 -7.95
CA MET I 1608 -45.48 102.52 -7.35
C MET I 1608 -44.70 102.84 -6.07
N PRO I 1609 -44.23 104.07 -5.90
CA PRO I 1609 -43.55 104.43 -4.66
C PRO I 1609 -44.48 104.29 -3.47
N ASN I 1610 -43.89 103.95 -2.32
CA ASN I 1610 -44.67 103.81 -1.09
C ASN I 1610 -45.16 105.14 -0.57
N HIS I 1611 -44.44 106.22 -0.83
CA HIS I 1611 -44.82 107.55 -0.38
C HIS I 1611 -44.63 108.54 -1.52
N PHE I 1612 -45.44 109.60 -1.49
CA PHE I 1612 -45.43 110.61 -2.54
C PHE I 1612 -45.30 111.98 -1.90
N LEU I 1613 -44.70 112.91 -2.65
CA LEU I 1613 -44.49 114.26 -2.16
C LEU I 1613 -45.82 114.93 -1.88
N GLN I 1614 -45.92 115.56 -0.71
CA GLN I 1614 -47.13 116.28 -0.31
C GLN I 1614 -47.03 117.71 -0.84
N VAL I 1615 -47.79 118.01 -1.88
CA VAL I 1615 -47.77 119.31 -2.53
C VAL I 1615 -49.07 120.03 -2.20
N GLU I 1616 -48.95 121.25 -1.69
CA GLU I 1616 -50.10 122.08 -1.33
C GLU I 1616 -50.22 123.19 -2.36
N THR I 1617 -51.36 123.22 -3.05
CA THR I 1617 -51.65 124.24 -4.05
C THR I 1617 -52.88 125.02 -3.62
N ARG I 1618 -52.78 126.35 -3.65
CA ARG I 1618 -53.89 127.20 -3.25
C ARG I 1618 -53.73 128.56 -3.92
N ARG I 1619 -54.84 129.29 -3.99
CA ARG I 1619 -54.83 130.64 -4.54
C ARG I 1619 -54.56 131.62 -3.41
N ALA I 1620 -53.35 132.17 -3.39
CA ALA I 1620 -52.95 133.05 -2.29
C ALA I 1620 -53.70 134.38 -2.29
N GLY I 1621 -54.28 134.76 -3.41
CA GLY I 1621 -55.02 136.01 -3.49
C GLY I 1621 -55.06 136.52 -4.91
N GLU I 1622 -55.76 137.65 -5.07
CA GLU I 1622 -55.87 138.26 -6.39
C GLU I 1622 -54.52 138.72 -6.91
N ARG I 1623 -53.70 139.32 -6.05
CA ARG I 1623 -52.42 139.85 -6.47
C ARG I 1623 -51.26 138.88 -6.25
N LEU I 1624 -51.39 137.95 -5.31
CA LEU I 1624 -50.31 137.02 -5.03
C LEU I 1624 -50.32 135.81 -5.96
N GLY I 1625 -51.45 135.48 -6.56
CA GLY I 1625 -51.52 134.37 -7.50
C GLY I 1625 -51.71 133.02 -6.84
N TRP I 1626 -51.25 131.97 -7.50
CA TRP I 1626 -51.41 130.60 -7.04
C TRP I 1626 -50.09 130.10 -6.49
N ALA I 1627 -50.12 129.59 -5.27
CA ALA I 1627 -48.90 129.22 -4.54
C ALA I 1627 -48.72 127.70 -4.56
N VAL I 1628 -47.48 127.26 -4.77
CA VAL I 1628 -47.10 125.86 -4.70
C VAL I 1628 -46.13 125.69 -3.53
N GLN I 1629 -46.35 124.63 -2.75
CA GLN I 1629 -45.56 124.44 -1.55
C GLN I 1629 -45.31 122.95 -1.35
N CYS I 1630 -44.07 122.60 -1.01
CA CYS I 1630 -43.67 121.23 -0.70
C CYS I 1630 -42.52 121.29 0.29
N GLN I 1631 -42.69 120.67 1.45
CA GLN I 1631 -41.73 120.80 2.54
C GLN I 1631 -41.13 119.49 3.00
N ASP I 1632 -41.91 118.42 3.10
CA ASP I 1632 -41.39 117.17 3.65
C ASP I 1632 -40.49 116.48 2.63
N PRO I 1633 -39.23 116.21 2.97
CA PRO I 1633 -38.33 115.57 2.02
C PRO I 1633 -38.68 114.11 1.78
N LEU I 1634 -38.37 113.64 0.57
CA LEU I 1634 -38.51 112.24 0.22
C LEU I 1634 -37.31 111.82 -0.62
N THR I 1635 -36.75 110.66 -0.31
CA THR I 1635 -35.56 110.16 -0.98
C THR I 1635 -35.75 108.69 -1.32
N MET I 1636 -35.28 108.29 -2.49
CA MET I 1636 -35.30 106.90 -2.90
C MET I 1636 -33.89 106.48 -3.31
N MET I 1637 -33.62 105.18 -3.19
CA MET I 1637 -32.34 104.61 -3.58
C MET I 1637 -32.45 104.16 -5.03
N ALA I 1638 -31.76 104.84 -5.92
CA ALA I 1638 -31.88 104.60 -7.36
C ALA I 1638 -30.79 103.66 -7.84
N LEU I 1639 -31.20 102.69 -8.66
CA LEU I 1639 -30.28 101.78 -9.34
C LEU I 1639 -30.12 102.24 -10.77
N HIS I 1640 -28.89 102.60 -11.15
CA HIS I 1640 -28.61 103.21 -12.44
C HIS I 1640 -27.95 102.19 -13.36
N ILE I 1641 -28.48 102.06 -14.57
CA ILE I 1641 -27.88 101.21 -15.60
C ILE I 1641 -27.00 102.11 -16.47
N PRO I 1642 -25.68 101.91 -16.48
CA PRO I 1642 -24.79 102.87 -17.14
C PRO I 1642 -24.99 102.98 -18.65
N GLU I 1643 -25.03 101.85 -19.35
CA GLU I 1643 -25.09 101.90 -20.81
C GLU I 1643 -26.41 102.44 -21.34
N GLU I 1644 -27.50 102.29 -20.59
CA GLU I 1644 -28.79 102.80 -21.02
C GLU I 1644 -29.07 104.20 -20.50
N ASN I 1645 -28.23 104.73 -19.61
CA ASN I 1645 -28.38 106.08 -19.07
C ASN I 1645 -29.76 106.29 -18.46
N ARG I 1646 -30.23 105.29 -17.73
CA ARG I 1646 -31.50 105.36 -17.05
C ARG I 1646 -31.38 104.69 -15.70
N CYS I 1647 -32.26 105.06 -14.78
CA CYS I 1647 -32.24 104.52 -13.44
C CYS I 1647 -33.63 104.07 -13.03
N MET I 1648 -33.67 103.12 -12.10
CA MET I 1648 -34.91 102.61 -11.54
C MET I 1648 -34.76 102.52 -10.03
N ASP I 1649 -35.90 102.49 -9.35
CA ASP I 1649 -35.88 102.28 -7.91
C ASP I 1649 -35.30 100.91 -7.60
N ILE I 1650 -34.39 100.86 -6.62
CA ILE I 1650 -33.76 99.61 -6.24
C ILE I 1650 -34.78 98.63 -5.70
N LEU I 1651 -35.93 99.11 -5.21
CA LEU I 1651 -36.97 98.23 -4.73
C LEU I 1651 -37.63 97.44 -5.85
N GLU I 1652 -37.45 97.86 -7.10
CA GLU I 1652 -37.98 97.10 -8.23
C GLU I 1652 -37.25 95.79 -8.45
N LEU I 1653 -36.12 95.57 -7.78
CA LEU I 1653 -35.39 94.32 -7.93
C LEU I 1653 -36.08 93.14 -7.27
N SER I 1654 -37.14 93.39 -6.49
CA SER I 1654 -37.93 92.30 -5.92
C SER I 1654 -38.64 91.49 -7.00
N GLU I 1655 -38.92 92.08 -8.17
CA GLU I 1655 -39.50 91.35 -9.28
C GLU I 1655 -38.54 91.14 -10.44
N ARG I 1656 -37.51 91.97 -10.58
CA ARG I 1656 -36.50 91.79 -11.61
C ARG I 1656 -35.40 90.91 -11.02
N LEU I 1657 -35.60 89.60 -11.12
CA LEU I 1657 -34.71 88.66 -10.45
C LEU I 1657 -33.34 88.57 -11.12
N ASP I 1658 -33.28 88.81 -12.43
CA ASP I 1658 -31.99 88.76 -13.12
C ASP I 1658 -31.06 89.85 -12.62
N LEU I 1659 -31.58 91.07 -12.42
CA LEU I 1659 -30.76 92.14 -11.89
C LEU I 1659 -30.52 91.96 -10.39
N GLN I 1660 -31.48 91.38 -9.67
CA GLN I 1660 -31.30 91.17 -8.24
C GLN I 1660 -30.13 90.22 -7.96
N ARG I 1661 -30.04 89.13 -8.71
CA ARG I 1661 -28.94 88.20 -8.52
C ARG I 1661 -27.61 88.84 -8.88
N PHE I 1662 -27.55 89.58 -9.98
CA PHE I 1662 -26.30 90.21 -10.37
C PHE I 1662 -25.86 91.27 -9.37
N HIS I 1663 -26.81 92.07 -8.87
CA HIS I 1663 -26.45 93.10 -7.91
C HIS I 1663 -26.07 92.50 -6.56
N SER I 1664 -26.73 91.41 -6.16
CA SER I 1664 -26.37 90.74 -4.92
C SER I 1664 -24.95 90.18 -5.01
N HIS I 1665 -24.59 89.59 -6.15
CA HIS I 1665 -23.23 89.12 -6.34
C HIS I 1665 -22.25 90.28 -6.50
N THR I 1666 -22.73 91.43 -6.99
CA THR I 1666 -21.88 92.62 -7.02
C THR I 1666 -21.50 93.06 -5.61
N LEU I 1667 -22.46 93.03 -4.68
CA LEU I 1667 -22.15 93.33 -3.29
C LEU I 1667 -21.20 92.30 -2.69
N ARG I 1668 -21.34 91.03 -3.09
CA ARG I 1668 -20.40 90.02 -2.64
C ARG I 1668 -19.00 90.31 -3.15
N LEU I 1669 -18.89 90.80 -4.39
CA LEU I 1669 -17.58 91.17 -4.93
C LEU I 1669 -16.99 92.35 -4.19
N TYR I 1670 -17.84 93.29 -3.76
CA TYR I 1670 -17.34 94.42 -2.97
C TYR I 1670 -16.74 93.93 -1.66
N ARG I 1671 -17.38 92.96 -1.01
CA ARG I 1671 -16.83 92.42 0.23
C ARG I 1671 -15.55 91.63 -0.03
N ALA I 1672 -15.45 90.97 -1.18
CA ALA I 1672 -14.27 90.16 -1.47
C ALA I 1672 -13.02 91.02 -1.65
N VAL I 1673 -13.14 92.14 -2.38
CA VAL I 1673 -11.97 92.95 -2.67
C VAL I 1673 -11.43 93.66 -1.44
N CYS I 1674 -12.29 93.97 -0.47
CA CYS I 1674 -11.86 94.61 0.77
C CYS I 1674 -11.74 93.62 1.92
N ALA I 1675 -11.80 92.32 1.64
CA ALA I 1675 -11.80 91.32 2.69
C ALA I 1675 -10.42 91.20 3.33
N LEU I 1676 -10.42 90.87 4.62
CA LEU I 1676 -9.21 90.54 5.37
C LEU I 1676 -8.22 91.70 5.39
N GLY I 1677 -8.69 92.85 5.88
CA GLY I 1677 -7.81 93.96 6.20
C GLY I 1677 -7.35 94.80 5.05
N ASN I 1678 -7.97 94.70 3.87
CA ASN I 1678 -7.59 95.53 2.74
C ASN I 1678 -8.29 96.89 2.90
N ASN I 1679 -7.73 97.70 3.79
CA ASN I 1679 -8.36 98.98 4.12
C ASN I 1679 -8.27 99.98 2.97
N ARG I 1680 -7.23 99.88 2.14
CA ARG I 1680 -7.10 100.82 1.02
C ARG I 1680 -8.26 100.66 0.04
N VAL I 1681 -8.63 99.41 -0.27
CA VAL I 1681 -9.79 99.17 -1.12
C VAL I 1681 -11.07 99.57 -0.41
N ALA I 1682 -11.12 99.40 0.92
CA ALA I 1682 -12.31 99.76 1.67
C ALA I 1682 -12.60 101.25 1.54
N HIS I 1683 -11.56 102.09 1.56
CA HIS I 1683 -11.76 103.51 1.31
C HIS I 1683 -12.30 103.75 -0.10
N ALA I 1684 -11.79 103.00 -1.09
CA ALA I 1684 -12.26 103.16 -2.46
C ALA I 1684 -13.74 102.81 -2.58
N LEU I 1685 -14.19 101.78 -1.87
CA LEU I 1685 -15.59 101.38 -1.92
C LEU I 1685 -16.51 102.45 -1.36
N CYS I 1686 -16.02 103.31 -0.47
CA CYS I 1686 -16.84 104.39 0.05
C CYS I 1686 -17.23 105.40 -1.02
N SER I 1687 -16.45 105.48 -2.10
CA SER I 1687 -16.83 106.33 -3.23
C SER I 1687 -17.95 105.74 -4.06
N HIS I 1688 -18.16 104.44 -3.98
CA HIS I 1688 -19.22 103.76 -4.73
C HIS I 1688 -20.46 103.51 -3.89
N VAL I 1689 -20.30 103.06 -2.65
CA VAL I 1689 -21.40 102.86 -1.72
C VAL I 1689 -21.10 103.75 -0.52
N ASP I 1690 -21.66 104.96 -0.52
CA ASP I 1690 -21.33 105.94 0.50
C ASP I 1690 -22.05 105.61 1.81
N GLN I 1691 -21.76 106.42 2.83
CA GLN I 1691 -22.33 106.21 4.15
C GLN I 1691 -23.85 106.36 4.14
N ALA I 1692 -24.36 107.35 3.41
CA ALA I 1692 -25.80 107.57 3.38
C ALA I 1692 -26.54 106.39 2.79
N GLN I 1693 -26.00 105.80 1.71
CA GLN I 1693 -26.64 104.65 1.09
C GLN I 1693 -26.68 103.47 2.06
N LEU I 1694 -25.58 103.22 2.76
CA LEU I 1694 -25.54 102.10 3.69
C LEU I 1694 -26.54 102.28 4.82
N LEU I 1695 -26.57 103.47 5.42
CA LEU I 1695 -27.50 103.72 6.51
C LEU I 1695 -28.94 103.66 6.04
N HIS I 1696 -29.21 104.15 4.82
CA HIS I 1696 -30.56 104.05 4.28
C HIS I 1696 -30.96 102.60 4.04
N ALA I 1697 -30.02 101.77 3.57
CA ALA I 1697 -30.34 100.38 3.27
C ALA I 1697 -30.66 99.59 4.53
N LEU I 1698 -30.06 99.95 5.66
CA LEU I 1698 -30.32 99.22 6.91
C LEU I 1698 -31.77 99.36 7.35
N GLU I 1699 -32.34 100.55 7.22
CA GLU I 1699 -33.69 100.82 7.67
C GLU I 1699 -34.74 100.61 6.60
N ASP I 1700 -34.34 100.26 5.38
CA ASP I 1700 -35.31 100.06 4.30
C ASP I 1700 -36.03 98.73 4.51
N ALA I 1701 -37.34 98.79 4.76
CA ALA I 1701 -38.12 97.60 5.05
C ALA I 1701 -38.60 96.89 3.79
N HIS I 1702 -38.48 97.50 2.62
CA HIS I 1702 -38.93 96.89 1.37
C HIS I 1702 -37.81 96.29 0.56
N LEU I 1703 -36.57 96.31 1.05
CA LEU I 1703 -35.47 95.74 0.30
C LEU I 1703 -35.64 94.22 0.20
N PRO I 1704 -35.28 93.62 -0.93
CA PRO I 1704 -35.27 92.16 -1.01
C PRO I 1704 -34.26 91.57 -0.05
N GLY I 1705 -34.51 90.34 0.37
CA GLY I 1705 -33.69 89.66 1.35
C GLY I 1705 -32.22 89.58 0.99
N PRO I 1706 -31.91 89.09 -0.22
CA PRO I 1706 -30.50 89.07 -0.63
C PRO I 1706 -29.83 90.43 -0.63
N LEU I 1707 -30.56 91.48 -1.00
CA LEU I 1707 -29.98 92.82 -1.00
C LEU I 1707 -29.85 93.35 0.42
N ARG I 1708 -30.86 93.11 1.26
CA ARG I 1708 -30.78 93.55 2.65
C ARG I 1708 -29.63 92.87 3.38
N ALA I 1709 -29.48 91.57 3.19
CA ALA I 1709 -28.36 90.86 3.81
C ALA I 1709 -27.03 91.33 3.23
N GLY I 1710 -27.00 91.61 1.92
CA GLY I 1710 -25.76 92.05 1.30
C GLY I 1710 -25.29 93.40 1.79
N TYR I 1711 -26.21 94.35 1.96
CA TYR I 1711 -25.82 95.68 2.41
C TYR I 1711 -25.42 95.69 3.89
N TYR I 1712 -26.07 94.87 4.71
CA TYR I 1712 -25.65 94.75 6.11
C TYR I 1712 -24.23 94.18 6.18
N ASP I 1713 -23.94 93.16 5.39
CA ASP I 1713 -22.60 92.59 5.38
C ASP I 1713 -21.59 93.52 4.73
N LEU I 1714 -22.02 94.31 3.75
CA LEU I 1714 -21.12 95.26 3.11
C LEU I 1714 -20.68 96.35 4.08
N LEU I 1715 -21.61 96.83 4.92
CA LEU I 1715 -21.25 97.83 5.92
C LEU I 1715 -20.24 97.28 6.92
N ILE I 1716 -20.43 96.04 7.36
CA ILE I 1716 -19.49 95.42 8.29
C ILE I 1716 -18.12 95.25 7.65
N SER I 1717 -18.09 94.80 6.39
CA SER I 1717 -16.82 94.55 5.71
C SER I 1717 -16.04 95.84 5.52
N ILE I 1718 -16.72 96.91 5.10
CA ILE I 1718 -16.03 98.16 4.80
C ILE I 1718 -15.52 98.82 6.08
N HIS I 1719 -16.36 98.88 7.12
CA HIS I 1719 -16.09 99.72 8.27
C HIS I 1719 -15.73 98.96 9.54
N LEU I 1720 -16.29 97.77 9.77
CA LEU I 1720 -16.18 97.11 11.05
C LEU I 1720 -15.40 95.80 11.03
N GLU I 1721 -15.18 95.20 9.87
CA GLU I 1721 -14.56 93.88 9.81
C GLU I 1721 -13.14 93.90 10.36
N SER I 1722 -12.34 94.90 9.96
CA SER I 1722 -10.95 94.95 10.39
C SER I 1722 -10.84 95.21 11.88
N ALA I 1723 -11.63 96.15 12.40
CA ALA I 1723 -11.57 96.47 13.82
C ALA I 1723 -12.05 95.30 14.68
N CYS I 1724 -13.14 94.65 14.26
CA CYS I 1724 -13.67 93.53 15.03
C CYS I 1724 -12.70 92.37 15.09
N ARG I 1725 -12.06 92.04 13.96
CA ARG I 1725 -11.14 90.92 13.92
C ARG I 1725 -9.92 91.18 14.79
N SER I 1726 -9.36 92.39 14.73
CA SER I 1726 -8.21 92.72 15.56
C SER I 1726 -8.59 92.70 17.04
N ARG I 1727 -9.76 93.22 17.39
CA ARG I 1727 -10.20 93.21 18.77
C ARG I 1727 -10.45 91.79 19.26
N ARG I 1728 -11.05 90.94 18.41
CA ARG I 1728 -11.35 89.57 18.84
C ARG I 1728 -10.09 88.78 19.16
N SER I 1729 -9.00 89.05 18.45
CA SER I 1729 -7.75 88.36 18.76
C SER I 1729 -7.23 88.72 20.14
N MET I 1730 -7.41 89.97 20.57
CA MET I 1730 -6.95 90.42 21.87
C MET I 1730 -7.86 89.99 23.01
N LEU I 1731 -9.07 89.53 22.71
CA LEU I 1731 -10.01 89.16 23.77
C LEU I 1731 -9.64 87.87 24.48
N SER I 1732 -8.75 87.06 23.93
CA SER I 1732 -8.33 85.82 24.55
C SER I 1732 -7.26 86.02 25.62
N GLU I 1733 -6.69 87.22 25.73
CA GLU I 1733 -5.65 87.51 26.71
C GLU I 1733 -6.17 88.53 27.71
N TYR I 1734 -5.64 88.45 28.93
CA TYR I 1734 -6.10 89.30 30.04
C TYR I 1734 -4.87 89.94 30.68
N ILE I 1735 -4.47 91.09 30.16
CA ILE I 1735 -3.38 91.88 30.73
C ILE I 1735 -4.02 92.93 31.64
N VAL I 1736 -3.90 92.74 32.94
CA VAL I 1736 -4.62 93.53 33.93
C VAL I 1736 -3.62 94.43 34.63
N PRO I 1737 -3.61 95.73 34.37
CA PRO I 1737 -2.77 96.65 35.14
C PRO I 1737 -3.26 96.78 36.57
N LEU I 1738 -2.32 97.00 37.50
CA LEU I 1738 -2.65 97.13 38.91
C LEU I 1738 -2.94 98.61 39.21
N THR I 1739 -4.07 99.05 38.71
CA THR I 1739 -4.57 100.41 38.85
C THR I 1739 -5.64 100.47 39.94
N PRO I 1740 -5.92 101.66 40.48
CA PRO I 1740 -7.02 101.77 41.47
C PRO I 1740 -8.35 101.29 40.95
N GLU I 1741 -8.62 101.44 39.64
CA GLU I 1741 -9.85 100.89 39.07
C GLU I 1741 -9.87 99.37 39.18
N THR I 1742 -8.73 98.73 38.97
CA THR I 1742 -8.64 97.28 39.10
C THR I 1742 -8.91 96.85 40.53
N ARG I 1743 -8.43 97.62 41.51
CA ARG I 1743 -8.59 97.24 42.91
CA ARG I 1743 -8.58 97.23 42.91
C ARG I 1743 -10.05 97.13 43.31
N ALA I 1744 -10.89 98.05 42.81
CA ALA I 1744 -12.29 98.07 43.18
C ALA I 1744 -13.09 96.91 42.58
N ILE I 1745 -12.51 96.14 41.66
CA ILE I 1745 -13.26 95.08 41.00
C ILE I 1745 -13.50 93.93 41.99
N THR I 1746 -14.76 93.50 42.09
CA THR I 1746 -15.15 92.39 42.94
C THR I 1746 -16.00 91.42 42.14
N LEU I 1747 -16.03 90.17 42.61
CA LEU I 1747 -16.79 89.13 41.93
C LEU I 1747 -18.28 89.45 41.92
N PHE I 1748 -18.81 89.89 43.06
CA PHE I 1748 -20.23 90.19 43.13
C PHE I 1748 -20.43 91.68 43.44
N PRO I 1749 -21.53 92.27 42.94
CA PRO I 1749 -21.81 93.65 43.29
C PRO I 1749 -22.11 93.78 44.76
N PRO I 1750 -21.83 94.93 45.36
CA PRO I 1750 -22.10 95.12 46.79
C PRO I 1750 -23.59 94.99 47.09
N GLY I 1751 -23.97 93.95 47.83
CA GLY I 1751 -25.36 93.69 48.15
C GLY I 1751 -25.48 92.98 49.49
N ARG I 1752 -26.72 92.62 49.81
CA ARG I 1752 -27.03 91.97 51.08
C ARG I 1752 -27.74 90.64 50.90
N LYS I 1753 -27.57 89.99 49.74
CA LYS I 1753 -28.24 88.72 49.49
C LYS I 1753 -27.68 87.61 50.38
N GLY I 1754 -26.39 87.32 50.24
CA GLY I 1754 -25.77 86.28 51.03
C GLY I 1754 -24.28 86.54 51.18
N GLY I 1755 -23.73 86.10 52.32
CA GLY I 1755 -22.31 86.28 52.55
C GLY I 1755 -21.45 85.47 51.59
N ASN I 1756 -21.83 84.22 51.34
CA ASN I 1756 -21.08 83.39 50.42
C ASN I 1756 -21.17 83.91 48.99
N ALA I 1757 -22.34 84.40 48.57
CA ALA I 1757 -22.52 84.90 47.22
C ALA I 1757 -23.76 85.77 47.17
N ARG I 1758 -23.61 86.98 46.65
CA ARG I 1758 -24.77 87.81 46.34
C ARG I 1758 -25.32 87.38 44.98
N ARG I 1759 -26.26 88.14 44.45
CA ARG I 1759 -26.79 87.82 43.12
C ARG I 1759 -25.80 88.24 42.05
N HIS I 1760 -25.78 87.47 40.96
CA HIS I 1760 -24.88 87.78 39.86
C HIS I 1760 -25.26 89.12 39.23
N GLY I 1761 -24.25 89.91 38.89
CA GLY I 1761 -24.47 91.12 38.14
C GLY I 1761 -24.76 90.83 36.69
N LEU I 1762 -25.19 91.86 35.98
CA LEU I 1762 -25.49 91.71 34.56
C LEU I 1762 -24.19 91.48 33.79
N PRO I 1763 -24.10 90.43 32.98
CA PRO I 1763 -22.87 90.18 32.22
C PRO I 1763 -22.60 91.31 31.24
N GLY I 1764 -21.32 91.65 31.10
CA GLY I 1764 -20.91 92.75 30.25
C GLY I 1764 -21.14 94.13 30.82
N VAL I 1765 -21.60 94.23 32.06
CA VAL I 1765 -21.86 95.50 32.72
C VAL I 1765 -20.93 95.62 33.91
N GLY I 1766 -20.20 96.73 33.98
CA GLY I 1766 -19.26 96.99 35.04
C GLY I 1766 -17.98 97.59 34.49
N VAL I 1767 -16.93 97.54 35.31
CA VAL I 1767 -15.63 98.10 34.96
C VAL I 1767 -14.69 96.95 34.61
N THR I 1768 -14.13 97.01 33.40
CA THR I 1768 -13.15 96.04 32.95
C THR I 1768 -11.84 96.76 32.67
N THR I 1769 -10.76 96.27 33.27
CA THR I 1769 -9.46 96.92 33.17
C THR I 1769 -8.48 96.19 32.27
N SER I 1770 -8.89 95.09 31.64
CA SER I 1770 -8.00 94.38 30.74
C SER I 1770 -7.62 95.27 29.56
N LEU I 1771 -6.34 95.23 29.19
CA LEU I 1771 -5.85 96.12 28.14
C LEU I 1771 -6.34 95.67 26.78
N ARG I 1772 -6.94 96.59 26.04
CA ARG I 1772 -7.35 96.39 24.66
C ARG I 1772 -6.97 97.63 23.85
N PRO I 1773 -6.15 97.49 22.82
CA PRO I 1773 -5.76 98.66 22.03
C PRO I 1773 -6.97 99.29 21.39
N PRO I 1774 -7.01 100.63 21.33
CA PRO I 1774 -8.18 101.30 20.76
C PRO I 1774 -8.27 101.11 19.25
N HIS I 1775 -9.49 101.24 18.75
CA HIS I 1775 -9.72 101.18 17.31
C HIS I 1775 -9.21 102.45 16.64
N HIS I 1776 -8.72 102.30 15.41
CA HIS I 1776 -8.20 103.42 14.64
C HIS I 1776 -8.95 103.48 13.32
N PHE I 1777 -9.49 104.66 13.00
CA PHE I 1777 -10.23 104.87 11.77
C PHE I 1777 -9.76 106.16 11.10
N SER I 1778 -9.95 106.23 9.79
CA SER I 1778 -9.62 107.44 9.05
C SER I 1778 -10.86 107.94 8.29
N PRO I 1779 -11.03 109.25 8.20
CA PRO I 1779 -12.18 109.79 7.48
C PRO I 1779 -12.06 109.51 5.98
N PRO I 1780 -13.12 109.01 5.35
CA PRO I 1780 -13.08 108.79 3.90
C PRO I 1780 -13.13 110.11 3.15
N CYS I 1781 -12.01 110.50 2.57
CA CYS I 1781 -11.91 111.76 1.84
C CYS I 1781 -11.24 111.51 0.51
N PHE I 1782 -11.78 112.09 -0.56
CA PHE I 1782 -11.27 111.88 -1.91
C PHE I 1782 -10.84 113.19 -2.56
N VAL I 1783 -10.61 114.22 -1.75
CA VAL I 1783 -10.06 115.49 -2.23
C VAL I 1783 -8.70 115.79 -1.61
N ALA I 1784 -8.23 114.97 -0.68
CA ALA I 1784 -6.93 115.19 -0.08
C ALA I 1784 -5.82 114.94 -1.10
N ALA I 1785 -4.73 115.68 -0.98
CA ALA I 1785 -3.60 115.53 -1.89
C ALA I 1785 -3.01 114.13 -1.77
N LEU I 1786 -2.75 113.50 -2.90
CA LEU I 1786 -2.19 112.16 -2.90
C LEU I 1786 -0.80 112.18 -2.27
N PRO I 1787 -0.50 111.27 -1.35
CA PRO I 1787 0.79 111.31 -0.65
C PRO I 1787 1.96 111.17 -1.63
N ALA I 1788 3.02 111.93 -1.37
CA ALA I 1788 4.23 111.86 -2.18
C ALA I 1788 5.01 110.60 -1.85
N ALA I 1789 4.64 109.93 -0.75
CA ALA I 1789 5.30 108.69 -0.38
C ALA I 1789 5.01 107.60 -1.40
N GLY I 1790 6.02 106.83 -1.75
CA GLY I 1790 5.86 105.77 -2.72
C GLY I 1790 5.08 104.59 -2.16
N VAL I 1791 4.66 103.70 -3.06
CA VAL I 1791 3.93 102.51 -2.65
C VAL I 1791 4.86 101.62 -1.83
N ALA I 1792 4.28 100.90 -0.86
CA ALA I 1792 4.92 100.02 0.10
C ALA I 1792 5.75 100.81 1.12
N GLU I 1793 5.81 102.13 1.02
CA GLU I 1793 6.53 102.95 1.99
C GLU I 1793 5.62 103.87 2.79
N ALA I 1794 4.46 104.24 2.24
CA ALA I 1794 3.51 105.05 2.97
C ALA I 1794 2.92 104.24 4.13
N PRO I 1795 2.48 104.92 5.21
CA PRO I 1795 1.89 104.20 6.33
C PRO I 1795 0.62 103.46 5.92
N ALA I 1796 0.35 102.35 6.60
CA ALA I 1796 -0.80 101.52 6.28
C ALA I 1796 -2.10 102.29 6.49
N ARG I 1797 -3.02 102.14 5.55
CA ARG I 1797 -4.30 102.82 5.62
C ARG I 1797 -5.17 102.23 6.72
N LEU I 1798 -5.91 103.09 7.39
CA LEU I 1798 -6.86 102.66 8.41
C LEU I 1798 -8.24 102.43 7.78
N SER I 1799 -9.11 101.76 8.54
CA SER I 1799 -10.46 101.51 8.06
C SER I 1799 -11.24 102.82 7.94
N PRO I 1800 -12.13 102.92 6.97
CA PRO I 1800 -12.95 104.14 6.85
C PRO I 1800 -13.80 104.37 8.09
N ALA I 1801 -13.95 105.63 8.45
CA ALA I 1801 -14.65 106.00 9.66
C ALA I 1801 -16.13 106.19 9.42
N ILE I 1802 -16.94 105.62 10.30
CA ILE I 1802 -18.39 105.80 10.28
C ILE I 1802 -18.82 106.13 11.72
N PRO I 1803 -19.76 107.04 11.93
CA PRO I 1803 -20.16 107.37 13.31
C PRO I 1803 -20.68 106.16 14.08
N LEU I 1804 -19.92 105.74 15.09
CA LEU I 1804 -20.27 104.54 15.84
C LEU I 1804 -21.40 104.79 16.82
N GLU I 1805 -21.42 105.97 17.45
CA GLU I 1805 -22.47 106.28 18.42
C GLU I 1805 -23.84 106.32 17.75
N ALA I 1806 -23.92 106.90 16.55
CA ALA I 1806 -25.17 106.89 15.81
C ALA I 1806 -25.50 105.48 15.32
N LEU I 1807 -24.48 104.74 14.88
CA LEU I 1807 -24.71 103.40 14.36
C LEU I 1807 -25.23 102.45 15.45
N ARG I 1808 -24.67 102.55 16.65
CA ARG I 1808 -25.10 101.67 17.72
C ARG I 1808 -26.53 101.96 18.16
N ASP I 1809 -26.93 103.24 18.13
CA ASP I 1809 -28.31 103.58 18.46
C ASP I 1809 -29.28 103.04 17.42
N LYS I 1810 -28.91 103.13 16.14
CA LYS I 1810 -29.76 102.59 15.09
C LYS I 1810 -29.87 101.06 15.21
N ALA I 1811 -28.75 100.39 15.49
CA ALA I 1811 -28.79 98.94 15.64
C ALA I 1811 -29.66 98.51 16.81
N LEU I 1812 -29.57 99.24 17.93
CA LEU I 1812 -30.44 98.94 19.06
C LEU I 1812 -31.91 99.18 18.71
N ARG I 1813 -32.20 100.28 18.02
CA ARG I 1813 -33.57 100.59 17.67
C ARG I 1813 -34.13 99.58 16.68
N MET I 1814 -33.33 99.21 15.66
CA MET I 1814 -33.80 98.23 14.69
C MET I 1814 -34.04 96.87 15.33
N LEU I 1815 -33.14 96.45 16.22
CA LEU I 1815 -33.32 95.17 16.90
C LEU I 1815 -34.57 95.20 17.78
N GLY I 1816 -34.80 96.31 18.49
CA GLY I 1816 -35.98 96.41 19.32
C GLY I 1816 -37.27 96.37 18.50
N GLU I 1817 -37.28 97.05 17.34
CA GLU I 1817 -38.44 97.01 16.48
C GLU I 1817 -38.69 95.60 15.94
N ALA I 1818 -37.61 94.89 15.60
CA ALA I 1818 -37.76 93.53 15.08
C ALA I 1818 -38.37 92.60 16.12
N VAL I 1819 -37.99 92.75 17.38
CA VAL I 1819 -38.55 91.91 18.44
C VAL I 1819 -40.05 92.15 18.56
N ARG I 1820 -40.47 93.42 18.58
CA ARG I 1820 -41.90 93.72 18.61
C ARG I 1820 -42.57 93.25 17.33
N ASP I 1821 -41.94 93.50 16.18
CA ASP I 1821 -42.50 93.06 14.91
C ASP I 1821 -42.57 91.54 14.84
N GLY I 1822 -41.54 90.86 15.33
CA GLY I 1822 -41.58 89.41 15.40
C GLY I 1822 -42.71 88.91 16.29
N GLY I 1823 -43.01 89.66 17.35
CA GLY I 1823 -44.14 89.32 18.19
C GLY I 1823 -45.48 89.46 17.47
N GLN I 1824 -45.59 90.41 16.55
CA GLN I 1824 -46.85 90.65 15.86
C GLN I 1824 -47.19 89.56 14.85
N HIS I 1825 -46.24 88.70 14.49
CA HIS I 1825 -46.46 87.61 13.53
C HIS I 1825 -47.04 88.13 12.22
N ALA I 1826 -46.45 89.22 11.72
CA ALA I 1826 -46.90 89.79 10.46
C ALA I 1826 -46.63 88.82 9.31
N ARG I 1827 -47.56 88.79 8.35
CA ARG I 1827 -47.39 87.92 7.19
C ARG I 1827 -46.37 88.45 6.20
N ASP I 1828 -45.84 89.66 6.41
CA ASP I 1828 -44.82 90.24 5.55
C ASP I 1828 -43.65 90.71 6.41
N PRO I 1829 -42.81 89.78 6.87
CA PRO I 1829 -41.63 90.19 7.63
C PRO I 1829 -40.64 90.94 6.76
N VAL I 1830 -39.84 91.79 7.40
CA VAL I 1830 -38.87 92.59 6.68
C VAL I 1830 -37.85 91.67 6.02
N GLY I 1831 -37.60 91.90 4.73
CA GLY I 1831 -36.69 91.06 3.97
C GLY I 1831 -37.32 89.83 3.35
N GLY I 1832 -38.60 89.58 3.59
CA GLY I 1832 -39.29 88.45 3.02
C GLY I 1832 -39.33 87.22 3.91
N SER I 1833 -38.57 87.21 5.01
CA SER I 1833 -38.57 86.07 5.91
C SER I 1833 -38.07 86.53 7.27
N VAL I 1834 -38.33 85.70 8.29
CA VAL I 1834 -37.84 85.99 9.63
C VAL I 1834 -36.32 85.95 9.64
N GLU I 1835 -35.73 85.05 8.86
CA GLU I 1835 -34.27 84.96 8.78
C GLU I 1835 -33.67 86.26 8.26
N PHE I 1836 -34.26 86.81 7.19
CA PHE I 1836 -33.73 88.03 6.61
C PHE I 1836 -34.00 89.26 7.47
N GLN I 1837 -34.89 89.15 8.45
CA GLN I 1837 -35.19 90.27 9.32
C GLN I 1837 -34.26 90.34 10.53
N PHE I 1838 -33.86 89.20 11.09
CA PHE I 1838 -33.08 89.18 12.31
C PHE I 1838 -31.59 88.95 12.10
N VAL I 1839 -31.21 88.05 11.19
CA VAL I 1839 -29.81 87.70 11.00
C VAL I 1839 -28.97 88.91 10.62
N PRO I 1840 -29.36 89.74 9.64
CA PRO I 1840 -28.54 90.93 9.36
C PRO I 1840 -28.43 91.87 10.55
N VAL I 1841 -29.50 92.04 11.34
CA VAL I 1841 -29.44 92.93 12.48
C VAL I 1841 -28.58 92.33 13.59
N LEU I 1842 -28.73 91.02 13.85
CA LEU I 1842 -27.97 90.39 14.91
C LEU I 1842 -26.48 90.35 14.59
N LYS I 1843 -26.11 90.22 13.32
CA LYS I 1843 -24.70 90.29 12.95
C LYS I 1843 -24.12 91.66 13.27
N LEU I 1844 -24.88 92.71 12.97
CA LEU I 1844 -24.41 94.06 13.28
C LEU I 1844 -24.27 94.28 14.79
N VAL I 1845 -25.26 93.81 15.56
CA VAL I 1845 -25.19 93.97 17.02
C VAL I 1845 -24.03 93.16 17.59
N SER I 1846 -23.85 91.92 17.10
CA SER I 1846 -22.75 91.09 17.58
C SER I 1846 -21.40 91.73 17.27
N THR I 1847 -21.26 92.29 16.07
CA THR I 1847 -20.00 92.93 15.70
C THR I 1847 -19.71 94.12 16.60
N LEU I 1848 -20.72 94.95 16.88
CA LEU I 1848 -20.51 96.11 17.73
C LEU I 1848 -20.23 95.72 19.17
N LEU I 1849 -20.83 94.63 19.65
CA LEU I 1849 -20.57 94.16 21.01
C LEU I 1849 -19.11 93.75 21.17
N VAL I 1850 -18.57 93.02 20.20
CA VAL I 1850 -17.17 92.59 20.28
C VAL I 1850 -16.25 93.80 20.25
N MET I 1851 -16.54 94.78 19.40
CA MET I 1851 -15.75 96.00 19.34
C MET I 1851 -15.86 96.85 20.60
N GLY I 1852 -16.81 96.55 21.48
CA GLY I 1852 -16.96 97.32 22.71
C GLY I 1852 -17.60 98.67 22.52
N ILE I 1853 -18.39 98.84 21.46
CA ILE I 1853 -19.02 100.14 21.22
C ILE I 1853 -20.11 100.43 22.23
N PHE I 1854 -20.90 99.42 22.59
CA PHE I 1854 -22.02 99.63 23.50
C PHE I 1854 -21.54 99.95 24.91
N GLY I 1855 -22.25 100.87 25.57
CA GLY I 1855 -21.99 101.20 26.95
C GLY I 1855 -22.80 100.33 27.89
N ASP I 1856 -22.74 100.69 29.18
CA ASP I 1856 -23.46 99.91 30.19
C ASP I 1856 -24.97 99.95 29.95
N GLU I 1857 -25.51 101.13 29.66
CA GLU I 1857 -26.94 101.23 29.40
C GLU I 1857 -27.34 100.47 28.16
N ASP I 1858 -26.52 100.54 27.11
CA ASP I 1858 -26.83 99.83 25.87
C ASP I 1858 -26.82 98.33 26.08
N VAL I 1859 -25.86 97.82 26.86
CA VAL I 1859 -25.80 96.38 27.12
C VAL I 1859 -27.02 95.92 27.89
N LYS I 1860 -27.51 96.75 28.82
CA LYS I 1860 -28.71 96.40 29.56
C LYS I 1860 -29.91 96.26 28.63
N GLN I 1861 -30.03 97.15 27.63
CA GLN I 1861 -31.12 97.04 26.67
C GLN I 1861 -31.03 95.76 25.87
N ILE I 1862 -29.83 95.37 25.46
CA ILE I 1862 -29.65 94.13 24.72
C ILE I 1862 -30.07 92.94 25.56
N LEU I 1863 -29.69 92.94 26.83
CA LEU I 1863 -30.05 91.83 27.72
C LEU I 1863 -31.56 91.75 27.91
N LYS I 1864 -32.24 92.90 27.96
CA LYS I 1864 -33.69 92.89 28.05
C LYS I 1864 -34.33 92.23 26.83
N MET I 1865 -33.80 92.53 25.64
CA MET I 1865 -34.33 91.92 24.42
C MET I 1865 -34.08 90.41 24.40
N ILE I 1866 -32.92 89.98 24.88
CA ILE I 1866 -32.60 88.56 24.91
C ILE I 1866 -33.51 87.83 25.88
N GLU I 1867 -33.63 88.35 27.09
CA GLU I 1867 -34.44 87.71 28.12
C GLU I 1867 -34.89 88.75 29.15
N PRO I 1868 -36.07 89.33 28.98
CA PRO I 1868 -36.49 90.44 29.87
C PRO I 1868 -36.72 90.02 31.31
N GLU I 1869 -36.90 88.73 31.61
CA GLU I 1869 -37.16 88.32 32.97
C GLU I 1869 -35.89 88.00 33.76
N VAL I 1870 -34.94 87.31 33.13
CA VAL I 1870 -33.70 86.94 33.83
C VAL I 1870 -32.83 88.17 34.07
N PHE I 1871 -32.78 89.08 33.11
CA PHE I 1871 -31.80 90.17 33.10
C PHE I 1871 -32.41 91.49 33.56
N THR I 1872 -33.27 91.46 34.56
CA THR I 1872 -33.80 92.66 35.19
C THR I 1872 -33.02 92.93 36.47
N GLU I 1873 -32.45 94.12 36.57
CA GLU I 1873 -31.68 94.50 37.75
C GLU I 1873 -32.58 95.16 38.79
N GLU I 1874 -32.17 95.03 40.05
CA GLU I 1874 -32.93 95.60 41.17
C GLU I 1874 -32.04 95.81 42.38
N LEU I 1922 -46.61 93.02 23.75
CA LEU I 1922 -45.94 91.74 23.75
C LEU I 1922 -44.43 91.91 23.88
N GLU I 1923 -43.96 92.04 25.12
CA GLU I 1923 -42.54 92.23 25.38
C GLU I 1923 -41.84 90.90 25.60
N GLU I 1924 -41.99 89.97 24.65
CA GLU I 1924 -41.35 88.67 24.76
C GLU I 1924 -39.91 88.75 24.25
N GLY I 1925 -39.04 87.97 24.90
CA GLY I 1925 -37.64 87.98 24.54
C GLY I 1925 -37.35 87.20 23.28
N LEU I 1926 -36.11 87.34 22.81
CA LEU I 1926 -35.69 86.63 21.60
C LEU I 1926 -35.62 85.12 21.84
N LEU I 1927 -35.25 84.71 23.04
CA LEU I 1927 -35.04 83.29 23.31
C LEU I 1927 -36.35 82.50 23.22
N GLN I 1928 -37.48 83.17 23.35
CA GLN I 1928 -38.79 82.51 23.32
C GLN I 1928 -39.60 82.84 22.09
N MET I 1929 -38.97 83.35 21.02
CA MET I 1929 -39.75 83.76 19.85
C MET I 1929 -39.79 82.67 18.78
N LYS I 1930 -39.17 81.52 19.04
CA LYS I 1930 -39.20 80.39 18.12
C LYS I 1930 -38.63 80.76 16.74
N LEU I 1931 -37.37 81.12 16.69
CA LEU I 1931 -36.71 81.55 15.47
C LEU I 1931 -36.12 80.35 14.73
N PRO I 1932 -35.85 80.49 13.43
CA PRO I 1932 -35.20 79.40 12.71
C PRO I 1932 -33.75 79.20 13.16
N GLU I 1933 -33.12 78.19 12.57
CA GLU I 1933 -31.78 77.80 13.00
C GLU I 1933 -30.73 78.87 12.67
N SER I 1934 -30.90 79.58 11.56
CA SER I 1934 -29.93 80.62 11.20
C SER I 1934 -29.93 81.73 12.24
N VAL I 1935 -31.11 82.11 12.73
CA VAL I 1935 -31.17 83.12 13.78
C VAL I 1935 -30.61 82.59 15.09
N LYS I 1936 -30.86 81.30 15.39
CA LYS I 1936 -30.33 80.70 16.60
C LYS I 1936 -28.81 80.71 16.61
N LEU I 1937 -28.17 80.57 15.45
CA LEU I 1937 -26.72 80.65 15.38
C LEU I 1937 -26.23 82.03 15.79
N GLN I 1938 -26.93 83.08 15.36
CA GLN I 1938 -26.56 84.43 15.78
C GLN I 1938 -26.84 84.65 17.26
N MET I 1939 -27.88 84.02 17.80
CA MET I 1939 -28.14 84.14 19.24
C MET I 1939 -27.03 83.49 20.05
N CYS I 1940 -26.45 82.39 19.57
CA CYS I 1940 -25.33 81.79 20.26
C CYS I 1940 -24.12 82.71 20.28
N ASN I 1941 -23.90 83.46 19.19
CA ASN I 1941 -22.80 84.41 19.18
C ASN I 1941 -22.98 85.50 20.22
N LEU I 1942 -24.21 86.00 20.38
CA LEU I 1942 -24.47 86.99 21.42
C LEU I 1942 -24.20 86.43 22.81
N LEU I 1943 -24.74 85.25 23.09
CA LEU I 1943 -24.53 84.64 24.40
C LEU I 1943 -23.07 84.26 24.62
N GLU I 1944 -22.36 83.92 23.54
CA GLU I 1944 -20.93 83.62 23.66
C GLU I 1944 -20.16 84.85 24.13
N TYR I 1945 -20.54 86.03 23.64
CA TYR I 1945 -19.89 87.26 24.09
C TYR I 1945 -20.10 87.49 25.57
N PHE I 1946 -21.34 87.30 26.05
CA PHE I 1946 -21.61 87.54 27.46
C PHE I 1946 -20.98 86.48 28.35
N CYS I 1947 -20.87 85.24 27.86
CA CYS I 1947 -20.13 84.23 28.60
C CYS I 1947 -18.65 84.59 28.69
N ASP I 1948 -18.08 85.16 27.61
CA ASP I 1948 -16.70 85.63 27.66
C ASP I 1948 -16.53 86.76 28.65
N GLN I 1949 -17.50 87.67 28.73
CA GLN I 1949 -17.42 88.76 29.69
C GLN I 1949 -17.44 88.26 31.12
N GLU I 1950 -18.25 87.24 31.41
CA GLU I 1950 -18.24 86.64 32.73
C GLU I 1950 -16.89 86.00 33.04
N LEU I 1951 -16.30 85.32 32.06
CA LEU I 1951 -14.96 84.75 32.25
C LEU I 1951 -13.93 85.85 32.46
N GLN I 1952 -14.02 86.93 31.68
CA GLN I 1952 -13.10 88.05 31.85
C GLN I 1952 -13.28 88.71 33.21
N HIS I 1953 -14.53 88.81 33.68
CA HIS I 1953 -14.78 89.38 34.99
C HIS I 1953 -14.16 88.55 36.10
N ARG I 1954 -14.22 87.22 35.98
CA ARG I 1954 -13.61 86.36 36.98
C ARG I 1954 -12.09 86.52 37.01
N VAL I 1955 -11.47 86.62 35.84
CA VAL I 1955 -10.03 86.80 35.77
C VAL I 1955 -9.62 88.13 36.39
N GLU I 1956 -10.34 89.20 36.04
CA GLU I 1956 -10.02 90.51 36.60
C GLU I 1956 -10.28 90.55 38.11
N SER I 1957 -11.37 89.92 38.56
CA SER I 1957 -11.64 89.85 39.98
C SER I 1957 -10.56 89.06 40.71
N LEU I 1958 -10.12 87.95 40.12
CA LEU I 1958 -9.03 87.19 40.70
C LEU I 1958 -7.74 87.99 40.74
N ALA I 1959 -7.46 88.73 39.66
CA ALA I 1959 -6.30 89.62 39.66
C ALA I 1959 -6.46 90.73 40.68
N ALA I 1960 -7.67 91.26 40.83
CA ALA I 1960 -7.92 92.30 41.81
C ALA I 1960 -7.68 91.79 43.23
N PHE I 1961 -8.14 90.57 43.52
CA PHE I 1961 -7.92 90.00 44.85
C PHE I 1961 -6.43 89.73 45.08
N ALA I 1962 -5.71 89.34 44.03
CA ALA I 1962 -4.28 89.08 44.17
C ALA I 1962 -3.54 90.33 44.62
N GLU I 1963 -3.90 91.49 44.05
CA GLU I 1963 -3.25 92.74 44.44
C GLU I 1963 -3.48 93.04 45.91
N ARG I 1964 -4.72 92.85 46.38
CA ARG I 1964 -5.02 93.11 47.79
C ARG I 1964 -4.37 92.07 48.69
N TYR I 1965 -4.39 90.80 48.28
CA TYR I 1965 -3.90 89.74 49.16
C TYR I 1965 -2.38 89.74 49.24
N VAL I 1966 -1.70 90.08 48.13
CA VAL I 1966 -0.24 90.12 48.14
C VAL I 1966 0.27 91.17 49.11
N ASP I 1967 -0.41 92.32 49.16
CA ASP I 1967 0.00 93.38 50.08
C ASP I 1967 -0.06 92.91 51.53
N LYS I 1968 -1.11 92.18 51.89
CA LYS I 1968 -1.19 91.62 53.24
C LYS I 1968 -0.12 90.56 53.46
N LEU I 1969 0.13 89.73 52.44
CA LEU I 1969 1.18 88.72 52.57
C LEU I 1969 2.55 89.37 52.74
N GLN I 1970 2.85 90.40 51.94
CA GLN I 1970 4.14 91.05 52.05
C GLN I 1970 4.29 91.80 53.37
N ALA I 1971 3.23 92.49 53.80
CA ALA I 1971 3.28 93.18 55.09
C ALA I 1971 3.44 92.20 56.25
N ASN I 1972 2.74 91.07 56.20
CA ASN I 1972 2.86 90.08 57.27
C ASN I 1972 4.25 89.44 57.28
N GLN I 1973 4.77 89.09 56.11
CA GLN I 1973 6.09 88.47 56.05
C GLN I 1973 7.18 89.41 56.54
N ARG I 1974 7.05 90.71 56.22
CA ARG I 1974 8.00 91.69 56.73
C ARG I 1974 7.96 91.75 58.25
N SER I 1975 6.75 91.73 58.82
CA SER I 1975 6.61 91.76 60.27
C SER I 1975 7.11 90.46 60.91
N ARG I 1976 6.84 89.32 60.28
CA ARG I 1976 7.31 88.04 60.81
C ARG I 1976 8.83 87.97 60.79
N TYR I 1977 9.45 88.49 59.72
CA TYR I 1977 10.90 88.49 59.65
C TYR I 1977 11.51 89.41 60.70
N ALA I 1978 10.84 90.52 61.00
CA ALA I 1978 11.35 91.46 61.99
C ALA I 1978 11.42 90.81 63.38
N LEU I 1979 10.36 90.11 63.77
CA LEU I 1979 10.36 89.44 65.06
C LEU I 1979 11.23 88.19 65.07
N LEU I 1980 11.40 87.55 63.91
CA LEU I 1980 12.22 86.36 63.83
C LEU I 1980 13.70 86.65 64.08
N MET I 1981 14.14 87.89 63.86
CA MET I 1981 15.52 88.26 64.11
C MET I 1981 15.88 88.26 65.59
N ARG I 1982 14.88 88.23 66.47
CA ARG I 1982 15.10 88.18 67.91
C ARG I 1982 14.84 86.79 68.48
N ALA I 1983 14.73 85.78 67.63
CA ALA I 1983 14.35 84.45 68.09
C ALA I 1983 15.46 83.74 68.86
N PHE I 1984 16.71 84.17 68.70
CA PHE I 1984 17.81 83.50 69.39
C PHE I 1984 17.68 83.59 70.90
N THR I 1985 17.00 84.63 71.40
CA THR I 1985 16.80 84.79 72.83
C THR I 1985 15.82 83.79 73.41
N MET I 1986 15.01 83.11 72.58
CA MET I 1986 14.06 82.13 73.10
C MET I 1986 13.99 80.87 72.23
N SER I 1987 14.98 80.63 71.37
CA SER I 1987 14.96 79.46 70.51
C SER I 1987 16.38 79.01 70.25
N ALA I 1988 16.51 78.05 69.35
CA ALA I 1988 17.78 77.36 69.16
C ALA I 1988 17.92 77.01 67.67
N ALA I 1989 18.77 76.02 67.38
CA ALA I 1989 19.15 75.66 66.02
C ALA I 1989 17.97 75.50 65.07
N GLU I 1990 16.79 75.15 65.60
CA GLU I 1990 15.63 75.02 64.70
C GLU I 1990 15.16 76.36 64.13
N THR I 1991 15.89 77.46 64.39
CA THR I 1991 15.62 78.71 63.69
C THR I 1991 15.76 78.56 62.19
N ALA I 1992 16.58 77.60 61.74
CA ALA I 1992 16.70 77.33 60.32
C ALA I 1992 15.37 76.90 59.72
N ARG I 1993 14.58 76.15 60.48
CA ARG I 1993 13.25 75.74 60.00
C ARG I 1993 12.35 76.95 59.82
N ARG I 1994 12.39 77.90 60.76
CA ARG I 1994 11.58 79.11 60.64
C ARG I 1994 12.08 80.06 59.55
N THR I 1995 13.38 80.16 59.36
CA THR I 1995 13.95 80.99 58.30
C THR I 1995 14.10 80.24 56.99
N ARG I 1996 13.64 78.98 56.95
CA ARG I 1996 13.63 78.22 55.70
C ARG I 1996 12.86 78.96 54.60
N GLU I 1997 11.82 79.70 55.00
CA GLU I 1997 11.04 80.46 54.03
C GLU I 1997 11.90 81.51 53.34
N PHE I 1998 12.71 82.23 54.11
CA PHE I 1998 13.50 83.33 53.57
C PHE I 1998 14.74 82.86 52.83
N ARG I 1999 15.05 81.58 52.87
CA ARG I 1999 16.17 81.00 52.12
C ARG I 1999 15.64 80.12 50.99
N SER I 2000 14.50 80.51 50.42
CA SER I 2000 13.84 79.78 49.36
C SER I 2000 13.43 80.77 48.28
N PRO I 2001 13.28 80.31 47.04
CA PRO I 2001 12.91 81.23 45.97
C PRO I 2001 11.53 81.82 46.22
N PRO I 2002 11.29 83.04 45.74
CA PRO I 2002 10.00 83.70 46.04
C PRO I 2002 8.79 82.91 45.58
N GLN I 2003 8.90 82.18 44.46
CA GLN I 2003 7.80 81.32 44.04
C GLN I 2003 7.53 80.23 45.07
N GLU I 2004 8.60 79.64 45.62
CA GLU I 2004 8.43 78.63 46.66
C GLU I 2004 7.93 79.25 47.96
N GLN I 2005 8.31 80.49 48.25
CA GLN I 2005 7.81 81.16 49.46
C GLN I 2005 6.30 81.31 49.42
N ILE I 2006 5.76 81.72 48.27
CA ILE I 2006 4.32 81.95 48.17
C ILE I 2006 3.58 80.64 48.04
N ASN I 2007 4.25 79.58 47.57
CA ASN I 2007 3.63 78.27 47.55
C ASN I 2007 3.39 77.75 48.97
N MET I 2008 4.35 77.98 49.87
CA MET I 2008 4.18 77.56 51.25
C MET I 2008 3.11 78.36 51.96
N LEU I 2009 3.02 79.67 51.67
CA LEU I 2009 2.05 80.52 52.36
C LEU I 2009 0.62 80.15 52.02
N LEU I 2010 0.36 79.68 50.80
CA LEU I 2010 -0.98 79.34 50.36
C LEU I 2010 -1.34 77.88 50.64
N HIS I 2011 -0.46 77.14 51.30
CA HIS I 2011 -0.67 75.71 51.54
C HIS I 2011 -1.40 75.52 52.87
N PHE I 2012 -2.66 75.96 52.90
CA PHE I 2012 -3.51 75.78 54.07
C PHE I 2012 -4.94 75.44 53.69
N LYS I 2013 -5.13 74.75 52.56
CA LYS I 2013 -6.48 74.46 52.10
C LYS I 2013 -7.06 73.19 52.69
N ASP I 2014 -6.25 72.13 52.79
CA ASP I 2014 -6.75 70.81 53.17
C ASP I 2014 -6.86 70.61 54.68
N GLU I 2015 -6.48 71.61 55.48
CA GLU I 2015 -6.62 71.58 56.93
C GLU I 2015 -5.68 70.56 57.57
N ALA I 2016 -4.96 69.81 56.75
CA ALA I 2016 -3.89 68.95 57.22
C ALA I 2016 -2.52 69.59 57.08
N ASP I 2017 -2.47 70.84 56.60
CA ASP I 2017 -1.22 71.57 56.41
C ASP I 2017 -1.24 72.92 57.13
N GLU I 2018 -1.89 73.00 58.29
CA GLU I 2018 -1.97 74.23 59.06
C GLU I 2018 -0.77 74.44 59.98
N GLU I 2019 0.26 73.60 59.86
CA GLU I 2019 1.45 73.70 60.70
C GLU I 2019 2.64 74.29 59.97
N ASP I 2020 2.84 73.95 58.70
CA ASP I 2020 3.94 74.54 57.94
C ASP I 2020 3.63 75.97 57.51
N CYS I 2021 2.36 76.29 57.32
CA CYS I 2021 1.97 77.64 56.92
C CYS I 2021 2.07 78.58 58.10
N PRO I 2022 2.87 79.64 58.02
CA PRO I 2022 3.02 80.58 59.15
C PRO I 2022 2.04 81.75 59.14
N LEU I 2023 1.05 81.75 58.26
CA LEU I 2023 0.14 82.88 58.19
C LEU I 2023 -0.80 82.89 59.39
N PRO I 2024 -1.18 84.09 59.87
CA PRO I 2024 -2.21 84.17 60.91
C PRO I 2024 -3.56 83.77 60.35
N GLU I 2025 -4.46 83.40 61.27
CA GLU I 2025 -5.76 82.86 60.86
C GLU I 2025 -6.59 83.93 60.15
N ASP I 2026 -6.45 85.19 60.54
CA ASP I 2026 -7.23 86.25 59.91
C ASP I 2026 -6.87 86.40 58.43
N ILE I 2027 -5.58 86.31 58.09
CA ILE I 2027 -5.18 86.38 56.69
C ILE I 2027 -5.65 85.14 55.94
N ARG I 2028 -5.61 83.97 56.59
CA ARG I 2028 -6.07 82.74 55.95
C ARG I 2028 -7.55 82.84 55.60
N GLN I 2029 -8.34 83.49 56.46
CA GLN I 2029 -9.79 83.56 56.23
C GLN I 2029 -10.11 84.34 54.97
N ASP I 2030 -9.34 85.39 54.67
CA ASP I 2030 -9.63 86.21 53.50
C ASP I 2030 -9.51 85.41 52.21
N LEU I 2031 -8.49 84.57 52.09
CA LEU I 2031 -8.36 83.73 50.90
C LEU I 2031 -9.49 82.71 50.84
N GLN I 2032 -9.85 82.11 51.97
CA GLN I 2032 -10.93 81.14 51.98
C GLN I 2032 -12.27 81.79 51.67
N ASP I 2033 -12.48 83.02 52.15
CA ASP I 2033 -13.70 83.75 51.78
C ASP I 2033 -13.76 84.01 50.29
N PHE I 2034 -12.62 84.39 49.69
CA PHE I 2034 -12.61 84.62 48.24
C PHE I 2034 -12.73 83.32 47.47
N HIS I 2035 -12.19 82.23 48.02
CA HIS I 2035 -12.31 80.95 47.32
C HIS I 2035 -13.75 80.47 47.30
N GLN I 2036 -14.50 80.76 48.35
CA GLN I 2036 -15.90 80.32 48.40
C GLN I 2036 -16.75 81.10 47.40
N ASP I 2037 -16.58 82.42 47.35
CA ASP I 2037 -17.38 83.22 46.43
C ASP I 2037 -16.89 83.11 44.99
N LEU I 2038 -15.67 82.62 44.77
CA LEU I 2038 -15.25 82.30 43.41
C LEU I 2038 -15.93 81.04 42.90
N LEU I 2039 -16.01 80.00 43.73
CA LEU I 2039 -16.73 78.80 43.35
C LEU I 2039 -18.21 79.10 43.15
N ALA I 2040 -18.78 79.92 44.03
CA ALA I 2040 -20.18 80.29 43.90
C ALA I 2040 -20.41 81.09 42.62
N HIS I 2041 -19.50 81.99 42.28
CA HIS I 2041 -19.63 82.76 41.04
C HIS I 2041 -19.54 81.85 39.82
N CYS I 2042 -18.88 80.71 39.94
CA CYS I 2042 -18.83 79.71 38.88
C CYS I 2042 -19.98 78.72 38.97
N GLY I 2043 -20.90 78.90 39.90
CA GLY I 2043 -22.03 78.00 40.05
C GLY I 2043 -21.66 76.60 40.50
N ILE I 2044 -20.69 76.49 41.41
CA ILE I 2044 -20.31 75.17 41.91
C ILE I 2044 -21.34 74.65 42.91
N GLN I 2045 -21.51 75.36 44.01
CA GLN I 2045 -22.46 74.98 45.04
C GLN I 2045 -22.67 76.18 45.96
N LEU I 2046 -23.67 76.09 46.83
CA LEU I 2046 -23.95 77.16 47.77
C LEU I 2046 -24.44 76.60 49.11
N GLU I 2088 -38.40 77.10 41.08
CA GLU I 2088 -37.08 77.53 40.62
C GLU I 2088 -36.98 77.48 39.09
N LYS I 2089 -38.13 77.68 38.43
CA LYS I 2089 -38.15 77.65 36.97
C LYS I 2089 -37.41 78.84 36.36
N LYS I 2090 -37.28 79.94 37.08
CA LYS I 2090 -36.56 81.10 36.58
C LYS I 2090 -35.06 80.82 36.62
N PRO I 2091 -34.35 80.95 35.50
CA PRO I 2091 -32.90 80.67 35.51
C PRO I 2091 -32.13 81.55 36.49
N GLN I 2092 -32.53 82.81 36.64
CA GLN I 2092 -31.94 83.73 37.63
C GLN I 2092 -30.48 84.05 37.36
N SER I 2093 -29.90 83.47 36.31
CA SER I 2093 -28.50 83.73 35.99
C SER I 2093 -28.25 83.35 34.54
N LEU I 2094 -27.15 83.88 34.00
CA LEU I 2094 -26.78 83.57 32.62
C LEU I 2094 -26.41 82.10 32.48
N GLN I 2095 -25.73 81.53 33.47
CA GLN I 2095 -25.32 80.13 33.39
C GLN I 2095 -26.51 79.20 33.29
N GLU I 2096 -27.54 79.44 34.12
CA GLU I 2096 -28.72 78.58 34.06
C GLU I 2096 -29.55 78.86 32.81
N LEU I 2097 -29.58 80.11 32.36
CA LEU I 2097 -30.34 80.46 31.17
C LEU I 2097 -29.77 79.77 29.93
N VAL I 2098 -28.45 79.82 29.77
CA VAL I 2098 -27.83 79.22 28.59
C VAL I 2098 -27.98 77.70 28.60
N SER I 2099 -27.75 77.08 29.75
CA SER I 2099 -27.85 75.62 29.83
C SER I 2099 -29.27 75.16 29.54
N HIS I 2100 -30.27 75.83 30.11
CA HIS I 2100 -31.66 75.47 29.82
CA HIS I 2100 -31.66 75.48 29.83
C HIS I 2100 -32.02 75.71 28.36
N MET I 2101 -31.54 76.82 27.80
CA MET I 2101 -31.87 77.14 26.41
C MET I 2101 -31.29 76.13 25.43
N VAL I 2102 -30.04 75.73 25.62
CA VAL I 2102 -29.41 74.79 24.69
C VAL I 2102 -30.10 73.45 24.74
N VAL I 2103 -30.38 72.95 25.95
CA VAL I 2103 -31.06 71.67 26.09
C VAL I 2103 -32.45 71.73 25.48
N ARG I 2104 -33.18 72.83 25.73
CA ARG I 2104 -34.52 72.96 25.19
C ARG I 2104 -34.51 73.00 23.67
N TRP I 2105 -33.54 73.70 23.07
CA TRP I 2105 -33.45 73.75 21.62
C TRP I 2105 -33.22 72.36 21.04
N ALA I 2106 -32.33 71.58 21.65
CA ALA I 2106 -31.99 70.28 21.09
C ALA I 2106 -33.13 69.28 21.23
N GLN I 2107 -33.93 69.37 22.29
CA GLN I 2107 -35.03 68.45 22.51
C GLN I 2107 -36.33 68.92 21.89
N GLU I 2108 -36.36 70.11 21.30
CA GLU I 2108 -37.54 70.59 20.59
C GLU I 2108 -37.53 70.19 19.12
N ASP I 2109 -36.35 70.05 18.52
CA ASP I 2109 -36.25 69.66 17.12
C ASP I 2109 -34.87 69.08 16.87
N TYR I 2110 -34.75 68.33 15.78
CA TYR I 2110 -33.47 67.77 15.34
C TYR I 2110 -32.73 68.87 14.59
N VAL I 2111 -31.70 69.42 15.23
CA VAL I 2111 -30.95 70.53 14.64
C VAL I 2111 -30.20 70.02 13.42
N GLN I 2112 -30.35 70.71 12.30
CA GLN I 2112 -29.76 70.28 11.03
C GLN I 2112 -28.50 71.05 10.66
N SER I 2113 -28.23 72.19 11.29
CA SER I 2113 -27.06 72.98 10.96
C SER I 2113 -25.89 72.50 11.81
N PRO I 2114 -24.84 71.92 11.22
CA PRO I 2114 -23.68 71.49 12.03
C PRO I 2114 -23.01 72.65 12.74
N GLU I 2115 -22.98 73.84 12.14
CA GLU I 2115 -22.39 74.99 12.80
C GLU I 2115 -23.17 75.36 14.06
N LEU I 2116 -24.51 75.30 13.99
CA LEU I 2116 -25.32 75.59 15.16
C LEU I 2116 -25.11 74.54 16.25
N VAL I 2117 -25.02 73.26 15.85
CA VAL I 2117 -24.84 72.20 16.83
C VAL I 2117 -23.53 72.38 17.60
N ARG I 2118 -22.45 72.69 16.89
CA ARG I 2118 -21.18 72.94 17.56
C ARG I 2118 -21.26 74.17 18.44
N ALA I 2119 -21.92 75.23 17.97
CA ALA I 2119 -22.01 76.46 18.75
C ALA I 2119 -22.77 76.25 20.04
N MET I 2120 -23.89 75.52 20.00
CA MET I 2120 -24.71 75.36 21.20
C MET I 2120 -24.08 74.41 22.21
N PHE I 2121 -23.39 73.36 21.73
CA PHE I 2121 -22.73 72.45 22.65
C PHE I 2121 -21.44 73.03 23.20
N SER I 2122 -20.74 73.85 22.42
CA SER I 2122 -19.59 74.58 22.97
C SER I 2122 -20.05 75.54 24.07
N LEU I 2123 -21.15 76.23 23.84
CA LEU I 2123 -21.70 77.12 24.85
C LEU I 2123 -22.17 76.35 26.07
N LEU I 2124 -22.78 75.18 25.86
CA LEU I 2124 -23.28 74.38 26.97
C LEU I 2124 -22.15 73.88 27.85
N HIS I 2125 -21.04 73.46 27.24
CA HIS I 2125 -19.92 72.93 28.02
C HIS I 2125 -19.35 73.97 28.96
N ARG I 2126 -19.32 75.23 28.53
CA ARG I 2126 -18.78 76.29 29.37
C ARG I 2126 -19.59 76.49 30.64
N GLN I 2127 -20.93 76.40 30.52
CA GLN I 2127 -21.77 76.63 31.68
C GLN I 2127 -21.59 75.54 32.73
N TYR I 2128 -21.51 74.29 32.30
CA TYR I 2128 -21.34 73.18 33.25
C TYR I 2128 -19.95 73.17 33.89
N ASP I 2129 -18.94 73.58 33.15
CA ASP I 2129 -17.56 73.62 33.65
C ASP I 2129 -17.09 75.06 33.62
N GLY I 2130 -17.39 75.80 34.68
CA GLY I 2130 -16.96 77.18 34.79
C GLY I 2130 -15.59 77.29 35.41
N LEU I 2131 -15.33 76.47 36.43
CA LEU I 2131 -14.02 76.47 37.06
C LEU I 2131 -12.95 75.99 36.09
N GLY I 2132 -13.25 74.97 35.29
CA GLY I 2132 -12.30 74.51 34.29
C GLY I 2132 -12.06 75.55 33.22
N GLU I 2133 -13.10 76.29 32.84
CA GLU I 2133 -12.93 77.38 31.87
C GLU I 2133 -12.01 78.46 32.42
N LEU I 2134 -12.18 78.82 33.69
CA LEU I 2134 -11.28 79.77 34.33
C LEU I 2134 -9.88 79.21 34.43
N LEU I 2135 -9.76 77.91 34.68
CA LEU I 2135 -8.44 77.27 34.81
C LEU I 2135 -7.67 77.36 33.50
N ARG I 2136 -8.34 77.18 32.38
CA ARG I 2136 -7.66 77.23 31.08
C ARG I 2136 -7.43 78.65 30.59
N ALA I 2137 -8.02 79.66 31.23
CA ALA I 2137 -7.80 81.05 30.85
C ALA I 2137 -6.72 81.74 31.67
N LEU I 2138 -6.40 81.21 32.85
CA LEU I 2138 -5.35 81.81 33.68
C LEU I 2138 -3.99 81.85 33.00
N PRO I 2139 -3.54 80.85 32.23
CA PRO I 2139 -2.23 80.97 31.57
C PRO I 2139 -2.11 82.18 30.65
N ARG I 2140 -3.23 82.71 30.16
CA ARG I 2140 -3.21 83.91 29.33
C ARG I 2140 -3.49 85.17 30.12
N ALA I 2141 -3.46 85.09 31.44
CA ALA I 2141 -3.66 86.24 32.31
C ALA I 2141 -2.32 86.71 32.85
N TYR I 2142 -2.13 88.03 32.93
CA TYR I 2142 -0.86 88.59 33.34
C TYR I 2142 -1.11 89.97 33.94
N THR I 2143 -0.53 90.23 35.11
CA THR I 2143 -0.64 91.51 35.78
C THR I 2143 0.62 92.33 35.56
N ILE I 2144 0.44 93.61 35.26
CA ILE I 2144 1.55 94.51 34.98
C ILE I 2144 1.43 95.75 35.84
N SER I 2145 2.55 96.43 36.01
CA SER I 2145 2.56 97.68 36.75
C SER I 2145 1.82 98.77 35.97
N PRO I 2146 1.13 99.68 36.66
CA PRO I 2146 0.44 100.77 35.96
C PRO I 2146 1.38 101.70 35.21
N SER I 2147 2.66 101.72 35.57
CA SER I 2147 3.63 102.58 34.89
C SER I 2147 4.08 102.02 33.55
N SER I 2148 3.79 100.76 33.26
CA SER I 2148 4.18 100.13 32.01
C SER I 2148 3.00 99.91 31.07
N VAL I 2149 1.90 100.62 31.28
CA VAL I 2149 0.71 100.43 30.46
C VAL I 2149 0.94 100.97 29.05
N GLU I 2150 1.53 102.16 28.95
CA GLU I 2150 1.68 102.80 27.64
C GLU I 2150 2.61 101.99 26.74
N ASP I 2151 3.69 101.43 27.29
CA ASP I 2151 4.57 100.59 26.50
C ASP I 2151 3.90 99.28 26.12
N THR I 2152 3.10 98.72 27.03
CA THR I 2152 2.38 97.49 26.72
C THR I 2152 1.35 97.71 25.63
N MET I 2153 0.65 98.84 25.65
CA MET I 2153 -0.31 99.16 24.60
C MET I 2153 0.38 99.27 23.25
N SER I 2154 1.55 99.91 23.22
CA SER I 2154 2.31 100.01 21.98
C SER I 2154 2.72 98.63 21.48
N LEU I 2155 3.14 97.75 22.39
CA LEU I 2155 3.50 96.39 21.99
C LEU I 2155 2.30 95.63 21.46
N LEU I 2156 1.12 95.82 22.07
CA LEU I 2156 -0.08 95.16 21.58
C LEU I 2156 -0.46 95.67 20.19
N GLU I 2157 -0.27 96.96 19.94
CA GLU I 2157 -0.54 97.49 18.61
C GLU I 2157 0.35 96.86 17.56
N CYS I 2158 1.64 96.70 17.87
CA CYS I 2158 2.55 96.06 16.93
C CYS I 2158 2.22 94.59 16.74
N LEU I 2159 1.85 93.90 17.82
CA LEU I 2159 1.47 92.49 17.71
C LEU I 2159 0.20 92.33 16.89
N GLY I 2160 -0.74 93.26 17.00
CA GLY I 2160 -1.94 93.19 16.18
C GLY I 2160 -1.64 93.29 14.70
N GLN I 2161 -0.67 94.12 14.34
CA GLN I 2161 -0.26 94.23 12.94
C GLN I 2161 0.31 92.91 12.43
N ILE I 2162 1.15 92.26 13.24
CA ILE I 2162 1.75 91.00 12.84
C ILE I 2162 0.68 89.92 12.71
N ARG I 2163 -0.27 89.87 13.65
CA ARG I 2163 -1.33 88.88 13.58
C ARG I 2163 -2.21 89.08 12.34
N SER I 2164 -2.34 90.33 11.88
CA SER I 2164 -3.12 90.58 10.68
C SER I 2164 -2.46 90.05 9.42
N LEU I 2165 -1.17 89.71 9.49
CA LEU I 2165 -0.44 89.18 8.34
C LEU I 2165 -0.57 87.68 8.19
N LEU I 2166 -1.26 87.00 9.10
CA LEU I 2166 -1.47 85.56 8.99
C LEU I 2166 -2.57 85.20 8.00
N ILE I 2167 -3.35 86.17 7.54
CA ILE I 2167 -4.48 85.92 6.66
C ILE I 2167 -4.31 86.58 5.30
N VAL I 2168 -3.10 87.03 4.97
CA VAL I 2168 -2.84 87.70 3.72
C VAL I 2168 -1.52 87.19 3.14
N GLN I 2169 -1.50 86.98 1.82
CA GLN I 2169 -0.27 86.61 1.15
C GLN I 2169 0.76 87.72 1.28
N MET I 2170 2.01 87.33 1.52
CA MET I 2170 3.07 88.31 1.73
C MET I 2170 3.34 89.09 0.45
N GLY I 2171 3.55 90.38 0.60
CA GLY I 2171 3.85 91.25 -0.52
C GLY I 2171 4.82 92.34 -0.12
N PRO I 2172 5.21 93.19 -1.08
CA PRO I 2172 6.15 94.28 -0.76
C PRO I 2172 5.63 95.23 0.31
N GLN I 2173 4.33 95.52 0.32
CA GLN I 2173 3.78 96.40 1.34
C GLN I 2173 3.72 95.71 2.70
N GLU I 2174 3.27 94.45 2.73
CA GLU I 2174 3.21 93.72 3.98
C GLU I 2174 4.59 93.44 4.54
N GLU I 2175 5.59 93.29 3.68
CA GLU I 2175 6.95 93.08 4.15
C GLU I 2175 7.46 94.26 4.98
N ASN I 2176 7.20 95.48 4.50
CA ASN I 2176 7.63 96.65 5.25
C ASN I 2176 6.90 96.75 6.58
N LEU I 2177 5.60 96.45 6.60
CA LEU I 2177 4.85 96.47 7.85
C LEU I 2177 5.39 95.45 8.84
N MET I 2178 5.72 94.25 8.35
CA MET I 2178 6.26 93.22 9.22
C MET I 2178 7.61 93.63 9.80
N ILE I 2179 8.46 94.25 8.98
CA ILE I 2179 9.81 94.61 9.43
C ILE I 2179 9.73 95.70 10.49
N GLN I 2180 8.91 96.74 10.26
CA GLN I 2180 8.84 97.82 11.23
C GLN I 2180 8.13 97.40 12.51
N SER I 2181 7.17 96.48 12.41
CA SER I 2181 6.51 95.97 13.60
C SER I 2181 7.49 95.20 14.48
N ILE I 2182 8.35 94.38 13.87
CA ILE I 2182 9.36 93.66 14.62
C ILE I 2182 10.34 94.63 15.25
N GLY I 2183 10.76 95.64 14.49
CA GLY I 2183 11.68 96.63 15.04
C GLY I 2183 11.11 97.39 16.22
N ASN I 2184 9.83 97.74 16.15
CA ASN I 2184 9.19 98.43 17.26
C ASN I 2184 9.08 97.53 18.48
N ILE I 2185 8.77 96.25 18.28
CA ILE I 2185 8.69 95.32 19.39
C ILE I 2185 10.05 95.17 20.07
N MET I 2186 11.11 94.99 19.27
CA MET I 2186 12.45 94.86 19.82
C MET I 2186 12.98 96.17 20.38
N ASN I 2187 12.32 97.29 20.12
CA ASN I 2187 12.67 98.56 20.72
C ASN I 2187 11.88 98.85 21.98
N ASN I 2188 11.01 97.94 22.40
CA ASN I 2188 10.14 98.14 23.55
C ASN I 2188 10.74 97.46 24.76
N LYS I 2189 10.76 98.17 25.89
CA LYS I 2189 11.34 97.62 27.11
C LYS I 2189 10.51 96.46 27.66
N VAL I 2190 9.21 96.45 27.41
CA VAL I 2190 8.34 95.39 27.91
C VAL I 2190 8.72 94.05 27.29
N PHE I 2191 9.15 94.06 26.03
CA PHE I 2191 9.55 92.83 25.35
C PHE I 2191 10.68 92.12 26.09
N TYR I 2192 11.53 92.87 26.79
CA TYR I 2192 12.63 92.28 27.53
C TYR I 2192 12.34 92.13 29.01
N GLN I 2193 11.51 93.00 29.59
CA GLN I 2193 11.19 92.94 31.00
C GLN I 2193 10.25 91.79 31.34
N HIS I 2194 9.35 91.43 30.42
CA HIS I 2194 8.33 90.42 30.66
C HIS I 2194 8.37 89.37 29.55
N PRO I 2195 9.39 88.51 29.55
CA PRO I 2195 9.41 87.42 28.56
C PRO I 2195 8.24 86.47 28.69
N ASN I 2196 7.74 86.26 29.91
CA ASN I 2196 6.60 85.38 30.10
C ASN I 2196 5.35 85.93 29.42
N LEU I 2197 5.15 87.24 29.50
CA LEU I 2197 4.01 87.86 28.83
C LEU I 2197 4.10 87.67 27.32
N MET I 2198 5.28 87.85 26.74
CA MET I 2198 5.45 87.64 25.31
C MET I 2198 5.16 86.20 24.94
N ARG I 2199 5.61 85.25 25.77
CA ARG I 2199 5.33 83.84 25.52
C ARG I 2199 3.83 83.55 25.61
N ALA I 2200 3.15 84.17 26.57
CA ALA I 2200 1.71 83.97 26.71
C ALA I 2200 0.95 84.51 25.50
N LEU I 2201 1.41 85.64 24.95
CA LEU I 2201 0.77 86.22 23.77
C LEU I 2201 1.00 85.40 22.51
N GLY I 2202 1.88 84.41 22.55
CA GLY I 2202 2.20 83.63 21.38
C GLY I 2202 2.91 84.44 20.30
N MET I 2203 3.75 85.38 20.71
CA MET I 2203 4.43 86.24 19.74
C MET I 2203 5.38 85.44 18.87
N HIS I 2204 6.12 84.50 19.46
CA HIS I 2204 7.06 83.70 18.69
C HIS I 2204 6.34 82.78 17.71
N GLU I 2205 5.18 82.24 18.10
CA GLU I 2205 4.41 81.43 17.17
C GLU I 2205 3.94 82.24 15.98
N THR I 2206 3.44 83.46 16.23
CA THR I 2206 2.93 84.29 15.15
C THR I 2206 4.02 84.67 14.16
N VAL I 2207 5.20 85.04 14.66
CA VAL I 2207 6.31 85.39 13.78
C VAL I 2207 6.77 84.17 12.99
N MET I 2208 6.82 83.00 13.65
CA MET I 2208 7.26 81.79 12.96
C MET I 2208 6.30 81.41 11.85
N GLU I 2209 4.99 81.52 12.10
CA GLU I 2209 4.01 81.16 11.07
C GLU I 2209 4.09 82.08 9.87
N VAL I 2210 4.34 83.36 10.08
CA VAL I 2210 4.52 84.29 8.96
C VAL I 2210 5.74 83.90 8.15
N MET I 2211 6.84 83.56 8.83
CA MET I 2211 8.07 83.22 8.13
C MET I 2211 7.91 81.98 7.26
N VAL I 2212 7.29 80.93 7.81
CA VAL I 2212 7.19 79.68 7.07
C VAL I 2212 6.25 79.80 5.89
N ASN I 2213 5.25 80.69 5.97
CA ASN I 2213 4.37 80.91 4.83
C ASN I 2213 5.15 81.48 3.65
N VAL I 2214 6.06 82.41 3.91
CA VAL I 2214 6.92 82.92 2.84
C VAL I 2214 7.87 81.82 2.36
N LEU I 2215 8.44 81.06 3.29
CA LEU I 2215 9.33 79.97 2.91
C LEU I 2215 8.56 78.85 2.20
N GLY I 2216 7.32 78.62 2.60
CA GLY I 2216 6.53 77.56 1.97
C GLY I 2216 6.31 77.83 0.49
N GLY I 2217 5.91 79.06 0.16
CA GLY I 2217 5.79 79.42 -1.24
C GLY I 2217 7.16 79.61 -1.87
N GLY I 2218 7.36 79.01 -3.04
CA GLY I 2218 8.66 79.07 -3.68
C GLY I 2218 9.75 78.39 -2.87
N GLU I 2219 9.45 77.23 -2.31
CA GLU I 2219 10.36 76.54 -1.41
C GLU I 2219 11.60 75.99 -2.11
N THR I 2220 11.63 75.95 -3.43
CA THR I 2220 12.80 75.37 -4.10
C THR I 2220 13.41 76.27 -5.16
N LYS I 2221 12.61 77.02 -5.91
CA LYS I 2221 13.15 77.78 -7.03
C LYS I 2221 13.68 79.16 -6.63
N GLU I 2222 12.99 79.86 -5.74
CA GLU I 2222 13.39 81.21 -5.36
C GLU I 2222 12.66 81.67 -4.10
N ILE I 2223 13.39 82.27 -3.18
CA ILE I 2223 12.80 82.83 -1.96
C ILE I 2223 12.70 84.33 -2.14
N ARG I 2224 11.49 84.87 -2.04
CA ARG I 2224 11.23 86.28 -2.20
C ARG I 2224 11.00 86.93 -0.83
N PHE I 2225 11.03 88.25 -0.82
CA PHE I 2225 11.03 89.05 0.39
C PHE I 2225 12.11 88.59 1.37
N PRO I 2226 13.37 88.57 0.95
CA PRO I 2226 14.43 88.09 1.85
C PRO I 2226 14.60 88.93 3.10
N LYS I 2227 14.35 90.25 3.01
CA LYS I 2227 14.52 91.11 4.17
C LYS I 2227 13.54 90.75 5.28
N MET I 2228 12.31 90.37 4.91
CA MET I 2228 11.35 89.94 5.92
C MET I 2228 11.81 88.67 6.61
N VAL I 2229 12.35 87.72 5.85
CA VAL I 2229 12.77 86.45 6.43
C VAL I 2229 13.91 86.65 7.42
N THR I 2230 14.91 87.46 7.03
CA THR I 2230 16.03 87.70 7.95
C THR I 2230 15.63 88.57 9.13
N SER I 2231 14.56 89.36 9.00
CA SER I 2231 14.07 90.13 10.14
C SER I 2231 13.36 89.22 11.14
N CYS I 2232 12.55 88.28 10.64
CA CYS I 2232 11.87 87.35 11.53
C CYS I 2232 12.89 86.42 12.20
N CYS I 2233 13.86 85.93 11.44
CA CYS I 2233 14.87 85.04 12.01
C CYS I 2233 15.70 85.74 13.07
N ARG I 2234 16.11 86.99 12.80
CA ARG I 2234 16.87 87.73 13.79
C ARG I 2234 16.04 88.00 15.04
N PHE I 2235 14.75 88.26 14.85
CA PHE I 2235 13.86 88.46 15.99
C PHE I 2235 13.80 87.21 16.87
N LEU I 2236 13.68 86.04 16.24
CA LEU I 2236 13.59 84.80 17.00
C LEU I 2236 14.90 84.47 17.70
N CYS I 2237 16.03 84.81 17.08
CA CYS I 2237 17.31 84.58 17.74
C CYS I 2237 17.45 85.41 19.01
N TYR I 2238 17.07 86.68 18.95
CA TYR I 2238 17.08 87.50 20.16
C TYR I 2238 16.01 87.05 21.15
N PHE I 2239 14.91 86.49 20.64
CA PHE I 2239 13.87 85.97 21.52
C PHE I 2239 14.41 84.83 22.39
N CYS I 2240 15.21 83.95 21.80
CA CYS I 2240 15.77 82.83 22.55
C CYS I 2240 16.75 83.30 23.63
N ARG I 2241 17.50 84.36 23.36
CA ARG I 2241 18.54 84.80 24.28
C ARG I 2241 18.00 85.59 25.47
N ILE I 2242 16.70 85.91 25.49
CA ILE I 2242 16.16 86.66 26.62
C ILE I 2242 16.09 85.78 27.87
N SER I 2243 15.60 84.55 27.73
CA SER I 2243 15.49 83.65 28.87
C SER I 2243 15.53 82.21 28.38
N ARG I 2244 15.84 81.30 29.30
CA ARG I 2244 15.86 79.88 28.96
C ARG I 2244 14.47 79.36 28.63
N GLN I 2245 13.44 79.88 29.29
CA GLN I 2245 12.08 79.48 28.99
C GLN I 2245 11.70 79.85 27.56
N ASN I 2246 12.09 81.03 27.09
CA ASN I 2246 11.90 81.37 25.69
C ASN I 2246 12.70 80.44 24.79
N GLN I 2247 13.93 80.13 25.19
CA GLN I 2247 14.75 79.22 24.39
C GLN I 2247 14.14 77.83 24.33
N ARG I 2248 13.59 77.36 25.45
CA ARG I 2248 12.92 76.06 25.45
C ARG I 2248 11.68 76.08 24.57
N SER I 2249 10.94 77.20 24.58
CA SER I 2249 9.74 77.30 23.76
C SER I 2249 10.08 77.17 22.28
N MET I 2250 11.16 77.82 21.84
CA MET I 2250 11.59 77.68 20.46
C MET I 2250 12.20 76.31 20.19
N PHE I 2251 12.66 75.61 21.23
CA PHE I 2251 13.20 74.27 21.03
C PHE I 2251 12.10 73.28 20.64
N ASP I 2252 10.86 73.55 21.05
CA ASP I 2252 9.76 72.66 20.68
C ASP I 2252 9.48 72.67 19.20
N HIS I 2253 9.92 73.70 18.47
CA HIS I 2253 9.76 73.77 17.02
C HIS I 2253 11.06 73.48 16.29
N LEU I 2254 11.99 72.76 16.93
CA LEU I 2254 13.28 72.49 16.31
C LEU I 2254 13.11 71.68 15.03
N SER I 2255 12.28 70.64 15.06
CA SER I 2255 12.02 69.87 13.85
C SER I 2255 11.30 70.72 12.81
N TYR I 2256 10.39 71.58 13.25
CA TYR I 2256 9.68 72.47 12.33
C TYR I 2256 10.64 73.43 11.65
N LEU I 2257 11.62 73.94 12.38
CA LEU I 2257 12.61 74.84 11.78
C LEU I 2257 13.54 74.09 10.84
N LEU I 2258 13.94 72.88 11.21
CA LEU I 2258 14.90 72.14 10.40
C LEU I 2258 14.34 71.79 9.03
N GLU I 2259 13.07 71.37 8.98
CA GLU I 2259 12.47 71.00 7.70
C GLU I 2259 12.32 72.20 6.77
N ASN I 2260 12.29 73.41 7.32
CA ASN I 2260 12.28 74.63 6.51
C ASN I 2260 13.66 75.21 6.31
N SER I 2261 14.70 74.58 6.86
CA SER I 2261 16.06 75.08 6.75
C SER I 2261 16.81 74.53 5.55
N GLY I 2262 16.18 73.63 4.78
CA GLY I 2262 16.84 73.09 3.60
C GLY I 2262 17.13 74.15 2.56
N ILE I 2263 16.18 75.06 2.33
CA ILE I 2263 16.36 76.14 1.36
C ILE I 2263 16.81 77.44 2.01
N GLY I 2264 16.91 77.47 3.34
CA GLY I 2264 17.38 78.68 4.02
C GLY I 2264 18.81 79.05 3.68
N LEU I 2265 19.56 78.12 3.07
CA LEU I 2265 20.93 78.42 2.66
C LEU I 2265 20.97 79.55 1.64
N GLY I 2266 19.90 79.67 0.82
CA GLY I 2266 19.87 80.71 -0.18
C GLY I 2266 19.89 82.11 0.42
N MET I 2267 19.08 82.34 1.43
CA MET I 2267 19.11 83.61 2.14
C MET I 2267 20.36 83.70 3.01
N GLN I 2268 20.95 84.89 3.05
CA GLN I 2268 22.16 85.14 3.83
CA GLN I 2268 22.16 85.14 3.83
C GLN I 2268 21.86 86.14 4.94
N GLY I 2269 22.51 85.94 6.08
CA GLY I 2269 22.26 86.76 7.25
C GLY I 2269 21.76 85.93 8.41
N SER I 2270 20.50 86.13 8.80
CA SER I 2270 19.85 85.30 9.81
C SER I 2270 18.87 84.37 9.11
N THR I 2271 19.02 83.08 9.36
CA THR I 2271 18.27 82.05 8.65
C THR I 2271 17.54 81.15 9.65
N PRO I 2272 16.53 80.39 9.22
CA PRO I 2272 15.87 79.46 10.15
C PRO I 2272 16.84 78.48 10.78
N LEU I 2273 17.91 78.10 10.06
CA LEU I 2273 18.92 77.24 10.66
C LEU I 2273 19.63 77.96 11.81
N ASP I 2274 19.85 79.27 11.67
CA ASP I 2274 20.44 80.04 12.76
C ASP I 2274 19.50 80.08 13.96
N VAL I 2275 18.20 80.18 13.72
CA VAL I 2275 17.23 80.17 14.81
C VAL I 2275 17.28 78.83 15.55
N ALA I 2276 17.37 77.74 14.80
CA ALA I 2276 17.49 76.43 15.42
C ALA I 2276 18.76 76.32 16.24
N ALA I 2277 19.87 76.84 15.72
CA ALA I 2277 21.13 76.85 16.47
C ALA I 2277 21.02 77.72 17.72
N ALA I 2278 20.34 78.86 17.60
CA ALA I 2278 20.19 79.76 18.75
C ALA I 2278 19.30 79.17 19.84
N SER I 2279 18.53 78.14 19.53
CA SER I 2279 17.63 77.53 20.48
C SER I 2279 18.26 76.42 21.30
N VAL I 2280 19.52 76.07 21.03
CA VAL I 2280 20.23 75.04 21.76
C VAL I 2280 21.61 75.49 22.23
N ILE I 2281 22.00 76.73 21.97
CA ILE I 2281 23.35 77.17 22.28
C ILE I 2281 23.49 77.40 23.78
N ASP I 2282 24.55 76.83 24.36
CA ASP I 2282 24.89 77.02 25.77
C ASP I 2282 23.74 76.62 26.69
N ASN I 2283 23.09 75.50 26.37
CA ASN I 2283 22.00 74.96 27.18
C ASN I 2283 22.15 73.45 27.20
N ASN I 2284 22.66 72.92 28.31
CA ASN I 2284 22.86 71.47 28.41
C ASN I 2284 21.53 70.73 28.44
N GLU I 2285 20.52 71.31 29.08
CA GLU I 2285 19.22 70.63 29.18
C GLU I 2285 18.61 70.41 27.81
N LEU I 2286 18.67 71.42 26.94
CA LEU I 2286 18.13 71.28 25.59
C LEU I 2286 19.04 70.46 24.70
N ALA I 2287 20.35 70.52 24.91
CA ALA I 2287 21.27 69.70 24.13
C ALA I 2287 21.05 68.22 24.41
N LEU I 2288 20.85 67.86 25.69
CA LEU I 2288 20.59 66.46 26.02
C LEU I 2288 19.20 66.02 25.62
N ALA I 2289 18.28 66.96 25.40
CA ALA I 2289 16.94 66.64 24.95
C ALA I 2289 16.80 66.64 23.43
N LEU I 2290 17.90 66.84 22.71
CA LEU I 2290 17.88 66.87 21.26
C LEU I 2290 17.66 65.47 20.72
N GLN I 2291 16.56 65.27 19.99
CA GLN I 2291 16.23 63.97 19.46
C GLN I 2291 17.20 63.58 18.35
N GLU I 2292 17.38 62.26 18.18
CA GLU I 2292 18.27 61.77 17.13
C GLU I 2292 17.72 62.05 15.74
N GLN I 2293 16.39 62.07 15.59
CA GLN I 2293 15.79 62.32 14.28
C GLN I 2293 16.17 63.70 13.76
N ASP I 2294 16.24 64.70 14.65
CA ASP I 2294 16.65 66.03 14.24
C ASP I 2294 18.09 66.03 13.74
N LEU I 2295 18.99 65.32 14.43
CA LEU I 2295 20.37 65.21 13.98
C LEU I 2295 20.45 64.45 12.66
N GLU I 2296 19.65 63.38 12.53
CA GLU I 2296 19.62 62.64 11.27
C GLU I 2296 19.13 63.53 10.13
N LYS I 2297 18.18 64.41 10.42
CA LYS I 2297 17.68 65.32 9.39
C LYS I 2297 18.78 66.26 8.92
N VAL I 2298 19.60 66.77 9.84
CA VAL I 2298 20.66 67.69 9.47
C VAL I 2298 21.74 66.97 8.66
N VAL I 2299 22.12 65.77 9.09
CA VAL I 2299 23.15 65.02 8.38
C VAL I 2299 22.68 64.65 6.99
N SER I 2300 21.39 64.35 6.83
CA SER I 2300 20.85 64.10 5.50
C SER I 2300 20.97 65.35 4.62
N TYR I 2301 20.72 66.53 5.20
CA TYR I 2301 20.96 67.77 4.47
C TYR I 2301 22.44 67.93 4.14
N LEU I 2302 23.31 67.61 5.10
CA LEU I 2302 24.75 67.73 4.87
C LEU I 2302 25.21 66.76 3.78
N ALA I 2303 24.64 65.55 3.76
CA ALA I 2303 24.99 64.59 2.73
C ALA I 2303 24.62 65.10 1.34
N GLY I 2304 23.46 65.75 1.22
CA GLY I 2304 23.06 66.28 -0.07
C GLY I 2304 23.98 67.38 -0.56
N CYS I 2305 24.45 68.23 0.35
CA CYS I 2305 25.37 69.30 -0.04
C CYS I 2305 26.70 68.74 -0.52
N GLY I 2306 27.08 67.55 -0.07
CA GLY I 2306 28.31 66.92 -0.49
C GLY I 2306 28.23 66.15 -1.78
N LEU I 2307 27.08 66.13 -2.45
CA LEU I 2307 26.90 65.39 -3.68
C LEU I 2307 26.40 66.22 -4.85
N GLN I 2308 25.85 67.41 -4.62
CA GLN I 2308 25.31 68.23 -5.68
C GLN I 2308 25.81 69.66 -5.52
N SER I 2309 25.97 70.34 -6.66
CA SER I 2309 26.32 71.75 -6.67
C SER I 2309 25.13 72.59 -6.25
N CYS I 2310 25.42 73.81 -5.81
CA CYS I 2310 24.35 74.73 -5.45
C CYS I 2310 23.62 75.19 -6.70
N PRO I 2311 22.30 74.96 -6.81
CA PRO I 2311 21.59 75.39 -8.02
C PRO I 2311 21.62 76.90 -8.22
N MET I 2312 21.63 77.68 -7.14
CA MET I 2312 21.69 79.13 -7.30
C MET I 2312 23.04 79.57 -7.85
N LEU I 2313 24.13 78.94 -7.39
CA LEU I 2313 25.45 79.31 -7.88
C LEU I 2313 25.61 78.94 -9.36
N LEU I 2314 25.08 77.78 -9.76
CA LEU I 2314 25.18 77.37 -11.16
C LEU I 2314 24.44 78.34 -12.07
N ALA I 2315 23.28 78.83 -11.63
CA ALA I 2315 22.53 79.81 -12.41
C ALA I 2315 23.24 81.15 -12.50
N LYS I 2316 24.27 81.38 -11.69
CA LYS I 2316 25.03 82.62 -11.70
C LYS I 2316 26.37 82.48 -12.42
N GLY I 2317 26.53 81.42 -13.22
CA GLY I 2317 27.73 81.23 -14.00
C GLY I 2317 28.90 80.63 -13.27
N TYR I 2318 28.72 80.16 -12.04
CA TYR I 2318 29.81 79.56 -11.30
C TYR I 2318 30.22 78.22 -11.92
N PRO I 2319 31.50 77.88 -11.85
CA PRO I 2319 31.94 76.57 -12.33
C PRO I 2319 31.30 75.46 -11.49
N ASP I 2320 31.03 74.33 -12.16
CA ASP I 2320 30.28 73.24 -11.56
C ASP I 2320 31.25 72.26 -10.89
N ILE I 2321 31.47 72.47 -9.60
CA ILE I 2321 32.09 71.45 -8.76
C ILE I 2321 30.98 70.55 -8.22
N GLY I 2322 31.29 69.27 -8.04
CA GLY I 2322 30.26 68.30 -7.75
C GLY I 2322 29.73 68.29 -6.34
N TRP I 2323 29.78 69.42 -5.65
CA TRP I 2323 29.28 69.51 -4.29
C TRP I 2323 29.06 70.98 -3.95
N ASN I 2324 28.52 71.22 -2.75
CA ASN I 2324 28.10 72.55 -2.31
C ASN I 2324 28.80 72.87 -0.99
N PRO I 2325 30.04 73.35 -1.04
CA PRO I 2325 30.74 73.69 0.21
C PRO I 2325 30.04 74.77 1.03
N CYS I 2326 29.39 75.73 0.37
CA CYS I 2326 28.73 76.81 1.09
C CYS I 2326 27.57 76.30 1.91
N GLY I 2327 26.70 75.47 1.31
CA GLY I 2327 25.59 74.93 2.05
C GLY I 2327 26.01 73.97 3.14
N GLY I 2328 27.03 73.16 2.87
CA GLY I 2328 27.49 72.19 3.85
C GLY I 2328 28.06 72.83 5.10
N GLU I 2329 28.74 73.97 4.95
CA GLU I 2329 29.31 74.65 6.11
C GLU I 2329 28.23 75.12 7.07
N ARG I 2330 27.11 75.59 6.53
CA ARG I 2330 26.03 76.09 7.37
C ARG I 2330 25.45 74.98 8.24
N TYR I 2331 25.31 73.77 7.69
CA TYR I 2331 24.85 72.65 8.51
C TYR I 2331 25.91 72.18 9.49
N LEU I 2332 27.19 72.34 9.14
CA LEU I 2332 28.26 71.91 10.03
C LEU I 2332 28.28 72.72 11.32
N ASP I 2333 28.06 74.03 11.23
CA ASP I 2333 28.12 74.85 12.44
C ASP I 2333 26.92 74.60 13.34
N PHE I 2334 25.78 74.18 12.79
CA PHE I 2334 24.66 73.80 13.64
C PHE I 2334 25.01 72.59 14.48
N LEU I 2335 25.63 71.57 13.87
CA LEU I 2335 26.07 70.41 14.63
C LEU I 2335 27.15 70.78 15.63
N ARG I 2336 27.92 71.84 15.33
CA ARG I 2336 28.94 72.30 16.27
C ARG I 2336 28.31 72.76 17.58
N PHE I 2337 27.18 73.47 17.51
CA PHE I 2337 26.49 73.91 18.71
C PHE I 2337 25.74 72.77 19.41
N ALA I 2338 25.37 71.72 18.67
CA ALA I 2338 24.63 70.61 19.27
C ALA I 2338 25.51 69.70 20.10
N VAL I 2339 26.81 69.62 19.79
CA VAL I 2339 27.70 68.69 20.45
C VAL I 2339 28.66 69.35 21.43
N PHE I 2340 28.76 70.68 21.41
CA PHE I 2340 29.71 71.40 22.25
C PHE I 2340 28.96 72.50 23.00
N VAL I 2341 28.83 72.34 24.31
CA VAL I 2341 28.08 73.27 25.15
C VAL I 2341 28.96 73.71 26.31
N ASN I 2342 29.08 75.02 26.50
CA ASN I 2342 29.78 75.61 27.65
C ASN I 2342 31.21 75.11 27.78
N GLY I 2343 31.87 74.92 26.64
CA GLY I 2343 33.26 74.53 26.62
C GLY I 2343 33.52 73.05 26.82
N GLU I 2344 32.48 72.23 26.94
CA GLU I 2344 32.64 70.78 27.07
C GLU I 2344 31.85 70.08 25.99
N SER I 2345 32.31 68.89 25.63
CA SER I 2345 31.66 68.10 24.60
C SER I 2345 30.53 67.26 25.20
N VAL I 2346 29.35 67.34 24.59
CA VAL I 2346 28.21 66.52 25.00
C VAL I 2346 28.39 65.15 24.35
N GLU I 2347 28.78 64.16 25.14
CA GLU I 2347 29.11 62.85 24.57
C GLU I 2347 27.90 62.16 23.97
N GLU I 2348 26.71 62.40 24.52
CA GLU I 2348 25.51 61.79 23.96
C GLU I 2348 25.27 62.27 22.54
N ASN I 2349 25.40 63.57 22.30
CA ASN I 2349 25.23 64.10 20.95
C ASN I 2349 26.46 63.84 20.08
N ALA I 2350 27.65 63.89 20.67
CA ALA I 2350 28.88 63.71 19.90
C ALA I 2350 28.95 62.31 19.30
N ASN I 2351 28.59 61.29 20.08
CA ASN I 2351 28.65 59.92 19.58
C ASN I 2351 27.66 59.71 18.44
N VAL I 2352 26.45 60.27 18.57
CA VAL I 2352 25.44 60.11 17.53
C VAL I 2352 25.89 60.78 16.23
N VAL I 2353 26.42 62.00 16.34
CA VAL I 2353 26.83 62.74 15.15
C VAL I 2353 27.94 62.02 14.41
N VAL I 2354 28.94 61.52 15.15
CA VAL I 2354 30.06 60.81 14.51
C VAL I 2354 29.56 59.56 13.81
N ARG I 2355 28.69 58.79 14.47
CA ARG I 2355 28.15 57.58 13.85
C ARG I 2355 27.29 57.91 12.64
N LEU I 2356 26.50 58.98 12.72
CA LEU I 2356 25.71 59.41 11.56
C LEU I 2356 26.60 59.84 10.41
N LEU I 2357 27.69 60.56 10.71
CA LEU I 2357 28.57 61.05 9.67
C LEU I 2357 29.26 59.91 8.94
N ILE I 2358 29.74 58.89 9.66
CA ILE I 2358 30.46 57.80 9.01
C ILE I 2358 29.53 56.90 8.22
N ARG I 2359 28.25 56.83 8.60
CA ARG I 2359 27.30 56.05 7.82
C ARG I 2359 26.99 56.71 6.48
N LYS I 2360 27.25 57.99 6.34
CA LYS I 2360 27.12 58.72 5.07
C LYS I 2360 28.43 59.44 4.82
N PRO I 2361 29.44 58.72 4.29
CA PRO I 2361 30.77 59.31 4.16
C PRO I 2361 30.85 60.50 3.22
N GLU I 2362 29.84 60.70 2.36
CA GLU I 2362 29.85 61.86 1.47
C GLU I 2362 29.72 63.18 2.23
N CYS I 2363 29.35 63.14 3.51
CA CYS I 2363 29.32 64.35 4.33
C CYS I 2363 30.71 64.93 4.56
N PHE I 2364 31.77 64.18 4.31
CA PHE I 2364 33.13 64.65 4.51
C PHE I 2364 33.69 65.39 3.30
N GLY I 2365 32.93 65.52 2.23
CA GLY I 2365 33.39 66.22 1.05
C GLY I 2365 34.11 65.29 0.09
N PRO I 2366 34.49 65.83 -1.08
CA PRO I 2366 35.26 65.00 -2.04
C PRO I 2366 36.57 64.51 -1.48
N ALA I 2367 37.24 65.29 -0.64
CA ALA I 2367 38.36 64.77 0.11
C ALA I 2367 37.85 63.92 1.28
N LEU I 2368 38.76 63.10 1.83
CA LEU I 2368 38.41 62.13 2.86
C LEU I 2368 37.34 61.16 2.37
N ARG I 2369 37.32 60.91 1.06
CA ARG I 2369 36.36 60.01 0.45
CA ARG I 2369 36.36 60.01 0.46
C ARG I 2369 36.79 58.55 0.53
N GLY I 2370 38.04 58.28 0.88
CA GLY I 2370 38.53 56.91 0.89
C GLY I 2370 39.20 56.56 -0.41
N GLU I 2371 38.47 55.89 -1.30
CA GLU I 2371 39.02 55.52 -2.60
C GLU I 2371 38.97 56.71 -3.54
N GLY I 2372 40.07 56.94 -4.26
CA GLY I 2372 40.13 58.02 -5.22
C GLY I 2372 39.99 59.40 -4.63
N GLY I 2373 40.16 59.54 -3.32
CA GLY I 2373 40.00 60.83 -2.67
C GLY I 2373 41.30 61.37 -2.10
N SER I 2374 41.64 62.59 -2.48
CA SER I 2374 42.84 63.22 -1.95
C SER I 2374 42.67 63.52 -0.46
N GLY I 2375 43.81 63.68 0.22
CA GLY I 2375 43.78 63.93 1.64
C GLY I 2375 43.31 65.32 1.98
N LEU I 2376 43.22 65.58 3.29
CA LEU I 2376 42.81 66.89 3.75
C LEU I 2376 43.80 67.97 3.34
N LEU I 2377 45.11 67.67 3.45
CA LEU I 2377 46.13 68.64 3.07
C LEU I 2377 46.09 68.93 1.58
N ALA I 2378 45.90 67.90 0.75
CA ALA I 2378 45.85 68.10 -0.70
C ALA I 2378 44.64 68.95 -1.09
N ALA I 2379 43.51 68.74 -0.43
CA ALA I 2379 42.32 69.52 -0.75
C ALA I 2379 42.52 71.00 -0.45
N ILE I 2380 43.14 71.32 0.69
CA ILE I 2380 43.40 72.71 1.03
C ILE I 2380 44.37 73.34 0.05
N GLU I 2381 45.43 72.61 -0.31
CA GLU I 2381 46.37 73.12 -1.30
C GLU I 2381 45.69 73.33 -2.65
N GLU I 2382 44.82 72.40 -3.04
CA GLU I 2382 44.06 72.58 -4.27
C GLU I 2382 43.16 73.81 -4.19
N ALA I 2383 42.53 74.03 -3.04
CA ALA I 2383 41.66 75.19 -2.88
C ALA I 2383 42.43 76.49 -3.00
N ILE I 2384 43.67 76.52 -2.50
CA ILE I 2384 44.49 77.72 -2.60
C ILE I 2384 44.78 78.03 -4.06
N ARG I 2385 45.10 77.01 -4.85
CA ARG I 2385 45.34 77.22 -6.28
C ARG I 2385 44.06 77.68 -6.98
N ILE I 2386 42.91 77.17 -6.55
CA ILE I 2386 41.64 77.65 -7.10
C ILE I 2386 41.43 79.12 -6.76
N SER I 2387 41.74 79.51 -5.53
CA SER I 2387 41.53 80.89 -5.12
C SER I 2387 42.43 81.84 -5.91
N GLU I 2388 43.67 81.44 -6.17
CA GLU I 2388 44.58 82.30 -6.92
C GLU I 2388 44.23 82.40 -8.40
N ASP I 2389 43.45 81.46 -8.92
CA ASP I 2389 43.15 81.42 -10.34
C ASP I 2389 41.69 81.76 -10.59
N PRO I 2390 41.38 82.87 -11.25
CA PRO I 2390 39.99 83.14 -11.64
C PRO I 2390 39.54 82.17 -12.72
N ALA I 2391 38.25 82.29 -13.09
CA ALA I 2391 37.60 81.42 -14.06
C ALA I 2391 37.48 79.99 -13.53
N ARG I 2392 37.97 79.77 -12.31
CA ARG I 2392 37.78 78.52 -11.60
C ARG I 2392 37.35 78.74 -10.16
N ASP I 2393 37.47 79.96 -9.63
CA ASP I 2393 37.02 80.30 -8.29
C ASP I 2393 35.68 81.02 -8.28
N GLY I 2394 35.30 81.67 -9.38
CA GLY I 2394 34.05 82.38 -9.47
C GLY I 2394 33.47 82.34 -10.86
N PRO I 2395 32.39 83.11 -11.08
CA PRO I 2395 31.75 83.11 -12.40
C PRO I 2395 32.67 83.58 -13.52
N GLY I 2396 33.59 84.48 -13.23
CA GLY I 2396 34.49 84.99 -14.25
C GLY I 2396 33.80 85.73 -15.37
N VAL I 2397 32.88 86.64 -15.00
CA VAL I 2397 32.12 87.40 -15.98
C VAL I 2397 33.03 88.32 -16.78
N PRO I 2410 32.84 93.34 -2.79
CA PRO I 2410 32.65 92.26 -3.77
C PRO I 2410 31.83 92.71 -4.97
N PRO I 2411 32.06 92.08 -6.13
CA PRO I 2411 31.28 92.45 -7.32
C PRO I 2411 29.78 92.33 -7.12
N GLU I 2412 29.34 91.29 -6.40
CA GLU I 2412 27.93 91.08 -6.10
C GLU I 2412 27.61 91.46 -4.66
N GLU I 2413 28.59 92.07 -3.98
CA GLU I 2413 28.48 92.60 -2.62
C GLU I 2413 28.46 91.45 -1.60
N ASN I 2414 28.29 90.23 -2.06
CA ASN I 2414 28.47 89.02 -1.25
C ASN I 2414 29.06 87.94 -2.15
N ARG I 2415 30.02 88.32 -3.00
CA ARG I 2415 30.58 87.40 -3.97
C ARG I 2415 31.16 86.16 -3.28
N VAL I 2416 30.77 85.00 -3.77
CA VAL I 2416 31.21 83.72 -3.21
C VAL I 2416 32.45 83.27 -3.95
N HIS I 2417 33.50 82.96 -3.21
CA HIS I 2417 34.73 82.45 -3.78
C HIS I 2417 34.85 80.97 -3.45
N LEU I 2418 34.90 80.14 -4.48
CA LEU I 2418 34.91 78.69 -4.27
C LEU I 2418 36.15 78.24 -3.52
N GLY I 2419 37.29 78.87 -3.81
CA GLY I 2419 38.50 78.51 -3.09
C GLY I 2419 38.36 78.73 -1.59
N HIS I 2420 37.84 79.89 -1.20
CA HIS I 2420 37.61 80.15 0.21
C HIS I 2420 36.50 79.28 0.77
N ALA I 2421 35.47 79.02 -0.05
CA ALA I 2421 34.36 78.19 0.41
C ALA I 2421 34.81 76.77 0.72
N ILE I 2422 35.69 76.21 -0.11
CA ILE I 2422 36.18 74.86 0.11
C ILE I 2422 36.97 74.79 1.41
N MET I 2423 37.85 75.76 1.66
CA MET I 2423 38.62 75.77 2.90
C MET I 2423 37.71 75.93 4.10
N SER I 2424 36.69 76.78 3.98
CA SER I 2424 35.77 77.01 5.09
C SER I 2424 35.00 75.75 5.44
N PHE I 2425 34.61 74.96 4.44
CA PHE I 2425 33.89 73.71 4.71
C PHE I 2425 34.75 72.74 5.51
N TYR I 2426 35.98 72.49 5.05
CA TYR I 2426 36.85 71.54 5.75
C TYR I 2426 37.24 72.07 7.12
N ALA I 2427 37.47 73.38 7.24
CA ALA I 2427 37.73 73.96 8.55
C ALA I 2427 36.56 73.76 9.49
N ALA I 2428 35.34 73.96 8.98
CA ALA I 2428 34.15 73.69 9.78
C ALA I 2428 34.03 72.21 10.11
N LEU I 2429 34.33 71.35 9.13
CA LEU I 2429 34.26 69.91 9.37
C LEU I 2429 35.29 69.47 10.41
N ILE I 2430 36.52 69.97 10.31
CA ILE I 2430 37.55 69.62 11.29
C ILE I 2430 37.20 70.19 12.65
N ASP I 2431 36.62 71.38 12.69
CA ASP I 2431 36.18 71.96 13.95
C ASP I 2431 35.10 71.11 14.60
N LEU I 2432 34.14 70.63 13.80
CA LEU I 2432 33.08 69.80 14.34
C LEU I 2432 33.62 68.48 14.89
N LEU I 2433 34.52 67.83 14.13
CA LEU I 2433 35.09 66.57 14.60
C LEU I 2433 35.95 66.78 15.84
N GLY I 2434 36.67 67.89 15.91
CA GLY I 2434 37.46 68.18 17.08
C GLY I 2434 36.61 68.36 18.34
N ARG I 2435 35.46 69.02 18.19
CA ARG I 2435 34.58 69.22 19.34
C ARG I 2435 33.83 67.95 19.70
N CYS I 2436 33.78 66.97 18.81
CA CYS I 2436 33.18 65.68 19.13
C CYS I 2436 34.14 64.77 19.88
N ALA I 2437 35.39 65.16 20.03
CA ALA I 2437 36.36 64.32 20.73
C ALA I 2437 36.00 64.23 22.21
N PRO I 2438 36.20 63.07 22.82
CA PRO I 2438 35.87 62.92 24.24
C PRO I 2438 36.76 63.78 25.13
N GLU I 2439 36.22 64.14 26.29
CA GLU I 2439 36.99 64.91 27.26
C GLU I 2439 38.10 64.05 27.84
N MET I 2440 39.11 64.73 28.41
CA MET I 2440 40.28 64.02 28.92
C MET I 2440 39.92 63.11 30.08
N HIS I 2441 39.01 63.54 30.95
CA HIS I 2441 38.64 62.73 32.11
C HIS I 2441 37.98 61.42 31.71
N LEU I 2442 37.31 61.37 30.55
CA LEU I 2442 36.76 60.11 30.08
C LEU I 2442 37.87 59.20 29.54
N ILE I 2443 38.83 59.77 28.82
CA ILE I 2443 39.94 58.97 28.31
C ILE I 2443 40.78 58.44 29.46
N GLN I 2444 41.06 59.28 30.46
CA GLN I 2444 41.83 58.83 31.62
C GLN I 2444 41.07 57.76 32.41
N ALA I 2445 39.74 57.84 32.44
CA ALA I 2445 38.94 56.81 33.09
C ALA I 2445 38.91 55.51 32.31
N GLY I 2446 39.42 55.50 31.08
CA GLY I 2446 39.46 54.28 30.30
C GLY I 2446 38.12 53.82 29.77
N LYS I 2447 37.17 54.73 29.59
CA LYS I 2447 35.87 54.35 29.06
C LYS I 2447 36.02 53.82 27.63
N GLY I 2448 35.37 52.68 27.38
CA GLY I 2448 35.52 52.04 26.08
C GLY I 2448 34.92 52.85 24.94
N GLU I 2449 33.75 53.44 25.17
CA GLU I 2449 33.10 54.23 24.13
C GLU I 2449 33.93 55.46 23.78
N ALA I 2450 34.51 56.12 24.78
CA ALA I 2450 35.32 57.31 24.52
C ALA I 2450 36.56 56.96 23.71
N LEU I 2451 37.23 55.85 24.04
CA LEU I 2451 38.42 55.46 23.31
C LEU I 2451 38.09 55.10 21.86
N ARG I 2452 36.96 54.43 21.65
CA ARG I 2452 36.57 54.06 20.28
C ARG I 2452 36.32 55.30 19.43
N ILE I 2453 35.64 56.31 20.00
CA ILE I 2453 35.35 57.52 19.23
C ILE I 2453 36.63 58.24 18.84
N ARG I 2454 37.57 58.38 19.78
CA ARG I 2454 38.82 59.05 19.47
C ARG I 2454 39.61 58.30 18.41
N ALA I 2455 39.58 56.96 18.46
CA ALA I 2455 40.27 56.18 17.44
C ALA I 2455 39.66 56.41 16.06
N ILE I 2456 38.34 56.52 15.98
CA ILE I 2456 37.70 56.80 14.70
C ILE I 2456 38.09 58.17 14.19
N LEU I 2457 38.11 59.18 15.07
CA LEU I 2457 38.49 60.52 14.66
C LEU I 2457 39.93 60.57 14.17
N ARG I 2458 40.83 59.86 14.86
CA ARG I 2458 42.22 59.83 14.43
C ARG I 2458 42.36 59.18 13.06
N SER I 2459 41.57 58.14 12.79
CA SER I 2459 41.62 57.48 11.49
C SER I 2459 41.16 58.42 10.38
N LEU I 2460 40.13 59.23 10.64
CA LEU I 2460 39.62 60.14 9.62
C LEU I 2460 40.63 61.22 9.27
N VAL I 2461 41.24 61.84 10.27
CA VAL I 2461 42.17 62.95 10.05
C VAL I 2461 43.56 62.56 10.51
N PRO I 2462 44.49 62.28 9.60
CA PRO I 2462 45.85 61.95 10.02
C PRO I 2462 46.56 63.16 10.61
N LEU I 2463 47.51 62.88 11.49
CA LEU I 2463 48.21 63.95 12.20
C LEU I 2463 49.09 64.77 11.26
N ASP I 2464 49.69 64.12 10.26
CA ASP I 2464 50.58 64.83 9.35
C ASP I 2464 49.84 65.87 8.54
N ASP I 2465 48.60 65.57 8.14
CA ASP I 2465 47.79 66.54 7.40
C ASP I 2465 47.49 67.77 8.26
N LEU I 2466 47.24 67.57 9.55
CA LEU I 2466 47.01 68.71 10.43
C LEU I 2466 48.23 69.62 10.49
N VAL I 2467 49.42 69.02 10.62
CA VAL I 2467 50.64 69.82 10.69
C VAL I 2467 50.90 70.51 9.36
N GLY I 2468 50.61 69.82 8.25
CA GLY I 2468 50.82 70.42 6.94
C GLY I 2468 49.97 71.65 6.71
N ILE I 2469 48.70 71.59 7.12
CA ILE I 2469 47.82 72.75 6.96
C ILE I 2469 48.28 73.90 7.84
N ILE I 2470 48.66 73.60 9.08
CA ILE I 2470 49.17 74.64 9.98
C ILE I 2470 50.45 75.26 9.43
N SER I 2471 51.28 74.44 8.78
CA SER I 2471 52.54 74.92 8.22
C SER I 2471 52.37 75.69 6.92
N LEU I 2472 51.16 75.74 6.37
CA LEU I 2472 50.95 76.44 5.10
C LEU I 2472 51.21 77.93 5.28
N PRO I 2473 51.87 78.57 4.32
CA PRO I 2473 52.13 80.00 4.43
C PRO I 2473 50.85 80.82 4.35
N LEU I 2474 50.87 81.96 5.04
CA LEU I 2474 49.77 82.92 5.03
C LEU I 2474 50.23 84.20 4.33
N GLN I 2475 49.39 84.71 3.46
CA GLN I 2475 49.71 85.95 2.76
C GLN I 2475 49.69 87.12 3.75
N ILE I 2476 50.74 87.92 3.72
CA ILE I 2476 50.97 88.98 4.70
C ILE I 2476 50.82 90.32 4.00
N PRO I 2477 50.10 91.28 4.58
CA PRO I 2477 50.00 92.60 3.95
C PRO I 2477 51.35 93.28 3.84
N THR I 2478 51.79 93.50 2.60
CA THR I 2478 53.08 94.10 2.30
C THR I 2478 52.88 95.51 1.76
N LEU I 2479 53.99 96.17 1.42
CA LEU I 2479 53.98 97.53 0.93
C LEU I 2479 54.75 97.60 -0.39
N GLY I 2480 54.29 98.45 -1.29
CA GLY I 2480 54.97 98.62 -2.56
C GLY I 2480 54.12 99.43 -3.52
N LYS I 2481 54.74 99.78 -4.65
CA LYS I 2481 54.09 100.49 -5.75
C LYS I 2481 53.48 101.81 -5.25
N ASP I 2482 54.39 102.68 -4.80
CA ASP I 2482 54.18 104.01 -4.22
C ASP I 2482 53.87 103.92 -2.73
N GLY I 2483 53.80 102.72 -2.16
CA GLY I 2483 53.51 102.58 -0.75
C GLY I 2483 52.09 102.20 -0.42
N ALA I 2484 51.29 101.80 -1.40
CA ALA I 2484 49.96 101.28 -1.11
C ALA I 2484 50.07 99.89 -0.49
N LEU I 2485 49.19 99.61 0.46
CA LEU I 2485 49.18 98.32 1.15
C LEU I 2485 48.58 97.27 0.24
N VAL I 2486 49.35 96.23 -0.06
CA VAL I 2486 48.90 95.09 -0.85
C VAL I 2486 48.34 94.07 0.13
N GLN I 2487 47.04 94.11 0.36
CA GLN I 2487 46.41 93.26 1.35
C GLN I 2487 45.64 92.12 0.70
N PRO I 2488 45.62 90.94 1.31
CA PRO I 2488 44.78 89.86 0.80
C PRO I 2488 43.31 90.16 1.05
N LYS I 2489 42.45 89.59 0.21
CA LYS I 2489 41.02 89.65 0.41
C LYS I 2489 40.62 88.49 1.31
N MET I 2490 40.20 88.80 2.54
CA MET I 2490 39.96 87.75 3.53
C MET I 2490 38.81 86.84 3.13
N SER I 2491 37.92 87.29 2.24
CA SER I 2491 36.81 86.46 1.78
C SER I 2491 37.19 85.58 0.60
N ALA I 2492 38.43 85.65 0.12
CA ALA I 2492 38.83 84.88 -1.05
C ALA I 2492 40.22 84.25 -0.90
N SER I 2493 40.67 83.99 0.32
CA SER I 2493 42.02 83.50 0.53
C SER I 2493 42.08 82.67 1.80
N PHE I 2494 43.19 81.97 1.96
CA PHE I 2494 43.44 81.19 3.17
C PHE I 2494 43.60 82.14 4.35
N VAL I 2495 42.88 81.86 5.43
CA VAL I 2495 42.83 82.79 6.57
C VAL I 2495 43.23 82.04 7.82
N PRO I 2496 43.70 82.77 8.85
CA PRO I 2496 44.08 82.10 10.10
C PRO I 2496 42.94 81.35 10.77
N ASP I 2497 41.69 81.74 10.51
CA ASP I 2497 40.55 81.02 11.08
C ASP I 2497 40.53 79.57 10.60
N HIS I 2498 40.97 79.32 9.37
CA HIS I 2498 41.08 77.95 8.90
C HIS I 2498 42.10 77.16 9.70
N LYS I 2499 43.22 77.80 10.05
CA LYS I 2499 44.23 77.13 10.87
C LYS I 2499 43.74 76.91 12.30
N ALA I 2500 42.87 77.79 12.80
CA ALA I 2500 42.41 77.67 14.18
C ALA I 2500 41.64 76.38 14.39
N SER I 2501 40.85 75.97 13.39
CA SER I 2501 40.11 74.72 13.50
C SER I 2501 41.05 73.52 13.58
N MET I 2502 42.14 73.55 12.81
CA MET I 2502 43.10 72.46 12.84
C MET I 2502 43.77 72.34 14.21
N VAL I 2503 44.08 73.49 14.83
CA VAL I 2503 44.71 73.47 16.14
C VAL I 2503 43.78 72.85 17.17
N LEU I 2504 42.48 73.17 17.08
CA LEU I 2504 41.51 72.61 18.03
C LEU I 2504 41.44 71.09 17.90
N PHE I 2505 41.43 70.57 16.67
CA PHE I 2505 41.43 69.13 16.46
C PHE I 2505 42.71 68.50 17.00
N LEU I 2506 43.86 69.13 16.75
CA LEU I 2506 45.12 68.59 17.21
C LEU I 2506 45.18 68.51 18.72
N ASP I 2507 44.71 69.55 19.40
CA ASP I 2507 44.73 69.55 20.86
C ASP I 2507 43.79 68.51 21.44
N ARG I 2508 42.54 68.50 20.98
CA ARG I 2508 41.53 67.64 21.59
C ARG I 2508 41.67 66.18 21.18
N VAL I 2509 42.01 65.91 19.93
CA VAL I 2509 42.05 64.53 19.45
C VAL I 2509 43.42 63.91 19.67
N TYR I 2510 44.48 64.55 19.19
CA TYR I 2510 45.83 64.02 19.33
C TYR I 2510 46.52 64.54 20.58
N GLY I 2511 46.58 65.85 20.75
CA GLY I 2511 47.27 66.45 21.85
C GLY I 2511 48.77 66.49 21.65
N ILE I 2512 49.45 67.19 22.55
CA ILE I 2512 50.90 67.31 22.54
C ILE I 2512 51.40 66.68 23.83
N GLU I 2513 51.98 65.48 23.72
CA GLU I 2513 52.39 64.71 24.88
C GLU I 2513 53.90 64.60 25.03
N ASN I 2514 54.66 64.84 23.97
CA ASN I 2514 56.11 64.71 24.01
C ASN I 2514 56.78 66.00 23.55
N GLN I 2515 57.97 66.24 24.09
CA GLN I 2515 58.68 67.49 23.81
C GLN I 2515 59.09 67.59 22.35
N ASP I 2516 59.57 66.49 21.76
CA ASP I 2516 60.09 66.54 20.39
C ASP I 2516 58.99 66.92 19.40
N PHE I 2517 57.78 66.38 19.57
CA PHE I 2517 56.68 66.75 18.71
C PHE I 2517 56.31 68.22 18.90
N LEU I 2518 56.35 68.70 20.13
CA LEU I 2518 56.03 70.11 20.39
C LEU I 2518 56.99 71.03 19.67
N LEU I 2519 58.28 70.73 19.70
CA LEU I 2519 59.27 71.54 18.99
C LEU I 2519 59.05 71.48 17.48
N HIS I 2520 58.66 70.30 16.98
CA HIS I 2520 58.43 70.16 15.54
C HIS I 2520 57.25 71.01 15.09
N VAL I 2521 56.20 71.09 15.90
CA VAL I 2521 55.04 71.90 15.53
C VAL I 2521 55.39 73.38 15.56
N LEU I 2522 56.21 73.79 16.54
CA LEU I 2522 56.50 75.21 16.71
C LEU I 2522 57.25 75.78 15.51
N ASP I 2523 58.35 75.14 15.11
CA ASP I 2523 59.25 75.77 14.15
C ASP I 2523 58.73 75.73 12.71
N VAL I 2524 57.69 74.96 12.42
CA VAL I 2524 57.13 74.91 11.08
C VAL I 2524 55.74 75.53 11.03
N GLY I 2525 54.94 75.37 12.07
CA GLY I 2525 53.56 75.83 12.02
C GLY I 2525 53.24 77.05 12.86
N PHE I 2526 53.82 77.12 14.06
CA PHE I 2526 53.45 78.18 15.00
C PHE I 2526 54.40 79.36 14.95
N LEU I 2527 55.71 79.11 15.05
CA LEU I 2527 56.67 80.20 15.08
C LEU I 2527 56.62 81.08 13.84
N PRO I 2528 56.53 80.56 12.61
CA PRO I 2528 56.38 81.46 11.46
C PRO I 2528 55.15 82.35 11.54
N ASP I 2529 54.05 81.85 12.10
CA ASP I 2529 52.86 82.69 12.26
C ASP I 2529 53.06 83.72 13.37
N MET I 2530 53.74 83.32 14.46
CA MET I 2530 54.00 84.26 15.54
C MET I 2530 54.92 85.38 15.08
N ARG I 2531 55.94 85.05 14.29
CA ARG I 2531 56.83 86.09 13.75
C ARG I 2531 56.07 87.01 12.80
N ALA I 2532 55.18 86.45 11.98
CA ALA I 2532 54.43 87.27 11.04
C ALA I 2532 53.54 88.27 11.77
N ALA I 2533 52.87 87.83 12.84
CA ALA I 2533 52.05 88.76 13.62
C ALA I 2533 52.90 89.82 14.29
N ALA I 2534 54.07 89.44 14.80
CA ALA I 2534 54.95 90.42 15.44
C ALA I 2534 55.45 91.44 14.44
N SER I 2535 55.77 91.01 13.22
CA SER I 2535 56.24 91.96 12.20
C SER I 2535 55.13 92.91 11.77
N LEU I 2536 53.87 92.49 11.86
CA LEU I 2536 52.75 93.34 11.47
C LEU I 2536 52.42 94.39 12.50
N ASP I 2537 53.02 94.34 13.69
CA ASP I 2537 52.75 95.32 14.74
C ASP I 2537 53.57 96.59 14.49
N THR I 2538 53.25 97.28 13.40
CA THR I 2538 53.87 98.53 13.01
C THR I 2538 52.81 99.61 12.87
N ALA I 2539 53.23 100.78 12.41
CA ALA I 2539 52.31 101.90 12.27
C ALA I 2539 51.24 101.61 11.21
N THR I 2540 51.63 100.97 10.11
CA THR I 2540 50.71 100.80 8.99
C THR I 2540 49.94 99.49 9.07
N PHE I 2541 50.60 98.40 9.43
CA PHE I 2541 50.02 97.07 9.31
C PHE I 2541 49.32 96.59 10.57
N SER I 2542 49.29 97.39 11.63
CA SER I 2542 48.73 96.92 12.90
C SER I 2542 47.22 96.72 12.81
N THR I 2543 46.52 97.62 12.13
CA THR I 2543 45.07 97.61 12.08
C THR I 2543 44.52 96.88 10.86
N THR I 2544 45.38 96.24 10.07
CA THR I 2544 44.92 95.53 8.89
C THR I 2544 44.11 94.31 9.29
N GLU I 2545 43.25 93.85 8.37
CA GLU I 2545 42.37 92.73 8.65
C GLU I 2545 43.17 91.46 8.92
N MET I 2546 44.24 91.23 8.16
CA MET I 2546 45.04 90.04 8.37
C MET I 2546 45.73 90.06 9.73
N ALA I 2547 46.24 91.23 10.15
CA ALA I 2547 46.89 91.33 11.45
C ALA I 2547 45.92 91.05 12.58
N LEU I 2548 44.71 91.58 12.49
CA LEU I 2548 43.70 91.31 13.52
C LEU I 2548 43.32 89.84 13.54
N ALA I 2549 43.22 89.23 12.35
CA ALA I 2549 42.92 87.79 12.29
C ALA I 2549 44.03 86.97 12.91
N LEU I 2550 45.29 87.37 12.69
CA LEU I 2550 46.41 86.66 13.29
C LEU I 2550 46.37 86.74 14.81
N ASN I 2551 46.03 87.92 15.35
CA ASN I 2551 45.96 88.07 16.80
C ASN I 2551 44.90 87.17 17.40
N ARG I 2552 43.73 87.09 16.77
CA ARG I 2552 42.69 86.18 17.25
C ARG I 2552 43.14 84.74 17.15
N TYR I 2553 43.82 84.38 16.06
CA TYR I 2553 44.30 83.02 15.89
C TYR I 2553 45.32 82.65 16.96
N LEU I 2554 46.23 83.57 17.29
CA LEU I 2554 47.26 83.27 18.28
C LEU I 2554 46.70 83.27 19.69
N CYS I 2555 45.81 84.20 20.00
CA CYS I 2555 45.30 84.37 21.36
C CYS I 2555 44.16 83.41 21.69
N LEU I 2556 43.68 82.63 20.72
CA LEU I 2556 42.62 81.66 20.97
C LEU I 2556 43.03 80.22 20.69
N ALA I 2557 44.01 79.98 19.82
CA ALA I 2557 44.40 78.62 19.46
C ALA I 2557 45.85 78.31 19.81
N VAL I 2558 46.79 79.15 19.40
CA VAL I 2558 48.21 78.79 19.51
C VAL I 2558 48.71 79.01 20.92
N LEU I 2559 48.66 80.25 21.39
CA LEU I 2559 49.22 80.57 22.71
C LEU I 2559 48.60 79.80 23.85
N PRO I 2560 47.28 79.63 23.95
CA PRO I 2560 46.74 78.75 25.01
C PRO I 2560 47.29 77.34 24.94
N LEU I 2561 47.51 76.81 23.73
CA LEU I 2561 48.10 75.48 23.60
C LEU I 2561 49.53 75.46 24.11
N ILE I 2562 50.31 76.49 23.81
CA ILE I 2562 51.69 76.56 24.27
C ILE I 2562 51.74 76.67 25.79
N THR I 2563 50.79 77.41 26.37
CA THR I 2563 50.74 77.54 27.83
C THR I 2563 50.53 76.19 28.50
N LYS I 2564 49.65 75.36 27.92
CA LYS I 2564 49.46 74.01 28.45
C LYS I 2564 50.74 73.19 28.34
N CYS I 2565 51.45 73.32 27.22
CA CYS I 2565 52.67 72.56 26.97
C CYS I 2565 53.91 73.24 27.54
N ALA I 2566 53.74 74.20 28.43
CA ALA I 2566 54.89 74.86 29.04
C ALA I 2566 55.81 73.90 29.80
N PRO I 2567 55.32 72.94 30.59
CA PRO I 2567 56.26 72.04 31.30
C PRO I 2567 57.16 71.23 30.38
N LEU I 2568 56.80 71.09 29.11
CA LEU I 2568 57.61 70.31 28.16
C LEU I 2568 58.85 71.06 27.69
N PHE I 2569 59.04 72.30 28.13
CA PHE I 2569 60.21 73.09 27.74
C PHE I 2569 61.35 72.96 28.74
N ALA I 2570 61.27 72.01 29.66
CA ALA I 2570 62.26 71.89 30.73
C ALA I 2570 63.63 71.52 30.22
N GLY I 2571 63.71 70.59 29.27
CA GLY I 2571 64.96 70.08 28.78
C GLY I 2571 65.22 70.40 27.31
N THR I 2572 64.90 71.63 26.90
CA THR I 2572 65.10 72.07 25.52
C THR I 2572 66.44 72.77 25.34
N GLU I 2573 67.49 72.25 25.99
CA GLU I 2573 68.82 72.80 25.79
C GLU I 2573 69.32 72.57 24.36
N HIS I 2574 68.96 71.43 23.76
CA HIS I 2574 69.47 71.11 22.43
C HIS I 2574 68.86 72.02 21.36
N ARG I 2575 67.71 72.62 21.66
CA ARG I 2575 67.06 73.52 20.72
C ARG I 2575 66.96 74.92 21.30
N ALA I 2576 68.05 75.38 21.93
CA ALA I 2576 68.04 76.66 22.62
C ALA I 2576 67.83 77.83 21.66
N ILE I 2577 68.33 77.70 20.42
CA ILE I 2577 68.16 78.78 19.46
C ILE I 2577 66.70 79.02 19.12
N MET I 2578 65.94 77.95 18.88
CA MET I 2578 64.53 78.11 18.56
C MET I 2578 63.74 78.58 19.77
N VAL I 2579 64.05 78.05 20.95
CA VAL I 2579 63.33 78.44 22.16
C VAL I 2579 63.55 79.91 22.46
N ASP I 2580 64.77 80.40 22.30
CA ASP I 2580 65.05 81.81 22.53
C ASP I 2580 64.30 82.69 21.54
N SER I 2581 64.22 82.27 20.28
CA SER I 2581 63.44 83.01 19.30
C SER I 2581 61.97 83.03 19.67
N MET I 2582 61.45 81.91 20.18
CA MET I 2582 60.06 81.86 20.61
C MET I 2582 59.79 82.85 21.73
N LEU I 2583 60.71 82.91 22.70
CA LEU I 2583 60.53 83.82 23.82
C LEU I 2583 60.52 85.27 23.38
N HIS I 2584 61.41 85.64 22.45
CA HIS I 2584 61.44 87.01 21.96
CA HIS I 2584 61.44 87.01 21.97
C HIS I 2584 60.18 87.36 21.19
N THR I 2585 59.69 86.43 20.37
CA THR I 2585 58.50 86.71 19.57
C THR I 2585 57.27 86.91 20.45
N VAL I 2586 57.08 86.04 21.45
CA VAL I 2586 55.92 86.18 22.33
C VAL I 2586 56.05 87.46 23.16
N TYR I 2587 57.27 87.78 23.58
CA TYR I 2587 57.48 89.04 24.30
C TYR I 2587 57.21 90.24 23.39
N ARG I 2588 57.65 90.16 22.13
CA ARG I 2588 57.40 91.26 21.20
C ARG I 2588 55.91 91.38 20.89
N LEU I 2589 55.19 90.26 20.92
CA LEU I 2589 53.74 90.31 20.75
C LEU I 2589 53.07 91.02 21.92
N SER I 2590 53.59 90.83 23.13
CA SER I 2590 53.00 91.47 24.29
C SER I 2590 53.09 92.99 24.19
N ARG I 2591 54.21 93.51 23.71
CA ARG I 2591 54.37 94.95 23.47
C ARG I 2591 53.79 95.35 22.13
N GLY I 2592 52.54 94.97 21.88
CA GLY I 2592 51.90 95.16 20.59
C GLY I 2592 50.70 96.09 20.70
N ARG I 2593 50.68 97.09 19.83
CA ARG I 2593 49.53 97.96 19.73
C ARG I 2593 48.38 97.23 19.03
N SER I 2594 47.18 97.83 19.12
CA SER I 2594 45.97 97.27 18.52
C SER I 2594 45.66 95.88 19.06
N LEU I 2595 45.98 95.63 20.33
CA LEU I 2595 45.65 94.38 21.01
C LEU I 2595 44.64 94.66 22.11
N THR I 2596 43.58 93.88 22.15
CA THR I 2596 42.58 94.04 23.19
C THR I 2596 43.15 93.60 24.54
N LYS I 2597 42.49 94.05 25.60
CA LYS I 2597 42.95 93.69 26.95
C LYS I 2597 42.86 92.19 27.17
N ALA I 2598 41.80 91.55 26.68
CA ALA I 2598 41.68 90.11 26.81
C ALA I 2598 42.78 89.38 26.07
N GLN I 2599 43.11 89.85 24.86
CA GLN I 2599 44.18 89.23 24.09
C GLN I 2599 45.54 89.44 24.76
N ARG I 2600 45.76 90.62 25.34
CA ARG I 2600 47.07 90.94 25.90
C ARG I 2600 47.42 90.03 27.07
N ASP I 2601 46.44 89.75 27.94
CA ASP I 2601 46.73 88.91 29.11
C ASP I 2601 47.02 87.48 28.70
N VAL I 2602 46.40 86.99 27.61
CA VAL I 2602 46.70 85.65 27.12
C VAL I 2602 48.16 85.56 26.69
N ILE I 2603 48.65 86.59 26.00
CA ILE I 2603 50.07 86.63 25.61
C ILE I 2603 50.94 86.70 26.85
N GLU I 2604 50.57 87.54 27.83
CA GLU I 2604 51.36 87.66 29.04
C GLU I 2604 51.36 86.35 29.83
N ASP I 2605 50.21 85.68 29.91
CA ASP I 2605 50.14 84.41 30.63
C ASP I 2605 51.03 83.36 29.97
N CYS I 2606 51.06 83.34 28.63
CA CYS I 2606 51.94 82.40 27.94
C CYS I 2606 53.41 82.68 28.25
N LEU I 2607 53.80 83.96 28.26
CA LEU I 2607 55.18 84.30 28.56
C LEU I 2607 55.54 83.94 30.00
N MET I 2608 54.63 84.18 30.93
CA MET I 2608 54.88 83.80 32.32
C MET I 2608 55.05 82.30 32.47
N ALA I 2609 54.19 81.52 31.79
CA ALA I 2609 54.25 80.07 31.89
C ALA I 2609 55.56 79.53 31.30
N LEU I 2610 56.00 80.09 30.18
CA LEU I 2610 57.21 79.60 29.54
C LEU I 2610 58.43 79.81 30.43
N CYS I 2611 58.55 81.00 31.02
CA CYS I 2611 59.71 81.30 31.85
C CYS I 2611 59.74 80.53 33.15
N ARG I 2612 58.62 79.94 33.57
CA ARG I 2612 58.59 79.15 34.80
CA ARG I 2612 58.59 79.15 34.80
C ARG I 2612 59.26 77.80 34.66
N TYR I 2613 59.29 77.24 33.45
CA TYR I 2613 59.88 75.92 33.23
C TYR I 2613 61.18 75.94 32.44
N ILE I 2614 61.44 76.99 31.66
CA ILE I 2614 62.67 77.08 30.90
C ILE I 2614 63.84 77.28 31.85
N ARG I 2615 64.96 76.62 31.56
CA ARG I 2615 66.14 76.71 32.41
C ARG I 2615 66.65 78.15 32.46
N PRO I 2616 67.23 78.56 33.60
CA PRO I 2616 67.71 79.94 33.72
C PRO I 2616 68.77 80.30 32.69
N SER I 2617 69.58 79.35 32.25
CA SER I 2617 70.63 79.65 31.29
C SER I 2617 70.06 80.06 29.94
N MET I 2618 68.88 79.54 29.59
CA MET I 2618 68.27 79.84 28.31
C MET I 2618 67.46 81.14 28.32
N LEU I 2619 67.31 81.79 29.47
CA LEU I 2619 66.60 83.04 29.58
C LEU I 2619 67.52 84.26 29.49
N GLN I 2620 68.81 84.04 29.21
CA GLN I 2620 69.77 85.13 29.23
C GLN I 2620 69.44 86.20 28.20
N HIS I 2621 69.12 85.79 26.98
CA HIS I 2621 68.84 86.76 25.92
C HIS I 2621 67.57 87.53 26.20
N LEU I 2622 66.54 86.87 26.73
CA LEU I 2622 65.31 87.57 27.09
C LEU I 2622 65.56 88.59 28.18
N LEU I 2623 66.40 88.26 29.16
CA LEU I 2623 66.75 89.21 30.21
C LEU I 2623 67.48 90.41 29.63
N ARG I 2624 68.33 90.18 28.62
CA ARG I 2624 69.06 91.28 28.01
C ARG I 2624 68.11 92.30 27.39
N ARG I 2625 67.05 91.83 26.72
CA ARG I 2625 66.04 92.74 26.19
C ARG I 2625 65.31 93.46 27.31
N LEU I 2626 65.01 92.76 28.41
CA LEU I 2626 64.30 93.38 29.51
C LEU I 2626 65.14 94.45 30.20
N VAL I 2627 66.46 94.31 30.18
CA VAL I 2627 67.33 95.32 30.78
C VAL I 2627 67.17 96.66 30.07
N PHE I 2628 66.94 96.64 28.76
CA PHE I 2628 66.77 97.87 28.01
C PHE I 2628 65.38 98.49 28.20
N ASP I 2629 64.38 97.69 28.52
CA ASP I 2629 62.99 98.14 28.52
C ASP I 2629 62.46 98.46 29.92
N VAL I 2630 62.73 97.59 30.90
CA VAL I 2630 62.13 97.76 32.23
C VAL I 2630 62.49 99.09 32.88
N PRO I 2631 63.74 99.56 32.86
CA PRO I 2631 64.06 100.83 33.53
C PRO I 2631 63.28 102.03 33.02
N ILE I 2632 62.66 101.94 31.84
CA ILE I 2632 61.81 103.04 31.38
C ILE I 2632 60.62 103.21 32.31
N LEU I 2633 60.08 102.10 32.82
CA LEU I 2633 58.97 102.09 33.77
C LEU I 2633 57.75 102.82 33.21
N ASN I 2634 57.43 102.52 31.95
CA ASN I 2634 56.23 103.03 31.32
C ASN I 2634 55.06 102.08 31.61
N GLU I 2635 53.93 102.25 30.94
CA GLU I 2635 52.78 101.40 31.18
C GLU I 2635 53.02 99.97 30.70
N PHE I 2636 53.97 99.76 29.78
CA PHE I 2636 54.27 98.41 29.31
C PHE I 2636 55.19 97.65 30.25
N ALA I 2637 55.71 98.30 31.29
CA ALA I 2637 56.68 97.68 32.19
C ALA I 2637 56.02 96.87 33.30
N LYS I 2638 54.70 96.85 33.39
CA LYS I 2638 54.04 96.13 34.48
C LYS I 2638 54.27 94.63 34.37
N MET I 2639 54.03 94.06 33.17
CA MET I 2639 54.23 92.62 32.99
C MET I 2639 55.68 92.21 33.18
N PRO I 2640 56.68 92.88 32.58
CA PRO I 2640 58.07 92.45 32.81
C PRO I 2640 58.48 92.50 34.27
N LEU I 2641 57.98 93.45 35.05
CA LEU I 2641 58.30 93.50 36.46
C LEU I 2641 57.85 92.24 37.19
N LYS I 2642 56.62 91.79 36.90
CA LYS I 2642 56.15 90.55 37.49
C LYS I 2642 56.93 89.35 36.96
N LEU I 2643 57.30 89.36 35.68
CA LEU I 2643 58.08 88.28 35.11
C LEU I 2643 59.45 88.18 35.77
N LEU I 2644 60.10 89.32 35.97
CA LEU I 2644 61.41 89.33 36.62
C LEU I 2644 61.31 88.91 38.07
N THR I 2645 60.24 89.30 38.76
CA THR I 2645 60.07 88.94 40.16
C THR I 2645 59.97 87.42 40.32
N ASN I 2646 59.18 86.77 39.47
CA ASN I 2646 59.04 85.33 39.56
C ASN I 2646 60.32 84.61 39.16
N HIS I 2647 61.04 85.15 38.18
CA HIS I 2647 62.25 84.50 37.69
C HIS I 2647 63.33 84.45 38.76
N TYR I 2648 63.60 85.59 39.41
CA TYR I 2648 64.68 85.64 40.38
C TYR I 2648 64.30 84.97 41.70
N GLU I 2649 63.02 85.03 42.08
CA GLU I 2649 62.60 84.30 43.28
C GLU I 2649 62.73 82.80 43.07
N ARG I 2650 62.39 82.30 41.89
CA ARG I 2650 62.49 80.88 41.61
C ARG I 2650 63.93 80.43 41.43
N CYS I 2651 64.75 81.24 40.76
CA CYS I 2651 66.11 80.85 40.40
C CYS I 2651 67.17 81.65 41.16
N TRP I 2652 66.92 81.93 42.44
CA TRP I 2652 67.89 82.73 43.20
C TRP I 2652 69.17 81.95 43.48
N LYS I 2653 69.06 80.62 43.66
CA LYS I 2653 70.27 79.83 43.88
C LYS I 2653 71.18 79.82 42.66
N TYR I 2654 70.60 79.97 41.47
CA TYR I 2654 71.40 79.96 40.25
C TYR I 2654 72.36 81.15 40.19
N TYR I 2655 71.99 82.27 40.82
CA TYR I 2655 72.81 83.48 40.76
C TYR I 2655 73.60 83.74 42.02
N CYS I 2656 73.12 83.30 43.18
CA CYS I 2656 73.75 83.66 44.45
C CYS I 2656 74.77 82.63 44.92
N LEU I 2657 74.37 81.37 44.99
CA LEU I 2657 75.25 80.34 45.53
C LEU I 2657 76.45 80.14 44.61
N PRO I 2658 77.66 80.05 45.17
CA PRO I 2658 78.84 79.79 44.32
C PRO I 2658 78.76 78.49 43.56
N THR I 2659 78.17 77.44 44.16
CA THR I 2659 77.98 76.19 43.45
C THR I 2659 76.81 76.21 42.49
N GLY I 2660 75.95 77.23 42.57
CA GLY I 2660 74.82 77.34 41.68
C GLY I 2660 73.67 76.45 42.08
N TRP I 2661 72.59 76.55 41.31
CA TRP I 2661 71.43 75.70 41.55
C TRP I 2661 71.74 74.26 41.18
N ALA I 2662 71.10 73.34 41.89
CA ALA I 2662 71.32 71.92 41.64
C ALA I 2662 70.88 71.54 40.24
N ASN I 2663 71.75 70.83 39.53
CA ASN I 2663 71.55 70.32 38.18
C ASN I 2663 71.10 71.37 37.18
N PHE I 2664 71.27 72.66 37.51
CA PHE I 2664 70.94 73.75 36.60
C PHE I 2664 72.13 74.60 36.22
N GLY I 2665 73.27 74.43 36.87
CA GLY I 2665 74.45 75.21 36.57
C GLY I 2665 74.56 76.45 37.42
N VAL I 2666 75.53 77.29 37.04
CA VAL I 2666 75.80 78.54 37.73
C VAL I 2666 75.79 79.67 36.71
N THR I 2667 75.63 80.89 37.21
CA THR I 2667 75.63 82.06 36.34
C THR I 2667 77.00 82.21 35.67
N SER I 2668 77.00 82.90 34.53
CA SER I 2668 78.17 82.96 33.66
C SER I 2668 78.88 84.32 33.73
N GLU I 2669 78.68 85.08 34.82
CA GLU I 2669 79.38 86.34 35.06
C GLU I 2669 78.89 87.42 34.11
N GLU I 2670 78.07 87.05 33.14
CA GLU I 2670 77.41 88.01 32.26
C GLU I 2670 75.96 88.22 32.64
N GLU I 2671 75.27 87.18 33.09
CA GLU I 2671 73.92 87.34 33.62
C GLU I 2671 73.93 88.19 34.88
N LEU I 2672 74.96 88.04 35.72
CA LEU I 2672 75.09 88.88 36.89
C LEU I 2672 75.26 90.34 36.51
N HIS I 2673 76.06 90.61 35.48
CA HIS I 2673 76.21 91.97 34.99
C HIS I 2673 74.88 92.53 34.51
N LEU I 2674 74.12 91.72 33.77
CA LEU I 2674 72.79 92.15 33.36
C LEU I 2674 71.88 92.36 34.56
N THR I 2675 71.96 91.46 35.55
CA THR I 2675 71.14 91.59 36.75
C THR I 2675 71.53 92.83 37.53
N ARG I 2676 72.83 93.13 37.64
CA ARG I 2676 73.26 94.33 38.36
C ARG I 2676 72.77 95.60 37.68
N LYS I 2677 72.85 95.65 36.34
CA LYS I 2677 72.32 96.80 35.63
C LYS I 2677 70.81 96.89 35.77
N LEU I 2678 70.13 95.74 35.77
CA LEU I 2678 68.68 95.73 35.93
C LEU I 2678 68.27 96.30 37.27
N PHE I 2679 69.00 95.97 38.33
CA PHE I 2679 68.68 96.49 39.65
C PHE I 2679 68.83 98.01 39.69
N TRP I 2680 69.98 98.52 39.26
CA TRP I 2680 70.22 99.95 39.35
C TRP I 2680 69.39 100.73 38.34
N GLY I 2681 69.06 100.11 37.20
CA GLY I 2681 68.19 100.78 36.25
C GLY I 2681 66.81 101.03 36.82
N ILE I 2682 66.24 100.04 37.50
CA ILE I 2682 64.95 100.23 38.16
C ILE I 2682 65.09 101.17 39.35
N PHE I 2683 66.15 100.99 40.15
CA PHE I 2683 66.31 101.79 41.36
C PHE I 2683 66.46 103.27 41.04
N ASP I 2684 67.29 103.60 40.05
CA ASP I 2684 67.49 105.00 39.69
C ASP I 2684 66.22 105.60 39.08
N SER I 2685 65.55 104.86 38.21
CA SER I 2685 64.33 105.37 37.59
C SER I 2685 63.23 105.54 38.61
N LEU I 2686 63.08 104.58 39.52
CA LEU I 2686 62.04 104.68 40.54
C LEU I 2686 62.32 105.81 41.52
N ALA I 2687 63.59 106.14 41.73
CA ALA I 2687 63.96 107.22 42.63
C ALA I 2687 63.56 108.59 42.11
N HIS I 2688 63.31 108.72 40.80
CA HIS I 2688 62.88 109.98 40.22
C HIS I 2688 61.44 109.98 39.75
N LYS I 2689 60.82 108.81 39.57
CA LYS I 2689 59.43 108.75 39.18
C LYS I 2689 58.55 109.31 40.31
N LYS I 2690 57.52 110.07 39.93
CA LYS I 2690 56.55 110.54 40.90
C LYS I 2690 55.79 109.34 41.48
N TYR I 2691 55.35 109.49 42.72
CA TYR I 2691 54.76 108.37 43.44
C TYR I 2691 53.50 107.87 42.76
N ASP I 2692 53.55 106.62 42.29
CA ASP I 2692 52.37 105.93 41.77
C ASP I 2692 52.21 104.64 42.55
N GLN I 2693 51.04 104.47 43.18
CA GLN I 2693 50.84 103.31 44.05
C GLN I 2693 50.93 102.01 43.28
N GLU I 2694 50.36 101.97 42.08
CA GLU I 2694 50.41 100.74 41.28
C GLU I 2694 51.84 100.41 40.87
N LEU I 2695 52.60 101.43 40.46
CA LEU I 2695 53.99 101.19 40.06
C LEU I 2695 54.83 100.74 41.25
N TYR I 2696 54.68 101.40 42.39
CA TYR I 2696 55.47 101.05 43.56
C TYR I 2696 55.09 99.67 44.10
N ARG I 2697 53.84 99.25 43.92
CA ARG I 2697 53.38 97.99 44.50
C ARG I 2697 54.10 96.80 43.89
N MET I 2698 54.45 96.86 42.61
CA MET I 2698 55.08 95.76 41.92
C MET I 2698 56.54 95.98 41.58
N ALA I 2699 57.03 97.23 41.65
CA ALA I 2699 58.45 97.47 41.44
C ALA I 2699 59.26 97.04 42.65
N MET I 2700 58.72 97.25 43.85
CA MET I 2700 59.44 96.88 45.07
C MET I 2700 59.72 95.38 45.16
N PRO I 2701 58.77 94.49 44.92
CA PRO I 2701 59.11 93.05 44.93
C PRO I 2701 60.16 92.68 43.90
N CYS I 2702 60.17 93.35 42.76
CA CYS I 2702 61.19 93.08 41.74
C CYS I 2702 62.58 93.44 42.27
N LEU I 2703 62.71 94.59 42.93
CA LEU I 2703 64.00 94.97 43.49
C LEU I 2703 64.44 94.00 44.58
N CYS I 2704 63.52 93.58 45.43
CA CYS I 2704 63.87 92.62 46.49
C CYS I 2704 64.33 91.29 45.90
N ALA I 2705 63.63 90.80 44.87
CA ALA I 2705 64.02 89.55 44.25
C ALA I 2705 65.37 89.67 43.56
N ILE I 2706 65.61 90.77 42.85
CA ILE I 2706 66.88 90.96 42.16
C ILE I 2706 68.02 91.07 43.16
N ALA I 2707 67.81 91.85 44.23
CA ALA I 2707 68.85 92.02 45.23
C ALA I 2707 69.14 90.71 45.96
N GLY I 2708 68.11 89.89 46.16
CA GLY I 2708 68.30 88.61 46.82
C GLY I 2708 68.98 87.56 45.96
N ALA I 2709 69.14 87.82 44.66
CA ALA I 2709 69.80 86.90 43.76
C ALA I 2709 71.27 87.24 43.53
N LEU I 2710 71.60 88.52 43.45
CA LEU I 2710 72.98 88.92 43.26
C LEU I 2710 73.80 88.58 44.50
N PRO I 2711 74.98 87.97 44.34
CA PRO I 2711 75.88 87.78 45.47
C PRO I 2711 76.29 89.13 46.04
N PRO I 2712 76.36 89.25 47.38
CA PRO I 2712 76.75 90.53 47.96
C PRO I 2712 78.16 90.97 47.57
N ASP I 2713 79.06 90.02 47.34
CA ASP I 2713 80.45 90.33 47.03
C ASP I 2713 80.73 90.31 45.53
N TYR I 2714 79.69 90.25 44.70
CA TYR I 2714 79.89 90.24 43.25
C TYR I 2714 80.56 91.52 42.79
N VAL I 2715 81.57 91.38 41.94
CA VAL I 2715 82.31 92.50 41.37
C VAL I 2715 82.24 92.36 39.86
N ASP I 2716 81.69 93.37 39.19
CA ASP I 2716 81.59 93.35 37.73
C ASP I 2716 82.95 93.68 37.12
N ALA I 2717 83.36 92.87 36.13
CA ALA I 2717 84.65 93.11 35.48
C ALA I 2717 84.68 94.45 34.77
N SER I 2718 83.59 94.80 34.08
CA SER I 2718 83.49 96.08 33.38
C SER I 2718 82.78 97.06 34.29
N TYR I 2719 83.55 97.69 35.19
CA TYR I 2719 82.99 98.63 36.16
C TYR I 2719 83.01 100.03 35.54
N SER I 2720 82.13 100.22 34.56
CA SER I 2720 81.99 101.49 33.87
C SER I 2720 80.66 101.47 33.13
N SER I 2721 80.14 102.66 32.83
CA SER I 2721 78.87 102.78 32.12
C SER I 2721 78.86 104.06 31.31
N LYS I 2722 78.03 104.07 30.28
CA LYS I 2722 77.87 105.26 29.45
C LYS I 2722 77.08 106.34 30.18
N ALA I 2723 76.19 105.94 31.10
CA ALA I 2723 75.33 106.87 31.83
C ALA I 2723 74.49 107.72 30.89
N GLU I 2724 74.01 107.09 29.82
CA GLU I 2724 73.16 107.76 28.85
C GLU I 2724 71.69 107.50 29.15
N LYS I 2725 70.82 108.30 28.51
CA LYS I 2725 69.39 108.19 28.68
C LYS I 2725 68.96 108.30 30.15
N ASN I 2734 62.32 101.91 20.78
CA ASN I 2734 63.32 100.85 20.63
C ASN I 2734 64.72 101.38 20.93
N PHE I 2735 65.72 100.71 20.36
CA PHE I 2735 67.12 101.08 20.57
C PHE I 2735 67.67 101.75 19.33
N ASP I 2736 68.17 102.97 19.51
CA ASP I 2736 68.78 103.74 18.41
C ASP I 2736 70.23 104.05 18.75
N PRO I 2737 71.19 103.33 18.20
CA PRO I 2737 72.60 103.62 18.49
C PRO I 2737 73.10 104.89 17.82
N ARG I 2738 73.33 105.93 18.60
CA ARG I 2738 73.83 107.19 18.05
C ARG I 2738 75.33 107.09 17.78
N PRO I 2739 75.78 107.32 16.56
CA PRO I 2739 77.23 107.33 16.30
C PRO I 2739 77.89 108.61 16.81
N VAL I 2740 79.18 108.77 16.53
CA VAL I 2740 79.95 109.93 16.96
C VAL I 2740 80.16 110.83 15.75
N GLU I 2741 79.80 112.11 15.89
CA GLU I 2741 79.92 113.07 14.80
C GLU I 2741 81.36 113.58 14.74
N THR I 2742 82.07 113.24 13.67
CA THR I 2742 83.44 113.70 13.47
C THR I 2742 83.70 114.25 12.08
N LEU I 2743 82.85 113.97 11.09
CA LEU I 2743 83.04 114.54 9.76
C LEU I 2743 82.91 116.06 9.78
N ASN I 2744 82.07 116.60 10.67
CA ASN I 2744 81.91 118.04 10.76
C ASN I 2744 83.20 118.72 11.20
N VAL I 2745 83.88 118.16 12.18
CA VAL I 2745 85.10 118.75 12.71
C VAL I 2745 86.28 118.33 11.83
N ILE I 2746 87.26 119.24 11.70
CA ILE I 2746 88.42 118.96 10.86
C ILE I 2746 89.31 117.93 11.54
N ILE I 2747 89.83 116.99 10.74
CA ILE I 2747 90.71 115.94 11.23
C ILE I 2747 92.14 116.48 11.25
N PRO I 2748 92.80 116.51 12.41
CA PRO I 2748 94.21 116.92 12.44
C PRO I 2748 95.07 115.94 11.66
N GLU I 2749 95.94 116.47 10.81
CA GLU I 2749 96.81 115.64 9.96
C GLU I 2749 98.28 115.81 10.33
N LYS I 2750 98.58 116.35 11.52
CA LYS I 2750 99.96 116.49 11.94
C LYS I 2750 100.63 115.14 12.18
N LEU I 2751 99.85 114.09 12.42
CA LEU I 2751 100.36 112.74 12.64
C LEU I 2751 100.12 111.84 11.44
N ASP I 2752 100.17 112.41 10.23
CA ASP I 2752 99.89 111.64 9.02
C ASP I 2752 100.90 110.52 8.79
N SER I 2753 102.07 110.59 9.44
CA SER I 2753 103.03 109.51 9.33
C SER I 2753 102.46 108.20 9.85
N PHE I 2754 101.53 108.27 10.81
CA PHE I 2754 100.85 107.10 11.31
C PHE I 2754 99.52 106.83 10.63
N ILE I 2755 98.83 107.88 10.18
CA ILE I 2755 97.49 107.73 9.63
C ILE I 2755 97.53 106.89 8.36
N ASN I 2756 98.43 107.25 7.44
CA ASN I 2756 98.52 106.51 6.19
C ASN I 2756 99.23 105.17 6.36
N LYS I 2757 100.25 105.12 7.23
CA LYS I 2757 101.03 103.91 7.41
C LYS I 2757 100.18 102.79 7.99
N PHE I 2758 99.48 103.07 9.09
CA PHE I 2758 98.68 102.04 9.74
C PHE I 2758 97.41 101.73 8.95
N ALA I 2759 96.96 102.64 8.09
CA ALA I 2759 95.80 102.36 7.26
C ALA I 2759 96.06 101.21 6.30
N GLU I 2760 97.23 101.19 5.68
CA GLU I 2760 97.63 100.07 4.83
C GLU I 2760 98.28 98.94 5.62
N TYR I 2761 98.65 99.19 6.88
CA TYR I 2761 99.25 98.14 7.70
C TYR I 2761 98.21 97.12 8.14
N THR I 2762 96.97 97.56 8.38
CA THR I 2762 95.90 96.62 8.73
C THR I 2762 95.64 95.66 7.58
N HIS I 2763 95.61 96.17 6.34
CA HIS I 2763 95.49 95.28 5.19
C HIS I 2763 96.77 94.48 4.96
N GLU I 2764 97.91 95.04 5.37
CA GLU I 2764 99.15 94.27 5.32
C GLU I 2764 99.11 93.09 6.27
N LYS I 2765 98.45 93.26 7.43
CA LYS I 2765 98.26 92.14 8.35
C LYS I 2765 97.36 91.07 7.74
N TRP I 2766 96.46 91.45 6.85
CA TRP I 2766 95.63 90.47 6.17
C TRP I 2766 96.46 89.55 5.29
N ALA I 2767 97.58 90.04 4.76
CA ALA I 2767 98.49 89.18 4.01
C ALA I 2767 99.08 88.10 4.92
N PHE I 2768 99.43 88.48 6.15
CA PHE I 2768 99.89 87.48 7.12
C PHE I 2768 98.77 86.53 7.50
N ASP I 2769 97.53 87.00 7.47
CA ASP I 2769 96.40 86.12 7.75
C ASP I 2769 96.21 85.07 6.67
N LYS I 2770 96.66 85.35 5.44
CA LYS I 2770 96.53 84.37 4.36
C LYS I 2770 97.48 83.20 4.54
N ILE I 2771 98.74 83.46 4.93
CA ILE I 2771 99.69 82.38 5.14
C ILE I 2771 99.27 81.51 6.33
N GLN I 2772 98.53 82.07 7.28
CA GLN I 2772 97.95 81.27 8.36
C GLN I 2772 96.72 80.49 7.88
N ASN I 2773 96.00 81.02 6.88
CA ASN I 2773 94.91 80.27 6.27
C ASN I 2773 95.42 79.11 5.44
N ASN I 2774 96.74 79.01 5.24
CA ASN I 2774 97.40 77.92 4.52
C ASN I 2774 97.14 78.02 3.03
N TRP I 2775 96.37 79.02 2.61
CA TRP I 2775 96.17 79.35 1.21
C TRP I 2775 96.77 80.72 0.95
N SER I 2776 97.66 80.80 -0.04
CA SER I 2776 98.44 82.01 -0.27
C SER I 2776 97.59 83.04 -1.02
N TYR I 2777 98.21 84.18 -1.34
CA TYR I 2777 97.55 85.26 -2.04
C TYR I 2777 97.63 85.04 -3.55
N GLY I 2778 96.61 85.55 -4.25
CA GLY I 2778 96.56 85.41 -5.70
C GLY I 2778 96.19 86.73 -6.36
N GLU I 2779 96.54 86.81 -7.65
CA GLU I 2779 96.28 88.02 -8.42
C GLU I 2779 94.91 87.97 -9.11
N ASN I 2780 94.58 86.86 -9.76
CA ASN I 2780 93.32 86.75 -10.48
C ASN I 2780 92.14 86.74 -9.53
N VAL I 2781 91.03 87.34 -9.96
CA VAL I 2781 89.81 87.32 -9.17
C VAL I 2781 89.16 85.95 -9.31
N ASP I 2782 88.90 85.31 -8.16
CA ASP I 2782 88.34 83.96 -8.17
C ASP I 2782 87.62 83.71 -6.86
N GLU I 2783 86.57 82.88 -6.93
CA GLU I 2783 85.81 82.48 -5.75
C GLU I 2783 86.19 81.09 -5.25
N GLU I 2784 87.17 80.45 -5.88
CA GLU I 2784 87.59 79.12 -5.47
C GLU I 2784 88.66 79.14 -4.40
N LEU I 2785 89.44 80.22 -4.29
CA LEU I 2785 90.50 80.32 -3.30
C LEU I 2785 89.97 80.69 -1.92
N LYS I 2786 88.68 81.01 -1.81
CA LYS I 2786 88.01 81.37 -0.55
C LYS I 2786 88.83 82.35 0.30
N THR I 2787 89.63 83.19 -0.38
CA THR I 2787 90.41 84.22 0.27
C THR I 2787 90.27 85.53 -0.50
N HIS I 2788 91.09 86.53 -0.17
CA HIS I 2788 91.05 87.77 -0.92
C HIS I 2788 91.59 87.53 -2.32
N PRO I 2789 90.82 87.76 -3.38
CA PRO I 2789 91.29 87.41 -4.73
C PRO I 2789 92.21 88.45 -5.36
N MET I 2790 92.25 89.67 -4.83
CA MET I 2790 93.03 90.74 -5.42
C MET I 2790 94.26 91.10 -4.58
N LEU I 2791 94.63 90.25 -3.63
CA LEU I 2791 95.78 90.50 -2.78
C LEU I 2791 97.05 90.22 -3.56
N ARG I 2792 97.86 91.24 -3.75
CA ARG I 2792 99.04 91.16 -4.61
C ARG I 2792 100.27 91.67 -3.89
N PRO I 2793 101.46 91.18 -4.26
CA PRO I 2793 102.69 91.74 -3.69
C PRO I 2793 102.85 93.20 -4.08
N TYR I 2794 103.51 93.96 -3.19
CA TYR I 2794 103.61 95.40 -3.35
C TYR I 2794 104.26 95.81 -4.67
N LYS I 2795 105.08 94.93 -5.25
CA LYS I 2795 105.67 95.22 -6.56
C LYS I 2795 104.58 95.35 -7.62
N THR I 2796 103.57 94.48 -7.58
CA THR I 2796 102.46 94.51 -8.52
C THR I 2796 101.11 94.74 -7.83
N PHE I 2797 101.13 95.35 -6.64
CA PHE I 2797 99.90 95.65 -5.92
C PHE I 2797 99.41 97.03 -6.35
N SER I 2798 98.25 97.07 -7.01
CA SER I 2798 97.67 98.33 -7.43
C SER I 2798 97.23 99.15 -6.22
N GLU I 2799 97.42 100.45 -6.27
CA GLU I 2799 97.05 101.34 -5.18
C GLU I 2799 95.58 101.73 -5.19
N LYS I 2800 94.80 101.26 -6.18
CA LYS I 2800 93.37 101.56 -6.17
C LYS I 2800 92.69 100.96 -4.95
N ASP I 2801 93.04 99.72 -4.59
CA ASP I 2801 92.53 99.12 -3.36
C ASP I 2801 93.23 99.68 -2.14
N LYS I 2802 94.50 100.08 -2.26
CA LYS I 2802 95.21 100.68 -1.14
C LYS I 2802 94.60 102.03 -0.76
N GLU I 2803 94.11 102.76 -1.76
CA GLU I 2803 93.51 104.08 -1.55
C GLU I 2803 92.03 104.02 -1.18
N ILE I 2804 91.46 102.83 -1.01
CA ILE I 2804 90.10 102.69 -0.52
C ILE I 2804 90.02 101.91 0.79
N TYR I 2805 91.04 101.12 1.13
CA TYR I 2805 91.05 100.41 2.40
C TYR I 2805 91.39 101.31 3.57
N ARG I 2806 91.88 102.52 3.32
CA ARG I 2806 92.28 103.43 4.39
C ARG I 2806 91.09 104.11 5.05
N TRP I 2807 89.92 104.10 4.40
CA TRP I 2807 88.76 104.81 4.95
C TRP I 2807 88.34 104.31 6.32
N PRO I 2808 88.22 103.00 6.58
CA PRO I 2808 87.87 102.57 7.95
C PRO I 2808 88.88 103.05 8.99
N ILE I 2809 90.17 103.08 8.63
CA ILE I 2809 91.17 103.59 9.55
C ILE I 2809 91.03 105.09 9.73
N LYS I 2810 90.68 105.81 8.66
CA LYS I 2810 90.55 107.25 8.74
C LYS I 2810 89.50 107.66 9.77
N GLU I 2811 88.31 107.05 9.69
CA GLU I 2811 87.28 107.34 10.69
C GLU I 2811 87.61 106.73 12.04
N SER I 2812 88.38 105.64 12.07
CA SER I 2812 88.80 105.08 13.35
C SER I 2812 89.67 106.06 14.12
N LEU I 2813 90.60 106.73 13.44
CA LEU I 2813 91.39 107.77 14.08
C LEU I 2813 90.54 109.01 14.36
N LYS I 2814 89.57 109.32 13.50
CA LYS I 2814 88.64 110.40 13.79
C LYS I 2814 87.82 110.09 15.05
N ALA I 2815 87.40 108.84 15.19
CA ALA I 2815 86.54 108.47 16.32
C ALA I 2815 87.28 108.61 17.65
N MET I 2816 88.52 108.12 17.72
CA MET I 2816 89.24 108.15 18.98
C MET I 2816 89.75 109.53 19.33
N ILE I 2817 89.84 110.44 18.35
CA ILE I 2817 90.26 111.81 18.64
C ILE I 2817 89.08 112.74 18.90
N ALA I 2818 87.87 112.35 18.50
CA ALA I 2818 86.70 113.19 18.73
C ALA I 2818 86.25 113.16 20.18
N TRP I 2819 86.51 112.07 20.91
CA TRP I 2819 86.10 111.96 22.30
C TRP I 2819 87.09 112.65 23.23
N GLU I 2820 87.40 113.92 22.95
CA GLU I 2820 88.30 114.77 23.73
C GLU I 2820 89.55 114.03 24.18
N TRP I 2821 90.04 113.12 23.33
CA TRP I 2821 91.25 112.34 23.62
C TRP I 2821 92.36 112.82 22.71
N THR I 2822 93.19 113.72 23.21
CA THR I 2822 94.33 114.20 22.44
C THR I 2822 95.42 113.14 22.38
N ILE I 2823 96.07 113.05 21.23
CA ILE I 2823 97.15 112.09 21.00
C ILE I 2823 98.42 112.86 20.70
N GLU I 2824 99.49 112.51 21.40
CA GLU I 2824 100.79 113.16 21.25
C GLU I 2824 101.84 112.12 20.90
N LYS I 2825 102.69 112.45 19.92
CA LYS I 2825 103.78 111.56 19.50
C LYS I 2825 104.98 111.83 20.39
N ALA I 2826 105.10 111.06 21.47
CA ALA I 2826 106.24 111.21 22.37
C ALA I 2826 107.55 110.90 21.67
N ARG I 2827 107.58 109.84 20.86
CA ARG I 2827 108.77 109.48 20.12
C ARG I 2827 108.87 110.28 18.83
N GLU I 2828 110.07 110.29 18.25
CA GLU I 2828 110.30 110.98 16.99
C GLU I 2828 111.31 110.15 16.19
N GLY I 2829 110.80 109.41 15.21
CA GLY I 2829 111.64 108.58 14.40
C GLY I 2829 111.01 108.27 13.07
N GLU I 2830 111.50 107.20 12.43
CA GLU I 2830 111.02 106.74 11.13
C GLU I 2830 111.06 107.85 10.09
N TYR I 2855 107.64 90.97 0.47
CA TYR I 2855 106.23 91.16 0.74
C TYR I 2855 105.80 90.34 1.95
N ASN I 2856 106.09 90.85 3.14
CA ASN I 2856 105.76 90.18 4.39
C ASN I 2856 105.77 91.16 5.55
N PRO I 2857 104.69 91.26 6.32
CA PRO I 2857 104.71 92.14 7.51
C PRO I 2857 105.54 91.56 8.64
N GLN I 2858 106.85 91.76 8.58
CA GLN I 2858 107.75 91.20 9.58
C GLN I 2858 107.39 91.57 11.02
N PRO I 2859 107.06 92.82 11.36
CA PRO I 2859 106.60 93.11 12.73
C PRO I 2859 105.21 92.55 12.95
N PRO I 2860 105.07 91.56 13.84
CA PRO I 2860 103.75 90.94 14.03
C PRO I 2860 102.88 91.68 15.04
N ASP I 2861 101.69 92.08 14.63
CA ASP I 2861 100.74 92.74 15.52
C ASP I 2861 99.84 91.68 16.15
N LEU I 2862 99.96 91.52 17.46
CA LEU I 2862 99.20 90.52 18.21
C LEU I 2862 98.21 91.21 19.15
N SER I 2863 97.41 90.40 19.82
CA SER I 2863 96.42 90.92 20.76
C SER I 2863 96.36 90.12 22.06
N GLY I 2864 97.26 89.16 22.26
CA GLY I 2864 97.24 88.35 23.47
C GLY I 2864 97.92 88.97 24.67
N VAL I 2865 98.57 90.12 24.50
CA VAL I 2865 99.25 90.76 25.62
C VAL I 2865 98.28 91.66 26.38
N THR I 2866 98.64 91.96 27.62
CA THR I 2866 97.80 92.78 28.49
C THR I 2866 98.15 94.27 28.32
N LEU I 2867 97.35 95.12 28.98
CA LEU I 2867 97.52 96.56 28.87
C LEU I 2867 96.92 97.22 30.10
N SER I 2868 97.29 98.48 30.31
CA SER I 2868 96.83 99.22 31.47
C SER I 2868 95.32 99.47 31.39
N ARG I 2869 94.71 99.67 32.56
CA ARG I 2869 93.25 99.77 32.64
C ARG I 2869 92.73 101.08 32.05
N GLU I 2870 93.39 102.20 32.35
CA GLU I 2870 92.93 103.49 31.86
CA GLU I 2870 92.92 103.49 31.86
C GLU I 2870 92.95 103.55 30.34
N LEU I 2871 94.04 103.05 29.74
CA LEU I 2871 94.15 103.12 28.28
C LEU I 2871 93.27 102.07 27.61
N GLN I 2872 93.12 100.90 28.23
CA GLN I 2872 92.24 99.87 27.66
C GLN I 2872 90.78 100.27 27.73
N ALA I 2873 90.41 101.08 28.73
CA ALA I 2873 89.03 101.53 28.83
C ALA I 2873 88.65 102.38 27.61
N MET I 2874 89.58 103.21 27.14
CA MET I 2874 89.32 103.99 25.93
C MET I 2874 89.14 103.09 24.72
N ALA I 2875 89.93 102.02 24.63
CA ALA I 2875 89.81 101.09 23.51
C ALA I 2875 88.44 100.41 23.50
N GLU I 2876 87.97 99.98 24.68
CA GLU I 2876 86.64 99.40 24.78
C GLU I 2876 85.56 100.42 24.45
N GLN I 2877 85.75 101.68 24.85
CA GLN I 2877 84.82 102.73 24.44
C GLN I 2877 84.85 102.91 22.93
N LEU I 2878 86.03 102.87 22.32
CA LEU I 2878 86.13 102.91 20.87
C LEU I 2878 85.48 101.69 20.25
N ALA I 2879 85.67 100.51 20.86
CA ALA I 2879 84.99 99.31 20.38
C ALA I 2879 83.48 99.45 20.47
N GLU I 2880 83.00 100.18 21.48
CA GLU I 2880 81.57 100.50 21.55
C GLU I 2880 81.16 101.35 20.36
N ASN I 2881 82.00 102.33 19.99
CA ASN I 2881 81.70 103.15 18.83
C ASN I 2881 81.75 102.34 17.54
N TYR I 2882 82.55 101.28 17.50
CA TYR I 2882 82.51 100.37 16.36
C TYR I 2882 81.15 99.69 16.27
N HIS I 2883 80.59 99.28 17.41
CA HIS I 2883 79.34 98.53 17.38
C HIS I 2883 78.15 99.41 17.04
N ASN I 2884 78.07 100.61 17.64
CA ASN I 2884 76.92 101.47 17.40
C ASN I 2884 76.89 101.97 15.96
N THR I 2885 78.06 102.31 15.41
CA THR I 2885 78.13 102.63 13.98
C THR I 2885 77.77 101.41 13.13
N TRP I 2886 78.24 100.23 13.53
CA TRP I 2886 77.82 99.00 12.88
C TRP I 2886 76.32 98.79 13.05
N GLY I 2887 75.81 99.04 14.26
CA GLY I 2887 74.38 98.94 14.48
C GLY I 2887 73.58 99.98 13.74
N ARG I 2888 74.14 101.19 13.60
CA ARG I 2888 73.41 102.25 12.91
C ARG I 2888 73.16 101.90 11.45
N LYS I 2889 74.21 101.50 10.73
CA LYS I 2889 74.03 101.17 9.32
C LYS I 2889 73.22 99.89 9.14
N LYS I 2890 73.35 98.94 10.08
CA LYS I 2890 72.55 97.73 10.01
C LYS I 2890 71.07 98.03 10.20
N LYS I 2891 70.73 98.90 11.15
CA LYS I 2891 69.32 99.20 11.41
C LYS I 2891 68.70 100.10 10.34
N GLN I 2892 69.52 100.87 9.62
CA GLN I 2892 68.98 101.71 8.55
C GLN I 2892 68.35 100.85 7.46
N GLU I 2893 68.99 99.74 7.10
CA GLU I 2893 68.39 98.81 6.16
C GLU I 2893 67.20 98.09 6.76
N LEU I 2894 67.28 97.77 8.06
CA LEU I 2894 66.21 97.02 8.71
C LEU I 2894 65.00 97.88 9.03
N GLU I 2895 65.18 99.18 9.27
CA GLU I 2895 64.08 100.04 9.68
C GLU I 2895 63.06 100.27 8.57
N ALA I 2896 63.36 99.89 7.33
CA ALA I 2896 62.43 100.05 6.23
C ALA I 2896 61.20 99.15 6.38
N LYS I 2897 61.25 98.12 7.23
CA LYS I 2897 60.14 97.21 7.44
C LYS I 2897 59.27 97.60 8.61
N GLY I 2898 59.88 97.98 9.73
CA GLY I 2898 59.14 98.33 10.93
C GLY I 2898 58.78 97.16 11.82
N GLY I 2899 59.12 95.93 11.44
CA GLY I 2899 58.83 94.77 12.25
C GLY I 2899 60.04 93.89 12.47
N GLY I 2900 60.35 93.58 13.72
CA GLY I 2900 61.52 92.80 14.06
C GLY I 2900 62.78 93.64 14.16
N THR I 2901 63.84 93.01 14.61
CA THR I 2901 65.12 93.69 14.78
C THR I 2901 66.25 92.67 14.72
N HIS I 2902 67.44 93.16 14.45
CA HIS I 2902 68.62 92.30 14.43
C HIS I 2902 68.94 91.84 15.85
N PRO I 2903 69.34 90.58 16.02
CA PRO I 2903 69.62 90.08 17.38
C PRO I 2903 70.77 90.80 18.07
N LEU I 2904 71.66 91.45 17.33
CA LEU I 2904 72.79 92.15 17.93
C LEU I 2904 72.57 93.65 18.02
N LEU I 2905 71.35 94.14 17.78
CA LEU I 2905 71.04 95.55 17.95
C LEU I 2905 70.77 95.87 19.42
N VAL I 2906 71.82 95.68 20.22
CA VAL I 2906 71.75 95.87 21.66
C VAL I 2906 72.93 96.74 22.08
N PRO I 2907 72.83 97.39 23.24
CA PRO I 2907 73.96 98.21 23.71
C PRO I 2907 75.22 97.37 23.90
N TYR I 2908 76.36 98.03 23.73
CA TYR I 2908 77.65 97.32 23.72
C TYR I 2908 77.91 96.64 25.06
N ASP I 2909 77.47 97.23 26.16
CA ASP I 2909 77.68 96.61 27.46
C ASP I 2909 76.77 95.41 27.67
N THR I 2910 75.62 95.38 27.01
CA THR I 2910 74.66 94.30 27.20
C THR I 2910 75.13 93.00 26.56
N LEU I 2911 75.73 93.08 25.38
CA LEU I 2911 76.15 91.88 24.67
C LEU I 2911 77.32 91.21 25.38
N THR I 2912 77.36 89.88 25.31
CA THR I 2912 78.37 89.11 26.01
C THR I 2912 79.72 89.21 25.29
N ALA I 2913 80.72 88.53 25.85
CA ALA I 2913 82.09 88.67 25.35
C ALA I 2913 82.27 87.97 24.01
N LYS I 2914 81.59 86.83 23.81
CA LYS I 2914 81.80 86.06 22.58
C LYS I 2914 81.39 86.86 21.35
N GLU I 2915 80.31 87.63 21.45
CA GLU I 2915 79.91 88.52 20.37
C GLU I 2915 80.60 89.87 20.45
N LYS I 2916 81.42 90.10 21.47
CA LYS I 2916 82.17 91.34 21.61
C LYS I 2916 83.56 91.27 21.01
N ALA I 2917 84.12 90.06 20.88
CA ALA I 2917 85.51 89.91 20.46
C ALA I 2917 85.76 90.50 19.07
N ARG I 2918 84.71 90.62 18.25
CA ARG I 2918 84.88 91.21 16.93
C ARG I 2918 85.35 92.66 17.03
N ASP I 2919 84.58 93.49 17.73
CA ASP I 2919 84.99 94.88 17.92
C ASP I 2919 86.07 95.01 18.99
N ARG I 2920 86.10 94.09 19.96
CA ARG I 2920 87.10 94.15 21.02
C ARG I 2920 88.51 94.00 20.46
N GLU I 2921 88.72 92.96 19.65
CA GLU I 2921 90.05 92.72 19.10
C GLU I 2921 90.45 93.81 18.12
N LYS I 2922 89.50 94.31 17.33
CA LYS I 2922 89.81 95.37 16.36
C LYS I 2922 90.29 96.63 17.07
N ALA I 2923 89.61 97.01 18.16
CA ALA I 2923 90.03 98.19 18.91
C ALA I 2923 91.35 97.93 19.63
N GLN I 2924 91.51 96.72 20.20
CA GLN I 2924 92.75 96.39 20.88
C GLN I 2924 93.93 96.36 19.92
N GLU I 2925 93.73 95.82 18.71
CA GLU I 2925 94.82 95.73 17.75
C GLU I 2925 95.33 97.11 17.36
N LEU I 2926 94.42 98.07 17.19
CA LEU I 2926 94.85 99.45 16.93
C LEU I 2926 95.62 100.00 18.11
N LEU I 2927 95.17 99.71 19.34
CA LEU I 2927 95.88 100.17 20.52
C LEU I 2927 97.24 99.49 20.67
N LYS I 2928 97.34 98.21 20.29
CA LYS I 2928 98.62 97.51 20.36
C LYS I 2928 99.64 98.15 19.41
N PHE I 2929 99.19 98.56 18.22
CA PHE I 2929 100.08 99.26 17.30
C PHE I 2929 100.54 100.58 17.89
N LEU I 2930 99.64 101.28 18.57
CA LEU I 2930 100.02 102.52 19.26
C LEU I 2930 100.89 102.27 20.48
N GLN I 2931 100.95 101.03 20.97
CA GLN I 2931 101.67 100.75 22.20
C GLN I 2931 103.17 100.65 21.98
N MET I 2932 103.61 99.79 21.07
CA MET I 2932 105.04 99.59 20.86
C MET I 2932 105.70 100.80 20.23
N ASN I 2933 104.94 101.67 19.56
CA ASN I 2933 105.52 102.87 18.99
C ASN I 2933 105.57 104.02 19.99
N GLY I 2934 104.64 104.05 20.95
CA GLY I 2934 104.67 105.08 21.97
C GLY I 2934 103.78 106.28 21.68
N TYR I 2935 102.52 106.02 21.36
CA TYR I 2935 101.54 107.09 21.16
C TYR I 2935 100.76 107.29 22.45
N ALA I 2936 100.84 108.50 23.01
CA ALA I 2936 100.21 108.81 24.29
C ALA I 2936 98.88 109.51 24.04
N VAL I 2937 97.78 108.82 24.34
CA VAL I 2937 96.44 109.37 24.24
C VAL I 2937 95.81 109.36 25.63
N THR I 2938 95.36 110.52 26.09
CA THR I 2938 94.79 110.65 27.42
C THR I 2938 93.62 111.63 27.35
N ARG I 2939 92.64 111.41 28.23
CA ARG I 2939 91.46 112.26 28.29
C ARG I 2939 91.83 113.67 28.76
N LEU I 2946 87.23 105.36 39.22
CA LEU I 2946 88.62 105.39 38.78
C LEU I 2946 89.54 105.00 39.94
N ASP I 2947 90.45 104.06 39.67
CA ASP I 2947 91.35 103.51 40.67
C ASP I 2947 90.56 102.94 41.86
N THR I 2948 89.47 102.25 41.55
CA THR I 2948 88.61 101.69 42.58
C THR I 2948 89.06 100.28 42.93
N SER I 2949 89.17 100.01 44.23
CA SER I 2949 89.57 98.69 44.68
C SER I 2949 88.44 97.68 44.49
N SER I 2950 88.78 96.40 44.58
CA SER I 2950 87.79 95.35 44.39
C SER I 2950 86.73 95.38 45.49
N ILE I 2951 87.11 95.76 46.70
CA ILE I 2951 86.14 95.82 47.80
C ILE I 2951 85.07 96.87 47.51
N GLU I 2952 85.47 98.04 47.02
CA GLU I 2952 84.52 99.11 46.72
C GLU I 2952 83.65 98.81 45.51
N LYS I 2953 84.03 97.82 44.69
CA LYS I 2953 83.24 97.46 43.52
C LYS I 2953 82.18 96.41 43.81
N ARG I 2954 82.13 95.89 45.04
CA ARG I 2954 81.14 94.87 45.36
C ARG I 2954 79.74 95.46 45.33
N PHE I 2955 78.76 94.60 45.01
CA PHE I 2955 77.37 95.05 44.93
C PHE I 2955 76.88 95.55 46.27
N ALA I 2956 77.22 94.85 47.36
CA ALA I 2956 76.79 95.28 48.68
C ALA I 2956 77.40 96.62 49.07
N PHE I 2957 78.66 96.86 48.68
CA PHE I 2957 79.30 98.13 48.99
C PHE I 2957 78.57 99.28 48.31
N GLY I 2958 78.25 99.13 47.03
CA GLY I 2958 77.50 100.17 46.35
C GLY I 2958 76.08 100.31 46.85
N PHE I 2959 75.43 99.18 47.16
CA PHE I 2959 74.07 99.23 47.67
C PHE I 2959 74.01 99.91 49.02
N LEU I 2960 74.93 99.56 49.92
CA LEU I 2960 74.99 100.21 51.22
C LEU I 2960 75.33 101.68 51.11
N GLN I 2961 76.21 102.04 50.19
CA GLN I 2961 76.59 103.45 50.03
C GLN I 2961 75.40 104.29 49.60
N GLN I 2962 74.56 103.75 48.72
CA GLN I 2962 73.35 104.48 48.33
C GLN I 2962 72.38 104.60 49.48
N LEU I 2963 72.26 103.54 50.30
CA LEU I 2963 71.38 103.62 51.46
C LEU I 2963 71.85 104.70 52.43
N LEU I 2964 73.16 104.78 52.68
CA LEU I 2964 73.69 105.86 53.51
C LEU I 2964 73.46 107.21 52.86
N ARG I 2965 73.53 107.27 51.54
CA ARG I 2965 73.24 108.51 50.83
C ARG I 2965 71.80 108.96 51.04
N TRP I 2966 70.86 108.01 51.09
CA TRP I 2966 69.47 108.37 51.37
C TRP I 2966 69.24 108.68 52.84
N MET I 2967 70.13 108.22 53.72
CA MET I 2967 69.97 108.51 55.14
C MET I 2967 70.11 110.00 55.42
N ASP I 2968 71.11 110.65 54.82
CA ASP I 2968 71.24 112.09 54.97
C ASP I 2968 70.09 112.82 54.29
N ILE I 2969 69.54 112.25 53.23
CA ILE I 2969 68.32 112.80 52.63
C ILE I 2969 67.14 112.61 53.57
N SER I 2970 67.07 111.46 54.24
CA SER I 2970 65.98 111.21 55.18
C SER I 2970 66.02 112.21 56.34
N GLN I 2971 67.22 112.50 56.84
CA GLN I 2971 67.36 113.51 57.88
C GLN I 2971 66.97 114.90 57.41
N GLU I 2972 66.97 115.14 56.10
CA GLU I 2972 66.67 116.48 55.60
C GLU I 2972 65.18 116.80 55.70
N PHE I 2973 64.32 115.86 55.33
CA PHE I 2973 62.90 116.18 55.30
C PHE I 2973 62.19 115.89 56.62
N ILE I 2974 62.74 115.03 57.47
CA ILE I 2974 62.13 114.84 58.79
C ILE I 2974 62.27 116.12 59.61
N ALA I 2975 63.40 116.80 59.48
CA ALA I 2975 63.57 118.10 60.12
C ALA I 2975 62.55 119.10 59.57
N HIS I 2976 62.32 119.06 58.26
CA HIS I 2976 61.28 119.89 57.66
C HIS I 2976 59.91 119.52 58.21
N LEU I 2977 59.64 118.22 58.33
CA LEU I 2977 58.38 117.77 58.93
C LEU I 2977 58.28 118.21 60.38
N GLU I 2978 59.37 118.10 61.14
CA GLU I 2978 59.39 118.57 62.51
C GLU I 2978 59.19 120.08 62.58
N ALA I 2979 59.78 120.81 61.64
CA ALA I 2979 59.63 122.26 61.62
C ALA I 2979 58.18 122.66 61.35
N VAL I 2980 57.57 122.08 60.31
CA VAL I 2980 56.21 122.45 59.95
C VAL I 2980 55.22 122.00 61.02
N VAL I 2981 55.45 120.84 61.63
CA VAL I 2981 54.54 120.36 62.68
C VAL I 2981 54.64 121.18 63.95
N SER I 2982 55.70 121.99 64.08
CA SER I 2982 55.87 122.87 65.23
C SER I 2982 55.39 124.30 64.95
N SER I 2983 55.78 124.86 63.79
CA SER I 2983 55.36 126.20 63.41
C SER I 2983 55.31 126.29 61.90
N GLY I 2984 54.49 127.22 61.41
CA GLY I 2984 54.36 127.44 59.98
C GLY I 2984 53.80 126.24 59.24
N ARG I 2985 52.54 125.92 59.50
CA ARG I 2985 51.91 124.76 58.88
C ARG I 2985 51.79 124.95 57.37
N VAL I 2986 52.18 123.93 56.62
CA VAL I 2986 52.07 123.93 55.16
C VAL I 2986 52.01 122.49 54.69
N GLU I 2987 51.08 122.22 53.76
CA GLU I 2987 50.87 120.88 53.25
C GLU I 2987 51.46 120.69 51.86
N LYS I 2988 52.37 121.57 51.45
CA LYS I 2988 53.00 121.42 50.14
C LYS I 2988 53.82 120.14 50.06
N SER I 2989 54.54 119.82 51.14
CA SER I 2989 55.40 118.64 51.21
C SER I 2989 56.37 118.60 50.04
N PRO I 2990 57.40 119.46 50.02
CA PRO I 2990 58.34 119.47 48.89
C PRO I 2990 59.10 118.17 48.73
N HIS I 2991 59.19 117.34 49.76
CA HIS I 2991 59.89 116.06 49.69
C HIS I 2991 58.92 114.88 49.66
N GLU I 2992 57.72 115.07 49.09
CA GLU I 2992 56.73 113.99 49.09
C GLU I 2992 57.23 112.77 48.34
N GLN I 2993 57.90 112.98 47.21
CA GLN I 2993 58.50 111.87 46.49
C GLN I 2993 59.55 111.17 47.33
N GLU I 2994 60.40 111.93 48.02
CA GLU I 2994 61.44 111.35 48.85
C GLU I 2994 60.83 110.55 50.01
N ILE I 2995 59.78 111.08 50.64
CA ILE I 2995 59.16 110.38 51.76
C ILE I 2995 58.56 109.05 51.31
N LYS I 2996 57.83 109.06 50.19
CA LYS I 2996 57.20 107.84 49.71
C LYS I 2996 58.24 106.81 49.27
N PHE I 2997 59.29 107.25 48.59
CA PHE I 2997 60.32 106.32 48.14
C PHE I 2997 61.04 105.69 49.32
N PHE I 2998 61.36 106.50 50.33
CA PHE I 2998 62.04 105.99 51.51
C PHE I 2998 61.16 104.99 52.26
N ALA I 2999 59.89 105.32 52.46
CA ALA I 2999 59.00 104.49 53.26
C ALA I 2999 58.54 103.25 52.52
N LYS I 3000 58.23 103.38 51.22
CA LYS I 3000 57.60 102.29 50.49
C LYS I 3000 58.58 101.41 49.73
N ILE I 3001 59.80 101.88 49.50
CA ILE I 3001 60.77 101.11 48.73
C ILE I 3001 61.97 100.73 49.59
N LEU I 3002 62.60 101.72 50.21
CA LEU I 3002 63.83 101.48 50.94
C LEU I 3002 63.60 100.56 52.13
N LEU I 3003 62.58 100.86 52.95
CA LEU I 3003 62.33 100.04 54.13
C LEU I 3003 62.00 98.59 53.79
N PRO I 3004 61.11 98.28 52.85
CA PRO I 3004 60.96 96.87 52.45
C PRO I 3004 62.21 96.29 51.85
N LEU I 3005 63.02 97.09 51.15
CA LEU I 3005 64.24 96.58 50.54
C LEU I 3005 65.28 96.25 51.60
N ILE I 3006 65.47 97.15 52.58
CA ILE I 3006 66.39 96.88 53.67
C ILE I 3006 65.91 95.69 54.49
N ASN I 3007 64.59 95.57 54.66
CA ASN I 3007 64.03 94.48 55.45
C ASN I 3007 64.38 93.13 54.85
N GLN I 3008 64.26 93.00 53.53
CA GLN I 3008 64.44 91.70 52.90
C GLN I 3008 65.89 91.42 52.52
N TYR I 3009 66.64 92.47 52.16
CA TYR I 3009 68.01 92.26 51.71
C TYR I 3009 68.89 91.70 52.83
N PHE I 3010 68.83 92.33 54.01
CA PHE I 3010 69.65 91.90 55.12
C PHE I 3010 69.12 90.66 55.81
N THR I 3011 67.85 90.29 55.58
CA THR I 3011 67.36 89.01 56.05
C THR I 3011 67.99 87.87 55.27
N ASN I 3012 68.13 88.03 53.95
CA ASN I 3012 68.71 86.98 53.13
C ASN I 3012 70.22 86.90 53.31
N HIS I 3013 70.89 88.04 53.41
CA HIS I 3013 72.34 88.11 53.46
C HIS I 3013 72.84 88.44 54.87
N CYS I 3014 72.14 87.94 55.89
CA CYS I 3014 72.57 88.19 57.26
C CYS I 3014 73.91 87.53 57.55
N LEU I 3015 74.09 86.29 57.07
CA LEU I 3015 75.33 85.57 57.36
C LEU I 3015 76.53 86.17 56.65
N TYR I 3016 76.31 86.83 55.52
CA TYR I 3016 77.43 87.43 54.79
C TYR I 3016 78.09 88.53 55.61
N PHE I 3017 77.30 89.38 56.26
CA PHE I 3017 77.85 90.47 57.04
C PHE I 3017 78.39 90.00 58.39
N LEU I 3018 77.82 88.94 58.96
CA LEU I 3018 78.31 88.42 60.23
C LEU I 3018 79.54 87.54 60.05
N SER I 3019 79.86 87.12 58.84
CA SER I 3019 80.99 86.24 58.61
C SER I 3019 82.30 87.02 58.71
N THR I 3020 83.36 86.30 59.06
CA THR I 3020 84.70 86.83 59.18
C THR I 3020 85.65 85.80 58.58
N PRO I 3021 86.82 86.24 58.09
CA PRO I 3021 87.77 85.27 57.54
C PRO I 3021 88.17 84.18 58.52
N ALA I 3022 88.23 84.50 59.81
CA ALA I 3022 88.52 83.48 60.81
C ALA I 3022 87.41 82.43 60.88
N LYS I 3023 86.15 82.87 60.84
CA LYS I 3023 85.01 81.96 60.96
C LYS I 3023 83.96 82.36 59.95
N VAL I 3024 83.76 81.53 58.93
CA VAL I 3024 82.78 81.80 57.87
C VAL I 3024 81.47 81.12 58.24
N LEU I 3025 80.39 81.89 58.22
CA LEU I 3025 79.07 81.40 58.60
C LEU I 3025 78.18 81.08 57.41
N GLY I 3026 78.26 81.88 56.34
CA GLY I 3026 77.42 81.69 55.18
C GLY I 3026 77.98 80.65 54.23
N SER I 3027 77.32 80.53 53.08
CA SER I 3027 77.77 79.58 52.06
C SER I 3027 79.15 79.94 51.54
N GLY I 3028 79.39 81.22 51.29
CA GLY I 3028 80.69 81.66 50.84
C GLY I 3028 80.80 83.17 50.89
N GLY I 3029 82.03 83.64 50.99
CA GLY I 3029 82.31 85.06 51.04
C GLY I 3029 81.95 85.66 52.39
N HIS I 3030 82.65 86.76 52.70
CA HIS I 3030 82.41 87.49 53.94
C HIS I 3030 82.54 88.97 53.67
N ALA I 3031 81.79 89.77 54.44
CA ALA I 3031 81.80 91.20 54.25
C ALA I 3031 83.15 91.79 54.66
N SER I 3032 83.59 92.80 53.92
CA SER I 3032 84.81 93.51 54.28
C SER I 3032 84.56 94.40 55.49
N ASN I 3033 85.65 94.96 56.02
CA ASN I 3033 85.52 95.84 57.18
C ASN I 3033 84.70 97.07 56.85
N LYS I 3034 84.92 97.66 55.67
CA LYS I 3034 84.17 98.85 55.29
C LYS I 3034 82.67 98.55 55.18
N GLU I 3035 82.32 97.39 54.64
CA GLU I 3035 80.91 96.99 54.58
C GLU I 3035 80.33 96.83 55.97
N LYS I 3036 81.10 96.24 56.89
CA LYS I 3036 80.65 96.13 58.28
C LYS I 3036 80.52 97.50 58.92
N GLU I 3037 81.42 98.43 58.59
CA GLU I 3037 81.31 99.78 59.12
C GLU I 3037 80.07 100.49 58.59
N MET I 3038 79.77 100.33 57.30
CA MET I 3038 78.63 101.02 56.71
C MET I 3038 77.31 100.50 57.28
N ILE I 3039 77.19 99.19 57.46
CA ILE I 3039 75.95 98.66 58.01
C ILE I 3039 75.77 99.08 59.46
N THR I 3040 76.87 99.31 60.18
CA THR I 3040 76.78 99.83 61.53
C THR I 3040 76.31 101.27 61.53
N SER I 3041 76.86 102.09 60.64
CA SER I 3041 76.42 103.48 60.53
C SER I 3041 74.99 103.58 60.02
N LEU I 3042 74.57 102.64 59.17
CA LEU I 3042 73.19 102.61 58.73
C LEU I 3042 72.23 102.37 59.89
N PHE I 3043 72.59 101.45 60.79
CA PHE I 3043 71.77 101.19 61.96
C PHE I 3043 71.71 102.42 62.88
N CYS I 3044 72.86 103.05 63.11
CA CYS I 3044 72.89 104.20 64.01
C CYS I 3044 72.10 105.38 63.44
N LYS I 3045 72.26 105.65 62.14
CA LYS I 3045 71.52 106.75 61.53
C LYS I 3045 70.03 106.48 61.51
N LEU I 3046 69.63 105.24 61.20
CA LEU I 3046 68.22 104.90 61.20
C LEU I 3046 67.62 105.00 62.60
N ALA I 3047 68.36 104.53 63.61
CA ALA I 3047 67.86 104.61 64.97
C ALA I 3047 67.70 106.06 65.42
N ALA I 3048 68.67 106.91 65.10
CA ALA I 3048 68.56 108.32 65.44
C ALA I 3048 67.46 109.00 64.63
N LEU I 3049 67.17 108.47 63.44
CA LEU I 3049 66.10 109.05 62.62
C LEU I 3049 64.75 108.90 63.30
N VAL I 3050 64.48 107.72 63.88
CA VAL I 3050 63.18 107.45 64.48
C VAL I 3050 63.12 107.87 65.95
N ARG I 3051 64.23 108.34 66.52
CA ARG I 3051 64.25 108.71 67.93
C ARG I 3051 63.33 109.89 68.18
N HIS I 3052 62.28 109.65 68.97
CA HIS I 3052 61.28 110.66 69.33
C HIS I 3052 60.51 111.18 68.13
N ARG I 3053 60.47 110.41 67.04
CA ARG I 3053 59.70 110.77 65.86
C ARG I 3053 58.89 109.57 65.36
N VAL I 3054 58.48 108.69 66.26
CA VAL I 3054 57.70 107.53 65.87
C VAL I 3054 56.34 107.95 65.32
N SER I 3055 55.76 109.00 65.89
CA SER I 3055 54.45 109.46 65.42
C SER I 3055 54.54 110.06 64.02
N LEU I 3056 55.65 110.74 63.70
CA LEU I 3056 55.78 111.41 62.42
C LEU I 3056 55.84 110.44 61.25
N PHE I 3057 56.17 109.16 61.51
CA PHE I 3057 56.19 108.16 60.46
C PHE I 3057 54.83 107.54 60.19
N GLY I 3058 53.84 107.83 61.04
CA GLY I 3058 52.51 107.29 60.81
C GLY I 3058 52.50 105.79 60.80
N THR I 3059 51.92 105.21 59.76
CA THR I 3059 51.85 103.75 59.61
C THR I 3059 53.17 103.13 59.19
N ASP I 3060 54.17 103.95 58.86
CA ASP I 3060 55.48 103.43 58.47
C ASP I 3060 56.37 103.12 59.67
N ALA I 3061 55.95 103.50 60.88
CA ALA I 3061 56.74 103.20 62.06
C ALA I 3061 56.99 101.70 62.27
N PRO I 3062 55.99 100.81 62.11
CA PRO I 3062 56.32 99.38 62.21
C PRO I 3062 57.35 98.92 61.20
N ALA I 3063 57.38 99.52 60.01
CA ALA I 3063 58.40 99.18 59.03
C ALA I 3063 59.79 99.61 59.50
N VAL I 3064 59.89 100.77 60.14
CA VAL I 3064 61.18 101.27 60.58
C VAL I 3064 61.76 100.38 61.67
N VAL I 3065 60.93 100.00 62.65
CA VAL I 3065 61.44 99.19 63.74
C VAL I 3065 61.80 97.78 63.27
N ASN I 3066 61.06 97.25 62.30
CA ASN I 3066 61.40 95.94 61.74
C ASN I 3066 62.76 95.99 61.05
N CYS I 3067 63.05 97.08 60.34
CA CYS I 3067 64.37 97.23 59.74
C CYS I 3067 65.45 97.32 60.82
N LEU I 3068 65.16 98.00 61.92
CA LEU I 3068 66.12 98.09 63.02
C LEU I 3068 66.39 96.73 63.62
N HIS I 3069 65.36 95.89 63.75
CA HIS I 3069 65.57 94.53 64.26
C HIS I 3069 66.50 93.75 63.36
N ILE I 3070 66.27 93.81 62.05
CA ILE I 3070 67.07 93.02 61.11
C ILE I 3070 68.48 93.58 61.00
N LEU I 3071 68.63 94.91 61.02
CA LEU I 3071 69.96 95.49 61.00
C LEU I 3071 70.73 95.12 62.27
N ALA I 3072 70.05 95.07 63.41
CA ALA I 3072 70.72 94.69 64.65
C ALA I 3072 71.22 93.25 64.59
N ARG I 3073 70.45 92.35 64.00
CA ARG I 3073 70.86 90.96 63.89
C ARG I 3073 72.00 90.75 62.90
N SER I 3074 72.36 91.76 62.12
CA SER I 3074 73.42 91.67 61.14
C SER I 3074 74.57 92.62 61.45
N LEU I 3075 74.75 92.96 62.73
CA LEU I 3075 75.82 93.85 63.16
C LEU I 3075 76.98 93.01 63.68
N ASP I 3076 78.10 93.03 62.95
CA ASP I 3076 79.35 92.43 63.44
C ASP I 3076 80.11 93.48 64.24
N ALA I 3077 79.55 93.79 65.42
CA ALA I 3077 80.07 94.87 66.24
C ALA I 3077 81.45 94.55 66.82
N ARG I 3078 81.84 93.28 66.83
CA ARG I 3078 83.17 92.94 67.34
C ARG I 3078 84.26 93.56 66.49
N THR I 3079 84.19 93.39 65.16
CA THR I 3079 85.19 93.95 64.27
C THR I 3079 85.12 95.48 64.25
N VAL I 3080 83.92 96.03 64.27
CA VAL I 3080 83.76 97.48 64.17
C VAL I 3080 84.37 98.17 65.38
N MET I 3081 84.11 97.65 66.58
CA MET I 3081 84.62 98.30 67.79
C MET I 3081 86.11 98.07 67.97
N LYS I 3082 86.63 96.93 67.49
CA LYS I 3082 88.05 96.65 67.62
C LYS I 3082 88.87 97.42 66.59
N SER I 3083 88.60 97.20 65.31
CA SER I 3083 89.32 97.84 64.22
C SER I 3083 88.30 98.57 63.35
N GLY I 3084 88.03 99.82 63.69
CA GLY I 3084 87.09 100.62 62.95
C GLY I 3084 87.34 102.10 63.11
N PRO I 3085 86.76 102.92 62.23
CA PRO I 3085 86.94 104.36 62.33
C PRO I 3085 86.30 104.92 63.60
N GLU I 3086 86.85 106.03 64.07
CA GLU I 3086 86.31 106.68 65.27
C GLU I 3086 84.88 107.16 65.04
N ILE I 3087 84.60 107.68 63.85
CA ILE I 3087 83.27 108.21 63.56
C ILE I 3087 82.23 107.11 63.63
N VAL I 3088 82.52 105.95 63.04
CA VAL I 3088 81.58 104.83 63.07
C VAL I 3088 81.41 104.31 64.50
N LYS I 3089 82.52 104.17 65.23
CA LYS I 3089 82.44 103.70 66.61
C LYS I 3089 81.69 104.68 67.49
N ALA I 3090 81.93 105.98 67.29
CA ALA I 3090 81.23 106.98 68.09
C ALA I 3090 79.72 106.94 67.87
N GLY I 3091 79.29 106.57 66.65
CA GLY I 3091 77.86 106.45 66.39
C GLY I 3091 77.22 105.33 67.20
N LEU I 3092 77.90 104.18 67.28
CA LEU I 3092 77.37 103.08 68.07
C LEU I 3092 77.37 103.41 69.56
N ARG I 3093 78.41 104.09 70.04
CA ARG I 3093 78.46 104.52 71.43
C ARG I 3093 77.33 105.50 71.73
N SER I 3094 77.07 106.42 70.81
CA SER I 3094 76.00 107.40 71.02
C SER I 3094 74.64 106.74 71.07
N PHE I 3095 74.46 105.63 70.36
CA PHE I 3095 73.18 104.92 70.40
C PHE I 3095 72.89 104.38 71.79
N PHE I 3096 73.88 103.72 72.41
CA PHE I 3096 73.68 103.21 73.76
C PHE I 3096 73.50 104.34 74.76
N GLU I 3097 74.28 105.41 74.62
CA GLU I 3097 74.14 106.54 75.53
C GLU I 3097 72.76 107.18 75.39
N SER I 3098 72.28 107.35 74.16
CA SER I 3098 70.96 107.91 73.95
C SER I 3098 69.88 106.97 74.49
N ALA I 3099 70.07 105.66 74.33
CA ALA I 3099 69.10 104.70 74.84
C ALA I 3099 69.00 104.77 76.35
N SER I 3100 70.15 104.92 77.03
CA SER I 3100 70.14 105.02 78.49
C SER I 3100 69.40 106.26 78.95
N GLU I 3101 69.62 107.39 78.28
CA GLU I 3101 68.95 108.63 78.65
C GLU I 3101 67.44 108.52 78.46
N ASP I 3102 67.00 107.92 77.36
CA ASP I 3102 65.58 107.78 77.11
C ASP I 3102 64.91 106.88 78.13
N ILE I 3103 65.60 105.79 78.52
CA ILE I 3103 65.04 104.89 79.52
C ILE I 3103 64.98 105.57 80.88
N GLU I 3104 66.00 106.37 81.21
CA GLU I 3104 65.99 107.10 82.47
C GLU I 3104 64.82 108.08 82.53
N LYS I 3105 64.55 108.76 81.43
CA LYS I 3105 63.38 109.65 81.38
C LYS I 3105 62.09 108.85 81.46
N MET I 3106 62.07 107.65 80.88
CA MET I 3106 60.88 106.83 80.94
C MET I 3106 60.58 106.36 82.35
N VAL I 3107 61.61 105.87 83.06
CA VAL I 3107 61.39 105.30 84.39
C VAL I 3107 61.03 106.39 85.39
N GLU I 3108 61.62 107.58 85.25
CA GLU I 3108 61.28 108.66 86.17
C GLU I 3108 59.88 109.19 85.93
N ASN I 3109 59.35 109.06 84.72
CA ASN I 3109 57.95 109.36 84.46
C ASN I 3109 57.03 108.27 84.97
N LEU I 3110 57.44 107.01 84.87
CA LEU I 3110 56.70 105.92 85.49
C LEU I 3110 56.73 106.03 87.01
N ARG I 3111 57.70 106.75 87.57
CA ARG I 3111 57.73 107.06 88.99
C ARG I 3111 56.68 108.10 89.38
N LEU I 3112 55.80 108.46 88.45
CA LEU I 3112 54.73 109.44 88.67
C LEU I 3112 55.31 110.80 89.02
N GLY I 3113 56.50 111.10 88.49
CA GLY I 3113 56.95 112.48 88.47
C GLY I 3113 56.08 113.34 87.57
N LYS I 3114 55.55 112.76 86.50
CA LYS I 3114 54.57 113.40 85.64
C LYS I 3114 53.39 112.45 85.48
N VAL I 3115 52.21 113.02 85.26
CA VAL I 3115 50.98 112.22 85.22
C VAL I 3115 51.04 111.20 84.09
N SER I 3116 51.49 111.62 82.91
CA SER I 3116 51.62 110.74 81.75
C SER I 3116 50.28 110.10 81.38
N LYS I 3123 53.08 116.85 75.74
CA LYS I 3123 54.46 117.31 75.75
C LYS I 3123 55.42 116.21 75.32
N GLY I 3124 56.69 116.34 75.70
CA GLY I 3124 57.69 115.35 75.36
C GLY I 3124 57.57 114.06 76.13
N VAL I 3125 56.81 114.07 77.24
CA VAL I 3125 56.62 112.85 78.01
C VAL I 3125 55.88 111.81 77.17
N GLY I 3126 54.83 112.23 76.47
CA GLY I 3126 54.11 111.30 75.62
C GLY I 3126 54.95 110.79 74.46
N GLN I 3127 55.75 111.67 73.84
CA GLN I 3127 56.62 111.26 72.75
C GLN I 3127 57.69 110.27 73.24
N ASN I 3128 58.29 110.56 74.38
CA ASN I 3128 59.32 109.67 74.92
C ASN I 3128 58.73 108.32 75.31
N LEU I 3129 57.55 108.32 75.93
CA LEU I 3129 56.96 107.07 76.38
C LEU I 3129 56.59 106.17 75.21
N THR I 3130 55.99 106.73 74.16
CA THR I 3130 55.59 105.90 73.03
C THR I 3130 56.79 105.48 72.19
N TYR I 3131 57.86 106.28 72.19
CA TYR I 3131 59.07 105.89 71.45
C TYR I 3131 59.77 104.72 72.13
N THR I 3132 59.86 104.74 73.45
CA THR I 3132 60.60 103.71 74.17
C THR I 3132 59.88 102.37 74.13
N THR I 3133 58.57 102.39 74.35
CA THR I 3133 57.83 101.13 74.44
C THR I 3133 57.57 100.48 73.09
N VAL I 3134 57.68 101.23 72.00
CA VAL I 3134 57.40 100.71 70.67
C VAL I 3134 58.67 100.48 69.87
N ALA I 3135 59.65 101.38 69.98
CA ALA I 3135 60.86 101.32 69.18
C ALA I 3135 62.10 100.99 69.99
N LEU I 3136 62.38 101.74 71.05
CA LEU I 3136 63.67 101.59 71.74
C LEU I 3136 63.78 100.23 72.43
N LEU I 3137 62.77 99.87 73.23
CA LEU I 3137 62.86 98.63 73.99
C LEU I 3137 62.94 97.38 73.11
N PRO I 3138 62.08 97.19 72.10
CA PRO I 3138 62.24 95.99 71.25
C PRO I 3138 63.57 95.95 70.53
N VAL I 3139 64.07 97.08 70.06
CA VAL I 3139 65.34 97.11 69.33
C VAL I 3139 66.50 96.83 70.28
N LEU I 3140 66.48 97.47 71.46
CA LEU I 3140 67.54 97.24 72.43
C LEU I 3140 67.57 95.80 72.90
N THR I 3141 66.40 95.19 73.06
CA THR I 3141 66.34 93.77 73.42
C THR I 3141 66.95 92.90 72.33
N THR I 3142 66.63 93.20 71.06
CA THR I 3142 67.18 92.42 69.95
C THR I 3142 68.69 92.58 69.86
N LEU I 3143 69.19 93.81 70.03
CA LEU I 3143 70.62 94.06 69.92
C LEU I 3143 71.39 93.31 71.02
N PHE I 3144 70.89 93.35 72.25
CA PHE I 3144 71.54 92.63 73.33
C PHE I 3144 71.51 91.13 73.10
N GLN I 3145 70.39 90.60 72.61
CA GLN I 3145 70.31 89.19 72.30
C GLN I 3145 71.30 88.81 71.20
N HIS I 3146 71.44 89.68 70.19
CA HIS I 3146 72.41 89.44 69.14
C HIS I 3146 73.83 89.42 69.67
N ILE I 3147 74.15 90.33 70.59
CA ILE I 3147 75.48 90.37 71.19
C ILE I 3147 75.73 89.10 72.00
N ALA I 3148 74.73 88.67 72.78
CA ALA I 3148 74.90 87.51 73.64
C ALA I 3148 75.13 86.24 72.84
N GLN I 3149 74.40 86.05 71.73
CA GLN I 3149 74.52 84.83 70.95
C GLN I 3149 75.90 84.70 70.33
N HIS I 3150 76.47 85.81 69.86
CA HIS I 3150 77.75 85.79 69.16
C HIS I 3150 78.92 86.13 70.08
N GLN I 3151 78.69 86.19 71.39
CA GLN I 3151 79.75 86.41 72.37
C GLN I 3151 80.49 87.73 72.11
N PHE I 3152 79.74 88.76 71.71
CA PHE I 3152 80.33 90.06 71.46
C PHE I 3152 80.41 90.94 72.69
N GLY I 3153 79.91 90.45 73.84
CA GLY I 3153 79.88 91.30 75.03
C GLY I 3153 81.24 91.73 75.51
N ASP I 3154 82.22 90.81 75.46
CA ASP I 3154 83.56 91.12 75.92
C ASP I 3154 84.31 92.06 75.00
N ASP I 3155 83.78 92.36 73.81
CA ASP I 3155 84.45 93.21 72.85
C ASP I 3155 83.74 94.53 72.59
N VAL I 3156 82.44 94.60 72.81
CA VAL I 3156 81.65 95.79 72.52
C VAL I 3156 81.41 96.64 73.75
N ILE I 3157 80.92 96.01 74.82
CA ILE I 3157 80.55 96.75 76.05
C ILE I 3157 81.80 96.80 76.91
N LEU I 3158 82.66 97.78 76.62
CA LEU I 3158 83.97 97.84 77.26
C LEU I 3158 84.16 99.08 78.14
N ASP I 3159 84.04 100.28 77.58
CA ASP I 3159 84.44 101.48 78.31
C ASP I 3159 83.28 102.42 78.59
N ASP I 3160 82.59 102.91 77.56
CA ASP I 3160 81.45 103.80 77.76
C ASP I 3160 80.12 103.11 77.50
N VAL I 3161 80.10 102.01 76.75
CA VAL I 3161 78.89 101.22 76.63
C VAL I 3161 78.56 100.58 77.99
N GLN I 3162 79.58 100.20 78.76
CA GLN I 3162 79.35 99.68 80.09
C GLN I 3162 78.66 100.71 80.97
N VAL I 3163 79.13 101.97 80.92
CA VAL I 3163 78.48 103.02 81.69
C VAL I 3163 77.05 103.22 81.22
N SER I 3164 76.83 103.20 79.91
CA SER I 3164 75.47 103.30 79.39
C SER I 3164 74.64 102.08 79.78
N CYS I 3165 75.23 100.88 79.69
CA CYS I 3165 74.51 99.67 80.08
C CYS I 3165 74.27 99.62 81.57
N TYR I 3166 75.19 100.14 82.38
CA TYR I 3166 74.97 100.20 83.82
C TYR I 3166 73.77 101.07 84.16
N ARG I 3167 73.67 102.23 83.53
CA ARG I 3167 72.53 103.12 83.79
C ARG I 3167 71.23 102.47 83.35
N THR I 3168 71.24 101.78 82.22
CA THR I 3168 70.06 101.02 81.81
C THR I 3168 69.76 99.91 82.82
N LEU I 3169 70.79 99.21 83.28
CA LEU I 3169 70.61 98.20 84.33
C LEU I 3169 70.15 98.84 85.62
N CYS I 3170 70.73 100.00 85.98
CA CYS I 3170 70.32 100.72 87.17
C CYS I 3170 68.83 101.09 87.10
N SER I 3171 68.40 101.67 85.98
CA SER I 3171 67.08 102.26 85.90
C SER I 3171 65.98 101.21 85.80
N ILE I 3172 66.19 100.16 85.01
CA ILE I 3172 65.14 99.18 84.78
C ILE I 3172 64.78 98.47 86.08
N TYR I 3173 65.78 98.07 86.85
CA TYR I 3173 65.52 97.39 88.11
C TYR I 3173 64.88 98.31 89.15
N SER I 3174 65.01 99.63 88.99
CA SER I 3174 64.46 100.57 89.95
C SER I 3174 62.94 100.64 89.92
N LEU I 3175 62.27 99.81 89.12
CA LEU I 3175 60.82 99.77 89.09
C LEU I 3175 60.22 98.89 90.18
N GLY I 3176 61.05 98.24 90.99
CA GLY I 3176 60.52 97.37 92.03
C GLY I 3176 59.70 98.12 93.06
N THR I 3177 60.11 99.36 93.39
CA THR I 3177 59.41 100.18 94.36
C THR I 3177 58.36 101.08 93.71
N THR I 3178 57.84 100.69 92.55
CA THR I 3178 56.85 101.47 91.83
C THR I 3178 55.60 100.63 91.59
N LYS I 3179 54.44 101.21 91.88
CA LYS I 3179 53.16 100.54 91.70
C LYS I 3179 52.23 101.45 90.92
N ASN I 3180 52.04 101.16 89.63
CA ASN I 3180 51.17 101.94 88.77
C ASN I 3180 50.51 101.00 87.77
N THR I 3181 49.66 101.57 86.91
CA THR I 3181 49.05 100.81 85.83
C THR I 3181 49.97 100.69 84.61
N TYR I 3182 50.69 101.77 84.30
CA TYR I 3182 51.62 101.72 83.18
C TYR I 3182 52.76 100.75 83.46
N VAL I 3183 53.26 100.73 84.70
CA VAL I 3183 54.34 99.83 85.06
C VAL I 3183 53.90 98.38 84.94
N GLU I 3184 52.64 98.10 85.27
CA GLU I 3184 52.14 96.72 85.25
C GLU I 3184 52.21 96.13 83.85
N LYS I 3185 51.82 96.91 82.84
CA LYS I 3185 51.81 96.41 81.47
C LYS I 3185 53.19 96.46 80.82
N LEU I 3186 54.15 97.18 81.40
CA LEU I 3186 55.47 97.32 80.83
C LEU I 3186 56.48 96.35 81.44
N ARG I 3187 56.12 95.61 82.47
CA ARG I 3187 57.05 94.66 83.07
C ARG I 3187 57.51 93.57 82.10
N PRO I 3188 56.65 92.92 81.31
CA PRO I 3188 57.17 91.91 80.37
C PRO I 3188 58.19 92.46 79.39
N ALA I 3189 58.02 93.69 78.93
CA ALA I 3189 58.99 94.28 78.02
C ALA I 3189 60.27 94.65 78.74
N LEU I 3190 60.15 95.26 79.93
CA LEU I 3190 61.33 95.61 80.71
C LEU I 3190 62.09 94.37 81.16
N GLY I 3191 61.36 93.33 81.59
CA GLY I 3191 62.03 92.13 82.05
C GLY I 3191 62.79 91.42 80.95
N GLU I 3192 62.21 91.34 79.76
CA GLU I 3192 62.89 90.70 78.65
C GLU I 3192 64.14 91.47 78.24
N CYS I 3193 64.06 92.80 78.24
CA CYS I 3193 65.22 93.62 77.91
C CYS I 3193 66.33 93.44 78.93
N LEU I 3194 65.96 93.39 80.22
CA LEU I 3194 66.97 93.23 81.27
C LEU I 3194 67.62 91.85 81.21
N ALA I 3195 66.85 90.82 80.87
CA ALA I 3195 67.40 89.48 80.76
C ALA I 3195 68.44 89.39 79.66
N ARG I 3196 68.15 90.01 78.51
CA ARG I 3196 69.11 90.02 77.41
C ARG I 3196 70.35 90.84 77.76
N LEU I 3197 70.17 91.92 78.52
CA LEU I 3197 71.32 92.72 78.94
C LEU I 3197 72.24 91.91 79.84
N ALA I 3198 71.66 91.11 80.73
CA ALA I 3198 72.48 90.28 81.63
C ALA I 3198 73.31 89.27 80.86
N ALA I 3199 72.74 88.70 79.79
CA ALA I 3199 73.48 87.75 78.99
C ALA I 3199 74.65 88.40 78.25
N ALA I 3200 74.49 89.67 77.85
CA ALA I 3200 75.53 90.37 77.11
C ALA I 3200 76.46 91.19 77.98
N MET I 3201 76.11 91.42 79.24
CA MET I 3201 76.95 92.24 80.10
C MET I 3201 78.22 91.48 80.46
N PRO I 3202 79.41 92.03 80.18
CA PRO I 3202 80.65 91.32 80.47
C PRO I 3202 81.14 91.47 81.91
N VAL I 3203 80.41 92.17 82.76
CA VAL I 3203 80.81 92.35 84.15
C VAL I 3203 79.79 91.66 85.04
N ALA I 3204 80.28 91.10 86.15
CA ALA I 3204 79.43 90.45 87.14
C ALA I 3204 78.90 91.51 88.09
N PHE I 3205 77.86 92.22 87.61
CA PHE I 3205 77.31 93.33 88.39
C PHE I 3205 76.63 92.87 89.68
N LEU I 3206 76.27 91.59 89.78
CA LEU I 3206 75.71 91.04 91.00
C LEU I 3206 76.76 90.58 91.99
N GLU I 3207 78.03 90.58 91.60
CA GLU I 3207 79.14 90.15 92.44
C GLU I 3207 80.26 91.17 92.37
N PRO I 3208 80.05 92.37 92.92
CA PRO I 3208 81.09 93.40 92.85
C PRO I 3208 82.33 93.07 93.66
N GLN I 3209 82.25 92.16 94.62
CA GLN I 3209 83.41 91.84 95.45
C GLN I 3209 84.52 91.14 94.67
N LEU I 3210 84.20 90.54 93.54
CA LEU I 3210 85.17 89.86 92.70
C LEU I 3210 85.46 90.60 91.41
N ASN I 3211 85.10 91.88 91.32
CA ASN I 3211 85.29 92.63 90.09
C ASN I 3211 86.77 92.87 89.77
N GLU I 3212 87.64 92.82 90.77
CA GLU I 3212 89.07 93.05 90.54
C GLU I 3212 89.71 91.99 89.67
N TYR I 3213 89.06 90.85 89.47
CA TYR I 3213 89.58 89.77 88.65
C TYR I 3213 88.97 89.75 87.25
N ASN I 3214 88.20 90.76 86.88
CA ASN I 3214 87.54 90.83 85.58
C ASN I 3214 88.31 91.80 84.70
N ALA I 3215 88.83 91.30 83.58
CA ALA I 3215 89.60 92.15 82.68
C ALA I 3215 88.70 93.09 81.88
N CYS I 3216 87.47 92.67 81.62
CA CYS I 3216 86.53 93.47 80.82
C CYS I 3216 85.70 94.40 81.70
N SER I 3217 86.38 95.19 82.53
CA SER I 3217 85.72 96.12 83.43
C SER I 3217 86.38 97.49 83.33
N VAL I 3218 85.60 98.55 83.47
CA VAL I 3218 86.12 99.90 83.38
C VAL I 3218 87.10 100.20 84.50
N TYR I 3219 86.93 99.58 85.66
CA TYR I 3219 87.81 99.82 86.80
C TYR I 3219 89.17 99.15 86.64
N THR I 3220 89.33 98.26 85.67
CA THR I 3220 90.61 97.66 85.35
C THR I 3220 91.20 98.16 84.05
N THR I 3221 90.36 98.41 83.04
CA THR I 3221 90.86 98.93 81.76
C THR I 3221 91.34 100.37 81.90
N LYS I 3222 90.64 101.18 82.68
CA LYS I 3222 90.95 102.60 82.82
C LYS I 3222 91.68 102.87 84.12
N SER I 3223 92.56 103.87 84.09
CA SER I 3223 93.37 104.26 85.22
C SER I 3223 92.54 105.02 86.26
N PRO I 3224 92.96 104.99 87.53
CA PRO I 3224 92.32 105.84 88.53
C PRO I 3224 92.43 107.33 88.22
N ARG I 3225 93.45 107.74 87.46
CA ARG I 3225 93.53 109.13 87.02
C ARG I 3225 92.34 109.51 86.15
N GLU I 3226 91.97 108.65 85.21
CA GLU I 3226 90.71 108.79 84.50
C GLU I 3226 89.61 108.15 85.37
N ARG I 3227 88.43 107.98 84.79
CA ARG I 3227 87.22 107.55 85.52
C ARG I 3227 86.81 108.64 86.51
N ALA I 3228 87.55 109.75 86.53
CA ALA I 3228 87.18 110.94 87.28
C ALA I 3228 86.88 112.12 86.39
N ILE I 3229 87.53 112.21 85.22
CA ILE I 3229 87.13 113.18 84.21
C ILE I 3229 85.71 112.89 83.74
N LEU I 3230 85.37 111.60 83.63
CA LEU I 3230 84.00 111.17 83.42
C LEU I 3230 83.45 110.67 84.74
N GLY I 3231 82.25 111.12 85.10
CA GLY I 3231 81.68 110.83 86.40
C GLY I 3231 81.49 109.36 86.70
N LEU I 3232 82.31 108.83 87.60
CA LEU I 3232 82.17 107.48 88.09
C LEU I 3232 82.23 107.48 89.61
N PRO I 3233 81.53 106.55 90.27
CA PRO I 3233 81.38 106.64 91.73
C PRO I 3233 82.59 106.17 92.52
N ASN I 3234 83.74 106.02 91.86
CA ASN I 3234 85.03 105.67 92.46
C ASN I 3234 85.07 104.24 93.00
N SER I 3235 83.98 103.50 92.92
CA SER I 3235 83.96 102.12 93.40
C SER I 3235 82.99 101.32 92.54
N VAL I 3236 83.34 100.05 92.28
CA VAL I 3236 82.47 99.20 91.46
C VAL I 3236 81.17 98.92 92.18
N GLU I 3237 81.19 98.82 93.51
CA GLU I 3237 79.98 98.53 94.27
C GLU I 3237 78.96 99.66 94.18
N GLU I 3238 79.40 100.86 93.81
CA GLU I 3238 78.52 102.03 93.77
C GLU I 3238 78.00 102.33 92.36
N MET I 3239 78.32 101.49 91.37
CA MET I 3239 77.80 101.72 90.03
C MET I 3239 76.28 101.63 89.99
N CYS I 3240 75.73 100.53 90.50
CA CYS I 3240 74.28 100.37 90.69
C CYS I 3240 74.06 99.85 92.11
N PRO I 3241 74.14 100.73 93.11
CA PRO I 3241 74.09 100.27 94.51
C PRO I 3241 72.73 99.74 94.95
N ASP I 3242 71.67 99.98 94.18
CA ASP I 3242 70.34 99.52 94.55
C ASP I 3242 70.05 98.11 94.04
N ILE I 3243 71.01 97.47 93.39
CA ILE I 3243 70.87 96.09 92.94
C ILE I 3243 71.41 95.19 94.04
N PRO I 3244 70.60 94.30 94.62
CA PRO I 3244 71.12 93.38 95.63
C PRO I 3244 72.16 92.45 95.04
N VAL I 3245 73.09 92.02 95.89
CA VAL I 3245 74.14 91.10 95.47
C VAL I 3245 73.52 89.73 95.20
N LEU I 3246 74.29 88.85 94.55
CA LEU I 3246 73.76 87.55 94.16
C LEU I 3246 73.32 86.74 95.36
N ASP I 3247 74.11 86.75 96.44
CA ASP I 3247 73.74 86.00 97.64
C ASP I 3247 72.45 86.54 98.24
N ARG I 3248 72.31 87.86 98.32
CA ARG I 3248 71.08 88.45 98.84
C ARG I 3248 69.90 88.16 97.93
N LEU I 3249 70.11 88.26 96.61
CA LEU I 3249 69.01 88.07 95.68
C LEU I 3249 68.48 86.64 95.71
N MET I 3250 69.38 85.66 95.81
CA MET I 3250 68.95 84.27 95.90
C MET I 3250 68.18 84.01 97.19
N ALA I 3251 68.62 84.60 98.30
CA ALA I 3251 67.93 84.39 99.57
C ALA I 3251 66.51 84.96 99.52
N ASP I 3252 66.33 86.13 98.91
CA ASP I 3252 65.01 86.74 98.84
C ASP I 3252 64.05 85.88 98.03
N ILE I 3253 64.51 85.34 96.89
CA ILE I 3253 63.66 84.49 96.07
C ILE I 3253 63.33 83.21 96.82
N GLY I 3254 64.32 82.62 97.49
CA GLY I 3254 64.06 81.41 98.26
C GLY I 3254 63.05 81.64 99.37
N GLY I 3255 63.15 82.78 100.06
CA GLY I 3255 62.18 83.08 101.11
C GLY I 3255 60.78 83.25 100.58
N LEU I 3256 60.64 83.93 99.43
CA LEU I 3256 59.33 84.10 98.82
C LEU I 3256 58.75 82.76 98.37
N ALA I 3257 59.60 81.89 97.80
CA ALA I 3257 59.12 80.61 97.30
C ALA I 3257 58.62 79.73 98.44
N GLU I 3258 59.34 79.69 99.56
CA GLU I 3258 58.93 78.84 100.67
C GLU I 3258 57.75 79.44 101.43
N SER I 3259 57.59 80.76 101.41
CA SER I 3259 56.48 81.39 102.12
C SER I 3259 55.15 81.19 101.41
N GLY I 3260 55.14 80.66 100.20
CA GLY I 3260 53.89 80.46 99.48
C GLY I 3260 53.27 81.73 98.94
N ALA I 3261 54.06 82.79 98.77
CA ALA I 3261 53.52 84.05 98.29
C ALA I 3261 52.99 83.91 96.86
N ARG I 3262 51.88 84.57 96.58
CA ARG I 3262 51.28 84.55 95.27
C ARG I 3262 51.97 85.56 94.36
N TYR I 3263 51.55 85.58 93.09
CA TYR I 3263 52.14 86.51 92.12
C TYR I 3263 51.81 87.96 92.47
N THR I 3264 50.65 88.19 93.10
CA THR I 3264 50.22 89.56 93.36
C THR I 3264 51.13 90.29 94.34
N GLU I 3265 51.72 89.57 95.28
CA GLU I 3265 52.59 90.19 96.27
C GLU I 3265 54.06 90.20 95.87
N MET I 3266 54.39 89.69 94.69
CA MET I 3266 55.76 89.78 94.20
C MET I 3266 55.80 89.84 92.68
N PRO I 3267 55.19 90.86 92.05
CA PRO I 3267 55.20 90.92 90.59
C PRO I 3267 56.55 91.32 90.03
N HIS I 3268 57.30 92.11 90.79
CA HIS I 3268 58.61 92.56 90.33
C HIS I 3268 59.59 91.40 90.24
N VAL I 3269 59.59 90.51 91.23
CA VAL I 3269 60.54 89.40 91.25
C VAL I 3269 60.30 88.46 90.08
N ILE I 3270 59.04 88.12 89.83
CA ILE I 3270 58.72 87.15 88.79
C ILE I 3270 58.97 87.76 87.41
N GLU I 3271 58.55 89.00 87.20
CA GLU I 3271 58.62 89.61 85.88
C GLU I 3271 60.01 90.16 85.54
N ILE I 3272 60.80 90.54 86.54
CA ILE I 3272 62.06 91.22 86.28
C ILE I 3272 63.24 90.48 86.90
N THR I 3273 63.18 90.24 88.21
CA THR I 3273 64.32 89.64 88.91
C THR I 3273 64.60 88.23 88.43
N LEU I 3274 63.56 87.41 88.30
CA LEU I 3274 63.76 86.04 87.85
C LEU I 3274 64.33 85.95 86.45
N PRO I 3275 63.82 86.66 85.44
CA PRO I 3275 64.47 86.60 84.12
C PRO I 3275 65.92 87.07 84.13
N MET I 3276 66.28 88.01 85.00
CA MET I 3276 67.67 88.44 85.10
C MET I 3276 68.56 87.30 85.57
N LEU I 3277 68.14 86.60 86.64
CA LEU I 3277 68.95 85.51 87.16
C LEU I 3277 68.96 84.32 86.23
N CYS I 3278 67.84 84.06 85.55
CA CYS I 3278 67.78 82.95 84.60
C CYS I 3278 68.74 83.14 83.44
N SER I 3279 69.22 84.36 83.21
CA SER I 3279 70.20 84.64 82.18
C SER I 3279 71.57 84.99 82.73
N TYR I 3280 71.63 85.55 83.94
CA TYR I 3280 72.92 85.89 84.54
C TYR I 3280 73.70 84.65 84.95
N LEU I 3281 73.03 83.72 85.63
CA LEU I 3281 73.71 82.53 86.14
C LEU I 3281 74.29 81.65 85.03
N PRO I 3282 73.57 81.30 83.95
CA PRO I 3282 74.18 80.47 82.91
C PRO I 3282 75.39 81.10 82.26
N ARG I 3283 75.43 82.43 82.13
CA ARG I 3283 76.57 83.08 81.51
C ARG I 3283 77.82 82.94 82.37
N TRP I 3284 77.68 83.13 83.68
CA TRP I 3284 78.83 83.13 84.58
C TRP I 3284 79.15 81.76 85.15
N TRP I 3285 78.30 80.76 84.91
CA TRP I 3285 78.67 79.40 85.28
C TRP I 3285 79.80 78.88 84.40
N GLU I 3286 79.86 79.34 83.15
CA GLU I 3286 80.90 78.92 82.22
C GLU I 3286 82.21 79.68 82.42
N ARG I 3287 82.20 80.76 83.20
CA ARG I 3287 83.39 81.59 83.37
C ARG I 3287 83.90 81.59 84.81
N GLY I 3288 83.32 80.77 85.68
CA GLY I 3288 83.75 80.70 87.06
C GLY I 3288 84.17 79.31 87.46
N PRO I 3289 84.11 79.02 88.77
CA PRO I 3289 84.42 77.66 89.23
C PRO I 3289 83.39 76.67 88.73
N GLU I 3290 83.81 75.40 88.66
CA GLU I 3290 83.05 74.27 88.17
C GLU I 3290 82.88 74.29 86.66
N ALA I 3291 83.36 75.33 85.97
CA ALA I 3291 83.36 75.33 84.53
C ALA I 3291 84.35 74.28 84.01
N PRO I 3292 84.16 73.78 82.79
CA PRO I 3292 85.14 72.87 82.17
C PRO I 3292 86.33 73.65 81.64
N PRO I 3293 87.34 73.91 82.46
CA PRO I 3293 88.31 74.96 82.16
C PRO I 3293 89.43 74.46 81.26
N PRO I 3294 89.62 75.09 80.10
CA PRO I 3294 90.86 74.93 79.33
C PRO I 3294 91.93 75.92 79.78
N ALA I 3295 92.09 76.06 81.10
CA ALA I 3295 92.84 77.16 81.69
C ALA I 3295 94.20 76.71 82.21
N LEU I 3296 94.88 75.80 81.52
CA LEU I 3296 96.25 75.52 81.88
C LEU I 3296 97.13 76.76 81.68
N PRO I 3297 97.05 77.47 80.52
CA PRO I 3297 97.86 78.69 80.37
C PRO I 3297 97.24 79.90 81.05
N ALA I 3298 95.90 79.99 81.06
CA ALA I 3298 95.19 81.18 81.50
C ALA I 3298 94.49 80.99 82.84
N GLY I 3299 94.91 80.01 83.63
CA GLY I 3299 94.31 79.79 84.93
C GLY I 3299 94.85 80.65 86.05
N ALA I 3300 95.87 81.47 85.78
CA ALA I 3300 96.42 82.34 86.82
C ALA I 3300 95.40 83.33 87.36
N PRO I 3301 94.62 84.04 86.56
CA PRO I 3301 93.61 84.95 87.12
C PRO I 3301 92.48 84.17 87.77
N PRO I 3302 92.17 84.46 89.03
CA PRO I 3302 91.03 83.79 89.66
C PRO I 3302 89.74 84.20 88.98
N PRO I 3303 88.73 83.33 88.99
CA PRO I 3303 87.46 83.68 88.36
C PRO I 3303 86.83 84.90 89.01
N CYS I 3304 86.19 85.72 88.19
CA CYS I 3304 85.54 86.94 88.67
C CYS I 3304 84.13 86.70 89.17
N THR I 3305 83.68 85.45 89.19
CA THR I 3305 82.35 85.10 89.68
C THR I 3305 82.44 83.86 90.54
N ALA I 3306 81.40 83.64 91.35
CA ALA I 3306 81.34 82.49 92.24
C ALA I 3306 80.12 81.62 91.93
N VAL I 3307 79.64 81.64 90.69
CA VAL I 3307 78.45 80.89 90.32
C VAL I 3307 78.83 79.43 90.07
N THR I 3308 78.19 78.52 90.78
CA THR I 3308 78.37 77.09 90.61
C THR I 3308 77.03 76.46 90.24
N SER I 3309 77.03 75.13 90.11
CA SER I 3309 75.78 74.43 89.81
C SER I 3309 74.80 74.49 90.97
N ASP I 3310 75.26 74.80 92.18
CA ASP I 3310 74.35 74.96 93.31
C ASP I 3310 73.41 76.13 93.09
N HIS I 3311 73.92 77.25 92.57
CA HIS I 3311 73.08 78.42 92.35
C HIS I 3311 71.99 78.14 91.33
N LEU I 3312 72.36 77.49 90.23
CA LEU I 3312 71.36 77.15 89.21
C LEU I 3312 70.36 76.14 89.73
N ASN I 3313 70.83 75.13 90.47
CA ASN I 3313 69.93 74.15 91.04
C ASN I 3313 68.99 74.76 92.08
N SER I 3314 69.53 75.65 92.92
CA SER I 3314 68.70 76.31 93.92
C SER I 3314 67.65 77.21 93.27
N LEU I 3315 68.05 77.96 92.25
CA LEU I 3315 67.12 78.85 91.57
C LEU I 3315 66.00 78.06 90.89
N LEU I 3316 66.35 76.96 90.24
CA LEU I 3316 65.34 76.16 89.55
C LEU I 3316 64.33 75.58 90.52
N GLY I 3317 64.79 75.11 91.68
CA GLY I 3317 63.87 74.60 92.68
C GLY I 3317 62.93 75.67 93.19
N ASN I 3318 63.44 76.88 93.41
CA ASN I 3318 62.59 77.99 93.84
C ASN I 3318 61.57 78.34 92.76
N ILE I 3319 61.97 78.31 91.49
CA ILE I 3319 61.04 78.64 90.41
C ILE I 3319 59.90 77.63 90.38
N LEU I 3320 60.21 76.35 90.55
CA LEU I 3320 59.17 75.32 90.57
C LEU I 3320 58.20 75.54 91.73
N ARG I 3321 58.74 75.90 92.90
CA ARG I 3321 57.86 76.16 94.04
C ARG I 3321 57.02 77.41 93.83
N ILE I 3322 57.56 78.41 93.13
CA ILE I 3322 56.79 79.60 92.82
C ILE I 3322 55.60 79.27 91.93
N ILE I 3323 55.81 78.41 90.93
CA ILE I 3323 54.73 78.06 90.00
C ILE I 3323 53.60 77.34 90.74
N VAL I 3324 53.93 76.38 91.60
CA VAL I 3324 52.89 75.61 92.27
C VAL I 3324 52.15 76.44 93.31
N ASN I 3325 52.76 77.52 93.81
CA ASN I 3325 52.03 78.41 94.70
C ASN I 3325 50.90 79.12 93.97
N ASN I 3326 51.07 79.37 92.68
CA ASN I 3326 50.06 79.99 91.84
C ASN I 3326 49.41 78.99 90.88
N LEU I 3327 49.42 77.71 91.27
CA LEU I 3327 48.98 76.65 90.36
C LEU I 3327 47.49 76.77 90.04
N GLY I 3328 46.67 77.01 91.05
CA GLY I 3328 45.23 77.01 90.87
C GLY I 3328 44.58 78.36 90.68
N ILE I 3329 45.36 79.43 90.49
CA ILE I 3329 44.76 80.75 90.35
C ILE I 3329 44.08 80.88 89.00
N ASP I 3330 43.14 81.82 88.91
CA ASP I 3330 42.30 81.93 87.72
C ASP I 3330 43.09 82.43 86.52
N GLU I 3331 43.88 83.49 86.68
CA GLU I 3331 44.59 84.11 85.57
C GLU I 3331 46.04 84.29 85.94
N ALA I 3332 46.94 83.79 85.08
CA ALA I 3332 48.37 84.02 85.24
C ALA I 3332 49.01 83.91 83.85
N THR I 3333 49.25 85.06 83.23
CA THR I 3333 49.90 85.10 81.92
C THR I 3333 51.42 85.11 82.02
N TRP I 3334 51.97 85.22 83.23
CA TRP I 3334 53.42 85.25 83.39
C TRP I 3334 54.04 83.86 83.37
N MET I 3335 53.24 82.81 83.47
CA MET I 3335 53.79 81.46 83.51
C MET I 3335 54.50 81.11 82.20
N LYS I 3336 53.90 81.46 81.07
CA LYS I 3336 54.54 81.17 79.79
C LYS I 3336 55.84 81.94 79.62
N ARG I 3337 55.87 83.19 80.07
CA ARG I 3337 57.11 83.96 80.00
C ARG I 3337 58.16 83.40 80.94
N LEU I 3338 57.75 82.96 82.13
CA LEU I 3338 58.71 82.39 83.08
C LEU I 3338 59.26 81.07 82.58
N ALA I 3339 58.43 80.28 81.89
CA ALA I 3339 58.86 78.97 81.41
C ALA I 3339 59.99 79.09 80.39
N VAL I 3340 59.86 80.03 79.45
CA VAL I 3340 60.88 80.17 78.42
C VAL I 3340 62.18 80.71 79.00
N PHE I 3341 62.10 81.53 80.07
CA PHE I 3341 63.30 82.08 80.67
C PHE I 3341 64.03 81.06 81.53
N ALA I 3342 63.31 80.13 82.15
CA ALA I 3342 63.94 79.17 83.05
C ALA I 3342 64.54 77.97 82.34
N GLN I 3343 64.31 77.82 81.03
CA GLN I 3343 64.88 76.70 80.30
C GLN I 3343 66.40 76.67 80.29
N PRO I 3344 67.12 77.78 80.08
CA PRO I 3344 68.59 77.69 80.08
C PRO I 3344 69.19 77.16 81.37
N ILE I 3345 68.57 77.40 82.52
CA ILE I 3345 69.18 77.01 83.80
C ILE I 3345 68.91 75.56 84.17
N VAL I 3346 68.01 74.87 83.47
CA VAL I 3346 67.69 73.49 83.82
C VAL I 3346 68.80 72.53 83.41
N SER I 3347 69.70 72.95 82.52
CA SER I 3347 70.75 72.07 82.04
C SER I 3347 71.70 71.62 83.16
N ARG I 3348 71.79 72.38 84.23
CA ARG I 3348 72.66 72.04 85.36
C ARG I 3348 71.87 71.48 86.54
N ALA I 3349 70.62 71.09 86.34
CA ALA I 3349 69.82 70.55 87.42
C ALA I 3349 70.38 69.21 87.89
N ARG I 3350 70.29 68.99 89.20
CA ARG I 3350 70.78 67.77 89.83
C ARG I 3350 69.68 66.71 89.87
N PRO I 3351 70.05 65.43 89.98
CA PRO I 3351 69.04 64.37 89.99
C PRO I 3351 68.07 64.43 91.15
N GLU I 3352 68.42 65.14 92.24
CA GLU I 3352 67.54 65.21 93.39
C GLU I 3352 66.25 65.97 93.09
N LEU I 3353 66.23 66.81 92.07
CA LEU I 3353 65.03 67.57 91.76
C LEU I 3353 63.92 66.68 91.22
N LEU I 3354 64.27 65.50 90.71
CA LEU I 3354 63.24 64.59 90.20
C LEU I 3354 62.31 64.14 91.33
N HIS I 3355 62.86 63.81 92.49
CA HIS I 3355 62.06 63.34 93.61
C HIS I 3355 61.59 64.49 94.50
N SER I 3356 62.42 65.50 94.72
CA SER I 3356 62.07 66.58 95.63
C SER I 3356 61.00 67.49 95.04
N HIS I 3357 61.11 67.83 93.76
CA HIS I 3357 60.24 68.82 93.15
C HIS I 3357 59.34 68.24 92.06
N PHE I 3358 59.92 67.61 91.03
CA PHE I 3358 59.14 67.28 89.83
C PHE I 3358 58.03 66.28 90.14
N ILE I 3359 58.33 65.22 90.89
CA ILE I 3359 57.32 64.20 91.18
C ILE I 3359 56.13 64.76 91.96
N PRO I 3360 56.32 65.50 93.06
CA PRO I 3360 55.15 66.09 93.73
C PRO I 3360 54.34 67.04 92.86
N THR I 3361 55.01 67.80 91.99
CA THR I 3361 54.29 68.79 91.18
C THR I 3361 53.44 68.11 90.11
N ILE I 3362 54.02 67.14 89.40
CA ILE I 3362 53.27 66.44 88.36
C ILE I 3362 52.14 65.63 88.97
N GLY I 3363 52.36 65.07 90.16
CA GLY I 3363 51.29 64.35 90.83
C GLY I 3363 50.08 65.21 91.12
N ARG I 3364 50.32 66.46 91.52
CA ARG I 3364 49.20 67.39 91.71
C ARG I 3364 48.48 67.66 90.40
N LEU I 3365 49.23 67.83 89.31
CA LEU I 3365 48.61 68.01 88.01
C LEU I 3365 47.85 66.76 87.58
N ARG I 3366 48.40 65.58 87.88
CA ARG I 3366 47.74 64.34 87.49
C ARG I 3366 46.40 64.16 88.18
N LYS I 3367 46.33 64.43 89.48
CA LYS I 3367 45.07 64.28 90.19
C LYS I 3367 44.10 65.39 89.81
N ARG I 3368 44.59 66.59 89.50
CA ARG I 3368 43.72 67.64 89.00
C ARG I 3368 43.11 67.25 87.66
N ALA I 3369 43.91 66.64 86.77
CA ALA I 3369 43.38 66.19 85.50
C ALA I 3369 42.33 65.10 85.69
N GLY I 3370 42.58 64.16 86.60
CA GLY I 3370 41.60 63.13 86.88
C GLY I 3370 40.32 63.68 87.48
N LYS I 3371 40.44 64.71 88.32
CA LYS I 3371 39.27 65.31 88.94
C LYS I 3371 38.39 65.99 87.89
N VAL I 3372 39.00 66.70 86.94
CA VAL I 3372 38.22 67.42 85.94
C VAL I 3372 37.51 66.46 84.99
N VAL I 3373 38.23 65.43 84.53
CA VAL I 3373 37.60 64.47 83.62
C VAL I 3373 36.52 63.67 84.34
N ALA I 3374 36.64 63.50 85.65
CA ALA I 3374 35.55 62.90 86.43
C ALA I 3374 34.31 63.77 86.39
N GLU I 3375 34.49 65.09 86.47
CA GLU I 3375 33.37 66.00 86.31
C GLU I 3375 32.82 65.97 84.89
N GLU I 3376 33.71 65.86 83.90
CA GLU I 3376 33.26 65.85 82.52
C GLU I 3376 32.39 64.64 82.21
N GLU I 3377 32.78 63.46 82.70
CA GLU I 3377 31.98 62.26 82.46
C GLU I 3377 30.69 62.29 83.26
N GLN I 3378 30.67 62.99 84.39
CA GLN I 3378 29.43 63.15 85.15
C GLN I 3378 28.40 63.93 84.34
N LEU I 3379 28.84 64.95 83.59
CA LEU I 3379 27.91 65.73 82.80
C LEU I 3379 27.28 64.90 81.68
N ARG I 3380 28.08 64.05 81.02
CA ARG I 3380 27.58 63.36 79.84
C ARG I 3380 26.66 62.20 80.20
N LEU I 3381 26.81 61.61 81.39
CA LEU I 3381 25.97 60.48 81.75
C LEU I 3381 24.53 60.90 81.97
N GLU I 3382 24.31 62.15 82.36
CA GLU I 3382 22.96 62.71 82.54
C GLU I 3382 22.80 63.83 81.53
N ALA I 3383 22.36 63.48 80.32
CA ALA I 3383 22.13 64.47 79.29
C ALA I 3383 20.98 65.39 79.67
N LYS I 3384 21.20 66.70 79.53
CA LYS I 3384 20.22 67.68 79.95
C LYS I 3384 20.49 68.99 79.22
N ALA I 3385 19.47 69.84 79.15
CA ALA I 3385 19.67 71.20 78.64
C ALA I 3385 20.52 72.03 79.57
N GLU I 3386 20.64 71.64 80.84
CA GLU I 3386 21.51 72.30 81.80
C GLU I 3386 22.97 71.86 81.68
N ALA I 3387 23.23 70.77 80.95
CA ALA I 3387 24.61 70.31 80.79
C ALA I 3387 25.48 71.35 80.11
N GLU I 3388 24.90 72.17 79.24
CA GLU I 3388 25.64 73.28 78.66
C GLU I 3388 26.10 74.25 79.73
N GLU I 3389 25.23 74.55 80.69
CA GLU I 3389 25.60 75.38 81.85
C GLU I 3389 26.36 74.49 82.81
N GLY I 3390 27.67 74.41 82.61
CA GLY I 3390 28.51 73.46 83.32
C GLY I 3390 29.52 72.85 82.38
N GLU I 3391 29.14 72.74 81.10
CA GLU I 3391 30.12 72.42 80.07
C GLU I 3391 31.15 73.52 79.93
N LEU I 3392 30.74 74.78 80.08
CA LEU I 3392 31.69 75.88 80.10
C LEU I 3392 32.57 75.83 81.34
N LEU I 3393 32.04 75.34 82.46
CA LEU I 3393 32.83 75.25 83.69
C LEU I 3393 34.00 74.30 83.52
N VAL I 3394 33.77 73.13 82.93
CA VAL I 3394 34.86 72.18 82.73
C VAL I 3394 35.81 72.69 81.65
N ARG I 3395 35.32 73.46 80.68
CA ARG I 3395 36.21 74.10 79.72
C ARG I 3395 37.14 75.08 80.41
N ASP I 3396 36.62 75.86 81.35
CA ASP I 3396 37.47 76.75 82.14
C ASP I 3396 38.46 75.95 82.98
N GLU I 3397 38.01 74.85 83.58
CA GLU I 3397 38.90 74.01 84.36
C GLU I 3397 39.97 73.36 83.48
N PHE I 3398 39.60 72.97 82.27
CA PHE I 3398 40.61 72.44 81.35
C PHE I 3398 41.58 73.52 80.88
N SER I 3399 41.07 74.74 80.67
CA SER I 3399 41.93 75.81 80.20
C SER I 3399 42.98 76.18 81.23
N VAL I 3400 42.59 76.29 82.50
CA VAL I 3400 43.56 76.58 83.55
C VAL I 3400 44.50 75.41 83.74
N LEU I 3401 44.00 74.18 83.59
CA LEU I 3401 44.86 73.01 83.69
C LEU I 3401 45.92 73.00 82.60
N CYS I 3402 45.52 73.30 81.37
CA CYS I 3402 46.50 73.34 80.28
C CYS I 3402 47.54 74.42 80.50
N ARG I 3403 47.15 75.53 81.12
CA ARG I 3403 48.13 76.57 81.46
C ARG I 3403 49.17 76.05 82.44
N ASP I 3404 48.74 75.29 83.44
CA ASP I 3404 49.67 74.74 84.41
C ASP I 3404 50.60 73.72 83.78
N LEU I 3405 50.07 72.88 82.89
CA LEU I 3405 50.91 71.88 82.22
C LEU I 3405 51.99 72.55 81.37
N TYR I 3406 51.63 73.60 80.65
CA TYR I 3406 52.59 74.31 79.81
C TYR I 3406 53.53 75.20 80.60
N ALA I 3407 53.30 75.36 81.90
CA ALA I 3407 54.24 76.08 82.76
C ALA I 3407 55.27 75.15 83.39
N LEU I 3408 55.08 73.83 83.29
CA LEU I 3408 55.99 72.86 83.89
C LEU I 3408 56.58 71.89 82.88
N TYR I 3409 55.82 71.49 81.86
CA TYR I 3409 56.34 70.54 80.87
C TYR I 3409 57.58 71.04 80.13
N PRO I 3410 57.65 72.30 79.67
CA PRO I 3410 58.90 72.73 79.01
C PRO I 3410 60.12 72.62 79.91
N LEU I 3411 59.96 72.86 81.21
CA LEU I 3411 61.06 72.61 82.15
C LEU I 3411 61.28 71.11 82.33
N LEU I 3412 60.20 70.34 82.38
CA LEU I 3412 60.32 68.89 82.56
C LEU I 3412 60.96 68.23 81.34
N ILE I 3413 60.59 68.68 80.14
CA ILE I 3413 61.11 68.07 78.92
C ILE I 3413 62.62 68.21 78.85
N ARG I 3414 63.12 69.41 79.13
CA ARG I 3414 64.56 69.63 79.13
C ARG I 3414 65.25 68.82 80.21
N TYR I 3415 64.63 68.71 81.39
CA TYR I 3415 65.21 67.91 82.46
C TYR I 3415 65.25 66.43 82.09
N VAL I 3416 64.22 65.94 81.41
CA VAL I 3416 64.19 64.54 81.00
C VAL I 3416 65.30 64.26 80.00
N ASP I 3417 65.51 65.18 79.05
CA ASP I 3417 66.51 64.95 78.01
C ASP I 3417 67.92 64.83 78.60
N ASN I 3418 68.23 65.63 79.61
CA ASN I 3418 69.55 65.61 80.21
C ASN I 3418 69.73 64.46 81.22
N ASN I 3419 68.67 63.72 81.53
CA ASN I 3419 68.75 62.65 82.51
C ASN I 3419 68.17 61.33 82.03
N ARG I 3420 67.65 61.26 80.80
CA ARG I 3420 67.08 60.02 80.31
C ARG I 3420 68.15 58.95 80.13
N ALA I 3421 69.36 59.36 79.72
CA ALA I 3421 70.43 58.40 79.53
C ALA I 3421 70.80 57.71 80.82
N HIS I 3422 70.89 58.47 81.92
CA HIS I 3422 71.22 57.87 83.21
CA HIS I 3422 71.21 57.87 83.21
C HIS I 3422 70.12 56.92 83.67
N TRP I 3423 68.86 57.30 83.48
CA TRP I 3423 67.75 56.45 83.90
C TRP I 3423 67.72 55.15 83.12
N LEU I 3424 68.02 55.19 81.83
CA LEU I 3424 68.05 53.97 81.03
C LEU I 3424 69.28 53.13 81.37
N THR I 3425 70.42 53.78 81.62
CA THR I 3425 71.62 53.04 81.98
C THR I 3425 71.46 52.33 83.32
N GLU I 3426 70.89 53.02 84.31
CA GLU I 3426 70.62 52.44 85.62
C GLU I 3426 69.15 52.69 85.95
N PRO I 3427 68.33 51.65 86.08
CA PRO I 3427 66.89 51.86 86.31
C PRO I 3427 66.65 52.64 87.59
N ASN I 3428 65.68 53.54 87.54
CA ASN I 3428 65.35 54.43 88.65
C ASN I 3428 63.88 54.31 88.98
N ALA I 3429 63.58 54.07 90.25
CA ALA I 3429 62.18 53.96 90.67
C ALA I 3429 61.44 55.27 90.47
N ASN I 3430 62.09 56.40 90.79
CA ASN I 3430 61.46 57.70 90.62
C ASN I 3430 61.17 58.00 89.16
N ALA I 3431 62.11 57.65 88.27
CA ALA I 3431 61.88 57.88 86.84
C ALA I 3431 60.70 57.05 86.33
N GLU I 3432 60.58 55.81 86.80
CA GLU I 3432 59.44 54.99 86.43
C GLU I 3432 58.14 55.59 86.95
N GLU I 3433 58.15 56.13 88.17
CA GLU I 3433 56.97 56.77 88.71
C GLU I 3433 56.56 57.99 87.89
N LEU I 3434 57.55 58.77 87.44
CA LEU I 3434 57.23 59.92 86.61
C LEU I 3434 56.60 59.49 85.29
N PHE I 3435 56.99 58.34 84.75
CA PHE I 3435 56.39 57.84 83.52
C PHE I 3435 54.91 57.57 83.70
N ARG I 3436 54.53 57.00 84.84
CA ARG I 3436 53.11 56.73 85.10
C ARG I 3436 52.32 58.03 85.19
N MET I 3437 52.90 59.06 85.81
CA MET I 3437 52.19 60.34 85.93
C MET I 3437 51.98 60.99 84.57
N VAL I 3438 53.02 61.07 83.76
CA VAL I 3438 52.86 61.67 82.43
C VAL I 3438 52.04 60.77 81.54
N GLY I 3439 52.10 59.45 81.75
CA GLY I 3439 51.28 58.55 80.96
C GLY I 3439 49.79 58.71 81.24
N GLU I 3440 49.43 58.83 82.51
CA GLU I 3440 48.02 58.98 82.86
C GLU I 3440 47.46 60.32 82.40
N ILE I 3441 48.28 61.37 82.43
CA ILE I 3441 47.87 62.66 81.89
C ILE I 3441 47.62 62.55 80.39
N PHE I 3442 48.50 61.84 79.69
CA PHE I 3442 48.30 61.63 78.26
C PHE I 3442 47.02 60.84 77.98
N ILE I 3443 46.75 59.81 78.80
CA ILE I 3443 45.52 59.04 78.62
C ILE I 3443 44.30 59.92 78.85
N TYR I 3444 44.34 60.76 79.87
CA TYR I 3444 43.26 61.72 80.09
C TYR I 3444 43.11 62.65 78.90
N TRP I 3445 44.23 63.13 78.38
CA TRP I 3445 44.19 64.03 77.22
C TRP I 3445 43.62 63.32 76.00
N SER I 3446 44.00 62.06 75.78
CA SER I 3446 43.52 61.34 74.60
C SER I 3446 42.03 61.01 74.72
N LYS I 3447 41.57 60.64 75.92
CA LYS I 3447 40.17 60.28 76.08
C LYS I 3447 39.26 61.50 76.03
N SER I 3448 39.63 62.57 76.72
CA SER I 3448 38.77 63.74 76.83
C SER I 3448 38.82 64.57 75.57
N HIS I 3449 37.63 64.89 75.04
CA HIS I 3449 37.55 65.74 73.86
C HIS I 3449 37.81 67.19 74.19
N ASN I 3450 37.33 67.67 75.34
CA ASN I 3450 37.55 69.06 75.72
C ASN I 3450 39.02 69.33 76.04
N PHE I 3451 39.72 68.32 76.56
CA PHE I 3451 41.13 68.49 76.89
C PHE I 3451 41.94 68.86 75.64
N LYS I 3452 41.69 68.16 74.53
CA LYS I 3452 42.37 68.48 73.28
C LYS I 3452 41.98 69.88 72.80
N ARG I 3453 40.69 70.21 72.91
CA ARG I 3453 40.23 71.51 72.43
C ARG I 3453 40.83 72.66 73.23
N GLU I 3454 40.81 72.54 74.57
CA GLU I 3454 41.35 73.61 75.41
C GLU I 3454 42.86 73.77 75.22
N GLU I 3455 43.58 72.66 75.08
CA GLU I 3455 45.02 72.75 74.84
C GLU I 3455 45.31 73.46 73.53
N GLN I 3456 44.57 73.12 72.47
CA GLN I 3456 44.76 73.79 71.20
C GLN I 3456 44.44 75.28 71.29
N ASN I 3457 43.36 75.63 72.00
CA ASN I 3457 43.01 77.02 72.18
C ASN I 3457 44.09 77.77 72.97
N PHE I 3458 44.63 77.12 74.01
CA PHE I 3458 45.64 77.79 74.83
C PHE I 3458 46.89 78.11 74.03
N VAL I 3459 47.33 77.19 73.17
CA VAL I 3459 48.56 77.40 72.40
C VAL I 3459 48.38 78.54 71.40
N VAL I 3460 47.27 78.53 70.65
CA VAL I 3460 47.10 79.51 69.59
C VAL I 3460 46.82 80.89 70.17
N GLN I 3461 46.05 80.97 71.26
CA GLN I 3461 45.70 82.27 71.81
C GLN I 3461 46.87 82.91 72.55
N ASN I 3462 47.74 82.10 73.14
CA ASN I 3462 48.91 82.60 73.84
C ASN I 3462 50.16 82.60 72.98
N GLU I 3463 50.04 82.21 71.70
CA GLU I 3463 51.16 82.19 70.76
C GLU I 3463 52.31 81.35 71.29
N ILE I 3464 51.99 80.20 71.89
CA ILE I 3464 53.03 79.29 72.36
C ILE I 3464 53.71 78.66 71.15
N ASN I 3465 55.04 78.75 71.12
CA ASN I 3465 55.79 78.27 69.96
C ASN I 3465 55.64 76.76 69.80
N ASN I 3466 55.82 76.01 70.89
CA ASN I 3466 55.70 74.56 70.92
C ASN I 3466 56.76 73.89 70.05
N MET I 3467 57.64 74.70 69.44
CA MET I 3467 58.76 74.19 68.66
C MET I 3467 60.11 74.54 69.26
N SER I 3468 60.24 75.74 69.83
CA SER I 3468 61.46 76.08 70.57
C SER I 3468 61.59 75.22 71.82
N PHE I 3469 60.46 74.82 72.41
CA PHE I 3469 60.49 73.94 73.58
C PHE I 3469 61.10 72.59 73.25
N LEU I 3470 61.09 72.18 71.98
CA LEU I 3470 61.64 70.90 71.57
C LEU I 3470 62.96 71.01 70.83
N THR I 3471 63.31 72.21 70.34
CA THR I 3471 64.54 72.41 69.60
C THR I 3471 65.55 73.28 70.34
N ALA I 3472 65.26 73.68 71.57
CA ALA I 3472 66.20 74.52 72.32
C ALA I 3472 67.51 73.78 72.60
N ASP I 3473 67.43 72.49 72.92
CA ASP I 3473 68.63 71.71 73.16
C ASP I 3473 69.52 71.66 71.92
N SER I 3474 68.90 71.49 70.74
CA SER I 3474 69.67 71.52 69.50
C SER I 3474 70.34 72.87 69.31
N LYS I 3475 69.63 73.96 69.58
CA LYS I 3475 70.25 75.28 69.52
C LYS I 3475 71.27 75.47 70.63
N SER I 3476 71.01 74.87 71.80
CA SER I 3476 71.97 74.96 72.90
C SER I 3476 73.28 74.29 72.55
N LYS I 3477 73.22 73.16 71.85
CA LYS I 3477 74.42 72.45 71.40
C LYS I 3477 75.09 73.11 70.21
N MET I 3478 74.61 74.26 69.77
CA MET I 3478 75.15 74.99 68.63
C MET I 3478 75.15 74.13 67.37
N ALA I 3479 73.93 73.78 66.96
CA ALA I 3479 73.73 72.96 65.77
C ALA I 3479 74.10 73.73 64.50
N ARG I 3498 55.95 75.38 59.49
CA ARG I 3498 55.27 75.55 58.22
C ARG I 3498 53.93 74.84 58.19
N ARG I 3499 53.97 73.50 58.26
CA ARG I 3499 52.75 72.71 58.23
C ARG I 3499 51.87 73.02 59.43
N GLY I 3500 52.36 72.73 60.64
CA GLY I 3500 51.59 72.95 61.85
C GLY I 3500 52.21 73.98 62.77
N ASP I 3501 52.68 75.09 62.19
CA ASP I 3501 53.43 76.07 62.97
C ASP I 3501 52.58 76.65 64.11
N ARG I 3502 51.32 76.98 63.83
CA ARG I 3502 50.46 77.51 64.88
C ARG I 3502 50.20 76.47 65.96
N TYR I 3503 49.81 75.27 65.55
CA TYR I 3503 49.59 74.17 66.48
C TYR I 3503 49.54 72.87 65.71
N SER I 3504 50.12 71.82 66.29
CA SER I 3504 50.05 70.50 65.70
C SER I 3504 50.05 69.47 66.83
N VAL I 3505 49.32 68.39 66.60
CA VAL I 3505 49.24 67.33 67.62
C VAL I 3505 50.60 66.68 67.81
N GLN I 3506 51.42 66.63 66.75
CA GLN I 3506 52.75 66.04 66.87
C GLN I 3506 53.64 66.84 67.81
N THR I 3507 53.54 68.17 67.77
CA THR I 3507 54.38 69.04 68.58
C THR I 3507 53.74 69.40 69.91
N SER I 3508 52.58 68.82 70.23
CA SER I 3508 51.95 69.07 71.51
C SER I 3508 52.83 68.60 72.65
N LEU I 3509 53.01 69.44 73.66
CA LEU I 3509 53.89 69.09 74.77
C LEU I 3509 53.34 67.95 75.60
N ILE I 3510 52.01 67.77 75.61
CA ILE I 3510 51.42 66.67 76.36
C ILE I 3510 51.84 65.32 75.77
N VAL I 3511 51.90 65.24 74.44
CA VAL I 3511 52.33 64.00 73.80
C VAL I 3511 53.83 63.97 73.57
N ALA I 3512 54.48 65.12 73.46
CA ALA I 3512 55.93 65.14 73.28
C ALA I 3512 56.64 64.69 74.53
N THR I 3513 56.13 65.09 75.71
CA THR I 3513 56.73 64.65 76.96
C THR I 3513 56.61 63.15 77.14
N LEU I 3514 55.46 62.59 76.78
CA LEU I 3514 55.26 61.15 76.91
C LEU I 3514 56.22 60.38 76.01
N LYS I 3515 56.40 60.82 74.77
CA LYS I 3515 57.28 60.12 73.85
C LYS I 3515 58.72 60.15 74.33
N LYS I 3516 59.12 61.23 75.01
CA LYS I 3516 60.45 61.27 75.62
C LYS I 3516 60.55 60.41 76.86
N MET I 3517 59.44 60.21 77.57
CA MET I 3517 59.41 59.32 78.74
C MET I 3517 59.02 57.90 78.37
N LEU I 3518 58.65 57.64 77.12
CA LEU I 3518 58.26 56.30 76.72
C LEU I 3518 59.37 55.27 76.88
N PRO I 3519 60.64 55.53 76.51
CA PRO I 3519 61.67 54.51 76.74
C PRO I 3519 61.83 54.11 78.19
N ILE I 3520 61.57 55.03 79.12
CA ILE I 3520 61.62 54.69 80.54
C ILE I 3520 60.57 53.65 80.88
N GLY I 3521 59.35 53.83 80.36
CA GLY I 3521 58.30 52.85 80.60
C GLY I 3521 58.58 51.51 79.94
N LEU I 3522 59.06 51.54 78.70
CA LEU I 3522 59.41 50.29 78.02
C LEU I 3522 60.57 49.57 78.70
N ASN I 3523 61.45 50.33 79.37
CA ASN I 3523 62.57 49.71 80.07
C ASN I 3523 62.11 48.85 81.24
N MET I 3524 60.96 49.16 81.85
CA MET I 3524 60.45 48.34 82.94
C MET I 3524 60.10 46.94 82.45
N CYS I 3525 59.44 46.85 81.30
CA CYS I 3525 58.96 45.58 80.79
C CYS I 3525 60.11 44.73 80.27
N ALA I 3526 60.07 43.44 80.61
CA ALA I 3526 61.04 42.49 80.11
C ALA I 3526 60.72 42.14 78.66
N PRO I 3527 61.71 41.69 77.90
CA PRO I 3527 61.43 41.27 76.51
C PRO I 3527 60.41 40.16 76.40
N THR I 3528 60.30 39.30 77.42
CA THR I 3528 59.29 38.25 77.41
C THR I 3528 57.88 38.80 77.50
N ASP I 3529 57.71 40.07 77.87
CA ASP I 3529 56.40 40.67 78.02
C ASP I 3529 55.86 41.27 76.74
N GLN I 3530 56.60 41.15 75.63
CA GLN I 3530 56.12 41.73 74.37
C GLN I 3530 54.82 41.08 73.91
N ASP I 3531 54.71 39.77 74.07
CA ASP I 3531 53.47 39.09 73.70
C ASP I 3531 52.31 39.55 74.57
N LEU I 3532 52.54 39.74 75.87
CA LEU I 3532 51.50 40.20 76.75
C LEU I 3532 51.06 41.62 76.39
N ILE I 3533 52.00 42.46 75.97
CA ILE I 3533 51.66 43.83 75.60
C ILE I 3533 50.72 43.83 74.39
N MET I 3534 51.01 42.99 73.40
CA MET I 3534 50.14 42.92 72.22
C MET I 3534 48.74 42.44 72.59
N LEU I 3535 48.64 41.46 73.49
CA LEU I 3535 47.34 40.99 73.93
C LEU I 3535 46.57 42.09 74.64
N ALA I 3536 47.25 42.84 75.52
CA ALA I 3536 46.58 43.90 76.27
C ALA I 3536 46.14 45.03 75.33
N LYS I 3537 46.95 45.35 74.32
CA LYS I 3537 46.57 46.40 73.38
C LYS I 3537 45.30 46.05 72.62
N THR I 3538 45.11 44.76 72.30
CA THR I 3538 43.88 44.34 71.66
C THR I 3538 42.66 44.53 72.57
N ARG I 3539 42.81 44.27 73.87
CA ARG I 3539 41.71 44.49 74.80
C ARG I 3539 41.37 45.97 74.91
N TYR I 3540 42.38 46.85 74.90
CA TYR I 3540 42.10 48.28 74.89
C TYR I 3540 41.39 48.71 73.62
N ALA I 3541 41.69 48.06 72.49
CA ALA I 3541 40.96 48.34 71.26
C ALA I 3541 39.50 47.94 71.37
N LEU I 3542 39.19 47.03 72.30
CA LEU I 3542 37.82 46.60 72.55
C LEU I 3542 37.17 47.36 73.69
N LYS I 3543 37.72 48.52 74.06
CA LYS I 3543 37.14 49.41 75.05
C LYS I 3543 36.96 48.72 76.40
N ASP I 3544 38.08 48.32 76.99
CA ASP I 3544 38.11 47.71 78.31
C ASP I 3544 38.77 48.64 79.30
N THR I 3545 38.27 48.63 80.53
CA THR I 3545 38.83 49.46 81.58
C THR I 3545 40.13 48.86 82.09
N ASP I 3546 40.79 49.60 82.99
CA ASP I 3546 42.07 49.14 83.54
C ASP I 3546 41.91 47.88 84.38
N GLU I 3547 40.73 47.67 84.97
CA GLU I 3547 40.51 46.44 85.72
C GLU I 3547 40.33 45.24 84.81
N GLU I 3548 39.64 45.43 83.69
CA GLU I 3548 39.38 44.32 82.77
C GLU I 3548 40.67 43.79 82.15
N VAL I 3549 41.58 44.69 81.79
CA VAL I 3549 42.85 44.23 81.19
C VAL I 3549 43.70 43.53 82.24
N ARG I 3550 43.69 44.01 83.49
CA ARG I 3550 44.49 43.36 84.52
C ARG I 3550 44.05 41.93 84.77
N GLU I 3551 42.74 41.70 84.88
CA GLU I 3551 42.26 40.33 85.09
C GLU I 3551 42.47 39.49 83.85
N PHE I 3552 42.40 40.10 82.67
CA PHE I 3552 42.73 39.38 81.44
C PHE I 3552 44.18 38.94 81.44
N LEU I 3553 45.08 39.81 81.89
CA LEU I 3553 46.49 39.45 81.98
C LEU I 3553 46.74 38.43 83.08
N GLN I 3554 45.96 38.47 84.17
CA GLN I 3554 46.14 37.51 85.24
C GLN I 3554 45.88 36.08 84.77
N ASN I 3555 44.84 35.89 83.97
CA ASN I 3555 44.50 34.58 83.45
C ASN I 3555 45.34 34.18 82.23
N ASN I 3556 46.13 35.10 81.69
CA ASN I 3556 46.93 34.85 80.50
C ASN I 3556 48.42 35.07 80.76
N LEU I 3557 48.88 34.82 81.98
CA LEU I 3557 50.29 35.00 82.31
C LEU I 3557 51.19 33.98 81.63
N HIS I 3558 50.63 32.88 81.13
CA HIS I 3558 51.43 31.84 80.51
C HIS I 3558 51.71 32.09 79.04
N LEU I 3559 51.16 33.17 78.46
CA LEU I 3559 51.37 33.46 77.05
C LEU I 3559 52.59 34.33 76.80
N GLN I 3560 53.34 34.69 77.84
CA GLN I 3560 54.58 35.43 77.65
C GLN I 3560 55.59 34.57 76.90
N GLY I 3561 56.39 35.23 76.06
CA GLY I 3561 57.28 34.52 75.18
C GLY I 3561 58.35 33.73 75.91
N LYS I 3562 58.83 32.69 75.24
CA LYS I 3562 59.90 31.84 75.75
C LYS I 3562 61.20 32.20 75.04
N VAL I 3563 62.29 32.31 75.81
CA VAL I 3563 63.57 32.70 75.24
C VAL I 3563 64.08 31.65 74.27
N GLU I 3564 63.82 30.36 74.56
CA GLU I 3564 64.34 29.30 73.70
C GLU I 3564 63.67 29.31 72.33
N GLY I 3565 62.39 29.68 72.27
CA GLY I 3565 61.66 29.65 71.02
C GLY I 3565 61.91 30.82 70.09
N SER I 3566 62.61 31.86 70.55
CA SER I 3566 62.86 33.03 69.73
C SER I 3566 64.33 33.41 69.79
N PRO I 3567 64.97 33.66 68.64
CA PRO I 3567 66.37 34.07 68.65
C PRO I 3567 66.54 35.52 69.07
N SER I 3568 65.52 36.34 68.79
CA SER I 3568 65.58 37.75 69.17
C SER I 3568 65.58 37.91 70.69
N LEU I 3569 64.77 37.12 71.39
CA LEU I 3569 64.70 37.22 72.83
C LEU I 3569 65.96 36.71 73.51
N ARG I 3570 66.80 35.95 72.80
CA ARG I 3570 68.01 35.42 73.41
C ARG I 3570 68.94 36.55 73.85
N TRP I 3571 69.25 37.47 72.95
CA TRP I 3571 70.15 38.57 73.29
C TRP I 3571 69.45 39.68 74.05
N GLN I 3572 68.16 39.90 73.78
CA GLN I 3572 67.42 40.93 74.52
C GLN I 3572 67.34 40.59 75.99
N MET I 3573 67.02 39.33 76.31
CA MET I 3573 66.95 38.92 77.71
C MET I 3573 68.31 39.01 78.39
N ALA I 3574 69.38 38.61 77.68
CA ALA I 3574 70.72 38.73 78.24
C ALA I 3574 71.08 40.19 78.49
N LEU I 3575 70.72 41.08 77.55
CA LEU I 3575 70.95 42.50 77.75
C LEU I 3575 70.05 43.06 78.85
N TYR I 3576 68.81 42.57 78.92
CA TYR I 3576 67.89 43.05 79.95
C TYR I 3576 68.35 42.66 81.34
N ARG I 3577 68.83 41.42 81.51
CA ARG I 3577 69.25 40.95 82.82
C ARG I 3577 70.58 41.53 83.28
N GLY I 3578 71.31 42.22 82.40
CA GLY I 3578 72.56 42.82 82.78
C GLY I 3578 72.47 44.15 83.49
N LEU I 3579 71.27 44.72 83.61
CA LEU I 3579 71.13 46.00 84.27
C LEU I 3579 71.39 45.85 85.77
N PRO I 3580 71.96 46.88 86.40
CA PRO I 3580 72.34 46.77 87.82
C PRO I 3580 71.18 46.48 88.77
N GLY I 3581 70.04 47.10 88.53
CA GLY I 3581 68.94 47.03 89.48
C GLY I 3581 67.90 45.97 89.18
N ARG I 3582 68.25 44.98 88.34
CA ARG I 3582 67.31 43.93 87.98
C ARG I 3582 67.37 42.80 89.00
N GLU I 3583 66.29 42.62 89.74
CA GLU I 3583 66.15 41.51 90.67
C GLU I 3583 65.10 40.54 90.17
N GLU I 3584 65.39 39.24 90.27
CA GLU I 3584 64.44 38.22 89.85
C GLU I 3584 63.18 38.21 90.71
N ASP I 3585 63.24 38.76 91.93
CA ASP I 3585 62.05 38.86 92.76
C ASP I 3585 61.04 39.86 92.22
N ALA I 3586 61.49 40.80 91.37
CA ALA I 3586 60.59 41.79 90.80
C ALA I 3586 59.64 41.19 89.76
N ASP I 3587 59.86 39.95 89.34
CA ASP I 3587 58.99 39.30 88.37
C ASP I 3587 57.84 38.56 89.05
N ASP I 3588 57.14 39.27 89.93
CA ASP I 3588 55.95 38.73 90.58
C ASP I 3588 54.77 38.79 89.61
N PRO I 3589 53.79 37.89 89.78
CA PRO I 3589 52.61 37.95 88.90
C PRO I 3589 51.90 39.28 88.94
N GLU I 3590 51.84 39.92 90.11
CA GLU I 3590 51.21 41.23 90.20
C GLU I 3590 52.07 42.31 89.57
N LYS I 3591 53.39 42.26 89.79
CA LYS I 3591 54.26 43.28 89.22
C LYS I 3591 54.30 43.22 87.71
N ILE I 3592 54.18 42.02 87.14
CA ILE I 3592 54.21 41.89 85.68
C ILE I 3592 52.96 42.51 85.07
N VAL I 3593 51.79 42.20 85.63
CA VAL I 3593 50.54 42.66 85.03
C VAL I 3593 50.40 44.17 85.19
N ARG I 3594 50.93 44.75 86.27
CA ARG I 3594 50.83 46.20 86.45
C ARG I 3594 51.61 46.94 85.37
N ARG I 3595 52.87 46.54 85.14
CA ARG I 3595 53.68 47.27 84.18
C ARG I 3595 53.21 47.05 82.75
N VAL I 3596 52.76 45.84 82.43
CA VAL I 3596 52.25 45.56 81.09
C VAL I 3596 50.99 46.38 80.82
N GLN I 3597 50.08 46.42 81.80
CA GLN I 3597 48.86 47.19 81.64
C GLN I 3597 49.14 48.67 81.46
N GLU I 3598 50.07 49.22 82.26
CA GLU I 3598 50.38 50.64 82.17
C GLU I 3598 51.01 50.98 80.82
N VAL I 3599 51.95 50.16 80.36
CA VAL I 3599 52.63 50.44 79.10
C VAL I 3599 51.67 50.23 77.92
N SER I 3600 50.86 49.18 77.98
CA SER I 3600 49.94 48.89 76.87
C SER I 3600 48.93 50.01 76.68
N ALA I 3601 48.41 50.56 77.77
CA ALA I 3601 47.48 51.68 77.67
C ALA I 3601 48.15 52.89 77.02
N VAL I 3602 49.38 53.17 77.41
CA VAL I 3602 50.13 54.27 76.80
C VAL I 3602 50.38 53.98 75.33
N LEU I 3603 50.82 52.76 75.02
CA LEU I 3603 51.11 52.40 73.63
C LEU I 3603 49.85 52.43 72.77
N TYR I 3604 48.73 51.95 73.31
CA TYR I 3604 47.50 51.93 72.53
C TYR I 3604 47.05 53.35 72.19
N HIS I 3605 46.97 54.23 73.18
CA HIS I 3605 46.53 55.59 72.93
C HIS I 3605 47.55 56.39 72.13
N LEU I 3606 48.82 55.99 72.15
CA LEU I 3606 49.84 56.71 71.41
C LEU I 3606 49.62 56.54 69.90
N GLU I 3607 49.33 55.31 69.47
CA GLU I 3607 49.10 55.07 68.05
C GLU I 3607 47.74 55.58 67.58
N GLN I 3608 46.80 55.80 68.50
CA GLN I 3608 45.56 56.48 68.14
C GLN I 3608 45.83 57.92 67.74
N THR I 3609 46.92 58.50 68.24
CA THR I 3609 47.26 59.90 67.99
C THR I 3609 48.10 60.06 66.73
N GLU I 3610 49.21 59.32 66.64
CA GLU I 3610 50.07 59.40 65.46
C GLU I 3610 49.33 58.93 64.21
N HIS I 3611 48.55 57.85 64.33
CA HIS I 3611 47.73 57.35 63.24
C HIS I 3611 46.27 57.53 63.63
N PRO I 3612 45.67 58.69 63.34
CA PRO I 3612 44.29 58.94 63.80
C PRO I 3612 43.27 57.99 63.20
N TYR I 3613 43.59 57.32 62.09
CA TYR I 3613 42.72 56.35 61.41
C TYR I 3613 41.32 56.89 61.17
N LYS I 3614 41.14 58.21 61.21
CA LYS I 3614 39.87 58.82 60.89
C LYS I 3614 39.66 58.99 59.38
N SER I 3615 40.67 58.64 58.58
CA SER I 3615 40.51 58.63 57.14
C SER I 3615 39.57 57.50 56.74
N LYS I 3616 39.13 57.55 55.48
CA LYS I 3616 38.15 56.63 54.90
C LYS I 3616 36.78 56.74 55.56
N LYS I 3617 36.61 57.67 56.49
CA LYS I 3617 35.31 58.01 57.06
C LYS I 3617 34.69 59.20 56.33
N ALA I 3618 35.41 60.33 56.28
CA ALA I 3618 34.99 61.51 55.51
C ALA I 3618 36.18 61.93 54.64
N VAL I 3619 36.36 61.21 53.52
CA VAL I 3619 37.37 61.60 52.53
C VAL I 3619 36.83 62.75 51.69
N TRP I 3620 37.72 63.38 50.92
CA TRP I 3620 37.31 64.42 50.00
C TRP I 3620 36.21 63.90 49.09
N HIS I 3621 34.99 64.39 49.30
CA HIS I 3621 33.79 63.71 48.81
C HIS I 3621 33.02 64.50 47.77
N LYS I 3622 33.17 65.82 47.70
CA LYS I 3622 32.45 66.68 46.76
C LYS I 3622 31.00 66.23 46.60
N LEU I 3623 30.27 66.22 47.73
CA LEU I 3623 28.90 65.73 47.76
C LEU I 3623 28.10 66.27 46.59
N LEU I 3624 27.97 67.59 46.49
CA LEU I 3624 27.45 68.24 45.29
C LEU I 3624 28.09 69.60 45.05
N SER I 3625 29.13 69.96 45.83
CA SER I 3625 29.58 71.34 45.90
C SER I 3625 30.13 71.82 44.57
N LYS I 3626 30.97 71.01 43.93
CA LYS I 3626 31.73 71.49 42.77
C LYS I 3626 30.83 72.01 41.65
N GLN I 3627 29.58 71.55 41.58
CA GLN I 3627 28.63 72.07 40.62
C GLN I 3627 27.48 72.84 41.26
N ARG I 3628 27.19 72.60 42.54
CA ARG I 3628 26.07 73.22 43.22
C ARG I 3628 26.51 74.29 44.22
N ARG I 3629 27.79 74.66 44.24
CA ARG I 3629 28.23 75.71 45.14
C ARG I 3629 27.57 77.04 44.82
N ARG I 3630 27.23 77.27 43.55
CA ARG I 3630 26.53 78.50 43.20
C ARG I 3630 25.13 78.52 43.79
N ALA I 3631 24.49 77.36 43.93
CA ALA I 3631 23.14 77.32 44.47
C ALA I 3631 23.11 77.65 45.95
N VAL I 3632 24.01 77.05 46.73
CA VAL I 3632 24.02 77.31 48.17
C VAL I 3632 24.40 78.76 48.45
N VAL I 3633 25.28 79.34 47.64
CA VAL I 3633 25.55 80.77 47.75
C VAL I 3633 24.32 81.59 47.39
N ALA I 3634 23.60 81.16 46.35
CA ALA I 3634 22.38 81.86 45.94
C ALA I 3634 21.28 81.74 46.99
N CYS I 3635 21.29 80.67 47.78
CA CYS I 3635 20.27 80.50 48.81
C CYS I 3635 20.34 81.60 49.85
N PHE I 3636 21.55 81.95 50.29
CA PHE I 3636 21.74 82.97 51.31
C PHE I 3636 21.50 84.39 50.80
N ARG I 3637 21.39 84.57 49.48
CA ARG I 3637 21.10 85.88 48.90
C ARG I 3637 19.78 85.88 48.15
N MET I 3638 18.91 84.91 48.43
CA MET I 3638 17.61 84.87 47.78
C MET I 3638 16.75 86.03 48.24
N THR I 3639 16.05 86.65 47.29
CA THR I 3639 15.24 87.81 47.59
C THR I 3639 13.98 87.42 48.35
N PRO I 3640 13.69 88.05 49.48
CA PRO I 3640 12.43 87.76 50.18
C PRO I 3640 11.23 88.27 49.39
N LEU I 3641 10.08 87.68 49.67
CA LEU I 3641 8.88 87.98 48.90
C LEU I 3641 8.44 89.44 49.05
N TYR I 3642 8.66 90.02 50.23
CA TYR I 3642 8.18 91.39 50.45
C TYR I 3642 9.02 92.43 49.71
N ASN I 3643 10.18 92.06 49.17
CA ASN I 3643 10.98 92.97 48.37
C ASN I 3643 10.64 92.92 46.88
N LEU I 3644 9.79 92.00 46.47
CA LEU I 3644 9.41 91.92 45.06
C LEU I 3644 8.42 93.02 44.71
N PRO I 3645 8.40 93.44 43.44
CA PRO I 3645 7.35 94.36 42.99
C PRO I 3645 5.99 93.69 43.05
N THR I 3646 4.96 94.53 43.19
CA THR I 3646 3.61 94.00 43.38
C THR I 3646 3.16 93.17 42.18
N HIS I 3647 3.42 93.64 40.96
CA HIS I 3647 2.96 92.92 39.78
C HIS I 3647 3.65 91.57 39.66
N ARG I 3648 4.94 91.50 39.97
CA ARG I 3648 5.63 90.21 39.93
C ARG I 3648 5.08 89.26 40.98
N ALA I 3649 4.79 89.76 42.19
CA ALA I 3649 4.25 88.92 43.24
C ALA I 3649 2.85 88.43 42.89
N CYS I 3650 2.04 89.29 42.25
CA CYS I 3650 0.70 88.88 41.85
C CYS I 3650 0.75 87.75 40.82
N ASN I 3651 1.69 87.83 39.88
CA ASN I 3651 1.82 86.76 38.89
C ASN I 3651 2.21 85.45 39.54
N MET I 3652 3.10 85.51 40.54
CA MET I 3652 3.45 84.30 41.27
C MET I 3652 2.27 83.78 42.08
N PHE I 3653 1.45 84.69 42.63
CA PHE I 3653 0.27 84.27 43.38
C PHE I 3653 -0.71 83.52 42.50
N LEU I 3654 -0.94 84.01 41.28
CA LEU I 3654 -1.89 83.36 40.39
C LEU I 3654 -1.47 81.94 40.04
N GLU I 3655 -0.17 81.74 39.78
CA GLU I 3655 0.32 80.40 39.49
C GLU I 3655 0.18 79.50 40.71
N SER I 3656 0.51 80.01 41.89
CA SER I 3656 0.39 79.21 43.11
C SER I 3656 -1.08 78.92 43.43
N TYR I 3657 -1.95 79.91 43.25
CA TYR I 3657 -3.35 79.74 43.62
C TYR I 3657 -4.04 78.69 42.75
N LYS I 3658 -3.79 78.71 41.44
CA LYS I 3658 -4.46 77.77 40.56
C LYS I 3658 -3.98 76.34 40.80
N ALA I 3659 -2.71 76.16 41.12
CA ALA I 3659 -2.17 74.82 41.32
C ALA I 3659 -2.63 74.22 42.65
N ALA I 3660 -2.75 75.05 43.69
CA ALA I 3660 -3.05 74.57 45.03
C ALA I 3660 -4.52 74.68 45.41
N TRP I 3661 -5.29 75.54 44.75
CA TRP I 3661 -6.67 75.77 45.14
C TRP I 3661 -7.67 75.51 44.01
N ILE I 3662 -7.34 75.81 42.77
CA ILE I 3662 -8.26 75.58 41.67
C ILE I 3662 -8.10 74.18 41.10
N LEU I 3663 -6.87 73.75 40.85
CA LEU I 3663 -6.64 72.39 40.36
C LEU I 3663 -7.08 71.36 41.38
N THR I 3664 -6.77 71.58 42.65
CA THR I 3664 -7.14 70.65 43.70
C THR I 3664 -8.64 70.59 43.95
N GLU I 3665 -9.39 71.59 43.49
CA GLU I 3665 -10.84 71.58 43.68
C GLU I 3665 -11.47 70.46 42.88
N ASP I 3666 -12.43 69.77 43.51
CA ASP I 3666 -13.13 68.65 42.89
C ASP I 3666 -14.55 69.08 42.56
N HIS I 3667 -14.92 68.98 41.29
CA HIS I 3667 -16.27 69.31 40.83
C HIS I 3667 -16.72 68.22 39.88
N SER I 3668 -17.63 67.36 40.33
CA SER I 3668 -18.15 66.27 39.52
C SER I 3668 -19.45 66.74 38.84
N PHE I 3669 -19.37 66.97 37.54
CA PHE I 3669 -20.53 67.39 36.76
C PHE I 3669 -20.84 66.45 35.59
N GLU I 3670 -19.99 65.45 35.34
CA GLU I 3670 -20.19 64.58 34.19
C GLU I 3670 -21.48 63.78 34.31
N ASP I 3671 -21.75 63.23 35.49
CA ASP I 3671 -22.97 62.46 35.68
C ASP I 3671 -24.20 63.35 35.52
N ARG I 3672 -24.17 64.55 36.08
CA ARG I 3672 -25.31 65.45 35.97
C ARG I 3672 -25.51 65.92 34.54
N MET I 3673 -24.42 66.19 33.82
CA MET I 3673 -24.54 66.69 32.46
C MET I 3673 -25.09 65.62 31.52
N ILE I 3674 -24.60 64.39 31.65
CA ILE I 3674 -25.08 63.30 30.80
C ILE I 3674 -26.55 63.01 31.09
N ASP I 3675 -26.94 63.06 32.36
CA ASP I 3675 -28.34 62.83 32.71
C ASP I 3675 -29.24 63.89 32.09
N ASP I 3676 -28.81 65.16 32.12
CA ASP I 3676 -29.63 66.22 31.56
C ASP I 3676 -29.77 66.08 30.05
N LEU I 3677 -28.70 65.69 29.36
CA LEU I 3677 -28.74 65.56 27.91
C LEU I 3677 -29.47 64.31 27.43
N SER I 3678 -29.71 63.36 28.32
CA SER I 3678 -30.35 62.10 27.95
C SER I 3678 -31.86 62.14 28.11
N LYS I 3679 -32.44 63.28 28.45
CA LYS I 3679 -33.87 63.40 28.69
C LYS I 3679 -34.56 64.00 27.46
N ALA I 3680 -35.64 63.36 27.03
CA ALA I 3680 -36.49 63.93 25.99
C ALA I 3680 -37.46 64.92 26.62
N GLY I 3681 -37.59 66.09 26.01
CA GLY I 3681 -38.31 67.18 26.65
C GLY I 3681 -39.79 67.26 26.33
N GLU I 3682 -40.61 66.66 27.20
CA GLU I 3682 -42.06 66.82 27.24
C GLU I 3682 -42.69 66.92 25.84
N GLN I 3683 -42.34 65.96 24.99
CA GLN I 3683 -42.94 65.86 23.66
C GLN I 3683 -43.90 64.68 23.54
N GLU I 3684 -44.28 64.07 24.66
CA GLU I 3684 -45.09 62.86 24.65
C GLU I 3684 -46.58 63.14 24.81
N GLU I 3685 -47.05 64.28 24.33
CA GLU I 3685 -48.47 64.62 24.38
C GLU I 3685 -49.19 64.35 23.06
N GLU I 3686 -48.50 63.73 22.09
CA GLU I 3686 -49.09 63.43 20.80
C GLU I 3686 -49.11 61.95 20.48
N GLU I 3687 -48.02 61.23 20.82
CA GLU I 3687 -47.87 59.79 20.65
C GLU I 3687 -48.42 59.27 19.32
N GLU I 3688 -48.11 59.97 18.24
CA GLU I 3688 -48.54 59.59 16.89
C GLU I 3688 -47.47 58.71 16.25
N GLU I 3689 -47.50 58.59 14.93
CA GLU I 3689 -46.55 57.78 14.18
C GLU I 3689 -45.18 58.44 14.11
N VAL I 3690 -44.95 59.44 14.98
CA VAL I 3690 -43.68 60.15 15.08
C VAL I 3690 -42.63 59.25 15.73
N GLU I 3691 -43.00 57.98 15.95
CA GLU I 3691 -42.18 57.01 16.68
C GLU I 3691 -40.77 56.86 16.11
N GLU I 3692 -40.48 57.53 14.99
CA GLU I 3692 -39.12 57.72 14.52
C GLU I 3692 -38.23 58.19 15.66
N LYS I 3693 -38.79 59.01 16.57
CA LYS I 3693 -38.14 59.40 17.81
C LYS I 3693 -36.82 60.12 17.55
N LYS I 3694 -36.97 61.34 17.01
CA LYS I 3694 -35.87 62.25 16.75
C LYS I 3694 -34.86 62.24 17.90
N PRO I 3695 -33.56 62.34 17.60
CA PRO I 3695 -32.55 62.11 18.64
C PRO I 3695 -32.67 63.10 19.79
N ASP I 3696 -32.42 62.60 21.00
CA ASP I 3696 -32.34 63.43 22.19
C ASP I 3696 -31.05 64.24 22.15
N PRO I 3697 -30.94 65.28 22.99
CA PRO I 3697 -29.73 66.12 22.93
C PRO I 3697 -28.42 65.37 23.04
N LEU I 3698 -28.35 64.34 23.89
CA LEU I 3698 -27.14 63.54 23.96
C LEU I 3698 -26.89 62.79 22.66
N HIS I 3699 -27.96 62.26 22.05
CA HIS I 3699 -27.80 61.53 20.79
C HIS I 3699 -27.33 62.45 19.68
N GLN I 3700 -27.85 63.68 19.63
CA GLN I 3700 -27.42 64.63 18.61
C GLN I 3700 -25.96 65.01 18.78
N LEU I 3701 -25.48 65.07 20.01
CA LEU I 3701 -24.07 65.36 20.25
C LEU I 3701 -23.17 64.28 19.67
N VAL I 3702 -23.54 63.02 19.86
CA VAL I 3702 -22.74 61.92 19.32
C VAL I 3702 -22.79 61.92 17.80
N LEU I 3703 -23.96 62.18 17.22
CA LEU I 3703 -24.07 62.23 15.77
C LEU I 3703 -23.22 63.34 15.18
N HIS I 3704 -23.13 64.48 15.87
CA HIS I 3704 -22.31 65.58 15.39
C HIS I 3704 -20.84 65.18 15.33
N PHE I 3705 -20.34 64.53 16.38
CA PHE I 3705 -18.95 64.08 16.38
C PHE I 3705 -18.76 62.92 15.41
N SER I 3706 -19.78 62.08 15.24
CA SER I 3706 -19.71 61.06 14.21
C SER I 3706 -19.70 61.68 12.82
N ARG I 3707 -20.34 62.84 12.66
CA ARG I 3707 -20.36 63.51 11.37
C ARG I 3707 -18.98 64.01 10.97
N THR I 3708 -18.26 64.64 11.90
CA THR I 3708 -16.94 65.16 11.58
C THR I 3708 -15.88 64.07 11.49
N ALA I 3709 -16.14 62.89 12.04
CA ALA I 3709 -15.22 61.78 11.89
C ALA I 3709 -15.33 61.15 10.51
N LEU I 3710 -16.52 61.13 9.93
CA LEU I 3710 -16.74 60.57 8.60
C LEU I 3710 -16.42 61.54 7.48
N THR I 3711 -16.11 62.79 7.80
CA THR I 3711 -15.79 63.78 6.78
C THR I 3711 -14.47 63.41 6.10
N GLU I 3712 -14.48 63.46 4.77
CA GLU I 3712 -13.28 63.11 3.98
C GLU I 3712 -12.24 64.22 4.17
N LYS I 3713 -11.23 63.93 4.98
CA LYS I 3713 -10.16 64.89 5.25
C LYS I 3713 -8.83 64.15 5.25
N SER I 3714 -7.76 64.89 4.94
CA SER I 3714 -6.43 64.30 4.93
C SER I 3714 -5.97 63.96 6.34
N LYS I 3715 -6.22 64.85 7.30
CA LYS I 3715 -5.78 64.66 8.67
C LYS I 3715 -6.91 65.04 9.62
N LEU I 3716 -7.03 64.27 10.70
CA LEU I 3716 -8.02 64.56 11.75
C LEU I 3716 -7.47 65.71 12.60
N ASP I 3717 -7.99 66.91 12.37
CA ASP I 3717 -7.52 68.08 13.09
C ASP I 3717 -7.91 68.01 14.56
N GLU I 3718 -7.11 68.67 15.39
CA GLU I 3718 -7.34 68.65 16.83
C GLU I 3718 -8.61 69.41 17.16
N ASP I 3719 -9.47 68.80 17.98
CA ASP I 3719 -10.74 69.40 18.39
C ASP I 3719 -10.84 69.30 19.89
N TYR I 3720 -10.76 70.45 20.57
CA TYR I 3720 -10.87 70.46 22.02
C TYR I 3720 -12.29 70.13 22.47
N LEU I 3721 -13.29 70.49 21.66
CA LEU I 3721 -14.68 70.22 22.03
C LEU I 3721 -14.94 68.72 22.10
N TYR I 3722 -14.45 67.96 21.12
CA TYR I 3722 -14.61 66.52 21.15
C TYR I 3722 -13.86 65.91 22.34
N MET I 3723 -12.65 66.39 22.60
CA MET I 3723 -11.88 65.88 23.72
C MET I 3723 -12.57 66.14 25.05
N ALA I 3724 -13.15 67.34 25.20
CA ALA I 3724 -13.86 67.66 26.44
C ALA I 3724 -15.07 66.76 26.65
N TYR I 3725 -15.86 66.54 25.59
CA TYR I 3725 -17.06 65.72 25.73
C TYR I 3725 -16.74 64.24 25.79
N ALA I 3726 -15.66 63.79 25.13
CA ALA I 3726 -15.27 62.39 25.24
C ALA I 3726 -14.88 62.06 26.68
N ASP I 3727 -14.18 62.96 27.35
CA ASP I 3727 -13.85 62.74 28.76
C ASP I 3727 -15.11 62.75 29.62
N ILE I 3728 -16.06 63.65 29.32
CA ILE I 3728 -17.30 63.71 30.09
C ILE I 3728 -18.07 62.40 29.95
N MET I 3729 -18.21 61.92 28.71
CA MET I 3729 -18.91 60.66 28.50
C MET I 3729 -18.18 59.49 29.14
N ALA I 3730 -16.85 59.48 29.05
CA ALA I 3730 -16.08 58.40 29.66
C ALA I 3730 -16.19 58.42 31.18
N LYS I 3731 -16.13 59.62 31.78
CA LYS I 3731 -16.18 59.71 33.24
C LYS I 3731 -17.55 59.40 33.80
N SER I 3732 -18.60 59.41 32.97
CA SER I 3732 -19.94 59.14 33.46
C SER I 3732 -20.32 57.67 33.42
N CYS I 3733 -19.43 56.80 32.93
CA CYS I 3733 -19.78 55.39 32.75
C CYS I 3733 -19.19 54.48 33.81
N HIS I 3734 -18.09 54.84 34.45
CA HIS I 3734 -17.48 53.93 35.42
C HIS I 3734 -18.00 54.20 36.84
N LEU I 3735 -17.77 55.40 37.35
CA LEU I 3735 -18.17 55.79 38.71
C LEU I 3735 -17.70 54.77 39.74
N GLU I 3736 -16.45 54.33 39.59
CA GLU I 3736 -15.86 53.36 40.51
C GLU I 3736 -14.34 53.43 40.48
N VAL I 3749 -14.24 45.01 53.06
CA VAL I 3749 -13.54 44.70 51.82
C VAL I 3749 -14.08 43.40 51.22
N GLU I 3750 -15.28 43.01 51.65
CA GLU I 3750 -15.94 41.78 51.19
C GLU I 3750 -17.28 42.15 50.58
N VAL I 3751 -17.27 42.45 49.27
CA VAL I 3751 -18.51 42.78 48.59
C VAL I 3751 -19.34 41.53 48.39
N SER I 3752 -20.60 41.59 48.79
CA SER I 3752 -21.47 40.43 48.72
C SER I 3752 -21.94 40.20 47.29
N PHE I 3753 -22.59 39.05 47.09
CA PHE I 3753 -23.04 38.68 45.75
C PHE I 3753 -24.12 39.63 45.23
N GLU I 3754 -25.02 40.08 46.11
CA GLU I 3754 -26.17 40.86 45.66
C GLU I 3754 -25.72 42.20 45.07
N GLU I 3755 -24.92 42.97 45.80
CA GLU I 3755 -24.51 44.26 45.30
C GLU I 3755 -23.42 44.17 44.23
N LYS I 3756 -22.70 43.04 44.16
CA LYS I 3756 -21.76 42.84 43.06
C LYS I 3756 -22.49 42.86 41.72
N GLU I 3757 -23.63 42.18 41.65
CA GLU I 3757 -24.45 42.23 40.44
C GLU I 3757 -25.06 43.61 40.25
N MET I 3758 -25.42 44.29 41.34
CA MET I 3758 -25.99 45.63 41.22
C MET I 3758 -24.99 46.60 40.60
N GLU I 3759 -23.72 46.50 41.00
CA GLU I 3759 -22.70 47.34 40.39
C GLU I 3759 -22.56 47.05 38.90
N LYS I 3760 -22.60 45.77 38.52
CA LYS I 3760 -22.52 45.42 37.11
C LYS I 3760 -23.71 45.97 36.33
N GLN I 3761 -24.93 45.82 36.87
CA GLN I 3761 -26.10 46.35 36.19
C GLN I 3761 -26.08 47.87 36.14
N ARG I 3762 -25.65 48.52 37.22
CA ARG I 3762 -25.51 49.97 37.20
C ARG I 3762 -24.46 50.40 36.19
N LEU I 3763 -23.36 49.65 36.09
CA LEU I 3763 -22.36 49.91 35.06
C LEU I 3763 -22.93 49.73 33.68
N LEU I 3764 -23.74 48.69 33.48
CA LEU I 3764 -24.34 48.45 32.17
C LEU I 3764 -25.28 49.58 31.76
N TYR I 3765 -26.09 50.07 32.72
CA TYR I 3765 -27.02 51.14 32.41
C TYR I 3765 -26.28 52.41 31.99
N GLN I 3766 -25.21 52.77 32.69
CA GLN I 3766 -24.46 53.96 32.33
C GLN I 3766 -23.83 53.81 30.95
N GLN I 3767 -23.31 52.62 30.64
CA GLN I 3767 -22.81 52.36 29.30
C GLN I 3767 -23.94 52.33 28.28
N SER I 3768 -25.13 51.91 28.69
CA SER I 3768 -26.26 51.85 27.76
C SER I 3768 -26.68 53.24 27.31
N ARG I 3769 -26.47 54.26 28.14
CA ARG I 3769 -26.84 55.62 27.75
C ARG I 3769 -26.02 56.10 26.57
N LEU I 3770 -24.85 55.51 26.34
CA LEU I 3770 -23.98 55.94 25.25
C LEU I 3770 -24.13 55.06 24.01
N HIS I 3771 -23.94 53.75 24.15
CA HIS I 3771 -23.92 52.87 22.98
C HIS I 3771 -25.29 52.74 22.32
N THR I 3772 -26.36 53.11 23.00
CA THR I 3772 -27.68 53.18 22.37
C THR I 3772 -27.88 54.48 21.61
N ARG I 3773 -26.92 55.41 21.69
CA ARG I 3773 -26.99 56.68 20.98
C ARG I 3773 -25.83 56.83 20.00
N GLY I 3774 -25.30 55.70 19.52
CA GLY I 3774 -24.27 55.73 18.50
C GLY I 3774 -22.87 55.99 18.99
N ALA I 3775 -22.62 55.93 20.31
CA ALA I 3775 -21.28 56.18 20.81
C ALA I 3775 -20.30 55.09 20.40
N ALA I 3776 -20.76 53.84 20.34
CA ALA I 3776 -19.87 52.74 19.96
C ALA I 3776 -19.35 52.91 18.54
N GLU I 3777 -20.22 53.30 17.62
CA GLU I 3777 -19.79 53.54 16.24
C GLU I 3777 -18.88 54.75 16.15
N MET I 3778 -19.13 55.78 16.96
CA MET I 3778 -18.31 56.99 16.91
C MET I 3778 -16.86 56.69 17.29
N VAL I 3779 -16.66 55.81 18.28
CA VAL I 3779 -15.31 55.48 18.71
C VAL I 3779 -14.53 54.83 17.56
N LEU I 3780 -15.18 53.91 16.84
CA LEU I 3780 -14.50 53.27 15.71
C LEU I 3780 -14.20 54.27 14.60
N GLN I 3781 -15.14 55.18 14.34
CA GLN I 3781 -14.92 56.18 13.29
C GLN I 3781 -13.78 57.11 13.64
N MET I 3782 -13.70 57.55 14.90
CA MET I 3782 -12.61 58.43 15.31
C MET I 3782 -11.26 57.73 15.23
N ILE I 3783 -11.21 56.46 15.61
CA ILE I 3783 -9.96 55.71 15.49
C ILE I 3783 -9.56 55.58 14.02
N SER I 3784 -10.53 55.30 13.15
CA SER I 3784 -10.23 55.22 11.73
C SER I 3784 -9.87 56.58 11.16
N ALA I 3785 -10.39 57.67 11.75
CA ALA I 3785 -10.13 59.00 11.22
C ALA I 3785 -8.72 59.46 11.53
N CYS I 3786 -8.16 59.07 12.68
CA CYS I 3786 -6.81 59.52 13.04
C CYS I 3786 -5.74 58.95 12.12
N LYS I 3787 -6.03 57.84 11.44
CA LYS I 3787 -5.12 57.23 10.48
C LYS I 3787 -3.79 56.86 11.10
N GLY I 3788 -3.80 56.46 12.37
CA GLY I 3788 -2.59 56.02 13.03
C GLY I 3788 -1.68 57.11 13.54
N GLU I 3789 -2.19 58.32 13.70
CA GLU I 3789 -1.42 59.42 14.26
C GLU I 3789 -1.73 59.57 15.74
N THR I 3790 -0.71 59.45 16.57
CA THR I 3790 -0.88 59.58 18.01
C THR I 3790 -1.19 61.03 18.38
N GLY I 3791 -1.89 61.20 19.48
CA GLY I 3791 -2.25 62.53 19.94
C GLY I 3791 -3.33 62.46 20.99
N ALA I 3792 -3.80 63.64 21.38
CA ALA I 3792 -4.85 63.72 22.39
C ALA I 3792 -6.19 63.25 21.86
N MET I 3793 -6.42 63.41 20.54
CA MET I 3793 -7.69 62.98 19.97
C MET I 3793 -7.86 61.47 20.05
N VAL I 3794 -6.85 60.71 19.64
CA VAL I 3794 -6.96 59.26 19.67
C VAL I 3794 -6.95 58.75 21.11
N SER I 3795 -6.16 59.37 21.99
CA SER I 3795 -6.13 58.92 23.38
C SER I 3795 -7.48 59.12 24.05
N SER I 3796 -8.15 60.24 23.80
CA SER I 3796 -9.48 60.46 24.35
C SER I 3796 -10.47 59.45 23.79
N THR I 3797 -10.36 59.13 22.50
CA THR I 3797 -11.26 58.14 21.90
C THR I 3797 -11.07 56.76 22.53
N LEU I 3798 -9.81 56.36 22.74
CA LEU I 3798 -9.54 55.05 23.32
C LEU I 3798 -10.08 54.96 24.75
N LYS I 3799 -9.92 56.01 25.54
CA LYS I 3799 -10.45 56.01 26.90
C LYS I 3799 -11.96 55.90 26.90
N LEU I 3800 -12.63 56.59 25.98
CA LEU I 3800 -14.08 56.48 25.87
C LEU I 3800 -14.50 55.07 25.46
N GLY I 3801 -13.77 54.47 24.51
CA GLY I 3801 -14.08 53.11 24.12
C GLY I 3801 -13.90 52.12 25.25
N ILE I 3802 -12.87 52.30 26.06
CA ILE I 3802 -12.66 51.46 27.22
C ILE I 3802 -13.79 51.65 28.23
N SER I 3803 -14.23 52.90 28.40
CA SER I 3803 -15.25 53.19 29.39
C SER I 3803 -16.56 52.46 29.09
N ILE I 3804 -16.94 52.39 27.81
CA ILE I 3804 -18.17 51.70 27.43
C ILE I 3804 -17.97 50.20 27.23
N LEU I 3805 -16.72 49.72 27.28
CA LEU I 3805 -16.44 48.30 27.11
C LEU I 3805 -15.98 47.63 28.40
N ASN I 3806 -15.91 48.35 29.52
CA ASN I 3806 -15.47 47.75 30.76
C ASN I 3806 -16.42 46.65 31.20
N GLY I 3807 -15.86 45.57 31.74
CA GLY I 3807 -16.64 44.43 32.13
C GLY I 3807 -17.01 43.48 31.02
N GLY I 3808 -16.54 43.73 29.79
CA GLY I 3808 -16.89 42.90 28.67
C GLY I 3808 -18.33 43.06 28.24
N ASN I 3809 -18.72 44.28 27.88
CA ASN I 3809 -20.08 44.56 27.46
C ASN I 3809 -20.35 43.88 26.12
N ALA I 3810 -21.11 42.79 26.14
CA ALA I 3810 -21.38 42.05 24.92
C ALA I 3810 -22.19 42.87 23.92
N GLU I 3811 -23.11 43.69 24.43
CA GLU I 3811 -23.95 44.49 23.53
C GLU I 3811 -23.12 45.50 22.76
N VAL I 3812 -22.17 46.15 23.43
CA VAL I 3812 -21.29 47.09 22.74
C VAL I 3812 -20.38 46.36 21.75
N GLN I 3813 -19.89 45.19 22.14
CA GLN I 3813 -19.03 44.41 21.24
C GLN I 3813 -19.77 44.02 19.98
N GLN I 3814 -21.04 43.62 20.12
CA GLN I 3814 -21.83 43.27 18.95
C GLN I 3814 -22.04 44.45 18.03
N LYS I 3815 -22.33 45.63 18.60
CA LYS I 3815 -22.54 46.82 17.77
C LYS I 3815 -21.25 47.21 17.06
N MET I 3816 -20.12 47.17 17.75
CA MET I 3816 -18.84 47.48 17.11
C MET I 3816 -18.51 46.48 16.01
N LEU I 3817 -18.73 45.19 16.29
CA LEU I 3817 -18.41 44.17 15.28
C LEU I 3817 -19.32 44.28 14.07
N ASP I 3818 -20.62 44.55 14.30
CA ASP I 3818 -21.55 44.70 13.18
C ASP I 3818 -21.17 45.90 12.31
N TYR I 3819 -20.82 47.02 12.93
CA TYR I 3819 -20.49 48.21 12.17
C TYR I 3819 -19.26 47.99 11.30
N LEU I 3820 -18.24 47.34 11.83
CA LEU I 3820 -17.03 47.08 11.05
C LEU I 3820 -17.32 46.16 9.86
N LYS I 3821 -18.17 45.16 10.07
CA LYS I 3821 -18.41 44.19 9.01
C LYS I 3821 -19.27 44.75 7.88
N ASP I 3822 -20.23 45.63 8.19
CA ASP I 3822 -21.05 46.17 7.11
C ASP I 3822 -20.30 47.24 6.31
N LYS I 3823 -19.47 48.04 6.97
CA LYS I 3823 -18.72 49.08 6.26
C LYS I 3823 -17.59 48.48 5.43
N LYS I 3824 -16.97 47.41 5.92
CA LYS I 3824 -15.86 46.75 5.23
C LYS I 3824 -14.72 47.71 4.92
N GLU I 3825 -14.44 48.64 5.83
CA GLU I 3825 -13.37 49.60 5.65
C GLU I 3825 -12.08 49.05 6.24
N VAL I 3826 -10.95 49.34 5.57
CA VAL I 3826 -9.66 48.90 6.06
C VAL I 3826 -8.97 49.95 6.91
N GLY I 3827 -9.53 51.16 6.99
CA GLY I 3827 -8.87 52.23 7.73
C GLY I 3827 -8.77 51.97 9.22
N PHE I 3828 -9.76 51.27 9.79
CA PHE I 3828 -9.76 51.05 11.24
C PHE I 3828 -8.56 50.23 11.67
N PHE I 3829 -8.32 49.09 11.02
CA PHE I 3829 -7.20 48.24 11.40
C PHE I 3829 -5.87 48.79 10.92
N GLN I 3830 -5.86 49.53 9.81
CA GLN I 3830 -4.64 50.22 9.40
C GLN I 3830 -4.24 51.27 10.44
N SER I 3831 -5.22 51.99 10.98
CA SER I 3831 -4.92 52.94 12.04
C SER I 3831 -4.43 52.24 13.30
N ILE I 3832 -5.07 51.12 13.66
CA ILE I 3832 -4.65 50.39 14.86
C ILE I 3832 -3.23 49.86 14.69
N GLN I 3833 -2.93 49.29 13.53
CA GLN I 3833 -1.59 48.76 13.29
C GLN I 3833 -0.54 49.87 13.34
N ALA I 3834 -0.85 51.03 12.75
CA ALA I 3834 0.10 52.14 12.77
C ALA I 3834 0.33 52.64 14.19
N LEU I 3835 -0.72 52.72 15.00
CA LEU I 3835 -0.58 53.17 16.37
C LEU I 3835 0.31 52.23 17.18
N MET I 3836 0.14 50.92 16.98
CA MET I 3836 0.95 49.94 17.71
C MET I 3836 2.41 50.00 17.31
N GLN I 3837 2.72 50.35 16.05
CA GLN I 3837 4.10 50.48 15.63
C GLN I 3837 4.77 51.73 16.15
N THR I 3838 4.00 52.72 16.58
CA THR I 3838 4.54 53.95 17.15
C THR I 3838 4.65 53.90 18.67
N CYS I 3839 4.19 52.82 19.30
CA CYS I 3839 4.32 52.68 20.74
C CYS I 3839 5.78 52.55 21.12
N SER I 3840 6.19 53.27 22.16
CA SER I 3840 7.58 53.32 22.56
C SER I 3840 7.90 52.21 23.56
N VAL I 3841 9.18 51.84 23.59
CA VAL I 3841 9.68 50.85 24.54
C VAL I 3841 10.81 51.50 25.33
N LEU I 3842 11.44 50.75 26.23
CA LEU I 3842 12.54 51.28 27.00
C LEU I 3842 13.71 51.63 26.09
N ASP I 3843 14.14 52.87 26.14
CA ASP I 3843 15.27 53.35 25.36
C ASP I 3843 16.40 53.74 26.30
N LEU I 3844 17.53 53.03 26.21
CA LEU I 3844 18.65 53.32 27.09
C LEU I 3844 19.31 54.64 26.74
N ASN I 3845 19.35 55.00 25.45
CA ASN I 3845 19.93 56.28 25.06
C ASN I 3845 19.14 57.44 25.66
N ALA I 3846 17.80 57.35 25.63
CA ALA I 3846 16.98 58.37 26.29
C ALA I 3846 17.19 58.34 27.80
N PHE I 3847 17.32 57.14 28.37
CA PHE I 3847 17.52 57.02 29.81
C PHE I 3847 18.86 57.62 30.23
N GLU I 3848 19.91 57.38 29.45
CA GLU I 3848 21.22 57.93 29.78
C GLU I 3848 21.21 59.45 29.72
N ARG I 3849 20.51 60.02 28.73
CA ARG I 3849 20.43 61.47 28.63
C ARG I 3849 19.73 62.08 29.83
N GLN I 3850 18.65 61.44 30.31
CA GLN I 3850 17.91 61.97 31.44
C GLN I 3850 18.75 61.97 32.71
N ASN I 3851 19.56 60.93 32.91
CA ASN I 3851 20.39 60.86 34.11
C ASN I 3851 21.39 62.00 34.16
N LYS I 3852 22.00 62.34 33.02
CA LYS I 3852 22.87 63.50 32.99
C LYS I 3852 22.08 64.80 33.16
N ALA I 3853 20.89 64.88 32.57
CA ALA I 3853 20.09 66.09 32.66
C ALA I 3853 19.69 66.38 34.11
N GLU I 3854 19.28 65.35 34.85
CA GLU I 3854 18.90 65.55 36.24
C GLU I 3854 20.10 65.83 37.13
N GLY I 3855 21.31 65.49 36.68
CA GLY I 3855 22.50 65.80 37.44
C GLY I 3855 23.01 67.21 37.31
N LEU I 3856 22.52 67.96 36.31
CA LEU I 3856 22.95 69.35 36.15
C LEU I 3856 22.32 70.25 37.21
N GLY I 3857 21.03 70.05 37.48
CA GLY I 3857 20.34 70.90 38.43
C GLY I 3857 20.04 72.29 37.89
N MET I 3858 19.20 72.37 36.87
CA MET I 3858 18.89 73.63 36.21
C MET I 3858 17.90 74.44 37.03
N VAL I 3859 17.90 75.75 36.78
CA VAL I 3859 16.98 76.69 37.42
C VAL I 3859 16.48 77.66 36.35
N ASN I 3860 15.43 78.40 36.70
CA ASN I 3860 14.86 79.39 35.81
C ASN I 3860 15.36 80.79 36.15
N GLU I 3861 14.97 81.77 35.33
CA GLU I 3861 15.42 83.14 35.53
C GLU I 3861 14.59 83.85 36.60
N ASP I 3862 13.28 83.93 36.39
CA ASP I 3862 12.41 84.61 37.34
C ASP I 3862 12.19 83.76 38.57
N GLY I 3863 13.10 83.88 39.54
CA GLY I 3863 13.08 83.03 40.72
C GLY I 3863 14.03 81.88 40.59
N THR I 3864 13.61 80.69 41.05
CA THR I 3864 14.45 79.50 40.96
C THR I 3864 13.56 78.27 41.08
N VAL I 3865 13.57 77.42 40.07
CA VAL I 3865 12.82 76.18 40.09
C VAL I 3865 13.70 75.07 40.64
N ILE I 3866 13.12 74.23 41.48
CA ILE I 3866 13.86 73.17 42.17
C ILE I 3866 13.72 71.92 41.32
N ASN I 3867 14.66 71.73 40.39
CA ASN I 3867 14.75 70.52 39.57
C ASN I 3867 13.42 70.26 38.83
N ARG I 3868 13.12 71.18 37.91
CA ARG I 3868 11.88 71.13 37.13
C ARG I 3868 11.62 69.73 36.59
N GLN I 3869 10.36 69.32 36.63
CA GLN I 3869 9.95 67.95 36.35
C GLN I 3869 9.32 67.82 34.96
N ASN I 3870 9.90 68.47 33.95
CA ASN I 3870 9.40 68.41 32.59
C ASN I 3870 9.22 66.97 32.11
N GLY I 3871 8.39 66.79 31.08
CA GLY I 3871 7.96 65.48 30.61
C GLY I 3871 9.01 64.40 30.53
N GLU I 3872 8.68 63.22 31.07
CA GLU I 3872 9.57 62.07 30.97
C GLU I 3872 9.73 61.64 29.52
N LYS I 3873 10.96 61.32 29.14
CA LYS I 3873 11.27 60.93 27.77
C LYS I 3873 11.57 59.44 27.63
N VAL I 3874 11.37 58.66 28.67
CA VAL I 3874 11.52 57.21 28.61
C VAL I 3874 10.13 56.60 28.77
N MET I 3875 9.61 56.01 27.69
CA MET I 3875 8.25 55.49 27.64
C MET I 3875 7.25 56.55 28.07
N ALA I 3876 7.29 57.67 27.34
CA ALA I 3876 6.41 58.79 27.64
C ALA I 3876 4.94 58.44 27.42
N ASP I 3877 4.65 57.64 26.40
CA ASP I 3877 3.29 57.24 26.07
C ASP I 3877 2.92 55.88 26.65
N ASP I 3878 3.46 55.55 27.83
CA ASP I 3878 3.15 54.26 28.43
C ASP I 3878 1.67 54.16 28.76
N GLU I 3879 1.06 55.25 29.24
CA GLU I 3879 -0.38 55.23 29.50
C GLU I 3879 -1.18 55.03 28.21
N PHE I 3880 -0.72 55.63 27.10
CA PHE I 3880 -1.40 55.42 25.82
C PHE I 3880 -1.25 53.99 25.35
N THR I 3881 -0.07 53.40 25.55
CA THR I 3881 0.13 52.01 25.13
C THR I 3881 -0.77 51.07 25.91
N GLN I 3882 -0.93 51.31 27.22
CA GLN I 3882 -1.76 50.44 28.04
C GLN I 3882 -3.22 50.49 27.60
N ASP I 3883 -3.74 51.68 27.34
CA ASP I 3883 -5.15 51.78 26.95
C ASP I 3883 -5.38 51.27 25.53
N LEU I 3884 -4.37 51.37 24.67
CA LEU I 3884 -4.50 50.83 23.32
C LEU I 3884 -4.68 49.32 23.36
N PHE I 3885 -3.90 48.63 24.19
CA PHE I 3885 -4.05 47.18 24.33
C PHE I 3885 -5.20 46.81 25.26
N ARG I 3886 -5.55 47.69 26.20
CA ARG I 3886 -6.75 47.47 27.00
C ARG I 3886 -7.99 47.51 26.13
N PHE I 3887 -8.04 48.44 25.17
CA PHE I 3887 -9.17 48.50 24.25
C PHE I 3887 -9.28 47.24 23.41
N LEU I 3888 -8.14 46.74 22.92
CA LEU I 3888 -8.16 45.51 22.14
C LEU I 3888 -8.58 44.31 22.99
N GLN I 3889 -8.14 44.28 24.26
CA GLN I 3889 -8.54 43.21 25.15
C GLN I 3889 -10.04 43.22 25.38
N LEU I 3890 -10.63 44.41 25.58
CA LEU I 3890 -12.06 44.50 25.83
C LEU I 3890 -12.89 44.10 24.62
N LEU I 3891 -12.33 44.19 23.41
CA LEU I 3891 -13.04 43.70 22.24
C LEU I 3891 -13.23 42.20 22.26
N CYS I 3892 -12.33 41.47 22.94
CA CYS I 3892 -12.42 40.02 23.05
C CYS I 3892 -12.82 39.56 24.45
N GLU I 3893 -13.12 40.48 25.36
CA GLU I 3893 -13.48 40.10 26.71
C GLU I 3893 -14.79 39.32 26.70
N GLY I 3894 -14.88 38.35 27.61
CA GLY I 3894 -16.02 37.46 27.63
C GLY I 3894 -15.95 36.32 26.62
N HIS I 3895 -14.78 36.06 26.05
CA HIS I 3895 -14.58 35.01 25.06
C HIS I 3895 -15.48 35.22 23.84
N ASN I 3896 -15.45 36.44 23.31
CA ASN I 3896 -16.20 36.76 22.10
C ASN I 3896 -15.49 36.14 20.90
N ASN I 3897 -15.90 34.94 20.51
CA ASN I 3897 -15.19 34.21 19.46
C ASN I 3897 -15.28 34.93 18.12
N ASP I 3898 -16.41 35.57 17.84
CA ASP I 3898 -16.57 36.27 16.57
C ASP I 3898 -15.58 37.42 16.45
N PHE I 3899 -15.38 38.17 17.54
CA PHE I 3899 -14.43 39.28 17.49
C PHE I 3899 -13.00 38.78 17.55
N GLN I 3900 -12.77 37.66 18.23
CA GLN I 3900 -11.43 37.07 18.28
C GLN I 3900 -10.97 36.64 16.88
N ASN I 3901 -11.87 36.02 16.12
CA ASN I 3901 -11.53 35.64 14.76
C ASN I 3901 -11.37 36.86 13.86
N TYR I 3902 -12.18 37.90 14.10
CA TYR I 3902 -12.14 39.08 13.24
C TYR I 3902 -10.82 39.83 13.36
N LEU I 3903 -10.23 39.86 14.56
CA LEU I 3903 -8.94 40.52 14.73
C LEU I 3903 -7.85 39.81 13.93
N ARG I 3904 -7.87 38.48 13.91
CA ARG I 3904 -6.88 37.73 13.16
C ARG I 3904 -7.05 37.94 11.66
N THR I 3905 -8.29 37.92 11.17
CA THR I 3905 -8.55 38.06 9.75
C THR I 3905 -9.88 38.77 9.54
N GLN I 3906 -9.92 39.66 8.56
CA GLN I 3906 -11.14 40.36 8.16
C GLN I 3906 -11.52 39.84 6.78
N THR I 3907 -12.53 38.96 6.74
CA THR I 3907 -12.87 38.29 5.49
C THR I 3907 -13.45 39.26 4.46
N GLY I 3908 -14.33 40.16 4.88
CA GLY I 3908 -15.00 41.04 3.93
C GLY I 3908 -14.12 42.14 3.36
N ASN I 3909 -13.06 42.51 4.06
CA ASN I 3909 -12.21 43.60 3.61
C ASN I 3909 -11.33 43.16 2.45
N THR I 3910 -10.94 44.14 1.63
CA THR I 3910 -10.05 43.86 0.51
C THR I 3910 -8.65 43.48 0.98
N THR I 3911 -8.21 44.02 2.10
CA THR I 3911 -6.93 43.68 2.69
C THR I 3911 -7.14 43.29 4.14
N THR I 3912 -6.26 42.41 4.63
CA THR I 3912 -6.37 41.85 5.96
C THR I 3912 -5.14 42.19 6.78
N ILE I 3913 -5.35 42.62 8.02
CA ILE I 3913 -4.29 42.90 8.96
C ILE I 3913 -4.47 42.00 10.17
N ASN I 3914 -3.41 41.26 10.52
CA ASN I 3914 -3.46 40.32 11.65
C ASN I 3914 -3.05 41.06 12.91
N ILE I 3915 -4.04 41.52 13.67
CA ILE I 3915 -3.76 42.24 14.91
C ILE I 3915 -3.08 41.32 15.92
N ILE I 3916 -3.41 40.03 15.90
CA ILE I 3916 -2.81 39.09 16.84
C ILE I 3916 -1.30 39.04 16.64
N ILE I 3917 -0.86 38.98 15.39
CA ILE I 3917 0.57 38.98 15.10
C ILE I 3917 1.19 40.33 15.43
N CYS I 3918 0.45 41.42 15.19
CA CYS I 3918 0.98 42.75 15.50
C CYS I 3918 1.23 42.91 17.00
N THR I 3919 0.39 42.30 17.84
CA THR I 3919 0.61 42.36 19.27
C THR I 3919 1.91 41.66 19.66
N VAL I 3920 2.19 40.52 19.03
CA VAL I 3920 3.42 39.81 19.31
C VAL I 3920 4.64 40.62 18.88
N ASP I 3921 4.51 41.35 17.77
CA ASP I 3921 5.61 42.17 17.29
C ASP I 3921 6.01 43.23 18.30
N TYR I 3922 5.01 43.89 18.92
CA TYR I 3922 5.32 44.86 19.96
C TYR I 3922 5.89 44.17 21.20
N LEU I 3923 5.39 42.98 21.51
CA LEU I 3923 5.89 42.26 22.69
C LEU I 3923 7.37 41.93 22.53
N LEU I 3924 7.79 41.55 21.32
CA LEU I 3924 9.21 41.31 21.07
C LEU I 3924 10.04 42.58 21.27
N ARG I 3925 9.56 43.71 20.75
CA ARG I 3925 10.29 44.96 20.92
C ARG I 3925 10.36 45.35 22.39
N LEU I 3926 9.26 45.18 23.12
CA LEU I 3926 9.27 45.47 24.55
C LEU I 3926 10.19 44.52 25.30
N GLN I 3927 10.18 43.24 24.93
CA GLN I 3927 11.04 42.27 25.60
C GLN I 3927 12.51 42.57 25.36
N GLU I 3928 12.87 42.93 24.13
CA GLU I 3928 14.26 43.27 23.83
C GLU I 3928 14.71 44.49 24.61
N SER I 3929 13.83 45.50 24.74
CA SER I 3929 14.17 46.67 25.52
C SER I 3929 14.39 46.33 26.98
N ILE I 3930 13.54 45.45 27.54
CA ILE I 3930 13.71 45.04 28.92
C ILE I 3930 15.01 44.26 29.10
N SER I 3931 15.33 43.40 28.13
CA SER I 3931 16.59 42.66 28.19
C SER I 3931 17.79 43.62 28.17
N ASP I 3932 17.74 44.64 27.31
CA ASP I 3932 18.82 45.62 27.27
C ASP I 3932 18.91 46.38 28.59
N PHE I 3933 17.77 46.70 29.19
CA PHE I 3933 17.76 47.41 30.46
C PHE I 3933 18.39 46.57 31.56
N TYR I 3934 18.14 45.26 31.56
CA TYR I 3934 18.76 44.39 32.55
C TYR I 3934 20.27 44.37 32.42
N TRP I 3935 20.78 44.29 31.19
CA TRP I 3935 22.22 44.28 30.98
C TRP I 3935 22.86 45.59 31.46
N TYR I 3936 22.14 46.70 31.30
CA TYR I 3936 22.67 47.98 31.76
C TYR I 3936 22.91 47.95 33.28
N TYR I 3937 21.98 47.37 34.02
CA TYR I 3937 22.11 47.27 35.47
C TYR I 3937 22.72 45.95 35.93
N SER I 3938 23.08 45.05 35.00
CA SER I 3938 23.64 43.77 35.41
C SER I 3938 24.96 43.95 36.15
N GLY I 3939 25.82 44.83 35.66
CA GLY I 3939 27.07 45.10 36.35
C GLY I 3939 26.87 45.80 37.68
N LYS I 3940 25.93 46.75 37.73
CA LYS I 3940 25.70 47.53 38.93
C LYS I 3940 25.12 46.66 40.04
N ASP I 3941 25.52 46.96 41.28
CA ASP I 3941 25.10 46.15 42.42
C ASP I 3941 23.64 46.43 42.79
N VAL I 3942 23.22 47.69 42.75
CA VAL I 3942 21.89 48.09 43.17
C VAL I 3942 21.27 48.96 42.08
N ILE I 3943 20.00 48.70 41.78
CA ILE I 3943 19.25 49.50 40.81
C ILE I 3943 18.74 50.75 41.53
N GLU I 3944 19.05 51.91 40.98
CA GLU I 3944 18.68 53.17 41.62
C GLU I 3944 17.19 53.46 41.37
N GLU I 3945 16.72 54.58 41.94
CA GLU I 3945 15.29 54.86 41.94
C GLU I 3945 14.75 55.08 40.53
N GLN I 3946 15.46 55.84 39.70
CA GLN I 3946 14.97 56.12 38.35
C GLN I 3946 14.87 54.85 37.53
N GLY I 3947 15.84 53.94 37.68
CA GLY I 3947 15.77 52.68 36.95
C GLY I 3947 14.61 51.81 37.40
N LYS I 3948 14.32 51.80 38.70
CA LYS I 3948 13.20 51.02 39.20
C LYS I 3948 11.87 51.54 38.67
N ARG I 3949 11.72 52.86 38.60
CA ARG I 3949 10.48 53.44 38.09
C ARG I 3949 10.27 53.09 36.63
N ASN I 3950 11.34 53.13 35.83
CA ASN I 3950 11.23 52.75 34.42
C ASN I 3950 10.97 51.26 34.27
N PHE I 3951 11.54 50.44 35.15
CA PHE I 3951 11.22 49.02 35.15
C PHE I 3951 9.74 48.80 35.47
N SER I 3952 9.20 49.54 36.43
CA SER I 3952 7.82 49.34 36.85
C SER I 3952 6.84 49.64 35.72
N LYS I 3953 7.06 50.73 34.99
CA LYS I 3953 6.14 51.07 33.91
C LYS I 3953 6.29 50.12 32.74
N ALA I 3954 7.49 49.61 32.49
CA ALA I 3954 7.67 48.60 31.45
C ALA I 3954 6.94 47.31 31.80
N MET I 3955 7.01 46.90 33.07
CA MET I 3955 6.30 45.70 33.49
C MET I 3955 4.79 45.90 33.41
N SER I 3956 4.31 47.10 33.73
CA SER I 3956 2.88 47.38 33.64
C SER I 3956 2.39 47.26 32.20
N VAL I 3957 3.15 47.77 31.25
CA VAL I 3957 2.79 47.61 29.84
C VAL I 3957 2.87 46.15 29.43
N ALA I 3958 3.90 45.43 29.91
CA ALA I 3958 4.03 44.02 29.58
C ALA I 3958 2.86 43.21 30.12
N LYS I 3959 2.35 43.59 31.30
CA LYS I 3959 1.18 42.90 31.85
C LYS I 3959 -0.03 43.07 30.94
N GLN I 3960 -0.25 44.28 30.42
CA GLN I 3960 -1.39 44.51 29.55
C GLN I 3960 -1.27 43.73 28.25
N VAL I 3961 -0.08 43.67 27.68
CA VAL I 3961 0.12 42.92 26.43
C VAL I 3961 -0.12 41.44 26.66
N PHE I 3962 0.38 40.90 27.78
CA PHE I 3962 0.13 39.50 28.10
C PHE I 3962 -1.36 39.25 28.33
N ASN I 3963 -2.04 40.17 29.01
CA ASN I 3963 -3.47 40.04 29.20
C ASN I 3963 -4.22 40.11 27.88
N SER I 3964 -3.79 41.01 26.99
CA SER I 3964 -4.42 41.11 25.68
C SER I 3964 -4.23 39.83 24.87
N LEU I 3965 -3.01 39.27 24.90
CA LEU I 3965 -2.77 38.01 24.20
C LEU I 3965 -3.59 36.88 24.81
N THR I 3966 -3.71 36.87 26.14
CA THR I 3966 -4.52 35.85 26.80
C THR I 3966 -5.99 35.95 26.37
N GLU I 3967 -6.51 37.17 26.25
CA GLU I 3967 -7.90 37.34 25.86
C GLU I 3967 -8.14 36.94 24.41
N TYR I 3968 -7.11 37.03 23.57
CA TYR I 3968 -7.27 36.64 22.17
C TYR I 3968 -7.55 35.16 22.03
N ILE I 3969 -6.87 34.33 22.82
CA ILE I 3969 -6.89 32.89 22.61
C ILE I 3969 -7.83 32.14 23.55
N GLN I 3970 -8.29 32.76 24.63
CA GLN I 3970 -9.18 32.08 25.54
C GLN I 3970 -10.55 31.84 24.90
N GLY I 3971 -11.25 30.83 25.40
CA GLY I 3971 -12.55 30.47 24.89
C GLY I 3971 -12.74 28.99 24.59
N PRO I 3972 -11.75 28.32 23.98
CA PRO I 3972 -10.54 28.77 23.30
C PRO I 3972 -10.79 29.19 21.85
N CYS I 3973 -9.95 30.06 21.32
CA CYS I 3973 -9.99 30.43 19.91
C CYS I 3973 -8.88 29.66 19.20
N THR I 3974 -9.26 28.60 18.49
CA THR I 3974 -8.28 27.72 17.86
C THR I 3974 -7.47 28.47 16.81
N GLY I 3975 -8.12 29.34 16.04
CA GLY I 3975 -7.41 30.08 15.01
C GLY I 3975 -6.32 30.97 15.58
N ASN I 3976 -6.62 31.67 16.69
CA ASN I 3976 -5.62 32.52 17.32
C ASN I 3976 -4.51 31.70 17.96
N GLN I 3977 -4.86 30.54 18.52
CA GLN I 3977 -3.85 29.67 19.11
C GLN I 3977 -2.85 29.19 18.07
N GLN I 3978 -3.35 28.79 16.89
CA GLN I 3978 -2.45 28.38 15.82
C GLN I 3978 -1.62 29.56 15.32
N SER I 3979 -2.22 30.74 15.26
CA SER I 3979 -1.48 31.92 14.83
C SER I 3979 -0.35 32.25 15.80
N LEU I 3980 -0.61 32.16 17.10
CA LEU I 3980 0.43 32.42 18.09
C LEU I 3980 1.50 31.33 18.06
N ALA I 3981 1.10 30.08 17.82
CA ALA I 3981 2.06 28.99 17.82
C ALA I 3981 3.09 29.15 16.72
N HIS I 3982 2.67 29.61 15.54
CA HIS I 3982 3.56 29.80 14.41
C HIS I 3982 4.19 31.19 14.38
N SER I 3983 3.89 32.03 15.36
CA SER I 3983 4.46 33.37 15.41
C SER I 3983 5.77 33.36 16.19
N ARG I 3984 6.31 34.55 16.44
CA ARG I 3984 7.53 34.71 17.21
C ARG I 3984 7.25 34.85 18.70
N LEU I 3985 6.10 34.37 19.17
CA LEU I 3985 5.79 34.46 20.60
C LEU I 3985 6.76 33.64 21.43
N TRP I 3986 7.19 32.49 20.91
CA TRP I 3986 8.12 31.65 21.65
C TRP I 3986 9.44 32.36 21.88
N ASP I 3987 9.91 33.13 20.90
CA ASP I 3987 11.14 33.89 21.08
C ASP I 3987 10.99 34.92 22.20
N ALA I 3988 9.84 35.58 22.27
CA ALA I 3988 9.61 36.54 23.34
C ALA I 3988 9.56 35.86 24.70
N VAL I 3989 8.92 34.69 24.78
CA VAL I 3989 8.81 33.99 26.05
C VAL I 3989 10.20 33.52 26.51
N VAL I 3990 11.03 33.04 25.58
CA VAL I 3990 12.39 32.64 25.92
C VAL I 3990 13.17 33.83 26.47
N GLY I 3991 13.03 34.99 25.81
CA GLY I 3991 13.72 36.17 26.29
C GLY I 3991 13.24 36.63 27.65
N PHE I 3992 11.92 36.57 27.88
CA PHE I 3992 11.38 36.96 29.18
C PHE I 3992 11.87 36.04 30.29
N LEU I 3993 11.96 34.74 30.01
CA LEU I 3993 12.46 33.81 31.01
C LEU I 3993 13.89 34.11 31.41
N HIS I 3994 14.72 34.52 30.46
CA HIS I 3994 16.09 34.91 30.79
C HIS I 3994 16.10 36.14 31.70
N VAL I 3995 15.26 37.13 31.39
CA VAL I 3995 15.20 38.32 32.22
C VAL I 3995 14.59 38.00 33.58
N PHE I 3996 13.53 37.17 33.60
CA PHE I 3996 12.89 36.82 34.85
C PHE I 3996 13.85 36.08 35.79
N ALA I 3997 14.61 35.13 35.24
CA ALA I 3997 15.50 34.33 36.09
C ALA I 3997 16.59 35.20 36.70
N HIS I 3998 17.21 36.06 35.91
CA HIS I 3998 18.33 36.85 36.41
C HIS I 3998 17.87 38.01 37.29
N MET I 3999 16.74 38.64 36.95
CA MET I 3999 16.26 39.73 37.79
C MET I 3999 15.79 39.23 39.15
N MET I 4000 15.18 38.04 39.20
CA MET I 4000 14.76 37.49 40.49
C MET I 4000 15.96 37.27 41.41
N MET I 4001 17.05 36.74 40.87
CA MET I 4001 18.26 36.55 41.68
C MET I 4001 18.85 37.88 42.09
N LYS I 4002 18.85 38.87 41.19
CA LYS I 4002 19.46 40.17 41.51
C LYS I 4002 18.61 40.96 42.50
N LEU I 4003 17.30 41.00 42.29
CA LEU I 4003 16.43 41.80 43.15
C LEU I 4003 16.34 41.23 44.56
N ALA I 4004 16.48 39.91 44.70
CA ALA I 4004 16.34 39.28 46.01
C ALA I 4004 17.54 39.56 46.93
N GLN I 4005 18.60 40.14 46.42
CA GLN I 4005 19.81 40.38 47.21
C GLN I 4005 19.76 41.67 48.01
N ASP I 4006 18.67 42.45 47.90
CA ASP I 4006 18.53 43.66 48.70
C ASP I 4006 17.05 43.91 48.95
N SER I 4007 16.69 44.20 50.20
CA SER I 4007 15.30 44.40 50.57
C SER I 4007 14.74 45.73 50.09
N SER I 4008 15.59 46.66 49.66
CA SER I 4008 15.10 47.93 49.15
C SER I 4008 14.36 47.78 47.82
N GLN I 4009 14.53 46.65 47.14
CA GLN I 4009 13.90 46.39 45.85
C GLN I 4009 12.84 45.30 45.95
N ILE I 4010 12.27 45.09 47.13
CA ILE I 4010 11.28 44.04 47.31
C ILE I 4010 10.00 44.37 46.55
N GLU I 4011 9.62 45.64 46.53
CA GLU I 4011 8.41 46.04 45.80
C GLU I 4011 8.55 45.79 44.31
N LEU I 4012 9.73 46.09 43.75
CA LEU I 4012 9.98 45.79 42.34
C LEU I 4012 9.95 44.29 42.09
N LEU I 4013 10.48 43.51 43.04
CA LEU I 4013 10.45 42.06 42.90
C LEU I 4013 9.03 41.51 42.91
N LYS I 4014 8.17 42.08 43.76
CA LYS I 4014 6.77 41.67 43.78
C LYS I 4014 6.11 41.93 42.44
N GLU I 4015 6.37 43.09 41.84
CA GLU I 4015 5.81 43.40 40.54
C GLU I 4015 6.35 42.46 39.47
N LEU I 4016 7.63 42.11 39.57
CA LEU I 4016 8.22 41.17 38.61
C LEU I 4016 7.57 39.80 38.71
N LEU I 4017 7.29 39.34 39.92
CA LEU I 4017 6.74 38.00 40.10
C LEU I 4017 5.35 37.87 39.49
N ASP I 4018 4.49 38.87 39.68
CA ASP I 4018 3.16 38.79 39.11
C ASP I 4018 3.19 38.95 37.59
N LEU I 4019 4.19 39.63 37.07
CA LEU I 4019 4.37 39.67 35.61
C LEU I 4019 4.66 38.30 35.06
N GLN I 4020 5.46 37.51 35.78
CA GLN I 4020 5.71 36.12 35.37
C GLN I 4020 4.44 35.31 35.39
N LYS I 4021 3.58 35.54 36.40
CA LYS I 4021 2.32 34.82 36.48
C LYS I 4021 1.45 35.10 35.25
N ASP I 4022 1.39 36.34 34.82
CA ASP I 4022 0.60 36.68 33.62
C ASP I 4022 1.14 35.98 32.38
N MET I 4023 2.46 35.86 32.26
CA MET I 4023 3.03 35.12 31.14
C MET I 4023 2.66 33.66 31.19
N VAL I 4024 2.68 33.06 32.39
CA VAL I 4024 2.31 31.65 32.53
C VAL I 4024 0.83 31.46 32.24
N VAL I 4025 -0.01 32.40 32.67
CA VAL I 4025 -1.44 32.32 32.37
C VAL I 4025 -1.66 32.33 30.86
N MET I 4026 -0.88 33.15 30.14
CA MET I 4026 -0.95 33.13 28.69
C MET I 4026 -0.53 31.78 28.14
N LEU I 4027 0.52 31.18 28.71
CA LEU I 4027 0.96 29.86 28.26
C LEU I 4027 -0.11 28.81 28.54
N LEU I 4028 -0.75 28.89 29.71
CA LEU I 4028 -1.83 27.96 30.03
C LEU I 4028 -3.01 28.13 29.09
N SER I 4029 -3.25 29.35 28.61
CA SER I 4029 -4.33 29.58 27.66
C SER I 4029 -4.05 28.91 26.31
N LEU I 4030 -2.78 28.84 25.92
CA LEU I 4030 -2.42 28.13 24.70
C LEU I 4030 -2.66 26.63 24.81
N LEU I 4031 -2.77 26.11 26.03
CA LEU I 4031 -3.00 24.69 26.26
C LEU I 4031 -4.48 24.36 26.43
N GLU I 4032 -5.36 25.33 26.27
CA GLU I 4032 -6.79 25.06 26.35
C GLU I 4032 -7.23 24.20 25.18
N GLY I 4033 -7.96 23.13 25.46
CA GLY I 4033 -8.39 22.22 24.41
C GLY I 4033 -7.25 21.54 23.71
N ASN I 4034 -6.18 21.21 24.43
CA ASN I 4034 -5.01 20.58 23.84
C ASN I 4034 -5.06 19.07 24.06
N VAL I 4035 -4.94 18.32 22.96
CA VAL I 4035 -4.97 16.87 23.05
C VAL I 4035 -3.60 16.35 23.46
N VAL I 4036 -3.55 15.07 23.84
CA VAL I 4036 -2.30 14.43 24.20
C VAL I 4036 -1.37 14.44 22.99
N ASN I 4037 -0.11 14.80 23.23
CA ASN I 4037 0.90 14.95 22.18
C ASN I 4037 0.47 15.99 21.15
N GLY I 4038 -0.20 17.05 21.60
CA GLY I 4038 -0.56 18.12 20.70
C GLY I 4038 0.66 18.92 20.25
N MET I 4039 0.51 19.57 19.09
CA MET I 4039 1.64 20.31 18.52
C MET I 4039 1.98 21.53 19.36
N ILE I 4040 0.96 22.21 19.91
CA ILE I 4040 1.23 23.35 20.78
C ILE I 4040 1.95 22.90 22.05
N ALA I 4041 1.50 21.80 22.65
CA ALA I 4041 2.14 21.30 23.85
C ALA I 4041 3.59 20.90 23.60
N ARG I 4042 3.84 20.22 22.47
CA ARG I 4042 5.21 19.82 22.16
C ARG I 4042 6.08 21.03 21.83
N GLN I 4043 5.50 22.06 21.20
CA GLN I 4043 6.25 23.28 20.96
C GLN I 4043 6.62 23.96 22.27
N MET I 4044 5.70 23.98 23.23
CA MET I 4044 5.98 24.61 24.52
C MET I 4044 7.09 23.88 25.27
N VAL I 4045 7.12 22.56 25.16
CA VAL I 4045 8.22 21.79 25.77
C VAL I 4045 9.54 22.16 25.11
N ASP I 4046 9.54 22.29 23.79
CA ASP I 4046 10.75 22.72 23.08
C ASP I 4046 11.19 24.11 23.53
N MET I 4047 10.22 25.00 23.76
CA MET I 4047 10.54 26.33 24.25
C MET I 4047 11.20 26.27 25.63
N LEU I 4048 10.69 25.42 26.51
CA LEU I 4048 11.30 25.26 27.83
C LEU I 4048 12.70 24.68 27.73
N VAL I 4049 12.90 23.70 26.84
CA VAL I 4049 14.22 23.12 26.66
C VAL I 4049 15.19 24.15 26.09
N GLU I 4050 14.71 24.98 25.15
CA GLU I 4050 15.57 26.01 24.57
C GLU I 4050 16.04 27.00 25.63
N SER I 4051 15.24 27.21 26.67
CA SER I 4051 15.60 28.08 27.78
C SER I 4051 15.73 27.29 29.08
N SER I 4052 16.34 26.11 29.00
CA SER I 4052 16.41 25.22 30.16
C SER I 4052 17.18 25.86 31.31
N SER I 4053 18.29 26.54 31.00
CA SER I 4053 19.09 27.15 32.06
C SER I 4053 18.30 28.18 32.84
N ASN I 4054 17.52 29.00 32.14
CA ASN I 4054 16.70 30.00 32.82
C ASN I 4054 15.58 29.35 33.62
N VAL I 4055 14.96 28.29 33.07
CA VAL I 4055 13.90 27.60 33.79
C VAL I 4055 14.45 26.94 35.06
N GLU I 4056 15.62 26.31 34.96
CA GLU I 4056 16.23 25.72 36.15
C GLU I 4056 16.54 26.78 37.20
N MET I 4057 17.01 27.95 36.76
CA MET I 4057 17.30 29.03 37.69
C MET I 4057 16.03 29.50 38.40
N ILE I 4058 14.93 29.61 37.65
CA ILE I 4058 13.65 30.01 38.25
C ILE I 4058 13.18 28.95 39.24
N LEU I 4059 13.27 27.68 38.86
CA LEU I 4059 12.89 26.60 39.77
C LEU I 4059 13.82 26.55 40.97
N LYS I 4060 15.11 26.82 40.78
CA LYS I 4060 16.04 26.83 41.90
C LYS I 4060 15.78 28.00 42.84
N PHE I 4061 15.05 29.02 42.37
CA PHE I 4061 14.70 30.12 43.25
C PHE I 4061 13.59 29.71 44.22
N PHE I 4062 12.60 28.96 43.73
CA PHE I 4062 11.45 28.61 44.56
C PHE I 4062 11.82 27.58 45.62
N ASP I 4063 12.56 26.53 45.23
CA ASP I 4063 12.83 25.46 46.18
C ASP I 4063 13.80 25.88 47.26
N MET I 4064 14.72 26.79 46.95
CA MET I 4064 15.69 27.24 47.95
C MET I 4064 15.01 27.92 49.13
N PHE I 4065 14.03 28.77 48.86
CA PHE I 4065 13.30 29.45 49.93
C PHE I 4065 12.21 28.59 50.54
N LEU I 4066 11.64 27.65 49.78
CA LEU I 4066 10.75 26.66 50.39
C LEU I 4066 11.52 25.78 51.36
N LYS I 4067 12.71 25.34 50.96
CA LYS I 4067 13.56 24.57 51.87
C LYS I 4067 14.03 25.42 53.05
N LEU I 4068 14.35 26.70 52.80
CA LEU I 4068 14.78 27.58 53.87
C LEU I 4068 13.66 27.78 54.89
N LYS I 4069 12.41 27.79 54.43
CA LYS I 4069 11.29 28.00 55.35
C LYS I 4069 11.20 26.89 56.38
N ASP I 4070 11.38 25.64 55.95
CA ASP I 4070 11.30 24.52 56.88
C ASP I 4070 12.60 24.30 57.66
N ILE I 4071 13.74 24.76 57.14
CA ILE I 4071 15.00 24.59 57.84
C ILE I 4071 15.04 25.45 59.09
N VAL I 4072 14.63 26.71 58.99
CA VAL I 4072 14.67 27.62 60.13
C VAL I 4072 13.74 27.15 61.25
N GLY I 4073 12.68 26.43 60.91
CA GLY I 4073 11.81 25.85 61.91
C GLY I 4073 12.25 24.52 62.45
N SER I 4074 13.33 23.95 61.93
CA SER I 4074 13.82 22.66 62.38
C SER I 4074 14.50 22.80 63.75
N GLU I 4075 14.55 21.68 64.46
CA GLU I 4075 15.18 21.66 65.78
C GLU I 4075 16.70 21.82 65.67
N ALA I 4076 17.30 21.26 64.62
CA ALA I 4076 18.75 21.36 64.46
C ALA I 4076 19.18 22.81 64.25
N PHE I 4077 18.42 23.57 63.47
CA PHE I 4077 18.76 24.97 63.25
C PHE I 4077 18.66 25.78 64.54
N GLN I 4078 17.63 25.50 65.35
CA GLN I 4078 17.46 26.23 66.61
C GLN I 4078 18.60 25.98 67.58
N ASP I 4079 19.29 24.85 67.46
CA ASP I 4079 20.44 24.59 68.31
C ASP I 4079 21.55 25.59 68.08
N TYR I 4080 21.72 26.08 66.86
CA TYR I 4080 22.73 27.07 66.56
C TYR I 4080 22.34 28.47 67.05
N VAL I 4081 21.05 28.79 67.03
CA VAL I 4081 20.58 30.11 67.44
C VAL I 4081 20.83 30.25 68.94
N THR I 4082 21.77 31.13 69.31
CA THR I 4082 22.10 31.37 70.71
C THR I 4082 21.75 32.78 71.18
N ASP I 4083 21.56 33.71 70.27
CA ASP I 4083 21.24 35.08 70.65
C ASP I 4083 19.84 35.11 71.27
N PRO I 4084 19.67 35.69 72.46
CA PRO I 4084 18.32 35.77 73.06
C PRO I 4084 17.35 36.59 72.23
N ARG I 4085 17.84 37.55 71.44
CA ARG I 4085 16.96 38.38 70.64
C ARG I 4085 16.31 37.61 69.50
N GLY I 4086 16.79 36.43 69.19
CA GLY I 4086 16.28 35.65 68.09
C GLY I 4086 16.99 35.84 66.77
N LEU I 4087 18.23 36.31 66.79
CA LEU I 4087 19.02 36.53 65.59
C LEU I 4087 20.09 35.46 65.48
N ILE I 4088 20.83 35.48 64.37
CA ILE I 4088 21.89 34.51 64.11
C ILE I 4088 22.94 35.17 63.24
N SER I 4089 24.21 34.95 63.57
CA SER I 4089 25.29 35.54 62.82
C SER I 4089 25.48 34.80 61.49
N LYS I 4090 26.12 35.50 60.55
CA LYS I 4090 26.36 34.90 59.23
C LYS I 4090 27.25 33.67 59.33
N LYS I 4091 28.29 33.74 60.16
CA LYS I 4091 29.14 32.57 60.37
C LYS I 4091 28.35 31.42 61.00
N ASP I 4092 27.51 31.74 61.98
CA ASP I 4092 26.63 30.71 62.55
C ASP I 4092 25.63 30.23 61.52
N PHE I 4093 25.09 31.15 60.71
CA PHE I 4093 24.19 30.74 59.64
C PHE I 4093 24.90 29.86 58.62
N GLN I 4094 26.16 30.17 58.32
CA GLN I 4094 26.93 29.37 57.36
C GLN I 4094 27.09 27.94 57.85
N LYS I 4095 27.43 27.76 59.13
CA LYS I 4095 27.62 26.41 59.64
C LYS I 4095 26.28 25.72 59.93
N ALA I 4096 25.19 26.48 60.01
CA ALA I 4096 23.89 25.86 60.20
C ALA I 4096 23.38 25.22 58.91
N MET I 4097 23.56 25.91 57.77
CA MET I 4097 22.97 25.44 56.52
C MET I 4097 23.69 24.22 55.98
N ASP I 4098 25.03 24.24 55.98
CA ASP I 4098 25.77 23.09 55.46
C ASP I 4098 25.67 21.87 56.36
N SER I 4099 25.27 22.04 57.62
CA SER I 4099 24.99 20.89 58.48
C SER I 4099 23.70 20.19 58.08
N GLN I 4100 22.80 20.88 57.39
CA GLN I 4100 21.59 20.26 56.89
C GLN I 4100 21.84 19.42 55.64
N LYS I 4101 22.96 19.64 54.95
CA LYS I 4101 23.31 18.89 53.75
C LYS I 4101 22.23 18.99 52.67
N GLN I 4102 21.60 20.15 52.55
CA GLN I 4102 20.59 20.37 51.52
C GLN I 4102 20.98 21.42 50.49
N PHE I 4103 21.85 22.36 50.84
CA PHE I 4103 22.33 23.38 49.92
C PHE I 4103 23.81 23.15 49.62
N THR I 4104 24.25 23.72 48.51
CA THR I 4104 25.65 23.64 48.09
C THR I 4104 26.38 24.90 48.54
N GLY I 4105 27.65 25.00 48.11
CA GLY I 4105 28.47 26.14 48.44
C GLY I 4105 27.90 27.45 47.95
N PRO I 4106 27.76 27.61 46.63
CA PRO I 4106 27.19 28.86 46.10
C PRO I 4106 25.80 29.16 46.60
N GLU I 4107 24.97 28.14 46.82
CA GLU I 4107 23.61 28.38 47.28
C GLU I 4107 23.59 29.02 48.66
N ILE I 4108 24.45 28.56 49.56
CA ILE I 4108 24.53 29.16 50.89
C ILE I 4108 25.02 30.60 50.80
N GLN I 4109 26.01 30.84 49.94
CA GLN I 4109 26.52 32.20 49.77
C GLN I 4109 25.44 33.13 49.22
N PHE I 4110 24.64 32.63 48.27
CA PHE I 4110 23.55 33.43 47.74
C PHE I 4110 22.52 33.76 48.82
N LEU I 4111 22.21 32.78 49.68
CA LEU I 4111 21.29 33.02 50.77
C LEU I 4111 21.82 34.07 51.75
N LEU I 4112 23.14 34.04 51.98
CA LEU I 4112 23.75 35.06 52.85
C LEU I 4112 23.60 36.45 52.24
N SER I 4113 23.78 36.57 50.93
CA SER I 4113 23.61 37.86 50.28
C SER I 4113 22.17 38.34 50.37
N CYS I 4114 21.20 37.43 50.19
CA CYS I 4114 19.80 37.80 50.27
C CYS I 4114 19.41 38.18 51.69
N SER I 4115 20.03 37.57 52.70
CA SER I 4115 19.73 37.89 54.08
C SER I 4115 20.17 39.32 54.37
N GLU I 4116 19.29 40.10 55.00
CA GLU I 4116 19.57 41.50 55.31
C GLU I 4116 20.34 41.61 56.63
N ALA I 4117 21.57 41.13 56.61
CA ALA I 4117 22.42 41.19 57.78
C ALA I 4117 22.76 42.64 58.11
N ASP I 4118 22.73 42.97 59.39
CA ASP I 4118 23.01 44.32 59.85
C ASP I 4118 24.51 44.54 59.92
N GLU I 4119 24.94 45.64 60.54
CA GLU I 4119 26.36 45.93 60.68
C GLU I 4119 27.05 44.92 61.58
N ASN I 4120 26.30 44.22 62.43
CA ASN I 4120 26.84 43.20 63.32
C ASN I 4120 26.72 41.79 62.73
N GLU I 4121 26.41 41.70 61.44
CA GLU I 4121 26.26 40.41 60.74
C GLU I 4121 25.18 39.55 61.37
N MET I 4122 24.17 40.16 61.97
CA MET I 4122 23.07 39.43 62.57
C MET I 4122 21.92 39.32 61.58
N ILE I 4123 21.33 38.13 61.49
CA ILE I 4123 20.30 37.83 60.51
C ILE I 4123 19.01 37.52 61.25
N ASN I 4124 17.93 38.21 60.88
CA ASN I 4124 16.60 37.92 61.40
C ASN I 4124 16.00 36.84 60.51
N PHE I 4125 16.28 35.58 60.85
CA PHE I 4125 15.86 34.47 60.00
C PHE I 4125 14.35 34.28 60.00
N GLU I 4126 13.63 34.82 60.99
CA GLU I 4126 12.18 34.71 60.99
C GLU I 4126 11.56 35.45 59.81
N GLU I 4127 11.96 36.71 59.61
CA GLU I 4127 11.45 37.47 58.48
C GLU I 4127 12.12 37.06 57.17
N PHE I 4128 13.36 36.57 57.24
CA PHE I 4128 14.06 36.13 56.04
C PHE I 4128 13.33 34.98 55.37
N ALA I 4129 12.87 34.00 56.16
CA ALA I 4129 12.19 32.85 55.58
C ALA I 4129 10.84 33.24 54.99
N ASN I 4130 10.14 34.17 55.62
CA ASN I 4130 8.80 34.57 55.20
C ASN I 4130 8.80 35.73 54.21
N ARG I 4131 9.97 36.21 53.80
CA ARG I 4131 10.04 37.37 52.93
C ARG I 4131 9.45 37.08 51.55
N PHE I 4132 9.77 35.93 50.99
CA PHE I 4132 9.37 35.60 49.62
C PHE I 4132 8.28 34.55 49.54
N GLN I 4133 7.78 34.06 50.67
CA GLN I 4133 6.76 33.00 50.64
C GLN I 4133 5.46 33.51 50.02
N GLU I 4134 5.03 34.71 50.39
CA GLU I 4134 3.78 35.26 49.89
C GLU I 4134 3.93 35.82 48.47
N PRO I 4135 4.94 36.66 48.18
CA PRO I 4135 5.04 37.22 46.82
C PRO I 4135 5.21 36.16 45.74
N ALA I 4136 5.87 35.04 46.04
CA ALA I 4136 6.19 34.04 45.04
C ALA I 4136 5.21 32.87 45.04
N ARG I 4137 4.13 32.95 45.82
CA ARG I 4137 3.21 31.83 45.90
C ARG I 4137 2.38 31.72 44.63
N ASP I 4138 1.88 32.84 44.11
CA ASP I 4138 1.03 32.81 42.93
C ASP I 4138 1.78 32.31 41.71
N ILE I 4139 3.02 32.78 41.50
CA ILE I 4139 3.79 32.33 40.36
C ILE I 4139 4.22 30.88 40.55
N GLY I 4140 4.57 30.50 41.78
CA GLY I 4140 4.99 29.13 42.03
C GLY I 4140 3.89 28.12 41.75
N PHE I 4141 2.66 28.46 42.12
CA PHE I 4141 1.54 27.56 41.84
C PHE I 4141 1.31 27.41 40.34
N ASN I 4142 1.37 28.52 39.60
CA ASN I 4142 1.14 28.46 38.17
C ASN I 4142 2.23 27.67 37.45
N VAL I 4143 3.48 27.80 37.90
CA VAL I 4143 4.55 26.98 37.32
C VAL I 4143 4.29 25.51 37.58
N ALA I 4144 3.83 25.17 38.80
CA ALA I 4144 3.48 23.79 39.10
C ALA I 4144 2.34 23.30 38.21
N VAL I 4145 1.33 24.16 37.98
CA VAL I 4145 0.24 23.79 37.08
C VAL I 4145 0.74 23.61 35.66
N LEU I 4146 1.62 24.51 35.21
CA LEU I 4146 2.14 24.42 33.85
C LEU I 4146 2.91 23.13 33.64
N LEU I 4147 3.77 22.76 34.58
CA LEU I 4147 4.52 21.52 34.45
C LEU I 4147 3.60 20.30 34.55
N THR I 4148 2.62 20.35 35.45
CA THR I 4148 1.67 19.25 35.57
C THR I 4148 0.85 19.08 34.29
N ASN I 4149 0.41 20.20 33.71
CA ASN I 4149 -0.37 20.14 32.47
C ASN I 4149 0.46 19.55 31.33
N LEU I 4150 1.71 19.99 31.20
CA LEU I 4150 2.56 19.49 30.13
C LEU I 4150 2.90 18.02 30.34
N SER I 4151 3.16 17.62 31.58
CA SER I 4151 3.54 16.24 31.86
C SER I 4151 2.41 15.28 31.52
N GLU I 4152 1.18 15.65 31.84
CA GLU I 4152 0.06 14.75 31.61
C GLU I 4152 -0.43 14.77 30.16
N HIS I 4153 0.00 15.73 29.37
CA HIS I 4153 -0.35 15.78 27.95
C HIS I 4153 0.81 15.41 27.03
N VAL I 4154 2.04 15.43 27.53
CA VAL I 4154 3.19 14.93 26.78
C VAL I 4154 3.92 13.95 27.69
N PRO I 4155 3.36 12.76 27.91
CA PRO I 4155 3.94 11.85 28.92
C PRO I 4155 5.16 11.08 28.45
N HIS I 4156 5.51 11.14 27.16
CA HIS I 4156 6.61 10.36 26.62
C HIS I 4156 7.75 11.26 26.14
N ASP I 4157 7.95 12.40 26.80
CA ASP I 4157 9.04 13.30 26.45
C ASP I 4157 10.11 13.20 27.51
N PRO I 4158 11.27 12.61 27.22
CA PRO I 4158 12.32 12.49 28.25
C PRO I 4158 12.84 13.83 28.74
N ARG I 4159 12.75 14.89 27.92
CA ARG I 4159 13.28 16.19 28.32
C ARG I 4159 12.45 16.86 29.41
N LEU I 4160 11.22 16.42 29.62
CA LEU I 4160 10.33 17.07 30.57
C LEU I 4160 10.48 16.54 31.98
N ARG I 4161 10.93 15.29 32.15
CA ARG I 4161 11.09 14.74 33.49
C ARG I 4161 12.17 15.47 34.28
N ASN I 4162 13.18 16.01 33.58
CA ASN I 4162 14.22 16.77 34.27
C ASN I 4162 13.64 17.97 34.99
N PHE I 4163 12.73 18.70 34.34
CA PHE I 4163 12.07 19.84 34.98
C PHE I 4163 11.21 19.38 36.15
N LEU I 4164 10.51 18.25 35.98
CA LEU I 4164 9.67 17.74 37.06
C LEU I 4164 10.49 17.35 38.28
N GLU I 4165 11.65 16.71 38.05
CA GLU I 4165 12.51 16.36 39.17
C GLU I 4165 13.06 17.59 39.88
N LEU I 4166 13.45 18.61 39.10
CA LEU I 4166 13.94 19.84 39.70
C LEU I 4166 12.85 20.63 40.41
N ALA I 4167 11.58 20.37 40.08
CA ALA I 4167 10.46 21.04 40.72
C ALA I 4167 9.68 20.10 41.63
N GLU I 4168 10.33 19.06 42.15
CA GLU I 4168 9.64 18.09 43.00
C GLU I 4168 9.14 18.75 44.28
N SER I 4169 9.95 19.61 44.90
CA SER I 4169 9.52 20.29 46.11
C SER I 4169 8.37 21.24 45.83
N ILE I 4170 8.43 21.96 44.71
CA ILE I 4170 7.34 22.87 44.35
C ILE I 4170 6.06 22.09 44.11
N LEU I 4171 6.16 20.98 43.38
CA LEU I 4171 4.99 20.14 43.14
C LEU I 4171 4.46 19.55 44.44
N GLU I 4172 5.36 19.11 45.31
CA GLU I 4172 4.94 18.54 46.60
C GLU I 4172 4.25 19.58 47.46
N TYR I 4173 4.78 20.81 47.47
CA TYR I 4173 4.19 21.86 48.31
C TYR I 4173 2.79 22.21 47.86
N PHE I 4174 2.57 22.31 46.55
CA PHE I 4174 1.28 22.72 46.01
C PHE I 4174 0.36 21.54 45.69
N ARG I 4175 0.77 20.32 46.03
CA ARG I 4175 -0.09 19.16 45.76
C ARG I 4175 -1.43 19.25 46.47
N PRO I 4176 -1.52 19.60 47.76
CA PRO I 4176 -2.85 19.71 48.39
C PRO I 4176 -3.71 20.82 47.80
N TYR I 4177 -3.12 21.79 47.12
CA TYR I 4177 -3.87 22.91 46.57
C TYR I 4177 -4.09 22.83 45.06
N LEU I 4178 -3.44 21.88 44.38
CA LEU I 4178 -3.59 21.74 42.93
C LEU I 4178 -4.75 20.80 42.68
N GLY I 4179 -5.93 21.38 42.46
CA GLY I 4179 -7.11 20.60 42.16
C GLY I 4179 -7.27 20.38 40.67
N ARG I 4180 -7.63 19.15 40.31
CA ARG I 4180 -7.82 18.79 38.91
C ARG I 4180 -9.13 18.03 38.76
N ILE I 4181 -9.91 18.40 37.74
CA ILE I 4181 -11.16 17.72 37.42
C ILE I 4181 -11.17 17.46 35.92
N GLU I 4182 -12.05 16.56 35.50
CA GLU I 4182 -12.28 16.25 34.10
C GLU I 4182 -13.70 16.61 33.74
N ILE I 4183 -13.86 17.32 32.62
CA ILE I 4183 -15.19 17.74 32.15
C ILE I 4183 -15.33 17.35 30.68
N MET I 4184 -16.58 17.30 30.23
CA MET I 4184 -16.89 17.13 28.81
C MET I 4184 -17.02 18.52 28.21
N GLY I 4185 -15.99 18.94 27.47
CA GLY I 4185 -15.93 20.29 26.95
C GLY I 4185 -16.85 20.49 25.76
N ALA I 4186 -16.89 21.73 25.30
CA ALA I 4186 -17.70 22.08 24.14
C ALA I 4186 -17.21 21.42 22.86
N SER I 4187 -15.93 21.01 22.83
CA SER I 4187 -15.37 20.32 21.68
C SER I 4187 -15.72 18.83 21.64
N ARG I 4188 -16.71 18.42 22.43
CA ARG I 4188 -17.16 17.02 22.50
C ARG I 4188 -16.05 16.07 22.93
N ARG I 4189 -15.11 16.56 23.74
CA ARG I 4189 -14.02 15.73 24.23
C ARG I 4189 -13.84 15.97 25.73
N ILE I 4190 -13.29 14.96 26.40
CA ILE I 4190 -12.99 15.09 27.83
C ILE I 4190 -11.75 15.96 28.00
N GLU I 4191 -11.88 17.01 28.80
CA GLU I 4191 -10.79 17.93 29.07
C GLU I 4191 -10.50 17.94 30.56
N ARG I 4192 -9.23 18.14 30.89
CA ARG I 4192 -8.79 18.18 32.28
C ARG I 4192 -8.51 19.62 32.68
N ILE I 4193 -9.11 20.05 33.80
CA ILE I 4193 -9.04 21.43 34.26
C ILE I 4193 -8.23 21.46 35.55
N TYR I 4194 -7.25 22.35 35.60
CA TYR I 4194 -6.43 22.55 36.79
C TYR I 4194 -6.80 23.88 37.42
N PHE I 4195 -7.04 23.87 38.73
CA PHE I 4195 -7.42 25.08 39.44
C PHE I 4195 -6.78 25.05 40.82
N GLU I 4196 -7.02 26.11 41.59
CA GLU I 4196 -6.41 26.28 42.91
C GLU I 4196 -7.44 26.05 43.99
N ILE I 4197 -7.08 25.23 44.97
CA ILE I 4197 -7.91 24.99 46.15
C ILE I 4197 -7.32 25.77 47.30
N SER I 4198 -8.09 26.70 47.84
CA SER I 4198 -7.61 27.52 48.94
C SER I 4198 -7.51 26.70 50.23
N GLU I 4199 -6.69 27.19 51.15
CA GLU I 4199 -6.51 26.49 52.43
C GLU I 4199 -7.81 26.42 53.21
N THR I 4200 -8.58 27.51 53.22
CA THR I 4200 -9.81 27.53 53.99
C THR I 4200 -10.83 26.53 53.46
N ASN I 4201 -10.95 26.42 52.14
CA ASN I 4201 -11.93 25.51 51.56
C ASN I 4201 -11.61 24.06 51.91
N ARG I 4202 -10.33 23.68 51.83
CA ARG I 4202 -9.95 22.32 52.20
C ARG I 4202 -10.12 22.08 53.69
N ALA I 4203 -9.78 23.08 54.51
CA ALA I 4203 -9.94 22.93 55.96
C ALA I 4203 -11.41 22.75 56.33
N GLN I 4204 -12.29 23.55 55.72
CA GLN I 4204 -13.71 23.41 56.00
C GLN I 4204 -14.27 22.09 55.50
N TRP I 4205 -13.74 21.60 54.37
CA TRP I 4205 -14.22 20.34 53.82
C TRP I 4205 -13.85 19.16 54.70
N GLU I 4206 -12.77 19.27 55.48
CA GLU I 4206 -12.30 18.18 56.33
C GLU I 4206 -12.90 18.20 57.72
N MET I 4207 -13.81 19.13 58.00
CA MET I 4207 -14.45 19.16 59.31
C MET I 4207 -15.30 17.90 59.49
N PRO I 4208 -15.38 17.36 60.71
CA PRO I 4208 -16.12 16.10 60.90
C PRO I 4208 -17.60 16.21 60.53
N GLN I 4209 -18.23 17.35 60.79
CA GLN I 4209 -19.64 17.50 60.44
C GLN I 4209 -19.84 17.48 58.93
N VAL I 4210 -18.94 18.09 58.17
CA VAL I 4210 -19.05 18.05 56.72
C VAL I 4210 -18.81 16.63 56.21
N LYS I 4211 -17.84 15.93 56.79
CA LYS I 4211 -17.57 14.55 56.37
C LYS I 4211 -18.75 13.65 56.67
N GLU I 4212 -19.40 13.85 57.81
CA GLU I 4212 -20.60 13.06 58.14
C GLU I 4212 -21.72 13.33 57.15
N SER I 4213 -21.89 14.59 56.75
CA SER I 4213 -22.90 14.92 55.75
C SER I 4213 -22.60 14.26 54.42
N LYS I 4214 -21.32 14.19 54.05
CA LYS I 4214 -20.96 13.53 52.80
C LYS I 4214 -21.31 12.04 52.84
N ARG I 4215 -21.03 11.38 53.97
CA ARG I 4215 -21.34 9.95 54.08
C ARG I 4215 -22.84 9.72 53.97
N GLN I 4216 -23.64 10.57 54.63
CA GLN I 4216 -25.09 10.44 54.52
C GLN I 4216 -25.57 10.68 53.10
N PHE I 4217 -24.99 11.68 52.42
CA PHE I 4217 -25.38 11.95 51.04
C PHE I 4217 -25.01 10.80 50.12
N ILE I 4218 -23.82 10.23 50.30
CA ILE I 4218 -23.39 9.13 49.45
C ILE I 4218 -24.30 7.92 49.64
N PHE I 4219 -24.68 7.65 50.89
CA PHE I 4219 -25.56 6.52 51.16
C PHE I 4219 -26.91 6.70 50.48
N ASP I 4220 -27.46 7.91 50.51
CA ASP I 4220 -28.80 8.15 49.98
C ASP I 4220 -28.85 7.96 48.47
N VAL I 4221 -27.90 8.58 47.75
CA VAL I 4221 -27.94 8.53 46.29
C VAL I 4221 -27.65 7.12 45.78
N VAL I 4222 -26.73 6.41 46.43
CA VAL I 4222 -26.39 5.06 45.99
C VAL I 4222 -27.54 4.10 46.28
N ASN I 4223 -28.20 4.25 47.43
CA ASN I 4223 -29.23 3.30 47.83
C ASN I 4223 -30.56 3.60 47.14
N GLU I 4224 -31.11 4.78 47.36
CA GLU I 4224 -32.43 5.14 46.83
C GLU I 4224 -32.34 6.29 45.83
N GLY I 4225 -31.36 6.25 44.93
CA GLY I 4225 -31.21 7.27 43.92
C GLY I 4225 -31.12 6.67 42.53
N GLY I 4226 -31.38 7.52 41.54
CA GLY I 4226 -31.33 7.13 40.15
C GLY I 4226 -30.12 7.74 39.44
N GLU I 4227 -29.84 7.20 38.25
CA GLU I 4227 -28.70 7.67 37.47
C GLU I 4227 -28.97 9.02 36.80
N ALA I 4228 -30.22 9.29 36.42
CA ALA I 4228 -30.53 10.55 35.76
C ALA I 4228 -30.55 11.72 36.73
N GLU I 4229 -30.84 11.47 38.00
CA GLU I 4229 -30.89 12.52 39.01
C GLU I 4229 -29.61 12.56 39.85
N LYS I 4230 -28.64 11.70 39.56
CA LYS I 4230 -27.46 11.58 40.41
C LYS I 4230 -26.65 12.87 40.43
N MET I 4231 -26.44 13.48 39.27
CA MET I 4231 -25.64 14.70 39.22
C MET I 4231 -26.39 15.91 39.76
N GLU I 4232 -27.70 15.99 39.50
CA GLU I 4232 -28.48 17.10 40.05
C GLU I 4232 -28.52 17.04 41.57
N LEU I 4233 -28.64 15.84 42.13
CA LEU I 4233 -28.58 15.69 43.59
C LEU I 4233 -27.20 16.06 44.12
N PHE I 4234 -26.15 15.69 43.38
CA PHE I 4234 -24.79 16.02 43.81
C PHE I 4234 -24.56 17.53 43.86
N VAL I 4235 -25.05 18.26 42.85
CA VAL I 4235 -24.91 19.70 42.84
C VAL I 4235 -25.69 20.32 43.99
N SER I 4236 -26.90 19.82 44.24
CA SER I 4236 -27.69 20.31 45.37
C SER I 4236 -26.97 20.05 46.68
N PHE I 4237 -26.30 18.91 46.80
CA PHE I 4237 -25.46 18.65 47.96
C PHE I 4237 -24.32 19.66 48.06
N CYS I 4238 -23.71 20.01 46.94
CA CYS I 4238 -22.64 21.01 46.96
C CYS I 4238 -23.16 22.36 47.42
N GLU I 4239 -24.33 22.77 46.93
CA GLU I 4239 -24.89 24.05 47.34
C GLU I 4239 -25.21 24.08 48.82
N ASP I 4240 -25.79 22.98 49.34
CA ASP I 4240 -26.06 22.90 50.77
C ASP I 4240 -24.78 22.91 51.59
N THR I 4241 -23.75 22.18 51.12
CA THR I 4241 -22.49 22.12 51.85
C THR I 4241 -21.83 23.49 51.92
N ILE I 4242 -21.87 24.25 50.82
CA ILE I 4242 -21.29 25.59 50.83
C ILE I 4242 -22.00 26.47 51.84
N PHE I 4243 -23.33 26.38 51.89
CA PHE I 4243 -24.10 27.17 52.85
C PHE I 4243 -23.76 26.78 54.28
N GLU I 4244 -23.58 25.48 54.54
CA GLU I 4244 -23.24 25.03 55.88
C GLU I 4244 -21.85 25.50 56.29
N MET I 4245 -20.92 25.59 55.33
CA MET I 4245 -19.59 26.12 55.63
C MET I 4245 -19.67 27.56 56.09
N GLN I 4246 -20.56 28.35 55.47
CA GLN I 4246 -20.75 29.74 55.90
C GLN I 4246 -21.26 29.80 57.34
N ILE I 4247 -22.22 28.94 57.68
CA ILE I 4247 -22.76 28.93 59.04
C ILE I 4247 -21.67 28.57 60.04
N ALA I 4248 -20.86 27.56 59.73
CA ALA I 4248 -19.78 27.18 60.62
C ALA I 4248 -18.77 28.31 60.79
N ALA I 4249 -18.47 29.03 59.70
CA ALA I 4249 -17.56 30.16 59.79
C ALA I 4249 -18.13 31.27 60.65
N GLN I 4250 -19.43 31.54 60.52
CA GLN I 4250 -20.05 32.62 61.29
C GLN I 4250 -20.04 32.31 62.78
N ILE I 4251 -20.39 31.08 63.15
CA ILE I 4251 -20.45 30.72 64.56
C ILE I 4251 -19.08 30.47 65.18
N SER I 4252 -18.04 30.31 64.36
CA SER I 4252 -16.71 30.07 64.88
C SER I 4252 -16.18 31.31 65.61
N GLU I 4253 -15.34 31.06 66.60
CA GLU I 4253 -14.75 32.13 67.40
C GLU I 4253 -13.24 32.17 67.21
N PRO I 4254 -12.64 33.37 67.18
CA PRO I 4254 -11.20 33.52 67.02
C PRO I 4254 -10.42 33.09 68.26
N PHE I 4540 -25.96 51.27 74.77
CA PHE I 4540 -25.80 49.94 75.35
C PHE I 4540 -26.28 48.86 74.39
N TRP I 4541 -26.93 49.29 73.30
CA TRP I 4541 -27.41 48.34 72.30
C TRP I 4541 -26.26 47.59 71.65
N GLY I 4542 -25.16 48.30 71.35
CA GLY I 4542 -23.99 47.62 70.80
C GLY I 4542 -23.40 46.61 71.76
N GLU I 4543 -23.38 46.94 73.06
CA GLU I 4543 -22.82 46.04 74.05
C GLU I 4543 -23.62 44.75 74.15
N LEU I 4544 -24.95 44.84 74.10
CA LEU I 4544 -25.77 43.64 74.22
C LEU I 4544 -25.76 42.83 72.93
N GLU I 4545 -25.71 43.50 71.79
CA GLU I 4545 -25.75 42.79 70.50
C GLU I 4545 -24.52 41.92 70.31
N VAL I 4546 -23.33 42.44 70.65
CA VAL I 4546 -22.12 41.66 70.51
C VAL I 4546 -22.12 40.48 71.47
N GLN I 4547 -22.69 40.66 72.67
CA GLN I 4547 -22.80 39.53 73.59
C GLN I 4547 -23.90 38.57 73.17
N ARG I 4548 -24.97 39.08 72.58
CA ARG I 4548 -26.06 38.22 72.14
C ARG I 4548 -25.62 37.26 71.05
N VAL I 4549 -24.89 37.78 70.05
CA VAL I 4549 -24.41 36.92 68.98
C VAL I 4549 -23.35 35.95 69.50
N LYS I 4550 -22.51 36.41 70.43
CA LYS I 4550 -21.54 35.51 71.03
C LYS I 4550 -22.22 34.39 71.81
N PHE I 4551 -23.28 34.73 72.54
CA PHE I 4551 -24.04 33.71 73.27
C PHE I 4551 -24.72 32.75 72.31
N LEU I 4552 -25.31 33.28 71.23
CA LEU I 4552 -25.95 32.42 70.25
C LEU I 4552 -24.94 31.53 69.54
N ASN I 4553 -23.77 32.08 69.20
CA ASN I 4553 -22.73 31.28 68.56
C ASN I 4553 -22.22 30.19 69.50
N TYR I 4554 -22.13 30.49 70.80
CA TYR I 4554 -21.70 29.49 71.77
C TYR I 4554 -22.69 28.33 71.81
N LEU I 4555 -23.98 28.62 71.81
CA LEU I 4555 -24.99 27.56 71.78
C LEU I 4555 -24.92 26.78 70.47
N SER I 4556 -24.73 27.48 69.35
CA SER I 4556 -24.66 26.79 68.06
C SER I 4556 -23.43 25.89 67.99
N ARG I 4557 -22.28 26.37 68.47
CA ARG I 4557 -21.07 25.54 68.44
C ARG I 4557 -21.21 24.33 69.34
N ASN I 4558 -21.83 24.49 70.51
CA ASN I 4558 -21.95 23.44 71.51
C ASN I 4558 -23.34 22.83 71.54
N PHE I 4559 -24.01 22.75 70.40
CA PHE I 4559 -25.35 22.20 70.36
C PHE I 4559 -25.37 20.73 70.75
N TYR I 4560 -24.42 19.94 70.24
CA TYR I 4560 -24.41 18.52 70.53
C TYR I 4560 -23.99 18.22 71.96
N THR I 4561 -23.09 19.03 72.53
CA THR I 4561 -22.73 18.85 73.93
C THR I 4561 -23.92 19.12 74.84
N LEU I 4562 -24.72 20.14 74.52
CA LEU I 4562 -25.93 20.41 75.28
C LEU I 4562 -26.92 19.25 75.14
N ARG I 4563 -27.01 18.66 73.95
CA ARG I 4563 -27.86 17.49 73.77
C ARG I 4563 -27.38 16.32 74.62
N PHE I 4564 -26.06 16.10 74.65
CA PHE I 4564 -25.51 15.08 75.53
C PHE I 4564 -25.73 15.43 77.00
N LEU I 4565 -25.58 16.71 77.35
CA LEU I 4565 -25.76 17.13 78.73
C LEU I 4565 -27.20 16.90 79.19
N ALA I 4566 -28.17 17.20 78.33
CA ALA I 4566 -29.56 16.96 78.68
C ALA I 4566 -29.84 15.48 78.91
N LEU I 4567 -29.26 14.62 78.07
CA LEU I 4567 -29.41 13.18 78.27
C LEU I 4567 -28.77 12.73 79.58
N PHE I 4568 -27.60 13.27 79.90
CA PHE I 4568 -26.94 12.93 81.16
C PHE I 4568 -27.78 13.37 82.35
N LEU I 4569 -28.35 14.58 82.28
CA LEU I 4569 -29.19 15.06 83.37
C LEU I 4569 -30.45 14.23 83.52
N ALA I 4570 -30.99 13.71 82.41
CA ALA I 4570 -32.17 12.87 82.48
C ALA I 4570 -31.90 11.60 83.27
N PHE I 4571 -30.75 10.97 83.03
CA PHE I 4571 -30.40 9.77 83.80
C PHE I 4571 -30.16 10.11 85.27
N ALA I 4572 -29.54 11.26 85.55
CA ALA I 4572 -29.31 11.65 86.93
C ALA I 4572 -30.63 11.88 87.66
N ILE I 4573 -31.60 12.52 87.00
CA ILE I 4573 -32.90 12.72 87.62
C ILE I 4573 -33.60 11.39 87.85
N ASN I 4574 -33.57 10.51 86.85
CA ASN I 4574 -34.26 9.23 86.98
C ASN I 4574 -33.58 8.32 87.98
N PHE I 4575 -32.27 8.45 88.17
CA PHE I 4575 -31.59 7.69 89.21
C PHE I 4575 -32.11 8.10 90.59
N ILE I 4576 -32.34 9.39 90.79
CA ILE I 4576 -32.91 9.86 92.06
C ILE I 4576 -34.34 9.37 92.22
N LEU I 4577 -35.10 9.32 91.12
CA LEU I 4577 -36.49 8.89 91.19
C LEU I 4577 -36.64 7.44 91.61
N LEU I 4578 -35.57 6.64 91.49
CA LEU I 4578 -35.63 5.25 91.95
C LEU I 4578 -35.77 5.16 93.46
N PHE I 4579 -35.49 6.23 94.19
CA PHE I 4579 -35.58 6.24 95.64
C PHE I 4579 -36.92 6.75 96.14
N TYR I 4580 -37.87 7.01 95.24
CA TYR I 4580 -39.20 7.45 95.66
C TYR I 4580 -39.91 6.34 96.42
N LYS I 4581 -40.71 6.74 97.40
CA LYS I 4581 -41.42 5.80 98.25
C LYS I 4581 -42.78 6.39 98.59
N VAL I 4582 -43.83 5.58 98.46
CA VAL I 4582 -45.18 6.02 98.77
C VAL I 4582 -45.56 5.49 100.15
N SER I 4583 -46.12 6.37 100.98
CA SER I 4583 -46.49 6.00 102.33
C SER I 4583 -47.74 6.77 102.74
N ASP I 4584 -48.61 6.11 103.50
CA ASP I 4584 -49.81 6.77 104.00
C ASP I 4584 -49.45 7.88 104.99
N SER I 4585 -48.46 7.64 105.85
CA SER I 4585 -48.04 8.66 106.78
C SER I 4585 -47.32 9.79 106.04
N PRO I 4586 -47.57 11.05 106.41
CA PRO I 4586 -46.85 12.15 105.78
C PRO I 4586 -45.36 12.06 106.08
N PRO I 4587 -44.51 12.51 105.16
CA PRO I 4587 -43.05 12.48 105.34
C PRO I 4587 -42.58 13.47 106.39
N ASN I 4626 -57.80 9.64 103.28
CA ASN I 4626 -57.06 8.39 103.11
C ASN I 4626 -56.16 8.44 101.89
N MET I 4627 -55.52 9.59 101.68
CA MET I 4627 -54.63 9.80 100.55
C MET I 4627 -53.18 9.52 100.96
N VAL I 4628 -52.38 9.05 100.00
CA VAL I 4628 -51.00 8.67 100.26
C VAL I 4628 -50.07 9.81 99.85
N TYR I 4629 -48.82 9.69 100.30
CA TYR I 4629 -47.81 10.74 100.02
C TYR I 4629 -46.62 10.10 99.34
N TYR I 4630 -46.08 10.76 98.32
CA TYR I 4630 -44.91 10.24 97.57
C TYR I 4630 -43.70 11.07 97.98
N PHE I 4631 -42.65 10.43 98.49
CA PHE I 4631 -41.48 11.18 98.99
C PHE I 4631 -40.19 10.40 98.74
N LEU I 4632 -39.05 11.09 98.63
CA LEU I 4632 -37.80 10.37 98.52
C LEU I 4632 -37.46 9.71 99.85
N GLU I 4633 -36.88 8.51 99.78
CA GLU I 4633 -36.46 7.75 100.95
C GLU I 4633 -34.95 7.57 100.87
N GLU I 4634 -34.21 8.47 101.52
CA GLU I 4634 -32.76 8.39 101.55
C GLU I 4634 -32.26 8.99 102.86
N SER I 4635 -31.07 8.55 103.27
CA SER I 4635 -30.48 9.00 104.53
C SER I 4635 -29.47 10.13 104.36
N THR I 4636 -28.95 10.35 103.16
CA THR I 4636 -27.97 11.41 102.95
C THR I 4636 -28.59 12.78 103.20
N GLY I 4637 -29.80 12.99 102.71
CA GLY I 4637 -30.47 14.27 102.84
C GLY I 4637 -30.14 15.29 101.78
N TYR I 4638 -29.21 14.96 100.86
CA TYR I 4638 -28.85 15.86 99.78
C TYR I 4638 -29.58 15.56 98.47
N MET I 4639 -30.18 14.37 98.35
CA MET I 4639 -30.85 14.01 97.11
C MET I 4639 -32.09 14.86 96.85
N GLU I 4640 -32.87 15.18 97.88
CA GLU I 4640 -34.05 16.01 97.67
C GLU I 4640 -33.70 17.40 97.14
N PRO I 4641 -32.75 18.14 97.71
CA PRO I 4641 -32.34 19.40 97.05
C PRO I 4641 -31.71 19.18 95.69
N ALA I 4642 -30.99 18.07 95.50
CA ALA I 4642 -30.33 17.81 94.22
C ALA I 4642 -31.36 17.60 93.10
N LEU I 4643 -32.46 16.92 93.41
CA LEU I 4643 -33.49 16.70 92.41
C LEU I 4643 -34.09 18.01 91.92
N TRP I 4644 -34.33 18.94 92.84
CA TRP I 4644 -34.84 20.25 92.46
C TRP I 4644 -33.84 21.02 91.60
N CYS I 4645 -32.56 20.97 91.98
CA CYS I 4645 -31.54 21.66 91.19
C CYS I 4645 -31.39 21.05 89.81
N LEU I 4646 -31.39 19.72 89.71
CA LEU I 4646 -31.24 19.06 88.42
C LEU I 4646 -32.46 19.30 87.55
N SER I 4647 -33.66 19.31 88.13
CA SER I 4647 -34.86 19.55 87.35
C SER I 4647 -34.84 20.93 86.72
N LEU I 4648 -34.44 21.95 87.47
CA LEU I 4648 -34.33 23.29 86.91
C LEU I 4648 -33.22 23.36 85.87
N LEU I 4649 -32.08 22.72 86.15
CA LEU I 4649 -30.97 22.73 85.20
C LEU I 4649 -31.34 22.01 83.90
N HIS I 4650 -32.05 20.89 84.01
CA HIS I 4650 -32.47 20.16 82.82
C HIS I 4650 -33.42 20.99 81.98
N THR I 4651 -34.33 21.72 82.62
CA THR I 4651 -35.24 22.60 81.88
C THR I 4651 -34.47 23.69 81.15
N LEU I 4652 -33.45 24.26 81.80
CA LEU I 4652 -32.65 25.30 81.15
C LEU I 4652 -31.90 24.74 79.95
N VAL I 4653 -31.31 23.55 80.09
CA VAL I 4653 -30.54 22.96 79.00
C VAL I 4653 -31.44 22.64 77.81
N ALA I 4654 -32.64 22.11 78.08
CA ALA I 4654 -33.57 21.82 76.99
C ALA I 4654 -33.97 23.07 76.25
N PHE I 4655 -34.18 24.18 76.97
CA PHE I 4655 -34.51 25.44 76.33
C PHE I 4655 -33.36 25.95 75.47
N LEU I 4656 -32.12 25.79 75.95
CA LEU I 4656 -30.97 26.22 75.17
C LEU I 4656 -30.79 25.37 73.92
N CYS I 4657 -31.22 24.11 73.95
CA CYS I 4657 -31.12 23.26 72.76
C CYS I 4657 -31.99 23.79 71.63
N ILE I 4658 -33.19 24.28 71.96
CA ILE I 4658 -34.07 24.85 70.94
C ILE I 4658 -33.42 26.08 70.31
N ILE I 4659 -32.85 26.95 71.15
CA ILE I 4659 -32.14 28.12 70.63
C ILE I 4659 -30.91 27.69 69.84
N GLY I 4660 -30.19 26.69 70.34
CA GLY I 4660 -29.05 26.17 69.60
C GLY I 4660 -29.46 25.55 68.27
N TYR I 4661 -30.62 24.90 68.24
CA TYR I 4661 -31.07 24.27 67.01
C TYR I 4661 -31.49 25.30 65.97
N ASN I 4662 -32.27 26.30 66.38
CA ASN I 4662 -32.79 27.26 65.41
C ASN I 4662 -31.73 28.22 64.90
N CYS I 4663 -30.56 28.26 65.53
CA CYS I 4663 -29.45 29.06 65.05
C CYS I 4663 -28.40 28.24 64.30
N LEU I 4664 -28.53 26.92 64.28
CA LEU I 4664 -27.57 26.04 63.61
C LEU I 4664 -28.18 25.22 62.49
N LYS I 4665 -29.33 24.59 62.73
CA LYS I 4665 -29.94 23.70 61.75
C LYS I 4665 -31.09 24.33 60.99
N VAL I 4666 -31.85 25.23 61.63
CA VAL I 4666 -32.98 25.87 60.95
C VAL I 4666 -32.54 26.62 59.69
N PRO I 4667 -31.45 27.40 59.68
CA PRO I 4667 -31.09 28.11 58.45
C PRO I 4667 -30.91 27.18 57.25
N LEU I 4668 -30.40 25.98 57.46
CA LEU I 4668 -30.31 25.02 56.36
C LEU I 4668 -31.69 24.61 55.87
N VAL I 4669 -32.63 24.41 56.80
CA VAL I 4669 -33.99 24.01 56.42
C VAL I 4669 -34.64 25.09 55.58
N ILE I 4670 -34.50 26.35 56.00
CA ILE I 4670 -35.06 27.45 55.22
C ILE I 4670 -34.32 27.59 53.89
N PHE I 4671 -33.01 27.41 53.89
CA PHE I 4671 -32.24 27.51 52.65
C PHE I 4671 -32.69 26.47 51.64
N LYS I 4672 -32.86 25.23 52.08
CA LYS I 4672 -33.27 24.17 51.16
C LYS I 4672 -34.66 24.43 50.60
N ARG I 4673 -35.59 24.85 51.46
CA ARG I 4673 -36.96 25.09 51.00
C ARG I 4673 -37.03 26.27 50.05
N GLU I 4674 -36.30 27.34 50.35
CA GLU I 4674 -36.26 28.49 49.44
C GLU I 4674 -35.61 28.10 48.12
N LYS I 4675 -34.58 27.25 48.18
CA LYS I 4675 -33.88 26.83 46.97
C LYS I 4675 -34.81 26.08 46.02
N GLU I 4676 -35.52 25.07 46.53
CA GLU I 4676 -36.38 24.27 45.68
C GLU I 4676 -37.58 25.07 45.19
N LEU I 4677 -38.09 25.98 46.03
CA LEU I 4677 -39.23 26.81 45.62
C LEU I 4677 -38.84 27.75 44.49
N ALA I 4678 -37.65 28.34 44.57
CA ALA I 4678 -37.22 29.27 43.54
C ALA I 4678 -37.07 28.59 42.18
N ARG I 4679 -36.53 27.37 42.17
CA ARG I 4679 -36.33 26.66 40.91
C ARG I 4679 -37.66 26.24 40.30
N LYS I 4680 -38.63 25.85 41.14
CA LYS I 4680 -39.94 25.49 40.61
C LYS I 4680 -40.68 26.71 40.07
N LEU I 4681 -40.43 27.88 40.66
CA LEU I 4681 -41.01 29.11 40.11
C LEU I 4681 -40.47 29.41 38.73
N GLU I 4682 -39.16 29.21 38.53
CA GLU I 4682 -38.53 29.58 37.27
C GLU I 4682 -38.59 28.44 36.25
N PHE I 4683 -38.04 27.28 36.61
CA PHE I 4683 -37.91 26.18 35.66
C PHE I 4683 -39.19 25.35 35.54
N ASP I 4684 -40.21 25.62 36.36
CA ASP I 4684 -41.46 24.89 36.26
C ASP I 4684 -42.70 25.78 36.26
N GLY I 4685 -42.63 27.00 36.79
CA GLY I 4685 -43.80 27.85 36.86
C GLY I 4685 -44.86 27.26 37.78
N LEU I 4686 -44.46 26.89 38.99
CA LEU I 4686 -45.36 26.16 39.89
C LEU I 4686 -46.62 26.96 40.18
N TYR I 4687 -46.47 28.24 40.49
CA TYR I 4687 -47.60 29.11 40.78
C TYR I 4687 -47.97 29.99 39.59
N ILE I 4688 -47.36 29.75 38.43
CA ILE I 4688 -47.70 30.47 37.20
C ILE I 4688 -48.54 29.61 36.27
N THR I 4689 -48.21 28.32 36.14
CA THR I 4689 -48.88 27.44 35.19
C THR I 4689 -49.67 26.33 35.88
N GLU I 4690 -49.02 25.49 36.69
CA GLU I 4690 -49.69 24.29 37.17
C GLU I 4690 -50.62 24.54 38.35
N GLN I 4691 -50.24 25.39 39.30
CA GLN I 4691 -51.11 25.73 40.43
C GLN I 4691 -51.50 24.49 41.22
N PRO I 4692 -50.60 23.93 42.05
CA PRO I 4692 -50.84 22.65 42.73
C PRO I 4692 -52.26 22.46 43.25
N GLY I 4693 -52.77 21.22 43.11
CA GLY I 4693 -54.17 20.94 43.34
C GLY I 4693 -54.60 20.73 44.78
N ASP I 4694 -54.09 21.56 45.68
CA ASP I 4694 -54.60 21.67 47.05
C ASP I 4694 -54.34 20.42 47.89
N ASP I 4695 -53.73 19.39 47.30
CA ASP I 4695 -53.36 18.18 48.01
C ASP I 4695 -51.91 18.22 48.50
N ASP I 4696 -51.16 19.25 48.16
CA ASP I 4696 -49.78 19.43 48.60
C ASP I 4696 -49.76 20.58 49.60
N VAL I 4697 -49.73 20.24 50.90
CA VAL I 4697 -49.70 21.27 51.92
C VAL I 4697 -48.41 22.08 51.83
N LYS I 4698 -47.30 21.43 51.44
CA LYS I 4698 -46.04 22.14 51.27
C LYS I 4698 -46.16 23.19 50.18
N GLY I 4699 -46.78 22.84 49.05
CA GLY I 4699 -46.95 23.80 47.99
C GLY I 4699 -47.92 24.91 48.35
N GLN I 4700 -49.00 24.57 49.04
CA GLN I 4700 -50.00 25.58 49.40
C GLN I 4700 -49.46 26.55 50.45
N TRP I 4701 -48.56 26.08 51.32
CA TRP I 4701 -48.03 26.95 52.36
C TRP I 4701 -47.02 27.95 51.80
N ASP I 4702 -46.36 27.61 50.70
CA ASP I 4702 -45.34 28.47 50.13
C ASP I 4702 -45.91 29.69 49.42
N ARG I 4703 -47.23 29.76 49.23
CA ARG I 4703 -47.83 30.92 48.58
C ARG I 4703 -47.68 32.18 49.43
N LEU I 4704 -47.49 32.04 50.74
CA LEU I 4704 -47.39 33.20 51.61
C LEU I 4704 -46.09 33.94 51.41
N VAL I 4705 -45.05 33.27 50.88
CA VAL I 4705 -43.73 33.87 50.78
C VAL I 4705 -43.43 34.43 49.39
N LEU I 4706 -44.31 34.20 48.41
CA LEU I 4706 -44.03 34.63 47.05
C LEU I 4706 -43.92 36.14 46.95
N ASN I 4707 -44.83 36.87 47.59
CA ASN I 4707 -44.87 38.32 47.51
C ASN I 4707 -44.13 39.00 48.66
N THR I 4708 -43.48 38.24 49.53
CA THR I 4708 -42.75 38.84 50.63
C THR I 4708 -41.52 39.58 50.10
N PRO I 4709 -41.20 40.76 50.64
CA PRO I 4709 -40.01 41.48 50.18
C PRO I 4709 -38.70 40.76 50.44
N SER I 4710 -38.68 39.83 51.39
CA SER I 4710 -37.45 39.13 51.75
C SER I 4710 -37.58 37.63 51.53
N PHE I 4711 -38.14 37.25 50.37
CA PHE I 4711 -38.31 35.82 50.09
C PHE I 4711 -36.98 35.08 50.03
N PRO I 4712 -35.98 35.52 49.24
CA PRO I 4712 -34.71 34.77 49.24
C PRO I 4712 -33.77 35.24 50.35
N SER I 4713 -34.19 35.03 51.60
CA SER I 4713 -33.38 35.46 52.73
C SER I 4713 -32.14 34.59 52.91
N ASN I 4714 -32.29 33.28 52.82
CA ASN I 4714 -31.17 32.35 52.97
C ASN I 4714 -30.62 31.87 51.64
N TYR I 4715 -31.46 31.75 50.62
CA TYR I 4715 -30.99 31.34 49.30
C TYR I 4715 -30.09 32.41 48.70
N TRP I 4716 -29.00 31.98 48.06
CA TRP I 4716 -28.00 32.93 47.59
C TRP I 4716 -28.51 33.79 46.45
N ASP I 4717 -29.37 33.25 45.60
CA ASP I 4717 -29.87 33.98 44.43
C ASP I 4717 -30.89 35.00 44.89
N LYS I 4718 -30.48 36.26 44.96
CA LYS I 4718 -31.36 37.35 45.36
C LYS I 4718 -32.15 37.95 44.20
N PHE I 4719 -31.91 37.49 42.97
CA PHE I 4719 -32.56 38.02 41.79
C PHE I 4719 -33.46 36.97 41.14
N VAL I 4720 -34.01 36.05 41.95
CA VAL I 4720 -34.89 35.03 41.41
C VAL I 4720 -36.16 35.66 40.84
N LYS I 4721 -36.73 36.63 41.55
CA LYS I 4721 -37.95 37.29 41.07
C LYS I 4721 -37.71 37.97 39.74
N ARG I 4722 -36.56 38.62 39.59
CA ARG I 4722 -36.18 39.27 38.34
C ARG I 4722 -36.11 38.25 37.21
N LYS I 4723 -35.51 37.09 37.48
CA LYS I 4723 -35.38 36.06 36.47
C LYS I 4723 -36.73 35.46 36.10
N VAL I 4724 -37.59 35.23 37.08
CA VAL I 4724 -38.91 34.67 36.81
C VAL I 4724 -39.74 35.65 35.97
N LEU I 4725 -39.64 36.94 36.27
CA LEU I 4725 -40.39 37.94 35.51
C LEU I 4725 -39.97 37.95 34.05
N ASP I 4726 -38.67 37.84 33.78
CA ASP I 4726 -38.20 37.86 32.41
C ASP I 4726 -38.56 36.59 31.66
N LYS I 4727 -38.76 35.47 32.38
CA LYS I 4727 -39.05 34.20 31.73
C LYS I 4727 -40.53 33.99 31.47
N HIS I 4728 -41.40 34.38 32.40
CA HIS I 4728 -42.83 34.15 32.27
C HIS I 4728 -43.65 35.42 32.11
N GLY I 4729 -43.02 36.59 32.07
CA GLY I 4729 -43.77 37.83 31.95
C GLY I 4729 -44.50 37.96 30.63
N ASP I 4730 -43.86 37.54 29.54
CA ASP I 4730 -44.46 37.72 28.23
C ASP I 4730 -45.66 36.81 28.02
N ILE I 4731 -45.63 35.59 28.58
CA ILE I 4731 -46.70 34.63 28.36
C ILE I 4731 -47.78 34.70 29.43
N PHE I 4732 -47.48 35.24 30.61
CA PHE I 4732 -48.44 35.30 31.71
C PHE I 4732 -48.82 36.71 32.12
N GLY I 4733 -48.11 37.73 31.66
CA GLY I 4733 -48.41 39.10 32.03
C GLY I 4733 -47.43 39.64 33.04
N ARG I 4734 -46.69 40.69 32.65
CA ARG I 4734 -45.69 41.26 33.54
C ARG I 4734 -46.33 41.84 34.80
N GLU I 4735 -47.45 42.55 34.65
CA GLU I 4735 -48.11 43.12 35.82
C GLU I 4735 -48.67 42.04 36.73
N ARG I 4736 -49.14 40.92 36.17
CA ARG I 4736 -49.67 39.84 36.99
C ARG I 4736 -48.54 39.10 37.70
N ILE I 4737 -47.40 38.92 37.02
CA ILE I 4737 -46.25 38.30 37.66
C ILE I 4737 -45.73 39.17 38.80
N ALA I 4738 -45.66 40.49 38.56
CA ALA I 4738 -45.20 41.40 39.59
C ALA I 4738 -46.13 41.37 40.81
N GLU I 4739 -47.44 41.32 40.56
CA GLU I 4739 -48.39 41.21 41.67
C GLU I 4739 -48.20 39.90 42.42
N LEU I 4740 -47.97 38.80 41.70
CA LEU I 4740 -47.77 37.50 42.34
C LEU I 4740 -46.51 37.51 43.21
N LEU I 4741 -45.43 38.09 42.69
CA LEU I 4741 -44.16 38.11 43.39
C LEU I 4741 -43.95 39.37 44.23
N GLY I 4742 -44.93 40.26 44.28
CA GLY I 4742 -44.79 41.49 45.06
C GLY I 4742 -43.68 42.38 44.57
N MET I 4743 -43.56 42.56 43.26
CA MET I 4743 -42.50 43.35 42.65
C MET I 4743 -43.05 44.70 42.20
N ASP I 4744 -42.28 45.76 42.42
CA ASP I 4744 -42.61 47.08 41.92
C ASP I 4744 -41.91 47.27 40.59
N LEU I 4745 -42.69 47.27 39.50
CA LEU I 4745 -42.11 47.42 38.18
C LEU I 4745 -41.45 48.78 38.00
N ALA I 4746 -42.04 49.83 38.56
CA ALA I 4746 -41.45 51.16 38.47
C ALA I 4746 -40.13 51.27 39.22
N SER I 4747 -39.89 50.39 40.20
CA SER I 4747 -38.65 50.41 40.96
C SER I 4747 -37.53 49.63 40.31
N LEU I 4748 -37.81 48.87 39.25
CA LEU I 4748 -36.76 48.11 38.58
C LEU I 4748 -35.75 49.03 37.91
N GLU I 4749 -36.23 50.10 37.27
CA GLU I 4749 -35.34 50.97 36.51
C GLU I 4749 -34.51 51.85 37.43
N ILE I 4750 -35.13 52.40 38.48
CA ILE I 4750 -34.43 53.36 39.34
C ILE I 4750 -33.27 52.69 40.07
N THR I 4751 -33.45 51.43 40.46
CA THR I 4751 -32.35 50.68 41.06
C THR I 4751 -31.21 50.48 40.07
N ALA I 4752 -31.55 50.21 38.80
CA ALA I 4752 -30.53 50.05 37.77
C ALA I 4752 -29.92 51.39 37.36
N HIS I 4753 -30.61 52.50 37.61
CA HIS I 4753 -30.08 53.81 37.25
C HIS I 4753 -28.96 54.23 38.20
N ASN I 4754 -29.25 54.28 39.50
CA ASN I 4754 -28.27 54.64 40.51
C ASN I 4754 -28.63 53.92 41.80
N GLU I 4755 -27.92 54.24 42.87
CA GLU I 4755 -28.11 53.59 44.17
C GLU I 4755 -28.41 54.64 45.22
N ARG I 4756 -29.35 54.32 46.11
CA ARG I 4756 -29.75 55.21 47.19
C ARG I 4756 -29.11 54.76 48.50
N LYS I 4757 -28.67 55.73 49.29
CA LYS I 4757 -28.11 55.47 50.60
C LYS I 4757 -28.96 56.15 51.66
N PRO I 4758 -29.95 55.45 52.23
CA PRO I 4758 -30.80 56.08 53.25
C PRO I 4758 -30.16 56.08 54.62
N ASP I 4759 -30.89 56.55 55.63
CA ASP I 4759 -30.41 56.52 57.00
C ASP I 4759 -30.92 55.27 57.69
N PRO I 4760 -30.05 54.35 58.09
CA PRO I 4760 -30.47 53.18 58.88
C PRO I 4760 -30.40 53.45 60.37
N PRO I 4761 -31.43 54.08 60.96
CA PRO I 4761 -31.34 54.46 62.38
C PRO I 4761 -31.30 53.22 63.27
N PRO I 4762 -30.30 53.13 64.14
CA PRO I 4762 -30.15 51.95 65.03
C PRO I 4762 -31.09 51.98 66.24
N GLY I 4763 -32.37 52.22 65.99
CA GLY I 4763 -33.37 52.25 67.04
C GLY I 4763 -34.26 51.02 67.01
N LEU I 4764 -34.66 50.58 68.21
CA LEU I 4764 -35.53 49.41 68.30
C LEU I 4764 -36.92 49.70 67.75
N LEU I 4765 -37.41 50.94 67.91
CA LEU I 4765 -38.71 51.30 67.38
C LEU I 4765 -38.74 51.17 65.86
N THR I 4766 -37.69 51.65 65.19
CA THR I 4766 -37.60 51.50 63.74
C THR I 4766 -37.47 50.03 63.34
N TRP I 4767 -36.89 49.21 64.20
CA TRP I 4767 -36.76 47.79 63.94
C TRP I 4767 -38.09 47.05 64.03
N LEU I 4768 -39.10 47.66 64.65
CA LEU I 4768 -40.38 46.97 64.83
C LEU I 4768 -41.11 46.78 63.50
N MET I 4769 -41.26 47.87 62.73
CA MET I 4769 -41.99 47.82 61.47
C MET I 4769 -41.13 47.38 60.30
N SER I 4770 -39.85 47.13 60.53
CA SER I 4770 -38.96 46.59 59.51
C SER I 4770 -39.03 45.07 59.42
N ILE I 4771 -39.83 44.44 60.27
CA ILE I 4771 -39.97 42.99 60.28
C ILE I 4771 -41.03 42.59 59.26
N ASP I 4772 -40.67 41.68 58.36
CA ASP I 4772 -41.60 41.15 57.37
C ASP I 4772 -42.47 40.11 58.06
N VAL I 4773 -43.64 40.54 58.51
CA VAL I 4773 -44.50 39.69 59.33
C VAL I 4773 -44.95 38.46 58.54
N LYS I 4774 -45.31 38.65 57.26
CA LYS I 4774 -45.78 37.53 56.46
C LYS I 4774 -44.68 36.50 56.26
N TYR I 4775 -43.44 36.95 56.06
CA TYR I 4775 -42.32 36.01 55.93
C TYR I 4775 -42.10 35.25 57.23
N GLN I 4776 -42.19 35.93 58.37
CA GLN I 4776 -41.98 35.26 59.65
C GLN I 4776 -43.03 34.20 59.91
N ILE I 4777 -44.28 34.48 59.53
CA ILE I 4777 -45.34 33.47 59.66
C ILE I 4777 -45.03 32.26 58.80
N TRP I 4778 -44.59 32.49 57.56
CA TRP I 4778 -44.21 31.38 56.69
C TRP I 4778 -43.02 30.62 57.25
N LYS I 4779 -42.01 31.34 57.75
CA LYS I 4779 -40.83 30.67 58.27
C LYS I 4779 -41.15 29.83 59.49
N PHE I 4780 -41.97 30.35 60.40
CA PHE I 4780 -42.32 29.60 61.59
C PHE I 4780 -43.14 28.36 61.27
N GLY I 4781 -43.99 28.43 60.24
CA GLY I 4781 -44.72 27.25 59.81
C GLY I 4781 -43.80 26.14 59.33
N VAL I 4782 -42.73 26.51 58.63
CA VAL I 4782 -41.74 25.52 58.20
C VAL I 4782 -41.03 24.91 59.39
N ILE I 4783 -40.65 25.74 60.37
CA ILE I 4783 -39.96 25.24 61.55
C ILE I 4783 -40.86 24.31 62.35
N PHE I 4784 -42.13 24.69 62.53
CA PHE I 4784 -43.08 23.89 63.29
C PHE I 4784 -43.42 22.57 62.60
N THR I 4785 -43.12 22.43 61.31
CA THR I 4785 -43.34 21.18 60.60
C THR I 4785 -42.05 20.37 60.47
N ASP I 4786 -40.97 20.79 61.11
CA ASP I 4786 -39.72 20.06 61.08
C ASP I 4786 -39.71 19.00 62.17
N ASN I 4787 -39.38 17.76 61.80
CA ASN I 4787 -39.41 16.66 62.75
C ASN I 4787 -38.41 16.88 63.88
N SER I 4788 -37.20 17.33 63.55
CA SER I 4788 -36.19 17.55 64.59
C SER I 4788 -36.60 18.65 65.55
N PHE I 4789 -37.26 19.70 65.06
CA PHE I 4789 -37.62 20.82 65.95
C PHE I 4789 -38.75 20.36 66.86
N LEU I 4790 -39.70 19.62 66.30
CA LEU I 4790 -40.86 19.15 67.08
C LEU I 4790 -40.39 18.22 68.18
N TYR I 4791 -39.38 17.38 67.92
CA TYR I 4791 -38.83 16.51 68.97
C TYR I 4791 -38.23 17.35 70.09
N LEU I 4792 -37.48 18.39 69.74
CA LEU I 4792 -36.85 19.26 70.75
C LEU I 4792 -37.94 19.99 71.52
N GLY I 4793 -38.99 20.41 70.84
CA GLY I 4793 -40.13 21.07 71.50
C GLY I 4793 -40.84 20.15 72.46
N TRP I 4794 -41.03 18.88 72.08
CA TRP I 4794 -41.63 17.90 72.99
C TRP I 4794 -40.73 17.71 74.21
N TYR I 4795 -39.43 17.66 74.00
CA TYR I 4795 -38.48 17.44 75.11
C TYR I 4795 -38.64 18.59 76.10
N MET I 4796 -38.75 19.81 75.59
CA MET I 4796 -38.91 20.99 76.47
C MET I 4796 -40.25 20.96 77.21
N VAL I 4797 -41.33 20.60 76.51
CA VAL I 4797 -42.67 20.59 77.14
C VAL I 4797 -42.63 19.56 78.26
N MET I 4798 -42.04 18.40 78.01
CA MET I 4798 -41.99 17.32 79.02
C MET I 4798 -41.17 17.79 80.21
N SER I 4799 -40.12 18.56 79.97
CA SER I 4799 -39.27 19.09 81.05
C SER I 4799 -40.08 20.03 81.94
N LEU I 4800 -40.93 20.85 81.34
CA LEU I 4800 -41.80 21.75 82.12
C LEU I 4800 -42.84 20.94 82.89
N LEU I 4801 -43.40 19.90 82.28
CA LEU I 4801 -44.39 19.02 82.96
C LEU I 4801 -43.68 18.34 84.10
N GLY I 4802 -42.38 18.16 83.99
CA GLY I 4802 -41.57 17.53 85.04
C GLY I 4802 -41.66 18.33 86.31
N HIS I 4803 -41.76 19.65 86.18
CA HIS I 4803 -41.97 20.50 87.37
C HIS I 4803 -43.32 20.20 88.04
N TYR I 4804 -44.37 19.92 87.27
CA TYR I 4804 -45.65 19.52 87.91
C TYR I 4804 -45.47 18.16 88.59
N ASN I 4805 -45.11 17.10 87.88
CA ASN I 4805 -44.75 15.81 88.55
C ASN I 4805 -43.39 15.40 88.03
N ASN I 4806 -42.45 15.10 88.92
CA ASN I 4806 -41.06 14.81 88.51
C ASN I 4806 -41.02 13.56 87.64
N PHE I 4807 -42.00 12.68 87.77
CA PHE I 4807 -41.99 11.38 87.05
C PHE I 4807 -42.05 11.59 85.55
N PHE I 4808 -42.48 12.77 85.10
CA PHE I 4808 -42.53 13.07 83.65
C PHE I 4808 -41.12 13.13 83.09
N PHE I 4809 -40.13 13.38 83.96
CA PHE I 4809 -38.73 13.40 83.50
C PHE I 4809 -38.31 12.01 83.01
N ALA I 4810 -39.13 11.00 83.20
CA ALA I 4810 -38.85 9.65 82.69
C ALA I 4810 -38.89 9.64 81.17
N ALA I 4811 -39.78 10.41 80.57
CA ALA I 4811 -39.96 10.40 79.12
C ALA I 4811 -38.64 10.75 78.44
N HIS I 4812 -37.85 11.59 79.07
CA HIS I 4812 -36.59 12.07 78.46
C HIS I 4812 -35.62 10.92 78.25
N LEU I 4813 -35.76 9.82 78.99
CA LEU I 4813 -34.81 8.69 78.89
C LEU I 4813 -35.02 8.01 77.54
N LEU I 4814 -36.12 8.29 76.88
CA LEU I 4814 -36.36 7.75 75.51
C LEU I 4814 -35.31 8.32 74.55
N ASP I 4815 -34.88 9.56 74.75
CA ASP I 4815 -33.86 10.21 73.91
C ASP I 4815 -32.71 9.29 73.52
N ILE I 4816 -32.38 8.28 74.32
CA ILE I 4816 -31.35 7.35 73.90
C ILE I 4816 -31.63 6.72 72.56
N ALA I 4817 -32.88 6.81 72.07
CA ALA I 4817 -33.21 6.28 70.76
C ALA I 4817 -32.40 6.98 69.66
N MET I 4818 -32.28 8.30 69.76
CA MET I 4818 -31.48 9.07 68.82
C MET I 4818 -30.21 9.64 69.43
N GLY I 4819 -30.08 9.59 70.76
CA GLY I 4819 -28.83 10.00 71.38
C GLY I 4819 -27.68 9.08 71.02
N VAL I 4820 -27.95 7.78 70.95
CA VAL I 4820 -26.96 6.78 70.58
C VAL I 4820 -27.32 6.23 69.21
N LYS I 4821 -26.38 6.30 68.28
CA LYS I 4821 -26.65 5.83 66.92
C LYS I 4821 -26.81 4.32 66.85
N THR I 4822 -26.20 3.58 67.79
CA THR I 4822 -26.34 2.13 67.78
C THR I 4822 -27.78 1.71 68.05
N LEU I 4823 -28.44 2.36 69.01
CA LEU I 4823 -29.84 2.05 69.29
C LEU I 4823 -30.72 2.45 68.12
N ARG I 4824 -30.41 3.57 67.47
CA ARG I 4824 -31.23 4.02 66.34
C ARG I 4824 -31.19 3.01 65.20
N THR I 4825 -30.02 2.42 64.94
CA THR I 4825 -29.95 1.35 63.94
C THR I 4825 -30.76 0.14 64.37
N ILE I 4826 -30.70 -0.22 65.65
CA ILE I 4826 -31.49 -1.34 66.15
C ILE I 4826 -32.98 -1.04 66.04
N LEU I 4827 -33.38 0.17 66.44
CA LEU I 4827 -34.79 0.54 66.35
C LEU I 4827 -35.24 0.70 64.90
N SER I 4828 -34.31 1.00 63.99
CA SER I 4828 -34.66 1.04 62.58
C SER I 4828 -35.07 -0.34 62.07
N SER I 4829 -34.53 -1.40 62.67
CA SER I 4829 -34.93 -2.75 62.30
C SER I 4829 -36.36 -3.08 62.74
N VAL I 4830 -36.97 -2.24 63.57
CA VAL I 4830 -38.36 -2.40 63.94
C VAL I 4830 -39.27 -1.52 63.10
N THR I 4831 -38.84 -0.28 62.83
CA THR I 4831 -39.62 0.65 62.04
C THR I 4831 -39.50 0.41 60.54
N HIS I 4832 -38.54 -0.42 60.10
CA HIS I 4832 -38.39 -0.69 58.68
C HIS I 4832 -39.62 -1.39 58.12
N ASN I 4833 -40.12 -2.38 58.86
CA ASN I 4833 -41.35 -3.09 58.51
C ASN I 4833 -42.47 -2.74 59.48
N GLY I 4834 -42.52 -1.48 59.89
CA GLY I 4834 -43.53 -1.06 60.86
C GLY I 4834 -44.94 -1.20 60.33
N LYS I 4835 -45.15 -0.86 59.05
CA LYS I 4835 -46.47 -1.00 58.46
C LYS I 4835 -46.91 -2.46 58.44
N GLN I 4836 -45.99 -3.37 58.10
CA GLN I 4836 -46.31 -4.79 58.14
C GLN I 4836 -46.58 -5.26 59.57
N LEU I 4837 -45.85 -4.72 60.55
CA LEU I 4837 -46.08 -5.08 61.94
C LEU I 4837 -47.46 -4.64 62.41
N VAL I 4838 -47.91 -3.46 61.98
CA VAL I 4838 -49.25 -3.01 62.34
C VAL I 4838 -50.31 -3.91 61.71
N MET I 4839 -50.11 -4.28 60.44
CA MET I 4839 -51.12 -5.08 59.74
C MET I 4839 -51.23 -6.48 60.34
N THR I 4840 -50.10 -7.10 60.69
CA THR I 4840 -50.15 -8.45 61.25
C THR I 4840 -50.77 -8.45 62.64
N VAL I 4841 -50.64 -7.35 63.39
CA VAL I 4841 -51.37 -7.23 64.65
C VAL I 4841 -52.85 -7.08 64.39
N GLY I 4842 -53.22 -6.28 63.38
CA GLY I 4842 -54.61 -6.20 62.99
C GLY I 4842 -55.16 -7.53 62.49
N LEU I 4843 -54.35 -8.27 61.75
CA LEU I 4843 -54.73 -9.62 61.35
C LEU I 4843 -54.89 -10.52 62.56
N LEU I 4844 -54.03 -10.34 63.57
CA LEU I 4844 -54.16 -11.11 64.81
C LEU I 4844 -55.48 -10.82 65.50
N ALA I 4845 -55.91 -9.56 65.51
CA ALA I 4845 -57.18 -9.22 66.14
C ALA I 4845 -58.34 -9.86 65.41
N VAL I 4846 -58.28 -9.92 64.08
CA VAL I 4846 -59.39 -10.51 63.29
C VAL I 4846 -59.46 -12.02 63.52
N VAL I 4847 -58.33 -12.71 63.52
CA VAL I 4847 -58.34 -14.20 63.70
C VAL I 4847 -58.87 -14.51 65.10
N VAL I 4848 -58.50 -13.73 66.10
CA VAL I 4848 -59.00 -13.92 67.49
C VAL I 4848 -60.51 -13.66 67.55
N TYR I 4849 -61.02 -12.71 66.80
CA TYR I 4849 -62.48 -12.43 66.77
C TYR I 4849 -63.22 -13.63 66.23
N LEU I 4850 -62.67 -14.27 65.21
CA LEU I 4850 -63.32 -15.45 64.62
C LEU I 4850 -63.36 -16.56 65.66
N TYR I 4851 -62.31 -16.72 66.44
CA TYR I 4851 -62.29 -17.71 67.54
C TYR I 4851 -63.34 -17.34 68.59
N THR I 4852 -63.49 -16.05 68.89
CA THR I 4852 -64.49 -15.58 69.88
C THR I 4852 -65.90 -15.91 69.39
N VAL I 4853 -66.17 -15.72 68.11
CA VAL I 4853 -67.53 -15.99 67.57
C VAL I 4853 -67.84 -17.46 67.76
N VAL I 4854 -66.88 -18.33 67.46
CA VAL I 4854 -67.08 -19.79 67.60
C VAL I 4854 -67.32 -20.10 69.07
N ALA I 4855 -66.54 -19.50 69.96
CA ALA I 4855 -66.66 -19.77 71.40
C ALA I 4855 -68.01 -19.32 71.94
N PHE I 4856 -68.44 -18.12 71.56
CA PHE I 4856 -69.71 -17.58 72.10
C PHE I 4856 -70.83 -18.49 71.63
N ASN I 4857 -70.77 -18.87 70.37
CA ASN I 4857 -71.82 -19.73 69.81
C ASN I 4857 -71.79 -21.16 70.35
N PHE I 4858 -70.63 -21.80 70.47
CA PHE I 4858 -70.62 -23.25 70.83
C PHE I 4858 -69.92 -23.66 72.12
N PHE I 4859 -68.91 -22.93 72.60
CA PHE I 4859 -68.09 -23.42 73.74
C PHE I 4859 -68.18 -22.56 75.00
N ARG I 4860 -69.28 -21.88 75.25
CA ARG I 4860 -69.41 -20.93 76.38
C ARG I 4860 -69.26 -21.59 77.75
N LYS I 4861 -69.72 -22.81 77.94
CA LYS I 4861 -69.72 -23.46 79.27
C LYS I 4861 -68.32 -23.57 79.83
N PHE I 4862 -67.31 -23.62 78.97
CA PHE I 4862 -65.93 -23.88 79.41
C PHE I 4862 -65.23 -22.58 79.83
N TYR I 4863 -65.93 -21.46 79.86
CA TYR I 4863 -65.30 -20.15 80.16
C TYR I 4863 -65.67 -19.66 81.55
N ASN I 4864 -65.86 -20.54 82.51
CA ASN I 4864 -66.11 -20.20 83.91
C ASN I 4864 -64.76 -20.07 84.62
N LYS I 4865 -64.36 -18.84 84.91
CA LYS I 4865 -63.07 -18.56 85.52
C LYS I 4865 -63.19 -18.24 87.01
N SER I 4866 -64.13 -18.90 87.70
CA SER I 4866 -64.34 -18.68 89.13
C SER I 4866 -64.25 -20.02 89.84
N GLU I 4867 -63.32 -20.12 90.79
CA GLU I 4867 -63.26 -21.30 91.65
C GLU I 4867 -64.46 -21.40 92.57
N ASP I 4868 -65.18 -20.30 92.79
CA ASP I 4868 -66.41 -20.32 93.56
C ASP I 4868 -67.47 -21.13 92.85
N GLU I 4869 -68.41 -21.68 93.63
CA GLU I 4869 -69.43 -22.57 93.09
C GLU I 4869 -70.81 -21.97 92.99
N ASP I 4870 -71.13 -20.92 93.76
CA ASP I 4870 -72.47 -20.34 93.71
C ASP I 4870 -72.55 -19.06 92.90
N GLU I 4871 -71.44 -18.36 92.69
CA GLU I 4871 -71.42 -17.19 91.81
C GLU I 4871 -70.38 -17.42 90.71
N PRO I 4872 -70.81 -17.79 89.51
CA PRO I 4872 -69.85 -18.06 88.42
C PRO I 4872 -69.43 -16.78 87.70
N ASP I 4873 -68.14 -16.73 87.36
CA ASP I 4873 -67.57 -15.62 86.60
C ASP I 4873 -67.43 -16.07 85.15
N MET I 4874 -68.57 -16.06 84.44
CA MET I 4874 -68.59 -16.47 83.04
C MET I 4874 -67.93 -15.41 82.18
N LYS I 4875 -66.87 -15.78 81.47
CA LYS I 4875 -66.11 -14.85 80.66
C LYS I 4875 -66.60 -14.76 79.22
N CYS I 4876 -67.54 -15.60 78.80
CA CYS I 4876 -67.99 -15.62 77.42
C CYS I 4876 -69.51 -15.53 77.33
N ASP I 4877 -70.15 -14.86 78.28
CA ASP I 4877 -71.58 -14.57 78.18
C ASP I 4877 -71.86 -13.31 77.38
N ASP I 4878 -70.83 -12.55 77.02
CA ASP I 4878 -70.95 -11.40 76.15
C ASP I 4878 -69.83 -11.44 75.12
N MET I 4879 -70.14 -10.98 73.91
CA MET I 4879 -69.14 -10.97 72.84
C MET I 4879 -67.98 -10.05 73.18
N MET I 4880 -68.27 -8.86 73.71
CA MET I 4880 -67.21 -7.92 74.05
C MET I 4880 -66.33 -8.46 75.17
N THR I 4881 -66.93 -9.06 76.19
CA THR I 4881 -66.14 -9.66 77.26
C THR I 4881 -65.33 -10.84 76.76
N CYS I 4882 -65.95 -11.70 75.96
CA CYS I 4882 -65.26 -12.89 75.46
C CYS I 4882 -64.12 -12.50 74.52
N TYR I 4883 -64.34 -11.49 73.67
CA TYR I 4883 -63.28 -11.03 72.78
C TYR I 4883 -62.11 -10.47 73.57
N LEU I 4884 -62.40 -9.70 74.62
CA LEU I 4884 -61.32 -9.19 75.48
C LEU I 4884 -60.58 -10.33 76.16
N PHE I 4885 -61.31 -11.38 76.58
CA PHE I 4885 -60.68 -12.51 77.23
C PHE I 4885 -59.69 -13.21 76.31
N HIS I 4886 -60.07 -13.42 75.05
CA HIS I 4886 -59.17 -14.07 74.11
C HIS I 4886 -57.96 -13.19 73.81
N MET I 4887 -58.17 -11.88 73.65
CA MET I 4887 -57.08 -10.98 73.34
C MET I 4887 -56.15 -10.75 74.52
N TYR I 4888 -56.66 -10.89 75.75
CA TYR I 4888 -55.86 -10.56 76.92
C TYR I 4888 -55.09 -11.77 77.45
N VAL I 4889 -55.80 -12.87 77.75
CA VAL I 4889 -55.16 -14.03 78.35
C VAL I 4889 -54.87 -15.08 77.30
N GLY I 4890 -55.65 -15.10 76.22
CA GLY I 4890 -55.45 -16.12 75.19
C GLY I 4890 -54.17 -15.93 74.41
N VAL I 4891 -53.89 -14.70 73.99
CA VAL I 4891 -52.69 -14.44 73.19
C VAL I 4891 -51.44 -14.58 74.05
N ARG I 4892 -51.47 -14.06 75.28
CA ARG I 4892 -50.31 -14.08 76.15
C ARG I 4892 -50.02 -15.46 76.73
N ALA I 4893 -50.98 -16.38 76.68
CA ALA I 4893 -50.75 -17.72 77.21
C ALA I 4893 -49.78 -18.49 76.32
N GLY I 4894 -48.95 -19.32 76.96
CA GLY I 4894 -47.99 -20.10 76.19
C GLY I 4894 -48.64 -21.13 75.29
N GLY I 4895 -49.66 -21.82 75.79
CA GLY I 4895 -50.31 -22.85 75.03
C GLY I 4895 -51.61 -22.41 74.38
N GLY I 4896 -51.80 -21.09 74.26
CA GLY I 4896 -52.99 -20.57 73.66
C GLY I 4896 -54.16 -20.49 74.63
N ILE I 4897 -55.37 -20.44 74.09
CA ILE I 4897 -56.62 -20.34 74.91
C ILE I 4897 -56.85 -21.60 75.72
N GLY I 4898 -56.39 -22.74 75.26
CA GLY I 4898 -56.69 -24.00 75.94
C GLY I 4898 -56.21 -24.00 77.35
N ASP I 4899 -55.08 -23.38 77.59
CA ASP I 4899 -54.48 -23.35 78.95
C ASP I 4899 -55.43 -22.67 79.92
N GLU I 4900 -56.00 -21.53 79.53
CA GLU I 4900 -56.91 -20.74 80.39
C GLU I 4900 -58.29 -21.38 80.59
N ILE I 4901 -58.91 -21.93 79.55
CA ILE I 4901 -60.30 -22.45 79.64
C ILE I 4901 -60.36 -23.83 80.31
N GLU I 4902 -61.55 -24.26 80.73
CA GLU I 4902 -61.74 -25.55 81.45
C GLU I 4902 -61.44 -26.73 80.56
N ASP I 4903 -61.06 -27.87 81.15
CA ASP I 4903 -60.65 -29.06 80.36
C ASP I 4903 -61.82 -29.56 79.53
N PRO I 4904 -61.57 -30.04 78.30
CA PRO I 4904 -62.62 -30.48 77.43
C PRO I 4904 -62.90 -31.97 77.55
N ALA I 4905 -62.41 -32.63 78.60
CA ALA I 4905 -62.49 -34.11 78.65
C ALA I 4905 -63.86 -34.59 79.11
N GLY I 4906 -64.24 -35.80 78.71
CA GLY I 4906 -65.56 -36.31 79.00
C GLY I 4906 -66.69 -35.38 78.61
N ASP I 4907 -66.61 -34.77 77.43
CA ASP I 4907 -67.63 -33.87 76.95
C ASP I 4907 -67.99 -34.22 75.51
N GLU I 4908 -69.20 -33.83 75.10
CA GLU I 4908 -69.70 -34.13 73.74
C GLU I 4908 -68.84 -33.39 72.70
N TYR I 4909 -68.38 -32.19 73.02
CA TYR I 4909 -67.66 -31.36 72.05
C TYR I 4909 -66.15 -31.46 72.27
N GLU I 4910 -65.68 -32.53 72.90
CA GLU I 4910 -64.24 -32.61 73.24
C GLU I 4910 -63.40 -32.53 71.98
N LEU I 4911 -63.76 -33.27 70.94
CA LEU I 4911 -62.88 -33.27 69.75
C LEU I 4911 -62.93 -31.88 69.11
N TYR I 4912 -64.09 -31.27 69.11
CA TYR I 4912 -64.23 -29.94 68.48
C TYR I 4912 -63.37 -28.96 69.27
N ARG I 4913 -63.35 -29.13 70.59
CA ARG I 4913 -62.59 -28.18 71.43
C ARG I 4913 -61.09 -28.44 71.26
N VAL I 4914 -60.66 -29.69 71.09
CA VAL I 4914 -59.22 -29.94 70.81
C VAL I 4914 -58.81 -29.27 69.50
N VAL I 4915 -59.64 -29.32 68.47
CA VAL I 4915 -59.31 -28.63 67.20
C VAL I 4915 -59.24 -27.12 67.46
N PHE I 4916 -60.17 -26.57 68.24
CA PHE I 4916 -60.20 -25.12 68.53
C PHE I 4916 -58.91 -24.74 69.26
N ASP I 4917 -58.51 -25.53 70.24
CA ASP I 4917 -57.30 -25.23 71.05
C ASP I 4917 -56.01 -25.43 70.27
N ILE I 4918 -55.94 -26.42 69.41
CA ILE I 4918 -54.66 -26.73 68.71
C ILE I 4918 -54.50 -25.74 67.58
N THR I 4919 -55.58 -25.42 66.89
CA THR I 4919 -55.56 -24.47 65.77
C THR I 4919 -55.24 -23.06 66.27
N PHE I 4920 -55.67 -22.73 67.48
CA PHE I 4920 -55.46 -21.38 68.00
C PHE I 4920 -54.01 -21.34 68.45
N PHE I 4921 -53.52 -22.48 68.90
CA PHE I 4921 -52.10 -22.49 69.25
C PHE I 4921 -51.21 -22.32 68.04
N PHE I 4922 -51.52 -23.02 66.96
CA PHE I 4922 -50.74 -22.98 65.71
C PHE I 4922 -50.87 -21.62 65.02
N PHE I 4923 -52.08 -21.22 64.72
CA PHE I 4923 -52.29 -19.97 63.95
C PHE I 4923 -51.87 -18.73 64.72
N VAL I 4924 -52.19 -18.65 66.00
CA VAL I 4924 -51.90 -17.39 66.74
C VAL I 4924 -50.56 -17.46 67.45
N ILE I 4925 -50.34 -18.45 68.32
CA ILE I 4925 -49.12 -18.48 69.11
C ILE I 4925 -47.91 -18.80 68.24
N VAL I 4926 -48.05 -19.74 67.31
CA VAL I 4926 -46.91 -20.23 66.54
C VAL I 4926 -46.70 -19.42 65.27
N ILE I 4927 -47.71 -19.36 64.41
CA ILE I 4927 -47.52 -18.77 63.08
C ILE I 4927 -47.47 -17.25 63.15
N LEU I 4928 -48.50 -16.63 63.74
CA LEU I 4928 -48.59 -15.18 63.74
C LEU I 4928 -47.49 -14.51 64.55
N LEU I 4929 -47.04 -15.13 65.65
CA LEU I 4929 -45.92 -14.57 66.39
C LEU I 4929 -44.61 -14.78 65.66
N ALA I 4930 -44.51 -15.84 64.84
CA ALA I 4930 -43.33 -16.02 64.01
C ALA I 4930 -43.25 -14.94 62.93
N ILE I 4931 -44.40 -14.52 62.40
CA ILE I 4931 -44.41 -13.46 61.41
C ILE I 4931 -43.88 -12.16 62.00
N ILE I 4932 -44.31 -11.82 63.22
CA ILE I 4932 -43.83 -10.61 63.87
C ILE I 4932 -42.33 -10.70 64.10
N GLN I 4933 -41.85 -11.84 64.57
CA GLN I 4933 -40.41 -12.02 64.74
C GLN I 4933 -39.71 -12.14 63.40
N GLY I 4934 -40.35 -12.76 62.41
CA GLY I 4934 -39.73 -12.87 61.09
C GLY I 4934 -39.53 -11.53 60.41
N LEU I 4935 -40.48 -10.61 60.60
CA LEU I 4935 -40.35 -9.29 60.02
C LEU I 4935 -39.16 -8.54 60.61
N ILE I 4936 -38.95 -8.66 61.92
CA ILE I 4936 -37.82 -7.99 62.56
C ILE I 4936 -36.51 -8.59 62.09
N ILE I 4937 -36.43 -9.92 62.01
CA ILE I 4937 -35.21 -10.58 61.56
C ILE I 4937 -34.90 -10.24 60.12
N ASP I 4938 -35.92 -10.24 59.26
CA ASP I 4938 -35.72 -9.89 57.85
C ASP I 4938 -35.25 -8.44 57.71
N ALA I 4939 -35.70 -7.56 58.60
CA ALA I 4939 -35.28 -6.17 58.54
C ALA I 4939 -33.78 -6.02 58.82
N PHE I 4940 -33.25 -6.84 59.73
CA PHE I 4940 -31.81 -6.80 60.00
C PHE I 4940 -31.02 -7.16 58.74
N GLY I 4941 -31.46 -8.18 58.02
CA GLY I 4941 -30.78 -8.54 56.78
C GLY I 4941 -30.93 -7.48 55.71
N GLU I 4942 -32.13 -6.91 55.59
CA GLU I 4942 -32.36 -5.90 54.56
C GLU I 4942 -31.51 -4.64 54.81
N LEU I 4943 -31.45 -4.19 56.05
CA LEU I 4943 -30.63 -3.03 56.37
C LEU I 4943 -29.15 -3.32 56.19
N ARG I 4944 -28.73 -4.55 56.53
CA ARG I 4944 -27.31 -4.90 56.43
C ARG I 4944 -26.83 -4.88 54.99
N ASP I 4945 -27.63 -5.43 54.06
CA ASP I 4945 -27.20 -5.48 52.67
C ASP I 4945 -27.19 -4.10 52.03
N GLN I 4946 -28.02 -3.18 52.51
CA GLN I 4946 -27.98 -1.81 52.01
C GLN I 4946 -26.64 -1.17 52.28
N GLN I 4947 -26.09 -1.36 53.49
CA GLN I 4947 -24.76 -0.87 53.79
C GLN I 4947 -23.71 -1.55 52.92
N GLU I 4948 -23.84 -2.87 52.74
CA GLU I 4948 -22.90 -3.59 51.89
C GLU I 4948 -23.01 -3.16 50.44
N GLN I 4949 -24.24 -2.95 49.95
CA GLN I 4949 -24.42 -2.53 48.56
C GLN I 4949 -23.82 -1.15 48.32
N VAL I 4950 -24.03 -0.21 49.25
CA VAL I 4950 -23.45 1.12 49.09
C VAL I 4950 -21.93 1.05 49.12
N LYS I 4951 -21.38 0.28 50.06
CA LYS I 4951 -19.93 0.14 50.14
C LYS I 4951 -19.37 -0.54 48.90
N GLU I 4952 -20.06 -1.57 48.40
CA GLU I 4952 -19.60 -2.28 47.22
C GLU I 4952 -19.61 -1.37 45.99
N ASP I 4953 -20.66 -0.57 45.83
CA ASP I 4953 -20.76 0.29 44.66
C ASP I 4953 -19.66 1.34 44.65
N MET I 4954 -19.35 1.92 45.81
CA MET I 4954 -18.32 2.95 45.87
C MET I 4954 -16.93 2.38 45.55
N GLU I 4955 -16.68 1.13 45.92
CA GLU I 4955 -15.38 0.52 45.69
C GLU I 4955 -15.29 -0.21 44.37
N THR I 4956 -16.36 -0.24 43.57
CA THR I 4956 -16.35 -0.91 42.28
C THR I 4956 -16.66 0.01 41.11
N LYS I 4957 -17.23 1.19 41.36
CA LYS I 4957 -17.55 2.13 40.29
C LYS I 4957 -17.16 3.53 40.74
N CYS I 4958 -16.87 4.38 39.76
CA CYS I 4958 -16.60 5.78 40.05
C CYS I 4958 -17.91 6.52 40.26
N PHE I 4959 -17.94 7.39 41.27
CA PHE I 4959 -19.16 8.12 41.59
C PHE I 4959 -19.52 9.12 40.48
N ILE I 4960 -18.54 9.56 39.70
CA ILE I 4960 -18.78 10.59 38.71
C ILE I 4960 -19.08 9.96 37.35
N CYS I 4961 -18.13 9.22 36.79
CA CYS I 4961 -18.29 8.69 35.45
C CYS I 4961 -19.03 7.36 35.41
N GLY I 4962 -19.03 6.60 36.50
CA GLY I 4962 -19.71 5.33 36.55
C GLY I 4962 -18.95 4.16 35.95
N ILE I 4963 -17.73 4.38 35.47
CA ILE I 4963 -16.93 3.29 34.91
C ILE I 4963 -16.44 2.39 36.05
N GLY I 4964 -16.48 1.08 35.81
CA GLY I 4964 -16.12 0.13 36.85
C GLY I 4964 -14.64 0.13 37.15
N SER I 4965 -14.31 -0.40 38.34
CA SER I 4965 -12.92 -0.47 38.77
C SER I 4965 -12.11 -1.43 37.92
N ASP I 4966 -12.78 -2.39 37.27
CA ASP I 4966 -12.06 -3.38 36.46
C ASP I 4966 -11.32 -2.72 35.31
N TYR I 4967 -11.95 -1.73 34.66
CA TYR I 4967 -11.30 -1.04 33.56
C TYR I 4967 -10.09 -0.25 34.05
N PHE I 4968 -10.22 0.46 35.17
CA PHE I 4968 -9.12 1.29 35.65
C PHE I 4968 -7.97 0.43 36.19
N ASP I 4969 -8.27 -0.77 36.68
CA ASP I 4969 -7.23 -1.61 37.25
C ASP I 4969 -6.30 -2.23 36.22
N THR I 4970 -6.45 -1.89 34.94
CA THR I 4970 -5.47 -2.31 33.94
C THR I 4970 -4.10 -1.76 34.27
N THR I 4971 -4.04 -0.48 34.65
CA THR I 4971 -2.95 0.29 35.22
C THR I 4971 -2.86 0.03 36.71
N PRO I 4972 -1.67 -0.28 37.24
CA PRO I 4972 -1.55 -0.56 38.67
C PRO I 4972 -2.07 0.59 39.52
N HIS I 4973 -2.95 0.26 40.46
CA HIS I 4973 -3.63 1.24 41.31
C HIS I 4973 -4.38 2.29 40.48
N GLY I 4974 -4.93 1.86 39.33
CA GLY I 4974 -5.60 2.80 38.45
C GLY I 4974 -6.87 3.38 39.05
N PHE I 4975 -7.68 2.53 39.68
CA PHE I 4975 -8.93 3.03 40.25
C PHE I 4975 -8.69 3.93 41.44
N GLU I 4976 -7.66 3.62 42.24
CA GLU I 4976 -7.34 4.48 43.38
C GLU I 4976 -6.90 5.87 42.93
N THR I 4977 -6.07 5.94 41.88
CA THR I 4977 -5.66 7.23 41.36
C THR I 4977 -6.80 7.96 40.67
N HIS I 4978 -7.68 7.22 39.99
CA HIS I 4978 -8.80 7.84 39.30
C HIS I 4978 -9.76 8.52 40.26
N THR I 4979 -10.03 7.86 41.39
CA THR I 4979 -10.97 8.40 42.37
C THR I 4979 -10.35 9.44 43.30
N LEU I 4980 -9.02 9.60 43.27
CA LEU I 4980 -8.36 10.59 44.10
C LEU I 4980 -7.78 11.75 43.31
N GLU I 4981 -7.50 11.58 42.03
CA GLU I 4981 -6.92 12.63 41.19
C GLU I 4981 -7.80 13.01 40.01
N GLU I 4982 -8.31 12.04 39.26
CA GLU I 4982 -9.01 12.33 38.03
C GLU I 4982 -10.45 12.76 38.27
N HIS I 4983 -11.26 11.91 38.90
CA HIS I 4983 -12.68 12.19 39.12
C HIS I 4983 -13.02 12.23 40.60
N ASN I 4984 -12.19 12.90 41.39
CA ASN I 4984 -12.48 13.05 42.81
C ASN I 4984 -13.68 13.96 42.99
N LEU I 4985 -14.69 13.48 43.72
CA LEU I 4985 -15.90 14.26 43.91
C LEU I 4985 -15.65 15.49 44.76
N ALA I 4986 -14.66 15.45 45.65
CA ALA I 4986 -14.32 16.61 46.45
C ALA I 4986 -13.77 17.75 45.60
N ASN I 4987 -13.03 17.44 44.54
CA ASN I 4987 -12.51 18.48 43.66
C ASN I 4987 -13.62 19.21 42.92
N TYR I 4988 -14.68 18.51 42.53
CA TYR I 4988 -15.83 19.16 41.92
C TYR I 4988 -16.51 20.11 42.89
N MET I 4989 -16.57 19.76 44.17
CA MET I 4989 -17.04 20.68 45.20
C MET I 4989 -16.15 21.92 45.26
N PHE I 4990 -14.83 21.72 45.23
CA PHE I 4990 -13.89 22.83 45.29
C PHE I 4990 -13.94 23.67 44.03
N PHE I 4991 -14.15 23.05 42.87
CA PHE I 4991 -14.21 23.81 41.63
C PHE I 4991 -15.40 24.75 41.60
N LEU I 4992 -16.54 24.31 42.13
CA LEU I 4992 -17.70 25.18 42.22
C LEU I 4992 -17.42 26.38 43.12
N MET I 4993 -16.78 26.13 44.27
CA MET I 4993 -16.39 27.23 45.15
C MET I 4993 -15.35 28.12 44.50
N TYR I 4994 -14.46 27.54 43.69
CA TYR I 4994 -13.46 28.32 42.99
C TYR I 4994 -14.10 29.28 41.98
N LEU I 4995 -15.12 28.81 41.25
CA LEU I 4995 -15.78 29.65 40.27
C LEU I 4995 -16.53 30.80 40.93
N ILE I 4996 -17.19 30.52 42.07
CA ILE I 4996 -17.97 31.56 42.75
C ILE I 4996 -17.07 32.69 43.21
N ASN I 4997 -15.93 32.35 43.82
CA ASN I 4997 -15.03 33.37 44.32
C ASN I 4997 -14.33 34.11 43.20
N LYS I 4998 -13.96 33.42 42.13
CA LYS I 4998 -13.22 34.04 41.05
C LYS I 4998 -14.09 35.01 40.26
N ASP I 4999 -13.48 36.11 39.84
CA ASP I 4999 -14.18 37.09 39.03
C ASP I 4999 -14.52 36.50 37.67
N GLU I 5000 -15.69 36.87 37.14
CA GLU I 5000 -16.12 36.35 35.86
C GLU I 5000 -15.20 36.81 34.73
N THR I 5001 -14.73 38.05 34.80
CA THR I 5001 -13.82 38.55 33.78
C THR I 5001 -12.49 37.80 33.77
N GLU I 5002 -12.12 37.16 34.88
CA GLU I 5002 -10.89 36.38 34.96
C GLU I 5002 -11.10 34.91 34.63
N HIS I 5003 -12.33 34.48 34.38
CA HIS I 5003 -12.58 33.10 34.05
C HIS I 5003 -11.93 32.75 32.71
N THR I 5004 -11.35 31.55 32.64
CA THR I 5004 -10.78 31.06 31.40
C THR I 5004 -11.91 30.52 30.51
N GLY I 5005 -11.53 30.02 29.33
CA GLY I 5005 -12.53 29.46 28.44
C GLY I 5005 -13.21 28.24 29.02
N GLN I 5006 -12.44 27.36 29.66
CA GLN I 5006 -13.03 26.18 30.29
C GLN I 5006 -13.86 26.56 31.50
N GLU I 5007 -13.36 27.50 32.31
CA GLU I 5007 -14.11 27.92 33.50
C GLU I 5007 -15.42 28.61 33.12
N SER I 5008 -15.39 29.45 32.08
CA SER I 5008 -16.62 30.11 31.65
C SER I 5008 -17.64 29.11 31.13
N TYR I 5009 -17.16 28.07 30.44
CA TYR I 5009 -18.06 27.05 29.92
C TYR I 5009 -18.80 26.33 31.03
N VAL I 5010 -18.08 25.95 32.09
CA VAL I 5010 -18.71 25.28 33.22
C VAL I 5010 -19.59 26.25 34.00
N TRP I 5011 -19.12 27.48 34.20
CA TRP I 5011 -19.88 28.46 34.97
C TRP I 5011 -21.19 28.79 34.28
N LYS I 5012 -21.19 28.90 32.95
CA LYS I 5012 -22.41 29.18 32.22
C LYS I 5012 -23.43 28.06 32.39
N MET I 5013 -22.97 26.81 32.34
CA MET I 5013 -23.87 25.67 32.49
C MET I 5013 -24.34 25.48 33.92
N TYR I 5014 -23.57 25.94 34.91
CA TYR I 5014 -24.06 25.92 36.29
C TYR I 5014 -25.27 26.84 36.44
N GLN I 5015 -25.22 28.02 35.82
CA GLN I 5015 -26.33 28.96 35.91
C GLN I 5015 -27.53 28.49 35.11
N GLU I 5016 -27.31 27.70 34.06
CA GLU I 5016 -28.39 27.17 33.24
C GLU I 5016 -28.87 25.80 33.72
N ARG I 5017 -28.31 25.29 34.83
CA ARG I 5017 -28.71 24.02 35.41
C ARG I 5017 -28.56 22.87 34.41
N CYS I 5018 -27.48 22.92 33.62
CA CYS I 5018 -27.15 21.87 32.67
C CYS I 5018 -25.92 21.13 33.16
N TRP I 5019 -26.07 19.83 33.40
CA TRP I 5019 -25.00 19.01 33.96
C TRP I 5019 -24.32 18.13 32.93
N ASP I 5020 -24.23 18.61 31.68
CA ASP I 5020 -23.57 17.85 30.63
C ASP I 5020 -22.04 17.90 30.73
N PHE I 5021 -21.49 18.82 31.51
CA PHE I 5021 -20.04 18.88 31.67
C PHE I 5021 -19.50 17.77 32.55
N PHE I 5022 -20.34 17.18 33.40
CA PHE I 5022 -19.90 16.04 34.18
C PHE I 5022 -19.63 14.85 33.26
N PRO I 5023 -18.46 14.24 33.33
CA PRO I 5023 -18.20 13.07 32.47
C PRO I 5023 -19.06 11.89 32.88
N ALA I 5024 -19.77 11.34 31.90
CA ALA I 5024 -20.67 10.20 32.12
C ALA I 5024 -20.28 9.09 31.15
N GLY I 5025 -19.71 8.01 31.68
CA GLY I 5025 -19.29 6.90 30.85
C GLY I 5025 -18.02 7.12 30.08
N ASP I 5026 -17.32 8.23 30.32
CA ASP I 5026 -16.08 8.52 29.62
C ASP I 5026 -15.12 9.23 30.56
N CYS I 5027 -13.83 9.13 30.26
CA CYS I 5027 -12.80 9.75 31.08
C CYS I 5027 -11.61 10.10 30.20
N PHE I 5028 -10.69 10.87 30.78
CA PHE I 5028 -9.49 11.27 30.04
C PHE I 5028 -8.66 10.05 29.64
N ARG I 5029 -8.53 9.08 30.54
CA ARG I 5029 -7.75 7.89 30.23
C ARG I 5029 -8.35 7.10 29.08
N LYS I 5030 -9.68 6.96 29.06
CA LYS I 5030 -10.33 6.20 28.02
C LYS I 5030 -10.28 6.91 26.67
N GLN I 5031 -10.35 8.24 26.67
CA GLN I 5031 -10.36 8.98 25.40
C GLN I 5031 -9.02 8.89 24.69
N TYR I 5032 -7.93 8.84 25.44
CA TYR I 5032 -6.58 8.81 24.88
C TYR I 5032 -5.87 7.49 25.18
N GLU I 5033 -6.60 6.37 25.05
CA GLU I 5033 -6.01 5.07 25.32
C GLU I 5033 -4.83 4.79 24.40
N ASP I 5034 -4.98 5.10 23.11
CA ASP I 5034 -3.89 4.86 22.16
C ASP I 5034 -2.68 5.72 22.47
N GLN I 5035 -2.91 7.02 22.75
CA GLN I 5035 -1.79 7.92 22.97
C GLN I 5035 -1.11 7.68 24.32
N LEU I 5036 -1.91 7.51 25.38
CA LEU I 5036 -1.33 7.32 26.70
C LEU I 5036 -0.57 6.00 26.80
N SER I 5037 -1.13 4.94 26.22
CA SER I 5037 -0.48 3.63 26.27
C SER I 5037 0.39 3.41 25.02
N GLY J 1 121.27 19.06 29.80
CA GLY J 1 120.40 20.24 29.75
C GLY J 1 119.91 20.62 31.12
N VAL J 2 120.71 20.42 32.16
CA VAL J 2 120.32 20.88 33.51
C VAL J 2 121.28 21.96 33.97
N GLN J 3 120.76 23.11 34.39
CA GLN J 3 121.61 24.18 34.96
C GLN J 3 121.23 24.29 36.43
N VAL J 4 122.20 24.20 37.34
CA VAL J 4 121.89 24.23 38.78
C VAL J 4 122.36 25.56 39.36
N GLU J 5 121.41 26.41 39.76
CA GLU J 5 121.73 27.72 40.37
C GLU J 5 121.39 27.63 41.85
N THR J 6 122.34 27.89 42.72
CA THR J 6 122.18 27.75 44.16
C THR J 6 121.31 28.87 44.72
N ILE J 7 120.47 28.50 45.69
CA ILE J 7 119.63 29.45 46.41
C ILE J 7 120.10 29.61 47.85
N SER J 8 120.31 28.49 48.55
CA SER J 8 120.89 28.50 49.89
C SER J 8 121.93 27.41 49.99
N PRO J 9 123.11 27.71 50.52
CA PRO J 9 124.19 26.71 50.55
C PRO J 9 123.88 25.55 51.50
N GLY J 10 124.39 24.39 51.14
CA GLY J 10 124.31 23.22 51.98
C GLY J 10 125.60 22.99 52.75
N ASP J 11 125.82 21.75 53.15
CA ASP J 11 127.06 21.39 53.82
C ASP J 11 128.26 21.47 52.88
N GLY J 12 128.07 21.15 51.60
CA GLY J 12 129.14 21.21 50.63
C GLY J 12 130.10 20.04 50.66
N ARG J 13 129.84 19.01 51.45
CA ARG J 13 130.73 17.86 51.55
C ARG J 13 130.07 16.57 51.11
N THR J 14 128.85 16.30 51.56
CA THR J 14 128.14 15.07 51.25
C THR J 14 127.28 15.28 50.00
N PHE J 15 127.44 14.41 49.02
CA PHE J 15 126.68 14.43 47.79
C PHE J 15 126.04 13.07 47.55
N PRO J 16 124.88 13.04 46.90
CA PRO J 16 124.21 11.75 46.65
C PRO J 16 124.95 10.97 45.57
N LYS J 17 125.13 9.68 45.82
CA LYS J 17 125.73 8.77 44.84
C LYS J 17 124.68 7.76 44.37
N ARG J 18 125.09 6.92 43.43
CA ARG J 18 124.18 5.94 42.84
C ARG J 18 123.73 4.94 43.89
N GLY J 19 122.45 4.59 43.86
CA GLY J 19 121.89 3.63 44.79
C GLY J 19 121.50 4.19 46.13
N GLN J 20 121.50 5.51 46.32
CA GLN J 20 121.17 6.13 47.58
C GLN J 20 119.88 6.93 47.44
N THR J 21 118.96 6.73 48.38
CA THR J 21 117.66 7.38 48.33
C THR J 21 117.81 8.86 48.68
N CYS J 22 117.20 9.72 47.86
CA CYS J 22 117.25 11.16 48.06
C CYS J 22 115.87 11.65 48.50
N VAL J 23 115.84 12.40 49.59
CA VAL J 23 114.61 12.99 50.11
C VAL J 23 114.65 14.47 49.82
N VAL J 24 113.73 14.95 48.98
CA VAL J 24 113.74 16.33 48.51
C VAL J 24 112.36 16.94 48.67
N HIS J 25 112.34 18.26 48.81
CA HIS J 25 111.13 19.07 48.70
C HIS J 25 111.28 19.98 47.49
N TYR J 26 110.31 19.93 46.58
CA TYR J 26 110.45 20.61 45.31
C TYR J 26 109.18 21.39 44.98
N THR J 27 109.35 22.41 44.15
CA THR J 27 108.25 23.16 43.57
C THR J 27 108.59 23.42 42.11
N GLY J 28 107.81 22.84 41.21
CA GLY J 28 108.10 22.89 39.79
C GLY J 28 107.18 23.87 39.06
N MET J 29 107.78 24.74 38.27
CA MET J 29 107.05 25.69 37.45
C MET J 29 107.57 25.64 36.02
N LEU J 30 106.68 25.94 35.08
CA LEU J 30 107.10 26.16 33.70
C LEU J 30 107.95 27.42 33.63
N GLU J 31 108.84 27.47 32.64
CA GLU J 31 109.83 28.55 32.59
C GLU J 31 109.19 29.92 32.36
N ASP J 32 107.92 29.97 31.95
CA ASP J 32 107.23 31.25 31.85
C ASP J 32 106.71 31.75 33.19
N GLY J 33 106.71 30.91 34.23
CA GLY J 33 106.28 31.30 35.55
C GLY J 33 105.04 30.62 36.08
N LYS J 34 104.54 29.58 35.40
CA LYS J 34 103.32 28.91 35.82
C LYS J 34 103.68 27.64 36.59
N LYS J 35 103.25 27.57 37.85
CA LYS J 35 103.52 26.40 38.66
C LYS J 35 102.61 25.25 38.26
N PHE J 36 103.16 24.03 38.28
CA PHE J 36 102.38 22.84 37.96
C PHE J 36 102.50 21.73 39.00
N ASP J 37 103.55 21.72 39.81
CA ASP J 37 103.71 20.68 40.82
C ASP J 37 104.52 21.23 41.99
N SER J 38 104.23 20.70 43.17
CA SER J 38 104.94 21.10 44.38
C SER J 38 104.70 20.06 45.46
N SER J 39 105.78 19.55 46.04
CA SER J 39 105.65 18.63 47.18
C SER J 39 105.28 19.36 48.47
N ARG J 40 105.45 20.68 48.51
CA ARG J 40 105.05 21.45 49.68
C ARG J 40 103.54 21.41 49.89
N ASP J 41 102.76 21.47 48.82
CA ASP J 41 101.31 21.46 48.95
C ASP J 41 100.82 20.16 49.57
N ARG J 42 101.37 19.03 49.14
CA ARG J 42 101.03 17.74 49.73
C ARG J 42 101.63 17.54 51.11
N ASN J 43 102.55 18.41 51.52
CA ASN J 43 103.16 18.37 52.85
C ASN J 43 103.86 17.04 53.12
N LYS J 44 104.40 16.42 52.06
CA LYS J 44 105.10 15.16 52.18
C LYS J 44 106.34 15.21 51.29
N PRO J 45 107.53 15.00 51.83
CA PRO J 45 108.74 15.04 51.00
C PRO J 45 108.74 13.93 49.97
N PHE J 46 109.36 14.21 48.83
CA PHE J 46 109.45 13.25 47.73
C PHE J 46 110.75 12.47 47.84
N LYS J 47 110.64 11.14 47.75
CA LYS J 47 111.79 10.24 47.89
C LYS J 47 112.02 9.51 46.57
N PHE J 48 113.29 9.44 46.17
CA PHE J 48 113.66 8.70 44.97
C PHE J 48 115.11 8.26 45.09
N MET J 49 115.47 7.22 44.34
CA MET J 49 116.81 6.66 44.35
C MET J 49 117.51 6.96 43.03
N LEU J 50 118.72 7.50 43.11
CA LEU J 50 119.48 7.83 41.92
C LEU J 50 119.90 6.57 41.17
N GLY J 51 119.87 6.65 39.84
CA GLY J 51 120.34 5.57 38.99
C GLY J 51 119.25 4.61 38.57
N LYS J 52 118.07 4.69 39.16
CA LYS J 52 116.97 3.78 38.85
C LYS J 52 116.01 4.36 37.80
N GLN J 53 116.31 5.57 37.31
CA GLN J 53 115.47 6.25 36.32
C GLN J 53 114.03 6.41 36.81
N GLU J 54 113.86 6.59 38.13
CA GLU J 54 112.52 6.81 38.67
C GLU J 54 111.98 8.17 38.25
N VAL J 55 112.85 9.17 38.14
CA VAL J 55 112.45 10.52 37.78
C VAL J 55 113.04 10.86 36.42
N ILE J 56 112.69 12.05 35.92
CA ILE J 56 113.23 12.51 34.65
C ILE J 56 114.75 12.64 34.76
N ARG J 57 115.43 12.50 33.61
CA ARG J 57 116.89 12.50 33.63
C ARG J 57 117.45 13.85 34.05
N GLY J 58 116.67 14.92 33.89
CA GLY J 58 117.12 16.22 34.36
C GLY J 58 117.35 16.25 35.86
N TRP J 59 116.50 15.55 36.61
CA TRP J 59 116.68 15.45 38.06
C TRP J 59 117.87 14.57 38.43
N GLU J 60 118.27 13.65 37.55
CA GLU J 60 119.38 12.75 37.87
C GLU J 60 120.68 13.54 38.07
N GLU J 61 121.02 14.39 37.11
CA GLU J 61 122.24 15.18 37.23
C GLU J 61 122.05 16.35 38.19
N GLY J 62 120.86 16.96 38.20
CA GLY J 62 120.65 18.15 39.01
C GLY J 62 120.79 17.89 40.50
N VAL J 63 120.14 16.82 40.99
CA VAL J 63 120.24 16.48 42.40
C VAL J 63 121.63 15.96 42.75
N ALA J 64 122.29 15.26 41.83
CA ALA J 64 123.61 14.72 42.10
C ALA J 64 124.63 15.83 42.36
N GLN J 65 124.45 17.00 41.74
CA GLN J 65 125.34 18.12 41.97
C GLN J 65 125.06 18.86 43.27
N MET J 66 123.92 18.60 43.91
CA MET J 66 123.56 19.29 45.13
C MET J 66 124.09 18.54 46.35
N SER J 67 124.20 19.27 47.46
CA SER J 67 124.61 18.71 48.73
C SER J 67 123.43 18.66 49.69
N VAL J 68 123.60 17.92 50.79
CA VAL J 68 122.53 17.76 51.76
C VAL J 68 122.26 19.10 52.43
N GLY J 69 120.99 19.50 52.48
CA GLY J 69 120.60 20.77 53.03
C GLY J 69 120.64 21.92 52.05
N GLN J 70 121.17 21.70 50.85
CA GLN J 70 121.24 22.77 49.85
C GLN J 70 119.91 22.94 49.15
N ARG J 71 119.53 24.19 48.93
CA ARG J 71 118.35 24.54 48.13
C ARG J 71 118.85 25.19 46.85
N ALA J 72 118.45 24.63 45.71
CA ALA J 72 118.96 25.07 44.42
C ALA J 72 117.81 25.16 43.43
N LYS J 73 118.06 25.89 42.33
CA LYS J 73 117.10 26.07 41.27
C LYS J 73 117.59 25.33 40.03
N LEU J 74 116.86 24.31 39.60
CA LEU J 74 117.29 23.48 38.46
C LEU J 74 116.47 23.88 37.24
N THR J 75 117.14 24.28 36.15
CA THR J 75 116.42 24.59 34.89
C THR J 75 116.69 23.43 33.95
N ILE J 76 115.63 22.71 33.56
CA ILE J 76 115.81 21.49 32.74
C ILE J 76 115.29 21.75 31.33
N SER J 77 116.12 21.49 30.33
CA SER J 77 115.75 21.67 28.91
C SER J 77 114.72 20.61 28.54
N PRO J 78 113.90 20.80 27.49
CA PRO J 78 112.85 19.84 27.19
C PRO J 78 113.40 18.43 26.95
N ASP J 79 114.59 18.31 26.35
CA ASP J 79 115.23 17.01 26.08
C ASP J 79 115.49 16.24 27.36
N TYR J 80 115.83 16.93 28.44
CA TYR J 80 116.19 16.25 29.71
C TYR J 80 114.94 16.05 30.56
N ALA J 81 113.78 16.39 30.04
CA ALA J 81 112.51 16.14 30.76
C ALA J 81 111.60 15.27 29.90
N TYR J 82 110.35 15.66 29.71
CA TYR J 82 109.36 14.95 28.92
C TYR J 82 109.47 15.26 27.42
N GLY J 83 109.87 16.48 27.06
CA GLY J 83 110.24 16.74 25.68
C GLY J 83 109.06 16.85 24.75
N ALA J 84 109.20 16.26 23.56
CA ALA J 84 108.21 16.43 22.50
C ALA J 84 106.85 15.85 22.91
N THR J 85 106.84 14.67 23.53
CA THR J 85 105.57 14.08 23.95
C THR J 85 104.94 14.90 25.07
N GLY J 86 105.75 15.37 26.02
CA GLY J 86 105.23 16.13 27.14
C GLY J 86 104.43 15.27 28.09
N HIS J 87 103.83 15.95 29.07
CA HIS J 87 102.93 15.29 30.02
C HIS J 87 101.50 15.71 29.69
N PRO J 88 100.66 14.82 29.19
CA PRO J 88 99.33 15.23 28.72
C PRO J 88 98.49 15.82 29.84
N GLY J 89 98.04 17.05 29.64
CA GLY J 89 97.21 17.74 30.59
C GLY J 89 97.96 18.51 31.67
N ILE J 90 99.28 18.37 31.74
CA ILE J 90 100.07 19.05 32.76
C ILE J 90 101.11 19.94 32.09
N ILE J 91 101.99 19.33 31.31
CA ILE J 91 103.14 20.01 30.73
C ILE J 91 102.98 20.05 29.21
N PRO J 92 102.99 21.22 28.60
CA PRO J 92 102.90 21.29 27.13
C PRO J 92 104.14 20.73 26.48
N PRO J 93 104.04 20.31 25.21
CA PRO J 93 105.23 19.81 24.52
C PRO J 93 106.31 20.87 24.37
N HIS J 94 107.56 20.40 24.39
CA HIS J 94 108.73 21.27 24.22
C HIS J 94 108.75 22.39 25.26
N ALA J 95 108.56 22.01 26.52
CA ALA J 95 108.51 22.96 27.62
C ALA J 95 109.75 22.82 28.48
N THR J 96 110.39 23.96 28.78
CA THR J 96 111.51 23.99 29.71
C THR J 96 110.98 24.07 31.14
N LEU J 97 111.47 23.18 31.99
CA LEU J 97 110.98 23.04 33.35
C LEU J 97 111.97 23.67 34.34
N VAL J 98 111.43 24.44 35.27
CA VAL J 98 112.22 25.08 36.33
C VAL J 98 111.76 24.52 37.67
N PHE J 99 112.71 24.02 38.45
CA PHE J 99 112.44 23.40 39.73
C PHE J 99 113.19 24.09 40.85
N ASP J 100 112.51 24.30 41.97
CA ASP J 100 113.13 24.78 43.20
C ASP J 100 113.21 23.59 44.15
N VAL J 101 114.40 22.98 44.24
CA VAL J 101 114.59 21.72 44.93
C VAL J 101 115.47 21.93 46.14
N GLU J 102 115.05 21.41 47.28
CA GLU J 102 115.84 21.40 48.51
C GLU J 102 116.12 19.95 48.89
N LEU J 103 117.39 19.61 49.05
CA LEU J 103 117.80 18.26 49.39
C LEU J 103 117.77 18.12 50.90
N LEU J 104 116.69 17.54 51.43
CA LEU J 104 116.52 17.48 52.88
C LEU J 104 117.54 16.54 53.52
N LYS J 105 117.68 15.33 53.01
CA LYS J 105 118.58 14.34 53.58
C LYS J 105 118.75 13.20 52.60
N LEU J 106 119.66 12.29 52.94
CA LEU J 106 119.92 11.09 52.15
C LEU J 106 119.70 9.86 53.01
N GLU J 107 119.08 8.84 52.42
CA GLU J 107 118.82 7.59 53.13
C GLU J 107 118.81 6.41 52.17
N GLY K 1 -5.32 125.44 -13.51
CA GLY K 1 -6.38 124.66 -14.18
C GLY K 1 -7.63 124.60 -13.33
N VAL K 2 -7.95 125.66 -12.61
CA VAL K 2 -9.23 125.70 -11.86
C VAL K 2 -10.10 126.81 -12.42
N GLN K 3 -11.34 126.50 -12.79
CA GLN K 3 -12.30 127.53 -13.25
C GLN K 3 -13.39 127.60 -12.18
N VAL K 4 -13.66 128.79 -11.65
CA VAL K 4 -14.66 128.92 -10.56
C VAL K 4 -15.91 129.59 -11.12
N GLU K 5 -17.01 128.85 -11.21
CA GLU K 5 -18.30 129.39 -11.71
C GLU K 5 -19.23 129.50 -10.51
N THR K 6 -19.75 130.68 -10.23
CA THR K 6 -20.58 130.94 -9.06
C THR K 6 -21.97 130.34 -9.24
N ILE K 7 -22.49 129.79 -8.14
CA ILE K 7 -23.84 129.25 -8.09
C ILE K 7 -24.76 130.13 -7.23
N SER K 8 -24.32 130.48 -6.04
CA SER K 8 -25.02 131.42 -5.19
C SER K 8 -24.02 132.39 -4.57
N PRO K 9 -24.31 133.69 -4.61
CA PRO K 9 -23.33 134.68 -4.12
C PRO K 9 -23.14 134.59 -2.62
N GLY K 10 -21.93 134.92 -2.19
CA GLY K 10 -21.60 135.04 -0.79
C GLY K 10 -21.62 136.48 -0.33
N ASP K 11 -20.88 136.74 0.75
CA ASP K 11 -20.76 138.11 1.23
C ASP K 11 -19.95 138.99 0.28
N GLY K 12 -18.95 138.41 -0.39
CA GLY K 12 -18.15 139.15 -1.33
C GLY K 12 -17.07 140.03 -0.72
N ARG K 13 -16.86 139.95 0.59
CA ARG K 13 -15.86 140.77 1.26
C ARG K 13 -14.77 139.94 1.92
N THR K 14 -15.14 138.90 2.65
CA THR K 14 -14.18 138.07 3.37
C THR K 14 -13.76 136.89 2.49
N PHE K 15 -12.46 136.72 2.34
CA PHE K 15 -11.88 135.62 1.57
C PHE K 15 -10.86 134.88 2.42
N PRO K 16 -10.70 133.58 2.19
CA PRO K 16 -9.73 132.80 2.99
C PRO K 16 -8.30 133.15 2.59
N LYS K 17 -7.46 133.34 3.60
CA LYS K 17 -6.04 133.57 3.38
C LYS K 17 -5.23 132.38 3.90
N ARG K 18 -3.92 132.46 3.71
CA ARG K 18 -3.04 131.37 4.10
C ARG K 18 -3.05 131.20 5.62
N GLY K 19 -3.07 129.94 6.05
CA GLY K 19 -3.06 129.63 7.47
C GLY K 19 -4.40 129.69 8.16
N GLN K 20 -5.49 129.80 7.41
CA GLN K 20 -6.83 129.89 7.97
C GLN K 20 -7.63 128.66 7.57
N THR K 21 -8.29 128.03 8.56
CA THR K 21 -9.04 126.82 8.33
C THR K 21 -10.32 127.14 7.57
N CYS K 22 -10.60 126.37 6.52
CA CYS K 22 -11.79 126.54 5.70
C CYS K 22 -12.74 125.38 5.94
N VAL K 23 -14.00 125.70 6.24
CA VAL K 23 -15.05 124.71 6.46
C VAL K 23 -15.96 124.74 5.25
N VAL K 24 -16.00 123.64 4.50
CA VAL K 24 -16.72 123.58 3.24
C VAL K 24 -17.60 122.34 3.21
N HIS K 25 -18.68 122.42 2.45
CA HIS K 25 -19.50 121.28 2.06
C HIS K 25 -19.38 121.12 0.55
N TYR K 26 -18.99 119.93 0.10
CA TYR K 26 -18.68 119.71 -1.31
C TYR K 26 -19.35 118.44 -1.81
N THR K 27 -19.55 118.42 -3.13
CA THR K 27 -20.01 117.23 -3.84
C THR K 27 -19.21 117.14 -5.13
N GLY K 28 -18.39 116.11 -5.26
CA GLY K 28 -17.47 115.96 -6.38
C GLY K 28 -17.96 114.93 -7.37
N MET K 29 -17.98 115.32 -8.64
CA MET K 29 -18.35 114.43 -9.73
C MET K 29 -17.29 114.49 -10.83
N LEU K 30 -17.13 113.39 -11.54
CA LEU K 30 -16.33 113.41 -12.76
C LEU K 30 -17.04 114.26 -13.81
N GLU K 31 -16.24 114.82 -14.72
CA GLU K 31 -16.80 115.79 -15.66
C GLU K 31 -17.82 115.19 -16.61
N ASP K 32 -17.89 113.87 -16.72
CA ASP K 32 -18.94 113.23 -17.52
C ASP K 32 -20.27 113.16 -16.78
N GLY K 33 -20.29 113.41 -15.47
CA GLY K 33 -21.51 113.42 -14.69
C GLY K 33 -21.62 112.35 -13.62
N LYS K 34 -20.54 111.62 -13.33
CA LYS K 34 -20.58 110.55 -12.35
C LYS K 34 -20.03 111.05 -11.02
N LYS K 35 -20.87 111.01 -9.98
CA LYS K 35 -20.44 111.45 -8.66
C LYS K 35 -19.54 110.39 -8.02
N PHE K 36 -18.51 110.86 -7.30
CA PHE K 36 -17.61 109.98 -6.59
C PHE K 36 -17.40 110.33 -5.12
N ASP K 37 -17.67 111.58 -4.72
CA ASP K 37 -17.49 111.97 -3.33
C ASP K 37 -18.44 113.10 -3.01
N SER K 38 -18.85 113.16 -1.74
CA SER K 38 -19.73 114.21 -1.27
C SER K 38 -19.70 114.24 0.25
N SER K 39 -19.42 115.42 0.82
CA SER K 39 -19.48 115.58 2.26
C SER K 39 -20.91 115.63 2.78
N ARG K 40 -21.89 115.88 1.89
CA ARG K 40 -23.28 115.88 2.31
C ARG K 40 -23.74 114.50 2.78
N ASP K 41 -23.29 113.43 2.11
CA ASP K 41 -23.70 112.09 2.48
C ASP K 41 -23.23 111.73 3.88
N ARG K 42 -21.99 112.09 4.21
CA ARG K 42 -21.47 111.87 5.56
C ARG K 42 -22.05 112.83 6.58
N ASN K 43 -22.75 113.88 6.13
CA ASN K 43 -23.40 114.85 7.01
C ASN K 43 -22.42 115.52 7.95
N LYS K 44 -21.18 115.71 7.50
CA LYS K 44 -20.14 116.34 8.30
C LYS K 44 -19.34 117.26 7.38
N PRO K 45 -19.25 118.56 7.69
CA PRO K 45 -18.48 119.47 6.84
C PRO K 45 -17.00 119.11 6.83
N PHE K 46 -16.35 119.39 5.70
CA PHE K 46 -14.94 119.10 5.53
C PHE K 46 -14.11 120.33 5.90
N LYS K 47 -13.10 120.14 6.73
CA LYS K 47 -12.26 121.23 7.20
C LYS K 47 -10.83 121.03 6.69
N PHE K 48 -10.23 122.12 6.21
CA PHE K 48 -8.84 122.08 5.77
C PHE K 48 -8.26 123.49 5.88
N MET K 49 -6.93 123.56 5.96
CA MET K 49 -6.21 124.81 6.10
C MET K 49 -5.45 125.10 4.81
N LEU K 50 -5.62 126.32 4.29
CA LEU K 50 -4.95 126.70 3.05
C LEU K 50 -3.45 126.83 3.28
N GLY K 51 -2.67 126.42 2.27
CA GLY K 51 -1.24 126.56 2.27
C GLY K 51 -0.50 125.35 2.81
N LYS K 52 -1.20 124.39 3.41
CA LYS K 52 -0.59 123.20 3.99
C LYS K 52 -0.59 122.02 3.03
N GLN K 53 -1.10 122.22 1.82
CA GLN K 53 -1.20 121.17 0.81
C GLN K 53 -1.95 119.94 1.32
N GLU K 54 -2.95 120.16 2.18
CA GLU K 54 -3.76 119.05 2.68
C GLU K 54 -4.64 118.48 1.58
N VAL K 55 -5.11 119.33 0.67
CA VAL K 55 -5.98 118.92 -0.41
C VAL K 55 -5.25 119.09 -1.74
N ILE K 56 -5.92 118.68 -2.82
CA ILE K 56 -5.33 118.85 -4.15
C ILE K 56 -5.15 120.33 -4.44
N ARG K 57 -4.17 120.65 -5.30
CA ARG K 57 -3.84 122.04 -5.56
C ARG K 57 -4.98 122.77 -6.26
N GLY K 58 -5.86 122.03 -6.94
CA GLY K 58 -7.03 122.66 -7.55
C GLY K 58 -7.93 123.33 -6.53
N TRP K 59 -8.08 122.70 -5.36
CA TRP K 59 -8.86 123.29 -4.28
C TRP K 59 -8.16 124.48 -3.64
N GLU K 60 -6.84 124.56 -3.75
CA GLU K 60 -6.11 125.68 -3.13
C GLU K 60 -6.52 127.00 -3.75
N GLU K 61 -6.48 127.10 -5.08
CA GLU K 61 -6.87 128.33 -5.73
C GLU K 61 -8.39 128.49 -5.78
N GLY K 62 -9.11 127.39 -5.96
CA GLY K 62 -10.56 127.50 -6.13
C GLY K 62 -11.26 128.05 -4.90
N VAL K 63 -10.91 127.52 -3.72
CA VAL K 63 -11.52 128.01 -2.49
C VAL K 63 -11.03 129.41 -2.15
N ALA K 64 -9.77 129.73 -2.48
CA ALA K 64 -9.25 131.06 -2.17
C ALA K 64 -10.00 132.15 -2.90
N GLN K 65 -10.53 131.85 -4.09
CA GLN K 65 -11.30 132.84 -4.84
C GLN K 65 -12.74 132.98 -4.34
N MET K 66 -13.21 132.07 -3.50
CA MET K 66 -14.57 132.11 -3.00
C MET K 66 -14.65 132.94 -1.72
N SER K 67 -15.85 133.41 -1.42
CA SER K 67 -16.13 134.14 -0.20
C SER K 67 -16.97 133.29 0.74
N VAL K 68 -17.07 133.75 1.99
CA VAL K 68 -17.81 133.00 3.00
C VAL K 68 -19.29 133.00 2.66
N GLY K 69 -19.90 131.82 2.67
CA GLY K 69 -21.28 131.67 2.29
C GLY K 69 -21.52 131.49 0.80
N GLN K 70 -20.49 131.63 -0.02
CA GLN K 70 -20.65 131.46 -1.46
C GLN K 70 -20.64 129.99 -1.83
N ARG K 71 -21.52 129.62 -2.76
CA ARG K 71 -21.55 128.29 -3.34
C ARG K 71 -21.11 128.41 -4.79
N ALA K 72 -20.08 127.67 -5.18
CA ALA K 72 -19.48 127.80 -6.49
C ALA K 72 -19.19 126.42 -7.07
N LYS K 73 -19.00 126.38 -8.38
CA LYS K 73 -18.69 125.16 -9.10
C LYS K 73 -17.25 125.24 -9.59
N LEU K 74 -16.39 124.35 -9.08
CA LEU K 74 -14.96 124.37 -9.44
C LEU K 74 -14.68 123.27 -10.44
N THR K 75 -14.14 123.60 -11.61
CA THR K 75 -13.76 122.57 -12.59
C THR K 75 -12.24 122.49 -12.56
N ILE K 76 -11.70 121.34 -12.17
CA ILE K 76 -10.24 121.21 -11.99
C ILE K 76 -9.68 120.31 -13.08
N SER K 77 -8.67 120.80 -13.78
CA SER K 77 -7.99 120.03 -14.86
C SER K 77 -7.20 118.89 -14.23
N PRO K 78 -6.89 117.81 -14.96
CA PRO K 78 -6.22 116.67 -14.35
C PRO K 78 -4.90 117.07 -13.69
N ASP K 79 -4.17 118.01 -14.27
CA ASP K 79 -2.86 118.47 -13.72
C ASP K 79 -3.04 119.06 -12.32
N TYR K 80 -4.15 119.74 -12.07
CA TYR K 80 -4.34 120.42 -10.76
C TYR K 80 -5.02 119.46 -9.77
N ALA K 81 -5.22 118.21 -10.17
CA ALA K 81 -5.78 117.20 -9.26
C ALA K 81 -4.79 116.04 -9.11
N TYR K 82 -5.27 114.81 -9.28
CA TYR K 82 -4.46 113.59 -9.20
C TYR K 82 -3.73 113.28 -10.50
N GLY K 83 -4.32 113.62 -11.65
CA GLY K 83 -3.57 113.59 -12.89
C GLY K 83 -3.34 112.19 -13.43
N ALA K 84 -2.12 111.94 -13.91
CA ALA K 84 -1.82 110.69 -14.60
C ALA K 84 -1.96 109.49 -13.67
N THR K 85 -1.46 109.60 -12.45
CA THR K 85 -1.58 108.48 -11.51
C THR K 85 -3.04 108.25 -11.12
N GLY K 86 -3.79 109.32 -10.89
CA GLY K 86 -5.18 109.20 -10.50
C GLY K 86 -5.33 108.66 -9.09
N HIS K 87 -6.58 108.41 -8.71
CA HIS K 87 -6.88 107.79 -7.43
C HIS K 87 -7.33 106.36 -7.67
N PRO K 88 -6.53 105.36 -7.28
CA PRO K 88 -6.86 103.97 -7.65
C PRO K 88 -8.20 103.52 -7.07
N GLY K 89 -9.09 103.10 -7.96
CA GLY K 89 -10.40 102.62 -7.58
C GLY K 89 -11.46 103.69 -7.45
N ILE K 90 -11.10 104.97 -7.55
CA ILE K 90 -12.07 106.05 -7.41
C ILE K 90 -12.07 106.90 -8.67
N ILE K 91 -10.92 107.48 -9.00
CA ILE K 91 -10.81 108.44 -10.09
C ILE K 91 -9.92 107.84 -11.17
N PRO K 92 -10.41 107.74 -12.41
CA PRO K 92 -9.57 107.22 -13.50
C PRO K 92 -8.45 108.18 -13.83
N PRO K 93 -7.37 107.71 -14.44
CA PRO K 93 -6.29 108.61 -14.83
C PRO K 93 -6.73 109.65 -15.85
N HIS K 94 -6.12 110.83 -15.77
CA HIS K 94 -6.38 111.94 -16.68
C HIS K 94 -7.86 112.32 -16.68
N ALA K 95 -8.41 112.49 -15.47
CA ALA K 95 -9.81 112.80 -15.30
C ALA K 95 -9.97 114.24 -14.81
N THR K 96 -10.85 114.98 -15.48
CA THR K 96 -11.20 116.33 -15.02
C THR K 96 -12.26 116.25 -13.95
N LEU K 97 -12.03 116.93 -12.83
CA LEU K 97 -12.90 116.84 -11.66
C LEU K 97 -13.75 118.11 -11.55
N VAL K 98 -15.04 117.91 -11.29
CA VAL K 98 -15.99 119.00 -11.10
C VAL K 98 -16.51 118.93 -9.67
N PHE K 99 -16.42 120.05 -8.95
CA PHE K 99 -16.81 120.12 -7.56
C PHE K 99 -17.85 121.20 -7.36
N ASP K 100 -18.87 120.89 -6.56
CA ASP K 100 -19.85 121.86 -6.09
C ASP K 100 -19.54 122.16 -4.63
N VAL K 101 -18.87 123.29 -4.38
CA VAL K 101 -18.31 123.61 -3.08
C VAL K 101 -19.04 124.83 -2.52
N GLU K 102 -19.46 124.72 -1.26
CA GLU K 102 -20.03 125.83 -0.52
C GLU K 102 -19.12 126.14 0.66
N LEU K 103 -18.67 127.39 0.77
CA LEU K 103 -17.78 127.81 1.85
C LEU K 103 -18.64 128.22 3.04
N LEU K 104 -18.78 127.31 4.01
CA LEU K 104 -19.67 127.57 5.13
C LEU K 104 -19.15 128.68 6.02
N LYS K 105 -17.88 128.61 6.43
CA LYS K 105 -17.31 129.59 7.34
C LYS K 105 -15.80 129.40 7.36
N LEU K 106 -15.12 130.32 8.02
CA LEU K 106 -13.67 130.29 8.20
C LEU K 106 -13.34 130.27 9.69
N GLU K 107 -12.36 129.45 10.06
CA GLU K 107 -11.94 129.34 11.45
C GLU K 107 -10.45 128.99 11.54
N GLY L 1 -86.10 -2.74 -92.18
CA GLY L 1 -85.35 -3.98 -91.96
C GLY L 1 -86.11 -4.94 -91.09
N VAL L 2 -87.44 -4.98 -91.22
CA VAL L 2 -88.24 -5.99 -90.47
C VAL L 2 -88.91 -6.93 -91.47
N GLN L 3 -88.73 -8.23 -91.31
CA GLN L 3 -89.43 -9.22 -92.16
C GLN L 3 -90.40 -9.97 -91.24
N VAL L 4 -91.68 -10.00 -91.60
CA VAL L 4 -92.70 -10.63 -90.72
C VAL L 4 -93.14 -11.95 -91.35
N GLU L 5 -92.77 -13.07 -90.74
CA GLU L 5 -93.17 -14.42 -91.23
C GLU L 5 -94.22 -14.96 -90.26
N THR L 6 -95.39 -15.32 -90.76
CA THR L 6 -96.50 -15.76 -89.94
C THR L 6 -96.26 -17.17 -89.42
N ILE L 7 -96.67 -17.39 -88.17
CA ILE L 7 -96.61 -18.71 -87.53
C ILE L 7 -98.01 -19.29 -87.34
N SER L 8 -98.91 -18.50 -86.78
CA SER L 8 -100.31 -18.88 -86.66
C SER L 8 -101.19 -17.70 -87.04
N PRO L 9 -102.20 -17.91 -87.87
CA PRO L 9 -103.01 -16.79 -88.35
C PRO L 9 -103.85 -16.17 -87.24
N GLY L 10 -104.09 -14.88 -87.37
CA GLY L 10 -104.97 -14.15 -86.49
C GLY L 10 -106.34 -13.96 -87.11
N ASP L 11 -107.05 -12.93 -86.63
CA ASP L 11 -108.34 -12.60 -87.22
C ASP L 11 -108.21 -12.05 -88.62
N GLY L 12 -107.13 -11.32 -88.91
CA GLY L 12 -106.90 -10.77 -90.23
C GLY L 12 -107.68 -9.52 -90.56
N ARG L 13 -108.40 -8.94 -89.59
CA ARG L 13 -109.20 -7.75 -89.83
C ARG L 13 -108.74 -6.57 -88.99
N THR L 14 -108.52 -6.77 -87.70
CA THR L 14 -108.13 -5.70 -86.80
C THR L 14 -106.61 -5.61 -86.72
N PHE L 15 -106.08 -4.42 -86.95
CA PHE L 15 -104.65 -4.14 -86.88
C PHE L 15 -104.39 -2.97 -85.95
N PRO L 16 -103.25 -2.95 -85.26
CA PRO L 16 -102.95 -1.85 -84.35
C PRO L 16 -102.63 -0.57 -85.12
N LYS L 17 -103.20 0.54 -84.67
CA LYS L 17 -102.92 1.85 -85.23
C LYS L 17 -102.18 2.69 -84.20
N ARG L 18 -101.80 3.90 -84.63
CA ARG L 18 -101.04 4.79 -83.77
C ARG L 18 -101.86 5.22 -82.56
N GLY L 19 -101.21 5.25 -81.40
CA GLY L 19 -101.86 5.63 -80.17
C GLY L 19 -102.64 4.55 -79.47
N GLN L 20 -102.51 3.30 -79.90
CA GLN L 20 -103.24 2.18 -79.31
C GLN L 20 -102.25 1.23 -78.63
N THR L 21 -102.56 0.85 -77.40
CA THR L 21 -101.68 0.00 -76.61
C THR L 21 -101.74 -1.44 -77.14
N CYS L 22 -100.58 -2.03 -77.35
CA CYS L 22 -100.46 -3.40 -77.85
C CYS L 22 -99.97 -4.31 -76.73
N VAL L 23 -100.69 -5.41 -76.51
CA VAL L 23 -100.33 -6.40 -75.50
C VAL L 23 -99.80 -7.62 -76.25
N VAL L 24 -98.52 -7.93 -76.05
CA VAL L 24 -97.86 -8.99 -76.79
C VAL L 24 -97.12 -9.91 -75.84
N HIS L 25 -96.95 -11.16 -76.26
CA HIS L 25 -96.04 -12.10 -75.64
C HIS L 25 -94.94 -12.43 -76.64
N TYR L 26 -93.69 -12.26 -76.25
CA TYR L 26 -92.58 -12.37 -77.17
C TYR L 26 -91.47 -13.23 -76.58
N THR L 27 -90.68 -13.80 -77.48
CA THR L 27 -89.44 -14.50 -77.12
C THR L 27 -88.39 -14.12 -78.14
N GLY L 28 -87.35 -13.42 -77.68
CA GLY L 28 -86.33 -12.87 -78.57
C GLY L 28 -85.05 -13.68 -78.51
N MET L 29 -84.55 -14.04 -79.68
CA MET L 29 -83.29 -14.75 -79.82
C MET L 29 -82.41 -14.04 -80.85
N LEU L 30 -81.09 -14.16 -80.66
CA LEU L 30 -80.16 -13.75 -81.69
C LEU L 30 -80.30 -14.66 -82.89
N GLU L 31 -79.96 -14.14 -84.07
CA GLU L 31 -80.22 -14.87 -85.30
C GLU L 31 -79.41 -16.17 -85.41
N ASP L 32 -78.37 -16.34 -84.59
CA ASP L 32 -77.65 -17.60 -84.56
C ASP L 32 -78.37 -18.67 -83.74
N GLY L 33 -79.38 -18.30 -82.96
CA GLY L 33 -80.15 -19.25 -82.18
C GLY L 33 -80.06 -19.11 -80.68
N LYS L 34 -79.45 -18.04 -80.17
CA LYS L 34 -79.27 -17.85 -78.74
C LYS L 34 -80.35 -16.92 -78.21
N LYS L 35 -81.17 -17.43 -77.28
CA LYS L 35 -82.22 -16.62 -76.69
C LYS L 35 -81.64 -15.63 -75.69
N PHE L 36 -82.20 -14.42 -75.66
CA PHE L 36 -81.78 -13.40 -74.71
C PHE L 36 -82.91 -12.77 -73.92
N ASP L 37 -84.14 -12.83 -74.41
CA ASP L 37 -85.27 -12.24 -73.70
C ASP L 37 -86.53 -13.00 -74.05
N SER L 38 -87.47 -13.03 -73.10
CA SER L 38 -88.76 -13.68 -73.30
C SER L 38 -89.72 -13.22 -72.23
N SER L 39 -90.88 -12.73 -72.64
CA SER L 39 -91.92 -12.36 -71.69
C SER L 39 -92.62 -13.58 -71.10
N ARG L 40 -92.47 -14.74 -71.73
CA ARG L 40 -93.05 -15.97 -71.19
C ARG L 40 -92.42 -16.33 -69.85
N ASP L 41 -91.11 -16.17 -69.71
CA ASP L 41 -90.44 -16.53 -68.47
C ASP L 41 -90.95 -15.70 -67.31
N ARG L 42 -91.14 -14.39 -67.52
CA ARG L 42 -91.69 -13.54 -66.48
C ARG L 42 -93.19 -13.74 -66.29
N ASN L 43 -93.84 -14.48 -67.19
CA ASN L 43 -95.27 -14.80 -67.07
C ASN L 43 -96.13 -13.56 -67.01
N LYS L 44 -95.69 -12.49 -67.68
CA LYS L 44 -96.43 -11.23 -67.71
C LYS L 44 -96.36 -10.67 -69.12
N PRO L 45 -97.49 -10.42 -69.78
CA PRO L 45 -97.46 -9.88 -71.15
C PRO L 45 -96.85 -8.48 -71.17
N PHE L 46 -96.19 -8.17 -72.28
CA PHE L 46 -95.55 -6.88 -72.47
C PHE L 46 -96.50 -5.92 -73.17
N LYS L 47 -96.65 -4.73 -72.62
CA LYS L 47 -97.56 -3.71 -73.14
C LYS L 47 -96.76 -2.51 -73.64
N PHE L 48 -97.13 -2.00 -74.81
CA PHE L 48 -96.51 -0.81 -75.35
C PHE L 48 -97.49 -0.14 -76.30
N MET L 49 -97.29 1.16 -76.53
CA MET L 49 -98.14 1.95 -77.39
C MET L 49 -97.38 2.33 -78.66
N LEU L 50 -97.99 2.09 -79.82
CA LEU L 50 -97.35 2.41 -81.09
C LEU L 50 -97.23 3.91 -81.27
N GLY L 51 -96.12 4.34 -81.87
CA GLY L 51 -95.88 5.73 -82.20
C GLY L 51 -95.16 6.52 -81.15
N LYS L 52 -94.99 5.95 -79.95
CA LYS L 52 -94.33 6.65 -78.85
C LYS L 52 -92.85 6.30 -78.75
N GLN L 53 -92.34 5.47 -79.67
CA GLN L 53 -90.95 5.03 -79.69
C GLN L 53 -90.54 4.39 -78.37
N GLU L 54 -91.47 3.71 -77.71
CA GLU L 54 -91.14 3.00 -76.48
C GLU L 54 -90.23 1.81 -76.74
N VAL L 55 -90.40 1.15 -77.88
CA VAL L 55 -89.62 -0.02 -78.24
C VAL L 55 -88.75 0.32 -79.44
N ILE L 56 -87.92 -0.65 -79.84
CA ILE L 56 -87.07 -0.46 -81.01
C ILE L 56 -87.95 -0.28 -82.25
N ARG L 57 -87.42 0.43 -83.24
CA ARG L 57 -88.22 0.74 -84.42
C ARG L 57 -88.58 -0.50 -85.21
N GLY L 58 -87.82 -1.58 -85.06
CA GLY L 58 -88.17 -2.83 -85.72
C GLY L 58 -89.51 -3.36 -85.26
N TRP L 59 -89.81 -3.21 -83.97
CA TRP L 59 -91.11 -3.61 -83.44
C TRP L 59 -92.23 -2.70 -83.90
N GLU L 60 -91.93 -1.46 -84.26
CA GLU L 60 -92.97 -0.53 -84.68
C GLU L 60 -93.67 -1.01 -85.95
N GLU L 61 -92.89 -1.35 -86.97
CA GLU L 61 -93.50 -1.84 -88.21
C GLU L 61 -93.93 -3.29 -88.08
N GLY L 62 -93.17 -4.11 -87.34
CA GLY L 62 -93.47 -5.53 -87.28
C GLY L 62 -94.81 -5.82 -86.63
N VAL L 63 -95.08 -5.19 -85.48
CA VAL L 63 -96.36 -5.38 -84.82
C VAL L 63 -97.50 -4.75 -85.58
N ALA L 64 -97.25 -3.62 -86.26
CA ALA L 64 -98.30 -2.95 -87.01
C ALA L 64 -98.83 -3.83 -88.14
N GLN L 65 -97.99 -4.68 -88.71
CA GLN L 65 -98.42 -5.57 -89.78
C GLN L 65 -99.18 -6.80 -89.26
N MET L 66 -99.13 -7.06 -87.95
CA MET L 66 -99.79 -8.22 -87.39
C MET L 66 -101.23 -7.88 -86.99
N SER L 67 -102.04 -8.92 -86.87
CA SER L 67 -103.43 -8.80 -86.43
C SER L 67 -103.57 -9.38 -85.02
N VAL L 68 -104.72 -9.09 -84.41
CA VAL L 68 -104.97 -9.56 -83.05
C VAL L 68 -105.09 -11.08 -83.05
N GLY L 69 -104.36 -11.73 -82.15
CA GLY L 69 -104.33 -13.17 -82.07
C GLY L 69 -103.31 -13.83 -82.98
N GLN L 70 -102.67 -13.06 -83.85
CA GLN L 70 -101.67 -13.63 -84.76
C GLN L 70 -100.34 -13.81 -84.05
N ARG L 71 -99.69 -14.94 -84.32
CA ARG L 71 -98.34 -15.21 -83.85
C ARG L 71 -97.43 -15.20 -85.07
N ALA L 72 -96.39 -14.36 -85.03
CA ALA L 72 -95.52 -14.17 -86.18
C ALA L 72 -94.07 -14.13 -85.72
N LYS L 73 -93.18 -14.31 -86.69
CA LYS L 73 -91.74 -14.30 -86.45
C LYS L 73 -91.16 -13.05 -87.11
N LEU L 74 -90.62 -12.14 -86.30
CA LEU L 74 -90.09 -10.86 -86.83
C LEU L 74 -88.58 -10.94 -86.86
N THR L 75 -87.97 -10.74 -88.03
CA THR L 75 -86.49 -10.71 -88.13
C THR L 75 -86.10 -9.25 -88.31
N ILE L 76 -85.37 -8.70 -87.36
CA ILE L 76 -85.05 -7.25 -87.39
C ILE L 76 -83.57 -7.07 -87.69
N SER L 77 -83.25 -6.27 -88.70
CA SER L 77 -81.85 -5.99 -89.09
C SER L 77 -81.22 -5.12 -88.02
N PRO L 78 -79.88 -5.07 -87.89
CA PRO L 78 -79.26 -4.33 -86.80
C PRO L 78 -79.67 -2.86 -86.82
N ASP L 79 -79.84 -2.26 -87.99
CA ASP L 79 -80.22 -0.84 -88.13
C ASP L 79 -81.58 -0.58 -87.48
N TYR L 80 -82.50 -1.53 -87.55
CA TYR L 80 -83.86 -1.31 -87.02
C TYR L 80 -83.94 -1.72 -85.55
N ALA L 81 -82.81 -2.10 -84.97
CA ALA L 81 -82.76 -2.44 -83.54
C ALA L 81 -81.75 -1.52 -82.83
N TYR L 82 -80.84 -2.08 -82.05
CA TYR L 82 -79.79 -1.36 -81.33
C TYR L 82 -78.58 -1.05 -82.19
N GLY L 83 -78.24 -1.92 -83.14
CA GLY L 83 -77.27 -1.55 -84.16
C GLY L 83 -75.85 -1.57 -83.65
N ALA L 84 -75.08 -0.55 -84.05
CA ALA L 84 -73.64 -0.54 -83.78
C ALA L 84 -73.36 -0.47 -82.28
N THR L 85 -74.10 0.36 -81.54
CA THR L 85 -73.88 0.45 -80.10
C THR L 85 -74.29 -0.85 -79.41
N GLY L 86 -75.41 -1.44 -79.83
CA GLY L 86 -75.87 -2.67 -79.21
C GLY L 86 -76.40 -2.43 -77.81
N HIS L 87 -76.74 -3.54 -77.15
CA HIS L 87 -77.14 -3.50 -75.75
C HIS L 87 -76.03 -4.08 -74.89
N PRO L 88 -75.35 -3.27 -74.09
CA PRO L 88 -74.17 -3.76 -73.38
C PRO L 88 -74.50 -4.90 -72.43
N GLY L 89 -73.83 -6.03 -72.63
CA GLY L 89 -74.02 -7.20 -71.80
C GLY L 89 -75.14 -8.12 -72.22
N ILE L 90 -75.94 -7.73 -73.22
CA ILE L 90 -77.06 -8.55 -73.67
C ILE L 90 -76.89 -8.88 -75.14
N ILE L 91 -76.86 -7.84 -75.97
CA ILE L 91 -76.87 -7.98 -77.43
C ILE L 91 -75.54 -7.47 -77.97
N PRO L 92 -74.80 -8.29 -78.71
CA PRO L 92 -73.53 -7.83 -79.30
C PRO L 92 -73.79 -6.80 -80.37
N PRO L 93 -72.80 -5.97 -80.70
CA PRO L 93 -72.98 -4.99 -81.78
C PRO L 93 -73.22 -5.66 -83.12
N HIS L 94 -74.01 -4.97 -83.96
CA HIS L 94 -74.32 -5.43 -85.31
C HIS L 94 -74.94 -6.81 -85.30
N ALA L 95 -75.95 -6.99 -84.44
CA ALA L 95 -76.62 -8.27 -84.27
C ALA L 95 -78.03 -8.20 -84.85
N THR L 96 -78.37 -9.18 -85.68
CA THR L 96 -79.73 -9.31 -86.19
C THR L 96 -80.59 -10.03 -85.16
N LEU L 97 -81.74 -9.45 -84.84
CA LEU L 97 -82.62 -9.95 -83.79
C LEU L 97 -83.82 -10.66 -84.40
N VAL L 98 -84.14 -11.83 -83.85
CA VAL L 98 -85.29 -12.62 -84.27
C VAL L 98 -86.24 -12.72 -83.10
N PHE L 99 -87.51 -12.36 -83.34
CA PHE L 99 -88.53 -12.34 -82.31
C PHE L 99 -89.71 -13.22 -82.69
N ASP L 100 -90.21 -13.98 -81.73
CA ASP L 100 -91.44 -14.73 -81.86
C ASP L 100 -92.51 -14.00 -81.07
N VAL L 101 -93.35 -13.23 -81.75
CA VAL L 101 -94.28 -12.30 -81.13
C VAL L 101 -95.71 -12.77 -81.39
N GLU L 102 -96.51 -12.82 -80.34
CA GLU L 102 -97.94 -13.09 -80.43
C GLU L 102 -98.70 -11.87 -79.94
N LEU L 103 -99.58 -11.34 -80.78
CA LEU L 103 -100.36 -10.16 -80.43
C LEU L 103 -101.62 -10.61 -79.69
N LEU L 104 -101.58 -10.53 -78.37
CA LEU L 104 -102.68 -11.05 -77.56
C LEU L 104 -103.95 -10.23 -77.76
N LYS L 105 -103.86 -8.91 -77.62
CA LYS L 105 -105.03 -8.04 -77.72
C LYS L 105 -104.55 -6.60 -77.86
N LEU L 106 -105.51 -5.71 -78.10
CA LEU L 106 -105.26 -4.28 -78.20
C LEU L 106 -106.09 -3.54 -77.16
N GLU L 107 -105.49 -2.55 -76.53
CA GLU L 107 -106.18 -1.74 -75.53
C GLU L 107 -105.64 -0.32 -75.49
CA CA M . 0.18 -98.75 -48.98
CA CA N . -2.93 -87.67 -48.20
CA CA O . -50.54 -91.67 -32.73
CA CA P . -56.12 -84.09 -38.61
CA CA Q . 18.58 107.55 15.22
CA CA R . 22.29 96.71 13.83
CA CA S . 34.65 84.16 60.86
CA CA T . 44.21 78.63 59.93
CA CA U . 104.30 -18.62 30.26
CA CA V . 94.92 -20.88 23.95
CA CA W . 77.41 -62.26 46.36
CA CA X . 74.30 -68.93 38.06
CA CA Y . -85.30 27.46 -64.08
CA CA Z . -75.51 29.94 -58.50
CA CA AA . -92.78 54.94 -18.51
CA CA BA . -85.79 63.45 -17.21
PG ATP CA . -34.82 -31.08 32.81
O1G ATP CA . -35.78 -29.95 32.89
O2G ATP CA . -33.36 -30.66 33.04
O3G ATP CA . -35.16 -32.24 33.75
PB ATP CA . -34.17 -31.52 29.92
O1B ATP CA . -33.57 -32.76 29.39
O2B ATP CA . -35.24 -30.87 29.03
O3B ATP CA . -34.82 -31.74 31.36
PA ATP CA . -33.02 -28.83 30.34
O1A ATP CA . -33.84 -28.32 31.46
O2A ATP CA . -33.40 -28.27 28.95
O3A ATP CA . -33.07 -30.40 30.23
O5' ATP CA . -31.49 -28.54 30.58
C5' ATP CA . -31.03 -27.88 31.77
C4' ATP CA . -30.36 -26.58 31.38
O4' ATP CA . -28.94 -26.78 31.26
C3' ATP CA . -30.79 -26.02 30.03
O3' ATP CA . -31.88 -25.13 30.17
C2' ATP CA . -29.52 -25.29 29.52
O2' ATP CA . -29.70 -23.88 29.50
C1' ATP CA . -28.45 -25.69 30.53
N9 ATP CA . -27.17 -26.09 29.93
C8 ATP CA . -25.99 -25.39 29.98
N7 ATP CA . -25.00 -25.98 29.35
C5 ATP CA . -25.58 -27.13 28.85
C6 ATP CA . -25.05 -28.20 28.08
N6 ATP CA . -23.79 -28.26 27.67
N1 ATP CA . -25.90 -29.20 27.74
C2 ATP CA . -27.17 -29.13 28.16
N3 ATP CA . -27.76 -28.19 28.88
C4 ATP CA . -26.91 -27.22 29.20
CA CA DA . -10.94 -47.88 8.17
ZN ZN EA . -20.25 -24.86 25.24
N1 CFF FA . -16.52 -50.18 26.89
C2 CFF FA . -17.61 -49.96 27.65
C10 CFF FA . -16.39 -51.44 26.16
C6 CFF FA . -15.57 -49.27 26.79
N3 CFF FA . -17.72 -48.78 28.32
O11 CFF FA . -18.45 -50.76 27.74
C12 CFF FA . -18.89 -48.53 29.15
C4 CFF FA . -16.76 -47.85 28.22
C5 CFF FA . -15.69 -48.08 27.47
N9 CFF FA . -16.62 -46.64 28.77
O13 CFF FA . -14.62 -49.48 26.10
N7 CFF FA . -14.89 -47.00 27.55
C8 CFF FA . -15.47 -46.12 28.35
C14 CFF FA . -13.62 -46.50 27.05
PG ATP GA . 96.68 -130.62 -10.17
O1G ATP GA . 98.10 -130.20 -10.31
O2G ATP GA . 95.76 -130.03 -11.24
O3G ATP GA . 96.48 -132.14 -10.11
PB ATP GA . 94.75 -130.20 -7.91
O1B ATP GA . 94.98 -130.91 -6.63
O2B ATP GA . 93.66 -130.80 -8.81
O3B ATP GA . 96.07 -130.09 -8.78
PA ATP GA . 93.83 -127.47 -8.57
O1A ATP GA . 92.41 -127.67 -8.92
O2A ATP GA . 94.76 -127.31 -9.77
O3A ATP GA . 94.39 -128.67 -7.69
O5' ATP GA . 94.01 -126.22 -7.61
C5' ATP GA . 93.10 -125.10 -7.66
C4' ATP GA . 93.24 -124.32 -6.38
O4' ATP GA . 94.64 -124.22 -6.02
C3' ATP GA . 92.72 -122.89 -6.44
O3' ATP GA . 92.15 -122.50 -5.19
C2' ATP GA . 93.98 -122.08 -6.77
O2' ATP GA . 93.89 -120.75 -6.29
C1' ATP GA . 95.03 -122.86 -5.98
N9 ATP GA . 96.39 -122.75 -6.52
C8 ATP GA . 97.35 -121.85 -6.13
N7 ATP GA . 98.49 -121.97 -6.79
C5 ATP GA . 98.25 -123.01 -7.67
C6 ATP GA . 99.05 -123.64 -8.65
N6 ATP GA . 100.31 -123.27 -8.91
N1 ATP GA . 98.50 -124.65 -9.35
C2 ATP GA . 97.24 -125.01 -9.10
N3 ATP GA . 96.39 -124.50 -8.21
C4 ATP GA . 96.96 -123.51 -7.52
C01 KVR HA . 99.96 -122.12 -3.65
C03 KVR HA . 99.93 -124.22 -4.68
C04 KVR HA . 100.50 -125.24 -5.42
C05 KVR HA . 99.75 -126.37 -5.72
C06 KVR HA . 98.45 -126.47 -5.28
C07 KVR HA . 97.87 -125.45 -4.53
C08 KVR HA . 98.62 -124.31 -4.23
C10 KVR HA . 98.14 -128.83 -7.06
C11 KVR HA . 98.63 -127.84 -8.11
C13 KVR HA . 100.41 -127.52 -6.54
C14 KVR HA . 100.74 -128.67 -8.64
C15 KVR HA . 102.02 -129.09 -7.91
C16 KVR HA . 103.22 -128.45 -8.21
C17 KVR HA . 104.38 -128.82 -7.56
C18 KVR HA . 104.33 -129.84 -6.63
C19 KVR HA . 103.14 -130.48 -6.34
C20 KVR HA . 101.98 -130.12 -6.99
C21 KVR HA . 105.59 -130.29 -5.89
N12 KVR HA . 100.04 -127.59 -7.94
O02 KVR HA . 100.67 -123.07 -4.38
O22 KVR HA . 105.45 -130.91 -4.81
O23 KVR HA . 106.72 -130.00 -6.33
S09 KVR HA . 97.44 -127.94 -5.65
N L9R IA . -18.47 -22.30 100.59
P L9R IA . -18.18 -17.90 102.07
C1 L9R IA . -18.34 -15.54 100.88
C2 L9R IA . -18.66 -15.08 99.45
O2 L9R IA . -17.90 -15.89 98.59
C3 L9R IA . -20.15 -15.29 99.21
O3 L9R IA . -20.63 -14.33 98.27
C4 L9R IA . -17.91 -19.93 100.41
C5 L9R IA . -19.05 -20.96 100.55
C6 L9R IA . -17.21 -22.32 99.88
C7 L9R IA . -18.28 -22.72 101.96
C8 L9R IA . -19.35 -23.24 99.94
C11 L9R IA . -21.56 -14.87 97.35
O11 L9R IA . -22.58 -15.33 97.72
C12 L9R IA . -21.27 -14.84 95.84
C13 L9R IA . -22.50 -15.39 95.09
C14 L9R IA . -22.17 -15.48 93.60
C15 L9R IA . -23.48 -15.41 92.79
C16 L9R IA . -23.22 -14.69 91.45
C17 L9R IA . -24.33 -15.13 90.46
C18 L9R IA . -23.74 -15.18 89.02
C19 L9R IA . -23.86 -16.63 88.50
O1P L9R IA . -19.67 -17.97 102.32
C20 L9R IA . -22.95 -16.79 87.26
C21 L9R IA . -22.85 -18.30 86.91
C22 L9R IA . -21.59 -18.54 86.07
C23 L9R IA . -21.99 -19.15 84.71
C24 L9R IA . -21.42 -18.28 83.58
C25 L9R IA . -21.62 -19.01 82.24
C26 L9R IA . -21.16 -18.09 81.11
C27 L9R IA . -22.08 -18.30 79.89
C28 L9R IA . -21.92 -17.11 78.93
O2P L9R IA . -17.48 -17.39 103.31
C31 L9R IA . -16.98 -15.18 97.75
O31 L9R IA . -16.16 -14.46 98.22
C32 L9R IA . -17.06 -15.35 96.18
C33 L9R IA . -16.25 -16.62 95.76
C34 L9R IA . -16.05 -16.60 94.21
C35 L9R IA . -17.36 -16.09 93.53
C36 L9R IA . -17.94 -17.22 92.64
C37 L9R IA . -18.93 -16.64 91.60
C38 L9R IA . -18.73 -17.35 90.24
C39 L9R IA . -19.16 -16.39 89.12
O3P L9R IA . -17.85 -16.86 100.81
C40 L9R IA . -18.64 -15.16 89.13
C41 L9R IA . -19.02 -14.13 88.03
C42 L9R IA . -19.17 -12.73 88.69
C43 L9R IA . -19.91 -12.84 90.07
C44 L9R IA . -19.18 -11.96 91.15
C45 L9R IA . -19.63 -12.40 92.58
C46 L9R IA . -18.52 -12.03 93.61
C47 L9R IA . -19.14 -11.14 94.73
C48 L9R IA . -18.66 -11.63 96.12
O4P L9R IA . -17.59 -19.40 101.69
N L9R JA . -44.19 -62.69 74.20
P L9R JA . -42.80 -58.60 75.49
C1 L9R JA . -40.69 -57.00 75.44
C2 L9R JA . -39.98 -55.99 74.53
O2 L9R JA . -40.51 -54.70 74.73
C3 L9R JA . -38.50 -55.99 74.88
O3 L9R JA . -37.88 -57.07 74.19
C4 L9R JA . -43.54 -60.38 73.67
C5 L9R JA . -44.71 -61.37 73.82
C6 L9R JA . -45.22 -63.41 74.94
C7 L9R JA . -43.02 -62.54 75.03
C8 L9R JA . -43.84 -63.44 73.01
C11 L9R JA . -36.84 -56.65 73.32
O11 L9R JA . -36.20 -55.70 73.60
C12 L9R JA . -36.56 -57.41 72.02
C13 L9R JA . -35.83 -56.46 71.06
C14 L9R JA . -34.36 -56.88 70.92
C15 L9R JA . -33.47 -55.65 71.20
C16 L9R JA . -34.27 -54.36 70.94
C17 L9R JA . -33.34 -53.32 70.25
C18 L9R JA . -33.69 -53.23 68.74
C19 L9R JA . -32.45 -53.59 67.89
O1P L9R JA . -43.57 -58.14 76.71
C20 L9R JA . -32.34 -52.60 66.71
C21 L9R JA . -31.83 -53.34 65.45
C22 L9R JA . -30.83 -52.43 64.69
C23 L9R JA . -30.80 -51.05 65.39
C24 L9R JA . -29.55 -50.27 64.94
C25 L9R JA . -29.96 -48.97 64.23
C26 L9R JA . -30.24 -47.88 65.28
C27 L9R JA . -31.59 -47.21 64.98
C28 L9R JA . -31.63 -46.75 63.51
O2P L9R JA . -41.86 -59.70 75.90
C31 L9R JA . -41.46 -54.29 73.73
O31 L9R JA . -41.83 -55.06 72.90
C32 L9R JA . -42.01 -52.82 73.72
C33 L9R JA . -41.68 -52.19 72.33
C34 L9R JA . -42.19 -50.71 72.33
C35 L9R JA . -41.07 -49.81 71.72
C36 L9R JA . -41.33 -49.69 70.19
C37 L9R JA . -40.22 -48.82 69.57
C38 L9R JA . -40.82 -47.45 69.17
C39 L9R JA . -39.79 -46.75 68.26
O3P L9R JA . -41.93 -57.34 74.85
C40 L9R JA . -39.17 -45.64 68.67
C41 L9R JA . -38.13 -44.97 67.73
C42 L9R JA . -37.65 -46.04 66.70
C43 L9R JA . -36.12 -45.92 66.49
C44 L9R JA . -35.37 -46.91 67.44
C45 L9R JA . -34.95 -48.18 66.64
C46 L9R JA . -34.74 -49.36 67.64
C47 L9R JA . -35.92 -49.41 68.65
C48 L9R JA . -35.43 -50.03 69.97
O4P L9R JA . -43.86 -59.16 74.34
PG ATP KA . -43.70 2.55 36.57
O1G ATP KA . -42.85 3.27 37.56
O2G ATP KA . -43.01 1.34 35.95
O3G ATP KA . -45.06 2.12 37.14
PB ATP KA . -43.44 3.98 33.95
O1B ATP KA . -44.38 3.82 32.84
O2B ATP KA . -42.89 5.39 34.16
O3B ATP KA . -44.06 3.50 35.33
PA ATP KA . -40.68 2.97 34.31
O1A ATP KA . -40.59 2.87 35.78
O2A ATP KA . -39.98 4.20 33.71
O3A ATP KA . -42.18 3.01 33.80
O5' ATP KA . -40.11 1.69 33.60
C5' ATP KA . -39.58 0.58 34.37
C4' ATP KA . -38.13 0.41 34.05
O4' ATP KA . -37.98 -0.58 33.02
C3' ATP KA . -37.43 1.65 33.49
O3' ATP KA . -36.85 2.42 34.54
C2' ATP KA . -36.36 1.08 32.55
O2' ATP KA . -35.04 1.30 33.05
C1' ATP KA . -36.68 -0.42 32.48
N9 ATP KA . -36.65 -0.98 31.14
C8 ATP KA . -35.74 -1.86 30.63
N7 ATP KA . -35.95 -2.21 29.39
C5 ATP KA . -37.10 -1.49 29.05
C6 ATP KA . -37.85 -1.42 27.86
N6 ATP KA . -37.55 -2.09 26.75
N1 ATP KA . -38.94 -0.62 27.86
C2 ATP KA . -39.24 0.05 28.97
N3 ATP KA . -38.61 0.05 30.14
C4 ATP KA . -37.54 -0.74 30.11
CA CA LA . -49.79 0.36 -1.08
ZN ZN MA . -33.04 -2.96 23.75
N1 CFF NA . -56.71 -8.05 15.29
C2 CFF NA . -56.88 -7.75 16.59
C10 CFF NA . -57.75 -7.73 14.33
C6 CFF NA . -55.61 -8.66 14.89
N3 CFF NA . -55.91 -8.06 17.49
O11 CFF NA . -57.87 -7.21 16.96
C12 CFF NA . -56.10 -7.72 18.89
C4 CFF NA . -54.78 -8.66 17.08
C5 CFF NA . -54.62 -8.97 15.80
N9 CFF NA . -53.70 -9.06 17.75
O13 CFF NA . -55.46 -8.92 13.74
N7 CFF NA . -53.43 -9.55 15.66
C8 CFF NA . -52.86 -9.62 16.86
C14 CFF NA . -52.56 -10.15 14.66
PG ATP OA . -101.06 -71.62 -105.74
O1G ATP OA . -100.31 -72.56 -106.62
O2G ATP OA . -100.51 -70.19 -105.76
O3G ATP OA . -102.57 -71.59 -106.02
PB ATP OA . -101.51 -71.67 -102.78
O1B ATP OA . -102.37 -72.72 -102.21
O2B ATP OA . -102.17 -70.29 -102.92
O3B ATP OA . -100.95 -72.07 -104.22
PA ATP OA . -98.99 -70.40 -101.88
O1A ATP OA . -99.44 -69.13 -101.30
O2A ATP OA . -98.41 -70.30 -103.29
O3A ATP OA . -100.18 -71.48 -101.95
O5' ATP OA . -97.93 -71.12 -100.96
C5' ATP OA . -97.07 -70.36 -100.09
C4' ATP OA . -96.51 -71.28 -99.03
O4' ATP OA . -96.17 -72.55 -99.62
C3' ATP OA . -95.25 -70.78 -98.32
O3' ATP OA . -95.24 -71.17 -96.96
C2' ATP OA . -94.14 -71.46 -99.12
O2' ATP OA . -92.97 -71.64 -98.34
C1' ATP OA . -94.79 -72.80 -99.45
N9 ATP OA . -94.27 -73.44 -100.65
C8 ATP OA . -93.27 -74.37 -100.72
N7 ATP OA . -93.00 -74.79 -101.93
C5 ATP OA . -93.90 -74.08 -102.72
C6 ATP OA . -94.12 -74.06 -104.11
N6 ATP OA . -93.45 -74.80 -105.00
N1 ATP OA . -95.09 -73.23 -104.58
C2 ATP OA . -95.77 -72.48 -103.71
N3 ATP OA . -95.64 -72.42 -102.39
C4 ATP OA . -94.68 -73.24 -101.94
C01 KVR PA . -93.39 -77.99 -100.63
C03 KVR PA . -95.21 -77.38 -101.96
C04 KVR PA . -95.92 -77.37 -103.15
C05 KVR PA . -97.13 -76.66 -103.23
C06 KVR PA . -97.60 -75.99 -102.12
C07 KVR PA . -96.88 -76.00 -100.92
C08 KVR PA . -95.69 -76.70 -100.85
C10 KVR PA . -99.59 -74.69 -103.89
C11 KVR PA . -98.34 -74.31 -104.68
C13 KVR PA . -97.91 -76.66 -104.56
C14 KVR PA . -98.56 -75.58 -106.62
C15 KVR PA . -98.79 -77.02 -107.02
C16 KVR PA . -97.86 -77.69 -107.80
C17 KVR PA . -98.07 -79.00 -108.17
C18 KVR PA . -99.23 -79.63 -107.76
C19 KVR PA . -100.16 -78.98 -106.99
C20 KVR PA . -99.96 -77.67 -106.63
C21 KVR PA . -99.50 -81.08 -108.13
N12 KVR PA . -97.81 -75.46 -105.37
O02 KVR PA . -94.01 -78.08 -101.89
O22 KVR PA . -100.33 -81.74 -107.46
O23 KVR PA . -98.90 -81.63 -109.09
S09 KVR PA . -99.16 -75.07 -102.18
N L9R QA . -44.10 -54.30 77.87
P L9R QA . -40.10 -55.29 80.03
C1 L9R QA . -37.66 -54.26 79.96
C2 L9R QA . -37.04 -53.05 79.26
O2 L9R QA . -37.48 -53.09 77.92
C3 L9R QA . -37.52 -51.79 79.95
O3 L9R QA . -36.55 -50.76 79.86
C4 L9R QA . -41.68 -54.49 78.08
C5 L9R QA . -42.95 -53.79 78.60
C6 L9R QA . -43.70 -54.76 76.56
C7 L9R QA . -44.70 -55.38 78.62
C8 L9R QA . -45.08 -53.26 77.68
C11 L9R QA . -37.09 -49.47 79.62
O11 L9R QA . -37.84 -48.99 80.39
C12 L9R QA . -36.73 -48.69 78.35
C13 L9R QA . -37.40 -47.30 78.43
C14 L9R QA . -37.13 -46.56 77.11
C15 L9R QA . -37.21 -45.05 77.36
C16 L9R QA . -36.22 -44.31 76.44
C17 L9R QA . -36.71 -42.84 76.29
C18 L9R QA . -36.36 -42.33 74.87
C19 L9R QA . -37.67 -41.96 74.15
O1P L9R QA . -40.55 -54.35 81.12
C20 L9R QA . -37.39 -41.81 72.63
C21 L9R QA . -38.74 -41.74 71.89
C22 L9R QA . -38.54 -42.13 70.41
C23 L9R QA . -38.95 -40.95 69.51
C24 L9R QA . -37.78 -40.59 68.59
C25 L9R QA . -38.27 -39.58 67.53
C26 L9R QA . -37.09 -39.12 66.69
C27 L9R QA . -37.26 -37.64 66.32
C28 L9R QA . -35.92 -37.06 65.86
O2P L9R QA . -39.69 -56.62 80.64
C31 L9R QA . -36.43 -53.16 76.94
O31 L9R QA . -35.64 -54.06 76.98
C32 L9R QA . -36.32 -52.08 75.81
C33 L9R QA . -37.27 -52.46 74.63
C34 L9R QA . -36.92 -51.57 73.39
C35 L9R QA . -36.60 -50.12 73.86
C36 L9R QA . -37.66 -49.15 73.25
C37 L9R QA . -37.13 -47.70 73.29
C38 L9R QA . -37.52 -46.98 71.98
C39 L9R QA . -36.49 -45.87 71.72
O3P L9R QA . -38.80 -54.63 79.21
C40 L9R QA . -35.19 -46.20 71.74
C41 L9R QA . -34.09 -45.13 71.50
C42 L9R QA . -32.91 -45.40 72.48
C43 L9R QA . -33.44 -45.76 73.90
C44 L9R QA . -32.63 -46.99 74.47
C45 L9R QA . -33.42 -47.63 75.66
C46 L9R QA . -33.01 -49.12 75.83
C47 L9R QA . -32.50 -49.36 77.28
C48 L9R QA . -33.11 -50.66 77.84
O4P L9R QA . -41.34 -55.55 78.96
N L9R RA . -83.63 -19.56 63.28
P L9R RA . -79.63 -21.25 64.53
C1 L9R RA . -77.61 -22.71 63.63
C2 L9R RA . -76.32 -22.58 62.82
O2 L9R RA . -75.24 -22.26 63.66
C3 L9R RA . -76.04 -23.90 62.14
O3 L9R RA . -76.81 -23.97 60.94
C4 L9R RA . -81.17 -19.58 63.16
C5 L9R RA . -82.41 -18.85 63.71
C6 L9R RA . -84.68 -19.32 64.26
C7 L9R RA . -83.37 -20.98 63.20
C8 L9R RA . -84.04 -19.06 61.98
C11 L9R RA . -76.01 -24.14 59.79
O11 L9R RA . -75.01 -24.77 59.85
C12 L9R RA . -76.44 -23.53 58.44
C13 L9R RA . -75.19 -23.38 57.56
C14 L9R RA . -75.23 -24.41 56.42
C15 L9R RA . -73.90 -25.20 56.42
C16 L9R RA . -72.80 -24.36 57.10
C17 L9R RA . -71.47 -24.55 56.33
C18 L9R RA . -71.18 -23.27 55.48
C19 L9R RA . -71.09 -23.66 53.99
O1P L9R RA . -79.59 -21.46 66.02
C20 L9R RA . -69.90 -22.90 53.34
C21 L9R RA . -70.26 -22.49 51.90
C22 L9R RA . -69.02 -22.68 50.98
C23 L9R RA . -67.82 -23.09 51.87
C24 L9R RA . -66.71 -23.69 50.98
C25 L9R RA . -65.43 -22.84 51.11
C26 L9R RA . -64.65 -23.28 52.35
C27 L9R RA . -64.26 -22.04 53.17
C28 L9R RA . -63.56 -21.01 52.27
O2P L9R RA . -80.55 -22.28 63.91
C31 L9R RA . -74.88 -20.87 63.65
O31 L9R RA . -75.55 -20.08 63.07
C32 L9R RA . -73.60 -20.37 64.41
C33 L9R RA . -72.67 -19.66 63.39
C34 L9R RA . -71.37 -19.21 64.12
C35 L9R RA . -70.14 -19.59 63.24
C36 L9R RA . -69.81 -18.37 62.34
C37 L9R RA . -68.60 -18.75 61.44
C38 L9R RA . -67.35 -17.97 61.92
C39 L9R RA . -66.28 -18.11 60.83
O3P L9R RA . -78.11 -21.41 63.88
C40 L9R RA . -65.16 -18.77 61.07
C41 L9R RA . -64.11 -18.89 59.92
C42 L9R RA . -64.84 -18.62 58.57
C43 L9R RA . -64.33 -19.62 57.48
C44 L9R RA . -65.28 -20.85 57.41
C45 L9R RA . -66.26 -20.69 56.21
C46 L9R RA . -67.52 -21.57 56.45
C47 L9R RA . -68.01 -21.36 57.91
C48 L9R RA . -68.74 -22.64 58.38
O4P L9R RA . -80.20 -19.72 64.20
N L9R SA . -9.94 -23.86 103.53
P L9R SA . -13.48 -21.96 101.49
C1 L9R SA . -14.16 -19.88 100.00
C2 L9R SA . -14.17 -19.41 98.54
O2 L9R SA . -15.38 -19.79 97.92
C3 L9R SA . -14.05 -17.89 98.51
O3 L9R SA . -12.69 -17.56 98.62
C4 L9R SA . -11.19 -23.27 101.49
C5 L9R SA . -10.79 -24.40 102.48
C6 L9R SA . -10.10 -24.66 104.74
C7 L9R SA . -10.31 -22.48 103.83
C8 L9R SA . -8.55 -23.91 103.11
C11 L9R SA . -12.22 -16.79 97.52
O11 L9R SA . -12.95 -16.05 96.97
C12 L9R SA . -10.76 -16.93 97.03
C13 L9R SA . -10.70 -16.47 95.56
C14 L9R SA . -9.97 -15.11 95.48
C15 L9R SA . -10.85 -14.12 94.70
C16 L9R SA . -11.84 -14.91 93.79
C17 L9R SA . -11.97 -14.17 92.44
C18 L9R SA . -11.17 -14.93 91.35
C19 L9R SA . -10.09 -14.00 90.75
O1P L9R SA . -14.75 -22.32 102.20
C20 L9R SA . -10.06 -14.20 89.21
C21 L9R SA . -8.59 -14.11 88.71
C22 L9R SA . -8.58 -13.33 87.36
C23 L9R SA . -10.03 -13.03 86.94
C24 L9R SA . -10.04 -11.92 85.87
C25 L9R SA . -10.67 -12.46 84.56
C26 L9R SA . -12.19 -12.37 84.65
C27 L9R SA . -12.80 -13.72 84.24
C28 L9R SA . -12.24 -14.15 82.89
O2P L9R SA . -12.69 -20.99 102.35
C31 L9R SA . -15.27 -20.96 97.10
O31 L9R SA . -14.27 -21.60 97.09
C32 L9R SA . -16.48 -21.43 96.22
C33 L9R SA . -16.02 -21.49 94.73
C34 L9R SA . -17.22 -21.89 93.84
C35 L9R SA . -17.25 -20.96 92.59
C36 L9R SA . -16.45 -21.64 91.45
C37 L9R SA . -16.46 -20.72 90.23
C38 L9R SA . -17.37 -21.34 89.12
C39 L9R SA . -17.09 -20.58 87.82
O3P L9R SA . -13.82 -21.24 100.03
C40 L9R SA . -18.04 -19.82 87.26
C41 L9R SA . -17.69 -19.07 85.95
C42 L9R SA . -16.15 -18.96 85.83
C43 L9R SA . -15.76 -17.55 85.30
C44 L9R SA . -15.45 -16.61 86.51
C45 L9R SA . -13.90 -16.49 86.71
C46 L9R SA . -13.60 -16.06 88.17
C47 L9R SA . -14.47 -16.90 89.14
C48 L9R SA . -14.72 -16.08 90.43
O4P L9R SA . -12.58 -23.33 101.23
PG ATP TA . -5.33 -25.30 50.84
O1G ATP TA . -6.44 -26.14 50.32
O2G ATP TA . -5.46 -23.82 50.46
O3G ATP TA . -5.14 -25.40 52.35
PB ATP TA . -3.05 -25.54 48.92
O1B ATP TA . -1.66 -25.18 49.25
O2B ATP TA . -3.23 -26.78 48.04
O3B ATP TA . -3.93 -25.76 50.22
PA ATP TA . -5.05 -24.18 47.22
O1A ATP TA . -6.32 -24.62 47.84
O2A ATP TA . -4.69 -24.91 45.91
O3A ATP TA . -3.82 -24.34 48.20
O5' ATP TA . -5.06 -22.63 46.92
C5' ATP TA . -6.21 -21.82 47.26
C4' ATP TA . -6.77 -21.23 45.99
O4' ATP TA . -6.23 -19.91 45.78
C3' ATP TA . -6.44 -22.00 44.72
O3' ATP TA . -7.44 -22.96 44.42
C2' ATP TA . -6.37 -20.90 43.63
O2' ATP TA . -7.45 -21.00 42.72
C1' ATP TA . -6.46 -19.60 44.43
N9 ATP TA . -5.51 -18.57 44.03
C8 ATP TA . -5.78 -17.39 43.38
N7 ATP TA . -4.73 -16.66 43.13
C5 ATP TA . -3.67 -17.41 43.64
C6 ATP TA . -2.29 -17.20 43.70
N6 ATP TA . -1.69 -16.11 43.20
N1 ATP TA . -1.53 -18.14 44.28
C2 ATP TA . -2.12 -19.24 44.76
N3 ATP TA . -3.41 -19.54 44.77
C4 ATP TA . -4.14 -18.59 44.20
CA CA UA . 28.08 -10.43 39.78
ZN ZN VA . -1.91 -13.25 38.53
N1 CFF WA . 16.79 -10.46 55.88
C2 CFF WA . 15.89 -11.26 56.48
C10 CFF WA . 18.21 -10.61 56.17
C6 CFF WA . 16.39 -9.54 55.02
N3 CFF WA . 14.57 -11.13 56.21
O11 CFF WA . 16.24 -12.10 57.25
C12 CFF WA . 13.60 -11.99 56.87
C4 CFF WA . 14.16 -10.19 55.34
C5 CFF WA . 15.05 -9.40 54.75
N9 CFF WA . 12.94 -9.84 54.90
O13 CFF WA . 17.18 -8.84 54.50
N7 CFF WA . 14.39 -8.55 53.94
C8 CFF WA . 13.08 -8.84 54.04
C14 CFF WA . 14.60 -7.47 53.02
PG ATP XA . 125.79 83.04 61.71
O1G ATP XA . 125.89 84.37 61.06
O2G ATP XA . 125.80 81.88 60.71
O3G ATP XA . 126.84 82.79 62.79
PB ATP XA . 123.62 81.87 63.41
O1B ATP XA . 123.40 82.43 64.76
O2B ATP XA . 124.37 80.54 63.36
O3B ATP XA . 124.38 82.89 62.46
PA ATP XA . 121.78 80.93 61.29
O1A ATP XA . 121.83 79.46 61.44
O2A ATP XA . 122.63 81.49 60.15
O3A ATP XA . 122.25 81.66 62.62
O5' ATP XA . 120.30 81.44 61.11
C5' ATP XA . 119.28 80.61 60.51
C4' ATP XA . 117.92 81.17 60.88
O4' ATP XA . 117.96 82.61 60.82
C3' ATP XA . 116.78 80.72 59.98
O3' ATP XA . 115.58 80.56 60.73
C2' ATP XA . 116.68 81.87 58.99
O2' ATP XA . 115.36 81.98 58.45
C1' ATP XA . 117.00 83.06 59.87
N9 ATP XA . 117.57 84.21 59.15
C8 ATP XA . 116.88 85.28 58.66
N7 ATP XA . 117.64 86.17 58.06
C5 ATP XA . 118.91 85.64 58.15
C6 ATP XA . 120.17 86.09 57.72
N6 ATP XA . 120.35 87.24 57.05
N1 ATP XA . 121.24 85.31 57.98
C2 ATP XA . 121.07 84.17 58.64
N3 ATP XA . 119.94 83.64 59.10
C4 ATP XA . 118.88 84.43 58.83
C01 KVR YA . 116.11 88.48 60.16
C03 KVR YA . 118.32 88.04 60.81
C04 KVR YA . 119.67 88.33 60.86
C05 KVR YA . 120.54 87.47 61.53
C06 KVR YA . 120.03 86.35 62.15
C07 KVR YA . 118.67 86.06 62.11
C08 KVR YA . 117.81 86.92 61.45
C10 KVR YA . 122.84 85.42 62.50
C11 KVR YA . 122.87 85.64 60.99
C13 KVR YA . 122.05 87.81 61.57
C14 KVR YA . 124.30 87.46 60.77
C15 KVR YA . 124.45 88.87 61.32
C16 KVR YA . 124.44 89.96 60.47
C17 KVR YA . 124.57 91.25 60.97
C18 KVR YA . 124.73 91.42 62.34
C19 KVR YA . 124.76 90.33 63.19
C20 KVR YA . 124.63 89.05 62.68
C21 KVR YA . 124.88 92.80 62.93
N12 KVR YA . 122.90 87.04 60.67
O02 KVR YA . 117.44 88.90 60.13
O22 KVR YA . 124.64 92.96 64.15
O23 KVR YA . 125.20 93.77 62.21
S09 KVR YA . 121.13 85.21 63.05
N L9R ZA . -50.62 10.38 91.02
P L9R ZA . -54.76 11.31 89.11
C1 L9R ZA . -55.83 10.91 86.71
C2 L9R ZA . -55.34 10.23 85.44
O2 L9R ZA . -54.02 10.66 85.21
C3 L9R ZA . -55.36 8.72 85.67
O3 L9R ZA . -55.60 8.03 84.45
C4 L9R ZA . -52.15 10.98 89.22
C5 L9R ZA . -51.74 9.88 90.21
C6 L9R ZA . -49.88 11.38 90.28
C7 L9R ZA . -51.13 10.94 92.25
C8 L9R ZA . -49.72 9.30 91.33
C11 L9R ZA . -54.84 6.85 84.30
O11 L9R ZA . -54.96 5.97 85.07
C12 L9R ZA . -53.84 6.70 83.14
C13 L9R ZA . -53.26 5.28 83.19
C14 L9R ZA . -52.16 5.16 82.11
C15 L9R ZA . -52.02 3.68 81.72
C16 L9R ZA . -51.65 3.57 80.23
C17 L9R ZA . -50.95 2.20 80.00
C18 L9R ZA . -49.89 2.34 78.88
C19 L9R ZA . -48.50 2.00 79.49
O1P L9R ZA . -55.21 9.95 89.61
C20 L9R ZA . -47.39 2.50 78.54
C21 L9R ZA . -46.03 2.42 79.27
C22 L9R ZA . -45.04 3.38 78.59
C23 L9R ZA . -43.83 2.57 78.09
C24 L9R ZA . -43.63 2.83 76.58
C25 L9R ZA . -42.30 2.22 76.14
C26 L9R ZA . -42.16 2.38 74.62
C27 L9R ZA . -41.46 1.13 74.04
C28 L9R ZA . -41.70 1.07 72.53
O2P L9R ZA . -55.76 12.36 89.54
C31 L9R ZA . -53.81 11.33 83.95
O31 L9R ZA . -54.46 12.28 83.67
C32 L9R ZA . -52.72 10.79 82.95
C33 L9R ZA . -51.33 11.38 83.33
C34 L9R ZA . -50.33 11.12 82.16
C35 L9R ZA . -50.58 9.70 81.56
C36 L9R ZA . -49.30 8.83 81.79
C37 L9R ZA . -49.32 7.62 80.84
C38 L9R ZA . -47.88 7.38 80.30
C39 L9R ZA . -48.00 6.70 78.91
O3P L9R ZA . -54.67 11.29 87.44
C40 L9R ZA . -48.79 7.26 78.00
C41 L9R ZA . -48.96 6.61 76.60
C42 L9R ZA . -50.47 6.73 76.17
C43 L9R ZA . -51.40 6.43 77.38
C44 L9R ZA . -52.57 7.49 77.44
C45 L9R ZA . -53.25 7.45 78.85
C46 L9R ZA . -53.92 8.82 79.16
C47 L9R ZA . -55.42 8.59 79.48
C48 L9R ZA . -55.82 9.43 80.72
O4P L9R ZA . -53.28 11.68 89.72
N L9R AB . -49.36 19.31 92.61
P L9R AB . -50.30 15.43 90.52
C1 L9R AB . -51.08 14.45 88.18
C2 L9R AB . -50.51 14.03 86.82
O2 L9R AB . -50.11 12.69 86.84
C3 L9R AB . -51.60 14.22 85.77
O3 L9R AB . -51.61 15.57 85.37
C4 L9R AB . -48.81 17.56 90.97
C5 L9R AB . -48.49 18.16 92.36
C6 L9R AB . -49.55 19.46 94.05
C7 L9R AB . -50.65 19.11 91.97
C8 L9R AB . -48.74 20.50 92.07
C11 L9R AB . -51.38 15.73 83.98
O11 L9R AB . -51.76 14.92 83.22
C12 L9R AB . -50.64 16.98 83.46
C13 L9R AB . -50.05 16.64 82.08
C14 L9R AB . -50.84 17.38 80.98
C15 L9R AB . -51.29 16.36 79.91
C16 L9R AB . -50.36 15.12 79.97
C17 L9R AB . -50.09 14.64 78.51
C18 L9R AB . -48.66 15.05 78.08
C19 L9R AB . -48.73 15.95 76.83
O1P L9R AB . -50.78 14.40 91.52
C20 L9R AB . -47.61 15.53 75.84
C21 L9R AB . -47.03 16.79 75.15
C22 L9R AB . -46.76 16.46 73.66
C23 L9R AB . -47.05 14.95 73.42
C24 L9R AB . -47.21 14.69 71.91
C25 L9R AB . -46.12 13.69 71.44
C26 L9R AB . -46.60 12.26 71.73
C27 L9R AB . -45.48 11.48 72.44
C28 L9R AB . -44.17 11.61 71.64
O2P L9R AB . -51.38 16.47 90.35
C31 L9R AB . -48.70 12.49 87.02
O31 L9R AB . -47.99 13.41 87.24
C32 L9R AB . -48.08 11.05 86.91
C33 L9R AB . -47.01 11.07 85.79
C34 L9R AB . -46.41 9.63 85.63
C35 L9R AB . -46.33 9.29 84.12
C36 L9R AB . -44.93 9.70 83.60
C37 L9R AB . -44.85 9.38 82.09
C38 L9R AB . -43.91 8.17 81.88
C39 L9R AB . -43.59 8.09 80.38
O3P L9R AB . -50.00 14.71 89.05
C40 L9R AB . -44.03 7.06 79.65
C41 L9R AB . -43.68 7.04 78.13
C42 L9R AB . -43.33 8.49 77.69
C43 L9R AB . -43.97 8.79 76.29
C44 L9R AB . -45.36 9.48 76.49
C45 L9R AB . -45.21 11.02 76.28
C46 L9R AB . -46.38 11.75 76.99
C47 L9R AB . -46.56 11.16 78.41
C48 L9R AB . -48.03 11.33 78.83
O4P L9R AB . -48.91 16.14 91.07
PG ATP BB . -14.21 8.34 54.59
O1G ATP BB . -13.50 7.09 54.98
O2G ATP BB . -15.10 8.19 53.35
O3G ATP BB . -15.03 8.96 55.72
PB ATP BB . -12.30 9.96 52.94
O1B ATP BB . -12.46 11.41 52.68
O2B ATP BB . -10.87 9.48 53.16
O3B ATP BB . -13.16 9.48 54.19
PA ATP BB . -12.69 7.63 51.17
O1A ATP BB . -13.05 6.57 52.16
O2A ATP BB . -11.26 7.55 50.66
O3A ATP BB . -12.92 9.09 51.77
O5' ATP BB . -13.67 7.60 49.94
C5' ATP BB . -14.75 6.64 49.85
C4' ATP BB . -14.52 5.77 48.64
O4' ATP BB . -15.24 6.29 47.52
C3' ATP BB . -13.07 5.68 48.17
O3' ATP BB . -12.41 4.59 48.78
C2' ATP BB . -13.20 5.48 46.64
O2' ATP BB . -12.79 4.19 46.24
C1' ATP BB . -14.69 5.69 46.36
N9 ATP BB . -14.97 6.54 45.22
C8 ATP BB . -15.52 6.15 44.02
N7 ATP BB . -15.66 7.12 43.16
C5 ATP BB . -15.19 8.24 43.83
C6 ATP BB . -15.07 9.59 43.47
N6 ATP BB . -15.44 10.07 42.28
N1 ATP BB . -14.56 10.44 44.38
C2 ATP BB . -14.19 9.96 45.57
N3 ATP BB . -14.25 8.71 46.02
C4 ATP BB . -14.77 7.89 45.11
CA CA CB . -10.77 37.83 30.53
ZN ZN DB . -14.69 8.65 37.04
N1 CFF EB . -23.40 31.67 44.29
C2 CFF EB . -23.39 30.94 45.43
C10 CFF EB . -23.15 33.10 44.34
C6 CFF EB . -23.65 31.09 43.13
N3 CFF EB . -23.62 29.61 45.38
O11 CFF EB . -23.17 31.47 46.46
C12 CFF EB . -23.60 28.84 46.60
C4 CFF EB . -23.86 29.01 44.21
C5 CFF EB . -23.88 29.74 43.08
N9 CFF EB . -24.13 27.74 43.88
O13 CFF EB . -23.66 31.73 42.14
N7 CFF EB . -24.16 28.90 42.06
C8 CFF EB . -24.30 27.68 42.57
C14 CFF EB . -24.33 28.89 40.63
PG ATP FB . -72.02 142.10 -33.80
O1G ATP FB . -72.59 142.08 -35.18
O2G ATP FB . -70.52 141.77 -33.75
O3G ATP FB . -72.27 143.41 -33.05
PB ATP FB . -72.71 140.47 -31.38
O1B ATP FB . -74.01 140.67 -30.74
O2B ATP FB . -71.52 141.12 -30.68
O3B ATP FB . -72.70 140.98 -32.89
PA ATP FB . -71.10 138.06 -31.96
O1A ATP FB . -70.08 138.06 -30.88
O2A ATP FB . -70.60 138.56 -33.31
O3A ATP FB . -72.36 138.93 -31.57
O5' ATP FB . -71.70 136.61 -32.15
C5' ATP FB . -70.94 135.43 -31.85
C4' ATP FB . -71.88 134.27 -31.69
O4' ATP FB . -72.91 134.34 -32.71
C3' ATP FB . -71.25 132.88 -31.83
O3' ATP FB . -71.88 131.95 -30.96
C2' ATP FB . -71.51 132.55 -33.30
O2' ATP FB . -71.56 131.15 -33.53
C1' ATP FB . -72.88 133.18 -33.52
N9 ATP FB . -73.16 133.57 -34.90
C8 ATP FB . -73.80 132.82 -35.85
N7 ATP FB . -73.91 133.41 -37.01
C5 ATP FB . -73.29 134.63 -36.82
C6 ATP FB . -73.07 135.73 -37.68
N6 ATP FB . -73.46 135.78 -38.95
N1 ATP FB . -72.41 136.80 -37.17
C2 ATP FB . -72.01 136.76 -35.90
N3 ATP FB . -72.16 135.79 -35.00
C4 ATP FB . -72.82 134.75 -35.52
C01 KVR GB . -77.30 132.67 -36.75
C03 KVR GB . -76.88 134.95 -36.40
C04 KVR GB . -76.81 136.27 -36.80
C05 KVR GB . -76.40 137.25 -35.90
C06 KVR GB . -76.07 136.89 -34.62
C07 KVR GB . -76.14 135.56 -34.20
C08 KVR GB . -76.55 134.59 -35.09
C10 KVR GB . -74.96 139.62 -34.27
C11 KVR GB . -74.16 139.24 -35.51
C13 KVR GB . -76.34 138.73 -36.38
C14 KVR GB . -75.06 140.63 -37.14
C15 KVR GB . -76.43 141.01 -37.71
C16 KVR GB . -76.71 140.79 -39.05
C17 KVR GB . -77.94 141.13 -39.56
C18 KVR GB . -78.89 141.68 -38.71
C19 KVR GB . -78.61 141.90 -37.38
C20 KVR GB . -77.38 141.58 -36.88
C21 KVR GB . -80.27 142.06 -39.23
N12 KVR GB . -75.02 139.25 -36.68
O02 KVR GB . -77.29 133.96 -37.29
O22 KVR GB . -81.20 142.20 -38.41
O23 KVR GB . -80.47 142.22 -40.47
S09 KVR GB . -75.54 138.15 -33.41
N L9R HB . -76.25 -21.65 68.30
P L9R HB . -76.69 -26.12 67.07
C1 L9R HB . -75.13 -27.84 65.79
C2 L9R HB . -73.71 -27.78 65.24
O2 L9R HB . -73.59 -26.55 64.54
C3 L9R HB . -72.74 -27.81 66.40
O3 L9R HB . -71.53 -28.42 66.02
C4 L9R HB . -75.92 -23.60 66.88
C5 L9R HB . -75.62 -22.97 68.26
C6 L9R HB . -76.36 -21.10 66.97
C7 L9R HB . -77.56 -21.75 68.91
C8 L9R HB . -75.45 -20.75 69.08
C11 L9R HB . -70.37 -27.79 66.56
O11 L9R HB . -70.22 -27.73 67.73
C12 L9R HB . -69.29 -27.18 65.65
C13 L9R HB . -68.14 -26.67 66.52
C14 L9R HB . -67.13 -25.94 65.62
C15 L9R HB . -65.74 -25.99 66.29
C16 L9R HB . -64.64 -26.07 65.22
C17 L9R HB . -63.33 -25.54 65.83
C18 L9R HB . -62.49 -24.84 64.74
C19 L9R HB . -62.31 -23.36 65.14
O1P L9R HB . -76.10 -26.46 68.41
C20 L9R HB . -61.82 -22.55 63.91
C21 L9R HB . -61.92 -21.04 64.24
C22 L9R HB . -61.98 -20.23 62.94
C23 L9R HB . -60.78 -19.26 62.88
C24 L9R HB . -59.99 -19.50 61.59
C25 L9R HB . -58.95 -18.38 61.42
C26 L9R HB . -58.09 -18.68 60.20
C27 L9R HB . -56.65 -18.23 60.48
C28 L9R HB . -55.70 -18.90 59.47
O2P L9R HB . -77.97 -26.89 66.88
C31 L9R HB . -73.25 -26.69 63.14
O31 L9R HB . -73.94 -27.34 62.43
C32 L9R HB . -71.97 -25.97 62.58
C33 L9R HB . -72.34 -24.49 62.21
C34 L9R HB . -71.19 -23.89 61.34
C35 L9R HB . -69.82 -24.37 61.90
C36 L9R HB . -69.02 -23.12 62.40
C37 L9R HB . -67.52 -23.47 62.53
C38 L9R HB . -66.67 -22.27 62.04
C39 L9R HB . -65.33 -22.81 61.51
O3P L9R HB . -75.61 -26.51 65.85
C40 L9R HB . -65.35 -23.80 60.62
C41 L9R HB . -64.03 -24.41 60.07
C42 L9R HB . -64.19 -25.96 59.96
C43 L9R HB . -64.94 -26.52 61.20
C44 L9R HB . -66.02 -27.56 60.76
C45 L9R HB . -67.03 -27.81 61.93
C46 L9R HB . -68.40 -28.30 61.36
C47 L9R HB . -68.78 -29.65 62.02
C48 L9R HB . -70.26 -29.64 62.44
O4P L9R HB . -77.02 -24.49 67.00
#